data_3CM9
#
_entry.id   3CM9
#
_cell.length_a   1
_cell.length_b   1
_cell.length_c   1
_cell.angle_alpha   90
_cell.angle_beta   90
_cell.angle_gamma   90
#
_symmetry.space_group_name_H-M   'P 1'
#
loop_
_entity.id
_entity.type
_entity.pdbx_description
1 polymer 'Immunoglobulin heavy chain'
2 polymer 'Secretory component'
3 polymer 'Immunoglobulin light chain'
4 polymer 'Secretory component'
#
loop_
_entity_poly.entity_id
_entity_poly.type
_entity_poly.pdbx_seq_one_letter_code
_entity_poly.pdbx_strand_id
1 'polypeptide(L)'
;QVKLLEQSGAEVKKPGASVKVSCKASGYSFTSYGLHWVRQAPGQRLEWMGWISAGTGNTKYSQKFRGRVTFTRDTSATTA
YMGLSSLRPEDTAVYYCARDPYGGGKSEFDYWGQGTLVTVSSASPTSPKVFPLSLDSTPQDGNVVVACLVQGFFPQEPLS
VTWSESGQNVTARNFPPSQDASGDLYTTSSQLTLPATQCPDGKSVTCHVKHYTNPSQDVTVPCPVPPPPPCCHPRLSLHR
PALEDLLLGSEANLTCTLTGLRDASGATFTWTPSSGKSAVQGPPERDLCGCYSVSSVLPGCAQPWNHGETFTCTAAHPEL
KTPLTANITKSGNTFRPEVHLLPPPSEELALNELVTLTCLARGFSPKDVLVRWLQGSQELPREKYLTWASRQEPSQGTTT
FAVTSILRVAAEDWKKGDTFSCMVGHEALPLAFTQKTIDRLAGKPTHVNVSVVMAEVDGTCY
;
A,B,C,D
2 'polypeptide(L)'
;PRSPTVVKGVAGSSVAVLCPYNRKESKSIKYWCLWEGAQNGRCPLLVDSEGWVKAQYEGRLSLLEEPGNGTFTVILNQLT
SRDAGFYWCLTNGDTLWRTTVEIKII
;
J
3 'polypeptide(L)'
;ELVMTQSPSSLSASVGDRVNIACRASQGISSALAWYQQKPGKAPRLLIYDASNLESGVPSRFSGSGSGTDFTLTISSLQP
EDFAIYYCQQFNSYPLTFGGGTKVEIKRTVAAPSVFIFPPSDEQLKSGTASVVCLLNNFYPREAKVQWKVDNALQSGNSQ
ESVTEQDSKDSTYSLSSTLTLSKADYEKHKVYACEVTHQGLSSPVTKSFNRGEC
;
L,M,N,O
4 'polypeptide(L)'
;KSPIFGPEEVNSVEGNSVSITCYYPPTSVNRHTRKYWCRQGARGGCITLISSEGYVSSKYAGRANLTNFPENGTFVVNIA
QLSQDDSGRYKCGLGINSRGLSFDVSLEVSQGPGLLNDTKVYTVDLGRTVTINCPFKTENAQKRKSLYKQIGLYPVLVID
SSGYVNPNYTGRIRLDIQGTGQLLFSVVINQLRLSDAGQYLCQAGDDSNSNKKNADLQVLKPEPELVYEDLRGSVTFHCA
LGPEVANVAKFLCRQSSGENCDVVVNTLGKRAPAFEGRILLNPQDKDGSFSVVITGLRKEDAGRYLCGAHSDGQLQEGSP
IQAWQLFVNEESTIPRSPTVVKGVAGSSVAVLCPYNRKESKSIKYWCLWEGAQNGRCPLLVDSEGWVKAQYEGRLSLLEE
PGNGTFTVILNQLTSRDAGFYWCLTNGDTLWRTTVEIKIIEGEPNLKVPGNVTAVLGETLKVPCHFPCKFSSYEKYWCKW
NNTGCQALPSQDEGPSKAFVNCDENSRLVSLTLNLVTRADEGWYWCGVKQGHFYGETAAVYVAVEERKAAGSRDVSLAKA
DAAPDEKVLDSGFREIENKAIQDPR
;
S
#
# COMPACT_ATOMS: atom_id res chain seq x y z
CA GLN A 1 55.15 33.13 -97.15
CA VAL A 2 53.79 29.78 -95.98
CA LYS A 3 55.94 27.02 -97.50
CA LEU A 4 56.42 27.57 -101.27
CA LEU A 5 54.13 24.86 -102.63
CA GLU A 6 51.68 23.61 -99.97
CA GLN A 7 49.76 20.50 -101.08
CA SER A 8 46.68 18.76 -99.64
CA GLY A 9 46.12 15.77 -97.33
CA ALA A 10 46.02 11.98 -97.59
CA GLU A 11 42.64 10.93 -99.01
CA VAL A 12 41.53 7.37 -98.23
CA LYS A 13 39.63 6.15 -101.30
CA LYS A 14 37.88 2.81 -101.77
CA PRO A 15 38.92 0.88 -104.95
CA GLY A 16 36.96 2.26 -107.88
CA ALA A 17 36.66 5.86 -106.66
CA SER A 18 38.09 9.25 -107.63
CA VAL A 19 40.87 11.38 -106.08
CA LYS A 20 41.74 15.07 -106.56
CA VAL A 21 44.98 16.38 -105.04
CA SER A 22 45.71 20.12 -105.16
CA CYS A 23 48.95 22.16 -105.17
CA LYS A 24 48.84 25.71 -103.79
CA ALA A 25 51.66 28.06 -104.81
CA SER A 26 53.05 31.30 -103.36
CA GLY A 27 55.98 33.69 -103.25
CA TYR A 28 56.52 33.52 -107.01
CA SER A 29 54.58 34.24 -110.20
CA PHE A 30 52.16 31.42 -111.07
CA THR A 31 51.69 32.15 -114.79
CA SER A 32 55.46 32.00 -115.43
CA TYR A 33 56.34 28.46 -114.28
CA GLY A 34 54.98 24.96 -114.88
CA LEU A 35 54.20 22.09 -112.48
CA HIS A 36 55.06 18.38 -112.79
CA TRP A 37 53.51 15.51 -110.81
CA VAL A 38 55.66 12.67 -109.46
CA ARG A 39 54.68 9.87 -107.05
CA GLN A 40 56.38 7.02 -105.14
CA ALA A 41 55.11 3.57 -104.12
CA PRO A 42 56.15 2.26 -100.65
CA GLY A 43 59.57 0.72 -101.26
CA GLN A 44 59.85 1.66 -104.94
CA ARG A 45 61.34 4.43 -107.13
CA LEU A 46 59.73 7.75 -108.13
CA GLU A 47 57.49 7.65 -111.21
CA TRP A 48 56.63 10.70 -113.34
CA MET A 49 52.89 11.14 -113.96
CA GLY A 50 52.62 14.32 -116.01
CA TRP A 51 52.89 18.09 -116.42
CA ILE A 52 50.70 21.16 -116.96
CA SER A 53 51.58 24.72 -117.99
CA ALA A 54 50.10 27.44 -115.77
CA GLY A 55 50.15 29.96 -118.63
CA THR A 56 48.18 28.29 -121.41
CA GLY A 57 46.92 25.03 -119.90
CA ASN A 58 48.54 22.38 -122.12
CA THR A 59 48.53 18.81 -120.80
CA LYS A 60 51.46 16.40 -121.25
CA TYR A 61 51.14 13.12 -119.33
CA SER A 62 52.72 9.67 -119.77
CA GLN A 63 51.28 6.69 -121.66
CA LYS A 64 51.06 4.74 -118.40
CA PHE A 65 47.94 6.39 -116.96
CA ARG A 66 46.37 6.94 -120.39
CA GLY A 67 42.63 7.51 -120.16
CA ARG A 68 42.28 8.07 -116.41
CA VAL A 69 44.38 11.15 -115.57
CA THR A 70 43.55 14.85 -115.84
CA PHE A 71 45.17 18.16 -114.89
CA THR A 72 43.34 21.42 -114.14
CA ARG A 73 44.49 24.87 -112.97
CA ASP A 74 42.74 27.91 -111.47
CA THR A 75 44.38 31.18 -112.57
CA SER A 76 42.89 33.52 -109.95
CA ALA A 77 43.27 30.99 -107.11
CA THR A 78 46.92 29.97 -107.61
CA THR A 79 46.38 26.21 -107.17
CA ALA A 80 47.07 23.22 -109.43
CA TYR A 81 45.00 20.02 -109.57
CA MET A 82 45.28 16.33 -110.50
CA GLY A 83 42.61 13.71 -111.19
CA LEU A 84 42.68 9.89 -111.31
CA SER A 85 39.63 7.65 -111.81
CA SER A 86 39.32 3.87 -111.32
CA LEU A 87 41.75 3.62 -108.38
CA ARG A 88 43.39 0.26 -107.63
CA PRO A 89 45.10 -1.38 -104.58
CA GLU A 90 48.49 -0.70 -106.21
CA ASP A 91 48.11 3.09 -106.39
CA THR A 92 49.12 3.49 -102.72
CA ALA A 93 51.86 6.10 -103.15
CA VAL A 94 53.08 9.52 -102.05
CA TYR A 95 52.33 12.12 -104.72
CA TYR A 96 54.31 15.36 -105.18
CA CYS A 97 53.92 18.49 -107.32
CA ALA A 98 57.29 19.85 -108.46
CA ARG A 99 57.82 23.17 -110.27
CA ASP A 100 59.20 23.92 -113.76
CA PRO A 101 62.19 26.36 -113.69
CA TYR A 102 61.83 26.91 -117.45
CA GLY A 103 58.21 26.36 -118.46
CA GLY A 104 59.09 23.91 -121.22
CA GLY A 105 57.74 20.63 -119.88
CA LYS A 106 61.08 18.81 -119.85
CA SER A 107 63.66 19.64 -117.16
CA GLU A 108 64.65 19.26 -113.49
CA PHE A 109 62.71 19.94 -110.27
CA ASP A 110 63.90 22.66 -107.89
CA TYR A 111 60.88 22.89 -105.55
CA TRP A 112 59.06 19.89 -104.09
CA GLY A 113 55.97 19.79 -101.87
CA GLN A 114 55.21 17.83 -98.69
CA GLY A 115 53.53 14.92 -100.45
CA THR A 116 50.09 13.29 -100.27
CA LEU A 117 49.74 9.59 -99.39
CA VAL A 118 46.60 8.26 -101.08
CA THR A 119 45.89 4.75 -99.81
CA VAL A 120 43.33 2.73 -101.78
CA SER A 121 41.85 -0.05 -99.63
CA SER A 122 38.31 -1.37 -99.07
CA ALA A 123 38.94 -2.13 -95.38
CA SER A 124 36.94 -0.03 -92.90
CA PRO A 125 39.34 2.77 -91.80
CA THR A 126 39.32 3.72 -88.12
CA SER A 127 40.50 6.67 -86.02
CA PRO A 128 43.56 6.09 -83.76
CA LYS A 129 43.24 5.89 -79.97
CA VAL A 130 46.02 7.92 -78.34
CA PHE A 131 47.17 6.76 -74.88
CA PRO A 132 49.51 8.45 -72.38
CA LEU A 133 52.63 6.39 -71.65
CA SER A 134 53.54 7.96 -68.32
CA LEU A 135 55.82 5.93 -66.03
CA ASP A 136 55.68 4.87 -62.37
CA SER A 137 59.28 5.58 -61.36
CA THR A 138 60.61 2.69 -63.48
CA PRO A 139 63.48 4.69 -65.07
CA GLN A 140 66.38 6.38 -63.28
CA ASP A 141 67.28 9.65 -61.54
CA GLY A 142 68.59 12.07 -64.14
CA ASN A 143 66.16 12.00 -67.06
CA VAL A 144 62.41 11.44 -67.40
CA VAL A 145 61.03 9.40 -70.31
CA VAL A 146 57.43 10.08 -71.41
CA ALA A 147 55.49 8.97 -74.52
CA CYS A 148 52.17 8.86 -76.38
CA LEU A 149 50.96 5.54 -77.81
CA VAL A 150 48.72 6.14 -80.85
CA GLN A 151 47.04 2.74 -81.28
CA GLY A 152 44.67 1.40 -83.94
CA PHE A 153 44.57 3.32 -87.22
CA PHE A 154 44.11 2.22 -90.82
CA PRO A 155 45.82 2.99 -93.09
CA GLN A 156 49.27 4.07 -91.85
CA GLU A 157 49.23 7.68 -93.12
CA PRO A 158 51.83 10.46 -92.59
CA LEU A 159 51.42 11.07 -88.84
CA SER A 160 52.62 14.53 -87.79
CA VAL A 161 53.37 14.78 -84.06
CA THR A 162 54.66 17.87 -82.24
CA TRP A 163 55.21 18.07 -78.47
CA SER A 164 54.84 21.39 -76.64
CA GLU A 165 58.33 21.75 -75.16
CA SER A 166 61.56 22.08 -77.15
CA GLY A 167 65.20 22.92 -76.49
CA GLN A 168 68.73 21.51 -76.52
CA ASN A 169 68.77 18.61 -74.05
CA VAL A 170 65.36 17.30 -75.16
CA THR A 171 64.92 14.66 -77.87
CA ALA A 172 61.77 13.47 -79.66
CA ARG A 173 61.58 10.38 -81.89
CA ASN A 174 58.75 9.39 -84.26
CA PHE A 175 58.48 5.58 -84.30
CA PRO A 176 57.68 3.92 -87.68
CA PRO A 177 54.24 2.30 -88.30
CA SER A 178 53.92 -1.46 -87.69
CA GLN A 179 51.35 -4.05 -88.83
CA ASP A 180 49.59 -6.80 -86.86
CA ALA A 181 48.10 -9.92 -88.47
CA SER A 182 47.47 -9.26 -92.18
CA GLY A 183 46.61 -5.55 -92.32
CA ASP A 184 43.86 -5.30 -89.70
CA LEU A 185 45.34 -2.26 -87.94
CA TYR A 186 48.46 -0.08 -87.61
CA THR A 187 50.07 1.31 -84.43
CA THR A 188 52.65 4.01 -83.60
CA SER A 189 54.13 6.02 -80.74
CA SER A 190 55.78 9.34 -79.87
CA GLN A 191 58.47 9.63 -77.17
CA LEU A 192 60.16 12.62 -75.53
CA THR A 193 63.25 12.08 -73.38
CA LEU A 194 63.96 15.18 -71.28
CA PRO A 195 66.11 16.02 -68.22
CA ALA A 196 64.39 15.95 -64.81
CA THR A 197 65.16 19.65 -64.34
CA GLN A 198 62.67 20.43 -67.14
CA CYS A 199 59.31 18.86 -66.16
CA PRO A 200 58.30 20.84 -63.03
CA ASP A 201 56.49 19.08 -60.15
CA GLY A 202 52.78 19.62 -60.76
CA LYS A 203 52.51 20.16 -64.53
CA SER A 204 52.45 18.09 -67.74
CA VAL A 205 53.46 18.04 -71.42
CA THR A 206 50.95 17.81 -74.28
CA CYS A 207 51.50 15.66 -77.39
CA HIS A 208 49.69 16.73 -80.57
CA VAL A 209 49.01 13.95 -83.09
CA LYS A 210 47.64 14.73 -86.55
CA HIS A 211 46.48 12.12 -89.07
CA TYR A 212 45.33 13.50 -92.44
CA THR A 213 43.59 16.91 -92.30
CA ASN A 214 41.49 15.51 -89.44
CA PRO A 215 41.32 17.65 -86.24
CA SER A 216 44.51 17.45 -84.17
CA GLN A 217 43.98 15.24 -81.11
CA ASP A 218 45.65 16.78 -78.05
CA VAL A 219 46.52 14.74 -74.93
CA THR A 220 47.86 15.92 -71.56
CA VAL A 221 50.86 13.67 -70.76
CA PRO A 222 51.93 14.09 -67.08
CA CYS A 223 55.18 13.40 -65.21
CA PRO A 224 56.12 14.55 -61.40
CA VAL A 225 54.77 13.69 -57.90
CA PRO A 226 52.58 15.70 -55.18
CA PRO A 227 53.07 15.25 -51.41
CA PRO A 228 49.92 15.25 -48.98
CA PRO A 229 49.43 18.68 -46.78
CA PRO A 230 49.23 18.04 -43.03
CA CYS A 231 48.27 20.75 -40.37
CA CYS A 232 47.26 19.98 -36.75
CA HIS A 233 45.08 21.59 -34.10
CA PRO A 234 45.47 21.46 -30.16
CA ARG A 235 43.28 18.93 -28.28
CA LEU A 236 43.31 15.56 -26.44
CA SER A 237 40.62 12.86 -26.22
CA LEU A 238 40.31 9.32 -24.85
CA HIS A 239 38.52 6.37 -26.47
CA ARG A 240 36.85 3.79 -24.23
CA PRO A 241 36.97 0.16 -25.48
CA ALA A 242 33.89 -1.54 -26.93
CA LEU A 243 31.47 -3.39 -24.66
CA GLU A 244 30.76 -6.36 -26.94
CA ASP A 245 34.48 -7.11 -27.38
CA LEU A 246 35.66 -7.09 -23.73
CA LEU A 247 32.76 -9.25 -22.52
CA LEU A 248 33.15 -12.13 -24.98
CA GLY A 249 36.89 -12.81 -24.78
CA SER A 250 38.70 -10.30 -22.53
CA GLU A 251 40.12 -8.43 -25.54
CA ALA A 252 40.03 -4.75 -24.54
CA ASN A 253 42.13 -1.65 -25.28
CA LEU A 254 41.96 2.04 -24.37
CA THR A 255 43.28 4.54 -26.93
CA CYS A 256 44.85 7.92 -26.05
CA THR A 257 45.00 9.96 -29.26
CA LEU A 258 46.15 13.60 -29.48
CA THR A 259 44.37 15.03 -32.53
CA GLY A 260 45.47 18.67 -32.91
CA LEU A 261 48.66 20.61 -32.04
CA ARG A 262 51.11 22.35 -34.49
CA ASP A 263 54.04 20.48 -36.25
CA ALA A 264 57.51 18.96 -35.80
CA SER A 265 58.12 17.41 -32.38
CA GLY A 266 57.97 14.01 -30.66
CA ALA A 267 55.69 13.34 -27.68
CA THR A 268 56.04 10.77 -24.89
CA PHE A 269 53.61 8.85 -22.63
CA THR A 270 53.18 7.76 -19.00
CA TRP A 271 50.50 5.04 -18.78
CA THR A 272 49.44 3.52 -15.47
CA PRO A 273 49.37 -0.29 -14.96
CA SER A 274 46.17 -2.27 -14.35
CA SER A 275 45.13 -4.42 -11.39
CA GLY A 276 47.28 -7.23 -12.76
CA LYS A 277 50.35 -4.97 -12.85
CA SER A 278 50.87 -4.83 -16.63
CA ALA A 279 51.77 -1.89 -18.87
CA VAL A 280 52.24 -2.28 -22.64
CA GLN A 281 52.31 0.52 -25.24
CA GLY A 282 53.59 1.41 -28.71
CA PRO A 283 52.65 4.90 -30.05
CA PRO A 284 53.46 5.39 -33.77
CA GLU A 285 53.45 8.56 -35.90
CA ARG A 286 50.87 8.91 -38.71
CA ASP A 287 50.34 11.91 -41.01
CA LEU A 288 46.89 13.54 -40.81
CA CYS A 289 46.10 16.71 -42.79
CA GLY A 290 49.83 17.15 -43.27
CA CYS A 291 50.47 17.09 -39.53
CA TYR A 292 52.19 14.24 -37.46
CA SER A 293 50.09 12.12 -35.03
CA VAL A 294 50.97 10.26 -31.80
CA SER A 295 48.39 7.65 -30.67
CA SER A 296 49.04 4.95 -28.05
CA VAL A 297 46.92 1.92 -27.07
CA LEU A 298 47.03 0.22 -23.64
CA PRO A 299 45.66 -3.37 -23.83
CA GLY A 300 43.76 -4.11 -20.62
CA CYS A 301 41.93 -7.07 -19.11
CA ALA A 302 38.24 -7.52 -18.25
CA GLN A 303 38.52 -7.72 -14.45
CA PRO A 304 39.94 -4.19 -13.90
CA TRP A 305 37.16 -2.68 -16.02
CA ASN A 306 34.50 -4.71 -14.21
CA HIS A 307 35.89 -3.79 -10.79
CA GLY A 308 36.65 -0.20 -11.76
CA GLU A 309 40.30 0.87 -12.05
CA THR A 310 41.53 4.38 -12.88
CA PHE A 311 43.06 4.44 -16.38
CA THR A 312 45.02 7.69 -16.79
CA CYS A 313 47.15 8.98 -19.71
CA THR A 314 49.65 11.84 -19.46
CA ALA A 315 51.25 13.31 -22.60
CA ALA A 316 54.06 15.82 -21.91
CA HIS A 317 55.77 18.13 -24.39
CA PRO A 318 58.06 21.17 -24.36
CA GLU A 319 55.37 23.62 -25.52
CA LEU A 320 52.65 21.55 -23.89
CA LYS A 321 54.41 22.64 -20.73
CA THR A 322 51.50 21.54 -18.58
CA PRO A 323 51.27 17.75 -19.14
CA LEU A 324 47.60 17.08 -19.85
CA THR A 325 46.17 14.46 -17.49
CA ALA A 326 43.10 12.44 -18.52
CA ASN A 327 41.34 9.77 -16.44
CA ILE A 328 38.41 7.49 -17.33
CA THR A 329 36.48 4.94 -15.25
CA LYS A 330 32.98 3.42 -15.12
CA SER A 331 29.98 5.40 -13.90
CA GLY A 332 27.39 5.50 -11.13
CA ASN A 333 26.89 3.27 -8.10
CA THR A 334 25.53 -0.31 -7.94
CA PHE A 335 21.82 -1.20 -8.11
CA ARG A 336 20.44 -4.77 -7.89
CA PRO A 337 18.52 -5.89 -11.02
CA GLU A 338 14.94 -7.14 -10.68
CA VAL A 339 14.15 -9.78 -13.31
CA HIS A 340 10.50 -10.30 -14.33
CA LEU A 341 9.78 -13.10 -16.83
CA LEU A 342 6.64 -12.38 -18.89
CA PRO A 343 4.41 -15.04 -20.52
CA PRO A 344 3.11 -14.74 -24.13
CA PRO A 345 -0.22 -12.90 -24.54
CA SER A 346 -3.59 -14.42 -25.47
CA GLU A 347 -3.71 -13.06 -29.03
CA GLU A 348 -0.16 -14.27 -29.71
CA LEU A 349 -1.19 -17.92 -29.35
CA ALA A 350 -2.89 -17.55 -32.74
CA LEU A 351 0.44 -17.69 -34.61
CA ASN A 352 2.52 -20.80 -35.37
CA GLU A 353 6.28 -20.62 -36.02
CA LEU A 354 7.26 -18.11 -33.29
CA VAL A 355 6.36 -17.29 -29.66
CA THR A 356 7.87 -14.35 -27.73
CA LEU A 357 9.18 -14.92 -24.19
CA THR A 358 9.95 -11.56 -22.56
CA CYS A 359 11.97 -11.40 -19.33
CA LEU A 360 12.42 -7.77 -18.23
CA ALA A 361 15.20 -6.79 -15.84
CA ARG A 362 15.01 -3.20 -14.58
CA GLY A 363 16.40 -1.32 -11.60
CA PHE A 364 20.10 -1.74 -12.33
CA SER A 365 23.27 0.34 -12.65
CA PRO A 366 25.63 0.51 -14.41
CA LYS A 367 24.26 -0.50 -17.83
CA ASP A 368 26.75 -3.38 -18.10
CA VAL A 369 24.61 -6.53 -17.99
CA LEU A 370 24.89 -9.86 -19.84
CA VAL A 371 21.59 -11.61 -20.56
CA ARG A 372 21.25 -15.18 -21.93
CA TRP A 373 18.63 -17.93 -22.33
CA LEU A 374 18.55 -21.71 -21.80
CA GLN A 375 16.48 -24.79 -22.67
CA GLY A 376 14.92 -26.98 -19.99
CA SER A 377 14.52 -30.31 -21.83
CA GLN A 378 17.69 -30.45 -23.95
CA GLU A 379 19.59 -28.65 -21.14
CA LEU A 380 21.39 -26.59 -23.80
CA PRO A 381 21.47 -22.79 -24.31
CA ARG A 382 19.11 -21.13 -26.80
CA GLU A 383 20.07 -19.46 -30.10
CA LYS A 384 17.21 -17.17 -31.20
CA TYR A 385 17.00 -14.10 -28.91
CA LEU A 386 17.76 -10.35 -28.94
CA THR A 387 18.78 -7.57 -26.51
CA TRP A 388 17.64 -3.93 -26.28
CA ALA A 389 19.23 -0.80 -24.75
CA SER A 390 18.27 2.75 -23.69
CA ARG A 391 19.20 5.03 -20.76
CA GLN A 392 16.68 6.71 -18.44
CA GLU A 393 17.85 10.31 -17.90
CA PRO A 394 14.93 12.59 -16.91
CA SER A 395 15.06 16.11 -15.46
CA GLN A 396 14.70 14.90 -11.86
CA GLY A 397 17.16 13.03 -9.65
CA THR A 398 16.34 9.43 -10.57
CA THR A 399 18.28 7.20 -12.99
CA THR A 400 18.32 3.37 -13.38
CA PHE A 401 18.89 1.29 -16.53
CA ALA A 402 16.46 -1.45 -17.61
CA VAL A 403 16.46 -4.16 -20.30
CA THR A 404 14.18 -6.47 -22.31
CA SER A 405 14.86 -9.96 -23.70
CA ILE A 406 12.89 -11.77 -26.41
CA LEU A 407 13.17 -15.54 -26.93
CA ARG A 408 11.29 -16.77 -30.02
CA VAL A 409 10.49 -20.48 -29.71
CA ALA A 410 7.83 -22.70 -31.33
CA ALA A 411 4.10 -22.73 -30.59
CA GLU A 412 3.83 -26.49 -30.11
CA ASP A 413 6.81 -26.61 -27.73
CA TRP A 414 5.45 -23.93 -25.37
CA LYS A 415 2.39 -26.12 -24.76
CA LYS A 416 4.30 -29.35 -24.06
CA GLY A 417 5.40 -28.17 -20.64
CA ASP A 418 9.02 -27.10 -21.10
CA THR A 419 10.70 -24.61 -18.73
CA PHE A 420 12.71 -21.67 -20.13
CA SER A 421 15.47 -19.83 -18.18
CA CYS A 422 16.49 -16.15 -18.47
CA MET A 423 19.89 -15.77 -16.77
CA VAL A 424 21.01 -12.22 -15.99
CA GLY A 425 24.50 -11.23 -14.85
CA HIS A 426 25.37 -7.98 -13.07
CA GLU A 427 27.80 -6.78 -10.38
CA ALA A 428 25.20 -5.90 -7.74
CA LEU A 429 23.84 -9.46 -7.88
CA PRO A 430 24.45 -11.91 -4.97
CA LEU A 431 26.80 -14.21 -6.92
CA ALA A 432 27.10 -11.98 -10.01
CA PHE A 433 24.46 -14.28 -11.51
CA THR A 434 20.68 -14.62 -11.14
CA GLN A 435 18.17 -16.83 -12.98
CA LYS A 436 14.36 -16.77 -13.19
CA THR A 437 12.11 -19.19 -15.11
CA ILE A 438 8.84 -19.36 -17.07
CA ASP A 439 6.50 -22.34 -17.36
CA ARG A 440 3.04 -22.88 -18.91
CA LEU A 441 2.12 -24.86 -15.79
CA ALA A 442 0.98 -22.14 -13.41
CA GLY A 443 0.05 -23.12 -9.88
CA LYS A 444 -1.30 -20.34 -7.67
CA PRO A 445 0.70 -20.63 -4.41
CA THR A 446 2.72 -17.45 -4.97
CA HIS A 447 5.69 -17.64 -7.35
CA VAL A 448 8.00 -20.53 -6.46
CA ASN A 449 11.41 -21.30 -7.99
CA VAL A 450 12.95 -24.69 -8.88
CA SER A 451 15.02 -26.89 -6.55
CA VAL A 452 18.81 -27.28 -6.32
CA VAL A 453 20.89 -29.10 -8.94
CA MET A 454 24.59 -29.59 -8.11
CA ALA A 455 26.32 -29.36 -4.72
CA GLU A 456 29.69 -29.66 -2.94
CA VAL A 457 31.38 -28.54 -6.18
CA ASP A 458 31.92 -24.79 -6.49
CA GLY A 459 35.39 -24.92 -8.02
CA THR A 460 37.84 -24.14 -5.21
CA CYS A 461 37.37 -27.71 -3.94
CA TYR A 462 37.64 -29.94 -7.03
CA GLN B 1 82.58 50.90 -11.46
CA VAL B 2 78.79 51.18 -11.21
CA LYS B 3 77.84 54.86 -11.55
CA LEU B 4 79.98 57.05 -9.23
CA LEU B 5 77.42 57.89 -6.56
CA GLU B 6 74.43 55.51 -6.67
CA GLN B 7 71.56 56.65 -4.43
CA SER B 8 68.41 54.86 -3.21
CA GLY B 9 64.78 54.79 -4.33
CA ALA B 10 61.64 56.90 -3.94
CA GLU B 11 60.11 56.21 -0.53
CA VAL B 12 56.40 56.99 -0.15
CA LYS B 13 55.92 58.26 3.40
CA LYS B 14 52.66 59.26 5.09
CA PRO B 15 52.67 62.78 6.68
CA GLY B 16 54.31 62.54 10.10
CA ALA B 17 56.75 59.73 9.31
CA SER B 18 60.51 59.33 8.86
CA VAL B 19 62.68 59.00 5.73
CA LYS B 20 66.30 57.84 5.32
CA VAL B 21 67.96 58.23 1.91
CA SER B 22 71.42 56.74 1.34
CA CYS B 23 74.29 57.64 -1.01
CA LYS B 24 76.71 54.87 -2.04
CA ALA B 25 80.11 55.91 -3.40
CA SER B 26 82.76 54.19 -5.52
CA GLY B 27 85.79 54.65 -7.75
CA TYR B 28 87.34 57.27 -5.46
CA SER B 29 88.54 57.52 -1.85
CA PHE B 30 85.63 58.07 0.57
CA THR B 31 87.56 59.55 3.51
CA SER B 32 89.05 62.31 1.32
CA TYR B 33 85.92 64.08 0.01
CA GLY B 34 82.72 65.46 1.52
CA LEU B 35 79.06 65.14 0.48
CA HIS B 36 76.36 67.84 0.23
CA TRP B 37 72.60 67.27 0.03
CA VAL B 38 70.42 69.33 -2.34
CA ARG B 39 66.75 68.83 -3.25
CA GLN B 40 64.20 70.29 -5.71
CA ALA B 41 60.42 70.77 -5.41
CA PRO B 42 58.30 70.10 -8.55
CA GLY B 43 58.47 73.37 -10.46
CA GLN B 44 60.85 75.18 -8.09
CA ARG B 45 64.58 75.87 -7.69
CA LEU B 46 67.20 73.69 -5.97
CA GLU B 47 67.55 74.16 -2.20
CA TRP B 48 70.66 73.23 -0.20
CA MET B 49 69.95 71.07 2.86
CA GLY B 50 73.35 70.38 4.38
CA TRP B 51 76.80 68.77 4.33
CA ILE B 52 78.81 66.10 6.16
CA SER B 53 82.54 65.32 6.12
CA ALA B 54 83.42 61.67 5.51
CA GLY B 55 86.70 62.00 7.39
CA THR B 56 85.70 63.31 10.82
CA GLY B 57 81.90 63.40 10.75
CA ASN B 58 81.13 67.10 11.29
CA THR B 59 77.58 68.25 10.49
CA LYS B 60 76.78 71.60 8.84
CA TYR B 61 73.13 72.05 7.82
CA SER B 62 70.97 75.12 7.16
CA GLN B 63 68.70 76.94 9.61
CA LYS B 64 65.67 75.95 7.52
CA PHE B 65 65.37 72.32 8.64
CA ARG B 66 66.65 73.06 12.16
CA GLY B 67 65.70 70.32 14.61
CA ARG B 68 64.54 67.64 12.17
CA VAL B 69 67.55 66.79 10.00
CA THR B 70 70.48 64.45 10.64
CA PHE B 71 73.47 63.11 8.69
CA THR B 72 75.25 59.80 9.32
CA ARG B 73 78.11 57.98 7.56
CA ASP B 74 79.46 54.41 7.62
CA THR B 75 83.24 54.29 7.12
CA SER B 76 83.63 50.60 6.23
CA ALA B 77 80.49 50.55 4.03
CA THR B 78 81.14 53.63 1.86
CA THR B 79 77.60 55.05 2.07
CA ALA B 80 76.23 58.39 3.30
CA TYR B 81 72.84 58.93 4.97
CA MET B 82 70.21 61.61 5.57
CA GLY B 83 67.32 61.78 8.04
CA LEU B 84 64.18 63.94 8.22
CA SER B 85 61.39 63.56 10.80
CA SER B 86 57.90 65.13 10.81
CA LEU B 87 57.37 65.04 7.03
CA ARG B 88 54.84 67.41 5.46
CA PRO B 89 52.85 67.57 2.15
CA GLU B 90 55.28 70.21 0.90
CA ASP B 91 58.41 68.06 1.14
CA THR B 92 57.64 66.34 -2.17
CA ALA B 93 60.99 66.86 -3.89
CA VAL B 94 63.88 65.13 -5.66
CA TYR B 95 66.89 64.83 -3.34
CA TYR B 96 70.50 64.58 -4.53
CA CYS B 97 73.85 63.90 -2.86
CA ALA B 98 76.67 65.90 -4.47
CA ARG B 99 80.38 65.50 -3.69
CA ASP B 100 82.90 67.96 -2.21
CA PRO B 101 86.00 68.44 -4.45
CA TYR B 102 87.84 70.11 -1.56
CA GLY B 103 86.48 68.78 1.74
CA GLY B 104 85.85 72.23 3.17
CA GLY B 105 82.06 72.39 3.28
CA LYS B 106 81.71 75.39 0.98
CA SER B 107 82.27 74.97 -2.77
CA GLU B 108 80.83 73.65 -6.06
CA PHE B 109 79.41 70.22 -6.99
CA ASP B 110 81.17 68.11 -9.64
CA TYR B 111 79.37 64.78 -9.17
CA TRP B 112 75.58 64.41 -8.80
CA GLY B 113 73.50 61.30 -8.21
CA GLN B 114 70.31 60.04 -9.86
CA GLY B 115 67.95 61.58 -7.31
CA THR B 116 65.27 60.25 -4.96
CA LEU B 117 61.68 61.51 -5.20
CA VAL B 118 60.11 61.28 -1.73
CA THR B 119 56.38 61.99 -2.01
CA VAL B 120 54.55 62.65 1.26
CA SER B 121 50.81 61.99 0.88
CA SER B 122 48.21 60.20 3.03
CA ALA B 123 46.32 58.86 0.00
CA SER B 124 46.37 55.07 -0.44
CA PRO B 125 49.15 54.39 -3.00
CA THR B 126 48.48 51.73 -5.63
CA SER B 127 50.55 49.65 -8.06
CA PRO B 128 50.25 50.53 -11.80
CA LYS B 129 48.45 48.25 -14.25
CA VAL B 130 50.50 47.91 -17.44
CA PHE B 131 48.56 47.22 -20.66
CA PRO B 132 49.82 46.32 -24.17
CA LEU B 133 48.92 48.83 -26.89
CA SER B 134 49.07 46.65 -29.99
CA LEU B 135 47.25 47.67 -33.19
CA ASP B 136 45.25 46.09 -36.03
CA SER B 137 45.39 47.96 -39.39
CA THR B 138 45.47 51.44 -37.79
CA PRO B 139 49.09 52.27 -38.75
CA GLN B 140 50.38 53.06 -42.24
CA ASP B 141 52.15 50.64 -44.57
CA GLY B 142 55.84 51.10 -43.84
CA ASN B 143 56.28 51.34 -40.07
CA VAL B 144 54.94 49.67 -36.93
CA VAL B 145 53.99 51.58 -33.76
CA VAL B 146 53.68 49.68 -30.48
CA ALA B 147 53.24 50.93 -26.89
CA CYS B 148 52.72 50.05 -23.20
CA LEU B 149 50.05 51.90 -21.21
CA VAL B 150 50.98 51.97 -17.51
CA GLN B 151 47.68 53.02 -15.89
CA GLY B 152 46.77 53.82 -12.28
CA PHE B 153 49.66 54.64 -9.95
CA PHE B 154 50.01 57.04 -7.03
CA PRO B 155 52.19 58.98 -6.66
CA GLN B 156 53.84 59.80 -10.00
CA GLU B 157 57.38 58.57 -9.22
CA PRO B 158 60.43 58.38 -11.53
CA LEU B 159 59.30 55.62 -13.91
CA SER B 160 62.23 53.89 -15.63
CA VAL B 161 61.22 52.04 -18.81
CA THR B 162 63.57 50.12 -21.12
CA TRP B 163 62.42 48.17 -24.19
CA SER B 164 64.34 45.09 -25.36
CA GLU B 165 65.29 46.18 -28.89
CA SER B 166 67.54 49.14 -29.74
CA GLY B 167 69.31 50.54 -32.80
CA GLN B 168 69.41 53.47 -35.21
CA ASN B 169 66.00 53.65 -36.89
CA VAL B 170 64.10 52.88 -33.67
CA THR B 171 62.79 55.60 -31.34
CA ALA B 172 61.37 55.35 -27.80
CA ARG B 173 59.58 58.18 -25.97
CA ASN B 174 58.68 58.35 -22.26
CA PHE B 175 55.39 60.26 -21.91
CA PRO B 176 55.05 62.62 -18.88
CA PRO B 177 52.70 61.73 -15.96
CA SER B 178 49.18 63.21 -16.03
CA GLN B 179 46.53 63.68 -13.31
CA ASP B 180 42.78 62.92 -13.38
CA ALA B 181 40.26 64.63 -11.06
CA SER B 182 42.08 66.03 -8.02
CA GLY B 183 44.95 63.60 -7.45
CA ASP B 184 43.12 60.27 -7.38
CA LEU B 185 45.52 58.53 -9.78
CA TYR B 186 48.35 59.08 -12.29
CA THR B 187 48.82 57.47 -15.73
CA THR B 188 51.69 57.12 -18.23
CA SER B 189 52.78 55.28 -21.38
CA SER B 190 55.83 54.01 -23.29
CA GLN B 191 55.96 53.94 -27.10
CA LEU B 192 58.42 52.41 -29.58
CA THR B 193 58.17 53.38 -33.25
CA LEU B 194 60.22 50.91 -35.29
CA PRO B 195 60.54 49.93 -38.98
CA ALA B 196 58.57 46.90 -40.17
CA THR B 197 61.78 45.18 -41.30
CA GLN B 198 62.75 44.89 -37.60
CA CYS B 199 60.08 43.03 -35.57
CA PRO B 200 59.91 39.49 -37.06
CA ASP B 201 56.56 37.85 -37.93
CA GLY B 202 55.55 35.66 -34.99
CA LYS B 203 57.46 37.23 -32.09
CA SER B 204 57.09 40.27 -29.81
CA VAL B 205 58.98 43.00 -27.93
CA THR B 206 59.02 43.26 -24.12
CA CYS B 207 58.62 46.58 -22.25
CA HIS B 208 60.16 46.72 -18.76
CA VAL B 209 58.56 49.26 -16.40
CA LYS B 210 60.12 50.01 -13.01
CA HIS B 211 58.51 52.17 -10.32
CA TYR B 212 60.60 52.67 -7.16
CA THR B 213 62.80 49.70 -6.16
CA ASN B 214 59.73 47.50 -6.66
CA PRO B 215 60.19 44.40 -8.89
CA SER B 216 60.34 45.25 -12.59
CA GLN B 217 57.05 44.35 -14.29
CA ASP B 218 57.77 42.76 -17.68
CA VAL B 219 55.08 42.59 -20.40
CA THR B 220 55.24 40.77 -23.75
CA VAL B 221 54.12 43.43 -26.25
CA PRO B 222 53.34 41.72 -29.60
CA CYS B 223 53.61 43.05 -33.14
CA PRO B 224 53.17 40.86 -36.56
CA VAL B 225 50.41 38.62 -38.03
CA PRO B 226 50.01 34.64 -38.54
CA PRO B 227 48.14 33.14 -41.52
CA PRO B 228 45.89 29.90 -41.02
CA PRO B 229 47.50 26.41 -42.45
CA PRO B 230 45.23 24.61 -44.93
CA CYS B 231 45.89 21.00 -46.30
CA CYS B 232 43.27 18.85 -48.09
CA HIS B 233 42.58 15.15 -48.55
CA PRO B 234 40.83 13.31 -51.53
CA ARG B 235 37.23 12.42 -50.45
CA LEU B 236 33.48 13.33 -50.27
CA SER B 237 30.82 12.15 -47.78
CA LEU B 238 27.08 12.70 -47.21
CA HIS B 239 25.40 13.26 -43.85
CA ARG B 240 21.84 11.98 -43.41
CA PRO B 241 19.55 14.18 -41.24
CA ALA B 242 18.64 13.13 -37.70
CA LEU B 243 15.57 10.97 -37.06
CA GLU B 244 14.33 12.68 -33.89
CA ASP B 245 14.38 16.11 -35.57
CA LEU B 246 12.49 15.38 -38.82
CA LEU B 247 9.70 13.46 -37.04
CA LEU B 248 8.75 16.11 -34.48
CA GLY B 249 8.51 19.22 -36.63
CA SER B 250 9.52 18.55 -40.26
CA GLU B 251 12.90 20.25 -39.75
CA ALA B 252 15.37 18.20 -41.83
CA ASN B 253 18.55 18.90 -43.79
CA LEU B 254 21.08 16.82 -45.74
CA THR B 255 24.73 17.92 -45.73
CA CYS B 256 27.20 17.40 -48.61
CA THR B 257 30.69 18.20 -47.33
CA LEU B 258 33.81 17.94 -49.52
CA THR B 259 36.77 17.17 -47.23
CA GLY B 260 39.77 15.79 -49.13
CA LEU B 261 41.68 17.06 -52.21
CA ARG B 262 44.65 19.56 -52.11
CA ASP B 263 44.82 23.44 -52.41
CA ALA B 264 42.90 26.65 -53.35
CA SER B 265 39.97 26.42 -55.77
CA GLY B 266 36.18 26.95 -55.65
CA ALA B 267 33.38 24.38 -55.75
CA THR B 268 29.90 24.64 -57.27
CA PHE B 269 26.90 22.37 -56.56
CA THR B 270 23.99 20.82 -58.47
CA TRP B 271 21.38 19.71 -55.90
CA THR B 272 18.19 17.99 -57.02
CA PRO B 273 14.75 19.31 -55.89
CA SER B 274 12.41 17.36 -53.60
CA SER B 275 8.87 16.10 -54.19
CA GLY B 276 7.57 19.60 -53.44
CA LYS B 277 9.83 21.10 -56.12
CA SER B 278 12.11 23.16 -53.86
CA ALA B 279 15.88 23.68 -54.00
CA VAL B 280 17.71 25.94 -51.51
CA GLN B 281 21.45 26.03 -50.80
CA GLY B 282 24.30 28.21 -49.52
CA PRO B 283 27.81 26.56 -49.42
CA PRO B 284 30.55 28.53 -47.55
CA GLU B 285 34.35 28.23 -47.22
CA ARG B 286 36.09 27.52 -43.91
CA ASP B 287 39.30 26.75 -42.04
CA LEU B 288 39.71 23.64 -39.84
CA CYS B 289 43.11 21.92 -40.46
CA GLY B 290 44.62 24.28 -43.06
CA CYS B 291 43.06 24.02 -46.57
CA TYR B 292 39.83 25.79 -47.79
CA SER B 293 36.47 23.99 -47.26
CA VAL B 294 33.12 24.01 -49.12
CA SER B 295 29.99 22.42 -47.53
CA SER B 296 26.31 22.76 -48.57
CA VAL B 297 23.03 21.96 -46.80
CA LEU B 298 19.74 21.26 -48.61
CA PRO B 299 16.74 21.78 -46.27
CA GLY B 300 14.15 19.10 -47.04
CA CYS B 301 10.66 18.20 -45.83
CA ALA B 302 9.35 15.10 -44.01
CA GLN B 303 7.10 13.70 -46.76
CA PRO B 304 9.85 13.11 -49.36
CA TRP B 305 11.98 11.25 -46.80
CA ASN B 306 8.98 9.18 -45.66
CA HIS B 307 8.00 8.33 -49.24
CA GLY B 308 11.59 7.86 -50.38
CA GLU B 309 13.05 10.39 -52.82
CA THR B 310 16.54 10.23 -54.36
CA PHE B 311 18.73 12.98 -52.87
CA THR B 312 21.84 13.30 -55.07
CA CYS B 313 24.69 15.85 -54.82
CA THR B 314 26.93 16.44 -57.85
CA ALA B 315 29.96 18.75 -57.70
CA ALA B 316 31.84 19.96 -60.80
CA HIS B 317 35.53 20.92 -60.64
CA PRO B 318 38.48 21.53 -63.02
CA GLU B 319 40.85 19.10 -61.31
CA LEU B 320 38.14 16.86 -59.90
CA LYS B 321 37.38 16.32 -63.58
CA THR B 322 34.87 13.52 -62.98
CA PRO B 323 32.12 15.32 -61.02
CA LEU B 324 31.56 12.99 -58.05
CA THR B 325 27.94 11.86 -57.86
CA ALA B 326 26.48 10.75 -54.52
CA ASN B 327 22.94 9.50 -53.87
CA ILE B 328 21.21 8.58 -50.59
CA THR B 329 17.74 7.19 -49.86
CA LYS B 330 16.07 4.99 -47.23
CA SER B 331 16.55 1.21 -47.12
CA GLY B 332 14.80 -2.13 -47.38
CA ASN B 333 11.24 -3.05 -48.33
CA THR B 334 8.07 -2.56 -46.24
CA PHE B 335 7.01 -5.05 -43.55
CA ARG B 336 3.81 -4.77 -41.48
CA PRO B 337 4.43 -4.37 -37.69
CA GLU B 338 2.82 -6.80 -35.26
CA VAL B 339 2.00 -5.22 -31.89
CA HIS B 340 1.74 -7.45 -28.81
CA LEU B 341 0.73 -5.66 -25.58
CA LEU B 342 2.09 -7.56 -22.57
CA PRO B 343 0.54 -7.32 -19.06
CA PRO B 344 2.60 -6.82 -15.86
CA PRO B 345 3.95 -10.01 -14.19
CA SER B 346 2.85 -11.60 -10.90
CA GLU B 347 5.87 -10.63 -8.78
CA GLU B 348 5.80 -7.05 -10.10
CA LEU B 349 2.49 -6.42 -8.35
CA ALA B 350 4.42 -6.46 -5.06
CA LEU B 351 5.81 -2.95 -5.65
CA ASN B 352 3.90 0.35 -5.31
CA GLU B 353 4.89 3.50 -7.22
CA LEU B 354 5.51 2.03 -10.70
CA VAL B 355 4.06 -0.69 -12.97
CA THR B 356 5.57 -1.55 -16.38
CA LEU B 357 3.28 -1.95 -19.41
CA THR B 358 5.21 -3.57 -22.27
CA CYS B 359 3.81 -3.46 -25.82
CA LEU B 360 6.17 -5.09 -28.32
CA ALA B 361 6.00 -4.36 -32.06
CA ARG B 362 8.14 -6.74 -34.12
CA GLY B 363 8.13 -7.62 -37.82
CA PHE B 364 8.73 -4.19 -39.36
CA SER B 365 10.98 -2.48 -41.91
CA PRO B 366 12.39 0.09 -42.17
CA LYS B 367 13.31 1.00 -38.58
CA ASP B 368 11.36 4.27 -38.76
CA VAL B 369 8.47 3.85 -36.31
CA LEU B 370 6.76 6.32 -33.96
CA VAL B 371 5.36 4.72 -30.79
CA ARG B 372 3.18 6.55 -28.23
CA TRP B 373 0.85 5.84 -25.29
CA LEU B 374 -2.56 7.12 -24.16
CA GLN B 375 -4.82 7.21 -21.09
CA GLY B 376 -8.28 5.65 -21.10
CA SER B 377 -10.05 7.58 -18.33
CA GLN B 378 -8.63 11.10 -18.73
CA GLU B 379 -8.52 10.55 -22.53
CA LEU B 380 -5.15 12.33 -22.60
CA PRO B 381 -1.71 11.07 -23.76
CA ARG B 382 0.76 9.63 -21.22
CA GLU B 383 4.04 11.21 -20.11
CA LYS B 384 6.23 8.52 -18.50
CA TYR B 385 7.49 6.08 -21.16
CA LEU B 386 10.70 5.18 -23.04
CA THR B 387 11.60 3.66 -26.42
CA TRP B 388 14.14 0.87 -27.08
CA ALA B 389 15.96 -0.09 -30.31
CA SER B 390 18.43 -2.46 -32.04
CA ARG B 391 18.99 -4.09 -35.46
CA GLN B 392 18.85 -7.80 -36.31
CA GLU B 393 21.56 -8.55 -38.88
CA PRO B 394 22.56 -12.25 -38.63
CA SER B 395 24.62 -14.29 -41.09
CA GLN B 396 21.55 -15.68 -42.88
CA GLY B 397 19.06 -13.94 -45.15
CA THR B 398 16.51 -12.72 -42.60
CA THR B 399 16.30 -9.15 -41.27
CA THR B 400 13.40 -7.31 -39.56
CA PHE B 401 13.52 -4.54 -36.92
CA ALA B 402 11.48 -4.67 -33.69
CA VAL B 403 10.75 -2.38 -30.73
CA THR B 404 9.72 -2.39 -27.06
CA SER B 405 7.75 0.23 -25.10
CA ILE B 406 7.53 0.71 -21.31
CA LEU B 407 4.74 2.73 -19.68
CA ARG B 408 5.26 3.11 -15.93
CA VAL B 409 1.94 3.90 -14.23
CA ALA B 410 0.70 3.47 -10.65
CA ALA B 411 -0.12 0.21 -8.87
CA GLU B 412 -3.53 1.33 -7.59
CA ASP B 413 -4.59 2.66 -11.01
CA TRP B 414 -3.86 -0.60 -12.85
CA LYS B 415 -6.35 -2.37 -10.57
CA LYS B 416 -9.17 0.17 -10.95
CA GLY B 417 -9.99 -1.02 -14.46
CA ASP B 418 -8.45 1.58 -16.77
CA THR B 419 -7.52 0.76 -20.38
CA PHE B 420 -4.10 1.78 -21.80
CA SER B 421 -3.37 2.31 -25.51
CA CYS B 422 -0.08 1.67 -27.37
CA MET B 423 -0.35 3.42 -30.75
CA VAL B 424 2.28 2.47 -33.34
CA GLY B 425 2.89 4.30 -36.61
CA HIS B 426 4.64 2.84 -39.65
CA GLU B 427 4.40 3.04 -43.45
CA ALA B 428 3.37 -0.60 -44.04
CA LEU B 429 0.37 -0.14 -41.73
CA PRO B 430 -3.19 0.03 -43.17
CA LEU B 431 -3.78 3.71 -42.33
CA ALA B 432 -0.18 4.43 -41.27
CA PHE B 433 -1.51 4.01 -37.73
CA THR B 434 -2.43 1.01 -35.56
CA GLN B 435 -3.48 0.77 -31.90
CA LYS B 436 -3.74 -2.15 -29.46
CA THR B 437 -4.92 -1.99 -25.83
CA ILE B 438 -4.34 -3.60 -22.43
CA ASP B 439 -6.90 -4.08 -19.64
CA ARG B 440 -6.90 -5.86 -16.26
CA LEU B 441 -10.38 -7.18 -17.10
CA ALA B 442 -9.62 -10.30 -19.12
CA GLY B 443 -12.52 -12.24 -20.59
CA LYS B 444 -11.62 -15.48 -22.33
CA PRO B 445 -13.46 -15.30 -25.69
CA THR B 446 -10.27 -14.84 -27.74
CA HIS B 447 -8.97 -11.25 -27.71
CA VAL B 448 -11.41 -8.55 -28.79
CA ASN B 449 -10.71 -4.86 -29.51
CA VAL B 450 -12.86 -1.86 -28.52
CA SER B 451 -15.75 -0.40 -30.55
CA VAL B 452 -15.74 2.63 -32.88
CA VAL B 453 -15.54 6.22 -31.60
CA MET B 454 -15.99 8.93 -34.25
CA ALA B 455 -17.45 8.67 -37.77
CA GLU B 456 -18.37 10.67 -40.88
CA VAL B 457 -15.46 13.03 -40.13
CA ASP B 458 -12.14 11.98 -41.67
CA GLY B 459 -10.99 15.45 -42.69
CA THR B 460 -11.65 15.77 -46.42
CA CYS B 461 -15.34 16.33 -45.64
CA TYR B 462 -15.34 18.85 -42.78
CA GLN C 1 -10.19 -70.31 86.58
CA VAL C 2 -10.77 -70.76 82.85
CA LYS C 3 -13.09 -73.76 82.35
CA LEU C 4 -11.87 -76.78 84.38
CA LEU C 5 -10.47 -78.94 81.58
CA GLU C 6 -9.88 -76.90 78.39
CA GLN C 7 -9.04 -79.10 75.38
CA SER C 8 -7.65 -78.26 71.93
CA GLY C 9 -9.18 -77.69 68.50
CA ALA C 10 -10.45 -79.78 65.58
CA GLU C 11 -7.47 -80.99 63.52
CA VAL C 12 -8.19 -81.93 59.91
CA LYS C 13 -5.91 -84.87 59.09
CA LYS C 14 -5.54 -86.65 55.76
CA PRO C 15 -5.98 -90.48 55.93
CA GLY C 16 -2.70 -92.01 57.06
CA ALA C 17 -1.52 -89.15 59.26
CA SER C 18 -1.06 -88.51 62.99
CA VAL C 19 -3.17 -86.56 65.52
CA LYS C 20 -2.30 -85.26 69.01
CA VAL C 21 -5.11 -83.81 71.14
CA SER C 22 -4.24 -82.16 74.48
CA CYS C 23 -6.19 -81.65 77.72
CA LYS C 24 -5.24 -78.70 79.94
CA ALA C 25 -6.34 -78.83 83.59
CA SER C 26 -6.81 -76.20 86.31
CA GLY C 27 -8.41 -75.37 89.64
CA TYR C 28 -7.54 -78.76 91.14
CA SER C 29 -4.41 -80.83 91.86
CA PHE C 30 -3.14 -82.61 88.72
CA THR C 31 -1.08 -85.36 90.39
CA SER C 32 -4.08 -86.55 92.43
CA TYR C 33 -6.61 -87.44 89.72
CA GLY C 34 -6.58 -89.49 86.51
CA LEU C 35 -7.91 -88.74 83.01
CA HIS C 36 -9.95 -90.98 80.68
CA TRP C 37 -10.49 -90.47 76.93
CA VAL C 38 -13.90 -91.06 75.33
CA ARG C 39 -15.04 -90.22 71.78
CA GLN C 40 -18.29 -90.26 69.75
CA ALA C 41 -18.93 -90.91 66.04
CA PRO C 42 -21.60 -88.75 64.30
CA GLY C 43 -24.86 -90.55 65.09
CA GLN C 44 -23.36 -93.28 67.29
CA ARG C 45 -22.74 -94.01 70.99
CA LEU C 46 -19.73 -92.97 73.11
CA GLU C 47 -16.72 -95.31 72.99
CA TRP C 48 -14.03 -95.49 75.68
CA MET C 49 -10.47 -95.24 74.34
CA GLY C 50 -8.25 -95.37 77.42
CA TRP C 51 -6.88 -93.89 80.64
CA ILE C 52 -3.65 -92.50 82.09
CA SER C 53 -2.65 -91.74 85.70
CA ALA C 54 -1.17 -88.29 86.26
CA GLY C 55 0.81 -89.48 89.28
CA THR C 56 2.87 -92.40 87.96
CA GLY C 57 2.12 -92.52 84.23
CA ASN C 58 0.57 -95.97 83.80
CA THR C 59 -1.29 -96.62 80.54
CA LYS C 60 -4.52 -98.65 80.32
CA TYR C 61 -6.24 -98.59 76.92
CA SER C 62 -8.72 -100.90 75.19
CA GLN C 63 -7.94 -103.79 72.81
CA LYS C 64 -9.73 -101.92 70.01
CA PHE C 65 -6.99 -99.40 69.18
CA ARG C 66 -4.18 -101.83 70.04
CA GLY C 67 -0.89 -100.77 68.48
CA ARG C 68 -1.78 -97.24 67.39
CA VAL C 69 -2.68 -95.32 70.56
CA THR C 70 -0.45 -93.58 73.10
CA PHE C 71 -0.91 -91.39 76.18
CA THR C 72 1.61 -88.84 77.51
CA ARG C 73 1.53 -86.31 80.36
CA ASP C 74 3.62 -83.26 81.29
CA THR C 75 3.90 -82.82 85.08
CA SER C 76 5.08 -79.19 85.19
CA ALA C 77 2.73 -78.08 82.39
CA THR C 78 -0.57 -79.56 83.66
CA THR C 79 -1.72 -80.97 80.29
CA ALA C 80 -2.60 -84.49 79.13
CA TYR C 81 -2.04 -85.89 75.62
CA MET C 82 -3.34 -88.55 73.22
CA GLY C 83 -1.84 -90.04 70.07
CA LEU C 84 -3.31 -92.04 67.18
CA SER C 85 -1.42 -93.11 64.04
CA SER C 86 -2.79 -94.52 60.76
CA LEU C 87 -6.03 -92.50 60.76
CA ARG C 88 -8.99 -93.76 58.72
CA PRO C 89 -12.21 -92.23 57.22
CA GLU C 90 -14.20 -93.81 60.07
CA ASP C 91 -12.35 -92.02 62.89
CA THR C 92 -14.43 -88.85 62.39
CA ALA C 93 -15.57 -88.34 65.99
CA VAL C 94 -15.69 -85.88 68.88
CA TYR C 95 -13.06 -86.76 71.50
CA TYR C 96 -13.33 -85.85 75.20
CA CYS C 97 -11.00 -86.08 78.21
CA ALA C 98 -12.89 -86.88 81.41
CA ARG C 99 -11.39 -86.88 84.91
CA ASP C 100 -10.96 -89.69 87.46
CA PRO C 101 -12.58 -88.87 90.87
CA TYR C 102 -10.66 -91.76 92.47
CA GLY C 103 -7.44 -92.36 90.54
CA GLY C 104 -8.08 -96.06 90.09
CA GLY C 105 -8.71 -96.33 86.36
CA LYS C 106 -12.24 -97.72 86.64
CA SER C 107 -15.10 -95.40 87.64
CA GLU C 108 -17.46 -92.60 86.54
CA PHE C 109 -16.75 -89.22 84.91
CA ASP C 110 -17.61 -86.01 86.78
CA TYR C 111 -15.84 -83.44 84.58
CA TRP C 112 -15.99 -83.39 80.77
CA GLY C 113 -14.26 -81.07 78.31
CA GLN C 114 -15.55 -79.22 75.25
CA GLY C 115 -14.59 -81.90 72.74
CA THR C 116 -12.39 -82.05 69.65
CA LEU C 117 -13.84 -83.06 66.27
CA VAL C 118 -11.06 -84.69 64.24
CA THR C 119 -12.30 -85.24 60.67
CA VAL C 120 -10.19 -87.53 58.50
CA SER C 121 -10.81 -86.85 54.80
CA SER C 122 -8.53 -86.49 51.75
CA ALA C 123 -10.73 -83.80 50.15
CA SER C 124 -9.16 -80.35 49.87
CA PRO C 125 -10.52 -78.39 52.88
CA THR C 126 -11.51 -74.76 52.29
CA SER C 127 -12.15 -71.67 54.44
CA PRO C 128 -15.80 -70.49 54.75
CA LYS C 129 -17.02 -67.31 53.06
CA VAL C 130 -19.20 -65.33 55.48
CA PHE C 131 -21.90 -63.12 53.92
CA PRO C 132 -24.17 -60.50 55.54
CA LEU C 133 -27.86 -61.38 55.29
CA SER C 134 -29.27 -57.88 55.76
CA LEU C 135 -32.83 -57.27 54.53
CA ASP C 136 -34.48 -54.66 52.30
CA SER C 137 -37.63 -53.98 54.36
CA THR C 138 -39.07 -57.43 53.55
CA PRO C 139 -40.13 -58.24 57.16
CA GLN C 140 -42.61 -56.31 59.31
CA ASP C 141 -42.74 -53.35 61.69
CA GLY C 142 -41.95 -54.56 65.20
CA ASN C 143 -38.84 -56.73 64.94
CA VAL C 144 -35.76 -56.73 62.70
CA VAL C 145 -34.28 -60.01 61.46
CA VAL C 146 -30.59 -60.07 60.53
CA ALA C 147 -28.22 -62.98 59.79
CA CYS C 148 -24.76 -64.12 58.67
CA LEU C 149 -24.48 -66.81 55.97
CA VAL C 150 -21.23 -68.77 56.39
CA GLN C 151 -20.96 -70.56 53.03
CA GLY C 152 -18.47 -73.14 51.73
CA PHE C 153 -16.42 -74.99 54.35
CA PHE C 154 -15.12 -78.54 54.55
CA PRO C 155 -15.41 -80.35 56.85
CA GLN C 156 -18.37 -79.29 59.02
CA GLU C 157 -16.48 -78.57 62.26
CA PRO C 158 -17.82 -77.14 65.57
CA LEU C 159 -18.62 -73.57 64.49
CA SER C 160 -18.71 -71.14 67.42
CA VAL C 161 -20.62 -67.94 66.65
CA THR C 162 -21.21 -65.05 69.07
CA TRP C 163 -23.00 -61.81 68.16
CA SER C 164 -22.09 -58.54 69.89
CA GLU C 165 -25.46 -57.62 71.42
CA SER C 166 -27.32 -59.66 74.06
CA GLY C 167 -30.32 -59.23 76.35
CA GLN C 168 -33.82 -60.50 77.08
CA ASN C 169 -35.90 -59.83 73.95
CA VAL C 170 -33.11 -60.90 71.58
CA THR C 171 -32.75 -64.46 70.27
CA ALA C 172 -29.87 -66.11 68.37
CA ARG C 173 -30.06 -69.51 66.66
CA ASN C 174 -27.17 -71.60 65.30
CA PHE C 175 -28.39 -73.48 62.20
CA PRO C 176 -27.10 -77.07 61.71
CA PRO C 177 -24.58 -77.87 58.90
CA SER C 178 -25.99 -79.17 55.60
CA GLN C 179 -24.39 -81.04 52.68
CA ASP C 180 -24.70 -80.44 48.92
CA ALA C 181 -24.02 -83.15 46.30
CA SER C 182 -21.86 -85.89 47.82
CA GLY C 183 -19.66 -84.06 50.32
CA ASP C 184 -18.22 -81.27 48.16
CA LEU C 185 -18.96 -78.48 50.67
CA TYR C 186 -20.87 -77.60 53.84
CA THR C 187 -22.88 -74.44 54.60
CA THR C 188 -24.32 -72.77 57.74
CA SER C 189 -25.88 -69.55 59.03
CA SER C 190 -26.33 -67.41 62.15
CA GLN C 191 -29.48 -65.38 62.78
CA LEU C 192 -30.38 -62.74 65.40
CA THR C 193 -34.00 -61.64 65.78
CA LEU C 194 -34.18 -58.42 67.81
CA PRO C 195 -36.83 -55.71 68.46
CA ALA C 196 -36.67 -52.59 66.30
CA THR C 197 -36.07 -50.45 69.40
CA GLN C 198 -32.63 -52.08 69.74
CA CYS C 199 -30.76 -51.51 66.44
CA PRO C 200 -30.31 -47.70 66.34
CA ASP C 201 -30.53 -45.84 63.00
CA GLY C 202 -26.97 -45.52 61.73
CA LYS C 203 -25.13 -48.44 63.38
CA SER C 204 -24.67 -52.20 62.88
CA VAL C 205 -24.17 -55.53 64.69
CA THR C 206 -21.07 -57.71 64.26
CA CYS C 207 -21.20 -61.52 63.98
CA HIS C 208 -18.07 -63.43 65.03
CA VAL C 209 -17.64 -66.86 63.42
CA LYS C 210 -14.88 -69.22 64.58
CA HIS C 211 -13.96 -72.49 62.85
CA TYR C 212 -11.21 -74.52 64.55
CA THR C 213 -8.48 -72.44 66.26
CA ASN C 214 -8.31 -70.37 63.07
CA PRO C 215 -8.54 -66.55 63.49
CA SER C 216 -12.08 -65.36 64.23
CA GLN C 217 -13.63 -63.75 61.13
CA ASP C 218 -15.59 -60.62 62.09
CA VAL C 219 -18.27 -59.11 59.82
CA THR C 220 -20.21 -55.85 60.22
CA VAL C 221 -23.90 -56.73 59.71
CA PRO C 222 -26.02 -53.54 59.27
CA CYS C 223 -29.72 -52.78 59.73
CA PRO C 224 -31.50 -49.09 59.72
CA VAL C 225 -31.99 -46.32 57.11
CA PRO C 226 -30.38 -42.67 56.56
CA PRO C 227 -32.38 -39.74 55.11
CA PRO C 228 -30.62 -37.19 52.63
CA PRO C 229 -29.71 -33.52 54.25
CA PRO C 230 -31.20 -30.60 52.29
CA CYS C 231 -30.32 -26.84 52.95
CA CYS C 232 -31.12 -23.98 50.53
CA HIS C 233 -29.65 -20.57 49.72
CA PRO C 234 -31.49 -17.33 48.40
CA ARG C 235 -31.32 -16.65 44.62
CA LEU C 236 -33.34 -16.75 41.34
CA SER C 237 -32.18 -17.49 37.79
CA LEU C 238 -33.80 -18.03 34.38
CA HIS C 239 -32.81 -20.60 31.75
CA ARG C 240 -33.23 -19.71 28.07
CA PRO C 241 -34.27 -22.59 25.76
CA ALA C 242 -31.77 -24.21 23.39
CA LEU C 243 -31.28 -22.83 19.88
CA GLU C 244 -30.99 -26.13 18.02
CA ASP C 245 -34.25 -27.43 19.50
CA LEU C 246 -36.59 -24.49 18.81
CA LEU C 247 -35.43 -24.09 15.19
CA LEU C 248 -35.96 -27.69 14.05
CA GLY C 249 -39.44 -28.41 15.37
CA SER C 250 -40.84 -25.52 17.43
CA GLU C 251 -40.20 -27.38 20.71
CA ALA C 252 -39.09 -24.70 23.17
CA ASN C 253 -39.39 -24.12 26.93
CA LEU C 254 -38.17 -21.47 29.39
CA THR C 255 -37.35 -22.62 32.94
CA CYS C 256 -37.72 -20.43 36.05
CA THR C 257 -35.87 -22.19 38.89
CA LEU C 258 -35.35 -20.74 42.38
CA THR C 259 -32.17 -22.38 43.67
CA GLY C 260 -31.55 -21.06 47.21
CA LEU C 261 -33.82 -19.84 50.05
CA ARG C 262 -34.31 -21.45 53.54
CA ASP C 263 -36.84 -24.33 54.22
CA ALA C 264 -40.53 -25.22 54.67
CA SER C 265 -42.90 -23.16 52.54
CA GLY C 266 -44.74 -23.35 49.19
CA ALA C 267 -44.18 -20.79 46.44
CA THR C 268 -46.50 -19.72 43.61
CA PHE C 269 -46.02 -18.37 40.05
CA THR C 270 -47.44 -15.76 37.67
CA TRP C 271 -46.31 -16.51 34.10
CA THR C 272 -47.23 -14.26 31.18
CA PRO C 273 -48.82 -15.71 27.99
CA SER C 274 -47.11 -15.68 24.59
CA SER C 275 -48.17 -14.06 21.31
CA GLY C 276 -50.56 -16.95 20.72
CA LYS C 277 -52.24 -16.36 24.10
CA SER C 278 -51.22 -19.61 25.83
CA ALA C 279 -50.01 -20.21 29.40
CA VAL C 280 -49.15 -23.70 30.69
CA GLN C 281 -47.16 -24.54 33.83
CA GLY C 282 -46.61 -27.26 36.44
CA PRO C 283 -43.98 -26.53 39.15
CA PRO C 284 -43.08 -29.60 41.29
CA GLU C 285 -41.06 -29.86 44.52
CA ARG C 286 -37.70 -31.69 44.48
CA ASP C 287 -35.24 -32.09 47.37
CA LEU C 288 -31.77 -30.58 46.79
CA CYS C 289 -29.15 -30.58 49.57
CA GLY C 290 -31.95 -31.34 52.00
CA CYS C 291 -33.91 -28.27 50.94
CA TYR C 292 -37.23 -28.18 48.86
CA SER C 293 -37.18 -26.83 45.25
CA VAL C 294 -39.85 -25.12 43.10
CA SER C 295 -39.08 -25.05 39.33
CA SER C 296 -41.66 -24.25 36.61
CA VAL C 297 -41.40 -24.60 32.81
CA LEU C 298 -43.42 -22.53 30.31
CA PRO C 299 -43.57 -24.26 26.88
CA GLY C 300 -43.45 -21.59 24.18
CA CYS C 301 -43.61 -21.48 20.38
CA ALA C 302 -40.98 -20.41 17.83
CA GLN C 303 -42.71 -17.29 16.45
CA PRO C 304 -42.76 -15.30 19.72
CA TRP C 305 -39.04 -15.95 20.24
CA ASN C 306 -38.25 -15.00 16.64
CA HIS C 307 -40.34 -11.81 16.84
CA GLY C 308 -39.26 -10.99 20.39
CA GLU C 309 -41.81 -11.26 23.19
CA THR C 310 -41.18 -10.43 26.86
CA PHE C 311 -41.14 -13.62 28.95
CA THR C 312 -41.40 -12.65 32.63
CA CYS C 313 -41.62 -14.84 35.77
CA THR C 314 -42.72 -13.59 39.21
CA ALA C 315 -42.34 -15.79 42.31
CA ALA C 316 -44.00 -14.38 45.45
CA HIS C 317 -43.63 -15.62 49.02
CA PRO C 318 -44.40 -14.43 52.57
CA GLU C 319 -40.75 -13.80 53.49
CA LEU C 320 -39.86 -13.02 49.90
CA LYS C 321 -42.11 -10.04 50.52
CA THR C 322 -40.88 -8.31 47.39
CA PRO C 323 -41.94 -10.63 44.51
CA LEU C 324 -38.82 -11.01 42.36
CA THR C 325 -39.51 -10.07 38.74
CA ALA C 326 -37.31 -11.49 35.97
CA ASN C 327 -37.62 -10.78 32.23
CA ILE C 328 -35.69 -12.22 29.27
CA THR C 329 -35.83 -11.40 25.54
CA LYS C 330 -33.51 -11.51 22.52
CA SER C 331 -30.65 -9.03 22.09
CA GLY C 332 -29.47 -6.22 19.83
CA ASN C 333 -31.03 -4.66 16.75
CA THR C 334 -31.33 -6.08 13.20
CA PHE C 335 -28.48 -6.12 10.66
CA ARG C 336 -28.76 -7.47 7.11
CA PRO C 337 -26.39 -10.43 6.36
CA GLU C 338 -23.99 -10.21 3.43
CA VAL C 339 -23.36 -13.65 1.91
CA HIS C 340 -20.10 -14.23 0.00
CA LEU C 341 -19.63 -17.64 -1.65
CA LEU C 342 -15.93 -18.56 -1.96
CA PRO C 343 -14.47 -20.95 -4.59
CA PRO C 344 -11.91 -23.70 -3.72
CA PRO C 345 -8.23 -22.62 -3.87
CA SER C 346 -5.62 -23.65 -6.44
CA GLU C 347 -3.67 -26.00 -4.16
CA GLU C 348 -6.88 -27.73 -3.04
CA LEU C 349 -7.55 -29.07 -6.54
CA ALA C 350 -4.70 -31.54 -5.90
CA LEU C 351 -6.88 -33.70 -3.63
CA ASN C 352 -9.56 -36.21 -4.71
CA GLU C 353 -12.42 -37.24 -2.39
CA LEU C 354 -13.29 -33.82 -0.92
CA VAL C 355 -13.57 -30.17 -2.05
CA THR C 356 -14.44 -27.29 0.31
CA LEU C 357 -17.08 -24.74 -0.73
CA THR C 358 -17.04 -21.80 1.70
CA CYS C 359 -19.89 -19.25 1.69
CA LEU C 360 -19.29 -16.60 4.36
CA ALA C 361 -22.16 -14.48 5.69
CA ARG C 362 -21.08 -11.61 7.94
CA GLY C 363 -22.63 -8.33 9.04
CA PHE C 364 -25.66 -9.73 10.88
CA SER C 365 -27.41 -9.46 14.24
CA PRO C 366 -28.67 -11.23 16.21
CA LYS C 367 -26.63 -14.45 15.96
CA ASP C 368 -29.74 -16.48 15.10
CA VAL C 369 -29.19 -17.63 11.51
CA LEU C 370 -30.02 -20.90 9.72
CA VAL C 371 -27.64 -21.90 6.91
CA ARG C 372 -28.21 -24.77 4.45
CA TRP C 373 -26.91 -26.08 1.11
CA LEU C 374 -28.49 -27.48 -2.06
CA GLN C 375 -27.60 -29.45 -5.21
CA GLY C 376 -28.12 -28.01 -8.68
CA SER C 377 -28.40 -31.16 -10.81
CA GLN C 378 -30.33 -33.53 -8.53
CA GLU C 379 -32.29 -30.52 -7.18
CA LEU C 380 -32.04 -32.04 -3.68
CA PRO C 381 -30.44 -30.61 -0.50
CA ARG C 382 -26.88 -31.56 0.49
CA GLU C 383 -25.82 -33.70 3.45
CA LYS C 384 -22.12 -33.07 4.17
CA TYR C 385 -21.62 -29.56 5.63
CA LEU C 386 -20.80 -27.84 8.94
CA THR C 387 -21.49 -24.55 10.77
CA TRP C 388 -19.22 -22.37 12.92
CA ALA C 389 -19.92 -19.75 15.63
CA SER C 390 -18.14 -16.94 17.53
CA ARG C 391 -19.14 -13.45 18.72
CA GLN C 392 -17.24 -10.24 17.90
CA GLU C 393 -17.04 -8.19 21.11
CA PRO C 394 -14.07 -5.76 21.03
CA SER C 395 -13.36 -2.79 23.32
CA GLN C 396 -14.86 -0.26 20.89
CA GLY C 397 -18.48 0.32 19.90
CA THR C 398 -18.83 -2.13 17.02
CA THR C 399 -20.43 -5.59 17.13
CA THR C 400 -21.78 -7.83 14.32
CA PHE C 401 -21.89 -11.64 14.14
CA ALA C 402 -20.50 -13.55 11.13
CA VAL C 403 -20.53 -17.20 9.99
CA THR C 404 -18.76 -19.70 7.74
CA SER C 405 -20.15 -22.73 5.88
CA ILE C 406 -18.17 -25.64 4.42
CA LEU C 407 -19.67 -28.01 1.82
CA ARG C 408 -17.40 -30.96 1.02
CA VAL C 409 -18.27 -32.42 -2.40
CA ALA C 410 -16.27 -34.51 -4.91
CA ALA C 411 -13.40 -33.31 -7.11
CA GLU C 412 -14.80 -34.73 -10.36
CA ASP C 413 -18.25 -33.21 -9.77
CA TRP C 414 -16.96 -29.66 -9.24
CA LYS C 415 -15.44 -29.76 -12.74
CA LYS C 416 -18.56 -31.05 -14.52
CA GLY C 417 -20.31 -27.69 -14.26
CA ASP C 418 -22.79 -28.12 -11.41
CA THR C 419 -24.13 -25.11 -9.47
CA PHE C 420 -24.18 -25.14 -5.63
CA SER C 421 -26.52 -22.99 -3.49
CA CYS C 422 -25.86 -21.56 0.01
CA MET C 423 -29.21 -20.44 1.43
CA VAL C 424 -29.09 -18.20 4.50
CA GLY C 425 -32.08 -17.25 6.66
CA HIS C 426 -32.23 -14.26 8.99
CA GLU C 427 -34.82 -11.73 10.20
CA ALA C 428 -33.27 -8.64 8.60
CA LEU C 429 -33.44 -10.32 5.18
CA PRO C 430 -35.98 -9.14 2.54
CA LEU C 431 -38.12 -12.31 2.66
CA ALA C 432 -36.37 -13.88 5.66
CA PHE C 433 -34.46 -15.90 3.06
CA THR C 434 -31.55 -15.18 0.72
CA GLN C 435 -29.59 -17.47 -1.64
CA LYS C 436 -26.27 -17.04 -3.48
CA THR C 437 -24.59 -19.55 -5.82
CA ILE C 438 -21.16 -20.81 -6.91
CA ASP C 439 -20.21 -22.17 -10.35
CA ARG C 440 -16.93 -23.24 -11.97
CA LEU C 441 -18.08 -21.41 -15.12
CA ALA C 442 -16.95 -17.86 -14.44
CA GLY C 443 -17.86 -15.19 -16.96
CA LYS C 444 -16.47 -11.72 -16.28
CA PRO C 445 -19.50 -9.37 -16.66
CA THR C 446 -19.77 -8.58 -12.94
CA HIS C 447 -21.47 -11.16 -10.70
CA VAL C 448 -24.86 -12.19 -12.09
CA ASN C 449 -27.46 -14.39 -10.38
CA VAL C 450 -29.73 -17.06 -11.91
CA SER C 451 -33.19 -16.47 -13.39
CA VAL C 452 -36.64 -17.05 -11.83
CA VAL C 453 -38.11 -20.52 -11.24
CA MET C 454 -41.73 -20.60 -10.01
CA ALA C 455 -44.37 -17.84 -10.17
CA GLU C 456 -47.99 -16.99 -9.31
CA VAL C 457 -47.78 -19.47 -6.42
CA ASP C 458 -46.67 -17.95 -3.11
CA GLY C 459 -49.08 -19.86 -0.87
CA THR C 460 -51.90 -17.44 -0.02
CA CYS C 461 -53.36 -18.05 -3.49
CA TYR C 462 -53.28 -21.83 -3.97
CA GLN D 1 -58.47 7.61 83.67
CA VAL D 2 -55.26 8.54 81.84
CA LYS D 3 -52.92 10.21 84.35
CA LEU D 4 -54.75 12.96 86.31
CA LEU D 5 -53.25 16.05 84.69
CA GLU D 6 -51.60 15.23 81.35
CA GLN D 7 -49.58 18.14 79.95
CA SER D 8 -48.06 18.78 76.50
CA GLY D 9 -44.60 18.33 74.97
CA ALA D 10 -41.29 20.19 74.87
CA GLU D 11 -41.54 23.00 72.32
CA VAL D 12 -38.24 24.28 70.90
CA LYS D 13 -38.67 28.02 70.34
CA LYS D 14 -36.17 30.45 68.85
CA PRO D 15 -35.42 33.55 71.02
CA GLY D 16 -38.17 36.11 70.44
CA ALA D 17 -41.01 33.67 69.78
CA SER D 18 -44.18 32.51 71.58
CA VAL D 19 -44.97 29.35 73.56
CA LYS D 20 -48.32 27.86 74.66
CA VAL D 21 -48.29 24.90 77.05
CA SER D 22 -51.58 23.14 77.87
CA CYS D 23 -52.79 21.14 80.89
CA LYS D 24 -55.51 18.52 80.35
CA ALA D 25 -57.47 17.36 83.40
CA SER D 26 -59.58 14.29 84.18
CA GLY D 27 -61.13 12.15 86.90
CA TYR D 28 -62.28 15.17 88.90
CA SER D 29 -64.54 18.20 88.42
CA PHE D 30 -62.78 20.99 86.49
CA THR D 31 -64.94 23.94 87.57
CA SER D 32 -64.31 23.21 91.27
CA TYR D 33 -60.50 23.44 91.51
CA GLY D 34 -57.83 25.92 90.41
CA LEU D 35 -54.48 25.41 88.64
CA HIS D 36 -51.08 26.95 89.45
CA TRP D 37 -48.03 27.07 87.14
CA VAL D 38 -44.52 26.40 88.49
CA ARG D 39 -41.27 25.91 86.53
CA GLN D 40 -37.63 24.93 87.25
CA ALA D 41 -34.37 26.00 85.58
CA PRO D 42 -31.67 23.30 85.10
CA GLY D 43 -29.85 23.25 88.41
CA GLN D 44 -32.04 25.82 90.18
CA ARG D 45 -35.07 25.94 92.51
CA LEU D 46 -38.77 25.93 91.53
CA GLU D 47 -40.29 29.33 90.73
CA TRP D 48 -44.02 30.11 90.88
CA MET D 49 -45.39 31.77 87.73
CA GLY D 50 -49.10 32.21 88.39
CA TRP D 51 -52.61 30.86 88.92
CA ILE D 52 -56.02 30.78 87.22
CA SER D 53 -59.45 29.80 88.55
CA ALA D 54 -61.37 27.32 86.37
CA GLY D 55 -64.71 28.60 87.64
CA THR D 56 -64.64 32.34 86.91
CA GLY D 57 -61.37 32.91 85.06
CA ASN D 58 -59.50 35.31 87.35
CA THR D 59 -55.76 35.74 86.71
CA LYS D 60 -53.19 36.11 89.50
CA TYR D 61 -49.55 36.02 88.34
CA SER D 62 -46.29 37.29 89.86
CA GLN D 63 -44.60 40.65 89.23
CA LYS D 64 -41.64 38.83 87.65
CA PHE D 65 -43.20 38.04 84.26
CA ARG D 66 -45.31 41.22 84.24
CA GLY D 67 -46.46 42.09 80.74
CA ARG D 68 -45.62 38.85 78.92
CA VAL D 69 -47.67 36.11 80.59
CA THR D 70 -51.28 35.06 80.04
CA PHE D 71 -53.60 32.28 81.24
CA THR D 72 -56.61 30.91 79.35
CA ARG D 73 -59.07 28.06 80.03
CA ASP D 74 -61.60 26.15 77.93
CA THR D 75 -64.65 25.08 79.96
CA SER D 76 -66.07 22.43 77.60
CA ALA D 77 -62.62 21.01 76.74
CA THR D 78 -61.18 20.57 80.25
CA THR D 79 -57.72 21.99 79.46
CA ALA D 80 -55.74 24.91 80.93
CA TYR D 81 -53.30 27.12 79.00
CA MET D 82 -50.25 29.36 79.52
CA GLY D 83 -48.67 31.99 77.28
CA LEU D 84 -45.26 33.70 77.28
CA SER D 85 -44.01 36.14 74.63
CA SER D 86 -40.46 37.46 74.04
CA LEU D 87 -38.65 34.25 75.07
CA ARG D 88 -35.01 34.47 76.17
CA PRO D 89 -32.04 32.03 76.46
CA GLU D 90 -32.60 31.90 80.23
CA ASP D 91 -36.18 30.56 80.07
CA THR D 92 -34.95 26.99 79.53
CA ALA D 93 -36.93 25.27 82.28
CA VAL D 94 -39.37 22.47 83.05
CA TYR D 95 -42.89 23.84 83.52
CA TYR D 96 -45.60 22.15 85.60
CA CYS D 97 -49.31 22.74 86.22
CA ALA D 98 -50.33 21.92 89.79
CA ARG D 99 -53.90 21.83 91.10
CA ASP D 100 -55.64 23.93 93.78
CA PRO D 101 -57.23 21.78 96.56
CA TYR D 102 -59.22 24.80 97.77
CA GLY D 103 -59.81 27.16 94.85
CA GLY D 104 -58.48 30.19 96.68
CA GLY D 105 -55.27 30.94 94.83
CA LYS D 106 -52.96 30.51 97.80
CA SER D 107 -52.19 27.01 99.12
CA GLU D 108 -50.26 23.76 98.53
CA PHE D 109 -50.03 21.49 95.47
CA ASP D 110 -51.35 17.91 95.68
CA TYR D 111 -51.28 16.94 92.00
CA TRP D 112 -48.36 17.64 89.64
CA GLY D 113 -48.03 16.92 85.92
CA GLN D 114 -45.20 15.37 83.89
CA GLY D 115 -43.57 18.67 82.97
CA THR D 116 -42.69 20.44 79.72
CA LEU D 117 -39.08 21.40 78.93
CA VAL D 118 -39.14 24.48 76.71
CA THR D 119 -35.61 25.17 75.44
CA VAL D 120 -35.02 28.57 73.84
CA SER D 121 -31.98 28.48 71.54
CA SER D 122 -31.28 29.83 68.03
CA ALA D 123 -29.07 26.85 67.10
CA SER D 124 -30.41 24.60 64.33
CA PRO D 125 -32.06 21.66 66.16
CA THR D 126 -31.54 18.19 64.69
CA SER D 127 -33.17 14.76 65.01
CA PRO D 128 -31.20 12.04 66.89
CA LYS D 129 -29.63 9.08 65.06
CA VAL D 130 -30.30 5.88 67.00
CA PHE D 131 -27.74 3.09 66.63
CA PRO D 132 -27.84 -0.54 67.83
CA LEU D 133 -25.10 -1.49 70.31
CA SER D 134 -24.91 -5.26 69.80
CA LEU D 135 -21.79 -7.22 70.83
CA ASP D 136 -19.65 -10.12 69.58
CA SER D 137 -17.80 -12.08 72.33
CA THR D 138 -17.13 -9.01 74.50
CA PRO D 139 -19.50 -9.97 77.34
CA GLN D 140 -18.97 -12.75 79.88
CA ASP D 141 -20.53 -16.21 79.75
CA GLY D 142 -23.75 -15.93 81.73
CA ASN D 143 -25.44 -12.65 80.79
CA VAL D 144 -26.11 -10.58 77.66
CA VAL D 145 -25.76 -6.79 77.53
CA VAL D 146 -27.45 -4.86 74.71
CA ALA D 147 -27.95 -1.11 74.17
CA CYS D 148 -29.21 1.68 71.89
CA LEU D 149 -26.99 4.71 71.24
CA VAL D 150 -29.13 7.76 70.43
CA GLN D 151 -26.55 10.17 68.97
CA GLY D 152 -26.81 13.80 67.84
CA PHE D 153 -29.81 15.75 69.11
CA PHE D 154 -30.27 19.39 70.12
CA PRO D 155 -31.49 20.33 72.61
CA GLN D 156 -31.33 17.63 75.31
CA GLU D 157 -35.08 17.16 75.88
CA PRO D 158 -36.87 14.62 78.13
CA LEU D 159 -36.10 11.39 76.26
CA SER D 160 -38.59 8.62 77.03
CA VAL D 161 -37.26 5.14 76.22
CA THR D 162 -39.11 1.85 76.77
CA TRP D 163 -37.75 -1.57 75.76
CA SER D 164 -40.12 -4.38 74.77
CA GLU D 165 -39.20 -7.02 77.38
CA SER D 166 -39.64 -6.61 81.15
CA GLY D 167 -39.45 -8.81 84.24
CA GLN D 168 -37.51 -9.42 87.45
CA ASN D 169 -33.93 -10.26 86.44
CA VAL D 170 -33.83 -7.59 83.71
CA THR D 171 -32.54 -4.05 84.30
CA ALA D 172 -32.76 -0.94 82.11
CA ARG D 173 -30.85 2.30 82.73
CA ASN D 174 -31.41 5.70 81.07
CA PHE D 175 -28.02 7.44 80.74
CA PRO D 176 -27.96 11.25 81.32
CA PRO D 177 -27.40 13.66 78.36
CA SER D 178 -23.83 14.87 77.73
CA GLN D 179 -22.43 17.83 75.76
CA ASP D 180 -19.53 17.97 73.27
CA ALA D 181 -17.62 21.17 72.47
CA SER D 182 -19.75 24.21 73.40
CA GLY D 183 -23.31 23.06 72.79
CA ASP D 184 -23.08 21.74 69.22
CA LEU D 185 -24.88 18.46 69.95
CA TYR D 186 -26.12 16.15 72.74
CA THR D 187 -25.86 12.34 72.97
CA THR D 188 -27.49 9.59 75.07
CA SER D 189 -27.92 5.82 75.34
CA SER D 190 -30.27 3.09 76.59
CA GLN D 191 -29.01 -0.22 77.98
CA LEU D 192 -30.73 -3.47 78.95
CA THR D 193 -28.78 -6.08 80.90
CA LEU D 194 -30.71 -9.37 80.75
CA PRO D 195 -29.98 -13.06 81.49
CA ALA D 196 -29.04 -15.29 78.55
CA THR D 197 -31.99 -17.59 79.27
CA GLN D 198 -34.29 -14.72 78.20
CA CYS D 199 -33.52 -13.50 74.65
CA PRO D 200 -34.18 -16.49 72.35
CA ASP D 201 -31.65 -17.54 69.66
CA GLY D 202 -32.73 -15.97 66.38
CA LYS D 203 -34.84 -12.99 67.54
CA SER D 204 -34.21 -9.49 68.90
CA VAL D 205 -35.45 -6.80 71.32
CA THR D 206 -36.81 -3.42 70.16
CA CYS D 207 -35.88 -0.12 71.87
CA HIS D 208 -38.42 2.71 71.52
CA VAL D 209 -36.98 6.22 71.82
CA LYS D 210 -39.28 9.25 71.99
CA HIS D 211 -38.09 12.87 71.86
CA TYR D 212 -40.85 15.50 72.21
CA THR D 213 -44.21 14.54 70.66
CA ASN D 214 -42.28 13.51 67.55
CA PRO D 215 -43.03 9.99 66.17
CA SER D 216 -41.45 7.22 68.24
CA GLN D 217 -38.39 5.82 66.46
CA ASP D 218 -38.33 2.02 66.81
CA VAL D 219 -35.12 0.02 66.29
CA THR D 220 -34.71 -3.77 66.15
CA VAL D 221 -31.81 -4.42 68.55
CA PRO D 222 -30.56 -8.01 68.02
CA CYS D 223 -28.96 -10.41 70.47
CA PRO D 224 -28.14 -14.37 69.76
CA VAL D 225 -26.13 -16.30 67.13
CA PRO D 226 -27.13 -18.66 64.01
CA PRO D 227 -25.02 -21.67 62.95
CA PRO D 228 -24.55 -22.50 59.10
CA PRO D 229 -26.73 -25.70 57.73
CA PRO D 230 -24.58 -28.37 56.05
CA CYS D 231 -26.02 -31.43 54.06
CA CYS D 232 -23.96 -33.63 51.69
CA HIS D 233 -24.63 -35.75 48.62
CA PRO D 234 -22.75 -38.95 47.36
CA ARG D 235 -20.46 -37.91 44.43
CA LEU D 236 -17.01 -36.74 43.15
CA SER D 237 -16.14 -34.78 39.96
CA LEU D 238 -12.98 -33.47 38.27
CA HIS D 239 -12.61 -30.05 36.63
CA ARG D 240 -10.25 -29.77 33.64
CA PRO D 241 -8.28 -26.49 33.40
CA ALA D 242 -9.25 -23.83 30.84
CA LEU D 243 -7.72 -23.89 27.35
CA GLU D 244 -7.18 -20.15 26.90
CA ASP D 245 -5.29 -19.89 30.20
CA LEU D 246 -2.76 -22.74 29.83
CA LEU D 247 -1.81 -21.75 26.27
CA LEU D 248 -0.95 -18.10 26.92
CA GLY D 249 1.26 -18.37 30.01
CA SER D 250 1.50 -21.95 31.30
CA GLU D 251 -0.90 -21.19 34.17
CA ALA D 252 -2.99 -24.35 34.60
CA ASN D 253 -4.67 -26.17 37.48
CA LEU D 254 -6.88 -29.26 37.85
CA THR D 255 -9.54 -29.26 40.59
CA CYS D 256 -10.75 -32.36 42.48
CA THR D 257 -13.88 -31.39 44.45
CA LEU D 258 -15.80 -33.87 46.63
CA THR D 259 -19.44 -32.73 46.74
CA GLY D 260 -21.80 -35.51 47.89
CA LEU D 261 -21.77 -37.79 50.96
CA ARG D 262 -23.35 -36.93 54.40
CA ASP D 263 -21.89 -35.28 57.62
CA ALA D 264 -18.69 -34.21 59.47
CA SER D 265 -15.39 -35.94 58.65
CA GLY D 266 -12.04 -35.00 57.08
CA ALA D 267 -10.63 -35.94 53.67
CA THR D 268 -7.02 -36.59 52.63
CA PHE D 269 -5.62 -36.65 49.07
CA THR D 270 -3.05 -38.60 47.05
CA TRP D 271 -2.23 -36.56 43.93
CA THR D 272 0.21 -37.88 41.34
CA PRO D 273 3.20 -35.73 40.21
CA SER D 274 3.57 -34.39 36.66
CA SER D 275 6.30 -34.98 34.07
CA GLY D 276 8.46 -32.41 35.85
CA LYS D 277 8.14 -34.30 39.16
CA SER D 278 6.16 -31.69 41.11
CA ALA D 279 3.22 -32.12 43.51
CA VAL D 280 1.63 -29.16 45.31
CA GLN D 281 -1.77 -29.08 47.05
CA GLY D 282 -3.81 -27.33 49.74
CA PRO D 283 -7.44 -28.59 50.23
CA PRO D 284 -9.70 -26.44 52.50
CA GLU D 285 -13.14 -26.89 54.10
CA ARG D 286 -16.12 -24.67 53.24
CA ASP D 287 -19.82 -23.94 53.63
CA LEU D 288 -22.19 -23.66 50.63
CA CYS D 289 -25.49 -25.55 51.26
CA GLY D 290 -24.89 -26.83 54.81
CA CYS D 291 -22.37 -29.73 55.06
CA TYR D 292 -18.50 -29.41 55.22
CA SER D 293 -16.55 -29.33 51.90
CA VAL D 294 -13.02 -30.41 50.87
CA SER D 295 -11.58 -29.36 47.45
CA SER D 296 -7.96 -29.52 46.20
CA VAL D 297 -6.15 -27.91 43.26
CA LEU D 298 -2.97 -29.31 41.66
CA PRO D 299 -1.10 -26.59 39.67
CA GLY D 300 0.33 -28.18 36.55
CA CYS D 301 2.48 -27.06 33.61
CA ALA D 302 1.72 -26.84 29.88
CA GLN D 303 4.11 -29.55 28.62
CA PRO D 304 2.52 -32.48 30.51
CA TRP D 305 -0.94 -31.53 29.22
CA ASN D 306 0.36 -31.13 25.66
CA HIS D 307 2.20 -34.46 25.79
CA GLY D 308 -0.59 -36.23 27.68
CA GLU D 309 0.07 -37.27 31.28
CA THR D 310 -2.37 -39.21 33.49
CA PHE D 311 -3.71 -36.89 36.24
CA THR D 312 -5.39 -39.09 38.88
CA CYS D 313 -6.92 -38.04 42.23
CA THR D 314 -7.45 -40.69 44.93
CA ALA D 315 -9.18 -39.88 48.23
CA ALA D 316 -9.14 -42.21 51.25
CA HIS D 317 -11.95 -42.17 53.85
CA PRO D 318 -13.31 -44.35 56.69
CA GLU D 319 -16.89 -44.45 55.41
CA LEU D 320 -15.98 -43.93 51.76
CA LYS D 321 -14.19 -47.23 52.27
CA THR D 322 -13.36 -47.74 48.58
CA PRO D 323 -11.09 -44.74 47.86
CA LEU D 324 -12.61 -43.27 44.71
CA THR D 325 -10.06 -43.12 41.88
CA ALA D 326 -10.50 -40.59 39.07
CA ASN D 327 -8.24 -40.11 36.04
CA ILE D 328 -8.36 -37.51 33.25
CA THR D 329 -6.23 -37.05 30.13
CA LYS D 330 -6.65 -35.62 26.61
CA SER D 331 -8.55 -37.47 23.87
CA GLY D 332 -8.26 -39.10 20.46
CA ASN D 333 -5.25 -39.83 18.26
CA THR D 334 -3.16 -37.31 16.27
CA PHE D 335 -4.23 -36.08 12.81
CA ARG D 336 -2.19 -33.69 10.65
CA PRO D 337 -3.97 -30.34 9.92
CA GLU D 338 -4.45 -29.22 6.31
CA VAL D 339 -4.41 -25.43 5.92
CA HIS D 340 -6.20 -23.86 2.93
CA LEU D 341 -5.86 -20.06 2.63
CA LEU D 342 -8.87 -18.64 0.77
CA PRO D 343 -8.76 -15.29 -1.10
CA PRO D 344 -11.52 -12.61 -0.79
CA PRO D 345 -14.50 -12.97 -3.20
CA SER D 346 -15.41 -10.78 -6.17
CA GLU D 347 -18.37 -8.94 -4.63
CA GLU D 348 -16.46 -8.28 -1.40
CA LEU D 349 -14.06 -5.96 -3.25
CA ALA D 350 -16.94 -3.47 -3.47
CA LEU D 351 -16.55 -2.45 0.19
CA ASN D 352 -13.79 -0.23 1.64
CA GLU D 353 -12.69 -0.45 5.30
CA LEU D 354 -12.50 -4.25 5.73
CA VAL D 355 -11.47 -7.32 3.68
CA THR D 356 -11.80 -10.89 5.01
CA LEU D 357 -8.89 -13.33 4.62
CA THR D 358 -10.08 -16.88 5.38
CA CYS D 359 -7.53 -19.65 6.02
CA LEU D 360 -9.22 -22.95 6.87
CA ALA D 361 -7.39 -25.76 8.69
CA ARG D 362 -9.35 -29.03 8.68
CA GLY D 363 -8.31 -32.62 9.33
CA PHE D 364 -6.91 -32.34 12.86
CA SER D 365 -7.21 -34.00 16.27
CA PRO D 366 -7.30 -33.17 19.09
CA LYS D 367 -9.08 -29.79 18.97
CA ASP D 368 -6.11 -28.02 20.58
CA VAL D 369 -4.74 -25.71 17.89
CA LEU D 370 -3.21 -22.21 18.08
CA VAL D 371 -3.84 -20.08 14.98
CA ARG D 372 -2.25 -16.65 14.37
CA TRP D 373 -1.66 -14.13 11.56
CA LEU D 374 1.30 -12.02 10.39
CA GLN D 375 2.10 -9.00 8.19
CA GLY D 376 4.42 -9.26 5.21
CA SER D 377 5.63 -5.67 4.81
CA GLN D 378 5.94 -4.47 8.41
CA GLU D 379 7.05 -8.01 9.42
CA LEU D 380 4.91 -7.70 12.56
CA PRO D 381 1.95 -9.84 13.76
CA ARG D 382 -1.62 -8.77 12.99
CA GLU D 383 -4.21 -7.52 15.51
CA LYS D 384 -7.70 -7.82 13.96
CA TYR D 385 -8.70 -11.49 13.66
CA LEU D 386 -11.06 -14.03 15.29
CA THR D 387 -11.14 -17.82 15.79
CA TRP D 388 -14.12 -20.15 15.16
CA ALA D 389 -14.83 -23.67 16.51
CA SER D 390 -17.16 -26.69 16.55
CA ARG D 391 -16.99 -30.51 16.81
CA GLN D 392 -17.99 -33.05 14.14
CA GLU D 393 -19.60 -36.03 15.88
CA PRO D 394 -21.96 -37.80 13.42
CA SER D 395 -23.58 -41.23 13.78
CA GLN D 396 -20.85 -42.98 11.77
CA GLY D 397 -17.23 -43.69 12.66
CA THR D 398 -15.56 -40.52 11.37
CA THR D 399 -14.50 -37.58 13.58
CA THR D 400 -11.98 -34.75 12.91
CA PHE D 401 -12.00 -31.15 14.17
CA ALA D 402 -11.54 -28.15 11.84
CA VAL D 403 -11.14 -24.36 12.20
CA THR D 404 -11.65 -21.06 10.34
CA SER D 405 -9.71 -17.79 10.67
CA ILE D 406 -10.75 -14.29 9.56
CA LEU D 407 -8.22 -11.47 9.12
CA ARG D 408 -9.92 -8.15 8.33
CA VAL D 409 -7.44 -5.81 6.62
CA ALA D 410 -7.89 -2.76 4.37
CA ALA D 411 -9.13 -2.73 0.76
CA GLU D 412 -6.29 -0.56 -0.57
CA ASP D 413 -3.61 -2.67 1.14
CA TRP D 414 -4.79 -5.98 -0.36
CA LYS D 415 -4.22 -4.52 -3.84
CA LYS D 416 -0.71 -3.16 -3.17
CA GLY D 417 0.84 -6.63 -3.26
CA ASP D 418 1.39 -7.54 0.40
CA THR D 419 1.64 -11.18 1.53
CA PHE D 420 -0.34 -12.40 4.59
CA SER D 421 0.64 -15.44 6.72
CA CYS D 422 -1.70 -17.84 8.59
CA MET D 423 0.48 -19.82 11.03
CA VAL D 424 -1.15 -22.90 12.56
CA GLY D 425 0.25 -24.88 15.48
CA HIS D 426 -0.65 -28.47 16.34
CA GLU D 427 1.05 -31.59 17.73
CA ALA D 428 0.74 -33.75 14.59
CA LEU D 429 2.59 -31.07 12.58
CA PRO D 430 6.19 -31.68 11.39
CA LEU D 431 7.80 -29.06 13.66
CA ALA D 432 4.65 -28.33 15.69
CA PHE D 433 4.28 -25.32 13.40
CA THR D 434 3.09 -24.82 9.81
CA GLN D 435 2.52 -21.64 7.77
CA LYS D 436 0.71 -20.96 4.48
CA THR D 437 0.41 -17.61 2.69
CA ILE D 438 -1.98 -15.57 0.51
CA ASP D 439 -1.04 -13.04 -2.18
CA ARG D 440 -2.98 -11.03 -4.79
CA LEU D 441 -0.23 -11.87 -7.30
CA ALA D 442 -1.32 -15.27 -8.61
CA GLY D 443 0.93 -17.04 -11.08
CA LYS D 444 -0.44 -20.28 -12.51
CA PRO D 445 2.45 -22.78 -12.12
CA THR D 446 0.70 -24.79 -9.38
CA HIS D 447 0.96 -23.18 -5.93
CA VAL D 448 4.47 -22.38 -4.69
CA ASN D 449 5.57 -21.30 -1.20
CA VAL D 450 8.16 -18.63 -0.32
CA SER D 451 11.92 -19.20 0.07
CA VAL D 452 13.94 -19.69 3.26
CA VAL D 453 14.69 -16.85 5.70
CA MET D 454 17.10 -17.71 8.54
CA ALA D 455 19.54 -20.63 8.85
CA GLU D 456 22.25 -22.16 11.05
CA VAL D 457 20.42 -20.78 14.12
CA ASP D 458 17.78 -23.13 15.55
CA GLY D 459 18.54 -22.46 19.22
CA THR D 460 20.61 -25.39 20.47
CA CYS D 461 23.64 -23.88 18.73
CA TYR D 462 23.54 -20.19 19.67
CA PRO E 1 -31.25 -12.02 -21.50
CA ARG E 2 -30.31 -11.36 -17.93
CA SER E 3 -29.82 -8.14 -16.08
CA PRO E 4 -30.51 -6.54 -12.79
CA THR E 5 -34.22 -6.53 -12.12
CA VAL E 6 -33.91 -3.46 -9.98
CA VAL E 7 -31.15 -0.95 -9.59
CA LYS E 8 -31.09 1.71 -6.94
CA GLY E 9 -28.87 4.72 -6.83
CA VAL E 10 -28.94 8.10 -5.31
CA ALA E 11 -28.84 11.63 -6.70
CA GLY E 12 -25.72 12.70 -8.58
CA SER E 13 -24.06 9.28 -8.45
CA SER E 14 -23.30 7.26 -11.58
CA VAL E 15 -24.65 3.82 -12.30
CA ALA E 16 -23.79 1.00 -14.61
CA VAL E 17 -26.11 -1.69 -15.83
CA LEU E 18 -24.87 -4.93 -17.33
CA CYS E 19 -26.99 -7.27 -19.46
CA PRO E 20 -25.97 -10.68 -20.79
CA TYR E 21 -26.80 -12.25 -24.23
CA ASN E 22 -26.21 -15.15 -26.80
CA ARG E 23 -24.36 -15.81 -30.11
CA LYS E 24 -26.60 -14.34 -32.77
CA GLU E 25 -26.95 -11.64 -30.25
CA SER E 26 -23.24 -10.86 -30.31
CA LYS E 27 -23.69 -9.26 -33.72
CA SER E 28 -27.10 -7.67 -33.24
CA ILE E 29 -27.79 -4.12 -32.13
CA LYS E 30 -27.91 -3.50 -28.41
CA TYR E 31 -30.15 -0.89 -26.96
CA TRP E 32 -31.34 0.77 -23.77
CA CYS E 33 -34.88 2.16 -23.64
CA LEU E 34 -37.31 3.75 -21.25
CA TRP E 35 -40.75 2.21 -21.06
CA GLU E 36 -43.65 4.41 -22.06
CA GLY E 37 -47.10 4.07 -20.58
CA ALA E 38 -49.99 3.68 -22.98
CA GLN E 39 -52.15 0.99 -24.41
CA ASN E 40 -49.61 0.98 -27.17
CA GLY E 41 -46.41 2.52 -26.03
CA ARG E 42 -42.90 2.20 -27.24
CA CYS E 43 -39.78 2.30 -25.20
CA PRO E 44 -37.88 5.22 -26.46
CA LEU E 45 -34.41 4.35 -27.68
CA LEU E 46 -32.22 6.09 -25.14
CA VAL E 47 -28.87 4.81 -26.44
CA ASP E 48 -27.90 2.16 -28.98
CA SER E 49 -24.86 0.18 -30.11
CA GLU E 50 -25.52 1.65 -33.53
CA GLY E 51 -24.06 4.98 -32.64
CA TRP E 52 -27.29 6.66 -31.70
CA VAL E 53 -27.53 8.55 -28.45
CA LYS E 54 -30.55 10.50 -27.25
CA ALA E 55 -30.22 14.16 -26.49
CA GLN E 56 -30.95 13.68 -22.83
CA TYR E 57 -28.26 11.03 -22.59
CA GLU E 58 -25.69 12.54 -24.94
CA GLY E 59 -22.47 12.93 -23.01
CA ARG E 60 -24.16 11.71 -19.85
CA LEU E 61 -24.22 8.02 -20.71
CA SER E 62 -22.38 5.34 -22.61
CA LEU E 63 -23.18 1.88 -23.96
CA LEU E 64 -20.37 -0.60 -24.46
CA GLU E 65 -20.60 -4.09 -25.84
CA GLU E 66 -18.11 -6.83 -25.18
CA PRO E 67 -19.02 -9.84 -27.18
CA GLY E 68 -16.61 -12.30 -25.65
CA ASN E 69 -18.16 -11.78 -22.27
CA GLY E 70 -21.60 -11.68 -23.75
CA THR E 71 -22.40 -8.46 -22.04
CA PHE E 72 -22.93 -4.82 -22.78
CA THR E 73 -22.85 -2.12 -20.19
CA VAL E 74 -24.77 1.09 -20.00
CA ILE E 75 -23.14 3.68 -17.85
CA LEU E 76 -25.15 6.68 -16.81
CA ASN E 77 -23.89 9.65 -14.87
CA GLN E 78 -25.54 12.59 -13.17
CA LEU E 79 -28.54 10.57 -12.16
CA THR E 80 -31.44 12.89 -11.51
CA SER E 81 -34.98 12.57 -10.28
CA ARG E 82 -36.06 12.21 -13.88
CA ASP E 83 -34.08 8.99 -14.19
CA ALA E 84 -36.23 6.87 -11.91
CA GLY E 85 -38.42 4.68 -14.04
CA PHE E 86 -38.63 1.50 -16.07
CA TYR E 87 -36.10 0.68 -18.72
CA TRP E 88 -35.24 -2.21 -20.98
CA CYS E 89 -31.96 -3.52 -22.33
CA LEU E 90 -32.41 -5.64 -25.38
CA THR E 91 -31.01 -6.87 -28.68
CA ASN E 92 -32.26 -6.08 -32.19
CA GLY E 93 -35.50 -4.17 -32.58
CA ASP E 94 -37.30 -2.77 -29.55
CA THR E 95 -40.61 -4.34 -30.53
CA LEU E 96 -39.22 -7.86 -30.61
CA TRP E 97 -39.18 -7.84 -26.83
CA ARG E 98 -36.04 -9.92 -26.59
CA THR E 99 -35.09 -7.67 -23.71
CA THR E 100 -34.99 -7.62 -19.96
CA VAL E 101 -36.87 -5.10 -17.90
CA GLU E 102 -34.95 -3.09 -15.38
CA ILE E 103 -36.40 -0.79 -12.78
CA LYS E 104 -34.23 2.08 -11.76
CA ILE E 105 -34.95 4.07 -8.66
CA ILE E 106 -32.92 7.18 -8.11
CA GLU F 1 60.90 4.24 -121.62
CA LEU F 2 64.60 4.92 -121.00
CA VAL F 3 66.00 2.76 -118.18
CA MET F 4 68.25 4.33 -115.53
CA THR F 5 70.37 1.93 -113.44
CA GLN F 6 72.31 3.14 -110.39
CA SER F 7 74.94 1.27 -108.36
CA PRO F 8 75.63 0.12 -105.74
CA SER F 9 72.37 -0.64 -103.92
CA SER F 10 73.84 0.37 -100.54
CA LEU F 11 76.90 2.31 -99.35
CA SER F 12 78.90 2.04 -96.12
CA ALA F 13 81.58 4.60 -95.24
CA SER F 14 82.93 6.57 -92.27
CA VAL F 15 83.03 10.37 -91.99
CA GLY F 16 85.62 11.73 -94.42
CA ASP F 17 85.70 9.08 -97.16
CA ARG F 18 84.96 10.04 -100.76
CA VAL F 19 82.00 8.02 -102.10
CA ASN F 20 81.20 7.46 -105.79
CA ILE F 21 77.62 7.01 -107.07
CA ALA F 22 77.04 5.95 -110.70
CA CYS F 23 74.00 6.54 -112.95
CA ARG F 24 74.07 4.85 -116.36
CA ALA F 25 71.38 5.08 -119.07
CA SER F 26 70.08 2.84 -121.87
CA GLN F 27 71.12 5.36 -124.55
CA GLY F 28 72.85 8.74 -124.82
CA ILE F 29 70.98 11.66 -123.23
CA SER F 30 73.77 14.26 -123.53
CA SER F 31 73.97 16.62 -120.52
CA ALA F 32 70.42 15.99 -119.27
CA LEU F 33 70.58 14.56 -115.73
CA ALA F 34 69.61 15.73 -112.22
CA TRP F 35 70.65 14.45 -108.78
CA TYR F 36 68.43 14.48 -105.69
CA GLN F 37 68.58 14.12 -101.89
CA GLN F 38 65.69 12.48 -100.07
CA LYS F 39 65.96 12.47 -96.27
CA PRO F 40 63.75 9.58 -95.03
CA GLY F 41 60.26 10.95 -94.46
CA LYS F 42 60.78 14.09 -96.56
CA ALA F 43 60.44 15.44 -100.10
CA PRO F 44 63.43 15.22 -102.51
CA ARG F 45 65.89 18.11 -102.80
CA LEU F 46 67.63 19.22 -106.00
CA LEU F 47 71.42 19.03 -105.77
CA ILE F 48 72.83 19.16 -109.30
CA TYR F 49 71.33 20.12 -112.66
CA ASP F 50 72.62 20.07 -116.27
CA ALA F 51 75.17 17.42 -115.18
CA SER F 52 77.69 19.53 -113.22
CA ASN F 53 76.06 22.82 -112.14
CA LEU F 54 75.25 23.18 -108.43
CA GLU F 55 72.17 24.87 -106.94
CA SER F 56 72.41 27.96 -104.72
CA GLY F 57 72.68 26.74 -101.14
CA VAL F 58 73.97 23.22 -101.79
CA PRO F 59 77.37 22.65 -100.11
CA SER F 60 80.61 23.08 -102.07
CA ARG F 61 81.55 19.43 -101.42
CA PHE F 62 78.88 18.05 -103.78
CA SER F 63 79.69 17.72 -107.52
CA GLY F 64 79.98 15.36 -110.48
CA SER F 65 80.38 14.97 -114.26
CA GLY F 66 79.79 12.65 -117.23
CA SER F 67 78.76 13.02 -120.89
CA GLY F 68 76.27 10.73 -122.60
CA THR F 69 76.04 7.33 -120.91
CA ASP F 70 78.27 7.14 -117.82
CA PHE F 71 77.52 9.56 -114.95
CA THR F 72 78.87 9.99 -111.40
CA LEU F 73 78.02 11.75 -108.12
CA THR F 74 80.92 12.61 -105.80
CA ILE F 75 81.30 13.81 -102.17
CA SER F 76 84.82 14.85 -101.07
CA SER F 77 84.03 14.95 -97.33
CA LEU F 78 81.25 12.72 -96.01
CA GLN F 79 79.40 14.21 -93.03
CA PRO F 80 76.68 12.71 -90.77
CA GLU F 81 74.08 15.07 -92.25
CA ASP F 82 74.30 13.31 -95.64
CA PHE F 83 72.03 10.39 -94.68
CA ALA F 84 69.62 10.22 -97.63
CA ILE F 85 68.59 8.07 -100.61
CA TYR F 86 69.92 9.76 -103.76
CA TYR F 87 68.26 9.58 -107.20
CA CYS F 88 69.05 10.57 -110.80
CA GLN F 89 66.45 11.26 -113.49
CA GLN F 90 66.73 12.28 -117.14
CA PHE F 91 65.05 15.01 -119.18
CA ASN F 92 65.69 14.48 -122.90
CA SER F 93 62.49 12.61 -123.86
CA TYR F 94 59.23 11.28 -122.40
CA PRO F 95 58.36 9.91 -119.99
CA LEU F 96 60.86 11.20 -117.42
CA THR F 97 62.34 8.32 -115.42
CA PHE F 98 64.16 8.01 -112.07
CA GLY F 99 67.04 5.91 -110.77
CA GLY F 100 66.85 2.93 -108.43
CA GLY F 101 68.14 4.87 -105.45
CA THR F 102 71.46 4.58 -103.61
CA LYS F 103 71.13 4.71 -99.81
CA VAL F 104 74.08 6.12 -97.84
CA GLU F 105 74.66 4.61 -94.40
CA ILE F 106 77.17 6.37 -92.11
CA LYS F 107 79.91 4.58 -90.13
CA ARG F 108 81.16 5.25 -86.60
CA THR F 109 82.18 3.53 -83.34
CA VAL F 110 80.07 1.23 -81.15
CA ALA F 111 77.61 2.74 -78.67
CA ALA F 112 75.92 1.19 -75.63
CA PRO F 113 72.12 1.79 -75.54
CA SER F 114 70.31 2.83 -72.35
CA VAL F 115 67.41 0.36 -72.06
CA PHE F 116 64.09 1.51 -70.57
CA ILE F 117 60.65 -0.08 -70.09
CA PHE F 118 57.03 1.15 -69.96
CA PRO F 119 54.17 -0.81 -68.33
CA PRO F 120 50.53 -0.42 -69.53
CA SER F 121 48.72 2.68 -68.28
CA ASP F 122 45.68 2.79 -65.99
CA GLU F 123 43.19 3.96 -68.64
CA GLN F 124 44.51 1.50 -71.24
CA LEU F 125 43.39 -1.61 -69.32
CA LYS F 126 39.73 -0.47 -69.31
CA SER F 127 39.12 -1.63 -72.85
CA GLY F 128 40.72 -5.02 -72.19
CA THR F 129 44.27 -4.89 -73.55
CA ALA F 130 47.87 -4.21 -72.45
CA SER F 131 51.12 -3.10 -74.12
CA VAL F 132 54.57 -3.18 -72.52
CA VAL F 133 57.17 -1.09 -74.37
CA CYS F 134 60.96 -1.53 -74.04
CA LEU F 135 63.35 1.19 -75.23
CA LEU F 136 66.93 0.92 -76.54
CA ASN F 137 67.88 4.61 -76.81
CA ASN F 138 71.04 5.56 -78.77
CA PHE F 139 73.16 2.75 -80.27
CA TYR F 140 75.32 1.56 -83.16
CA PRO F 141 75.18 -0.62 -85.18
CA ARG F 142 71.48 -1.37 -85.73
CA GLU F 143 72.26 -5.02 -84.94
CA ALA F 144 70.48 -5.66 -81.64
CA LYS F 145 68.26 -8.22 -79.92
CA VAL F 146 65.31 -8.03 -77.52
CA GLN F 147 63.98 -11.00 -75.54
CA TRP F 148 60.93 -10.56 -73.30
CA LYS F 149 60.90 -12.26 -69.91
CA VAL F 150 57.47 -13.14 -68.53
CA ASP F 151 57.59 -14.99 -65.19
CA ASN F 152 61.41 -15.34 -65.32
CA ALA F 153 62.32 -18.12 -67.78
CA LEU F 154 59.06 -18.15 -69.76
CA GLN F 155 59.94 -16.43 -73.03
CA SER F 156 57.06 -15.31 -75.25
CA GLY F 157 56.91 -14.78 -79.00
CA ASN F 158 54.28 -12.20 -79.96
CA SER F 159 56.20 -8.91 -80.20
CA GLN F 160 56.80 -6.22 -82.85
CA GLU F 161 60.11 -4.45 -83.57
CA SER F 162 60.46 -1.05 -85.25
CA VAL F 163 63.64 0.91 -85.97
CA THR F 164 63.75 4.56 -87.04
CA GLU F 165 66.00 6.09 -89.70
CA GLN F 166 69.51 7.28 -88.71
CA ASP F 167 69.49 10.90 -87.48
CA SER F 168 71.57 13.84 -88.75
CA LYS F 169 73.68 14.38 -85.60
CA ASP F 170 75.63 11.58 -83.91
CA SER F 171 74.78 8.87 -86.45
CA THR F 172 73.05 6.20 -84.32
CA TYR F 173 70.01 3.92 -84.14
CA SER F 174 67.25 3.27 -81.58
CA LEU F 175 64.65 0.51 -81.11
CA SER F 176 61.46 -0.38 -79.22
CA SER F 177 59.49 -3.53 -78.39
CA THR F 178 55.78 -3.70 -77.53
CA LEU F 179 54.36 -6.85 -75.94
CA THR F 180 50.63 -6.94 -76.73
CA LEU F 181 48.62 -9.13 -74.32
CA SER F 182 44.98 -8.69 -73.25
CA LYS F 183 43.89 -7.79 -69.71
CA ALA F 184 43.09 -11.42 -68.84
CA ASP F 185 46.63 -12.61 -69.51
CA TYR F 186 48.14 -9.50 -67.90
CA GLU F 187 46.35 -9.80 -64.54
CA LYS F 188 47.92 -13.26 -64.22
CA HIS F 189 51.67 -12.58 -64.23
CA LYS F 190 54.11 -10.43 -62.24
CA VAL F 191 57.71 -10.27 -63.49
CA TYR F 192 58.26 -8.46 -66.81
CA ALA F 193 61.88 -8.04 -67.94
CA CYS F 194 63.48 -7.26 -71.32
CA GLU F 195 66.96 -8.71 -72.00
CA VAL F 196 69.08 -6.82 -74.57
CA THR F 197 72.20 -7.97 -76.46
CA HIS F 198 74.54 -5.52 -78.20
CA GLN F 199 78.25 -5.18 -79.00
CA GLY F 200 78.53 -2.04 -76.90
CA LEU F 201 77.16 -3.81 -73.83
CA SER F 202 79.65 -5.89 -71.83
CA SER F 203 76.78 -8.04 -70.54
CA PRO F 204 73.00 -8.23 -71.21
CA VAL F 205 71.08 -5.43 -69.46
CA THR F 206 67.87 -6.52 -67.74
CA LYS F 207 65.03 -4.04 -67.11
CA SER F 208 62.20 -5.57 -65.07
CA PHE F 209 59.20 -4.31 -63.09
CA ASN F 210 56.78 -6.01 -60.67
CA ARG F 211 53.05 -6.05 -61.47
CA GLY F 212 50.76 -5.26 -58.52
CA GLU F 213 50.90 -2.02 -56.49
CA CYS F 214 48.56 -0.97 -53.65
CA GLU G 1 70.07 84.13 2.90
CA LEU G 2 71.72 85.67 -0.17
CA VAL G 3 69.29 86.04 -3.07
CA MET G 4 70.34 85.04 -6.60
CA THR G 5 68.25 86.41 -9.48
CA GLN G 6 68.75 85.18 -13.06
CA SER G 7 67.29 86.62 -16.28
CA PRO G 8 65.52 86.14 -18.58
CA SER G 9 62.99 83.49 -17.55
CA SER G 10 63.01 81.88 -21.01
CA LEU G 11 65.27 82.03 -24.08
CA SER G 12 64.46 81.52 -27.77
CA ALA G 13 67.23 81.28 -30.38
CA SER G 14 68.19 79.33 -33.52
CA VAL G 15 71.32 77.19 -33.92
CA GLY G 16 74.37 79.45 -34.07
CA ASP G 17 73.26 82.52 -32.09
CA ARG G 18 75.23 83.63 -29.04
CA VAL G 19 73.01 83.68 -25.93
CA ASN G 20 73.73 85.64 -22.74
CA ILE G 21 72.58 84.44 -19.29
CA ALA G 22 72.93 86.75 -16.28
CA CYS G 23 73.24 85.88 -12.56
CA ARG G 24 73.19 88.81 -10.12
CA ALA G 25 73.52 88.61 -6.32
CA SER G 26 72.29 90.64 -3.33
CA GLN G 27 75.85 91.48 -2.26
CA GLY G 28 79.43 90.88 -3.42
CA ILE G 29 80.59 87.25 -3.34
CA SER G 30 83.90 87.75 -5.18
CA SER G 31 84.76 84.85 -7.54
CA ALA G 32 82.45 82.29 -5.91
CA LEU G 33 79.88 81.09 -8.48
CA ALA G 34 79.13 77.84 -10.33
CA TRP G 35 77.04 77.16 -13.45
CA TYR G 36 75.02 73.99 -14.08
CA GLN G 37 73.27 72.07 -16.86
CA GLN G 38 70.11 70.11 -16.06
CA LYS G 39 68.68 68.09 -18.93
CA PRO G 40 64.96 67.56 -18.16
CA GLY G 41 64.62 64.36 -16.15
CA LYS G 42 68.29 64.21 -15.15
CA ALA G 43 70.73 65.34 -12.45
CA PRO G 44 72.59 68.69 -12.83
CA ARG G 45 76.01 68.81 -14.47
CA LEU G 46 78.86 71.13 -13.47
CA LEU G 47 79.97 73.43 -16.29
CA ILE G 48 82.00 76.27 -14.79
CA TYR G 49 83.61 76.80 -11.37
CA ASP G 50 85.47 79.71 -9.73
CA ALA G 51 83.73 82.06 -12.21
CA SER G 52 85.61 81.33 -15.45
CA ASN G 53 87.38 77.94 -15.18
CA LEU G 54 85.90 75.10 -17.26
CA GLU G 55 85.64 71.45 -16.21
CA SER G 56 87.44 68.64 -18.07
CA GLY G 57 85.07 67.39 -20.75
CA VAL G 58 82.82 70.43 -21.06
CA PRO G 59 82.90 71.85 -24.64
CA SER G 60 85.19 74.75 -25.53
CA ARG G 61 82.19 76.89 -26.52
CA PHE G 62 81.02 77.38 -22.92
CA SER G 63 82.53 80.21 -20.84
CA GLY G 64 81.83 83.38 -18.84
CA SER G 65 83.16 86.03 -16.43
CA GLY G 66 82.19 88.63 -13.83
CA SER G 67 83.58 89.93 -10.52
CA GLY G 68 81.45 90.63 -7.47
CA THR G 69 77.82 91.33 -8.37
CA ASP G 70 77.22 91.00 -12.13
CA PHE G 71 77.85 87.57 -13.73
CA THR G 72 77.28 86.11 -17.21
CA LEU G 73 77.14 82.73 -19.01
CA THR G 74 77.98 82.70 -22.73
CA ILE G 75 77.67 80.19 -25.60
CA SER G 76 79.37 81.16 -28.90
CA SER G 77 77.67 78.45 -31.01
CA LEU G 78 74.26 77.18 -29.90
CA GLN G 79 73.67 73.51 -30.76
CA PRO G 80 70.53 71.33 -30.40
CA GLU G 81 72.18 69.33 -27.60
CA ASP G 82 72.12 72.38 -25.30
CA PHE G 83 68.46 71.99 -24.26
CA ALA G 84 68.64 72.33 -20.46
CA ILE G 85 67.66 74.58 -17.56
CA TYR G 86 70.82 76.32 -16.31
CA TYR G 87 71.44 77.40 -12.70
CA CYS G 88 74.00 79.44 -10.75
CA GLN G 89 74.73 79.03 -7.04
CA GLN G 90 77.14 80.78 -4.68
CA PHE G 91 79.66 79.46 -2.15
CA ASN G 92 80.93 82.30 0.06
CA SER G 93 78.60 81.91 3.05
CA TYR G 94 75.72 79.77 4.36
CA PRO G 95 73.29 78.57 3.33
CA LEU G 96 74.25 77.92 -0.30
CA THR G 97 71.54 79.22 -2.66
CA PHE G 98 70.60 78.55 -6.30
CA GLY G 99 69.34 80.68 -9.18
CA GLY G 100 65.82 80.81 -10.58
CA GLY G 101 66.72 78.83 -13.69
CA THR G 102 66.93 79.95 -17.32
CA LYS G 103 65.41 77.47 -19.79
CA VAL G 104 66.86 77.38 -23.31
CA GLU G 105 64.41 76.54 -26.11
CA ILE G 106 65.89 75.81 -29.56
CA LYS G 107 64.57 77.30 -32.82
CA ARG G 108 64.17 75.66 -36.23
CA THR G 109 61.78 75.31 -39.19
CA VAL G 110 58.20 73.98 -39.19
CA ALA G 111 57.61 70.21 -39.27
CA ALA G 112 54.47 68.25 -40.17
CA PRO G 113 53.58 65.55 -37.59
CA SER G 114 52.50 62.05 -38.60
CA VAL G 115 49.28 61.41 -36.69
CA PHE G 116 48.44 57.91 -35.39
CA ILE G 117 45.68 56.47 -33.18
CA PHE G 118 45.35 53.51 -30.80
CA PRO G 119 41.97 51.95 -29.89
CA PRO G 120 41.55 50.06 -26.55
CA SER G 121 43.02 46.55 -26.31
CA ASP G 122 41.15 43.27 -25.80
CA GLU G 123 42.27 42.68 -22.20
CA GLN G 124 41.70 46.30 -21.17
CA LEU G 125 37.92 46.17 -21.63
CA LYS G 126 37.57 43.30 -19.11
CA SER G 127 37.78 45.61 -16.12
CA GLY G 128 35.23 48.02 -17.58
CA THR G 129 37.16 50.92 -19.13
CA ALA G 130 38.57 52.14 -22.46
CA SER G 131 41.34 54.50 -23.60
CA VAL G 132 41.88 55.72 -27.17
CA VAL G 133 45.32 57.27 -27.76
CA CYS G 134 46.17 59.63 -30.65
CA LEU G 135 49.81 60.32 -31.59
CA LEU G 136 51.38 63.42 -33.18
CA ASN G 137 54.95 62.19 -33.79
CA ASN G 138 57.67 64.75 -34.67
CA PHE G 139 56.66 68.43 -35.00
CA TYR G 140 57.58 72.07 -34.43
CA PRO G 141 56.50 74.31 -32.81
CA ARG G 142 54.76 72.77 -29.80
CA GLU G 143 51.65 74.76 -30.76
CA ALA G 144 49.16 72.08 -31.83
CA LYS G 145 45.51 71.09 -31.38
CA VAL G 146 43.65 67.80 -31.01
CA GLN G 147 39.88 67.43 -31.38
CA TRP G 148 38.25 64.01 -30.83
CA LYS G 149 35.45 62.95 -33.16
CA VAL G 150 32.93 60.52 -31.68
CA ASP G 151 30.08 59.63 -34.06
CA ASN G 152 31.19 62.24 -36.64
CA ALA G 153 30.17 65.72 -35.44
CA LEU G 154 29.76 64.89 -31.74
CA GLN G 155 32.84 66.41 -30.11
CA SER G 156 33.64 65.34 -26.55
CA GLY G 157 35.55 67.13 -23.79
CA ASN G 158 37.16 64.70 -21.37
CA SER G 159 40.72 64.25 -22.67
CA GLN G 160 44.26 64.71 -21.31
CA GLU G 161 47.22 66.21 -23.19
CA SER G 162 50.89 65.57 -22.37
CA VAL G 163 53.97 66.89 -24.18
CA THR G 164 57.51 65.62 -23.63
CA GLU G 165 60.68 67.71 -23.39
CA GLN G 166 62.54 68.65 -26.60
CA ASP G 167 65.11 65.99 -27.60
CA SER G 168 68.83 66.42 -28.28
CA LYS G 169 68.78 65.60 -32.01
CA ASP G 170 66.46 67.32 -34.49
CA SER G 171 64.87 69.72 -31.98
CA THR G 172 61.15 68.85 -32.19
CA TYR G 173 58.06 68.10 -30.07
CA SER G 174 55.50 65.29 -29.92
CA LEU G 175 52.05 64.90 -28.32
CA SER G 176 49.40 62.32 -27.39
CA SER G 177 45.71 62.32 -26.46
CA THR G 178 43.89 59.64 -24.46
CA LEU G 179 40.08 59.54 -24.46
CA THR G 180 38.98 57.76 -21.28
CA LEU G 181 35.45 56.30 -21.48
CA SER G 182 34.09 53.23 -19.71
CA LYS G 183 33.04 50.01 -21.48
CA ALA G 184 29.34 50.95 -21.41
CA ASP G 185 29.88 54.16 -23.38
CA TYR G 186 32.39 52.48 -25.71
CA GLU G 187 30.17 49.58 -26.80
CA LYS G 188 27.69 52.21 -28.01
CA HIS G 189 29.67 54.10 -30.66
CA LYS G 190 31.50 53.22 -33.88
CA VAL G 191 33.44 56.10 -35.48
CA TYR G 192 36.46 57.49 -33.60
CA ALA G 193 38.57 60.13 -35.39
CA CYS G 194 41.16 62.67 -34.16
CA GLU G 195 41.45 65.97 -36.06
CA VAL G 196 44.84 67.75 -35.80
CA THR G 197 45.75 71.37 -36.63
CA HIS G 198 49.35 72.50 -37.13
CA GLN G 199 51.28 75.06 -39.19
CA GLY G 200 53.20 72.32 -40.99
CA LEU G 201 49.99 70.66 -42.14
CA SER G 202 48.32 72.14 -45.23
CA SER G 203 44.96 70.77 -44.05
CA PRO G 204 43.72 68.94 -40.89
CA VAL G 205 44.67 65.25 -40.87
CA THR G 206 41.91 62.85 -39.80
CA LYS G 207 42.67 59.41 -38.35
CA SER G 208 39.59 57.28 -37.74
CA PHE G 209 38.75 53.61 -37.16
CA ASN G 210 35.53 51.61 -37.08
CA ARG G 211 34.32 49.47 -34.16
CA GLY G 212 33.58 45.86 -34.97
CA GLU G 213 36.42 43.56 -35.99
CA CYS G 214 34.13 40.67 -36.82
CA GLU H 1 -17.03 -106.44 75.84
CA LEU H 2 -20.12 -106.13 78.05
CA VAL H 3 -23.19 -105.00 76.08
CA MET H 4 -25.48 -102.29 77.49
CA THR H 5 -28.96 -102.02 75.96
CA GLN H 6 -31.28 -99.10 76.81
CA SER H 7 -34.98 -98.70 75.95
CA PRO H 8 -36.98 -97.13 74.47
CA SER H 9 -35.20 -95.45 71.56
CA SER H 10 -37.30 -92.29 71.88
CA LEU H 11 -39.59 -90.77 74.54
CA SER H 12 -42.58 -88.45 74.19
CA ALA H 13 -44.20 -86.82 77.24
CA SER H 14 -45.70 -83.52 78.40
CA VAL H 15 -44.41 -81.42 81.32
CA GLY H 16 -45.17 -83.21 84.58
CA ASP H 17 -45.24 -86.88 83.54
CA ARG H 18 -42.89 -89.38 85.20
CA VAL H 19 -40.67 -91.07 82.59
CA ASN H 20 -38.84 -94.38 83.08
CA ILE H 21 -35.52 -95.16 81.34
CA ALA H 22 -34.08 -98.69 81.53
CA CYS H 23 -30.45 -99.86 81.23
CA ARG H 24 -29.88 -103.63 81.17
CA ALA H 25 -26.51 -105.43 80.96
CA SER H 26 -25.22 -108.73 79.56
CA GLN H 27 -24.13 -109.92 83.02
CA GLY H 28 -24.20 -108.74 86.64
CA ILE H 29 -22.09 -105.67 87.37
CA SER H 30 -23.34 -105.06 90.94
CA SER H 31 -23.72 -101.35 91.80
CA ALA H 32 -21.43 -100.05 89.03
CA LEU H 33 -23.44 -97.74 86.72
CA ALA H 34 -23.47 -94.02 85.87
CA TRP H 35 -26.13 -91.86 84.18
CA TYR H 36 -25.40 -88.87 81.95
CA GLN H 37 -27.08 -85.83 80.38
CA GLN H 38 -25.94 -84.63 76.96
CA LYS H 39 -27.59 -81.44 75.72
CA PRO H 40 -27.30 -81.47 71.89
CA GLY H 41 -24.04 -79.78 70.96
CA LYS H 42 -22.49 -80.10 74.42
CA ALA H 43 -20.37 -82.40 76.57
CA PRO H 44 -22.07 -85.03 78.81
CA ARG H 45 -22.93 -84.22 82.42
CA LEU H 46 -22.78 -86.66 85.34
CA LEU H 47 -26.15 -87.14 87.06
CA ILE H 48 -25.96 -90.31 89.15
CA TYR H 49 -23.07 -92.49 90.34
CA ASP H 50 -22.84 -95.79 92.26
CA ALA H 51 -26.42 -96.55 91.11
CA SER H 52 -28.46 -94.21 93.34
CA ASN H 53 -26.22 -91.42 94.68
CA LEU H 54 -26.80 -87.95 93.21
CA GLU H 55 -24.09 -85.37 92.41
CA SER H 56 -23.94 -81.97 94.14
CA GLY H 57 -25.97 -79.56 92.04
CA VAL H 58 -28.16 -82.05 90.19
CA PRO H 59 -31.89 -81.41 90.90
CA SER H 60 -33.72 -83.38 93.59
CA ARG H 61 -36.16 -84.76 91.00
CA PHE H 62 -33.56 -87.07 89.40
CA SER H 63 -32.97 -90.54 90.91
CA GLY H 64 -33.02 -94.30 90.29
CA SER H 65 -32.10 -97.78 91.55
CA GLY H 66 -31.39 -101.38 90.52
CA SER H 67 -29.01 -104.17 91.58
CA GLY H 68 -27.15 -106.40 89.13
CA THR H 69 -28.89 -106.59 85.77
CA ASP H 70 -32.00 -104.38 85.65
CA PHE H 71 -31.51 -100.61 86.12
CA THR H 72 -33.81 -97.57 85.86
CA LEU H 73 -33.63 -93.75 85.62
CA THR H 74 -36.61 -91.79 86.95
CA ILE H 75 -37.83 -88.15 86.76
CA SER H 76 -40.81 -87.24 88.98
CA SER H 77 -41.51 -83.87 87.31
CA LEU H 78 -40.51 -83.42 83.67
CA GLN H 79 -39.48 -79.85 82.81
CA PRO H 80 -38.60 -78.25 79.44
CA GLU H 81 -34.95 -77.95 80.47
CA ASP H 82 -34.56 -81.75 80.43
CA PHE H 83 -34.11 -82.04 76.65
CA ALA H 84 -31.05 -84.28 76.34
CA ILE H 85 -29.89 -87.73 75.22
CA TYR H 86 -29.18 -89.80 78.34
CA TYR H 87 -26.57 -92.57 78.59
CA CYS H 88 -25.52 -95.28 81.06
CA GLN H 89 -22.05 -96.83 81.23
CA GLN H 90 -20.54 -99.50 83.48
CA PHE H 91 -17.31 -99.63 85.49
CA ASN H 92 -16.65 -103.17 86.73
CA SER H 93 -14.33 -104.43 83.98
CA TYR H 94 -12.63 -103.35 80.75
CA PRO H 95 -13.30 -101.83 78.37
CA LEU H 96 -15.89 -99.38 79.73
CA THR H 97 -18.99 -99.33 77.52
CA PHE H 98 -21.89 -96.88 77.02
CA GLY H 99 -25.62 -97.25 76.39
CA GLY H 100 -27.47 -96.70 73.12
CA GLY H 101 -28.94 -93.38 74.23
CA THR H 102 -32.54 -92.47 75.04
CA LYS H 103 -33.63 -89.10 73.62
CA VAL H 104 -36.31 -87.17 75.50
CA GLU H 105 -38.67 -85.05 73.39
CA ILE H 106 -40.96 -82.61 75.23
CA LYS H 107 -44.69 -82.23 74.53
CA ARG H 108 -46.82 -79.06 74.42
CA THR H 109 -49.55 -77.28 72.43
CA VAL H 110 -49.48 -76.22 68.77
CA ALA H 111 -47.74 -72.97 67.80
CA ALA H 112 -48.04 -70.89 64.62
CA PRO H 113 -44.64 -69.94 63.10
CA SER H 114 -43.89 -66.43 61.83
CA VAL H 115 -42.51 -66.96 58.32
CA PHE H 116 -39.82 -64.61 56.97
CA ILE H 117 -37.71 -64.46 53.78
CA PHE H 118 -34.22 -63.20 52.84
CA PRO H 119 -33.17 -62.34 49.25
CA PRO H 120 -29.50 -62.61 48.13
CA SER H 121 -27.24 -59.73 49.16
CA ASP H 122 -25.49 -57.26 46.86
CA GLU H 123 -21.95 -58.57 47.46
CA GLN H 124 -23.05 -62.21 47.15
CA LEU H 125 -24.00 -61.93 43.46
CA LYS H 126 -20.48 -60.80 42.47
CA SER H 127 -19.09 -64.32 42.52
CA GLY H 128 -21.98 -65.67 40.47
CA THR H 129 -24.43 -67.31 42.89
CA ALA H 130 -27.62 -66.59 44.87
CA SER H 131 -29.31 -67.96 48.00
CA VAL H 132 -32.85 -67.15 49.13
CA VAL H 133 -33.55 -68.09 52.76
CA CYS H 134 -37.04 -68.61 54.24
CA LEU H 135 -37.57 -68.64 58.01
CA LEU H 136 -40.21 -70.44 60.12
CA ASN H 137 -39.50 -68.98 63.57
CA ASN H 138 -41.08 -70.67 66.66
CA PHE H 139 -43.39 -73.67 66.09
CA TYR H 140 -44.59 -77.07 67.31
CA PRO H 141 -44.56 -79.85 66.26
CA ARG H 142 -41.51 -80.12 63.98
CA GLU H 143 -43.87 -81.38 61.26
CA ALA H 144 -43.85 -78.60 58.66
CA LYS H 145 -43.58 -78.06 54.90
CA VAL H 146 -41.91 -75.47 52.67
CA GLN H 147 -42.69 -75.04 48.96
CA TRP H 148 -40.76 -72.44 46.93
CA LYS H 149 -42.67 -70.39 44.37
CA VAL H 150 -40.61 -69.13 41.43
CA ASP H 151 -42.68 -67.20 38.84
CA ASN H 152 -45.98 -68.07 40.58
CA ALA H 153 -46.90 -71.69 39.77
CA LEU H 154 -43.42 -72.90 38.77
CA GLN H 155 -42.30 -74.97 41.75
CA SER H 156 -38.61 -75.88 41.95
CA GLY H 157 -36.86 -78.80 43.64
CA ASN H 158 -33.31 -77.93 44.65
CA SER H 159 -33.57 -76.80 48.28
CA GLN H 160 -32.05 -77.84 51.63
CA GLU H 161 -33.90 -78.07 54.96
CA SER H 162 -32.25 -77.88 58.40
CA VAL H 163 -33.92 -78.01 61.82
CA THR H 164 -32.21 -77.13 65.10
CA GLU H 165 -32.53 -78.98 68.42
CA GLN H 166 -35.41 -78.09 70.78
CA ASP H 167 -34.45 -75.24 73.16
CA SER H 168 -34.62 -75.18 76.97
CA LYS H 169 -37.36 -72.55 77.33
CA ASP H 170 -40.72 -72.78 75.55
CA SER H 171 -40.10 -76.17 73.90
CA THR H 172 -40.45 -75.40 70.18
CA TYR H 173 -38.82 -75.92 66.77
CA SER H 174 -37.70 -73.64 63.93
CA LEU H 175 -36.74 -74.20 60.28
CA SER H 176 -35.10 -72.54 57.27
CA SER H 177 -34.94 -73.10 53.51
CA THR H 178 -32.21 -71.88 51.15
CA LEU H 179 -32.81 -71.87 47.39
CA THR H 180 -29.40 -72.02 45.68
CA LEU H 181 -29.44 -70.73 42.09
CA SER H 182 -26.60 -69.05 40.18
CA LYS H 183 -26.65 -65.40 39.05
CA ALA H 184 -27.70 -66.33 35.49
CA ASP H 185 -30.90 -68.05 36.63
CA TYR H 186 -31.58 -65.36 39.24
CA GLU H 187 -31.43 -62.36 36.88
CA LYS H 188 -34.21 -64.04 34.87
CA HIS H 189 -37.11 -64.29 37.34
CA LYS H 190 -39.08 -61.88 39.54
CA VAL H 191 -41.59 -63.43 41.97
CA TYR H 192 -40.13 -65.45 44.87
CA ALA H 193 -42.60 -66.75 47.45
CA CYS H 194 -42.40 -69.50 50.10
CA GLU H 195 -45.63 -71.34 51.00
CA VAL H 196 -45.74 -72.93 54.49
CA THR H 197 -48.12 -75.57 55.87
CA HIS H 198 -48.50 -76.21 59.61
CA GLN H 199 -51.21 -77.29 62.07
CA GLY H 200 -51.01 -73.97 63.91
CA LEU H 201 -51.68 -72.03 60.71
CA SER H 202 -55.33 -71.73 59.65
CA SER H 203 -54.22 -71.24 56.03
CA PRO H 204 -50.84 -71.34 54.20
CA VAL H 205 -48.79 -68.18 54.76
CA THR H 206 -47.15 -66.74 51.63
CA LYS H 207 -44.04 -64.54 51.89
CA SER H 208 -42.99 -63.13 48.51
CA PHE H 209 -40.71 -60.36 47.23
CA ASN H 210 -40.23 -58.76 43.80
CA ARG H 211 -36.80 -58.89 42.13
CA GLY H 212 -35.65 -55.63 40.51
CA GLU H 213 -35.28 -52.31 42.38
CA CYS H 214 -33.97 -49.00 40.98
CA GLU I 1 -40.49 38.25 97.95
CA LEU I 2 -40.14 36.15 101.10
CA VAL I 3 -36.85 34.21 101.19
CA MET I 4 -36.82 30.54 102.21
CA THR I 5 -33.45 29.07 103.24
CA GLN I 6 -33.02 25.33 103.83
CA SER I 7 -30.02 23.50 105.36
CA PRO I 8 -27.86 21.57 104.90
CA SER I 9 -27.12 21.52 101.16
CA SER I 10 -26.47 17.77 101.18
CA LEU I 11 -27.17 14.87 103.55
CA SER I 12 -25.32 11.58 104.07
CA ALA I 13 -26.78 8.81 106.25
CA SER I 14 -27.16 5.02 106.35
CA VAL I 15 -30.48 3.13 106.43
CA GLY I 16 -32.12 3.68 109.81
CA ASP I 17 -30.74 7.05 110.92
CA ARG I 18 -33.13 9.91 111.71
CA VAL I 19 -32.38 12.93 109.49
CA ASN I 20 -33.44 16.52 110.22
CA ILE I 21 -34.20 19.04 107.46
CA ALA I 22 -34.74 22.72 108.35
CA CYS I 23 -36.72 25.42 106.50
CA ARG I 24 -36.47 28.96 107.88
CA ALA I 25 -38.22 32.07 106.54
CA SER I 26 -37.53 35.81 106.40
CA GLN I 27 -40.62 36.60 108.49
CA GLY I 28 -43.43 34.78 110.29
CA ILE I 29 -45.84 32.87 108.03
CA SER I 30 -47.76 31.03 110.78
CA SER I 31 -48.71 27.45 109.82
CA ALA I 32 -48.36 27.94 106.04
CA LEU I 33 -45.69 25.53 104.72
CA ALA I 34 -45.62 22.46 102.45
CA TRP I 35 -42.96 19.76 101.98
CA TYR I 36 -42.23 17.96 98.70
CA GLN I 37 -40.45 14.90 97.31
CA GLN I 38 -38.84 15.09 93.87
CA LYS I 39 -37.33 11.84 92.59
CA PRO I 40 -34.68 12.81 89.99
CA GLY I 41 -36.39 13.00 86.61
CA LYS I 42 -39.92 13.22 88.02
CA ALA I 43 -42.55 15.72 89.18
CA PRO I 44 -42.68 16.77 92.87
CA ARG I 45 -44.92 14.90 95.32
CA LEU I 46 -46.79 16.48 98.23
CA LEU I 47 -45.80 15.03 101.61
CA ILE I 48 -46.98 17.42 104.32
CA TYR I 49 -49.41 20.35 104.32
CA ASP I 50 -50.48 22.92 106.97
CA ALA I 51 -47.18 22.23 108.78
CA SER I 52 -47.85 18.81 110.35
CA ASN I 53 -50.74 17.10 108.52
CA LEU I 54 -49.81 14.14 106.30
CA GLU I 55 -51.38 13.26 102.94
CA SER I 56 -53.28 10.01 102.35
CA GLY I 57 -50.77 7.46 101.12
CA VAL I 58 -47.58 9.04 102.46
CA PRO I 59 -45.77 6.67 104.88
CA SER I 60 -46.26 7.00 108.64
CA ARG I 61 -42.53 7.67 109.12
CA PHE I 62 -42.70 11.16 107.61
CA SER I 63 -43.66 14.12 109.83
CA GLY I 64 -42.60 17.51 111.24
CA SER I 65 -43.60 20.68 113.11
CA GLY I 66 -42.74 24.34 113.70
CA SER I 67 -44.65 27.59 114.23
CA GLY I 68 -43.72 30.89 112.58
CA THR I 69 -40.06 31.00 111.59
CA ASP I 70 -38.28 27.71 112.38
CA PHE I 71 -39.52 24.56 110.62
CA THR I 72 -38.30 20.94 110.43
CA LEU I 73 -38.82 17.75 108.38
CA THR I 74 -38.15 14.43 110.12
CA ILE I 75 -37.78 10.77 109.04
CA SER I 76 -37.62 8.18 111.85
CA SER I 77 -36.44 5.29 109.64
CA LEU I 78 -34.46 6.12 106.49
CA GLN I 79 -35.05 3.66 103.64
CA PRO I 80 -33.37 3.37 100.20
CA GLU I 81 -36.58 4.51 98.49
CA ASP I 82 -36.22 8.01 100.00
CA PHE I 83 -33.66 9.26 97.45
CA ALA I 84 -35.09 12.64 96.44
CA ILE I 85 -34.49 16.39 96.63
CA TYR I 86 -36.95 17.84 99.16
CA TYR I 87 -38.41 21.37 99.02
CA CYS I 88 -40.52 23.66 101.22
CA GLN I 89 -42.67 26.53 99.94
CA GLN I 90 -44.92 29.04 101.70
CA PHE I 91 -48.49 30.17 101.06
CA ASN I 92 -49.30 33.27 103.13
CA SER I 93 -48.59 35.99 100.55
CA TYR I 94 -47.48 36.49 96.93
CA PRO I 95 -45.50 35.38 95.12
CA LEU I 96 -45.20 31.81 96.41
CA THR I 97 -41.54 30.85 96.88
CA PHE I 98 -39.65 27.54 97.18
CA GLY I 99 -36.69 26.32 99.23
CA GLY I 100 -33.15 25.72 98.03
CA GLY I 101 -33.51 21.95 98.07
CA THR I 102 -31.90 19.37 100.36
CA LYS I 103 -30.65 16.26 98.54
CA VAL I 104 -30.59 12.98 100.48
CA GLU I 105 -27.82 10.54 99.57
CA ILE I 106 -28.05 7.01 101.00
CA LYS I 107 -25.14 5.17 102.65
CA ARG I 108 -24.16 1.49 102.40
CA THR I 109 -21.18 -0.86 101.96
CA VAL I 110 -18.68 -0.97 99.09
CA ALA I 111 -19.59 -2.81 95.88
CA ALA I 112 -17.36 -4.08 93.07
CA PRO I 113 -18.61 -3.07 89.57
CA SER I 114 -18.68 -5.52 86.66
CA VAL I 115 -16.91 -3.71 83.81
CA PHE I 116 -18.03 -4.20 80.19
CA ILE I 117 -17.08 -2.59 76.86
CA PHE I 118 -18.83 -1.99 73.52
CA PRO I 119 -16.92 -1.46 70.26
CA PRO I 120 -18.53 0.52 67.36
CA SER I 121 -21.21 -1.23 65.29
CA ASP I 122 -21.10 -2.14 61.60
CA GLU I 123 -23.61 0.47 60.41
CA GLN I 124 -22.10 3.23 62.58
CA LEU I 125 -18.79 3.35 60.69
CA LYS I 126 -20.54 4.13 57.36
CA SER I 127 -20.95 7.81 58.20
CA GLY I 128 -17.33 8.14 59.30
CA THR I 129 -17.26 7.97 63.10
CA ALA I 130 -16.74 5.51 65.98
CA SER I 131 -17.75 5.28 69.65
CA VAL I 132 -16.40 2.74 72.15
CA VAL I 133 -18.48 2.49 75.34
CA CYS I 134 -17.22 1.05 78.66
CA LEU I 135 -19.67 0.03 81.41
CA LEU I 136 -19.22 -0.03 85.20
CA ASN I 137 -22.48 -1.71 86.30
CA ASN I 138 -23.46 -1.59 90.01
CA PHE I 139 -21.07 0.10 92.46
CA TYR I 140 -20.66 2.26 95.58
CA PRO I 141 -19.48 4.92 96.18
CA ARG I 142 -19.74 6.99 93.00
CA GLU I 143 -15.98 7.61 93.30
CA ALA I 144 -14.50 5.76 90.32
CA LYS I 145 -11.98 6.21 87.51
CA VAL I 146 -11.81 5.18 83.85
CA GLN I 147 -8.64 5.25 81.76
CA TRP I 148 -8.78 4.28 78.07
CA LYS I 149 -5.96 2.18 76.63
CA VAL I 150 -5.32 2.63 72.92
CA ASP I 151 -2.36 0.59 71.62
CA ASN I 152 -1.34 -0.50 75.15
CA ALA I 153 0.42 2.40 76.90
CA LEU I 154 -0.94 5.22 74.71
CA GLN I 155 -3.56 6.90 76.91
CA SER I 156 -5.98 9.29 75.19
CA GLY I 157 -7.92 12.24 76.58
CA ASN I 158 -11.12 12.87 74.64
CA SER I 159 -13.82 11.00 76.58
CA GLN I 160 -17.13 11.85 78.27
CA GLU I 161 -18.36 10.52 81.63
CA SER I 162 -22.01 10.36 82.73
CA VAL I 163 -23.43 9.00 85.99
CA THR I 164 -27.11 8.30 86.63
CA GLU I 165 -29.07 9.06 89.80
CA GLN I 166 -29.08 6.50 92.65
CA ASP I 167 -31.90 3.94 92.24
CA SER I 168 -34.63 3.00 94.74
CA LYS I 169 -33.51 -0.59 95.42
CA ASP I 170 -29.95 -1.50 96.45
CA SER I 171 -28.62 2.08 96.61
CA THR I 172 -25.74 2.04 94.09
CA TYR I 173 -24.20 3.94 91.16
CA SER I 174 -23.20 3.06 87.60
CA LEU I 175 -21.03 4.76 84.95
CA SER I 176 -20.13 4.69 81.25
CA SER I 177 -17.35 6.04 79.02
CA THR I 178 -17.60 6.71 75.27
CA LEU I 179 -14.42 7.22 73.24
CA THR I 180 -15.36 9.23 70.13
CA LEU I 181 -12.86 8.88 67.27
CA SER I 182 -13.56 9.07 63.53
CA LYS I 183 -13.26 6.13 61.12
CA ALA I 184 -9.80 7.21 59.93
CA ASP I 185 -8.28 7.03 63.41
CA TYR I 186 -10.17 3.82 64.24
CA GLU I 187 -9.01 1.79 61.22
CA LYS I 188 -5.45 2.44 62.44
CA HIS I 189 -5.41 0.81 65.89
CA LYS I 190 -6.09 -2.66 67.29
CA VAL I 191 -6.04 -2.90 71.10
CA TYR I 192 -8.74 -1.06 73.07
CA ALA I 193 -8.85 -1.59 76.85
CA CYS I 194 -10.51 0.31 79.71
CA GLU I 195 -8.78 0.28 83.13
CA VAL I 196 -11.04 0.87 86.15
CA THR I 197 -10.12 1.82 89.74
CA HIS I 198 -12.54 1.42 92.65
CA GLN I 199 -12.42 0.62 96.38
CA GLY I 200 -14.41 -2.57 95.88
CA LEU I 201 -11.92 -3.89 93.34
CA SER I 202 -8.78 -5.55 94.75
CA SER I 203 -6.91 -4.71 91.54
CA PRO I 204 -7.75 -2.73 88.33
CA VAL I 205 -9.97 -4.67 85.95
CA THR I 206 -8.98 -4.53 82.27
CA LYS I 207 -11.48 -5.11 79.46
CA SER I 208 -9.92 -5.18 76.00
CA PHE I 209 -10.85 -6.36 72.50
CA ASN I 210 -8.93 -6.81 69.26
CA ARG I 211 -9.82 -5.18 65.93
CA GLY I 212 -10.27 -7.55 63.02
CA GLU I 213 -13.18 -9.99 63.06
CA CYS I 214 -12.05 -11.78 59.94
CA LYS J 1 -7.07 30.80 -85.78
CA SER J 2 -8.81 31.11 -82.47
CA PRO J 3 -7.83 34.10 -80.51
CA ILE J 4 -8.30 32.47 -77.15
CA PHE J 5 -5.76 30.49 -75.22
CA GLY J 6 -5.61 28.58 -71.95
CA PRO J 7 -4.48 25.35 -70.39
CA GLU J 8 -4.39 22.57 -72.93
CA GLU J 9 -4.73 20.02 -70.20
CA VAL J 10 -5.55 20.19 -66.53
CA ASN J 11 -5.05 17.40 -64.03
CA SER J 12 -6.53 17.24 -60.56
CA VAL J 13 -7.88 14.92 -57.88
CA GLU J 14 -11.42 13.96 -56.87
CA GLY J 15 -11.54 16.14 -53.82
CA ASN J 16 -10.01 19.26 -55.15
CA SER J 17 -10.79 22.37 -57.08
CA VAL J 18 -9.24 23.61 -60.26
CA SER J 19 -8.90 27.09 -61.59
CA ILE J 20 -8.83 27.45 -65.31
CA THR J 21 -7.71 30.72 -66.81
CA CYS J 22 -8.37 31.57 -70.44
CA TYR J 23 -6.97 34.52 -72.29
CA TYR J 24 -8.68 36.64 -74.93
CA PRO J 25 -7.53 39.78 -76.66
CA PRO J 26 -8.04 42.89 -74.67
CA THR J 27 -10.84 44.45 -76.64
CA SER J 28 -13.86 46.38 -75.63
CA VAL J 29 -15.81 43.86 -77.64
CA ASN J 30 -14.35 40.98 -75.72
CA ARG J 31 -14.55 42.81 -72.47
CA HIS J 32 -18.32 42.91 -72.91
CA THR J 33 -18.96 39.59 -74.66
CA ARG J 34 -20.42 36.55 -72.97
CA LYS J 35 -17.75 34.26 -71.58
CA TYR J 36 -18.52 30.58 -71.39
CA TRP J 37 -17.30 27.19 -70.18
CA CYS J 38 -18.88 24.17 -71.82
CA ARG J 39 -18.31 20.46 -72.05
CA GLN J 40 -17.94 18.57 -75.28
CA GLY J 41 -20.32 15.70 -75.57
CA ALA J 42 -19.42 12.47 -77.27
CA ARG J 43 -22.03 13.52 -79.80
CA GLY J 44 -20.04 16.57 -80.75
CA GLY J 45 -21.80 19.51 -79.10
CA CYS J 46 -20.69 21.62 -76.21
CA ILE J 47 -23.12 22.24 -73.42
CA THR J 48 -22.69 25.40 -71.40
CA LEU J 49 -21.87 24.64 -67.78
CA ILE J 50 -21.34 28.25 -66.69
CA SER J 51 -21.49 31.64 -68.37
CA SER J 52 -20.79 35.26 -67.49
CA GLU J 53 -24.41 35.69 -68.45
CA GLY J 54 -25.37 34.28 -65.08
CA TYR J 55 -26.45 30.86 -66.29
CA VAL J 56 -25.11 28.10 -64.11
CA SER J 57 -25.44 24.37 -64.67
CA SER J 58 -27.35 22.52 -62.01
CA LYS J 59 -24.32 20.32 -61.45
CA TYR J 60 -22.16 23.44 -61.09
CA ALA J 61 -24.40 25.29 -58.65
CA GLY J 62 -22.58 26.37 -55.51
CA ARG J 63 -19.36 24.62 -56.51
CA ALA J 64 -18.13 26.92 -59.27
CA ASN J 65 -18.03 30.53 -60.40
CA LEU J 66 -16.82 32.40 -63.44
CA THR J 67 -15.07 35.74 -63.12
CA ASN J 68 -14.09 38.26 -65.77
CA PHE J 69 -10.87 40.23 -65.45
CA PRO J 70 -10.90 42.81 -68.17
CA GLU J 71 -7.55 44.20 -67.16
CA ASN J 72 -5.87 40.86 -67.69
CA GLY J 73 -7.92 40.03 -70.73
CA THR J 74 -8.81 36.81 -69.04
CA PHE J 75 -11.56 35.09 -67.09
CA VAL J 76 -11.30 32.30 -64.56
CA VAL J 77 -13.49 29.31 -63.98
CA ASN J 78 -13.26 27.84 -60.53
CA ILE J 79 -14.51 24.34 -60.04
CA ALA J 80 -14.71 22.75 -56.63
CA GLN J 81 -15.74 19.32 -55.45
CA LEU J 82 -14.30 17.77 -58.60
CA SER J 83 -15.47 14.24 -59.19
CA GLN J 84 -14.32 11.50 -61.54
CA ASP J 85 -17.24 12.37 -63.78
CA ASP J 86 -15.68 15.79 -64.29
CA SER J 87 -12.97 14.24 -66.40
CA GLY J 88 -13.60 15.11 -70.01
CA ARG J 89 -13.13 17.73 -72.69
CA TYR J 90 -14.32 21.28 -72.28
CA LYS J 91 -14.01 24.61 -74.02
CA CYS J 92 -13.73 28.17 -72.83
CA GLY J 93 -14.72 30.86 -75.27
CA LEU J 94 -16.41 34.14 -76.00
CA GLY J 95 -19.61 35.10 -77.73
CA ILE J 96 -22.00 32.58 -79.15
CA ASN J 97 -20.90 28.99 -78.79
CA SER J 98 -21.32 28.90 -82.57
CA ARG J 99 -18.43 31.26 -83.56
CA GLY J 100 -15.53 28.97 -82.70
CA LEU J 101 -13.73 31.57 -80.71
CA SER J 102 -12.76 29.21 -77.96
CA PHE J 103 -10.04 27.04 -76.49
CA ASP J 104 -10.13 23.30 -75.90
CA VAL J 105 -9.27 22.17 -72.42
CA SER J 106 -8.95 18.61 -71.31
CA LEU J 107 -9.56 17.89 -67.68
CA GLU J 108 -8.62 14.65 -66.05
CA VAL J 109 -9.78 14.11 -62.52
CA SER J 110 -7.59 11.01 -62.17
CA GLN J 111 -8.50 7.74 -60.24
CA GLY J 112 -11.88 8.93 -58.47
CA PRO J 113 -15.08 9.33 -60.84
CA GLY J 114 -18.58 9.15 -59.27
CA LEU J 115 -20.31 10.19 -56.05
CA LEU J 116 -19.51 7.54 -53.57
CA ASN J 117 -18.67 9.57 -50.53
CA ASP J 118 -20.97 11.37 -48.14
CA THR J 119 -21.26 12.00 -44.44
CA LYS J 120 -21.89 8.72 -42.77
CA VAL J 121 -23.88 10.37 -40.07
CA TYR J 122 -25.31 13.81 -39.73
CA THR J 123 -26.66 15.20 -36.50
CA VAL J 124 -28.85 18.24 -36.11
CA ASP J 125 -31.17 19.91 -33.64
CA LEU J 126 -34.83 19.98 -34.46
CA GLY J 127 -35.41 23.52 -35.68
CA ARG J 128 -32.19 23.73 -37.69
CA THR J 129 -31.61 23.21 -41.38
CA VAL J 130 -29.12 20.71 -42.65
CA THR J 131 -27.16 20.27 -45.82
CA ILE J 132 -25.89 16.97 -47.13
CA ASN J 133 -23.24 16.85 -49.81
CA CYS J 134 -22.40 13.78 -51.84
CA PRO J 135 -19.62 13.65 -54.35
CA PHE J 136 -19.79 11.71 -57.63
CA LYS J 137 -17.96 11.04 -60.94
CA THR J 138 -18.27 12.17 -64.58
CA GLU J 139 -20.66 9.57 -65.96
CA ASN J 140 -22.37 10.28 -62.74
CA ALA J 141 -22.49 13.95 -63.64
CA GLN J 142 -25.14 13.27 -66.24
CA LYS J 143 -27.18 10.71 -64.34
CA ARG J 144 -30.15 11.32 -62.06
CA LYS J 145 -29.32 12.21 -58.47
CA SER J 146 -31.62 11.22 -55.66
CA LEU J 147 -32.11 11.30 -51.92
CA TYR J 148 -34.29 8.59 -50.44
CA LYS J 149 -35.32 7.16 -47.10
CA GLN J 150 -34.51 3.55 -46.36
CA ILE J 151 -37.04 1.08 -44.95
CA GLY J 152 -39.69 -0.91 -46.66
CA LEU J 153 -39.34 -2.66 -49.95
CA TYR J 154 -37.98 0.36 -51.68
CA PRO J 155 -36.14 3.33 -50.41
CA VAL J 156 -38.58 6.16 -50.93
CA LEU J 157 -37.29 8.99 -53.05
CA VAL J 158 -37.80 12.24 -51.19
CA ILE J 159 -36.24 14.47 -53.84
CA ASP J 160 -34.65 13.86 -57.23
CA SER J 161 -32.67 15.83 -59.81
CA SER J 162 -35.37 14.71 -62.24
CA GLY J 163 -37.72 17.40 -61.04
CA TYR J 164 -39.51 15.19 -58.55
CA VAL J 165 -40.18 16.50 -55.08
CA ASN J 166 -42.06 14.60 -52.39
CA PRO J 167 -44.92 16.36 -50.78
CA ASN J 168 -43.33 16.04 -47.39
CA TYR J 169 -40.24 17.74 -48.75
CA THR J 170 -41.92 20.20 -51.09
CA GLY J 171 -40.78 23.65 -50.08
CA ARG J 172 -38.85 22.16 -47.15
CA ILE J 173 -35.89 20.92 -49.13
CA ARG J 174 -33.84 21.43 -52.27
CA LEU J 175 -31.41 19.27 -54.21
CA ASP J 176 -28.78 20.99 -56.30
CA ILE J 177 -26.46 19.40 -58.78
CA GLN J 178 -22.92 20.55 -59.27
CA GLY J 179 -21.29 19.68 -62.53
CA THR J 180 -18.76 16.95 -62.99
CA GLY J 181 -15.95 19.22 -61.96
CA GLN J 182 -17.62 19.95 -58.67
CA LEU J 183 -18.86 16.36 -58.71
CA LEU J 184 -21.23 17.20 -55.92
CA PHE J 185 -24.90 17.56 -55.32
CA SER J 186 -26.36 19.08 -52.24
CA VAL J 187 -29.55 18.31 -50.41
CA VAL J 188 -30.74 21.12 -48.20
CA ILE J 189 -33.37 20.24 -45.66
CA ASN J 190 -34.96 22.77 -43.37
CA GLN J 191 -37.27 22.72 -40.40
CA LEU J 192 -36.02 19.35 -39.28
CA ARG J 193 -38.53 17.47 -37.18
CA LEU J 194 -38.37 14.37 -35.06
CA SER J 195 -39.75 12.39 -37.97
CA ASP J 196 -36.63 13.26 -39.94
CA ALA J 197 -34.31 11.05 -37.95
CA GLY J 198 -33.64 7.89 -39.87
CA GLN J 199 -31.50 6.33 -42.56
CA TYR J 200 -31.31 7.75 -46.03
CA LEU J 201 -29.15 7.33 -49.08
CA CYS J 202 -27.90 9.67 -51.75
CA GLN J 203 -27.16 8.14 -55.06
CA ALA J 204 -27.13 8.31 -58.82
CA GLY J 205 -29.28 6.53 -61.35
CA ASP J 206 -32.11 4.35 -60.18
CA ASP J 207 -32.57 3.57 -56.51
CA SER J 208 -32.39 -0.17 -57.03
CA ASN J 209 -28.86 0.16 -58.21
CA SER J 210 -26.36 0.16 -55.41
CA ASN J 211 -24.70 3.31 -56.57
CA LYS J 212 -25.28 5.33 -53.45
CA LYS J 213 -24.06 5.96 -49.96
CA ASN J 214 -25.98 5.48 -46.77
CA ALA J 215 -26.38 8.44 -44.50
CA ASP J 216 -27.80 8.34 -41.02
CA LEU J 217 -29.60 11.47 -39.96
CA GLN J 218 -30.06 12.03 -36.29
CA VAL J 219 -32.41 14.78 -35.26
CA LEU J 220 -34.81 17.03 -33.09
CA LYS J 221 -37.84 14.70 -32.73
CA PRO J 222 -38.83 15.30 -29.15
CA GLU J 223 -42.24 14.19 -27.95
CA PRO J 224 -43.97 12.88 -24.94
CA GLU J 225 -42.57 9.45 -24.31
CA LEU J 226 -45.72 8.36 -22.59
CA VAL J 227 -49.14 9.91 -22.41
CA TYR J 228 -51.79 8.64 -20.07
CA GLU J 229 -55.35 9.83 -19.88
CA ASP J 230 -58.77 8.72 -18.79
CA LEU J 231 -61.57 7.55 -21.01
CA ARG J 232 -63.76 10.21 -22.55
CA GLY J 233 -61.01 12.71 -21.99
CA SER J 234 -59.35 14.81 -24.62
CA VAL J 235 -55.63 14.64 -25.11
CA THR J 236 -53.07 16.59 -27.01
CA PHE J 237 -49.66 15.48 -28.12
CA HIS J 238 -46.93 17.96 -28.85
CA CYS J 239 -44.04 16.99 -31.09
CA ALA J 240 -41.00 19.15 -31.89
CA LEU J 241 -38.76 19.34 -34.98
CA GLY J 242 -36.08 21.29 -37.02
CA PRO J 243 -35.83 23.34 -40.17
CA GLU J 244 -36.29 20.94 -43.07
CA VAL J 245 -39.08 19.82 -40.91
CA ALA J 246 -40.95 23.11 -40.92
CA ASN J 247 -42.20 22.63 -44.47
CA VAL J 248 -42.25 18.84 -44.44
CA ALA J 249 -45.49 16.93 -43.99
CA LYS J 250 -46.36 16.09 -40.41
CA PHE J 251 -48.12 12.92 -39.53
CA LEU J 252 -49.47 10.95 -36.64
CA CYS J 253 -49.73 7.24 -37.11
CA ARG J 254 -50.62 4.17 -35.12
CA GLN J 255 -48.07 1.42 -35.01
CA SER J 256 -49.30 -1.87 -36.26
CA SER J 257 -47.90 -5.33 -36.67
CA GLY J 258 -45.26 -5.47 -39.34
CA GLU J 259 -43.31 -2.46 -40.35
CA ASN J 260 -46.26 -0.28 -41.21
CA CYS J 261 -47.81 2.58 -39.35
CA ASP J 262 -51.14 3.79 -40.56
CA VAL J 263 -51.49 7.51 -40.72
CA VAL J 264 -54.36 8.65 -38.59
CA VAL J 265 -54.02 12.25 -39.69
CA ASN J 266 -51.57 14.40 -41.62
CA THR J 267 -50.70 18.03 -42.25
CA LEU J 268 -51.34 17.07 -45.88
CA GLY J 269 -55.05 17.31 -45.42
CA LYS J 270 -55.82 13.66 -45.05
CA ARG J 271 -57.96 12.73 -42.10
CA ALA J 272 -58.83 9.12 -41.34
CA PRO J 273 -62.42 8.39 -40.82
CA ALA J 274 -61.85 7.00 -37.35
CA PHE J 275 -60.27 10.33 -36.53
CA GLU J 276 -62.52 12.55 -38.63
CA GLY J 277 -64.14 15.17 -36.46
CA ARG J 278 -62.56 13.51 -33.44
CA ILE J 279 -59.05 14.85 -33.92
CA LEU J 280 -57.08 17.79 -35.23
CA LEU J 281 -53.43 18.20 -36.13
CA ASN J 282 -52.03 21.68 -36.35
CA PRO J 283 -48.55 22.77 -37.10
CA GLN J 284 -46.76 25.78 -35.76
CA ASP J 285 -43.59 26.45 -37.69
CA LYS J 286 -42.33 29.19 -35.45
CA ASP J 287 -42.42 27.15 -32.29
CA GLY J 288 -41.27 24.11 -34.19
CA SER J 289 -44.10 21.99 -32.98
CA PHE J 290 -47.29 20.47 -34.18
CA SER J 291 -50.05 19.32 -31.95
CA VAL J 292 -52.41 16.43 -32.35
CA VAL J 293 -55.61 16.86 -30.42
CA ILE J 294 -57.71 13.79 -29.88
CA THR J 295 -61.05 13.73 -28.14
CA GLY J 296 -63.43 11.03 -27.00
CA LEU J 297 -60.53 8.88 -25.88
CA ARG J 298 -61.53 5.26 -25.76
CA LYS J 299 -59.86 2.04 -24.71
CA GLU J 300 -59.19 1.53 -28.38
CA ASP J 301 -56.86 4.51 -28.22
CA ALA J 302 -54.27 2.91 -25.96
CA GLY J 303 -51.32 1.78 -28.01
CA ARG J 304 -48.11 2.92 -29.67
CA TYR J 305 -48.08 5.80 -32.09
CA LEU J 306 -45.50 7.83 -33.96
CA CYS J 307 -45.44 11.44 -34.90
CA GLY J 308 -42.96 12.41 -37.50
CA ALA J 309 -42.15 14.33 -40.62
CA HIS J 310 -42.02 13.28 -44.24
CA SER J 311 -43.05 9.78 -45.10
CA ASP J 312 -43.60 7.21 -42.38
CA GLY J 313 -41.06 4.44 -42.68
CA GLN J 314 -38.50 7.18 -43.07
CA LEU J 315 -38.32 6.66 -39.36
CA GLN J 316 -37.81 10.33 -38.89
CA GLU J 317 -40.26 10.18 -36.05
CA GLY J 318 -40.68 9.73 -32.34
CA SER J 319 -42.61 6.98 -30.67
CA PRO J 320 -45.30 7.96 -28.30
CA ILE J 321 -46.98 5.49 -26.00
CA GLN J 322 -50.56 6.24 -25.16
CA ALA J 323 -52.41 4.58 -22.36
CA TRP J 324 -55.98 5.15 -21.37
CA GLN J 325 -57.98 4.01 -17.99
CA LEU J 326 -60.12 6.97 -16.59
CA PHE J 327 -60.84 10.83 -17.69
CA VAL J 328 -61.30 13.36 -14.90
CA ASN J 329 -62.13 16.66 -14.98
CA GLU J 330 -65.95 16.32 -15.59
CA GLU J 331 -66.78 12.54 -15.93
CA SER J 332 -69.27 11.14 -18.56
CA THR J 333 -67.77 8.94 -21.58
CA ILE J 334 -64.60 6.58 -20.87
CA PRO J 335 -64.33 4.31 -17.45
CA ARG J 336 -65.41 5.35 -14.01
CA SER J 337 -64.10 4.40 -10.63
CA PRO J 338 -63.34 5.86 -7.30
CA THR J 339 -60.84 8.66 -7.64
CA VAL J 340 -59.55 8.07 -4.17
CA VAL J 341 -59.98 5.20 -1.80
CA LYS J 342 -58.92 5.27 1.79
CA GLY J 343 -58.55 2.34 4.09
CA VAL J 344 -56.66 1.49 7.17
CA ALA J 345 -54.09 -1.15 8.03
CA GLY J 346 -55.18 -4.79 7.90
CA SER J 347 -58.64 -4.05 6.51
CA SER J 348 -59.76 -5.25 3.07
CA VAL J 349 -60.87 -3.01 0.26
CA ALA J 350 -62.79 -3.40 -2.94
CA VAL J 351 -62.60 -1.18 -5.96
CA LEU J 352 -65.25 -1.17 -8.65
CA CYS J 353 -64.75 0.23 -12.15
CA PRO J 354 -67.40 0.57 -14.86
CA TYR J 355 -67.01 0.00 -18.66
CA ASN J 356 -68.72 -0.31 -22.18
CA ARG J 357 -69.70 -3.02 -24.74
CA LYS J 358 -66.50 -3.79 -26.58
CA GLU J 359 -65.08 -3.56 -23.15
CA SER J 360 -67.21 -6.42 -21.87
CA LYS J 361 -65.03 -8.85 -23.80
CA SER J 362 -61.66 -7.15 -23.37
CA ILE J 363 -59.11 -7.92 -20.69
CA LYS J 364 -59.50 -6.09 -17.41
CA TYR J 365 -56.53 -5.14 -15.35
CA TRP J 366 -55.34 -3.45 -12.18
CA CYS J 367 -51.92 -1.78 -12.15
CA LEU J 368 -49.71 0.33 -9.96
CA TRP J 369 -48.30 3.46 -11.50
CA GLU J 370 -44.54 3.68 -11.77
CA GLY J 371 -42.64 6.92 -11.62
CA ALA J 372 -40.26 7.69 -14.45
CA GLN J 373 -40.12 9.68 -17.61
CA ASN J 374 -41.29 6.49 -19.19
CA GLY J 375 -42.85 4.25 -16.65
CA ARG J 376 -45.29 1.44 -16.94
CA CYS J 377 -47.95 0.49 -14.51
CA PRO J 378 -47.10 -2.96 -13.44
CA LEU J 379 -49.87 -5.45 -14.05
CA LEU J 380 -50.90 -6.36 -10.54
CA VAL J 381 -53.84 -8.62 -11.47
CA ASP J 382 -55.66 -9.31 -14.72
CA SER J 383 -58.87 -10.91 -15.98
CA GLU J 384 -56.63 -13.13 -18.04
CA GLY J 385 -55.70 -15.31 -15.14
CA TRP J 386 -52.50 -13.52 -14.24
CA VAL J 387 -51.86 -12.53 -10.66
CA LYS J 388 -48.72 -10.89 -9.36
CA ALA J 389 -46.73 -12.56 -6.64
CA GLN J 390 -47.39 -9.81 -4.17
CA TYR J 391 -51.12 -10.07 -4.80
CA GLU J 392 -51.40 -13.83 -5.20
CA GLY J 393 -53.92 -15.07 -2.67
CA ARG J 394 -54.26 -11.58 -1.24
CA LEU J 395 -56.43 -10.12 -3.99
CA SER J 396 -59.05 -10.99 -6.55
CA LEU J 397 -60.42 -9.46 -9.74
CA LEU J 398 -63.94 -10.30 -10.82
CA GLU J 399 -65.74 -9.13 -13.92
CA GLU J 400 -69.48 -8.98 -14.31
CA PRO J 401 -70.31 -7.95 -17.80
CA GLY J 402 -74.02 -7.41 -17.35
CA ASN J 403 -73.37 -4.78 -14.75
CA GLY J 404 -70.49 -3.41 -16.71
CA THR J 405 -68.21 -3.59 -13.76
CA PHE J 406 -65.27 -5.52 -12.45
CA THR J 407 -64.17 -5.52 -8.86
CA VAL J 408 -60.74 -5.80 -7.40
CA ILE J 409 -60.73 -7.01 -3.87
CA LEU J 410 -57.57 -6.64 -1.86
CA ASN J 411 -56.99 -7.92 1.64
CA GLN J 412 -54.29 -7.41 4.22
CA LEU J 413 -53.70 -3.84 3.18
CA THR J 414 -50.25 -2.79 4.28
CA SER J 415 -48.21 0.38 4.22
CA ARG J 416 -46.82 -0.73 0.89
CA ASP J 417 -50.27 -0.54 -0.66
CA ALA J 418 -50.67 3.21 -0.53
CA GLY J 419 -50.02 4.59 -3.98
CA PHE J 420 -51.47 5.22 -7.41
CA TYR J 421 -53.20 2.52 -9.36
CA TRP J 422 -55.17 2.19 -12.55
CA CYS J 423 -58.05 -0.04 -13.56
CA LEU J 424 -58.38 -0.37 -17.28
CA THR J 425 -59.42 -2.47 -20.24
CA ASN J 426 -57.16 -4.03 -22.90
CA GLY J 427 -53.49 -3.11 -22.94
CA ASP J 428 -52.02 -0.96 -20.19
CA THR J 429 -50.43 1.48 -22.63
CA LEU J 430 -53.71 2.32 -24.31
CA TRP J 431 -54.63 4.39 -21.29
CA ARG J 432 -58.30 3.53 -21.49
CA THR J 433 -58.20 3.36 -17.72
CA THR J 434 -59.14 5.35 -14.68
CA VAL J 435 -56.62 6.44 -12.10
CA GLU J 436 -57.28 5.56 -8.51
CA ILE J 437 -55.35 6.78 -5.52
CA LYS J 438 -55.27 4.44 -2.59
CA ILE J 439 -54.19 5.62 0.81
CA ILE J 440 -53.74 3.01 3.46
CA GLU J 441 -54.40 5.71 6.02
CA GLY J 442 -54.64 7.12 8.76
CA GLU J 443 -54.52 6.99 12.70
CA PRO J 444 -57.72 5.04 14.22
CA ASN J 445 -57.41 5.66 17.87
CA LEU J 446 -60.81 5.80 19.89
CA LYS J 447 -63.86 7.93 20.33
CA VAL J 448 -65.64 8.79 23.53
CA PRO J 449 -67.45 11.52 25.30
CA GLY J 450 -64.48 13.19 26.82
CA ASN J 451 -66.87 15.08 29.04
CA VAL J 452 -69.50 13.74 31.34
CA THR J 453 -71.39 15.38 34.17
CA ALA J 454 -73.40 13.75 36.90
CA VAL J 455 -74.57 14.32 40.42
CA LEU J 456 -73.39 12.38 43.40
CA GLY J 457 -75.38 9.25 44.04
CA GLU J 458 -76.27 8.84 40.39
CA THR J 459 -75.16 6.20 37.95
CA LEU J 460 -73.27 7.12 34.82
CA LYS J 461 -72.48 5.31 31.60
CA VAL J 462 -69.91 6.18 28.98
CA PRO J 463 -69.48 4.63 25.59
CA CYS J 464 -66.20 4.13 23.72
CA HIS J 465 -65.58 3.13 20.12
CA PHE J 466 -62.74 1.11 18.62
CA PRO J 467 -61.70 -1.19 15.81
CA CYS J 468 -62.17 -4.97 15.31
CA LYS J 469 -58.63 -6.01 16.16
CA PHE J 470 -59.29 -4.13 19.31
CA SER J 471 -62.36 -6.28 19.75
CA SER J 472 -60.12 -8.99 21.13
CA TYR J 473 -57.98 -6.55 23.15
CA GLU J 474 -58.58 -5.93 26.84
CA LYS J 475 -60.76 -2.91 27.42
CA TYR J 476 -60.09 -0.69 30.36
CA TRP J 477 -61.29 2.33 32.27
CA CYS J 478 -58.63 4.17 34.22
CA LYS J 479 -58.55 6.94 36.73
CA TRP J 480 -56.26 9.93 36.55
CA ASN J 481 -53.86 10.86 39.32
CA ASN J 482 -52.74 7.29 39.69
CA THR J 483 -49.46 5.72 38.83
CA GLY J 484 -49.91 6.00 35.14
CA CYS J 485 -53.62 5.56 35.00
CA GLN J 486 -55.27 3.79 37.86
CA ALA J 487 -56.89 0.72 36.52
CA LEU J 488 -60.54 0.76 37.40
CA PRO J 489 -62.68 -1.80 35.72
CA SER J 490 -61.28 -3.75 32.80
CA GLN J 491 -62.66 -6.46 30.63
CA ASP J 492 -63.40 -7.88 34.04
CA GLU J 493 -66.07 -6.47 36.41
CA GLY J 494 -66.37 -4.32 39.54
CA PRO J 495 -68.49 -1.69 41.26
CA SER J 496 -70.25 -1.27 38.03
CA LYS J 497 -70.19 -2.79 34.62
CA ALA J 498 -68.07 -2.56 31.54
CA PHE J 499 -69.67 -4.19 28.59
CA VAL J 500 -67.98 -4.89 25.34
CA ASN J 501 -69.66 -5.49 22.06
CA CYS J 502 -67.35 -7.53 19.93
CA ASP J 503 -66.69 -7.42 16.24
CA GLU J 504 -70.34 -7.01 15.44
CA ASN J 505 -70.56 -3.72 17.22
CA SER J 506 -67.35 -2.28 18.39
CA ARG J 507 -68.22 -0.38 21.48
CA LEU J 508 -67.56 -0.64 25.16
CA VAL J 509 -69.91 0.78 27.71
CA SER J 510 -68.84 1.55 31.20
CA LEU J 511 -71.47 2.11 33.75
CA THR J 512 -70.70 3.35 37.20
CA LEU J 513 -73.05 3.21 40.11
CA ASN J 514 -73.33 5.28 43.23
CA LEU J 515 -71.11 8.07 42.09
CA VAL J 516 -72.09 9.62 45.35
CA THR J 517 -68.43 10.01 45.91
CA ARG J 518 -66.59 13.20 45.17
CA ALA J 519 -63.66 10.97 44.41
CA ASP J 520 -65.29 9.93 41.18
CA GLU J 521 -64.91 13.37 39.66
CA GLY J 522 -61.65 13.57 37.79
CA TRP J 523 -59.95 12.67 34.55
CA TYR J 524 -60.27 9.17 33.20
CA TRP J 525 -59.21 7.20 30.19
CA CYS J 526 -60.92 4.54 28.15
CA GLY J 527 -58.75 2.37 26.00
CA VAL J 528 -57.68 -1.01 24.77
CA LYS J 529 -54.67 -3.13 25.57
CA GLN J 530 -52.31 -2.05 28.31
CA GLY J 531 -52.72 1.36 29.87
CA HIS J 532 -49.14 2.26 29.01
CA PHE J 533 -49.79 1.88 25.31
CA TYR J 534 -51.90 5.02 25.50
CA GLY J 535 -54.21 3.78 22.84
CA GLU J 536 -57.08 5.44 24.59
CA THR J 537 -59.32 8.45 24.88
CA ALA J 538 -59.44 10.95 27.68
CA ALA J 539 -62.71 11.62 29.40
CA VAL J 540 -63.41 14.19 32.06
CA TYR J 541 -66.04 13.40 34.58
CA VAL J 542 -67.48 15.99 36.87
CA ALA J 543 -69.50 14.85 39.81
CA VAL J 544 -60.29 8.73 22.24
CA GLU J 545 -56.51 9.94 21.46
CA GLU J 546 -57.19 12.75 18.83
CA ARG J 547 -54.84 14.79 17.65
CA LYS J 548 -52.16 11.91 16.65
CA ALA J 549 -49.15 13.77 14.78
CA ALA J 550 -45.98 11.63 14.94
CA GLY J 551 -43.05 14.31 14.98
CA SER J 552 -43.55 15.60 18.01
CA ARG J 553 -41.93 19.10 18.27
CA ASP J 554 -45.38 20.85 17.92
CA VAL J 555 -46.88 18.21 20.44
CA SER J 556 -50.31 16.48 19.68
CA LEU J 557 -52.20 16.66 23.15
CA ALA J 558 -55.12 17.94 23.02
CA LYS J 559 -54.29 20.13 20.10
CA ALA J 560 -55.84 19.56 16.36
CA ASP J 561 -53.98 22.40 14.32
CA ALA J 562 -50.59 20.71 14.63
CA ALA J 563 -49.62 20.46 11.80
CA PRO J 564 -52.42 20.70 8.98
CA ASP J 565 -52.93 24.39 8.17
CA GLU J 566 -50.37 26.61 10.05
CA LYS J 567 -46.82 25.43 10.64
CA VAL J 568 -45.46 25.92 13.63
CA LEU J 569 -46.94 28.02 16.71
CA ASP J 570 -48.17 31.54 15.62
CA SER J 571 -51.59 32.94 16.74
CA GLY J 572 -52.85 32.38 13.86
CA PHE J 573 -51.21 32.96 11.28
CA ARG J 574 -50.12 36.60 12.16
CA GLU J 575 -46.87 37.70 10.41
CA ILE J 576 -45.88 41.56 11.42
CA GLU J 577 -43.18 42.00 13.18
CA ASN J 578 -40.97 38.74 13.11
CA LYS J 579 -43.23 36.48 13.29
CA ALA J 580 -45.35 37.59 15.69
CA ILE J 581 -45.66 36.07 19.24
CA GLN J 582 -44.17 32.49 18.48
CA ASP J 583 -43.11 29.36 20.45
CA PRO J 584 -41.24 26.52 18.51
CA ARG J 585 -41.82 23.51 20.91
CA GLN A 1 55.15 33.13 -97.15
CA VAL A 2 53.79 29.78 -95.98
CA LYS A 3 55.94 27.02 -97.50
CA LEU A 4 56.42 27.57 -101.27
CA LEU A 5 54.13 24.86 -102.63
CA GLU A 6 51.68 23.61 -99.97
CA GLN A 7 49.76 20.50 -101.08
CA SER A 8 46.68 18.76 -99.64
CA GLY A 9 46.12 15.77 -97.33
CA ALA A 10 46.02 11.98 -97.59
CA GLU A 11 42.64 10.93 -99.01
CA VAL A 12 41.53 7.37 -98.23
CA LYS A 13 39.63 6.15 -101.30
CA LYS A 14 37.88 2.81 -101.77
CA PRO A 15 38.92 0.88 -104.95
CA GLY A 16 36.96 2.26 -107.88
CA ALA A 17 36.66 5.86 -106.66
CA SER A 18 38.09 9.25 -107.63
CA VAL A 19 40.87 11.38 -106.08
CA LYS A 20 41.74 15.07 -106.56
CA VAL A 21 44.98 16.38 -105.04
CA SER A 22 45.71 20.12 -105.16
CA CYS A 23 48.95 22.16 -105.17
CA LYS A 24 48.84 25.71 -103.79
CA ALA A 25 51.66 28.06 -104.81
CA SER A 26 53.05 31.30 -103.36
CA GLY A 27 55.98 33.69 -103.25
CA TYR A 28 56.52 33.52 -107.01
CA SER A 29 54.58 34.24 -110.20
CA PHE A 30 52.16 31.42 -111.07
CA THR A 31 51.69 32.15 -114.79
CA SER A 32 55.46 32.00 -115.43
CA TYR A 33 56.34 28.46 -114.28
CA GLY A 34 54.98 24.96 -114.88
CA LEU A 35 54.20 22.09 -112.48
CA HIS A 36 55.06 18.38 -112.79
CA TRP A 37 53.51 15.51 -110.81
CA VAL A 38 55.66 12.67 -109.46
CA ARG A 39 54.68 9.87 -107.05
CA GLN A 40 56.38 7.02 -105.14
CA ALA A 41 55.11 3.57 -104.12
CA PRO A 42 56.15 2.26 -100.65
CA GLY A 43 59.57 0.72 -101.26
CA GLN A 44 59.85 1.66 -104.94
CA ARG A 45 61.34 4.43 -107.13
CA LEU A 46 59.73 7.75 -108.13
CA GLU A 47 57.49 7.65 -111.21
CA TRP A 48 56.63 10.70 -113.34
CA MET A 49 52.89 11.14 -113.96
CA GLY A 50 52.62 14.32 -116.01
CA TRP A 51 52.89 18.09 -116.42
CA ILE A 52 50.70 21.16 -116.96
CA SER A 53 51.58 24.72 -117.99
CA ALA A 54 50.10 27.44 -115.77
CA GLY A 55 50.15 29.96 -118.63
CA THR A 56 48.18 28.29 -121.41
CA GLY A 57 46.92 25.03 -119.90
CA ASN A 58 48.54 22.38 -122.12
CA THR A 59 48.53 18.81 -120.80
CA LYS A 60 51.46 16.40 -121.25
CA TYR A 61 51.14 13.12 -119.33
CA SER A 62 52.72 9.67 -119.77
CA GLN A 63 51.28 6.69 -121.66
CA LYS A 64 51.06 4.74 -118.40
CA PHE A 65 47.94 6.39 -116.96
CA ARG A 66 46.37 6.94 -120.39
CA GLY A 67 42.63 7.51 -120.16
CA ARG A 68 42.28 8.07 -116.41
CA VAL A 69 44.38 11.15 -115.57
CA THR A 70 43.55 14.85 -115.84
CA PHE A 71 45.17 18.16 -114.89
CA THR A 72 43.34 21.42 -114.14
CA ARG A 73 44.49 24.87 -112.97
CA ASP A 74 42.74 27.91 -111.47
CA THR A 75 44.38 31.18 -112.57
CA SER A 76 42.89 33.52 -109.95
CA ALA A 77 43.27 30.99 -107.11
CA THR A 78 46.92 29.97 -107.61
CA THR A 79 46.38 26.21 -107.17
CA ALA A 80 47.07 23.22 -109.43
CA TYR A 81 45.00 20.02 -109.57
CA MET A 82 45.28 16.33 -110.50
CA GLY A 83 42.61 13.71 -111.19
CA LEU A 84 42.68 9.89 -111.31
CA SER A 85 39.63 7.65 -111.81
CA SER A 86 39.32 3.87 -111.32
CA LEU A 87 41.75 3.62 -108.38
CA ARG A 88 43.39 0.26 -107.63
CA PRO A 89 45.10 -1.38 -104.58
CA GLU A 90 48.49 -0.70 -106.21
CA ASP A 91 48.11 3.09 -106.39
CA THR A 92 49.12 3.49 -102.72
CA ALA A 93 51.86 6.10 -103.15
CA VAL A 94 53.08 9.52 -102.05
CA TYR A 95 52.33 12.12 -104.72
CA TYR A 96 54.31 15.36 -105.18
CA CYS A 97 53.92 18.49 -107.32
CA ALA A 98 57.29 19.85 -108.46
CA ARG A 99 57.82 23.17 -110.27
CA ASP A 100 59.20 23.92 -113.76
CA PRO A 101 62.19 26.36 -113.69
CA TYR A 102 61.83 26.91 -117.45
CA GLY A 103 58.21 26.36 -118.46
CA GLY A 104 59.09 23.91 -121.22
CA GLY A 105 57.74 20.63 -119.88
CA LYS A 106 61.08 18.81 -119.85
CA SER A 107 63.66 19.64 -117.16
CA GLU A 108 64.65 19.26 -113.49
CA PHE A 109 62.71 19.94 -110.27
CA ASP A 110 63.90 22.66 -107.89
CA TYR A 111 60.88 22.89 -105.55
CA TRP A 112 59.06 19.89 -104.09
CA GLY A 113 55.97 19.79 -101.87
CA GLN A 114 55.21 17.83 -98.69
CA GLY A 115 53.53 14.92 -100.45
CA THR A 116 50.09 13.29 -100.27
CA LEU A 117 49.74 9.59 -99.39
CA VAL A 118 46.60 8.26 -101.08
CA THR A 119 45.89 4.75 -99.81
CA VAL A 120 43.33 2.73 -101.78
CA SER A 121 41.85 -0.05 -99.63
CA SER A 122 38.31 -1.37 -99.07
CA ALA A 123 38.94 -2.13 -95.38
CA SER A 124 36.94 -0.03 -92.90
CA PRO A 125 39.34 2.77 -91.80
CA THR A 126 39.32 3.72 -88.12
CA SER A 127 40.50 6.67 -86.02
CA PRO A 128 43.56 6.09 -83.76
CA LYS A 129 43.24 5.89 -79.97
CA VAL A 130 46.02 7.92 -78.34
CA PHE A 131 47.17 6.76 -74.88
CA PRO A 132 49.51 8.45 -72.38
CA LEU A 133 52.63 6.39 -71.65
CA SER A 134 53.54 7.96 -68.32
CA LEU A 135 55.82 5.93 -66.03
CA ASP A 136 55.68 4.87 -62.37
CA SER A 137 59.28 5.58 -61.36
CA THR A 138 60.61 2.69 -63.48
CA PRO A 139 63.48 4.69 -65.07
CA GLN A 140 66.38 6.38 -63.28
CA ASP A 141 67.28 9.65 -61.54
CA GLY A 142 68.59 12.07 -64.14
CA ASN A 143 66.16 12.00 -67.06
CA VAL A 144 62.41 11.44 -67.40
CA VAL A 145 61.03 9.40 -70.31
CA VAL A 146 57.43 10.08 -71.41
CA ALA A 147 55.49 8.97 -74.52
CA CYS A 148 52.17 8.86 -76.38
CA LEU A 149 50.96 5.54 -77.81
CA VAL A 150 48.72 6.14 -80.85
CA GLN A 151 47.04 2.74 -81.28
CA GLY A 152 44.67 1.40 -83.94
CA PHE A 153 44.57 3.32 -87.22
CA PHE A 154 44.11 2.22 -90.82
CA PRO A 155 45.82 2.99 -93.09
CA GLN A 156 49.27 4.07 -91.85
CA GLU A 157 49.23 7.68 -93.12
CA PRO A 158 51.83 10.46 -92.59
CA LEU A 159 51.42 11.07 -88.84
CA SER A 160 52.62 14.53 -87.79
CA VAL A 161 53.37 14.78 -84.06
CA THR A 162 54.66 17.87 -82.24
CA TRP A 163 55.21 18.07 -78.47
CA SER A 164 54.84 21.39 -76.64
CA GLU A 165 58.33 21.75 -75.16
CA SER A 166 61.56 22.08 -77.15
CA GLY A 167 65.20 22.92 -76.49
CA GLN A 168 68.73 21.51 -76.52
CA ASN A 169 68.77 18.61 -74.05
CA VAL A 170 65.36 17.30 -75.16
CA THR A 171 64.92 14.66 -77.87
CA ALA A 172 61.77 13.47 -79.66
CA ARG A 173 61.58 10.38 -81.89
CA ASN A 174 58.75 9.39 -84.26
CA PHE A 175 58.48 5.58 -84.30
CA PRO A 176 57.68 3.92 -87.68
CA PRO A 177 54.24 2.30 -88.30
CA SER A 178 53.92 -1.46 -87.69
CA GLN A 179 51.35 -4.05 -88.83
CA ASP A 180 49.59 -6.80 -86.86
CA ALA A 181 48.10 -9.92 -88.47
CA SER A 182 47.47 -9.26 -92.18
CA GLY A 183 46.61 -5.55 -92.32
CA ASP A 184 43.86 -5.30 -89.70
CA LEU A 185 45.34 -2.26 -87.94
CA TYR A 186 48.46 -0.08 -87.61
CA THR A 187 50.07 1.31 -84.43
CA THR A 188 52.65 4.01 -83.60
CA SER A 189 54.13 6.02 -80.74
CA SER A 190 55.78 9.34 -79.87
CA GLN A 191 58.47 9.63 -77.17
CA LEU A 192 60.16 12.62 -75.53
CA THR A 193 63.25 12.08 -73.38
CA LEU A 194 63.96 15.18 -71.28
CA PRO A 195 66.11 16.02 -68.22
CA ALA A 196 64.39 15.95 -64.81
CA THR A 197 65.16 19.65 -64.34
CA GLN A 198 62.67 20.43 -67.14
CA CYS A 199 59.31 18.86 -66.16
CA PRO A 200 58.30 20.84 -63.03
CA ASP A 201 56.49 19.08 -60.15
CA GLY A 202 52.78 19.62 -60.76
CA LYS A 203 52.51 20.16 -64.53
CA SER A 204 52.45 18.09 -67.74
CA VAL A 205 53.46 18.04 -71.42
CA THR A 206 50.95 17.81 -74.28
CA CYS A 207 51.50 15.66 -77.39
CA HIS A 208 49.69 16.73 -80.57
CA VAL A 209 49.01 13.95 -83.09
CA LYS A 210 47.64 14.73 -86.55
CA HIS A 211 46.48 12.12 -89.07
CA TYR A 212 45.33 13.50 -92.44
CA THR A 213 43.59 16.91 -92.30
CA ASN A 214 41.49 15.51 -89.44
CA PRO A 215 41.32 17.65 -86.24
CA SER A 216 44.51 17.45 -84.17
CA GLN A 217 43.98 15.24 -81.11
CA ASP A 218 45.65 16.78 -78.05
CA VAL A 219 46.52 14.74 -74.93
CA THR A 220 47.86 15.92 -71.56
CA VAL A 221 50.86 13.67 -70.76
CA PRO A 222 51.93 14.09 -67.08
CA CYS A 223 55.18 13.40 -65.21
CA PRO A 224 56.12 14.55 -61.40
CA VAL A 225 54.77 13.69 -57.90
CA PRO A 226 52.58 15.70 -55.18
CA PRO A 227 53.07 15.25 -51.41
CA PRO A 228 49.92 15.25 -48.98
CA PRO A 229 49.43 18.68 -46.78
CA PRO A 230 49.23 18.04 -43.03
CA CYS A 231 48.27 20.75 -40.37
CA CYS A 232 47.26 19.98 -36.75
CA HIS A 233 45.08 21.59 -34.10
CA PRO A 234 45.47 21.46 -30.16
CA ARG A 235 43.28 18.93 -28.28
CA LEU A 236 43.31 15.56 -26.44
CA SER A 237 40.62 12.86 -26.22
CA LEU A 238 40.31 9.32 -24.85
CA HIS A 239 38.52 6.37 -26.47
CA ARG A 240 36.85 3.79 -24.23
CA PRO A 241 36.97 0.16 -25.48
CA ALA A 242 33.89 -1.54 -26.93
CA LEU A 243 31.47 -3.39 -24.66
CA GLU A 244 30.76 -6.36 -26.94
CA ASP A 245 34.48 -7.11 -27.38
CA LEU A 246 35.66 -7.09 -23.73
CA LEU A 247 32.76 -9.25 -22.52
CA LEU A 248 33.15 -12.13 -24.98
CA GLY A 249 36.89 -12.81 -24.78
CA SER A 250 38.70 -10.30 -22.53
CA GLU A 251 40.12 -8.43 -25.54
CA ALA A 252 40.03 -4.75 -24.54
CA ASN A 253 42.13 -1.65 -25.28
CA LEU A 254 41.96 2.04 -24.37
CA THR A 255 43.28 4.54 -26.93
CA CYS A 256 44.85 7.92 -26.05
CA THR A 257 45.00 9.96 -29.26
CA LEU A 258 46.15 13.60 -29.48
CA THR A 259 44.37 15.03 -32.53
CA GLY A 260 45.47 18.67 -32.91
CA LEU A 261 48.66 20.61 -32.04
CA ARG A 262 51.11 22.35 -34.49
CA ASP A 263 54.04 20.48 -36.25
CA ALA A 264 57.51 18.96 -35.80
CA SER A 265 58.12 17.41 -32.38
CA GLY A 266 57.97 14.01 -30.66
CA ALA A 267 55.69 13.34 -27.68
CA THR A 268 56.04 10.77 -24.89
CA PHE A 269 53.61 8.85 -22.63
CA THR A 270 53.18 7.76 -19.00
CA TRP A 271 50.50 5.04 -18.78
CA THR A 272 49.44 3.52 -15.47
CA PRO A 273 49.37 -0.29 -14.96
CA SER A 274 46.17 -2.27 -14.35
CA SER A 275 45.13 -4.42 -11.39
CA GLY A 276 47.28 -7.23 -12.76
CA LYS A 277 50.35 -4.97 -12.85
CA SER A 278 50.87 -4.83 -16.63
CA ALA A 279 51.77 -1.89 -18.87
CA VAL A 280 52.24 -2.28 -22.64
CA GLN A 281 52.31 0.52 -25.24
CA GLY A 282 53.59 1.41 -28.71
CA PRO A 283 52.65 4.90 -30.05
CA PRO A 284 53.46 5.39 -33.77
CA GLU A 285 53.45 8.56 -35.90
CA ARG A 286 50.87 8.91 -38.71
CA ASP A 287 50.34 11.91 -41.01
CA LEU A 288 46.89 13.54 -40.81
CA CYS A 289 46.10 16.71 -42.79
CA GLY A 290 49.83 17.15 -43.27
CA CYS A 291 50.47 17.09 -39.53
CA TYR A 292 52.19 14.24 -37.46
CA SER A 293 50.09 12.12 -35.03
CA VAL A 294 50.97 10.26 -31.80
CA SER A 295 48.39 7.65 -30.67
CA SER A 296 49.04 4.95 -28.05
CA VAL A 297 46.92 1.92 -27.07
CA LEU A 298 47.03 0.22 -23.64
CA PRO A 299 45.66 -3.37 -23.83
CA GLY A 300 43.76 -4.11 -20.62
CA CYS A 301 41.93 -7.07 -19.11
CA ALA A 302 38.24 -7.52 -18.25
CA GLN A 303 38.52 -7.72 -14.45
CA PRO A 304 39.94 -4.19 -13.90
CA TRP A 305 37.16 -2.68 -16.02
CA ASN A 306 34.50 -4.71 -14.21
CA HIS A 307 35.89 -3.79 -10.79
CA GLY A 308 36.65 -0.20 -11.76
CA GLU A 309 40.30 0.87 -12.05
CA THR A 310 41.53 4.38 -12.88
CA PHE A 311 43.06 4.44 -16.38
CA THR A 312 45.02 7.69 -16.79
CA CYS A 313 47.15 8.98 -19.71
CA THR A 314 49.65 11.84 -19.46
CA ALA A 315 51.25 13.31 -22.60
CA ALA A 316 54.06 15.82 -21.91
CA HIS A 317 55.77 18.13 -24.39
CA PRO A 318 58.06 21.17 -24.36
CA GLU A 319 55.37 23.62 -25.52
CA LEU A 320 52.65 21.55 -23.89
CA LYS A 321 54.41 22.64 -20.73
CA THR A 322 51.50 21.54 -18.58
CA PRO A 323 51.27 17.75 -19.14
CA LEU A 324 47.60 17.08 -19.85
CA THR A 325 46.17 14.46 -17.49
CA ALA A 326 43.10 12.44 -18.52
CA ASN A 327 41.34 9.77 -16.44
CA ILE A 328 38.41 7.49 -17.33
CA THR A 329 36.48 4.94 -15.25
CA LYS A 330 32.98 3.42 -15.12
CA SER A 331 29.98 5.40 -13.90
CA GLY A 332 27.39 5.50 -11.13
CA ASN A 333 26.89 3.27 -8.10
CA THR A 334 25.53 -0.31 -7.94
CA PHE A 335 21.82 -1.20 -8.11
CA ARG A 336 20.44 -4.77 -7.89
CA PRO A 337 18.52 -5.89 -11.02
CA GLU A 338 14.94 -7.14 -10.68
CA VAL A 339 14.15 -9.78 -13.31
CA HIS A 340 10.50 -10.30 -14.33
CA LEU A 341 9.78 -13.10 -16.83
CA LEU A 342 6.64 -12.38 -18.89
CA PRO A 343 4.41 -15.04 -20.52
CA PRO A 344 3.11 -14.74 -24.13
CA PRO A 345 -0.22 -12.90 -24.54
CA SER A 346 -3.59 -14.42 -25.47
CA GLU A 347 -3.71 -13.06 -29.03
CA GLU A 348 -0.16 -14.27 -29.71
CA LEU A 349 -1.19 -17.92 -29.35
CA ALA A 350 -2.89 -17.55 -32.74
CA LEU A 351 0.44 -17.69 -34.61
CA ASN A 352 2.52 -20.80 -35.37
CA GLU A 353 6.28 -20.62 -36.02
CA LEU A 354 7.26 -18.11 -33.29
CA VAL A 355 6.36 -17.29 -29.66
CA THR A 356 7.87 -14.35 -27.73
CA LEU A 357 9.18 -14.92 -24.19
CA THR A 358 9.95 -11.56 -22.56
CA CYS A 359 11.97 -11.40 -19.33
CA LEU A 360 12.42 -7.77 -18.23
CA ALA A 361 15.20 -6.79 -15.84
CA ARG A 362 15.01 -3.20 -14.58
CA GLY A 363 16.40 -1.32 -11.60
CA PHE A 364 20.10 -1.74 -12.33
CA SER A 365 23.27 0.34 -12.65
CA PRO A 366 25.63 0.51 -14.41
CA LYS A 367 24.26 -0.50 -17.83
CA ASP A 368 26.75 -3.38 -18.10
CA VAL A 369 24.61 -6.53 -17.99
CA LEU A 370 24.89 -9.86 -19.84
CA VAL A 371 21.59 -11.61 -20.56
CA ARG A 372 21.25 -15.18 -21.93
CA TRP A 373 18.63 -17.93 -22.33
CA LEU A 374 18.55 -21.71 -21.80
CA GLN A 375 16.48 -24.79 -22.67
CA GLY A 376 14.92 -26.98 -19.99
CA SER A 377 14.52 -30.31 -21.83
CA GLN A 378 17.69 -30.45 -23.95
CA GLU A 379 19.59 -28.65 -21.14
CA LEU A 380 21.39 -26.59 -23.80
CA PRO A 381 21.47 -22.79 -24.31
CA ARG A 382 19.11 -21.13 -26.80
CA GLU A 383 20.07 -19.46 -30.10
CA LYS A 384 17.21 -17.17 -31.20
CA TYR A 385 17.00 -14.10 -28.91
CA LEU A 386 17.76 -10.35 -28.94
CA THR A 387 18.78 -7.57 -26.51
CA TRP A 388 17.64 -3.93 -26.28
CA ALA A 389 19.23 -0.80 -24.75
CA SER A 390 18.27 2.75 -23.69
CA ARG A 391 19.20 5.03 -20.76
CA GLN A 392 16.68 6.71 -18.44
CA GLU A 393 17.85 10.31 -17.90
CA PRO A 394 14.93 12.59 -16.91
CA SER A 395 15.06 16.11 -15.46
CA GLN A 396 14.70 14.90 -11.86
CA GLY A 397 17.16 13.03 -9.65
CA THR A 398 16.34 9.43 -10.57
CA THR A 399 18.28 7.20 -12.99
CA THR A 400 18.32 3.37 -13.38
CA PHE A 401 18.89 1.29 -16.53
CA ALA A 402 16.46 -1.45 -17.61
CA VAL A 403 16.46 -4.16 -20.30
CA THR A 404 14.18 -6.47 -22.31
CA SER A 405 14.86 -9.96 -23.70
CA ILE A 406 12.89 -11.77 -26.41
CA LEU A 407 13.17 -15.54 -26.93
CA ARG A 408 11.29 -16.77 -30.02
CA VAL A 409 10.49 -20.48 -29.71
CA ALA A 410 7.83 -22.70 -31.33
CA ALA A 411 4.10 -22.73 -30.59
CA GLU A 412 3.83 -26.49 -30.11
CA ASP A 413 6.81 -26.61 -27.73
CA TRP A 414 5.45 -23.93 -25.37
CA LYS A 415 2.39 -26.12 -24.76
CA LYS A 416 4.30 -29.35 -24.06
CA GLY A 417 5.40 -28.17 -20.64
CA ASP A 418 9.02 -27.10 -21.10
CA THR A 419 10.70 -24.61 -18.73
CA PHE A 420 12.71 -21.67 -20.13
CA SER A 421 15.47 -19.83 -18.18
CA CYS A 422 16.49 -16.15 -18.47
CA MET A 423 19.89 -15.77 -16.77
CA VAL A 424 21.01 -12.22 -15.99
CA GLY A 425 24.50 -11.23 -14.85
CA HIS A 426 25.37 -7.98 -13.07
CA GLU A 427 27.80 -6.78 -10.38
CA ALA A 428 25.20 -5.90 -7.74
CA LEU A 429 23.84 -9.46 -7.88
CA PRO A 430 24.45 -11.91 -4.97
CA LEU A 431 26.80 -14.21 -6.92
CA ALA A 432 27.10 -11.98 -10.01
CA PHE A 433 24.46 -14.28 -11.51
CA THR A 434 20.68 -14.62 -11.14
CA GLN A 435 18.17 -16.83 -12.98
CA LYS A 436 14.36 -16.77 -13.19
CA THR A 437 12.11 -19.19 -15.11
CA ILE A 438 8.84 -19.36 -17.07
CA ASP A 439 6.50 -22.34 -17.36
CA ARG A 440 3.04 -22.88 -18.91
CA LEU A 441 2.12 -24.86 -15.79
CA ALA A 442 0.98 -22.14 -13.41
CA GLY A 443 0.05 -23.12 -9.88
CA LYS A 444 -1.30 -20.34 -7.67
CA PRO A 445 0.70 -20.63 -4.41
CA THR A 446 2.72 -17.45 -4.97
CA HIS A 447 5.69 -17.64 -7.35
CA VAL A 448 8.00 -20.53 -6.46
CA ASN A 449 11.41 -21.30 -7.99
CA VAL A 450 12.95 -24.69 -8.88
CA SER A 451 15.02 -26.89 -6.55
CA VAL A 452 18.81 -27.28 -6.32
CA VAL A 453 20.89 -29.10 -8.94
CA MET A 454 24.59 -29.59 -8.11
CA ALA A 455 26.32 -29.36 -4.72
CA GLU A 456 29.69 -29.66 -2.94
CA VAL A 457 31.38 -28.54 -6.18
CA ASP A 458 31.92 -24.79 -6.49
CA GLY A 459 35.39 -24.92 -8.02
CA THR A 460 37.84 -24.14 -5.21
CA CYS A 461 37.37 -27.71 -3.94
CA TYR A 462 37.64 -29.94 -7.03
CA GLN B 1 82.58 50.90 -11.46
CA VAL B 2 78.79 51.18 -11.21
CA LYS B 3 77.84 54.86 -11.55
CA LEU B 4 79.98 57.05 -9.23
CA LEU B 5 77.42 57.89 -6.56
CA GLU B 6 74.43 55.51 -6.67
CA GLN B 7 71.56 56.65 -4.43
CA SER B 8 68.41 54.86 -3.21
CA GLY B 9 64.78 54.79 -4.33
CA ALA B 10 61.64 56.90 -3.94
CA GLU B 11 60.11 56.21 -0.53
CA VAL B 12 56.40 56.99 -0.15
CA LYS B 13 55.92 58.26 3.40
CA LYS B 14 52.66 59.26 5.09
CA PRO B 15 52.67 62.78 6.68
CA GLY B 16 54.31 62.54 10.10
CA ALA B 17 56.75 59.73 9.31
CA SER B 18 60.51 59.33 8.86
CA VAL B 19 62.68 59.00 5.73
CA LYS B 20 66.30 57.84 5.32
CA VAL B 21 67.96 58.23 1.91
CA SER B 22 71.42 56.74 1.34
CA CYS B 23 74.29 57.64 -1.01
CA LYS B 24 76.71 54.87 -2.04
CA ALA B 25 80.11 55.91 -3.40
CA SER B 26 82.76 54.19 -5.52
CA GLY B 27 85.79 54.65 -7.75
CA TYR B 28 87.34 57.27 -5.46
CA SER B 29 88.54 57.52 -1.85
CA PHE B 30 85.63 58.07 0.57
CA THR B 31 87.56 59.55 3.51
CA SER B 32 89.05 62.31 1.32
CA TYR B 33 85.92 64.08 0.01
CA GLY B 34 82.72 65.46 1.52
CA LEU B 35 79.06 65.14 0.48
CA HIS B 36 76.36 67.84 0.23
CA TRP B 37 72.60 67.27 0.03
CA VAL B 38 70.42 69.33 -2.34
CA ARG B 39 66.75 68.83 -3.25
CA GLN B 40 64.20 70.29 -5.71
CA ALA B 41 60.42 70.77 -5.41
CA PRO B 42 58.30 70.10 -8.55
CA GLY B 43 58.47 73.37 -10.46
CA GLN B 44 60.85 75.18 -8.09
CA ARG B 45 64.58 75.87 -7.69
CA LEU B 46 67.20 73.69 -5.97
CA GLU B 47 67.55 74.16 -2.20
CA TRP B 48 70.66 73.23 -0.20
CA MET B 49 69.95 71.07 2.86
CA GLY B 50 73.35 70.38 4.38
CA TRP B 51 76.80 68.77 4.33
CA ILE B 52 78.81 66.10 6.16
CA SER B 53 82.54 65.32 6.12
CA ALA B 54 83.42 61.67 5.51
CA GLY B 55 86.70 62.00 7.39
CA THR B 56 85.70 63.31 10.82
CA GLY B 57 81.90 63.40 10.75
CA ASN B 58 81.13 67.10 11.29
CA THR B 59 77.58 68.25 10.49
CA LYS B 60 76.78 71.60 8.84
CA TYR B 61 73.13 72.05 7.82
CA SER B 62 70.97 75.12 7.16
CA GLN B 63 68.70 76.94 9.61
CA LYS B 64 65.67 75.95 7.52
CA PHE B 65 65.37 72.32 8.64
CA ARG B 66 66.65 73.06 12.16
CA GLY B 67 65.70 70.32 14.61
CA ARG B 68 64.54 67.64 12.17
CA VAL B 69 67.55 66.79 10.00
CA THR B 70 70.48 64.45 10.64
CA PHE B 71 73.47 63.11 8.69
CA THR B 72 75.25 59.80 9.32
CA ARG B 73 78.11 57.98 7.56
CA ASP B 74 79.46 54.41 7.62
CA THR B 75 83.24 54.29 7.12
CA SER B 76 83.63 50.60 6.23
CA ALA B 77 80.49 50.55 4.03
CA THR B 78 81.14 53.63 1.86
CA THR B 79 77.60 55.05 2.07
CA ALA B 80 76.23 58.39 3.30
CA TYR B 81 72.84 58.93 4.97
CA MET B 82 70.21 61.61 5.57
CA GLY B 83 67.32 61.78 8.04
CA LEU B 84 64.18 63.94 8.22
CA SER B 85 61.39 63.56 10.80
CA SER B 86 57.90 65.13 10.81
CA LEU B 87 57.37 65.04 7.03
CA ARG B 88 54.84 67.41 5.46
CA PRO B 89 52.85 67.57 2.15
CA GLU B 90 55.28 70.21 0.90
CA ASP B 91 58.41 68.06 1.14
CA THR B 92 57.64 66.34 -2.17
CA ALA B 93 60.99 66.86 -3.89
CA VAL B 94 63.88 65.13 -5.66
CA TYR B 95 66.89 64.83 -3.34
CA TYR B 96 70.50 64.58 -4.53
CA CYS B 97 73.85 63.90 -2.86
CA ALA B 98 76.67 65.90 -4.47
CA ARG B 99 80.38 65.50 -3.69
CA ASP B 100 82.90 67.96 -2.21
CA PRO B 101 86.00 68.44 -4.45
CA TYR B 102 87.84 70.11 -1.56
CA GLY B 103 86.48 68.78 1.74
CA GLY B 104 85.85 72.23 3.17
CA GLY B 105 82.06 72.39 3.28
CA LYS B 106 81.71 75.39 0.98
CA SER B 107 82.27 74.97 -2.77
CA GLU B 108 80.83 73.65 -6.06
CA PHE B 109 79.41 70.22 -6.99
CA ASP B 110 81.17 68.11 -9.64
CA TYR B 111 79.37 64.78 -9.17
CA TRP B 112 75.58 64.41 -8.80
CA GLY B 113 73.50 61.30 -8.21
CA GLN B 114 70.31 60.04 -9.86
CA GLY B 115 67.95 61.58 -7.31
CA THR B 116 65.27 60.25 -4.96
CA LEU B 117 61.68 61.51 -5.20
CA VAL B 118 60.11 61.28 -1.73
CA THR B 119 56.38 61.99 -2.01
CA VAL B 120 54.55 62.65 1.26
CA SER B 121 50.81 61.99 0.88
CA SER B 122 48.21 60.20 3.03
CA ALA B 123 46.32 58.86 0.00
CA SER B 124 46.37 55.07 -0.44
CA PRO B 125 49.15 54.39 -3.00
CA THR B 126 48.48 51.73 -5.63
CA SER B 127 50.55 49.65 -8.06
CA PRO B 128 50.25 50.53 -11.80
CA LYS B 129 48.45 48.25 -14.25
CA VAL B 130 50.50 47.91 -17.44
CA PHE B 131 48.56 47.22 -20.66
CA PRO B 132 49.82 46.32 -24.17
CA LEU B 133 48.92 48.83 -26.89
CA SER B 134 49.07 46.65 -29.99
CA LEU B 135 47.25 47.67 -33.19
CA ASP B 136 45.25 46.09 -36.03
CA SER B 137 45.39 47.96 -39.39
CA THR B 138 45.47 51.44 -37.79
CA PRO B 139 49.09 52.27 -38.75
CA GLN B 140 50.38 53.06 -42.24
CA ASP B 141 52.15 50.64 -44.57
CA GLY B 142 55.84 51.10 -43.84
CA ASN B 143 56.28 51.34 -40.07
CA VAL B 144 54.94 49.67 -36.93
CA VAL B 145 53.99 51.58 -33.76
CA VAL B 146 53.68 49.68 -30.48
CA ALA B 147 53.24 50.93 -26.89
CA CYS B 148 52.72 50.05 -23.20
CA LEU B 149 50.05 51.90 -21.21
CA VAL B 150 50.98 51.97 -17.51
CA GLN B 151 47.68 53.02 -15.89
CA GLY B 152 46.77 53.82 -12.28
CA PHE B 153 49.66 54.64 -9.95
CA PHE B 154 50.01 57.04 -7.03
CA PRO B 155 52.19 58.98 -6.66
CA GLN B 156 53.84 59.80 -10.00
CA GLU B 157 57.38 58.57 -9.22
CA PRO B 158 60.43 58.38 -11.53
CA LEU B 159 59.30 55.62 -13.91
CA SER B 160 62.23 53.89 -15.63
CA VAL B 161 61.22 52.04 -18.81
CA THR B 162 63.57 50.12 -21.12
CA TRP B 163 62.42 48.17 -24.19
CA SER B 164 64.34 45.09 -25.36
CA GLU B 165 65.29 46.18 -28.89
CA SER B 166 67.54 49.14 -29.74
CA GLY B 167 69.31 50.54 -32.80
CA GLN B 168 69.41 53.47 -35.21
CA ASN B 169 66.00 53.65 -36.89
CA VAL B 170 64.10 52.88 -33.67
CA THR B 171 62.79 55.60 -31.34
CA ALA B 172 61.37 55.35 -27.80
CA ARG B 173 59.58 58.18 -25.97
CA ASN B 174 58.68 58.35 -22.26
CA PHE B 175 55.39 60.26 -21.91
CA PRO B 176 55.05 62.62 -18.88
CA PRO B 177 52.70 61.73 -15.96
CA SER B 178 49.18 63.21 -16.03
CA GLN B 179 46.53 63.68 -13.31
CA ASP B 180 42.78 62.92 -13.38
CA ALA B 181 40.26 64.63 -11.06
CA SER B 182 42.08 66.03 -8.02
CA GLY B 183 44.95 63.60 -7.45
CA ASP B 184 43.12 60.27 -7.38
CA LEU B 185 45.52 58.53 -9.78
CA TYR B 186 48.35 59.08 -12.29
CA THR B 187 48.82 57.47 -15.73
CA THR B 188 51.69 57.12 -18.23
CA SER B 189 52.78 55.28 -21.38
CA SER B 190 55.83 54.01 -23.29
CA GLN B 191 55.96 53.94 -27.10
CA LEU B 192 58.42 52.41 -29.58
CA THR B 193 58.17 53.38 -33.25
CA LEU B 194 60.22 50.91 -35.29
CA PRO B 195 60.54 49.93 -38.98
CA ALA B 196 58.57 46.90 -40.17
CA THR B 197 61.78 45.18 -41.30
CA GLN B 198 62.75 44.89 -37.60
CA CYS B 199 60.08 43.03 -35.57
CA PRO B 200 59.91 39.49 -37.06
CA ASP B 201 56.56 37.85 -37.93
CA GLY B 202 55.55 35.66 -34.99
CA LYS B 203 57.46 37.23 -32.09
CA SER B 204 57.09 40.27 -29.81
CA VAL B 205 58.98 43.00 -27.93
CA THR B 206 59.02 43.26 -24.12
CA CYS B 207 58.62 46.58 -22.25
CA HIS B 208 60.16 46.72 -18.76
CA VAL B 209 58.56 49.26 -16.40
CA LYS B 210 60.12 50.01 -13.01
CA HIS B 211 58.51 52.17 -10.32
CA TYR B 212 60.60 52.67 -7.16
CA THR B 213 62.80 49.70 -6.16
CA ASN B 214 59.73 47.50 -6.66
CA PRO B 215 60.19 44.40 -8.89
CA SER B 216 60.34 45.25 -12.59
CA GLN B 217 57.05 44.35 -14.29
CA ASP B 218 57.77 42.76 -17.68
CA VAL B 219 55.08 42.59 -20.40
CA THR B 220 55.24 40.77 -23.75
CA VAL B 221 54.12 43.43 -26.25
CA PRO B 222 53.34 41.72 -29.60
CA CYS B 223 53.61 43.05 -33.14
CA PRO B 224 53.17 40.86 -36.56
CA VAL B 225 50.41 38.62 -38.03
CA PRO B 226 50.01 34.64 -38.54
CA PRO B 227 48.14 33.14 -41.52
CA PRO B 228 45.89 29.90 -41.02
CA PRO B 229 47.50 26.41 -42.45
CA PRO B 230 45.23 24.61 -44.93
CA CYS B 231 45.89 21.00 -46.30
CA CYS B 232 43.27 18.85 -48.09
CA HIS B 233 42.58 15.15 -48.55
CA PRO B 234 40.83 13.31 -51.53
CA ARG B 235 37.23 12.42 -50.45
CA LEU B 236 33.48 13.33 -50.27
CA SER B 237 30.82 12.15 -47.78
CA LEU B 238 27.08 12.70 -47.21
CA HIS B 239 25.40 13.26 -43.85
CA ARG B 240 21.84 11.98 -43.41
CA PRO B 241 19.55 14.18 -41.24
CA ALA B 242 18.64 13.13 -37.70
CA LEU B 243 15.57 10.97 -37.06
CA GLU B 244 14.33 12.68 -33.89
CA ASP B 245 14.38 16.11 -35.57
CA LEU B 246 12.49 15.38 -38.82
CA LEU B 247 9.70 13.46 -37.04
CA LEU B 248 8.75 16.11 -34.48
CA GLY B 249 8.51 19.22 -36.63
CA SER B 250 9.52 18.55 -40.26
CA GLU B 251 12.90 20.25 -39.75
CA ALA B 252 15.37 18.20 -41.83
CA ASN B 253 18.55 18.90 -43.79
CA LEU B 254 21.08 16.82 -45.74
CA THR B 255 24.73 17.92 -45.73
CA CYS B 256 27.20 17.40 -48.61
CA THR B 257 30.69 18.20 -47.33
CA LEU B 258 33.81 17.94 -49.52
CA THR B 259 36.77 17.17 -47.23
CA GLY B 260 39.77 15.79 -49.13
CA LEU B 261 41.68 17.06 -52.21
CA ARG B 262 44.65 19.56 -52.11
CA ASP B 263 44.82 23.44 -52.41
CA ALA B 264 42.90 26.65 -53.35
CA SER B 265 39.97 26.42 -55.77
CA GLY B 266 36.18 26.95 -55.65
CA ALA B 267 33.38 24.38 -55.75
CA THR B 268 29.90 24.64 -57.27
CA PHE B 269 26.90 22.37 -56.56
CA THR B 270 23.99 20.82 -58.47
CA TRP B 271 21.38 19.71 -55.90
CA THR B 272 18.19 17.99 -57.02
CA PRO B 273 14.75 19.31 -55.89
CA SER B 274 12.41 17.36 -53.60
CA SER B 275 8.87 16.10 -54.19
CA GLY B 276 7.57 19.60 -53.44
CA LYS B 277 9.83 21.10 -56.12
CA SER B 278 12.11 23.16 -53.86
CA ALA B 279 15.88 23.68 -54.00
CA VAL B 280 17.71 25.94 -51.51
CA GLN B 281 21.45 26.03 -50.80
CA GLY B 282 24.30 28.21 -49.52
CA PRO B 283 27.81 26.56 -49.42
CA PRO B 284 30.55 28.53 -47.55
CA GLU B 285 34.35 28.23 -47.22
CA ARG B 286 36.09 27.52 -43.91
CA ASP B 287 39.30 26.75 -42.04
CA LEU B 288 39.71 23.64 -39.84
CA CYS B 289 43.11 21.92 -40.46
CA GLY B 290 44.62 24.28 -43.06
CA CYS B 291 43.06 24.02 -46.57
CA TYR B 292 39.83 25.79 -47.79
CA SER B 293 36.47 23.99 -47.26
CA VAL B 294 33.12 24.01 -49.12
CA SER B 295 29.99 22.42 -47.53
CA SER B 296 26.31 22.76 -48.57
CA VAL B 297 23.03 21.96 -46.80
CA LEU B 298 19.74 21.26 -48.61
CA PRO B 299 16.74 21.78 -46.27
CA GLY B 300 14.15 19.10 -47.04
CA CYS B 301 10.66 18.20 -45.83
CA ALA B 302 9.35 15.10 -44.01
CA GLN B 303 7.10 13.70 -46.76
CA PRO B 304 9.85 13.11 -49.36
CA TRP B 305 11.98 11.25 -46.80
CA ASN B 306 8.98 9.18 -45.66
CA HIS B 307 8.00 8.33 -49.24
CA GLY B 308 11.59 7.86 -50.38
CA GLU B 309 13.05 10.39 -52.82
CA THR B 310 16.54 10.23 -54.36
CA PHE B 311 18.73 12.98 -52.87
CA THR B 312 21.84 13.30 -55.07
CA CYS B 313 24.69 15.85 -54.82
CA THR B 314 26.93 16.44 -57.85
CA ALA B 315 29.96 18.75 -57.70
CA ALA B 316 31.84 19.96 -60.80
CA HIS B 317 35.53 20.92 -60.64
CA PRO B 318 38.48 21.53 -63.02
CA GLU B 319 40.85 19.10 -61.31
CA LEU B 320 38.14 16.86 -59.90
CA LYS B 321 37.38 16.32 -63.58
CA THR B 322 34.87 13.52 -62.98
CA PRO B 323 32.12 15.32 -61.02
CA LEU B 324 31.56 12.99 -58.05
CA THR B 325 27.94 11.86 -57.86
CA ALA B 326 26.48 10.75 -54.52
CA ASN B 327 22.94 9.50 -53.87
CA ILE B 328 21.21 8.58 -50.59
CA THR B 329 17.74 7.19 -49.86
CA LYS B 330 16.07 4.99 -47.23
CA SER B 331 16.55 1.21 -47.12
CA GLY B 332 14.80 -2.13 -47.38
CA ASN B 333 11.24 -3.05 -48.33
CA THR B 334 8.07 -2.56 -46.24
CA PHE B 335 7.01 -5.05 -43.55
CA ARG B 336 3.81 -4.77 -41.48
CA PRO B 337 4.43 -4.37 -37.69
CA GLU B 338 2.82 -6.80 -35.26
CA VAL B 339 2.00 -5.22 -31.89
CA HIS B 340 1.74 -7.45 -28.81
CA LEU B 341 0.73 -5.66 -25.58
CA LEU B 342 2.09 -7.56 -22.57
CA PRO B 343 0.54 -7.32 -19.06
CA PRO B 344 2.60 -6.82 -15.86
CA PRO B 345 3.95 -10.01 -14.19
CA SER B 346 2.85 -11.60 -10.90
CA GLU B 347 5.87 -10.63 -8.78
CA GLU B 348 5.80 -7.05 -10.10
CA LEU B 349 2.49 -6.42 -8.35
CA ALA B 350 4.42 -6.46 -5.06
CA LEU B 351 5.81 -2.95 -5.65
CA ASN B 352 3.90 0.35 -5.31
CA GLU B 353 4.89 3.50 -7.22
CA LEU B 354 5.51 2.03 -10.70
CA VAL B 355 4.06 -0.69 -12.97
CA THR B 356 5.57 -1.55 -16.38
CA LEU B 357 3.28 -1.95 -19.41
CA THR B 358 5.21 -3.57 -22.27
CA CYS B 359 3.81 -3.46 -25.82
CA LEU B 360 6.17 -5.09 -28.32
CA ALA B 361 6.00 -4.36 -32.06
CA ARG B 362 8.14 -6.74 -34.12
CA GLY B 363 8.13 -7.62 -37.82
CA PHE B 364 8.73 -4.19 -39.36
CA SER B 365 10.98 -2.48 -41.91
CA PRO B 366 12.39 0.09 -42.17
CA LYS B 367 13.31 1.00 -38.58
CA ASP B 368 11.36 4.27 -38.76
CA VAL B 369 8.47 3.85 -36.31
CA LEU B 370 6.76 6.32 -33.96
CA VAL B 371 5.36 4.72 -30.79
CA ARG B 372 3.18 6.55 -28.23
CA TRP B 373 0.85 5.84 -25.29
CA LEU B 374 -2.56 7.12 -24.16
CA GLN B 375 -4.82 7.21 -21.09
CA GLY B 376 -8.28 5.65 -21.10
CA SER B 377 -10.05 7.58 -18.33
CA GLN B 378 -8.63 11.10 -18.73
CA GLU B 379 -8.52 10.55 -22.53
CA LEU B 380 -5.15 12.33 -22.60
CA PRO B 381 -1.71 11.07 -23.76
CA ARG B 382 0.76 9.63 -21.22
CA GLU B 383 4.04 11.21 -20.11
CA LYS B 384 6.23 8.52 -18.50
CA TYR B 385 7.49 6.08 -21.16
CA LEU B 386 10.70 5.18 -23.04
CA THR B 387 11.60 3.66 -26.42
CA TRP B 388 14.14 0.87 -27.08
CA ALA B 389 15.96 -0.09 -30.31
CA SER B 390 18.43 -2.46 -32.04
CA ARG B 391 18.99 -4.09 -35.46
CA GLN B 392 18.85 -7.80 -36.31
CA GLU B 393 21.56 -8.55 -38.88
CA PRO B 394 22.56 -12.25 -38.63
CA SER B 395 24.62 -14.29 -41.09
CA GLN B 396 21.55 -15.68 -42.88
CA GLY B 397 19.06 -13.94 -45.15
CA THR B 398 16.51 -12.72 -42.60
CA THR B 399 16.30 -9.15 -41.27
CA THR B 400 13.40 -7.31 -39.56
CA PHE B 401 13.52 -4.54 -36.92
CA ALA B 402 11.48 -4.67 -33.69
CA VAL B 403 10.75 -2.38 -30.73
CA THR B 404 9.72 -2.39 -27.06
CA SER B 405 7.75 0.23 -25.10
CA ILE B 406 7.53 0.71 -21.31
CA LEU B 407 4.74 2.73 -19.68
CA ARG B 408 5.26 3.11 -15.93
CA VAL B 409 1.94 3.90 -14.23
CA ALA B 410 0.70 3.47 -10.65
CA ALA B 411 -0.12 0.21 -8.87
CA GLU B 412 -3.53 1.33 -7.59
CA ASP B 413 -4.59 2.66 -11.01
CA TRP B 414 -3.86 -0.60 -12.85
CA LYS B 415 -6.35 -2.37 -10.57
CA LYS B 416 -9.17 0.17 -10.95
CA GLY B 417 -9.99 -1.02 -14.46
CA ASP B 418 -8.45 1.58 -16.77
CA THR B 419 -7.52 0.76 -20.38
CA PHE B 420 -4.10 1.78 -21.80
CA SER B 421 -3.37 2.31 -25.51
CA CYS B 422 -0.08 1.67 -27.37
CA MET B 423 -0.35 3.42 -30.75
CA VAL B 424 2.28 2.47 -33.34
CA GLY B 425 2.89 4.30 -36.61
CA HIS B 426 4.64 2.84 -39.65
CA GLU B 427 4.40 3.04 -43.45
CA ALA B 428 3.37 -0.60 -44.04
CA LEU B 429 0.37 -0.14 -41.73
CA PRO B 430 -3.19 0.03 -43.17
CA LEU B 431 -3.78 3.71 -42.33
CA ALA B 432 -0.18 4.43 -41.27
CA PHE B 433 -1.51 4.01 -37.73
CA THR B 434 -2.43 1.01 -35.56
CA GLN B 435 -3.48 0.77 -31.90
CA LYS B 436 -3.74 -2.15 -29.46
CA THR B 437 -4.92 -1.99 -25.83
CA ILE B 438 -4.34 -3.60 -22.43
CA ASP B 439 -6.90 -4.08 -19.64
CA ARG B 440 -6.90 -5.86 -16.26
CA LEU B 441 -10.38 -7.18 -17.10
CA ALA B 442 -9.62 -10.30 -19.12
CA GLY B 443 -12.52 -12.24 -20.59
CA LYS B 444 -11.62 -15.48 -22.33
CA PRO B 445 -13.46 -15.30 -25.69
CA THR B 446 -10.27 -14.84 -27.74
CA HIS B 447 -8.97 -11.25 -27.71
CA VAL B 448 -11.41 -8.55 -28.79
CA ASN B 449 -10.71 -4.86 -29.51
CA VAL B 450 -12.86 -1.86 -28.52
CA SER B 451 -15.75 -0.40 -30.55
CA VAL B 452 -15.74 2.63 -32.88
CA VAL B 453 -15.54 6.22 -31.60
CA MET B 454 -15.99 8.93 -34.25
CA ALA B 455 -17.45 8.67 -37.77
CA GLU B 456 -18.37 10.67 -40.88
CA VAL B 457 -15.46 13.03 -40.13
CA ASP B 458 -12.14 11.98 -41.67
CA GLY B 459 -10.99 15.45 -42.69
CA THR B 460 -11.65 15.77 -46.42
CA CYS B 461 -15.34 16.33 -45.64
CA TYR B 462 -15.34 18.85 -42.78
CA GLN C 1 -10.19 -70.31 86.58
CA VAL C 2 -10.77 -70.76 82.85
CA LYS C 3 -13.09 -73.76 82.35
CA LEU C 4 -11.87 -76.78 84.38
CA LEU C 5 -10.47 -78.94 81.58
CA GLU C 6 -9.88 -76.90 78.39
CA GLN C 7 -9.04 -79.10 75.38
CA SER C 8 -7.65 -78.26 71.93
CA GLY C 9 -9.18 -77.69 68.50
CA ALA C 10 -10.45 -79.78 65.58
CA GLU C 11 -7.47 -80.99 63.52
CA VAL C 12 -8.19 -81.93 59.91
CA LYS C 13 -5.91 -84.87 59.09
CA LYS C 14 -5.54 -86.65 55.76
CA PRO C 15 -5.98 -90.48 55.93
CA GLY C 16 -2.70 -92.01 57.06
CA ALA C 17 -1.52 -89.15 59.26
CA SER C 18 -1.06 -88.51 62.99
CA VAL C 19 -3.17 -86.56 65.52
CA LYS C 20 -2.30 -85.26 69.01
CA VAL C 21 -5.11 -83.81 71.14
CA SER C 22 -4.24 -82.16 74.48
CA CYS C 23 -6.19 -81.65 77.72
CA LYS C 24 -5.24 -78.70 79.94
CA ALA C 25 -6.34 -78.83 83.59
CA SER C 26 -6.81 -76.20 86.31
CA GLY C 27 -8.41 -75.37 89.64
CA TYR C 28 -7.54 -78.76 91.14
CA SER C 29 -4.41 -80.83 91.86
CA PHE C 30 -3.14 -82.61 88.72
CA THR C 31 -1.08 -85.36 90.39
CA SER C 32 -4.08 -86.55 92.43
CA TYR C 33 -6.61 -87.44 89.72
CA GLY C 34 -6.58 -89.49 86.51
CA LEU C 35 -7.91 -88.74 83.01
CA HIS C 36 -9.95 -90.98 80.68
CA TRP C 37 -10.49 -90.47 76.93
CA VAL C 38 -13.90 -91.06 75.33
CA ARG C 39 -15.04 -90.22 71.78
CA GLN C 40 -18.29 -90.26 69.75
CA ALA C 41 -18.93 -90.91 66.04
CA PRO C 42 -21.60 -88.75 64.30
CA GLY C 43 -24.86 -90.55 65.09
CA GLN C 44 -23.36 -93.28 67.29
CA ARG C 45 -22.74 -94.01 70.99
CA LEU C 46 -19.73 -92.97 73.11
CA GLU C 47 -16.72 -95.31 72.99
CA TRP C 48 -14.03 -95.49 75.68
CA MET C 49 -10.47 -95.24 74.34
CA GLY C 50 -8.25 -95.37 77.42
CA TRP C 51 -6.88 -93.89 80.64
CA ILE C 52 -3.65 -92.50 82.09
CA SER C 53 -2.65 -91.74 85.70
CA ALA C 54 -1.17 -88.29 86.26
CA GLY C 55 0.81 -89.48 89.28
CA THR C 56 2.87 -92.40 87.96
CA GLY C 57 2.12 -92.52 84.23
CA ASN C 58 0.57 -95.97 83.80
CA THR C 59 -1.29 -96.62 80.54
CA LYS C 60 -4.52 -98.65 80.32
CA TYR C 61 -6.24 -98.59 76.92
CA SER C 62 -8.72 -100.90 75.19
CA GLN C 63 -7.94 -103.79 72.81
CA LYS C 64 -9.73 -101.92 70.01
CA PHE C 65 -6.99 -99.40 69.18
CA ARG C 66 -4.18 -101.83 70.04
CA GLY C 67 -0.89 -100.77 68.48
CA ARG C 68 -1.78 -97.24 67.39
CA VAL C 69 -2.68 -95.32 70.56
CA THR C 70 -0.45 -93.58 73.10
CA PHE C 71 -0.91 -91.39 76.18
CA THR C 72 1.61 -88.84 77.51
CA ARG C 73 1.53 -86.31 80.36
CA ASP C 74 3.62 -83.26 81.29
CA THR C 75 3.90 -82.82 85.08
CA SER C 76 5.08 -79.19 85.19
CA ALA C 77 2.73 -78.08 82.39
CA THR C 78 -0.57 -79.56 83.66
CA THR C 79 -1.72 -80.97 80.29
CA ALA C 80 -2.60 -84.49 79.13
CA TYR C 81 -2.04 -85.89 75.62
CA MET C 82 -3.34 -88.55 73.22
CA GLY C 83 -1.84 -90.04 70.07
CA LEU C 84 -3.31 -92.04 67.18
CA SER C 85 -1.42 -93.11 64.04
CA SER C 86 -2.79 -94.52 60.76
CA LEU C 87 -6.03 -92.50 60.76
CA ARG C 88 -8.99 -93.76 58.72
CA PRO C 89 -12.21 -92.23 57.22
CA GLU C 90 -14.20 -93.81 60.07
CA ASP C 91 -12.35 -92.02 62.89
CA THR C 92 -14.43 -88.85 62.39
CA ALA C 93 -15.57 -88.34 65.99
CA VAL C 94 -15.69 -85.88 68.88
CA TYR C 95 -13.06 -86.76 71.50
CA TYR C 96 -13.33 -85.85 75.20
CA CYS C 97 -11.00 -86.08 78.21
CA ALA C 98 -12.89 -86.88 81.41
CA ARG C 99 -11.39 -86.88 84.91
CA ASP C 100 -10.96 -89.69 87.46
CA PRO C 101 -12.58 -88.87 90.87
CA TYR C 102 -10.66 -91.76 92.47
CA GLY C 103 -7.44 -92.36 90.54
CA GLY C 104 -8.08 -96.06 90.09
CA GLY C 105 -8.71 -96.33 86.36
CA LYS C 106 -12.24 -97.72 86.64
CA SER C 107 -15.10 -95.40 87.64
CA GLU C 108 -17.46 -92.60 86.54
CA PHE C 109 -16.75 -89.22 84.91
CA ASP C 110 -17.61 -86.01 86.78
CA TYR C 111 -15.84 -83.44 84.58
CA TRP C 112 -15.99 -83.39 80.77
CA GLY C 113 -14.26 -81.07 78.31
CA GLN C 114 -15.55 -79.22 75.25
CA GLY C 115 -14.59 -81.90 72.74
CA THR C 116 -12.39 -82.05 69.65
CA LEU C 117 -13.84 -83.06 66.27
CA VAL C 118 -11.06 -84.69 64.24
CA THR C 119 -12.30 -85.24 60.67
CA VAL C 120 -10.19 -87.53 58.50
CA SER C 121 -10.81 -86.85 54.80
CA SER C 122 -8.53 -86.49 51.75
CA ALA C 123 -10.73 -83.80 50.15
CA SER C 124 -9.16 -80.35 49.87
CA PRO C 125 -10.52 -78.39 52.88
CA THR C 126 -11.51 -74.76 52.29
CA SER C 127 -12.15 -71.67 54.44
CA PRO C 128 -15.80 -70.49 54.75
CA LYS C 129 -17.02 -67.31 53.06
CA VAL C 130 -19.20 -65.33 55.48
CA PHE C 131 -21.90 -63.12 53.92
CA PRO C 132 -24.17 -60.50 55.54
CA LEU C 133 -27.86 -61.38 55.29
CA SER C 134 -29.27 -57.88 55.76
CA LEU C 135 -32.83 -57.27 54.53
CA ASP C 136 -34.48 -54.66 52.30
CA SER C 137 -37.63 -53.98 54.36
CA THR C 138 -39.07 -57.43 53.55
CA PRO C 139 -40.13 -58.24 57.16
CA GLN C 140 -42.61 -56.31 59.31
CA ASP C 141 -42.74 -53.35 61.69
CA GLY C 142 -41.95 -54.56 65.20
CA ASN C 143 -38.84 -56.73 64.94
CA VAL C 144 -35.76 -56.73 62.70
CA VAL C 145 -34.28 -60.01 61.46
CA VAL C 146 -30.59 -60.07 60.53
CA ALA C 147 -28.22 -62.98 59.79
CA CYS C 148 -24.76 -64.12 58.67
CA LEU C 149 -24.48 -66.81 55.97
CA VAL C 150 -21.23 -68.77 56.39
CA GLN C 151 -20.96 -70.56 53.03
CA GLY C 152 -18.47 -73.14 51.73
CA PHE C 153 -16.42 -74.99 54.35
CA PHE C 154 -15.12 -78.54 54.55
CA PRO C 155 -15.41 -80.35 56.85
CA GLN C 156 -18.37 -79.29 59.02
CA GLU C 157 -16.48 -78.57 62.26
CA PRO C 158 -17.82 -77.14 65.57
CA LEU C 159 -18.62 -73.57 64.49
CA SER C 160 -18.71 -71.14 67.42
CA VAL C 161 -20.62 -67.94 66.65
CA THR C 162 -21.21 -65.05 69.07
CA TRP C 163 -23.00 -61.81 68.16
CA SER C 164 -22.09 -58.54 69.89
CA GLU C 165 -25.46 -57.62 71.42
CA SER C 166 -27.32 -59.66 74.06
CA GLY C 167 -30.32 -59.23 76.35
CA GLN C 168 -33.82 -60.50 77.08
CA ASN C 169 -35.90 -59.83 73.95
CA VAL C 170 -33.11 -60.90 71.58
CA THR C 171 -32.75 -64.46 70.27
CA ALA C 172 -29.87 -66.11 68.37
CA ARG C 173 -30.06 -69.51 66.66
CA ASN C 174 -27.17 -71.60 65.30
CA PHE C 175 -28.39 -73.48 62.20
CA PRO C 176 -27.10 -77.07 61.71
CA PRO C 177 -24.58 -77.87 58.90
CA SER C 178 -25.99 -79.17 55.60
CA GLN C 179 -24.39 -81.04 52.68
CA ASP C 180 -24.70 -80.44 48.92
CA ALA C 181 -24.02 -83.15 46.30
CA SER C 182 -21.86 -85.89 47.82
CA GLY C 183 -19.66 -84.06 50.32
CA ASP C 184 -18.22 -81.27 48.16
CA LEU C 185 -18.96 -78.48 50.67
CA TYR C 186 -20.87 -77.60 53.84
CA THR C 187 -22.88 -74.44 54.60
CA THR C 188 -24.32 -72.77 57.74
CA SER C 189 -25.88 -69.55 59.03
CA SER C 190 -26.33 -67.41 62.15
CA GLN C 191 -29.48 -65.38 62.78
CA LEU C 192 -30.38 -62.74 65.40
CA THR C 193 -34.00 -61.64 65.78
CA LEU C 194 -34.18 -58.42 67.81
CA PRO C 195 -36.83 -55.71 68.46
CA ALA C 196 -36.67 -52.59 66.30
CA THR C 197 -36.07 -50.45 69.40
CA GLN C 198 -32.63 -52.08 69.74
CA CYS C 199 -30.76 -51.51 66.44
CA PRO C 200 -30.31 -47.70 66.34
CA ASP C 201 -30.53 -45.84 63.00
CA GLY C 202 -26.97 -45.52 61.73
CA LYS C 203 -25.13 -48.44 63.38
CA SER C 204 -24.67 -52.20 62.88
CA VAL C 205 -24.17 -55.53 64.69
CA THR C 206 -21.07 -57.71 64.26
CA CYS C 207 -21.20 -61.52 63.98
CA HIS C 208 -18.07 -63.43 65.03
CA VAL C 209 -17.64 -66.86 63.42
CA LYS C 210 -14.88 -69.22 64.58
CA HIS C 211 -13.96 -72.49 62.85
CA TYR C 212 -11.21 -74.52 64.55
CA THR C 213 -8.48 -72.44 66.26
CA ASN C 214 -8.31 -70.37 63.07
CA PRO C 215 -8.54 -66.55 63.49
CA SER C 216 -12.08 -65.36 64.23
CA GLN C 217 -13.63 -63.75 61.13
CA ASP C 218 -15.59 -60.62 62.09
CA VAL C 219 -18.27 -59.11 59.82
CA THR C 220 -20.21 -55.85 60.22
CA VAL C 221 -23.90 -56.73 59.71
CA PRO C 222 -26.02 -53.54 59.27
CA CYS C 223 -29.72 -52.78 59.73
CA PRO C 224 -31.50 -49.09 59.72
CA VAL C 225 -31.99 -46.32 57.11
CA PRO C 226 -30.38 -42.67 56.56
CA PRO C 227 -32.38 -39.74 55.11
CA PRO C 228 -30.62 -37.19 52.63
CA PRO C 229 -29.71 -33.52 54.25
CA PRO C 230 -31.20 -30.60 52.29
CA CYS C 231 -30.32 -26.84 52.95
CA CYS C 232 -31.12 -23.98 50.53
CA HIS C 233 -29.65 -20.57 49.72
CA PRO C 234 -31.49 -17.33 48.40
CA ARG C 235 -31.32 -16.65 44.62
CA LEU C 236 -33.34 -16.75 41.34
CA SER C 237 -32.18 -17.49 37.79
CA LEU C 238 -33.80 -18.03 34.38
CA HIS C 239 -32.81 -20.60 31.75
CA ARG C 240 -33.23 -19.71 28.07
CA PRO C 241 -34.27 -22.59 25.76
CA ALA C 242 -31.77 -24.21 23.39
CA LEU C 243 -31.28 -22.83 19.88
CA GLU C 244 -30.99 -26.13 18.02
CA ASP C 245 -34.25 -27.43 19.50
CA LEU C 246 -36.59 -24.49 18.81
CA LEU C 247 -35.43 -24.09 15.19
CA LEU C 248 -35.96 -27.69 14.05
CA GLY C 249 -39.44 -28.41 15.37
CA SER C 250 -40.84 -25.52 17.43
CA GLU C 251 -40.20 -27.38 20.71
CA ALA C 252 -39.09 -24.70 23.17
CA ASN C 253 -39.39 -24.12 26.93
CA LEU C 254 -38.17 -21.47 29.39
CA THR C 255 -37.35 -22.62 32.94
CA CYS C 256 -37.72 -20.43 36.05
CA THR C 257 -35.87 -22.19 38.89
CA LEU C 258 -35.35 -20.74 42.38
CA THR C 259 -32.17 -22.38 43.67
CA GLY C 260 -31.55 -21.06 47.21
CA LEU C 261 -33.82 -19.84 50.05
CA ARG C 262 -34.31 -21.45 53.54
CA ASP C 263 -36.84 -24.33 54.22
CA ALA C 264 -40.53 -25.22 54.67
CA SER C 265 -42.90 -23.16 52.54
CA GLY C 266 -44.74 -23.35 49.19
CA ALA C 267 -44.18 -20.79 46.44
CA THR C 268 -46.50 -19.72 43.61
CA PHE C 269 -46.02 -18.37 40.05
CA THR C 270 -47.44 -15.76 37.67
CA TRP C 271 -46.31 -16.51 34.10
CA THR C 272 -47.23 -14.26 31.18
CA PRO C 273 -48.82 -15.71 27.99
CA SER C 274 -47.11 -15.68 24.59
CA SER C 275 -48.17 -14.06 21.31
CA GLY C 276 -50.56 -16.95 20.72
CA LYS C 277 -52.24 -16.36 24.10
CA SER C 278 -51.22 -19.61 25.83
CA ALA C 279 -50.01 -20.21 29.40
CA VAL C 280 -49.15 -23.70 30.69
CA GLN C 281 -47.16 -24.54 33.83
CA GLY C 282 -46.61 -27.26 36.44
CA PRO C 283 -43.98 -26.53 39.15
CA PRO C 284 -43.08 -29.60 41.29
CA GLU C 285 -41.06 -29.86 44.52
CA ARG C 286 -37.70 -31.69 44.48
CA ASP C 287 -35.24 -32.09 47.37
CA LEU C 288 -31.77 -30.58 46.79
CA CYS C 289 -29.15 -30.58 49.57
CA GLY C 290 -31.95 -31.34 52.00
CA CYS C 291 -33.91 -28.27 50.94
CA TYR C 292 -37.23 -28.18 48.86
CA SER C 293 -37.18 -26.83 45.25
CA VAL C 294 -39.85 -25.12 43.10
CA SER C 295 -39.08 -25.05 39.33
CA SER C 296 -41.66 -24.25 36.61
CA VAL C 297 -41.40 -24.60 32.81
CA LEU C 298 -43.42 -22.53 30.31
CA PRO C 299 -43.57 -24.26 26.88
CA GLY C 300 -43.45 -21.59 24.18
CA CYS C 301 -43.61 -21.48 20.38
CA ALA C 302 -40.98 -20.41 17.83
CA GLN C 303 -42.71 -17.29 16.45
CA PRO C 304 -42.76 -15.30 19.72
CA TRP C 305 -39.04 -15.95 20.24
CA ASN C 306 -38.25 -15.00 16.64
CA HIS C 307 -40.34 -11.81 16.84
CA GLY C 308 -39.26 -10.99 20.39
CA GLU C 309 -41.81 -11.26 23.19
CA THR C 310 -41.18 -10.43 26.86
CA PHE C 311 -41.14 -13.62 28.95
CA THR C 312 -41.40 -12.65 32.63
CA CYS C 313 -41.62 -14.84 35.77
CA THR C 314 -42.72 -13.59 39.21
CA ALA C 315 -42.34 -15.79 42.31
CA ALA C 316 -44.00 -14.38 45.45
CA HIS C 317 -43.63 -15.62 49.02
CA PRO C 318 -44.40 -14.43 52.57
CA GLU C 319 -40.75 -13.80 53.49
CA LEU C 320 -39.86 -13.02 49.90
CA LYS C 321 -42.11 -10.04 50.52
CA THR C 322 -40.88 -8.31 47.39
CA PRO C 323 -41.94 -10.63 44.51
CA LEU C 324 -38.82 -11.01 42.36
CA THR C 325 -39.51 -10.07 38.74
CA ALA C 326 -37.31 -11.49 35.97
CA ASN C 327 -37.62 -10.78 32.23
CA ILE C 328 -35.69 -12.22 29.27
CA THR C 329 -35.83 -11.40 25.54
CA LYS C 330 -33.51 -11.51 22.52
CA SER C 331 -30.65 -9.03 22.09
CA GLY C 332 -29.47 -6.22 19.83
CA ASN C 333 -31.03 -4.66 16.75
CA THR C 334 -31.33 -6.08 13.20
CA PHE C 335 -28.48 -6.12 10.66
CA ARG C 336 -28.76 -7.47 7.11
CA PRO C 337 -26.39 -10.43 6.36
CA GLU C 338 -23.99 -10.21 3.43
CA VAL C 339 -23.36 -13.65 1.91
CA HIS C 340 -20.10 -14.23 0.00
CA LEU C 341 -19.63 -17.64 -1.65
CA LEU C 342 -15.93 -18.56 -1.96
CA PRO C 343 -14.47 -20.95 -4.59
CA PRO C 344 -11.91 -23.70 -3.72
CA PRO C 345 -8.23 -22.62 -3.87
CA SER C 346 -5.62 -23.65 -6.44
CA GLU C 347 -3.67 -26.00 -4.16
CA GLU C 348 -6.88 -27.73 -3.04
CA LEU C 349 -7.55 -29.07 -6.54
CA ALA C 350 -4.70 -31.54 -5.90
CA LEU C 351 -6.88 -33.70 -3.63
CA ASN C 352 -9.56 -36.21 -4.71
CA GLU C 353 -12.42 -37.24 -2.39
CA LEU C 354 -13.29 -33.82 -0.92
CA VAL C 355 -13.57 -30.17 -2.05
CA THR C 356 -14.44 -27.29 0.31
CA LEU C 357 -17.08 -24.74 -0.73
CA THR C 358 -17.04 -21.80 1.70
CA CYS C 359 -19.89 -19.25 1.69
CA LEU C 360 -19.29 -16.60 4.36
CA ALA C 361 -22.16 -14.48 5.69
CA ARG C 362 -21.08 -11.61 7.94
CA GLY C 363 -22.63 -8.33 9.04
CA PHE C 364 -25.66 -9.73 10.88
CA SER C 365 -27.41 -9.46 14.24
CA PRO C 366 -28.67 -11.23 16.21
CA LYS C 367 -26.63 -14.45 15.96
CA ASP C 368 -29.74 -16.48 15.10
CA VAL C 369 -29.19 -17.63 11.51
CA LEU C 370 -30.02 -20.90 9.72
CA VAL C 371 -27.64 -21.90 6.91
CA ARG C 372 -28.21 -24.77 4.45
CA TRP C 373 -26.91 -26.08 1.11
CA LEU C 374 -28.49 -27.48 -2.06
CA GLN C 375 -27.60 -29.45 -5.21
CA GLY C 376 -28.12 -28.01 -8.68
CA SER C 377 -28.40 -31.16 -10.81
CA GLN C 378 -30.33 -33.53 -8.53
CA GLU C 379 -32.29 -30.52 -7.18
CA LEU C 380 -32.04 -32.04 -3.68
CA PRO C 381 -30.44 -30.61 -0.50
CA ARG C 382 -26.88 -31.56 0.49
CA GLU C 383 -25.82 -33.70 3.45
CA LYS C 384 -22.12 -33.07 4.17
CA TYR C 385 -21.62 -29.56 5.63
CA LEU C 386 -20.80 -27.84 8.94
CA THR C 387 -21.49 -24.55 10.77
CA TRP C 388 -19.22 -22.37 12.92
CA ALA C 389 -19.92 -19.75 15.63
CA SER C 390 -18.14 -16.94 17.53
CA ARG C 391 -19.14 -13.45 18.72
CA GLN C 392 -17.24 -10.24 17.90
CA GLU C 393 -17.04 -8.19 21.11
CA PRO C 394 -14.07 -5.76 21.03
CA SER C 395 -13.36 -2.79 23.32
CA GLN C 396 -14.86 -0.26 20.89
CA GLY C 397 -18.48 0.32 19.90
CA THR C 398 -18.83 -2.13 17.02
CA THR C 399 -20.43 -5.59 17.13
CA THR C 400 -21.78 -7.83 14.32
CA PHE C 401 -21.89 -11.64 14.14
CA ALA C 402 -20.50 -13.55 11.13
CA VAL C 403 -20.53 -17.20 9.99
CA THR C 404 -18.76 -19.70 7.74
CA SER C 405 -20.15 -22.73 5.88
CA ILE C 406 -18.17 -25.64 4.42
CA LEU C 407 -19.67 -28.01 1.82
CA ARG C 408 -17.40 -30.96 1.02
CA VAL C 409 -18.27 -32.42 -2.40
CA ALA C 410 -16.27 -34.51 -4.91
CA ALA C 411 -13.40 -33.31 -7.11
CA GLU C 412 -14.80 -34.73 -10.36
CA ASP C 413 -18.25 -33.21 -9.77
CA TRP C 414 -16.96 -29.66 -9.24
CA LYS C 415 -15.44 -29.76 -12.74
CA LYS C 416 -18.56 -31.05 -14.52
CA GLY C 417 -20.31 -27.69 -14.26
CA ASP C 418 -22.79 -28.12 -11.41
CA THR C 419 -24.13 -25.11 -9.47
CA PHE C 420 -24.18 -25.14 -5.63
CA SER C 421 -26.52 -22.99 -3.49
CA CYS C 422 -25.86 -21.56 0.01
CA MET C 423 -29.21 -20.44 1.43
CA VAL C 424 -29.09 -18.20 4.50
CA GLY C 425 -32.08 -17.25 6.66
CA HIS C 426 -32.23 -14.26 8.99
CA GLU C 427 -34.82 -11.73 10.20
CA ALA C 428 -33.27 -8.64 8.60
CA LEU C 429 -33.44 -10.32 5.18
CA PRO C 430 -35.98 -9.14 2.54
CA LEU C 431 -38.12 -12.31 2.66
CA ALA C 432 -36.37 -13.88 5.66
CA PHE C 433 -34.46 -15.90 3.06
CA THR C 434 -31.55 -15.18 0.72
CA GLN C 435 -29.59 -17.47 -1.64
CA LYS C 436 -26.27 -17.04 -3.48
CA THR C 437 -24.59 -19.55 -5.82
CA ILE C 438 -21.16 -20.81 -6.91
CA ASP C 439 -20.21 -22.17 -10.35
CA ARG C 440 -16.93 -23.24 -11.97
CA LEU C 441 -18.08 -21.41 -15.12
CA ALA C 442 -16.95 -17.86 -14.44
CA GLY C 443 -17.86 -15.19 -16.96
CA LYS C 444 -16.47 -11.72 -16.28
CA PRO C 445 -19.50 -9.37 -16.66
CA THR C 446 -19.77 -8.58 -12.94
CA HIS C 447 -21.47 -11.16 -10.70
CA VAL C 448 -24.86 -12.19 -12.09
CA ASN C 449 -27.46 -14.39 -10.38
CA VAL C 450 -29.73 -17.06 -11.91
CA SER C 451 -33.19 -16.47 -13.39
CA VAL C 452 -36.64 -17.05 -11.83
CA VAL C 453 -38.11 -20.52 -11.24
CA MET C 454 -41.73 -20.60 -10.01
CA ALA C 455 -44.37 -17.84 -10.17
CA GLU C 456 -47.99 -16.99 -9.31
CA VAL C 457 -47.78 -19.47 -6.42
CA ASP C 458 -46.67 -17.95 -3.11
CA GLY C 459 -49.08 -19.86 -0.87
CA THR C 460 -51.90 -17.44 -0.02
CA CYS C 461 -53.36 -18.05 -3.49
CA TYR C 462 -53.28 -21.83 -3.97
CA GLN D 1 -58.47 7.61 83.67
CA VAL D 2 -55.26 8.54 81.84
CA LYS D 3 -52.92 10.21 84.35
CA LEU D 4 -54.75 12.96 86.31
CA LEU D 5 -53.25 16.05 84.69
CA GLU D 6 -51.60 15.23 81.35
CA GLN D 7 -49.58 18.14 79.95
CA SER D 8 -48.06 18.78 76.50
CA GLY D 9 -44.60 18.33 74.97
CA ALA D 10 -41.29 20.19 74.87
CA GLU D 11 -41.54 23.00 72.32
CA VAL D 12 -38.24 24.28 70.90
CA LYS D 13 -38.67 28.02 70.34
CA LYS D 14 -36.17 30.45 68.85
CA PRO D 15 -35.42 33.55 71.02
CA GLY D 16 -38.17 36.11 70.44
CA ALA D 17 -41.01 33.67 69.78
CA SER D 18 -44.18 32.51 71.58
CA VAL D 19 -44.97 29.35 73.56
CA LYS D 20 -48.32 27.86 74.66
CA VAL D 21 -48.29 24.90 77.05
CA SER D 22 -51.58 23.14 77.87
CA CYS D 23 -52.79 21.14 80.89
CA LYS D 24 -55.51 18.52 80.35
CA ALA D 25 -57.47 17.36 83.40
CA SER D 26 -59.58 14.29 84.18
CA GLY D 27 -61.13 12.15 86.90
CA TYR D 28 -62.28 15.17 88.90
CA SER D 29 -64.54 18.20 88.42
CA PHE D 30 -62.78 20.99 86.49
CA THR D 31 -64.94 23.94 87.57
CA SER D 32 -64.31 23.21 91.27
CA TYR D 33 -60.50 23.44 91.51
CA GLY D 34 -57.83 25.92 90.41
CA LEU D 35 -54.48 25.41 88.64
CA HIS D 36 -51.08 26.95 89.45
CA TRP D 37 -48.03 27.07 87.14
CA VAL D 38 -44.52 26.40 88.49
CA ARG D 39 -41.27 25.91 86.53
CA GLN D 40 -37.63 24.93 87.25
CA ALA D 41 -34.37 26.00 85.58
CA PRO D 42 -31.67 23.30 85.10
CA GLY D 43 -29.85 23.25 88.41
CA GLN D 44 -32.04 25.82 90.18
CA ARG D 45 -35.07 25.94 92.51
CA LEU D 46 -38.77 25.93 91.53
CA GLU D 47 -40.29 29.33 90.73
CA TRP D 48 -44.02 30.11 90.88
CA MET D 49 -45.39 31.77 87.73
CA GLY D 50 -49.10 32.21 88.39
CA TRP D 51 -52.61 30.86 88.92
CA ILE D 52 -56.02 30.78 87.22
CA SER D 53 -59.45 29.80 88.55
CA ALA D 54 -61.37 27.32 86.37
CA GLY D 55 -64.71 28.60 87.64
CA THR D 56 -64.64 32.34 86.91
CA GLY D 57 -61.37 32.91 85.06
CA ASN D 58 -59.50 35.31 87.35
CA THR D 59 -55.76 35.74 86.71
CA LYS D 60 -53.19 36.11 89.50
CA TYR D 61 -49.55 36.02 88.34
CA SER D 62 -46.29 37.29 89.86
CA GLN D 63 -44.60 40.65 89.23
CA LYS D 64 -41.64 38.83 87.65
CA PHE D 65 -43.20 38.04 84.26
CA ARG D 66 -45.31 41.22 84.24
CA GLY D 67 -46.46 42.09 80.74
CA ARG D 68 -45.62 38.85 78.92
CA VAL D 69 -47.67 36.11 80.59
CA THR D 70 -51.28 35.06 80.04
CA PHE D 71 -53.60 32.28 81.24
CA THR D 72 -56.61 30.91 79.35
CA ARG D 73 -59.07 28.06 80.03
CA ASP D 74 -61.60 26.15 77.93
CA THR D 75 -64.65 25.08 79.96
CA SER D 76 -66.07 22.43 77.60
CA ALA D 77 -62.62 21.01 76.74
CA THR D 78 -61.18 20.57 80.25
CA THR D 79 -57.72 21.99 79.46
CA ALA D 80 -55.74 24.91 80.93
CA TYR D 81 -53.30 27.12 79.00
CA MET D 82 -50.25 29.36 79.52
CA GLY D 83 -48.67 31.99 77.28
CA LEU D 84 -45.26 33.70 77.28
CA SER D 85 -44.01 36.14 74.63
CA SER D 86 -40.46 37.46 74.04
CA LEU D 87 -38.65 34.25 75.07
CA ARG D 88 -35.01 34.47 76.17
CA PRO D 89 -32.04 32.03 76.46
CA GLU D 90 -32.60 31.90 80.23
CA ASP D 91 -36.18 30.56 80.07
CA THR D 92 -34.95 26.99 79.53
CA ALA D 93 -36.93 25.27 82.28
CA VAL D 94 -39.37 22.47 83.05
CA TYR D 95 -42.89 23.84 83.52
CA TYR D 96 -45.60 22.15 85.60
CA CYS D 97 -49.31 22.74 86.22
CA ALA D 98 -50.33 21.92 89.79
CA ARG D 99 -53.90 21.83 91.10
CA ASP D 100 -55.64 23.93 93.78
CA PRO D 101 -57.23 21.78 96.56
CA TYR D 102 -59.22 24.80 97.77
CA GLY D 103 -59.81 27.16 94.85
CA GLY D 104 -58.48 30.19 96.68
CA GLY D 105 -55.27 30.94 94.83
CA LYS D 106 -52.96 30.51 97.80
CA SER D 107 -52.19 27.01 99.12
CA GLU D 108 -50.26 23.76 98.53
CA PHE D 109 -50.03 21.49 95.47
CA ASP D 110 -51.35 17.91 95.68
CA TYR D 111 -51.28 16.94 92.00
CA TRP D 112 -48.36 17.64 89.64
CA GLY D 113 -48.03 16.92 85.92
CA GLN D 114 -45.20 15.37 83.89
CA GLY D 115 -43.57 18.67 82.97
CA THR D 116 -42.69 20.44 79.72
CA LEU D 117 -39.08 21.40 78.93
CA VAL D 118 -39.14 24.48 76.71
CA THR D 119 -35.61 25.17 75.44
CA VAL D 120 -35.02 28.57 73.84
CA SER D 121 -31.98 28.48 71.54
CA SER D 122 -31.28 29.83 68.03
CA ALA D 123 -29.07 26.85 67.10
CA SER D 124 -30.41 24.60 64.33
CA PRO D 125 -32.06 21.66 66.16
CA THR D 126 -31.54 18.19 64.69
CA SER D 127 -33.17 14.76 65.01
CA PRO D 128 -31.20 12.04 66.89
CA LYS D 129 -29.63 9.08 65.06
CA VAL D 130 -30.30 5.88 67.00
CA PHE D 131 -27.74 3.09 66.63
CA PRO D 132 -27.84 -0.54 67.83
CA LEU D 133 -25.10 -1.49 70.31
CA SER D 134 -24.91 -5.26 69.80
CA LEU D 135 -21.79 -7.22 70.83
CA ASP D 136 -19.65 -10.12 69.58
CA SER D 137 -17.80 -12.08 72.33
CA THR D 138 -17.13 -9.01 74.50
CA PRO D 139 -19.50 -9.97 77.34
CA GLN D 140 -18.97 -12.75 79.88
CA ASP D 141 -20.53 -16.21 79.75
CA GLY D 142 -23.75 -15.93 81.73
CA ASN D 143 -25.44 -12.65 80.79
CA VAL D 144 -26.11 -10.58 77.66
CA VAL D 145 -25.76 -6.79 77.53
CA VAL D 146 -27.45 -4.86 74.71
CA ALA D 147 -27.95 -1.11 74.17
CA CYS D 148 -29.21 1.68 71.89
CA LEU D 149 -26.99 4.71 71.24
CA VAL D 150 -29.13 7.76 70.43
CA GLN D 151 -26.55 10.17 68.97
CA GLY D 152 -26.81 13.80 67.84
CA PHE D 153 -29.81 15.75 69.11
CA PHE D 154 -30.27 19.39 70.12
CA PRO D 155 -31.49 20.33 72.61
CA GLN D 156 -31.33 17.63 75.31
CA GLU D 157 -35.08 17.16 75.88
CA PRO D 158 -36.87 14.62 78.13
CA LEU D 159 -36.10 11.39 76.26
CA SER D 160 -38.59 8.62 77.03
CA VAL D 161 -37.26 5.14 76.22
CA THR D 162 -39.11 1.85 76.77
CA TRP D 163 -37.75 -1.57 75.76
CA SER D 164 -40.12 -4.38 74.77
CA GLU D 165 -39.20 -7.02 77.38
CA SER D 166 -39.64 -6.61 81.15
CA GLY D 167 -39.45 -8.81 84.24
CA GLN D 168 -37.51 -9.42 87.45
CA ASN D 169 -33.93 -10.26 86.44
CA VAL D 170 -33.83 -7.59 83.71
CA THR D 171 -32.54 -4.05 84.30
CA ALA D 172 -32.76 -0.94 82.11
CA ARG D 173 -30.85 2.30 82.73
CA ASN D 174 -31.41 5.70 81.07
CA PHE D 175 -28.02 7.44 80.74
CA PRO D 176 -27.96 11.25 81.32
CA PRO D 177 -27.40 13.66 78.36
CA SER D 178 -23.83 14.87 77.73
CA GLN D 179 -22.43 17.83 75.76
CA ASP D 180 -19.53 17.97 73.27
CA ALA D 181 -17.62 21.17 72.47
CA SER D 182 -19.75 24.21 73.40
CA GLY D 183 -23.31 23.06 72.79
CA ASP D 184 -23.08 21.74 69.22
CA LEU D 185 -24.88 18.46 69.95
CA TYR D 186 -26.12 16.15 72.74
CA THR D 187 -25.86 12.34 72.97
CA THR D 188 -27.49 9.59 75.07
CA SER D 189 -27.92 5.82 75.34
CA SER D 190 -30.27 3.09 76.59
CA GLN D 191 -29.01 -0.22 77.98
CA LEU D 192 -30.73 -3.47 78.95
CA THR D 193 -28.78 -6.08 80.90
CA LEU D 194 -30.71 -9.37 80.75
CA PRO D 195 -29.98 -13.06 81.49
CA ALA D 196 -29.04 -15.29 78.55
CA THR D 197 -31.99 -17.59 79.27
CA GLN D 198 -34.29 -14.72 78.20
CA CYS D 199 -33.52 -13.50 74.65
CA PRO D 200 -34.18 -16.49 72.35
CA ASP D 201 -31.65 -17.54 69.66
CA GLY D 202 -32.73 -15.97 66.38
CA LYS D 203 -34.84 -12.99 67.54
CA SER D 204 -34.21 -9.49 68.90
CA VAL D 205 -35.45 -6.80 71.32
CA THR D 206 -36.81 -3.42 70.16
CA CYS D 207 -35.88 -0.12 71.87
CA HIS D 208 -38.42 2.71 71.52
CA VAL D 209 -36.98 6.22 71.82
CA LYS D 210 -39.28 9.25 71.99
CA HIS D 211 -38.09 12.87 71.86
CA TYR D 212 -40.85 15.50 72.21
CA THR D 213 -44.21 14.54 70.66
CA ASN D 214 -42.28 13.51 67.55
CA PRO D 215 -43.03 9.99 66.17
CA SER D 216 -41.45 7.22 68.24
CA GLN D 217 -38.39 5.82 66.46
CA ASP D 218 -38.33 2.02 66.81
CA VAL D 219 -35.12 0.02 66.29
CA THR D 220 -34.71 -3.77 66.15
CA VAL D 221 -31.81 -4.42 68.55
CA PRO D 222 -30.56 -8.01 68.02
CA CYS D 223 -28.96 -10.41 70.47
CA PRO D 224 -28.14 -14.37 69.76
CA VAL D 225 -26.13 -16.30 67.13
CA PRO D 226 -27.13 -18.66 64.01
CA PRO D 227 -25.02 -21.67 62.95
CA PRO D 228 -24.55 -22.50 59.10
CA PRO D 229 -26.73 -25.70 57.73
CA PRO D 230 -24.58 -28.37 56.05
CA CYS D 231 -26.02 -31.43 54.06
CA CYS D 232 -23.96 -33.63 51.69
CA HIS D 233 -24.63 -35.75 48.62
CA PRO D 234 -22.75 -38.95 47.36
CA ARG D 235 -20.46 -37.91 44.43
CA LEU D 236 -17.01 -36.74 43.15
CA SER D 237 -16.14 -34.78 39.96
CA LEU D 238 -12.98 -33.47 38.27
CA HIS D 239 -12.61 -30.05 36.63
CA ARG D 240 -10.25 -29.77 33.64
CA PRO D 241 -8.28 -26.49 33.40
CA ALA D 242 -9.25 -23.83 30.84
CA LEU D 243 -7.72 -23.89 27.35
CA GLU D 244 -7.18 -20.15 26.90
CA ASP D 245 -5.29 -19.89 30.20
CA LEU D 246 -2.76 -22.74 29.83
CA LEU D 247 -1.81 -21.75 26.27
CA LEU D 248 -0.95 -18.10 26.92
CA GLY D 249 1.26 -18.37 30.01
CA SER D 250 1.50 -21.95 31.30
CA GLU D 251 -0.90 -21.19 34.17
CA ALA D 252 -2.99 -24.35 34.60
CA ASN D 253 -4.67 -26.17 37.48
CA LEU D 254 -6.88 -29.26 37.85
CA THR D 255 -9.54 -29.26 40.59
CA CYS D 256 -10.75 -32.36 42.48
CA THR D 257 -13.88 -31.39 44.45
CA LEU D 258 -15.80 -33.87 46.63
CA THR D 259 -19.44 -32.73 46.74
CA GLY D 260 -21.80 -35.51 47.89
CA LEU D 261 -21.77 -37.79 50.96
CA ARG D 262 -23.35 -36.93 54.40
CA ASP D 263 -21.89 -35.28 57.62
CA ALA D 264 -18.69 -34.21 59.47
CA SER D 265 -15.39 -35.94 58.65
CA GLY D 266 -12.04 -35.00 57.08
CA ALA D 267 -10.63 -35.94 53.67
CA THR D 268 -7.02 -36.59 52.63
CA PHE D 269 -5.62 -36.65 49.07
CA THR D 270 -3.05 -38.60 47.05
CA TRP D 271 -2.23 -36.56 43.93
CA THR D 272 0.21 -37.88 41.34
CA PRO D 273 3.20 -35.73 40.21
CA SER D 274 3.57 -34.39 36.66
CA SER D 275 6.30 -34.98 34.07
CA GLY D 276 8.46 -32.41 35.85
CA LYS D 277 8.14 -34.30 39.16
CA SER D 278 6.16 -31.69 41.11
CA ALA D 279 3.22 -32.12 43.51
CA VAL D 280 1.63 -29.16 45.31
CA GLN D 281 -1.77 -29.08 47.05
CA GLY D 282 -3.81 -27.33 49.74
CA PRO D 283 -7.44 -28.59 50.23
CA PRO D 284 -9.70 -26.44 52.50
CA GLU D 285 -13.14 -26.89 54.10
CA ARG D 286 -16.12 -24.67 53.24
CA ASP D 287 -19.82 -23.94 53.63
CA LEU D 288 -22.19 -23.66 50.63
CA CYS D 289 -25.49 -25.55 51.26
CA GLY D 290 -24.89 -26.83 54.81
CA CYS D 291 -22.37 -29.73 55.06
CA TYR D 292 -18.50 -29.41 55.22
CA SER D 293 -16.55 -29.33 51.90
CA VAL D 294 -13.02 -30.41 50.87
CA SER D 295 -11.58 -29.36 47.45
CA SER D 296 -7.96 -29.52 46.20
CA VAL D 297 -6.15 -27.91 43.26
CA LEU D 298 -2.97 -29.31 41.66
CA PRO D 299 -1.10 -26.59 39.67
CA GLY D 300 0.33 -28.18 36.55
CA CYS D 301 2.48 -27.06 33.61
CA ALA D 302 1.72 -26.84 29.88
CA GLN D 303 4.11 -29.55 28.62
CA PRO D 304 2.52 -32.48 30.51
CA TRP D 305 -0.94 -31.53 29.22
CA ASN D 306 0.36 -31.13 25.66
CA HIS D 307 2.20 -34.46 25.79
CA GLY D 308 -0.59 -36.23 27.68
CA GLU D 309 0.07 -37.27 31.28
CA THR D 310 -2.37 -39.21 33.49
CA PHE D 311 -3.71 -36.89 36.24
CA THR D 312 -5.39 -39.09 38.88
CA CYS D 313 -6.92 -38.04 42.23
CA THR D 314 -7.45 -40.69 44.93
CA ALA D 315 -9.18 -39.88 48.23
CA ALA D 316 -9.14 -42.21 51.25
CA HIS D 317 -11.95 -42.17 53.85
CA PRO D 318 -13.31 -44.35 56.69
CA GLU D 319 -16.89 -44.45 55.41
CA LEU D 320 -15.98 -43.93 51.76
CA LYS D 321 -14.19 -47.23 52.27
CA THR D 322 -13.36 -47.74 48.58
CA PRO D 323 -11.09 -44.74 47.86
CA LEU D 324 -12.61 -43.27 44.71
CA THR D 325 -10.06 -43.12 41.88
CA ALA D 326 -10.50 -40.59 39.07
CA ASN D 327 -8.24 -40.11 36.04
CA ILE D 328 -8.36 -37.51 33.25
CA THR D 329 -6.23 -37.05 30.13
CA LYS D 330 -6.65 -35.62 26.61
CA SER D 331 -8.55 -37.47 23.87
CA GLY D 332 -8.26 -39.10 20.46
CA ASN D 333 -5.25 -39.83 18.26
CA THR D 334 -3.16 -37.31 16.27
CA PHE D 335 -4.23 -36.08 12.81
CA ARG D 336 -2.19 -33.69 10.65
CA PRO D 337 -3.97 -30.34 9.92
CA GLU D 338 -4.45 -29.22 6.31
CA VAL D 339 -4.41 -25.43 5.92
CA HIS D 340 -6.20 -23.86 2.93
CA LEU D 341 -5.86 -20.06 2.63
CA LEU D 342 -8.87 -18.64 0.77
CA PRO D 343 -8.76 -15.29 -1.10
CA PRO D 344 -11.52 -12.61 -0.79
CA PRO D 345 -14.50 -12.97 -3.20
CA SER D 346 -15.41 -10.78 -6.17
CA GLU D 347 -18.37 -8.94 -4.63
CA GLU D 348 -16.46 -8.28 -1.40
CA LEU D 349 -14.06 -5.96 -3.25
CA ALA D 350 -16.94 -3.47 -3.47
CA LEU D 351 -16.55 -2.45 0.19
CA ASN D 352 -13.79 -0.23 1.64
CA GLU D 353 -12.69 -0.45 5.30
CA LEU D 354 -12.50 -4.25 5.73
CA VAL D 355 -11.47 -7.32 3.68
CA THR D 356 -11.80 -10.89 5.01
CA LEU D 357 -8.89 -13.33 4.62
CA THR D 358 -10.08 -16.88 5.38
CA CYS D 359 -7.53 -19.65 6.02
CA LEU D 360 -9.22 -22.95 6.87
CA ALA D 361 -7.39 -25.76 8.69
CA ARG D 362 -9.35 -29.03 8.68
CA GLY D 363 -8.31 -32.62 9.33
CA PHE D 364 -6.91 -32.34 12.86
CA SER D 365 -7.21 -34.00 16.27
CA PRO D 366 -7.30 -33.17 19.09
CA LYS D 367 -9.08 -29.79 18.97
CA ASP D 368 -6.11 -28.02 20.58
CA VAL D 369 -4.74 -25.71 17.89
CA LEU D 370 -3.21 -22.21 18.08
CA VAL D 371 -3.84 -20.08 14.98
CA ARG D 372 -2.25 -16.65 14.37
CA TRP D 373 -1.66 -14.13 11.56
CA LEU D 374 1.30 -12.02 10.39
CA GLN D 375 2.10 -9.00 8.19
CA GLY D 376 4.42 -9.26 5.21
CA SER D 377 5.63 -5.67 4.81
CA GLN D 378 5.94 -4.47 8.41
CA GLU D 379 7.05 -8.01 9.42
CA LEU D 380 4.91 -7.70 12.56
CA PRO D 381 1.95 -9.84 13.76
CA ARG D 382 -1.62 -8.77 12.99
CA GLU D 383 -4.21 -7.52 15.51
CA LYS D 384 -7.70 -7.82 13.96
CA TYR D 385 -8.70 -11.49 13.66
CA LEU D 386 -11.06 -14.03 15.29
CA THR D 387 -11.14 -17.82 15.79
CA TRP D 388 -14.12 -20.15 15.16
CA ALA D 389 -14.83 -23.67 16.51
CA SER D 390 -17.16 -26.69 16.55
CA ARG D 391 -16.99 -30.51 16.81
CA GLN D 392 -17.99 -33.05 14.14
CA GLU D 393 -19.60 -36.03 15.88
CA PRO D 394 -21.96 -37.80 13.42
CA SER D 395 -23.58 -41.23 13.78
CA GLN D 396 -20.85 -42.98 11.77
CA GLY D 397 -17.23 -43.69 12.66
CA THR D 398 -15.56 -40.52 11.37
CA THR D 399 -14.50 -37.58 13.58
CA THR D 400 -11.98 -34.75 12.91
CA PHE D 401 -12.00 -31.15 14.17
CA ALA D 402 -11.54 -28.15 11.84
CA VAL D 403 -11.14 -24.36 12.20
CA THR D 404 -11.65 -21.06 10.34
CA SER D 405 -9.71 -17.79 10.67
CA ILE D 406 -10.75 -14.29 9.56
CA LEU D 407 -8.22 -11.47 9.12
CA ARG D 408 -9.92 -8.15 8.33
CA VAL D 409 -7.44 -5.81 6.62
CA ALA D 410 -7.89 -2.76 4.37
CA ALA D 411 -9.13 -2.73 0.76
CA GLU D 412 -6.29 -0.56 -0.57
CA ASP D 413 -3.61 -2.67 1.14
CA TRP D 414 -4.79 -5.98 -0.36
CA LYS D 415 -4.22 -4.52 -3.84
CA LYS D 416 -0.71 -3.16 -3.17
CA GLY D 417 0.84 -6.63 -3.26
CA ASP D 418 1.39 -7.54 0.40
CA THR D 419 1.64 -11.18 1.53
CA PHE D 420 -0.34 -12.40 4.59
CA SER D 421 0.64 -15.44 6.72
CA CYS D 422 -1.70 -17.84 8.59
CA MET D 423 0.48 -19.82 11.03
CA VAL D 424 -1.15 -22.90 12.56
CA GLY D 425 0.25 -24.88 15.48
CA HIS D 426 -0.65 -28.47 16.34
CA GLU D 427 1.05 -31.59 17.73
CA ALA D 428 0.74 -33.75 14.59
CA LEU D 429 2.59 -31.07 12.58
CA PRO D 430 6.19 -31.68 11.39
CA LEU D 431 7.80 -29.06 13.66
CA ALA D 432 4.65 -28.33 15.69
CA PHE D 433 4.28 -25.32 13.40
CA THR D 434 3.09 -24.82 9.81
CA GLN D 435 2.52 -21.64 7.77
CA LYS D 436 0.71 -20.96 4.48
CA THR D 437 0.41 -17.61 2.69
CA ILE D 438 -1.98 -15.57 0.51
CA ASP D 439 -1.04 -13.04 -2.18
CA ARG D 440 -2.98 -11.03 -4.79
CA LEU D 441 -0.23 -11.87 -7.30
CA ALA D 442 -1.32 -15.27 -8.61
CA GLY D 443 0.93 -17.04 -11.08
CA LYS D 444 -0.44 -20.28 -12.51
CA PRO D 445 2.45 -22.78 -12.12
CA THR D 446 0.70 -24.79 -9.38
CA HIS D 447 0.96 -23.18 -5.93
CA VAL D 448 4.47 -22.38 -4.69
CA ASN D 449 5.57 -21.30 -1.20
CA VAL D 450 8.16 -18.63 -0.32
CA SER D 451 11.92 -19.20 0.07
CA VAL D 452 13.94 -19.69 3.26
CA VAL D 453 14.69 -16.85 5.70
CA MET D 454 17.10 -17.71 8.54
CA ALA D 455 19.54 -20.63 8.85
CA GLU D 456 22.25 -22.16 11.05
CA VAL D 457 20.42 -20.78 14.12
CA ASP D 458 17.78 -23.13 15.55
CA GLY D 459 18.54 -22.46 19.22
CA THR D 460 20.61 -25.39 20.47
CA CYS D 461 23.64 -23.88 18.73
CA TYR D 462 23.54 -20.19 19.67
CA PRO E 1 -31.25 -12.02 -21.50
CA ARG E 2 -30.31 -11.36 -17.93
CA SER E 3 -29.82 -8.14 -16.08
CA PRO E 4 -30.51 -6.54 -12.79
CA THR E 5 -34.22 -6.53 -12.12
CA VAL E 6 -33.91 -3.46 -9.98
CA VAL E 7 -31.15 -0.95 -9.59
CA LYS E 8 -31.09 1.71 -6.94
CA GLY E 9 -28.87 4.72 -6.83
CA VAL E 10 -28.94 8.10 -5.31
CA ALA E 11 -28.84 11.63 -6.70
CA GLY E 12 -25.72 12.70 -8.58
CA SER E 13 -24.06 9.28 -8.45
CA SER E 14 -23.30 7.26 -11.58
CA VAL E 15 -24.65 3.82 -12.30
CA ALA E 16 -23.79 1.00 -14.61
CA VAL E 17 -26.11 -1.69 -15.83
CA LEU E 18 -24.87 -4.93 -17.33
CA CYS E 19 -26.99 -7.27 -19.46
CA PRO E 20 -25.97 -10.68 -20.79
CA TYR E 21 -26.80 -12.25 -24.23
CA ASN E 22 -26.21 -15.15 -26.80
CA ARG E 23 -24.36 -15.81 -30.11
CA LYS E 24 -26.60 -14.34 -32.77
CA GLU E 25 -26.95 -11.64 -30.25
CA SER E 26 -23.24 -10.86 -30.31
CA LYS E 27 -23.69 -9.26 -33.72
CA SER E 28 -27.10 -7.67 -33.24
CA ILE E 29 -27.79 -4.12 -32.13
CA LYS E 30 -27.91 -3.50 -28.41
CA TYR E 31 -30.15 -0.89 -26.96
CA TRP E 32 -31.34 0.77 -23.77
CA CYS E 33 -34.88 2.16 -23.64
CA LEU E 34 -37.31 3.75 -21.25
CA TRP E 35 -40.75 2.21 -21.06
CA GLU E 36 -43.65 4.41 -22.06
CA GLY E 37 -47.10 4.07 -20.58
CA ALA E 38 -49.99 3.68 -22.98
CA GLN E 39 -52.15 0.99 -24.41
CA ASN E 40 -49.61 0.98 -27.17
CA GLY E 41 -46.41 2.52 -26.03
CA ARG E 42 -42.90 2.20 -27.24
CA CYS E 43 -39.78 2.30 -25.20
CA PRO E 44 -37.88 5.22 -26.46
CA LEU E 45 -34.41 4.35 -27.68
CA LEU E 46 -32.22 6.09 -25.14
CA VAL E 47 -28.87 4.81 -26.44
CA ASP E 48 -27.90 2.16 -28.98
CA SER E 49 -24.86 0.18 -30.11
CA GLU E 50 -25.52 1.65 -33.53
CA GLY E 51 -24.06 4.98 -32.64
CA TRP E 52 -27.29 6.66 -31.70
CA VAL E 53 -27.53 8.55 -28.45
CA LYS E 54 -30.55 10.50 -27.25
CA ALA E 55 -30.22 14.16 -26.49
CA GLN E 56 -30.95 13.68 -22.83
CA TYR E 57 -28.26 11.03 -22.59
CA GLU E 58 -25.69 12.54 -24.94
CA GLY E 59 -22.47 12.93 -23.01
CA ARG E 60 -24.16 11.71 -19.85
CA LEU E 61 -24.22 8.02 -20.71
CA SER E 62 -22.38 5.34 -22.61
CA LEU E 63 -23.18 1.88 -23.96
CA LEU E 64 -20.37 -0.60 -24.46
CA GLU E 65 -20.60 -4.09 -25.84
CA GLU E 66 -18.11 -6.83 -25.18
CA PRO E 67 -19.02 -9.84 -27.18
CA GLY E 68 -16.61 -12.30 -25.65
CA ASN E 69 -18.16 -11.78 -22.27
CA GLY E 70 -21.60 -11.68 -23.75
CA THR E 71 -22.40 -8.46 -22.04
CA PHE E 72 -22.93 -4.82 -22.78
CA THR E 73 -22.85 -2.12 -20.19
CA VAL E 74 -24.77 1.09 -20.00
CA ILE E 75 -23.14 3.68 -17.85
CA LEU E 76 -25.15 6.68 -16.81
CA ASN E 77 -23.89 9.65 -14.87
CA GLN E 78 -25.54 12.59 -13.17
CA LEU E 79 -28.54 10.57 -12.16
CA THR E 80 -31.44 12.89 -11.51
CA SER E 81 -34.98 12.57 -10.28
CA ARG E 82 -36.06 12.21 -13.88
CA ASP E 83 -34.08 8.99 -14.19
CA ALA E 84 -36.23 6.87 -11.91
CA GLY E 85 -38.42 4.68 -14.04
CA PHE E 86 -38.63 1.50 -16.07
CA TYR E 87 -36.10 0.68 -18.72
CA TRP E 88 -35.24 -2.21 -20.98
CA CYS E 89 -31.96 -3.52 -22.33
CA LEU E 90 -32.41 -5.64 -25.38
CA THR E 91 -31.01 -6.87 -28.68
CA ASN E 92 -32.26 -6.08 -32.19
CA GLY E 93 -35.50 -4.17 -32.58
CA ASP E 94 -37.30 -2.77 -29.55
CA THR E 95 -40.61 -4.34 -30.53
CA LEU E 96 -39.22 -7.86 -30.61
CA TRP E 97 -39.18 -7.84 -26.83
CA ARG E 98 -36.04 -9.92 -26.59
CA THR E 99 -35.09 -7.67 -23.71
CA THR E 100 -34.99 -7.62 -19.96
CA VAL E 101 -36.87 -5.10 -17.90
CA GLU E 102 -34.95 -3.09 -15.38
CA ILE E 103 -36.40 -0.79 -12.78
CA LYS E 104 -34.23 2.08 -11.76
CA ILE E 105 -34.95 4.07 -8.66
CA ILE E 106 -32.92 7.18 -8.11
CA GLU F 1 60.90 4.24 -121.62
CA LEU F 2 64.60 4.92 -121.00
CA VAL F 3 66.00 2.76 -118.18
CA MET F 4 68.25 4.33 -115.53
CA THR F 5 70.37 1.93 -113.44
CA GLN F 6 72.31 3.14 -110.39
CA SER F 7 74.94 1.27 -108.36
CA PRO F 8 75.63 0.12 -105.74
CA SER F 9 72.37 -0.64 -103.92
CA SER F 10 73.84 0.37 -100.54
CA LEU F 11 76.90 2.31 -99.35
CA SER F 12 78.90 2.04 -96.12
CA ALA F 13 81.58 4.60 -95.24
CA SER F 14 82.93 6.57 -92.27
CA VAL F 15 83.03 10.37 -91.99
CA GLY F 16 85.62 11.73 -94.42
CA ASP F 17 85.70 9.08 -97.16
CA ARG F 18 84.96 10.04 -100.76
CA VAL F 19 82.00 8.02 -102.10
CA ASN F 20 81.20 7.46 -105.79
CA ILE F 21 77.62 7.01 -107.07
CA ALA F 22 77.04 5.95 -110.70
CA CYS F 23 74.00 6.54 -112.95
CA ARG F 24 74.07 4.85 -116.36
CA ALA F 25 71.38 5.08 -119.07
CA SER F 26 70.08 2.84 -121.87
CA GLN F 27 71.12 5.36 -124.55
CA GLY F 28 72.85 8.74 -124.82
CA ILE F 29 70.98 11.66 -123.23
CA SER F 30 73.77 14.26 -123.53
CA SER F 31 73.97 16.62 -120.52
CA ALA F 32 70.42 15.99 -119.27
CA LEU F 33 70.58 14.56 -115.73
CA ALA F 34 69.61 15.73 -112.22
CA TRP F 35 70.65 14.45 -108.78
CA TYR F 36 68.43 14.48 -105.69
CA GLN F 37 68.58 14.12 -101.89
CA GLN F 38 65.69 12.48 -100.07
CA LYS F 39 65.96 12.47 -96.27
CA PRO F 40 63.75 9.58 -95.03
CA GLY F 41 60.26 10.95 -94.46
CA LYS F 42 60.78 14.09 -96.56
CA ALA F 43 60.44 15.44 -100.10
CA PRO F 44 63.43 15.22 -102.51
CA ARG F 45 65.89 18.11 -102.80
CA LEU F 46 67.63 19.22 -106.00
CA LEU F 47 71.42 19.03 -105.77
CA ILE F 48 72.83 19.16 -109.30
CA TYR F 49 71.33 20.12 -112.66
CA ASP F 50 72.62 20.07 -116.27
CA ALA F 51 75.17 17.42 -115.18
CA SER F 52 77.69 19.53 -113.22
CA ASN F 53 76.06 22.82 -112.14
CA LEU F 54 75.25 23.18 -108.43
CA GLU F 55 72.17 24.87 -106.94
CA SER F 56 72.41 27.96 -104.72
CA GLY F 57 72.68 26.74 -101.14
CA VAL F 58 73.97 23.22 -101.79
CA PRO F 59 77.37 22.65 -100.11
CA SER F 60 80.61 23.08 -102.07
CA ARG F 61 81.55 19.43 -101.42
CA PHE F 62 78.88 18.05 -103.78
CA SER F 63 79.69 17.72 -107.52
CA GLY F 64 79.98 15.36 -110.48
CA SER F 65 80.38 14.97 -114.26
CA GLY F 66 79.79 12.65 -117.23
CA SER F 67 78.76 13.02 -120.89
CA GLY F 68 76.27 10.73 -122.60
CA THR F 69 76.04 7.33 -120.91
CA ASP F 70 78.27 7.14 -117.82
CA PHE F 71 77.52 9.56 -114.95
CA THR F 72 78.87 9.99 -111.40
CA LEU F 73 78.02 11.75 -108.12
CA THR F 74 80.92 12.61 -105.80
CA ILE F 75 81.30 13.81 -102.17
CA SER F 76 84.82 14.85 -101.07
CA SER F 77 84.03 14.95 -97.33
CA LEU F 78 81.25 12.72 -96.01
CA GLN F 79 79.40 14.21 -93.03
CA PRO F 80 76.68 12.71 -90.77
CA GLU F 81 74.08 15.07 -92.25
CA ASP F 82 74.30 13.31 -95.64
CA PHE F 83 72.03 10.39 -94.68
CA ALA F 84 69.62 10.22 -97.63
CA ILE F 85 68.59 8.07 -100.61
CA TYR F 86 69.92 9.76 -103.76
CA TYR F 87 68.26 9.58 -107.20
CA CYS F 88 69.05 10.57 -110.80
CA GLN F 89 66.45 11.26 -113.49
CA GLN F 90 66.73 12.28 -117.14
CA PHE F 91 65.05 15.01 -119.18
CA ASN F 92 65.69 14.48 -122.90
CA SER F 93 62.49 12.61 -123.86
CA TYR F 94 59.23 11.28 -122.40
CA PRO F 95 58.36 9.91 -119.99
CA LEU F 96 60.86 11.20 -117.42
CA THR F 97 62.34 8.32 -115.42
CA PHE F 98 64.16 8.01 -112.07
CA GLY F 99 67.04 5.91 -110.77
CA GLY F 100 66.85 2.93 -108.43
CA GLY F 101 68.14 4.87 -105.45
CA THR F 102 71.46 4.58 -103.61
CA LYS F 103 71.13 4.71 -99.81
CA VAL F 104 74.08 6.12 -97.84
CA GLU F 105 74.66 4.61 -94.40
CA ILE F 106 77.17 6.37 -92.11
CA LYS F 107 79.91 4.58 -90.13
CA ARG F 108 81.16 5.25 -86.60
CA THR F 109 82.18 3.53 -83.34
CA VAL F 110 80.07 1.23 -81.15
CA ALA F 111 77.61 2.74 -78.67
CA ALA F 112 75.92 1.19 -75.63
CA PRO F 113 72.12 1.79 -75.54
CA SER F 114 70.31 2.83 -72.35
CA VAL F 115 67.41 0.36 -72.06
CA PHE F 116 64.09 1.51 -70.57
CA ILE F 117 60.65 -0.08 -70.09
CA PHE F 118 57.03 1.15 -69.96
CA PRO F 119 54.17 -0.81 -68.33
CA PRO F 120 50.53 -0.42 -69.53
CA SER F 121 48.72 2.68 -68.28
CA ASP F 122 45.68 2.79 -65.99
CA GLU F 123 43.19 3.96 -68.64
CA GLN F 124 44.51 1.50 -71.24
CA LEU F 125 43.39 -1.61 -69.32
CA LYS F 126 39.73 -0.47 -69.31
CA SER F 127 39.12 -1.63 -72.85
CA GLY F 128 40.72 -5.02 -72.19
CA THR F 129 44.27 -4.89 -73.55
CA ALA F 130 47.87 -4.21 -72.45
CA SER F 131 51.12 -3.10 -74.12
CA VAL F 132 54.57 -3.18 -72.52
CA VAL F 133 57.17 -1.09 -74.37
CA CYS F 134 60.96 -1.53 -74.04
CA LEU F 135 63.35 1.19 -75.23
CA LEU F 136 66.93 0.92 -76.54
CA ASN F 137 67.88 4.61 -76.81
CA ASN F 138 71.04 5.56 -78.77
CA PHE F 139 73.16 2.75 -80.27
CA TYR F 140 75.32 1.56 -83.16
CA PRO F 141 75.18 -0.62 -85.18
CA ARG F 142 71.48 -1.37 -85.73
CA GLU F 143 72.26 -5.02 -84.94
CA ALA F 144 70.48 -5.66 -81.64
CA LYS F 145 68.26 -8.22 -79.92
CA VAL F 146 65.31 -8.03 -77.52
CA GLN F 147 63.98 -11.00 -75.54
CA TRP F 148 60.93 -10.56 -73.30
CA LYS F 149 60.90 -12.26 -69.91
CA VAL F 150 57.47 -13.14 -68.53
CA ASP F 151 57.59 -14.99 -65.19
CA ASN F 152 61.41 -15.34 -65.32
CA ALA F 153 62.32 -18.12 -67.78
CA LEU F 154 59.06 -18.15 -69.76
CA GLN F 155 59.94 -16.43 -73.03
CA SER F 156 57.06 -15.31 -75.25
CA GLY F 157 56.91 -14.78 -79.00
CA ASN F 158 54.28 -12.20 -79.96
CA SER F 159 56.20 -8.91 -80.20
CA GLN F 160 56.80 -6.22 -82.85
CA GLU F 161 60.11 -4.45 -83.57
CA SER F 162 60.46 -1.05 -85.25
CA VAL F 163 63.64 0.91 -85.97
CA THR F 164 63.75 4.56 -87.04
CA GLU F 165 66.00 6.09 -89.70
CA GLN F 166 69.51 7.28 -88.71
CA ASP F 167 69.49 10.90 -87.48
CA SER F 168 71.57 13.84 -88.75
CA LYS F 169 73.68 14.38 -85.60
CA ASP F 170 75.63 11.58 -83.91
CA SER F 171 74.78 8.87 -86.45
CA THR F 172 73.05 6.20 -84.32
CA TYR F 173 70.01 3.92 -84.14
CA SER F 174 67.25 3.27 -81.58
CA LEU F 175 64.65 0.51 -81.11
CA SER F 176 61.46 -0.38 -79.22
CA SER F 177 59.49 -3.53 -78.39
CA THR F 178 55.78 -3.70 -77.53
CA LEU F 179 54.36 -6.85 -75.94
CA THR F 180 50.63 -6.94 -76.73
CA LEU F 181 48.62 -9.13 -74.32
CA SER F 182 44.98 -8.69 -73.25
CA LYS F 183 43.89 -7.79 -69.71
CA ALA F 184 43.09 -11.42 -68.84
CA ASP F 185 46.63 -12.61 -69.51
CA TYR F 186 48.14 -9.50 -67.90
CA GLU F 187 46.35 -9.80 -64.54
CA LYS F 188 47.92 -13.26 -64.22
CA HIS F 189 51.67 -12.58 -64.23
CA LYS F 190 54.11 -10.43 -62.24
CA VAL F 191 57.71 -10.27 -63.49
CA TYR F 192 58.26 -8.46 -66.81
CA ALA F 193 61.88 -8.04 -67.94
CA CYS F 194 63.48 -7.26 -71.32
CA GLU F 195 66.96 -8.71 -72.00
CA VAL F 196 69.08 -6.82 -74.57
CA THR F 197 72.20 -7.97 -76.46
CA HIS F 198 74.54 -5.52 -78.20
CA GLN F 199 78.25 -5.18 -79.00
CA GLY F 200 78.53 -2.04 -76.90
CA LEU F 201 77.16 -3.81 -73.83
CA SER F 202 79.65 -5.89 -71.83
CA SER F 203 76.78 -8.04 -70.54
CA PRO F 204 73.00 -8.23 -71.21
CA VAL F 205 71.08 -5.43 -69.46
CA THR F 206 67.87 -6.52 -67.74
CA LYS F 207 65.03 -4.04 -67.11
CA SER F 208 62.20 -5.57 -65.07
CA PHE F 209 59.20 -4.31 -63.09
CA ASN F 210 56.78 -6.01 -60.67
CA ARG F 211 53.05 -6.05 -61.47
CA GLY F 212 50.76 -5.26 -58.52
CA GLU F 213 50.90 -2.02 -56.49
CA CYS F 214 48.56 -0.97 -53.65
CA GLU G 1 70.07 84.13 2.90
CA LEU G 2 71.72 85.67 -0.17
CA VAL G 3 69.29 86.04 -3.07
CA MET G 4 70.34 85.04 -6.60
CA THR G 5 68.25 86.41 -9.48
CA GLN G 6 68.75 85.18 -13.06
CA SER G 7 67.29 86.62 -16.28
CA PRO G 8 65.52 86.14 -18.58
CA SER G 9 62.99 83.49 -17.55
CA SER G 10 63.01 81.88 -21.01
CA LEU G 11 65.27 82.03 -24.08
CA SER G 12 64.46 81.52 -27.77
CA ALA G 13 67.23 81.28 -30.38
CA SER G 14 68.19 79.33 -33.52
CA VAL G 15 71.32 77.19 -33.92
CA GLY G 16 74.37 79.45 -34.07
CA ASP G 17 73.26 82.52 -32.09
CA ARG G 18 75.23 83.63 -29.04
CA VAL G 19 73.01 83.68 -25.93
CA ASN G 20 73.73 85.64 -22.74
CA ILE G 21 72.58 84.44 -19.29
CA ALA G 22 72.93 86.75 -16.28
CA CYS G 23 73.24 85.88 -12.56
CA ARG G 24 73.19 88.81 -10.12
CA ALA G 25 73.52 88.61 -6.32
CA SER G 26 72.29 90.64 -3.33
CA GLN G 27 75.85 91.48 -2.26
CA GLY G 28 79.43 90.88 -3.42
CA ILE G 29 80.59 87.25 -3.34
CA SER G 30 83.90 87.75 -5.18
CA SER G 31 84.76 84.85 -7.54
CA ALA G 32 82.45 82.29 -5.91
CA LEU G 33 79.88 81.09 -8.48
CA ALA G 34 79.13 77.84 -10.33
CA TRP G 35 77.04 77.16 -13.45
CA TYR G 36 75.02 73.99 -14.08
CA GLN G 37 73.27 72.07 -16.86
CA GLN G 38 70.11 70.11 -16.06
CA LYS G 39 68.68 68.09 -18.93
CA PRO G 40 64.96 67.56 -18.16
CA GLY G 41 64.62 64.36 -16.15
CA LYS G 42 68.29 64.21 -15.15
CA ALA G 43 70.73 65.34 -12.45
CA PRO G 44 72.59 68.69 -12.83
CA ARG G 45 76.01 68.81 -14.47
CA LEU G 46 78.86 71.13 -13.47
CA LEU G 47 79.97 73.43 -16.29
CA ILE G 48 82.00 76.27 -14.79
CA TYR G 49 83.61 76.80 -11.37
CA ASP G 50 85.47 79.71 -9.73
CA ALA G 51 83.73 82.06 -12.21
CA SER G 52 85.61 81.33 -15.45
CA ASN G 53 87.38 77.94 -15.18
CA LEU G 54 85.90 75.10 -17.26
CA GLU G 55 85.64 71.45 -16.21
CA SER G 56 87.44 68.64 -18.07
CA GLY G 57 85.07 67.39 -20.75
CA VAL G 58 82.82 70.43 -21.06
CA PRO G 59 82.90 71.85 -24.64
CA SER G 60 85.19 74.75 -25.53
CA ARG G 61 82.19 76.89 -26.52
CA PHE G 62 81.02 77.38 -22.92
CA SER G 63 82.53 80.21 -20.84
CA GLY G 64 81.83 83.38 -18.84
CA SER G 65 83.16 86.03 -16.43
CA GLY G 66 82.19 88.63 -13.83
CA SER G 67 83.58 89.93 -10.52
CA GLY G 68 81.45 90.63 -7.47
CA THR G 69 77.82 91.33 -8.37
CA ASP G 70 77.22 91.00 -12.13
CA PHE G 71 77.85 87.57 -13.73
CA THR G 72 77.28 86.11 -17.21
CA LEU G 73 77.14 82.73 -19.01
CA THR G 74 77.98 82.70 -22.73
CA ILE G 75 77.67 80.19 -25.60
CA SER G 76 79.37 81.16 -28.90
CA SER G 77 77.67 78.45 -31.01
CA LEU G 78 74.26 77.18 -29.90
CA GLN G 79 73.67 73.51 -30.76
CA PRO G 80 70.53 71.33 -30.40
CA GLU G 81 72.18 69.33 -27.60
CA ASP G 82 72.12 72.38 -25.30
CA PHE G 83 68.46 71.99 -24.26
CA ALA G 84 68.64 72.33 -20.46
CA ILE G 85 67.66 74.58 -17.56
CA TYR G 86 70.82 76.32 -16.31
CA TYR G 87 71.44 77.40 -12.70
CA CYS G 88 74.00 79.44 -10.75
CA GLN G 89 74.73 79.03 -7.04
CA GLN G 90 77.14 80.78 -4.68
CA PHE G 91 79.66 79.46 -2.15
CA ASN G 92 80.93 82.30 0.06
CA SER G 93 78.60 81.91 3.05
CA TYR G 94 75.72 79.77 4.36
CA PRO G 95 73.29 78.57 3.33
CA LEU G 96 74.25 77.92 -0.30
CA THR G 97 71.54 79.22 -2.66
CA PHE G 98 70.60 78.55 -6.30
CA GLY G 99 69.34 80.68 -9.18
CA GLY G 100 65.82 80.81 -10.58
CA GLY G 101 66.72 78.83 -13.69
CA THR G 102 66.93 79.95 -17.32
CA LYS G 103 65.41 77.47 -19.79
CA VAL G 104 66.86 77.38 -23.31
CA GLU G 105 64.41 76.54 -26.11
CA ILE G 106 65.89 75.81 -29.56
CA LYS G 107 64.57 77.30 -32.82
CA ARG G 108 64.17 75.66 -36.23
CA THR G 109 61.78 75.31 -39.19
CA VAL G 110 58.20 73.98 -39.19
CA ALA G 111 57.61 70.21 -39.27
CA ALA G 112 54.47 68.25 -40.17
CA PRO G 113 53.58 65.55 -37.59
CA SER G 114 52.50 62.05 -38.60
CA VAL G 115 49.28 61.41 -36.69
CA PHE G 116 48.44 57.91 -35.39
CA ILE G 117 45.68 56.47 -33.18
CA PHE G 118 45.35 53.51 -30.80
CA PRO G 119 41.97 51.95 -29.89
CA PRO G 120 41.55 50.06 -26.55
CA SER G 121 43.02 46.55 -26.31
CA ASP G 122 41.15 43.27 -25.80
CA GLU G 123 42.27 42.68 -22.20
CA GLN G 124 41.70 46.30 -21.17
CA LEU G 125 37.92 46.17 -21.63
CA LYS G 126 37.57 43.30 -19.11
CA SER G 127 37.78 45.61 -16.12
CA GLY G 128 35.23 48.02 -17.58
CA THR G 129 37.16 50.92 -19.13
CA ALA G 130 38.57 52.14 -22.46
CA SER G 131 41.34 54.50 -23.60
CA VAL G 132 41.88 55.72 -27.17
CA VAL G 133 45.32 57.27 -27.76
CA CYS G 134 46.17 59.63 -30.65
CA LEU G 135 49.81 60.32 -31.59
CA LEU G 136 51.38 63.42 -33.18
CA ASN G 137 54.95 62.19 -33.79
CA ASN G 138 57.67 64.75 -34.67
CA PHE G 139 56.66 68.43 -35.00
CA TYR G 140 57.58 72.07 -34.43
CA PRO G 141 56.50 74.31 -32.81
CA ARG G 142 54.76 72.77 -29.80
CA GLU G 143 51.65 74.76 -30.76
CA ALA G 144 49.16 72.08 -31.83
CA LYS G 145 45.51 71.09 -31.38
CA VAL G 146 43.65 67.80 -31.01
CA GLN G 147 39.88 67.43 -31.38
CA TRP G 148 38.25 64.01 -30.83
CA LYS G 149 35.45 62.95 -33.16
CA VAL G 150 32.93 60.52 -31.68
CA ASP G 151 30.08 59.63 -34.06
CA ASN G 152 31.19 62.24 -36.64
CA ALA G 153 30.17 65.72 -35.44
CA LEU G 154 29.76 64.89 -31.74
CA GLN G 155 32.84 66.41 -30.11
CA SER G 156 33.64 65.34 -26.55
CA GLY G 157 35.55 67.13 -23.79
CA ASN G 158 37.16 64.70 -21.37
CA SER G 159 40.72 64.25 -22.67
CA GLN G 160 44.26 64.71 -21.31
CA GLU G 161 47.22 66.21 -23.19
CA SER G 162 50.89 65.57 -22.37
CA VAL G 163 53.97 66.89 -24.18
CA THR G 164 57.51 65.62 -23.63
CA GLU G 165 60.68 67.71 -23.39
CA GLN G 166 62.54 68.65 -26.60
CA ASP G 167 65.11 65.99 -27.60
CA SER G 168 68.83 66.42 -28.28
CA LYS G 169 68.78 65.60 -32.01
CA ASP G 170 66.46 67.32 -34.49
CA SER G 171 64.87 69.72 -31.98
CA THR G 172 61.15 68.85 -32.19
CA TYR G 173 58.06 68.10 -30.07
CA SER G 174 55.50 65.29 -29.92
CA LEU G 175 52.05 64.90 -28.32
CA SER G 176 49.40 62.32 -27.39
CA SER G 177 45.71 62.32 -26.46
CA THR G 178 43.89 59.64 -24.46
CA LEU G 179 40.08 59.54 -24.46
CA THR G 180 38.98 57.76 -21.28
CA LEU G 181 35.45 56.30 -21.48
CA SER G 182 34.09 53.23 -19.71
CA LYS G 183 33.04 50.01 -21.48
CA ALA G 184 29.34 50.95 -21.41
CA ASP G 185 29.88 54.16 -23.38
CA TYR G 186 32.39 52.48 -25.71
CA GLU G 187 30.17 49.58 -26.80
CA LYS G 188 27.69 52.21 -28.01
CA HIS G 189 29.67 54.10 -30.66
CA LYS G 190 31.50 53.22 -33.88
CA VAL G 191 33.44 56.10 -35.48
CA TYR G 192 36.46 57.49 -33.60
CA ALA G 193 38.57 60.13 -35.39
CA CYS G 194 41.16 62.67 -34.16
CA GLU G 195 41.45 65.97 -36.06
CA VAL G 196 44.84 67.75 -35.80
CA THR G 197 45.75 71.37 -36.63
CA HIS G 198 49.35 72.50 -37.13
CA GLN G 199 51.28 75.06 -39.19
CA GLY G 200 53.20 72.32 -40.99
CA LEU G 201 49.99 70.66 -42.14
CA SER G 202 48.32 72.14 -45.23
CA SER G 203 44.96 70.77 -44.05
CA PRO G 204 43.72 68.94 -40.89
CA VAL G 205 44.67 65.25 -40.87
CA THR G 206 41.91 62.85 -39.80
CA LYS G 207 42.67 59.41 -38.35
CA SER G 208 39.59 57.28 -37.74
CA PHE G 209 38.75 53.61 -37.16
CA ASN G 210 35.53 51.61 -37.08
CA ARG G 211 34.32 49.47 -34.16
CA GLY G 212 33.58 45.86 -34.97
CA GLU G 213 36.42 43.56 -35.99
CA CYS G 214 34.13 40.67 -36.82
CA GLU H 1 -17.03 -106.44 75.84
CA LEU H 2 -20.12 -106.13 78.05
CA VAL H 3 -23.19 -105.00 76.08
CA MET H 4 -25.48 -102.29 77.49
CA THR H 5 -28.96 -102.02 75.96
CA GLN H 6 -31.28 -99.10 76.81
CA SER H 7 -34.98 -98.70 75.95
CA PRO H 8 -36.98 -97.13 74.47
CA SER H 9 -35.20 -95.45 71.56
CA SER H 10 -37.30 -92.29 71.88
CA LEU H 11 -39.59 -90.77 74.54
CA SER H 12 -42.58 -88.45 74.19
CA ALA H 13 -44.20 -86.82 77.24
CA SER H 14 -45.70 -83.52 78.40
CA VAL H 15 -44.41 -81.42 81.32
CA GLY H 16 -45.17 -83.21 84.58
CA ASP H 17 -45.24 -86.88 83.54
CA ARG H 18 -42.89 -89.38 85.20
CA VAL H 19 -40.67 -91.07 82.59
CA ASN H 20 -38.84 -94.38 83.08
CA ILE H 21 -35.52 -95.16 81.34
CA ALA H 22 -34.08 -98.69 81.53
CA CYS H 23 -30.45 -99.86 81.23
CA ARG H 24 -29.88 -103.63 81.17
CA ALA H 25 -26.51 -105.43 80.96
CA SER H 26 -25.22 -108.73 79.56
CA GLN H 27 -24.13 -109.92 83.02
CA GLY H 28 -24.20 -108.74 86.64
CA ILE H 29 -22.09 -105.67 87.37
CA SER H 30 -23.34 -105.06 90.94
CA SER H 31 -23.72 -101.35 91.80
CA ALA H 32 -21.43 -100.05 89.03
CA LEU H 33 -23.44 -97.74 86.72
CA ALA H 34 -23.47 -94.02 85.87
CA TRP H 35 -26.13 -91.86 84.18
CA TYR H 36 -25.40 -88.87 81.95
CA GLN H 37 -27.08 -85.83 80.38
CA GLN H 38 -25.94 -84.63 76.96
CA LYS H 39 -27.59 -81.44 75.72
CA PRO H 40 -27.30 -81.47 71.89
CA GLY H 41 -24.04 -79.78 70.96
CA LYS H 42 -22.49 -80.10 74.42
CA ALA H 43 -20.37 -82.40 76.57
CA PRO H 44 -22.07 -85.03 78.81
CA ARG H 45 -22.93 -84.22 82.42
CA LEU H 46 -22.78 -86.66 85.34
CA LEU H 47 -26.15 -87.14 87.06
CA ILE H 48 -25.96 -90.31 89.15
CA TYR H 49 -23.07 -92.49 90.34
CA ASP H 50 -22.84 -95.79 92.26
CA ALA H 51 -26.42 -96.55 91.11
CA SER H 52 -28.46 -94.21 93.34
CA ASN H 53 -26.22 -91.42 94.68
CA LEU H 54 -26.80 -87.95 93.21
CA GLU H 55 -24.09 -85.37 92.41
CA SER H 56 -23.94 -81.97 94.14
CA GLY H 57 -25.97 -79.56 92.04
CA VAL H 58 -28.16 -82.05 90.19
CA PRO H 59 -31.89 -81.41 90.90
CA SER H 60 -33.72 -83.38 93.59
CA ARG H 61 -36.16 -84.76 91.00
CA PHE H 62 -33.56 -87.07 89.40
CA SER H 63 -32.97 -90.54 90.91
CA GLY H 64 -33.02 -94.30 90.29
CA SER H 65 -32.10 -97.78 91.55
CA GLY H 66 -31.39 -101.38 90.52
CA SER H 67 -29.01 -104.17 91.58
CA GLY H 68 -27.15 -106.40 89.13
CA THR H 69 -28.89 -106.59 85.77
CA ASP H 70 -32.00 -104.38 85.65
CA PHE H 71 -31.51 -100.61 86.12
CA THR H 72 -33.81 -97.57 85.86
CA LEU H 73 -33.63 -93.75 85.62
CA THR H 74 -36.61 -91.79 86.95
CA ILE H 75 -37.83 -88.15 86.76
CA SER H 76 -40.81 -87.24 88.98
CA SER H 77 -41.51 -83.87 87.31
CA LEU H 78 -40.51 -83.42 83.67
CA GLN H 79 -39.48 -79.85 82.81
CA PRO H 80 -38.60 -78.25 79.44
CA GLU H 81 -34.95 -77.95 80.47
CA ASP H 82 -34.56 -81.75 80.43
CA PHE H 83 -34.11 -82.04 76.65
CA ALA H 84 -31.05 -84.28 76.34
CA ILE H 85 -29.89 -87.73 75.22
CA TYR H 86 -29.18 -89.80 78.34
CA TYR H 87 -26.57 -92.57 78.59
CA CYS H 88 -25.52 -95.28 81.06
CA GLN H 89 -22.05 -96.83 81.23
CA GLN H 90 -20.54 -99.50 83.48
CA PHE H 91 -17.31 -99.63 85.49
CA ASN H 92 -16.65 -103.17 86.73
CA SER H 93 -14.33 -104.43 83.98
CA TYR H 94 -12.63 -103.35 80.75
CA PRO H 95 -13.30 -101.83 78.37
CA LEU H 96 -15.89 -99.38 79.73
CA THR H 97 -18.99 -99.33 77.52
CA PHE H 98 -21.89 -96.88 77.02
CA GLY H 99 -25.62 -97.25 76.39
CA GLY H 100 -27.47 -96.70 73.12
CA GLY H 101 -28.94 -93.38 74.23
CA THR H 102 -32.54 -92.47 75.04
CA LYS H 103 -33.63 -89.10 73.62
CA VAL H 104 -36.31 -87.17 75.50
CA GLU H 105 -38.67 -85.05 73.39
CA ILE H 106 -40.96 -82.61 75.23
CA LYS H 107 -44.69 -82.23 74.53
CA ARG H 108 -46.82 -79.06 74.42
CA THR H 109 -49.55 -77.28 72.43
CA VAL H 110 -49.48 -76.22 68.77
CA ALA H 111 -47.74 -72.97 67.80
CA ALA H 112 -48.04 -70.89 64.62
CA PRO H 113 -44.64 -69.94 63.10
CA SER H 114 -43.89 -66.43 61.83
CA VAL H 115 -42.51 -66.96 58.32
CA PHE H 116 -39.82 -64.61 56.97
CA ILE H 117 -37.71 -64.46 53.78
CA PHE H 118 -34.22 -63.20 52.84
CA PRO H 119 -33.17 -62.34 49.25
CA PRO H 120 -29.50 -62.61 48.13
CA SER H 121 -27.24 -59.73 49.16
CA ASP H 122 -25.49 -57.26 46.86
CA GLU H 123 -21.95 -58.57 47.46
CA GLN H 124 -23.05 -62.21 47.15
CA LEU H 125 -24.00 -61.93 43.46
CA LYS H 126 -20.48 -60.80 42.47
CA SER H 127 -19.09 -64.32 42.52
CA GLY H 128 -21.98 -65.67 40.47
CA THR H 129 -24.43 -67.31 42.89
CA ALA H 130 -27.62 -66.59 44.87
CA SER H 131 -29.31 -67.96 48.00
CA VAL H 132 -32.85 -67.15 49.13
CA VAL H 133 -33.55 -68.09 52.76
CA CYS H 134 -37.04 -68.61 54.24
CA LEU H 135 -37.57 -68.64 58.01
CA LEU H 136 -40.21 -70.44 60.12
CA ASN H 137 -39.50 -68.98 63.57
CA ASN H 138 -41.08 -70.67 66.66
CA PHE H 139 -43.39 -73.67 66.09
CA TYR H 140 -44.59 -77.07 67.31
CA PRO H 141 -44.56 -79.85 66.26
CA ARG H 142 -41.51 -80.12 63.98
CA GLU H 143 -43.87 -81.38 61.26
CA ALA H 144 -43.85 -78.60 58.66
CA LYS H 145 -43.58 -78.06 54.90
CA VAL H 146 -41.91 -75.47 52.67
CA GLN H 147 -42.69 -75.04 48.96
CA TRP H 148 -40.76 -72.44 46.93
CA LYS H 149 -42.67 -70.39 44.37
CA VAL H 150 -40.61 -69.13 41.43
CA ASP H 151 -42.68 -67.20 38.84
CA ASN H 152 -45.98 -68.07 40.58
CA ALA H 153 -46.90 -71.69 39.77
CA LEU H 154 -43.42 -72.90 38.77
CA GLN H 155 -42.30 -74.97 41.75
CA SER H 156 -38.61 -75.88 41.95
CA GLY H 157 -36.86 -78.80 43.64
CA ASN H 158 -33.31 -77.93 44.65
CA SER H 159 -33.57 -76.80 48.28
CA GLN H 160 -32.05 -77.84 51.63
CA GLU H 161 -33.90 -78.07 54.96
CA SER H 162 -32.25 -77.88 58.40
CA VAL H 163 -33.92 -78.01 61.82
CA THR H 164 -32.21 -77.13 65.10
CA GLU H 165 -32.53 -78.98 68.42
CA GLN H 166 -35.41 -78.09 70.78
CA ASP H 167 -34.45 -75.24 73.16
CA SER H 168 -34.62 -75.18 76.97
CA LYS H 169 -37.36 -72.55 77.33
CA ASP H 170 -40.72 -72.78 75.55
CA SER H 171 -40.10 -76.17 73.90
CA THR H 172 -40.45 -75.40 70.18
CA TYR H 173 -38.82 -75.92 66.77
CA SER H 174 -37.70 -73.64 63.93
CA LEU H 175 -36.74 -74.20 60.28
CA SER H 176 -35.10 -72.54 57.27
CA SER H 177 -34.94 -73.10 53.51
CA THR H 178 -32.21 -71.88 51.15
CA LEU H 179 -32.81 -71.87 47.39
CA THR H 180 -29.40 -72.02 45.68
CA LEU H 181 -29.44 -70.73 42.09
CA SER H 182 -26.60 -69.05 40.18
CA LYS H 183 -26.65 -65.40 39.05
CA ALA H 184 -27.70 -66.33 35.49
CA ASP H 185 -30.90 -68.05 36.63
CA TYR H 186 -31.58 -65.36 39.24
CA GLU H 187 -31.43 -62.36 36.88
CA LYS H 188 -34.21 -64.04 34.87
CA HIS H 189 -37.11 -64.29 37.34
CA LYS H 190 -39.08 -61.88 39.54
CA VAL H 191 -41.59 -63.43 41.97
CA TYR H 192 -40.13 -65.45 44.87
CA ALA H 193 -42.60 -66.75 47.45
CA CYS H 194 -42.40 -69.50 50.10
CA GLU H 195 -45.63 -71.34 51.00
CA VAL H 196 -45.74 -72.93 54.49
CA THR H 197 -48.12 -75.57 55.87
CA HIS H 198 -48.50 -76.21 59.61
CA GLN H 199 -51.21 -77.29 62.07
CA GLY H 200 -51.01 -73.97 63.91
CA LEU H 201 -51.68 -72.03 60.71
CA SER H 202 -55.33 -71.73 59.65
CA SER H 203 -54.22 -71.24 56.03
CA PRO H 204 -50.84 -71.34 54.20
CA VAL H 205 -48.79 -68.18 54.76
CA THR H 206 -47.15 -66.74 51.63
CA LYS H 207 -44.04 -64.54 51.89
CA SER H 208 -42.99 -63.13 48.51
CA PHE H 209 -40.71 -60.36 47.23
CA ASN H 210 -40.23 -58.76 43.80
CA ARG H 211 -36.80 -58.89 42.13
CA GLY H 212 -35.65 -55.63 40.51
CA GLU H 213 -35.28 -52.31 42.38
CA CYS H 214 -33.97 -49.00 40.98
CA GLU I 1 -40.49 38.25 97.95
CA LEU I 2 -40.14 36.15 101.10
CA VAL I 3 -36.85 34.21 101.19
CA MET I 4 -36.82 30.54 102.21
CA THR I 5 -33.45 29.07 103.24
CA GLN I 6 -33.02 25.33 103.83
CA SER I 7 -30.02 23.50 105.36
CA PRO I 8 -27.86 21.57 104.90
CA SER I 9 -27.12 21.52 101.16
CA SER I 10 -26.47 17.77 101.18
CA LEU I 11 -27.17 14.87 103.55
CA SER I 12 -25.32 11.58 104.07
CA ALA I 13 -26.78 8.81 106.25
CA SER I 14 -27.16 5.02 106.35
CA VAL I 15 -30.48 3.13 106.43
CA GLY I 16 -32.12 3.68 109.81
CA ASP I 17 -30.74 7.05 110.92
CA ARG I 18 -33.13 9.91 111.71
CA VAL I 19 -32.38 12.93 109.49
CA ASN I 20 -33.44 16.52 110.22
CA ILE I 21 -34.20 19.04 107.46
CA ALA I 22 -34.74 22.72 108.35
CA CYS I 23 -36.72 25.42 106.50
CA ARG I 24 -36.47 28.96 107.88
CA ALA I 25 -38.22 32.07 106.54
CA SER I 26 -37.53 35.81 106.40
CA GLN I 27 -40.62 36.60 108.49
CA GLY I 28 -43.43 34.78 110.29
CA ILE I 29 -45.84 32.87 108.03
CA SER I 30 -47.76 31.03 110.78
CA SER I 31 -48.71 27.45 109.82
CA ALA I 32 -48.36 27.94 106.04
CA LEU I 33 -45.69 25.53 104.72
CA ALA I 34 -45.62 22.46 102.45
CA TRP I 35 -42.96 19.76 101.98
CA TYR I 36 -42.23 17.96 98.70
CA GLN I 37 -40.45 14.90 97.31
CA GLN I 38 -38.84 15.09 93.87
CA LYS I 39 -37.33 11.84 92.59
CA PRO I 40 -34.68 12.81 89.99
CA GLY I 41 -36.39 13.00 86.61
CA LYS I 42 -39.92 13.22 88.02
CA ALA I 43 -42.55 15.72 89.18
CA PRO I 44 -42.68 16.77 92.87
CA ARG I 45 -44.92 14.90 95.32
CA LEU I 46 -46.79 16.48 98.23
CA LEU I 47 -45.80 15.03 101.61
CA ILE I 48 -46.98 17.42 104.32
CA TYR I 49 -49.41 20.35 104.32
CA ASP I 50 -50.48 22.92 106.97
CA ALA I 51 -47.18 22.23 108.78
CA SER I 52 -47.85 18.81 110.35
CA ASN I 53 -50.74 17.10 108.52
CA LEU I 54 -49.81 14.14 106.30
CA GLU I 55 -51.38 13.26 102.94
CA SER I 56 -53.28 10.01 102.35
CA GLY I 57 -50.77 7.46 101.12
CA VAL I 58 -47.58 9.04 102.46
CA PRO I 59 -45.77 6.67 104.88
CA SER I 60 -46.26 7.00 108.64
CA ARG I 61 -42.53 7.67 109.12
CA PHE I 62 -42.70 11.16 107.61
CA SER I 63 -43.66 14.12 109.83
CA GLY I 64 -42.60 17.51 111.24
CA SER I 65 -43.60 20.68 113.11
CA GLY I 66 -42.74 24.34 113.70
CA SER I 67 -44.65 27.59 114.23
CA GLY I 68 -43.72 30.89 112.58
CA THR I 69 -40.06 31.00 111.59
CA ASP I 70 -38.28 27.71 112.38
CA PHE I 71 -39.52 24.56 110.62
CA THR I 72 -38.30 20.94 110.43
CA LEU I 73 -38.82 17.75 108.38
CA THR I 74 -38.15 14.43 110.12
CA ILE I 75 -37.78 10.77 109.04
CA SER I 76 -37.62 8.18 111.85
CA SER I 77 -36.44 5.29 109.64
CA LEU I 78 -34.46 6.12 106.49
CA GLN I 79 -35.05 3.66 103.64
CA PRO I 80 -33.37 3.37 100.20
CA GLU I 81 -36.58 4.51 98.49
CA ASP I 82 -36.22 8.01 100.00
CA PHE I 83 -33.66 9.26 97.45
CA ALA I 84 -35.09 12.64 96.44
CA ILE I 85 -34.49 16.39 96.63
CA TYR I 86 -36.95 17.84 99.16
CA TYR I 87 -38.41 21.37 99.02
CA CYS I 88 -40.52 23.66 101.22
CA GLN I 89 -42.67 26.53 99.94
CA GLN I 90 -44.92 29.04 101.70
CA PHE I 91 -48.49 30.17 101.06
CA ASN I 92 -49.30 33.27 103.13
CA SER I 93 -48.59 35.99 100.55
CA TYR I 94 -47.48 36.49 96.93
CA PRO I 95 -45.50 35.38 95.12
CA LEU I 96 -45.20 31.81 96.41
CA THR I 97 -41.54 30.85 96.88
CA PHE I 98 -39.65 27.54 97.18
CA GLY I 99 -36.69 26.32 99.23
CA GLY I 100 -33.15 25.72 98.03
CA GLY I 101 -33.51 21.95 98.07
CA THR I 102 -31.90 19.37 100.36
CA LYS I 103 -30.65 16.26 98.54
CA VAL I 104 -30.59 12.98 100.48
CA GLU I 105 -27.82 10.54 99.57
CA ILE I 106 -28.05 7.01 101.00
CA LYS I 107 -25.14 5.17 102.65
CA ARG I 108 -24.16 1.49 102.40
CA THR I 109 -21.18 -0.86 101.96
CA VAL I 110 -18.68 -0.97 99.09
CA ALA I 111 -19.59 -2.81 95.88
CA ALA I 112 -17.36 -4.08 93.07
CA PRO I 113 -18.61 -3.07 89.57
CA SER I 114 -18.68 -5.52 86.66
CA VAL I 115 -16.91 -3.71 83.81
CA PHE I 116 -18.03 -4.20 80.19
CA ILE I 117 -17.08 -2.59 76.86
CA PHE I 118 -18.83 -1.99 73.52
CA PRO I 119 -16.92 -1.46 70.26
CA PRO I 120 -18.53 0.52 67.36
CA SER I 121 -21.21 -1.23 65.29
CA ASP I 122 -21.10 -2.14 61.60
CA GLU I 123 -23.61 0.47 60.41
CA GLN I 124 -22.10 3.23 62.58
CA LEU I 125 -18.79 3.35 60.69
CA LYS I 126 -20.54 4.13 57.36
CA SER I 127 -20.95 7.81 58.20
CA GLY I 128 -17.33 8.14 59.30
CA THR I 129 -17.26 7.97 63.10
CA ALA I 130 -16.74 5.51 65.98
CA SER I 131 -17.75 5.28 69.65
CA VAL I 132 -16.40 2.74 72.15
CA VAL I 133 -18.48 2.49 75.34
CA CYS I 134 -17.22 1.05 78.66
CA LEU I 135 -19.67 0.03 81.41
CA LEU I 136 -19.22 -0.03 85.20
CA ASN I 137 -22.48 -1.71 86.30
CA ASN I 138 -23.46 -1.59 90.01
CA PHE I 139 -21.07 0.10 92.46
CA TYR I 140 -20.66 2.26 95.58
CA PRO I 141 -19.48 4.92 96.18
CA ARG I 142 -19.74 6.99 93.00
CA GLU I 143 -15.98 7.61 93.30
CA ALA I 144 -14.50 5.76 90.32
CA LYS I 145 -11.98 6.21 87.51
CA VAL I 146 -11.81 5.18 83.85
CA GLN I 147 -8.64 5.25 81.76
CA TRP I 148 -8.78 4.28 78.07
CA LYS I 149 -5.96 2.18 76.63
CA VAL I 150 -5.32 2.63 72.92
CA ASP I 151 -2.36 0.59 71.62
CA ASN I 152 -1.34 -0.50 75.15
CA ALA I 153 0.42 2.40 76.90
CA LEU I 154 -0.94 5.22 74.71
CA GLN I 155 -3.56 6.90 76.91
CA SER I 156 -5.98 9.29 75.19
CA GLY I 157 -7.92 12.24 76.58
CA ASN I 158 -11.12 12.87 74.64
CA SER I 159 -13.82 11.00 76.58
CA GLN I 160 -17.13 11.85 78.27
CA GLU I 161 -18.36 10.52 81.63
CA SER I 162 -22.01 10.36 82.73
CA VAL I 163 -23.43 9.00 85.99
CA THR I 164 -27.11 8.30 86.63
CA GLU I 165 -29.07 9.06 89.80
CA GLN I 166 -29.08 6.50 92.65
CA ASP I 167 -31.90 3.94 92.24
CA SER I 168 -34.63 3.00 94.74
CA LYS I 169 -33.51 -0.59 95.42
CA ASP I 170 -29.95 -1.50 96.45
CA SER I 171 -28.62 2.08 96.61
CA THR I 172 -25.74 2.04 94.09
CA TYR I 173 -24.20 3.94 91.16
CA SER I 174 -23.20 3.06 87.60
CA LEU I 175 -21.03 4.76 84.95
CA SER I 176 -20.13 4.69 81.25
CA SER I 177 -17.35 6.04 79.02
CA THR I 178 -17.60 6.71 75.27
CA LEU I 179 -14.42 7.22 73.24
CA THR I 180 -15.36 9.23 70.13
CA LEU I 181 -12.86 8.88 67.27
CA SER I 182 -13.56 9.07 63.53
CA LYS I 183 -13.26 6.13 61.12
CA ALA I 184 -9.80 7.21 59.93
CA ASP I 185 -8.28 7.03 63.41
CA TYR I 186 -10.17 3.82 64.24
CA GLU I 187 -9.01 1.79 61.22
CA LYS I 188 -5.45 2.44 62.44
CA HIS I 189 -5.41 0.81 65.89
CA LYS I 190 -6.09 -2.66 67.29
CA VAL I 191 -6.04 -2.90 71.10
CA TYR I 192 -8.74 -1.06 73.07
CA ALA I 193 -8.85 -1.59 76.85
CA CYS I 194 -10.51 0.31 79.71
CA GLU I 195 -8.78 0.28 83.13
CA VAL I 196 -11.04 0.87 86.15
CA THR I 197 -10.12 1.82 89.74
CA HIS I 198 -12.54 1.42 92.65
CA GLN I 199 -12.42 0.62 96.38
CA GLY I 200 -14.41 -2.57 95.88
CA LEU I 201 -11.92 -3.89 93.34
CA SER I 202 -8.78 -5.55 94.75
CA SER I 203 -6.91 -4.71 91.54
CA PRO I 204 -7.75 -2.73 88.33
CA VAL I 205 -9.97 -4.67 85.95
CA THR I 206 -8.98 -4.53 82.27
CA LYS I 207 -11.48 -5.11 79.46
CA SER I 208 -9.92 -5.18 76.00
CA PHE I 209 -10.85 -6.36 72.50
CA ASN I 210 -8.93 -6.81 69.26
CA ARG I 211 -9.82 -5.18 65.93
CA GLY I 212 -10.27 -7.55 63.02
CA GLU I 213 -13.18 -9.99 63.06
CA CYS I 214 -12.05 -11.78 59.94
CA LYS J 1 -9.65 47.48 -51.85
CA SER J 2 -7.25 48.21 -49.06
CA PRO J 3 -3.78 47.05 -49.71
CA ILE J 4 -3.00 46.33 -46.10
CA PHE J 5 -3.61 43.12 -44.24
CA GLY J 6 -3.15 41.79 -40.73
CA PRO J 7 -4.86 39.89 -37.98
CA GLU J 8 -8.60 40.20 -38.22
CA GLU J 9 -8.93 39.41 -34.57
CA VAL J 10 -6.50 39.13 -31.71
CA ASN J 11 -7.23 37.60 -28.33
CA SER J 12 -5.12 37.98 -25.22
CA VAL J 13 -5.22 38.19 -21.43
CA GLU J 14 -5.07 41.14 -19.04
CA GLY J 15 -1.49 40.64 -18.06
CA ASN J 16 0.05 39.94 -21.37
CA SER J 17 1.40 41.62 -24.42
CA VAL J 18 0.33 41.23 -28.00
CA SER J 19 2.24 41.71 -31.17
CA ILE J 20 0.27 42.77 -34.15
CA THR J 21 1.83 42.54 -37.58
CA CYS J 22 0.37 44.33 -40.57
CA TYR J 23 1.46 43.90 -44.14
CA TYR J 24 1.68 46.55 -46.85
CA PRO J 25 3.02 46.34 -50.36
CA PRO J 26 6.73 46.62 -50.60
CA THR J 27 7.01 50.04 -52.14
CA SER J 28 9.39 52.84 -51.64
CA VAL J 29 6.35 54.97 -51.02
CA ASN J 30 5.11 52.68 -48.31
CA ARG J 31 8.56 52.15 -46.95
CA HIS J 32 8.69 55.86 -46.19
CA THR J 33 5.06 56.59 -45.29
CA ARG J 34 3.81 57.10 -41.78
CA LYS J 35 2.61 53.88 -40.19
CA TYR J 36 -0.12 54.12 -37.60
CA TRP J 37 -2.16 52.21 -35.04
CA CYS J 38 -5.41 53.81 -33.96
CA ARG J 39 -8.53 52.89 -32.07
CA GLN J 40 -12.02 53.25 -33.44
CA GLY J 41 -14.26 55.26 -31.21
CA ALA J 42 -17.92 54.51 -30.80
CA ARG J 43 -18.41 57.85 -32.52
CA GLY J 44 -16.74 56.59 -35.65
CA GLY J 45 -13.27 58.14 -35.66
CA CYS J 46 -9.94 56.50 -35.12
CA ILE J 47 -7.55 58.07 -32.70
CA THR J 48 -3.86 57.46 -33.23
CA LEU J 49 -2.34 55.53 -30.35
CA ILE J 50 1.13 55.14 -31.86
CA SER J 51 2.80 56.18 -35.11
CA SER J 52 6.14 55.70 -36.84
CA GLU J 53 6.21 59.46 -36.70
CA GLY J 54 7.22 59.23 -33.07
CA TYR J 55 3.89 60.19 -31.58
CA VAL J 56 2.90 57.94 -28.71
CA SER J 57 -0.35 57.98 -26.80
CA SER J 58 -0.04 58.78 -23.15
CA LYS J 59 -1.71 55.50 -22.33
CA TYR J 60 0.80 53.71 -24.58
CA ALA J 61 3.93 55.35 -23.21
CA GLY J 62 6.53 52.83 -22.10
CA ARG J 63 4.26 49.86 -22.76
CA ALA J 64 4.30 49.78 -26.56
CA ASN J 65 6.47 50.43 -29.58
CA LEU J 66 5.99 50.42 -33.32
CA THR J 67 8.67 49.05 -35.62
CA ASN J 68 8.98 49.21 -39.39
CA PHE J 69 10.45 46.30 -41.33
CA PRO J 70 10.85 47.43 -44.88
CA GLU J 71 12.27 44.11 -45.98
CA ASN J 72 9.16 42.27 -44.88
CA GLY J 73 6.84 45.02 -46.01
CA THR J 74 5.40 44.98 -42.54
CA PHE J 75 5.45 46.80 -39.24
CA VAL J 76 4.76 45.49 -35.77
CA VAL J 77 2.94 47.04 -32.88
CA ASN J 78 3.85 45.62 -29.51
CA ILE J 79 1.48 46.25 -26.67
CA ALA J 80 2.32 45.25 -23.14
CA GLN J 81 0.41 45.47 -19.89
CA LEU J 82 -2.84 44.84 -21.72
CA SER J 83 -5.90 45.70 -19.69
CA GLN J 84 -9.58 44.96 -20.13
CA ASP J 85 -10.00 48.48 -21.42
CA ASP J 86 -7.75 47.57 -24.32
CA SER J 87 -10.50 45.42 -25.78
CA GLY J 88 -11.93 47.18 -28.78
CA ARG J 89 -11.53 47.83 -32.48
CA TYR J 90 -8.36 49.28 -33.95
CA LYS J 91 -6.82 49.88 -37.33
CA CYS J 92 -3.31 49.71 -38.67
CA GLY J 93 -2.58 51.68 -41.79
CA LEU J 94 -0.28 53.90 -43.79
CA GLY J 95 -0.30 57.55 -44.68
CA ILE J 96 -2.95 59.93 -43.48
CA ASN J 97 -5.66 58.34 -41.40
CA SER J 98 -7.99 59.83 -44.01
CA ARG J 99 -6.96 57.66 -47.03
CA GLY J 100 -8.51 54.39 -45.91
CA LEU J 101 -5.40 52.41 -46.54
CA SER J 102 -5.68 50.41 -43.38
CA PHE J 103 -6.74 47.14 -41.82
CA ASP J 104 -9.33 46.60 -39.11
CA VAL J 105 -8.18 44.64 -36.11
CA SER J 106 -10.36 43.58 -33.26
CA LEU J 107 -8.67 43.01 -29.95
CA GLU J 108 -10.32 41.24 -27.09
CA VAL J 109 -8.50 41.26 -23.80
CA SER J 110 -12.11 42.41 -21.73
CA GLN J 111 -13.97 39.23 -22.35
CA GLY J 112 -16.94 37.56 -20.36
CA PRO J 113 -19.42 38.94 -19.20
CA GLY J 114 -20.57 36.64 -16.33
CA LEU J 115 -22.10 33.16 -16.27
CA LEU J 116 -21.59 30.20 -13.74
CA ASN J 117 -25.11 28.99 -14.22
CA ASP J 118 -26.93 28.13 -17.41
CA THR J 119 -29.37 25.55 -18.65
CA LYS J 120 -27.63 22.23 -18.61
CA VAL J 121 -29.63 21.04 -21.54
CA TYR J 122 -31.86 22.82 -23.97
CA THR J 123 -34.20 21.05 -26.33
CA VAL J 124 -35.85 22.53 -29.37
CA ASP J 125 -37.62 21.53 -32.56
CA LEU J 126 -35.87 22.20 -35.80
CA GLY J 127 -37.60 25.28 -37.14
CA ARG J 128 -37.82 27.05 -33.78
CA THR J 129 -35.59 29.71 -32.31
CA VAL J 130 -33.94 29.25 -28.96
CA THR J 131 -32.56 31.54 -26.33
CA ILE J 132 -29.84 30.63 -23.88
CA ASN J 133 -29.22 32.73 -20.81
CA CYS J 134 -26.12 32.52 -18.67
CA PRO J 135 -25.66 34.48 -15.51
CA PHE J 136 -22.31 35.94 -14.38
CA LYS J 137 -20.64 38.22 -11.78
CA THR J 138 -19.32 41.80 -11.62
CA GLU J 139 -15.74 41.32 -12.77
CA ASN J 140 -17.44 39.16 -15.26
CA ALA J 141 -19.60 42.07 -16.28
CA GLN J 142 -16.67 43.72 -17.98
CA LYS J 143 -15.08 40.64 -19.52
CA ARG J 144 -15.73 39.16 -22.94
CA LYS J 145 -18.69 36.83 -23.22
CA SER J 146 -18.69 33.96 -25.65
CA LEU J 147 -20.66 31.00 -26.93
CA TYR J 148 -18.68 28.18 -28.45
CA LYS J 149 -19.09 24.64 -29.70
CA GLN J 150 -17.13 21.88 -28.03
CA ILE J 151 -15.16 19.25 -29.93
CA GLY J 152 -11.75 19.42 -31.42
CA LEU J 153 -8.73 21.00 -29.88
CA TYR J 154 -10.51 24.21 -29.15
CA PRO J 155 -14.10 24.98 -28.61
CA VAL J 156 -15.01 27.08 -31.61
CA LEU J 157 -16.40 30.48 -30.81
CA VAL J 158 -19.66 30.93 -32.66
CA ILE J 159 -20.41 34.40 -31.32
CA ASP J 160 -18.65 36.76 -28.94
CA SER J 161 -19.40 40.03 -27.14
CA SER J 162 -16.22 41.28 -28.79
CA GLY J 163 -18.03 41.91 -32.03
CA TYR J 164 -17.10 38.58 -33.57
CA VAL J 165 -19.78 36.58 -35.32
CA ASN J 166 -19.18 33.26 -37.07
CA PRO J 167 -20.33 32.99 -40.61
CA ASN J 168 -22.58 30.10 -39.76
CA TYR J 169 -24.21 32.25 -37.10
CA THR J 170 -24.11 35.58 -38.90
CA GLY J 171 -27.67 36.85 -39.09
CA ARG J 172 -28.90 33.63 -37.48
CA ILE J 173 -27.97 34.50 -33.93
CA ARG J 174 -27.34 37.34 -31.51
CA LEU J 175 -25.55 37.62 -28.19
CA ASP J 176 -26.63 40.34 -25.81
CA ILE J 177 -24.91 41.41 -22.65
CA GLN J 178 -26.79 42.52 -19.60
CA GLY J 179 -24.94 44.62 -17.12
CA THR J 180 -23.59 43.38 -13.85
CA GLY J 181 -26.88 43.94 -12.15
CA GLN J 182 -28.64 41.74 -14.62
CA LEU J 183 -25.50 39.61 -14.70
CA LEU J 184 -26.81 37.85 -17.74
CA PHE J 185 -26.06 37.56 -21.39
CA SER J 186 -28.37 35.97 -23.86
CA VAL J 187 -27.65 34.02 -26.98
CA VAL J 188 -30.53 33.93 -29.40
CA ILE J 189 -30.33 31.33 -32.13
CA ASN J 190 -32.90 31.00 -34.85
CA GLN J 191 -33.68 28.58 -37.63
CA LEU J 192 -32.27 25.67 -35.69
CA ARG J 193 -31.11 22.84 -37.90
CA LEU J 194 -30.06 19.28 -37.28
CA SER J 195 -26.45 20.41 -37.34
CA ASP J 196 -27.15 22.54 -34.28
CA ALA J 197 -27.49 19.64 -31.89
CA GLY J 198 -24.30 19.29 -29.91
CA GLN J 199 -22.43 20.54 -26.87
CA TYR J 200 -21.62 24.18 -26.38
CA LEU J 201 -20.40 26.38 -23.59
CA CYS J 202 -21.09 29.93 -22.56
CA GLN J 203 -18.38 31.68 -20.71
CA ALA J 204 -16.41 34.79 -19.93
CA GLY J 205 -12.89 35.73 -20.85
CA ASP J 206 -10.88 33.45 -23.08
CA ASP J 207 -12.19 30.05 -24.05
CA SER J 208 -9.18 28.23 -22.65
CA ASN J 209 -10.06 29.40 -19.21
CA SER J 210 -12.57 27.18 -17.49
CA ASN J 211 -14.86 30.02 -16.65
CA LYS J 212 -17.89 28.72 -18.46
CA LYS J 213 -20.77 26.32 -18.27
CA ASN J 214 -21.48 23.45 -20.58
CA ALA J 215 -24.80 23.41 -22.33
CA ASP J 216 -26.16 20.54 -24.37
CA LEU J 217 -28.40 21.56 -27.21
CA GLN J 218 -30.70 18.94 -28.58
CA VAL J 219 -32.45 19.75 -31.82
CA LEU J 220 -34.55 16.50 -31.98
CA LYS J 221 -37.84 14.70 -32.73
CA PRO J 222 -38.83 15.30 -29.15
CA GLU J 223 -42.24 14.19 -27.95
CA PRO J 224 -43.97 12.88 -24.94
CA GLU J 225 -42.57 9.45 -24.31
CA LEU J 226 -45.72 8.36 -22.59
CA VAL J 227 -49.13 9.92 -22.42
CA TYR J 228 -51.79 8.64 -20.07
CA GLU J 229 -55.35 9.83 -19.88
CA ASP J 230 -58.77 8.72 -18.79
CA LEU J 231 -61.56 7.56 -21.02
CA ARG J 232 -63.76 10.21 -22.55
CA GLY J 233 -61.01 12.71 -21.99
CA SER J 234 -59.35 14.81 -24.62
CA VAL J 235 -55.64 14.64 -25.10
CA THR J 236 -53.07 16.59 -27.01
CA PHE J 237 -49.66 15.48 -28.12
CA HIS J 238 -46.93 17.96 -28.85
CA CYS J 239 -44.04 16.99 -31.09
CA ALA J 240 -41.00 19.15 -31.89
CA LEU J 241 -38.75 19.35 -34.97
CA GLY J 242 -36.08 21.29 -37.02
CA PRO J 243 -35.83 23.34 -40.17
CA GLU J 244 -36.29 20.94 -43.07
CA VAL J 245 -39.08 19.82 -40.91
CA ALA J 246 -40.95 23.11 -40.92
CA ASN J 247 -42.20 22.63 -44.47
CA VAL J 248 -42.25 18.84 -44.44
CA ALA J 249 -45.49 16.93 -43.99
CA LYS J 250 -46.36 16.09 -40.41
CA PHE J 251 -48.12 12.92 -39.53
CA LEU J 252 -49.47 10.95 -36.64
CA CYS J 253 -49.73 7.24 -37.11
CA ARG J 254 -50.62 4.17 -35.12
CA GLN J 255 -48.07 1.42 -35.01
CA SER J 256 -49.30 -1.87 -36.26
CA SER J 257 -47.90 -5.33 -36.67
CA GLY J 258 -45.26 -5.47 -39.34
CA GLU J 259 -43.31 -2.46 -40.35
CA ASN J 260 -46.26 -0.28 -41.21
CA CYS J 261 -47.81 2.58 -39.35
CA ASP J 262 -51.14 3.79 -40.57
CA VAL J 263 -51.49 7.50 -40.72
CA VAL J 264 -54.36 8.65 -38.59
CA VAL J 265 -54.02 12.25 -39.69
CA ASN J 266 -51.57 14.40 -41.62
CA THR J 267 -50.70 18.03 -42.25
CA LEU J 268 -51.34 17.07 -45.88
CA GLY J 269 -55.05 17.31 -45.42
CA LYS J 270 -55.82 13.66 -45.05
CA ARG J 271 -57.96 12.73 -42.10
CA ALA J 272 -58.83 9.12 -41.34
CA PRO J 273 -62.43 8.39 -40.82
CA ALA J 274 -61.85 7.00 -37.35
CA PHE J 275 -60.27 10.34 -36.53
CA GLU J 276 -62.52 12.54 -38.64
CA GLY J 277 -64.14 15.17 -36.46
CA ARG J 278 -62.56 13.51 -33.44
CA ILE J 279 -59.05 14.85 -33.91
CA LEU J 280 -57.08 17.79 -35.23
CA LEU J 281 -53.43 18.20 -36.13
CA ASN J 282 -52.03 21.68 -36.35
CA PRO J 283 -48.55 22.77 -37.10
CA GLN J 284 -46.76 25.78 -35.76
CA ASP J 285 -43.59 26.45 -37.69
CA LYS J 286 -42.33 29.19 -35.45
CA ASP J 287 -42.42 27.15 -32.29
CA GLY J 288 -41.27 24.11 -34.19
CA SER J 289 -44.10 21.99 -32.98
CA PHE J 290 -47.29 20.47 -34.18
CA SER J 291 -50.05 19.32 -31.95
CA VAL J 292 -52.41 16.43 -32.35
CA VAL J 293 -55.61 16.86 -30.42
CA ILE J 294 -57.71 13.79 -29.88
CA THR J 295 -61.05 13.73 -28.14
CA GLY J 296 -63.43 11.03 -27.00
CA LEU J 297 -60.53 8.88 -25.88
CA ARG J 298 -61.53 5.26 -25.76
CA LYS J 299 -59.86 2.04 -24.71
CA GLU J 300 -59.19 1.53 -28.38
CA ASP J 301 -56.86 4.51 -28.22
CA ALA J 302 -54.27 2.91 -25.96
CA GLY J 303 -51.32 1.78 -28.01
CA ARG J 304 -48.11 2.92 -29.67
CA TYR J 305 -48.08 5.80 -32.09
CA LEU J 306 -45.50 7.83 -33.96
CA CYS J 307 -45.44 11.45 -34.89
CA GLY J 308 -42.96 12.41 -37.50
CA ALA J 309 -42.15 14.33 -40.62
CA HIS J 310 -42.02 13.28 -44.24
CA SER J 311 -43.05 9.78 -45.10
CA ASP J 312 -43.60 7.21 -42.38
CA GLY J 313 -41.06 4.44 -42.68
CA GLN J 314 -38.50 7.18 -43.07
CA LEU J 315 -38.32 6.66 -39.36
CA GLN J 316 -37.82 10.33 -38.90
CA GLU J 317 -40.26 10.18 -36.05
CA GLY J 318 -40.68 9.73 -32.34
CA SER J 319 -42.61 6.98 -30.67
CA PRO J 320 -45.30 7.96 -28.30
CA ILE J 321 -46.98 5.49 -26.00
CA GLN J 322 -50.56 6.24 -25.16
CA ALA J 323 -52.41 4.58 -22.36
CA TRP J 324 -55.98 5.15 -21.37
CA GLN J 325 -56.15 5.20 -18.11
CA LEU J 326 -57.59 4.62 -14.40
CA PHE J 327 -58.27 2.58 -12.14
CA VAL J 328 -55.74 -0.38 -12.84
CA ASN J 329 -52.46 -0.15 -10.74
CA GLU J 330 -52.46 3.08 -8.57
CA GLU J 331 -55.07 1.93 -5.83
CA SER J 332 -54.61 -1.87 -6.79
CA THR J 333 -57.86 -3.63 -6.63
CA ILE J 334 -59.24 -6.54 -4.39
CA PRO J 335 -60.34 -7.56 -1.71
CA ARG J 336 -63.67 -5.89 -2.07
CA SER J 337 -67.00 -6.69 -0.55
CA PRO J 338 -69.98 -5.05 0.96
CA THR J 339 -68.96 -2.98 3.94
CA VAL J 340 -72.33 -3.43 5.52
CA VAL J 341 -75.14 -5.80 4.82
CA LYS J 342 -78.55 -5.55 6.34
CA GLY J 343 -81.20 -8.18 6.36
CA VAL J 344 -84.16 -9.07 8.43
CA ALA J 345 -85.13 -12.10 10.46
CA GLY J 346 -85.66 -15.37 8.61
CA SER J 347 -84.54 -14.02 5.23
CA SER J 348 -81.47 -15.34 3.41
CA VAL J 349 -78.48 -13.27 2.45
CA ALA J 350 -75.61 -13.59 0.08
CA VAL J 351 -72.27 -11.85 0.33
CA LEU J 352 -69.91 -11.55 -2.59
CA CYS J 353 -66.21 -10.75 -2.29
CA PRO J 354 -63.77 -10.13 -5.15
CA TYR J 355 -60.06 -11.24 -5.41
CA ASN J 356 -56.83 -11.57 -7.61
CA ARG J 357 -54.84 -14.27 -9.49
CA LYS J 358 -52.81 -15.99 -6.81
CA GLU J 359 -55.98 -15.67 -4.93
CA SER J 360 -57.89 -17.78 -7.44
CA LYS J 361 -56.13 -20.86 -6.11
CA SER J 362 -55.95 -19.97 -2.42
CA ILE J 363 -58.44 -20.97 0.23
CA LYS J 364 -61.43 -18.71 0.70
CA TYR J 365 -63.00 -18.25 4.05
CA TRP J 366 -65.74 -16.51 6.00
CA CYS J 367 -65.16 -15.69 9.67
CA LEU J 368 -66.76 -13.91 12.57
CA TRP J 369 -64.63 -11.40 14.41
CA GLU J 370 -63.94 -12.10 18.05
CA GLY J 371 -63.40 -9.40 20.60
CA ALA J 372 -60.26 -9.57 22.69
CA GLN J 373 -56.84 -8.07 22.83
CA ASN J 374 -55.88 -11.05 20.79
CA GLY J 375 -58.88 -12.55 19.14
CA ARG J 376 -59.27 -14.72 16.14
CA CYS J 377 -62.08 -14.73 13.68
CA PRO J 378 -63.57 -18.11 13.91
CA LEU J 379 -63.63 -19.95 10.61
CA LEU J 380 -67.33 -20.15 9.88
CA VAL J 381 -67.06 -21.76 6.43
CA ASP J 382 -64.15 -22.39 4.08
CA SER J 383 -63.49 -23.33 0.46
CA GLU J 384 -61.56 -26.27 1.87
CA GLY J 385 -64.65 -28.22 2.69
CA TRP J 386 -64.93 -27.14 6.28
CA VAL J 387 -68.23 -25.90 7.61
CA LYS J 388 -68.94 -24.89 11.18
CA ALA J 389 -71.65 -26.63 13.10
CA GLN J 390 -73.73 -23.52 13.40
CA TYR J 391 -73.55 -22.98 9.66
CA GLU J 392 -73.74 -26.59 8.51
CA GLY J 393 -76.68 -26.88 6.15
CA ARG J 394 -77.60 -23.25 6.77
CA LEU J 395 -74.91 -21.67 4.62
CA SER J 396 -72.79 -22.23 1.54
CA LEU J 397 -69.58 -20.81 0.12
CA LEU J 398 -69.00 -20.93 -3.61
CA GLU J 399 -65.97 -19.76 -5.52
CA GLU J 400 -65.95 -18.80 -9.14
CA PRO J 401 -62.46 -18.03 -10.21
CA GLY J 402 -63.20 -16.59 -13.62
CA ASN J 403 -65.30 -13.88 -12.06
CA GLY J 404 -62.86 -13.48 -9.25
CA THR J 405 -65.56 -13.82 -6.68
CA PHE J 406 -66.83 -16.22 -4.08
CA THR J 407 -70.23 -16.03 -2.53
CA VAL J 408 -71.35 -16.92 0.93
CA ILE J 409 -75.01 -17.66 1.16
CA LEU J 410 -76.60 -17.80 4.56
CA ASN J 411 -80.17 -18.73 5.31
CA GLN J 412 -82.35 -18.56 8.40
CA LEU J 413 -80.73 -15.39 9.60
CA THR J 414 -81.29 -15.04 13.31
CA SER J 415 -80.54 -12.47 15.96
CA ARG J 416 -77.29 -14.28 16.61
CA ASP J 417 -76.10 -13.48 13.10
CA ALA J 418 -75.70 -9.75 13.55
CA GLY J 419 -72.04 -8.99 14.00
CA PHE J 420 -68.73 -8.46 12.28
CA TYR J 421 -67.40 -10.91 9.76
CA TRP J 422 -64.51 -11.15 7.35
CA CYS J 423 -64.15 -12.75 3.94
CA LEU J 424 -60.59 -13.44 3.04
CA THR J 425 -58.10 -15.59 1.18
CA ASN J 426 -55.47 -17.94 2.66
CA GLY J 427 -54.91 -17.92 6.40
CA ASP J 428 -57.14 -15.86 8.68
CA THR J 429 -54.21 -14.18 10.40
CA LEU J 430 -52.77 -12.81 7.18
CA TRP J 431 -55.54 -10.22 7.15
CA ARG J 432 -55.85 -10.21 3.39
CA THR J 433 -59.57 -9.94 3.97
CA THR J 434 -62.35 -7.43 3.91
CA VAL J 435 -64.48 -6.65 6.92
CA GLU J 436 -68.20 -6.91 6.59
CA ILE J 437 -70.75 -5.83 9.12
CA LYS J 438 -73.97 -7.74 9.09
CA ILE J 439 -77.02 -6.43 10.86
CA ILE J 440 -79.98 -8.73 11.08
CA GLU J 441 -83.04 -6.61 10.89
CA GLY J 442 -85.95 -8.35 12.97
CA GLU J 443 -83.63 -10.43 15.27
CA PRO J 444 -82.39 -7.31 17.23
CA ASN J 445 -79.66 -7.19 19.91
CA LEU J 446 -78.22 -3.54 20.33
CA LYS J 447 -74.96 -2.09 21.50
CA VAL J 448 -74.41 0.44 24.21
CA PRO J 449 -72.12 1.41 26.98
CA GLY J 450 -73.64 -0.70 29.66
CA ASN J 451 -71.65 1.30 32.16
CA VAL J 452 -71.57 5.01 32.69
CA THR J 453 -70.30 7.08 35.56
CA ALA J 454 -71.00 10.70 36.33
CA VAL J 455 -71.16 13.11 39.20
CA LEU J 456 -74.29 14.71 40.48
CA GLY J 457 -75.17 17.91 38.72
CA GLU J 458 -73.47 16.84 35.53
CA THR J 459 -74.96 15.99 32.18
CA LEU J 460 -74.51 12.58 30.64
CA LYS J 461 -74.99 11.17 27.17
CA VAL J 462 -75.19 7.56 26.10
CA PRO J 463 -75.22 6.20 22.62
CA CYS J 464 -77.05 3.10 21.38
CA HIS J 465 -76.76 1.25 18.09
CA PHE J 466 -79.41 -0.64 16.13
CA PRO J 467 -80.52 -1.78 12.70
CA CYS J 468 -82.41 0.03 9.91
CA LYS J 469 -85.78 -1.58 10.47
CA PHE J 470 -85.32 -0.35 13.96
CA SER J 471 -84.76 3.08 12.48
CA SER J 472 -88.53 3.44 12.20
CA TYR J 473 -89.18 1.83 15.60
CA GLU J 474 -89.75 3.89 18.73
CA LYS J 475 -86.58 4.37 20.71
CA TYR J 476 -86.72 4.40 24.45
CA TRP J 477 -84.71 4.86 27.60
CA CYS J 478 -86.08 3.10 30.66
CA LYS J 479 -85.31 3.08 34.32
CA TRP J 480 -84.90 -0.03 36.40
CA ASN J 481 -86.98 -0.75 39.49
CA ASN J 482 -90.13 0.29 37.73
CA THR J 483 -93.03 -1.78 36.60
CA GLY J 484 -91.17 -3.52 33.88
CA CYS J 485 -88.87 -0.72 32.91
CA GLN J 486 -89.95 2.77 33.74
CA ALA J 487 -90.30 4.65 30.56
CA LEU J 488 -88.14 7.71 30.69
CA PRO J 489 -87.67 9.56 27.47
CA SER J 490 -88.78 7.94 24.24
CA GLN J 491 -88.74 9.05 20.66
CA ASP J 492 -90.40 12.01 22.28
CA GLU J 493 -88.60 14.50 24.57
CA GLY J 494 -88.19 15.37 28.26
CA PRO J 495 -85.74 16.57 30.87
CA SER J 496 -83.07 15.95 28.37
CA LYS J 497 -82.81 14.84 24.83
CA ALA J 498 -82.95 11.60 22.93
CA PHE J 499 -81.80 11.97 19.40
CA VAL J 500 -82.17 9.39 16.73
CA ASN J 501 -80.18 9.17 13.59
CA CYS J 502 -82.24 7.34 11.04
CA ASP J 503 -81.25 4.89 8.38
CA GLU J 504 -78.22 6.91 7.45
CA ASN J 505 -76.65 6.48 10.83
CA SER J 506 -78.34 4.11 13.12
CA ARG J 507 -77.71 5.47 16.54
CA LEU J 508 -79.69 7.03 19.32
CA VAL J 509 -78.15 9.39 21.78
CA SER J 510 -79.69 10.08 25.11
CA LEU J 511 -78.50 13.05 27.00
CA THR J 512 -79.54 13.72 30.54
CA LEU J 513 -79.11 16.99 32.31
CA ASN J 514 -78.77 17.85 35.95
CA LEU J 515 -78.08 14.38 37.15
CA VAL J 516 -77.65 16.07 40.46
CA THR J 517 -80.09 13.55 41.71
CA ARG J 518 -79.05 10.36 43.41
CA ALA J 519 -82.16 8.89 41.91
CA ASP J 520 -80.51 8.86 38.54
CA GLU J 521 -78.01 6.22 39.55
CA GLY J 522 -79.41 2.81 38.77
CA TRP J 523 -79.91 0.31 35.98
CA TYR J 524 -81.41 1.45 32.72
CA TRP J 525 -82.26 0.04 29.34
CA CYS J 526 -82.02 1.44 25.86
CA GLY J 527 -84.05 -0.25 23.20
CA VAL J 528 -86.47 -0.10 20.33
CA LYS J 529 -90.17 -0.86 20.11
CA GLN J 530 -92.10 -1.63 23.25
CA GLY J 531 -90.24 -2.11 26.50
CA HIS J 532 -91.77 -5.53 26.98
CA PHE J 533 -90.19 -6.83 23.78
CA TYR J 534 -86.84 -6.66 25.56
CA GLY J 535 -85.06 -5.80 22.38
CA GLU J 536 -82.73 -3.58 24.30
CA THR J 537 -79.41 -3.23 26.03
CA ALA J 538 -78.79 -2.83 29.72
CA ALA J 539 -76.79 0.10 30.95
CA VAL J 540 -75.68 0.79 34.47
CA TYR J 541 -75.34 4.37 35.49
CA VAL J 542 -73.59 5.40 38.63
CA ALA J 543 -74.03 8.91 39.87
CA VAL J 544 -74.57 -4.62 19.90
CA GLU J 545 -71.02 -2.75 20.26
CA GLU J 546 -67.17 -2.98 19.73
CA ARG J 547 -64.68 -2.23 21.84
CA LYS J 548 -66.01 -2.36 25.58
CA ALA J 549 -68.02 -0.07 28.04
CA ALA J 550 -66.07 -0.64 31.58
CA GLY J 551 -65.15 2.58 33.39
CA SER J 552 -62.18 2.48 33.16
CA ARG J 553 -61.90 2.25 37.18
CA ASP J 554 -64.00 5.17 38.85
CA VAL J 555 -64.07 6.38 42.41
CA SER J 556 -66.22 9.57 42.71
CA LEU J 557 -64.10 12.63 42.93
CA ALA J 558 -63.28 12.09 39.74
CA LYS J 559 -62.05 10.83 36.27
CA ALA J 560 -59.42 8.02 36.73
CA ASP J 561 -59.55 6.69 33.03
CA ALA J 562 -55.97 5.17 33.05
CA ALA J 563 -55.50 1.63 31.48
CA PRO J 564 -58.61 2.09 29.18
CA ASP J 565 -60.28 -0.91 27.48
CA GLU J 566 -59.50 -3.38 29.41
CA LYS J 567 -61.22 -6.77 28.99
CA VAL J 568 -63.54 -8.34 31.89
CA LEU J 569 -60.53 -7.93 34.32
CA ASP J 570 -60.24 -3.99 34.83
CA SER J 571 -64.16 -3.38 35.02
CA GLY J 572 -64.57 -1.02 37.35
CA PHE J 573 -67.49 1.11 38.98
CA ARG J 574 -65.87 0.08 42.32
CA GLU J 575 -67.66 1.73 45.31
CA ILE J 576 -68.38 0.63 49.21
CA GLU J 577 -72.02 -0.36 48.88
CA ASN J 578 -73.73 0.38 45.55
CA LYS J 579 -76.57 -1.46 43.43
CA ALA J 580 -74.77 -2.73 41.08
CA ILE J 581 -71.21 -3.31 42.76
CA GLN J 582 -69.15 -4.11 39.37
CA ASP J 583 -66.06 -6.09 40.98
CA PRO J 584 -64.53 -9.64 39.75
CA ARG J 585 -63.90 -11.05 43.26
CA GLN A 1 55.15 33.13 -97.15
CA VAL A 2 53.79 29.78 -95.98
CA LYS A 3 55.94 27.02 -97.50
CA LEU A 4 56.42 27.57 -101.27
CA LEU A 5 54.13 24.86 -102.63
CA GLU A 6 51.68 23.61 -99.97
CA GLN A 7 49.76 20.50 -101.08
CA SER A 8 46.68 18.76 -99.64
CA GLY A 9 46.12 15.77 -97.33
CA ALA A 10 46.02 11.98 -97.59
CA GLU A 11 42.64 10.93 -99.01
CA VAL A 12 41.53 7.37 -98.23
CA LYS A 13 39.63 6.15 -101.30
CA LYS A 14 37.88 2.81 -101.77
CA PRO A 15 38.92 0.88 -104.95
CA GLY A 16 36.96 2.26 -107.88
CA ALA A 17 36.66 5.86 -106.66
CA SER A 18 38.09 9.25 -107.63
CA VAL A 19 40.87 11.38 -106.08
CA LYS A 20 41.74 15.07 -106.56
CA VAL A 21 44.98 16.38 -105.04
CA SER A 22 45.71 20.12 -105.16
CA CYS A 23 48.95 22.16 -105.17
CA LYS A 24 48.84 25.71 -103.79
CA ALA A 25 51.66 28.06 -104.81
CA SER A 26 53.05 31.30 -103.36
CA GLY A 27 55.98 33.69 -103.25
CA TYR A 28 56.52 33.52 -107.01
CA SER A 29 54.58 34.24 -110.20
CA PHE A 30 52.16 31.42 -111.07
CA THR A 31 51.69 32.15 -114.79
CA SER A 32 55.46 32.00 -115.43
CA TYR A 33 56.34 28.46 -114.28
CA GLY A 34 54.98 24.96 -114.88
CA LEU A 35 54.20 22.09 -112.48
CA HIS A 36 55.06 18.38 -112.79
CA TRP A 37 53.51 15.51 -110.81
CA VAL A 38 55.66 12.67 -109.46
CA ARG A 39 54.68 9.87 -107.05
CA GLN A 40 56.38 7.02 -105.14
CA ALA A 41 55.11 3.57 -104.12
CA PRO A 42 56.15 2.26 -100.65
CA GLY A 43 59.57 0.72 -101.26
CA GLN A 44 59.85 1.66 -104.94
CA ARG A 45 61.34 4.43 -107.13
CA LEU A 46 59.73 7.75 -108.13
CA GLU A 47 57.49 7.65 -111.21
CA TRP A 48 56.63 10.70 -113.34
CA MET A 49 52.89 11.14 -113.96
CA GLY A 50 52.62 14.32 -116.01
CA TRP A 51 52.89 18.09 -116.42
CA ILE A 52 50.70 21.16 -116.96
CA SER A 53 51.58 24.72 -117.99
CA ALA A 54 50.10 27.44 -115.77
CA GLY A 55 50.15 29.96 -118.63
CA THR A 56 48.18 28.29 -121.41
CA GLY A 57 46.92 25.03 -119.90
CA ASN A 58 48.54 22.38 -122.12
CA THR A 59 48.53 18.81 -120.80
CA LYS A 60 51.46 16.40 -121.25
CA TYR A 61 51.14 13.12 -119.33
CA SER A 62 52.72 9.67 -119.77
CA GLN A 63 51.28 6.69 -121.66
CA LYS A 64 51.06 4.74 -118.40
CA PHE A 65 47.94 6.39 -116.96
CA ARG A 66 46.37 6.94 -120.39
CA GLY A 67 42.63 7.51 -120.16
CA ARG A 68 42.28 8.07 -116.41
CA VAL A 69 44.38 11.15 -115.57
CA THR A 70 43.55 14.85 -115.84
CA PHE A 71 45.17 18.16 -114.89
CA THR A 72 43.34 21.42 -114.14
CA ARG A 73 44.49 24.87 -112.97
CA ASP A 74 42.74 27.91 -111.47
CA THR A 75 44.38 31.18 -112.57
CA SER A 76 42.89 33.52 -109.95
CA ALA A 77 43.27 30.99 -107.11
CA THR A 78 46.92 29.97 -107.61
CA THR A 79 46.38 26.21 -107.17
CA ALA A 80 47.07 23.22 -109.43
CA TYR A 81 45.00 20.02 -109.57
CA MET A 82 45.28 16.33 -110.50
CA GLY A 83 42.61 13.71 -111.19
CA LEU A 84 42.68 9.89 -111.31
CA SER A 85 39.63 7.65 -111.81
CA SER A 86 39.32 3.87 -111.32
CA LEU A 87 41.75 3.62 -108.38
CA ARG A 88 43.39 0.26 -107.63
CA PRO A 89 45.10 -1.38 -104.58
CA GLU A 90 48.49 -0.70 -106.21
CA ASP A 91 48.11 3.09 -106.39
CA THR A 92 49.12 3.49 -102.72
CA ALA A 93 51.86 6.10 -103.15
CA VAL A 94 53.08 9.52 -102.05
CA TYR A 95 52.33 12.12 -104.72
CA TYR A 96 54.31 15.36 -105.18
CA CYS A 97 53.92 18.49 -107.32
CA ALA A 98 57.29 19.85 -108.46
CA ARG A 99 57.82 23.17 -110.27
CA ASP A 100 59.20 23.92 -113.76
CA PRO A 101 62.19 26.36 -113.69
CA TYR A 102 61.83 26.91 -117.45
CA GLY A 103 58.21 26.36 -118.46
CA GLY A 104 59.09 23.91 -121.22
CA GLY A 105 57.74 20.63 -119.88
CA LYS A 106 61.08 18.81 -119.85
CA SER A 107 63.66 19.64 -117.16
CA GLU A 108 64.65 19.26 -113.49
CA PHE A 109 62.71 19.94 -110.27
CA ASP A 110 63.90 22.66 -107.89
CA TYR A 111 60.88 22.89 -105.55
CA TRP A 112 59.06 19.89 -104.09
CA GLY A 113 55.97 19.79 -101.87
CA GLN A 114 55.21 17.83 -98.69
CA GLY A 115 53.53 14.92 -100.45
CA THR A 116 50.09 13.29 -100.27
CA LEU A 117 49.74 9.59 -99.39
CA VAL A 118 46.60 8.26 -101.08
CA THR A 119 45.89 4.75 -99.81
CA VAL A 120 43.33 2.73 -101.78
CA SER A 121 41.85 -0.05 -99.63
CA SER A 122 38.31 -1.37 -99.07
CA ALA A 123 38.94 -2.13 -95.38
CA SER A 124 36.94 -0.03 -92.90
CA PRO A 125 39.34 2.77 -91.80
CA THR A 126 39.32 3.72 -88.12
CA SER A 127 40.50 6.67 -86.02
CA PRO A 128 43.56 6.09 -83.76
CA LYS A 129 43.24 5.89 -79.97
CA VAL A 130 46.02 7.92 -78.34
CA PHE A 131 47.17 6.76 -74.88
CA PRO A 132 49.51 8.45 -72.38
CA LEU A 133 52.63 6.39 -71.65
CA SER A 134 53.54 7.96 -68.32
CA LEU A 135 55.82 5.93 -66.03
CA ASP A 136 55.68 4.87 -62.37
CA SER A 137 59.28 5.58 -61.36
CA THR A 138 60.61 2.69 -63.48
CA PRO A 139 63.48 4.69 -65.07
CA GLN A 140 66.38 6.38 -63.28
CA ASP A 141 67.28 9.65 -61.54
CA GLY A 142 68.59 12.07 -64.14
CA ASN A 143 66.16 12.00 -67.06
CA VAL A 144 62.41 11.44 -67.40
CA VAL A 145 61.03 9.40 -70.31
CA VAL A 146 57.43 10.08 -71.41
CA ALA A 147 55.49 8.97 -74.52
CA CYS A 148 52.17 8.86 -76.38
CA LEU A 149 50.96 5.54 -77.81
CA VAL A 150 48.72 6.14 -80.85
CA GLN A 151 47.04 2.74 -81.28
CA GLY A 152 44.67 1.40 -83.94
CA PHE A 153 44.57 3.32 -87.22
CA PHE A 154 44.11 2.22 -90.82
CA PRO A 155 45.82 2.99 -93.09
CA GLN A 156 49.27 4.07 -91.85
CA GLU A 157 49.23 7.68 -93.12
CA PRO A 158 51.83 10.46 -92.59
CA LEU A 159 51.42 11.07 -88.84
CA SER A 160 52.62 14.53 -87.79
CA VAL A 161 53.37 14.78 -84.06
CA THR A 162 54.66 17.87 -82.24
CA TRP A 163 55.21 18.07 -78.47
CA SER A 164 54.84 21.39 -76.64
CA GLU A 165 58.33 21.75 -75.16
CA SER A 166 61.56 22.08 -77.15
CA GLY A 167 65.20 22.92 -76.49
CA GLN A 168 68.73 21.51 -76.52
CA ASN A 169 68.77 18.61 -74.05
CA VAL A 170 65.36 17.30 -75.16
CA THR A 171 64.92 14.66 -77.87
CA ALA A 172 61.77 13.47 -79.66
CA ARG A 173 61.58 10.38 -81.89
CA ASN A 174 58.75 9.39 -84.26
CA PHE A 175 58.48 5.58 -84.30
CA PRO A 176 57.68 3.92 -87.68
CA PRO A 177 54.24 2.30 -88.30
CA SER A 178 53.92 -1.46 -87.69
CA GLN A 179 51.35 -4.05 -88.83
CA ASP A 180 49.59 -6.80 -86.86
CA ALA A 181 48.10 -9.92 -88.47
CA SER A 182 47.47 -9.26 -92.18
CA GLY A 183 46.61 -5.55 -92.32
CA ASP A 184 43.86 -5.30 -89.70
CA LEU A 185 45.34 -2.26 -87.94
CA TYR A 186 48.46 -0.08 -87.61
CA THR A 187 50.07 1.31 -84.43
CA THR A 188 52.65 4.01 -83.60
CA SER A 189 54.13 6.02 -80.74
CA SER A 190 55.78 9.34 -79.87
CA GLN A 191 58.47 9.63 -77.17
CA LEU A 192 60.16 12.62 -75.53
CA THR A 193 63.25 12.08 -73.38
CA LEU A 194 63.96 15.18 -71.28
CA PRO A 195 66.11 16.02 -68.22
CA ALA A 196 64.39 15.95 -64.81
CA THR A 197 65.16 19.65 -64.34
CA GLN A 198 62.67 20.43 -67.14
CA CYS A 199 59.31 18.86 -66.16
CA PRO A 200 58.30 20.84 -63.03
CA ASP A 201 56.49 19.08 -60.15
CA GLY A 202 52.78 19.62 -60.76
CA LYS A 203 52.51 20.16 -64.53
CA SER A 204 52.45 18.09 -67.74
CA VAL A 205 53.46 18.04 -71.42
CA THR A 206 50.95 17.81 -74.28
CA CYS A 207 51.50 15.66 -77.39
CA HIS A 208 49.69 16.73 -80.57
CA VAL A 209 49.01 13.95 -83.09
CA LYS A 210 47.64 14.73 -86.55
CA HIS A 211 46.48 12.12 -89.07
CA TYR A 212 45.33 13.50 -92.44
CA THR A 213 43.59 16.91 -92.30
CA ASN A 214 41.49 15.51 -89.44
CA PRO A 215 41.32 17.65 -86.24
CA SER A 216 44.51 17.45 -84.17
CA GLN A 217 43.98 15.24 -81.11
CA ASP A 218 45.65 16.78 -78.05
CA VAL A 219 46.52 14.74 -74.93
CA THR A 220 47.86 15.92 -71.56
CA VAL A 221 50.86 13.67 -70.76
CA PRO A 222 51.93 14.09 -67.08
CA CYS A 223 55.18 13.40 -65.21
CA PRO A 224 56.12 14.55 -61.40
CA VAL A 225 54.77 13.69 -57.90
CA PRO A 226 52.58 15.70 -55.18
CA PRO A 227 53.07 15.25 -51.41
CA PRO A 228 49.92 15.25 -48.98
CA PRO A 229 49.43 18.68 -46.78
CA PRO A 230 49.23 18.04 -43.03
CA CYS A 231 48.27 20.75 -40.37
CA CYS A 232 47.26 19.98 -36.75
CA HIS A 233 45.08 21.59 -34.10
CA PRO A 234 45.47 21.46 -30.16
CA ARG A 235 43.28 18.93 -28.28
CA LEU A 236 43.31 15.56 -26.44
CA SER A 237 40.62 12.86 -26.22
CA LEU A 238 40.31 9.32 -24.85
CA HIS A 239 38.52 6.37 -26.47
CA ARG A 240 36.85 3.79 -24.23
CA PRO A 241 36.97 0.16 -25.48
CA ALA A 242 33.89 -1.54 -26.93
CA LEU A 243 31.47 -3.39 -24.66
CA GLU A 244 30.76 -6.36 -26.94
CA ASP A 245 34.48 -7.11 -27.38
CA LEU A 246 35.66 -7.09 -23.73
CA LEU A 247 32.76 -9.25 -22.52
CA LEU A 248 33.15 -12.13 -24.98
CA GLY A 249 36.89 -12.81 -24.78
CA SER A 250 38.70 -10.30 -22.53
CA GLU A 251 40.12 -8.43 -25.54
CA ALA A 252 40.03 -4.75 -24.54
CA ASN A 253 42.13 -1.65 -25.28
CA LEU A 254 41.96 2.04 -24.37
CA THR A 255 43.28 4.54 -26.93
CA CYS A 256 44.85 7.92 -26.05
CA THR A 257 45.00 9.96 -29.26
CA LEU A 258 46.15 13.60 -29.48
CA THR A 259 44.37 15.03 -32.53
CA GLY A 260 45.47 18.67 -32.91
CA LEU A 261 48.66 20.61 -32.04
CA ARG A 262 51.11 22.35 -34.49
CA ASP A 263 54.04 20.48 -36.25
CA ALA A 264 57.51 18.96 -35.80
CA SER A 265 58.12 17.41 -32.38
CA GLY A 266 57.97 14.01 -30.66
CA ALA A 267 55.69 13.34 -27.68
CA THR A 268 56.04 10.77 -24.89
CA PHE A 269 53.61 8.85 -22.63
CA THR A 270 53.18 7.76 -19.00
CA TRP A 271 50.50 5.04 -18.78
CA THR A 272 49.44 3.52 -15.47
CA PRO A 273 49.37 -0.29 -14.96
CA SER A 274 46.17 -2.27 -14.35
CA SER A 275 45.13 -4.42 -11.39
CA GLY A 276 47.28 -7.23 -12.76
CA LYS A 277 50.35 -4.97 -12.85
CA SER A 278 50.87 -4.83 -16.63
CA ALA A 279 51.77 -1.89 -18.87
CA VAL A 280 52.24 -2.28 -22.64
CA GLN A 281 52.31 0.52 -25.24
CA GLY A 282 53.59 1.41 -28.71
CA PRO A 283 52.65 4.90 -30.05
CA PRO A 284 53.46 5.39 -33.77
CA GLU A 285 53.45 8.56 -35.90
CA ARG A 286 50.87 8.91 -38.71
CA ASP A 287 50.34 11.91 -41.01
CA LEU A 288 46.89 13.54 -40.81
CA CYS A 289 46.10 16.71 -42.79
CA GLY A 290 49.83 17.15 -43.27
CA CYS A 291 50.47 17.09 -39.53
CA TYR A 292 52.19 14.24 -37.46
CA SER A 293 50.09 12.12 -35.03
CA VAL A 294 50.97 10.26 -31.80
CA SER A 295 48.39 7.65 -30.67
CA SER A 296 49.04 4.95 -28.05
CA VAL A 297 46.92 1.92 -27.07
CA LEU A 298 47.03 0.22 -23.64
CA PRO A 299 45.66 -3.37 -23.83
CA GLY A 300 43.76 -4.11 -20.62
CA CYS A 301 41.93 -7.07 -19.11
CA ALA A 302 38.24 -7.52 -18.25
CA GLN A 303 38.52 -7.72 -14.45
CA PRO A 304 39.94 -4.19 -13.90
CA TRP A 305 37.16 -2.68 -16.02
CA ASN A 306 34.50 -4.71 -14.21
CA HIS A 307 35.89 -3.79 -10.79
CA GLY A 308 36.65 -0.20 -11.76
CA GLU A 309 40.30 0.87 -12.05
CA THR A 310 41.53 4.38 -12.88
CA PHE A 311 43.06 4.44 -16.38
CA THR A 312 45.02 7.69 -16.79
CA CYS A 313 47.15 8.98 -19.71
CA THR A 314 49.65 11.84 -19.46
CA ALA A 315 51.25 13.31 -22.60
CA ALA A 316 54.06 15.82 -21.91
CA HIS A 317 55.77 18.13 -24.39
CA PRO A 318 58.06 21.17 -24.36
CA GLU A 319 55.37 23.62 -25.52
CA LEU A 320 52.65 21.55 -23.89
CA LYS A 321 54.41 22.64 -20.73
CA THR A 322 51.50 21.54 -18.58
CA PRO A 323 51.27 17.75 -19.14
CA LEU A 324 47.60 17.08 -19.85
CA THR A 325 46.17 14.46 -17.49
CA ALA A 326 43.10 12.44 -18.52
CA ASN A 327 41.34 9.77 -16.44
CA ILE A 328 38.41 7.49 -17.33
CA THR A 329 36.48 4.94 -15.25
CA LYS A 330 32.98 3.42 -15.12
CA SER A 331 29.98 5.40 -13.90
CA GLY A 332 27.39 5.50 -11.13
CA ASN A 333 26.89 3.27 -8.10
CA THR A 334 25.53 -0.31 -7.94
CA PHE A 335 21.82 -1.20 -8.11
CA ARG A 336 20.44 -4.77 -7.89
CA PRO A 337 18.52 -5.89 -11.02
CA GLU A 338 14.94 -7.14 -10.68
CA VAL A 339 14.15 -9.78 -13.31
CA HIS A 340 10.50 -10.30 -14.33
CA LEU A 341 9.78 -13.10 -16.83
CA LEU A 342 6.64 -12.38 -18.89
CA PRO A 343 4.41 -15.04 -20.52
CA PRO A 344 3.11 -14.74 -24.13
CA PRO A 345 -0.22 -12.90 -24.54
CA SER A 346 -3.59 -14.42 -25.47
CA GLU A 347 -3.71 -13.06 -29.03
CA GLU A 348 -0.16 -14.27 -29.71
CA LEU A 349 -1.19 -17.92 -29.35
CA ALA A 350 -2.89 -17.55 -32.74
CA LEU A 351 0.44 -17.69 -34.61
CA ASN A 352 2.52 -20.80 -35.37
CA GLU A 353 6.28 -20.62 -36.02
CA LEU A 354 7.26 -18.11 -33.29
CA VAL A 355 6.36 -17.29 -29.66
CA THR A 356 7.87 -14.35 -27.73
CA LEU A 357 9.18 -14.92 -24.19
CA THR A 358 9.95 -11.56 -22.56
CA CYS A 359 11.97 -11.40 -19.33
CA LEU A 360 12.42 -7.77 -18.23
CA ALA A 361 15.20 -6.79 -15.84
CA ARG A 362 15.01 -3.20 -14.58
CA GLY A 363 16.40 -1.32 -11.60
CA PHE A 364 20.10 -1.74 -12.33
CA SER A 365 23.27 0.34 -12.65
CA PRO A 366 25.63 0.51 -14.41
CA LYS A 367 24.26 -0.50 -17.83
CA ASP A 368 26.75 -3.38 -18.10
CA VAL A 369 24.61 -6.53 -17.99
CA LEU A 370 24.89 -9.86 -19.84
CA VAL A 371 21.59 -11.61 -20.56
CA ARG A 372 21.25 -15.18 -21.93
CA TRP A 373 18.63 -17.93 -22.33
CA LEU A 374 18.55 -21.71 -21.80
CA GLN A 375 16.48 -24.79 -22.67
CA GLY A 376 14.92 -26.98 -19.99
CA SER A 377 14.52 -30.31 -21.83
CA GLN A 378 17.69 -30.45 -23.95
CA GLU A 379 19.59 -28.65 -21.14
CA LEU A 380 21.39 -26.59 -23.80
CA PRO A 381 21.47 -22.79 -24.31
CA ARG A 382 19.11 -21.13 -26.80
CA GLU A 383 20.07 -19.46 -30.10
CA LYS A 384 17.21 -17.17 -31.20
CA TYR A 385 17.00 -14.10 -28.91
CA LEU A 386 17.76 -10.35 -28.94
CA THR A 387 18.78 -7.57 -26.51
CA TRP A 388 17.64 -3.93 -26.28
CA ALA A 389 19.23 -0.80 -24.75
CA SER A 390 18.27 2.75 -23.69
CA ARG A 391 19.20 5.03 -20.76
CA GLN A 392 16.68 6.71 -18.44
CA GLU A 393 17.85 10.31 -17.90
CA PRO A 394 14.93 12.59 -16.91
CA SER A 395 15.06 16.11 -15.46
CA GLN A 396 14.70 14.90 -11.86
CA GLY A 397 17.16 13.03 -9.65
CA THR A 398 16.34 9.43 -10.57
CA THR A 399 18.28 7.20 -12.99
CA THR A 400 18.32 3.37 -13.38
CA PHE A 401 18.89 1.29 -16.53
CA ALA A 402 16.46 -1.45 -17.61
CA VAL A 403 16.46 -4.16 -20.30
CA THR A 404 14.18 -6.47 -22.31
CA SER A 405 14.86 -9.96 -23.70
CA ILE A 406 12.89 -11.77 -26.41
CA LEU A 407 13.17 -15.54 -26.93
CA ARG A 408 11.29 -16.77 -30.02
CA VAL A 409 10.49 -20.48 -29.71
CA ALA A 410 7.83 -22.70 -31.33
CA ALA A 411 4.10 -22.73 -30.59
CA GLU A 412 3.83 -26.49 -30.11
CA ASP A 413 6.81 -26.61 -27.73
CA TRP A 414 5.45 -23.93 -25.37
CA LYS A 415 2.39 -26.12 -24.76
CA LYS A 416 4.30 -29.35 -24.06
CA GLY A 417 5.40 -28.17 -20.64
CA ASP A 418 9.02 -27.10 -21.10
CA THR A 419 10.70 -24.61 -18.73
CA PHE A 420 12.71 -21.67 -20.13
CA SER A 421 15.47 -19.83 -18.18
CA CYS A 422 16.49 -16.15 -18.47
CA MET A 423 19.89 -15.77 -16.77
CA VAL A 424 21.01 -12.22 -15.99
CA GLY A 425 24.50 -11.23 -14.85
CA HIS A 426 25.37 -7.98 -13.07
CA GLU A 427 27.80 -6.78 -10.38
CA ALA A 428 25.20 -5.90 -7.74
CA LEU A 429 23.84 -9.46 -7.88
CA PRO A 430 24.45 -11.91 -4.97
CA LEU A 431 26.80 -14.21 -6.92
CA ALA A 432 27.10 -11.98 -10.01
CA PHE A 433 24.46 -14.28 -11.51
CA THR A 434 20.68 -14.62 -11.14
CA GLN A 435 18.17 -16.83 -12.98
CA LYS A 436 14.36 -16.77 -13.19
CA THR A 437 12.11 -19.19 -15.11
CA ILE A 438 8.84 -19.36 -17.07
CA ASP A 439 6.50 -22.34 -17.36
CA ARG A 440 3.04 -22.88 -18.91
CA LEU A 441 2.12 -24.86 -15.79
CA ALA A 442 0.98 -22.14 -13.41
CA GLY A 443 0.05 -23.12 -9.88
CA LYS A 444 -1.30 -20.34 -7.67
CA PRO A 445 0.70 -20.63 -4.41
CA THR A 446 2.72 -17.45 -4.97
CA HIS A 447 5.69 -17.64 -7.35
CA VAL A 448 8.00 -20.53 -6.46
CA ASN A 449 11.41 -21.30 -7.99
CA VAL A 450 12.95 -24.69 -8.88
CA SER A 451 15.02 -26.89 -6.55
CA VAL A 452 18.81 -27.28 -6.32
CA VAL A 453 20.89 -29.10 -8.94
CA MET A 454 24.59 -29.59 -8.11
CA ALA A 455 26.32 -29.36 -4.72
CA GLU A 456 29.69 -29.66 -2.94
CA VAL A 457 31.38 -28.54 -6.18
CA ASP A 458 31.92 -24.79 -6.49
CA GLY A 459 35.39 -24.92 -8.02
CA THR A 460 37.84 -24.14 -5.21
CA CYS A 461 37.37 -27.71 -3.94
CA TYR A 462 37.64 -29.94 -7.03
CA GLN B 1 82.58 50.90 -11.46
CA VAL B 2 78.79 51.18 -11.21
CA LYS B 3 77.84 54.86 -11.55
CA LEU B 4 79.98 57.05 -9.23
CA LEU B 5 77.42 57.89 -6.56
CA GLU B 6 74.43 55.51 -6.67
CA GLN B 7 71.56 56.65 -4.43
CA SER B 8 68.41 54.86 -3.21
CA GLY B 9 64.78 54.79 -4.33
CA ALA B 10 61.64 56.90 -3.94
CA GLU B 11 60.11 56.21 -0.53
CA VAL B 12 56.40 56.99 -0.15
CA LYS B 13 55.92 58.26 3.40
CA LYS B 14 52.66 59.26 5.09
CA PRO B 15 52.67 62.78 6.68
CA GLY B 16 54.31 62.54 10.10
CA ALA B 17 56.75 59.73 9.31
CA SER B 18 60.51 59.33 8.86
CA VAL B 19 62.68 59.00 5.73
CA LYS B 20 66.30 57.84 5.32
CA VAL B 21 67.96 58.23 1.91
CA SER B 22 71.42 56.74 1.34
CA CYS B 23 74.29 57.64 -1.01
CA LYS B 24 76.71 54.87 -2.04
CA ALA B 25 80.11 55.91 -3.40
CA SER B 26 82.76 54.19 -5.52
CA GLY B 27 85.79 54.65 -7.75
CA TYR B 28 87.34 57.27 -5.46
CA SER B 29 88.54 57.52 -1.85
CA PHE B 30 85.63 58.07 0.57
CA THR B 31 87.56 59.55 3.51
CA SER B 32 89.05 62.31 1.32
CA TYR B 33 85.92 64.08 0.01
CA GLY B 34 82.72 65.46 1.52
CA LEU B 35 79.06 65.14 0.48
CA HIS B 36 76.36 67.84 0.23
CA TRP B 37 72.60 67.27 0.03
CA VAL B 38 70.42 69.33 -2.34
CA ARG B 39 66.75 68.83 -3.25
CA GLN B 40 64.20 70.29 -5.71
CA ALA B 41 60.42 70.77 -5.41
CA PRO B 42 58.30 70.10 -8.55
CA GLY B 43 58.47 73.37 -10.46
CA GLN B 44 60.85 75.18 -8.09
CA ARG B 45 64.58 75.87 -7.69
CA LEU B 46 67.20 73.69 -5.97
CA GLU B 47 67.55 74.16 -2.20
CA TRP B 48 70.66 73.23 -0.20
CA MET B 49 69.95 71.07 2.86
CA GLY B 50 73.35 70.38 4.38
CA TRP B 51 76.80 68.77 4.33
CA ILE B 52 78.81 66.10 6.16
CA SER B 53 82.54 65.32 6.12
CA ALA B 54 83.42 61.67 5.51
CA GLY B 55 86.70 62.00 7.39
CA THR B 56 85.70 63.31 10.82
CA GLY B 57 81.90 63.40 10.75
CA ASN B 58 81.13 67.10 11.29
CA THR B 59 77.58 68.25 10.49
CA LYS B 60 76.78 71.60 8.84
CA TYR B 61 73.13 72.05 7.82
CA SER B 62 70.97 75.12 7.16
CA GLN B 63 68.70 76.94 9.61
CA LYS B 64 65.67 75.95 7.52
CA PHE B 65 65.37 72.32 8.64
CA ARG B 66 66.65 73.06 12.16
CA GLY B 67 65.70 70.32 14.61
CA ARG B 68 64.54 67.64 12.17
CA VAL B 69 67.55 66.79 10.00
CA THR B 70 70.48 64.45 10.64
CA PHE B 71 73.47 63.11 8.69
CA THR B 72 75.25 59.80 9.32
CA ARG B 73 78.11 57.98 7.56
CA ASP B 74 79.46 54.41 7.62
CA THR B 75 83.24 54.29 7.12
CA SER B 76 83.63 50.60 6.23
CA ALA B 77 80.49 50.55 4.03
CA THR B 78 81.14 53.63 1.86
CA THR B 79 77.60 55.05 2.07
CA ALA B 80 76.23 58.39 3.30
CA TYR B 81 72.84 58.93 4.97
CA MET B 82 70.21 61.61 5.57
CA GLY B 83 67.32 61.78 8.04
CA LEU B 84 64.18 63.94 8.22
CA SER B 85 61.39 63.56 10.80
CA SER B 86 57.90 65.13 10.81
CA LEU B 87 57.37 65.04 7.03
CA ARG B 88 54.84 67.41 5.46
CA PRO B 89 52.85 67.57 2.15
CA GLU B 90 55.28 70.21 0.90
CA ASP B 91 58.41 68.06 1.14
CA THR B 92 57.64 66.34 -2.17
CA ALA B 93 60.99 66.86 -3.89
CA VAL B 94 63.88 65.13 -5.66
CA TYR B 95 66.89 64.83 -3.34
CA TYR B 96 70.50 64.58 -4.53
CA CYS B 97 73.85 63.90 -2.86
CA ALA B 98 76.67 65.90 -4.47
CA ARG B 99 80.38 65.50 -3.69
CA ASP B 100 82.90 67.96 -2.21
CA PRO B 101 86.00 68.44 -4.45
CA TYR B 102 87.84 70.11 -1.56
CA GLY B 103 86.48 68.78 1.74
CA GLY B 104 85.85 72.23 3.17
CA GLY B 105 82.06 72.39 3.28
CA LYS B 106 81.71 75.39 0.98
CA SER B 107 82.27 74.97 -2.77
CA GLU B 108 80.83 73.65 -6.06
CA PHE B 109 79.41 70.22 -6.99
CA ASP B 110 81.17 68.11 -9.64
CA TYR B 111 79.37 64.78 -9.17
CA TRP B 112 75.58 64.41 -8.80
CA GLY B 113 73.50 61.30 -8.21
CA GLN B 114 70.31 60.04 -9.86
CA GLY B 115 67.95 61.58 -7.31
CA THR B 116 65.27 60.25 -4.96
CA LEU B 117 61.68 61.51 -5.20
CA VAL B 118 60.11 61.28 -1.73
CA THR B 119 56.38 61.99 -2.01
CA VAL B 120 54.55 62.65 1.26
CA SER B 121 50.81 61.99 0.88
CA SER B 122 48.21 60.20 3.03
CA ALA B 123 46.32 58.86 0.00
CA SER B 124 46.37 55.07 -0.44
CA PRO B 125 49.15 54.39 -3.00
CA THR B 126 48.48 51.73 -5.63
CA SER B 127 50.55 49.65 -8.06
CA PRO B 128 50.25 50.53 -11.80
CA LYS B 129 48.45 48.25 -14.25
CA VAL B 130 50.50 47.91 -17.44
CA PHE B 131 48.56 47.22 -20.66
CA PRO B 132 49.82 46.32 -24.17
CA LEU B 133 48.92 48.83 -26.89
CA SER B 134 49.07 46.65 -29.99
CA LEU B 135 47.25 47.67 -33.19
CA ASP B 136 45.25 46.09 -36.03
CA SER B 137 45.39 47.96 -39.39
CA THR B 138 45.47 51.44 -37.79
CA PRO B 139 49.09 52.27 -38.75
CA GLN B 140 50.38 53.06 -42.24
CA ASP B 141 52.15 50.64 -44.57
CA GLY B 142 55.84 51.10 -43.84
CA ASN B 143 56.28 51.34 -40.07
CA VAL B 144 54.94 49.67 -36.93
CA VAL B 145 53.99 51.58 -33.76
CA VAL B 146 53.68 49.68 -30.48
CA ALA B 147 53.24 50.93 -26.89
CA CYS B 148 52.72 50.05 -23.20
CA LEU B 149 50.05 51.90 -21.21
CA VAL B 150 50.98 51.97 -17.51
CA GLN B 151 47.68 53.02 -15.89
CA GLY B 152 46.77 53.82 -12.28
CA PHE B 153 49.66 54.64 -9.95
CA PHE B 154 50.01 57.04 -7.03
CA PRO B 155 52.19 58.98 -6.66
CA GLN B 156 53.84 59.80 -10.00
CA GLU B 157 57.38 58.57 -9.22
CA PRO B 158 60.43 58.38 -11.53
CA LEU B 159 59.30 55.62 -13.91
CA SER B 160 62.23 53.89 -15.63
CA VAL B 161 61.22 52.04 -18.81
CA THR B 162 63.57 50.12 -21.12
CA TRP B 163 62.42 48.17 -24.19
CA SER B 164 64.34 45.09 -25.36
CA GLU B 165 65.29 46.18 -28.89
CA SER B 166 67.54 49.14 -29.74
CA GLY B 167 69.31 50.54 -32.80
CA GLN B 168 69.41 53.47 -35.21
CA ASN B 169 66.00 53.65 -36.89
CA VAL B 170 64.10 52.88 -33.67
CA THR B 171 62.79 55.60 -31.34
CA ALA B 172 61.37 55.35 -27.80
CA ARG B 173 59.58 58.18 -25.97
CA ASN B 174 58.68 58.35 -22.26
CA PHE B 175 55.39 60.26 -21.91
CA PRO B 176 55.05 62.62 -18.88
CA PRO B 177 52.70 61.73 -15.96
CA SER B 178 49.18 63.21 -16.03
CA GLN B 179 46.53 63.68 -13.31
CA ASP B 180 42.78 62.92 -13.38
CA ALA B 181 40.26 64.63 -11.06
CA SER B 182 42.08 66.03 -8.02
CA GLY B 183 44.95 63.60 -7.45
CA ASP B 184 43.12 60.27 -7.38
CA LEU B 185 45.52 58.53 -9.78
CA TYR B 186 48.35 59.08 -12.29
CA THR B 187 48.82 57.47 -15.73
CA THR B 188 51.69 57.12 -18.23
CA SER B 189 52.78 55.28 -21.38
CA SER B 190 55.83 54.01 -23.29
CA GLN B 191 55.96 53.94 -27.10
CA LEU B 192 58.42 52.41 -29.58
CA THR B 193 58.17 53.38 -33.25
CA LEU B 194 60.22 50.91 -35.29
CA PRO B 195 60.54 49.93 -38.98
CA ALA B 196 58.57 46.90 -40.17
CA THR B 197 61.78 45.18 -41.30
CA GLN B 198 62.75 44.89 -37.60
CA CYS B 199 60.08 43.03 -35.57
CA PRO B 200 59.91 39.49 -37.06
CA ASP B 201 56.56 37.85 -37.93
CA GLY B 202 55.55 35.66 -34.99
CA LYS B 203 57.46 37.23 -32.09
CA SER B 204 57.09 40.27 -29.81
CA VAL B 205 58.98 43.00 -27.93
CA THR B 206 59.02 43.26 -24.12
CA CYS B 207 58.62 46.58 -22.25
CA HIS B 208 60.16 46.72 -18.76
CA VAL B 209 58.56 49.26 -16.40
CA LYS B 210 60.12 50.01 -13.01
CA HIS B 211 58.51 52.17 -10.32
CA TYR B 212 60.60 52.67 -7.16
CA THR B 213 62.80 49.70 -6.16
CA ASN B 214 59.73 47.50 -6.66
CA PRO B 215 60.19 44.40 -8.89
CA SER B 216 60.34 45.25 -12.59
CA GLN B 217 57.05 44.35 -14.29
CA ASP B 218 57.77 42.76 -17.68
CA VAL B 219 55.08 42.59 -20.40
CA THR B 220 55.24 40.77 -23.75
CA VAL B 221 54.12 43.43 -26.25
CA PRO B 222 53.34 41.72 -29.60
CA CYS B 223 53.61 43.05 -33.14
CA PRO B 224 53.17 40.86 -36.56
CA VAL B 225 50.41 38.62 -38.03
CA PRO B 226 50.01 34.64 -38.54
CA PRO B 227 48.14 33.14 -41.52
CA PRO B 228 45.89 29.90 -41.02
CA PRO B 229 47.50 26.41 -42.45
CA PRO B 230 45.23 24.61 -44.93
CA CYS B 231 45.89 21.00 -46.30
CA CYS B 232 43.27 18.85 -48.09
CA HIS B 233 42.58 15.15 -48.55
CA PRO B 234 40.83 13.31 -51.53
CA ARG B 235 37.23 12.42 -50.45
CA LEU B 236 33.48 13.33 -50.27
CA SER B 237 30.82 12.15 -47.78
CA LEU B 238 27.08 12.70 -47.21
CA HIS B 239 25.40 13.26 -43.85
CA ARG B 240 21.84 11.98 -43.41
CA PRO B 241 19.55 14.18 -41.24
CA ALA B 242 18.64 13.13 -37.70
CA LEU B 243 15.57 10.97 -37.06
CA GLU B 244 14.33 12.68 -33.89
CA ASP B 245 14.38 16.11 -35.57
CA LEU B 246 12.49 15.38 -38.82
CA LEU B 247 9.70 13.46 -37.04
CA LEU B 248 8.75 16.11 -34.48
CA GLY B 249 8.51 19.22 -36.63
CA SER B 250 9.52 18.55 -40.26
CA GLU B 251 12.90 20.25 -39.75
CA ALA B 252 15.37 18.20 -41.83
CA ASN B 253 18.55 18.90 -43.79
CA LEU B 254 21.08 16.82 -45.74
CA THR B 255 24.73 17.92 -45.73
CA CYS B 256 27.20 17.40 -48.61
CA THR B 257 30.69 18.20 -47.33
CA LEU B 258 33.81 17.94 -49.52
CA THR B 259 36.77 17.17 -47.23
CA GLY B 260 39.77 15.79 -49.13
CA LEU B 261 41.68 17.06 -52.21
CA ARG B 262 44.65 19.56 -52.11
CA ASP B 263 44.82 23.44 -52.41
CA ALA B 264 42.90 26.65 -53.35
CA SER B 265 39.97 26.42 -55.77
CA GLY B 266 36.18 26.95 -55.65
CA ALA B 267 33.38 24.38 -55.75
CA THR B 268 29.90 24.64 -57.27
CA PHE B 269 26.90 22.37 -56.56
CA THR B 270 23.99 20.82 -58.47
CA TRP B 271 21.38 19.71 -55.90
CA THR B 272 18.19 17.99 -57.02
CA PRO B 273 14.75 19.31 -55.89
CA SER B 274 12.41 17.36 -53.60
CA SER B 275 8.87 16.10 -54.19
CA GLY B 276 7.57 19.60 -53.44
CA LYS B 277 9.83 21.10 -56.12
CA SER B 278 12.11 23.16 -53.86
CA ALA B 279 15.88 23.68 -54.00
CA VAL B 280 17.71 25.94 -51.51
CA GLN B 281 21.45 26.03 -50.80
CA GLY B 282 24.30 28.21 -49.52
CA PRO B 283 27.81 26.56 -49.42
CA PRO B 284 30.55 28.53 -47.55
CA GLU B 285 34.35 28.23 -47.22
CA ARG B 286 36.09 27.52 -43.91
CA ASP B 287 39.30 26.75 -42.04
CA LEU B 288 39.71 23.64 -39.84
CA CYS B 289 43.11 21.92 -40.46
CA GLY B 290 44.62 24.28 -43.06
CA CYS B 291 43.06 24.02 -46.57
CA TYR B 292 39.83 25.79 -47.79
CA SER B 293 36.47 23.99 -47.26
CA VAL B 294 33.12 24.01 -49.12
CA SER B 295 29.99 22.42 -47.53
CA SER B 296 26.31 22.76 -48.57
CA VAL B 297 23.03 21.96 -46.80
CA LEU B 298 19.74 21.26 -48.61
CA PRO B 299 16.74 21.78 -46.27
CA GLY B 300 14.15 19.10 -47.04
CA CYS B 301 10.66 18.20 -45.83
CA ALA B 302 9.35 15.10 -44.01
CA GLN B 303 7.10 13.70 -46.76
CA PRO B 304 9.85 13.11 -49.36
CA TRP B 305 11.98 11.25 -46.80
CA ASN B 306 8.98 9.18 -45.66
CA HIS B 307 8.00 8.33 -49.24
CA GLY B 308 11.59 7.86 -50.38
CA GLU B 309 13.05 10.39 -52.82
CA THR B 310 16.54 10.23 -54.36
CA PHE B 311 18.73 12.98 -52.87
CA THR B 312 21.84 13.30 -55.07
CA CYS B 313 24.69 15.85 -54.82
CA THR B 314 26.93 16.44 -57.85
CA ALA B 315 29.96 18.75 -57.70
CA ALA B 316 31.84 19.96 -60.80
CA HIS B 317 35.53 20.92 -60.64
CA PRO B 318 38.48 21.53 -63.02
CA GLU B 319 40.85 19.10 -61.31
CA LEU B 320 38.14 16.86 -59.90
CA LYS B 321 37.38 16.32 -63.58
CA THR B 322 34.87 13.52 -62.98
CA PRO B 323 32.12 15.32 -61.02
CA LEU B 324 31.56 12.99 -58.05
CA THR B 325 27.94 11.86 -57.86
CA ALA B 326 26.48 10.75 -54.52
CA ASN B 327 22.94 9.50 -53.87
CA ILE B 328 21.21 8.58 -50.59
CA THR B 329 17.74 7.19 -49.86
CA LYS B 330 16.07 4.99 -47.23
CA SER B 331 16.55 1.21 -47.12
CA GLY B 332 14.80 -2.13 -47.38
CA ASN B 333 11.24 -3.05 -48.33
CA THR B 334 8.07 -2.56 -46.24
CA PHE B 335 7.01 -5.05 -43.55
CA ARG B 336 3.81 -4.77 -41.48
CA PRO B 337 4.43 -4.37 -37.69
CA GLU B 338 2.82 -6.80 -35.26
CA VAL B 339 2.00 -5.22 -31.89
CA HIS B 340 1.74 -7.45 -28.81
CA LEU B 341 0.73 -5.66 -25.58
CA LEU B 342 2.09 -7.56 -22.57
CA PRO B 343 0.54 -7.32 -19.06
CA PRO B 344 2.60 -6.82 -15.86
CA PRO B 345 3.95 -10.01 -14.19
CA SER B 346 2.85 -11.60 -10.90
CA GLU B 347 5.87 -10.63 -8.78
CA GLU B 348 5.80 -7.05 -10.10
CA LEU B 349 2.49 -6.42 -8.35
CA ALA B 350 4.42 -6.46 -5.06
CA LEU B 351 5.81 -2.95 -5.65
CA ASN B 352 3.90 0.35 -5.31
CA GLU B 353 4.89 3.50 -7.22
CA LEU B 354 5.51 2.03 -10.70
CA VAL B 355 4.06 -0.69 -12.97
CA THR B 356 5.57 -1.55 -16.38
CA LEU B 357 3.28 -1.95 -19.41
CA THR B 358 5.21 -3.57 -22.27
CA CYS B 359 3.81 -3.46 -25.82
CA LEU B 360 6.17 -5.09 -28.32
CA ALA B 361 6.00 -4.36 -32.06
CA ARG B 362 8.14 -6.74 -34.12
CA GLY B 363 8.13 -7.62 -37.82
CA PHE B 364 8.73 -4.19 -39.36
CA SER B 365 10.98 -2.48 -41.91
CA PRO B 366 12.39 0.09 -42.17
CA LYS B 367 13.31 1.00 -38.58
CA ASP B 368 11.36 4.27 -38.76
CA VAL B 369 8.47 3.85 -36.31
CA LEU B 370 6.76 6.32 -33.96
CA VAL B 371 5.36 4.72 -30.79
CA ARG B 372 3.18 6.55 -28.23
CA TRP B 373 0.85 5.84 -25.29
CA LEU B 374 -2.56 7.12 -24.16
CA GLN B 375 -4.82 7.21 -21.09
CA GLY B 376 -8.28 5.65 -21.10
CA SER B 377 -10.05 7.58 -18.33
CA GLN B 378 -8.63 11.10 -18.73
CA GLU B 379 -8.52 10.55 -22.53
CA LEU B 380 -5.15 12.33 -22.60
CA PRO B 381 -1.71 11.07 -23.76
CA ARG B 382 0.76 9.63 -21.22
CA GLU B 383 4.04 11.21 -20.11
CA LYS B 384 6.23 8.52 -18.50
CA TYR B 385 7.49 6.08 -21.16
CA LEU B 386 10.70 5.18 -23.04
CA THR B 387 11.60 3.66 -26.42
CA TRP B 388 14.14 0.87 -27.08
CA ALA B 389 15.96 -0.09 -30.31
CA SER B 390 18.43 -2.46 -32.04
CA ARG B 391 18.99 -4.09 -35.46
CA GLN B 392 18.85 -7.80 -36.31
CA GLU B 393 21.56 -8.55 -38.88
CA PRO B 394 22.56 -12.25 -38.63
CA SER B 395 24.62 -14.29 -41.09
CA GLN B 396 21.55 -15.68 -42.88
CA GLY B 397 19.06 -13.94 -45.15
CA THR B 398 16.51 -12.72 -42.60
CA THR B 399 16.30 -9.15 -41.27
CA THR B 400 13.40 -7.31 -39.56
CA PHE B 401 13.52 -4.54 -36.92
CA ALA B 402 11.48 -4.67 -33.69
CA VAL B 403 10.75 -2.38 -30.73
CA THR B 404 9.72 -2.39 -27.06
CA SER B 405 7.75 0.23 -25.10
CA ILE B 406 7.53 0.71 -21.31
CA LEU B 407 4.74 2.73 -19.68
CA ARG B 408 5.26 3.11 -15.93
CA VAL B 409 1.94 3.90 -14.23
CA ALA B 410 0.70 3.47 -10.65
CA ALA B 411 -0.12 0.21 -8.87
CA GLU B 412 -3.53 1.33 -7.59
CA ASP B 413 -4.59 2.66 -11.01
CA TRP B 414 -3.86 -0.60 -12.85
CA LYS B 415 -6.35 -2.37 -10.57
CA LYS B 416 -9.17 0.17 -10.95
CA GLY B 417 -9.99 -1.02 -14.46
CA ASP B 418 -8.45 1.58 -16.77
CA THR B 419 -7.52 0.76 -20.38
CA PHE B 420 -4.10 1.78 -21.80
CA SER B 421 -3.37 2.31 -25.51
CA CYS B 422 -0.08 1.67 -27.37
CA MET B 423 -0.35 3.42 -30.75
CA VAL B 424 2.28 2.47 -33.34
CA GLY B 425 2.89 4.30 -36.61
CA HIS B 426 4.64 2.84 -39.65
CA GLU B 427 4.40 3.04 -43.45
CA ALA B 428 3.37 -0.60 -44.04
CA LEU B 429 0.37 -0.14 -41.73
CA PRO B 430 -3.19 0.03 -43.17
CA LEU B 431 -3.78 3.71 -42.33
CA ALA B 432 -0.18 4.43 -41.27
CA PHE B 433 -1.51 4.01 -37.73
CA THR B 434 -2.43 1.01 -35.56
CA GLN B 435 -3.48 0.77 -31.90
CA LYS B 436 -3.74 -2.15 -29.46
CA THR B 437 -4.92 -1.99 -25.83
CA ILE B 438 -4.34 -3.60 -22.43
CA ASP B 439 -6.90 -4.08 -19.64
CA ARG B 440 -6.90 -5.86 -16.26
CA LEU B 441 -10.38 -7.18 -17.10
CA ALA B 442 -9.62 -10.30 -19.12
CA GLY B 443 -12.52 -12.24 -20.59
CA LYS B 444 -11.62 -15.48 -22.33
CA PRO B 445 -13.46 -15.30 -25.69
CA THR B 446 -10.27 -14.84 -27.74
CA HIS B 447 -8.97 -11.25 -27.71
CA VAL B 448 -11.41 -8.55 -28.79
CA ASN B 449 -10.71 -4.86 -29.51
CA VAL B 450 -12.86 -1.86 -28.52
CA SER B 451 -15.75 -0.40 -30.55
CA VAL B 452 -15.74 2.63 -32.88
CA VAL B 453 -15.54 6.22 -31.60
CA MET B 454 -15.99 8.93 -34.25
CA ALA B 455 -17.45 8.67 -37.77
CA GLU B 456 -18.37 10.67 -40.88
CA VAL B 457 -15.46 13.03 -40.13
CA ASP B 458 -12.14 11.98 -41.67
CA GLY B 459 -10.99 15.45 -42.69
CA THR B 460 -11.65 15.77 -46.42
CA CYS B 461 -15.34 16.33 -45.64
CA TYR B 462 -15.34 18.85 -42.78
CA GLN C 1 -10.19 -70.31 86.58
CA VAL C 2 -10.77 -70.76 82.85
CA LYS C 3 -13.09 -73.76 82.35
CA LEU C 4 -11.87 -76.78 84.38
CA LEU C 5 -10.47 -78.94 81.58
CA GLU C 6 -9.88 -76.90 78.39
CA GLN C 7 -9.04 -79.10 75.38
CA SER C 8 -7.65 -78.26 71.93
CA GLY C 9 -9.18 -77.69 68.50
CA ALA C 10 -10.45 -79.78 65.58
CA GLU C 11 -7.47 -80.99 63.52
CA VAL C 12 -8.19 -81.93 59.91
CA LYS C 13 -5.91 -84.87 59.09
CA LYS C 14 -5.54 -86.65 55.76
CA PRO C 15 -5.98 -90.48 55.93
CA GLY C 16 -2.70 -92.01 57.06
CA ALA C 17 -1.52 -89.15 59.26
CA SER C 18 -1.06 -88.51 62.99
CA VAL C 19 -3.17 -86.56 65.52
CA LYS C 20 -2.30 -85.26 69.01
CA VAL C 21 -5.11 -83.81 71.14
CA SER C 22 -4.24 -82.16 74.48
CA CYS C 23 -6.19 -81.65 77.72
CA LYS C 24 -5.24 -78.70 79.94
CA ALA C 25 -6.34 -78.83 83.59
CA SER C 26 -6.81 -76.20 86.31
CA GLY C 27 -8.41 -75.37 89.64
CA TYR C 28 -7.54 -78.76 91.14
CA SER C 29 -4.41 -80.83 91.86
CA PHE C 30 -3.14 -82.61 88.72
CA THR C 31 -1.08 -85.36 90.39
CA SER C 32 -4.08 -86.55 92.43
CA TYR C 33 -6.61 -87.44 89.72
CA GLY C 34 -6.58 -89.49 86.51
CA LEU C 35 -7.91 -88.74 83.01
CA HIS C 36 -9.95 -90.98 80.68
CA TRP C 37 -10.49 -90.47 76.93
CA VAL C 38 -13.90 -91.06 75.33
CA ARG C 39 -15.04 -90.22 71.78
CA GLN C 40 -18.29 -90.26 69.75
CA ALA C 41 -18.93 -90.91 66.04
CA PRO C 42 -21.60 -88.75 64.30
CA GLY C 43 -24.86 -90.55 65.09
CA GLN C 44 -23.36 -93.28 67.29
CA ARG C 45 -22.74 -94.01 70.99
CA LEU C 46 -19.73 -92.97 73.11
CA GLU C 47 -16.72 -95.31 72.99
CA TRP C 48 -14.03 -95.49 75.68
CA MET C 49 -10.47 -95.24 74.34
CA GLY C 50 -8.25 -95.37 77.42
CA TRP C 51 -6.88 -93.89 80.64
CA ILE C 52 -3.65 -92.50 82.09
CA SER C 53 -2.65 -91.74 85.70
CA ALA C 54 -1.17 -88.29 86.26
CA GLY C 55 0.81 -89.48 89.28
CA THR C 56 2.87 -92.40 87.96
CA GLY C 57 2.12 -92.52 84.23
CA ASN C 58 0.57 -95.97 83.80
CA THR C 59 -1.29 -96.62 80.54
CA LYS C 60 -4.52 -98.65 80.32
CA TYR C 61 -6.24 -98.59 76.92
CA SER C 62 -8.72 -100.90 75.19
CA GLN C 63 -7.94 -103.79 72.81
CA LYS C 64 -9.73 -101.92 70.01
CA PHE C 65 -6.99 -99.40 69.18
CA ARG C 66 -4.18 -101.83 70.04
CA GLY C 67 -0.89 -100.77 68.48
CA ARG C 68 -1.78 -97.24 67.39
CA VAL C 69 -2.68 -95.32 70.56
CA THR C 70 -0.45 -93.58 73.10
CA PHE C 71 -0.91 -91.39 76.18
CA THR C 72 1.61 -88.84 77.51
CA ARG C 73 1.53 -86.31 80.36
CA ASP C 74 3.62 -83.26 81.29
CA THR C 75 3.90 -82.82 85.08
CA SER C 76 5.08 -79.19 85.19
CA ALA C 77 2.73 -78.08 82.39
CA THR C 78 -0.57 -79.56 83.66
CA THR C 79 -1.72 -80.97 80.29
CA ALA C 80 -2.60 -84.49 79.13
CA TYR C 81 -2.04 -85.89 75.62
CA MET C 82 -3.34 -88.55 73.22
CA GLY C 83 -1.84 -90.04 70.07
CA LEU C 84 -3.31 -92.04 67.18
CA SER C 85 -1.42 -93.11 64.04
CA SER C 86 -2.79 -94.52 60.76
CA LEU C 87 -6.03 -92.50 60.76
CA ARG C 88 -8.99 -93.76 58.72
CA PRO C 89 -12.21 -92.23 57.22
CA GLU C 90 -14.20 -93.81 60.07
CA ASP C 91 -12.35 -92.02 62.89
CA THR C 92 -14.43 -88.85 62.39
CA ALA C 93 -15.57 -88.34 65.99
CA VAL C 94 -15.69 -85.88 68.88
CA TYR C 95 -13.06 -86.76 71.50
CA TYR C 96 -13.33 -85.85 75.20
CA CYS C 97 -11.00 -86.08 78.21
CA ALA C 98 -12.89 -86.88 81.41
CA ARG C 99 -11.39 -86.88 84.91
CA ASP C 100 -10.96 -89.69 87.46
CA PRO C 101 -12.58 -88.87 90.87
CA TYR C 102 -10.66 -91.76 92.47
CA GLY C 103 -7.44 -92.36 90.54
CA GLY C 104 -8.08 -96.06 90.09
CA GLY C 105 -8.71 -96.33 86.36
CA LYS C 106 -12.24 -97.72 86.64
CA SER C 107 -15.10 -95.40 87.64
CA GLU C 108 -17.46 -92.60 86.54
CA PHE C 109 -16.75 -89.22 84.91
CA ASP C 110 -17.61 -86.01 86.78
CA TYR C 111 -15.84 -83.44 84.58
CA TRP C 112 -15.99 -83.39 80.77
CA GLY C 113 -14.26 -81.07 78.31
CA GLN C 114 -15.55 -79.22 75.25
CA GLY C 115 -14.59 -81.90 72.74
CA THR C 116 -12.39 -82.05 69.65
CA LEU C 117 -13.84 -83.06 66.27
CA VAL C 118 -11.06 -84.69 64.24
CA THR C 119 -12.30 -85.24 60.67
CA VAL C 120 -10.19 -87.53 58.50
CA SER C 121 -10.81 -86.85 54.80
CA SER C 122 -8.53 -86.49 51.75
CA ALA C 123 -10.73 -83.80 50.15
CA SER C 124 -9.16 -80.35 49.87
CA PRO C 125 -10.52 -78.39 52.88
CA THR C 126 -11.51 -74.76 52.29
CA SER C 127 -12.15 -71.67 54.44
CA PRO C 128 -15.80 -70.49 54.75
CA LYS C 129 -17.02 -67.31 53.06
CA VAL C 130 -19.20 -65.33 55.48
CA PHE C 131 -21.90 -63.12 53.92
CA PRO C 132 -24.17 -60.50 55.54
CA LEU C 133 -27.86 -61.38 55.29
CA SER C 134 -29.27 -57.88 55.76
CA LEU C 135 -32.83 -57.27 54.53
CA ASP C 136 -34.48 -54.66 52.30
CA SER C 137 -37.63 -53.98 54.36
CA THR C 138 -39.07 -57.43 53.55
CA PRO C 139 -40.13 -58.24 57.16
CA GLN C 140 -42.61 -56.31 59.31
CA ASP C 141 -42.74 -53.35 61.69
CA GLY C 142 -41.95 -54.56 65.20
CA ASN C 143 -38.84 -56.73 64.94
CA VAL C 144 -35.76 -56.73 62.70
CA VAL C 145 -34.28 -60.01 61.46
CA VAL C 146 -30.59 -60.07 60.53
CA ALA C 147 -28.22 -62.98 59.79
CA CYS C 148 -24.76 -64.12 58.67
CA LEU C 149 -24.48 -66.81 55.97
CA VAL C 150 -21.23 -68.77 56.39
CA GLN C 151 -20.96 -70.56 53.03
CA GLY C 152 -18.47 -73.14 51.73
CA PHE C 153 -16.42 -74.99 54.35
CA PHE C 154 -15.12 -78.54 54.55
CA PRO C 155 -15.41 -80.35 56.85
CA GLN C 156 -18.37 -79.29 59.02
CA GLU C 157 -16.48 -78.57 62.26
CA PRO C 158 -17.82 -77.14 65.57
CA LEU C 159 -18.62 -73.57 64.49
CA SER C 160 -18.71 -71.14 67.42
CA VAL C 161 -20.62 -67.94 66.65
CA THR C 162 -21.21 -65.05 69.07
CA TRP C 163 -23.00 -61.81 68.16
CA SER C 164 -22.09 -58.54 69.89
CA GLU C 165 -25.46 -57.62 71.42
CA SER C 166 -27.32 -59.66 74.06
CA GLY C 167 -30.32 -59.23 76.35
CA GLN C 168 -33.82 -60.50 77.08
CA ASN C 169 -35.90 -59.83 73.95
CA VAL C 170 -33.11 -60.90 71.58
CA THR C 171 -32.75 -64.46 70.27
CA ALA C 172 -29.87 -66.11 68.37
CA ARG C 173 -30.06 -69.51 66.66
CA ASN C 174 -27.17 -71.60 65.30
CA PHE C 175 -28.39 -73.48 62.20
CA PRO C 176 -27.10 -77.07 61.71
CA PRO C 177 -24.58 -77.87 58.90
CA SER C 178 -25.99 -79.17 55.60
CA GLN C 179 -24.39 -81.04 52.68
CA ASP C 180 -24.70 -80.44 48.92
CA ALA C 181 -24.02 -83.15 46.30
CA SER C 182 -21.86 -85.89 47.82
CA GLY C 183 -19.66 -84.06 50.32
CA ASP C 184 -18.22 -81.27 48.16
CA LEU C 185 -18.96 -78.48 50.67
CA TYR C 186 -20.87 -77.60 53.84
CA THR C 187 -22.88 -74.44 54.60
CA THR C 188 -24.32 -72.77 57.74
CA SER C 189 -25.88 -69.55 59.03
CA SER C 190 -26.33 -67.41 62.15
CA GLN C 191 -29.48 -65.38 62.78
CA LEU C 192 -30.38 -62.74 65.40
CA THR C 193 -34.00 -61.64 65.78
CA LEU C 194 -34.18 -58.42 67.81
CA PRO C 195 -36.83 -55.71 68.46
CA ALA C 196 -36.67 -52.59 66.30
CA THR C 197 -36.07 -50.45 69.40
CA GLN C 198 -32.63 -52.08 69.74
CA CYS C 199 -30.76 -51.51 66.44
CA PRO C 200 -30.31 -47.70 66.34
CA ASP C 201 -30.53 -45.84 63.00
CA GLY C 202 -26.97 -45.52 61.73
CA LYS C 203 -25.13 -48.44 63.38
CA SER C 204 -24.67 -52.20 62.88
CA VAL C 205 -24.17 -55.53 64.69
CA THR C 206 -21.07 -57.71 64.26
CA CYS C 207 -21.20 -61.52 63.98
CA HIS C 208 -18.07 -63.43 65.03
CA VAL C 209 -17.64 -66.86 63.42
CA LYS C 210 -14.88 -69.22 64.58
CA HIS C 211 -13.96 -72.49 62.85
CA TYR C 212 -11.21 -74.52 64.55
CA THR C 213 -8.48 -72.44 66.26
CA ASN C 214 -8.31 -70.37 63.07
CA PRO C 215 -8.54 -66.55 63.49
CA SER C 216 -12.08 -65.36 64.23
CA GLN C 217 -13.63 -63.75 61.13
CA ASP C 218 -15.59 -60.62 62.09
CA VAL C 219 -18.27 -59.11 59.82
CA THR C 220 -20.21 -55.85 60.22
CA VAL C 221 -23.90 -56.73 59.71
CA PRO C 222 -26.02 -53.54 59.27
CA CYS C 223 -29.72 -52.78 59.73
CA PRO C 224 -31.50 -49.09 59.72
CA VAL C 225 -31.99 -46.32 57.11
CA PRO C 226 -30.38 -42.67 56.56
CA PRO C 227 -32.38 -39.74 55.11
CA PRO C 228 -30.62 -37.19 52.63
CA PRO C 229 -29.71 -33.52 54.25
CA PRO C 230 -31.20 -30.60 52.29
CA CYS C 231 -30.32 -26.84 52.95
CA CYS C 232 -31.12 -23.98 50.53
CA HIS C 233 -29.65 -20.57 49.72
CA PRO C 234 -31.49 -17.33 48.40
CA ARG C 235 -31.32 -16.65 44.62
CA LEU C 236 -33.34 -16.75 41.34
CA SER C 237 -32.18 -17.49 37.79
CA LEU C 238 -33.80 -18.03 34.38
CA HIS C 239 -32.81 -20.60 31.75
CA ARG C 240 -33.23 -19.71 28.07
CA PRO C 241 -34.27 -22.59 25.76
CA ALA C 242 -31.77 -24.21 23.39
CA LEU C 243 -31.28 -22.83 19.88
CA GLU C 244 -30.99 -26.13 18.02
CA ASP C 245 -34.25 -27.43 19.50
CA LEU C 246 -36.59 -24.49 18.81
CA LEU C 247 -35.43 -24.09 15.19
CA LEU C 248 -35.96 -27.69 14.05
CA GLY C 249 -39.44 -28.41 15.37
CA SER C 250 -40.84 -25.52 17.43
CA GLU C 251 -40.20 -27.38 20.71
CA ALA C 252 -39.09 -24.70 23.17
CA ASN C 253 -39.39 -24.12 26.93
CA LEU C 254 -38.17 -21.47 29.39
CA THR C 255 -37.35 -22.62 32.94
CA CYS C 256 -37.72 -20.43 36.05
CA THR C 257 -35.87 -22.19 38.89
CA LEU C 258 -35.35 -20.74 42.38
CA THR C 259 -32.17 -22.38 43.67
CA GLY C 260 -31.55 -21.06 47.21
CA LEU C 261 -33.82 -19.84 50.05
CA ARG C 262 -34.31 -21.45 53.54
CA ASP C 263 -36.84 -24.33 54.22
CA ALA C 264 -40.53 -25.22 54.67
CA SER C 265 -42.90 -23.16 52.54
CA GLY C 266 -44.74 -23.35 49.19
CA ALA C 267 -44.18 -20.79 46.44
CA THR C 268 -46.50 -19.72 43.61
CA PHE C 269 -46.02 -18.37 40.05
CA THR C 270 -47.44 -15.76 37.67
CA TRP C 271 -46.31 -16.51 34.10
CA THR C 272 -47.23 -14.26 31.18
CA PRO C 273 -48.82 -15.71 27.99
CA SER C 274 -47.11 -15.68 24.59
CA SER C 275 -48.17 -14.06 21.31
CA GLY C 276 -50.56 -16.95 20.72
CA LYS C 277 -52.24 -16.36 24.10
CA SER C 278 -51.22 -19.61 25.83
CA ALA C 279 -50.01 -20.21 29.40
CA VAL C 280 -49.15 -23.70 30.69
CA GLN C 281 -47.16 -24.54 33.83
CA GLY C 282 -46.61 -27.26 36.44
CA PRO C 283 -43.98 -26.53 39.15
CA PRO C 284 -43.08 -29.60 41.29
CA GLU C 285 -41.06 -29.86 44.52
CA ARG C 286 -37.70 -31.69 44.48
CA ASP C 287 -35.24 -32.09 47.37
CA LEU C 288 -31.77 -30.58 46.79
CA CYS C 289 -29.15 -30.58 49.57
CA GLY C 290 -31.95 -31.34 52.00
CA CYS C 291 -33.91 -28.27 50.94
CA TYR C 292 -37.23 -28.18 48.86
CA SER C 293 -37.18 -26.83 45.25
CA VAL C 294 -39.85 -25.12 43.10
CA SER C 295 -39.08 -25.05 39.33
CA SER C 296 -41.66 -24.25 36.61
CA VAL C 297 -41.40 -24.60 32.81
CA LEU C 298 -43.42 -22.53 30.31
CA PRO C 299 -43.57 -24.26 26.88
CA GLY C 300 -43.45 -21.59 24.18
CA CYS C 301 -43.61 -21.48 20.38
CA ALA C 302 -40.98 -20.41 17.83
CA GLN C 303 -42.71 -17.29 16.45
CA PRO C 304 -42.76 -15.30 19.72
CA TRP C 305 -39.04 -15.95 20.24
CA ASN C 306 -38.25 -15.00 16.64
CA HIS C 307 -40.34 -11.81 16.84
CA GLY C 308 -39.26 -10.99 20.39
CA GLU C 309 -41.81 -11.26 23.19
CA THR C 310 -41.18 -10.43 26.86
CA PHE C 311 -41.14 -13.62 28.95
CA THR C 312 -41.40 -12.65 32.63
CA CYS C 313 -41.62 -14.84 35.77
CA THR C 314 -42.72 -13.59 39.21
CA ALA C 315 -42.34 -15.79 42.31
CA ALA C 316 -44.00 -14.38 45.45
CA HIS C 317 -43.63 -15.62 49.02
CA PRO C 318 -44.40 -14.43 52.57
CA GLU C 319 -40.75 -13.80 53.49
CA LEU C 320 -39.86 -13.02 49.90
CA LYS C 321 -42.11 -10.04 50.52
CA THR C 322 -40.88 -8.31 47.39
CA PRO C 323 -41.94 -10.63 44.51
CA LEU C 324 -38.82 -11.01 42.36
CA THR C 325 -39.51 -10.07 38.74
CA ALA C 326 -37.31 -11.49 35.97
CA ASN C 327 -37.62 -10.78 32.23
CA ILE C 328 -35.69 -12.22 29.27
CA THR C 329 -35.83 -11.40 25.54
CA LYS C 330 -33.51 -11.51 22.52
CA SER C 331 -30.65 -9.03 22.09
CA GLY C 332 -29.47 -6.22 19.83
CA ASN C 333 -31.03 -4.66 16.75
CA THR C 334 -31.33 -6.08 13.20
CA PHE C 335 -28.48 -6.12 10.66
CA ARG C 336 -28.76 -7.47 7.11
CA PRO C 337 -26.39 -10.43 6.36
CA GLU C 338 -23.99 -10.21 3.43
CA VAL C 339 -23.36 -13.65 1.91
CA HIS C 340 -20.10 -14.23 0.00
CA LEU C 341 -19.63 -17.64 -1.65
CA LEU C 342 -15.93 -18.56 -1.96
CA PRO C 343 -14.47 -20.95 -4.59
CA PRO C 344 -11.91 -23.70 -3.72
CA PRO C 345 -8.23 -22.62 -3.87
CA SER C 346 -5.62 -23.65 -6.44
CA GLU C 347 -3.67 -26.00 -4.16
CA GLU C 348 -6.88 -27.73 -3.04
CA LEU C 349 -7.55 -29.07 -6.54
CA ALA C 350 -4.70 -31.54 -5.90
CA LEU C 351 -6.88 -33.70 -3.63
CA ASN C 352 -9.56 -36.21 -4.71
CA GLU C 353 -12.42 -37.24 -2.39
CA LEU C 354 -13.29 -33.82 -0.92
CA VAL C 355 -13.57 -30.17 -2.05
CA THR C 356 -14.44 -27.29 0.31
CA LEU C 357 -17.08 -24.74 -0.73
CA THR C 358 -17.04 -21.80 1.70
CA CYS C 359 -19.89 -19.25 1.69
CA LEU C 360 -19.29 -16.60 4.36
CA ALA C 361 -22.16 -14.48 5.69
CA ARG C 362 -21.08 -11.61 7.94
CA GLY C 363 -22.63 -8.33 9.04
CA PHE C 364 -25.66 -9.73 10.88
CA SER C 365 -27.41 -9.46 14.24
CA PRO C 366 -28.67 -11.23 16.21
CA LYS C 367 -26.63 -14.45 15.96
CA ASP C 368 -29.74 -16.48 15.10
CA VAL C 369 -29.19 -17.63 11.51
CA LEU C 370 -30.02 -20.90 9.72
CA VAL C 371 -27.64 -21.90 6.91
CA ARG C 372 -28.21 -24.77 4.45
CA TRP C 373 -26.91 -26.08 1.11
CA LEU C 374 -28.49 -27.48 -2.06
CA GLN C 375 -27.60 -29.45 -5.21
CA GLY C 376 -28.12 -28.01 -8.68
CA SER C 377 -28.40 -31.16 -10.81
CA GLN C 378 -30.33 -33.53 -8.53
CA GLU C 379 -32.29 -30.52 -7.18
CA LEU C 380 -32.04 -32.04 -3.68
CA PRO C 381 -30.44 -30.61 -0.50
CA ARG C 382 -26.88 -31.56 0.49
CA GLU C 383 -25.82 -33.70 3.45
CA LYS C 384 -22.12 -33.07 4.17
CA TYR C 385 -21.62 -29.56 5.63
CA LEU C 386 -20.80 -27.84 8.94
CA THR C 387 -21.49 -24.55 10.77
CA TRP C 388 -19.22 -22.37 12.92
CA ALA C 389 -19.92 -19.75 15.63
CA SER C 390 -18.14 -16.94 17.53
CA ARG C 391 -19.14 -13.45 18.72
CA GLN C 392 -17.24 -10.24 17.90
CA GLU C 393 -17.04 -8.19 21.11
CA PRO C 394 -14.07 -5.76 21.03
CA SER C 395 -13.36 -2.79 23.32
CA GLN C 396 -14.86 -0.26 20.89
CA GLY C 397 -18.48 0.32 19.90
CA THR C 398 -18.83 -2.13 17.02
CA THR C 399 -20.43 -5.59 17.13
CA THR C 400 -21.78 -7.83 14.32
CA PHE C 401 -21.89 -11.64 14.14
CA ALA C 402 -20.50 -13.55 11.13
CA VAL C 403 -20.53 -17.20 9.99
CA THR C 404 -18.76 -19.70 7.74
CA SER C 405 -20.15 -22.73 5.88
CA ILE C 406 -18.17 -25.64 4.42
CA LEU C 407 -19.67 -28.01 1.82
CA ARG C 408 -17.40 -30.96 1.02
CA VAL C 409 -18.27 -32.42 -2.40
CA ALA C 410 -16.27 -34.51 -4.91
CA ALA C 411 -13.40 -33.31 -7.11
CA GLU C 412 -14.80 -34.73 -10.36
CA ASP C 413 -18.25 -33.21 -9.77
CA TRP C 414 -16.96 -29.66 -9.24
CA LYS C 415 -15.44 -29.76 -12.74
CA LYS C 416 -18.56 -31.05 -14.52
CA GLY C 417 -20.31 -27.69 -14.26
CA ASP C 418 -22.79 -28.12 -11.41
CA THR C 419 -24.13 -25.11 -9.47
CA PHE C 420 -24.18 -25.14 -5.63
CA SER C 421 -26.52 -22.99 -3.49
CA CYS C 422 -25.86 -21.56 0.01
CA MET C 423 -29.21 -20.44 1.43
CA VAL C 424 -29.09 -18.20 4.50
CA GLY C 425 -32.08 -17.25 6.66
CA HIS C 426 -32.23 -14.26 8.99
CA GLU C 427 -34.82 -11.73 10.20
CA ALA C 428 -33.27 -8.64 8.60
CA LEU C 429 -33.44 -10.32 5.18
CA PRO C 430 -35.98 -9.14 2.54
CA LEU C 431 -38.12 -12.31 2.66
CA ALA C 432 -36.37 -13.88 5.66
CA PHE C 433 -34.46 -15.90 3.06
CA THR C 434 -31.55 -15.18 0.72
CA GLN C 435 -29.59 -17.47 -1.64
CA LYS C 436 -26.27 -17.04 -3.48
CA THR C 437 -24.59 -19.55 -5.82
CA ILE C 438 -21.16 -20.81 -6.91
CA ASP C 439 -20.21 -22.17 -10.35
CA ARG C 440 -16.93 -23.24 -11.97
CA LEU C 441 -18.08 -21.41 -15.12
CA ALA C 442 -16.95 -17.86 -14.44
CA GLY C 443 -17.86 -15.19 -16.96
CA LYS C 444 -16.47 -11.72 -16.28
CA PRO C 445 -19.50 -9.37 -16.66
CA THR C 446 -19.77 -8.58 -12.94
CA HIS C 447 -21.47 -11.16 -10.70
CA VAL C 448 -24.86 -12.19 -12.09
CA ASN C 449 -27.46 -14.39 -10.38
CA VAL C 450 -29.73 -17.06 -11.91
CA SER C 451 -33.19 -16.47 -13.39
CA VAL C 452 -36.64 -17.05 -11.83
CA VAL C 453 -38.11 -20.52 -11.24
CA MET C 454 -41.73 -20.60 -10.01
CA ALA C 455 -44.37 -17.84 -10.17
CA GLU C 456 -47.99 -16.99 -9.31
CA VAL C 457 -47.78 -19.47 -6.42
CA ASP C 458 -46.67 -17.95 -3.11
CA GLY C 459 -49.08 -19.86 -0.87
CA THR C 460 -51.90 -17.44 -0.02
CA CYS C 461 -53.36 -18.05 -3.49
CA TYR C 462 -53.28 -21.83 -3.97
CA GLN D 1 -58.47 7.61 83.67
CA VAL D 2 -55.26 8.54 81.84
CA LYS D 3 -52.92 10.21 84.35
CA LEU D 4 -54.75 12.96 86.31
CA LEU D 5 -53.25 16.05 84.69
CA GLU D 6 -51.60 15.23 81.35
CA GLN D 7 -49.58 18.14 79.95
CA SER D 8 -48.06 18.78 76.50
CA GLY D 9 -44.60 18.33 74.97
CA ALA D 10 -41.29 20.19 74.87
CA GLU D 11 -41.54 23.00 72.32
CA VAL D 12 -38.24 24.28 70.90
CA LYS D 13 -38.67 28.02 70.34
CA LYS D 14 -36.17 30.45 68.85
CA PRO D 15 -35.42 33.55 71.02
CA GLY D 16 -38.17 36.11 70.44
CA ALA D 17 -41.01 33.67 69.78
CA SER D 18 -44.18 32.51 71.58
CA VAL D 19 -44.97 29.35 73.56
CA LYS D 20 -48.32 27.86 74.66
CA VAL D 21 -48.29 24.90 77.05
CA SER D 22 -51.58 23.14 77.87
CA CYS D 23 -52.79 21.14 80.89
CA LYS D 24 -55.51 18.52 80.35
CA ALA D 25 -57.47 17.36 83.40
CA SER D 26 -59.58 14.29 84.18
CA GLY D 27 -61.13 12.15 86.90
CA TYR D 28 -62.28 15.17 88.90
CA SER D 29 -64.54 18.20 88.42
CA PHE D 30 -62.78 20.99 86.49
CA THR D 31 -64.94 23.94 87.57
CA SER D 32 -64.31 23.21 91.27
CA TYR D 33 -60.50 23.44 91.51
CA GLY D 34 -57.83 25.92 90.41
CA LEU D 35 -54.48 25.41 88.64
CA HIS D 36 -51.08 26.95 89.45
CA TRP D 37 -48.03 27.07 87.14
CA VAL D 38 -44.52 26.40 88.49
CA ARG D 39 -41.27 25.91 86.53
CA GLN D 40 -37.63 24.93 87.25
CA ALA D 41 -34.37 26.00 85.58
CA PRO D 42 -31.67 23.30 85.10
CA GLY D 43 -29.85 23.25 88.41
CA GLN D 44 -32.04 25.82 90.18
CA ARG D 45 -35.07 25.94 92.51
CA LEU D 46 -38.77 25.93 91.53
CA GLU D 47 -40.29 29.33 90.73
CA TRP D 48 -44.02 30.11 90.88
CA MET D 49 -45.39 31.77 87.73
CA GLY D 50 -49.10 32.21 88.39
CA TRP D 51 -52.61 30.86 88.92
CA ILE D 52 -56.02 30.78 87.22
CA SER D 53 -59.45 29.80 88.55
CA ALA D 54 -61.37 27.32 86.37
CA GLY D 55 -64.71 28.60 87.64
CA THR D 56 -64.64 32.34 86.91
CA GLY D 57 -61.37 32.91 85.06
CA ASN D 58 -59.50 35.31 87.35
CA THR D 59 -55.76 35.74 86.71
CA LYS D 60 -53.19 36.11 89.50
CA TYR D 61 -49.55 36.02 88.34
CA SER D 62 -46.29 37.29 89.86
CA GLN D 63 -44.60 40.65 89.23
CA LYS D 64 -41.64 38.83 87.65
CA PHE D 65 -43.20 38.04 84.26
CA ARG D 66 -45.31 41.22 84.24
CA GLY D 67 -46.46 42.09 80.74
CA ARG D 68 -45.62 38.85 78.92
CA VAL D 69 -47.67 36.11 80.59
CA THR D 70 -51.28 35.06 80.04
CA PHE D 71 -53.60 32.28 81.24
CA THR D 72 -56.61 30.91 79.35
CA ARG D 73 -59.07 28.06 80.03
CA ASP D 74 -61.60 26.15 77.93
CA THR D 75 -64.65 25.08 79.96
CA SER D 76 -66.07 22.43 77.60
CA ALA D 77 -62.62 21.01 76.74
CA THR D 78 -61.18 20.57 80.25
CA THR D 79 -57.72 21.99 79.46
CA ALA D 80 -55.74 24.91 80.93
CA TYR D 81 -53.30 27.12 79.00
CA MET D 82 -50.25 29.36 79.52
CA GLY D 83 -48.67 31.99 77.28
CA LEU D 84 -45.26 33.70 77.28
CA SER D 85 -44.01 36.14 74.63
CA SER D 86 -40.46 37.46 74.04
CA LEU D 87 -38.65 34.25 75.07
CA ARG D 88 -35.01 34.47 76.17
CA PRO D 89 -32.04 32.03 76.46
CA GLU D 90 -32.60 31.90 80.23
CA ASP D 91 -36.18 30.56 80.07
CA THR D 92 -34.95 26.99 79.53
CA ALA D 93 -36.93 25.27 82.28
CA VAL D 94 -39.37 22.47 83.05
CA TYR D 95 -42.89 23.84 83.52
CA TYR D 96 -45.60 22.15 85.60
CA CYS D 97 -49.31 22.74 86.22
CA ALA D 98 -50.33 21.92 89.79
CA ARG D 99 -53.90 21.83 91.10
CA ASP D 100 -55.64 23.93 93.78
CA PRO D 101 -57.23 21.78 96.56
CA TYR D 102 -59.22 24.80 97.77
CA GLY D 103 -59.81 27.16 94.85
CA GLY D 104 -58.48 30.19 96.68
CA GLY D 105 -55.27 30.94 94.83
CA LYS D 106 -52.96 30.51 97.80
CA SER D 107 -52.19 27.01 99.12
CA GLU D 108 -50.26 23.76 98.53
CA PHE D 109 -50.03 21.49 95.47
CA ASP D 110 -51.35 17.91 95.68
CA TYR D 111 -51.28 16.94 92.00
CA TRP D 112 -48.36 17.64 89.64
CA GLY D 113 -48.03 16.92 85.92
CA GLN D 114 -45.20 15.37 83.89
CA GLY D 115 -43.57 18.67 82.97
CA THR D 116 -42.69 20.44 79.72
CA LEU D 117 -39.08 21.40 78.93
CA VAL D 118 -39.14 24.48 76.71
CA THR D 119 -35.61 25.17 75.44
CA VAL D 120 -35.02 28.57 73.84
CA SER D 121 -31.98 28.48 71.54
CA SER D 122 -31.28 29.83 68.03
CA ALA D 123 -29.07 26.85 67.10
CA SER D 124 -30.41 24.60 64.33
CA PRO D 125 -32.06 21.66 66.16
CA THR D 126 -31.54 18.19 64.69
CA SER D 127 -33.17 14.76 65.01
CA PRO D 128 -31.20 12.04 66.89
CA LYS D 129 -29.63 9.08 65.06
CA VAL D 130 -30.30 5.88 67.00
CA PHE D 131 -27.74 3.09 66.63
CA PRO D 132 -27.84 -0.54 67.83
CA LEU D 133 -25.10 -1.49 70.31
CA SER D 134 -24.91 -5.26 69.80
CA LEU D 135 -21.79 -7.22 70.83
CA ASP D 136 -19.65 -10.12 69.58
CA SER D 137 -17.80 -12.08 72.33
CA THR D 138 -17.13 -9.01 74.50
CA PRO D 139 -19.50 -9.97 77.34
CA GLN D 140 -18.97 -12.75 79.88
CA ASP D 141 -20.53 -16.21 79.75
CA GLY D 142 -23.75 -15.93 81.73
CA ASN D 143 -25.44 -12.65 80.79
CA VAL D 144 -26.11 -10.58 77.66
CA VAL D 145 -25.76 -6.79 77.53
CA VAL D 146 -27.45 -4.86 74.71
CA ALA D 147 -27.95 -1.11 74.17
CA CYS D 148 -29.21 1.68 71.89
CA LEU D 149 -26.99 4.71 71.24
CA VAL D 150 -29.13 7.76 70.43
CA GLN D 151 -26.55 10.17 68.97
CA GLY D 152 -26.81 13.80 67.84
CA PHE D 153 -29.81 15.75 69.11
CA PHE D 154 -30.27 19.39 70.12
CA PRO D 155 -31.49 20.33 72.61
CA GLN D 156 -31.33 17.63 75.31
CA GLU D 157 -35.08 17.16 75.88
CA PRO D 158 -36.87 14.62 78.13
CA LEU D 159 -36.10 11.39 76.26
CA SER D 160 -38.59 8.62 77.03
CA VAL D 161 -37.26 5.14 76.22
CA THR D 162 -39.11 1.85 76.77
CA TRP D 163 -37.75 -1.57 75.76
CA SER D 164 -40.12 -4.38 74.77
CA GLU D 165 -39.20 -7.02 77.38
CA SER D 166 -39.64 -6.61 81.15
CA GLY D 167 -39.45 -8.81 84.24
CA GLN D 168 -37.51 -9.42 87.45
CA ASN D 169 -33.93 -10.26 86.44
CA VAL D 170 -33.83 -7.59 83.71
CA THR D 171 -32.54 -4.05 84.30
CA ALA D 172 -32.76 -0.94 82.11
CA ARG D 173 -30.85 2.30 82.73
CA ASN D 174 -31.41 5.70 81.07
CA PHE D 175 -28.02 7.44 80.74
CA PRO D 176 -27.96 11.25 81.32
CA PRO D 177 -27.40 13.66 78.36
CA SER D 178 -23.83 14.87 77.73
CA GLN D 179 -22.43 17.83 75.76
CA ASP D 180 -19.53 17.97 73.27
CA ALA D 181 -17.62 21.17 72.47
CA SER D 182 -19.75 24.21 73.40
CA GLY D 183 -23.31 23.06 72.79
CA ASP D 184 -23.08 21.74 69.22
CA LEU D 185 -24.88 18.46 69.95
CA TYR D 186 -26.12 16.15 72.74
CA THR D 187 -25.86 12.34 72.97
CA THR D 188 -27.49 9.59 75.07
CA SER D 189 -27.92 5.82 75.34
CA SER D 190 -30.27 3.09 76.59
CA GLN D 191 -29.01 -0.22 77.98
CA LEU D 192 -30.73 -3.47 78.95
CA THR D 193 -28.78 -6.08 80.90
CA LEU D 194 -30.71 -9.37 80.75
CA PRO D 195 -29.98 -13.06 81.49
CA ALA D 196 -29.04 -15.29 78.55
CA THR D 197 -31.99 -17.59 79.27
CA GLN D 198 -34.29 -14.72 78.20
CA CYS D 199 -33.52 -13.50 74.65
CA PRO D 200 -34.18 -16.49 72.35
CA ASP D 201 -31.65 -17.54 69.66
CA GLY D 202 -32.73 -15.97 66.38
CA LYS D 203 -34.84 -12.99 67.54
CA SER D 204 -34.21 -9.49 68.90
CA VAL D 205 -35.45 -6.80 71.32
CA THR D 206 -36.81 -3.42 70.16
CA CYS D 207 -35.88 -0.12 71.87
CA HIS D 208 -38.42 2.71 71.52
CA VAL D 209 -36.98 6.22 71.82
CA LYS D 210 -39.28 9.25 71.99
CA HIS D 211 -38.09 12.87 71.86
CA TYR D 212 -40.85 15.50 72.21
CA THR D 213 -44.21 14.54 70.66
CA ASN D 214 -42.28 13.51 67.55
CA PRO D 215 -43.03 9.99 66.17
CA SER D 216 -41.45 7.22 68.24
CA GLN D 217 -38.39 5.82 66.46
CA ASP D 218 -38.33 2.02 66.81
CA VAL D 219 -35.12 0.02 66.29
CA THR D 220 -34.71 -3.77 66.15
CA VAL D 221 -31.81 -4.42 68.55
CA PRO D 222 -30.56 -8.01 68.02
CA CYS D 223 -28.96 -10.41 70.47
CA PRO D 224 -28.14 -14.37 69.76
CA VAL D 225 -26.13 -16.30 67.13
CA PRO D 226 -27.13 -18.66 64.01
CA PRO D 227 -25.02 -21.67 62.95
CA PRO D 228 -24.55 -22.50 59.10
CA PRO D 229 -26.73 -25.70 57.73
CA PRO D 230 -24.58 -28.37 56.05
CA CYS D 231 -26.02 -31.43 54.06
CA CYS D 232 -23.96 -33.63 51.69
CA HIS D 233 -24.63 -35.75 48.62
CA PRO D 234 -22.75 -38.95 47.36
CA ARG D 235 -20.46 -37.91 44.43
CA LEU D 236 -17.01 -36.74 43.15
CA SER D 237 -16.14 -34.78 39.96
CA LEU D 238 -12.98 -33.47 38.27
CA HIS D 239 -12.61 -30.05 36.63
CA ARG D 240 -10.25 -29.77 33.64
CA PRO D 241 -8.28 -26.49 33.40
CA ALA D 242 -9.25 -23.83 30.84
CA LEU D 243 -7.72 -23.89 27.35
CA GLU D 244 -7.18 -20.15 26.90
CA ASP D 245 -5.29 -19.89 30.20
CA LEU D 246 -2.76 -22.74 29.83
CA LEU D 247 -1.81 -21.75 26.27
CA LEU D 248 -0.95 -18.10 26.92
CA GLY D 249 1.26 -18.37 30.01
CA SER D 250 1.50 -21.95 31.30
CA GLU D 251 -0.90 -21.19 34.17
CA ALA D 252 -2.99 -24.35 34.60
CA ASN D 253 -4.67 -26.17 37.48
CA LEU D 254 -6.88 -29.26 37.85
CA THR D 255 -9.54 -29.26 40.59
CA CYS D 256 -10.75 -32.36 42.48
CA THR D 257 -13.88 -31.39 44.45
CA LEU D 258 -15.80 -33.87 46.63
CA THR D 259 -19.44 -32.73 46.74
CA GLY D 260 -21.80 -35.51 47.89
CA LEU D 261 -21.77 -37.79 50.96
CA ARG D 262 -23.35 -36.93 54.40
CA ASP D 263 -21.89 -35.28 57.62
CA ALA D 264 -18.69 -34.21 59.47
CA SER D 265 -15.39 -35.94 58.65
CA GLY D 266 -12.04 -35.00 57.08
CA ALA D 267 -10.63 -35.94 53.67
CA THR D 268 -7.02 -36.59 52.63
CA PHE D 269 -5.62 -36.65 49.07
CA THR D 270 -3.05 -38.60 47.05
CA TRP D 271 -2.23 -36.56 43.93
CA THR D 272 0.21 -37.88 41.34
CA PRO D 273 3.20 -35.73 40.21
CA SER D 274 3.57 -34.39 36.66
CA SER D 275 6.30 -34.98 34.07
CA GLY D 276 8.46 -32.41 35.85
CA LYS D 277 8.14 -34.30 39.16
CA SER D 278 6.16 -31.69 41.11
CA ALA D 279 3.22 -32.12 43.51
CA VAL D 280 1.63 -29.16 45.31
CA GLN D 281 -1.77 -29.08 47.05
CA GLY D 282 -3.81 -27.33 49.74
CA PRO D 283 -7.44 -28.59 50.23
CA PRO D 284 -9.70 -26.44 52.50
CA GLU D 285 -13.14 -26.89 54.10
CA ARG D 286 -16.12 -24.67 53.24
CA ASP D 287 -19.82 -23.94 53.63
CA LEU D 288 -22.19 -23.66 50.63
CA CYS D 289 -25.49 -25.55 51.26
CA GLY D 290 -24.89 -26.83 54.81
CA CYS D 291 -22.37 -29.73 55.06
CA TYR D 292 -18.50 -29.41 55.22
CA SER D 293 -16.55 -29.33 51.90
CA VAL D 294 -13.02 -30.41 50.87
CA SER D 295 -11.58 -29.36 47.45
CA SER D 296 -7.96 -29.52 46.20
CA VAL D 297 -6.15 -27.91 43.26
CA LEU D 298 -2.97 -29.31 41.66
CA PRO D 299 -1.10 -26.59 39.67
CA GLY D 300 0.33 -28.18 36.55
CA CYS D 301 2.48 -27.06 33.61
CA ALA D 302 1.72 -26.84 29.88
CA GLN D 303 4.11 -29.55 28.62
CA PRO D 304 2.52 -32.48 30.51
CA TRP D 305 -0.94 -31.53 29.22
CA ASN D 306 0.36 -31.13 25.66
CA HIS D 307 2.20 -34.46 25.79
CA GLY D 308 -0.59 -36.23 27.68
CA GLU D 309 0.07 -37.27 31.28
CA THR D 310 -2.37 -39.21 33.49
CA PHE D 311 -3.71 -36.89 36.24
CA THR D 312 -5.39 -39.09 38.88
CA CYS D 313 -6.92 -38.04 42.23
CA THR D 314 -7.45 -40.69 44.93
CA ALA D 315 -9.18 -39.88 48.23
CA ALA D 316 -9.14 -42.21 51.25
CA HIS D 317 -11.95 -42.17 53.85
CA PRO D 318 -13.31 -44.35 56.69
CA GLU D 319 -16.89 -44.45 55.41
CA LEU D 320 -15.98 -43.93 51.76
CA LYS D 321 -14.19 -47.23 52.27
CA THR D 322 -13.36 -47.74 48.58
CA PRO D 323 -11.09 -44.74 47.86
CA LEU D 324 -12.61 -43.27 44.71
CA THR D 325 -10.06 -43.12 41.88
CA ALA D 326 -10.50 -40.59 39.07
CA ASN D 327 -8.24 -40.11 36.04
CA ILE D 328 -8.36 -37.51 33.25
CA THR D 329 -6.23 -37.05 30.13
CA LYS D 330 -6.65 -35.62 26.61
CA SER D 331 -8.55 -37.47 23.87
CA GLY D 332 -8.26 -39.10 20.46
CA ASN D 333 -5.25 -39.83 18.26
CA THR D 334 -3.16 -37.31 16.27
CA PHE D 335 -4.23 -36.08 12.81
CA ARG D 336 -2.19 -33.69 10.65
CA PRO D 337 -3.97 -30.34 9.92
CA GLU D 338 -4.45 -29.22 6.31
CA VAL D 339 -4.41 -25.43 5.92
CA HIS D 340 -6.20 -23.86 2.93
CA LEU D 341 -5.86 -20.06 2.63
CA LEU D 342 -8.87 -18.64 0.77
CA PRO D 343 -8.76 -15.29 -1.10
CA PRO D 344 -11.52 -12.61 -0.79
CA PRO D 345 -14.50 -12.97 -3.20
CA SER D 346 -15.41 -10.78 -6.17
CA GLU D 347 -18.37 -8.94 -4.63
CA GLU D 348 -16.46 -8.28 -1.40
CA LEU D 349 -14.06 -5.96 -3.25
CA ALA D 350 -16.94 -3.47 -3.47
CA LEU D 351 -16.55 -2.45 0.19
CA ASN D 352 -13.79 -0.23 1.64
CA GLU D 353 -12.69 -0.45 5.30
CA LEU D 354 -12.50 -4.25 5.73
CA VAL D 355 -11.47 -7.32 3.68
CA THR D 356 -11.80 -10.89 5.01
CA LEU D 357 -8.89 -13.33 4.62
CA THR D 358 -10.08 -16.88 5.38
CA CYS D 359 -7.53 -19.65 6.02
CA LEU D 360 -9.22 -22.95 6.87
CA ALA D 361 -7.39 -25.76 8.69
CA ARG D 362 -9.35 -29.03 8.68
CA GLY D 363 -8.31 -32.62 9.33
CA PHE D 364 -6.91 -32.34 12.86
CA SER D 365 -7.21 -34.00 16.27
CA PRO D 366 -7.30 -33.17 19.09
CA LYS D 367 -9.08 -29.79 18.97
CA ASP D 368 -6.11 -28.02 20.58
CA VAL D 369 -4.74 -25.71 17.89
CA LEU D 370 -3.21 -22.21 18.08
CA VAL D 371 -3.84 -20.08 14.98
CA ARG D 372 -2.25 -16.65 14.37
CA TRP D 373 -1.66 -14.13 11.56
CA LEU D 374 1.30 -12.02 10.39
CA GLN D 375 2.10 -9.00 8.19
CA GLY D 376 4.42 -9.26 5.21
CA SER D 377 5.63 -5.67 4.81
CA GLN D 378 5.94 -4.47 8.41
CA GLU D 379 7.05 -8.01 9.42
CA LEU D 380 4.91 -7.70 12.56
CA PRO D 381 1.95 -9.84 13.76
CA ARG D 382 -1.62 -8.77 12.99
CA GLU D 383 -4.21 -7.52 15.51
CA LYS D 384 -7.70 -7.82 13.96
CA TYR D 385 -8.70 -11.49 13.66
CA LEU D 386 -11.06 -14.03 15.29
CA THR D 387 -11.14 -17.82 15.79
CA TRP D 388 -14.12 -20.15 15.16
CA ALA D 389 -14.83 -23.67 16.51
CA SER D 390 -17.16 -26.69 16.55
CA ARG D 391 -16.99 -30.51 16.81
CA GLN D 392 -17.99 -33.05 14.14
CA GLU D 393 -19.60 -36.03 15.88
CA PRO D 394 -21.96 -37.80 13.42
CA SER D 395 -23.58 -41.23 13.78
CA GLN D 396 -20.85 -42.98 11.77
CA GLY D 397 -17.23 -43.69 12.66
CA THR D 398 -15.56 -40.52 11.37
CA THR D 399 -14.50 -37.58 13.58
CA THR D 400 -11.98 -34.75 12.91
CA PHE D 401 -12.00 -31.15 14.17
CA ALA D 402 -11.54 -28.15 11.84
CA VAL D 403 -11.14 -24.36 12.20
CA THR D 404 -11.65 -21.06 10.34
CA SER D 405 -9.71 -17.79 10.67
CA ILE D 406 -10.75 -14.29 9.56
CA LEU D 407 -8.22 -11.47 9.12
CA ARG D 408 -9.92 -8.15 8.33
CA VAL D 409 -7.44 -5.81 6.62
CA ALA D 410 -7.89 -2.76 4.37
CA ALA D 411 -9.13 -2.73 0.76
CA GLU D 412 -6.29 -0.56 -0.57
CA ASP D 413 -3.61 -2.67 1.14
CA TRP D 414 -4.79 -5.98 -0.36
CA LYS D 415 -4.22 -4.52 -3.84
CA LYS D 416 -0.71 -3.16 -3.17
CA GLY D 417 0.84 -6.63 -3.26
CA ASP D 418 1.39 -7.54 0.40
CA THR D 419 1.64 -11.18 1.53
CA PHE D 420 -0.34 -12.40 4.59
CA SER D 421 0.64 -15.44 6.72
CA CYS D 422 -1.70 -17.84 8.59
CA MET D 423 0.48 -19.82 11.03
CA VAL D 424 -1.15 -22.90 12.56
CA GLY D 425 0.25 -24.88 15.48
CA HIS D 426 -0.65 -28.47 16.34
CA GLU D 427 1.05 -31.59 17.73
CA ALA D 428 0.74 -33.75 14.59
CA LEU D 429 2.59 -31.07 12.58
CA PRO D 430 6.19 -31.68 11.39
CA LEU D 431 7.80 -29.06 13.66
CA ALA D 432 4.65 -28.33 15.69
CA PHE D 433 4.28 -25.32 13.40
CA THR D 434 3.09 -24.82 9.81
CA GLN D 435 2.52 -21.64 7.77
CA LYS D 436 0.71 -20.96 4.48
CA THR D 437 0.41 -17.61 2.69
CA ILE D 438 -1.98 -15.57 0.51
CA ASP D 439 -1.04 -13.04 -2.18
CA ARG D 440 -2.98 -11.03 -4.79
CA LEU D 441 -0.23 -11.87 -7.30
CA ALA D 442 -1.32 -15.27 -8.61
CA GLY D 443 0.93 -17.04 -11.08
CA LYS D 444 -0.44 -20.28 -12.51
CA PRO D 445 2.45 -22.78 -12.12
CA THR D 446 0.70 -24.79 -9.38
CA HIS D 447 0.96 -23.18 -5.93
CA VAL D 448 4.47 -22.38 -4.69
CA ASN D 449 5.57 -21.30 -1.20
CA VAL D 450 8.16 -18.63 -0.32
CA SER D 451 11.92 -19.20 0.07
CA VAL D 452 13.94 -19.69 3.26
CA VAL D 453 14.69 -16.85 5.70
CA MET D 454 17.10 -17.71 8.54
CA ALA D 455 19.54 -20.63 8.85
CA GLU D 456 22.25 -22.16 11.05
CA VAL D 457 20.42 -20.78 14.12
CA ASP D 458 17.78 -23.13 15.55
CA GLY D 459 18.54 -22.46 19.22
CA THR D 460 20.61 -25.39 20.47
CA CYS D 461 23.64 -23.88 18.73
CA TYR D 462 23.54 -20.19 19.67
CA PRO E 1 -31.25 -12.02 -21.50
CA ARG E 2 -30.31 -11.36 -17.93
CA SER E 3 -29.82 -8.14 -16.08
CA PRO E 4 -30.51 -6.54 -12.79
CA THR E 5 -34.22 -6.53 -12.12
CA VAL E 6 -33.91 -3.46 -9.98
CA VAL E 7 -31.15 -0.95 -9.59
CA LYS E 8 -31.09 1.71 -6.94
CA GLY E 9 -28.87 4.72 -6.83
CA VAL E 10 -28.94 8.10 -5.31
CA ALA E 11 -28.84 11.63 -6.70
CA GLY E 12 -25.72 12.70 -8.58
CA SER E 13 -24.06 9.28 -8.45
CA SER E 14 -23.30 7.26 -11.58
CA VAL E 15 -24.65 3.82 -12.30
CA ALA E 16 -23.79 1.00 -14.61
CA VAL E 17 -26.11 -1.69 -15.83
CA LEU E 18 -24.87 -4.93 -17.33
CA CYS E 19 -26.99 -7.27 -19.46
CA PRO E 20 -25.97 -10.68 -20.79
CA TYR E 21 -26.80 -12.25 -24.23
CA ASN E 22 -26.21 -15.15 -26.80
CA ARG E 23 -24.36 -15.81 -30.11
CA LYS E 24 -26.60 -14.34 -32.77
CA GLU E 25 -26.95 -11.64 -30.25
CA SER E 26 -23.24 -10.86 -30.31
CA LYS E 27 -23.69 -9.26 -33.72
CA SER E 28 -27.10 -7.67 -33.24
CA ILE E 29 -27.79 -4.12 -32.13
CA LYS E 30 -27.91 -3.50 -28.41
CA TYR E 31 -30.15 -0.89 -26.96
CA TRP E 32 -31.34 0.77 -23.77
CA CYS E 33 -34.88 2.16 -23.64
CA LEU E 34 -37.31 3.75 -21.25
CA TRP E 35 -40.75 2.21 -21.06
CA GLU E 36 -43.65 4.41 -22.06
CA GLY E 37 -47.10 4.07 -20.58
CA ALA E 38 -49.99 3.68 -22.98
CA GLN E 39 -52.15 0.99 -24.41
CA ASN E 40 -49.61 0.98 -27.17
CA GLY E 41 -46.41 2.52 -26.03
CA ARG E 42 -42.90 2.20 -27.24
CA CYS E 43 -39.78 2.30 -25.20
CA PRO E 44 -37.88 5.22 -26.46
CA LEU E 45 -34.41 4.35 -27.68
CA LEU E 46 -32.22 6.09 -25.14
CA VAL E 47 -28.87 4.81 -26.44
CA ASP E 48 -27.90 2.16 -28.98
CA SER E 49 -24.86 0.18 -30.11
CA GLU E 50 -25.52 1.65 -33.53
CA GLY E 51 -24.06 4.98 -32.64
CA TRP E 52 -27.29 6.66 -31.70
CA VAL E 53 -27.53 8.55 -28.45
CA LYS E 54 -30.55 10.50 -27.25
CA ALA E 55 -30.22 14.16 -26.49
CA GLN E 56 -30.95 13.68 -22.83
CA TYR E 57 -28.26 11.03 -22.59
CA GLU E 58 -25.69 12.54 -24.94
CA GLY E 59 -22.47 12.93 -23.01
CA ARG E 60 -24.16 11.71 -19.85
CA LEU E 61 -24.22 8.02 -20.71
CA SER E 62 -22.38 5.34 -22.61
CA LEU E 63 -23.18 1.88 -23.96
CA LEU E 64 -20.37 -0.60 -24.46
CA GLU E 65 -20.60 -4.09 -25.84
CA GLU E 66 -18.11 -6.83 -25.18
CA PRO E 67 -19.02 -9.84 -27.18
CA GLY E 68 -16.61 -12.30 -25.65
CA ASN E 69 -18.16 -11.78 -22.27
CA GLY E 70 -21.60 -11.68 -23.75
CA THR E 71 -22.40 -8.46 -22.04
CA PHE E 72 -22.93 -4.82 -22.78
CA THR E 73 -22.85 -2.12 -20.19
CA VAL E 74 -24.77 1.09 -20.00
CA ILE E 75 -23.14 3.68 -17.85
CA LEU E 76 -25.15 6.68 -16.81
CA ASN E 77 -23.89 9.65 -14.87
CA GLN E 78 -25.54 12.59 -13.17
CA LEU E 79 -28.54 10.57 -12.16
CA THR E 80 -31.44 12.89 -11.51
CA SER E 81 -34.98 12.57 -10.28
CA ARG E 82 -36.06 12.21 -13.88
CA ASP E 83 -34.08 8.99 -14.19
CA ALA E 84 -36.23 6.87 -11.91
CA GLY E 85 -38.42 4.68 -14.04
CA PHE E 86 -38.63 1.50 -16.07
CA TYR E 87 -36.10 0.68 -18.72
CA TRP E 88 -35.24 -2.21 -20.98
CA CYS E 89 -31.96 -3.52 -22.33
CA LEU E 90 -32.41 -5.64 -25.38
CA THR E 91 -31.01 -6.87 -28.68
CA ASN E 92 -32.26 -6.08 -32.19
CA GLY E 93 -35.50 -4.17 -32.58
CA ASP E 94 -37.30 -2.77 -29.55
CA THR E 95 -40.61 -4.34 -30.53
CA LEU E 96 -39.22 -7.86 -30.61
CA TRP E 97 -39.18 -7.84 -26.83
CA ARG E 98 -36.04 -9.92 -26.59
CA THR E 99 -35.09 -7.67 -23.71
CA THR E 100 -34.99 -7.62 -19.96
CA VAL E 101 -36.87 -5.10 -17.90
CA GLU E 102 -34.95 -3.09 -15.38
CA ILE E 103 -36.40 -0.79 -12.78
CA LYS E 104 -34.23 2.08 -11.76
CA ILE E 105 -34.95 4.07 -8.66
CA ILE E 106 -32.92 7.18 -8.11
CA GLU F 1 60.90 4.24 -121.62
CA LEU F 2 64.60 4.92 -121.00
CA VAL F 3 66.00 2.76 -118.18
CA MET F 4 68.25 4.33 -115.53
CA THR F 5 70.37 1.93 -113.44
CA GLN F 6 72.31 3.14 -110.39
CA SER F 7 74.94 1.27 -108.36
CA PRO F 8 75.63 0.12 -105.74
CA SER F 9 72.37 -0.64 -103.92
CA SER F 10 73.84 0.37 -100.54
CA LEU F 11 76.90 2.31 -99.35
CA SER F 12 78.90 2.04 -96.12
CA ALA F 13 81.58 4.60 -95.24
CA SER F 14 82.93 6.57 -92.27
CA VAL F 15 83.03 10.37 -91.99
CA GLY F 16 85.62 11.73 -94.42
CA ASP F 17 85.70 9.08 -97.16
CA ARG F 18 84.96 10.04 -100.76
CA VAL F 19 82.00 8.02 -102.10
CA ASN F 20 81.20 7.46 -105.79
CA ILE F 21 77.62 7.01 -107.07
CA ALA F 22 77.04 5.95 -110.70
CA CYS F 23 74.00 6.54 -112.95
CA ARG F 24 74.07 4.85 -116.36
CA ALA F 25 71.38 5.08 -119.07
CA SER F 26 70.08 2.84 -121.87
CA GLN F 27 71.12 5.36 -124.55
CA GLY F 28 72.85 8.74 -124.82
CA ILE F 29 70.98 11.66 -123.23
CA SER F 30 73.77 14.26 -123.53
CA SER F 31 73.97 16.62 -120.52
CA ALA F 32 70.42 15.99 -119.27
CA LEU F 33 70.58 14.56 -115.73
CA ALA F 34 69.61 15.73 -112.22
CA TRP F 35 70.65 14.45 -108.78
CA TYR F 36 68.43 14.48 -105.69
CA GLN F 37 68.58 14.12 -101.89
CA GLN F 38 65.69 12.48 -100.07
CA LYS F 39 65.96 12.47 -96.27
CA PRO F 40 63.75 9.58 -95.03
CA GLY F 41 60.26 10.95 -94.46
CA LYS F 42 60.78 14.09 -96.56
CA ALA F 43 60.44 15.44 -100.10
CA PRO F 44 63.43 15.22 -102.51
CA ARG F 45 65.89 18.11 -102.80
CA LEU F 46 67.63 19.22 -106.00
CA LEU F 47 71.42 19.03 -105.77
CA ILE F 48 72.83 19.16 -109.30
CA TYR F 49 71.33 20.12 -112.66
CA ASP F 50 72.62 20.07 -116.27
CA ALA F 51 75.17 17.42 -115.18
CA SER F 52 77.69 19.53 -113.22
CA ASN F 53 76.06 22.82 -112.14
CA LEU F 54 75.25 23.18 -108.43
CA GLU F 55 72.17 24.87 -106.94
CA SER F 56 72.41 27.96 -104.72
CA GLY F 57 72.68 26.74 -101.14
CA VAL F 58 73.97 23.22 -101.79
CA PRO F 59 77.37 22.65 -100.11
CA SER F 60 80.61 23.08 -102.07
CA ARG F 61 81.55 19.43 -101.42
CA PHE F 62 78.88 18.05 -103.78
CA SER F 63 79.69 17.72 -107.52
CA GLY F 64 79.98 15.36 -110.48
CA SER F 65 80.38 14.97 -114.26
CA GLY F 66 79.79 12.65 -117.23
CA SER F 67 78.76 13.02 -120.89
CA GLY F 68 76.27 10.73 -122.60
CA THR F 69 76.04 7.33 -120.91
CA ASP F 70 78.27 7.14 -117.82
CA PHE F 71 77.52 9.56 -114.95
CA THR F 72 78.87 9.99 -111.40
CA LEU F 73 78.02 11.75 -108.12
CA THR F 74 80.92 12.61 -105.80
CA ILE F 75 81.30 13.81 -102.17
CA SER F 76 84.82 14.85 -101.07
CA SER F 77 84.03 14.95 -97.33
CA LEU F 78 81.25 12.72 -96.01
CA GLN F 79 79.40 14.21 -93.03
CA PRO F 80 76.68 12.71 -90.77
CA GLU F 81 74.08 15.07 -92.25
CA ASP F 82 74.30 13.31 -95.64
CA PHE F 83 72.03 10.39 -94.68
CA ALA F 84 69.62 10.22 -97.63
CA ILE F 85 68.59 8.07 -100.61
CA TYR F 86 69.92 9.76 -103.76
CA TYR F 87 68.26 9.58 -107.20
CA CYS F 88 69.05 10.57 -110.80
CA GLN F 89 66.45 11.26 -113.49
CA GLN F 90 66.73 12.28 -117.14
CA PHE F 91 65.05 15.01 -119.18
CA ASN F 92 65.69 14.48 -122.90
CA SER F 93 62.49 12.61 -123.86
CA TYR F 94 59.23 11.28 -122.40
CA PRO F 95 58.36 9.91 -119.99
CA LEU F 96 60.86 11.20 -117.42
CA THR F 97 62.34 8.32 -115.42
CA PHE F 98 64.16 8.01 -112.07
CA GLY F 99 67.04 5.91 -110.77
CA GLY F 100 66.85 2.93 -108.43
CA GLY F 101 68.14 4.87 -105.45
CA THR F 102 71.46 4.58 -103.61
CA LYS F 103 71.13 4.71 -99.81
CA VAL F 104 74.08 6.12 -97.84
CA GLU F 105 74.66 4.61 -94.40
CA ILE F 106 77.17 6.37 -92.11
CA LYS F 107 79.91 4.58 -90.13
CA ARG F 108 81.16 5.25 -86.60
CA THR F 109 82.18 3.53 -83.34
CA VAL F 110 80.07 1.23 -81.15
CA ALA F 111 77.61 2.74 -78.67
CA ALA F 112 75.92 1.19 -75.63
CA PRO F 113 72.12 1.79 -75.54
CA SER F 114 70.31 2.83 -72.35
CA VAL F 115 67.41 0.36 -72.06
CA PHE F 116 64.09 1.51 -70.57
CA ILE F 117 60.65 -0.08 -70.09
CA PHE F 118 57.03 1.15 -69.96
CA PRO F 119 54.17 -0.81 -68.33
CA PRO F 120 50.53 -0.42 -69.53
CA SER F 121 48.72 2.68 -68.28
CA ASP F 122 45.68 2.79 -65.99
CA GLU F 123 43.19 3.96 -68.64
CA GLN F 124 44.51 1.50 -71.24
CA LEU F 125 43.39 -1.61 -69.32
CA LYS F 126 39.73 -0.47 -69.31
CA SER F 127 39.12 -1.63 -72.85
CA GLY F 128 40.72 -5.02 -72.19
CA THR F 129 44.27 -4.89 -73.55
CA ALA F 130 47.87 -4.21 -72.45
CA SER F 131 51.12 -3.10 -74.12
CA VAL F 132 54.57 -3.18 -72.52
CA VAL F 133 57.17 -1.09 -74.37
CA CYS F 134 60.96 -1.53 -74.04
CA LEU F 135 63.35 1.19 -75.23
CA LEU F 136 66.93 0.92 -76.54
CA ASN F 137 67.88 4.61 -76.81
CA ASN F 138 71.04 5.56 -78.77
CA PHE F 139 73.16 2.75 -80.27
CA TYR F 140 75.32 1.56 -83.16
CA PRO F 141 75.18 -0.62 -85.18
CA ARG F 142 71.48 -1.37 -85.73
CA GLU F 143 72.26 -5.02 -84.94
CA ALA F 144 70.48 -5.66 -81.64
CA LYS F 145 68.26 -8.22 -79.92
CA VAL F 146 65.31 -8.03 -77.52
CA GLN F 147 63.98 -11.00 -75.54
CA TRP F 148 60.93 -10.56 -73.30
CA LYS F 149 60.90 -12.26 -69.91
CA VAL F 150 57.47 -13.14 -68.53
CA ASP F 151 57.59 -14.99 -65.19
CA ASN F 152 61.41 -15.34 -65.32
CA ALA F 153 62.32 -18.12 -67.78
CA LEU F 154 59.06 -18.15 -69.76
CA GLN F 155 59.94 -16.43 -73.03
CA SER F 156 57.06 -15.31 -75.25
CA GLY F 157 56.91 -14.78 -79.00
CA ASN F 158 54.28 -12.20 -79.96
CA SER F 159 56.20 -8.91 -80.20
CA GLN F 160 56.80 -6.22 -82.85
CA GLU F 161 60.11 -4.45 -83.57
CA SER F 162 60.46 -1.05 -85.25
CA VAL F 163 63.64 0.91 -85.97
CA THR F 164 63.75 4.56 -87.04
CA GLU F 165 66.00 6.09 -89.70
CA GLN F 166 69.51 7.28 -88.71
CA ASP F 167 69.49 10.90 -87.48
CA SER F 168 71.57 13.84 -88.75
CA LYS F 169 73.68 14.38 -85.60
CA ASP F 170 75.63 11.58 -83.91
CA SER F 171 74.78 8.87 -86.45
CA THR F 172 73.05 6.20 -84.32
CA TYR F 173 70.01 3.92 -84.14
CA SER F 174 67.25 3.27 -81.58
CA LEU F 175 64.65 0.51 -81.11
CA SER F 176 61.46 -0.38 -79.22
CA SER F 177 59.49 -3.53 -78.39
CA THR F 178 55.78 -3.70 -77.53
CA LEU F 179 54.36 -6.85 -75.94
CA THR F 180 50.63 -6.94 -76.73
CA LEU F 181 48.62 -9.13 -74.32
CA SER F 182 44.98 -8.69 -73.25
CA LYS F 183 43.89 -7.79 -69.71
CA ALA F 184 43.09 -11.42 -68.84
CA ASP F 185 46.63 -12.61 -69.51
CA TYR F 186 48.14 -9.50 -67.90
CA GLU F 187 46.35 -9.80 -64.54
CA LYS F 188 47.92 -13.26 -64.22
CA HIS F 189 51.67 -12.58 -64.23
CA LYS F 190 54.11 -10.43 -62.24
CA VAL F 191 57.71 -10.27 -63.49
CA TYR F 192 58.26 -8.46 -66.81
CA ALA F 193 61.88 -8.04 -67.94
CA CYS F 194 63.48 -7.26 -71.32
CA GLU F 195 66.96 -8.71 -72.00
CA VAL F 196 69.08 -6.82 -74.57
CA THR F 197 72.20 -7.97 -76.46
CA HIS F 198 74.54 -5.52 -78.20
CA GLN F 199 78.25 -5.18 -79.00
CA GLY F 200 78.53 -2.04 -76.90
CA LEU F 201 77.16 -3.81 -73.83
CA SER F 202 79.65 -5.89 -71.83
CA SER F 203 76.78 -8.04 -70.54
CA PRO F 204 73.00 -8.23 -71.21
CA VAL F 205 71.08 -5.43 -69.46
CA THR F 206 67.87 -6.52 -67.74
CA LYS F 207 65.03 -4.04 -67.11
CA SER F 208 62.20 -5.57 -65.07
CA PHE F 209 59.20 -4.31 -63.09
CA ASN F 210 56.78 -6.01 -60.67
CA ARG F 211 53.05 -6.05 -61.47
CA GLY F 212 50.76 -5.26 -58.52
CA GLU F 213 50.90 -2.02 -56.49
CA CYS F 214 48.56 -0.97 -53.65
CA GLU G 1 70.07 84.13 2.90
CA LEU G 2 71.72 85.67 -0.17
CA VAL G 3 69.29 86.04 -3.07
CA MET G 4 70.34 85.04 -6.60
CA THR G 5 68.25 86.41 -9.48
CA GLN G 6 68.75 85.18 -13.06
CA SER G 7 67.29 86.62 -16.28
CA PRO G 8 65.52 86.14 -18.58
CA SER G 9 62.99 83.49 -17.55
CA SER G 10 63.01 81.88 -21.01
CA LEU G 11 65.27 82.03 -24.08
CA SER G 12 64.46 81.52 -27.77
CA ALA G 13 67.23 81.28 -30.38
CA SER G 14 68.19 79.33 -33.52
CA VAL G 15 71.32 77.19 -33.92
CA GLY G 16 74.37 79.45 -34.07
CA ASP G 17 73.26 82.52 -32.09
CA ARG G 18 75.23 83.63 -29.04
CA VAL G 19 73.01 83.68 -25.93
CA ASN G 20 73.73 85.64 -22.74
CA ILE G 21 72.58 84.44 -19.29
CA ALA G 22 72.93 86.75 -16.28
CA CYS G 23 73.24 85.88 -12.56
CA ARG G 24 73.19 88.81 -10.12
CA ALA G 25 73.52 88.61 -6.32
CA SER G 26 72.29 90.64 -3.33
CA GLN G 27 75.85 91.48 -2.26
CA GLY G 28 79.43 90.88 -3.42
CA ILE G 29 80.59 87.25 -3.34
CA SER G 30 83.90 87.75 -5.18
CA SER G 31 84.76 84.85 -7.54
CA ALA G 32 82.45 82.29 -5.91
CA LEU G 33 79.88 81.09 -8.48
CA ALA G 34 79.13 77.84 -10.33
CA TRP G 35 77.04 77.16 -13.45
CA TYR G 36 75.02 73.99 -14.08
CA GLN G 37 73.27 72.07 -16.86
CA GLN G 38 70.11 70.11 -16.06
CA LYS G 39 68.68 68.09 -18.93
CA PRO G 40 64.96 67.56 -18.16
CA GLY G 41 64.62 64.36 -16.15
CA LYS G 42 68.29 64.21 -15.15
CA ALA G 43 70.73 65.34 -12.45
CA PRO G 44 72.59 68.69 -12.83
CA ARG G 45 76.01 68.81 -14.47
CA LEU G 46 78.86 71.13 -13.47
CA LEU G 47 79.97 73.43 -16.29
CA ILE G 48 82.00 76.27 -14.79
CA TYR G 49 83.61 76.80 -11.37
CA ASP G 50 85.47 79.71 -9.73
CA ALA G 51 83.73 82.06 -12.21
CA SER G 52 85.61 81.33 -15.45
CA ASN G 53 87.38 77.94 -15.18
CA LEU G 54 85.90 75.10 -17.26
CA GLU G 55 85.64 71.45 -16.21
CA SER G 56 87.44 68.64 -18.07
CA GLY G 57 85.07 67.39 -20.75
CA VAL G 58 82.82 70.43 -21.06
CA PRO G 59 82.90 71.85 -24.64
CA SER G 60 85.19 74.75 -25.53
CA ARG G 61 82.19 76.89 -26.52
CA PHE G 62 81.02 77.38 -22.92
CA SER G 63 82.53 80.21 -20.84
CA GLY G 64 81.83 83.38 -18.84
CA SER G 65 83.16 86.03 -16.43
CA GLY G 66 82.19 88.63 -13.83
CA SER G 67 83.58 89.93 -10.52
CA GLY G 68 81.45 90.63 -7.47
CA THR G 69 77.82 91.33 -8.37
CA ASP G 70 77.22 91.00 -12.13
CA PHE G 71 77.85 87.57 -13.73
CA THR G 72 77.28 86.11 -17.21
CA LEU G 73 77.14 82.73 -19.01
CA THR G 74 77.98 82.70 -22.73
CA ILE G 75 77.67 80.19 -25.60
CA SER G 76 79.37 81.16 -28.90
CA SER G 77 77.67 78.45 -31.01
CA LEU G 78 74.26 77.18 -29.90
CA GLN G 79 73.67 73.51 -30.76
CA PRO G 80 70.53 71.33 -30.40
CA GLU G 81 72.18 69.33 -27.60
CA ASP G 82 72.12 72.38 -25.30
CA PHE G 83 68.46 71.99 -24.26
CA ALA G 84 68.64 72.33 -20.46
CA ILE G 85 67.66 74.58 -17.56
CA TYR G 86 70.82 76.32 -16.31
CA TYR G 87 71.44 77.40 -12.70
CA CYS G 88 74.00 79.44 -10.75
CA GLN G 89 74.73 79.03 -7.04
CA GLN G 90 77.14 80.78 -4.68
CA PHE G 91 79.66 79.46 -2.15
CA ASN G 92 80.93 82.30 0.06
CA SER G 93 78.60 81.91 3.05
CA TYR G 94 75.72 79.77 4.36
CA PRO G 95 73.29 78.57 3.33
CA LEU G 96 74.25 77.92 -0.30
CA THR G 97 71.54 79.22 -2.66
CA PHE G 98 70.60 78.55 -6.30
CA GLY G 99 69.34 80.68 -9.18
CA GLY G 100 65.82 80.81 -10.58
CA GLY G 101 66.72 78.83 -13.69
CA THR G 102 66.93 79.95 -17.32
CA LYS G 103 65.41 77.47 -19.79
CA VAL G 104 66.86 77.38 -23.31
CA GLU G 105 64.41 76.54 -26.11
CA ILE G 106 65.89 75.81 -29.56
CA LYS G 107 64.57 77.30 -32.82
CA ARG G 108 64.17 75.66 -36.23
CA THR G 109 61.78 75.31 -39.19
CA VAL G 110 58.20 73.98 -39.19
CA ALA G 111 57.61 70.21 -39.27
CA ALA G 112 54.47 68.25 -40.17
CA PRO G 113 53.58 65.55 -37.59
CA SER G 114 52.50 62.05 -38.60
CA VAL G 115 49.28 61.41 -36.69
CA PHE G 116 48.44 57.91 -35.39
CA ILE G 117 45.68 56.47 -33.18
CA PHE G 118 45.35 53.51 -30.80
CA PRO G 119 41.97 51.95 -29.89
CA PRO G 120 41.55 50.06 -26.55
CA SER G 121 43.02 46.55 -26.31
CA ASP G 122 41.15 43.27 -25.80
CA GLU G 123 42.27 42.68 -22.20
CA GLN G 124 41.70 46.30 -21.17
CA LEU G 125 37.92 46.17 -21.63
CA LYS G 126 37.57 43.30 -19.11
CA SER G 127 37.78 45.61 -16.12
CA GLY G 128 35.23 48.02 -17.58
CA THR G 129 37.16 50.92 -19.13
CA ALA G 130 38.57 52.14 -22.46
CA SER G 131 41.34 54.50 -23.60
CA VAL G 132 41.88 55.72 -27.17
CA VAL G 133 45.32 57.27 -27.76
CA CYS G 134 46.17 59.63 -30.65
CA LEU G 135 49.81 60.32 -31.59
CA LEU G 136 51.38 63.42 -33.18
CA ASN G 137 54.95 62.19 -33.79
CA ASN G 138 57.67 64.75 -34.67
CA PHE G 139 56.66 68.43 -35.00
CA TYR G 140 57.58 72.07 -34.43
CA PRO G 141 56.50 74.31 -32.81
CA ARG G 142 54.76 72.77 -29.80
CA GLU G 143 51.65 74.76 -30.76
CA ALA G 144 49.16 72.08 -31.83
CA LYS G 145 45.51 71.09 -31.38
CA VAL G 146 43.65 67.80 -31.01
CA GLN G 147 39.88 67.43 -31.38
CA TRP G 148 38.25 64.01 -30.83
CA LYS G 149 35.45 62.95 -33.16
CA VAL G 150 32.93 60.52 -31.68
CA ASP G 151 30.08 59.63 -34.06
CA ASN G 152 31.19 62.24 -36.64
CA ALA G 153 30.17 65.72 -35.44
CA LEU G 154 29.76 64.89 -31.74
CA GLN G 155 32.84 66.41 -30.11
CA SER G 156 33.64 65.34 -26.55
CA GLY G 157 35.55 67.13 -23.79
CA ASN G 158 37.16 64.70 -21.37
CA SER G 159 40.72 64.25 -22.67
CA GLN G 160 44.26 64.71 -21.31
CA GLU G 161 47.22 66.21 -23.19
CA SER G 162 50.89 65.57 -22.37
CA VAL G 163 53.97 66.89 -24.18
CA THR G 164 57.51 65.62 -23.63
CA GLU G 165 60.68 67.71 -23.39
CA GLN G 166 62.54 68.65 -26.60
CA ASP G 167 65.11 65.99 -27.60
CA SER G 168 68.83 66.42 -28.28
CA LYS G 169 68.78 65.60 -32.01
CA ASP G 170 66.46 67.32 -34.49
CA SER G 171 64.87 69.72 -31.98
CA THR G 172 61.15 68.85 -32.19
CA TYR G 173 58.06 68.10 -30.07
CA SER G 174 55.50 65.29 -29.92
CA LEU G 175 52.05 64.90 -28.32
CA SER G 176 49.40 62.32 -27.39
CA SER G 177 45.71 62.32 -26.46
CA THR G 178 43.89 59.64 -24.46
CA LEU G 179 40.08 59.54 -24.46
CA THR G 180 38.98 57.76 -21.28
CA LEU G 181 35.45 56.30 -21.48
CA SER G 182 34.09 53.23 -19.71
CA LYS G 183 33.04 50.01 -21.48
CA ALA G 184 29.34 50.95 -21.41
CA ASP G 185 29.88 54.16 -23.38
CA TYR G 186 32.39 52.48 -25.71
CA GLU G 187 30.17 49.58 -26.80
CA LYS G 188 27.69 52.21 -28.01
CA HIS G 189 29.67 54.10 -30.66
CA LYS G 190 31.50 53.22 -33.88
CA VAL G 191 33.44 56.10 -35.48
CA TYR G 192 36.46 57.49 -33.60
CA ALA G 193 38.57 60.13 -35.39
CA CYS G 194 41.16 62.67 -34.16
CA GLU G 195 41.45 65.97 -36.06
CA VAL G 196 44.84 67.75 -35.80
CA THR G 197 45.75 71.37 -36.63
CA HIS G 198 49.35 72.50 -37.13
CA GLN G 199 51.28 75.06 -39.19
CA GLY G 200 53.20 72.32 -40.99
CA LEU G 201 49.99 70.66 -42.14
CA SER G 202 48.32 72.14 -45.23
CA SER G 203 44.96 70.77 -44.05
CA PRO G 204 43.72 68.94 -40.89
CA VAL G 205 44.67 65.25 -40.87
CA THR G 206 41.91 62.85 -39.80
CA LYS G 207 42.67 59.41 -38.35
CA SER G 208 39.59 57.28 -37.74
CA PHE G 209 38.75 53.61 -37.16
CA ASN G 210 35.53 51.61 -37.08
CA ARG G 211 34.32 49.47 -34.16
CA GLY G 212 33.58 45.86 -34.97
CA GLU G 213 36.42 43.56 -35.99
CA CYS G 214 34.13 40.67 -36.82
CA GLU H 1 -17.03 -106.44 75.84
CA LEU H 2 -20.12 -106.13 78.05
CA VAL H 3 -23.19 -105.00 76.08
CA MET H 4 -25.48 -102.29 77.49
CA THR H 5 -28.96 -102.02 75.96
CA GLN H 6 -31.28 -99.10 76.81
CA SER H 7 -34.98 -98.70 75.95
CA PRO H 8 -36.98 -97.13 74.47
CA SER H 9 -35.20 -95.45 71.56
CA SER H 10 -37.30 -92.29 71.88
CA LEU H 11 -39.59 -90.77 74.54
CA SER H 12 -42.58 -88.45 74.19
CA ALA H 13 -44.20 -86.82 77.24
CA SER H 14 -45.70 -83.52 78.40
CA VAL H 15 -44.41 -81.42 81.32
CA GLY H 16 -45.17 -83.21 84.58
CA ASP H 17 -45.24 -86.88 83.54
CA ARG H 18 -42.89 -89.38 85.20
CA VAL H 19 -40.67 -91.07 82.59
CA ASN H 20 -38.84 -94.38 83.08
CA ILE H 21 -35.52 -95.16 81.34
CA ALA H 22 -34.08 -98.69 81.53
CA CYS H 23 -30.45 -99.86 81.23
CA ARG H 24 -29.88 -103.63 81.17
CA ALA H 25 -26.51 -105.43 80.96
CA SER H 26 -25.22 -108.73 79.56
CA GLN H 27 -24.13 -109.92 83.02
CA GLY H 28 -24.20 -108.74 86.64
CA ILE H 29 -22.09 -105.67 87.37
CA SER H 30 -23.34 -105.06 90.94
CA SER H 31 -23.72 -101.35 91.80
CA ALA H 32 -21.43 -100.05 89.03
CA LEU H 33 -23.44 -97.74 86.72
CA ALA H 34 -23.47 -94.02 85.87
CA TRP H 35 -26.13 -91.86 84.18
CA TYR H 36 -25.40 -88.87 81.95
CA GLN H 37 -27.08 -85.83 80.38
CA GLN H 38 -25.94 -84.63 76.96
CA LYS H 39 -27.59 -81.44 75.72
CA PRO H 40 -27.30 -81.47 71.89
CA GLY H 41 -24.04 -79.78 70.96
CA LYS H 42 -22.49 -80.10 74.42
CA ALA H 43 -20.37 -82.40 76.57
CA PRO H 44 -22.07 -85.03 78.81
CA ARG H 45 -22.93 -84.22 82.42
CA LEU H 46 -22.78 -86.66 85.34
CA LEU H 47 -26.15 -87.14 87.06
CA ILE H 48 -25.96 -90.31 89.15
CA TYR H 49 -23.07 -92.49 90.34
CA ASP H 50 -22.84 -95.79 92.26
CA ALA H 51 -26.42 -96.55 91.11
CA SER H 52 -28.46 -94.21 93.34
CA ASN H 53 -26.22 -91.42 94.68
CA LEU H 54 -26.80 -87.95 93.21
CA GLU H 55 -24.09 -85.37 92.41
CA SER H 56 -23.94 -81.97 94.14
CA GLY H 57 -25.97 -79.56 92.04
CA VAL H 58 -28.16 -82.05 90.19
CA PRO H 59 -31.89 -81.41 90.90
CA SER H 60 -33.72 -83.38 93.59
CA ARG H 61 -36.16 -84.76 91.00
CA PHE H 62 -33.56 -87.07 89.40
CA SER H 63 -32.97 -90.54 90.91
CA GLY H 64 -33.02 -94.30 90.29
CA SER H 65 -32.10 -97.78 91.55
CA GLY H 66 -31.39 -101.38 90.52
CA SER H 67 -29.01 -104.17 91.58
CA GLY H 68 -27.15 -106.40 89.13
CA THR H 69 -28.89 -106.59 85.77
CA ASP H 70 -32.00 -104.38 85.65
CA PHE H 71 -31.51 -100.61 86.12
CA THR H 72 -33.81 -97.57 85.86
CA LEU H 73 -33.63 -93.75 85.62
CA THR H 74 -36.61 -91.79 86.95
CA ILE H 75 -37.83 -88.15 86.76
CA SER H 76 -40.81 -87.24 88.98
CA SER H 77 -41.51 -83.87 87.31
CA LEU H 78 -40.51 -83.42 83.67
CA GLN H 79 -39.48 -79.85 82.81
CA PRO H 80 -38.60 -78.25 79.44
CA GLU H 81 -34.95 -77.95 80.47
CA ASP H 82 -34.56 -81.75 80.43
CA PHE H 83 -34.11 -82.04 76.65
CA ALA H 84 -31.05 -84.28 76.34
CA ILE H 85 -29.89 -87.73 75.22
CA TYR H 86 -29.18 -89.80 78.34
CA TYR H 87 -26.57 -92.57 78.59
CA CYS H 88 -25.52 -95.28 81.06
CA GLN H 89 -22.05 -96.83 81.23
CA GLN H 90 -20.54 -99.50 83.48
CA PHE H 91 -17.31 -99.63 85.49
CA ASN H 92 -16.65 -103.17 86.73
CA SER H 93 -14.33 -104.43 83.98
CA TYR H 94 -12.63 -103.35 80.75
CA PRO H 95 -13.30 -101.83 78.37
CA LEU H 96 -15.89 -99.38 79.73
CA THR H 97 -18.99 -99.33 77.52
CA PHE H 98 -21.89 -96.88 77.02
CA GLY H 99 -25.62 -97.25 76.39
CA GLY H 100 -27.47 -96.70 73.12
CA GLY H 101 -28.94 -93.38 74.23
CA THR H 102 -32.54 -92.47 75.04
CA LYS H 103 -33.63 -89.10 73.62
CA VAL H 104 -36.31 -87.17 75.50
CA GLU H 105 -38.67 -85.05 73.39
CA ILE H 106 -40.96 -82.61 75.23
CA LYS H 107 -44.69 -82.23 74.53
CA ARG H 108 -46.82 -79.06 74.42
CA THR H 109 -49.55 -77.28 72.43
CA VAL H 110 -49.48 -76.22 68.77
CA ALA H 111 -47.74 -72.97 67.80
CA ALA H 112 -48.04 -70.89 64.62
CA PRO H 113 -44.64 -69.94 63.10
CA SER H 114 -43.89 -66.43 61.83
CA VAL H 115 -42.51 -66.96 58.32
CA PHE H 116 -39.82 -64.61 56.97
CA ILE H 117 -37.71 -64.46 53.78
CA PHE H 118 -34.22 -63.20 52.84
CA PRO H 119 -33.17 -62.34 49.25
CA PRO H 120 -29.50 -62.61 48.13
CA SER H 121 -27.24 -59.73 49.16
CA ASP H 122 -25.49 -57.26 46.86
CA GLU H 123 -21.95 -58.57 47.46
CA GLN H 124 -23.05 -62.21 47.15
CA LEU H 125 -24.00 -61.93 43.46
CA LYS H 126 -20.48 -60.80 42.47
CA SER H 127 -19.09 -64.32 42.52
CA GLY H 128 -21.98 -65.67 40.47
CA THR H 129 -24.43 -67.31 42.89
CA ALA H 130 -27.62 -66.59 44.87
CA SER H 131 -29.31 -67.96 48.00
CA VAL H 132 -32.85 -67.15 49.13
CA VAL H 133 -33.55 -68.09 52.76
CA CYS H 134 -37.04 -68.61 54.24
CA LEU H 135 -37.57 -68.64 58.01
CA LEU H 136 -40.21 -70.44 60.12
CA ASN H 137 -39.50 -68.98 63.57
CA ASN H 138 -41.08 -70.67 66.66
CA PHE H 139 -43.39 -73.67 66.09
CA TYR H 140 -44.59 -77.07 67.31
CA PRO H 141 -44.56 -79.85 66.26
CA ARG H 142 -41.51 -80.12 63.98
CA GLU H 143 -43.87 -81.38 61.26
CA ALA H 144 -43.85 -78.60 58.66
CA LYS H 145 -43.58 -78.06 54.90
CA VAL H 146 -41.91 -75.47 52.67
CA GLN H 147 -42.69 -75.04 48.96
CA TRP H 148 -40.76 -72.44 46.93
CA LYS H 149 -42.67 -70.39 44.37
CA VAL H 150 -40.61 -69.13 41.43
CA ASP H 151 -42.68 -67.20 38.84
CA ASN H 152 -45.98 -68.07 40.58
CA ALA H 153 -46.90 -71.69 39.77
CA LEU H 154 -43.42 -72.90 38.77
CA GLN H 155 -42.30 -74.97 41.75
CA SER H 156 -38.61 -75.88 41.95
CA GLY H 157 -36.86 -78.80 43.64
CA ASN H 158 -33.31 -77.93 44.65
CA SER H 159 -33.57 -76.80 48.28
CA GLN H 160 -32.05 -77.84 51.63
CA GLU H 161 -33.90 -78.07 54.96
CA SER H 162 -32.25 -77.88 58.40
CA VAL H 163 -33.92 -78.01 61.82
CA THR H 164 -32.21 -77.13 65.10
CA GLU H 165 -32.53 -78.98 68.42
CA GLN H 166 -35.41 -78.09 70.78
CA ASP H 167 -34.45 -75.24 73.16
CA SER H 168 -34.62 -75.18 76.97
CA LYS H 169 -37.36 -72.55 77.33
CA ASP H 170 -40.72 -72.78 75.55
CA SER H 171 -40.10 -76.17 73.90
CA THR H 172 -40.45 -75.40 70.18
CA TYR H 173 -38.82 -75.92 66.77
CA SER H 174 -37.70 -73.64 63.93
CA LEU H 175 -36.74 -74.20 60.28
CA SER H 176 -35.10 -72.54 57.27
CA SER H 177 -34.94 -73.10 53.51
CA THR H 178 -32.21 -71.88 51.15
CA LEU H 179 -32.81 -71.87 47.39
CA THR H 180 -29.40 -72.02 45.68
CA LEU H 181 -29.44 -70.73 42.09
CA SER H 182 -26.60 -69.05 40.18
CA LYS H 183 -26.65 -65.40 39.05
CA ALA H 184 -27.70 -66.33 35.49
CA ASP H 185 -30.90 -68.05 36.63
CA TYR H 186 -31.58 -65.36 39.24
CA GLU H 187 -31.43 -62.36 36.88
CA LYS H 188 -34.21 -64.04 34.87
CA HIS H 189 -37.11 -64.29 37.34
CA LYS H 190 -39.08 -61.88 39.54
CA VAL H 191 -41.59 -63.43 41.97
CA TYR H 192 -40.13 -65.45 44.87
CA ALA H 193 -42.60 -66.75 47.45
CA CYS H 194 -42.40 -69.50 50.10
CA GLU H 195 -45.63 -71.34 51.00
CA VAL H 196 -45.74 -72.93 54.49
CA THR H 197 -48.12 -75.57 55.87
CA HIS H 198 -48.50 -76.21 59.61
CA GLN H 199 -51.21 -77.29 62.07
CA GLY H 200 -51.01 -73.97 63.91
CA LEU H 201 -51.68 -72.03 60.71
CA SER H 202 -55.33 -71.73 59.65
CA SER H 203 -54.22 -71.24 56.03
CA PRO H 204 -50.84 -71.34 54.20
CA VAL H 205 -48.79 -68.18 54.76
CA THR H 206 -47.15 -66.74 51.63
CA LYS H 207 -44.04 -64.54 51.89
CA SER H 208 -42.99 -63.13 48.51
CA PHE H 209 -40.71 -60.36 47.23
CA ASN H 210 -40.23 -58.76 43.80
CA ARG H 211 -36.80 -58.89 42.13
CA GLY H 212 -35.65 -55.63 40.51
CA GLU H 213 -35.28 -52.31 42.38
CA CYS H 214 -33.97 -49.00 40.98
CA GLU I 1 -40.49 38.25 97.95
CA LEU I 2 -40.14 36.15 101.10
CA VAL I 3 -36.85 34.21 101.19
CA MET I 4 -36.82 30.54 102.21
CA THR I 5 -33.45 29.07 103.24
CA GLN I 6 -33.02 25.33 103.83
CA SER I 7 -30.02 23.50 105.36
CA PRO I 8 -27.86 21.57 104.90
CA SER I 9 -27.12 21.52 101.16
CA SER I 10 -26.47 17.77 101.18
CA LEU I 11 -27.17 14.87 103.55
CA SER I 12 -25.32 11.58 104.07
CA ALA I 13 -26.78 8.81 106.25
CA SER I 14 -27.16 5.02 106.35
CA VAL I 15 -30.48 3.13 106.43
CA GLY I 16 -32.12 3.68 109.81
CA ASP I 17 -30.74 7.05 110.92
CA ARG I 18 -33.13 9.91 111.71
CA VAL I 19 -32.38 12.93 109.49
CA ASN I 20 -33.44 16.52 110.22
CA ILE I 21 -34.20 19.04 107.46
CA ALA I 22 -34.74 22.72 108.35
CA CYS I 23 -36.72 25.42 106.50
CA ARG I 24 -36.47 28.96 107.88
CA ALA I 25 -38.22 32.07 106.54
CA SER I 26 -37.53 35.81 106.40
CA GLN I 27 -40.62 36.60 108.49
CA GLY I 28 -43.43 34.78 110.29
CA ILE I 29 -45.84 32.87 108.03
CA SER I 30 -47.76 31.03 110.78
CA SER I 31 -48.71 27.45 109.82
CA ALA I 32 -48.36 27.94 106.04
CA LEU I 33 -45.69 25.53 104.72
CA ALA I 34 -45.62 22.46 102.45
CA TRP I 35 -42.96 19.76 101.98
CA TYR I 36 -42.23 17.96 98.70
CA GLN I 37 -40.45 14.90 97.31
CA GLN I 38 -38.84 15.09 93.87
CA LYS I 39 -37.33 11.84 92.59
CA PRO I 40 -34.68 12.81 89.99
CA GLY I 41 -36.39 13.00 86.61
CA LYS I 42 -39.92 13.22 88.02
CA ALA I 43 -42.55 15.72 89.18
CA PRO I 44 -42.68 16.77 92.87
CA ARG I 45 -44.92 14.90 95.32
CA LEU I 46 -46.79 16.48 98.23
CA LEU I 47 -45.80 15.03 101.61
CA ILE I 48 -46.98 17.42 104.32
CA TYR I 49 -49.41 20.35 104.32
CA ASP I 50 -50.48 22.92 106.97
CA ALA I 51 -47.18 22.23 108.78
CA SER I 52 -47.85 18.81 110.35
CA ASN I 53 -50.74 17.10 108.52
CA LEU I 54 -49.81 14.14 106.30
CA GLU I 55 -51.38 13.26 102.94
CA SER I 56 -53.28 10.01 102.35
CA GLY I 57 -50.77 7.46 101.12
CA VAL I 58 -47.58 9.04 102.46
CA PRO I 59 -45.77 6.67 104.88
CA SER I 60 -46.26 7.00 108.64
CA ARG I 61 -42.53 7.67 109.12
CA PHE I 62 -42.70 11.16 107.61
CA SER I 63 -43.66 14.12 109.83
CA GLY I 64 -42.60 17.51 111.24
CA SER I 65 -43.60 20.68 113.11
CA GLY I 66 -42.74 24.34 113.70
CA SER I 67 -44.65 27.59 114.23
CA GLY I 68 -43.72 30.89 112.58
CA THR I 69 -40.06 31.00 111.59
CA ASP I 70 -38.28 27.71 112.38
CA PHE I 71 -39.52 24.56 110.62
CA THR I 72 -38.30 20.94 110.43
CA LEU I 73 -38.82 17.75 108.38
CA THR I 74 -38.15 14.43 110.12
CA ILE I 75 -37.78 10.77 109.04
CA SER I 76 -37.62 8.18 111.85
CA SER I 77 -36.44 5.29 109.64
CA LEU I 78 -34.46 6.12 106.49
CA GLN I 79 -35.05 3.66 103.64
CA PRO I 80 -33.37 3.37 100.20
CA GLU I 81 -36.58 4.51 98.49
CA ASP I 82 -36.22 8.01 100.00
CA PHE I 83 -33.66 9.26 97.45
CA ALA I 84 -35.09 12.64 96.44
CA ILE I 85 -34.49 16.39 96.63
CA TYR I 86 -36.95 17.84 99.16
CA TYR I 87 -38.41 21.37 99.02
CA CYS I 88 -40.52 23.66 101.22
CA GLN I 89 -42.67 26.53 99.94
CA GLN I 90 -44.92 29.04 101.70
CA PHE I 91 -48.49 30.17 101.06
CA ASN I 92 -49.30 33.27 103.13
CA SER I 93 -48.59 35.99 100.55
CA TYR I 94 -47.48 36.49 96.93
CA PRO I 95 -45.50 35.38 95.12
CA LEU I 96 -45.20 31.81 96.41
CA THR I 97 -41.54 30.85 96.88
CA PHE I 98 -39.65 27.54 97.18
CA GLY I 99 -36.69 26.32 99.23
CA GLY I 100 -33.15 25.72 98.03
CA GLY I 101 -33.51 21.95 98.07
CA THR I 102 -31.90 19.37 100.36
CA LYS I 103 -30.65 16.26 98.54
CA VAL I 104 -30.59 12.98 100.48
CA GLU I 105 -27.82 10.54 99.57
CA ILE I 106 -28.05 7.01 101.00
CA LYS I 107 -25.14 5.17 102.65
CA ARG I 108 -24.16 1.49 102.40
CA THR I 109 -21.18 -0.86 101.96
CA VAL I 110 -18.68 -0.97 99.09
CA ALA I 111 -19.59 -2.81 95.88
CA ALA I 112 -17.36 -4.08 93.07
CA PRO I 113 -18.61 -3.07 89.57
CA SER I 114 -18.68 -5.52 86.66
CA VAL I 115 -16.91 -3.71 83.81
CA PHE I 116 -18.03 -4.20 80.19
CA ILE I 117 -17.08 -2.59 76.86
CA PHE I 118 -18.83 -1.99 73.52
CA PRO I 119 -16.92 -1.46 70.26
CA PRO I 120 -18.53 0.52 67.36
CA SER I 121 -21.21 -1.23 65.29
CA ASP I 122 -21.10 -2.14 61.60
CA GLU I 123 -23.61 0.47 60.41
CA GLN I 124 -22.10 3.23 62.58
CA LEU I 125 -18.79 3.35 60.69
CA LYS I 126 -20.54 4.13 57.36
CA SER I 127 -20.95 7.81 58.20
CA GLY I 128 -17.33 8.14 59.30
CA THR I 129 -17.26 7.97 63.10
CA ALA I 130 -16.74 5.51 65.98
CA SER I 131 -17.75 5.28 69.65
CA VAL I 132 -16.40 2.74 72.15
CA VAL I 133 -18.48 2.49 75.34
CA CYS I 134 -17.22 1.05 78.66
CA LEU I 135 -19.67 0.03 81.41
CA LEU I 136 -19.22 -0.03 85.20
CA ASN I 137 -22.48 -1.71 86.30
CA ASN I 138 -23.46 -1.59 90.01
CA PHE I 139 -21.07 0.10 92.46
CA TYR I 140 -20.66 2.26 95.58
CA PRO I 141 -19.48 4.92 96.18
CA ARG I 142 -19.74 6.99 93.00
CA GLU I 143 -15.98 7.61 93.30
CA ALA I 144 -14.50 5.76 90.32
CA LYS I 145 -11.98 6.21 87.51
CA VAL I 146 -11.81 5.18 83.85
CA GLN I 147 -8.64 5.25 81.76
CA TRP I 148 -8.78 4.28 78.07
CA LYS I 149 -5.96 2.18 76.63
CA VAL I 150 -5.32 2.63 72.92
CA ASP I 151 -2.36 0.59 71.62
CA ASN I 152 -1.34 -0.50 75.15
CA ALA I 153 0.42 2.40 76.90
CA LEU I 154 -0.94 5.22 74.71
CA GLN I 155 -3.56 6.90 76.91
CA SER I 156 -5.98 9.29 75.19
CA GLY I 157 -7.92 12.24 76.58
CA ASN I 158 -11.12 12.87 74.64
CA SER I 159 -13.82 11.00 76.58
CA GLN I 160 -17.13 11.85 78.27
CA GLU I 161 -18.36 10.52 81.63
CA SER I 162 -22.01 10.36 82.73
CA VAL I 163 -23.43 9.00 85.99
CA THR I 164 -27.11 8.30 86.63
CA GLU I 165 -29.07 9.06 89.80
CA GLN I 166 -29.08 6.50 92.65
CA ASP I 167 -31.90 3.94 92.24
CA SER I 168 -34.63 3.00 94.74
CA LYS I 169 -33.51 -0.59 95.42
CA ASP I 170 -29.95 -1.50 96.45
CA SER I 171 -28.62 2.08 96.61
CA THR I 172 -25.74 2.04 94.09
CA TYR I 173 -24.20 3.94 91.16
CA SER I 174 -23.20 3.06 87.60
CA LEU I 175 -21.03 4.76 84.95
CA SER I 176 -20.13 4.69 81.25
CA SER I 177 -17.35 6.04 79.02
CA THR I 178 -17.60 6.71 75.27
CA LEU I 179 -14.42 7.22 73.24
CA THR I 180 -15.36 9.23 70.13
CA LEU I 181 -12.86 8.88 67.27
CA SER I 182 -13.56 9.07 63.53
CA LYS I 183 -13.26 6.13 61.12
CA ALA I 184 -9.80 7.21 59.93
CA ASP I 185 -8.28 7.03 63.41
CA TYR I 186 -10.17 3.82 64.24
CA GLU I 187 -9.01 1.79 61.22
CA LYS I 188 -5.45 2.44 62.44
CA HIS I 189 -5.41 0.81 65.89
CA LYS I 190 -6.09 -2.66 67.29
CA VAL I 191 -6.04 -2.90 71.10
CA TYR I 192 -8.74 -1.06 73.07
CA ALA I 193 -8.85 -1.59 76.85
CA CYS I 194 -10.51 0.31 79.71
CA GLU I 195 -8.78 0.28 83.13
CA VAL I 196 -11.04 0.87 86.15
CA THR I 197 -10.12 1.82 89.74
CA HIS I 198 -12.54 1.42 92.65
CA GLN I 199 -12.42 0.62 96.38
CA GLY I 200 -14.41 -2.57 95.88
CA LEU I 201 -11.92 -3.89 93.34
CA SER I 202 -8.78 -5.55 94.75
CA SER I 203 -6.91 -4.71 91.54
CA PRO I 204 -7.75 -2.73 88.33
CA VAL I 205 -9.97 -4.67 85.95
CA THR I 206 -8.98 -4.53 82.27
CA LYS I 207 -11.48 -5.11 79.46
CA SER I 208 -9.92 -5.18 76.00
CA PHE I 209 -10.85 -6.36 72.50
CA ASN I 210 -8.93 -6.81 69.26
CA ARG I 211 -9.82 -5.18 65.93
CA GLY I 212 -10.27 -7.55 63.02
CA GLU I 213 -13.18 -9.99 63.06
CA CYS I 214 -12.05 -11.78 59.94
CA LYS J 1 4.61 24.40 -78.19
CA SER J 2 2.70 27.33 -76.87
CA PRO J 3 4.81 29.92 -75.24
CA ILE J 4 2.20 30.96 -72.75
CA PHE J 5 1.58 29.48 -69.35
CA GLY J 6 -0.83 29.99 -66.47
CA PRO J 7 -3.07 28.18 -64.07
CA GLU J 8 -4.21 24.88 -65.47
CA GLU J 9 -7.19 24.92 -63.21
CA VAL J 10 -8.78 27.49 -60.98
CA ASN J 11 -11.39 26.83 -58.33
CA SER J 12 -13.54 29.41 -56.63
CA VAL J 13 -16.94 30.06 -55.08
CA GLU J 14 -20.07 31.77 -56.43
CA GLY J 15 -19.57 34.99 -54.56
CA ASN J 16 -15.93 35.53 -55.10
CA SER J 17 -13.46 36.88 -57.55
CA VAL J 18 -10.56 35.13 -59.17
CA SER J 19 -7.35 36.50 -60.51
CA ILE J 20 -5.79 34.60 -63.34
CA THR J 21 -2.22 35.34 -64.29
CA CYS J 22 -0.76 34.18 -67.58
CA TYR J 23 2.86 34.39 -68.58
CA TYR J 24 4.30 35.16 -71.99
CA PRO J 25 7.86 35.67 -73.08
CA PRO J 26 9.18 39.09 -72.41
CA THR J 27 9.34 40.41 -75.93
CA SER J 28 8.64 43.75 -77.41
CA VAL J 29 6.33 41.94 -79.76
CA ASN J 30 4.42 40.38 -76.91
CA ARG J 31 4.55 43.54 -74.89
CA HIS J 32 2.55 45.23 -77.63
CA THR J 33 0.33 42.38 -78.82
CA ARG J 34 -3.33 42.07 -77.98
CA LYS J 35 -3.92 40.00 -74.85
CA TYR J 36 -7.14 38.07 -74.60
CA TRP J 37 -9.31 35.93 -72.36
CA CYS J 38 -11.91 33.79 -74.11
CA ARG J 39 -14.24 30.94 -73.31
CA GLN J 40 -14.31 27.69 -75.20
CA GLY J 41 -17.73 26.83 -76.46
CA ALA J 42 -19.00 23.30 -76.65
CA ARG J 43 -18.91 23.85 -80.39
CA GLY J 44 -15.17 24.33 -80.33
CA GLY J 45 -14.60 28.07 -80.70
CA CYS J 46 -13.38 30.55 -78.15
CA ILE J 47 -15.29 33.74 -77.70
CA THR J 48 -13.40 36.74 -76.42
CA LEU J 49 -14.69 37.87 -73.03
CA ILE J 50 -12.10 40.61 -72.47
CA SER J 51 -9.12 41.95 -74.38
CA SER J 52 -6.35 44.48 -73.86
CA GLU J 53 -7.84 46.03 -76.96
CA GLY J 54 -10.57 47.49 -74.80
CA TYR J 55 -13.32 45.10 -75.84
CA VAL J 56 -15.29 43.83 -72.89
CA SER J 57 -18.04 41.24 -72.92
CA SER J 58 -21.41 42.47 -71.82
CA LYS J 59 -21.44 39.82 -69.12
CA TYR J 60 -18.00 41.00 -67.98
CA ALA J 61 -18.77 44.70 -67.87
CA GLY J 62 -17.97 46.28 -64.53
CA ARG J 63 -17.03 42.95 -62.94
CA ALA J 64 -13.69 42.30 -64.63
CA ASN J 65 -10.60 43.99 -65.98
CA LEU J 66 -7.48 42.91 -67.82
CA THR J 67 -4.12 44.40 -67.01
CA ASN J 68 -0.79 44.09 -68.80
CA PHE J 69 2.46 43.95 -66.83
CA PRO J 70 5.25 44.12 -69.32
CA GLU J 71 7.91 43.94 -66.65
CA ASN J 72 6.62 40.60 -65.44
CA GLY J 73 5.81 39.37 -68.90
CA THR J 74 2.35 38.65 -67.66
CA PHE J 75 -1.19 39.99 -67.66
CA VAL J 76 -3.93 39.45 -65.13
CA VAL J 77 -7.61 38.91 -65.61
CA ASN J 78 -9.72 39.76 -62.61
CA ILE J 79 -13.19 38.36 -62.47
CA ALA J 80 -15.62 39.34 -59.76
CA GLN J 81 -19.15 38.27 -58.97
CA LEU J 82 -18.39 34.76 -60.18
CA SER J 83 -21.47 32.67 -60.79
CA GLN J 84 -22.01 28.98 -61.39
CA ASP J 85 -22.34 29.74 -65.07
CA ASP J 86 -18.74 30.92 -65.03
CA SER J 87 -17.57 27.36 -64.64
CA GLY J 88 -16.08 26.22 -67.91
CA ARG J 89 -12.97 26.20 -70.04
CA TYR J 90 -11.21 29.36 -71.08
CA LYS J 91 -7.98 30.41 -72.74
CA CYS J 92 -5.60 33.29 -72.24
CA GLY J 93 -3.39 34.18 -75.15
CA LEU J 94 -1.73 36.77 -77.31
CA GLY J 95 -2.32 38.02 -80.82
CA ILE J 96 -5.11 36.75 -82.98
CA ASN J 97 -7.21 34.04 -81.44
CA SER J 98 -6.24 32.06 -84.53
CA ARG J 99 -2.48 31.63 -83.82
CA GLY J 100 -2.75 29.15 -80.97
CA LEU J 101 -0.45 31.08 -78.74
CA SER J 102 -2.55 30.60 -75.66
CA PHE J 103 -3.03 28.63 -72.47
CA ASP J 104 -6.04 26.55 -71.47
CA VAL J 105 -7.54 27.34 -68.12
CA SER J 106 -10.33 25.46 -66.50
CA LEU J 107 -12.45 27.35 -64.02
CA GLU J 108 -14.83 25.66 -61.67
CA VAL J 109 -17.09 27.88 -59.66
CA SER J 110 -20.68 28.05 -60.71
CA GLN J 111 -21.94 24.61 -62.08
CA GLY J 112 -23.55 21.68 -59.81
CA PRO J 113 -23.91 20.79 -55.98
CA GLY J 114 -20.24 21.65 -54.88
CA LEU J 115 -21.58 23.97 -53.32
CA LEU J 116 -25.20 25.70 -54.75
CA ASN J 117 -26.95 22.57 -53.70
CA ASP J 118 -27.27 21.04 -50.26
CA THR J 119 -29.86 19.27 -48.19
CA LYS J 120 -32.60 21.73 -47.48
CA VAL J 121 -33.34 20.10 -44.19
CA TYR J 122 -31.49 17.56 -42.16
CA THR J 123 -32.99 15.72 -39.23
CA VAL J 124 -31.12 13.82 -36.59
CA ASP J 125 -31.55 12.37 -33.11
CA LEU J 126 -29.65 13.98 -30.32
CA GLY J 127 -26.75 11.61 -29.73
CA ARG J 128 -26.09 10.93 -33.40
CA THR J 129 -23.53 12.48 -35.70
CA VAL J 130 -24.53 14.13 -38.91
CA THR J 131 -22.82 14.91 -42.17
CA ILE J 132 -23.76 17.73 -44.48
CA ASN J 133 -22.52 17.80 -48.04
CA CYS J 134 -22.64 20.83 -50.29
CA PRO J 135 -21.58 20.79 -53.89
CA PHE J 136 -19.80 23.69 -55.62
CA LYS J 137 -18.03 24.76 -58.86
CA THR J 138 -14.43 25.21 -60.07
CA GLU J 139 -13.78 28.83 -59.11
CA ASN J 140 -15.48 27.71 -56.01
CA ALA J 141 -12.94 24.95 -55.64
CA GLN J 142 -10.30 27.45 -54.68
CA LYS J 143 -12.40 29.72 -52.50
CA ARG J 144 -12.98 29.50 -48.77
CA LYS J 145 -15.74 27.15 -47.65
CA SER J 146 -17.74 27.85 -44.55
CA LEU J 147 -20.58 26.62 -42.37
CA TYR J 148 -22.37 29.23 -40.31
CA LYS J 149 -25.43 29.65 -38.14
CA GLN J 150 -28.04 32.16 -39.16
CA ILE J 151 -29.55 34.72 -36.78
CA GLY J 152 -28.24 38.02 -35.65
CA LEU J 153 -26.54 40.58 -37.80
CA TYR J 154 -24.13 38.10 -39.20
CA PRO J 155 -24.33 34.42 -39.66
CA VAL J 156 -21.73 33.09 -37.27
CA LEU J 157 -19.06 30.95 -38.84
CA VAL J 158 -18.84 27.70 -36.92
CA ILE J 159 -16.12 26.15 -39.08
CA ASP J 160 -14.19 27.29 -42.14
CA SER J 161 -11.80 25.78 -44.68
CA SER J 162 -9.48 28.62 -43.68
CA GLY J 163 -8.38 26.77 -40.59
CA TYR J 164 -10.87 28.44 -38.30
CA VAL J 165 -12.84 26.34 -35.87
CA ASN J 166 -15.33 27.71 -33.36
CA PRO J 167 -14.84 26.70 -29.80
CA ASN J 168 -18.26 25.16 -29.67
CA TYR J 169 -17.35 23.03 -32.66
CA THR J 170 -13.71 22.40 -31.83
CA GLY J 171 -13.24 18.65 -31.70
CA ARG J 172 -16.96 18.16 -32.30
CA ILE J 173 -16.93 18.81 -36.02
CA ARG J 174 -14.82 18.74 -39.14
CA LEU J 175 -15.10 20.36 -42.55
CA ASP J 176 -13.43 18.65 -45.48
CA ILE J 177 -12.94 20.03 -48.93
CA GLN J 178 -13.15 17.90 -52.02
CA GLY J 179 -11.48 19.20 -55.09
CA THR J 180 -13.25 20.74 -58.01
CA GLY J 181 -13.92 17.38 -59.54
CA GLN J 182 -15.68 16.20 -56.43
CA LEU J 183 -16.98 19.75 -56.04
CA LEU J 184 -18.05 18.93 -52.56
CA PHE J 185 -17.15 19.78 -49.03
CA SER J 186 -18.44 17.93 -46.05
CA VAL J 187 -19.25 19.13 -42.59
CA VAL J 188 -19.29 16.38 -40.02
CA ILE J 189 -20.91 17.20 -36.71
CA ASN J 190 -21.02 14.83 -33.82
CA GLN J 191 -22.70 14.67 -30.43
CA LEU J 192 -25.65 16.68 -31.63
CA ARG J 193 -27.43 18.48 -28.84
CA LEU J 194 -30.71 20.31 -28.58
CA SER J 195 -28.85 23.57 -29.08
CA ASP J 196 -27.86 22.35 -32.54
CA ALA J 197 -31.31 22.66 -34.05
CA GLY J 198 -31.49 25.82 -36.10
CA GLN J 199 -30.78 27.29 -39.50
CA TYR J 200 -27.33 27.25 -41.00
CA LEU J 201 -25.78 27.89 -44.37
CA CYS J 202 -22.89 26.38 -46.25
CA GLN J 203 -21.18 28.59 -48.71
CA ALA J 204 -18.06 29.78 -50.44
CA GLY J 205 -16.16 33.02 -50.08
CA ASP J 206 -17.24 35.52 -47.49
CA ASP J 207 -20.44 35.05 -45.54
CA SER J 208 -21.88 38.37 -46.64
CA ASN J 209 -21.92 37.19 -50.17
CA SER J 210 -25.02 35.24 -51.04
CA ASN J 211 -23.10 32.34 -52.44
CA LYS J 212 -24.47 29.71 -50.12
CA LYS J 213 -27.39 27.47 -49.44
CA ASN J 214 -29.59 27.46 -46.39
CA ALA J 215 -29.86 24.26 -44.43
CA ASP J 216 -32.26 23.64 -41.61
CA LEU J 217 -31.02 21.26 -38.99
CA GLN J 218 -33.56 19.64 -36.79
CA VAL J 219 -32.30 17.80 -33.75
CA LEU J 220 -34.16 15.46 -33.86
CA LYS J 221 -37.84 14.70 -32.73
CA PRO J 222 -38.83 15.30 -29.15
CA GLU J 223 -42.24 14.19 -27.95
CA PRO J 224 -43.97 12.88 -24.94
CA GLU J 225 -42.57 9.45 -24.31
CA LEU J 226 -45.72 8.36 -22.59
CA VAL J 227 -49.14 9.91 -22.41
CA TYR J 228 -51.79 8.64 -20.07
CA GLU J 229 -55.35 9.83 -19.88
CA ASP J 230 -58.77 8.72 -18.79
CA LEU J 231 -61.57 7.55 -21.01
CA ARG J 232 -63.76 10.21 -22.55
CA GLY J 233 -61.01 12.71 -21.99
CA SER J 234 -59.35 14.81 -24.62
CA VAL J 235 -55.63 14.64 -25.11
CA THR J 236 -53.07 16.59 -27.01
CA PHE J 237 -49.66 15.48 -28.12
CA HIS J 238 -46.93 17.96 -28.85
CA CYS J 239 -44.04 16.99 -31.09
CA ALA J 240 -41.00 19.15 -31.89
CA LEU J 241 -38.75 19.35 -34.97
CA GLY J 242 -36.08 21.28 -37.02
CA PRO J 243 -35.83 23.34 -40.17
CA GLU J 244 -36.29 20.94 -43.07
CA VAL J 245 -39.08 19.82 -40.91
CA ALA J 246 -40.95 23.11 -40.92
CA ASN J 247 -42.20 22.63 -44.47
CA VAL J 248 -42.25 18.84 -44.44
CA ALA J 249 -45.49 16.93 -43.99
CA LYS J 250 -46.36 16.09 -40.41
CA PHE J 251 -48.12 12.92 -39.53
CA LEU J 252 -49.47 10.95 -36.64
CA CYS J 253 -49.72 7.24 -37.11
CA ARG J 254 -50.62 4.17 -35.12
CA GLN J 255 -48.07 1.42 -35.01
CA SER J 256 -49.30 -1.87 -36.27
CA SER J 257 -47.90 -5.33 -36.67
CA GLY J 258 -45.26 -5.47 -39.34
CA GLU J 259 -43.31 -2.46 -40.35
CA ASN J 260 -46.26 -0.28 -41.21
CA CYS J 261 -47.81 2.58 -39.35
CA ASP J 262 -51.14 3.79 -40.57
CA VAL J 263 -51.49 7.51 -40.72
CA VAL J 264 -54.36 8.65 -38.59
CA VAL J 265 -54.02 12.25 -39.69
CA ASN J 266 -51.57 14.40 -41.62
CA THR J 267 -50.70 18.03 -42.25
CA LEU J 268 -51.34 17.07 -45.88
CA GLY J 269 -55.05 17.31 -45.42
CA LYS J 270 -55.82 13.66 -45.05
CA ARG J 271 -57.96 12.73 -42.10
CA ALA J 272 -58.83 9.12 -41.34
CA PRO J 273 -62.43 8.39 -40.82
CA ALA J 274 -61.85 7.00 -37.35
CA PHE J 275 -60.27 10.34 -36.53
CA GLU J 276 -62.52 12.55 -38.63
CA GLY J 277 -64.14 15.17 -36.46
CA ARG J 278 -62.56 13.51 -33.44
CA ILE J 279 -59.05 14.85 -33.91
CA LEU J 280 -57.08 17.79 -35.23
CA LEU J 281 -53.43 18.20 -36.13
CA ASN J 282 -52.03 21.68 -36.35
CA PRO J 283 -48.55 22.77 -37.10
CA GLN J 284 -46.76 25.78 -35.76
CA ASP J 285 -43.59 26.45 -37.69
CA LYS J 286 -42.33 29.19 -35.45
CA ASP J 287 -42.42 27.15 -32.29
CA GLY J 288 -41.27 24.11 -34.19
CA SER J 289 -44.10 21.99 -32.98
CA PHE J 290 -47.29 20.47 -34.18
CA SER J 291 -50.05 19.32 -31.95
CA VAL J 292 -52.41 16.43 -32.35
CA VAL J 293 -55.61 16.86 -30.42
CA ILE J 294 -57.71 13.79 -29.88
CA THR J 295 -61.05 13.73 -28.14
CA GLY J 296 -63.43 11.03 -27.00
CA LEU J 297 -60.53 8.88 -25.88
CA ARG J 298 -61.53 5.26 -25.76
CA LYS J 299 -59.86 2.04 -24.71
CA GLU J 300 -59.19 1.53 -28.38
CA ASP J 301 -56.86 4.51 -28.22
CA ALA J 302 -54.27 2.91 -25.96
CA GLY J 303 -51.32 1.78 -28.01
CA ARG J 304 -48.11 2.92 -29.67
CA TYR J 305 -48.08 5.80 -32.09
CA LEU J 306 -45.50 7.83 -33.96
CA CYS J 307 -45.44 11.45 -34.89
CA GLY J 308 -42.95 12.42 -37.51
CA ALA J 309 -42.15 14.33 -40.62
CA HIS J 310 -42.02 13.28 -44.24
CA SER J 311 -43.05 9.78 -45.10
CA ASP J 312 -43.60 7.21 -42.38
CA GLY J 313 -41.06 4.44 -42.68
CA GLN J 314 -38.50 7.18 -43.07
CA LEU J 315 -38.32 6.66 -39.36
CA GLN J 316 -37.81 10.34 -38.90
CA GLU J 317 -40.26 10.18 -36.05
CA GLY J 318 -40.68 9.73 -32.34
CA SER J 319 -42.61 6.98 -30.67
CA PRO J 320 -45.30 7.96 -28.30
CA ILE J 321 -46.98 5.49 -26.00
CA GLN J 322 -50.56 6.24 -25.16
CA ALA J 323 -52.41 4.58 -22.36
CA TRP J 324 -55.98 5.15 -21.37
CA GLN J 325 -56.23 3.46 -17.99
CA LEU J 326 -58.03 4.32 -14.68
CA PHE J 327 -58.21 8.23 -14.69
CA VAL J 328 -56.88 9.31 -17.26
CA ASN J 329 -53.68 8.41 -19.44
CA GLU J 330 -51.36 6.40 -16.78
CA GLU J 331 -49.90 3.15 -18.45
CA SER J 332 -51.19 3.28 -22.15
CA THR J 333 -52.78 0.14 -24.11
CA ILE J 334 -52.03 -0.98 -27.75
CA PRO J 335 -53.88 -3.67 -29.07
CA ARG J 336 -57.09 -2.72 -27.39
CA SER J 337 -60.11 -4.77 -26.53
CA PRO J 338 -62.60 -5.25 -23.82
CA THR J 339 -60.89 -6.15 -20.60
CA VAL J 340 -63.90 -8.03 -19.40
CA VAL J 341 -66.95 -9.27 -21.18
CA LYS J 342 -69.98 -10.68 -19.46
CA GLY J 343 -72.75 -12.62 -21.03
CA VAL J 344 -75.30 -15.10 -19.96
CA ALA J 345 -76.06 -18.67 -20.94
CA GLY J 346 -77.17 -19.34 -24.51
CA SER J 347 -76.65 -15.76 -25.69
CA SER J 348 -74.08 -14.83 -28.34
CA VAL J 349 -71.21 -12.46 -27.83
CA ALA J 350 -68.88 -10.50 -30.02
CA VAL J 351 -65.45 -9.25 -29.10
CA LEU J 352 -63.68 -6.54 -31.03
CA CYS J 353 -59.95 -5.86 -30.89
CA PRO J 354 -58.08 -2.99 -32.55
CA TYR J 355 -54.58 -3.08 -34.22
CA ASN J 356 -51.88 -1.22 -36.37
CA ARG J 357 -50.48 -1.22 -39.94
CA LYS J 358 -48.09 -4.15 -40.02
CA GLU J 359 -50.81 -5.76 -38.10
CA SER J 360 -53.30 -5.34 -40.91
CA LYS J 361 -51.55 -8.09 -42.82
CA SER J 362 -50.58 -10.37 -39.94
CA ILE J 363 -52.56 -13.33 -38.68
CA LYS J 364 -55.24 -12.62 -36.12
CA TYR J 365 -56.10 -15.09 -33.46
CA TRP J 366 -58.27 -15.82 -30.45
CA CYS J 367 -56.92 -18.09 -27.71
CA LEU J 368 -57.81 -19.39 -24.30
CA TRP J 369 -55.19 -19.03 -21.61
CA GLU J 370 -53.84 -22.21 -20.09
CA GLY J 371 -52.63 -22.44 -16.53
CA ALA J 372 -49.17 -23.82 -15.96
CA GLN J 373 -45.69 -22.61 -15.32
CA ASN J 374 -45.36 -22.79 -19.04
CA GLY J 375 -48.72 -22.76 -20.66
CA ARG J 376 -49.83 -21.84 -24.09
CA CYS J 377 -53.07 -20.26 -25.08
CA PRO J 378 -54.71 -22.70 -27.33
CA LEU J 379 -55.54 -21.30 -30.73
CA LEU J 380 -59.32 -21.28 -30.68
CA VAL J 381 -59.84 -19.57 -34.05
CA ASP J 382 -57.51 -17.82 -36.48
CA SER J 383 -57.62 -15.53 -39.50
CA GLU J 384 -55.67 -18.23 -41.28
CA GLY J 385 -58.66 -20.43 -41.77
CA TRP J 386 -58.16 -22.58 -38.72
CA VAL J 387 -61.04 -23.19 -36.37
CA LYS J 388 -60.97 -25.41 -33.30
CA ALA J 389 -63.36 -28.28 -33.03
CA GLN J 390 -65.13 -26.80 -30.06
CA TYR J 391 -65.63 -23.55 -31.92
CA GLU J 392 -66.30 -24.93 -35.40
CA GLY J 393 -69.66 -23.61 -36.53
CA ARG J 394 -70.18 -21.93 -33.17
CA LEU J 395 -67.86 -18.99 -33.71
CA SER J 396 -66.44 -16.71 -36.36
CA LEU J 397 -63.48 -14.37 -36.68
CA LEU J 398 -63.65 -11.49 -39.12
CA GLU J 399 -60.98 -8.95 -39.88
CA GLU J 400 -61.60 -5.54 -41.32
CA PRO J 401 -58.33 -3.86 -41.98
CA GLY J 402 -59.63 -0.40 -42.77
CA ASN J 403 -61.19 -0.15 -39.36
CA GLY J 404 -58.23 -1.80 -37.78
CA THR J 405 -60.39 -4.31 -36.02
CA PHE J 406 -61.28 -7.95 -36.11
CA THR J 407 -64.30 -9.41 -34.43
CA VAL J 408 -64.78 -12.77 -32.85
CA ILE J 409 -68.37 -13.82 -32.64
CA LEU J 410 -69.26 -16.71 -30.43
CA ASN J 411 -72.68 -18.27 -30.08
CA GLN J 412 -74.19 -20.79 -27.70
CA LEU J 413 -72.15 -19.57 -24.79
CA THR J 414 -71.95 -22.28 -22.19
CA SER J 415 -70.53 -22.65 -18.72
CA ARG J 416 -67.34 -23.92 -20.31
CA ASP J 417 -66.80 -20.58 -22.00
CA ALA J 418 -66.07 -18.56 -18.90
CA GLY J 419 -62.35 -18.03 -18.68
CA PHE J 420 -59.40 -15.99 -19.88
CA TYR J 421 -58.76 -15.43 -23.54
CA TRP J 422 -56.43 -13.39 -25.69
CA CYS J 423 -56.86 -11.70 -29.04
CA LEU J 424 -53.59 -11.05 -30.75
CA THR J 425 -51.67 -10.68 -33.98
CA ASN J 426 -48.98 -13.00 -35.38
CA GLY J 427 -47.70 -15.81 -33.21
CA ASP J 428 -49.29 -16.53 -29.85
CA THR J 429 -45.97 -16.50 -28.02
CA LEU J 430 -45.10 -13.00 -29.14
CA TRP J 431 -47.63 -11.67 -26.66
CA ARG J 432 -48.66 -8.79 -28.85
CA THR J 433 -52.18 -9.47 -27.64
CA THR J 434 -54.75 -8.17 -25.23
CA VAL J 435 -56.17 -10.26 -22.45
CA GLU J 436 -59.90 -10.56 -22.20
CA ILE J 437 -61.82 -12.13 -19.38
CA LYS J 438 -65.12 -13.66 -20.32
CA ILE J 439 -67.66 -14.55 -17.70
CA ILE J 440 -70.67 -16.49 -18.84
CA GLU J 441 -73.76 -18.47 -17.51
CA GLY J 442 -75.79 -21.83 -18.15
CA GLU J 443 -77.53 -24.85 -16.25
CA PRO J 444 -76.30 -27.21 -14.54
CA ASN J 445 -73.41 -25.46 -12.76
CA LEU J 446 -70.14 -26.81 -11.29
CA LYS J 447 -67.43 -29.29 -12.04
CA VAL J 448 -65.41 -31.31 -9.59
CA PRO J 449 -63.83 -34.64 -9.05
CA GLY J 450 -66.81 -36.38 -7.60
CA ASN J 451 -64.48 -39.12 -6.50
CA VAL J 452 -61.39 -38.88 -4.39
CA THR J 453 -59.42 -41.52 -2.55
CA ALA J 454 -56.86 -41.07 0.16
CA VAL J 455 -55.33 -42.86 3.09
CA LEU J 456 -55.80 -41.85 6.66
CA GLY J 457 -53.28 -39.33 7.86
CA GLU J 458 -52.82 -37.89 4.41
CA THR J 459 -53.80 -34.51 3.07
CA LEU J 460 -56.20 -34.15 0.19
CA LYS J 461 -57.10 -31.34 -2.16
CA VAL J 462 -60.10 -31.05 -4.44
CA PRO J 463 -60.73 -28.46 -7.08
CA CYS J 464 -64.10 -27.05 -8.13
CA HIS J 465 -65.02 -24.88 -11.10
CA PHE J 466 -67.67 -22.20 -11.42
CA PRO J 467 -68.68 -19.01 -13.20
CA CYS J 468 -67.70 -15.36 -12.63
CA LYS J 469 -70.89 -14.26 -10.91
CA PHE J 470 -70.13 -17.11 -8.63
CA SER J 471 -66.73 -15.56 -8.11
CA SER J 472 -68.33 -13.20 -5.60
CA TYR J 473 -70.54 -15.90 -4.07
CA GLU J 474 -69.57 -17.72 -0.90
CA LYS J 475 -67.83 -20.99 -1.63
CA TYR J 476 -68.45 -23.95 0.59
CA TRP J 477 -67.51 -27.53 1.28
CA CYS J 478 -70.16 -29.58 3.02
CA LYS J 479 -70.34 -33.00 4.57
CA TRP J 480 -73.08 -35.50 3.91
CA ASN J 481 -75.22 -36.99 6.66
CA ASN J 482 -75.70 -33.63 8.26
CA THR J 483 -78.77 -31.51 8.48
CA GLY J 484 -78.86 -30.66 4.86
CA CYS J 485 -75.18 -30.60 4.21
CA GLN J 486 -72.90 -30.02 7.13
CA ALA J 487 -71.02 -26.88 6.51
CA LEU J 488 -67.34 -27.60 6.71
CA PRO J 489 -65.05 -24.89 5.52
CA SER J 490 -66.49 -21.97 3.59
CA GLN J 491 -64.99 -18.87 2.13
CA ASP J 492 -63.61 -18.70 5.62
CA GLU J 493 -60.92 -21.07 6.97
CA GLY J 494 -60.54 -24.14 9.22
CA PRO J 495 -58.67 -27.39 9.68
CA SER J 496 -57.42 -26.94 6.23
CA LYS J 497 -57.68 -24.43 3.49
CA ALA J 498 -60.20 -23.43 0.89
CA PHE J 499 -58.77 -21.13 -1.68
CA VAL J 500 -60.72 -19.25 -4.24
CA ASN J 501 -59.41 -17.82 -7.42
CA CYS J 502 -61.64 -14.97 -8.42
CA ASP J 503 -62.77 -13.84 -11.80
CA GLU J 504 -59.36 -14.36 -13.30
CA ASN J 505 -59.43 -18.06 -12.64
CA SER J 506 -62.65 -19.44 -11.43
CA ARG J 507 -61.70 -22.30 -9.24
CA LEU J 508 -61.83 -23.16 -5.59
CA VAL J 509 -59.42 -25.56 -4.02
CA SER J 510 -60.14 -27.28 -0.79
CA LEU J 511 -57.31 -28.91 0.98
CA THR J 512 -57.82 -31.08 3.99
CA LEU J 513 -55.11 -32.13 6.36
CA ASN J 514 -54.77 -35.11 8.63
CA LEU J 515 -57.53 -37.13 7.11
CA VAL J 516 -56.38 -39.73 9.54
CA THR J 517 -59.95 -39.87 10.58
CA ARG J 518 -62.36 -42.44 9.25
CA ALA J 519 -64.97 -39.79 9.71
CA ASP J 520 -63.63 -37.96 6.70
CA GLU J 521 -64.73 -40.66 4.32
CA GLY J 522 -68.21 -39.91 3.07
CA TRP J 523 -70.15 -37.84 0.58
CA TYR J 524 -69.47 -34.16 0.30
CA TRP J 525 -70.58 -31.22 -1.76
CA CYS J 526 -68.75 -28.25 -3.17
CA GLY J 527 -70.82 -25.29 -4.19
CA VAL J 528 -71.50 -21.60 -4.15
CA LYS J 529 -74.00 -19.53 -2.24
CA GLN J 530 -76.12 -21.16 0.42
CA GLY J 531 -76.06 -24.91 0.79
CA HIS J 532 -79.82 -25.10 0.34
CA PHE J 533 -79.61 -23.63 -3.14
CA TYR J 534 -78.01 -26.89 -4.25
CA GLY J 535 -75.89 -25.12 -6.78
CA GLU J 536 -73.11 -27.55 -6.13
CA THR J 537 -71.36 -30.73 -7.14
CA ALA J 538 -71.27 -33.99 -5.26
CA ALA J 539 -67.95 -35.53 -4.41
CA VAL J 540 -67.33 -38.86 -2.80
CA TYR J 541 -64.30 -39.20 -0.65
CA VAL J 542 -63.01 -42.52 0.48
CA ALA J 543 -60.46 -42.61 3.24
CA VAL J 544 -67.67 -28.65 -13.43
CA GLU J 545 -64.06 -30.08 -14.14
CA GLU J 546 -62.42 -26.77 -15.70
CA ARG J 547 -62.84 -24.18 -12.62
CA LYS J 548 -59.14 -23.69 -11.82
CA ALA J 549 -57.04 -22.60 -14.76
CA ALA J 550 -59.97 -20.46 -16.13
CA GLY J 551 -60.96 -17.12 -13.97
CA SER J 552 -63.91 -17.22 -14.64
CA ARG J 553 -65.10 -17.79 -18.41
CA ASP J 554 -66.40 -21.47 -18.36
CA VAL J 555 -66.11 -23.77 -20.70
CA SER J 556 -62.78 -23.21 -22.72
CA LEU J 557 -63.71 -23.24 -26.48
CA ALA J 558 -66.94 -23.95 -25.99
CA LYS J 559 -67.17 -27.91 -26.69
CA ALA J 560 -67.07 -27.69 -30.56
CA ASP J 561 -63.15 -28.15 -31.07
CA ALA J 562 -61.82 -31.56 -29.61
CA ALA J 563 -58.47 -32.35 -27.78
CA PRO J 564 -56.69 -34.73 -25.04
CA ASP J 565 -55.34 -31.99 -22.88
CA GLU J 566 -57.69 -28.88 -22.02
CA LYS J 567 -61.22 -30.41 -21.39
CA VAL J 568 -59.87 -32.44 -18.31
CA LEU J 569 -57.80 -30.52 -15.65
CA ASP J 570 -54.54 -28.60 -17.04
CA SER J 571 -53.20 -26.50 -20.09
CA GLY J 572 -52.80 -26.71 -23.11
CA PHE J 573 -51.77 -27.72 -26.68
CA ARG J 574 -54.39 -27.02 -29.71
CA GLU J 575 -55.25 -23.31 -28.83
CA ILE J 576 -53.56 -20.35 -30.72
CA GLU J 577 -49.71 -21.34 -30.05
CA ASN J 578 -48.04 -23.13 -26.98
CA LYS J 579 -44.78 -25.18 -28.06
CA ALA J 580 -41.42 -24.86 -26.16
CA ILE J 581 -39.90 -28.03 -27.66
CA GLN J 582 -36.55 -28.11 -29.33
CA ASP J 583 -36.40 -31.12 -31.99
CA PRO J 584 -34.73 -34.35 -30.38
CA ARG J 585 -32.16 -35.43 -33.16
CA GLN A 1 55.15 33.13 -97.15
CA VAL A 2 53.79 29.78 -95.98
CA LYS A 3 55.94 27.02 -97.50
CA LEU A 4 56.42 27.57 -101.27
CA LEU A 5 54.13 24.86 -102.63
CA GLU A 6 51.68 23.61 -99.97
CA GLN A 7 49.76 20.50 -101.08
CA SER A 8 46.68 18.76 -99.64
CA GLY A 9 46.12 15.77 -97.33
CA ALA A 10 46.02 11.98 -97.59
CA GLU A 11 42.64 10.93 -99.01
CA VAL A 12 41.53 7.37 -98.23
CA LYS A 13 39.63 6.15 -101.30
CA LYS A 14 37.88 2.81 -101.77
CA PRO A 15 38.92 0.88 -104.95
CA GLY A 16 36.96 2.26 -107.88
CA ALA A 17 36.66 5.86 -106.66
CA SER A 18 38.09 9.25 -107.63
CA VAL A 19 40.87 11.38 -106.08
CA LYS A 20 41.74 15.07 -106.56
CA VAL A 21 44.98 16.38 -105.04
CA SER A 22 45.71 20.12 -105.16
CA CYS A 23 48.95 22.16 -105.17
CA LYS A 24 48.84 25.71 -103.79
CA ALA A 25 51.66 28.06 -104.81
CA SER A 26 53.05 31.30 -103.36
CA GLY A 27 55.98 33.69 -103.25
CA TYR A 28 56.52 33.52 -107.01
CA SER A 29 54.58 34.24 -110.20
CA PHE A 30 52.16 31.42 -111.07
CA THR A 31 51.69 32.15 -114.79
CA SER A 32 55.46 32.00 -115.43
CA TYR A 33 56.34 28.46 -114.28
CA GLY A 34 54.98 24.96 -114.88
CA LEU A 35 54.20 22.09 -112.48
CA HIS A 36 55.06 18.38 -112.79
CA TRP A 37 53.51 15.51 -110.81
CA VAL A 38 55.66 12.67 -109.46
CA ARG A 39 54.68 9.87 -107.05
CA GLN A 40 56.38 7.02 -105.14
CA ALA A 41 55.11 3.57 -104.12
CA PRO A 42 56.15 2.26 -100.65
CA GLY A 43 59.57 0.72 -101.26
CA GLN A 44 59.85 1.66 -104.94
CA ARG A 45 61.34 4.43 -107.13
CA LEU A 46 59.73 7.75 -108.13
CA GLU A 47 57.49 7.65 -111.21
CA TRP A 48 56.63 10.70 -113.34
CA MET A 49 52.89 11.14 -113.96
CA GLY A 50 52.62 14.32 -116.01
CA TRP A 51 52.89 18.09 -116.42
CA ILE A 52 50.70 21.16 -116.96
CA SER A 53 51.58 24.72 -117.99
CA ALA A 54 50.10 27.44 -115.77
CA GLY A 55 50.15 29.96 -118.63
CA THR A 56 48.18 28.29 -121.41
CA GLY A 57 46.92 25.03 -119.90
CA ASN A 58 48.54 22.38 -122.12
CA THR A 59 48.53 18.81 -120.80
CA LYS A 60 51.46 16.40 -121.25
CA TYR A 61 51.14 13.12 -119.33
CA SER A 62 52.72 9.67 -119.77
CA GLN A 63 51.28 6.69 -121.66
CA LYS A 64 51.06 4.74 -118.40
CA PHE A 65 47.94 6.39 -116.96
CA ARG A 66 46.37 6.94 -120.39
CA GLY A 67 42.63 7.51 -120.16
CA ARG A 68 42.28 8.07 -116.41
CA VAL A 69 44.38 11.15 -115.57
CA THR A 70 43.55 14.85 -115.84
CA PHE A 71 45.17 18.16 -114.89
CA THR A 72 43.34 21.42 -114.14
CA ARG A 73 44.49 24.87 -112.97
CA ASP A 74 42.74 27.91 -111.47
CA THR A 75 44.38 31.18 -112.57
CA SER A 76 42.89 33.52 -109.95
CA ALA A 77 43.27 30.99 -107.11
CA THR A 78 46.92 29.97 -107.61
CA THR A 79 46.38 26.21 -107.17
CA ALA A 80 47.07 23.22 -109.43
CA TYR A 81 45.00 20.02 -109.57
CA MET A 82 45.28 16.33 -110.50
CA GLY A 83 42.61 13.71 -111.19
CA LEU A 84 42.68 9.89 -111.31
CA SER A 85 39.63 7.65 -111.81
CA SER A 86 39.32 3.87 -111.32
CA LEU A 87 41.75 3.62 -108.38
CA ARG A 88 43.39 0.26 -107.63
CA PRO A 89 45.10 -1.38 -104.58
CA GLU A 90 48.49 -0.70 -106.21
CA ASP A 91 48.11 3.09 -106.39
CA THR A 92 49.12 3.49 -102.72
CA ALA A 93 51.86 6.10 -103.15
CA VAL A 94 53.08 9.52 -102.05
CA TYR A 95 52.33 12.12 -104.72
CA TYR A 96 54.31 15.36 -105.18
CA CYS A 97 53.92 18.49 -107.32
CA ALA A 98 57.29 19.85 -108.46
CA ARG A 99 57.82 23.17 -110.27
CA ASP A 100 59.20 23.92 -113.76
CA PRO A 101 62.19 26.36 -113.69
CA TYR A 102 61.83 26.91 -117.45
CA GLY A 103 58.21 26.36 -118.46
CA GLY A 104 59.09 23.91 -121.22
CA GLY A 105 57.74 20.63 -119.88
CA LYS A 106 61.08 18.81 -119.85
CA SER A 107 63.66 19.64 -117.16
CA GLU A 108 64.65 19.26 -113.49
CA PHE A 109 62.71 19.94 -110.27
CA ASP A 110 63.90 22.66 -107.89
CA TYR A 111 60.88 22.89 -105.55
CA TRP A 112 59.06 19.89 -104.09
CA GLY A 113 55.97 19.79 -101.87
CA GLN A 114 55.21 17.83 -98.69
CA GLY A 115 53.53 14.92 -100.45
CA THR A 116 50.09 13.29 -100.27
CA LEU A 117 49.74 9.59 -99.39
CA VAL A 118 46.60 8.26 -101.08
CA THR A 119 45.89 4.75 -99.81
CA VAL A 120 43.33 2.73 -101.78
CA SER A 121 41.85 -0.05 -99.63
CA SER A 122 38.31 -1.37 -99.07
CA ALA A 123 38.94 -2.13 -95.38
CA SER A 124 36.94 -0.03 -92.90
CA PRO A 125 39.34 2.77 -91.80
CA THR A 126 39.32 3.72 -88.12
CA SER A 127 40.50 6.67 -86.02
CA PRO A 128 43.56 6.09 -83.76
CA LYS A 129 43.24 5.89 -79.97
CA VAL A 130 46.02 7.92 -78.34
CA PHE A 131 47.17 6.76 -74.88
CA PRO A 132 49.51 8.45 -72.38
CA LEU A 133 52.63 6.39 -71.65
CA SER A 134 53.54 7.96 -68.32
CA LEU A 135 55.82 5.93 -66.03
CA ASP A 136 55.68 4.87 -62.37
CA SER A 137 59.28 5.58 -61.36
CA THR A 138 60.61 2.69 -63.48
CA PRO A 139 63.48 4.69 -65.07
CA GLN A 140 66.38 6.38 -63.28
CA ASP A 141 67.28 9.65 -61.54
CA GLY A 142 68.59 12.07 -64.14
CA ASN A 143 66.16 12.00 -67.06
CA VAL A 144 62.41 11.44 -67.40
CA VAL A 145 61.03 9.40 -70.31
CA VAL A 146 57.43 10.08 -71.41
CA ALA A 147 55.49 8.97 -74.52
CA CYS A 148 52.17 8.86 -76.38
CA LEU A 149 50.96 5.54 -77.81
CA VAL A 150 48.72 6.14 -80.85
CA GLN A 151 47.04 2.74 -81.28
CA GLY A 152 44.67 1.40 -83.94
CA PHE A 153 44.57 3.32 -87.22
CA PHE A 154 44.11 2.22 -90.82
CA PRO A 155 45.82 2.99 -93.09
CA GLN A 156 49.27 4.07 -91.85
CA GLU A 157 49.23 7.68 -93.12
CA PRO A 158 51.83 10.46 -92.59
CA LEU A 159 51.42 11.07 -88.84
CA SER A 160 52.62 14.53 -87.79
CA VAL A 161 53.37 14.78 -84.06
CA THR A 162 54.66 17.87 -82.24
CA TRP A 163 55.21 18.07 -78.47
CA SER A 164 54.84 21.39 -76.64
CA GLU A 165 58.33 21.75 -75.16
CA SER A 166 61.56 22.08 -77.15
CA GLY A 167 65.20 22.92 -76.49
CA GLN A 168 68.73 21.51 -76.52
CA ASN A 169 68.77 18.61 -74.05
CA VAL A 170 65.36 17.30 -75.16
CA THR A 171 64.92 14.66 -77.87
CA ALA A 172 61.77 13.47 -79.66
CA ARG A 173 61.58 10.38 -81.89
CA ASN A 174 58.75 9.39 -84.26
CA PHE A 175 58.48 5.58 -84.30
CA PRO A 176 57.68 3.92 -87.68
CA PRO A 177 54.24 2.30 -88.30
CA SER A 178 53.92 -1.46 -87.69
CA GLN A 179 51.35 -4.05 -88.83
CA ASP A 180 49.59 -6.80 -86.86
CA ALA A 181 48.10 -9.92 -88.47
CA SER A 182 47.47 -9.26 -92.18
CA GLY A 183 46.61 -5.55 -92.32
CA ASP A 184 43.86 -5.30 -89.70
CA LEU A 185 45.34 -2.26 -87.94
CA TYR A 186 48.46 -0.08 -87.61
CA THR A 187 50.07 1.31 -84.43
CA THR A 188 52.65 4.01 -83.60
CA SER A 189 54.13 6.02 -80.74
CA SER A 190 55.78 9.34 -79.87
CA GLN A 191 58.47 9.63 -77.17
CA LEU A 192 60.16 12.62 -75.53
CA THR A 193 63.25 12.08 -73.38
CA LEU A 194 63.96 15.18 -71.28
CA PRO A 195 66.11 16.02 -68.22
CA ALA A 196 64.39 15.95 -64.81
CA THR A 197 65.16 19.65 -64.34
CA GLN A 198 62.67 20.43 -67.14
CA CYS A 199 59.31 18.86 -66.16
CA PRO A 200 58.30 20.84 -63.03
CA ASP A 201 56.49 19.08 -60.15
CA GLY A 202 52.78 19.62 -60.76
CA LYS A 203 52.51 20.16 -64.53
CA SER A 204 52.45 18.09 -67.74
CA VAL A 205 53.46 18.04 -71.42
CA THR A 206 50.95 17.81 -74.28
CA CYS A 207 51.50 15.66 -77.39
CA HIS A 208 49.69 16.73 -80.57
CA VAL A 209 49.01 13.95 -83.09
CA LYS A 210 47.64 14.73 -86.55
CA HIS A 211 46.48 12.12 -89.07
CA TYR A 212 45.33 13.50 -92.44
CA THR A 213 43.59 16.91 -92.30
CA ASN A 214 41.49 15.51 -89.44
CA PRO A 215 41.32 17.65 -86.24
CA SER A 216 44.51 17.45 -84.17
CA GLN A 217 43.98 15.24 -81.11
CA ASP A 218 45.65 16.78 -78.05
CA VAL A 219 46.52 14.74 -74.93
CA THR A 220 47.86 15.92 -71.56
CA VAL A 221 50.86 13.67 -70.76
CA PRO A 222 51.93 14.09 -67.08
CA CYS A 223 55.18 13.40 -65.21
CA PRO A 224 56.12 14.55 -61.40
CA VAL A 225 54.77 13.69 -57.90
CA PRO A 226 52.58 15.70 -55.18
CA PRO A 227 53.07 15.25 -51.41
CA PRO A 228 49.92 15.25 -48.98
CA PRO A 229 49.43 18.68 -46.78
CA PRO A 230 49.23 18.04 -43.03
CA CYS A 231 48.27 20.75 -40.37
CA CYS A 232 47.26 19.98 -36.75
CA HIS A 233 45.08 21.59 -34.10
CA PRO A 234 45.47 21.46 -30.16
CA ARG A 235 43.28 18.93 -28.28
CA LEU A 236 43.31 15.56 -26.44
CA SER A 237 40.62 12.86 -26.22
CA LEU A 238 40.31 9.32 -24.85
CA HIS A 239 38.52 6.37 -26.47
CA ARG A 240 36.85 3.79 -24.23
CA PRO A 241 36.97 0.16 -25.48
CA ALA A 242 33.89 -1.54 -26.93
CA LEU A 243 31.47 -3.39 -24.66
CA GLU A 244 30.76 -6.36 -26.94
CA ASP A 245 34.48 -7.11 -27.38
CA LEU A 246 35.66 -7.09 -23.73
CA LEU A 247 32.76 -9.25 -22.52
CA LEU A 248 33.15 -12.13 -24.98
CA GLY A 249 36.89 -12.81 -24.78
CA SER A 250 38.70 -10.30 -22.53
CA GLU A 251 40.12 -8.43 -25.54
CA ALA A 252 40.03 -4.75 -24.54
CA ASN A 253 42.13 -1.65 -25.28
CA LEU A 254 41.96 2.04 -24.37
CA THR A 255 43.28 4.54 -26.93
CA CYS A 256 44.85 7.92 -26.05
CA THR A 257 45.00 9.96 -29.26
CA LEU A 258 46.15 13.60 -29.48
CA THR A 259 44.37 15.03 -32.53
CA GLY A 260 45.47 18.67 -32.91
CA LEU A 261 48.66 20.61 -32.04
CA ARG A 262 51.11 22.35 -34.49
CA ASP A 263 54.04 20.48 -36.25
CA ALA A 264 57.51 18.96 -35.80
CA SER A 265 58.12 17.41 -32.38
CA GLY A 266 57.97 14.01 -30.66
CA ALA A 267 55.69 13.34 -27.68
CA THR A 268 56.04 10.77 -24.89
CA PHE A 269 53.61 8.85 -22.63
CA THR A 270 53.18 7.76 -19.00
CA TRP A 271 50.50 5.04 -18.78
CA THR A 272 49.44 3.52 -15.47
CA PRO A 273 49.37 -0.29 -14.96
CA SER A 274 46.17 -2.27 -14.35
CA SER A 275 45.13 -4.42 -11.39
CA GLY A 276 47.28 -7.23 -12.76
CA LYS A 277 50.35 -4.97 -12.85
CA SER A 278 50.87 -4.83 -16.63
CA ALA A 279 51.77 -1.89 -18.87
CA VAL A 280 52.24 -2.28 -22.64
CA GLN A 281 52.31 0.52 -25.24
CA GLY A 282 53.59 1.41 -28.71
CA PRO A 283 52.65 4.90 -30.05
CA PRO A 284 53.46 5.39 -33.77
CA GLU A 285 53.45 8.56 -35.90
CA ARG A 286 50.87 8.91 -38.71
CA ASP A 287 50.34 11.91 -41.01
CA LEU A 288 46.89 13.54 -40.81
CA CYS A 289 46.10 16.71 -42.79
CA GLY A 290 49.83 17.15 -43.27
CA CYS A 291 50.47 17.09 -39.53
CA TYR A 292 52.19 14.24 -37.46
CA SER A 293 50.09 12.12 -35.03
CA VAL A 294 50.97 10.26 -31.80
CA SER A 295 48.39 7.65 -30.67
CA SER A 296 49.04 4.95 -28.05
CA VAL A 297 46.92 1.92 -27.07
CA LEU A 298 47.03 0.22 -23.64
CA PRO A 299 45.66 -3.37 -23.83
CA GLY A 300 43.76 -4.11 -20.62
CA CYS A 301 41.93 -7.07 -19.11
CA ALA A 302 38.24 -7.52 -18.25
CA GLN A 303 38.52 -7.72 -14.45
CA PRO A 304 39.94 -4.19 -13.90
CA TRP A 305 37.16 -2.68 -16.02
CA ASN A 306 34.50 -4.71 -14.21
CA HIS A 307 35.89 -3.79 -10.79
CA GLY A 308 36.65 -0.20 -11.76
CA GLU A 309 40.30 0.87 -12.05
CA THR A 310 41.53 4.38 -12.88
CA PHE A 311 43.06 4.44 -16.38
CA THR A 312 45.02 7.69 -16.79
CA CYS A 313 47.15 8.98 -19.71
CA THR A 314 49.65 11.84 -19.46
CA ALA A 315 51.25 13.31 -22.60
CA ALA A 316 54.06 15.82 -21.91
CA HIS A 317 55.77 18.13 -24.39
CA PRO A 318 58.06 21.17 -24.36
CA GLU A 319 55.37 23.62 -25.52
CA LEU A 320 52.65 21.55 -23.89
CA LYS A 321 54.41 22.64 -20.73
CA THR A 322 51.50 21.54 -18.58
CA PRO A 323 51.27 17.75 -19.14
CA LEU A 324 47.60 17.08 -19.85
CA THR A 325 46.17 14.46 -17.49
CA ALA A 326 43.10 12.44 -18.52
CA ASN A 327 41.34 9.77 -16.44
CA ILE A 328 38.41 7.49 -17.33
CA THR A 329 36.48 4.94 -15.25
CA LYS A 330 32.98 3.42 -15.12
CA SER A 331 29.98 5.40 -13.90
CA GLY A 332 27.39 5.50 -11.13
CA ASN A 333 26.89 3.27 -8.10
CA THR A 334 25.53 -0.31 -7.94
CA PHE A 335 21.82 -1.20 -8.11
CA ARG A 336 20.44 -4.77 -7.89
CA PRO A 337 18.52 -5.89 -11.02
CA GLU A 338 14.94 -7.14 -10.68
CA VAL A 339 14.15 -9.78 -13.31
CA HIS A 340 10.50 -10.30 -14.33
CA LEU A 341 9.78 -13.10 -16.83
CA LEU A 342 6.64 -12.38 -18.89
CA PRO A 343 4.41 -15.04 -20.52
CA PRO A 344 3.11 -14.74 -24.13
CA PRO A 345 -0.22 -12.90 -24.54
CA SER A 346 -3.59 -14.42 -25.47
CA GLU A 347 -3.71 -13.06 -29.03
CA GLU A 348 -0.16 -14.27 -29.71
CA LEU A 349 -1.19 -17.92 -29.35
CA ALA A 350 -2.89 -17.55 -32.74
CA LEU A 351 0.44 -17.69 -34.61
CA ASN A 352 2.52 -20.80 -35.37
CA GLU A 353 6.28 -20.62 -36.02
CA LEU A 354 7.26 -18.11 -33.29
CA VAL A 355 6.36 -17.29 -29.66
CA THR A 356 7.87 -14.35 -27.73
CA LEU A 357 9.18 -14.92 -24.19
CA THR A 358 9.95 -11.56 -22.56
CA CYS A 359 11.97 -11.40 -19.33
CA LEU A 360 12.42 -7.77 -18.23
CA ALA A 361 15.20 -6.79 -15.84
CA ARG A 362 15.01 -3.20 -14.58
CA GLY A 363 16.40 -1.32 -11.60
CA PHE A 364 20.10 -1.74 -12.33
CA SER A 365 23.27 0.34 -12.65
CA PRO A 366 25.63 0.51 -14.41
CA LYS A 367 24.26 -0.50 -17.83
CA ASP A 368 26.75 -3.38 -18.10
CA VAL A 369 24.61 -6.53 -17.99
CA LEU A 370 24.89 -9.86 -19.84
CA VAL A 371 21.59 -11.61 -20.56
CA ARG A 372 21.25 -15.18 -21.93
CA TRP A 373 18.63 -17.93 -22.33
CA LEU A 374 18.55 -21.71 -21.80
CA GLN A 375 16.48 -24.79 -22.67
CA GLY A 376 14.92 -26.98 -19.99
CA SER A 377 14.52 -30.31 -21.83
CA GLN A 378 17.69 -30.45 -23.95
CA GLU A 379 19.59 -28.65 -21.14
CA LEU A 380 21.39 -26.59 -23.80
CA PRO A 381 21.47 -22.79 -24.31
CA ARG A 382 19.11 -21.13 -26.80
CA GLU A 383 20.07 -19.46 -30.10
CA LYS A 384 17.21 -17.17 -31.20
CA TYR A 385 17.00 -14.10 -28.91
CA LEU A 386 17.76 -10.35 -28.94
CA THR A 387 18.78 -7.57 -26.51
CA TRP A 388 17.64 -3.93 -26.28
CA ALA A 389 19.23 -0.80 -24.75
CA SER A 390 18.27 2.75 -23.69
CA ARG A 391 19.20 5.03 -20.76
CA GLN A 392 16.68 6.71 -18.44
CA GLU A 393 17.85 10.31 -17.90
CA PRO A 394 14.93 12.59 -16.91
CA SER A 395 15.06 16.11 -15.46
CA GLN A 396 14.70 14.90 -11.86
CA GLY A 397 17.16 13.03 -9.65
CA THR A 398 16.34 9.43 -10.57
CA THR A 399 18.28 7.20 -12.99
CA THR A 400 18.32 3.37 -13.38
CA PHE A 401 18.89 1.29 -16.53
CA ALA A 402 16.46 -1.45 -17.61
CA VAL A 403 16.46 -4.16 -20.30
CA THR A 404 14.18 -6.47 -22.31
CA SER A 405 14.86 -9.96 -23.70
CA ILE A 406 12.89 -11.77 -26.41
CA LEU A 407 13.17 -15.54 -26.93
CA ARG A 408 11.29 -16.77 -30.02
CA VAL A 409 10.49 -20.48 -29.71
CA ALA A 410 7.83 -22.70 -31.33
CA ALA A 411 4.10 -22.73 -30.59
CA GLU A 412 3.83 -26.49 -30.11
CA ASP A 413 6.81 -26.61 -27.73
CA TRP A 414 5.45 -23.93 -25.37
CA LYS A 415 2.39 -26.12 -24.76
CA LYS A 416 4.30 -29.35 -24.06
CA GLY A 417 5.40 -28.17 -20.64
CA ASP A 418 9.02 -27.10 -21.10
CA THR A 419 10.70 -24.61 -18.73
CA PHE A 420 12.71 -21.67 -20.13
CA SER A 421 15.47 -19.83 -18.18
CA CYS A 422 16.49 -16.15 -18.47
CA MET A 423 19.89 -15.77 -16.77
CA VAL A 424 21.01 -12.22 -15.99
CA GLY A 425 24.50 -11.23 -14.85
CA HIS A 426 25.37 -7.98 -13.07
CA GLU A 427 27.80 -6.78 -10.38
CA ALA A 428 25.20 -5.90 -7.74
CA LEU A 429 23.84 -9.46 -7.88
CA PRO A 430 24.45 -11.91 -4.97
CA LEU A 431 26.80 -14.21 -6.92
CA ALA A 432 27.10 -11.98 -10.01
CA PHE A 433 24.46 -14.28 -11.51
CA THR A 434 20.68 -14.62 -11.14
CA GLN A 435 18.17 -16.83 -12.98
CA LYS A 436 14.36 -16.77 -13.19
CA THR A 437 12.11 -19.19 -15.11
CA ILE A 438 8.84 -19.36 -17.07
CA ASP A 439 6.50 -22.34 -17.36
CA ARG A 440 3.04 -22.88 -18.91
CA LEU A 441 2.12 -24.86 -15.79
CA ALA A 442 0.98 -22.14 -13.41
CA GLY A 443 0.05 -23.12 -9.88
CA LYS A 444 -1.30 -20.34 -7.67
CA PRO A 445 0.70 -20.63 -4.41
CA THR A 446 2.72 -17.45 -4.97
CA HIS A 447 5.69 -17.64 -7.35
CA VAL A 448 8.00 -20.53 -6.46
CA ASN A 449 11.41 -21.30 -7.99
CA VAL A 450 12.95 -24.69 -8.88
CA SER A 451 15.02 -26.89 -6.55
CA VAL A 452 18.81 -27.28 -6.32
CA VAL A 453 20.89 -29.10 -8.94
CA MET A 454 24.59 -29.59 -8.11
CA ALA A 455 26.32 -29.36 -4.72
CA GLU A 456 29.69 -29.66 -2.94
CA VAL A 457 31.38 -28.54 -6.18
CA ASP A 458 31.92 -24.79 -6.49
CA GLY A 459 35.39 -24.92 -8.02
CA THR A 460 37.84 -24.14 -5.21
CA CYS A 461 37.37 -27.71 -3.94
CA TYR A 462 37.64 -29.94 -7.03
CA GLN B 1 82.58 50.90 -11.46
CA VAL B 2 78.79 51.18 -11.21
CA LYS B 3 77.84 54.86 -11.55
CA LEU B 4 79.98 57.05 -9.23
CA LEU B 5 77.42 57.89 -6.56
CA GLU B 6 74.43 55.51 -6.67
CA GLN B 7 71.56 56.65 -4.43
CA SER B 8 68.41 54.86 -3.21
CA GLY B 9 64.78 54.79 -4.33
CA ALA B 10 61.64 56.90 -3.94
CA GLU B 11 60.11 56.21 -0.53
CA VAL B 12 56.40 56.99 -0.15
CA LYS B 13 55.92 58.26 3.40
CA LYS B 14 52.66 59.26 5.09
CA PRO B 15 52.67 62.78 6.68
CA GLY B 16 54.31 62.54 10.10
CA ALA B 17 56.75 59.73 9.31
CA SER B 18 60.51 59.33 8.86
CA VAL B 19 62.68 59.00 5.73
CA LYS B 20 66.30 57.84 5.32
CA VAL B 21 67.96 58.23 1.91
CA SER B 22 71.42 56.74 1.34
CA CYS B 23 74.29 57.64 -1.01
CA LYS B 24 76.71 54.87 -2.04
CA ALA B 25 80.11 55.91 -3.40
CA SER B 26 82.76 54.19 -5.52
CA GLY B 27 85.79 54.65 -7.75
CA TYR B 28 87.34 57.27 -5.46
CA SER B 29 88.54 57.52 -1.85
CA PHE B 30 85.63 58.07 0.57
CA THR B 31 87.56 59.55 3.51
CA SER B 32 89.05 62.31 1.32
CA TYR B 33 85.92 64.08 0.01
CA GLY B 34 82.72 65.46 1.52
CA LEU B 35 79.06 65.14 0.48
CA HIS B 36 76.36 67.84 0.23
CA TRP B 37 72.60 67.27 0.03
CA VAL B 38 70.42 69.33 -2.34
CA ARG B 39 66.75 68.83 -3.25
CA GLN B 40 64.20 70.29 -5.71
CA ALA B 41 60.42 70.77 -5.41
CA PRO B 42 58.30 70.10 -8.55
CA GLY B 43 58.47 73.37 -10.46
CA GLN B 44 60.85 75.18 -8.09
CA ARG B 45 64.58 75.87 -7.69
CA LEU B 46 67.20 73.69 -5.97
CA GLU B 47 67.55 74.16 -2.20
CA TRP B 48 70.66 73.23 -0.20
CA MET B 49 69.95 71.07 2.86
CA GLY B 50 73.35 70.38 4.38
CA TRP B 51 76.80 68.77 4.33
CA ILE B 52 78.81 66.10 6.16
CA SER B 53 82.54 65.32 6.12
CA ALA B 54 83.42 61.67 5.51
CA GLY B 55 86.70 62.00 7.39
CA THR B 56 85.70 63.31 10.82
CA GLY B 57 81.90 63.40 10.75
CA ASN B 58 81.13 67.10 11.29
CA THR B 59 77.58 68.25 10.49
CA LYS B 60 76.78 71.60 8.84
CA TYR B 61 73.13 72.05 7.82
CA SER B 62 70.97 75.12 7.16
CA GLN B 63 68.70 76.94 9.61
CA LYS B 64 65.67 75.95 7.52
CA PHE B 65 65.37 72.32 8.64
CA ARG B 66 66.65 73.06 12.16
CA GLY B 67 65.70 70.32 14.61
CA ARG B 68 64.54 67.64 12.17
CA VAL B 69 67.55 66.79 10.00
CA THR B 70 70.48 64.45 10.64
CA PHE B 71 73.47 63.11 8.69
CA THR B 72 75.25 59.80 9.32
CA ARG B 73 78.11 57.98 7.56
CA ASP B 74 79.46 54.41 7.62
CA THR B 75 83.24 54.29 7.12
CA SER B 76 83.63 50.60 6.23
CA ALA B 77 80.49 50.55 4.03
CA THR B 78 81.14 53.63 1.86
CA THR B 79 77.60 55.05 2.07
CA ALA B 80 76.23 58.39 3.30
CA TYR B 81 72.84 58.93 4.97
CA MET B 82 70.21 61.61 5.57
CA GLY B 83 67.32 61.78 8.04
CA LEU B 84 64.18 63.94 8.22
CA SER B 85 61.39 63.56 10.80
CA SER B 86 57.90 65.13 10.81
CA LEU B 87 57.37 65.04 7.03
CA ARG B 88 54.84 67.41 5.46
CA PRO B 89 52.85 67.57 2.15
CA GLU B 90 55.28 70.21 0.90
CA ASP B 91 58.41 68.06 1.14
CA THR B 92 57.64 66.34 -2.17
CA ALA B 93 60.99 66.86 -3.89
CA VAL B 94 63.88 65.13 -5.66
CA TYR B 95 66.89 64.83 -3.34
CA TYR B 96 70.50 64.58 -4.53
CA CYS B 97 73.85 63.90 -2.86
CA ALA B 98 76.67 65.90 -4.47
CA ARG B 99 80.38 65.50 -3.69
CA ASP B 100 82.90 67.96 -2.21
CA PRO B 101 86.00 68.44 -4.45
CA TYR B 102 87.84 70.11 -1.56
CA GLY B 103 86.48 68.78 1.74
CA GLY B 104 85.85 72.23 3.17
CA GLY B 105 82.06 72.39 3.28
CA LYS B 106 81.71 75.39 0.98
CA SER B 107 82.27 74.97 -2.77
CA GLU B 108 80.83 73.65 -6.06
CA PHE B 109 79.41 70.22 -6.99
CA ASP B 110 81.17 68.11 -9.64
CA TYR B 111 79.37 64.78 -9.17
CA TRP B 112 75.58 64.41 -8.80
CA GLY B 113 73.50 61.30 -8.21
CA GLN B 114 70.31 60.04 -9.86
CA GLY B 115 67.95 61.58 -7.31
CA THR B 116 65.27 60.25 -4.96
CA LEU B 117 61.68 61.51 -5.20
CA VAL B 118 60.11 61.28 -1.73
CA THR B 119 56.38 61.99 -2.01
CA VAL B 120 54.55 62.65 1.26
CA SER B 121 50.81 61.99 0.88
CA SER B 122 48.21 60.20 3.03
CA ALA B 123 46.32 58.86 0.00
CA SER B 124 46.37 55.07 -0.44
CA PRO B 125 49.15 54.39 -3.00
CA THR B 126 48.48 51.73 -5.63
CA SER B 127 50.55 49.65 -8.06
CA PRO B 128 50.25 50.53 -11.80
CA LYS B 129 48.45 48.25 -14.25
CA VAL B 130 50.50 47.91 -17.44
CA PHE B 131 48.56 47.22 -20.66
CA PRO B 132 49.82 46.32 -24.17
CA LEU B 133 48.92 48.83 -26.89
CA SER B 134 49.07 46.65 -29.99
CA LEU B 135 47.25 47.67 -33.19
CA ASP B 136 45.25 46.09 -36.03
CA SER B 137 45.39 47.96 -39.39
CA THR B 138 45.47 51.44 -37.79
CA PRO B 139 49.09 52.27 -38.75
CA GLN B 140 50.38 53.06 -42.24
CA ASP B 141 52.15 50.64 -44.57
CA GLY B 142 55.84 51.10 -43.84
CA ASN B 143 56.28 51.34 -40.07
CA VAL B 144 54.94 49.67 -36.93
CA VAL B 145 53.99 51.58 -33.76
CA VAL B 146 53.68 49.68 -30.48
CA ALA B 147 53.24 50.93 -26.89
CA CYS B 148 52.72 50.05 -23.20
CA LEU B 149 50.05 51.90 -21.21
CA VAL B 150 50.98 51.97 -17.51
CA GLN B 151 47.68 53.02 -15.89
CA GLY B 152 46.77 53.82 -12.28
CA PHE B 153 49.66 54.64 -9.95
CA PHE B 154 50.01 57.04 -7.03
CA PRO B 155 52.19 58.98 -6.66
CA GLN B 156 53.84 59.80 -10.00
CA GLU B 157 57.38 58.57 -9.22
CA PRO B 158 60.43 58.38 -11.53
CA LEU B 159 59.30 55.62 -13.91
CA SER B 160 62.23 53.89 -15.63
CA VAL B 161 61.22 52.04 -18.81
CA THR B 162 63.57 50.12 -21.12
CA TRP B 163 62.42 48.17 -24.19
CA SER B 164 64.34 45.09 -25.36
CA GLU B 165 65.29 46.18 -28.89
CA SER B 166 67.54 49.14 -29.74
CA GLY B 167 69.31 50.54 -32.80
CA GLN B 168 69.41 53.47 -35.21
CA ASN B 169 66.00 53.65 -36.89
CA VAL B 170 64.10 52.88 -33.67
CA THR B 171 62.79 55.60 -31.34
CA ALA B 172 61.37 55.35 -27.80
CA ARG B 173 59.58 58.18 -25.97
CA ASN B 174 58.68 58.35 -22.26
CA PHE B 175 55.39 60.26 -21.91
CA PRO B 176 55.05 62.62 -18.88
CA PRO B 177 52.70 61.73 -15.96
CA SER B 178 49.18 63.21 -16.03
CA GLN B 179 46.53 63.68 -13.31
CA ASP B 180 42.78 62.92 -13.38
CA ALA B 181 40.26 64.63 -11.06
CA SER B 182 42.08 66.03 -8.02
CA GLY B 183 44.95 63.60 -7.45
CA ASP B 184 43.12 60.27 -7.38
CA LEU B 185 45.52 58.53 -9.78
CA TYR B 186 48.35 59.08 -12.29
CA THR B 187 48.82 57.47 -15.73
CA THR B 188 51.69 57.12 -18.23
CA SER B 189 52.78 55.28 -21.38
CA SER B 190 55.83 54.01 -23.29
CA GLN B 191 55.96 53.94 -27.10
CA LEU B 192 58.42 52.41 -29.58
CA THR B 193 58.17 53.38 -33.25
CA LEU B 194 60.22 50.91 -35.29
CA PRO B 195 60.54 49.93 -38.98
CA ALA B 196 58.57 46.90 -40.17
CA THR B 197 61.78 45.18 -41.30
CA GLN B 198 62.75 44.89 -37.60
CA CYS B 199 60.08 43.03 -35.57
CA PRO B 200 59.91 39.49 -37.06
CA ASP B 201 56.56 37.85 -37.93
CA GLY B 202 55.55 35.66 -34.99
CA LYS B 203 57.46 37.23 -32.09
CA SER B 204 57.09 40.27 -29.81
CA VAL B 205 58.98 43.00 -27.93
CA THR B 206 59.02 43.26 -24.12
CA CYS B 207 58.62 46.58 -22.25
CA HIS B 208 60.16 46.72 -18.76
CA VAL B 209 58.56 49.26 -16.40
CA LYS B 210 60.12 50.01 -13.01
CA HIS B 211 58.51 52.17 -10.32
CA TYR B 212 60.60 52.67 -7.16
CA THR B 213 62.80 49.70 -6.16
CA ASN B 214 59.73 47.50 -6.66
CA PRO B 215 60.19 44.40 -8.89
CA SER B 216 60.34 45.25 -12.59
CA GLN B 217 57.05 44.35 -14.29
CA ASP B 218 57.77 42.76 -17.68
CA VAL B 219 55.08 42.59 -20.40
CA THR B 220 55.24 40.77 -23.75
CA VAL B 221 54.12 43.43 -26.25
CA PRO B 222 53.34 41.72 -29.60
CA CYS B 223 53.61 43.05 -33.14
CA PRO B 224 53.17 40.86 -36.56
CA VAL B 225 50.41 38.62 -38.03
CA PRO B 226 50.01 34.64 -38.54
CA PRO B 227 48.14 33.14 -41.52
CA PRO B 228 45.89 29.90 -41.02
CA PRO B 229 47.50 26.41 -42.45
CA PRO B 230 45.23 24.61 -44.93
CA CYS B 231 45.89 21.00 -46.30
CA CYS B 232 43.27 18.85 -48.09
CA HIS B 233 42.58 15.15 -48.55
CA PRO B 234 40.83 13.31 -51.53
CA ARG B 235 37.23 12.42 -50.45
CA LEU B 236 33.48 13.33 -50.27
CA SER B 237 30.82 12.15 -47.78
CA LEU B 238 27.08 12.70 -47.21
CA HIS B 239 25.40 13.26 -43.85
CA ARG B 240 21.84 11.98 -43.41
CA PRO B 241 19.55 14.18 -41.24
CA ALA B 242 18.64 13.13 -37.70
CA LEU B 243 15.57 10.97 -37.06
CA GLU B 244 14.33 12.68 -33.89
CA ASP B 245 14.38 16.11 -35.57
CA LEU B 246 12.49 15.38 -38.82
CA LEU B 247 9.70 13.46 -37.04
CA LEU B 248 8.75 16.11 -34.48
CA GLY B 249 8.51 19.22 -36.63
CA SER B 250 9.52 18.55 -40.26
CA GLU B 251 12.90 20.25 -39.75
CA ALA B 252 15.37 18.20 -41.83
CA ASN B 253 18.55 18.90 -43.79
CA LEU B 254 21.08 16.82 -45.74
CA THR B 255 24.73 17.92 -45.73
CA CYS B 256 27.20 17.40 -48.61
CA THR B 257 30.69 18.20 -47.33
CA LEU B 258 33.81 17.94 -49.52
CA THR B 259 36.77 17.17 -47.23
CA GLY B 260 39.77 15.79 -49.13
CA LEU B 261 41.68 17.06 -52.21
CA ARG B 262 44.65 19.56 -52.11
CA ASP B 263 44.82 23.44 -52.41
CA ALA B 264 42.90 26.65 -53.35
CA SER B 265 39.97 26.42 -55.77
CA GLY B 266 36.18 26.95 -55.65
CA ALA B 267 33.38 24.38 -55.75
CA THR B 268 29.90 24.64 -57.27
CA PHE B 269 26.90 22.37 -56.56
CA THR B 270 23.99 20.82 -58.47
CA TRP B 271 21.38 19.71 -55.90
CA THR B 272 18.19 17.99 -57.02
CA PRO B 273 14.75 19.31 -55.89
CA SER B 274 12.41 17.36 -53.60
CA SER B 275 8.87 16.10 -54.19
CA GLY B 276 7.57 19.60 -53.44
CA LYS B 277 9.83 21.10 -56.12
CA SER B 278 12.11 23.16 -53.86
CA ALA B 279 15.88 23.68 -54.00
CA VAL B 280 17.71 25.94 -51.51
CA GLN B 281 21.45 26.03 -50.80
CA GLY B 282 24.30 28.21 -49.52
CA PRO B 283 27.81 26.56 -49.42
CA PRO B 284 30.55 28.53 -47.55
CA GLU B 285 34.35 28.23 -47.22
CA ARG B 286 36.09 27.52 -43.91
CA ASP B 287 39.30 26.75 -42.04
CA LEU B 288 39.71 23.64 -39.84
CA CYS B 289 43.11 21.92 -40.46
CA GLY B 290 44.62 24.28 -43.06
CA CYS B 291 43.06 24.02 -46.57
CA TYR B 292 39.83 25.79 -47.79
CA SER B 293 36.47 23.99 -47.26
CA VAL B 294 33.12 24.01 -49.12
CA SER B 295 29.99 22.42 -47.53
CA SER B 296 26.31 22.76 -48.57
CA VAL B 297 23.03 21.96 -46.80
CA LEU B 298 19.74 21.26 -48.61
CA PRO B 299 16.74 21.78 -46.27
CA GLY B 300 14.15 19.10 -47.04
CA CYS B 301 10.66 18.20 -45.83
CA ALA B 302 9.35 15.10 -44.01
CA GLN B 303 7.10 13.70 -46.76
CA PRO B 304 9.85 13.11 -49.36
CA TRP B 305 11.98 11.25 -46.80
CA ASN B 306 8.98 9.18 -45.66
CA HIS B 307 8.00 8.33 -49.24
CA GLY B 308 11.59 7.86 -50.38
CA GLU B 309 13.05 10.39 -52.82
CA THR B 310 16.54 10.23 -54.36
CA PHE B 311 18.73 12.98 -52.87
CA THR B 312 21.84 13.30 -55.07
CA CYS B 313 24.69 15.85 -54.82
CA THR B 314 26.93 16.44 -57.85
CA ALA B 315 29.96 18.75 -57.70
CA ALA B 316 31.84 19.96 -60.80
CA HIS B 317 35.53 20.92 -60.64
CA PRO B 318 38.48 21.53 -63.02
CA GLU B 319 40.85 19.10 -61.31
CA LEU B 320 38.14 16.86 -59.90
CA LYS B 321 37.38 16.32 -63.58
CA THR B 322 34.87 13.52 -62.98
CA PRO B 323 32.12 15.32 -61.02
CA LEU B 324 31.56 12.99 -58.05
CA THR B 325 27.94 11.86 -57.86
CA ALA B 326 26.48 10.75 -54.52
CA ASN B 327 22.94 9.50 -53.87
CA ILE B 328 21.21 8.58 -50.59
CA THR B 329 17.74 7.19 -49.86
CA LYS B 330 16.07 4.99 -47.23
CA SER B 331 16.55 1.21 -47.12
CA GLY B 332 14.80 -2.13 -47.38
CA ASN B 333 11.24 -3.05 -48.33
CA THR B 334 8.07 -2.56 -46.24
CA PHE B 335 7.01 -5.05 -43.55
CA ARG B 336 3.81 -4.77 -41.48
CA PRO B 337 4.43 -4.37 -37.69
CA GLU B 338 2.82 -6.80 -35.26
CA VAL B 339 2.00 -5.22 -31.89
CA HIS B 340 1.74 -7.45 -28.81
CA LEU B 341 0.73 -5.66 -25.58
CA LEU B 342 2.09 -7.56 -22.57
CA PRO B 343 0.54 -7.32 -19.06
CA PRO B 344 2.60 -6.82 -15.86
CA PRO B 345 3.95 -10.01 -14.19
CA SER B 346 2.85 -11.60 -10.90
CA GLU B 347 5.87 -10.63 -8.78
CA GLU B 348 5.80 -7.05 -10.10
CA LEU B 349 2.49 -6.42 -8.35
CA ALA B 350 4.42 -6.46 -5.06
CA LEU B 351 5.81 -2.95 -5.65
CA ASN B 352 3.90 0.35 -5.31
CA GLU B 353 4.89 3.50 -7.22
CA LEU B 354 5.51 2.03 -10.70
CA VAL B 355 4.06 -0.69 -12.97
CA THR B 356 5.57 -1.55 -16.38
CA LEU B 357 3.28 -1.95 -19.41
CA THR B 358 5.21 -3.57 -22.27
CA CYS B 359 3.81 -3.46 -25.82
CA LEU B 360 6.17 -5.09 -28.32
CA ALA B 361 6.00 -4.36 -32.06
CA ARG B 362 8.14 -6.74 -34.12
CA GLY B 363 8.13 -7.62 -37.82
CA PHE B 364 8.73 -4.19 -39.36
CA SER B 365 10.98 -2.48 -41.91
CA PRO B 366 12.39 0.09 -42.17
CA LYS B 367 13.31 1.00 -38.58
CA ASP B 368 11.36 4.27 -38.76
CA VAL B 369 8.47 3.85 -36.31
CA LEU B 370 6.76 6.32 -33.96
CA VAL B 371 5.36 4.72 -30.79
CA ARG B 372 3.18 6.55 -28.23
CA TRP B 373 0.85 5.84 -25.29
CA LEU B 374 -2.56 7.12 -24.16
CA GLN B 375 -4.82 7.21 -21.09
CA GLY B 376 -8.28 5.65 -21.10
CA SER B 377 -10.05 7.58 -18.33
CA GLN B 378 -8.63 11.10 -18.73
CA GLU B 379 -8.52 10.55 -22.53
CA LEU B 380 -5.15 12.33 -22.60
CA PRO B 381 -1.71 11.07 -23.76
CA ARG B 382 0.76 9.63 -21.22
CA GLU B 383 4.04 11.21 -20.11
CA LYS B 384 6.23 8.52 -18.50
CA TYR B 385 7.49 6.08 -21.16
CA LEU B 386 10.70 5.18 -23.04
CA THR B 387 11.60 3.66 -26.42
CA TRP B 388 14.14 0.87 -27.08
CA ALA B 389 15.96 -0.09 -30.31
CA SER B 390 18.43 -2.46 -32.04
CA ARG B 391 18.99 -4.09 -35.46
CA GLN B 392 18.85 -7.80 -36.31
CA GLU B 393 21.56 -8.55 -38.88
CA PRO B 394 22.56 -12.25 -38.63
CA SER B 395 24.62 -14.29 -41.09
CA GLN B 396 21.55 -15.68 -42.88
CA GLY B 397 19.06 -13.94 -45.15
CA THR B 398 16.51 -12.72 -42.60
CA THR B 399 16.30 -9.15 -41.27
CA THR B 400 13.40 -7.31 -39.56
CA PHE B 401 13.52 -4.54 -36.92
CA ALA B 402 11.48 -4.67 -33.69
CA VAL B 403 10.75 -2.38 -30.73
CA THR B 404 9.72 -2.39 -27.06
CA SER B 405 7.75 0.23 -25.10
CA ILE B 406 7.53 0.71 -21.31
CA LEU B 407 4.74 2.73 -19.68
CA ARG B 408 5.26 3.11 -15.93
CA VAL B 409 1.94 3.90 -14.23
CA ALA B 410 0.70 3.47 -10.65
CA ALA B 411 -0.12 0.21 -8.87
CA GLU B 412 -3.53 1.33 -7.59
CA ASP B 413 -4.59 2.66 -11.01
CA TRP B 414 -3.86 -0.60 -12.85
CA LYS B 415 -6.35 -2.37 -10.57
CA LYS B 416 -9.17 0.17 -10.95
CA GLY B 417 -9.99 -1.02 -14.46
CA ASP B 418 -8.45 1.58 -16.77
CA THR B 419 -7.52 0.76 -20.38
CA PHE B 420 -4.10 1.78 -21.80
CA SER B 421 -3.37 2.31 -25.51
CA CYS B 422 -0.08 1.67 -27.37
CA MET B 423 -0.35 3.42 -30.75
CA VAL B 424 2.28 2.47 -33.34
CA GLY B 425 2.89 4.30 -36.61
CA HIS B 426 4.64 2.84 -39.65
CA GLU B 427 4.40 3.04 -43.45
CA ALA B 428 3.37 -0.60 -44.04
CA LEU B 429 0.37 -0.14 -41.73
CA PRO B 430 -3.19 0.03 -43.17
CA LEU B 431 -3.78 3.71 -42.33
CA ALA B 432 -0.18 4.43 -41.27
CA PHE B 433 -1.51 4.01 -37.73
CA THR B 434 -2.43 1.01 -35.56
CA GLN B 435 -3.48 0.77 -31.90
CA LYS B 436 -3.74 -2.15 -29.46
CA THR B 437 -4.92 -1.99 -25.83
CA ILE B 438 -4.34 -3.60 -22.43
CA ASP B 439 -6.90 -4.08 -19.64
CA ARG B 440 -6.90 -5.86 -16.26
CA LEU B 441 -10.38 -7.18 -17.10
CA ALA B 442 -9.62 -10.30 -19.12
CA GLY B 443 -12.52 -12.24 -20.59
CA LYS B 444 -11.62 -15.48 -22.33
CA PRO B 445 -13.46 -15.30 -25.69
CA THR B 446 -10.27 -14.84 -27.74
CA HIS B 447 -8.97 -11.25 -27.71
CA VAL B 448 -11.41 -8.55 -28.79
CA ASN B 449 -10.71 -4.86 -29.51
CA VAL B 450 -12.86 -1.86 -28.52
CA SER B 451 -15.75 -0.40 -30.55
CA VAL B 452 -15.74 2.63 -32.88
CA VAL B 453 -15.54 6.22 -31.60
CA MET B 454 -15.99 8.93 -34.25
CA ALA B 455 -17.45 8.67 -37.77
CA GLU B 456 -18.37 10.67 -40.88
CA VAL B 457 -15.46 13.03 -40.13
CA ASP B 458 -12.14 11.98 -41.67
CA GLY B 459 -10.99 15.45 -42.69
CA THR B 460 -11.65 15.77 -46.42
CA CYS B 461 -15.34 16.33 -45.64
CA TYR B 462 -15.34 18.85 -42.78
CA GLN C 1 -10.19 -70.31 86.58
CA VAL C 2 -10.77 -70.76 82.85
CA LYS C 3 -13.09 -73.76 82.35
CA LEU C 4 -11.87 -76.78 84.38
CA LEU C 5 -10.47 -78.94 81.58
CA GLU C 6 -9.88 -76.90 78.39
CA GLN C 7 -9.04 -79.10 75.38
CA SER C 8 -7.65 -78.26 71.93
CA GLY C 9 -9.18 -77.69 68.50
CA ALA C 10 -10.45 -79.78 65.58
CA GLU C 11 -7.47 -80.99 63.52
CA VAL C 12 -8.19 -81.93 59.91
CA LYS C 13 -5.91 -84.87 59.09
CA LYS C 14 -5.54 -86.65 55.76
CA PRO C 15 -5.98 -90.48 55.93
CA GLY C 16 -2.70 -92.01 57.06
CA ALA C 17 -1.52 -89.15 59.26
CA SER C 18 -1.06 -88.51 62.99
CA VAL C 19 -3.17 -86.56 65.52
CA LYS C 20 -2.30 -85.26 69.01
CA VAL C 21 -5.11 -83.81 71.14
CA SER C 22 -4.24 -82.16 74.48
CA CYS C 23 -6.19 -81.65 77.72
CA LYS C 24 -5.24 -78.70 79.94
CA ALA C 25 -6.34 -78.83 83.59
CA SER C 26 -6.81 -76.20 86.31
CA GLY C 27 -8.41 -75.37 89.64
CA TYR C 28 -7.54 -78.76 91.14
CA SER C 29 -4.41 -80.83 91.86
CA PHE C 30 -3.14 -82.61 88.72
CA THR C 31 -1.08 -85.36 90.39
CA SER C 32 -4.08 -86.55 92.43
CA TYR C 33 -6.61 -87.44 89.72
CA GLY C 34 -6.58 -89.49 86.51
CA LEU C 35 -7.91 -88.74 83.01
CA HIS C 36 -9.95 -90.98 80.68
CA TRP C 37 -10.49 -90.47 76.93
CA VAL C 38 -13.90 -91.06 75.33
CA ARG C 39 -15.04 -90.22 71.78
CA GLN C 40 -18.29 -90.26 69.75
CA ALA C 41 -18.93 -90.91 66.04
CA PRO C 42 -21.60 -88.75 64.30
CA GLY C 43 -24.86 -90.55 65.09
CA GLN C 44 -23.36 -93.28 67.29
CA ARG C 45 -22.74 -94.01 70.99
CA LEU C 46 -19.73 -92.97 73.11
CA GLU C 47 -16.72 -95.31 72.99
CA TRP C 48 -14.03 -95.49 75.68
CA MET C 49 -10.47 -95.24 74.34
CA GLY C 50 -8.25 -95.37 77.42
CA TRP C 51 -6.88 -93.89 80.64
CA ILE C 52 -3.65 -92.50 82.09
CA SER C 53 -2.65 -91.74 85.70
CA ALA C 54 -1.17 -88.29 86.26
CA GLY C 55 0.81 -89.48 89.28
CA THR C 56 2.87 -92.40 87.96
CA GLY C 57 2.12 -92.52 84.23
CA ASN C 58 0.57 -95.97 83.80
CA THR C 59 -1.29 -96.62 80.54
CA LYS C 60 -4.52 -98.65 80.32
CA TYR C 61 -6.24 -98.59 76.92
CA SER C 62 -8.72 -100.90 75.19
CA GLN C 63 -7.94 -103.79 72.81
CA LYS C 64 -9.73 -101.92 70.01
CA PHE C 65 -6.99 -99.40 69.18
CA ARG C 66 -4.18 -101.83 70.04
CA GLY C 67 -0.89 -100.77 68.48
CA ARG C 68 -1.78 -97.24 67.39
CA VAL C 69 -2.68 -95.32 70.56
CA THR C 70 -0.45 -93.58 73.10
CA PHE C 71 -0.91 -91.39 76.18
CA THR C 72 1.61 -88.84 77.51
CA ARG C 73 1.53 -86.31 80.36
CA ASP C 74 3.62 -83.26 81.29
CA THR C 75 3.90 -82.82 85.08
CA SER C 76 5.08 -79.19 85.19
CA ALA C 77 2.73 -78.08 82.39
CA THR C 78 -0.57 -79.56 83.66
CA THR C 79 -1.72 -80.97 80.29
CA ALA C 80 -2.60 -84.49 79.13
CA TYR C 81 -2.04 -85.89 75.62
CA MET C 82 -3.34 -88.55 73.22
CA GLY C 83 -1.84 -90.04 70.07
CA LEU C 84 -3.31 -92.04 67.18
CA SER C 85 -1.42 -93.11 64.04
CA SER C 86 -2.79 -94.52 60.76
CA LEU C 87 -6.03 -92.50 60.76
CA ARG C 88 -8.99 -93.76 58.72
CA PRO C 89 -12.21 -92.23 57.22
CA GLU C 90 -14.20 -93.81 60.07
CA ASP C 91 -12.35 -92.02 62.89
CA THR C 92 -14.43 -88.85 62.39
CA ALA C 93 -15.57 -88.34 65.99
CA VAL C 94 -15.69 -85.88 68.88
CA TYR C 95 -13.06 -86.76 71.50
CA TYR C 96 -13.33 -85.85 75.20
CA CYS C 97 -11.00 -86.08 78.21
CA ALA C 98 -12.89 -86.88 81.41
CA ARG C 99 -11.39 -86.88 84.91
CA ASP C 100 -10.96 -89.69 87.46
CA PRO C 101 -12.58 -88.87 90.87
CA TYR C 102 -10.66 -91.76 92.47
CA GLY C 103 -7.44 -92.36 90.54
CA GLY C 104 -8.08 -96.06 90.09
CA GLY C 105 -8.71 -96.33 86.36
CA LYS C 106 -12.24 -97.72 86.64
CA SER C 107 -15.10 -95.40 87.64
CA GLU C 108 -17.46 -92.60 86.54
CA PHE C 109 -16.75 -89.22 84.91
CA ASP C 110 -17.61 -86.01 86.78
CA TYR C 111 -15.84 -83.44 84.58
CA TRP C 112 -15.99 -83.39 80.77
CA GLY C 113 -14.26 -81.07 78.31
CA GLN C 114 -15.55 -79.22 75.25
CA GLY C 115 -14.59 -81.90 72.74
CA THR C 116 -12.39 -82.05 69.65
CA LEU C 117 -13.84 -83.06 66.27
CA VAL C 118 -11.06 -84.69 64.24
CA THR C 119 -12.30 -85.24 60.67
CA VAL C 120 -10.19 -87.53 58.50
CA SER C 121 -10.81 -86.85 54.80
CA SER C 122 -8.53 -86.49 51.75
CA ALA C 123 -10.73 -83.80 50.15
CA SER C 124 -9.16 -80.35 49.87
CA PRO C 125 -10.52 -78.39 52.88
CA THR C 126 -11.51 -74.76 52.29
CA SER C 127 -12.15 -71.67 54.44
CA PRO C 128 -15.80 -70.49 54.75
CA LYS C 129 -17.02 -67.31 53.06
CA VAL C 130 -19.20 -65.33 55.48
CA PHE C 131 -21.90 -63.12 53.92
CA PRO C 132 -24.17 -60.50 55.54
CA LEU C 133 -27.86 -61.38 55.29
CA SER C 134 -29.27 -57.88 55.76
CA LEU C 135 -32.83 -57.27 54.53
CA ASP C 136 -34.48 -54.66 52.30
CA SER C 137 -37.63 -53.98 54.36
CA THR C 138 -39.07 -57.43 53.55
CA PRO C 139 -40.13 -58.24 57.16
CA GLN C 140 -42.61 -56.31 59.31
CA ASP C 141 -42.74 -53.35 61.69
CA GLY C 142 -41.95 -54.56 65.20
CA ASN C 143 -38.84 -56.73 64.94
CA VAL C 144 -35.76 -56.73 62.70
CA VAL C 145 -34.28 -60.01 61.46
CA VAL C 146 -30.59 -60.07 60.53
CA ALA C 147 -28.22 -62.98 59.79
CA CYS C 148 -24.76 -64.12 58.67
CA LEU C 149 -24.48 -66.81 55.97
CA VAL C 150 -21.23 -68.77 56.39
CA GLN C 151 -20.96 -70.56 53.03
CA GLY C 152 -18.47 -73.14 51.73
CA PHE C 153 -16.42 -74.99 54.35
CA PHE C 154 -15.12 -78.54 54.55
CA PRO C 155 -15.41 -80.35 56.85
CA GLN C 156 -18.37 -79.29 59.02
CA GLU C 157 -16.48 -78.57 62.26
CA PRO C 158 -17.82 -77.14 65.57
CA LEU C 159 -18.62 -73.57 64.49
CA SER C 160 -18.71 -71.14 67.42
CA VAL C 161 -20.62 -67.94 66.65
CA THR C 162 -21.21 -65.05 69.07
CA TRP C 163 -23.00 -61.81 68.16
CA SER C 164 -22.09 -58.54 69.89
CA GLU C 165 -25.46 -57.62 71.42
CA SER C 166 -27.32 -59.66 74.06
CA GLY C 167 -30.32 -59.23 76.35
CA GLN C 168 -33.82 -60.50 77.08
CA ASN C 169 -35.90 -59.83 73.95
CA VAL C 170 -33.11 -60.90 71.58
CA THR C 171 -32.75 -64.46 70.27
CA ALA C 172 -29.87 -66.11 68.37
CA ARG C 173 -30.06 -69.51 66.66
CA ASN C 174 -27.17 -71.60 65.30
CA PHE C 175 -28.39 -73.48 62.20
CA PRO C 176 -27.10 -77.07 61.71
CA PRO C 177 -24.58 -77.87 58.90
CA SER C 178 -25.99 -79.17 55.60
CA GLN C 179 -24.39 -81.04 52.68
CA ASP C 180 -24.70 -80.44 48.92
CA ALA C 181 -24.02 -83.15 46.30
CA SER C 182 -21.86 -85.89 47.82
CA GLY C 183 -19.66 -84.06 50.32
CA ASP C 184 -18.22 -81.27 48.16
CA LEU C 185 -18.96 -78.48 50.67
CA TYR C 186 -20.87 -77.60 53.84
CA THR C 187 -22.88 -74.44 54.60
CA THR C 188 -24.32 -72.77 57.74
CA SER C 189 -25.88 -69.55 59.03
CA SER C 190 -26.33 -67.41 62.15
CA GLN C 191 -29.48 -65.38 62.78
CA LEU C 192 -30.38 -62.74 65.40
CA THR C 193 -34.00 -61.64 65.78
CA LEU C 194 -34.18 -58.42 67.81
CA PRO C 195 -36.83 -55.71 68.46
CA ALA C 196 -36.67 -52.59 66.30
CA THR C 197 -36.07 -50.45 69.40
CA GLN C 198 -32.63 -52.08 69.74
CA CYS C 199 -30.76 -51.51 66.44
CA PRO C 200 -30.31 -47.70 66.34
CA ASP C 201 -30.53 -45.84 63.00
CA GLY C 202 -26.97 -45.52 61.73
CA LYS C 203 -25.13 -48.44 63.38
CA SER C 204 -24.67 -52.20 62.88
CA VAL C 205 -24.17 -55.53 64.69
CA THR C 206 -21.07 -57.71 64.26
CA CYS C 207 -21.20 -61.52 63.98
CA HIS C 208 -18.07 -63.43 65.03
CA VAL C 209 -17.64 -66.86 63.42
CA LYS C 210 -14.88 -69.22 64.58
CA HIS C 211 -13.96 -72.49 62.85
CA TYR C 212 -11.21 -74.52 64.55
CA THR C 213 -8.48 -72.44 66.26
CA ASN C 214 -8.31 -70.37 63.07
CA PRO C 215 -8.54 -66.55 63.49
CA SER C 216 -12.08 -65.36 64.23
CA GLN C 217 -13.63 -63.75 61.13
CA ASP C 218 -15.59 -60.62 62.09
CA VAL C 219 -18.27 -59.11 59.82
CA THR C 220 -20.21 -55.85 60.22
CA VAL C 221 -23.90 -56.73 59.71
CA PRO C 222 -26.02 -53.54 59.27
CA CYS C 223 -29.72 -52.78 59.73
CA PRO C 224 -31.50 -49.09 59.72
CA VAL C 225 -31.99 -46.32 57.11
CA PRO C 226 -30.38 -42.67 56.56
CA PRO C 227 -32.38 -39.74 55.11
CA PRO C 228 -30.62 -37.19 52.63
CA PRO C 229 -29.71 -33.52 54.25
CA PRO C 230 -31.20 -30.60 52.29
CA CYS C 231 -30.32 -26.84 52.95
CA CYS C 232 -31.12 -23.98 50.53
CA HIS C 233 -29.65 -20.57 49.72
CA PRO C 234 -31.49 -17.33 48.40
CA ARG C 235 -31.32 -16.65 44.62
CA LEU C 236 -33.34 -16.75 41.34
CA SER C 237 -32.18 -17.49 37.79
CA LEU C 238 -33.80 -18.03 34.38
CA HIS C 239 -32.81 -20.60 31.75
CA ARG C 240 -33.23 -19.71 28.07
CA PRO C 241 -34.27 -22.59 25.76
CA ALA C 242 -31.77 -24.21 23.39
CA LEU C 243 -31.28 -22.83 19.88
CA GLU C 244 -30.99 -26.13 18.02
CA ASP C 245 -34.25 -27.43 19.50
CA LEU C 246 -36.59 -24.49 18.81
CA LEU C 247 -35.43 -24.09 15.19
CA LEU C 248 -35.96 -27.69 14.05
CA GLY C 249 -39.44 -28.41 15.37
CA SER C 250 -40.84 -25.52 17.43
CA GLU C 251 -40.20 -27.38 20.71
CA ALA C 252 -39.09 -24.70 23.17
CA ASN C 253 -39.39 -24.12 26.93
CA LEU C 254 -38.17 -21.47 29.39
CA THR C 255 -37.35 -22.62 32.94
CA CYS C 256 -37.72 -20.43 36.05
CA THR C 257 -35.87 -22.19 38.89
CA LEU C 258 -35.35 -20.74 42.38
CA THR C 259 -32.17 -22.38 43.67
CA GLY C 260 -31.55 -21.06 47.21
CA LEU C 261 -33.82 -19.84 50.05
CA ARG C 262 -34.31 -21.45 53.54
CA ASP C 263 -36.84 -24.33 54.22
CA ALA C 264 -40.53 -25.22 54.67
CA SER C 265 -42.90 -23.16 52.54
CA GLY C 266 -44.74 -23.35 49.19
CA ALA C 267 -44.18 -20.79 46.44
CA THR C 268 -46.50 -19.72 43.61
CA PHE C 269 -46.02 -18.37 40.05
CA THR C 270 -47.44 -15.76 37.67
CA TRP C 271 -46.31 -16.51 34.10
CA THR C 272 -47.23 -14.26 31.18
CA PRO C 273 -48.82 -15.71 27.99
CA SER C 274 -47.11 -15.68 24.59
CA SER C 275 -48.17 -14.06 21.31
CA GLY C 276 -50.56 -16.95 20.72
CA LYS C 277 -52.24 -16.36 24.10
CA SER C 278 -51.22 -19.61 25.83
CA ALA C 279 -50.01 -20.21 29.40
CA VAL C 280 -49.15 -23.70 30.69
CA GLN C 281 -47.16 -24.54 33.83
CA GLY C 282 -46.61 -27.26 36.44
CA PRO C 283 -43.98 -26.53 39.15
CA PRO C 284 -43.08 -29.60 41.29
CA GLU C 285 -41.06 -29.86 44.52
CA ARG C 286 -37.70 -31.69 44.48
CA ASP C 287 -35.24 -32.09 47.37
CA LEU C 288 -31.77 -30.58 46.79
CA CYS C 289 -29.15 -30.58 49.57
CA GLY C 290 -31.95 -31.34 52.00
CA CYS C 291 -33.91 -28.27 50.94
CA TYR C 292 -37.23 -28.18 48.86
CA SER C 293 -37.18 -26.83 45.25
CA VAL C 294 -39.85 -25.12 43.10
CA SER C 295 -39.08 -25.05 39.33
CA SER C 296 -41.66 -24.25 36.61
CA VAL C 297 -41.40 -24.60 32.81
CA LEU C 298 -43.42 -22.53 30.31
CA PRO C 299 -43.57 -24.26 26.88
CA GLY C 300 -43.45 -21.59 24.18
CA CYS C 301 -43.61 -21.48 20.38
CA ALA C 302 -40.98 -20.41 17.83
CA GLN C 303 -42.71 -17.29 16.45
CA PRO C 304 -42.76 -15.30 19.72
CA TRP C 305 -39.04 -15.95 20.24
CA ASN C 306 -38.25 -15.00 16.64
CA HIS C 307 -40.34 -11.81 16.84
CA GLY C 308 -39.26 -10.99 20.39
CA GLU C 309 -41.81 -11.26 23.19
CA THR C 310 -41.18 -10.43 26.86
CA PHE C 311 -41.14 -13.62 28.95
CA THR C 312 -41.40 -12.65 32.63
CA CYS C 313 -41.62 -14.84 35.77
CA THR C 314 -42.72 -13.59 39.21
CA ALA C 315 -42.34 -15.79 42.31
CA ALA C 316 -44.00 -14.38 45.45
CA HIS C 317 -43.63 -15.62 49.02
CA PRO C 318 -44.40 -14.43 52.57
CA GLU C 319 -40.75 -13.80 53.49
CA LEU C 320 -39.86 -13.02 49.90
CA LYS C 321 -42.11 -10.04 50.52
CA THR C 322 -40.88 -8.31 47.39
CA PRO C 323 -41.94 -10.63 44.51
CA LEU C 324 -38.82 -11.01 42.36
CA THR C 325 -39.51 -10.07 38.74
CA ALA C 326 -37.31 -11.49 35.97
CA ASN C 327 -37.62 -10.78 32.23
CA ILE C 328 -35.69 -12.22 29.27
CA THR C 329 -35.83 -11.40 25.54
CA LYS C 330 -33.51 -11.51 22.52
CA SER C 331 -30.65 -9.03 22.09
CA GLY C 332 -29.47 -6.22 19.83
CA ASN C 333 -31.03 -4.66 16.75
CA THR C 334 -31.33 -6.08 13.20
CA PHE C 335 -28.48 -6.12 10.66
CA ARG C 336 -28.76 -7.47 7.11
CA PRO C 337 -26.39 -10.43 6.36
CA GLU C 338 -23.99 -10.21 3.43
CA VAL C 339 -23.36 -13.65 1.91
CA HIS C 340 -20.10 -14.23 0.00
CA LEU C 341 -19.63 -17.64 -1.65
CA LEU C 342 -15.93 -18.56 -1.96
CA PRO C 343 -14.47 -20.95 -4.59
CA PRO C 344 -11.91 -23.70 -3.72
CA PRO C 345 -8.23 -22.62 -3.87
CA SER C 346 -5.62 -23.65 -6.44
CA GLU C 347 -3.67 -26.00 -4.16
CA GLU C 348 -6.88 -27.73 -3.04
CA LEU C 349 -7.55 -29.07 -6.54
CA ALA C 350 -4.70 -31.54 -5.90
CA LEU C 351 -6.88 -33.70 -3.63
CA ASN C 352 -9.56 -36.21 -4.71
CA GLU C 353 -12.42 -37.24 -2.39
CA LEU C 354 -13.29 -33.82 -0.92
CA VAL C 355 -13.57 -30.17 -2.05
CA THR C 356 -14.44 -27.29 0.31
CA LEU C 357 -17.08 -24.74 -0.73
CA THR C 358 -17.04 -21.80 1.70
CA CYS C 359 -19.89 -19.25 1.69
CA LEU C 360 -19.29 -16.60 4.36
CA ALA C 361 -22.16 -14.48 5.69
CA ARG C 362 -21.08 -11.61 7.94
CA GLY C 363 -22.63 -8.33 9.04
CA PHE C 364 -25.66 -9.73 10.88
CA SER C 365 -27.41 -9.46 14.24
CA PRO C 366 -28.67 -11.23 16.21
CA LYS C 367 -26.63 -14.45 15.96
CA ASP C 368 -29.74 -16.48 15.10
CA VAL C 369 -29.19 -17.63 11.51
CA LEU C 370 -30.02 -20.90 9.72
CA VAL C 371 -27.64 -21.90 6.91
CA ARG C 372 -28.21 -24.77 4.45
CA TRP C 373 -26.91 -26.08 1.11
CA LEU C 374 -28.49 -27.48 -2.06
CA GLN C 375 -27.60 -29.45 -5.21
CA GLY C 376 -28.12 -28.01 -8.68
CA SER C 377 -28.40 -31.16 -10.81
CA GLN C 378 -30.33 -33.53 -8.53
CA GLU C 379 -32.29 -30.52 -7.18
CA LEU C 380 -32.04 -32.04 -3.68
CA PRO C 381 -30.44 -30.61 -0.50
CA ARG C 382 -26.88 -31.56 0.49
CA GLU C 383 -25.82 -33.70 3.45
CA LYS C 384 -22.12 -33.07 4.17
CA TYR C 385 -21.62 -29.56 5.63
CA LEU C 386 -20.80 -27.84 8.94
CA THR C 387 -21.49 -24.55 10.77
CA TRP C 388 -19.22 -22.37 12.92
CA ALA C 389 -19.92 -19.75 15.63
CA SER C 390 -18.14 -16.94 17.53
CA ARG C 391 -19.14 -13.45 18.72
CA GLN C 392 -17.24 -10.24 17.90
CA GLU C 393 -17.04 -8.19 21.11
CA PRO C 394 -14.07 -5.76 21.03
CA SER C 395 -13.36 -2.79 23.32
CA GLN C 396 -14.86 -0.26 20.89
CA GLY C 397 -18.48 0.32 19.90
CA THR C 398 -18.83 -2.13 17.02
CA THR C 399 -20.43 -5.59 17.13
CA THR C 400 -21.78 -7.83 14.32
CA PHE C 401 -21.89 -11.64 14.14
CA ALA C 402 -20.50 -13.55 11.13
CA VAL C 403 -20.53 -17.20 9.99
CA THR C 404 -18.76 -19.70 7.74
CA SER C 405 -20.15 -22.73 5.88
CA ILE C 406 -18.17 -25.64 4.42
CA LEU C 407 -19.67 -28.01 1.82
CA ARG C 408 -17.40 -30.96 1.02
CA VAL C 409 -18.27 -32.42 -2.40
CA ALA C 410 -16.27 -34.51 -4.91
CA ALA C 411 -13.40 -33.31 -7.11
CA GLU C 412 -14.80 -34.73 -10.36
CA ASP C 413 -18.25 -33.21 -9.77
CA TRP C 414 -16.96 -29.66 -9.24
CA LYS C 415 -15.44 -29.76 -12.74
CA LYS C 416 -18.56 -31.05 -14.52
CA GLY C 417 -20.31 -27.69 -14.26
CA ASP C 418 -22.79 -28.12 -11.41
CA THR C 419 -24.13 -25.11 -9.47
CA PHE C 420 -24.18 -25.14 -5.63
CA SER C 421 -26.52 -22.99 -3.49
CA CYS C 422 -25.86 -21.56 0.01
CA MET C 423 -29.21 -20.44 1.43
CA VAL C 424 -29.09 -18.20 4.50
CA GLY C 425 -32.08 -17.25 6.66
CA HIS C 426 -32.23 -14.26 8.99
CA GLU C 427 -34.82 -11.73 10.20
CA ALA C 428 -33.27 -8.64 8.60
CA LEU C 429 -33.44 -10.32 5.18
CA PRO C 430 -35.98 -9.14 2.54
CA LEU C 431 -38.12 -12.31 2.66
CA ALA C 432 -36.37 -13.88 5.66
CA PHE C 433 -34.46 -15.90 3.06
CA THR C 434 -31.55 -15.18 0.72
CA GLN C 435 -29.59 -17.47 -1.64
CA LYS C 436 -26.27 -17.04 -3.48
CA THR C 437 -24.59 -19.55 -5.82
CA ILE C 438 -21.16 -20.81 -6.91
CA ASP C 439 -20.21 -22.17 -10.35
CA ARG C 440 -16.93 -23.24 -11.97
CA LEU C 441 -18.08 -21.41 -15.12
CA ALA C 442 -16.95 -17.86 -14.44
CA GLY C 443 -17.86 -15.19 -16.96
CA LYS C 444 -16.47 -11.72 -16.28
CA PRO C 445 -19.50 -9.37 -16.66
CA THR C 446 -19.77 -8.58 -12.94
CA HIS C 447 -21.47 -11.16 -10.70
CA VAL C 448 -24.86 -12.19 -12.09
CA ASN C 449 -27.46 -14.39 -10.38
CA VAL C 450 -29.73 -17.06 -11.91
CA SER C 451 -33.19 -16.47 -13.39
CA VAL C 452 -36.64 -17.05 -11.83
CA VAL C 453 -38.11 -20.52 -11.24
CA MET C 454 -41.73 -20.60 -10.01
CA ALA C 455 -44.37 -17.84 -10.17
CA GLU C 456 -47.99 -16.99 -9.31
CA VAL C 457 -47.78 -19.47 -6.42
CA ASP C 458 -46.67 -17.95 -3.11
CA GLY C 459 -49.08 -19.86 -0.87
CA THR C 460 -51.90 -17.44 -0.02
CA CYS C 461 -53.36 -18.05 -3.49
CA TYR C 462 -53.28 -21.83 -3.97
CA GLN D 1 -58.47 7.61 83.67
CA VAL D 2 -55.26 8.54 81.84
CA LYS D 3 -52.92 10.21 84.35
CA LEU D 4 -54.75 12.96 86.31
CA LEU D 5 -53.25 16.05 84.69
CA GLU D 6 -51.60 15.23 81.35
CA GLN D 7 -49.58 18.14 79.95
CA SER D 8 -48.06 18.78 76.50
CA GLY D 9 -44.60 18.33 74.97
CA ALA D 10 -41.29 20.19 74.87
CA GLU D 11 -41.54 23.00 72.32
CA VAL D 12 -38.24 24.28 70.90
CA LYS D 13 -38.67 28.02 70.34
CA LYS D 14 -36.17 30.45 68.85
CA PRO D 15 -35.42 33.55 71.02
CA GLY D 16 -38.17 36.11 70.44
CA ALA D 17 -41.01 33.67 69.78
CA SER D 18 -44.18 32.51 71.58
CA VAL D 19 -44.97 29.35 73.56
CA LYS D 20 -48.32 27.86 74.66
CA VAL D 21 -48.29 24.90 77.05
CA SER D 22 -51.58 23.14 77.87
CA CYS D 23 -52.79 21.14 80.89
CA LYS D 24 -55.51 18.52 80.35
CA ALA D 25 -57.47 17.36 83.40
CA SER D 26 -59.58 14.29 84.18
CA GLY D 27 -61.13 12.15 86.90
CA TYR D 28 -62.28 15.17 88.90
CA SER D 29 -64.54 18.20 88.42
CA PHE D 30 -62.78 20.99 86.49
CA THR D 31 -64.94 23.94 87.57
CA SER D 32 -64.31 23.21 91.27
CA TYR D 33 -60.50 23.44 91.51
CA GLY D 34 -57.83 25.92 90.41
CA LEU D 35 -54.48 25.41 88.64
CA HIS D 36 -51.08 26.95 89.45
CA TRP D 37 -48.03 27.07 87.14
CA VAL D 38 -44.52 26.40 88.49
CA ARG D 39 -41.27 25.91 86.53
CA GLN D 40 -37.63 24.93 87.25
CA ALA D 41 -34.37 26.00 85.58
CA PRO D 42 -31.67 23.30 85.10
CA GLY D 43 -29.85 23.25 88.41
CA GLN D 44 -32.04 25.82 90.18
CA ARG D 45 -35.07 25.94 92.51
CA LEU D 46 -38.77 25.93 91.53
CA GLU D 47 -40.29 29.33 90.73
CA TRP D 48 -44.02 30.11 90.88
CA MET D 49 -45.39 31.77 87.73
CA GLY D 50 -49.10 32.21 88.39
CA TRP D 51 -52.61 30.86 88.92
CA ILE D 52 -56.02 30.78 87.22
CA SER D 53 -59.45 29.80 88.55
CA ALA D 54 -61.37 27.32 86.37
CA GLY D 55 -64.71 28.60 87.64
CA THR D 56 -64.64 32.34 86.91
CA GLY D 57 -61.37 32.91 85.06
CA ASN D 58 -59.50 35.31 87.35
CA THR D 59 -55.76 35.74 86.71
CA LYS D 60 -53.19 36.11 89.50
CA TYR D 61 -49.55 36.02 88.34
CA SER D 62 -46.29 37.29 89.86
CA GLN D 63 -44.60 40.65 89.23
CA LYS D 64 -41.64 38.83 87.65
CA PHE D 65 -43.20 38.04 84.26
CA ARG D 66 -45.31 41.22 84.24
CA GLY D 67 -46.46 42.09 80.74
CA ARG D 68 -45.62 38.85 78.92
CA VAL D 69 -47.67 36.11 80.59
CA THR D 70 -51.28 35.06 80.04
CA PHE D 71 -53.60 32.28 81.24
CA THR D 72 -56.61 30.91 79.35
CA ARG D 73 -59.07 28.06 80.03
CA ASP D 74 -61.60 26.15 77.93
CA THR D 75 -64.65 25.08 79.96
CA SER D 76 -66.07 22.43 77.60
CA ALA D 77 -62.62 21.01 76.74
CA THR D 78 -61.18 20.57 80.25
CA THR D 79 -57.72 21.99 79.46
CA ALA D 80 -55.74 24.91 80.93
CA TYR D 81 -53.30 27.12 79.00
CA MET D 82 -50.25 29.36 79.52
CA GLY D 83 -48.67 31.99 77.28
CA LEU D 84 -45.26 33.70 77.28
CA SER D 85 -44.01 36.14 74.63
CA SER D 86 -40.46 37.46 74.04
CA LEU D 87 -38.65 34.25 75.07
CA ARG D 88 -35.01 34.47 76.17
CA PRO D 89 -32.04 32.03 76.46
CA GLU D 90 -32.60 31.90 80.23
CA ASP D 91 -36.18 30.56 80.07
CA THR D 92 -34.95 26.99 79.53
CA ALA D 93 -36.93 25.27 82.28
CA VAL D 94 -39.37 22.47 83.05
CA TYR D 95 -42.89 23.84 83.52
CA TYR D 96 -45.60 22.15 85.60
CA CYS D 97 -49.31 22.74 86.22
CA ALA D 98 -50.33 21.92 89.79
CA ARG D 99 -53.90 21.83 91.10
CA ASP D 100 -55.64 23.93 93.78
CA PRO D 101 -57.23 21.78 96.56
CA TYR D 102 -59.22 24.80 97.77
CA GLY D 103 -59.81 27.16 94.85
CA GLY D 104 -58.48 30.19 96.68
CA GLY D 105 -55.27 30.94 94.83
CA LYS D 106 -52.96 30.51 97.80
CA SER D 107 -52.19 27.01 99.12
CA GLU D 108 -50.26 23.76 98.53
CA PHE D 109 -50.03 21.49 95.47
CA ASP D 110 -51.35 17.91 95.68
CA TYR D 111 -51.28 16.94 92.00
CA TRP D 112 -48.36 17.64 89.64
CA GLY D 113 -48.03 16.92 85.92
CA GLN D 114 -45.20 15.37 83.89
CA GLY D 115 -43.57 18.67 82.97
CA THR D 116 -42.69 20.44 79.72
CA LEU D 117 -39.08 21.40 78.93
CA VAL D 118 -39.14 24.48 76.71
CA THR D 119 -35.61 25.17 75.44
CA VAL D 120 -35.02 28.57 73.84
CA SER D 121 -31.98 28.48 71.54
CA SER D 122 -31.28 29.83 68.03
CA ALA D 123 -29.07 26.85 67.10
CA SER D 124 -30.41 24.60 64.33
CA PRO D 125 -32.06 21.66 66.16
CA THR D 126 -31.54 18.19 64.69
CA SER D 127 -33.17 14.76 65.01
CA PRO D 128 -31.20 12.04 66.89
CA LYS D 129 -29.63 9.08 65.06
CA VAL D 130 -30.30 5.88 67.00
CA PHE D 131 -27.74 3.09 66.63
CA PRO D 132 -27.84 -0.54 67.83
CA LEU D 133 -25.10 -1.49 70.31
CA SER D 134 -24.91 -5.26 69.80
CA LEU D 135 -21.79 -7.22 70.83
CA ASP D 136 -19.65 -10.12 69.58
CA SER D 137 -17.80 -12.08 72.33
CA THR D 138 -17.13 -9.01 74.50
CA PRO D 139 -19.50 -9.97 77.34
CA GLN D 140 -18.97 -12.75 79.88
CA ASP D 141 -20.53 -16.21 79.75
CA GLY D 142 -23.75 -15.93 81.73
CA ASN D 143 -25.44 -12.65 80.79
CA VAL D 144 -26.11 -10.58 77.66
CA VAL D 145 -25.76 -6.79 77.53
CA VAL D 146 -27.45 -4.86 74.71
CA ALA D 147 -27.95 -1.11 74.17
CA CYS D 148 -29.21 1.68 71.89
CA LEU D 149 -26.99 4.71 71.24
CA VAL D 150 -29.13 7.76 70.43
CA GLN D 151 -26.55 10.17 68.97
CA GLY D 152 -26.81 13.80 67.84
CA PHE D 153 -29.81 15.75 69.11
CA PHE D 154 -30.27 19.39 70.12
CA PRO D 155 -31.49 20.33 72.61
CA GLN D 156 -31.33 17.63 75.31
CA GLU D 157 -35.08 17.16 75.88
CA PRO D 158 -36.87 14.62 78.13
CA LEU D 159 -36.10 11.39 76.26
CA SER D 160 -38.59 8.62 77.03
CA VAL D 161 -37.26 5.14 76.22
CA THR D 162 -39.11 1.85 76.77
CA TRP D 163 -37.75 -1.57 75.76
CA SER D 164 -40.12 -4.38 74.77
CA GLU D 165 -39.20 -7.02 77.38
CA SER D 166 -39.64 -6.61 81.15
CA GLY D 167 -39.45 -8.81 84.24
CA GLN D 168 -37.51 -9.42 87.45
CA ASN D 169 -33.93 -10.26 86.44
CA VAL D 170 -33.83 -7.59 83.71
CA THR D 171 -32.54 -4.05 84.30
CA ALA D 172 -32.76 -0.94 82.11
CA ARG D 173 -30.85 2.30 82.73
CA ASN D 174 -31.41 5.70 81.07
CA PHE D 175 -28.02 7.44 80.74
CA PRO D 176 -27.96 11.25 81.32
CA PRO D 177 -27.40 13.66 78.36
CA SER D 178 -23.83 14.87 77.73
CA GLN D 179 -22.43 17.83 75.76
CA ASP D 180 -19.53 17.97 73.27
CA ALA D 181 -17.62 21.17 72.47
CA SER D 182 -19.75 24.21 73.40
CA GLY D 183 -23.31 23.06 72.79
CA ASP D 184 -23.08 21.74 69.22
CA LEU D 185 -24.88 18.46 69.95
CA TYR D 186 -26.12 16.15 72.74
CA THR D 187 -25.86 12.34 72.97
CA THR D 188 -27.49 9.59 75.07
CA SER D 189 -27.92 5.82 75.34
CA SER D 190 -30.27 3.09 76.59
CA GLN D 191 -29.01 -0.22 77.98
CA LEU D 192 -30.73 -3.47 78.95
CA THR D 193 -28.78 -6.08 80.90
CA LEU D 194 -30.71 -9.37 80.75
CA PRO D 195 -29.98 -13.06 81.49
CA ALA D 196 -29.04 -15.29 78.55
CA THR D 197 -31.99 -17.59 79.27
CA GLN D 198 -34.29 -14.72 78.20
CA CYS D 199 -33.52 -13.50 74.65
CA PRO D 200 -34.18 -16.49 72.35
CA ASP D 201 -31.65 -17.54 69.66
CA GLY D 202 -32.73 -15.97 66.38
CA LYS D 203 -34.84 -12.99 67.54
CA SER D 204 -34.21 -9.49 68.90
CA VAL D 205 -35.45 -6.80 71.32
CA THR D 206 -36.81 -3.42 70.16
CA CYS D 207 -35.88 -0.12 71.87
CA HIS D 208 -38.42 2.71 71.52
CA VAL D 209 -36.98 6.22 71.82
CA LYS D 210 -39.28 9.25 71.99
CA HIS D 211 -38.09 12.87 71.86
CA TYR D 212 -40.85 15.50 72.21
CA THR D 213 -44.21 14.54 70.66
CA ASN D 214 -42.28 13.51 67.55
CA PRO D 215 -43.03 9.99 66.17
CA SER D 216 -41.45 7.22 68.24
CA GLN D 217 -38.39 5.82 66.46
CA ASP D 218 -38.33 2.02 66.81
CA VAL D 219 -35.12 0.02 66.29
CA THR D 220 -34.71 -3.77 66.15
CA VAL D 221 -31.81 -4.42 68.55
CA PRO D 222 -30.56 -8.01 68.02
CA CYS D 223 -28.96 -10.41 70.47
CA PRO D 224 -28.14 -14.37 69.76
CA VAL D 225 -26.13 -16.30 67.13
CA PRO D 226 -27.13 -18.66 64.01
CA PRO D 227 -25.02 -21.67 62.95
CA PRO D 228 -24.55 -22.50 59.10
CA PRO D 229 -26.73 -25.70 57.73
CA PRO D 230 -24.58 -28.37 56.05
CA CYS D 231 -26.02 -31.43 54.06
CA CYS D 232 -23.96 -33.63 51.69
CA HIS D 233 -24.63 -35.75 48.62
CA PRO D 234 -22.75 -38.95 47.36
CA ARG D 235 -20.46 -37.91 44.43
CA LEU D 236 -17.01 -36.74 43.15
CA SER D 237 -16.14 -34.78 39.96
CA LEU D 238 -12.98 -33.47 38.27
CA HIS D 239 -12.61 -30.05 36.63
CA ARG D 240 -10.25 -29.77 33.64
CA PRO D 241 -8.28 -26.49 33.40
CA ALA D 242 -9.25 -23.83 30.84
CA LEU D 243 -7.72 -23.89 27.35
CA GLU D 244 -7.18 -20.15 26.90
CA ASP D 245 -5.29 -19.89 30.20
CA LEU D 246 -2.76 -22.74 29.83
CA LEU D 247 -1.81 -21.75 26.27
CA LEU D 248 -0.95 -18.10 26.92
CA GLY D 249 1.26 -18.37 30.01
CA SER D 250 1.50 -21.95 31.30
CA GLU D 251 -0.90 -21.19 34.17
CA ALA D 252 -2.99 -24.35 34.60
CA ASN D 253 -4.67 -26.17 37.48
CA LEU D 254 -6.88 -29.26 37.85
CA THR D 255 -9.54 -29.26 40.59
CA CYS D 256 -10.75 -32.36 42.48
CA THR D 257 -13.88 -31.39 44.45
CA LEU D 258 -15.80 -33.87 46.63
CA THR D 259 -19.44 -32.73 46.74
CA GLY D 260 -21.80 -35.51 47.89
CA LEU D 261 -21.77 -37.79 50.96
CA ARG D 262 -23.35 -36.93 54.40
CA ASP D 263 -21.89 -35.28 57.62
CA ALA D 264 -18.69 -34.21 59.47
CA SER D 265 -15.39 -35.94 58.65
CA GLY D 266 -12.04 -35.00 57.08
CA ALA D 267 -10.63 -35.94 53.67
CA THR D 268 -7.02 -36.59 52.63
CA PHE D 269 -5.62 -36.65 49.07
CA THR D 270 -3.05 -38.60 47.05
CA TRP D 271 -2.23 -36.56 43.93
CA THR D 272 0.21 -37.88 41.34
CA PRO D 273 3.20 -35.73 40.21
CA SER D 274 3.57 -34.39 36.66
CA SER D 275 6.30 -34.98 34.07
CA GLY D 276 8.46 -32.41 35.85
CA LYS D 277 8.14 -34.30 39.16
CA SER D 278 6.16 -31.69 41.11
CA ALA D 279 3.22 -32.12 43.51
CA VAL D 280 1.63 -29.16 45.31
CA GLN D 281 -1.77 -29.08 47.05
CA GLY D 282 -3.81 -27.33 49.74
CA PRO D 283 -7.44 -28.59 50.23
CA PRO D 284 -9.70 -26.44 52.50
CA GLU D 285 -13.14 -26.89 54.10
CA ARG D 286 -16.12 -24.67 53.24
CA ASP D 287 -19.82 -23.94 53.63
CA LEU D 288 -22.19 -23.66 50.63
CA CYS D 289 -25.49 -25.55 51.26
CA GLY D 290 -24.89 -26.83 54.81
CA CYS D 291 -22.37 -29.73 55.06
CA TYR D 292 -18.50 -29.41 55.22
CA SER D 293 -16.55 -29.33 51.90
CA VAL D 294 -13.02 -30.41 50.87
CA SER D 295 -11.58 -29.36 47.45
CA SER D 296 -7.96 -29.52 46.20
CA VAL D 297 -6.15 -27.91 43.26
CA LEU D 298 -2.97 -29.31 41.66
CA PRO D 299 -1.10 -26.59 39.67
CA GLY D 300 0.33 -28.18 36.55
CA CYS D 301 2.48 -27.06 33.61
CA ALA D 302 1.72 -26.84 29.88
CA GLN D 303 4.11 -29.55 28.62
CA PRO D 304 2.52 -32.48 30.51
CA TRP D 305 -0.94 -31.53 29.22
CA ASN D 306 0.36 -31.13 25.66
CA HIS D 307 2.20 -34.46 25.79
CA GLY D 308 -0.59 -36.23 27.68
CA GLU D 309 0.07 -37.27 31.28
CA THR D 310 -2.37 -39.21 33.49
CA PHE D 311 -3.71 -36.89 36.24
CA THR D 312 -5.39 -39.09 38.88
CA CYS D 313 -6.92 -38.04 42.23
CA THR D 314 -7.45 -40.69 44.93
CA ALA D 315 -9.18 -39.88 48.23
CA ALA D 316 -9.14 -42.21 51.25
CA HIS D 317 -11.95 -42.17 53.85
CA PRO D 318 -13.31 -44.35 56.69
CA GLU D 319 -16.89 -44.45 55.41
CA LEU D 320 -15.98 -43.93 51.76
CA LYS D 321 -14.19 -47.23 52.27
CA THR D 322 -13.36 -47.74 48.58
CA PRO D 323 -11.09 -44.74 47.86
CA LEU D 324 -12.61 -43.27 44.71
CA THR D 325 -10.06 -43.12 41.88
CA ALA D 326 -10.50 -40.59 39.07
CA ASN D 327 -8.24 -40.11 36.04
CA ILE D 328 -8.36 -37.51 33.25
CA THR D 329 -6.23 -37.05 30.13
CA LYS D 330 -6.65 -35.62 26.61
CA SER D 331 -8.55 -37.47 23.87
CA GLY D 332 -8.26 -39.10 20.46
CA ASN D 333 -5.25 -39.83 18.26
CA THR D 334 -3.16 -37.31 16.27
CA PHE D 335 -4.23 -36.08 12.81
CA ARG D 336 -2.19 -33.69 10.65
CA PRO D 337 -3.97 -30.34 9.92
CA GLU D 338 -4.45 -29.22 6.31
CA VAL D 339 -4.41 -25.43 5.92
CA HIS D 340 -6.20 -23.86 2.93
CA LEU D 341 -5.86 -20.06 2.63
CA LEU D 342 -8.87 -18.64 0.77
CA PRO D 343 -8.76 -15.29 -1.10
CA PRO D 344 -11.52 -12.61 -0.79
CA PRO D 345 -14.50 -12.97 -3.20
CA SER D 346 -15.41 -10.78 -6.17
CA GLU D 347 -18.37 -8.94 -4.63
CA GLU D 348 -16.46 -8.28 -1.40
CA LEU D 349 -14.06 -5.96 -3.25
CA ALA D 350 -16.94 -3.47 -3.47
CA LEU D 351 -16.55 -2.45 0.19
CA ASN D 352 -13.79 -0.23 1.64
CA GLU D 353 -12.69 -0.45 5.30
CA LEU D 354 -12.50 -4.25 5.73
CA VAL D 355 -11.47 -7.32 3.68
CA THR D 356 -11.80 -10.89 5.01
CA LEU D 357 -8.89 -13.33 4.62
CA THR D 358 -10.08 -16.88 5.38
CA CYS D 359 -7.53 -19.65 6.02
CA LEU D 360 -9.22 -22.95 6.87
CA ALA D 361 -7.39 -25.76 8.69
CA ARG D 362 -9.35 -29.03 8.68
CA GLY D 363 -8.31 -32.62 9.33
CA PHE D 364 -6.91 -32.34 12.86
CA SER D 365 -7.21 -34.00 16.27
CA PRO D 366 -7.30 -33.17 19.09
CA LYS D 367 -9.08 -29.79 18.97
CA ASP D 368 -6.11 -28.02 20.58
CA VAL D 369 -4.74 -25.71 17.89
CA LEU D 370 -3.21 -22.21 18.08
CA VAL D 371 -3.84 -20.08 14.98
CA ARG D 372 -2.25 -16.65 14.37
CA TRP D 373 -1.66 -14.13 11.56
CA LEU D 374 1.30 -12.02 10.39
CA GLN D 375 2.10 -9.00 8.19
CA GLY D 376 4.42 -9.26 5.21
CA SER D 377 5.63 -5.67 4.81
CA GLN D 378 5.94 -4.47 8.41
CA GLU D 379 7.05 -8.01 9.42
CA LEU D 380 4.91 -7.70 12.56
CA PRO D 381 1.95 -9.84 13.76
CA ARG D 382 -1.62 -8.77 12.99
CA GLU D 383 -4.21 -7.52 15.51
CA LYS D 384 -7.70 -7.82 13.96
CA TYR D 385 -8.70 -11.49 13.66
CA LEU D 386 -11.06 -14.03 15.29
CA THR D 387 -11.14 -17.82 15.79
CA TRP D 388 -14.12 -20.15 15.16
CA ALA D 389 -14.83 -23.67 16.51
CA SER D 390 -17.16 -26.69 16.55
CA ARG D 391 -16.99 -30.51 16.81
CA GLN D 392 -17.99 -33.05 14.14
CA GLU D 393 -19.60 -36.03 15.88
CA PRO D 394 -21.96 -37.80 13.42
CA SER D 395 -23.58 -41.23 13.78
CA GLN D 396 -20.85 -42.98 11.77
CA GLY D 397 -17.23 -43.69 12.66
CA THR D 398 -15.56 -40.52 11.37
CA THR D 399 -14.50 -37.58 13.58
CA THR D 400 -11.98 -34.75 12.91
CA PHE D 401 -12.00 -31.15 14.17
CA ALA D 402 -11.54 -28.15 11.84
CA VAL D 403 -11.14 -24.36 12.20
CA THR D 404 -11.65 -21.06 10.34
CA SER D 405 -9.71 -17.79 10.67
CA ILE D 406 -10.75 -14.29 9.56
CA LEU D 407 -8.22 -11.47 9.12
CA ARG D 408 -9.92 -8.15 8.33
CA VAL D 409 -7.44 -5.81 6.62
CA ALA D 410 -7.89 -2.76 4.37
CA ALA D 411 -9.13 -2.73 0.76
CA GLU D 412 -6.29 -0.56 -0.57
CA ASP D 413 -3.61 -2.67 1.14
CA TRP D 414 -4.79 -5.98 -0.36
CA LYS D 415 -4.22 -4.52 -3.84
CA LYS D 416 -0.71 -3.16 -3.17
CA GLY D 417 0.84 -6.63 -3.26
CA ASP D 418 1.39 -7.54 0.40
CA THR D 419 1.64 -11.18 1.53
CA PHE D 420 -0.34 -12.40 4.59
CA SER D 421 0.64 -15.44 6.72
CA CYS D 422 -1.70 -17.84 8.59
CA MET D 423 0.48 -19.82 11.03
CA VAL D 424 -1.15 -22.90 12.56
CA GLY D 425 0.25 -24.88 15.48
CA HIS D 426 -0.65 -28.47 16.34
CA GLU D 427 1.05 -31.59 17.73
CA ALA D 428 0.74 -33.75 14.59
CA LEU D 429 2.59 -31.07 12.58
CA PRO D 430 6.19 -31.68 11.39
CA LEU D 431 7.80 -29.06 13.66
CA ALA D 432 4.65 -28.33 15.69
CA PHE D 433 4.28 -25.32 13.40
CA THR D 434 3.09 -24.82 9.81
CA GLN D 435 2.52 -21.64 7.77
CA LYS D 436 0.71 -20.96 4.48
CA THR D 437 0.41 -17.61 2.69
CA ILE D 438 -1.98 -15.57 0.51
CA ASP D 439 -1.04 -13.04 -2.18
CA ARG D 440 -2.98 -11.03 -4.79
CA LEU D 441 -0.23 -11.87 -7.30
CA ALA D 442 -1.32 -15.27 -8.61
CA GLY D 443 0.93 -17.04 -11.08
CA LYS D 444 -0.44 -20.28 -12.51
CA PRO D 445 2.45 -22.78 -12.12
CA THR D 446 0.70 -24.79 -9.38
CA HIS D 447 0.96 -23.18 -5.93
CA VAL D 448 4.47 -22.38 -4.69
CA ASN D 449 5.57 -21.30 -1.20
CA VAL D 450 8.16 -18.63 -0.32
CA SER D 451 11.92 -19.20 0.07
CA VAL D 452 13.94 -19.69 3.26
CA VAL D 453 14.69 -16.85 5.70
CA MET D 454 17.10 -17.71 8.54
CA ALA D 455 19.54 -20.63 8.85
CA GLU D 456 22.25 -22.16 11.05
CA VAL D 457 20.42 -20.78 14.12
CA ASP D 458 17.78 -23.13 15.55
CA GLY D 459 18.54 -22.46 19.22
CA THR D 460 20.61 -25.39 20.47
CA CYS D 461 23.64 -23.88 18.73
CA TYR D 462 23.54 -20.19 19.67
CA PRO E 1 -31.25 -12.02 -21.50
CA ARG E 2 -30.31 -11.36 -17.93
CA SER E 3 -29.82 -8.14 -16.08
CA PRO E 4 -30.51 -6.54 -12.79
CA THR E 5 -34.22 -6.53 -12.12
CA VAL E 6 -33.91 -3.46 -9.98
CA VAL E 7 -31.15 -0.95 -9.59
CA LYS E 8 -31.09 1.71 -6.94
CA GLY E 9 -28.87 4.72 -6.83
CA VAL E 10 -28.94 8.10 -5.31
CA ALA E 11 -28.84 11.63 -6.70
CA GLY E 12 -25.72 12.70 -8.58
CA SER E 13 -24.06 9.28 -8.45
CA SER E 14 -23.30 7.26 -11.58
CA VAL E 15 -24.65 3.82 -12.30
CA ALA E 16 -23.79 1.00 -14.61
CA VAL E 17 -26.11 -1.69 -15.83
CA LEU E 18 -24.87 -4.93 -17.33
CA CYS E 19 -26.99 -7.27 -19.46
CA PRO E 20 -25.97 -10.68 -20.79
CA TYR E 21 -26.80 -12.25 -24.23
CA ASN E 22 -26.21 -15.15 -26.80
CA ARG E 23 -24.36 -15.81 -30.11
CA LYS E 24 -26.60 -14.34 -32.77
CA GLU E 25 -26.95 -11.64 -30.25
CA SER E 26 -23.24 -10.86 -30.31
CA LYS E 27 -23.69 -9.26 -33.72
CA SER E 28 -27.10 -7.67 -33.24
CA ILE E 29 -27.79 -4.12 -32.13
CA LYS E 30 -27.91 -3.50 -28.41
CA TYR E 31 -30.15 -0.89 -26.96
CA TRP E 32 -31.34 0.77 -23.77
CA CYS E 33 -34.88 2.16 -23.64
CA LEU E 34 -37.31 3.75 -21.25
CA TRP E 35 -40.75 2.21 -21.06
CA GLU E 36 -43.65 4.41 -22.06
CA GLY E 37 -47.10 4.07 -20.58
CA ALA E 38 -49.99 3.68 -22.98
CA GLN E 39 -52.15 0.99 -24.41
CA ASN E 40 -49.61 0.98 -27.17
CA GLY E 41 -46.41 2.52 -26.03
CA ARG E 42 -42.90 2.20 -27.24
CA CYS E 43 -39.78 2.30 -25.20
CA PRO E 44 -37.88 5.22 -26.46
CA LEU E 45 -34.41 4.35 -27.68
CA LEU E 46 -32.22 6.09 -25.14
CA VAL E 47 -28.87 4.81 -26.44
CA ASP E 48 -27.90 2.16 -28.98
CA SER E 49 -24.86 0.18 -30.11
CA GLU E 50 -25.52 1.65 -33.53
CA GLY E 51 -24.06 4.98 -32.64
CA TRP E 52 -27.29 6.66 -31.70
CA VAL E 53 -27.53 8.55 -28.45
CA LYS E 54 -30.55 10.50 -27.25
CA ALA E 55 -30.22 14.16 -26.49
CA GLN E 56 -30.95 13.68 -22.83
CA TYR E 57 -28.26 11.03 -22.59
CA GLU E 58 -25.69 12.54 -24.94
CA GLY E 59 -22.47 12.93 -23.01
CA ARG E 60 -24.16 11.71 -19.85
CA LEU E 61 -24.22 8.02 -20.71
CA SER E 62 -22.38 5.34 -22.61
CA LEU E 63 -23.18 1.88 -23.96
CA LEU E 64 -20.37 -0.60 -24.46
CA GLU E 65 -20.60 -4.09 -25.84
CA GLU E 66 -18.11 -6.83 -25.18
CA PRO E 67 -19.02 -9.84 -27.18
CA GLY E 68 -16.61 -12.30 -25.65
CA ASN E 69 -18.16 -11.78 -22.27
CA GLY E 70 -21.60 -11.68 -23.75
CA THR E 71 -22.40 -8.46 -22.04
CA PHE E 72 -22.93 -4.82 -22.78
CA THR E 73 -22.85 -2.12 -20.19
CA VAL E 74 -24.77 1.09 -20.00
CA ILE E 75 -23.14 3.68 -17.85
CA LEU E 76 -25.15 6.68 -16.81
CA ASN E 77 -23.89 9.65 -14.87
CA GLN E 78 -25.54 12.59 -13.17
CA LEU E 79 -28.54 10.57 -12.16
CA THR E 80 -31.44 12.89 -11.51
CA SER E 81 -34.98 12.57 -10.28
CA ARG E 82 -36.06 12.21 -13.88
CA ASP E 83 -34.08 8.99 -14.19
CA ALA E 84 -36.23 6.87 -11.91
CA GLY E 85 -38.42 4.68 -14.04
CA PHE E 86 -38.63 1.50 -16.07
CA TYR E 87 -36.10 0.68 -18.72
CA TRP E 88 -35.24 -2.21 -20.98
CA CYS E 89 -31.96 -3.52 -22.33
CA LEU E 90 -32.41 -5.64 -25.38
CA THR E 91 -31.01 -6.87 -28.68
CA ASN E 92 -32.26 -6.08 -32.19
CA GLY E 93 -35.50 -4.17 -32.58
CA ASP E 94 -37.30 -2.77 -29.55
CA THR E 95 -40.61 -4.34 -30.53
CA LEU E 96 -39.22 -7.86 -30.61
CA TRP E 97 -39.18 -7.84 -26.83
CA ARG E 98 -36.04 -9.92 -26.59
CA THR E 99 -35.09 -7.67 -23.71
CA THR E 100 -34.99 -7.62 -19.96
CA VAL E 101 -36.87 -5.10 -17.90
CA GLU E 102 -34.95 -3.09 -15.38
CA ILE E 103 -36.40 -0.79 -12.78
CA LYS E 104 -34.23 2.08 -11.76
CA ILE E 105 -34.95 4.07 -8.66
CA ILE E 106 -32.92 7.18 -8.11
CA GLU F 1 60.90 4.24 -121.62
CA LEU F 2 64.60 4.92 -121.00
CA VAL F 3 66.00 2.76 -118.18
CA MET F 4 68.25 4.33 -115.53
CA THR F 5 70.37 1.93 -113.44
CA GLN F 6 72.31 3.14 -110.39
CA SER F 7 74.94 1.27 -108.36
CA PRO F 8 75.63 0.12 -105.74
CA SER F 9 72.37 -0.64 -103.92
CA SER F 10 73.84 0.37 -100.54
CA LEU F 11 76.90 2.31 -99.35
CA SER F 12 78.90 2.04 -96.12
CA ALA F 13 81.58 4.60 -95.24
CA SER F 14 82.93 6.57 -92.27
CA VAL F 15 83.03 10.37 -91.99
CA GLY F 16 85.62 11.73 -94.42
CA ASP F 17 85.70 9.08 -97.16
CA ARG F 18 84.96 10.04 -100.76
CA VAL F 19 82.00 8.02 -102.10
CA ASN F 20 81.20 7.46 -105.79
CA ILE F 21 77.62 7.01 -107.07
CA ALA F 22 77.04 5.95 -110.70
CA CYS F 23 74.00 6.54 -112.95
CA ARG F 24 74.07 4.85 -116.36
CA ALA F 25 71.38 5.08 -119.07
CA SER F 26 70.08 2.84 -121.87
CA GLN F 27 71.12 5.36 -124.55
CA GLY F 28 72.85 8.74 -124.82
CA ILE F 29 70.98 11.66 -123.23
CA SER F 30 73.77 14.26 -123.53
CA SER F 31 73.97 16.62 -120.52
CA ALA F 32 70.42 15.99 -119.27
CA LEU F 33 70.58 14.56 -115.73
CA ALA F 34 69.61 15.73 -112.22
CA TRP F 35 70.65 14.45 -108.78
CA TYR F 36 68.43 14.48 -105.69
CA GLN F 37 68.58 14.12 -101.89
CA GLN F 38 65.69 12.48 -100.07
CA LYS F 39 65.96 12.47 -96.27
CA PRO F 40 63.75 9.58 -95.03
CA GLY F 41 60.26 10.95 -94.46
CA LYS F 42 60.78 14.09 -96.56
CA ALA F 43 60.44 15.44 -100.10
CA PRO F 44 63.43 15.22 -102.51
CA ARG F 45 65.89 18.11 -102.80
CA LEU F 46 67.63 19.22 -106.00
CA LEU F 47 71.42 19.03 -105.77
CA ILE F 48 72.83 19.16 -109.30
CA TYR F 49 71.33 20.12 -112.66
CA ASP F 50 72.62 20.07 -116.27
CA ALA F 51 75.17 17.42 -115.18
CA SER F 52 77.69 19.53 -113.22
CA ASN F 53 76.06 22.82 -112.14
CA LEU F 54 75.25 23.18 -108.43
CA GLU F 55 72.17 24.87 -106.94
CA SER F 56 72.41 27.96 -104.72
CA GLY F 57 72.68 26.74 -101.14
CA VAL F 58 73.97 23.22 -101.79
CA PRO F 59 77.37 22.65 -100.11
CA SER F 60 80.61 23.08 -102.07
CA ARG F 61 81.55 19.43 -101.42
CA PHE F 62 78.88 18.05 -103.78
CA SER F 63 79.69 17.72 -107.52
CA GLY F 64 79.98 15.36 -110.48
CA SER F 65 80.38 14.97 -114.26
CA GLY F 66 79.79 12.65 -117.23
CA SER F 67 78.76 13.02 -120.89
CA GLY F 68 76.27 10.73 -122.60
CA THR F 69 76.04 7.33 -120.91
CA ASP F 70 78.27 7.14 -117.82
CA PHE F 71 77.52 9.56 -114.95
CA THR F 72 78.87 9.99 -111.40
CA LEU F 73 78.02 11.75 -108.12
CA THR F 74 80.92 12.61 -105.80
CA ILE F 75 81.30 13.81 -102.17
CA SER F 76 84.82 14.85 -101.07
CA SER F 77 84.03 14.95 -97.33
CA LEU F 78 81.25 12.72 -96.01
CA GLN F 79 79.40 14.21 -93.03
CA PRO F 80 76.68 12.71 -90.77
CA GLU F 81 74.08 15.07 -92.25
CA ASP F 82 74.30 13.31 -95.64
CA PHE F 83 72.03 10.39 -94.68
CA ALA F 84 69.62 10.22 -97.63
CA ILE F 85 68.59 8.07 -100.61
CA TYR F 86 69.92 9.76 -103.76
CA TYR F 87 68.26 9.58 -107.20
CA CYS F 88 69.05 10.57 -110.80
CA GLN F 89 66.45 11.26 -113.49
CA GLN F 90 66.73 12.28 -117.14
CA PHE F 91 65.05 15.01 -119.18
CA ASN F 92 65.69 14.48 -122.90
CA SER F 93 62.49 12.61 -123.86
CA TYR F 94 59.23 11.28 -122.40
CA PRO F 95 58.36 9.91 -119.99
CA LEU F 96 60.86 11.20 -117.42
CA THR F 97 62.34 8.32 -115.42
CA PHE F 98 64.16 8.01 -112.07
CA GLY F 99 67.04 5.91 -110.77
CA GLY F 100 66.85 2.93 -108.43
CA GLY F 101 68.14 4.87 -105.45
CA THR F 102 71.46 4.58 -103.61
CA LYS F 103 71.13 4.71 -99.81
CA VAL F 104 74.08 6.12 -97.84
CA GLU F 105 74.66 4.61 -94.40
CA ILE F 106 77.17 6.37 -92.11
CA LYS F 107 79.91 4.58 -90.13
CA ARG F 108 81.16 5.25 -86.60
CA THR F 109 82.18 3.53 -83.34
CA VAL F 110 80.07 1.23 -81.15
CA ALA F 111 77.61 2.74 -78.67
CA ALA F 112 75.92 1.19 -75.63
CA PRO F 113 72.12 1.79 -75.54
CA SER F 114 70.31 2.83 -72.35
CA VAL F 115 67.41 0.36 -72.06
CA PHE F 116 64.09 1.51 -70.57
CA ILE F 117 60.65 -0.08 -70.09
CA PHE F 118 57.03 1.15 -69.96
CA PRO F 119 54.17 -0.81 -68.33
CA PRO F 120 50.53 -0.42 -69.53
CA SER F 121 48.72 2.68 -68.28
CA ASP F 122 45.68 2.79 -65.99
CA GLU F 123 43.19 3.96 -68.64
CA GLN F 124 44.51 1.50 -71.24
CA LEU F 125 43.39 -1.61 -69.32
CA LYS F 126 39.73 -0.47 -69.31
CA SER F 127 39.12 -1.63 -72.85
CA GLY F 128 40.72 -5.02 -72.19
CA THR F 129 44.27 -4.89 -73.55
CA ALA F 130 47.87 -4.21 -72.45
CA SER F 131 51.12 -3.10 -74.12
CA VAL F 132 54.57 -3.18 -72.52
CA VAL F 133 57.17 -1.09 -74.37
CA CYS F 134 60.96 -1.53 -74.04
CA LEU F 135 63.35 1.19 -75.23
CA LEU F 136 66.93 0.92 -76.54
CA ASN F 137 67.88 4.61 -76.81
CA ASN F 138 71.04 5.56 -78.77
CA PHE F 139 73.16 2.75 -80.27
CA TYR F 140 75.32 1.56 -83.16
CA PRO F 141 75.18 -0.62 -85.18
CA ARG F 142 71.48 -1.37 -85.73
CA GLU F 143 72.26 -5.02 -84.94
CA ALA F 144 70.48 -5.66 -81.64
CA LYS F 145 68.26 -8.22 -79.92
CA VAL F 146 65.31 -8.03 -77.52
CA GLN F 147 63.98 -11.00 -75.54
CA TRP F 148 60.93 -10.56 -73.30
CA LYS F 149 60.90 -12.26 -69.91
CA VAL F 150 57.47 -13.14 -68.53
CA ASP F 151 57.59 -14.99 -65.19
CA ASN F 152 61.41 -15.34 -65.32
CA ALA F 153 62.32 -18.12 -67.78
CA LEU F 154 59.06 -18.15 -69.76
CA GLN F 155 59.94 -16.43 -73.03
CA SER F 156 57.06 -15.31 -75.25
CA GLY F 157 56.91 -14.78 -79.00
CA ASN F 158 54.28 -12.20 -79.96
CA SER F 159 56.20 -8.91 -80.20
CA GLN F 160 56.80 -6.22 -82.85
CA GLU F 161 60.11 -4.45 -83.57
CA SER F 162 60.46 -1.05 -85.25
CA VAL F 163 63.64 0.91 -85.97
CA THR F 164 63.75 4.56 -87.04
CA GLU F 165 66.00 6.09 -89.70
CA GLN F 166 69.51 7.28 -88.71
CA ASP F 167 69.49 10.90 -87.48
CA SER F 168 71.57 13.84 -88.75
CA LYS F 169 73.68 14.38 -85.60
CA ASP F 170 75.63 11.58 -83.91
CA SER F 171 74.78 8.87 -86.45
CA THR F 172 73.05 6.20 -84.32
CA TYR F 173 70.01 3.92 -84.14
CA SER F 174 67.25 3.27 -81.58
CA LEU F 175 64.65 0.51 -81.11
CA SER F 176 61.46 -0.38 -79.22
CA SER F 177 59.49 -3.53 -78.39
CA THR F 178 55.78 -3.70 -77.53
CA LEU F 179 54.36 -6.85 -75.94
CA THR F 180 50.63 -6.94 -76.73
CA LEU F 181 48.62 -9.13 -74.32
CA SER F 182 44.98 -8.69 -73.25
CA LYS F 183 43.89 -7.79 -69.71
CA ALA F 184 43.09 -11.42 -68.84
CA ASP F 185 46.63 -12.61 -69.51
CA TYR F 186 48.14 -9.50 -67.90
CA GLU F 187 46.35 -9.80 -64.54
CA LYS F 188 47.92 -13.26 -64.22
CA HIS F 189 51.67 -12.58 -64.23
CA LYS F 190 54.11 -10.43 -62.24
CA VAL F 191 57.71 -10.27 -63.49
CA TYR F 192 58.26 -8.46 -66.81
CA ALA F 193 61.88 -8.04 -67.94
CA CYS F 194 63.48 -7.26 -71.32
CA GLU F 195 66.96 -8.71 -72.00
CA VAL F 196 69.08 -6.82 -74.57
CA THR F 197 72.20 -7.97 -76.46
CA HIS F 198 74.54 -5.52 -78.20
CA GLN F 199 78.25 -5.18 -79.00
CA GLY F 200 78.53 -2.04 -76.90
CA LEU F 201 77.16 -3.81 -73.83
CA SER F 202 79.65 -5.89 -71.83
CA SER F 203 76.78 -8.04 -70.54
CA PRO F 204 73.00 -8.23 -71.21
CA VAL F 205 71.08 -5.43 -69.46
CA THR F 206 67.87 -6.52 -67.74
CA LYS F 207 65.03 -4.04 -67.11
CA SER F 208 62.20 -5.57 -65.07
CA PHE F 209 59.20 -4.31 -63.09
CA ASN F 210 56.78 -6.01 -60.67
CA ARG F 211 53.05 -6.05 -61.47
CA GLY F 212 50.76 -5.26 -58.52
CA GLU F 213 50.90 -2.02 -56.49
CA CYS F 214 48.56 -0.97 -53.65
CA GLU G 1 70.07 84.13 2.90
CA LEU G 2 71.72 85.67 -0.17
CA VAL G 3 69.29 86.04 -3.07
CA MET G 4 70.34 85.04 -6.60
CA THR G 5 68.25 86.41 -9.48
CA GLN G 6 68.75 85.18 -13.06
CA SER G 7 67.29 86.62 -16.28
CA PRO G 8 65.52 86.14 -18.58
CA SER G 9 62.99 83.49 -17.55
CA SER G 10 63.01 81.88 -21.01
CA LEU G 11 65.27 82.03 -24.08
CA SER G 12 64.46 81.52 -27.77
CA ALA G 13 67.23 81.28 -30.38
CA SER G 14 68.19 79.33 -33.52
CA VAL G 15 71.32 77.19 -33.92
CA GLY G 16 74.37 79.45 -34.07
CA ASP G 17 73.26 82.52 -32.09
CA ARG G 18 75.23 83.63 -29.04
CA VAL G 19 73.01 83.68 -25.93
CA ASN G 20 73.73 85.64 -22.74
CA ILE G 21 72.58 84.44 -19.29
CA ALA G 22 72.93 86.75 -16.28
CA CYS G 23 73.24 85.88 -12.56
CA ARG G 24 73.19 88.81 -10.12
CA ALA G 25 73.52 88.61 -6.32
CA SER G 26 72.29 90.64 -3.33
CA GLN G 27 75.85 91.48 -2.26
CA GLY G 28 79.43 90.88 -3.42
CA ILE G 29 80.59 87.25 -3.34
CA SER G 30 83.90 87.75 -5.18
CA SER G 31 84.76 84.85 -7.54
CA ALA G 32 82.45 82.29 -5.91
CA LEU G 33 79.88 81.09 -8.48
CA ALA G 34 79.13 77.84 -10.33
CA TRP G 35 77.04 77.16 -13.45
CA TYR G 36 75.02 73.99 -14.08
CA GLN G 37 73.27 72.07 -16.86
CA GLN G 38 70.11 70.11 -16.06
CA LYS G 39 68.68 68.09 -18.93
CA PRO G 40 64.96 67.56 -18.16
CA GLY G 41 64.62 64.36 -16.15
CA LYS G 42 68.29 64.21 -15.15
CA ALA G 43 70.73 65.34 -12.45
CA PRO G 44 72.59 68.69 -12.83
CA ARG G 45 76.01 68.81 -14.47
CA LEU G 46 78.86 71.13 -13.47
CA LEU G 47 79.97 73.43 -16.29
CA ILE G 48 82.00 76.27 -14.79
CA TYR G 49 83.61 76.80 -11.37
CA ASP G 50 85.47 79.71 -9.73
CA ALA G 51 83.73 82.06 -12.21
CA SER G 52 85.61 81.33 -15.45
CA ASN G 53 87.38 77.94 -15.18
CA LEU G 54 85.90 75.10 -17.26
CA GLU G 55 85.64 71.45 -16.21
CA SER G 56 87.44 68.64 -18.07
CA GLY G 57 85.07 67.39 -20.75
CA VAL G 58 82.82 70.43 -21.06
CA PRO G 59 82.90 71.85 -24.64
CA SER G 60 85.19 74.75 -25.53
CA ARG G 61 82.19 76.89 -26.52
CA PHE G 62 81.02 77.38 -22.92
CA SER G 63 82.53 80.21 -20.84
CA GLY G 64 81.83 83.38 -18.84
CA SER G 65 83.16 86.03 -16.43
CA GLY G 66 82.19 88.63 -13.83
CA SER G 67 83.58 89.93 -10.52
CA GLY G 68 81.45 90.63 -7.47
CA THR G 69 77.82 91.33 -8.37
CA ASP G 70 77.22 91.00 -12.13
CA PHE G 71 77.85 87.57 -13.73
CA THR G 72 77.28 86.11 -17.21
CA LEU G 73 77.14 82.73 -19.01
CA THR G 74 77.98 82.70 -22.73
CA ILE G 75 77.67 80.19 -25.60
CA SER G 76 79.37 81.16 -28.90
CA SER G 77 77.67 78.45 -31.01
CA LEU G 78 74.26 77.18 -29.90
CA GLN G 79 73.67 73.51 -30.76
CA PRO G 80 70.53 71.33 -30.40
CA GLU G 81 72.18 69.33 -27.60
CA ASP G 82 72.12 72.38 -25.30
CA PHE G 83 68.46 71.99 -24.26
CA ALA G 84 68.64 72.33 -20.46
CA ILE G 85 67.66 74.58 -17.56
CA TYR G 86 70.82 76.32 -16.31
CA TYR G 87 71.44 77.40 -12.70
CA CYS G 88 74.00 79.44 -10.75
CA GLN G 89 74.73 79.03 -7.04
CA GLN G 90 77.14 80.78 -4.68
CA PHE G 91 79.66 79.46 -2.15
CA ASN G 92 80.93 82.30 0.06
CA SER G 93 78.60 81.91 3.05
CA TYR G 94 75.72 79.77 4.36
CA PRO G 95 73.29 78.57 3.33
CA LEU G 96 74.25 77.92 -0.30
CA THR G 97 71.54 79.22 -2.66
CA PHE G 98 70.60 78.55 -6.30
CA GLY G 99 69.34 80.68 -9.18
CA GLY G 100 65.82 80.81 -10.58
CA GLY G 101 66.72 78.83 -13.69
CA THR G 102 66.93 79.95 -17.32
CA LYS G 103 65.41 77.47 -19.79
CA VAL G 104 66.86 77.38 -23.31
CA GLU G 105 64.41 76.54 -26.11
CA ILE G 106 65.89 75.81 -29.56
CA LYS G 107 64.57 77.30 -32.82
CA ARG G 108 64.17 75.66 -36.23
CA THR G 109 61.78 75.31 -39.19
CA VAL G 110 58.20 73.98 -39.19
CA ALA G 111 57.61 70.21 -39.27
CA ALA G 112 54.47 68.25 -40.17
CA PRO G 113 53.58 65.55 -37.59
CA SER G 114 52.50 62.05 -38.60
CA VAL G 115 49.28 61.41 -36.69
CA PHE G 116 48.44 57.91 -35.39
CA ILE G 117 45.68 56.47 -33.18
CA PHE G 118 45.35 53.51 -30.80
CA PRO G 119 41.97 51.95 -29.89
CA PRO G 120 41.55 50.06 -26.55
CA SER G 121 43.02 46.55 -26.31
CA ASP G 122 41.15 43.27 -25.80
CA GLU G 123 42.27 42.68 -22.20
CA GLN G 124 41.70 46.30 -21.17
CA LEU G 125 37.92 46.17 -21.63
CA LYS G 126 37.57 43.30 -19.11
CA SER G 127 37.78 45.61 -16.12
CA GLY G 128 35.23 48.02 -17.58
CA THR G 129 37.16 50.92 -19.13
CA ALA G 130 38.57 52.14 -22.46
CA SER G 131 41.34 54.50 -23.60
CA VAL G 132 41.88 55.72 -27.17
CA VAL G 133 45.32 57.27 -27.76
CA CYS G 134 46.17 59.63 -30.65
CA LEU G 135 49.81 60.32 -31.59
CA LEU G 136 51.38 63.42 -33.18
CA ASN G 137 54.95 62.19 -33.79
CA ASN G 138 57.67 64.75 -34.67
CA PHE G 139 56.66 68.43 -35.00
CA TYR G 140 57.58 72.07 -34.43
CA PRO G 141 56.50 74.31 -32.81
CA ARG G 142 54.76 72.77 -29.80
CA GLU G 143 51.65 74.76 -30.76
CA ALA G 144 49.16 72.08 -31.83
CA LYS G 145 45.51 71.09 -31.38
CA VAL G 146 43.65 67.80 -31.01
CA GLN G 147 39.88 67.43 -31.38
CA TRP G 148 38.25 64.01 -30.83
CA LYS G 149 35.45 62.95 -33.16
CA VAL G 150 32.93 60.52 -31.68
CA ASP G 151 30.08 59.63 -34.06
CA ASN G 152 31.19 62.24 -36.64
CA ALA G 153 30.17 65.72 -35.44
CA LEU G 154 29.76 64.89 -31.74
CA GLN G 155 32.84 66.41 -30.11
CA SER G 156 33.64 65.34 -26.55
CA GLY G 157 35.55 67.13 -23.79
CA ASN G 158 37.16 64.70 -21.37
CA SER G 159 40.72 64.25 -22.67
CA GLN G 160 44.26 64.71 -21.31
CA GLU G 161 47.22 66.21 -23.19
CA SER G 162 50.89 65.57 -22.37
CA VAL G 163 53.97 66.89 -24.18
CA THR G 164 57.51 65.62 -23.63
CA GLU G 165 60.68 67.71 -23.39
CA GLN G 166 62.54 68.65 -26.60
CA ASP G 167 65.11 65.99 -27.60
CA SER G 168 68.83 66.42 -28.28
CA LYS G 169 68.78 65.60 -32.01
CA ASP G 170 66.46 67.32 -34.49
CA SER G 171 64.87 69.72 -31.98
CA THR G 172 61.15 68.85 -32.19
CA TYR G 173 58.06 68.10 -30.07
CA SER G 174 55.50 65.29 -29.92
CA LEU G 175 52.05 64.90 -28.32
CA SER G 176 49.40 62.32 -27.39
CA SER G 177 45.71 62.32 -26.46
CA THR G 178 43.89 59.64 -24.46
CA LEU G 179 40.08 59.54 -24.46
CA THR G 180 38.98 57.76 -21.28
CA LEU G 181 35.45 56.30 -21.48
CA SER G 182 34.09 53.23 -19.71
CA LYS G 183 33.04 50.01 -21.48
CA ALA G 184 29.34 50.95 -21.41
CA ASP G 185 29.88 54.16 -23.38
CA TYR G 186 32.39 52.48 -25.71
CA GLU G 187 30.17 49.58 -26.80
CA LYS G 188 27.69 52.21 -28.01
CA HIS G 189 29.67 54.10 -30.66
CA LYS G 190 31.50 53.22 -33.88
CA VAL G 191 33.44 56.10 -35.48
CA TYR G 192 36.46 57.49 -33.60
CA ALA G 193 38.57 60.13 -35.39
CA CYS G 194 41.16 62.67 -34.16
CA GLU G 195 41.45 65.97 -36.06
CA VAL G 196 44.84 67.75 -35.80
CA THR G 197 45.75 71.37 -36.63
CA HIS G 198 49.35 72.50 -37.13
CA GLN G 199 51.28 75.06 -39.19
CA GLY G 200 53.20 72.32 -40.99
CA LEU G 201 49.99 70.66 -42.14
CA SER G 202 48.32 72.14 -45.23
CA SER G 203 44.96 70.77 -44.05
CA PRO G 204 43.72 68.94 -40.89
CA VAL G 205 44.67 65.25 -40.87
CA THR G 206 41.91 62.85 -39.80
CA LYS G 207 42.67 59.41 -38.35
CA SER G 208 39.59 57.28 -37.74
CA PHE G 209 38.75 53.61 -37.16
CA ASN G 210 35.53 51.61 -37.08
CA ARG G 211 34.32 49.47 -34.16
CA GLY G 212 33.58 45.86 -34.97
CA GLU G 213 36.42 43.56 -35.99
CA CYS G 214 34.13 40.67 -36.82
CA GLU H 1 -17.03 -106.44 75.84
CA LEU H 2 -20.12 -106.13 78.05
CA VAL H 3 -23.19 -105.00 76.08
CA MET H 4 -25.48 -102.29 77.49
CA THR H 5 -28.96 -102.02 75.96
CA GLN H 6 -31.28 -99.10 76.81
CA SER H 7 -34.98 -98.70 75.95
CA PRO H 8 -36.98 -97.13 74.47
CA SER H 9 -35.20 -95.45 71.56
CA SER H 10 -37.30 -92.29 71.88
CA LEU H 11 -39.59 -90.77 74.54
CA SER H 12 -42.58 -88.45 74.19
CA ALA H 13 -44.20 -86.82 77.24
CA SER H 14 -45.70 -83.52 78.40
CA VAL H 15 -44.41 -81.42 81.32
CA GLY H 16 -45.17 -83.21 84.58
CA ASP H 17 -45.24 -86.88 83.54
CA ARG H 18 -42.89 -89.38 85.20
CA VAL H 19 -40.67 -91.07 82.59
CA ASN H 20 -38.84 -94.38 83.08
CA ILE H 21 -35.52 -95.16 81.34
CA ALA H 22 -34.08 -98.69 81.53
CA CYS H 23 -30.45 -99.86 81.23
CA ARG H 24 -29.88 -103.63 81.17
CA ALA H 25 -26.51 -105.43 80.96
CA SER H 26 -25.22 -108.73 79.56
CA GLN H 27 -24.13 -109.92 83.02
CA GLY H 28 -24.20 -108.74 86.64
CA ILE H 29 -22.09 -105.67 87.37
CA SER H 30 -23.34 -105.06 90.94
CA SER H 31 -23.72 -101.35 91.80
CA ALA H 32 -21.43 -100.05 89.03
CA LEU H 33 -23.44 -97.74 86.72
CA ALA H 34 -23.47 -94.02 85.87
CA TRP H 35 -26.13 -91.86 84.18
CA TYR H 36 -25.40 -88.87 81.95
CA GLN H 37 -27.08 -85.83 80.38
CA GLN H 38 -25.94 -84.63 76.96
CA LYS H 39 -27.59 -81.44 75.72
CA PRO H 40 -27.30 -81.47 71.89
CA GLY H 41 -24.04 -79.78 70.96
CA LYS H 42 -22.49 -80.10 74.42
CA ALA H 43 -20.37 -82.40 76.57
CA PRO H 44 -22.07 -85.03 78.81
CA ARG H 45 -22.93 -84.22 82.42
CA LEU H 46 -22.78 -86.66 85.34
CA LEU H 47 -26.15 -87.14 87.06
CA ILE H 48 -25.96 -90.31 89.15
CA TYR H 49 -23.07 -92.49 90.34
CA ASP H 50 -22.84 -95.79 92.26
CA ALA H 51 -26.42 -96.55 91.11
CA SER H 52 -28.46 -94.21 93.34
CA ASN H 53 -26.22 -91.42 94.68
CA LEU H 54 -26.80 -87.95 93.21
CA GLU H 55 -24.09 -85.37 92.41
CA SER H 56 -23.94 -81.97 94.14
CA GLY H 57 -25.97 -79.56 92.04
CA VAL H 58 -28.16 -82.05 90.19
CA PRO H 59 -31.89 -81.41 90.90
CA SER H 60 -33.72 -83.38 93.59
CA ARG H 61 -36.16 -84.76 91.00
CA PHE H 62 -33.56 -87.07 89.40
CA SER H 63 -32.97 -90.54 90.91
CA GLY H 64 -33.02 -94.30 90.29
CA SER H 65 -32.10 -97.78 91.55
CA GLY H 66 -31.39 -101.38 90.52
CA SER H 67 -29.01 -104.17 91.58
CA GLY H 68 -27.15 -106.40 89.13
CA THR H 69 -28.89 -106.59 85.77
CA ASP H 70 -32.00 -104.38 85.65
CA PHE H 71 -31.51 -100.61 86.12
CA THR H 72 -33.81 -97.57 85.86
CA LEU H 73 -33.63 -93.75 85.62
CA THR H 74 -36.61 -91.79 86.95
CA ILE H 75 -37.83 -88.15 86.76
CA SER H 76 -40.81 -87.24 88.98
CA SER H 77 -41.51 -83.87 87.31
CA LEU H 78 -40.51 -83.42 83.67
CA GLN H 79 -39.48 -79.85 82.81
CA PRO H 80 -38.60 -78.25 79.44
CA GLU H 81 -34.95 -77.95 80.47
CA ASP H 82 -34.56 -81.75 80.43
CA PHE H 83 -34.11 -82.04 76.65
CA ALA H 84 -31.05 -84.28 76.34
CA ILE H 85 -29.89 -87.73 75.22
CA TYR H 86 -29.18 -89.80 78.34
CA TYR H 87 -26.57 -92.57 78.59
CA CYS H 88 -25.52 -95.28 81.06
CA GLN H 89 -22.05 -96.83 81.23
CA GLN H 90 -20.54 -99.50 83.48
CA PHE H 91 -17.31 -99.63 85.49
CA ASN H 92 -16.65 -103.17 86.73
CA SER H 93 -14.33 -104.43 83.98
CA TYR H 94 -12.63 -103.35 80.75
CA PRO H 95 -13.30 -101.83 78.37
CA LEU H 96 -15.89 -99.38 79.73
CA THR H 97 -18.99 -99.33 77.52
CA PHE H 98 -21.89 -96.88 77.02
CA GLY H 99 -25.62 -97.25 76.39
CA GLY H 100 -27.47 -96.70 73.12
CA GLY H 101 -28.94 -93.38 74.23
CA THR H 102 -32.54 -92.47 75.04
CA LYS H 103 -33.63 -89.10 73.62
CA VAL H 104 -36.31 -87.17 75.50
CA GLU H 105 -38.67 -85.05 73.39
CA ILE H 106 -40.96 -82.61 75.23
CA LYS H 107 -44.69 -82.23 74.53
CA ARG H 108 -46.82 -79.06 74.42
CA THR H 109 -49.55 -77.28 72.43
CA VAL H 110 -49.48 -76.22 68.77
CA ALA H 111 -47.74 -72.97 67.80
CA ALA H 112 -48.04 -70.89 64.62
CA PRO H 113 -44.64 -69.94 63.10
CA SER H 114 -43.89 -66.43 61.83
CA VAL H 115 -42.51 -66.96 58.32
CA PHE H 116 -39.82 -64.61 56.97
CA ILE H 117 -37.71 -64.46 53.78
CA PHE H 118 -34.22 -63.20 52.84
CA PRO H 119 -33.17 -62.34 49.25
CA PRO H 120 -29.50 -62.61 48.13
CA SER H 121 -27.24 -59.73 49.16
CA ASP H 122 -25.49 -57.26 46.86
CA GLU H 123 -21.95 -58.57 47.46
CA GLN H 124 -23.05 -62.21 47.15
CA LEU H 125 -24.00 -61.93 43.46
CA LYS H 126 -20.48 -60.80 42.47
CA SER H 127 -19.09 -64.32 42.52
CA GLY H 128 -21.98 -65.67 40.47
CA THR H 129 -24.43 -67.31 42.89
CA ALA H 130 -27.62 -66.59 44.87
CA SER H 131 -29.31 -67.96 48.00
CA VAL H 132 -32.85 -67.15 49.13
CA VAL H 133 -33.55 -68.09 52.76
CA CYS H 134 -37.04 -68.61 54.24
CA LEU H 135 -37.57 -68.64 58.01
CA LEU H 136 -40.21 -70.44 60.12
CA ASN H 137 -39.50 -68.98 63.57
CA ASN H 138 -41.08 -70.67 66.66
CA PHE H 139 -43.39 -73.67 66.09
CA TYR H 140 -44.59 -77.07 67.31
CA PRO H 141 -44.56 -79.85 66.26
CA ARG H 142 -41.51 -80.12 63.98
CA GLU H 143 -43.87 -81.38 61.26
CA ALA H 144 -43.85 -78.60 58.66
CA LYS H 145 -43.58 -78.06 54.90
CA VAL H 146 -41.91 -75.47 52.67
CA GLN H 147 -42.69 -75.04 48.96
CA TRP H 148 -40.76 -72.44 46.93
CA LYS H 149 -42.67 -70.39 44.37
CA VAL H 150 -40.61 -69.13 41.43
CA ASP H 151 -42.68 -67.20 38.84
CA ASN H 152 -45.98 -68.07 40.58
CA ALA H 153 -46.90 -71.69 39.77
CA LEU H 154 -43.42 -72.90 38.77
CA GLN H 155 -42.30 -74.97 41.75
CA SER H 156 -38.61 -75.88 41.95
CA GLY H 157 -36.86 -78.80 43.64
CA ASN H 158 -33.31 -77.93 44.65
CA SER H 159 -33.57 -76.80 48.28
CA GLN H 160 -32.05 -77.84 51.63
CA GLU H 161 -33.90 -78.07 54.96
CA SER H 162 -32.25 -77.88 58.40
CA VAL H 163 -33.92 -78.01 61.82
CA THR H 164 -32.21 -77.13 65.10
CA GLU H 165 -32.53 -78.98 68.42
CA GLN H 166 -35.41 -78.09 70.78
CA ASP H 167 -34.45 -75.24 73.16
CA SER H 168 -34.62 -75.18 76.97
CA LYS H 169 -37.36 -72.55 77.33
CA ASP H 170 -40.72 -72.78 75.55
CA SER H 171 -40.10 -76.17 73.90
CA THR H 172 -40.45 -75.40 70.18
CA TYR H 173 -38.82 -75.92 66.77
CA SER H 174 -37.70 -73.64 63.93
CA LEU H 175 -36.74 -74.20 60.28
CA SER H 176 -35.10 -72.54 57.27
CA SER H 177 -34.94 -73.10 53.51
CA THR H 178 -32.21 -71.88 51.15
CA LEU H 179 -32.81 -71.87 47.39
CA THR H 180 -29.40 -72.02 45.68
CA LEU H 181 -29.44 -70.73 42.09
CA SER H 182 -26.60 -69.05 40.18
CA LYS H 183 -26.65 -65.40 39.05
CA ALA H 184 -27.70 -66.33 35.49
CA ASP H 185 -30.90 -68.05 36.63
CA TYR H 186 -31.58 -65.36 39.24
CA GLU H 187 -31.43 -62.36 36.88
CA LYS H 188 -34.21 -64.04 34.87
CA HIS H 189 -37.11 -64.29 37.34
CA LYS H 190 -39.08 -61.88 39.54
CA VAL H 191 -41.59 -63.43 41.97
CA TYR H 192 -40.13 -65.45 44.87
CA ALA H 193 -42.60 -66.75 47.45
CA CYS H 194 -42.40 -69.50 50.10
CA GLU H 195 -45.63 -71.34 51.00
CA VAL H 196 -45.74 -72.93 54.49
CA THR H 197 -48.12 -75.57 55.87
CA HIS H 198 -48.50 -76.21 59.61
CA GLN H 199 -51.21 -77.29 62.07
CA GLY H 200 -51.01 -73.97 63.91
CA LEU H 201 -51.68 -72.03 60.71
CA SER H 202 -55.33 -71.73 59.65
CA SER H 203 -54.22 -71.24 56.03
CA PRO H 204 -50.84 -71.34 54.20
CA VAL H 205 -48.79 -68.18 54.76
CA THR H 206 -47.15 -66.74 51.63
CA LYS H 207 -44.04 -64.54 51.89
CA SER H 208 -42.99 -63.13 48.51
CA PHE H 209 -40.71 -60.36 47.23
CA ASN H 210 -40.23 -58.76 43.80
CA ARG H 211 -36.80 -58.89 42.13
CA GLY H 212 -35.65 -55.63 40.51
CA GLU H 213 -35.28 -52.31 42.38
CA CYS H 214 -33.97 -49.00 40.98
CA GLU I 1 -40.49 38.25 97.95
CA LEU I 2 -40.14 36.15 101.10
CA VAL I 3 -36.85 34.21 101.19
CA MET I 4 -36.82 30.54 102.21
CA THR I 5 -33.45 29.07 103.24
CA GLN I 6 -33.02 25.33 103.83
CA SER I 7 -30.02 23.50 105.36
CA PRO I 8 -27.86 21.57 104.90
CA SER I 9 -27.12 21.52 101.16
CA SER I 10 -26.47 17.77 101.18
CA LEU I 11 -27.17 14.87 103.55
CA SER I 12 -25.32 11.58 104.07
CA ALA I 13 -26.78 8.81 106.25
CA SER I 14 -27.16 5.02 106.35
CA VAL I 15 -30.48 3.13 106.43
CA GLY I 16 -32.12 3.68 109.81
CA ASP I 17 -30.74 7.05 110.92
CA ARG I 18 -33.13 9.91 111.71
CA VAL I 19 -32.38 12.93 109.49
CA ASN I 20 -33.44 16.52 110.22
CA ILE I 21 -34.20 19.04 107.46
CA ALA I 22 -34.74 22.72 108.35
CA CYS I 23 -36.72 25.42 106.50
CA ARG I 24 -36.47 28.96 107.88
CA ALA I 25 -38.22 32.07 106.54
CA SER I 26 -37.53 35.81 106.40
CA GLN I 27 -40.62 36.60 108.49
CA GLY I 28 -43.43 34.78 110.29
CA ILE I 29 -45.84 32.87 108.03
CA SER I 30 -47.76 31.03 110.78
CA SER I 31 -48.71 27.45 109.82
CA ALA I 32 -48.36 27.94 106.04
CA LEU I 33 -45.69 25.53 104.72
CA ALA I 34 -45.62 22.46 102.45
CA TRP I 35 -42.96 19.76 101.98
CA TYR I 36 -42.23 17.96 98.70
CA GLN I 37 -40.45 14.90 97.31
CA GLN I 38 -38.84 15.09 93.87
CA LYS I 39 -37.33 11.84 92.59
CA PRO I 40 -34.68 12.81 89.99
CA GLY I 41 -36.39 13.00 86.61
CA LYS I 42 -39.92 13.22 88.02
CA ALA I 43 -42.55 15.72 89.18
CA PRO I 44 -42.68 16.77 92.87
CA ARG I 45 -44.92 14.90 95.32
CA LEU I 46 -46.79 16.48 98.23
CA LEU I 47 -45.80 15.03 101.61
CA ILE I 48 -46.98 17.42 104.32
CA TYR I 49 -49.41 20.35 104.32
CA ASP I 50 -50.48 22.92 106.97
CA ALA I 51 -47.18 22.23 108.78
CA SER I 52 -47.85 18.81 110.35
CA ASN I 53 -50.74 17.10 108.52
CA LEU I 54 -49.81 14.14 106.30
CA GLU I 55 -51.38 13.26 102.94
CA SER I 56 -53.28 10.01 102.35
CA GLY I 57 -50.77 7.46 101.12
CA VAL I 58 -47.58 9.04 102.46
CA PRO I 59 -45.77 6.67 104.88
CA SER I 60 -46.26 7.00 108.64
CA ARG I 61 -42.53 7.67 109.12
CA PHE I 62 -42.70 11.16 107.61
CA SER I 63 -43.66 14.12 109.83
CA GLY I 64 -42.60 17.51 111.24
CA SER I 65 -43.60 20.68 113.11
CA GLY I 66 -42.74 24.34 113.70
CA SER I 67 -44.65 27.59 114.23
CA GLY I 68 -43.72 30.89 112.58
CA THR I 69 -40.06 31.00 111.59
CA ASP I 70 -38.28 27.71 112.38
CA PHE I 71 -39.52 24.56 110.62
CA THR I 72 -38.30 20.94 110.43
CA LEU I 73 -38.82 17.75 108.38
CA THR I 74 -38.15 14.43 110.12
CA ILE I 75 -37.78 10.77 109.04
CA SER I 76 -37.62 8.18 111.85
CA SER I 77 -36.44 5.29 109.64
CA LEU I 78 -34.46 6.12 106.49
CA GLN I 79 -35.05 3.66 103.64
CA PRO I 80 -33.37 3.37 100.20
CA GLU I 81 -36.58 4.51 98.49
CA ASP I 82 -36.22 8.01 100.00
CA PHE I 83 -33.66 9.26 97.45
CA ALA I 84 -35.09 12.64 96.44
CA ILE I 85 -34.49 16.39 96.63
CA TYR I 86 -36.95 17.84 99.16
CA TYR I 87 -38.41 21.37 99.02
CA CYS I 88 -40.52 23.66 101.22
CA GLN I 89 -42.67 26.53 99.94
CA GLN I 90 -44.92 29.04 101.70
CA PHE I 91 -48.49 30.17 101.06
CA ASN I 92 -49.30 33.27 103.13
CA SER I 93 -48.59 35.99 100.55
CA TYR I 94 -47.48 36.49 96.93
CA PRO I 95 -45.50 35.38 95.12
CA LEU I 96 -45.20 31.81 96.41
CA THR I 97 -41.54 30.85 96.88
CA PHE I 98 -39.65 27.54 97.18
CA GLY I 99 -36.69 26.32 99.23
CA GLY I 100 -33.15 25.72 98.03
CA GLY I 101 -33.51 21.95 98.07
CA THR I 102 -31.90 19.37 100.36
CA LYS I 103 -30.65 16.26 98.54
CA VAL I 104 -30.59 12.98 100.48
CA GLU I 105 -27.82 10.54 99.57
CA ILE I 106 -28.05 7.01 101.00
CA LYS I 107 -25.14 5.17 102.65
CA ARG I 108 -24.16 1.49 102.40
CA THR I 109 -21.18 -0.86 101.96
CA VAL I 110 -18.68 -0.97 99.09
CA ALA I 111 -19.59 -2.81 95.88
CA ALA I 112 -17.36 -4.08 93.07
CA PRO I 113 -18.61 -3.07 89.57
CA SER I 114 -18.68 -5.52 86.66
CA VAL I 115 -16.91 -3.71 83.81
CA PHE I 116 -18.03 -4.20 80.19
CA ILE I 117 -17.08 -2.59 76.86
CA PHE I 118 -18.83 -1.99 73.52
CA PRO I 119 -16.92 -1.46 70.26
CA PRO I 120 -18.53 0.52 67.36
CA SER I 121 -21.21 -1.23 65.29
CA ASP I 122 -21.10 -2.14 61.60
CA GLU I 123 -23.61 0.47 60.41
CA GLN I 124 -22.10 3.23 62.58
CA LEU I 125 -18.79 3.35 60.69
CA LYS I 126 -20.54 4.13 57.36
CA SER I 127 -20.95 7.81 58.20
CA GLY I 128 -17.33 8.14 59.30
CA THR I 129 -17.26 7.97 63.10
CA ALA I 130 -16.74 5.51 65.98
CA SER I 131 -17.75 5.28 69.65
CA VAL I 132 -16.40 2.74 72.15
CA VAL I 133 -18.48 2.49 75.34
CA CYS I 134 -17.22 1.05 78.66
CA LEU I 135 -19.67 0.03 81.41
CA LEU I 136 -19.22 -0.03 85.20
CA ASN I 137 -22.48 -1.71 86.30
CA ASN I 138 -23.46 -1.59 90.01
CA PHE I 139 -21.07 0.10 92.46
CA TYR I 140 -20.66 2.26 95.58
CA PRO I 141 -19.48 4.92 96.18
CA ARG I 142 -19.74 6.99 93.00
CA GLU I 143 -15.98 7.61 93.30
CA ALA I 144 -14.50 5.76 90.32
CA LYS I 145 -11.98 6.21 87.51
CA VAL I 146 -11.81 5.18 83.85
CA GLN I 147 -8.64 5.25 81.76
CA TRP I 148 -8.78 4.28 78.07
CA LYS I 149 -5.96 2.18 76.63
CA VAL I 150 -5.32 2.63 72.92
CA ASP I 151 -2.36 0.59 71.62
CA ASN I 152 -1.34 -0.50 75.15
CA ALA I 153 0.42 2.40 76.90
CA LEU I 154 -0.94 5.22 74.71
CA GLN I 155 -3.56 6.90 76.91
CA SER I 156 -5.98 9.29 75.19
CA GLY I 157 -7.92 12.24 76.58
CA ASN I 158 -11.12 12.87 74.64
CA SER I 159 -13.82 11.00 76.58
CA GLN I 160 -17.13 11.85 78.27
CA GLU I 161 -18.36 10.52 81.63
CA SER I 162 -22.01 10.36 82.73
CA VAL I 163 -23.43 9.00 85.99
CA THR I 164 -27.11 8.30 86.63
CA GLU I 165 -29.07 9.06 89.80
CA GLN I 166 -29.08 6.50 92.65
CA ASP I 167 -31.90 3.94 92.24
CA SER I 168 -34.63 3.00 94.74
CA LYS I 169 -33.51 -0.59 95.42
CA ASP I 170 -29.95 -1.50 96.45
CA SER I 171 -28.62 2.08 96.61
CA THR I 172 -25.74 2.04 94.09
CA TYR I 173 -24.20 3.94 91.16
CA SER I 174 -23.20 3.06 87.60
CA LEU I 175 -21.03 4.76 84.95
CA SER I 176 -20.13 4.69 81.25
CA SER I 177 -17.35 6.04 79.02
CA THR I 178 -17.60 6.71 75.27
CA LEU I 179 -14.42 7.22 73.24
CA THR I 180 -15.36 9.23 70.13
CA LEU I 181 -12.86 8.88 67.27
CA SER I 182 -13.56 9.07 63.53
CA LYS I 183 -13.26 6.13 61.12
CA ALA I 184 -9.80 7.21 59.93
CA ASP I 185 -8.28 7.03 63.41
CA TYR I 186 -10.17 3.82 64.24
CA GLU I 187 -9.01 1.79 61.22
CA LYS I 188 -5.45 2.44 62.44
CA HIS I 189 -5.41 0.81 65.89
CA LYS I 190 -6.09 -2.66 67.29
CA VAL I 191 -6.04 -2.90 71.10
CA TYR I 192 -8.74 -1.06 73.07
CA ALA I 193 -8.85 -1.59 76.85
CA CYS I 194 -10.51 0.31 79.71
CA GLU I 195 -8.78 0.28 83.13
CA VAL I 196 -11.04 0.87 86.15
CA THR I 197 -10.12 1.82 89.74
CA HIS I 198 -12.54 1.42 92.65
CA GLN I 199 -12.42 0.62 96.38
CA GLY I 200 -14.41 -2.57 95.88
CA LEU I 201 -11.92 -3.89 93.34
CA SER I 202 -8.78 -5.55 94.75
CA SER I 203 -6.91 -4.71 91.54
CA PRO I 204 -7.75 -2.73 88.33
CA VAL I 205 -9.97 -4.67 85.95
CA THR I 206 -8.98 -4.53 82.27
CA LYS I 207 -11.48 -5.11 79.46
CA SER I 208 -9.92 -5.18 76.00
CA PHE I 209 -10.85 -6.36 72.50
CA ASN I 210 -8.93 -6.81 69.26
CA ARG I 211 -9.82 -5.18 65.93
CA GLY I 212 -10.27 -7.55 63.02
CA GLU I 213 -13.18 -9.99 63.06
CA CYS I 214 -12.05 -11.78 59.94
CA LYS J 1 -14.33 56.74 -19.81
CA SER J 2 -12.66 53.58 -20.97
CA PRO J 3 -10.09 54.09 -23.59
CA ILE J 4 -10.68 50.77 -25.27
CA PHE J 5 -13.16 50.02 -28.00
CA GLY J 6 -14.28 47.01 -30.00
CA PRO J 7 -17.31 45.16 -31.24
CA GLU J 8 -20.27 45.76 -29.00
CA GLU J 9 -21.84 42.57 -30.18
CA VAL J 10 -20.63 39.63 -32.20
CA ASN J 11 -22.82 36.96 -33.73
CA SER J 12 -21.64 33.64 -35.09
CA VAL J 13 -22.59 30.00 -35.57
CA GLU J 14 -21.68 26.85 -33.62
CA GLY J 15 -19.13 25.61 -36.08
CA ASN J 16 -17.31 28.78 -36.82
CA SER J 17 -14.61 31.01 -35.55
CA VAL J 18 -14.80 34.65 -34.64
CA SER J 19 -12.16 37.29 -34.64
CA ILE J 20 -12.58 40.06 -32.16
CA THR J 21 -10.50 43.19 -32.53
CA CYS J 22 -10.15 45.70 -29.71
CA TYR J 23 -8.51 49.06 -29.97
CA TYR J 24 -6.42 50.83 -27.37
CA PRO J 25 -4.49 54.07 -27.56
CA PRO J 26 -1.15 53.76 -29.20
CA THR J 27 1.06 54.19 -26.18
CA SER J 28 4.27 52.61 -25.16
CA VAL J 29 2.52 51.79 -21.93
CA ASN J 30 -0.28 50.03 -23.72
CA ARG J 31 2.05 48.46 -26.19
CA HIS J 32 3.70 46.65 -23.29
CA THR J 33 0.72 46.05 -20.98
CA ARG J 34 -0.98 42.71 -20.57
CA LYS J 35 -3.90 42.28 -22.94
CA TYR J 36 -6.76 40.10 -21.83
CA TRP J 37 -10.03 38.48 -22.86
CA CYS J 38 -12.32 37.40 -20.05
CA ARG J 39 -15.88 36.25 -19.56
CA GLN J 40 -18.32 37.88 -17.21
CA GLY J 41 -19.85 35.46 -14.81
CA ALA J 42 -23.40 35.75 -13.62
CA ARG J 43 -21.84 36.47 -10.25
CA GLY J 44 -20.21 39.60 -11.57
CA GLY J 45 -16.55 38.73 -12.06
CA CYS J 46 -14.61 38.27 -15.25
CA ILE J 47 -12.46 35.23 -15.61
CA THR J 48 -9.50 35.45 -17.92
CA LEU J 49 -9.83 33.08 -20.87
CA ILE J 50 -6.67 34.20 -22.68
CA SER J 51 -3.96 36.77 -22.06
CA SER J 52 -0.91 38.14 -23.87
CA GLU J 53 0.86 36.92 -20.77
CA GLY J 54 0.70 33.41 -22.18
CA TYR J 55 -2.06 32.13 -19.93
CA VAL J 56 -4.67 30.19 -21.84
CA SER J 57 -7.90 28.76 -20.50
CA SER J 58 -8.18 25.02 -20.67
CA LYS J 59 -11.33 25.40 -22.73
CA TYR J 60 -9.47 27.75 -25.08
CA ALA J 61 -6.40 25.59 -25.58
CA GLY J 62 -5.64 24.93 -29.23
CA ARG J 63 -8.77 26.70 -30.43
CA ALA J 64 -7.82 30.32 -29.80
CA ASN J 65 -4.91 32.73 -29.80
CA LEU J 66 -4.37 36.34 -28.87
CA THR J 67 -2.16 38.59 -30.96
CA ASN J 68 -0.87 42.09 -30.28
CA PHE J 69 -0.48 44.58 -33.11
CA PRO J 70 1.27 47.58 -31.71
CA GLU J 71 1.22 49.40 -35.01
CA ASN J 72 -2.56 49.28 -35.15
CA GLY J 73 -2.96 49.83 -31.45
CA THR J 74 -5.08 46.74 -31.38
CA PHE J 75 -5.02 43.08 -30.51
CA VAL J 76 -7.09 40.25 -31.91
CA VAL J 77 -8.65 37.29 -30.21
CA ASN J 78 -9.38 34.38 -32.50
CA ILE J 79 -11.82 31.81 -31.28
CA ALA J 80 -12.47 28.63 -33.21
CA GLN J 81 -14.81 25.72 -32.66
CA LEU J 82 -17.40 28.05 -31.17
CA SER J 83 -20.11 26.25 -29.26
CA GLN J 84 -23.47 27.34 -27.90
CA ASP J 85 -21.86 27.60 -24.49
CA ASP J 86 -19.64 30.33 -25.87
CA SER J 87 -22.60 32.69 -25.99
CA GLY J 88 -22.24 35.21 -23.21
CA ARG J 89 -20.66 38.48 -22.19
CA TYR J 90 -16.94 39.06 -22.33
CA LYS J 91 -14.49 41.90 -21.98
CA CYS J 92 -11.25 42.78 -23.68
CA GLY J 93 -8.93 45.08 -21.81
CA LEU J 94 -5.44 46.05 -20.77
CA GLY J 95 -3.53 45.84 -17.54
CA ILE J 96 -4.98 44.35 -14.41
CA ASN J 97 -8.54 43.18 -14.73
CA SER J 98 -9.17 45.51 -11.80
CA ARG J 99 -8.54 48.87 -13.58
CA GLY J 100 -11.65 48.95 -15.73
CA LEU J 101 -9.77 49.74 -18.87
CA SER J 102 -11.74 47.35 -20.99
CA PHE J 103 -14.56 46.94 -23.48
CA ASP J 104 -17.69 44.85 -23.10
CA VAL J 105 -18.39 42.43 -25.89
CA SER J 106 -21.45 40.30 -26.21
CA LEU J 107 -21.11 37.12 -28.17
CA GLU J 108 -24.07 35.11 -29.32
CA VAL J 109 -23.34 31.77 -30.86
CA SER J 110 -25.98 29.63 -32.86
CA GLN J 111 -29.40 31.03 -31.50
CA GLY J 112 -29.31 33.53 -28.49
CA PRO J 113 -27.95 36.60 -26.83
CA GLY J 114 -24.42 37.43 -28.25
CA LEU J 115 -21.92 39.10 -29.26
CA LEU J 116 -19.78 37.53 -26.52
CA ASN J 117 -22.64 35.76 -24.88
CA ASP J 118 -25.39 33.70 -26.44
CA THR J 119 -27.30 30.54 -25.71
CA LYS J 120 -24.89 27.68 -25.91
CA VAL J 121 -27.58 25.37 -27.08
CA TYR J 122 -31.05 25.97 -28.33
CA THR J 123 -33.61 23.23 -28.75
CA VAL J 124 -36.81 23.45 -30.73
CA ASP J 125 -39.48 21.26 -32.29
CA LEU J 126 -39.64 21.13 -36.03
CA GLY J 127 -42.58 23.37 -36.87
CA ARG J 128 -41.73 26.04 -34.31
CA THR J 129 -39.90 29.32 -34.75
CA VAL J 130 -36.87 30.16 -32.72
CA THR J 131 -35.14 33.33 -31.68
CA ILE J 132 -31.48 33.62 -30.85
CA ASN J 133 -30.15 36.63 -29.02
CA CYS J 134 -26.49 37.54 -28.78
CA PRO J 135 -25.20 40.43 -26.77
CA PHE J 136 -22.27 42.63 -27.83
CA LYS J 137 -20.30 45.82 -26.97
CA THR J 138 -20.11 49.42 -28.23
CA GLU J 139 -17.47 49.12 -30.94
CA ASN J 140 -19.44 46.07 -31.72
CA ALA J 141 -22.55 48.18 -32.04
CA GLN J 142 -21.28 49.62 -35.29
CA LYS J 143 -19.79 46.48 -36.77
CA ARG J 144 -21.47 43.92 -39.00
CA LYS J 145 -23.46 41.22 -37.24
CA SER J 146 -23.76 37.77 -38.70
CA LEU J 147 -25.19 34.31 -38.18
CA TYR J 148 -23.41 31.47 -39.89
CA LYS J 149 -23.35 27.69 -40.01
CA GLN J 150 -20.17 25.91 -39.07
CA ILE J 151 -18.63 23.12 -41.15
CA GLY J 152 -16.46 23.28 -44.19
CA LEU J 153 -13.64 25.68 -44.75
CA TYR J 154 -15.71 28.66 -43.87
CA PRO J 155 -18.72 29.06 -41.73
CA VAL J 156 -21.44 29.96 -44.19
CA LEU J 157 -23.20 33.22 -43.49
CA VAL J 158 -26.92 32.60 -43.46
CA ILE J 159 -27.92 36.18 -42.65
CA ASP J 160 -25.99 39.39 -42.03
CA SER J 161 -26.71 42.90 -40.80
CA SER J 162 -25.12 44.02 -44.06
CA GLY J 163 -28.29 43.35 -45.97
CA TYR J 164 -27.30 39.87 -47.05
CA VAL J 165 -29.79 37.06 -46.75
CA ASN J 166 -29.16 33.49 -47.86
CA PRO J 167 -31.67 31.98 -50.17
CA ASN J 168 -32.38 29.20 -47.72
CA TYR J 169 -33.15 31.82 -45.10
CA THR J 170 -34.81 34.40 -47.32
CA GLY J 171 -38.26 35.02 -45.91
CA ARG J 172 -37.68 32.33 -43.29
CA ILE J 173 -35.52 34.39 -40.97
CA ARG J 174 -34.69 37.89 -39.84
CA LEU J 175 -31.74 39.44 -38.04
CA ASP J 176 -32.34 42.60 -36.05
CA ILE J 177 -29.74 44.82 -34.50
CA GLN J 178 -30.27 46.56 -31.21
CA GLY J 179 -28.14 49.57 -30.52
CA THR J 180 -25.17 49.61 -28.23
CA GLY J 181 -27.34 50.20 -25.23
CA GLN J 182 -29.35 47.11 -25.96
CA LEU J 183 -26.13 45.53 -27.20
CA LEU J 184 -28.14 42.74 -28.71
CA PHE J 185 -29.07 41.44 -32.09
CA SER J 186 -31.72 38.85 -32.65
CA VAL J 187 -31.97 36.15 -35.24
CA VAL J 188 -35.49 34.90 -35.76
CA ILE J 189 -35.83 31.63 -37.62
CA ASN J 190 -39.15 30.12 -38.51
CA GLN J 191 -40.40 26.86 -39.95
CA LEU J 192 -37.51 24.94 -38.47
CA ARG J 193 -36.75 21.75 -40.35
CA LEU J 194 -34.59 18.75 -39.65
CA SER J 195 -31.88 20.30 -41.78
CA ASP J 196 -31.68 23.16 -39.29
CA ALA J 197 -30.06 21.13 -36.54
CA GLY J 198 -26.37 21.88 -36.45
CA GLN J 199 -23.76 24.25 -35.11
CA TYR J 200 -23.85 27.93 -35.86
CA LEU J 201 -22.16 31.05 -34.59
CA CYS J 202 -23.28 34.60 -34.09
CA GLN J 203 -20.63 37.22 -34.28
CA ALA J 204 -19.47 40.65 -35.26
CA GLY J 205 -17.16 41.75 -38.03
CA ASP J 206 -15.84 39.20 -40.46
CA ASP J 207 -16.44 35.51 -39.93
CA SER J 208 -12.75 34.66 -39.92
CA ASN J 209 -12.27 36.71 -36.84
CA SER J 210 -12.99 34.81 -33.68
CA ASN J 211 -15.35 37.42 -32.37
CA LYS J 212 -18.37 35.20 -32.07
CA LYS J 213 -20.05 32.60 -29.95
CA ASN J 214 -20.91 29.08 -30.93
CA ALA J 215 -24.51 28.03 -30.69
CA ASP J 216 -25.79 24.51 -31.13
CA LEU J 217 -29.25 24.26 -32.55
CA GLN J 218 -31.10 21.06 -32.00
CA VAL J 219 -34.27 20.55 -33.97
CA LEU J 220 -34.62 16.99 -32.57
CA LYS J 221 -37.84 14.70 -32.73
CA PRO J 222 -38.83 15.30 -29.15
CA GLU J 223 -42.24 14.19 -27.95
CA PRO J 224 -43.97 12.88 -24.94
CA GLU J 225 -42.57 9.45 -24.31
CA LEU J 226 -45.72 8.36 -22.59
CA VAL J 227 -49.13 9.92 -22.42
CA TYR J 228 -51.79 8.64 -20.07
CA GLU J 229 -55.35 9.83 -19.88
CA ASP J 230 -58.77 8.72 -18.79
CA LEU J 231 -61.56 7.56 -21.02
CA ARG J 232 -63.76 10.21 -22.55
CA GLY J 233 -61.01 12.71 -21.99
CA SER J 234 -59.35 14.81 -24.62
CA VAL J 235 -55.64 14.64 -25.10
CA THR J 236 -53.07 16.59 -27.01
CA PHE J 237 -49.66 15.48 -28.12
CA HIS J 238 -46.93 17.96 -28.85
CA CYS J 239 -44.04 16.99 -31.09
CA ALA J 240 -41.00 19.15 -31.89
CA LEU J 241 -38.75 19.35 -34.97
CA GLY J 242 -36.08 21.28 -37.02
CA PRO J 243 -35.83 23.34 -40.17
CA GLU J 244 -36.29 20.94 -43.07
CA VAL J 245 -39.08 19.82 -40.91
CA ALA J 246 -40.95 23.11 -40.92
CA ASN J 247 -42.20 22.63 -44.47
CA VAL J 248 -42.25 18.84 -44.44
CA ALA J 249 -45.49 16.93 -43.99
CA LYS J 250 -46.36 16.09 -40.41
CA PHE J 251 -48.12 12.92 -39.53
CA LEU J 252 -49.47 10.95 -36.64
CA CYS J 253 -49.73 7.24 -37.11
CA ARG J 254 -50.62 4.17 -35.12
CA GLN J 255 -48.07 1.42 -35.01
CA SER J 256 -49.30 -1.87 -36.27
CA SER J 257 -47.90 -5.33 -36.67
CA GLY J 258 -45.26 -5.47 -39.34
CA GLU J 259 -43.31 -2.46 -40.35
CA ASN J 260 -46.26 -0.28 -41.21
CA CYS J 261 -47.81 2.58 -39.35
CA ASP J 262 -51.14 3.79 -40.57
CA VAL J 263 -51.49 7.51 -40.72
CA VAL J 264 -54.36 8.65 -38.59
CA VAL J 265 -54.02 12.25 -39.69
CA ASN J 266 -51.57 14.40 -41.62
CA THR J 267 -50.70 18.03 -42.25
CA LEU J 268 -51.34 17.07 -45.88
CA GLY J 269 -55.05 17.31 -45.42
CA LYS J 270 -55.82 13.66 -45.05
CA ARG J 271 -57.96 12.73 -42.10
CA ALA J 272 -58.83 9.12 -41.34
CA PRO J 273 -62.43 8.39 -40.82
CA ALA J 274 -61.85 7.00 -37.35
CA PHE J 275 -60.27 10.33 -36.53
CA GLU J 276 -62.52 12.55 -38.63
CA GLY J 277 -64.14 15.17 -36.46
CA ARG J 278 -62.56 13.51 -33.44
CA ILE J 279 -59.05 14.85 -33.92
CA LEU J 280 -57.08 17.79 -35.23
CA LEU J 281 -53.43 18.20 -36.13
CA ASN J 282 -52.03 21.68 -36.35
CA PRO J 283 -48.55 22.77 -37.10
CA GLN J 284 -46.76 25.78 -35.76
CA ASP J 285 -43.59 26.45 -37.69
CA LYS J 286 -42.33 29.19 -35.45
CA ASP J 287 -42.42 27.15 -32.29
CA GLY J 288 -41.27 24.11 -34.19
CA SER J 289 -44.10 21.99 -32.98
CA PHE J 290 -47.29 20.47 -34.18
CA SER J 291 -50.05 19.32 -31.95
CA VAL J 292 -52.41 16.43 -32.35
CA VAL J 293 -55.61 16.86 -30.42
CA ILE J 294 -57.71 13.79 -29.88
CA THR J 295 -61.05 13.74 -28.14
CA GLY J 296 -63.42 11.04 -27.00
CA LEU J 297 -60.53 8.88 -25.88
CA ARG J 298 -61.53 5.26 -25.76
CA LYS J 299 -59.86 2.04 -24.71
CA GLU J 300 -59.19 1.53 -28.38
CA ASP J 301 -56.86 4.51 -28.22
CA ALA J 302 -54.27 2.91 -25.96
CA GLY J 303 -51.32 1.78 -28.01
CA ARG J 304 -48.11 2.92 -29.67
CA TYR J 305 -48.08 5.80 -32.09
CA LEU J 306 -45.50 7.83 -33.96
CA CYS J 307 -45.44 11.44 -34.90
CA GLY J 308 -42.96 12.41 -37.50
CA ALA J 309 -42.15 14.33 -40.62
CA HIS J 310 -42.02 13.28 -44.24
CA SER J 311 -43.05 9.78 -45.10
CA ASP J 312 -43.60 7.21 -42.38
CA GLY J 313 -41.06 4.44 -42.68
CA GLN J 314 -38.50 7.18 -43.07
CA LEU J 315 -38.32 6.66 -39.36
CA GLN J 316 -37.81 10.34 -38.90
CA GLU J 317 -40.26 10.18 -36.05
CA GLY J 318 -40.68 9.73 -32.34
CA SER J 319 -42.61 6.98 -30.67
CA PRO J 320 -45.30 7.96 -28.30
CA ILE J 321 -46.98 5.49 -26.00
CA GLN J 322 -50.56 6.24 -25.16
CA ALA J 323 -52.41 4.58 -22.36
CA TRP J 324 -55.98 5.15 -21.37
CA GLN J 325 -57.09 1.50 -22.10
CA LEU J 326 -54.08 -0.15 -20.23
CA PHE J 327 -54.60 -3.67 -18.44
CA VAL J 328 -53.14 -7.17 -19.81
CA ASN J 329 -54.79 -10.78 -19.96
CA GLU J 330 -57.64 -9.84 -17.32
CA GLU J 331 -59.74 -7.06 -16.07
CA SER J 332 -57.42 -5.95 -13.17
CA THR J 333 -59.56 -4.08 -10.22
CA ILE J 334 -63.10 -5.83 -9.97
CA PRO J 335 -62.85 -8.81 -9.70
CA ARG J 336 -60.50 -8.16 -6.85
CA SER J 337 -59.61 -10.26 -3.88
CA PRO J 338 -56.69 -11.25 -1.81
CA THR J 339 -54.08 -12.93 -3.93
CA VAL J 340 -52.84 -14.93 -1.02
CA VAL J 341 -54.31 -15.63 2.35
CA LYS J 342 -52.47 -17.29 5.16
CA GLY J 343 -53.94 -18.73 8.28
CA VAL J 344 -53.02 -21.31 10.80
CA ALA J 345 -54.62 -24.53 11.96
CA GLY J 346 -58.02 -24.32 13.65
CA SER J 347 -58.44 -20.58 13.06
CA SER J 348 -61.22 -19.16 10.88
CA VAL J 349 -60.68 -17.06 7.81
CA ALA J 350 -62.75 -14.73 5.72
CA VAL J 351 -62.17 -13.84 2.11
CA LEU J 352 -63.72 -10.81 0.48
CA CYS J 353 -64.06 -10.31 -3.28
CA PRO J 354 -65.34 -7.21 -5.05
CA TYR J 355 -67.54 -7.02 -8.23
CA ASN J 356 -69.66 -4.81 -10.69
CA ARG J 357 -73.33 -4.04 -11.51
CA LYS J 358 -74.46 -6.95 -13.65
CA GLU J 359 -72.51 -8.86 -11.15
CA SER J 360 -74.69 -7.72 -8.28
CA LYS J 361 -77.43 -10.03 -9.53
CA SER J 362 -75.33 -12.93 -10.77
CA ILE J 363 -74.44 -16.03 -8.80
CA LYS J 364 -71.37 -15.85 -6.61
CA TYR J 365 -69.23 -18.84 -6.02
CA TRP J 366 -66.13 -20.16 -4.29
CA CYS J 367 -64.22 -23.04 -5.89
CA LEU J 368 -61.08 -25.07 -5.46
CA TRP J 369 -58.85 -25.42 -8.48
CA GLU J 370 -58.33 -28.90 -9.81
CA GLY J 371 -55.17 -29.98 -11.55
CA ALA J 372 -55.51 -31.56 -14.96
CA GLN J 373 -55.20 -30.65 -18.57
CA ASN J 374 -58.88 -29.99 -18.30
CA GLY J 375 -59.88 -29.48 -14.74
CA ARG J 376 -62.77 -27.76 -13.17
CA CYS J 377 -62.83 -25.88 -9.94
CA PRO J 378 -65.25 -27.69 -7.79
CA LEU J 379 -68.06 -25.51 -6.54
CA LEU J 380 -67.37 -25.38 -2.84
CA VAL J 381 -70.16 -22.93 -1.91
CA ASP J 382 -72.48 -20.75 -3.96
CA SER J 383 -74.87 -17.82 -3.53
CA GLU J 384 -77.50 -20.10 -4.99
CA GLY J 385 -77.95 -22.03 -1.81
CA TRP J 386 -75.58 -24.83 -2.63
CA VAL J 387 -72.98 -25.87 -0.12
CA LYS J 388 -70.54 -28.74 -0.51
CA ALA J 389 -70.50 -31.52 2.02
CA GLN J 390 -67.02 -30.70 3.19
CA TYR J 391 -68.01 -27.09 3.75
CA GLU J 392 -71.55 -27.61 5.04
CA GLY J 393 -71.77 -25.96 8.43
CA ARG J 394 -68.09 -25.08 8.30
CA LEU J 395 -68.33 -22.18 5.90
CA SER J 396 -70.62 -19.40 4.74
CA LEU J 397 -70.92 -17.15 1.70
CA LEU J 398 -72.59 -13.78 2.06
CA GLU J 399 -73.21 -11.22 -0.64
CA GLU J 400 -73.73 -7.55 -0.03
CA PRO J 401 -74.54 -5.88 -3.27
CA GLY J 402 -74.32 -2.29 -2.12
CA ASN J 403 -70.73 -2.77 -1.13
CA GLY J 404 -70.07 -4.85 -4.18
CA THR J 405 -68.59 -7.62 -2.15
CA PHE J 406 -69.31 -11.10 -1.00
CA THR J 407 -67.52 -12.81 1.82
CA VAL J 408 -66.66 -16.43 2.28
CA ILE J 409 -66.09 -17.37 5.86
CA LEU J 410 -64.45 -20.67 6.59
CA ASN J 411 -63.89 -22.15 10.02
CA GLN J 412 -61.91 -25.09 11.31
CA LEU J 413 -59.18 -24.64 8.76
CA THR J 414 -57.32 -27.89 8.35
CA SER J 415 -54.31 -29.09 6.43
CA ARG J 416 -56.65 -30.07 3.63
CA ASP J 417 -57.62 -26.44 3.14
CA ALA J 418 -54.32 -25.21 1.79
CA GLY J 419 -54.62 -24.88 -1.95
CA PHE J 420 -55.83 -22.72 -4.81
CA TYR J 421 -59.31 -21.35 -4.91
CA TRP J 422 -61.33 -18.95 -7.01
CA CYS J 423 -64.10 -16.53 -6.19
CA LEU J 424 -66.14 -15.60 -9.19
CA THR J 425 -69.49 -14.56 -10.61
CA ASN J 426 -71.80 -16.59 -12.87
CA GLY J 427 -70.56 -19.87 -14.27
CA ASP J 428 -67.22 -21.29 -13.18
CA THR J 429 -66.01 -21.78 -16.74
CA LEU J 430 -66.46 -18.16 -17.67
CA TRP J 431 -63.35 -17.34 -15.66
CA ARG J 432 -64.65 -14.01 -14.49
CA THR J 433 -63.06 -14.83 -11.17
CA THR J 434 -60.01 -14.03 -9.12
CA VAL J 435 -57.57 -16.66 -8.01
CA GLU J 436 -56.77 -16.90 -4.34
CA ILE J 437 -54.08 -19.00 -2.78
CA LYS J 438 -54.76 -20.15 0.71
CA ILE J 439 -52.03 -21.54 2.88
CA ILE J 440 -53.04 -23.05 6.16
CA GLU J 441 -51.56 -24.89 9.38
CA GLY J 442 -52.63 -26.81 11.85
CA GLU J 443 -53.89 -30.23 13.36
CA PRO J 444 -51.64 -32.66 11.60
CA ASN J 445 -52.40 -34.48 8.33
CA LEU J 446 -52.42 -35.65 4.56
CA LYS J 447 -53.16 -34.35 1.12
CA VAL J 448 -55.58 -35.73 -1.40
CA PRO J 449 -58.04 -34.77 -4.03
CA GLY J 450 -61.01 -34.32 -1.81
CA ASN J 451 -63.13 -34.31 -4.92
CA VAL J 452 -63.35 -36.87 -7.65
CA THR J 453 -65.92 -37.40 -10.35
CA ALA J 454 -66.46 -40.45 -12.50
CA VAL J 455 -69.12 -42.24 -14.44
CA LEU J 456 -70.55 -45.56 -13.52
CA GLY J 457 -68.63 -48.48 -14.94
CA GLU J 458 -65.39 -46.55 -14.98
CA THR J 459 -62.29 -47.04 -12.91
CA LEU J 460 -60.98 -44.32 -10.65
CA LYS J 461 -57.70 -43.70 -8.89
CA VAL J 462 -56.96 -41.30 -6.07
CA PRO J 463 -53.61 -40.38 -4.67
CA CYS J 464 -52.82 -39.51 -1.06
CA HIS J 465 -49.67 -38.03 0.46
CA PHE J 466 -48.14 -38.58 3.88
CA PRO J 467 -44.94 -38.60 5.89
CA CYS J 468 -42.20 -41.23 6.29
CA LYS J 469 -43.20 -42.48 9.72
CA PHE J 470 -46.52 -42.98 8.09
CA SER J 471 -44.71 -45.03 5.49
CA SER J 472 -44.78 -47.95 7.90
CA TYR J 473 -48.35 -47.24 9.06
CA GLU J 474 -51.33 -49.08 7.63
CA LYS J 475 -52.95 -47.15 4.82
CA TYR J 476 -56.67 -47.23 4.43
CA TRP J 477 -59.57 -46.10 2.30
CA CYS J 478 -62.88 -45.79 4.11
CA LYS J 479 -66.45 -45.19 3.13
CA TRP J 480 -68.72 -42.68 4.78
CA ASN J 481 -72.04 -43.61 6.34
CA ASN J 482 -70.52 -46.59 8.05
CA THR J 483 -69.84 -47.18 11.67
CA GLY J 484 -67.10 -44.68 11.93
CA CYS J 485 -65.69 -45.05 8.48
CA GLN J 486 -66.34 -48.26 6.68
CA ALA J 487 -63.06 -49.87 5.99
CA LEU J 488 -62.73 -50.50 2.32
CA PRO J 489 -59.34 -51.52 1.10
CA SER J 490 -56.38 -51.18 3.42
CA GLN J 491 -52.73 -51.99 3.05
CA ASP J 492 -54.26 -55.24 1.95
CA GLU J 493 -56.15 -55.70 -1.36
CA GLY J 494 -59.70 -55.99 -2.71
CA PRO J 495 -61.97 -55.07 -5.60
CA SER J 496 -59.28 -52.78 -6.73
CA LYS J 497 -55.84 -51.84 -5.69
CA ALA J 498 -54.23 -49.68 -3.09
CA PHE J 499 -50.58 -49.15 -3.70
CA VAL J 500 -48.19 -47.62 -1.30
CA ASN J 501 -44.89 -46.10 -2.14
CA CYS J 502 -42.71 -46.28 0.91
CA ASP J 503 -40.17 -43.87 2.26
CA GLU J 504 -38.79 -43.18 -1.17
CA ASN J 505 -42.03 -41.72 -2.39
CA SER J 506 -44.67 -41.22 0.18
CA ARG J 507 -47.88 -41.70 -1.66
CA LEU J 508 -50.69 -44.18 -1.70
CA VAL J 509 -52.80 -44.74 -4.75
CA SER J 510 -56.20 -46.27 -4.57
CA LEU J 511 -57.72 -47.51 -7.72
CA THR J 512 -61.27 -48.68 -7.91
CA LEU J 513 -62.72 -50.66 -10.73
CA ASN J 514 -66.23 -51.01 -12.02
CA LEU J 515 -67.64 -48.05 -10.21
CA VAL J 516 -70.75 -48.91 -12.12
CA THR J 517 -72.42 -48.83 -8.80
CA ARG J 518 -74.27 -45.82 -7.51
CA ALA J 519 -73.21 -47.00 -4.10
CA ASP J 520 -69.69 -45.85 -4.82
CA GLU J 521 -70.68 -42.21 -4.84
CA GLY J 522 -70.31 -40.78 -1.37
CA TRP J 523 -67.79 -39.41 1.08
CA TYR J 524 -64.61 -41.30 1.74
CA TRP J 525 -61.47 -40.93 3.75
CA CYS J 526 -57.87 -41.80 3.05
CA GLY J 527 -55.57 -42.07 5.99
CA VAL J 528 -52.93 -43.92 7.93
CA LYS J 529 -53.12 -45.99 11.08
CA GLN J 530 -56.49 -46.77 12.58
CA GLY J 531 -59.58 -45.09 11.20
CA HIS J 532 -60.48 -43.74 14.63
CA PHE J 533 -57.26 -41.75 14.83
CA TYR J 534 -58.68 -39.49 12.14
CA GLY J 535 -55.29 -38.87 10.69
CA GLU J 536 -56.79 -38.76 7.26
CA THR J 537 -58.17 -36.65 4.46
CA ALA J 538 -61.73 -36.45 3.29
CA ALA J 539 -62.53 -37.10 -0.32
CA VAL J 540 -65.85 -36.77 -2.03
CA TYR J 541 -66.55 -39.05 -4.91
CA VAL J 542 -69.41 -38.50 -7.25
CA ALA J 543 -70.39 -41.29 -9.56
CA VAL J 544 -55.51 -35.90 2.50
CA GLU J 545 -58.04 -33.04 3.37
CA GLU J 546 -60.07 -32.80 0.19
CA ARG J 547 -61.85 -30.03 -0.33
CA LYS J 548 -59.24 -27.67 1.47
CA ALA J 549 -61.27 -24.82 3.17
CA ALA J 550 -60.52 -24.49 7.11
CA GLY J 551 -60.58 -20.74 7.94
CA SER J 552 -62.89 -20.09 6.06
CA ARG J 553 -64.42 -20.43 2.43
CA ASP J 554 -62.20 -21.73 -0.39
CA VAL J 555 -61.37 -19.48 -2.38
CA SER J 556 -62.70 -16.04 -1.01
CA LEU J 557 -62.28 -14.87 2.59
CA ALA J 558 -59.30 -15.20 3.49
CA LYS J 559 -57.67 -16.24 0.14
CA ALA J 560 -54.92 -18.12 2.17
CA ASP J 561 -57.42 -20.46 4.11
CA ALA J 562 -55.28 -22.50 6.71
CA ALA J 563 -53.40 -23.10 10.16
CA PRO J 564 -49.67 -24.30 9.78
CA ASP J 565 -49.28 -27.06 12.60
CA GLU J 566 -51.52 -29.95 11.26
CA LYS J 567 -52.98 -31.14 7.59
CA VAL J 568 -56.38 -32.83 8.99
CA LEU J 569 -58.90 -30.08 10.20
CA ASP J 570 -62.33 -30.54 8.17
CA SER J 571 -62.99 -34.47 7.62
CA GLY J 572 -65.08 -36.49 6.48
CA PHE J 573 -66.71 -33.39 4.80
CA ARG J 574 -70.14 -33.16 3.07
CA GLU J 575 -68.14 -31.48 0.06
CA ILE J 576 -70.72 -30.58 -2.94
CA GLU J 577 -74.16 -32.32 -2.88
CA ASN J 578 -77.51 -30.62 -1.75
CA LYS J 579 -78.69 -32.52 1.50
CA ALA J 580 -79.50 -29.82 2.69
CA ILE J 581 -76.51 -27.58 1.59
CA GLN J 582 -75.03 -26.89 -1.93
CA ASP J 583 -71.89 -24.65 -0.59
CA PRO J 584 -68.49 -26.45 0.83
CA ARG J 585 -68.35 -25.20 4.48
CA GLN A 1 55.15 33.13 -97.15
CA VAL A 2 53.79 29.78 -95.98
CA LYS A 3 55.94 27.02 -97.50
CA LEU A 4 56.42 27.57 -101.27
CA LEU A 5 54.13 24.86 -102.63
CA GLU A 6 51.68 23.61 -99.97
CA GLN A 7 49.76 20.50 -101.08
CA SER A 8 46.68 18.76 -99.64
CA GLY A 9 46.12 15.77 -97.33
CA ALA A 10 46.02 11.98 -97.59
CA GLU A 11 42.64 10.93 -99.01
CA VAL A 12 41.53 7.37 -98.23
CA LYS A 13 39.63 6.15 -101.30
CA LYS A 14 37.88 2.81 -101.77
CA PRO A 15 38.92 0.88 -104.95
CA GLY A 16 36.96 2.26 -107.88
CA ALA A 17 36.66 5.86 -106.66
CA SER A 18 38.09 9.25 -107.63
CA VAL A 19 40.87 11.38 -106.08
CA LYS A 20 41.74 15.07 -106.56
CA VAL A 21 44.98 16.38 -105.04
CA SER A 22 45.71 20.12 -105.16
CA CYS A 23 48.95 22.16 -105.17
CA LYS A 24 48.84 25.71 -103.79
CA ALA A 25 51.66 28.06 -104.81
CA SER A 26 53.05 31.30 -103.36
CA GLY A 27 55.98 33.69 -103.25
CA TYR A 28 56.52 33.52 -107.01
CA SER A 29 54.58 34.24 -110.20
CA PHE A 30 52.16 31.42 -111.07
CA THR A 31 51.69 32.15 -114.79
CA SER A 32 55.46 32.00 -115.43
CA TYR A 33 56.34 28.46 -114.28
CA GLY A 34 54.98 24.96 -114.88
CA LEU A 35 54.20 22.09 -112.48
CA HIS A 36 55.06 18.38 -112.79
CA TRP A 37 53.51 15.51 -110.81
CA VAL A 38 55.66 12.67 -109.46
CA ARG A 39 54.68 9.87 -107.05
CA GLN A 40 56.38 7.02 -105.14
CA ALA A 41 55.11 3.57 -104.12
CA PRO A 42 56.15 2.26 -100.65
CA GLY A 43 59.57 0.72 -101.26
CA GLN A 44 59.85 1.66 -104.94
CA ARG A 45 61.34 4.43 -107.13
CA LEU A 46 59.73 7.75 -108.13
CA GLU A 47 57.49 7.65 -111.21
CA TRP A 48 56.63 10.70 -113.34
CA MET A 49 52.89 11.14 -113.96
CA GLY A 50 52.62 14.32 -116.01
CA TRP A 51 52.89 18.09 -116.42
CA ILE A 52 50.70 21.16 -116.96
CA SER A 53 51.58 24.72 -117.99
CA ALA A 54 50.10 27.44 -115.77
CA GLY A 55 50.15 29.96 -118.63
CA THR A 56 48.18 28.29 -121.41
CA GLY A 57 46.92 25.03 -119.90
CA ASN A 58 48.54 22.38 -122.12
CA THR A 59 48.53 18.81 -120.80
CA LYS A 60 51.46 16.40 -121.25
CA TYR A 61 51.14 13.12 -119.33
CA SER A 62 52.72 9.67 -119.77
CA GLN A 63 51.28 6.69 -121.66
CA LYS A 64 51.06 4.74 -118.40
CA PHE A 65 47.94 6.39 -116.96
CA ARG A 66 46.37 6.94 -120.39
CA GLY A 67 42.63 7.51 -120.16
CA ARG A 68 42.28 8.07 -116.41
CA VAL A 69 44.38 11.15 -115.57
CA THR A 70 43.55 14.85 -115.84
CA PHE A 71 45.17 18.16 -114.89
CA THR A 72 43.34 21.42 -114.14
CA ARG A 73 44.49 24.87 -112.97
CA ASP A 74 42.74 27.91 -111.47
CA THR A 75 44.38 31.18 -112.57
CA SER A 76 42.89 33.52 -109.95
CA ALA A 77 43.27 30.99 -107.11
CA THR A 78 46.92 29.97 -107.61
CA THR A 79 46.38 26.21 -107.17
CA ALA A 80 47.07 23.22 -109.43
CA TYR A 81 45.00 20.02 -109.57
CA MET A 82 45.28 16.33 -110.50
CA GLY A 83 42.61 13.71 -111.19
CA LEU A 84 42.68 9.89 -111.31
CA SER A 85 39.63 7.65 -111.81
CA SER A 86 39.32 3.87 -111.32
CA LEU A 87 41.75 3.62 -108.38
CA ARG A 88 43.39 0.26 -107.63
CA PRO A 89 45.10 -1.38 -104.58
CA GLU A 90 48.49 -0.70 -106.21
CA ASP A 91 48.11 3.09 -106.39
CA THR A 92 49.12 3.49 -102.72
CA ALA A 93 51.86 6.10 -103.15
CA VAL A 94 53.08 9.52 -102.05
CA TYR A 95 52.33 12.12 -104.72
CA TYR A 96 54.31 15.36 -105.18
CA CYS A 97 53.92 18.49 -107.32
CA ALA A 98 57.29 19.85 -108.46
CA ARG A 99 57.82 23.17 -110.27
CA ASP A 100 59.20 23.92 -113.76
CA PRO A 101 62.19 26.36 -113.69
CA TYR A 102 61.83 26.91 -117.45
CA GLY A 103 58.21 26.36 -118.46
CA GLY A 104 59.09 23.91 -121.22
CA GLY A 105 57.74 20.63 -119.88
CA LYS A 106 61.08 18.81 -119.85
CA SER A 107 63.66 19.64 -117.16
CA GLU A 108 64.65 19.26 -113.49
CA PHE A 109 62.71 19.94 -110.27
CA ASP A 110 63.90 22.66 -107.89
CA TYR A 111 60.88 22.89 -105.55
CA TRP A 112 59.06 19.89 -104.09
CA GLY A 113 55.97 19.79 -101.87
CA GLN A 114 55.21 17.83 -98.69
CA GLY A 115 53.53 14.92 -100.45
CA THR A 116 50.09 13.29 -100.27
CA LEU A 117 49.74 9.59 -99.39
CA VAL A 118 46.60 8.26 -101.08
CA THR A 119 45.89 4.75 -99.81
CA VAL A 120 43.33 2.73 -101.78
CA SER A 121 41.85 -0.05 -99.63
CA SER A 122 38.31 -1.37 -99.07
CA ALA A 123 38.94 -2.13 -95.38
CA SER A 124 36.94 -0.03 -92.90
CA PRO A 125 39.34 2.77 -91.80
CA THR A 126 39.32 3.72 -88.12
CA SER A 127 40.50 6.67 -86.02
CA PRO A 128 43.56 6.09 -83.76
CA LYS A 129 43.24 5.89 -79.97
CA VAL A 130 46.02 7.92 -78.34
CA PHE A 131 47.17 6.76 -74.88
CA PRO A 132 49.51 8.45 -72.38
CA LEU A 133 52.63 6.39 -71.65
CA SER A 134 53.54 7.96 -68.32
CA LEU A 135 55.82 5.93 -66.03
CA ASP A 136 55.68 4.87 -62.37
CA SER A 137 59.28 5.58 -61.36
CA THR A 138 60.61 2.69 -63.48
CA PRO A 139 63.48 4.69 -65.07
CA GLN A 140 66.38 6.38 -63.28
CA ASP A 141 67.28 9.65 -61.54
CA GLY A 142 68.59 12.07 -64.14
CA ASN A 143 66.16 12.00 -67.06
CA VAL A 144 62.41 11.44 -67.40
CA VAL A 145 61.03 9.40 -70.31
CA VAL A 146 57.43 10.08 -71.41
CA ALA A 147 55.49 8.97 -74.52
CA CYS A 148 52.17 8.86 -76.38
CA LEU A 149 50.96 5.54 -77.81
CA VAL A 150 48.72 6.14 -80.85
CA GLN A 151 47.04 2.74 -81.28
CA GLY A 152 44.67 1.40 -83.94
CA PHE A 153 44.57 3.32 -87.22
CA PHE A 154 44.11 2.22 -90.82
CA PRO A 155 45.82 2.99 -93.09
CA GLN A 156 49.27 4.07 -91.85
CA GLU A 157 49.23 7.68 -93.12
CA PRO A 158 51.83 10.46 -92.59
CA LEU A 159 51.42 11.07 -88.84
CA SER A 160 52.62 14.53 -87.79
CA VAL A 161 53.37 14.78 -84.06
CA THR A 162 54.66 17.87 -82.24
CA TRP A 163 55.21 18.07 -78.47
CA SER A 164 54.84 21.39 -76.64
CA GLU A 165 58.33 21.75 -75.16
CA SER A 166 61.56 22.08 -77.15
CA GLY A 167 65.20 22.92 -76.49
CA GLN A 168 68.73 21.51 -76.52
CA ASN A 169 68.77 18.61 -74.05
CA VAL A 170 65.36 17.30 -75.16
CA THR A 171 64.92 14.66 -77.87
CA ALA A 172 61.77 13.47 -79.66
CA ARG A 173 61.58 10.38 -81.89
CA ASN A 174 58.75 9.39 -84.26
CA PHE A 175 58.48 5.58 -84.30
CA PRO A 176 57.68 3.92 -87.68
CA PRO A 177 54.24 2.30 -88.30
CA SER A 178 53.92 -1.46 -87.69
CA GLN A 179 51.35 -4.05 -88.83
CA ASP A 180 49.59 -6.80 -86.86
CA ALA A 181 48.10 -9.92 -88.47
CA SER A 182 47.47 -9.26 -92.18
CA GLY A 183 46.61 -5.55 -92.32
CA ASP A 184 43.86 -5.30 -89.70
CA LEU A 185 45.34 -2.26 -87.94
CA TYR A 186 48.46 -0.08 -87.61
CA THR A 187 50.07 1.31 -84.43
CA THR A 188 52.65 4.01 -83.60
CA SER A 189 54.13 6.02 -80.74
CA SER A 190 55.78 9.34 -79.87
CA GLN A 191 58.47 9.63 -77.17
CA LEU A 192 60.16 12.62 -75.53
CA THR A 193 63.25 12.08 -73.38
CA LEU A 194 63.96 15.18 -71.28
CA PRO A 195 66.11 16.02 -68.22
CA ALA A 196 64.39 15.95 -64.81
CA THR A 197 65.16 19.65 -64.34
CA GLN A 198 62.67 20.43 -67.14
CA CYS A 199 59.31 18.86 -66.16
CA PRO A 200 58.30 20.84 -63.03
CA ASP A 201 56.49 19.08 -60.15
CA GLY A 202 52.78 19.62 -60.76
CA LYS A 203 52.51 20.16 -64.53
CA SER A 204 52.45 18.09 -67.74
CA VAL A 205 53.46 18.04 -71.42
CA THR A 206 50.95 17.81 -74.28
CA CYS A 207 51.50 15.66 -77.39
CA HIS A 208 49.69 16.73 -80.57
CA VAL A 209 49.01 13.95 -83.09
CA LYS A 210 47.64 14.73 -86.55
CA HIS A 211 46.48 12.12 -89.07
CA TYR A 212 45.33 13.50 -92.44
CA THR A 213 43.59 16.91 -92.30
CA ASN A 214 41.49 15.51 -89.44
CA PRO A 215 41.32 17.65 -86.24
CA SER A 216 44.51 17.45 -84.17
CA GLN A 217 43.98 15.24 -81.11
CA ASP A 218 45.65 16.78 -78.05
CA VAL A 219 46.52 14.74 -74.93
CA THR A 220 47.86 15.92 -71.56
CA VAL A 221 50.86 13.67 -70.76
CA PRO A 222 51.93 14.09 -67.08
CA CYS A 223 55.18 13.40 -65.21
CA PRO A 224 56.12 14.55 -61.40
CA VAL A 225 54.77 13.69 -57.90
CA PRO A 226 52.58 15.70 -55.18
CA PRO A 227 53.07 15.25 -51.41
CA PRO A 228 49.92 15.25 -48.98
CA PRO A 229 49.43 18.68 -46.78
CA PRO A 230 49.23 18.04 -43.03
CA CYS A 231 48.27 20.75 -40.37
CA CYS A 232 47.26 19.98 -36.75
CA HIS A 233 45.08 21.59 -34.10
CA PRO A 234 45.47 21.46 -30.16
CA ARG A 235 43.28 18.93 -28.28
CA LEU A 236 43.31 15.56 -26.44
CA SER A 237 40.62 12.86 -26.22
CA LEU A 238 40.31 9.32 -24.85
CA HIS A 239 38.52 6.37 -26.47
CA ARG A 240 36.85 3.79 -24.23
CA PRO A 241 36.97 0.16 -25.48
CA ALA A 242 33.89 -1.54 -26.93
CA LEU A 243 31.47 -3.39 -24.66
CA GLU A 244 30.76 -6.36 -26.94
CA ASP A 245 34.48 -7.11 -27.38
CA LEU A 246 35.66 -7.09 -23.73
CA LEU A 247 32.76 -9.25 -22.52
CA LEU A 248 33.15 -12.13 -24.98
CA GLY A 249 36.89 -12.81 -24.78
CA SER A 250 38.70 -10.30 -22.53
CA GLU A 251 40.12 -8.43 -25.54
CA ALA A 252 40.03 -4.75 -24.54
CA ASN A 253 42.13 -1.65 -25.28
CA LEU A 254 41.96 2.04 -24.37
CA THR A 255 43.28 4.54 -26.93
CA CYS A 256 44.85 7.92 -26.05
CA THR A 257 45.00 9.96 -29.26
CA LEU A 258 46.15 13.60 -29.48
CA THR A 259 44.37 15.03 -32.53
CA GLY A 260 45.47 18.67 -32.91
CA LEU A 261 48.66 20.61 -32.04
CA ARG A 262 51.11 22.35 -34.49
CA ASP A 263 54.04 20.48 -36.25
CA ALA A 264 57.51 18.96 -35.80
CA SER A 265 58.12 17.41 -32.38
CA GLY A 266 57.97 14.01 -30.66
CA ALA A 267 55.69 13.34 -27.68
CA THR A 268 56.04 10.77 -24.89
CA PHE A 269 53.61 8.85 -22.63
CA THR A 270 53.18 7.76 -19.00
CA TRP A 271 50.50 5.04 -18.78
CA THR A 272 49.44 3.52 -15.47
CA PRO A 273 49.37 -0.29 -14.96
CA SER A 274 46.17 -2.27 -14.35
CA SER A 275 45.13 -4.42 -11.39
CA GLY A 276 47.28 -7.23 -12.76
CA LYS A 277 50.35 -4.97 -12.85
CA SER A 278 50.87 -4.83 -16.63
CA ALA A 279 51.77 -1.89 -18.87
CA VAL A 280 52.24 -2.28 -22.64
CA GLN A 281 52.31 0.52 -25.24
CA GLY A 282 53.59 1.41 -28.71
CA PRO A 283 52.65 4.90 -30.05
CA PRO A 284 53.46 5.39 -33.77
CA GLU A 285 53.45 8.56 -35.90
CA ARG A 286 50.87 8.91 -38.71
CA ASP A 287 50.34 11.91 -41.01
CA LEU A 288 46.89 13.54 -40.81
CA CYS A 289 46.10 16.71 -42.79
CA GLY A 290 49.83 17.15 -43.27
CA CYS A 291 50.47 17.09 -39.53
CA TYR A 292 52.19 14.24 -37.46
CA SER A 293 50.09 12.12 -35.03
CA VAL A 294 50.97 10.26 -31.80
CA SER A 295 48.39 7.65 -30.67
CA SER A 296 49.04 4.95 -28.05
CA VAL A 297 46.92 1.92 -27.07
CA LEU A 298 47.03 0.22 -23.64
CA PRO A 299 45.66 -3.37 -23.83
CA GLY A 300 43.76 -4.11 -20.62
CA CYS A 301 41.93 -7.07 -19.11
CA ALA A 302 38.24 -7.52 -18.25
CA GLN A 303 38.52 -7.72 -14.45
CA PRO A 304 39.94 -4.19 -13.90
CA TRP A 305 37.16 -2.68 -16.02
CA ASN A 306 34.50 -4.71 -14.21
CA HIS A 307 35.89 -3.79 -10.79
CA GLY A 308 36.65 -0.20 -11.76
CA GLU A 309 40.30 0.87 -12.05
CA THR A 310 41.53 4.38 -12.88
CA PHE A 311 43.06 4.44 -16.38
CA THR A 312 45.02 7.69 -16.79
CA CYS A 313 47.15 8.98 -19.71
CA THR A 314 49.65 11.84 -19.46
CA ALA A 315 51.25 13.31 -22.60
CA ALA A 316 54.06 15.82 -21.91
CA HIS A 317 55.77 18.13 -24.39
CA PRO A 318 58.06 21.17 -24.36
CA GLU A 319 55.37 23.62 -25.52
CA LEU A 320 52.65 21.55 -23.89
CA LYS A 321 54.41 22.64 -20.73
CA THR A 322 51.50 21.54 -18.58
CA PRO A 323 51.27 17.75 -19.14
CA LEU A 324 47.60 17.08 -19.85
CA THR A 325 46.17 14.46 -17.49
CA ALA A 326 43.10 12.44 -18.52
CA ASN A 327 41.34 9.77 -16.44
CA ILE A 328 38.41 7.49 -17.33
CA THR A 329 36.48 4.94 -15.25
CA LYS A 330 32.98 3.42 -15.12
CA SER A 331 29.98 5.40 -13.90
CA GLY A 332 27.39 5.50 -11.13
CA ASN A 333 26.89 3.27 -8.10
CA THR A 334 25.53 -0.31 -7.94
CA PHE A 335 21.82 -1.20 -8.11
CA ARG A 336 20.44 -4.77 -7.89
CA PRO A 337 18.52 -5.89 -11.02
CA GLU A 338 14.94 -7.14 -10.68
CA VAL A 339 14.15 -9.78 -13.31
CA HIS A 340 10.50 -10.30 -14.33
CA LEU A 341 9.78 -13.10 -16.83
CA LEU A 342 6.64 -12.38 -18.89
CA PRO A 343 4.41 -15.04 -20.52
CA PRO A 344 3.11 -14.74 -24.13
CA PRO A 345 -0.22 -12.90 -24.54
CA SER A 346 -3.59 -14.42 -25.47
CA GLU A 347 -3.71 -13.06 -29.03
CA GLU A 348 -0.16 -14.27 -29.71
CA LEU A 349 -1.19 -17.92 -29.35
CA ALA A 350 -2.89 -17.55 -32.74
CA LEU A 351 0.44 -17.69 -34.61
CA ASN A 352 2.52 -20.80 -35.37
CA GLU A 353 6.28 -20.62 -36.02
CA LEU A 354 7.26 -18.11 -33.29
CA VAL A 355 6.36 -17.29 -29.66
CA THR A 356 7.87 -14.35 -27.73
CA LEU A 357 9.18 -14.92 -24.19
CA THR A 358 9.95 -11.56 -22.56
CA CYS A 359 11.97 -11.40 -19.33
CA LEU A 360 12.42 -7.77 -18.23
CA ALA A 361 15.20 -6.79 -15.84
CA ARG A 362 15.01 -3.20 -14.58
CA GLY A 363 16.40 -1.32 -11.60
CA PHE A 364 20.10 -1.74 -12.33
CA SER A 365 23.27 0.34 -12.65
CA PRO A 366 25.63 0.51 -14.41
CA LYS A 367 24.26 -0.50 -17.83
CA ASP A 368 26.75 -3.38 -18.10
CA VAL A 369 24.61 -6.53 -17.99
CA LEU A 370 24.89 -9.86 -19.84
CA VAL A 371 21.59 -11.61 -20.56
CA ARG A 372 21.25 -15.18 -21.93
CA TRP A 373 18.63 -17.93 -22.33
CA LEU A 374 18.55 -21.71 -21.80
CA GLN A 375 16.48 -24.79 -22.67
CA GLY A 376 14.92 -26.98 -19.99
CA SER A 377 14.52 -30.31 -21.83
CA GLN A 378 17.69 -30.45 -23.95
CA GLU A 379 19.59 -28.65 -21.14
CA LEU A 380 21.39 -26.59 -23.80
CA PRO A 381 21.47 -22.79 -24.31
CA ARG A 382 19.11 -21.13 -26.80
CA GLU A 383 20.07 -19.46 -30.10
CA LYS A 384 17.21 -17.17 -31.20
CA TYR A 385 17.00 -14.10 -28.91
CA LEU A 386 17.76 -10.35 -28.94
CA THR A 387 18.78 -7.57 -26.51
CA TRP A 388 17.64 -3.93 -26.28
CA ALA A 389 19.23 -0.80 -24.75
CA SER A 390 18.27 2.75 -23.69
CA ARG A 391 19.20 5.03 -20.76
CA GLN A 392 16.68 6.71 -18.44
CA GLU A 393 17.85 10.31 -17.90
CA PRO A 394 14.93 12.59 -16.91
CA SER A 395 15.06 16.11 -15.46
CA GLN A 396 14.70 14.90 -11.86
CA GLY A 397 17.16 13.03 -9.65
CA THR A 398 16.34 9.43 -10.57
CA THR A 399 18.28 7.20 -12.99
CA THR A 400 18.32 3.37 -13.38
CA PHE A 401 18.89 1.29 -16.53
CA ALA A 402 16.46 -1.45 -17.61
CA VAL A 403 16.46 -4.16 -20.30
CA THR A 404 14.18 -6.47 -22.31
CA SER A 405 14.86 -9.96 -23.70
CA ILE A 406 12.89 -11.77 -26.41
CA LEU A 407 13.17 -15.54 -26.93
CA ARG A 408 11.29 -16.77 -30.02
CA VAL A 409 10.49 -20.48 -29.71
CA ALA A 410 7.83 -22.70 -31.33
CA ALA A 411 4.10 -22.73 -30.59
CA GLU A 412 3.83 -26.49 -30.11
CA ASP A 413 6.81 -26.61 -27.73
CA TRP A 414 5.45 -23.93 -25.37
CA LYS A 415 2.39 -26.12 -24.76
CA LYS A 416 4.30 -29.35 -24.06
CA GLY A 417 5.40 -28.17 -20.64
CA ASP A 418 9.02 -27.10 -21.10
CA THR A 419 10.70 -24.61 -18.73
CA PHE A 420 12.71 -21.67 -20.13
CA SER A 421 15.47 -19.83 -18.18
CA CYS A 422 16.49 -16.15 -18.47
CA MET A 423 19.89 -15.77 -16.77
CA VAL A 424 21.01 -12.22 -15.99
CA GLY A 425 24.50 -11.23 -14.85
CA HIS A 426 25.37 -7.98 -13.07
CA GLU A 427 27.80 -6.78 -10.38
CA ALA A 428 25.20 -5.90 -7.74
CA LEU A 429 23.84 -9.46 -7.88
CA PRO A 430 24.45 -11.91 -4.97
CA LEU A 431 26.80 -14.21 -6.92
CA ALA A 432 27.10 -11.98 -10.01
CA PHE A 433 24.46 -14.28 -11.51
CA THR A 434 20.68 -14.62 -11.14
CA GLN A 435 18.17 -16.83 -12.98
CA LYS A 436 14.36 -16.77 -13.19
CA THR A 437 12.11 -19.19 -15.11
CA ILE A 438 8.84 -19.36 -17.07
CA ASP A 439 6.50 -22.34 -17.36
CA ARG A 440 3.04 -22.88 -18.91
CA LEU A 441 2.12 -24.86 -15.79
CA ALA A 442 0.98 -22.14 -13.41
CA GLY A 443 0.05 -23.12 -9.88
CA LYS A 444 -1.30 -20.34 -7.67
CA PRO A 445 0.70 -20.63 -4.41
CA THR A 446 2.72 -17.45 -4.97
CA HIS A 447 5.69 -17.64 -7.35
CA VAL A 448 8.00 -20.53 -6.46
CA ASN A 449 11.41 -21.30 -7.99
CA VAL A 450 12.95 -24.69 -8.88
CA SER A 451 15.02 -26.89 -6.55
CA VAL A 452 18.81 -27.28 -6.32
CA VAL A 453 20.89 -29.10 -8.94
CA MET A 454 24.59 -29.59 -8.11
CA ALA A 455 26.32 -29.36 -4.72
CA GLU A 456 29.69 -29.66 -2.94
CA VAL A 457 31.38 -28.54 -6.18
CA ASP A 458 31.92 -24.79 -6.49
CA GLY A 459 35.39 -24.92 -8.02
CA THR A 460 37.84 -24.14 -5.21
CA CYS A 461 37.37 -27.71 -3.94
CA TYR A 462 37.64 -29.94 -7.03
CA GLN B 1 82.58 50.90 -11.46
CA VAL B 2 78.79 51.18 -11.21
CA LYS B 3 77.84 54.86 -11.55
CA LEU B 4 79.98 57.05 -9.23
CA LEU B 5 77.42 57.89 -6.56
CA GLU B 6 74.43 55.51 -6.67
CA GLN B 7 71.56 56.65 -4.43
CA SER B 8 68.41 54.86 -3.21
CA GLY B 9 64.78 54.79 -4.33
CA ALA B 10 61.64 56.90 -3.94
CA GLU B 11 60.11 56.21 -0.53
CA VAL B 12 56.40 56.99 -0.15
CA LYS B 13 55.92 58.26 3.40
CA LYS B 14 52.66 59.26 5.09
CA PRO B 15 52.67 62.78 6.68
CA GLY B 16 54.31 62.54 10.10
CA ALA B 17 56.75 59.73 9.31
CA SER B 18 60.51 59.33 8.86
CA VAL B 19 62.68 59.00 5.73
CA LYS B 20 66.30 57.84 5.32
CA VAL B 21 67.96 58.23 1.91
CA SER B 22 71.42 56.74 1.34
CA CYS B 23 74.29 57.64 -1.01
CA LYS B 24 76.71 54.87 -2.04
CA ALA B 25 80.11 55.91 -3.40
CA SER B 26 82.76 54.19 -5.52
CA GLY B 27 85.79 54.65 -7.75
CA TYR B 28 87.34 57.27 -5.46
CA SER B 29 88.54 57.52 -1.85
CA PHE B 30 85.63 58.07 0.57
CA THR B 31 87.56 59.55 3.51
CA SER B 32 89.05 62.31 1.32
CA TYR B 33 85.92 64.08 0.01
CA GLY B 34 82.72 65.46 1.52
CA LEU B 35 79.06 65.14 0.48
CA HIS B 36 76.36 67.84 0.23
CA TRP B 37 72.60 67.27 0.03
CA VAL B 38 70.42 69.33 -2.34
CA ARG B 39 66.75 68.83 -3.25
CA GLN B 40 64.20 70.29 -5.71
CA ALA B 41 60.42 70.77 -5.41
CA PRO B 42 58.30 70.10 -8.55
CA GLY B 43 58.47 73.37 -10.46
CA GLN B 44 60.85 75.18 -8.09
CA ARG B 45 64.58 75.87 -7.69
CA LEU B 46 67.20 73.69 -5.97
CA GLU B 47 67.55 74.16 -2.20
CA TRP B 48 70.66 73.23 -0.20
CA MET B 49 69.95 71.07 2.86
CA GLY B 50 73.35 70.38 4.38
CA TRP B 51 76.80 68.77 4.33
CA ILE B 52 78.81 66.10 6.16
CA SER B 53 82.54 65.32 6.12
CA ALA B 54 83.42 61.67 5.51
CA GLY B 55 86.70 62.00 7.39
CA THR B 56 85.70 63.31 10.82
CA GLY B 57 81.90 63.40 10.75
CA ASN B 58 81.13 67.10 11.29
CA THR B 59 77.58 68.25 10.49
CA LYS B 60 76.78 71.60 8.84
CA TYR B 61 73.13 72.05 7.82
CA SER B 62 70.97 75.12 7.16
CA GLN B 63 68.70 76.94 9.61
CA LYS B 64 65.67 75.95 7.52
CA PHE B 65 65.37 72.32 8.64
CA ARG B 66 66.65 73.06 12.16
CA GLY B 67 65.70 70.32 14.61
CA ARG B 68 64.54 67.64 12.17
CA VAL B 69 67.55 66.79 10.00
CA THR B 70 70.48 64.45 10.64
CA PHE B 71 73.47 63.11 8.69
CA THR B 72 75.25 59.80 9.32
CA ARG B 73 78.11 57.98 7.56
CA ASP B 74 79.46 54.41 7.62
CA THR B 75 83.24 54.29 7.12
CA SER B 76 83.63 50.60 6.23
CA ALA B 77 80.49 50.55 4.03
CA THR B 78 81.14 53.63 1.86
CA THR B 79 77.60 55.05 2.07
CA ALA B 80 76.23 58.39 3.30
CA TYR B 81 72.84 58.93 4.97
CA MET B 82 70.21 61.61 5.57
CA GLY B 83 67.32 61.78 8.04
CA LEU B 84 64.18 63.94 8.22
CA SER B 85 61.39 63.56 10.80
CA SER B 86 57.90 65.13 10.81
CA LEU B 87 57.37 65.04 7.03
CA ARG B 88 54.84 67.41 5.46
CA PRO B 89 52.85 67.57 2.15
CA GLU B 90 55.28 70.21 0.90
CA ASP B 91 58.41 68.06 1.14
CA THR B 92 57.64 66.34 -2.17
CA ALA B 93 60.99 66.86 -3.89
CA VAL B 94 63.88 65.13 -5.66
CA TYR B 95 66.89 64.83 -3.34
CA TYR B 96 70.50 64.58 -4.53
CA CYS B 97 73.85 63.90 -2.86
CA ALA B 98 76.67 65.90 -4.47
CA ARG B 99 80.38 65.50 -3.69
CA ASP B 100 82.90 67.96 -2.21
CA PRO B 101 86.00 68.44 -4.45
CA TYR B 102 87.84 70.11 -1.56
CA GLY B 103 86.48 68.78 1.74
CA GLY B 104 85.85 72.23 3.17
CA GLY B 105 82.06 72.39 3.28
CA LYS B 106 81.71 75.39 0.98
CA SER B 107 82.27 74.97 -2.77
CA GLU B 108 80.83 73.65 -6.06
CA PHE B 109 79.41 70.22 -6.99
CA ASP B 110 81.17 68.11 -9.64
CA TYR B 111 79.37 64.78 -9.17
CA TRP B 112 75.58 64.41 -8.80
CA GLY B 113 73.50 61.30 -8.21
CA GLN B 114 70.31 60.04 -9.86
CA GLY B 115 67.95 61.58 -7.31
CA THR B 116 65.27 60.25 -4.96
CA LEU B 117 61.68 61.51 -5.20
CA VAL B 118 60.11 61.28 -1.73
CA THR B 119 56.38 61.99 -2.01
CA VAL B 120 54.55 62.65 1.26
CA SER B 121 50.81 61.99 0.88
CA SER B 122 48.21 60.20 3.03
CA ALA B 123 46.32 58.86 0.00
CA SER B 124 46.37 55.07 -0.44
CA PRO B 125 49.15 54.39 -3.00
CA THR B 126 48.48 51.73 -5.63
CA SER B 127 50.55 49.65 -8.06
CA PRO B 128 50.25 50.53 -11.80
CA LYS B 129 48.45 48.25 -14.25
CA VAL B 130 50.50 47.91 -17.44
CA PHE B 131 48.56 47.22 -20.66
CA PRO B 132 49.82 46.32 -24.17
CA LEU B 133 48.92 48.83 -26.89
CA SER B 134 49.07 46.65 -29.99
CA LEU B 135 47.25 47.67 -33.19
CA ASP B 136 45.25 46.09 -36.03
CA SER B 137 45.39 47.96 -39.39
CA THR B 138 45.47 51.44 -37.79
CA PRO B 139 49.09 52.27 -38.75
CA GLN B 140 50.38 53.06 -42.24
CA ASP B 141 52.15 50.64 -44.57
CA GLY B 142 55.84 51.10 -43.84
CA ASN B 143 56.28 51.34 -40.07
CA VAL B 144 54.94 49.67 -36.93
CA VAL B 145 53.99 51.58 -33.76
CA VAL B 146 53.68 49.68 -30.48
CA ALA B 147 53.24 50.93 -26.89
CA CYS B 148 52.72 50.05 -23.20
CA LEU B 149 50.05 51.90 -21.21
CA VAL B 150 50.98 51.97 -17.51
CA GLN B 151 47.68 53.02 -15.89
CA GLY B 152 46.77 53.82 -12.28
CA PHE B 153 49.66 54.64 -9.95
CA PHE B 154 50.01 57.04 -7.03
CA PRO B 155 52.19 58.98 -6.66
CA GLN B 156 53.84 59.80 -10.00
CA GLU B 157 57.38 58.57 -9.22
CA PRO B 158 60.43 58.38 -11.53
CA LEU B 159 59.30 55.62 -13.91
CA SER B 160 62.23 53.89 -15.63
CA VAL B 161 61.22 52.04 -18.81
CA THR B 162 63.57 50.12 -21.12
CA TRP B 163 62.42 48.17 -24.19
CA SER B 164 64.34 45.09 -25.36
CA GLU B 165 65.29 46.18 -28.89
CA SER B 166 67.54 49.14 -29.74
CA GLY B 167 69.31 50.54 -32.80
CA GLN B 168 69.41 53.47 -35.21
CA ASN B 169 66.00 53.65 -36.89
CA VAL B 170 64.10 52.88 -33.67
CA THR B 171 62.79 55.60 -31.34
CA ALA B 172 61.37 55.35 -27.80
CA ARG B 173 59.58 58.18 -25.97
CA ASN B 174 58.68 58.35 -22.26
CA PHE B 175 55.39 60.26 -21.91
CA PRO B 176 55.05 62.62 -18.88
CA PRO B 177 52.70 61.73 -15.96
CA SER B 178 49.18 63.21 -16.03
CA GLN B 179 46.53 63.68 -13.31
CA ASP B 180 42.78 62.92 -13.38
CA ALA B 181 40.26 64.63 -11.06
CA SER B 182 42.08 66.03 -8.02
CA GLY B 183 44.95 63.60 -7.45
CA ASP B 184 43.12 60.27 -7.38
CA LEU B 185 45.52 58.53 -9.78
CA TYR B 186 48.35 59.08 -12.29
CA THR B 187 48.82 57.47 -15.73
CA THR B 188 51.69 57.12 -18.23
CA SER B 189 52.78 55.28 -21.38
CA SER B 190 55.83 54.01 -23.29
CA GLN B 191 55.96 53.94 -27.10
CA LEU B 192 58.42 52.41 -29.58
CA THR B 193 58.17 53.38 -33.25
CA LEU B 194 60.22 50.91 -35.29
CA PRO B 195 60.54 49.93 -38.98
CA ALA B 196 58.57 46.90 -40.17
CA THR B 197 61.78 45.18 -41.30
CA GLN B 198 62.75 44.89 -37.60
CA CYS B 199 60.08 43.03 -35.57
CA PRO B 200 59.91 39.49 -37.06
CA ASP B 201 56.56 37.85 -37.93
CA GLY B 202 55.55 35.66 -34.99
CA LYS B 203 57.46 37.23 -32.09
CA SER B 204 57.09 40.27 -29.81
CA VAL B 205 58.98 43.00 -27.93
CA THR B 206 59.02 43.26 -24.12
CA CYS B 207 58.62 46.58 -22.25
CA HIS B 208 60.16 46.72 -18.76
CA VAL B 209 58.56 49.26 -16.40
CA LYS B 210 60.12 50.01 -13.01
CA HIS B 211 58.51 52.17 -10.32
CA TYR B 212 60.60 52.67 -7.16
CA THR B 213 62.80 49.70 -6.16
CA ASN B 214 59.73 47.50 -6.66
CA PRO B 215 60.19 44.40 -8.89
CA SER B 216 60.34 45.25 -12.59
CA GLN B 217 57.05 44.35 -14.29
CA ASP B 218 57.77 42.76 -17.68
CA VAL B 219 55.08 42.59 -20.40
CA THR B 220 55.24 40.77 -23.75
CA VAL B 221 54.12 43.43 -26.25
CA PRO B 222 53.34 41.72 -29.60
CA CYS B 223 53.61 43.05 -33.14
CA PRO B 224 53.17 40.86 -36.56
CA VAL B 225 50.41 38.62 -38.03
CA PRO B 226 50.01 34.64 -38.54
CA PRO B 227 48.14 33.14 -41.52
CA PRO B 228 45.89 29.90 -41.02
CA PRO B 229 47.50 26.41 -42.45
CA PRO B 230 45.23 24.61 -44.93
CA CYS B 231 45.89 21.00 -46.30
CA CYS B 232 43.27 18.85 -48.09
CA HIS B 233 42.58 15.15 -48.55
CA PRO B 234 40.83 13.31 -51.53
CA ARG B 235 37.23 12.42 -50.45
CA LEU B 236 33.48 13.33 -50.27
CA SER B 237 30.82 12.15 -47.78
CA LEU B 238 27.08 12.70 -47.21
CA HIS B 239 25.40 13.26 -43.85
CA ARG B 240 21.84 11.98 -43.41
CA PRO B 241 19.55 14.18 -41.24
CA ALA B 242 18.64 13.13 -37.70
CA LEU B 243 15.57 10.97 -37.06
CA GLU B 244 14.33 12.68 -33.89
CA ASP B 245 14.38 16.11 -35.57
CA LEU B 246 12.49 15.38 -38.82
CA LEU B 247 9.70 13.46 -37.04
CA LEU B 248 8.75 16.11 -34.48
CA GLY B 249 8.51 19.22 -36.63
CA SER B 250 9.52 18.55 -40.26
CA GLU B 251 12.90 20.25 -39.75
CA ALA B 252 15.37 18.20 -41.83
CA ASN B 253 18.55 18.90 -43.79
CA LEU B 254 21.08 16.82 -45.74
CA THR B 255 24.73 17.92 -45.73
CA CYS B 256 27.20 17.40 -48.61
CA THR B 257 30.69 18.20 -47.33
CA LEU B 258 33.81 17.94 -49.52
CA THR B 259 36.77 17.17 -47.23
CA GLY B 260 39.77 15.79 -49.13
CA LEU B 261 41.68 17.06 -52.21
CA ARG B 262 44.65 19.56 -52.11
CA ASP B 263 44.82 23.44 -52.41
CA ALA B 264 42.90 26.65 -53.35
CA SER B 265 39.97 26.42 -55.77
CA GLY B 266 36.18 26.95 -55.65
CA ALA B 267 33.38 24.38 -55.75
CA THR B 268 29.90 24.64 -57.27
CA PHE B 269 26.90 22.37 -56.56
CA THR B 270 23.99 20.82 -58.47
CA TRP B 271 21.38 19.71 -55.90
CA THR B 272 18.19 17.99 -57.02
CA PRO B 273 14.75 19.31 -55.89
CA SER B 274 12.41 17.36 -53.60
CA SER B 275 8.87 16.10 -54.19
CA GLY B 276 7.57 19.60 -53.44
CA LYS B 277 9.83 21.10 -56.12
CA SER B 278 12.11 23.16 -53.86
CA ALA B 279 15.88 23.68 -54.00
CA VAL B 280 17.71 25.94 -51.51
CA GLN B 281 21.45 26.03 -50.80
CA GLY B 282 24.30 28.21 -49.52
CA PRO B 283 27.81 26.56 -49.42
CA PRO B 284 30.55 28.53 -47.55
CA GLU B 285 34.35 28.23 -47.22
CA ARG B 286 36.09 27.52 -43.91
CA ASP B 287 39.30 26.75 -42.04
CA LEU B 288 39.71 23.64 -39.84
CA CYS B 289 43.11 21.92 -40.46
CA GLY B 290 44.62 24.28 -43.06
CA CYS B 291 43.06 24.02 -46.57
CA TYR B 292 39.83 25.79 -47.79
CA SER B 293 36.47 23.99 -47.26
CA VAL B 294 33.12 24.01 -49.12
CA SER B 295 29.99 22.42 -47.53
CA SER B 296 26.31 22.76 -48.57
CA VAL B 297 23.03 21.96 -46.80
CA LEU B 298 19.74 21.26 -48.61
CA PRO B 299 16.74 21.78 -46.27
CA GLY B 300 14.15 19.10 -47.04
CA CYS B 301 10.66 18.20 -45.83
CA ALA B 302 9.35 15.10 -44.01
CA GLN B 303 7.10 13.70 -46.76
CA PRO B 304 9.85 13.11 -49.36
CA TRP B 305 11.98 11.25 -46.80
CA ASN B 306 8.98 9.18 -45.66
CA HIS B 307 8.00 8.33 -49.24
CA GLY B 308 11.59 7.86 -50.38
CA GLU B 309 13.05 10.39 -52.82
CA THR B 310 16.54 10.23 -54.36
CA PHE B 311 18.73 12.98 -52.87
CA THR B 312 21.84 13.30 -55.07
CA CYS B 313 24.69 15.85 -54.82
CA THR B 314 26.93 16.44 -57.85
CA ALA B 315 29.96 18.75 -57.70
CA ALA B 316 31.84 19.96 -60.80
CA HIS B 317 35.53 20.92 -60.64
CA PRO B 318 38.48 21.53 -63.02
CA GLU B 319 40.85 19.10 -61.31
CA LEU B 320 38.14 16.86 -59.90
CA LYS B 321 37.38 16.32 -63.58
CA THR B 322 34.87 13.52 -62.98
CA PRO B 323 32.12 15.32 -61.02
CA LEU B 324 31.56 12.99 -58.05
CA THR B 325 27.94 11.86 -57.86
CA ALA B 326 26.48 10.75 -54.52
CA ASN B 327 22.94 9.50 -53.87
CA ILE B 328 21.21 8.58 -50.59
CA THR B 329 17.74 7.19 -49.86
CA LYS B 330 16.07 4.99 -47.23
CA SER B 331 16.55 1.21 -47.12
CA GLY B 332 14.80 -2.13 -47.38
CA ASN B 333 11.24 -3.05 -48.33
CA THR B 334 8.07 -2.56 -46.24
CA PHE B 335 7.01 -5.05 -43.55
CA ARG B 336 3.81 -4.77 -41.48
CA PRO B 337 4.43 -4.37 -37.69
CA GLU B 338 2.82 -6.80 -35.26
CA VAL B 339 2.00 -5.22 -31.89
CA HIS B 340 1.74 -7.45 -28.81
CA LEU B 341 0.73 -5.66 -25.58
CA LEU B 342 2.09 -7.56 -22.57
CA PRO B 343 0.54 -7.32 -19.06
CA PRO B 344 2.60 -6.82 -15.86
CA PRO B 345 3.95 -10.01 -14.19
CA SER B 346 2.85 -11.60 -10.90
CA GLU B 347 5.87 -10.63 -8.78
CA GLU B 348 5.80 -7.05 -10.10
CA LEU B 349 2.49 -6.42 -8.35
CA ALA B 350 4.42 -6.46 -5.06
CA LEU B 351 5.81 -2.95 -5.65
CA ASN B 352 3.90 0.35 -5.31
CA GLU B 353 4.89 3.50 -7.22
CA LEU B 354 5.51 2.03 -10.70
CA VAL B 355 4.06 -0.69 -12.97
CA THR B 356 5.57 -1.55 -16.38
CA LEU B 357 3.28 -1.95 -19.41
CA THR B 358 5.21 -3.57 -22.27
CA CYS B 359 3.81 -3.46 -25.82
CA LEU B 360 6.17 -5.09 -28.32
CA ALA B 361 6.00 -4.36 -32.06
CA ARG B 362 8.14 -6.74 -34.12
CA GLY B 363 8.13 -7.62 -37.82
CA PHE B 364 8.73 -4.19 -39.36
CA SER B 365 10.98 -2.48 -41.91
CA PRO B 366 12.39 0.09 -42.17
CA LYS B 367 13.31 1.00 -38.58
CA ASP B 368 11.36 4.27 -38.76
CA VAL B 369 8.47 3.85 -36.31
CA LEU B 370 6.76 6.32 -33.96
CA VAL B 371 5.36 4.72 -30.79
CA ARG B 372 3.18 6.55 -28.23
CA TRP B 373 0.85 5.84 -25.29
CA LEU B 374 -2.56 7.12 -24.16
CA GLN B 375 -4.82 7.21 -21.09
CA GLY B 376 -8.28 5.65 -21.10
CA SER B 377 -10.05 7.58 -18.33
CA GLN B 378 -8.63 11.10 -18.73
CA GLU B 379 -8.52 10.55 -22.53
CA LEU B 380 -5.15 12.33 -22.60
CA PRO B 381 -1.71 11.07 -23.76
CA ARG B 382 0.76 9.63 -21.22
CA GLU B 383 4.04 11.21 -20.11
CA LYS B 384 6.23 8.52 -18.50
CA TYR B 385 7.49 6.08 -21.16
CA LEU B 386 10.70 5.18 -23.04
CA THR B 387 11.60 3.66 -26.42
CA TRP B 388 14.14 0.87 -27.08
CA ALA B 389 15.96 -0.09 -30.31
CA SER B 390 18.43 -2.46 -32.04
CA ARG B 391 18.99 -4.09 -35.46
CA GLN B 392 18.85 -7.80 -36.31
CA GLU B 393 21.56 -8.55 -38.88
CA PRO B 394 22.56 -12.25 -38.63
CA SER B 395 24.62 -14.29 -41.09
CA GLN B 396 21.55 -15.68 -42.88
CA GLY B 397 19.06 -13.94 -45.15
CA THR B 398 16.51 -12.72 -42.60
CA THR B 399 16.30 -9.15 -41.27
CA THR B 400 13.40 -7.31 -39.56
CA PHE B 401 13.52 -4.54 -36.92
CA ALA B 402 11.48 -4.67 -33.69
CA VAL B 403 10.75 -2.38 -30.73
CA THR B 404 9.72 -2.39 -27.06
CA SER B 405 7.75 0.23 -25.10
CA ILE B 406 7.53 0.71 -21.31
CA LEU B 407 4.74 2.73 -19.68
CA ARG B 408 5.26 3.11 -15.93
CA VAL B 409 1.94 3.90 -14.23
CA ALA B 410 0.70 3.47 -10.65
CA ALA B 411 -0.12 0.21 -8.87
CA GLU B 412 -3.53 1.33 -7.59
CA ASP B 413 -4.59 2.66 -11.01
CA TRP B 414 -3.86 -0.60 -12.85
CA LYS B 415 -6.35 -2.37 -10.57
CA LYS B 416 -9.17 0.17 -10.95
CA GLY B 417 -9.99 -1.02 -14.46
CA ASP B 418 -8.45 1.58 -16.77
CA THR B 419 -7.52 0.76 -20.38
CA PHE B 420 -4.10 1.78 -21.80
CA SER B 421 -3.37 2.31 -25.51
CA CYS B 422 -0.08 1.67 -27.37
CA MET B 423 -0.35 3.42 -30.75
CA VAL B 424 2.28 2.47 -33.34
CA GLY B 425 2.89 4.30 -36.61
CA HIS B 426 4.64 2.84 -39.65
CA GLU B 427 4.40 3.04 -43.45
CA ALA B 428 3.37 -0.60 -44.04
CA LEU B 429 0.37 -0.14 -41.73
CA PRO B 430 -3.19 0.03 -43.17
CA LEU B 431 -3.78 3.71 -42.33
CA ALA B 432 -0.18 4.43 -41.27
CA PHE B 433 -1.51 4.01 -37.73
CA THR B 434 -2.43 1.01 -35.56
CA GLN B 435 -3.48 0.77 -31.90
CA LYS B 436 -3.74 -2.15 -29.46
CA THR B 437 -4.92 -1.99 -25.83
CA ILE B 438 -4.34 -3.60 -22.43
CA ASP B 439 -6.90 -4.08 -19.64
CA ARG B 440 -6.90 -5.86 -16.26
CA LEU B 441 -10.38 -7.18 -17.10
CA ALA B 442 -9.62 -10.30 -19.12
CA GLY B 443 -12.52 -12.24 -20.59
CA LYS B 444 -11.62 -15.48 -22.33
CA PRO B 445 -13.46 -15.30 -25.69
CA THR B 446 -10.27 -14.84 -27.74
CA HIS B 447 -8.97 -11.25 -27.71
CA VAL B 448 -11.41 -8.55 -28.79
CA ASN B 449 -10.71 -4.86 -29.51
CA VAL B 450 -12.86 -1.86 -28.52
CA SER B 451 -15.75 -0.40 -30.55
CA VAL B 452 -15.74 2.63 -32.88
CA VAL B 453 -15.54 6.22 -31.60
CA MET B 454 -15.99 8.93 -34.25
CA ALA B 455 -17.45 8.67 -37.77
CA GLU B 456 -18.37 10.67 -40.88
CA VAL B 457 -15.46 13.03 -40.13
CA ASP B 458 -12.14 11.98 -41.67
CA GLY B 459 -10.99 15.45 -42.69
CA THR B 460 -11.65 15.77 -46.42
CA CYS B 461 -15.34 16.33 -45.64
CA TYR B 462 -15.34 18.85 -42.78
CA GLN C 1 -10.19 -70.31 86.58
CA VAL C 2 -10.77 -70.76 82.85
CA LYS C 3 -13.09 -73.76 82.35
CA LEU C 4 -11.87 -76.78 84.38
CA LEU C 5 -10.47 -78.94 81.58
CA GLU C 6 -9.88 -76.90 78.39
CA GLN C 7 -9.04 -79.10 75.38
CA SER C 8 -7.65 -78.26 71.93
CA GLY C 9 -9.18 -77.69 68.50
CA ALA C 10 -10.45 -79.78 65.58
CA GLU C 11 -7.47 -80.99 63.52
CA VAL C 12 -8.19 -81.93 59.91
CA LYS C 13 -5.91 -84.87 59.09
CA LYS C 14 -5.54 -86.65 55.76
CA PRO C 15 -5.98 -90.48 55.93
CA GLY C 16 -2.70 -92.01 57.06
CA ALA C 17 -1.52 -89.15 59.26
CA SER C 18 -1.06 -88.51 62.99
CA VAL C 19 -3.17 -86.56 65.52
CA LYS C 20 -2.30 -85.26 69.01
CA VAL C 21 -5.11 -83.81 71.14
CA SER C 22 -4.24 -82.16 74.48
CA CYS C 23 -6.19 -81.65 77.72
CA LYS C 24 -5.24 -78.70 79.94
CA ALA C 25 -6.34 -78.83 83.59
CA SER C 26 -6.81 -76.20 86.31
CA GLY C 27 -8.41 -75.37 89.64
CA TYR C 28 -7.54 -78.76 91.14
CA SER C 29 -4.41 -80.83 91.86
CA PHE C 30 -3.14 -82.61 88.72
CA THR C 31 -1.08 -85.36 90.39
CA SER C 32 -4.08 -86.55 92.43
CA TYR C 33 -6.61 -87.44 89.72
CA GLY C 34 -6.58 -89.49 86.51
CA LEU C 35 -7.91 -88.74 83.01
CA HIS C 36 -9.95 -90.98 80.68
CA TRP C 37 -10.49 -90.47 76.93
CA VAL C 38 -13.90 -91.06 75.33
CA ARG C 39 -15.04 -90.22 71.78
CA GLN C 40 -18.29 -90.26 69.75
CA ALA C 41 -18.93 -90.91 66.04
CA PRO C 42 -21.60 -88.75 64.30
CA GLY C 43 -24.86 -90.55 65.09
CA GLN C 44 -23.36 -93.28 67.29
CA ARG C 45 -22.74 -94.01 70.99
CA LEU C 46 -19.73 -92.97 73.11
CA GLU C 47 -16.72 -95.31 72.99
CA TRP C 48 -14.03 -95.49 75.68
CA MET C 49 -10.47 -95.24 74.34
CA GLY C 50 -8.25 -95.37 77.42
CA TRP C 51 -6.88 -93.89 80.64
CA ILE C 52 -3.65 -92.50 82.09
CA SER C 53 -2.65 -91.74 85.70
CA ALA C 54 -1.17 -88.29 86.26
CA GLY C 55 0.81 -89.48 89.28
CA THR C 56 2.87 -92.40 87.96
CA GLY C 57 2.12 -92.52 84.23
CA ASN C 58 0.57 -95.97 83.80
CA THR C 59 -1.29 -96.62 80.54
CA LYS C 60 -4.52 -98.65 80.32
CA TYR C 61 -6.24 -98.59 76.92
CA SER C 62 -8.72 -100.90 75.19
CA GLN C 63 -7.94 -103.79 72.81
CA LYS C 64 -9.73 -101.92 70.01
CA PHE C 65 -6.99 -99.40 69.18
CA ARG C 66 -4.18 -101.83 70.04
CA GLY C 67 -0.89 -100.77 68.48
CA ARG C 68 -1.78 -97.24 67.39
CA VAL C 69 -2.68 -95.32 70.56
CA THR C 70 -0.45 -93.58 73.10
CA PHE C 71 -0.91 -91.39 76.18
CA THR C 72 1.61 -88.84 77.51
CA ARG C 73 1.53 -86.31 80.36
CA ASP C 74 3.62 -83.26 81.29
CA THR C 75 3.90 -82.82 85.08
CA SER C 76 5.08 -79.19 85.19
CA ALA C 77 2.73 -78.08 82.39
CA THR C 78 -0.57 -79.56 83.66
CA THR C 79 -1.72 -80.97 80.29
CA ALA C 80 -2.60 -84.49 79.13
CA TYR C 81 -2.04 -85.89 75.62
CA MET C 82 -3.34 -88.55 73.22
CA GLY C 83 -1.84 -90.04 70.07
CA LEU C 84 -3.31 -92.04 67.18
CA SER C 85 -1.42 -93.11 64.04
CA SER C 86 -2.79 -94.52 60.76
CA LEU C 87 -6.03 -92.50 60.76
CA ARG C 88 -8.99 -93.76 58.72
CA PRO C 89 -12.21 -92.23 57.22
CA GLU C 90 -14.20 -93.81 60.07
CA ASP C 91 -12.35 -92.02 62.89
CA THR C 92 -14.43 -88.85 62.39
CA ALA C 93 -15.57 -88.34 65.99
CA VAL C 94 -15.69 -85.88 68.88
CA TYR C 95 -13.06 -86.76 71.50
CA TYR C 96 -13.33 -85.85 75.20
CA CYS C 97 -11.00 -86.08 78.21
CA ALA C 98 -12.89 -86.88 81.41
CA ARG C 99 -11.39 -86.88 84.91
CA ASP C 100 -10.96 -89.69 87.46
CA PRO C 101 -12.58 -88.87 90.87
CA TYR C 102 -10.66 -91.76 92.47
CA GLY C 103 -7.44 -92.36 90.54
CA GLY C 104 -8.08 -96.06 90.09
CA GLY C 105 -8.71 -96.33 86.36
CA LYS C 106 -12.24 -97.72 86.64
CA SER C 107 -15.10 -95.40 87.64
CA GLU C 108 -17.46 -92.60 86.54
CA PHE C 109 -16.75 -89.22 84.91
CA ASP C 110 -17.61 -86.01 86.78
CA TYR C 111 -15.84 -83.44 84.58
CA TRP C 112 -15.99 -83.39 80.77
CA GLY C 113 -14.26 -81.07 78.31
CA GLN C 114 -15.55 -79.22 75.25
CA GLY C 115 -14.59 -81.90 72.74
CA THR C 116 -12.39 -82.05 69.65
CA LEU C 117 -13.84 -83.06 66.27
CA VAL C 118 -11.06 -84.69 64.24
CA THR C 119 -12.30 -85.24 60.67
CA VAL C 120 -10.19 -87.53 58.50
CA SER C 121 -10.81 -86.85 54.80
CA SER C 122 -8.53 -86.49 51.75
CA ALA C 123 -10.73 -83.80 50.15
CA SER C 124 -9.16 -80.35 49.87
CA PRO C 125 -10.52 -78.39 52.88
CA THR C 126 -11.51 -74.76 52.29
CA SER C 127 -12.15 -71.67 54.44
CA PRO C 128 -15.80 -70.49 54.75
CA LYS C 129 -17.02 -67.31 53.06
CA VAL C 130 -19.20 -65.33 55.48
CA PHE C 131 -21.90 -63.12 53.92
CA PRO C 132 -24.17 -60.50 55.54
CA LEU C 133 -27.86 -61.38 55.29
CA SER C 134 -29.27 -57.88 55.76
CA LEU C 135 -32.83 -57.27 54.53
CA ASP C 136 -34.48 -54.66 52.30
CA SER C 137 -37.63 -53.98 54.36
CA THR C 138 -39.07 -57.43 53.55
CA PRO C 139 -40.13 -58.24 57.16
CA GLN C 140 -42.61 -56.31 59.31
CA ASP C 141 -42.74 -53.35 61.69
CA GLY C 142 -41.95 -54.56 65.20
CA ASN C 143 -38.84 -56.73 64.94
CA VAL C 144 -35.76 -56.73 62.70
CA VAL C 145 -34.28 -60.01 61.46
CA VAL C 146 -30.59 -60.07 60.53
CA ALA C 147 -28.22 -62.98 59.79
CA CYS C 148 -24.76 -64.12 58.67
CA LEU C 149 -24.48 -66.81 55.97
CA VAL C 150 -21.23 -68.77 56.39
CA GLN C 151 -20.96 -70.56 53.03
CA GLY C 152 -18.47 -73.14 51.73
CA PHE C 153 -16.42 -74.99 54.35
CA PHE C 154 -15.12 -78.54 54.55
CA PRO C 155 -15.41 -80.35 56.85
CA GLN C 156 -18.37 -79.29 59.02
CA GLU C 157 -16.48 -78.57 62.26
CA PRO C 158 -17.82 -77.14 65.57
CA LEU C 159 -18.62 -73.57 64.49
CA SER C 160 -18.71 -71.14 67.42
CA VAL C 161 -20.62 -67.94 66.65
CA THR C 162 -21.21 -65.05 69.07
CA TRP C 163 -23.00 -61.81 68.16
CA SER C 164 -22.09 -58.54 69.89
CA GLU C 165 -25.46 -57.62 71.42
CA SER C 166 -27.32 -59.66 74.06
CA GLY C 167 -30.32 -59.23 76.35
CA GLN C 168 -33.82 -60.50 77.08
CA ASN C 169 -35.90 -59.83 73.95
CA VAL C 170 -33.11 -60.90 71.58
CA THR C 171 -32.75 -64.46 70.27
CA ALA C 172 -29.87 -66.11 68.37
CA ARG C 173 -30.06 -69.51 66.66
CA ASN C 174 -27.17 -71.60 65.30
CA PHE C 175 -28.39 -73.48 62.20
CA PRO C 176 -27.10 -77.07 61.71
CA PRO C 177 -24.58 -77.87 58.90
CA SER C 178 -25.99 -79.17 55.60
CA GLN C 179 -24.39 -81.04 52.68
CA ASP C 180 -24.70 -80.44 48.92
CA ALA C 181 -24.02 -83.15 46.30
CA SER C 182 -21.86 -85.89 47.82
CA GLY C 183 -19.66 -84.06 50.32
CA ASP C 184 -18.22 -81.27 48.16
CA LEU C 185 -18.96 -78.48 50.67
CA TYR C 186 -20.87 -77.60 53.84
CA THR C 187 -22.88 -74.44 54.60
CA THR C 188 -24.32 -72.77 57.74
CA SER C 189 -25.88 -69.55 59.03
CA SER C 190 -26.33 -67.41 62.15
CA GLN C 191 -29.48 -65.38 62.78
CA LEU C 192 -30.38 -62.74 65.40
CA THR C 193 -34.00 -61.64 65.78
CA LEU C 194 -34.18 -58.42 67.81
CA PRO C 195 -36.83 -55.71 68.46
CA ALA C 196 -36.67 -52.59 66.30
CA THR C 197 -36.07 -50.45 69.40
CA GLN C 198 -32.63 -52.08 69.74
CA CYS C 199 -30.76 -51.51 66.44
CA PRO C 200 -30.31 -47.70 66.34
CA ASP C 201 -30.53 -45.84 63.00
CA GLY C 202 -26.97 -45.52 61.73
CA LYS C 203 -25.13 -48.44 63.38
CA SER C 204 -24.67 -52.20 62.88
CA VAL C 205 -24.17 -55.53 64.69
CA THR C 206 -21.07 -57.71 64.26
CA CYS C 207 -21.20 -61.52 63.98
CA HIS C 208 -18.07 -63.43 65.03
CA VAL C 209 -17.64 -66.86 63.42
CA LYS C 210 -14.88 -69.22 64.58
CA HIS C 211 -13.96 -72.49 62.85
CA TYR C 212 -11.21 -74.52 64.55
CA THR C 213 -8.48 -72.44 66.26
CA ASN C 214 -8.31 -70.37 63.07
CA PRO C 215 -8.54 -66.55 63.49
CA SER C 216 -12.08 -65.36 64.23
CA GLN C 217 -13.63 -63.75 61.13
CA ASP C 218 -15.59 -60.62 62.09
CA VAL C 219 -18.27 -59.11 59.82
CA THR C 220 -20.21 -55.85 60.22
CA VAL C 221 -23.90 -56.73 59.71
CA PRO C 222 -26.02 -53.54 59.27
CA CYS C 223 -29.72 -52.78 59.73
CA PRO C 224 -31.50 -49.09 59.72
CA VAL C 225 -31.99 -46.32 57.11
CA PRO C 226 -30.38 -42.67 56.56
CA PRO C 227 -32.38 -39.74 55.11
CA PRO C 228 -30.62 -37.19 52.63
CA PRO C 229 -29.71 -33.52 54.25
CA PRO C 230 -31.20 -30.60 52.29
CA CYS C 231 -30.32 -26.84 52.95
CA CYS C 232 -31.12 -23.98 50.53
CA HIS C 233 -29.65 -20.57 49.72
CA PRO C 234 -31.49 -17.33 48.40
CA ARG C 235 -31.32 -16.65 44.62
CA LEU C 236 -33.34 -16.75 41.34
CA SER C 237 -32.18 -17.49 37.79
CA LEU C 238 -33.80 -18.03 34.38
CA HIS C 239 -32.81 -20.60 31.75
CA ARG C 240 -33.23 -19.71 28.07
CA PRO C 241 -34.27 -22.59 25.76
CA ALA C 242 -31.77 -24.21 23.39
CA LEU C 243 -31.28 -22.83 19.88
CA GLU C 244 -30.99 -26.13 18.02
CA ASP C 245 -34.25 -27.43 19.50
CA LEU C 246 -36.59 -24.49 18.81
CA LEU C 247 -35.43 -24.09 15.19
CA LEU C 248 -35.96 -27.69 14.05
CA GLY C 249 -39.44 -28.41 15.37
CA SER C 250 -40.84 -25.52 17.43
CA GLU C 251 -40.20 -27.38 20.71
CA ALA C 252 -39.09 -24.70 23.17
CA ASN C 253 -39.39 -24.12 26.93
CA LEU C 254 -38.17 -21.47 29.39
CA THR C 255 -37.35 -22.62 32.94
CA CYS C 256 -37.72 -20.43 36.05
CA THR C 257 -35.87 -22.19 38.89
CA LEU C 258 -35.35 -20.74 42.38
CA THR C 259 -32.17 -22.38 43.67
CA GLY C 260 -31.55 -21.06 47.21
CA LEU C 261 -33.82 -19.84 50.05
CA ARG C 262 -34.31 -21.45 53.54
CA ASP C 263 -36.84 -24.33 54.22
CA ALA C 264 -40.53 -25.22 54.67
CA SER C 265 -42.90 -23.16 52.54
CA GLY C 266 -44.74 -23.35 49.19
CA ALA C 267 -44.18 -20.79 46.44
CA THR C 268 -46.50 -19.72 43.61
CA PHE C 269 -46.02 -18.37 40.05
CA THR C 270 -47.44 -15.76 37.67
CA TRP C 271 -46.31 -16.51 34.10
CA THR C 272 -47.23 -14.26 31.18
CA PRO C 273 -48.82 -15.71 27.99
CA SER C 274 -47.11 -15.68 24.59
CA SER C 275 -48.17 -14.06 21.31
CA GLY C 276 -50.56 -16.95 20.72
CA LYS C 277 -52.24 -16.36 24.10
CA SER C 278 -51.22 -19.61 25.83
CA ALA C 279 -50.01 -20.21 29.40
CA VAL C 280 -49.15 -23.70 30.69
CA GLN C 281 -47.16 -24.54 33.83
CA GLY C 282 -46.61 -27.26 36.44
CA PRO C 283 -43.98 -26.53 39.15
CA PRO C 284 -43.08 -29.60 41.29
CA GLU C 285 -41.06 -29.86 44.52
CA ARG C 286 -37.70 -31.69 44.48
CA ASP C 287 -35.24 -32.09 47.37
CA LEU C 288 -31.77 -30.58 46.79
CA CYS C 289 -29.15 -30.58 49.57
CA GLY C 290 -31.95 -31.34 52.00
CA CYS C 291 -33.91 -28.27 50.94
CA TYR C 292 -37.23 -28.18 48.86
CA SER C 293 -37.18 -26.83 45.25
CA VAL C 294 -39.85 -25.12 43.10
CA SER C 295 -39.08 -25.05 39.33
CA SER C 296 -41.66 -24.25 36.61
CA VAL C 297 -41.40 -24.60 32.81
CA LEU C 298 -43.42 -22.53 30.31
CA PRO C 299 -43.57 -24.26 26.88
CA GLY C 300 -43.45 -21.59 24.18
CA CYS C 301 -43.61 -21.48 20.38
CA ALA C 302 -40.98 -20.41 17.83
CA GLN C 303 -42.71 -17.29 16.45
CA PRO C 304 -42.76 -15.30 19.72
CA TRP C 305 -39.04 -15.95 20.24
CA ASN C 306 -38.25 -15.00 16.64
CA HIS C 307 -40.34 -11.81 16.84
CA GLY C 308 -39.26 -10.99 20.39
CA GLU C 309 -41.81 -11.26 23.19
CA THR C 310 -41.18 -10.43 26.86
CA PHE C 311 -41.14 -13.62 28.95
CA THR C 312 -41.40 -12.65 32.63
CA CYS C 313 -41.62 -14.84 35.77
CA THR C 314 -42.72 -13.59 39.21
CA ALA C 315 -42.34 -15.79 42.31
CA ALA C 316 -44.00 -14.38 45.45
CA HIS C 317 -43.63 -15.62 49.02
CA PRO C 318 -44.40 -14.43 52.57
CA GLU C 319 -40.75 -13.80 53.49
CA LEU C 320 -39.86 -13.02 49.90
CA LYS C 321 -42.11 -10.04 50.52
CA THR C 322 -40.88 -8.31 47.39
CA PRO C 323 -41.94 -10.63 44.51
CA LEU C 324 -38.82 -11.01 42.36
CA THR C 325 -39.51 -10.07 38.74
CA ALA C 326 -37.31 -11.49 35.97
CA ASN C 327 -37.62 -10.78 32.23
CA ILE C 328 -35.69 -12.22 29.27
CA THR C 329 -35.83 -11.40 25.54
CA LYS C 330 -33.51 -11.51 22.52
CA SER C 331 -30.65 -9.03 22.09
CA GLY C 332 -29.47 -6.22 19.83
CA ASN C 333 -31.03 -4.66 16.75
CA THR C 334 -31.33 -6.08 13.20
CA PHE C 335 -28.48 -6.12 10.66
CA ARG C 336 -28.76 -7.47 7.11
CA PRO C 337 -26.39 -10.43 6.36
CA GLU C 338 -23.99 -10.21 3.43
CA VAL C 339 -23.36 -13.65 1.91
CA HIS C 340 -20.10 -14.23 0.00
CA LEU C 341 -19.63 -17.64 -1.65
CA LEU C 342 -15.93 -18.56 -1.96
CA PRO C 343 -14.47 -20.95 -4.59
CA PRO C 344 -11.91 -23.70 -3.72
CA PRO C 345 -8.23 -22.62 -3.87
CA SER C 346 -5.62 -23.65 -6.44
CA GLU C 347 -3.67 -26.00 -4.16
CA GLU C 348 -6.88 -27.73 -3.04
CA LEU C 349 -7.55 -29.07 -6.54
CA ALA C 350 -4.70 -31.54 -5.90
CA LEU C 351 -6.88 -33.70 -3.63
CA ASN C 352 -9.56 -36.21 -4.71
CA GLU C 353 -12.42 -37.24 -2.39
CA LEU C 354 -13.29 -33.82 -0.92
CA VAL C 355 -13.57 -30.17 -2.05
CA THR C 356 -14.44 -27.29 0.31
CA LEU C 357 -17.08 -24.74 -0.73
CA THR C 358 -17.04 -21.80 1.70
CA CYS C 359 -19.89 -19.25 1.69
CA LEU C 360 -19.29 -16.60 4.36
CA ALA C 361 -22.16 -14.48 5.69
CA ARG C 362 -21.08 -11.61 7.94
CA GLY C 363 -22.63 -8.33 9.04
CA PHE C 364 -25.66 -9.73 10.88
CA SER C 365 -27.41 -9.46 14.24
CA PRO C 366 -28.67 -11.23 16.21
CA LYS C 367 -26.63 -14.45 15.96
CA ASP C 368 -29.74 -16.48 15.10
CA VAL C 369 -29.19 -17.63 11.51
CA LEU C 370 -30.02 -20.90 9.72
CA VAL C 371 -27.64 -21.90 6.91
CA ARG C 372 -28.21 -24.77 4.45
CA TRP C 373 -26.91 -26.08 1.11
CA LEU C 374 -28.49 -27.48 -2.06
CA GLN C 375 -27.60 -29.45 -5.21
CA GLY C 376 -28.12 -28.01 -8.68
CA SER C 377 -28.40 -31.16 -10.81
CA GLN C 378 -30.33 -33.53 -8.53
CA GLU C 379 -32.29 -30.52 -7.18
CA LEU C 380 -32.04 -32.04 -3.68
CA PRO C 381 -30.44 -30.61 -0.50
CA ARG C 382 -26.88 -31.56 0.49
CA GLU C 383 -25.82 -33.70 3.45
CA LYS C 384 -22.12 -33.07 4.17
CA TYR C 385 -21.62 -29.56 5.63
CA LEU C 386 -20.80 -27.84 8.94
CA THR C 387 -21.49 -24.55 10.77
CA TRP C 388 -19.22 -22.37 12.92
CA ALA C 389 -19.92 -19.75 15.63
CA SER C 390 -18.14 -16.94 17.53
CA ARG C 391 -19.14 -13.45 18.72
CA GLN C 392 -17.24 -10.24 17.90
CA GLU C 393 -17.04 -8.19 21.11
CA PRO C 394 -14.07 -5.76 21.03
CA SER C 395 -13.36 -2.79 23.32
CA GLN C 396 -14.86 -0.26 20.89
CA GLY C 397 -18.48 0.32 19.90
CA THR C 398 -18.83 -2.13 17.02
CA THR C 399 -20.43 -5.59 17.13
CA THR C 400 -21.78 -7.83 14.32
CA PHE C 401 -21.89 -11.64 14.14
CA ALA C 402 -20.50 -13.55 11.13
CA VAL C 403 -20.53 -17.20 9.99
CA THR C 404 -18.76 -19.70 7.74
CA SER C 405 -20.15 -22.73 5.88
CA ILE C 406 -18.17 -25.64 4.42
CA LEU C 407 -19.67 -28.01 1.82
CA ARG C 408 -17.40 -30.96 1.02
CA VAL C 409 -18.27 -32.42 -2.40
CA ALA C 410 -16.27 -34.51 -4.91
CA ALA C 411 -13.40 -33.31 -7.11
CA GLU C 412 -14.80 -34.73 -10.36
CA ASP C 413 -18.25 -33.21 -9.77
CA TRP C 414 -16.96 -29.66 -9.24
CA LYS C 415 -15.44 -29.76 -12.74
CA LYS C 416 -18.56 -31.05 -14.52
CA GLY C 417 -20.31 -27.69 -14.26
CA ASP C 418 -22.79 -28.12 -11.41
CA THR C 419 -24.13 -25.11 -9.47
CA PHE C 420 -24.18 -25.14 -5.63
CA SER C 421 -26.52 -22.99 -3.49
CA CYS C 422 -25.86 -21.56 0.01
CA MET C 423 -29.21 -20.44 1.43
CA VAL C 424 -29.09 -18.20 4.50
CA GLY C 425 -32.08 -17.25 6.66
CA HIS C 426 -32.23 -14.26 8.99
CA GLU C 427 -34.82 -11.73 10.20
CA ALA C 428 -33.27 -8.64 8.60
CA LEU C 429 -33.44 -10.32 5.18
CA PRO C 430 -35.98 -9.14 2.54
CA LEU C 431 -38.12 -12.31 2.66
CA ALA C 432 -36.37 -13.88 5.66
CA PHE C 433 -34.46 -15.90 3.06
CA THR C 434 -31.55 -15.18 0.72
CA GLN C 435 -29.59 -17.47 -1.64
CA LYS C 436 -26.27 -17.04 -3.48
CA THR C 437 -24.59 -19.55 -5.82
CA ILE C 438 -21.16 -20.81 -6.91
CA ASP C 439 -20.21 -22.17 -10.35
CA ARG C 440 -16.93 -23.24 -11.97
CA LEU C 441 -18.08 -21.41 -15.12
CA ALA C 442 -16.95 -17.86 -14.44
CA GLY C 443 -17.86 -15.19 -16.96
CA LYS C 444 -16.47 -11.72 -16.28
CA PRO C 445 -19.50 -9.37 -16.66
CA THR C 446 -19.77 -8.58 -12.94
CA HIS C 447 -21.47 -11.16 -10.70
CA VAL C 448 -24.86 -12.19 -12.09
CA ASN C 449 -27.46 -14.39 -10.38
CA VAL C 450 -29.73 -17.06 -11.91
CA SER C 451 -33.19 -16.47 -13.39
CA VAL C 452 -36.64 -17.05 -11.83
CA VAL C 453 -38.11 -20.52 -11.24
CA MET C 454 -41.73 -20.60 -10.01
CA ALA C 455 -44.37 -17.84 -10.17
CA GLU C 456 -47.99 -16.99 -9.31
CA VAL C 457 -47.78 -19.47 -6.42
CA ASP C 458 -46.67 -17.95 -3.11
CA GLY C 459 -49.08 -19.86 -0.87
CA THR C 460 -51.90 -17.44 -0.02
CA CYS C 461 -53.36 -18.05 -3.49
CA TYR C 462 -53.28 -21.83 -3.97
CA GLN D 1 -58.47 7.61 83.67
CA VAL D 2 -55.26 8.54 81.84
CA LYS D 3 -52.92 10.21 84.35
CA LEU D 4 -54.75 12.96 86.31
CA LEU D 5 -53.25 16.05 84.69
CA GLU D 6 -51.60 15.23 81.35
CA GLN D 7 -49.58 18.14 79.95
CA SER D 8 -48.06 18.78 76.50
CA GLY D 9 -44.60 18.33 74.97
CA ALA D 10 -41.29 20.19 74.87
CA GLU D 11 -41.54 23.00 72.32
CA VAL D 12 -38.24 24.28 70.90
CA LYS D 13 -38.67 28.02 70.34
CA LYS D 14 -36.17 30.45 68.85
CA PRO D 15 -35.42 33.55 71.02
CA GLY D 16 -38.17 36.11 70.44
CA ALA D 17 -41.01 33.67 69.78
CA SER D 18 -44.18 32.51 71.58
CA VAL D 19 -44.97 29.35 73.56
CA LYS D 20 -48.32 27.86 74.66
CA VAL D 21 -48.29 24.90 77.05
CA SER D 22 -51.58 23.14 77.87
CA CYS D 23 -52.79 21.14 80.89
CA LYS D 24 -55.51 18.52 80.35
CA ALA D 25 -57.47 17.36 83.40
CA SER D 26 -59.58 14.29 84.18
CA GLY D 27 -61.13 12.15 86.90
CA TYR D 28 -62.28 15.17 88.90
CA SER D 29 -64.54 18.20 88.42
CA PHE D 30 -62.78 20.99 86.49
CA THR D 31 -64.94 23.94 87.57
CA SER D 32 -64.31 23.21 91.27
CA TYR D 33 -60.50 23.44 91.51
CA GLY D 34 -57.83 25.92 90.41
CA LEU D 35 -54.48 25.41 88.64
CA HIS D 36 -51.08 26.95 89.45
CA TRP D 37 -48.03 27.07 87.14
CA VAL D 38 -44.52 26.40 88.49
CA ARG D 39 -41.27 25.91 86.53
CA GLN D 40 -37.63 24.93 87.25
CA ALA D 41 -34.37 26.00 85.58
CA PRO D 42 -31.67 23.30 85.10
CA GLY D 43 -29.85 23.25 88.41
CA GLN D 44 -32.04 25.82 90.18
CA ARG D 45 -35.07 25.94 92.51
CA LEU D 46 -38.77 25.93 91.53
CA GLU D 47 -40.29 29.33 90.73
CA TRP D 48 -44.02 30.11 90.88
CA MET D 49 -45.39 31.77 87.73
CA GLY D 50 -49.10 32.21 88.39
CA TRP D 51 -52.61 30.86 88.92
CA ILE D 52 -56.02 30.78 87.22
CA SER D 53 -59.45 29.80 88.55
CA ALA D 54 -61.37 27.32 86.37
CA GLY D 55 -64.71 28.60 87.64
CA THR D 56 -64.64 32.34 86.91
CA GLY D 57 -61.37 32.91 85.06
CA ASN D 58 -59.50 35.31 87.35
CA THR D 59 -55.76 35.74 86.71
CA LYS D 60 -53.19 36.11 89.50
CA TYR D 61 -49.55 36.02 88.34
CA SER D 62 -46.29 37.29 89.86
CA GLN D 63 -44.60 40.65 89.23
CA LYS D 64 -41.64 38.83 87.65
CA PHE D 65 -43.20 38.04 84.26
CA ARG D 66 -45.31 41.22 84.24
CA GLY D 67 -46.46 42.09 80.74
CA ARG D 68 -45.62 38.85 78.92
CA VAL D 69 -47.67 36.11 80.59
CA THR D 70 -51.28 35.06 80.04
CA PHE D 71 -53.60 32.28 81.24
CA THR D 72 -56.61 30.91 79.35
CA ARG D 73 -59.07 28.06 80.03
CA ASP D 74 -61.60 26.15 77.93
CA THR D 75 -64.65 25.08 79.96
CA SER D 76 -66.07 22.43 77.60
CA ALA D 77 -62.62 21.01 76.74
CA THR D 78 -61.18 20.57 80.25
CA THR D 79 -57.72 21.99 79.46
CA ALA D 80 -55.74 24.91 80.93
CA TYR D 81 -53.30 27.12 79.00
CA MET D 82 -50.25 29.36 79.52
CA GLY D 83 -48.67 31.99 77.28
CA LEU D 84 -45.26 33.70 77.28
CA SER D 85 -44.01 36.14 74.63
CA SER D 86 -40.46 37.46 74.04
CA LEU D 87 -38.65 34.25 75.07
CA ARG D 88 -35.01 34.47 76.17
CA PRO D 89 -32.04 32.03 76.46
CA GLU D 90 -32.60 31.90 80.23
CA ASP D 91 -36.18 30.56 80.07
CA THR D 92 -34.95 26.99 79.53
CA ALA D 93 -36.93 25.27 82.28
CA VAL D 94 -39.37 22.47 83.05
CA TYR D 95 -42.89 23.84 83.52
CA TYR D 96 -45.60 22.15 85.60
CA CYS D 97 -49.31 22.74 86.22
CA ALA D 98 -50.33 21.92 89.79
CA ARG D 99 -53.90 21.83 91.10
CA ASP D 100 -55.64 23.93 93.78
CA PRO D 101 -57.23 21.78 96.56
CA TYR D 102 -59.22 24.80 97.77
CA GLY D 103 -59.81 27.16 94.85
CA GLY D 104 -58.48 30.19 96.68
CA GLY D 105 -55.27 30.94 94.83
CA LYS D 106 -52.96 30.51 97.80
CA SER D 107 -52.19 27.01 99.12
CA GLU D 108 -50.26 23.76 98.53
CA PHE D 109 -50.03 21.49 95.47
CA ASP D 110 -51.35 17.91 95.68
CA TYR D 111 -51.28 16.94 92.00
CA TRP D 112 -48.36 17.64 89.64
CA GLY D 113 -48.03 16.92 85.92
CA GLN D 114 -45.20 15.37 83.89
CA GLY D 115 -43.57 18.67 82.97
CA THR D 116 -42.69 20.44 79.72
CA LEU D 117 -39.08 21.40 78.93
CA VAL D 118 -39.14 24.48 76.71
CA THR D 119 -35.61 25.17 75.44
CA VAL D 120 -35.02 28.57 73.84
CA SER D 121 -31.98 28.48 71.54
CA SER D 122 -31.28 29.83 68.03
CA ALA D 123 -29.07 26.85 67.10
CA SER D 124 -30.41 24.60 64.33
CA PRO D 125 -32.06 21.66 66.16
CA THR D 126 -31.54 18.19 64.69
CA SER D 127 -33.17 14.76 65.01
CA PRO D 128 -31.20 12.04 66.89
CA LYS D 129 -29.63 9.08 65.06
CA VAL D 130 -30.30 5.88 67.00
CA PHE D 131 -27.74 3.09 66.63
CA PRO D 132 -27.84 -0.54 67.83
CA LEU D 133 -25.10 -1.49 70.31
CA SER D 134 -24.91 -5.26 69.80
CA LEU D 135 -21.79 -7.22 70.83
CA ASP D 136 -19.65 -10.12 69.58
CA SER D 137 -17.80 -12.08 72.33
CA THR D 138 -17.13 -9.01 74.50
CA PRO D 139 -19.50 -9.97 77.34
CA GLN D 140 -18.97 -12.75 79.88
CA ASP D 141 -20.53 -16.21 79.75
CA GLY D 142 -23.75 -15.93 81.73
CA ASN D 143 -25.44 -12.65 80.79
CA VAL D 144 -26.11 -10.58 77.66
CA VAL D 145 -25.76 -6.79 77.53
CA VAL D 146 -27.45 -4.86 74.71
CA ALA D 147 -27.95 -1.11 74.17
CA CYS D 148 -29.21 1.68 71.89
CA LEU D 149 -26.99 4.71 71.24
CA VAL D 150 -29.13 7.76 70.43
CA GLN D 151 -26.55 10.17 68.97
CA GLY D 152 -26.81 13.80 67.84
CA PHE D 153 -29.81 15.75 69.11
CA PHE D 154 -30.27 19.39 70.12
CA PRO D 155 -31.49 20.33 72.61
CA GLN D 156 -31.33 17.63 75.31
CA GLU D 157 -35.08 17.16 75.88
CA PRO D 158 -36.87 14.62 78.13
CA LEU D 159 -36.10 11.39 76.26
CA SER D 160 -38.59 8.62 77.03
CA VAL D 161 -37.26 5.14 76.22
CA THR D 162 -39.11 1.85 76.77
CA TRP D 163 -37.75 -1.57 75.76
CA SER D 164 -40.12 -4.38 74.77
CA GLU D 165 -39.20 -7.02 77.38
CA SER D 166 -39.64 -6.61 81.15
CA GLY D 167 -39.45 -8.81 84.24
CA GLN D 168 -37.51 -9.42 87.45
CA ASN D 169 -33.93 -10.26 86.44
CA VAL D 170 -33.83 -7.59 83.71
CA THR D 171 -32.54 -4.05 84.30
CA ALA D 172 -32.76 -0.94 82.11
CA ARG D 173 -30.85 2.30 82.73
CA ASN D 174 -31.41 5.70 81.07
CA PHE D 175 -28.02 7.44 80.74
CA PRO D 176 -27.96 11.25 81.32
CA PRO D 177 -27.40 13.66 78.36
CA SER D 178 -23.83 14.87 77.73
CA GLN D 179 -22.43 17.83 75.76
CA ASP D 180 -19.53 17.97 73.27
CA ALA D 181 -17.62 21.17 72.47
CA SER D 182 -19.75 24.21 73.40
CA GLY D 183 -23.31 23.06 72.79
CA ASP D 184 -23.08 21.74 69.22
CA LEU D 185 -24.88 18.46 69.95
CA TYR D 186 -26.12 16.15 72.74
CA THR D 187 -25.86 12.34 72.97
CA THR D 188 -27.49 9.59 75.07
CA SER D 189 -27.92 5.82 75.34
CA SER D 190 -30.27 3.09 76.59
CA GLN D 191 -29.01 -0.22 77.98
CA LEU D 192 -30.73 -3.47 78.95
CA THR D 193 -28.78 -6.08 80.90
CA LEU D 194 -30.71 -9.37 80.75
CA PRO D 195 -29.98 -13.06 81.49
CA ALA D 196 -29.04 -15.29 78.55
CA THR D 197 -31.99 -17.59 79.27
CA GLN D 198 -34.29 -14.72 78.20
CA CYS D 199 -33.52 -13.50 74.65
CA PRO D 200 -34.18 -16.49 72.35
CA ASP D 201 -31.65 -17.54 69.66
CA GLY D 202 -32.73 -15.97 66.38
CA LYS D 203 -34.84 -12.99 67.54
CA SER D 204 -34.21 -9.49 68.90
CA VAL D 205 -35.45 -6.80 71.32
CA THR D 206 -36.81 -3.42 70.16
CA CYS D 207 -35.88 -0.12 71.87
CA HIS D 208 -38.42 2.71 71.52
CA VAL D 209 -36.98 6.22 71.82
CA LYS D 210 -39.28 9.25 71.99
CA HIS D 211 -38.09 12.87 71.86
CA TYR D 212 -40.85 15.50 72.21
CA THR D 213 -44.21 14.54 70.66
CA ASN D 214 -42.28 13.51 67.55
CA PRO D 215 -43.03 9.99 66.17
CA SER D 216 -41.45 7.22 68.24
CA GLN D 217 -38.39 5.82 66.46
CA ASP D 218 -38.33 2.02 66.81
CA VAL D 219 -35.12 0.02 66.29
CA THR D 220 -34.71 -3.77 66.15
CA VAL D 221 -31.81 -4.42 68.55
CA PRO D 222 -30.56 -8.01 68.02
CA CYS D 223 -28.96 -10.41 70.47
CA PRO D 224 -28.14 -14.37 69.76
CA VAL D 225 -26.13 -16.30 67.13
CA PRO D 226 -27.13 -18.66 64.01
CA PRO D 227 -25.02 -21.67 62.95
CA PRO D 228 -24.55 -22.50 59.10
CA PRO D 229 -26.73 -25.70 57.73
CA PRO D 230 -24.58 -28.37 56.05
CA CYS D 231 -26.02 -31.43 54.06
CA CYS D 232 -23.96 -33.63 51.69
CA HIS D 233 -24.63 -35.75 48.62
CA PRO D 234 -22.75 -38.95 47.36
CA ARG D 235 -20.46 -37.91 44.43
CA LEU D 236 -17.01 -36.74 43.15
CA SER D 237 -16.14 -34.78 39.96
CA LEU D 238 -12.98 -33.47 38.27
CA HIS D 239 -12.61 -30.05 36.63
CA ARG D 240 -10.25 -29.77 33.64
CA PRO D 241 -8.28 -26.49 33.40
CA ALA D 242 -9.25 -23.83 30.84
CA LEU D 243 -7.72 -23.89 27.35
CA GLU D 244 -7.18 -20.15 26.90
CA ASP D 245 -5.29 -19.89 30.20
CA LEU D 246 -2.76 -22.74 29.83
CA LEU D 247 -1.81 -21.75 26.27
CA LEU D 248 -0.95 -18.10 26.92
CA GLY D 249 1.26 -18.37 30.01
CA SER D 250 1.50 -21.95 31.30
CA GLU D 251 -0.90 -21.19 34.17
CA ALA D 252 -2.99 -24.35 34.60
CA ASN D 253 -4.67 -26.17 37.48
CA LEU D 254 -6.88 -29.26 37.85
CA THR D 255 -9.54 -29.26 40.59
CA CYS D 256 -10.75 -32.36 42.48
CA THR D 257 -13.88 -31.39 44.45
CA LEU D 258 -15.80 -33.87 46.63
CA THR D 259 -19.44 -32.73 46.74
CA GLY D 260 -21.80 -35.51 47.89
CA LEU D 261 -21.77 -37.79 50.96
CA ARG D 262 -23.35 -36.93 54.40
CA ASP D 263 -21.89 -35.28 57.62
CA ALA D 264 -18.69 -34.21 59.47
CA SER D 265 -15.39 -35.94 58.65
CA GLY D 266 -12.04 -35.00 57.08
CA ALA D 267 -10.63 -35.94 53.67
CA THR D 268 -7.02 -36.59 52.63
CA PHE D 269 -5.62 -36.65 49.07
CA THR D 270 -3.05 -38.60 47.05
CA TRP D 271 -2.23 -36.56 43.93
CA THR D 272 0.21 -37.88 41.34
CA PRO D 273 3.20 -35.73 40.21
CA SER D 274 3.57 -34.39 36.66
CA SER D 275 6.30 -34.98 34.07
CA GLY D 276 8.46 -32.41 35.85
CA LYS D 277 8.14 -34.30 39.16
CA SER D 278 6.16 -31.69 41.11
CA ALA D 279 3.22 -32.12 43.51
CA VAL D 280 1.63 -29.16 45.31
CA GLN D 281 -1.77 -29.08 47.05
CA GLY D 282 -3.81 -27.33 49.74
CA PRO D 283 -7.44 -28.59 50.23
CA PRO D 284 -9.70 -26.44 52.50
CA GLU D 285 -13.14 -26.89 54.10
CA ARG D 286 -16.12 -24.67 53.24
CA ASP D 287 -19.82 -23.94 53.63
CA LEU D 288 -22.19 -23.66 50.63
CA CYS D 289 -25.49 -25.55 51.26
CA GLY D 290 -24.89 -26.83 54.81
CA CYS D 291 -22.37 -29.73 55.06
CA TYR D 292 -18.50 -29.41 55.22
CA SER D 293 -16.55 -29.33 51.90
CA VAL D 294 -13.02 -30.41 50.87
CA SER D 295 -11.58 -29.36 47.45
CA SER D 296 -7.96 -29.52 46.20
CA VAL D 297 -6.15 -27.91 43.26
CA LEU D 298 -2.97 -29.31 41.66
CA PRO D 299 -1.10 -26.59 39.67
CA GLY D 300 0.33 -28.18 36.55
CA CYS D 301 2.48 -27.06 33.61
CA ALA D 302 1.72 -26.84 29.88
CA GLN D 303 4.11 -29.55 28.62
CA PRO D 304 2.52 -32.48 30.51
CA TRP D 305 -0.94 -31.53 29.22
CA ASN D 306 0.36 -31.13 25.66
CA HIS D 307 2.20 -34.46 25.79
CA GLY D 308 -0.59 -36.23 27.68
CA GLU D 309 0.07 -37.27 31.28
CA THR D 310 -2.37 -39.21 33.49
CA PHE D 311 -3.71 -36.89 36.24
CA THR D 312 -5.39 -39.09 38.88
CA CYS D 313 -6.92 -38.04 42.23
CA THR D 314 -7.45 -40.69 44.93
CA ALA D 315 -9.18 -39.88 48.23
CA ALA D 316 -9.14 -42.21 51.25
CA HIS D 317 -11.95 -42.17 53.85
CA PRO D 318 -13.31 -44.35 56.69
CA GLU D 319 -16.89 -44.45 55.41
CA LEU D 320 -15.98 -43.93 51.76
CA LYS D 321 -14.19 -47.23 52.27
CA THR D 322 -13.36 -47.74 48.58
CA PRO D 323 -11.09 -44.74 47.86
CA LEU D 324 -12.61 -43.27 44.71
CA THR D 325 -10.06 -43.12 41.88
CA ALA D 326 -10.50 -40.59 39.07
CA ASN D 327 -8.24 -40.11 36.04
CA ILE D 328 -8.36 -37.51 33.25
CA THR D 329 -6.23 -37.05 30.13
CA LYS D 330 -6.65 -35.62 26.61
CA SER D 331 -8.55 -37.47 23.87
CA GLY D 332 -8.26 -39.10 20.46
CA ASN D 333 -5.25 -39.83 18.26
CA THR D 334 -3.16 -37.31 16.27
CA PHE D 335 -4.23 -36.08 12.81
CA ARG D 336 -2.19 -33.69 10.65
CA PRO D 337 -3.97 -30.34 9.92
CA GLU D 338 -4.45 -29.22 6.31
CA VAL D 339 -4.41 -25.43 5.92
CA HIS D 340 -6.20 -23.86 2.93
CA LEU D 341 -5.86 -20.06 2.63
CA LEU D 342 -8.87 -18.64 0.77
CA PRO D 343 -8.76 -15.29 -1.10
CA PRO D 344 -11.52 -12.61 -0.79
CA PRO D 345 -14.50 -12.97 -3.20
CA SER D 346 -15.41 -10.78 -6.17
CA GLU D 347 -18.37 -8.94 -4.63
CA GLU D 348 -16.46 -8.28 -1.40
CA LEU D 349 -14.06 -5.96 -3.25
CA ALA D 350 -16.94 -3.47 -3.47
CA LEU D 351 -16.55 -2.45 0.19
CA ASN D 352 -13.79 -0.23 1.64
CA GLU D 353 -12.69 -0.45 5.30
CA LEU D 354 -12.50 -4.25 5.73
CA VAL D 355 -11.47 -7.32 3.68
CA THR D 356 -11.80 -10.89 5.01
CA LEU D 357 -8.89 -13.33 4.62
CA THR D 358 -10.08 -16.88 5.38
CA CYS D 359 -7.53 -19.65 6.02
CA LEU D 360 -9.22 -22.95 6.87
CA ALA D 361 -7.39 -25.76 8.69
CA ARG D 362 -9.35 -29.03 8.68
CA GLY D 363 -8.31 -32.62 9.33
CA PHE D 364 -6.91 -32.34 12.86
CA SER D 365 -7.21 -34.00 16.27
CA PRO D 366 -7.30 -33.17 19.09
CA LYS D 367 -9.08 -29.79 18.97
CA ASP D 368 -6.11 -28.02 20.58
CA VAL D 369 -4.74 -25.71 17.89
CA LEU D 370 -3.21 -22.21 18.08
CA VAL D 371 -3.84 -20.08 14.98
CA ARG D 372 -2.25 -16.65 14.37
CA TRP D 373 -1.66 -14.13 11.56
CA LEU D 374 1.30 -12.02 10.39
CA GLN D 375 2.10 -9.00 8.19
CA GLY D 376 4.42 -9.26 5.21
CA SER D 377 5.63 -5.67 4.81
CA GLN D 378 5.94 -4.47 8.41
CA GLU D 379 7.05 -8.01 9.42
CA LEU D 380 4.91 -7.70 12.56
CA PRO D 381 1.95 -9.84 13.76
CA ARG D 382 -1.62 -8.77 12.99
CA GLU D 383 -4.21 -7.52 15.51
CA LYS D 384 -7.70 -7.82 13.96
CA TYR D 385 -8.70 -11.49 13.66
CA LEU D 386 -11.06 -14.03 15.29
CA THR D 387 -11.14 -17.82 15.79
CA TRP D 388 -14.12 -20.15 15.16
CA ALA D 389 -14.83 -23.67 16.51
CA SER D 390 -17.16 -26.69 16.55
CA ARG D 391 -16.99 -30.51 16.81
CA GLN D 392 -17.99 -33.05 14.14
CA GLU D 393 -19.60 -36.03 15.88
CA PRO D 394 -21.96 -37.80 13.42
CA SER D 395 -23.58 -41.23 13.78
CA GLN D 396 -20.85 -42.98 11.77
CA GLY D 397 -17.23 -43.69 12.66
CA THR D 398 -15.56 -40.52 11.37
CA THR D 399 -14.50 -37.58 13.58
CA THR D 400 -11.98 -34.75 12.91
CA PHE D 401 -12.00 -31.15 14.17
CA ALA D 402 -11.54 -28.15 11.84
CA VAL D 403 -11.14 -24.36 12.20
CA THR D 404 -11.65 -21.06 10.34
CA SER D 405 -9.71 -17.79 10.67
CA ILE D 406 -10.75 -14.29 9.56
CA LEU D 407 -8.22 -11.47 9.12
CA ARG D 408 -9.92 -8.15 8.33
CA VAL D 409 -7.44 -5.81 6.62
CA ALA D 410 -7.89 -2.76 4.37
CA ALA D 411 -9.13 -2.73 0.76
CA GLU D 412 -6.29 -0.56 -0.57
CA ASP D 413 -3.61 -2.67 1.14
CA TRP D 414 -4.79 -5.98 -0.36
CA LYS D 415 -4.22 -4.52 -3.84
CA LYS D 416 -0.71 -3.16 -3.17
CA GLY D 417 0.84 -6.63 -3.26
CA ASP D 418 1.39 -7.54 0.40
CA THR D 419 1.64 -11.18 1.53
CA PHE D 420 -0.34 -12.40 4.59
CA SER D 421 0.64 -15.44 6.72
CA CYS D 422 -1.70 -17.84 8.59
CA MET D 423 0.48 -19.82 11.03
CA VAL D 424 -1.15 -22.90 12.56
CA GLY D 425 0.25 -24.88 15.48
CA HIS D 426 -0.65 -28.47 16.34
CA GLU D 427 1.05 -31.59 17.73
CA ALA D 428 0.74 -33.75 14.59
CA LEU D 429 2.59 -31.07 12.58
CA PRO D 430 6.19 -31.68 11.39
CA LEU D 431 7.80 -29.06 13.66
CA ALA D 432 4.65 -28.33 15.69
CA PHE D 433 4.28 -25.32 13.40
CA THR D 434 3.09 -24.82 9.81
CA GLN D 435 2.52 -21.64 7.77
CA LYS D 436 0.71 -20.96 4.48
CA THR D 437 0.41 -17.61 2.69
CA ILE D 438 -1.98 -15.57 0.51
CA ASP D 439 -1.04 -13.04 -2.18
CA ARG D 440 -2.98 -11.03 -4.79
CA LEU D 441 -0.23 -11.87 -7.30
CA ALA D 442 -1.32 -15.27 -8.61
CA GLY D 443 0.93 -17.04 -11.08
CA LYS D 444 -0.44 -20.28 -12.51
CA PRO D 445 2.45 -22.78 -12.12
CA THR D 446 0.70 -24.79 -9.38
CA HIS D 447 0.96 -23.18 -5.93
CA VAL D 448 4.47 -22.38 -4.69
CA ASN D 449 5.57 -21.30 -1.20
CA VAL D 450 8.16 -18.63 -0.32
CA SER D 451 11.92 -19.20 0.07
CA VAL D 452 13.94 -19.69 3.26
CA VAL D 453 14.69 -16.85 5.70
CA MET D 454 17.10 -17.71 8.54
CA ALA D 455 19.54 -20.63 8.85
CA GLU D 456 22.25 -22.16 11.05
CA VAL D 457 20.42 -20.78 14.12
CA ASP D 458 17.78 -23.13 15.55
CA GLY D 459 18.54 -22.46 19.22
CA THR D 460 20.61 -25.39 20.47
CA CYS D 461 23.64 -23.88 18.73
CA TYR D 462 23.54 -20.19 19.67
CA PRO E 1 -31.25 -12.02 -21.50
CA ARG E 2 -30.31 -11.36 -17.93
CA SER E 3 -29.82 -8.14 -16.08
CA PRO E 4 -30.51 -6.54 -12.79
CA THR E 5 -34.22 -6.53 -12.12
CA VAL E 6 -33.91 -3.46 -9.98
CA VAL E 7 -31.15 -0.95 -9.59
CA LYS E 8 -31.09 1.71 -6.94
CA GLY E 9 -28.87 4.72 -6.83
CA VAL E 10 -28.94 8.10 -5.31
CA ALA E 11 -28.84 11.63 -6.70
CA GLY E 12 -25.72 12.70 -8.58
CA SER E 13 -24.06 9.28 -8.45
CA SER E 14 -23.30 7.26 -11.58
CA VAL E 15 -24.65 3.82 -12.30
CA ALA E 16 -23.79 1.00 -14.61
CA VAL E 17 -26.11 -1.69 -15.83
CA LEU E 18 -24.87 -4.93 -17.33
CA CYS E 19 -26.99 -7.27 -19.46
CA PRO E 20 -25.97 -10.68 -20.79
CA TYR E 21 -26.80 -12.25 -24.23
CA ASN E 22 -26.21 -15.15 -26.80
CA ARG E 23 -24.36 -15.81 -30.11
CA LYS E 24 -26.60 -14.34 -32.77
CA GLU E 25 -26.95 -11.64 -30.25
CA SER E 26 -23.24 -10.86 -30.31
CA LYS E 27 -23.69 -9.26 -33.72
CA SER E 28 -27.10 -7.67 -33.24
CA ILE E 29 -27.79 -4.12 -32.13
CA LYS E 30 -27.91 -3.50 -28.41
CA TYR E 31 -30.15 -0.89 -26.96
CA TRP E 32 -31.34 0.77 -23.77
CA CYS E 33 -34.88 2.16 -23.64
CA LEU E 34 -37.31 3.75 -21.25
CA TRP E 35 -40.75 2.21 -21.06
CA GLU E 36 -43.65 4.41 -22.06
CA GLY E 37 -47.10 4.07 -20.58
CA ALA E 38 -49.99 3.68 -22.98
CA GLN E 39 -52.15 0.99 -24.41
CA ASN E 40 -49.61 0.98 -27.17
CA GLY E 41 -46.41 2.52 -26.03
CA ARG E 42 -42.90 2.20 -27.24
CA CYS E 43 -39.78 2.30 -25.20
CA PRO E 44 -37.88 5.22 -26.46
CA LEU E 45 -34.41 4.35 -27.68
CA LEU E 46 -32.22 6.09 -25.14
CA VAL E 47 -28.87 4.81 -26.44
CA ASP E 48 -27.90 2.16 -28.98
CA SER E 49 -24.86 0.18 -30.11
CA GLU E 50 -25.52 1.65 -33.53
CA GLY E 51 -24.06 4.98 -32.64
CA TRP E 52 -27.29 6.66 -31.70
CA VAL E 53 -27.53 8.55 -28.45
CA LYS E 54 -30.55 10.50 -27.25
CA ALA E 55 -30.22 14.16 -26.49
CA GLN E 56 -30.95 13.68 -22.83
CA TYR E 57 -28.26 11.03 -22.59
CA GLU E 58 -25.69 12.54 -24.94
CA GLY E 59 -22.47 12.93 -23.01
CA ARG E 60 -24.16 11.71 -19.85
CA LEU E 61 -24.22 8.02 -20.71
CA SER E 62 -22.38 5.34 -22.61
CA LEU E 63 -23.18 1.88 -23.96
CA LEU E 64 -20.37 -0.60 -24.46
CA GLU E 65 -20.60 -4.09 -25.84
CA GLU E 66 -18.11 -6.83 -25.18
CA PRO E 67 -19.02 -9.84 -27.18
CA GLY E 68 -16.61 -12.30 -25.65
CA ASN E 69 -18.16 -11.78 -22.27
CA GLY E 70 -21.60 -11.68 -23.75
CA THR E 71 -22.40 -8.46 -22.04
CA PHE E 72 -22.93 -4.82 -22.78
CA THR E 73 -22.85 -2.12 -20.19
CA VAL E 74 -24.77 1.09 -20.00
CA ILE E 75 -23.14 3.68 -17.85
CA LEU E 76 -25.15 6.68 -16.81
CA ASN E 77 -23.89 9.65 -14.87
CA GLN E 78 -25.54 12.59 -13.17
CA LEU E 79 -28.54 10.57 -12.16
CA THR E 80 -31.44 12.89 -11.51
CA SER E 81 -34.98 12.57 -10.28
CA ARG E 82 -36.06 12.21 -13.88
CA ASP E 83 -34.08 8.99 -14.19
CA ALA E 84 -36.23 6.87 -11.91
CA GLY E 85 -38.42 4.68 -14.04
CA PHE E 86 -38.63 1.50 -16.07
CA TYR E 87 -36.10 0.68 -18.72
CA TRP E 88 -35.24 -2.21 -20.98
CA CYS E 89 -31.96 -3.52 -22.33
CA LEU E 90 -32.41 -5.64 -25.38
CA THR E 91 -31.01 -6.87 -28.68
CA ASN E 92 -32.26 -6.08 -32.19
CA GLY E 93 -35.50 -4.17 -32.58
CA ASP E 94 -37.30 -2.77 -29.55
CA THR E 95 -40.61 -4.34 -30.53
CA LEU E 96 -39.22 -7.86 -30.61
CA TRP E 97 -39.18 -7.84 -26.83
CA ARG E 98 -36.04 -9.92 -26.59
CA THR E 99 -35.09 -7.67 -23.71
CA THR E 100 -34.99 -7.62 -19.96
CA VAL E 101 -36.87 -5.10 -17.90
CA GLU E 102 -34.95 -3.09 -15.38
CA ILE E 103 -36.40 -0.79 -12.78
CA LYS E 104 -34.23 2.08 -11.76
CA ILE E 105 -34.95 4.07 -8.66
CA ILE E 106 -32.92 7.18 -8.11
CA GLU F 1 60.90 4.24 -121.62
CA LEU F 2 64.60 4.92 -121.00
CA VAL F 3 66.00 2.76 -118.18
CA MET F 4 68.25 4.33 -115.53
CA THR F 5 70.37 1.93 -113.44
CA GLN F 6 72.31 3.14 -110.39
CA SER F 7 74.94 1.27 -108.36
CA PRO F 8 75.63 0.12 -105.74
CA SER F 9 72.37 -0.64 -103.92
CA SER F 10 73.84 0.37 -100.54
CA LEU F 11 76.90 2.31 -99.35
CA SER F 12 78.90 2.04 -96.12
CA ALA F 13 81.58 4.60 -95.24
CA SER F 14 82.93 6.57 -92.27
CA VAL F 15 83.03 10.37 -91.99
CA GLY F 16 85.62 11.73 -94.42
CA ASP F 17 85.70 9.08 -97.16
CA ARG F 18 84.96 10.04 -100.76
CA VAL F 19 82.00 8.02 -102.10
CA ASN F 20 81.20 7.46 -105.79
CA ILE F 21 77.62 7.01 -107.07
CA ALA F 22 77.04 5.95 -110.70
CA CYS F 23 74.00 6.54 -112.95
CA ARG F 24 74.07 4.85 -116.36
CA ALA F 25 71.38 5.08 -119.07
CA SER F 26 70.08 2.84 -121.87
CA GLN F 27 71.12 5.36 -124.55
CA GLY F 28 72.85 8.74 -124.82
CA ILE F 29 70.98 11.66 -123.23
CA SER F 30 73.77 14.26 -123.53
CA SER F 31 73.97 16.62 -120.52
CA ALA F 32 70.42 15.99 -119.27
CA LEU F 33 70.58 14.56 -115.73
CA ALA F 34 69.61 15.73 -112.22
CA TRP F 35 70.65 14.45 -108.78
CA TYR F 36 68.43 14.48 -105.69
CA GLN F 37 68.58 14.12 -101.89
CA GLN F 38 65.69 12.48 -100.07
CA LYS F 39 65.96 12.47 -96.27
CA PRO F 40 63.75 9.58 -95.03
CA GLY F 41 60.26 10.95 -94.46
CA LYS F 42 60.78 14.09 -96.56
CA ALA F 43 60.44 15.44 -100.10
CA PRO F 44 63.43 15.22 -102.51
CA ARG F 45 65.89 18.11 -102.80
CA LEU F 46 67.63 19.22 -106.00
CA LEU F 47 71.42 19.03 -105.77
CA ILE F 48 72.83 19.16 -109.30
CA TYR F 49 71.33 20.12 -112.66
CA ASP F 50 72.62 20.07 -116.27
CA ALA F 51 75.17 17.42 -115.18
CA SER F 52 77.69 19.53 -113.22
CA ASN F 53 76.06 22.82 -112.14
CA LEU F 54 75.25 23.18 -108.43
CA GLU F 55 72.17 24.87 -106.94
CA SER F 56 72.41 27.96 -104.72
CA GLY F 57 72.68 26.74 -101.14
CA VAL F 58 73.97 23.22 -101.79
CA PRO F 59 77.37 22.65 -100.11
CA SER F 60 80.61 23.08 -102.07
CA ARG F 61 81.55 19.43 -101.42
CA PHE F 62 78.88 18.05 -103.78
CA SER F 63 79.69 17.72 -107.52
CA GLY F 64 79.98 15.36 -110.48
CA SER F 65 80.38 14.97 -114.26
CA GLY F 66 79.79 12.65 -117.23
CA SER F 67 78.76 13.02 -120.89
CA GLY F 68 76.27 10.73 -122.60
CA THR F 69 76.04 7.33 -120.91
CA ASP F 70 78.27 7.14 -117.82
CA PHE F 71 77.52 9.56 -114.95
CA THR F 72 78.87 9.99 -111.40
CA LEU F 73 78.02 11.75 -108.12
CA THR F 74 80.92 12.61 -105.80
CA ILE F 75 81.30 13.81 -102.17
CA SER F 76 84.82 14.85 -101.07
CA SER F 77 84.03 14.95 -97.33
CA LEU F 78 81.25 12.72 -96.01
CA GLN F 79 79.40 14.21 -93.03
CA PRO F 80 76.68 12.71 -90.77
CA GLU F 81 74.08 15.07 -92.25
CA ASP F 82 74.30 13.31 -95.64
CA PHE F 83 72.03 10.39 -94.68
CA ALA F 84 69.62 10.22 -97.63
CA ILE F 85 68.59 8.07 -100.61
CA TYR F 86 69.92 9.76 -103.76
CA TYR F 87 68.26 9.58 -107.20
CA CYS F 88 69.05 10.57 -110.80
CA GLN F 89 66.45 11.26 -113.49
CA GLN F 90 66.73 12.28 -117.14
CA PHE F 91 65.05 15.01 -119.18
CA ASN F 92 65.69 14.48 -122.90
CA SER F 93 62.49 12.61 -123.86
CA TYR F 94 59.23 11.28 -122.40
CA PRO F 95 58.36 9.91 -119.99
CA LEU F 96 60.86 11.20 -117.42
CA THR F 97 62.34 8.32 -115.42
CA PHE F 98 64.16 8.01 -112.07
CA GLY F 99 67.04 5.91 -110.77
CA GLY F 100 66.85 2.93 -108.43
CA GLY F 101 68.14 4.87 -105.45
CA THR F 102 71.46 4.58 -103.61
CA LYS F 103 71.13 4.71 -99.81
CA VAL F 104 74.08 6.12 -97.84
CA GLU F 105 74.66 4.61 -94.40
CA ILE F 106 77.17 6.37 -92.11
CA LYS F 107 79.91 4.58 -90.13
CA ARG F 108 81.16 5.25 -86.60
CA THR F 109 82.18 3.53 -83.34
CA VAL F 110 80.07 1.23 -81.15
CA ALA F 111 77.61 2.74 -78.67
CA ALA F 112 75.92 1.19 -75.63
CA PRO F 113 72.12 1.79 -75.54
CA SER F 114 70.31 2.83 -72.35
CA VAL F 115 67.41 0.36 -72.06
CA PHE F 116 64.09 1.51 -70.57
CA ILE F 117 60.65 -0.08 -70.09
CA PHE F 118 57.03 1.15 -69.96
CA PRO F 119 54.17 -0.81 -68.33
CA PRO F 120 50.53 -0.42 -69.53
CA SER F 121 48.72 2.68 -68.28
CA ASP F 122 45.68 2.79 -65.99
CA GLU F 123 43.19 3.96 -68.64
CA GLN F 124 44.51 1.50 -71.24
CA LEU F 125 43.39 -1.61 -69.32
CA LYS F 126 39.73 -0.47 -69.31
CA SER F 127 39.12 -1.63 -72.85
CA GLY F 128 40.72 -5.02 -72.19
CA THR F 129 44.27 -4.89 -73.55
CA ALA F 130 47.87 -4.21 -72.45
CA SER F 131 51.12 -3.10 -74.12
CA VAL F 132 54.57 -3.18 -72.52
CA VAL F 133 57.17 -1.09 -74.37
CA CYS F 134 60.96 -1.53 -74.04
CA LEU F 135 63.35 1.19 -75.23
CA LEU F 136 66.93 0.92 -76.54
CA ASN F 137 67.88 4.61 -76.81
CA ASN F 138 71.04 5.56 -78.77
CA PHE F 139 73.16 2.75 -80.27
CA TYR F 140 75.32 1.56 -83.16
CA PRO F 141 75.18 -0.62 -85.18
CA ARG F 142 71.48 -1.37 -85.73
CA GLU F 143 72.26 -5.02 -84.94
CA ALA F 144 70.48 -5.66 -81.64
CA LYS F 145 68.26 -8.22 -79.92
CA VAL F 146 65.31 -8.03 -77.52
CA GLN F 147 63.98 -11.00 -75.54
CA TRP F 148 60.93 -10.56 -73.30
CA LYS F 149 60.90 -12.26 -69.91
CA VAL F 150 57.47 -13.14 -68.53
CA ASP F 151 57.59 -14.99 -65.19
CA ASN F 152 61.41 -15.34 -65.32
CA ALA F 153 62.32 -18.12 -67.78
CA LEU F 154 59.06 -18.15 -69.76
CA GLN F 155 59.94 -16.43 -73.03
CA SER F 156 57.06 -15.31 -75.25
CA GLY F 157 56.91 -14.78 -79.00
CA ASN F 158 54.28 -12.20 -79.96
CA SER F 159 56.20 -8.91 -80.20
CA GLN F 160 56.80 -6.22 -82.85
CA GLU F 161 60.11 -4.45 -83.57
CA SER F 162 60.46 -1.05 -85.25
CA VAL F 163 63.64 0.91 -85.97
CA THR F 164 63.75 4.56 -87.04
CA GLU F 165 66.00 6.09 -89.70
CA GLN F 166 69.51 7.28 -88.71
CA ASP F 167 69.49 10.90 -87.48
CA SER F 168 71.57 13.84 -88.75
CA LYS F 169 73.68 14.38 -85.60
CA ASP F 170 75.63 11.58 -83.91
CA SER F 171 74.78 8.87 -86.45
CA THR F 172 73.05 6.20 -84.32
CA TYR F 173 70.01 3.92 -84.14
CA SER F 174 67.25 3.27 -81.58
CA LEU F 175 64.65 0.51 -81.11
CA SER F 176 61.46 -0.38 -79.22
CA SER F 177 59.49 -3.53 -78.39
CA THR F 178 55.78 -3.70 -77.53
CA LEU F 179 54.36 -6.85 -75.94
CA THR F 180 50.63 -6.94 -76.73
CA LEU F 181 48.62 -9.13 -74.32
CA SER F 182 44.98 -8.69 -73.25
CA LYS F 183 43.89 -7.79 -69.71
CA ALA F 184 43.09 -11.42 -68.84
CA ASP F 185 46.63 -12.61 -69.51
CA TYR F 186 48.14 -9.50 -67.90
CA GLU F 187 46.35 -9.80 -64.54
CA LYS F 188 47.92 -13.26 -64.22
CA HIS F 189 51.67 -12.58 -64.23
CA LYS F 190 54.11 -10.43 -62.24
CA VAL F 191 57.71 -10.27 -63.49
CA TYR F 192 58.26 -8.46 -66.81
CA ALA F 193 61.88 -8.04 -67.94
CA CYS F 194 63.48 -7.26 -71.32
CA GLU F 195 66.96 -8.71 -72.00
CA VAL F 196 69.08 -6.82 -74.57
CA THR F 197 72.20 -7.97 -76.46
CA HIS F 198 74.54 -5.52 -78.20
CA GLN F 199 78.25 -5.18 -79.00
CA GLY F 200 78.53 -2.04 -76.90
CA LEU F 201 77.16 -3.81 -73.83
CA SER F 202 79.65 -5.89 -71.83
CA SER F 203 76.78 -8.04 -70.54
CA PRO F 204 73.00 -8.23 -71.21
CA VAL F 205 71.08 -5.43 -69.46
CA THR F 206 67.87 -6.52 -67.74
CA LYS F 207 65.03 -4.04 -67.11
CA SER F 208 62.20 -5.57 -65.07
CA PHE F 209 59.20 -4.31 -63.09
CA ASN F 210 56.78 -6.01 -60.67
CA ARG F 211 53.05 -6.05 -61.47
CA GLY F 212 50.76 -5.26 -58.52
CA GLU F 213 50.90 -2.02 -56.49
CA CYS F 214 48.56 -0.97 -53.65
CA GLU G 1 70.07 84.13 2.90
CA LEU G 2 71.72 85.67 -0.17
CA VAL G 3 69.29 86.04 -3.07
CA MET G 4 70.34 85.04 -6.60
CA THR G 5 68.25 86.41 -9.48
CA GLN G 6 68.75 85.18 -13.06
CA SER G 7 67.29 86.62 -16.28
CA PRO G 8 65.52 86.14 -18.58
CA SER G 9 62.99 83.49 -17.55
CA SER G 10 63.01 81.88 -21.01
CA LEU G 11 65.27 82.03 -24.08
CA SER G 12 64.46 81.52 -27.77
CA ALA G 13 67.23 81.28 -30.38
CA SER G 14 68.19 79.33 -33.52
CA VAL G 15 71.32 77.19 -33.92
CA GLY G 16 74.37 79.45 -34.07
CA ASP G 17 73.26 82.52 -32.09
CA ARG G 18 75.23 83.63 -29.04
CA VAL G 19 73.01 83.68 -25.93
CA ASN G 20 73.73 85.64 -22.74
CA ILE G 21 72.58 84.44 -19.29
CA ALA G 22 72.93 86.75 -16.28
CA CYS G 23 73.24 85.88 -12.56
CA ARG G 24 73.19 88.81 -10.12
CA ALA G 25 73.52 88.61 -6.32
CA SER G 26 72.29 90.64 -3.33
CA GLN G 27 75.85 91.48 -2.26
CA GLY G 28 79.43 90.88 -3.42
CA ILE G 29 80.59 87.25 -3.34
CA SER G 30 83.90 87.75 -5.18
CA SER G 31 84.76 84.85 -7.54
CA ALA G 32 82.45 82.29 -5.91
CA LEU G 33 79.88 81.09 -8.48
CA ALA G 34 79.13 77.84 -10.33
CA TRP G 35 77.04 77.16 -13.45
CA TYR G 36 75.02 73.99 -14.08
CA GLN G 37 73.27 72.07 -16.86
CA GLN G 38 70.11 70.11 -16.06
CA LYS G 39 68.68 68.09 -18.93
CA PRO G 40 64.96 67.56 -18.16
CA GLY G 41 64.62 64.36 -16.15
CA LYS G 42 68.29 64.21 -15.15
CA ALA G 43 70.73 65.34 -12.45
CA PRO G 44 72.59 68.69 -12.83
CA ARG G 45 76.01 68.81 -14.47
CA LEU G 46 78.86 71.13 -13.47
CA LEU G 47 79.97 73.43 -16.29
CA ILE G 48 82.00 76.27 -14.79
CA TYR G 49 83.61 76.80 -11.37
CA ASP G 50 85.47 79.71 -9.73
CA ALA G 51 83.73 82.06 -12.21
CA SER G 52 85.61 81.33 -15.45
CA ASN G 53 87.38 77.94 -15.18
CA LEU G 54 85.90 75.10 -17.26
CA GLU G 55 85.64 71.45 -16.21
CA SER G 56 87.44 68.64 -18.07
CA GLY G 57 85.07 67.39 -20.75
CA VAL G 58 82.82 70.43 -21.06
CA PRO G 59 82.90 71.85 -24.64
CA SER G 60 85.19 74.75 -25.53
CA ARG G 61 82.19 76.89 -26.52
CA PHE G 62 81.02 77.38 -22.92
CA SER G 63 82.53 80.21 -20.84
CA GLY G 64 81.83 83.38 -18.84
CA SER G 65 83.16 86.03 -16.43
CA GLY G 66 82.19 88.63 -13.83
CA SER G 67 83.58 89.93 -10.52
CA GLY G 68 81.45 90.63 -7.47
CA THR G 69 77.82 91.33 -8.37
CA ASP G 70 77.22 91.00 -12.13
CA PHE G 71 77.85 87.57 -13.73
CA THR G 72 77.28 86.11 -17.21
CA LEU G 73 77.14 82.73 -19.01
CA THR G 74 77.98 82.70 -22.73
CA ILE G 75 77.67 80.19 -25.60
CA SER G 76 79.37 81.16 -28.90
CA SER G 77 77.67 78.45 -31.01
CA LEU G 78 74.26 77.18 -29.90
CA GLN G 79 73.67 73.51 -30.76
CA PRO G 80 70.53 71.33 -30.40
CA GLU G 81 72.18 69.33 -27.60
CA ASP G 82 72.12 72.38 -25.30
CA PHE G 83 68.46 71.99 -24.26
CA ALA G 84 68.64 72.33 -20.46
CA ILE G 85 67.66 74.58 -17.56
CA TYR G 86 70.82 76.32 -16.31
CA TYR G 87 71.44 77.40 -12.70
CA CYS G 88 74.00 79.44 -10.75
CA GLN G 89 74.73 79.03 -7.04
CA GLN G 90 77.14 80.78 -4.68
CA PHE G 91 79.66 79.46 -2.15
CA ASN G 92 80.93 82.30 0.06
CA SER G 93 78.60 81.91 3.05
CA TYR G 94 75.72 79.77 4.36
CA PRO G 95 73.29 78.57 3.33
CA LEU G 96 74.25 77.92 -0.30
CA THR G 97 71.54 79.22 -2.66
CA PHE G 98 70.60 78.55 -6.30
CA GLY G 99 69.34 80.68 -9.18
CA GLY G 100 65.82 80.81 -10.58
CA GLY G 101 66.72 78.83 -13.69
CA THR G 102 66.93 79.95 -17.32
CA LYS G 103 65.41 77.47 -19.79
CA VAL G 104 66.86 77.38 -23.31
CA GLU G 105 64.41 76.54 -26.11
CA ILE G 106 65.89 75.81 -29.56
CA LYS G 107 64.57 77.30 -32.82
CA ARG G 108 64.17 75.66 -36.23
CA THR G 109 61.78 75.31 -39.19
CA VAL G 110 58.20 73.98 -39.19
CA ALA G 111 57.61 70.21 -39.27
CA ALA G 112 54.47 68.25 -40.17
CA PRO G 113 53.58 65.55 -37.59
CA SER G 114 52.50 62.05 -38.60
CA VAL G 115 49.28 61.41 -36.69
CA PHE G 116 48.44 57.91 -35.39
CA ILE G 117 45.68 56.47 -33.18
CA PHE G 118 45.35 53.51 -30.80
CA PRO G 119 41.97 51.95 -29.89
CA PRO G 120 41.55 50.06 -26.55
CA SER G 121 43.02 46.55 -26.31
CA ASP G 122 41.15 43.27 -25.80
CA GLU G 123 42.27 42.68 -22.20
CA GLN G 124 41.70 46.30 -21.17
CA LEU G 125 37.92 46.17 -21.63
CA LYS G 126 37.57 43.30 -19.11
CA SER G 127 37.78 45.61 -16.12
CA GLY G 128 35.23 48.02 -17.58
CA THR G 129 37.16 50.92 -19.13
CA ALA G 130 38.57 52.14 -22.46
CA SER G 131 41.34 54.50 -23.60
CA VAL G 132 41.88 55.72 -27.17
CA VAL G 133 45.32 57.27 -27.76
CA CYS G 134 46.17 59.63 -30.65
CA LEU G 135 49.81 60.32 -31.59
CA LEU G 136 51.38 63.42 -33.18
CA ASN G 137 54.95 62.19 -33.79
CA ASN G 138 57.67 64.75 -34.67
CA PHE G 139 56.66 68.43 -35.00
CA TYR G 140 57.58 72.07 -34.43
CA PRO G 141 56.50 74.31 -32.81
CA ARG G 142 54.76 72.77 -29.80
CA GLU G 143 51.65 74.76 -30.76
CA ALA G 144 49.16 72.08 -31.83
CA LYS G 145 45.51 71.09 -31.38
CA VAL G 146 43.65 67.80 -31.01
CA GLN G 147 39.88 67.43 -31.38
CA TRP G 148 38.25 64.01 -30.83
CA LYS G 149 35.45 62.95 -33.16
CA VAL G 150 32.93 60.52 -31.68
CA ASP G 151 30.08 59.63 -34.06
CA ASN G 152 31.19 62.24 -36.64
CA ALA G 153 30.17 65.72 -35.44
CA LEU G 154 29.76 64.89 -31.74
CA GLN G 155 32.84 66.41 -30.11
CA SER G 156 33.64 65.34 -26.55
CA GLY G 157 35.55 67.13 -23.79
CA ASN G 158 37.16 64.70 -21.37
CA SER G 159 40.72 64.25 -22.67
CA GLN G 160 44.26 64.71 -21.31
CA GLU G 161 47.22 66.21 -23.19
CA SER G 162 50.89 65.57 -22.37
CA VAL G 163 53.97 66.89 -24.18
CA THR G 164 57.51 65.62 -23.63
CA GLU G 165 60.68 67.71 -23.39
CA GLN G 166 62.54 68.65 -26.60
CA ASP G 167 65.11 65.99 -27.60
CA SER G 168 68.83 66.42 -28.28
CA LYS G 169 68.78 65.60 -32.01
CA ASP G 170 66.46 67.32 -34.49
CA SER G 171 64.87 69.72 -31.98
CA THR G 172 61.15 68.85 -32.19
CA TYR G 173 58.06 68.10 -30.07
CA SER G 174 55.50 65.29 -29.92
CA LEU G 175 52.05 64.90 -28.32
CA SER G 176 49.40 62.32 -27.39
CA SER G 177 45.71 62.32 -26.46
CA THR G 178 43.89 59.64 -24.46
CA LEU G 179 40.08 59.54 -24.46
CA THR G 180 38.98 57.76 -21.28
CA LEU G 181 35.45 56.30 -21.48
CA SER G 182 34.09 53.23 -19.71
CA LYS G 183 33.04 50.01 -21.48
CA ALA G 184 29.34 50.95 -21.41
CA ASP G 185 29.88 54.16 -23.38
CA TYR G 186 32.39 52.48 -25.71
CA GLU G 187 30.17 49.58 -26.80
CA LYS G 188 27.69 52.21 -28.01
CA HIS G 189 29.67 54.10 -30.66
CA LYS G 190 31.50 53.22 -33.88
CA VAL G 191 33.44 56.10 -35.48
CA TYR G 192 36.46 57.49 -33.60
CA ALA G 193 38.57 60.13 -35.39
CA CYS G 194 41.16 62.67 -34.16
CA GLU G 195 41.45 65.97 -36.06
CA VAL G 196 44.84 67.75 -35.80
CA THR G 197 45.75 71.37 -36.63
CA HIS G 198 49.35 72.50 -37.13
CA GLN G 199 51.28 75.06 -39.19
CA GLY G 200 53.20 72.32 -40.99
CA LEU G 201 49.99 70.66 -42.14
CA SER G 202 48.32 72.14 -45.23
CA SER G 203 44.96 70.77 -44.05
CA PRO G 204 43.72 68.94 -40.89
CA VAL G 205 44.67 65.25 -40.87
CA THR G 206 41.91 62.85 -39.80
CA LYS G 207 42.67 59.41 -38.35
CA SER G 208 39.59 57.28 -37.74
CA PHE G 209 38.75 53.61 -37.16
CA ASN G 210 35.53 51.61 -37.08
CA ARG G 211 34.32 49.47 -34.16
CA GLY G 212 33.58 45.86 -34.97
CA GLU G 213 36.42 43.56 -35.99
CA CYS G 214 34.13 40.67 -36.82
CA GLU H 1 -17.03 -106.44 75.84
CA LEU H 2 -20.12 -106.13 78.05
CA VAL H 3 -23.19 -105.00 76.08
CA MET H 4 -25.48 -102.29 77.49
CA THR H 5 -28.96 -102.02 75.96
CA GLN H 6 -31.28 -99.10 76.81
CA SER H 7 -34.98 -98.70 75.95
CA PRO H 8 -36.98 -97.13 74.47
CA SER H 9 -35.20 -95.45 71.56
CA SER H 10 -37.30 -92.29 71.88
CA LEU H 11 -39.59 -90.77 74.54
CA SER H 12 -42.58 -88.45 74.19
CA ALA H 13 -44.20 -86.82 77.24
CA SER H 14 -45.70 -83.52 78.40
CA VAL H 15 -44.41 -81.42 81.32
CA GLY H 16 -45.17 -83.21 84.58
CA ASP H 17 -45.24 -86.88 83.54
CA ARG H 18 -42.89 -89.38 85.20
CA VAL H 19 -40.67 -91.07 82.59
CA ASN H 20 -38.84 -94.38 83.08
CA ILE H 21 -35.52 -95.16 81.34
CA ALA H 22 -34.08 -98.69 81.53
CA CYS H 23 -30.45 -99.86 81.23
CA ARG H 24 -29.88 -103.63 81.17
CA ALA H 25 -26.51 -105.43 80.96
CA SER H 26 -25.22 -108.73 79.56
CA GLN H 27 -24.13 -109.92 83.02
CA GLY H 28 -24.20 -108.74 86.64
CA ILE H 29 -22.09 -105.67 87.37
CA SER H 30 -23.34 -105.06 90.94
CA SER H 31 -23.72 -101.35 91.80
CA ALA H 32 -21.43 -100.05 89.03
CA LEU H 33 -23.44 -97.74 86.72
CA ALA H 34 -23.47 -94.02 85.87
CA TRP H 35 -26.13 -91.86 84.18
CA TYR H 36 -25.40 -88.87 81.95
CA GLN H 37 -27.08 -85.83 80.38
CA GLN H 38 -25.94 -84.63 76.96
CA LYS H 39 -27.59 -81.44 75.72
CA PRO H 40 -27.30 -81.47 71.89
CA GLY H 41 -24.04 -79.78 70.96
CA LYS H 42 -22.49 -80.10 74.42
CA ALA H 43 -20.37 -82.40 76.57
CA PRO H 44 -22.07 -85.03 78.81
CA ARG H 45 -22.93 -84.22 82.42
CA LEU H 46 -22.78 -86.66 85.34
CA LEU H 47 -26.15 -87.14 87.06
CA ILE H 48 -25.96 -90.31 89.15
CA TYR H 49 -23.07 -92.49 90.34
CA ASP H 50 -22.84 -95.79 92.26
CA ALA H 51 -26.42 -96.55 91.11
CA SER H 52 -28.46 -94.21 93.34
CA ASN H 53 -26.22 -91.42 94.68
CA LEU H 54 -26.80 -87.95 93.21
CA GLU H 55 -24.09 -85.37 92.41
CA SER H 56 -23.94 -81.97 94.14
CA GLY H 57 -25.97 -79.56 92.04
CA VAL H 58 -28.16 -82.05 90.19
CA PRO H 59 -31.89 -81.41 90.90
CA SER H 60 -33.72 -83.38 93.59
CA ARG H 61 -36.16 -84.76 91.00
CA PHE H 62 -33.56 -87.07 89.40
CA SER H 63 -32.97 -90.54 90.91
CA GLY H 64 -33.02 -94.30 90.29
CA SER H 65 -32.10 -97.78 91.55
CA GLY H 66 -31.39 -101.38 90.52
CA SER H 67 -29.01 -104.17 91.58
CA GLY H 68 -27.15 -106.40 89.13
CA THR H 69 -28.89 -106.59 85.77
CA ASP H 70 -32.00 -104.38 85.65
CA PHE H 71 -31.51 -100.61 86.12
CA THR H 72 -33.81 -97.57 85.86
CA LEU H 73 -33.63 -93.75 85.62
CA THR H 74 -36.61 -91.79 86.95
CA ILE H 75 -37.83 -88.15 86.76
CA SER H 76 -40.81 -87.24 88.98
CA SER H 77 -41.51 -83.87 87.31
CA LEU H 78 -40.51 -83.42 83.67
CA GLN H 79 -39.48 -79.85 82.81
CA PRO H 80 -38.60 -78.25 79.44
CA GLU H 81 -34.95 -77.95 80.47
CA ASP H 82 -34.56 -81.75 80.43
CA PHE H 83 -34.11 -82.04 76.65
CA ALA H 84 -31.05 -84.28 76.34
CA ILE H 85 -29.89 -87.73 75.22
CA TYR H 86 -29.18 -89.80 78.34
CA TYR H 87 -26.57 -92.57 78.59
CA CYS H 88 -25.52 -95.28 81.06
CA GLN H 89 -22.05 -96.83 81.23
CA GLN H 90 -20.54 -99.50 83.48
CA PHE H 91 -17.31 -99.63 85.49
CA ASN H 92 -16.65 -103.17 86.73
CA SER H 93 -14.33 -104.43 83.98
CA TYR H 94 -12.63 -103.35 80.75
CA PRO H 95 -13.30 -101.83 78.37
CA LEU H 96 -15.89 -99.38 79.73
CA THR H 97 -18.99 -99.33 77.52
CA PHE H 98 -21.89 -96.88 77.02
CA GLY H 99 -25.62 -97.25 76.39
CA GLY H 100 -27.47 -96.70 73.12
CA GLY H 101 -28.94 -93.38 74.23
CA THR H 102 -32.54 -92.47 75.04
CA LYS H 103 -33.63 -89.10 73.62
CA VAL H 104 -36.31 -87.17 75.50
CA GLU H 105 -38.67 -85.05 73.39
CA ILE H 106 -40.96 -82.61 75.23
CA LYS H 107 -44.69 -82.23 74.53
CA ARG H 108 -46.82 -79.06 74.42
CA THR H 109 -49.55 -77.28 72.43
CA VAL H 110 -49.48 -76.22 68.77
CA ALA H 111 -47.74 -72.97 67.80
CA ALA H 112 -48.04 -70.89 64.62
CA PRO H 113 -44.64 -69.94 63.10
CA SER H 114 -43.89 -66.43 61.83
CA VAL H 115 -42.51 -66.96 58.32
CA PHE H 116 -39.82 -64.61 56.97
CA ILE H 117 -37.71 -64.46 53.78
CA PHE H 118 -34.22 -63.20 52.84
CA PRO H 119 -33.17 -62.34 49.25
CA PRO H 120 -29.50 -62.61 48.13
CA SER H 121 -27.24 -59.73 49.16
CA ASP H 122 -25.49 -57.26 46.86
CA GLU H 123 -21.95 -58.57 47.46
CA GLN H 124 -23.05 -62.21 47.15
CA LEU H 125 -24.00 -61.93 43.46
CA LYS H 126 -20.48 -60.80 42.47
CA SER H 127 -19.09 -64.32 42.52
CA GLY H 128 -21.98 -65.67 40.47
CA THR H 129 -24.43 -67.31 42.89
CA ALA H 130 -27.62 -66.59 44.87
CA SER H 131 -29.31 -67.96 48.00
CA VAL H 132 -32.85 -67.15 49.13
CA VAL H 133 -33.55 -68.09 52.76
CA CYS H 134 -37.04 -68.61 54.24
CA LEU H 135 -37.57 -68.64 58.01
CA LEU H 136 -40.21 -70.44 60.12
CA ASN H 137 -39.50 -68.98 63.57
CA ASN H 138 -41.08 -70.67 66.66
CA PHE H 139 -43.39 -73.67 66.09
CA TYR H 140 -44.59 -77.07 67.31
CA PRO H 141 -44.56 -79.85 66.26
CA ARG H 142 -41.51 -80.12 63.98
CA GLU H 143 -43.87 -81.38 61.26
CA ALA H 144 -43.85 -78.60 58.66
CA LYS H 145 -43.58 -78.06 54.90
CA VAL H 146 -41.91 -75.47 52.67
CA GLN H 147 -42.69 -75.04 48.96
CA TRP H 148 -40.76 -72.44 46.93
CA LYS H 149 -42.67 -70.39 44.37
CA VAL H 150 -40.61 -69.13 41.43
CA ASP H 151 -42.68 -67.20 38.84
CA ASN H 152 -45.98 -68.07 40.58
CA ALA H 153 -46.90 -71.69 39.77
CA LEU H 154 -43.42 -72.90 38.77
CA GLN H 155 -42.30 -74.97 41.75
CA SER H 156 -38.61 -75.88 41.95
CA GLY H 157 -36.86 -78.80 43.64
CA ASN H 158 -33.31 -77.93 44.65
CA SER H 159 -33.57 -76.80 48.28
CA GLN H 160 -32.05 -77.84 51.63
CA GLU H 161 -33.90 -78.07 54.96
CA SER H 162 -32.25 -77.88 58.40
CA VAL H 163 -33.92 -78.01 61.82
CA THR H 164 -32.21 -77.13 65.10
CA GLU H 165 -32.53 -78.98 68.42
CA GLN H 166 -35.41 -78.09 70.78
CA ASP H 167 -34.45 -75.24 73.16
CA SER H 168 -34.62 -75.18 76.97
CA LYS H 169 -37.36 -72.55 77.33
CA ASP H 170 -40.72 -72.78 75.55
CA SER H 171 -40.10 -76.17 73.90
CA THR H 172 -40.45 -75.40 70.18
CA TYR H 173 -38.82 -75.92 66.77
CA SER H 174 -37.70 -73.64 63.93
CA LEU H 175 -36.74 -74.20 60.28
CA SER H 176 -35.10 -72.54 57.27
CA SER H 177 -34.94 -73.10 53.51
CA THR H 178 -32.21 -71.88 51.15
CA LEU H 179 -32.81 -71.87 47.39
CA THR H 180 -29.40 -72.02 45.68
CA LEU H 181 -29.44 -70.73 42.09
CA SER H 182 -26.60 -69.05 40.18
CA LYS H 183 -26.65 -65.40 39.05
CA ALA H 184 -27.70 -66.33 35.49
CA ASP H 185 -30.90 -68.05 36.63
CA TYR H 186 -31.58 -65.36 39.24
CA GLU H 187 -31.43 -62.36 36.88
CA LYS H 188 -34.21 -64.04 34.87
CA HIS H 189 -37.11 -64.29 37.34
CA LYS H 190 -39.08 -61.88 39.54
CA VAL H 191 -41.59 -63.43 41.97
CA TYR H 192 -40.13 -65.45 44.87
CA ALA H 193 -42.60 -66.75 47.45
CA CYS H 194 -42.40 -69.50 50.10
CA GLU H 195 -45.63 -71.34 51.00
CA VAL H 196 -45.74 -72.93 54.49
CA THR H 197 -48.12 -75.57 55.87
CA HIS H 198 -48.50 -76.21 59.61
CA GLN H 199 -51.21 -77.29 62.07
CA GLY H 200 -51.01 -73.97 63.91
CA LEU H 201 -51.68 -72.03 60.71
CA SER H 202 -55.33 -71.73 59.65
CA SER H 203 -54.22 -71.24 56.03
CA PRO H 204 -50.84 -71.34 54.20
CA VAL H 205 -48.79 -68.18 54.76
CA THR H 206 -47.15 -66.74 51.63
CA LYS H 207 -44.04 -64.54 51.89
CA SER H 208 -42.99 -63.13 48.51
CA PHE H 209 -40.71 -60.36 47.23
CA ASN H 210 -40.23 -58.76 43.80
CA ARG H 211 -36.80 -58.89 42.13
CA GLY H 212 -35.65 -55.63 40.51
CA GLU H 213 -35.28 -52.31 42.38
CA CYS H 214 -33.97 -49.00 40.98
CA GLU I 1 -40.49 38.25 97.95
CA LEU I 2 -40.14 36.15 101.10
CA VAL I 3 -36.85 34.21 101.19
CA MET I 4 -36.82 30.54 102.21
CA THR I 5 -33.45 29.07 103.24
CA GLN I 6 -33.02 25.33 103.83
CA SER I 7 -30.02 23.50 105.36
CA PRO I 8 -27.86 21.57 104.90
CA SER I 9 -27.12 21.52 101.16
CA SER I 10 -26.47 17.77 101.18
CA LEU I 11 -27.17 14.87 103.55
CA SER I 12 -25.32 11.58 104.07
CA ALA I 13 -26.78 8.81 106.25
CA SER I 14 -27.16 5.02 106.35
CA VAL I 15 -30.48 3.13 106.43
CA GLY I 16 -32.12 3.68 109.81
CA ASP I 17 -30.74 7.05 110.92
CA ARG I 18 -33.13 9.91 111.71
CA VAL I 19 -32.38 12.93 109.49
CA ASN I 20 -33.44 16.52 110.22
CA ILE I 21 -34.20 19.04 107.46
CA ALA I 22 -34.74 22.72 108.35
CA CYS I 23 -36.72 25.42 106.50
CA ARG I 24 -36.47 28.96 107.88
CA ALA I 25 -38.22 32.07 106.54
CA SER I 26 -37.53 35.81 106.40
CA GLN I 27 -40.62 36.60 108.49
CA GLY I 28 -43.43 34.78 110.29
CA ILE I 29 -45.84 32.87 108.03
CA SER I 30 -47.76 31.03 110.78
CA SER I 31 -48.71 27.45 109.82
CA ALA I 32 -48.36 27.94 106.04
CA LEU I 33 -45.69 25.53 104.72
CA ALA I 34 -45.62 22.46 102.45
CA TRP I 35 -42.96 19.76 101.98
CA TYR I 36 -42.23 17.96 98.70
CA GLN I 37 -40.45 14.90 97.31
CA GLN I 38 -38.84 15.09 93.87
CA LYS I 39 -37.33 11.84 92.59
CA PRO I 40 -34.68 12.81 89.99
CA GLY I 41 -36.39 13.00 86.61
CA LYS I 42 -39.92 13.22 88.02
CA ALA I 43 -42.55 15.72 89.18
CA PRO I 44 -42.68 16.77 92.87
CA ARG I 45 -44.92 14.90 95.32
CA LEU I 46 -46.79 16.48 98.23
CA LEU I 47 -45.80 15.03 101.61
CA ILE I 48 -46.98 17.42 104.32
CA TYR I 49 -49.41 20.35 104.32
CA ASP I 50 -50.48 22.92 106.97
CA ALA I 51 -47.18 22.23 108.78
CA SER I 52 -47.85 18.81 110.35
CA ASN I 53 -50.74 17.10 108.52
CA LEU I 54 -49.81 14.14 106.30
CA GLU I 55 -51.38 13.26 102.94
CA SER I 56 -53.28 10.01 102.35
CA GLY I 57 -50.77 7.46 101.12
CA VAL I 58 -47.58 9.04 102.46
CA PRO I 59 -45.77 6.67 104.88
CA SER I 60 -46.26 7.00 108.64
CA ARG I 61 -42.53 7.67 109.12
CA PHE I 62 -42.70 11.16 107.61
CA SER I 63 -43.66 14.12 109.83
CA GLY I 64 -42.60 17.51 111.24
CA SER I 65 -43.60 20.68 113.11
CA GLY I 66 -42.74 24.34 113.70
CA SER I 67 -44.65 27.59 114.23
CA GLY I 68 -43.72 30.89 112.58
CA THR I 69 -40.06 31.00 111.59
CA ASP I 70 -38.28 27.71 112.38
CA PHE I 71 -39.52 24.56 110.62
CA THR I 72 -38.30 20.94 110.43
CA LEU I 73 -38.82 17.75 108.38
CA THR I 74 -38.15 14.43 110.12
CA ILE I 75 -37.78 10.77 109.04
CA SER I 76 -37.62 8.18 111.85
CA SER I 77 -36.44 5.29 109.64
CA LEU I 78 -34.46 6.12 106.49
CA GLN I 79 -35.05 3.66 103.64
CA PRO I 80 -33.37 3.37 100.20
CA GLU I 81 -36.58 4.51 98.49
CA ASP I 82 -36.22 8.01 100.00
CA PHE I 83 -33.66 9.26 97.45
CA ALA I 84 -35.09 12.64 96.44
CA ILE I 85 -34.49 16.39 96.63
CA TYR I 86 -36.95 17.84 99.16
CA TYR I 87 -38.41 21.37 99.02
CA CYS I 88 -40.52 23.66 101.22
CA GLN I 89 -42.67 26.53 99.94
CA GLN I 90 -44.92 29.04 101.70
CA PHE I 91 -48.49 30.17 101.06
CA ASN I 92 -49.30 33.27 103.13
CA SER I 93 -48.59 35.99 100.55
CA TYR I 94 -47.48 36.49 96.93
CA PRO I 95 -45.50 35.38 95.12
CA LEU I 96 -45.20 31.81 96.41
CA THR I 97 -41.54 30.85 96.88
CA PHE I 98 -39.65 27.54 97.18
CA GLY I 99 -36.69 26.32 99.23
CA GLY I 100 -33.15 25.72 98.03
CA GLY I 101 -33.51 21.95 98.07
CA THR I 102 -31.90 19.37 100.36
CA LYS I 103 -30.65 16.26 98.54
CA VAL I 104 -30.59 12.98 100.48
CA GLU I 105 -27.82 10.54 99.57
CA ILE I 106 -28.05 7.01 101.00
CA LYS I 107 -25.14 5.17 102.65
CA ARG I 108 -24.16 1.49 102.40
CA THR I 109 -21.18 -0.86 101.96
CA VAL I 110 -18.68 -0.97 99.09
CA ALA I 111 -19.59 -2.81 95.88
CA ALA I 112 -17.36 -4.08 93.07
CA PRO I 113 -18.61 -3.07 89.57
CA SER I 114 -18.68 -5.52 86.66
CA VAL I 115 -16.91 -3.71 83.81
CA PHE I 116 -18.03 -4.20 80.19
CA ILE I 117 -17.08 -2.59 76.86
CA PHE I 118 -18.83 -1.99 73.52
CA PRO I 119 -16.92 -1.46 70.26
CA PRO I 120 -18.53 0.52 67.36
CA SER I 121 -21.21 -1.23 65.29
CA ASP I 122 -21.10 -2.14 61.60
CA GLU I 123 -23.61 0.47 60.41
CA GLN I 124 -22.10 3.23 62.58
CA LEU I 125 -18.79 3.35 60.69
CA LYS I 126 -20.54 4.13 57.36
CA SER I 127 -20.95 7.81 58.20
CA GLY I 128 -17.33 8.14 59.30
CA THR I 129 -17.26 7.97 63.10
CA ALA I 130 -16.74 5.51 65.98
CA SER I 131 -17.75 5.28 69.65
CA VAL I 132 -16.40 2.74 72.15
CA VAL I 133 -18.48 2.49 75.34
CA CYS I 134 -17.22 1.05 78.66
CA LEU I 135 -19.67 0.03 81.41
CA LEU I 136 -19.22 -0.03 85.20
CA ASN I 137 -22.48 -1.71 86.30
CA ASN I 138 -23.46 -1.59 90.01
CA PHE I 139 -21.07 0.10 92.46
CA TYR I 140 -20.66 2.26 95.58
CA PRO I 141 -19.48 4.92 96.18
CA ARG I 142 -19.74 6.99 93.00
CA GLU I 143 -15.98 7.61 93.30
CA ALA I 144 -14.50 5.76 90.32
CA LYS I 145 -11.98 6.21 87.51
CA VAL I 146 -11.81 5.18 83.85
CA GLN I 147 -8.64 5.25 81.76
CA TRP I 148 -8.78 4.28 78.07
CA LYS I 149 -5.96 2.18 76.63
CA VAL I 150 -5.32 2.63 72.92
CA ASP I 151 -2.36 0.59 71.62
CA ASN I 152 -1.34 -0.50 75.15
CA ALA I 153 0.42 2.40 76.90
CA LEU I 154 -0.94 5.22 74.71
CA GLN I 155 -3.56 6.90 76.91
CA SER I 156 -5.98 9.29 75.19
CA GLY I 157 -7.92 12.24 76.58
CA ASN I 158 -11.12 12.87 74.64
CA SER I 159 -13.82 11.00 76.58
CA GLN I 160 -17.13 11.85 78.27
CA GLU I 161 -18.36 10.52 81.63
CA SER I 162 -22.01 10.36 82.73
CA VAL I 163 -23.43 9.00 85.99
CA THR I 164 -27.11 8.30 86.63
CA GLU I 165 -29.07 9.06 89.80
CA GLN I 166 -29.08 6.50 92.65
CA ASP I 167 -31.90 3.94 92.24
CA SER I 168 -34.63 3.00 94.74
CA LYS I 169 -33.51 -0.59 95.42
CA ASP I 170 -29.95 -1.50 96.45
CA SER I 171 -28.62 2.08 96.61
CA THR I 172 -25.74 2.04 94.09
CA TYR I 173 -24.20 3.94 91.16
CA SER I 174 -23.20 3.06 87.60
CA LEU I 175 -21.03 4.76 84.95
CA SER I 176 -20.13 4.69 81.25
CA SER I 177 -17.35 6.04 79.02
CA THR I 178 -17.60 6.71 75.27
CA LEU I 179 -14.42 7.22 73.24
CA THR I 180 -15.36 9.23 70.13
CA LEU I 181 -12.86 8.88 67.27
CA SER I 182 -13.56 9.07 63.53
CA LYS I 183 -13.26 6.13 61.12
CA ALA I 184 -9.80 7.21 59.93
CA ASP I 185 -8.28 7.03 63.41
CA TYR I 186 -10.17 3.82 64.24
CA GLU I 187 -9.01 1.79 61.22
CA LYS I 188 -5.45 2.44 62.44
CA HIS I 189 -5.41 0.81 65.89
CA LYS I 190 -6.09 -2.66 67.29
CA VAL I 191 -6.04 -2.90 71.10
CA TYR I 192 -8.74 -1.06 73.07
CA ALA I 193 -8.85 -1.59 76.85
CA CYS I 194 -10.51 0.31 79.71
CA GLU I 195 -8.78 0.28 83.13
CA VAL I 196 -11.04 0.87 86.15
CA THR I 197 -10.12 1.82 89.74
CA HIS I 198 -12.54 1.42 92.65
CA GLN I 199 -12.42 0.62 96.38
CA GLY I 200 -14.41 -2.57 95.88
CA LEU I 201 -11.92 -3.89 93.34
CA SER I 202 -8.78 -5.55 94.75
CA SER I 203 -6.91 -4.71 91.54
CA PRO I 204 -7.75 -2.73 88.33
CA VAL I 205 -9.97 -4.67 85.95
CA THR I 206 -8.98 -4.53 82.27
CA LYS I 207 -11.48 -5.11 79.46
CA SER I 208 -9.92 -5.18 76.00
CA PHE I 209 -10.85 -6.36 72.50
CA ASN I 210 -8.93 -6.81 69.26
CA ARG I 211 -9.82 -5.18 65.93
CA GLY I 212 -10.27 -7.55 63.02
CA GLU I 213 -13.18 -9.99 63.06
CA CYS I 214 -12.05 -11.78 59.94
CA LYS J 1 -41.23 5.55 -62.98
CA SER J 2 -38.85 8.05 -64.43
CA PRO J 3 -38.38 7.74 -68.11
CA ILE J 4 -34.81 8.92 -68.08
CA PHE J 5 -31.73 6.81 -67.62
CA GLY J 6 -27.98 7.33 -67.43
CA PRO J 7 -24.91 6.43 -65.46
CA GLU J 8 -25.77 5.58 -61.90
CA GLU J 9 -22.28 6.41 -60.82
CA VAL J 10 -19.35 8.09 -62.46
CA ASN J 11 -15.78 8.05 -61.21
CA SER J 12 -13.00 10.31 -62.37
CA VAL J 13 -9.84 12.12 -61.30
CA GLU J 14 -9.19 15.74 -60.32
CA GLY J 15 -7.61 16.73 -63.58
CA ASN J 16 -9.94 15.11 -65.99
CA SER J 17 -13.21 15.59 -67.73
CA VAL J 18 -16.25 13.40 -67.67
CA SER J 19 -18.96 12.93 -70.19
CA ILE J 20 -22.32 11.99 -68.85
CA THR J 21 -24.96 10.74 -71.24
CA CYS J 22 -28.61 10.55 -70.27
CA TYR J 23 -31.34 8.93 -72.28
CA TYR J 24 -34.92 10.07 -72.68
CA PRO J 25 -37.69 8.73 -74.86
CA PRO J 26 -37.54 9.88 -78.40
CA THR J 27 -40.49 12.21 -78.43
CA SER J 28 -41.09 15.50 -80.08
CA VAL J 29 -42.00 16.75 -76.65
CA ASN J 30 -38.72 15.62 -75.21
CA ARG J 31 -36.81 16.72 -78.24
CA HIS J 32 -37.94 20.27 -77.51
CA THR J 33 -38.01 20.27 -73.70
CA ARG J 34 -35.40 21.91 -71.54
CA LYS J 35 -32.61 19.52 -70.58
CA TYR J 36 -30.86 20.09 -67.30
CA TRP J 37 -27.99 19.02 -65.07
CA CYS J 38 -28.27 19.96 -61.41
CA ARG J 39 -26.60 19.14 -58.14
CA GLN J 40 -28.44 17.89 -55.10
CA GLY J 41 -27.77 19.96 -52.05
CA ALA J 42 -27.55 18.49 -48.60
CA ARG J 43 -30.72 20.45 -47.96
CA GLY J 44 -32.59 18.47 -50.55
CA GLY J 45 -32.89 20.75 -53.58
CA CYS J 46 -31.18 20.51 -56.92
CA ILE J 47 -29.54 23.58 -58.30
CA THR J 48 -29.19 23.84 -62.05
CA LEU J 49 -25.57 23.86 -63.13
CA ILE J 50 -26.23 23.84 -66.89
CA SER J 51 -29.31 23.76 -69.08
CA SER J 52 -30.12 23.51 -72.79
CA GLU J 53 -31.82 26.82 -72.14
CA GLY J 54 -28.43 28.47 -72.25
CA TYR J 55 -28.07 29.03 -68.53
CA VAL J 56 -24.63 28.09 -67.28
CA SER J 57 -23.42 28.06 -63.70
CA SER J 58 -20.61 30.43 -62.94
CA LYS J 59 -18.54 27.51 -61.75
CA TYR J 60 -19.29 25.69 -65.01
CA ALA J 61 -18.47 28.55 -67.35
CA GLY J 62 -15.94 27.62 -70.01
CA ARG J 63 -15.38 24.16 -68.55
CA ALA J 64 -18.62 22.44 -69.54
CA ASN J 65 -21.26 22.27 -72.24
CA LEU J 66 -24.54 20.49 -72.72
CA THR J 67 -25.51 19.07 -76.09
CA ASN J 68 -28.80 17.62 -77.29
CA PHE J 69 -28.86 14.70 -79.70
CA PRO J 70 -32.42 14.22 -80.75
CA GLU J 71 -31.58 11.30 -82.98
CA ASN J 72 -30.16 9.34 -80.07
CA GLY J 73 -32.77 10.56 -77.65
CA THR J 74 -29.95 11.64 -75.43
CA PHE J 75 -27.97 14.66 -74.33
CA VAL J 76 -24.43 14.86 -73.05
CA VAL J 77 -22.93 16.96 -70.32
CA ASN J 78 -19.21 17.46 -70.60
CA ILE J 79 -17.38 18.59 -67.52
CA ALA J 80 -13.74 19.51 -67.62
CA GLN J 81 -11.29 20.59 -64.96
CA LEU J 82 -13.00 18.35 -62.44
CA SER J 83 -12.07 19.12 -58.86
CA GLN J 84 -12.59 17.29 -55.60
CA ASP J 85 -15.47 19.62 -54.89
CA ASP J 86 -17.23 18.19 -57.92
CA SER J 87 -17.81 14.96 -56.06
CA GLY J 88 -21.46 14.75 -55.12
CA ARG J 89 -24.90 13.80 -56.32
CA TYR J 90 -26.45 15.27 -59.43
CA LYS J 91 -29.47 14.74 -61.62
CA CYS J 92 -30.07 14.97 -65.34
CA GLY J 93 -33.62 15.51 -66.44
CA LEU J 94 -36.11 17.16 -68.73
CA GLY J 95 -38.66 19.89 -68.27
CA ILE J 96 -39.13 21.71 -65.03
CA ASN J 97 -36.93 20.52 -62.22
CA SER J 98 -40.22 20.00 -60.39
CA ARG J 99 -41.64 17.11 -62.50
CA GLY J 100 -39.29 14.38 -61.34
CA LEU J 101 -38.46 13.27 -64.82
CA SER J 102 -34.80 12.85 -64.12
CA PHE J 103 -32.00 10.44 -63.31
CA ASP J 104 -29.74 10.45 -60.27
CA VAL J 105 -26.05 10.40 -60.97
CA SER J 106 -23.36 10.14 -58.38
CA LEU J 107 -20.00 11.57 -59.27
CA GLU J 108 -16.89 10.86 -57.30
CA VAL J 109 -13.82 12.81 -58.21
CA SER J 110 -11.99 15.54 -56.91
CA GLN J 111 -14.45 18.05 -58.63
CA GLY J 112 -14.69 21.49 -56.61
CA PRO J 113 -18.38 21.56 -55.50
CA GLY J 114 -18.40 17.88 -54.45
CA LEU J 115 -16.19 15.40 -52.45
CA LEU J 116 -14.95 11.80 -51.39
CA ASN J 117 -15.15 12.51 -47.71
CA ASP J 118 -18.02 13.86 -45.67
CA THR J 119 -19.59 13.29 -42.30
CA LYS J 120 -21.05 9.84 -42.29
CA VAL J 121 -23.76 10.88 -39.94
CA TYR J 122 -24.94 14.24 -38.79
CA THR J 123 -27.28 14.75 -35.87
CA VAL J 124 -29.23 17.86 -35.08
CA ASP J 125 -32.18 19.07 -33.03
CA LEU J 126 -35.25 20.15 -34.87
CA GLY J 127 -35.06 23.93 -34.78
CA ARG J 128 -31.34 24.13 -35.43
CA THR J 129 -29.48 24.74 -38.65
CA VAL J 130 -26.90 22.34 -39.92
CA THR J 131 -23.95 22.57 -42.23
CA ILE J 132 -22.54 19.69 -44.23
CA ASN J 133 -19.11 19.92 -45.77
CA CYS J 134 -17.80 17.58 -48.43
CA PRO J 135 -14.31 17.71 -49.78
CA PHE J 136 -13.42 17.02 -53.43
CA LYS J 137 -10.55 17.12 -56.00
CA THR J 138 -9.42 19.42 -58.83
CA GLU J 139 -11.33 17.96 -61.77
CA ASN J 140 -14.04 17.91 -59.24
CA ALA J 141 -13.54 21.61 -58.68
CA GLN J 142 -15.09 22.37 -62.03
CA LYS J 143 -17.88 19.80 -61.99
CA ARG J 144 -21.41 20.23 -60.70
CA LYS J 145 -21.90 19.71 -56.99
CA SER J 146 -25.13 18.35 -55.63
CA LEU J 147 -26.97 17.29 -52.49
CA TYR J 148 -29.73 14.75 -52.91
CA LYS J 149 -32.02 12.55 -50.88
CA GLN J 150 -31.81 8.82 -51.33
CA ILE J 151 -34.85 6.58 -51.83
CA GLY J 152 -36.84 5.86 -54.91
CA LEU J 153 -35.44 5.23 -58.33
CA TYR J 154 -33.32 8.31 -58.27
CA PRO J 155 -31.85 10.26 -55.45
CA VAL J 156 -33.71 13.55 -55.61
CA LEU J 157 -31.52 16.59 -55.99
CA VAL J 158 -32.44 19.08 -53.30
CA ILE J 159 -29.86 21.69 -54.27
CA ASP J 160 -27.19 21.91 -56.95
CA SER J 161 -24.25 24.16 -57.82
CA SER J 162 -25.95 24.48 -61.21
CA GLY J 163 -28.36 27.06 -59.89
CA TYR J 164 -31.10 24.56 -59.13
CA VAL J 165 -32.89 24.77 -55.82
CA ASN J 166 -35.77 22.52 -54.79
CA PRO J 167 -38.89 24.20 -53.63
CA ASN J 168 -38.68 22.47 -50.29
CA TYR J 169 -35.18 23.86 -49.86
CA THR J 170 -35.70 27.24 -51.50
CA GLY J 171 -34.76 29.85 -48.94
CA ARG J 172 -34.15 27.14 -46.36
CA ILE J 173 -30.77 26.03 -47.62
CA ARG J 174 -27.69 27.11 -49.51
CA LEU J 175 -24.88 25.25 -51.26
CA ASP J 176 -21.55 26.98 -51.59
CA ILE J 177 -18.60 25.86 -53.63
CA GLN J 178 -15.05 26.36 -52.51
CA GLY J 179 -12.41 26.28 -55.16
CA THR J 180 -10.10 23.41 -55.79
CA GLY J 181 -7.70 24.58 -53.16
CA GLN J 182 -10.41 24.53 -50.55
CA LEU J 183 -11.82 21.48 -52.33
CA LEU J 184 -14.96 21.83 -50.32
CA PHE J 185 -18.56 22.72 -50.82
CA SER J 186 -20.94 23.41 -48.02
CA VAL J 187 -24.62 22.75 -47.73
CA VAL J 188 -26.32 24.86 -45.12
CA ILE J 189 -29.76 23.75 -44.05
CA ASN J 190 -31.89 25.67 -41.62
CA GLN J 191 -35.13 25.12 -39.76
CA LEU J 192 -34.63 21.38 -39.67
CA ARG J 193 -37.87 19.49 -39.36
CA LEU J 194 -38.73 15.89 -38.62
CA SER J 195 -39.09 15.30 -42.34
CA ASP J 196 -35.41 16.11 -42.73
CA ALA J 197 -34.15 12.94 -41.11
CA GLY J 198 -33.07 10.51 -43.77
CA GLN J 199 -30.21 9.51 -46.03
CA TYR J 200 -28.64 11.93 -48.46
CA LEU J 201 -25.56 12.10 -50.59
CA CYS J 202 -23.25 14.87 -51.63
CA GLN J 203 -21.46 14.40 -54.87
CA ALA J 204 -20.04 15.77 -58.06
CA GLY J 205 -21.24 15.40 -61.61
CA ASP J 206 -24.45 13.58 -62.31
CA ASP J 207 -26.28 11.76 -59.56
CA SER J 208 -26.20 8.44 -61.37
CA ASN J 209 -22.47 8.41 -61.16
CA SER J 210 -21.19 6.98 -57.93
CA ASN J 211 -18.99 9.94 -57.23
CA LYS J 212 -20.52 10.89 -53.93
CA LYS J 213 -20.62 10.09 -50.27
CA ASN J 214 -23.60 8.99 -48.27
CA ALA J 215 -24.59 11.06 -45.31
CA ASP J 216 -27.20 10.13 -42.76
CA LEU J 217 -29.01 13.04 -41.23
CA GLN J 218 -30.75 12.44 -37.96
CA VAL J 219 -33.10 15.13 -36.77
CA LEU J 220 -34.22 16.22 -33.26
CA LYS J 221 -37.84 14.70 -32.73
CA PRO J 222 -38.83 15.30 -29.15
CA GLU J 223 -42.24 14.19 -27.95
CA PRO J 224 -43.97 12.88 -24.94
CA GLU J 225 -42.57 9.45 -24.31
CA LEU J 226 -45.72 8.36 -22.59
CA VAL J 227 -49.14 9.91 -22.41
CA TYR J 228 -51.79 8.64 -20.07
CA GLU J 229 -55.35 9.83 -19.88
CA ASP J 230 -58.77 8.72 -18.79
CA LEU J 231 -61.57 7.55 -21.01
CA ARG J 232 -63.76 10.21 -22.55
CA GLY J 233 -61.01 12.71 -21.99
CA SER J 234 -59.35 14.81 -24.62
CA VAL J 235 -55.64 14.64 -25.10
CA THR J 236 -53.07 16.59 -27.01
CA PHE J 237 -49.66 15.48 -28.12
CA HIS J 238 -46.93 17.96 -28.85
CA CYS J 239 -44.04 16.99 -31.09
CA ALA J 240 -41.00 19.15 -31.89
CA LEU J 241 -38.76 19.34 -34.98
CA GLY J 242 -36.08 21.28 -37.02
CA PRO J 243 -35.83 23.34 -40.17
CA GLU J 244 -36.29 20.94 -43.07
CA VAL J 245 -39.08 19.82 -40.91
CA ALA J 246 -40.95 23.11 -40.92
CA ASN J 247 -42.20 22.63 -44.47
CA VAL J 248 -42.25 18.84 -44.44
CA ALA J 249 -45.49 16.93 -43.99
CA LYS J 250 -46.36 16.09 -40.41
CA PHE J 251 -48.12 12.92 -39.53
CA LEU J 252 -49.47 10.95 -36.64
CA CYS J 253 -49.73 7.24 -37.11
CA ARG J 254 -50.62 4.17 -35.12
CA GLN J 255 -48.07 1.42 -35.01
CA SER J 256 -49.30 -1.87 -36.27
CA SER J 257 -47.90 -5.33 -36.67
CA GLY J 258 -45.26 -5.47 -39.34
CA GLU J 259 -43.31 -2.46 -40.35
CA ASN J 260 -46.26 -0.28 -41.21
CA CYS J 261 -47.81 2.58 -39.35
CA ASP J 262 -51.14 3.79 -40.57
CA VAL J 263 -51.49 7.50 -40.72
CA VAL J 264 -54.36 8.65 -38.59
CA VAL J 265 -54.02 12.25 -39.69
CA ASN J 266 -51.57 14.40 -41.62
CA THR J 267 -50.70 18.03 -42.25
CA LEU J 268 -51.34 17.07 -45.88
CA GLY J 269 -55.05 17.31 -45.42
CA LYS J 270 -55.82 13.66 -45.05
CA ARG J 271 -57.96 12.73 -42.10
CA ALA J 272 -58.83 9.12 -41.34
CA PRO J 273 -62.43 8.39 -40.82
CA ALA J 274 -61.85 7.00 -37.35
CA PHE J 275 -60.27 10.34 -36.53
CA GLU J 276 -62.52 12.54 -38.64
CA GLY J 277 -64.14 15.17 -36.46
CA ARG J 278 -62.56 13.51 -33.44
CA ILE J 279 -59.05 14.85 -33.92
CA LEU J 280 -57.08 17.79 -35.23
CA LEU J 281 -53.43 18.20 -36.13
CA ASN J 282 -52.03 21.68 -36.35
CA PRO J 283 -48.55 22.77 -37.10
CA GLN J 284 -46.76 25.78 -35.76
CA ASP J 285 -43.59 26.45 -37.69
CA LYS J 286 -42.33 29.19 -35.45
CA ASP J 287 -42.42 27.15 -32.29
CA GLY J 288 -41.27 24.11 -34.19
CA SER J 289 -44.10 21.99 -32.98
CA PHE J 290 -47.29 20.47 -34.18
CA SER J 291 -50.05 19.32 -31.95
CA VAL J 292 -52.41 16.43 -32.35
CA VAL J 293 -55.61 16.86 -30.42
CA ILE J 294 -57.71 13.79 -29.88
CA THR J 295 -61.05 13.73 -28.14
CA GLY J 296 -63.43 11.03 -27.00
CA LEU J 297 -60.53 8.88 -25.88
CA ARG J 298 -61.53 5.26 -25.76
CA LYS J 299 -59.86 2.04 -24.71
CA GLU J 300 -59.19 1.53 -28.38
CA ASP J 301 -56.86 4.51 -28.22
CA ALA J 302 -54.27 2.91 -25.96
CA GLY J 303 -51.32 1.78 -28.01
CA ARG J 304 -48.11 2.92 -29.67
CA TYR J 305 -48.08 5.80 -32.09
CA LEU J 306 -45.50 7.83 -33.96
CA CYS J 307 -45.44 11.45 -34.89
CA GLY J 308 -42.96 12.41 -37.50
CA ALA J 309 -42.15 14.33 -40.62
CA HIS J 310 -42.02 13.28 -44.24
CA SER J 311 -43.05 9.78 -45.10
CA ASP J 312 -43.60 7.21 -42.38
CA GLY J 313 -41.06 4.44 -42.68
CA GLN J 314 -38.50 7.18 -43.07
CA LEU J 315 -38.32 6.66 -39.36
CA GLN J 316 -37.81 10.34 -38.90
CA GLU J 317 -40.26 10.18 -36.05
CA GLY J 318 -40.68 9.73 -32.34
CA SER J 319 -42.61 6.98 -30.67
CA PRO J 320 -45.30 7.96 -28.30
CA ILE J 321 -46.98 5.49 -26.00
CA GLN J 322 -50.56 6.24 -25.16
CA ALA J 323 -52.41 4.58 -22.36
CA TRP J 324 -55.98 5.15 -21.37
CA GLN J 325 -55.91 2.80 -18.19
CA LEU J 326 -57.99 3.11 -14.98
CA PHE J 327 -60.34 0.69 -13.21
CA VAL J 328 -62.62 -1.50 -15.38
CA ASN J 329 -60.31 -2.76 -17.48
CA GLU J 330 -58.73 -6.09 -16.05
CA GLU J 331 -58.50 -5.15 -12.95
CA SER J 332 -56.68 -3.67 -9.94
CA THR J 333 -53.28 -3.23 -8.28
CA ILE J 334 -54.24 -2.36 -4.57
CA PRO J 335 -52.64 0.84 -2.53
CA ARG J 336 -49.96 -0.01 -0.05
CA SER J 337 -49.29 1.31 3.39
CA PRO J 338 -48.26 0.17 6.78
CA THR J 339 -50.67 -2.41 8.08
CA VAL J 340 -49.95 -1.45 11.63
CA VAL J 341 -48.26 1.55 13.12
CA LYS J 342 -47.29 1.85 16.73
CA GLY J 343 -46.31 4.97 18.55
CA VAL J 344 -46.31 6.21 22.04
CA ALA J 345 -47.96 9.11 23.81
CA GLY J 346 -46.99 12.63 22.74
CA SER J 347 -44.78 11.49 19.85
CA SER J 348 -45.56 12.32 16.22
CA VAL J 349 -46.16 9.79 13.51
CA ALA J 350 -46.16 9.77 9.76
CA VAL J 351 -47.97 7.34 7.52
CA LEU J 352 -47.11 6.90 3.88
CA CYS J 353 -49.39 5.28 1.30
CA PRO J 354 -48.55 4.51 -2.32
CA TYR J 355 -50.85 4.81 -5.42
CA ASN J 356 -51.20 4.71 -9.34
CA ARG J 357 -51.60 7.12 -12.30
CA LYS J 358 -55.27 8.01 -12.30
CA GLU J 359 -54.71 8.16 -8.65
CA SER J 360 -52.13 10.93 -8.97
CA LYS J 361 -54.92 13.37 -9.75
CA SER J 362 -57.62 12.01 -7.47
CA ILE J 363 -58.39 13.19 -3.96
CA LYS J 364 -56.41 11.59 -1.15
CA TYR J 365 -57.90 11.08 2.22
CA TRP J 366 -57.33 9.74 5.71
CA CYS J 367 -60.28 8.36 7.67
CA LEU J 368 -61.10 6.63 10.90
CA TRP J 369 -63.21 3.51 10.67
CA GLU J 370 -66.58 3.61 12.39
CA GLY J 371 -68.22 0.55 13.85
CA ALA J 372 -71.75 -0.22 12.76
CA GLN J 373 -73.57 -2.44 10.36
CA ASN J 374 -73.29 0.51 8.06
CA GLY J 375 -70.56 2.80 9.16
CA ARG J 376 -68.54 5.36 7.36
CA CYS J 377 -64.98 6.28 7.95
CA PRO J 378 -65.03 9.85 8.93
CA LEU J 379 -62.90 12.04 6.72
CA LEU J 380 -60.17 13.14 9.07
CA VAL J 381 -58.07 15.06 6.52
CA ASP J 382 -58.18 15.33 2.74
CA SER J 383 -56.05 16.55 -0.16
CA GLU J 384 -58.96 18.79 -1.01
CA GLY J 385 -58.17 21.25 1.71
CA TRP J 386 -60.49 19.83 4.31
CA VAL J 387 -59.21 19.17 7.79
CA LYS J 388 -61.27 17.91 10.70
CA ALA J 389 -61.50 19.95 13.85
CA GLN J 390 -59.75 17.35 15.91
CA TYR J 391 -56.89 17.24 13.43
CA GLU J 392 -56.72 20.93 12.52
CA GLY J 393 -53.22 22.13 13.25
CA ARG J 394 -52.30 18.74 14.68
CA LEU J 395 -51.92 16.89 11.39
CA SER J 396 -50.99 17.35 7.76
CA LEU J 397 -51.51 15.46 4.52
CA LEU J 398 -49.05 15.91 1.69
CA GLU J 399 -49.16 14.36 -1.73
CA GLU J 400 -46.18 13.86 -3.97
CA PRO J 401 -47.31 12.50 -7.25
CA GLY J 402 -43.94 11.68 -8.72
CA ASN J 403 -43.22 9.32 -5.88
CA GLY J 404 -46.75 8.05 -5.93
CA THR J 405 -47.16 8.66 -2.26
CA PHE J 406 -48.91 10.93 0.15
CA THR J 407 -47.99 11.29 3.76
CA VAL J 408 -50.16 11.98 6.75
CA ILE J 409 -48.29 13.46 9.63
CA LEU J 410 -49.95 13.52 12.99
CA ASN J 411 -48.58 15.10 16.13
CA GLN J 412 -49.57 15.02 19.77
CA LEU J 413 -50.73 11.45 19.58
CA THR J 414 -53.14 10.78 22.40
CA SER J 415 -55.01 7.80 23.75
CA ARG J 416 -57.90 8.77 21.51
CA ASP J 417 -55.76 8.17 18.44
CA ALA J 418 -55.48 4.41 18.76
CA GLY J 419 -57.86 2.83 16.31
CA PHE J 420 -58.44 1.81 12.72
CA TYR J 421 -57.88 4.21 9.87
CA TRP J 422 -57.85 4.13 6.11
CA CYS J 423 -55.84 6.01 3.52
CA LEU J 424 -57.47 6.01 0.16
CA THR J 425 -58.07 7.79 -3.13
CA ASN J 426 -61.32 9.32 -4.40
CA GLY J 427 -64.50 8.71 -2.46
CA ASP J 428 -64.41 6.92 0.88
CA THR J 429 -67.10 4.45 -0.12
CA LEU J 430 -65.21 3.20 -3.14
CA TRP J 431 -62.91 1.30 -0.81
CA ARG J 432 -59.86 1.83 -2.96
CA THR J 433 -57.98 2.30 0.29
CA THR J 434 -55.67 0.47 2.61
CA VAL J 435 -56.51 -0.19 6.22
CA GLU J 436 -54.06 0.91 8.83
CA ILE J 437 -54.19 0.10 12.50
CA LYS J 438 -52.67 2.64 14.78
CA ILE J 439 -51.86 1.82 18.35
CA ILE J 440 -50.77 4.66 20.55
CA GLU J 441 -48.62 4.43 23.79
CA GLY J 442 -47.29 8.07 24.62
CA GLU J 443 -44.13 9.09 26.63
CA PRO J 444 -44.18 10.85 29.23
CA ASN J 445 -46.99 8.85 30.76
CA LEU J 446 -47.48 10.48 34.35
CA LYS J 447 -49.83 10.81 37.26
CA VAL J 448 -50.58 13.89 39.28
CA PRO J 449 -53.31 15.71 41.04
CA GLY J 450 -54.58 17.66 38.11
CA ASN J 451 -56.49 19.79 40.57
CA VAL J 452 -55.22 21.69 43.52
CA THR J 453 -56.78 24.45 45.57
CA ALA J 454 -55.12 26.82 47.98
CA VAL J 455 -55.51 30.25 49.46
CA LEU J 456 -53.24 33.14 48.76
CA GLY J 457 -50.26 33.31 51.05
CA GLU J 458 -50.23 29.58 51.58
CA THR J 459 -47.71 27.01 50.44
CA LEU J 460 -48.69 24.18 48.16
CA LYS J 461 -47.09 20.90 47.19
CA VAL J 462 -47.94 18.63 44.30
CA PRO J 463 -46.63 15.19 43.64
CA CYS J 464 -46.00 13.60 40.22
CA HIS J 465 -45.22 10.01 39.32
CA PHE J 466 -43.09 8.61 36.51
CA PRO J 467 -40.93 5.73 35.38
CA CYS J 468 -37.28 4.86 36.09
CA LYS J 469 -35.85 5.95 32.76
CA PHE J 470 -37.54 9.17 33.59
CA SER J 471 -35.64 9.11 36.84
CA SER J 472 -32.63 10.47 34.99
CA TYR J 473 -34.70 12.89 32.88
CA GLU J 474 -35.07 16.53 33.82
CA LYS J 475 -38.22 17.17 35.80
CA TYR J 476 -40.13 20.35 35.26
CA TRP J 477 -43.07 22.40 36.41
CA CYS J 478 -44.51 24.75 33.82
CA LYS J 479 -47.06 27.49 33.79
CA TRP J 480 -49.83 27.81 31.25
CA ASN J 481 -50.31 30.87 29.08
CA ASN J 482 -46.64 31.03 28.31
CA THR J 483 -44.86 30.35 25.09
CA GLY J 484 -45.47 26.68 25.13
CA CYS J 485 -45.39 26.14 28.83
CA GLN J 486 -43.54 28.65 30.90
CA ALA J 487 -40.74 26.89 32.62
CA LEU J 488 -41.04 27.42 36.32
CA PRO J 489 -38.82 25.31 38.47
CA SER J 490 -36.99 22.39 36.94
CA GLN J 491 -34.60 19.86 38.31
CA ASP J 492 -32.99 23.03 39.51
CA GLU J 493 -34.44 25.25 42.29
CA GLY J 494 -36.34 28.52 42.75
CA PRO J 495 -39.00 30.24 44.80
CA SER J 496 -39.84 26.91 46.18
CA LYS J 497 -38.59 23.41 45.89
CA ALA J 498 -38.88 20.58 43.45
CA PHE J 499 -37.64 17.34 44.85
CA VAL J 500 -37.06 14.23 42.90
CA ASN J 501 -36.88 10.77 44.27
CA CYS J 502 -34.82 8.70 41.92
CA ASP J 503 -35.16 5.11 40.87
CA GLU J 504 -35.95 4.00 44.36
CA ASN J 505 -39.11 6.04 44.51
CA SER J 506 -40.16 7.64 41.34
CA ARG J 507 -41.86 10.79 42.36
CA LEU J 508 -41.27 14.48 42.11
CA VAL J 509 -42.67 16.90 44.60
CA SER J 510 -43.06 20.53 43.84
CA LEU J 511 -43.65 22.85 46.67
CA THR J 512 -44.53 26.46 46.17
CA LEU J 513 -44.37 29.10 48.83
CA ASN J 514 -46.20 32.35 49.25
CA LEU J 515 -48.85 31.67 46.70
CA VAL J 516 -50.23 34.96 47.90
CA THR J 517 -50.24 35.89 44.30
CA ARG J 518 -53.30 35.62 42.12
CA ALA J 519 -50.89 34.96 39.33
CA ASP J 520 -50.26 31.52 40.69
CA GLU J 521 -53.76 30.35 39.89
CA GLY J 522 -53.82 28.83 36.44
CA TRP J 523 -53.04 25.71 34.49
CA TYR J 524 -49.70 24.03 34.94
CA TRP J 525 -47.89 20.96 33.74
CA CYS J 526 -45.56 18.55 35.44
CA GLY J 527 -43.39 16.42 33.23
CA VAL J 528 -40.04 15.01 32.31
CA LYS J 529 -37.59 15.92 29.58
CA GLN J 530 -38.24 18.96 27.44
CA GLY J 531 -41.55 20.76 27.74
CA HIS J 532 -42.19 20.35 24.03
CA PHE J 533 -42.16 16.58 24.31
CA TYR J 534 -45.46 16.84 26.17
CA GLY J 535 -44.64 13.86 28.29
CA GLU J 536 -46.40 15.47 31.19
CA THR J 537 -49.57 15.81 33.18
CA ALA J 538 -51.83 18.80 33.40
CA ALA J 539 -52.67 20.24 36.77
CA VAL J 540 -55.06 23.03 37.53
CA TYR J 541 -54.30 25.20 40.47
CA VAL J 542 -56.81 27.57 41.91
CA ALA J 543 -55.63 30.18 44.33
CA VAL J 544 -49.87 13.20 35.17
CA GLU J 545 -50.67 15.35 32.17
CA GLU J 546 -49.83 18.81 33.35
CA ARG J 547 -47.84 19.56 30.12
CA LYS J 548 -50.06 20.40 27.06
CA ALA J 549 -52.07 23.09 29.14
CA ALA J 550 -48.85 24.34 30.83
CA GLY J 551 -47.14 23.87 27.45
CA SER J 552 -43.93 23.27 27.16
CA ARG J 553 -42.87 23.00 30.79
CA ASP J 554 -42.64 20.50 33.75
CA VAL J 555 -45.30 21.08 35.50
CA SER J 556 -47.18 24.44 36.58
CA LEU J 557 -46.82 25.99 40.39
CA ALA J 558 -46.78 23.23 42.32
CA LYS J 559 -49.95 22.92 44.60
CA ALA J 560 -51.00 26.55 45.92
CA ASP J 561 -54.90 27.77 45.84
CA ALA J 562 -58.54 26.77 44.47
CA ALA J 563 -59.59 27.70 40.96
CA PRO J 564 -62.77 26.64 38.73
CA ASP J 565 -60.83 24.17 36.45
CA GLU J 566 -56.96 23.35 37.52
CA LYS J 567 -55.50 19.80 36.98
CA VAL J 568 -56.99 17.56 34.24
CA LEU J 569 -57.94 20.26 31.49
CA ASP J 570 -57.49 24.18 32.23
CA SER J 571 -54.27 25.16 34.11
CA GLY J 572 -56.33 27.37 34.92
CA PHE J 573 -57.87 30.30 36.63
CA ARG J 574 -55.93 31.40 39.88
CA GLU J 575 -52.28 30.64 38.88
CA ILE J 576 -50.10 32.63 41.56
CA GLU J 577 -51.83 35.82 40.10
CA ASN J 578 -54.19 35.12 36.88
CA LYS J 579 -57.91 36.38 37.77
CA ALA J 580 -59.41 39.18 35.48
CA ILE J 581 -63.30 39.26 35.39
CA GLN J 582 -66.07 41.57 33.97
CA ASP J 583 -68.95 43.00 36.22
CA PRO J 584 -71.45 46.09 35.62
CA ARG J 585 -72.98 47.74 38.70
CA GLN A 1 55.15 33.13 -97.15
CA VAL A 2 53.79 29.78 -95.98
CA LYS A 3 55.94 27.02 -97.50
CA LEU A 4 56.42 27.57 -101.27
CA LEU A 5 54.13 24.86 -102.63
CA GLU A 6 51.68 23.61 -99.97
CA GLN A 7 49.76 20.50 -101.08
CA SER A 8 46.68 18.76 -99.64
CA GLY A 9 46.12 15.77 -97.33
CA ALA A 10 46.02 11.98 -97.59
CA GLU A 11 42.64 10.93 -99.01
CA VAL A 12 41.53 7.37 -98.23
CA LYS A 13 39.63 6.15 -101.30
CA LYS A 14 37.88 2.81 -101.77
CA PRO A 15 38.92 0.88 -104.95
CA GLY A 16 36.96 2.26 -107.88
CA ALA A 17 36.66 5.86 -106.66
CA SER A 18 38.09 9.25 -107.63
CA VAL A 19 40.87 11.38 -106.08
CA LYS A 20 41.74 15.07 -106.56
CA VAL A 21 44.98 16.38 -105.04
CA SER A 22 45.71 20.12 -105.16
CA CYS A 23 48.95 22.16 -105.17
CA LYS A 24 48.84 25.71 -103.79
CA ALA A 25 51.66 28.06 -104.81
CA SER A 26 53.05 31.30 -103.36
CA GLY A 27 55.98 33.69 -103.25
CA TYR A 28 56.52 33.52 -107.01
CA SER A 29 54.58 34.24 -110.20
CA PHE A 30 52.16 31.42 -111.07
CA THR A 31 51.69 32.15 -114.79
CA SER A 32 55.46 32.00 -115.43
CA TYR A 33 56.34 28.46 -114.28
CA GLY A 34 54.98 24.96 -114.88
CA LEU A 35 54.20 22.09 -112.48
CA HIS A 36 55.06 18.38 -112.79
CA TRP A 37 53.51 15.51 -110.81
CA VAL A 38 55.66 12.67 -109.46
CA ARG A 39 54.68 9.87 -107.05
CA GLN A 40 56.38 7.02 -105.14
CA ALA A 41 55.11 3.57 -104.12
CA PRO A 42 56.15 2.26 -100.65
CA GLY A 43 59.57 0.72 -101.26
CA GLN A 44 59.85 1.66 -104.94
CA ARG A 45 61.34 4.43 -107.13
CA LEU A 46 59.73 7.75 -108.13
CA GLU A 47 57.49 7.65 -111.21
CA TRP A 48 56.63 10.70 -113.34
CA MET A 49 52.89 11.14 -113.96
CA GLY A 50 52.62 14.32 -116.01
CA TRP A 51 52.89 18.09 -116.42
CA ILE A 52 50.70 21.16 -116.96
CA SER A 53 51.58 24.72 -117.99
CA ALA A 54 50.10 27.44 -115.77
CA GLY A 55 50.15 29.96 -118.63
CA THR A 56 48.18 28.29 -121.41
CA GLY A 57 46.92 25.03 -119.90
CA ASN A 58 48.54 22.38 -122.12
CA THR A 59 48.53 18.81 -120.80
CA LYS A 60 51.46 16.40 -121.25
CA TYR A 61 51.14 13.12 -119.33
CA SER A 62 52.72 9.67 -119.77
CA GLN A 63 51.28 6.69 -121.66
CA LYS A 64 51.06 4.74 -118.40
CA PHE A 65 47.94 6.39 -116.96
CA ARG A 66 46.37 6.94 -120.39
CA GLY A 67 42.63 7.51 -120.16
CA ARG A 68 42.28 8.07 -116.41
CA VAL A 69 44.38 11.15 -115.57
CA THR A 70 43.55 14.85 -115.84
CA PHE A 71 45.17 18.16 -114.89
CA THR A 72 43.34 21.42 -114.14
CA ARG A 73 44.49 24.87 -112.97
CA ASP A 74 42.74 27.91 -111.47
CA THR A 75 44.38 31.18 -112.57
CA SER A 76 42.89 33.52 -109.95
CA ALA A 77 43.27 30.99 -107.11
CA THR A 78 46.92 29.97 -107.61
CA THR A 79 46.38 26.21 -107.17
CA ALA A 80 47.07 23.22 -109.43
CA TYR A 81 45.00 20.02 -109.57
CA MET A 82 45.28 16.33 -110.50
CA GLY A 83 42.61 13.71 -111.19
CA LEU A 84 42.68 9.89 -111.31
CA SER A 85 39.63 7.65 -111.81
CA SER A 86 39.32 3.87 -111.32
CA LEU A 87 41.75 3.62 -108.38
CA ARG A 88 43.39 0.26 -107.63
CA PRO A 89 45.10 -1.38 -104.58
CA GLU A 90 48.49 -0.70 -106.21
CA ASP A 91 48.11 3.09 -106.39
CA THR A 92 49.12 3.49 -102.72
CA ALA A 93 51.86 6.10 -103.15
CA VAL A 94 53.08 9.52 -102.05
CA TYR A 95 52.33 12.12 -104.72
CA TYR A 96 54.31 15.36 -105.18
CA CYS A 97 53.92 18.49 -107.32
CA ALA A 98 57.29 19.85 -108.46
CA ARG A 99 57.82 23.17 -110.27
CA ASP A 100 59.20 23.92 -113.76
CA PRO A 101 62.19 26.36 -113.69
CA TYR A 102 61.83 26.91 -117.45
CA GLY A 103 58.21 26.36 -118.46
CA GLY A 104 59.09 23.91 -121.22
CA GLY A 105 57.74 20.63 -119.88
CA LYS A 106 61.08 18.81 -119.85
CA SER A 107 63.66 19.64 -117.16
CA GLU A 108 64.65 19.26 -113.49
CA PHE A 109 62.71 19.94 -110.27
CA ASP A 110 63.90 22.66 -107.89
CA TYR A 111 60.88 22.89 -105.55
CA TRP A 112 59.06 19.89 -104.09
CA GLY A 113 55.97 19.79 -101.87
CA GLN A 114 55.21 17.83 -98.69
CA GLY A 115 53.53 14.92 -100.45
CA THR A 116 50.09 13.29 -100.27
CA LEU A 117 49.74 9.59 -99.39
CA VAL A 118 46.60 8.26 -101.08
CA THR A 119 45.89 4.75 -99.81
CA VAL A 120 43.33 2.73 -101.78
CA SER A 121 41.85 -0.05 -99.63
CA SER A 122 38.31 -1.37 -99.07
CA ALA A 123 38.94 -2.13 -95.38
CA SER A 124 36.94 -0.03 -92.90
CA PRO A 125 39.34 2.77 -91.80
CA THR A 126 39.32 3.72 -88.12
CA SER A 127 40.50 6.67 -86.02
CA PRO A 128 43.56 6.09 -83.76
CA LYS A 129 43.24 5.89 -79.97
CA VAL A 130 46.02 7.92 -78.34
CA PHE A 131 47.17 6.76 -74.88
CA PRO A 132 49.51 8.45 -72.38
CA LEU A 133 52.63 6.39 -71.65
CA SER A 134 53.54 7.96 -68.32
CA LEU A 135 55.82 5.93 -66.03
CA ASP A 136 55.68 4.87 -62.37
CA SER A 137 59.28 5.58 -61.36
CA THR A 138 60.61 2.69 -63.48
CA PRO A 139 63.48 4.69 -65.07
CA GLN A 140 66.38 6.38 -63.28
CA ASP A 141 67.28 9.65 -61.54
CA GLY A 142 68.59 12.07 -64.14
CA ASN A 143 66.16 12.00 -67.06
CA VAL A 144 62.41 11.44 -67.40
CA VAL A 145 61.03 9.40 -70.31
CA VAL A 146 57.43 10.08 -71.41
CA ALA A 147 55.49 8.97 -74.52
CA CYS A 148 52.17 8.86 -76.38
CA LEU A 149 50.96 5.54 -77.81
CA VAL A 150 48.72 6.14 -80.85
CA GLN A 151 47.04 2.74 -81.28
CA GLY A 152 44.67 1.40 -83.94
CA PHE A 153 44.57 3.32 -87.22
CA PHE A 154 44.11 2.22 -90.82
CA PRO A 155 45.82 2.99 -93.09
CA GLN A 156 49.27 4.07 -91.85
CA GLU A 157 49.23 7.68 -93.12
CA PRO A 158 51.83 10.46 -92.59
CA LEU A 159 51.42 11.07 -88.84
CA SER A 160 52.62 14.53 -87.79
CA VAL A 161 53.37 14.78 -84.06
CA THR A 162 54.66 17.87 -82.24
CA TRP A 163 55.21 18.07 -78.47
CA SER A 164 54.84 21.39 -76.64
CA GLU A 165 58.33 21.75 -75.16
CA SER A 166 61.56 22.08 -77.15
CA GLY A 167 65.20 22.92 -76.49
CA GLN A 168 68.73 21.51 -76.52
CA ASN A 169 68.77 18.61 -74.05
CA VAL A 170 65.36 17.30 -75.16
CA THR A 171 64.92 14.66 -77.87
CA ALA A 172 61.77 13.47 -79.66
CA ARG A 173 61.58 10.38 -81.89
CA ASN A 174 58.75 9.39 -84.26
CA PHE A 175 58.48 5.58 -84.30
CA PRO A 176 57.68 3.92 -87.68
CA PRO A 177 54.24 2.30 -88.30
CA SER A 178 53.92 -1.46 -87.69
CA GLN A 179 51.35 -4.05 -88.83
CA ASP A 180 49.59 -6.80 -86.86
CA ALA A 181 48.10 -9.92 -88.47
CA SER A 182 47.47 -9.26 -92.18
CA GLY A 183 46.61 -5.55 -92.32
CA ASP A 184 43.86 -5.30 -89.70
CA LEU A 185 45.34 -2.26 -87.94
CA TYR A 186 48.46 -0.08 -87.61
CA THR A 187 50.07 1.31 -84.43
CA THR A 188 52.65 4.01 -83.60
CA SER A 189 54.13 6.02 -80.74
CA SER A 190 55.78 9.34 -79.87
CA GLN A 191 58.47 9.63 -77.17
CA LEU A 192 60.16 12.62 -75.53
CA THR A 193 63.25 12.08 -73.38
CA LEU A 194 63.96 15.18 -71.28
CA PRO A 195 66.11 16.02 -68.22
CA ALA A 196 64.39 15.95 -64.81
CA THR A 197 65.16 19.65 -64.34
CA GLN A 198 62.67 20.43 -67.14
CA CYS A 199 59.31 18.86 -66.16
CA PRO A 200 58.30 20.84 -63.03
CA ASP A 201 56.49 19.08 -60.15
CA GLY A 202 52.78 19.62 -60.76
CA LYS A 203 52.51 20.16 -64.53
CA SER A 204 52.45 18.09 -67.74
CA VAL A 205 53.46 18.04 -71.42
CA THR A 206 50.95 17.81 -74.28
CA CYS A 207 51.50 15.66 -77.39
CA HIS A 208 49.69 16.73 -80.57
CA VAL A 209 49.01 13.95 -83.09
CA LYS A 210 47.64 14.73 -86.55
CA HIS A 211 46.48 12.12 -89.07
CA TYR A 212 45.33 13.50 -92.44
CA THR A 213 43.59 16.91 -92.30
CA ASN A 214 41.49 15.51 -89.44
CA PRO A 215 41.32 17.65 -86.24
CA SER A 216 44.51 17.45 -84.17
CA GLN A 217 43.98 15.24 -81.11
CA ASP A 218 45.65 16.78 -78.05
CA VAL A 219 46.52 14.74 -74.93
CA THR A 220 47.86 15.92 -71.56
CA VAL A 221 50.86 13.67 -70.76
CA PRO A 222 51.93 14.09 -67.08
CA CYS A 223 55.18 13.40 -65.21
CA PRO A 224 56.12 14.55 -61.40
CA VAL A 225 54.77 13.69 -57.90
CA PRO A 226 52.58 15.70 -55.18
CA PRO A 227 53.07 15.25 -51.41
CA PRO A 228 49.92 15.25 -48.98
CA PRO A 229 49.43 18.68 -46.78
CA PRO A 230 49.23 18.04 -43.03
CA CYS A 231 48.27 20.75 -40.37
CA CYS A 232 47.26 19.98 -36.75
CA HIS A 233 45.08 21.59 -34.10
CA PRO A 234 45.47 21.46 -30.16
CA ARG A 235 43.28 18.93 -28.28
CA LEU A 236 43.31 15.56 -26.44
CA SER A 237 40.62 12.86 -26.22
CA LEU A 238 40.31 9.32 -24.85
CA HIS A 239 38.52 6.37 -26.47
CA ARG A 240 36.85 3.79 -24.23
CA PRO A 241 36.97 0.16 -25.48
CA ALA A 242 33.89 -1.54 -26.93
CA LEU A 243 31.47 -3.39 -24.66
CA GLU A 244 30.76 -6.36 -26.94
CA ASP A 245 34.48 -7.11 -27.38
CA LEU A 246 35.66 -7.09 -23.73
CA LEU A 247 32.76 -9.25 -22.52
CA LEU A 248 33.15 -12.13 -24.98
CA GLY A 249 36.89 -12.81 -24.78
CA SER A 250 38.70 -10.30 -22.53
CA GLU A 251 40.12 -8.43 -25.54
CA ALA A 252 40.03 -4.75 -24.54
CA ASN A 253 42.13 -1.65 -25.28
CA LEU A 254 41.96 2.04 -24.37
CA THR A 255 43.28 4.54 -26.93
CA CYS A 256 44.85 7.92 -26.05
CA THR A 257 45.00 9.96 -29.26
CA LEU A 258 46.15 13.60 -29.48
CA THR A 259 44.37 15.03 -32.53
CA GLY A 260 45.47 18.67 -32.91
CA LEU A 261 48.66 20.61 -32.04
CA ARG A 262 51.11 22.35 -34.49
CA ASP A 263 54.04 20.48 -36.25
CA ALA A 264 57.51 18.96 -35.80
CA SER A 265 58.12 17.41 -32.38
CA GLY A 266 57.97 14.01 -30.66
CA ALA A 267 55.69 13.34 -27.68
CA THR A 268 56.04 10.77 -24.89
CA PHE A 269 53.61 8.85 -22.63
CA THR A 270 53.18 7.76 -19.00
CA TRP A 271 50.50 5.04 -18.78
CA THR A 272 49.44 3.52 -15.47
CA PRO A 273 49.37 -0.29 -14.96
CA SER A 274 46.17 -2.27 -14.35
CA SER A 275 45.13 -4.42 -11.39
CA GLY A 276 47.28 -7.23 -12.76
CA LYS A 277 50.35 -4.97 -12.85
CA SER A 278 50.87 -4.83 -16.63
CA ALA A 279 51.77 -1.89 -18.87
CA VAL A 280 52.24 -2.28 -22.64
CA GLN A 281 52.31 0.52 -25.24
CA GLY A 282 53.59 1.41 -28.71
CA PRO A 283 52.65 4.90 -30.05
CA PRO A 284 53.46 5.39 -33.77
CA GLU A 285 53.45 8.56 -35.90
CA ARG A 286 50.87 8.91 -38.71
CA ASP A 287 50.34 11.91 -41.01
CA LEU A 288 46.89 13.54 -40.81
CA CYS A 289 46.10 16.71 -42.79
CA GLY A 290 49.83 17.15 -43.27
CA CYS A 291 50.47 17.09 -39.53
CA TYR A 292 52.19 14.24 -37.46
CA SER A 293 50.09 12.12 -35.03
CA VAL A 294 50.97 10.26 -31.80
CA SER A 295 48.39 7.65 -30.67
CA SER A 296 49.04 4.95 -28.05
CA VAL A 297 46.92 1.92 -27.07
CA LEU A 298 47.03 0.22 -23.64
CA PRO A 299 45.66 -3.37 -23.83
CA GLY A 300 43.76 -4.11 -20.62
CA CYS A 301 41.93 -7.07 -19.11
CA ALA A 302 38.24 -7.52 -18.25
CA GLN A 303 38.52 -7.72 -14.45
CA PRO A 304 39.94 -4.19 -13.90
CA TRP A 305 37.16 -2.68 -16.02
CA ASN A 306 34.50 -4.71 -14.21
CA HIS A 307 35.89 -3.79 -10.79
CA GLY A 308 36.65 -0.20 -11.76
CA GLU A 309 40.30 0.87 -12.05
CA THR A 310 41.53 4.38 -12.88
CA PHE A 311 43.06 4.44 -16.38
CA THR A 312 45.02 7.69 -16.79
CA CYS A 313 47.15 8.98 -19.71
CA THR A 314 49.65 11.84 -19.46
CA ALA A 315 51.25 13.31 -22.60
CA ALA A 316 54.06 15.82 -21.91
CA HIS A 317 55.77 18.13 -24.39
CA PRO A 318 58.06 21.17 -24.36
CA GLU A 319 55.37 23.62 -25.52
CA LEU A 320 52.65 21.55 -23.89
CA LYS A 321 54.41 22.64 -20.73
CA THR A 322 51.50 21.54 -18.58
CA PRO A 323 51.27 17.75 -19.14
CA LEU A 324 47.60 17.08 -19.85
CA THR A 325 46.17 14.46 -17.49
CA ALA A 326 43.10 12.44 -18.52
CA ASN A 327 41.34 9.77 -16.44
CA ILE A 328 38.41 7.49 -17.33
CA THR A 329 36.48 4.94 -15.25
CA LYS A 330 32.98 3.42 -15.12
CA SER A 331 29.98 5.40 -13.90
CA GLY A 332 27.39 5.50 -11.13
CA ASN A 333 26.89 3.27 -8.10
CA THR A 334 25.53 -0.31 -7.94
CA PHE A 335 21.82 -1.20 -8.11
CA ARG A 336 20.44 -4.77 -7.89
CA PRO A 337 18.52 -5.89 -11.02
CA GLU A 338 14.94 -7.14 -10.68
CA VAL A 339 14.15 -9.78 -13.31
CA HIS A 340 10.50 -10.30 -14.33
CA LEU A 341 9.78 -13.10 -16.83
CA LEU A 342 6.64 -12.38 -18.89
CA PRO A 343 4.41 -15.04 -20.52
CA PRO A 344 3.11 -14.74 -24.13
CA PRO A 345 -0.22 -12.90 -24.54
CA SER A 346 -3.59 -14.42 -25.47
CA GLU A 347 -3.71 -13.06 -29.03
CA GLU A 348 -0.16 -14.27 -29.71
CA LEU A 349 -1.19 -17.92 -29.35
CA ALA A 350 -2.89 -17.55 -32.74
CA LEU A 351 0.44 -17.69 -34.61
CA ASN A 352 2.52 -20.80 -35.37
CA GLU A 353 6.28 -20.62 -36.02
CA LEU A 354 7.26 -18.11 -33.29
CA VAL A 355 6.36 -17.29 -29.66
CA THR A 356 7.87 -14.35 -27.73
CA LEU A 357 9.18 -14.92 -24.19
CA THR A 358 9.95 -11.56 -22.56
CA CYS A 359 11.97 -11.40 -19.33
CA LEU A 360 12.42 -7.77 -18.23
CA ALA A 361 15.20 -6.79 -15.84
CA ARG A 362 15.01 -3.20 -14.58
CA GLY A 363 16.40 -1.32 -11.60
CA PHE A 364 20.10 -1.74 -12.33
CA SER A 365 23.27 0.34 -12.65
CA PRO A 366 25.63 0.51 -14.41
CA LYS A 367 24.26 -0.50 -17.83
CA ASP A 368 26.75 -3.38 -18.10
CA VAL A 369 24.61 -6.53 -17.99
CA LEU A 370 24.89 -9.86 -19.84
CA VAL A 371 21.59 -11.61 -20.56
CA ARG A 372 21.25 -15.18 -21.93
CA TRP A 373 18.63 -17.93 -22.33
CA LEU A 374 18.55 -21.71 -21.80
CA GLN A 375 16.48 -24.79 -22.67
CA GLY A 376 14.92 -26.98 -19.99
CA SER A 377 14.52 -30.31 -21.83
CA GLN A 378 17.69 -30.45 -23.95
CA GLU A 379 19.59 -28.65 -21.14
CA LEU A 380 21.39 -26.59 -23.80
CA PRO A 381 21.47 -22.79 -24.31
CA ARG A 382 19.11 -21.13 -26.80
CA GLU A 383 20.07 -19.46 -30.10
CA LYS A 384 17.21 -17.17 -31.20
CA TYR A 385 17.00 -14.10 -28.91
CA LEU A 386 17.76 -10.35 -28.94
CA THR A 387 18.78 -7.57 -26.51
CA TRP A 388 17.64 -3.93 -26.28
CA ALA A 389 19.23 -0.80 -24.75
CA SER A 390 18.27 2.75 -23.69
CA ARG A 391 19.20 5.03 -20.76
CA GLN A 392 16.68 6.71 -18.44
CA GLU A 393 17.85 10.31 -17.90
CA PRO A 394 14.93 12.59 -16.91
CA SER A 395 15.06 16.11 -15.46
CA GLN A 396 14.70 14.90 -11.86
CA GLY A 397 17.16 13.03 -9.65
CA THR A 398 16.34 9.43 -10.57
CA THR A 399 18.28 7.20 -12.99
CA THR A 400 18.32 3.37 -13.38
CA PHE A 401 18.89 1.29 -16.53
CA ALA A 402 16.46 -1.45 -17.61
CA VAL A 403 16.46 -4.16 -20.30
CA THR A 404 14.18 -6.47 -22.31
CA SER A 405 14.86 -9.96 -23.70
CA ILE A 406 12.89 -11.77 -26.41
CA LEU A 407 13.17 -15.54 -26.93
CA ARG A 408 11.29 -16.77 -30.02
CA VAL A 409 10.49 -20.48 -29.71
CA ALA A 410 7.83 -22.70 -31.33
CA ALA A 411 4.10 -22.73 -30.59
CA GLU A 412 3.83 -26.49 -30.11
CA ASP A 413 6.81 -26.61 -27.73
CA TRP A 414 5.45 -23.93 -25.37
CA LYS A 415 2.39 -26.12 -24.76
CA LYS A 416 4.30 -29.35 -24.06
CA GLY A 417 5.40 -28.17 -20.64
CA ASP A 418 9.02 -27.10 -21.10
CA THR A 419 10.70 -24.61 -18.73
CA PHE A 420 12.71 -21.67 -20.13
CA SER A 421 15.47 -19.83 -18.18
CA CYS A 422 16.49 -16.15 -18.47
CA MET A 423 19.89 -15.77 -16.77
CA VAL A 424 21.01 -12.22 -15.99
CA GLY A 425 24.50 -11.23 -14.85
CA HIS A 426 25.37 -7.98 -13.07
CA GLU A 427 27.80 -6.78 -10.38
CA ALA A 428 25.20 -5.90 -7.74
CA LEU A 429 23.84 -9.46 -7.88
CA PRO A 430 24.45 -11.91 -4.97
CA LEU A 431 26.80 -14.21 -6.92
CA ALA A 432 27.10 -11.98 -10.01
CA PHE A 433 24.46 -14.28 -11.51
CA THR A 434 20.68 -14.62 -11.14
CA GLN A 435 18.17 -16.83 -12.98
CA LYS A 436 14.36 -16.77 -13.19
CA THR A 437 12.11 -19.19 -15.11
CA ILE A 438 8.84 -19.36 -17.07
CA ASP A 439 6.50 -22.34 -17.36
CA ARG A 440 3.04 -22.88 -18.91
CA LEU A 441 2.12 -24.86 -15.79
CA ALA A 442 0.98 -22.14 -13.41
CA GLY A 443 0.05 -23.12 -9.88
CA LYS A 444 -1.30 -20.34 -7.67
CA PRO A 445 0.70 -20.63 -4.41
CA THR A 446 2.72 -17.45 -4.97
CA HIS A 447 5.69 -17.64 -7.35
CA VAL A 448 8.00 -20.53 -6.46
CA ASN A 449 11.41 -21.30 -7.99
CA VAL A 450 12.95 -24.69 -8.88
CA SER A 451 15.02 -26.89 -6.55
CA VAL A 452 18.81 -27.28 -6.32
CA VAL A 453 20.89 -29.10 -8.94
CA MET A 454 24.59 -29.59 -8.11
CA ALA A 455 26.32 -29.36 -4.72
CA GLU A 456 29.69 -29.66 -2.94
CA VAL A 457 31.38 -28.54 -6.18
CA ASP A 458 31.92 -24.79 -6.49
CA GLY A 459 35.39 -24.92 -8.02
CA THR A 460 37.84 -24.14 -5.21
CA CYS A 461 37.37 -27.71 -3.94
CA TYR A 462 37.64 -29.94 -7.03
CA GLN B 1 82.58 50.90 -11.46
CA VAL B 2 78.79 51.18 -11.21
CA LYS B 3 77.84 54.86 -11.55
CA LEU B 4 79.98 57.05 -9.23
CA LEU B 5 77.42 57.89 -6.56
CA GLU B 6 74.43 55.51 -6.67
CA GLN B 7 71.56 56.65 -4.43
CA SER B 8 68.41 54.86 -3.21
CA GLY B 9 64.78 54.79 -4.33
CA ALA B 10 61.64 56.90 -3.94
CA GLU B 11 60.11 56.21 -0.53
CA VAL B 12 56.40 56.99 -0.15
CA LYS B 13 55.92 58.26 3.40
CA LYS B 14 52.66 59.26 5.09
CA PRO B 15 52.67 62.78 6.68
CA GLY B 16 54.31 62.54 10.10
CA ALA B 17 56.75 59.73 9.31
CA SER B 18 60.51 59.33 8.86
CA VAL B 19 62.68 59.00 5.73
CA LYS B 20 66.30 57.84 5.32
CA VAL B 21 67.96 58.23 1.91
CA SER B 22 71.42 56.74 1.34
CA CYS B 23 74.29 57.64 -1.01
CA LYS B 24 76.71 54.87 -2.04
CA ALA B 25 80.11 55.91 -3.40
CA SER B 26 82.76 54.19 -5.52
CA GLY B 27 85.79 54.65 -7.75
CA TYR B 28 87.34 57.27 -5.46
CA SER B 29 88.54 57.52 -1.85
CA PHE B 30 85.63 58.07 0.57
CA THR B 31 87.56 59.55 3.51
CA SER B 32 89.05 62.31 1.32
CA TYR B 33 85.92 64.08 0.01
CA GLY B 34 82.72 65.46 1.52
CA LEU B 35 79.06 65.14 0.48
CA HIS B 36 76.36 67.84 0.23
CA TRP B 37 72.60 67.27 0.03
CA VAL B 38 70.42 69.33 -2.34
CA ARG B 39 66.75 68.83 -3.25
CA GLN B 40 64.20 70.29 -5.71
CA ALA B 41 60.42 70.77 -5.41
CA PRO B 42 58.30 70.10 -8.55
CA GLY B 43 58.47 73.37 -10.46
CA GLN B 44 60.85 75.18 -8.09
CA ARG B 45 64.58 75.87 -7.69
CA LEU B 46 67.20 73.69 -5.97
CA GLU B 47 67.55 74.16 -2.20
CA TRP B 48 70.66 73.23 -0.20
CA MET B 49 69.95 71.07 2.86
CA GLY B 50 73.35 70.38 4.38
CA TRP B 51 76.80 68.77 4.33
CA ILE B 52 78.81 66.10 6.16
CA SER B 53 82.54 65.32 6.12
CA ALA B 54 83.42 61.67 5.51
CA GLY B 55 86.70 62.00 7.39
CA THR B 56 85.70 63.31 10.82
CA GLY B 57 81.90 63.40 10.75
CA ASN B 58 81.13 67.10 11.29
CA THR B 59 77.58 68.25 10.49
CA LYS B 60 76.78 71.60 8.84
CA TYR B 61 73.13 72.05 7.82
CA SER B 62 70.97 75.12 7.16
CA GLN B 63 68.70 76.94 9.61
CA LYS B 64 65.67 75.95 7.52
CA PHE B 65 65.37 72.32 8.64
CA ARG B 66 66.65 73.06 12.16
CA GLY B 67 65.70 70.32 14.61
CA ARG B 68 64.54 67.64 12.17
CA VAL B 69 67.55 66.79 10.00
CA THR B 70 70.48 64.45 10.64
CA PHE B 71 73.47 63.11 8.69
CA THR B 72 75.25 59.80 9.32
CA ARG B 73 78.11 57.98 7.56
CA ASP B 74 79.46 54.41 7.62
CA THR B 75 83.24 54.29 7.12
CA SER B 76 83.63 50.60 6.23
CA ALA B 77 80.49 50.55 4.03
CA THR B 78 81.14 53.63 1.86
CA THR B 79 77.60 55.05 2.07
CA ALA B 80 76.23 58.39 3.30
CA TYR B 81 72.84 58.93 4.97
CA MET B 82 70.21 61.61 5.57
CA GLY B 83 67.32 61.78 8.04
CA LEU B 84 64.18 63.94 8.22
CA SER B 85 61.39 63.56 10.80
CA SER B 86 57.90 65.13 10.81
CA LEU B 87 57.37 65.04 7.03
CA ARG B 88 54.84 67.41 5.46
CA PRO B 89 52.85 67.57 2.15
CA GLU B 90 55.28 70.21 0.90
CA ASP B 91 58.41 68.06 1.14
CA THR B 92 57.64 66.34 -2.17
CA ALA B 93 60.99 66.86 -3.89
CA VAL B 94 63.88 65.13 -5.66
CA TYR B 95 66.89 64.83 -3.34
CA TYR B 96 70.50 64.58 -4.53
CA CYS B 97 73.85 63.90 -2.86
CA ALA B 98 76.67 65.90 -4.47
CA ARG B 99 80.38 65.50 -3.69
CA ASP B 100 82.90 67.96 -2.21
CA PRO B 101 86.00 68.44 -4.45
CA TYR B 102 87.84 70.11 -1.56
CA GLY B 103 86.48 68.78 1.74
CA GLY B 104 85.85 72.23 3.17
CA GLY B 105 82.06 72.39 3.28
CA LYS B 106 81.71 75.39 0.98
CA SER B 107 82.27 74.97 -2.77
CA GLU B 108 80.83 73.65 -6.06
CA PHE B 109 79.41 70.22 -6.99
CA ASP B 110 81.17 68.11 -9.64
CA TYR B 111 79.37 64.78 -9.17
CA TRP B 112 75.58 64.41 -8.80
CA GLY B 113 73.50 61.30 -8.21
CA GLN B 114 70.31 60.04 -9.86
CA GLY B 115 67.95 61.58 -7.31
CA THR B 116 65.27 60.25 -4.96
CA LEU B 117 61.68 61.51 -5.20
CA VAL B 118 60.11 61.28 -1.73
CA THR B 119 56.38 61.99 -2.01
CA VAL B 120 54.55 62.65 1.26
CA SER B 121 50.81 61.99 0.88
CA SER B 122 48.21 60.20 3.03
CA ALA B 123 46.32 58.86 0.00
CA SER B 124 46.37 55.07 -0.44
CA PRO B 125 49.15 54.39 -3.00
CA THR B 126 48.48 51.73 -5.63
CA SER B 127 50.55 49.65 -8.06
CA PRO B 128 50.25 50.53 -11.80
CA LYS B 129 48.45 48.25 -14.25
CA VAL B 130 50.50 47.91 -17.44
CA PHE B 131 48.56 47.22 -20.66
CA PRO B 132 49.82 46.32 -24.17
CA LEU B 133 48.92 48.83 -26.89
CA SER B 134 49.07 46.65 -29.99
CA LEU B 135 47.25 47.67 -33.19
CA ASP B 136 45.25 46.09 -36.03
CA SER B 137 45.39 47.96 -39.39
CA THR B 138 45.47 51.44 -37.79
CA PRO B 139 49.09 52.27 -38.75
CA GLN B 140 50.38 53.06 -42.24
CA ASP B 141 52.15 50.64 -44.57
CA GLY B 142 55.84 51.10 -43.84
CA ASN B 143 56.28 51.34 -40.07
CA VAL B 144 54.94 49.67 -36.93
CA VAL B 145 53.99 51.58 -33.76
CA VAL B 146 53.68 49.68 -30.48
CA ALA B 147 53.24 50.93 -26.89
CA CYS B 148 52.72 50.05 -23.20
CA LEU B 149 50.05 51.90 -21.21
CA VAL B 150 50.98 51.97 -17.51
CA GLN B 151 47.68 53.02 -15.89
CA GLY B 152 46.77 53.82 -12.28
CA PHE B 153 49.66 54.64 -9.95
CA PHE B 154 50.01 57.04 -7.03
CA PRO B 155 52.19 58.98 -6.66
CA GLN B 156 53.84 59.80 -10.00
CA GLU B 157 57.38 58.57 -9.22
CA PRO B 158 60.43 58.38 -11.53
CA LEU B 159 59.30 55.62 -13.91
CA SER B 160 62.23 53.89 -15.63
CA VAL B 161 61.22 52.04 -18.81
CA THR B 162 63.57 50.12 -21.12
CA TRP B 163 62.42 48.17 -24.19
CA SER B 164 64.34 45.09 -25.36
CA GLU B 165 65.29 46.18 -28.89
CA SER B 166 67.54 49.14 -29.74
CA GLY B 167 69.31 50.54 -32.80
CA GLN B 168 69.41 53.47 -35.21
CA ASN B 169 66.00 53.65 -36.89
CA VAL B 170 64.10 52.88 -33.67
CA THR B 171 62.79 55.60 -31.34
CA ALA B 172 61.37 55.35 -27.80
CA ARG B 173 59.58 58.18 -25.97
CA ASN B 174 58.68 58.35 -22.26
CA PHE B 175 55.39 60.26 -21.91
CA PRO B 176 55.05 62.62 -18.88
CA PRO B 177 52.70 61.73 -15.96
CA SER B 178 49.18 63.21 -16.03
CA GLN B 179 46.53 63.68 -13.31
CA ASP B 180 42.78 62.92 -13.38
CA ALA B 181 40.26 64.63 -11.06
CA SER B 182 42.08 66.03 -8.02
CA GLY B 183 44.95 63.60 -7.45
CA ASP B 184 43.12 60.27 -7.38
CA LEU B 185 45.52 58.53 -9.78
CA TYR B 186 48.35 59.08 -12.29
CA THR B 187 48.82 57.47 -15.73
CA THR B 188 51.69 57.12 -18.23
CA SER B 189 52.78 55.28 -21.38
CA SER B 190 55.83 54.01 -23.29
CA GLN B 191 55.96 53.94 -27.10
CA LEU B 192 58.42 52.41 -29.58
CA THR B 193 58.17 53.38 -33.25
CA LEU B 194 60.22 50.91 -35.29
CA PRO B 195 60.54 49.93 -38.98
CA ALA B 196 58.57 46.90 -40.17
CA THR B 197 61.78 45.18 -41.30
CA GLN B 198 62.75 44.89 -37.60
CA CYS B 199 60.08 43.03 -35.57
CA PRO B 200 59.91 39.49 -37.06
CA ASP B 201 56.56 37.85 -37.93
CA GLY B 202 55.55 35.66 -34.99
CA LYS B 203 57.46 37.23 -32.09
CA SER B 204 57.09 40.27 -29.81
CA VAL B 205 58.98 43.00 -27.93
CA THR B 206 59.02 43.26 -24.12
CA CYS B 207 58.62 46.58 -22.25
CA HIS B 208 60.16 46.72 -18.76
CA VAL B 209 58.56 49.26 -16.40
CA LYS B 210 60.12 50.01 -13.01
CA HIS B 211 58.51 52.17 -10.32
CA TYR B 212 60.60 52.67 -7.16
CA THR B 213 62.80 49.70 -6.16
CA ASN B 214 59.73 47.50 -6.66
CA PRO B 215 60.19 44.40 -8.89
CA SER B 216 60.34 45.25 -12.59
CA GLN B 217 57.05 44.35 -14.29
CA ASP B 218 57.77 42.76 -17.68
CA VAL B 219 55.08 42.59 -20.40
CA THR B 220 55.24 40.77 -23.75
CA VAL B 221 54.12 43.43 -26.25
CA PRO B 222 53.34 41.72 -29.60
CA CYS B 223 53.61 43.05 -33.14
CA PRO B 224 53.17 40.86 -36.56
CA VAL B 225 50.41 38.62 -38.03
CA PRO B 226 50.01 34.64 -38.54
CA PRO B 227 48.14 33.14 -41.52
CA PRO B 228 45.89 29.90 -41.02
CA PRO B 229 47.50 26.41 -42.45
CA PRO B 230 45.23 24.61 -44.93
CA CYS B 231 45.89 21.00 -46.30
CA CYS B 232 43.27 18.85 -48.09
CA HIS B 233 42.58 15.15 -48.55
CA PRO B 234 40.83 13.31 -51.53
CA ARG B 235 37.23 12.42 -50.45
CA LEU B 236 33.48 13.33 -50.27
CA SER B 237 30.82 12.15 -47.78
CA LEU B 238 27.08 12.70 -47.21
CA HIS B 239 25.40 13.26 -43.85
CA ARG B 240 21.84 11.98 -43.41
CA PRO B 241 19.55 14.18 -41.24
CA ALA B 242 18.64 13.13 -37.70
CA LEU B 243 15.57 10.97 -37.06
CA GLU B 244 14.33 12.68 -33.89
CA ASP B 245 14.38 16.11 -35.57
CA LEU B 246 12.49 15.38 -38.82
CA LEU B 247 9.70 13.46 -37.04
CA LEU B 248 8.75 16.11 -34.48
CA GLY B 249 8.51 19.22 -36.63
CA SER B 250 9.52 18.55 -40.26
CA GLU B 251 12.90 20.25 -39.75
CA ALA B 252 15.37 18.20 -41.83
CA ASN B 253 18.55 18.90 -43.79
CA LEU B 254 21.08 16.82 -45.74
CA THR B 255 24.73 17.92 -45.73
CA CYS B 256 27.20 17.40 -48.61
CA THR B 257 30.69 18.20 -47.33
CA LEU B 258 33.81 17.94 -49.52
CA THR B 259 36.77 17.17 -47.23
CA GLY B 260 39.77 15.79 -49.13
CA LEU B 261 41.68 17.06 -52.21
CA ARG B 262 44.65 19.56 -52.11
CA ASP B 263 44.82 23.44 -52.41
CA ALA B 264 42.90 26.65 -53.35
CA SER B 265 39.97 26.42 -55.77
CA GLY B 266 36.18 26.95 -55.65
CA ALA B 267 33.38 24.38 -55.75
CA THR B 268 29.90 24.64 -57.27
CA PHE B 269 26.90 22.37 -56.56
CA THR B 270 23.99 20.82 -58.47
CA TRP B 271 21.38 19.71 -55.90
CA THR B 272 18.19 17.99 -57.02
CA PRO B 273 14.75 19.31 -55.89
CA SER B 274 12.41 17.36 -53.60
CA SER B 275 8.87 16.10 -54.19
CA GLY B 276 7.57 19.60 -53.44
CA LYS B 277 9.83 21.10 -56.12
CA SER B 278 12.11 23.16 -53.86
CA ALA B 279 15.88 23.68 -54.00
CA VAL B 280 17.71 25.94 -51.51
CA GLN B 281 21.45 26.03 -50.80
CA GLY B 282 24.30 28.21 -49.52
CA PRO B 283 27.81 26.56 -49.42
CA PRO B 284 30.55 28.53 -47.55
CA GLU B 285 34.35 28.23 -47.22
CA ARG B 286 36.09 27.52 -43.91
CA ASP B 287 39.30 26.75 -42.04
CA LEU B 288 39.71 23.64 -39.84
CA CYS B 289 43.11 21.92 -40.46
CA GLY B 290 44.62 24.28 -43.06
CA CYS B 291 43.06 24.02 -46.57
CA TYR B 292 39.83 25.79 -47.79
CA SER B 293 36.47 23.99 -47.26
CA VAL B 294 33.12 24.01 -49.12
CA SER B 295 29.99 22.42 -47.53
CA SER B 296 26.31 22.76 -48.57
CA VAL B 297 23.03 21.96 -46.80
CA LEU B 298 19.74 21.26 -48.61
CA PRO B 299 16.74 21.78 -46.27
CA GLY B 300 14.15 19.10 -47.04
CA CYS B 301 10.66 18.20 -45.83
CA ALA B 302 9.35 15.10 -44.01
CA GLN B 303 7.10 13.70 -46.76
CA PRO B 304 9.85 13.11 -49.36
CA TRP B 305 11.98 11.25 -46.80
CA ASN B 306 8.98 9.18 -45.66
CA HIS B 307 8.00 8.33 -49.24
CA GLY B 308 11.59 7.86 -50.38
CA GLU B 309 13.05 10.39 -52.82
CA THR B 310 16.54 10.23 -54.36
CA PHE B 311 18.73 12.98 -52.87
CA THR B 312 21.84 13.30 -55.07
CA CYS B 313 24.69 15.85 -54.82
CA THR B 314 26.93 16.44 -57.85
CA ALA B 315 29.96 18.75 -57.70
CA ALA B 316 31.84 19.96 -60.80
CA HIS B 317 35.53 20.92 -60.64
CA PRO B 318 38.48 21.53 -63.02
CA GLU B 319 40.85 19.10 -61.31
CA LEU B 320 38.14 16.86 -59.90
CA LYS B 321 37.38 16.32 -63.58
CA THR B 322 34.87 13.52 -62.98
CA PRO B 323 32.12 15.32 -61.02
CA LEU B 324 31.56 12.99 -58.05
CA THR B 325 27.94 11.86 -57.86
CA ALA B 326 26.48 10.75 -54.52
CA ASN B 327 22.94 9.50 -53.87
CA ILE B 328 21.21 8.58 -50.59
CA THR B 329 17.74 7.19 -49.86
CA LYS B 330 16.07 4.99 -47.23
CA SER B 331 16.55 1.21 -47.12
CA GLY B 332 14.80 -2.13 -47.38
CA ASN B 333 11.24 -3.05 -48.33
CA THR B 334 8.07 -2.56 -46.24
CA PHE B 335 7.01 -5.05 -43.55
CA ARG B 336 3.81 -4.77 -41.48
CA PRO B 337 4.43 -4.37 -37.69
CA GLU B 338 2.82 -6.80 -35.26
CA VAL B 339 2.00 -5.22 -31.89
CA HIS B 340 1.74 -7.45 -28.81
CA LEU B 341 0.73 -5.66 -25.58
CA LEU B 342 2.09 -7.56 -22.57
CA PRO B 343 0.54 -7.32 -19.06
CA PRO B 344 2.60 -6.82 -15.86
CA PRO B 345 3.95 -10.01 -14.19
CA SER B 346 2.85 -11.60 -10.90
CA GLU B 347 5.87 -10.63 -8.78
CA GLU B 348 5.80 -7.05 -10.10
CA LEU B 349 2.49 -6.42 -8.35
CA ALA B 350 4.42 -6.46 -5.06
CA LEU B 351 5.81 -2.95 -5.65
CA ASN B 352 3.90 0.35 -5.31
CA GLU B 353 4.89 3.50 -7.22
CA LEU B 354 5.51 2.03 -10.70
CA VAL B 355 4.06 -0.69 -12.97
CA THR B 356 5.57 -1.55 -16.38
CA LEU B 357 3.28 -1.95 -19.41
CA THR B 358 5.21 -3.57 -22.27
CA CYS B 359 3.81 -3.46 -25.82
CA LEU B 360 6.17 -5.09 -28.32
CA ALA B 361 6.00 -4.36 -32.06
CA ARG B 362 8.14 -6.74 -34.12
CA GLY B 363 8.13 -7.62 -37.82
CA PHE B 364 8.73 -4.19 -39.36
CA SER B 365 10.98 -2.48 -41.91
CA PRO B 366 12.39 0.09 -42.17
CA LYS B 367 13.31 1.00 -38.58
CA ASP B 368 11.36 4.27 -38.76
CA VAL B 369 8.47 3.85 -36.31
CA LEU B 370 6.76 6.32 -33.96
CA VAL B 371 5.36 4.72 -30.79
CA ARG B 372 3.18 6.55 -28.23
CA TRP B 373 0.85 5.84 -25.29
CA LEU B 374 -2.56 7.12 -24.16
CA GLN B 375 -4.82 7.21 -21.09
CA GLY B 376 -8.28 5.65 -21.10
CA SER B 377 -10.05 7.58 -18.33
CA GLN B 378 -8.63 11.10 -18.73
CA GLU B 379 -8.52 10.55 -22.53
CA LEU B 380 -5.15 12.33 -22.60
CA PRO B 381 -1.71 11.07 -23.76
CA ARG B 382 0.76 9.63 -21.22
CA GLU B 383 4.04 11.21 -20.11
CA LYS B 384 6.23 8.52 -18.50
CA TYR B 385 7.49 6.08 -21.16
CA LEU B 386 10.70 5.18 -23.04
CA THR B 387 11.60 3.66 -26.42
CA TRP B 388 14.14 0.87 -27.08
CA ALA B 389 15.96 -0.09 -30.31
CA SER B 390 18.43 -2.46 -32.04
CA ARG B 391 18.99 -4.09 -35.46
CA GLN B 392 18.85 -7.80 -36.31
CA GLU B 393 21.56 -8.55 -38.88
CA PRO B 394 22.56 -12.25 -38.63
CA SER B 395 24.62 -14.29 -41.09
CA GLN B 396 21.55 -15.68 -42.88
CA GLY B 397 19.06 -13.94 -45.15
CA THR B 398 16.51 -12.72 -42.60
CA THR B 399 16.30 -9.15 -41.27
CA THR B 400 13.40 -7.31 -39.56
CA PHE B 401 13.52 -4.54 -36.92
CA ALA B 402 11.48 -4.67 -33.69
CA VAL B 403 10.75 -2.38 -30.73
CA THR B 404 9.72 -2.39 -27.06
CA SER B 405 7.75 0.23 -25.10
CA ILE B 406 7.53 0.71 -21.31
CA LEU B 407 4.74 2.73 -19.68
CA ARG B 408 5.26 3.11 -15.93
CA VAL B 409 1.94 3.90 -14.23
CA ALA B 410 0.70 3.47 -10.65
CA ALA B 411 -0.12 0.21 -8.87
CA GLU B 412 -3.53 1.33 -7.59
CA ASP B 413 -4.59 2.66 -11.01
CA TRP B 414 -3.86 -0.60 -12.85
CA LYS B 415 -6.35 -2.37 -10.57
CA LYS B 416 -9.17 0.17 -10.95
CA GLY B 417 -9.99 -1.02 -14.46
CA ASP B 418 -8.45 1.58 -16.77
CA THR B 419 -7.52 0.76 -20.38
CA PHE B 420 -4.10 1.78 -21.80
CA SER B 421 -3.37 2.31 -25.51
CA CYS B 422 -0.08 1.67 -27.37
CA MET B 423 -0.35 3.42 -30.75
CA VAL B 424 2.28 2.47 -33.34
CA GLY B 425 2.89 4.30 -36.61
CA HIS B 426 4.64 2.84 -39.65
CA GLU B 427 4.40 3.04 -43.45
CA ALA B 428 3.37 -0.60 -44.04
CA LEU B 429 0.37 -0.14 -41.73
CA PRO B 430 -3.19 0.03 -43.17
CA LEU B 431 -3.78 3.71 -42.33
CA ALA B 432 -0.18 4.43 -41.27
CA PHE B 433 -1.51 4.01 -37.73
CA THR B 434 -2.43 1.01 -35.56
CA GLN B 435 -3.48 0.77 -31.90
CA LYS B 436 -3.74 -2.15 -29.46
CA THR B 437 -4.92 -1.99 -25.83
CA ILE B 438 -4.34 -3.60 -22.43
CA ASP B 439 -6.90 -4.08 -19.64
CA ARG B 440 -6.90 -5.86 -16.26
CA LEU B 441 -10.38 -7.18 -17.10
CA ALA B 442 -9.62 -10.30 -19.12
CA GLY B 443 -12.52 -12.24 -20.59
CA LYS B 444 -11.62 -15.48 -22.33
CA PRO B 445 -13.46 -15.30 -25.69
CA THR B 446 -10.27 -14.84 -27.74
CA HIS B 447 -8.97 -11.25 -27.71
CA VAL B 448 -11.41 -8.55 -28.79
CA ASN B 449 -10.71 -4.86 -29.51
CA VAL B 450 -12.86 -1.86 -28.52
CA SER B 451 -15.75 -0.40 -30.55
CA VAL B 452 -15.74 2.63 -32.88
CA VAL B 453 -15.54 6.22 -31.60
CA MET B 454 -15.99 8.93 -34.25
CA ALA B 455 -17.45 8.67 -37.77
CA GLU B 456 -18.37 10.67 -40.88
CA VAL B 457 -15.46 13.03 -40.13
CA ASP B 458 -12.14 11.98 -41.67
CA GLY B 459 -10.99 15.45 -42.69
CA THR B 460 -11.65 15.77 -46.42
CA CYS B 461 -15.34 16.33 -45.64
CA TYR B 462 -15.34 18.85 -42.78
CA GLN C 1 -10.19 -70.31 86.58
CA VAL C 2 -10.77 -70.76 82.85
CA LYS C 3 -13.09 -73.76 82.35
CA LEU C 4 -11.87 -76.78 84.38
CA LEU C 5 -10.47 -78.94 81.58
CA GLU C 6 -9.88 -76.90 78.39
CA GLN C 7 -9.04 -79.10 75.38
CA SER C 8 -7.65 -78.26 71.93
CA GLY C 9 -9.18 -77.69 68.50
CA ALA C 10 -10.45 -79.78 65.58
CA GLU C 11 -7.47 -80.99 63.52
CA VAL C 12 -8.19 -81.93 59.91
CA LYS C 13 -5.91 -84.87 59.09
CA LYS C 14 -5.54 -86.65 55.76
CA PRO C 15 -5.98 -90.48 55.93
CA GLY C 16 -2.70 -92.01 57.06
CA ALA C 17 -1.52 -89.15 59.26
CA SER C 18 -1.06 -88.51 62.99
CA VAL C 19 -3.17 -86.56 65.52
CA LYS C 20 -2.30 -85.26 69.01
CA VAL C 21 -5.11 -83.81 71.14
CA SER C 22 -4.24 -82.16 74.48
CA CYS C 23 -6.19 -81.65 77.72
CA LYS C 24 -5.24 -78.70 79.94
CA ALA C 25 -6.34 -78.83 83.59
CA SER C 26 -6.81 -76.20 86.31
CA GLY C 27 -8.41 -75.37 89.64
CA TYR C 28 -7.54 -78.76 91.14
CA SER C 29 -4.41 -80.83 91.86
CA PHE C 30 -3.14 -82.61 88.72
CA THR C 31 -1.08 -85.36 90.39
CA SER C 32 -4.08 -86.55 92.43
CA TYR C 33 -6.61 -87.44 89.72
CA GLY C 34 -6.58 -89.49 86.51
CA LEU C 35 -7.91 -88.74 83.01
CA HIS C 36 -9.95 -90.98 80.68
CA TRP C 37 -10.49 -90.47 76.93
CA VAL C 38 -13.90 -91.06 75.33
CA ARG C 39 -15.04 -90.22 71.78
CA GLN C 40 -18.29 -90.26 69.75
CA ALA C 41 -18.93 -90.91 66.04
CA PRO C 42 -21.60 -88.75 64.30
CA GLY C 43 -24.86 -90.55 65.09
CA GLN C 44 -23.36 -93.28 67.29
CA ARG C 45 -22.74 -94.01 70.99
CA LEU C 46 -19.73 -92.97 73.11
CA GLU C 47 -16.72 -95.31 72.99
CA TRP C 48 -14.03 -95.49 75.68
CA MET C 49 -10.47 -95.24 74.34
CA GLY C 50 -8.25 -95.37 77.42
CA TRP C 51 -6.88 -93.89 80.64
CA ILE C 52 -3.65 -92.50 82.09
CA SER C 53 -2.65 -91.74 85.70
CA ALA C 54 -1.17 -88.29 86.26
CA GLY C 55 0.81 -89.48 89.28
CA THR C 56 2.87 -92.40 87.96
CA GLY C 57 2.12 -92.52 84.23
CA ASN C 58 0.57 -95.97 83.80
CA THR C 59 -1.29 -96.62 80.54
CA LYS C 60 -4.52 -98.65 80.32
CA TYR C 61 -6.24 -98.59 76.92
CA SER C 62 -8.72 -100.90 75.19
CA GLN C 63 -7.94 -103.79 72.81
CA LYS C 64 -9.73 -101.92 70.01
CA PHE C 65 -6.99 -99.40 69.18
CA ARG C 66 -4.18 -101.83 70.04
CA GLY C 67 -0.89 -100.77 68.48
CA ARG C 68 -1.78 -97.24 67.39
CA VAL C 69 -2.68 -95.32 70.56
CA THR C 70 -0.45 -93.58 73.10
CA PHE C 71 -0.91 -91.39 76.18
CA THR C 72 1.61 -88.84 77.51
CA ARG C 73 1.53 -86.31 80.36
CA ASP C 74 3.62 -83.26 81.29
CA THR C 75 3.90 -82.82 85.08
CA SER C 76 5.08 -79.19 85.19
CA ALA C 77 2.73 -78.08 82.39
CA THR C 78 -0.57 -79.56 83.66
CA THR C 79 -1.72 -80.97 80.29
CA ALA C 80 -2.60 -84.49 79.13
CA TYR C 81 -2.04 -85.89 75.62
CA MET C 82 -3.34 -88.55 73.22
CA GLY C 83 -1.84 -90.04 70.07
CA LEU C 84 -3.31 -92.04 67.18
CA SER C 85 -1.42 -93.11 64.04
CA SER C 86 -2.79 -94.52 60.76
CA LEU C 87 -6.03 -92.50 60.76
CA ARG C 88 -8.99 -93.76 58.72
CA PRO C 89 -12.21 -92.23 57.22
CA GLU C 90 -14.20 -93.81 60.07
CA ASP C 91 -12.35 -92.02 62.89
CA THR C 92 -14.43 -88.85 62.39
CA ALA C 93 -15.57 -88.34 65.99
CA VAL C 94 -15.69 -85.88 68.88
CA TYR C 95 -13.06 -86.76 71.50
CA TYR C 96 -13.33 -85.85 75.20
CA CYS C 97 -11.00 -86.08 78.21
CA ALA C 98 -12.89 -86.88 81.41
CA ARG C 99 -11.39 -86.88 84.91
CA ASP C 100 -10.96 -89.69 87.46
CA PRO C 101 -12.58 -88.87 90.87
CA TYR C 102 -10.66 -91.76 92.47
CA GLY C 103 -7.44 -92.36 90.54
CA GLY C 104 -8.08 -96.06 90.09
CA GLY C 105 -8.71 -96.33 86.36
CA LYS C 106 -12.24 -97.72 86.64
CA SER C 107 -15.10 -95.40 87.64
CA GLU C 108 -17.46 -92.60 86.54
CA PHE C 109 -16.75 -89.22 84.91
CA ASP C 110 -17.61 -86.01 86.78
CA TYR C 111 -15.84 -83.44 84.58
CA TRP C 112 -15.99 -83.39 80.77
CA GLY C 113 -14.26 -81.07 78.31
CA GLN C 114 -15.55 -79.22 75.25
CA GLY C 115 -14.59 -81.90 72.74
CA THR C 116 -12.39 -82.05 69.65
CA LEU C 117 -13.84 -83.06 66.27
CA VAL C 118 -11.06 -84.69 64.24
CA THR C 119 -12.30 -85.24 60.67
CA VAL C 120 -10.19 -87.53 58.50
CA SER C 121 -10.81 -86.85 54.80
CA SER C 122 -8.53 -86.49 51.75
CA ALA C 123 -10.73 -83.80 50.15
CA SER C 124 -9.16 -80.35 49.87
CA PRO C 125 -10.52 -78.39 52.88
CA THR C 126 -11.51 -74.76 52.29
CA SER C 127 -12.15 -71.67 54.44
CA PRO C 128 -15.80 -70.49 54.75
CA LYS C 129 -17.02 -67.31 53.06
CA VAL C 130 -19.20 -65.33 55.48
CA PHE C 131 -21.90 -63.12 53.92
CA PRO C 132 -24.17 -60.50 55.54
CA LEU C 133 -27.86 -61.38 55.29
CA SER C 134 -29.27 -57.88 55.76
CA LEU C 135 -32.83 -57.27 54.53
CA ASP C 136 -34.48 -54.66 52.30
CA SER C 137 -37.63 -53.98 54.36
CA THR C 138 -39.07 -57.43 53.55
CA PRO C 139 -40.13 -58.24 57.16
CA GLN C 140 -42.61 -56.31 59.31
CA ASP C 141 -42.74 -53.35 61.69
CA GLY C 142 -41.95 -54.56 65.20
CA ASN C 143 -38.84 -56.73 64.94
CA VAL C 144 -35.76 -56.73 62.70
CA VAL C 145 -34.28 -60.01 61.46
CA VAL C 146 -30.59 -60.07 60.53
CA ALA C 147 -28.22 -62.98 59.79
CA CYS C 148 -24.76 -64.12 58.67
CA LEU C 149 -24.48 -66.81 55.97
CA VAL C 150 -21.23 -68.77 56.39
CA GLN C 151 -20.96 -70.56 53.03
CA GLY C 152 -18.47 -73.14 51.73
CA PHE C 153 -16.42 -74.99 54.35
CA PHE C 154 -15.12 -78.54 54.55
CA PRO C 155 -15.41 -80.35 56.85
CA GLN C 156 -18.37 -79.29 59.02
CA GLU C 157 -16.48 -78.57 62.26
CA PRO C 158 -17.82 -77.14 65.57
CA LEU C 159 -18.62 -73.57 64.49
CA SER C 160 -18.71 -71.14 67.42
CA VAL C 161 -20.62 -67.94 66.65
CA THR C 162 -21.21 -65.05 69.07
CA TRP C 163 -23.00 -61.81 68.16
CA SER C 164 -22.09 -58.54 69.89
CA GLU C 165 -25.46 -57.62 71.42
CA SER C 166 -27.32 -59.66 74.06
CA GLY C 167 -30.32 -59.23 76.35
CA GLN C 168 -33.82 -60.50 77.08
CA ASN C 169 -35.90 -59.83 73.95
CA VAL C 170 -33.11 -60.90 71.58
CA THR C 171 -32.75 -64.46 70.27
CA ALA C 172 -29.87 -66.11 68.37
CA ARG C 173 -30.06 -69.51 66.66
CA ASN C 174 -27.17 -71.60 65.30
CA PHE C 175 -28.39 -73.48 62.20
CA PRO C 176 -27.10 -77.07 61.71
CA PRO C 177 -24.58 -77.87 58.90
CA SER C 178 -25.99 -79.17 55.60
CA GLN C 179 -24.39 -81.04 52.68
CA ASP C 180 -24.70 -80.44 48.92
CA ALA C 181 -24.02 -83.15 46.30
CA SER C 182 -21.86 -85.89 47.82
CA GLY C 183 -19.66 -84.06 50.32
CA ASP C 184 -18.22 -81.27 48.16
CA LEU C 185 -18.96 -78.48 50.67
CA TYR C 186 -20.87 -77.60 53.84
CA THR C 187 -22.88 -74.44 54.60
CA THR C 188 -24.32 -72.77 57.74
CA SER C 189 -25.88 -69.55 59.03
CA SER C 190 -26.33 -67.41 62.15
CA GLN C 191 -29.48 -65.38 62.78
CA LEU C 192 -30.38 -62.74 65.40
CA THR C 193 -34.00 -61.64 65.78
CA LEU C 194 -34.18 -58.42 67.81
CA PRO C 195 -36.83 -55.71 68.46
CA ALA C 196 -36.67 -52.59 66.30
CA THR C 197 -36.07 -50.45 69.40
CA GLN C 198 -32.63 -52.08 69.74
CA CYS C 199 -30.76 -51.51 66.44
CA PRO C 200 -30.31 -47.70 66.34
CA ASP C 201 -30.53 -45.84 63.00
CA GLY C 202 -26.97 -45.52 61.73
CA LYS C 203 -25.13 -48.44 63.38
CA SER C 204 -24.67 -52.20 62.88
CA VAL C 205 -24.17 -55.53 64.69
CA THR C 206 -21.07 -57.71 64.26
CA CYS C 207 -21.20 -61.52 63.98
CA HIS C 208 -18.07 -63.43 65.03
CA VAL C 209 -17.64 -66.86 63.42
CA LYS C 210 -14.88 -69.22 64.58
CA HIS C 211 -13.96 -72.49 62.85
CA TYR C 212 -11.21 -74.52 64.55
CA THR C 213 -8.48 -72.44 66.26
CA ASN C 214 -8.31 -70.37 63.07
CA PRO C 215 -8.54 -66.55 63.49
CA SER C 216 -12.08 -65.36 64.23
CA GLN C 217 -13.63 -63.75 61.13
CA ASP C 218 -15.59 -60.62 62.09
CA VAL C 219 -18.27 -59.11 59.82
CA THR C 220 -20.21 -55.85 60.22
CA VAL C 221 -23.90 -56.73 59.71
CA PRO C 222 -26.02 -53.54 59.27
CA CYS C 223 -29.72 -52.78 59.73
CA PRO C 224 -31.50 -49.09 59.72
CA VAL C 225 -31.99 -46.32 57.11
CA PRO C 226 -30.38 -42.67 56.56
CA PRO C 227 -32.38 -39.74 55.11
CA PRO C 228 -30.62 -37.19 52.63
CA PRO C 229 -29.71 -33.52 54.25
CA PRO C 230 -31.20 -30.60 52.29
CA CYS C 231 -30.32 -26.84 52.95
CA CYS C 232 -31.12 -23.98 50.53
CA HIS C 233 -29.65 -20.57 49.72
CA PRO C 234 -31.49 -17.33 48.40
CA ARG C 235 -31.32 -16.65 44.62
CA LEU C 236 -33.34 -16.75 41.34
CA SER C 237 -32.18 -17.49 37.79
CA LEU C 238 -33.80 -18.03 34.38
CA HIS C 239 -32.81 -20.60 31.75
CA ARG C 240 -33.23 -19.71 28.07
CA PRO C 241 -34.27 -22.59 25.76
CA ALA C 242 -31.77 -24.21 23.39
CA LEU C 243 -31.28 -22.83 19.88
CA GLU C 244 -30.99 -26.13 18.02
CA ASP C 245 -34.25 -27.43 19.50
CA LEU C 246 -36.59 -24.49 18.81
CA LEU C 247 -35.43 -24.09 15.19
CA LEU C 248 -35.96 -27.69 14.05
CA GLY C 249 -39.44 -28.41 15.37
CA SER C 250 -40.84 -25.52 17.43
CA GLU C 251 -40.20 -27.38 20.71
CA ALA C 252 -39.09 -24.70 23.17
CA ASN C 253 -39.39 -24.12 26.93
CA LEU C 254 -38.17 -21.47 29.39
CA THR C 255 -37.35 -22.62 32.94
CA CYS C 256 -37.72 -20.43 36.05
CA THR C 257 -35.87 -22.19 38.89
CA LEU C 258 -35.35 -20.74 42.38
CA THR C 259 -32.17 -22.38 43.67
CA GLY C 260 -31.55 -21.06 47.21
CA LEU C 261 -33.82 -19.84 50.05
CA ARG C 262 -34.31 -21.45 53.54
CA ASP C 263 -36.84 -24.33 54.22
CA ALA C 264 -40.53 -25.22 54.67
CA SER C 265 -42.90 -23.16 52.54
CA GLY C 266 -44.74 -23.35 49.19
CA ALA C 267 -44.18 -20.79 46.44
CA THR C 268 -46.50 -19.72 43.61
CA PHE C 269 -46.02 -18.37 40.05
CA THR C 270 -47.44 -15.76 37.67
CA TRP C 271 -46.31 -16.51 34.10
CA THR C 272 -47.23 -14.26 31.18
CA PRO C 273 -48.82 -15.71 27.99
CA SER C 274 -47.11 -15.68 24.59
CA SER C 275 -48.17 -14.06 21.31
CA GLY C 276 -50.56 -16.95 20.72
CA LYS C 277 -52.24 -16.36 24.10
CA SER C 278 -51.22 -19.61 25.83
CA ALA C 279 -50.01 -20.21 29.40
CA VAL C 280 -49.15 -23.70 30.69
CA GLN C 281 -47.16 -24.54 33.83
CA GLY C 282 -46.61 -27.26 36.44
CA PRO C 283 -43.98 -26.53 39.15
CA PRO C 284 -43.08 -29.60 41.29
CA GLU C 285 -41.06 -29.86 44.52
CA ARG C 286 -37.70 -31.69 44.48
CA ASP C 287 -35.24 -32.09 47.37
CA LEU C 288 -31.77 -30.58 46.79
CA CYS C 289 -29.15 -30.58 49.57
CA GLY C 290 -31.95 -31.34 52.00
CA CYS C 291 -33.91 -28.27 50.94
CA TYR C 292 -37.23 -28.18 48.86
CA SER C 293 -37.18 -26.83 45.25
CA VAL C 294 -39.85 -25.12 43.10
CA SER C 295 -39.08 -25.05 39.33
CA SER C 296 -41.66 -24.25 36.61
CA VAL C 297 -41.40 -24.60 32.81
CA LEU C 298 -43.42 -22.53 30.31
CA PRO C 299 -43.57 -24.26 26.88
CA GLY C 300 -43.45 -21.59 24.18
CA CYS C 301 -43.61 -21.48 20.38
CA ALA C 302 -40.98 -20.41 17.83
CA GLN C 303 -42.71 -17.29 16.45
CA PRO C 304 -42.76 -15.30 19.72
CA TRP C 305 -39.04 -15.95 20.24
CA ASN C 306 -38.25 -15.00 16.64
CA HIS C 307 -40.34 -11.81 16.84
CA GLY C 308 -39.26 -10.99 20.39
CA GLU C 309 -41.81 -11.26 23.19
CA THR C 310 -41.18 -10.43 26.86
CA PHE C 311 -41.14 -13.62 28.95
CA THR C 312 -41.40 -12.65 32.63
CA CYS C 313 -41.62 -14.84 35.77
CA THR C 314 -42.72 -13.59 39.21
CA ALA C 315 -42.34 -15.79 42.31
CA ALA C 316 -44.00 -14.38 45.45
CA HIS C 317 -43.63 -15.62 49.02
CA PRO C 318 -44.40 -14.43 52.57
CA GLU C 319 -40.75 -13.80 53.49
CA LEU C 320 -39.86 -13.02 49.90
CA LYS C 321 -42.11 -10.04 50.52
CA THR C 322 -40.88 -8.31 47.39
CA PRO C 323 -41.94 -10.63 44.51
CA LEU C 324 -38.82 -11.01 42.36
CA THR C 325 -39.51 -10.07 38.74
CA ALA C 326 -37.31 -11.49 35.97
CA ASN C 327 -37.62 -10.78 32.23
CA ILE C 328 -35.69 -12.22 29.27
CA THR C 329 -35.83 -11.40 25.54
CA LYS C 330 -33.51 -11.51 22.52
CA SER C 331 -30.65 -9.03 22.09
CA GLY C 332 -29.47 -6.22 19.83
CA ASN C 333 -31.03 -4.66 16.75
CA THR C 334 -31.33 -6.08 13.20
CA PHE C 335 -28.48 -6.12 10.66
CA ARG C 336 -28.76 -7.47 7.11
CA PRO C 337 -26.39 -10.43 6.36
CA GLU C 338 -23.99 -10.21 3.43
CA VAL C 339 -23.36 -13.65 1.91
CA HIS C 340 -20.10 -14.23 0.00
CA LEU C 341 -19.63 -17.64 -1.65
CA LEU C 342 -15.93 -18.56 -1.96
CA PRO C 343 -14.47 -20.95 -4.59
CA PRO C 344 -11.91 -23.70 -3.72
CA PRO C 345 -8.23 -22.62 -3.87
CA SER C 346 -5.62 -23.65 -6.44
CA GLU C 347 -3.67 -26.00 -4.16
CA GLU C 348 -6.88 -27.73 -3.04
CA LEU C 349 -7.55 -29.07 -6.54
CA ALA C 350 -4.70 -31.54 -5.90
CA LEU C 351 -6.88 -33.70 -3.63
CA ASN C 352 -9.56 -36.21 -4.71
CA GLU C 353 -12.42 -37.24 -2.39
CA LEU C 354 -13.29 -33.82 -0.92
CA VAL C 355 -13.57 -30.17 -2.05
CA THR C 356 -14.44 -27.29 0.31
CA LEU C 357 -17.08 -24.74 -0.73
CA THR C 358 -17.04 -21.80 1.70
CA CYS C 359 -19.89 -19.25 1.69
CA LEU C 360 -19.29 -16.60 4.36
CA ALA C 361 -22.16 -14.48 5.69
CA ARG C 362 -21.08 -11.61 7.94
CA GLY C 363 -22.63 -8.33 9.04
CA PHE C 364 -25.66 -9.73 10.88
CA SER C 365 -27.41 -9.46 14.24
CA PRO C 366 -28.67 -11.23 16.21
CA LYS C 367 -26.63 -14.45 15.96
CA ASP C 368 -29.74 -16.48 15.10
CA VAL C 369 -29.19 -17.63 11.51
CA LEU C 370 -30.02 -20.90 9.72
CA VAL C 371 -27.64 -21.90 6.91
CA ARG C 372 -28.21 -24.77 4.45
CA TRP C 373 -26.91 -26.08 1.11
CA LEU C 374 -28.49 -27.48 -2.06
CA GLN C 375 -27.60 -29.45 -5.21
CA GLY C 376 -28.12 -28.01 -8.68
CA SER C 377 -28.40 -31.16 -10.81
CA GLN C 378 -30.33 -33.53 -8.53
CA GLU C 379 -32.29 -30.52 -7.18
CA LEU C 380 -32.04 -32.04 -3.68
CA PRO C 381 -30.44 -30.61 -0.50
CA ARG C 382 -26.88 -31.56 0.49
CA GLU C 383 -25.82 -33.70 3.45
CA LYS C 384 -22.12 -33.07 4.17
CA TYR C 385 -21.62 -29.56 5.63
CA LEU C 386 -20.80 -27.84 8.94
CA THR C 387 -21.49 -24.55 10.77
CA TRP C 388 -19.22 -22.37 12.92
CA ALA C 389 -19.92 -19.75 15.63
CA SER C 390 -18.14 -16.94 17.53
CA ARG C 391 -19.14 -13.45 18.72
CA GLN C 392 -17.24 -10.24 17.90
CA GLU C 393 -17.04 -8.19 21.11
CA PRO C 394 -14.07 -5.76 21.03
CA SER C 395 -13.36 -2.79 23.32
CA GLN C 396 -14.86 -0.26 20.89
CA GLY C 397 -18.48 0.32 19.90
CA THR C 398 -18.83 -2.13 17.02
CA THR C 399 -20.43 -5.59 17.13
CA THR C 400 -21.78 -7.83 14.32
CA PHE C 401 -21.89 -11.64 14.14
CA ALA C 402 -20.50 -13.55 11.13
CA VAL C 403 -20.53 -17.20 9.99
CA THR C 404 -18.76 -19.70 7.74
CA SER C 405 -20.15 -22.73 5.88
CA ILE C 406 -18.17 -25.64 4.42
CA LEU C 407 -19.67 -28.01 1.82
CA ARG C 408 -17.40 -30.96 1.02
CA VAL C 409 -18.27 -32.42 -2.40
CA ALA C 410 -16.27 -34.51 -4.91
CA ALA C 411 -13.40 -33.31 -7.11
CA GLU C 412 -14.80 -34.73 -10.36
CA ASP C 413 -18.25 -33.21 -9.77
CA TRP C 414 -16.96 -29.66 -9.24
CA LYS C 415 -15.44 -29.76 -12.74
CA LYS C 416 -18.56 -31.05 -14.52
CA GLY C 417 -20.31 -27.69 -14.26
CA ASP C 418 -22.79 -28.12 -11.41
CA THR C 419 -24.13 -25.11 -9.47
CA PHE C 420 -24.18 -25.14 -5.63
CA SER C 421 -26.52 -22.99 -3.49
CA CYS C 422 -25.86 -21.56 0.01
CA MET C 423 -29.21 -20.44 1.43
CA VAL C 424 -29.09 -18.20 4.50
CA GLY C 425 -32.08 -17.25 6.66
CA HIS C 426 -32.23 -14.26 8.99
CA GLU C 427 -34.82 -11.73 10.20
CA ALA C 428 -33.27 -8.64 8.60
CA LEU C 429 -33.44 -10.32 5.18
CA PRO C 430 -35.98 -9.14 2.54
CA LEU C 431 -38.12 -12.31 2.66
CA ALA C 432 -36.37 -13.88 5.66
CA PHE C 433 -34.46 -15.90 3.06
CA THR C 434 -31.55 -15.18 0.72
CA GLN C 435 -29.59 -17.47 -1.64
CA LYS C 436 -26.27 -17.04 -3.48
CA THR C 437 -24.59 -19.55 -5.82
CA ILE C 438 -21.16 -20.81 -6.91
CA ASP C 439 -20.21 -22.17 -10.35
CA ARG C 440 -16.93 -23.24 -11.97
CA LEU C 441 -18.08 -21.41 -15.12
CA ALA C 442 -16.95 -17.86 -14.44
CA GLY C 443 -17.86 -15.19 -16.96
CA LYS C 444 -16.47 -11.72 -16.28
CA PRO C 445 -19.50 -9.37 -16.66
CA THR C 446 -19.77 -8.58 -12.94
CA HIS C 447 -21.47 -11.16 -10.70
CA VAL C 448 -24.86 -12.19 -12.09
CA ASN C 449 -27.46 -14.39 -10.38
CA VAL C 450 -29.73 -17.06 -11.91
CA SER C 451 -33.19 -16.47 -13.39
CA VAL C 452 -36.64 -17.05 -11.83
CA VAL C 453 -38.11 -20.52 -11.24
CA MET C 454 -41.73 -20.60 -10.01
CA ALA C 455 -44.37 -17.84 -10.17
CA GLU C 456 -47.99 -16.99 -9.31
CA VAL C 457 -47.78 -19.47 -6.42
CA ASP C 458 -46.67 -17.95 -3.11
CA GLY C 459 -49.08 -19.86 -0.87
CA THR C 460 -51.90 -17.44 -0.02
CA CYS C 461 -53.36 -18.05 -3.49
CA TYR C 462 -53.28 -21.83 -3.97
CA GLN D 1 -58.47 7.61 83.67
CA VAL D 2 -55.26 8.54 81.84
CA LYS D 3 -52.92 10.21 84.35
CA LEU D 4 -54.75 12.96 86.31
CA LEU D 5 -53.25 16.05 84.69
CA GLU D 6 -51.60 15.23 81.35
CA GLN D 7 -49.58 18.14 79.95
CA SER D 8 -48.06 18.78 76.50
CA GLY D 9 -44.60 18.33 74.97
CA ALA D 10 -41.29 20.19 74.87
CA GLU D 11 -41.54 23.00 72.32
CA VAL D 12 -38.24 24.28 70.90
CA LYS D 13 -38.67 28.02 70.34
CA LYS D 14 -36.17 30.45 68.85
CA PRO D 15 -35.42 33.55 71.02
CA GLY D 16 -38.17 36.11 70.44
CA ALA D 17 -41.01 33.67 69.78
CA SER D 18 -44.18 32.51 71.58
CA VAL D 19 -44.97 29.35 73.56
CA LYS D 20 -48.32 27.86 74.66
CA VAL D 21 -48.29 24.90 77.05
CA SER D 22 -51.58 23.14 77.87
CA CYS D 23 -52.79 21.14 80.89
CA LYS D 24 -55.51 18.52 80.35
CA ALA D 25 -57.47 17.36 83.40
CA SER D 26 -59.58 14.29 84.18
CA GLY D 27 -61.13 12.15 86.90
CA TYR D 28 -62.28 15.17 88.90
CA SER D 29 -64.54 18.20 88.42
CA PHE D 30 -62.78 20.99 86.49
CA THR D 31 -64.94 23.94 87.57
CA SER D 32 -64.31 23.21 91.27
CA TYR D 33 -60.50 23.44 91.51
CA GLY D 34 -57.83 25.92 90.41
CA LEU D 35 -54.48 25.41 88.64
CA HIS D 36 -51.08 26.95 89.45
CA TRP D 37 -48.03 27.07 87.14
CA VAL D 38 -44.52 26.40 88.49
CA ARG D 39 -41.27 25.91 86.53
CA GLN D 40 -37.63 24.93 87.25
CA ALA D 41 -34.37 26.00 85.58
CA PRO D 42 -31.67 23.30 85.10
CA GLY D 43 -29.85 23.25 88.41
CA GLN D 44 -32.04 25.82 90.18
CA ARG D 45 -35.07 25.94 92.51
CA LEU D 46 -38.77 25.93 91.53
CA GLU D 47 -40.29 29.33 90.73
CA TRP D 48 -44.02 30.11 90.88
CA MET D 49 -45.39 31.77 87.73
CA GLY D 50 -49.10 32.21 88.39
CA TRP D 51 -52.61 30.86 88.92
CA ILE D 52 -56.02 30.78 87.22
CA SER D 53 -59.45 29.80 88.55
CA ALA D 54 -61.37 27.32 86.37
CA GLY D 55 -64.71 28.60 87.64
CA THR D 56 -64.64 32.34 86.91
CA GLY D 57 -61.37 32.91 85.06
CA ASN D 58 -59.50 35.31 87.35
CA THR D 59 -55.76 35.74 86.71
CA LYS D 60 -53.19 36.11 89.50
CA TYR D 61 -49.55 36.02 88.34
CA SER D 62 -46.29 37.29 89.86
CA GLN D 63 -44.60 40.65 89.23
CA LYS D 64 -41.64 38.83 87.65
CA PHE D 65 -43.20 38.04 84.26
CA ARG D 66 -45.31 41.22 84.24
CA GLY D 67 -46.46 42.09 80.74
CA ARG D 68 -45.62 38.85 78.92
CA VAL D 69 -47.67 36.11 80.59
CA THR D 70 -51.28 35.06 80.04
CA PHE D 71 -53.60 32.28 81.24
CA THR D 72 -56.61 30.91 79.35
CA ARG D 73 -59.07 28.06 80.03
CA ASP D 74 -61.60 26.15 77.93
CA THR D 75 -64.65 25.08 79.96
CA SER D 76 -66.07 22.43 77.60
CA ALA D 77 -62.62 21.01 76.74
CA THR D 78 -61.18 20.57 80.25
CA THR D 79 -57.72 21.99 79.46
CA ALA D 80 -55.74 24.91 80.93
CA TYR D 81 -53.30 27.12 79.00
CA MET D 82 -50.25 29.36 79.52
CA GLY D 83 -48.67 31.99 77.28
CA LEU D 84 -45.26 33.70 77.28
CA SER D 85 -44.01 36.14 74.63
CA SER D 86 -40.46 37.46 74.04
CA LEU D 87 -38.65 34.25 75.07
CA ARG D 88 -35.01 34.47 76.17
CA PRO D 89 -32.04 32.03 76.46
CA GLU D 90 -32.60 31.90 80.23
CA ASP D 91 -36.18 30.56 80.07
CA THR D 92 -34.95 26.99 79.53
CA ALA D 93 -36.93 25.27 82.28
CA VAL D 94 -39.37 22.47 83.05
CA TYR D 95 -42.89 23.84 83.52
CA TYR D 96 -45.60 22.15 85.60
CA CYS D 97 -49.31 22.74 86.22
CA ALA D 98 -50.33 21.92 89.79
CA ARG D 99 -53.90 21.83 91.10
CA ASP D 100 -55.64 23.93 93.78
CA PRO D 101 -57.23 21.78 96.56
CA TYR D 102 -59.22 24.80 97.77
CA GLY D 103 -59.81 27.16 94.85
CA GLY D 104 -58.48 30.19 96.68
CA GLY D 105 -55.27 30.94 94.83
CA LYS D 106 -52.96 30.51 97.80
CA SER D 107 -52.19 27.01 99.12
CA GLU D 108 -50.26 23.76 98.53
CA PHE D 109 -50.03 21.49 95.47
CA ASP D 110 -51.35 17.91 95.68
CA TYR D 111 -51.28 16.94 92.00
CA TRP D 112 -48.36 17.64 89.64
CA GLY D 113 -48.03 16.92 85.92
CA GLN D 114 -45.20 15.37 83.89
CA GLY D 115 -43.57 18.67 82.97
CA THR D 116 -42.69 20.44 79.72
CA LEU D 117 -39.08 21.40 78.93
CA VAL D 118 -39.14 24.48 76.71
CA THR D 119 -35.61 25.17 75.44
CA VAL D 120 -35.02 28.57 73.84
CA SER D 121 -31.98 28.48 71.54
CA SER D 122 -31.28 29.83 68.03
CA ALA D 123 -29.07 26.85 67.10
CA SER D 124 -30.41 24.60 64.33
CA PRO D 125 -32.06 21.66 66.16
CA THR D 126 -31.54 18.19 64.69
CA SER D 127 -33.17 14.76 65.01
CA PRO D 128 -31.20 12.04 66.89
CA LYS D 129 -29.63 9.08 65.06
CA VAL D 130 -30.30 5.88 67.00
CA PHE D 131 -27.74 3.09 66.63
CA PRO D 132 -27.84 -0.54 67.83
CA LEU D 133 -25.10 -1.49 70.31
CA SER D 134 -24.91 -5.26 69.80
CA LEU D 135 -21.79 -7.22 70.83
CA ASP D 136 -19.65 -10.12 69.58
CA SER D 137 -17.80 -12.08 72.33
CA THR D 138 -17.13 -9.01 74.50
CA PRO D 139 -19.50 -9.97 77.34
CA GLN D 140 -18.97 -12.75 79.88
CA ASP D 141 -20.53 -16.21 79.75
CA GLY D 142 -23.75 -15.93 81.73
CA ASN D 143 -25.44 -12.65 80.79
CA VAL D 144 -26.11 -10.58 77.66
CA VAL D 145 -25.76 -6.79 77.53
CA VAL D 146 -27.45 -4.86 74.71
CA ALA D 147 -27.95 -1.11 74.17
CA CYS D 148 -29.21 1.68 71.89
CA LEU D 149 -26.99 4.71 71.24
CA VAL D 150 -29.13 7.76 70.43
CA GLN D 151 -26.55 10.17 68.97
CA GLY D 152 -26.81 13.80 67.84
CA PHE D 153 -29.81 15.75 69.11
CA PHE D 154 -30.27 19.39 70.12
CA PRO D 155 -31.49 20.33 72.61
CA GLN D 156 -31.33 17.63 75.31
CA GLU D 157 -35.08 17.16 75.88
CA PRO D 158 -36.87 14.62 78.13
CA LEU D 159 -36.10 11.39 76.26
CA SER D 160 -38.59 8.62 77.03
CA VAL D 161 -37.26 5.14 76.22
CA THR D 162 -39.11 1.85 76.77
CA TRP D 163 -37.75 -1.57 75.76
CA SER D 164 -40.12 -4.38 74.77
CA GLU D 165 -39.20 -7.02 77.38
CA SER D 166 -39.64 -6.61 81.15
CA GLY D 167 -39.45 -8.81 84.24
CA GLN D 168 -37.51 -9.42 87.45
CA ASN D 169 -33.93 -10.26 86.44
CA VAL D 170 -33.83 -7.59 83.71
CA THR D 171 -32.54 -4.05 84.30
CA ALA D 172 -32.76 -0.94 82.11
CA ARG D 173 -30.85 2.30 82.73
CA ASN D 174 -31.41 5.70 81.07
CA PHE D 175 -28.02 7.44 80.74
CA PRO D 176 -27.96 11.25 81.32
CA PRO D 177 -27.40 13.66 78.36
CA SER D 178 -23.83 14.87 77.73
CA GLN D 179 -22.43 17.83 75.76
CA ASP D 180 -19.53 17.97 73.27
CA ALA D 181 -17.62 21.17 72.47
CA SER D 182 -19.75 24.21 73.40
CA GLY D 183 -23.31 23.06 72.79
CA ASP D 184 -23.08 21.74 69.22
CA LEU D 185 -24.88 18.46 69.95
CA TYR D 186 -26.12 16.15 72.74
CA THR D 187 -25.86 12.34 72.97
CA THR D 188 -27.49 9.59 75.07
CA SER D 189 -27.92 5.82 75.34
CA SER D 190 -30.27 3.09 76.59
CA GLN D 191 -29.01 -0.22 77.98
CA LEU D 192 -30.73 -3.47 78.95
CA THR D 193 -28.78 -6.08 80.90
CA LEU D 194 -30.71 -9.37 80.75
CA PRO D 195 -29.98 -13.06 81.49
CA ALA D 196 -29.04 -15.29 78.55
CA THR D 197 -31.99 -17.59 79.27
CA GLN D 198 -34.29 -14.72 78.20
CA CYS D 199 -33.52 -13.50 74.65
CA PRO D 200 -34.18 -16.49 72.35
CA ASP D 201 -31.65 -17.54 69.66
CA GLY D 202 -32.73 -15.97 66.38
CA LYS D 203 -34.84 -12.99 67.54
CA SER D 204 -34.21 -9.49 68.90
CA VAL D 205 -35.45 -6.80 71.32
CA THR D 206 -36.81 -3.42 70.16
CA CYS D 207 -35.88 -0.12 71.87
CA HIS D 208 -38.42 2.71 71.52
CA VAL D 209 -36.98 6.22 71.82
CA LYS D 210 -39.28 9.25 71.99
CA HIS D 211 -38.09 12.87 71.86
CA TYR D 212 -40.85 15.50 72.21
CA THR D 213 -44.21 14.54 70.66
CA ASN D 214 -42.28 13.51 67.55
CA PRO D 215 -43.03 9.99 66.17
CA SER D 216 -41.45 7.22 68.24
CA GLN D 217 -38.39 5.82 66.46
CA ASP D 218 -38.33 2.02 66.81
CA VAL D 219 -35.12 0.02 66.29
CA THR D 220 -34.71 -3.77 66.15
CA VAL D 221 -31.81 -4.42 68.55
CA PRO D 222 -30.56 -8.01 68.02
CA CYS D 223 -28.96 -10.41 70.47
CA PRO D 224 -28.14 -14.37 69.76
CA VAL D 225 -26.13 -16.30 67.13
CA PRO D 226 -27.13 -18.66 64.01
CA PRO D 227 -25.02 -21.67 62.95
CA PRO D 228 -24.55 -22.50 59.10
CA PRO D 229 -26.73 -25.70 57.73
CA PRO D 230 -24.58 -28.37 56.05
CA CYS D 231 -26.02 -31.43 54.06
CA CYS D 232 -23.96 -33.63 51.69
CA HIS D 233 -24.63 -35.75 48.62
CA PRO D 234 -22.75 -38.95 47.36
CA ARG D 235 -20.46 -37.91 44.43
CA LEU D 236 -17.01 -36.74 43.15
CA SER D 237 -16.14 -34.78 39.96
CA LEU D 238 -12.98 -33.47 38.27
CA HIS D 239 -12.61 -30.05 36.63
CA ARG D 240 -10.25 -29.77 33.64
CA PRO D 241 -8.28 -26.49 33.40
CA ALA D 242 -9.25 -23.83 30.84
CA LEU D 243 -7.72 -23.89 27.35
CA GLU D 244 -7.18 -20.15 26.90
CA ASP D 245 -5.29 -19.89 30.20
CA LEU D 246 -2.76 -22.74 29.83
CA LEU D 247 -1.81 -21.75 26.27
CA LEU D 248 -0.95 -18.10 26.92
CA GLY D 249 1.26 -18.37 30.01
CA SER D 250 1.50 -21.95 31.30
CA GLU D 251 -0.90 -21.19 34.17
CA ALA D 252 -2.99 -24.35 34.60
CA ASN D 253 -4.67 -26.17 37.48
CA LEU D 254 -6.88 -29.26 37.85
CA THR D 255 -9.54 -29.26 40.59
CA CYS D 256 -10.75 -32.36 42.48
CA THR D 257 -13.88 -31.39 44.45
CA LEU D 258 -15.80 -33.87 46.63
CA THR D 259 -19.44 -32.73 46.74
CA GLY D 260 -21.80 -35.51 47.89
CA LEU D 261 -21.77 -37.79 50.96
CA ARG D 262 -23.35 -36.93 54.40
CA ASP D 263 -21.89 -35.28 57.62
CA ALA D 264 -18.69 -34.21 59.47
CA SER D 265 -15.39 -35.94 58.65
CA GLY D 266 -12.04 -35.00 57.08
CA ALA D 267 -10.63 -35.94 53.67
CA THR D 268 -7.02 -36.59 52.63
CA PHE D 269 -5.62 -36.65 49.07
CA THR D 270 -3.05 -38.60 47.05
CA TRP D 271 -2.23 -36.56 43.93
CA THR D 272 0.21 -37.88 41.34
CA PRO D 273 3.20 -35.73 40.21
CA SER D 274 3.57 -34.39 36.66
CA SER D 275 6.30 -34.98 34.07
CA GLY D 276 8.46 -32.41 35.85
CA LYS D 277 8.14 -34.30 39.16
CA SER D 278 6.16 -31.69 41.11
CA ALA D 279 3.22 -32.12 43.51
CA VAL D 280 1.63 -29.16 45.31
CA GLN D 281 -1.77 -29.08 47.05
CA GLY D 282 -3.81 -27.33 49.74
CA PRO D 283 -7.44 -28.59 50.23
CA PRO D 284 -9.70 -26.44 52.50
CA GLU D 285 -13.14 -26.89 54.10
CA ARG D 286 -16.12 -24.67 53.24
CA ASP D 287 -19.82 -23.94 53.63
CA LEU D 288 -22.19 -23.66 50.63
CA CYS D 289 -25.49 -25.55 51.26
CA GLY D 290 -24.89 -26.83 54.81
CA CYS D 291 -22.37 -29.73 55.06
CA TYR D 292 -18.50 -29.41 55.22
CA SER D 293 -16.55 -29.33 51.90
CA VAL D 294 -13.02 -30.41 50.87
CA SER D 295 -11.58 -29.36 47.45
CA SER D 296 -7.96 -29.52 46.20
CA VAL D 297 -6.15 -27.91 43.26
CA LEU D 298 -2.97 -29.31 41.66
CA PRO D 299 -1.10 -26.59 39.67
CA GLY D 300 0.33 -28.18 36.55
CA CYS D 301 2.48 -27.06 33.61
CA ALA D 302 1.72 -26.84 29.88
CA GLN D 303 4.11 -29.55 28.62
CA PRO D 304 2.52 -32.48 30.51
CA TRP D 305 -0.94 -31.53 29.22
CA ASN D 306 0.36 -31.13 25.66
CA HIS D 307 2.20 -34.46 25.79
CA GLY D 308 -0.59 -36.23 27.68
CA GLU D 309 0.07 -37.27 31.28
CA THR D 310 -2.37 -39.21 33.49
CA PHE D 311 -3.71 -36.89 36.24
CA THR D 312 -5.39 -39.09 38.88
CA CYS D 313 -6.92 -38.04 42.23
CA THR D 314 -7.45 -40.69 44.93
CA ALA D 315 -9.18 -39.88 48.23
CA ALA D 316 -9.14 -42.21 51.25
CA HIS D 317 -11.95 -42.17 53.85
CA PRO D 318 -13.31 -44.35 56.69
CA GLU D 319 -16.89 -44.45 55.41
CA LEU D 320 -15.98 -43.93 51.76
CA LYS D 321 -14.19 -47.23 52.27
CA THR D 322 -13.36 -47.74 48.58
CA PRO D 323 -11.09 -44.74 47.86
CA LEU D 324 -12.61 -43.27 44.71
CA THR D 325 -10.06 -43.12 41.88
CA ALA D 326 -10.50 -40.59 39.07
CA ASN D 327 -8.24 -40.11 36.04
CA ILE D 328 -8.36 -37.51 33.25
CA THR D 329 -6.23 -37.05 30.13
CA LYS D 330 -6.65 -35.62 26.61
CA SER D 331 -8.55 -37.47 23.87
CA GLY D 332 -8.26 -39.10 20.46
CA ASN D 333 -5.25 -39.83 18.26
CA THR D 334 -3.16 -37.31 16.27
CA PHE D 335 -4.23 -36.08 12.81
CA ARG D 336 -2.19 -33.69 10.65
CA PRO D 337 -3.97 -30.34 9.92
CA GLU D 338 -4.45 -29.22 6.31
CA VAL D 339 -4.41 -25.43 5.92
CA HIS D 340 -6.20 -23.86 2.93
CA LEU D 341 -5.86 -20.06 2.63
CA LEU D 342 -8.87 -18.64 0.77
CA PRO D 343 -8.76 -15.29 -1.10
CA PRO D 344 -11.52 -12.61 -0.79
CA PRO D 345 -14.50 -12.97 -3.20
CA SER D 346 -15.41 -10.78 -6.17
CA GLU D 347 -18.37 -8.94 -4.63
CA GLU D 348 -16.46 -8.28 -1.40
CA LEU D 349 -14.06 -5.96 -3.25
CA ALA D 350 -16.94 -3.47 -3.47
CA LEU D 351 -16.55 -2.45 0.19
CA ASN D 352 -13.79 -0.23 1.64
CA GLU D 353 -12.69 -0.45 5.30
CA LEU D 354 -12.50 -4.25 5.73
CA VAL D 355 -11.47 -7.32 3.68
CA THR D 356 -11.80 -10.89 5.01
CA LEU D 357 -8.89 -13.33 4.62
CA THR D 358 -10.08 -16.88 5.38
CA CYS D 359 -7.53 -19.65 6.02
CA LEU D 360 -9.22 -22.95 6.87
CA ALA D 361 -7.39 -25.76 8.69
CA ARG D 362 -9.35 -29.03 8.68
CA GLY D 363 -8.31 -32.62 9.33
CA PHE D 364 -6.91 -32.34 12.86
CA SER D 365 -7.21 -34.00 16.27
CA PRO D 366 -7.30 -33.17 19.09
CA LYS D 367 -9.08 -29.79 18.97
CA ASP D 368 -6.11 -28.02 20.58
CA VAL D 369 -4.74 -25.71 17.89
CA LEU D 370 -3.21 -22.21 18.08
CA VAL D 371 -3.84 -20.08 14.98
CA ARG D 372 -2.25 -16.65 14.37
CA TRP D 373 -1.66 -14.13 11.56
CA LEU D 374 1.30 -12.02 10.39
CA GLN D 375 2.10 -9.00 8.19
CA GLY D 376 4.42 -9.26 5.21
CA SER D 377 5.63 -5.67 4.81
CA GLN D 378 5.94 -4.47 8.41
CA GLU D 379 7.05 -8.01 9.42
CA LEU D 380 4.91 -7.70 12.56
CA PRO D 381 1.95 -9.84 13.76
CA ARG D 382 -1.62 -8.77 12.99
CA GLU D 383 -4.21 -7.52 15.51
CA LYS D 384 -7.70 -7.82 13.96
CA TYR D 385 -8.70 -11.49 13.66
CA LEU D 386 -11.06 -14.03 15.29
CA THR D 387 -11.14 -17.82 15.79
CA TRP D 388 -14.12 -20.15 15.16
CA ALA D 389 -14.83 -23.67 16.51
CA SER D 390 -17.16 -26.69 16.55
CA ARG D 391 -16.99 -30.51 16.81
CA GLN D 392 -17.99 -33.05 14.14
CA GLU D 393 -19.60 -36.03 15.88
CA PRO D 394 -21.96 -37.80 13.42
CA SER D 395 -23.58 -41.23 13.78
CA GLN D 396 -20.85 -42.98 11.77
CA GLY D 397 -17.23 -43.69 12.66
CA THR D 398 -15.56 -40.52 11.37
CA THR D 399 -14.50 -37.58 13.58
CA THR D 400 -11.98 -34.75 12.91
CA PHE D 401 -12.00 -31.15 14.17
CA ALA D 402 -11.54 -28.15 11.84
CA VAL D 403 -11.14 -24.36 12.20
CA THR D 404 -11.65 -21.06 10.34
CA SER D 405 -9.71 -17.79 10.67
CA ILE D 406 -10.75 -14.29 9.56
CA LEU D 407 -8.22 -11.47 9.12
CA ARG D 408 -9.92 -8.15 8.33
CA VAL D 409 -7.44 -5.81 6.62
CA ALA D 410 -7.89 -2.76 4.37
CA ALA D 411 -9.13 -2.73 0.76
CA GLU D 412 -6.29 -0.56 -0.57
CA ASP D 413 -3.61 -2.67 1.14
CA TRP D 414 -4.79 -5.98 -0.36
CA LYS D 415 -4.22 -4.52 -3.84
CA LYS D 416 -0.71 -3.16 -3.17
CA GLY D 417 0.84 -6.63 -3.26
CA ASP D 418 1.39 -7.54 0.40
CA THR D 419 1.64 -11.18 1.53
CA PHE D 420 -0.34 -12.40 4.59
CA SER D 421 0.64 -15.44 6.72
CA CYS D 422 -1.70 -17.84 8.59
CA MET D 423 0.48 -19.82 11.03
CA VAL D 424 -1.15 -22.90 12.56
CA GLY D 425 0.25 -24.88 15.48
CA HIS D 426 -0.65 -28.47 16.34
CA GLU D 427 1.05 -31.59 17.73
CA ALA D 428 0.74 -33.75 14.59
CA LEU D 429 2.59 -31.07 12.58
CA PRO D 430 6.19 -31.68 11.39
CA LEU D 431 7.80 -29.06 13.66
CA ALA D 432 4.65 -28.33 15.69
CA PHE D 433 4.28 -25.32 13.40
CA THR D 434 3.09 -24.82 9.81
CA GLN D 435 2.52 -21.64 7.77
CA LYS D 436 0.71 -20.96 4.48
CA THR D 437 0.41 -17.61 2.69
CA ILE D 438 -1.98 -15.57 0.51
CA ASP D 439 -1.04 -13.04 -2.18
CA ARG D 440 -2.98 -11.03 -4.79
CA LEU D 441 -0.23 -11.87 -7.30
CA ALA D 442 -1.32 -15.27 -8.61
CA GLY D 443 0.93 -17.04 -11.08
CA LYS D 444 -0.44 -20.28 -12.51
CA PRO D 445 2.45 -22.78 -12.12
CA THR D 446 0.70 -24.79 -9.38
CA HIS D 447 0.96 -23.18 -5.93
CA VAL D 448 4.47 -22.38 -4.69
CA ASN D 449 5.57 -21.30 -1.20
CA VAL D 450 8.16 -18.63 -0.32
CA SER D 451 11.92 -19.20 0.07
CA VAL D 452 13.94 -19.69 3.26
CA VAL D 453 14.69 -16.85 5.70
CA MET D 454 17.10 -17.71 8.54
CA ALA D 455 19.54 -20.63 8.85
CA GLU D 456 22.25 -22.16 11.05
CA VAL D 457 20.42 -20.78 14.12
CA ASP D 458 17.78 -23.13 15.55
CA GLY D 459 18.54 -22.46 19.22
CA THR D 460 20.61 -25.39 20.47
CA CYS D 461 23.64 -23.88 18.73
CA TYR D 462 23.54 -20.19 19.67
CA PRO E 1 -31.25 -12.02 -21.50
CA ARG E 2 -30.31 -11.36 -17.93
CA SER E 3 -29.82 -8.14 -16.08
CA PRO E 4 -30.51 -6.54 -12.79
CA THR E 5 -34.22 -6.53 -12.12
CA VAL E 6 -33.91 -3.46 -9.98
CA VAL E 7 -31.15 -0.95 -9.59
CA LYS E 8 -31.09 1.71 -6.94
CA GLY E 9 -28.87 4.72 -6.83
CA VAL E 10 -28.94 8.10 -5.31
CA ALA E 11 -28.84 11.63 -6.70
CA GLY E 12 -25.72 12.70 -8.58
CA SER E 13 -24.06 9.28 -8.45
CA SER E 14 -23.30 7.26 -11.58
CA VAL E 15 -24.65 3.82 -12.30
CA ALA E 16 -23.79 1.00 -14.61
CA VAL E 17 -26.11 -1.69 -15.83
CA LEU E 18 -24.87 -4.93 -17.33
CA CYS E 19 -26.99 -7.27 -19.46
CA PRO E 20 -25.97 -10.68 -20.79
CA TYR E 21 -26.80 -12.25 -24.23
CA ASN E 22 -26.21 -15.15 -26.80
CA ARG E 23 -24.36 -15.81 -30.11
CA LYS E 24 -26.60 -14.34 -32.77
CA GLU E 25 -26.95 -11.64 -30.25
CA SER E 26 -23.24 -10.86 -30.31
CA LYS E 27 -23.69 -9.26 -33.72
CA SER E 28 -27.10 -7.67 -33.24
CA ILE E 29 -27.79 -4.12 -32.13
CA LYS E 30 -27.91 -3.50 -28.41
CA TYR E 31 -30.15 -0.89 -26.96
CA TRP E 32 -31.34 0.77 -23.77
CA CYS E 33 -34.88 2.16 -23.64
CA LEU E 34 -37.31 3.75 -21.25
CA TRP E 35 -40.75 2.21 -21.06
CA GLU E 36 -43.65 4.41 -22.06
CA GLY E 37 -47.10 4.07 -20.58
CA ALA E 38 -49.99 3.68 -22.98
CA GLN E 39 -52.15 0.99 -24.41
CA ASN E 40 -49.61 0.98 -27.17
CA GLY E 41 -46.41 2.52 -26.03
CA ARG E 42 -42.90 2.20 -27.24
CA CYS E 43 -39.78 2.30 -25.20
CA PRO E 44 -37.88 5.22 -26.46
CA LEU E 45 -34.41 4.35 -27.68
CA LEU E 46 -32.22 6.09 -25.14
CA VAL E 47 -28.87 4.81 -26.44
CA ASP E 48 -27.90 2.16 -28.98
CA SER E 49 -24.86 0.18 -30.11
CA GLU E 50 -25.52 1.65 -33.53
CA GLY E 51 -24.06 4.98 -32.64
CA TRP E 52 -27.29 6.66 -31.70
CA VAL E 53 -27.53 8.55 -28.45
CA LYS E 54 -30.55 10.50 -27.25
CA ALA E 55 -30.22 14.16 -26.49
CA GLN E 56 -30.95 13.68 -22.83
CA TYR E 57 -28.26 11.03 -22.59
CA GLU E 58 -25.69 12.54 -24.94
CA GLY E 59 -22.47 12.93 -23.01
CA ARG E 60 -24.16 11.71 -19.85
CA LEU E 61 -24.22 8.02 -20.71
CA SER E 62 -22.38 5.34 -22.61
CA LEU E 63 -23.18 1.88 -23.96
CA LEU E 64 -20.37 -0.60 -24.46
CA GLU E 65 -20.60 -4.09 -25.84
CA GLU E 66 -18.11 -6.83 -25.18
CA PRO E 67 -19.02 -9.84 -27.18
CA GLY E 68 -16.61 -12.30 -25.65
CA ASN E 69 -18.16 -11.78 -22.27
CA GLY E 70 -21.60 -11.68 -23.75
CA THR E 71 -22.40 -8.46 -22.04
CA PHE E 72 -22.93 -4.82 -22.78
CA THR E 73 -22.85 -2.12 -20.19
CA VAL E 74 -24.77 1.09 -20.00
CA ILE E 75 -23.14 3.68 -17.85
CA LEU E 76 -25.15 6.68 -16.81
CA ASN E 77 -23.89 9.65 -14.87
CA GLN E 78 -25.54 12.59 -13.17
CA LEU E 79 -28.54 10.57 -12.16
CA THR E 80 -31.44 12.89 -11.51
CA SER E 81 -34.98 12.57 -10.28
CA ARG E 82 -36.06 12.21 -13.88
CA ASP E 83 -34.08 8.99 -14.19
CA ALA E 84 -36.23 6.87 -11.91
CA GLY E 85 -38.42 4.68 -14.04
CA PHE E 86 -38.63 1.50 -16.07
CA TYR E 87 -36.10 0.68 -18.72
CA TRP E 88 -35.24 -2.21 -20.98
CA CYS E 89 -31.96 -3.52 -22.33
CA LEU E 90 -32.41 -5.64 -25.38
CA THR E 91 -31.01 -6.87 -28.68
CA ASN E 92 -32.26 -6.08 -32.19
CA GLY E 93 -35.50 -4.17 -32.58
CA ASP E 94 -37.30 -2.77 -29.55
CA THR E 95 -40.61 -4.34 -30.53
CA LEU E 96 -39.22 -7.86 -30.61
CA TRP E 97 -39.18 -7.84 -26.83
CA ARG E 98 -36.04 -9.92 -26.59
CA THR E 99 -35.09 -7.67 -23.71
CA THR E 100 -34.99 -7.62 -19.96
CA VAL E 101 -36.87 -5.10 -17.90
CA GLU E 102 -34.95 -3.09 -15.38
CA ILE E 103 -36.40 -0.79 -12.78
CA LYS E 104 -34.23 2.08 -11.76
CA ILE E 105 -34.95 4.07 -8.66
CA ILE E 106 -32.92 7.18 -8.11
CA GLU F 1 60.90 4.24 -121.62
CA LEU F 2 64.60 4.92 -121.00
CA VAL F 3 66.00 2.76 -118.18
CA MET F 4 68.25 4.33 -115.53
CA THR F 5 70.37 1.93 -113.44
CA GLN F 6 72.31 3.14 -110.39
CA SER F 7 74.94 1.27 -108.36
CA PRO F 8 75.63 0.12 -105.74
CA SER F 9 72.37 -0.64 -103.92
CA SER F 10 73.84 0.37 -100.54
CA LEU F 11 76.90 2.31 -99.35
CA SER F 12 78.90 2.04 -96.12
CA ALA F 13 81.58 4.60 -95.24
CA SER F 14 82.93 6.57 -92.27
CA VAL F 15 83.03 10.37 -91.99
CA GLY F 16 85.62 11.73 -94.42
CA ASP F 17 85.70 9.08 -97.16
CA ARG F 18 84.96 10.04 -100.76
CA VAL F 19 82.00 8.02 -102.10
CA ASN F 20 81.20 7.46 -105.79
CA ILE F 21 77.62 7.01 -107.07
CA ALA F 22 77.04 5.95 -110.70
CA CYS F 23 74.00 6.54 -112.95
CA ARG F 24 74.07 4.85 -116.36
CA ALA F 25 71.38 5.08 -119.07
CA SER F 26 70.08 2.84 -121.87
CA GLN F 27 71.12 5.36 -124.55
CA GLY F 28 72.85 8.74 -124.82
CA ILE F 29 70.98 11.66 -123.23
CA SER F 30 73.77 14.26 -123.53
CA SER F 31 73.97 16.62 -120.52
CA ALA F 32 70.42 15.99 -119.27
CA LEU F 33 70.58 14.56 -115.73
CA ALA F 34 69.61 15.73 -112.22
CA TRP F 35 70.65 14.45 -108.78
CA TYR F 36 68.43 14.48 -105.69
CA GLN F 37 68.58 14.12 -101.89
CA GLN F 38 65.69 12.48 -100.07
CA LYS F 39 65.96 12.47 -96.27
CA PRO F 40 63.75 9.58 -95.03
CA GLY F 41 60.26 10.95 -94.46
CA LYS F 42 60.78 14.09 -96.56
CA ALA F 43 60.44 15.44 -100.10
CA PRO F 44 63.43 15.22 -102.51
CA ARG F 45 65.89 18.11 -102.80
CA LEU F 46 67.63 19.22 -106.00
CA LEU F 47 71.42 19.03 -105.77
CA ILE F 48 72.83 19.16 -109.30
CA TYR F 49 71.33 20.12 -112.66
CA ASP F 50 72.62 20.07 -116.27
CA ALA F 51 75.17 17.42 -115.18
CA SER F 52 77.69 19.53 -113.22
CA ASN F 53 76.06 22.82 -112.14
CA LEU F 54 75.25 23.18 -108.43
CA GLU F 55 72.17 24.87 -106.94
CA SER F 56 72.41 27.96 -104.72
CA GLY F 57 72.68 26.74 -101.14
CA VAL F 58 73.97 23.22 -101.79
CA PRO F 59 77.37 22.65 -100.11
CA SER F 60 80.61 23.08 -102.07
CA ARG F 61 81.55 19.43 -101.42
CA PHE F 62 78.88 18.05 -103.78
CA SER F 63 79.69 17.72 -107.52
CA GLY F 64 79.98 15.36 -110.48
CA SER F 65 80.38 14.97 -114.26
CA GLY F 66 79.79 12.65 -117.23
CA SER F 67 78.76 13.02 -120.89
CA GLY F 68 76.27 10.73 -122.60
CA THR F 69 76.04 7.33 -120.91
CA ASP F 70 78.27 7.14 -117.82
CA PHE F 71 77.52 9.56 -114.95
CA THR F 72 78.87 9.99 -111.40
CA LEU F 73 78.02 11.75 -108.12
CA THR F 74 80.92 12.61 -105.80
CA ILE F 75 81.30 13.81 -102.17
CA SER F 76 84.82 14.85 -101.07
CA SER F 77 84.03 14.95 -97.33
CA LEU F 78 81.25 12.72 -96.01
CA GLN F 79 79.40 14.21 -93.03
CA PRO F 80 76.68 12.71 -90.77
CA GLU F 81 74.08 15.07 -92.25
CA ASP F 82 74.30 13.31 -95.64
CA PHE F 83 72.03 10.39 -94.68
CA ALA F 84 69.62 10.22 -97.63
CA ILE F 85 68.59 8.07 -100.61
CA TYR F 86 69.92 9.76 -103.76
CA TYR F 87 68.26 9.58 -107.20
CA CYS F 88 69.05 10.57 -110.80
CA GLN F 89 66.45 11.26 -113.49
CA GLN F 90 66.73 12.28 -117.14
CA PHE F 91 65.05 15.01 -119.18
CA ASN F 92 65.69 14.48 -122.90
CA SER F 93 62.49 12.61 -123.86
CA TYR F 94 59.23 11.28 -122.40
CA PRO F 95 58.36 9.91 -119.99
CA LEU F 96 60.86 11.20 -117.42
CA THR F 97 62.34 8.32 -115.42
CA PHE F 98 64.16 8.01 -112.07
CA GLY F 99 67.04 5.91 -110.77
CA GLY F 100 66.85 2.93 -108.43
CA GLY F 101 68.14 4.87 -105.45
CA THR F 102 71.46 4.58 -103.61
CA LYS F 103 71.13 4.71 -99.81
CA VAL F 104 74.08 6.12 -97.84
CA GLU F 105 74.66 4.61 -94.40
CA ILE F 106 77.17 6.37 -92.11
CA LYS F 107 79.91 4.58 -90.13
CA ARG F 108 81.16 5.25 -86.60
CA THR F 109 82.18 3.53 -83.34
CA VAL F 110 80.07 1.23 -81.15
CA ALA F 111 77.61 2.74 -78.67
CA ALA F 112 75.92 1.19 -75.63
CA PRO F 113 72.12 1.79 -75.54
CA SER F 114 70.31 2.83 -72.35
CA VAL F 115 67.41 0.36 -72.06
CA PHE F 116 64.09 1.51 -70.57
CA ILE F 117 60.65 -0.08 -70.09
CA PHE F 118 57.03 1.15 -69.96
CA PRO F 119 54.17 -0.81 -68.33
CA PRO F 120 50.53 -0.42 -69.53
CA SER F 121 48.72 2.68 -68.28
CA ASP F 122 45.68 2.79 -65.99
CA GLU F 123 43.19 3.96 -68.64
CA GLN F 124 44.51 1.50 -71.24
CA LEU F 125 43.39 -1.61 -69.32
CA LYS F 126 39.73 -0.47 -69.31
CA SER F 127 39.12 -1.63 -72.85
CA GLY F 128 40.72 -5.02 -72.19
CA THR F 129 44.27 -4.89 -73.55
CA ALA F 130 47.87 -4.21 -72.45
CA SER F 131 51.12 -3.10 -74.12
CA VAL F 132 54.57 -3.18 -72.52
CA VAL F 133 57.17 -1.09 -74.37
CA CYS F 134 60.96 -1.53 -74.04
CA LEU F 135 63.35 1.19 -75.23
CA LEU F 136 66.93 0.92 -76.54
CA ASN F 137 67.88 4.61 -76.81
CA ASN F 138 71.04 5.56 -78.77
CA PHE F 139 73.16 2.75 -80.27
CA TYR F 140 75.32 1.56 -83.16
CA PRO F 141 75.18 -0.62 -85.18
CA ARG F 142 71.48 -1.37 -85.73
CA GLU F 143 72.26 -5.02 -84.94
CA ALA F 144 70.48 -5.66 -81.64
CA LYS F 145 68.26 -8.22 -79.92
CA VAL F 146 65.31 -8.03 -77.52
CA GLN F 147 63.98 -11.00 -75.54
CA TRP F 148 60.93 -10.56 -73.30
CA LYS F 149 60.90 -12.26 -69.91
CA VAL F 150 57.47 -13.14 -68.53
CA ASP F 151 57.59 -14.99 -65.19
CA ASN F 152 61.41 -15.34 -65.32
CA ALA F 153 62.32 -18.12 -67.78
CA LEU F 154 59.06 -18.15 -69.76
CA GLN F 155 59.94 -16.43 -73.03
CA SER F 156 57.06 -15.31 -75.25
CA GLY F 157 56.91 -14.78 -79.00
CA ASN F 158 54.28 -12.20 -79.96
CA SER F 159 56.20 -8.91 -80.20
CA GLN F 160 56.80 -6.22 -82.85
CA GLU F 161 60.11 -4.45 -83.57
CA SER F 162 60.46 -1.05 -85.25
CA VAL F 163 63.64 0.91 -85.97
CA THR F 164 63.75 4.56 -87.04
CA GLU F 165 66.00 6.09 -89.70
CA GLN F 166 69.51 7.28 -88.71
CA ASP F 167 69.49 10.90 -87.48
CA SER F 168 71.57 13.84 -88.75
CA LYS F 169 73.68 14.38 -85.60
CA ASP F 170 75.63 11.58 -83.91
CA SER F 171 74.78 8.87 -86.45
CA THR F 172 73.05 6.20 -84.32
CA TYR F 173 70.01 3.92 -84.14
CA SER F 174 67.25 3.27 -81.58
CA LEU F 175 64.65 0.51 -81.11
CA SER F 176 61.46 -0.38 -79.22
CA SER F 177 59.49 -3.53 -78.39
CA THR F 178 55.78 -3.70 -77.53
CA LEU F 179 54.36 -6.85 -75.94
CA THR F 180 50.63 -6.94 -76.73
CA LEU F 181 48.62 -9.13 -74.32
CA SER F 182 44.98 -8.69 -73.25
CA LYS F 183 43.89 -7.79 -69.71
CA ALA F 184 43.09 -11.42 -68.84
CA ASP F 185 46.63 -12.61 -69.51
CA TYR F 186 48.14 -9.50 -67.90
CA GLU F 187 46.35 -9.80 -64.54
CA LYS F 188 47.92 -13.26 -64.22
CA HIS F 189 51.67 -12.58 -64.23
CA LYS F 190 54.11 -10.43 -62.24
CA VAL F 191 57.71 -10.27 -63.49
CA TYR F 192 58.26 -8.46 -66.81
CA ALA F 193 61.88 -8.04 -67.94
CA CYS F 194 63.48 -7.26 -71.32
CA GLU F 195 66.96 -8.71 -72.00
CA VAL F 196 69.08 -6.82 -74.57
CA THR F 197 72.20 -7.97 -76.46
CA HIS F 198 74.54 -5.52 -78.20
CA GLN F 199 78.25 -5.18 -79.00
CA GLY F 200 78.53 -2.04 -76.90
CA LEU F 201 77.16 -3.81 -73.83
CA SER F 202 79.65 -5.89 -71.83
CA SER F 203 76.78 -8.04 -70.54
CA PRO F 204 73.00 -8.23 -71.21
CA VAL F 205 71.08 -5.43 -69.46
CA THR F 206 67.87 -6.52 -67.74
CA LYS F 207 65.03 -4.04 -67.11
CA SER F 208 62.20 -5.57 -65.07
CA PHE F 209 59.20 -4.31 -63.09
CA ASN F 210 56.78 -6.01 -60.67
CA ARG F 211 53.05 -6.05 -61.47
CA GLY F 212 50.76 -5.26 -58.52
CA GLU F 213 50.90 -2.02 -56.49
CA CYS F 214 48.56 -0.97 -53.65
CA GLU G 1 70.07 84.13 2.90
CA LEU G 2 71.72 85.67 -0.17
CA VAL G 3 69.29 86.04 -3.07
CA MET G 4 70.34 85.04 -6.60
CA THR G 5 68.25 86.41 -9.48
CA GLN G 6 68.75 85.18 -13.06
CA SER G 7 67.29 86.62 -16.28
CA PRO G 8 65.52 86.14 -18.58
CA SER G 9 62.99 83.49 -17.55
CA SER G 10 63.01 81.88 -21.01
CA LEU G 11 65.27 82.03 -24.08
CA SER G 12 64.46 81.52 -27.77
CA ALA G 13 67.23 81.28 -30.38
CA SER G 14 68.19 79.33 -33.52
CA VAL G 15 71.32 77.19 -33.92
CA GLY G 16 74.37 79.45 -34.07
CA ASP G 17 73.26 82.52 -32.09
CA ARG G 18 75.23 83.63 -29.04
CA VAL G 19 73.01 83.68 -25.93
CA ASN G 20 73.73 85.64 -22.74
CA ILE G 21 72.58 84.44 -19.29
CA ALA G 22 72.93 86.75 -16.28
CA CYS G 23 73.24 85.88 -12.56
CA ARG G 24 73.19 88.81 -10.12
CA ALA G 25 73.52 88.61 -6.32
CA SER G 26 72.29 90.64 -3.33
CA GLN G 27 75.85 91.48 -2.26
CA GLY G 28 79.43 90.88 -3.42
CA ILE G 29 80.59 87.25 -3.34
CA SER G 30 83.90 87.75 -5.18
CA SER G 31 84.76 84.85 -7.54
CA ALA G 32 82.45 82.29 -5.91
CA LEU G 33 79.88 81.09 -8.48
CA ALA G 34 79.13 77.84 -10.33
CA TRP G 35 77.04 77.16 -13.45
CA TYR G 36 75.02 73.99 -14.08
CA GLN G 37 73.27 72.07 -16.86
CA GLN G 38 70.11 70.11 -16.06
CA LYS G 39 68.68 68.09 -18.93
CA PRO G 40 64.96 67.56 -18.16
CA GLY G 41 64.62 64.36 -16.15
CA LYS G 42 68.29 64.21 -15.15
CA ALA G 43 70.73 65.34 -12.45
CA PRO G 44 72.59 68.69 -12.83
CA ARG G 45 76.01 68.81 -14.47
CA LEU G 46 78.86 71.13 -13.47
CA LEU G 47 79.97 73.43 -16.29
CA ILE G 48 82.00 76.27 -14.79
CA TYR G 49 83.61 76.80 -11.37
CA ASP G 50 85.47 79.71 -9.73
CA ALA G 51 83.73 82.06 -12.21
CA SER G 52 85.61 81.33 -15.45
CA ASN G 53 87.38 77.94 -15.18
CA LEU G 54 85.90 75.10 -17.26
CA GLU G 55 85.64 71.45 -16.21
CA SER G 56 87.44 68.64 -18.07
CA GLY G 57 85.07 67.39 -20.75
CA VAL G 58 82.82 70.43 -21.06
CA PRO G 59 82.90 71.85 -24.64
CA SER G 60 85.19 74.75 -25.53
CA ARG G 61 82.19 76.89 -26.52
CA PHE G 62 81.02 77.38 -22.92
CA SER G 63 82.53 80.21 -20.84
CA GLY G 64 81.83 83.38 -18.84
CA SER G 65 83.16 86.03 -16.43
CA GLY G 66 82.19 88.63 -13.83
CA SER G 67 83.58 89.93 -10.52
CA GLY G 68 81.45 90.63 -7.47
CA THR G 69 77.82 91.33 -8.37
CA ASP G 70 77.22 91.00 -12.13
CA PHE G 71 77.85 87.57 -13.73
CA THR G 72 77.28 86.11 -17.21
CA LEU G 73 77.14 82.73 -19.01
CA THR G 74 77.98 82.70 -22.73
CA ILE G 75 77.67 80.19 -25.60
CA SER G 76 79.37 81.16 -28.90
CA SER G 77 77.67 78.45 -31.01
CA LEU G 78 74.26 77.18 -29.90
CA GLN G 79 73.67 73.51 -30.76
CA PRO G 80 70.53 71.33 -30.40
CA GLU G 81 72.18 69.33 -27.60
CA ASP G 82 72.12 72.38 -25.30
CA PHE G 83 68.46 71.99 -24.26
CA ALA G 84 68.64 72.33 -20.46
CA ILE G 85 67.66 74.58 -17.56
CA TYR G 86 70.82 76.32 -16.31
CA TYR G 87 71.44 77.40 -12.70
CA CYS G 88 74.00 79.44 -10.75
CA GLN G 89 74.73 79.03 -7.04
CA GLN G 90 77.14 80.78 -4.68
CA PHE G 91 79.66 79.46 -2.15
CA ASN G 92 80.93 82.30 0.06
CA SER G 93 78.60 81.91 3.05
CA TYR G 94 75.72 79.77 4.36
CA PRO G 95 73.29 78.57 3.33
CA LEU G 96 74.25 77.92 -0.30
CA THR G 97 71.54 79.22 -2.66
CA PHE G 98 70.60 78.55 -6.30
CA GLY G 99 69.34 80.68 -9.18
CA GLY G 100 65.82 80.81 -10.58
CA GLY G 101 66.72 78.83 -13.69
CA THR G 102 66.93 79.95 -17.32
CA LYS G 103 65.41 77.47 -19.79
CA VAL G 104 66.86 77.38 -23.31
CA GLU G 105 64.41 76.54 -26.11
CA ILE G 106 65.89 75.81 -29.56
CA LYS G 107 64.57 77.30 -32.82
CA ARG G 108 64.17 75.66 -36.23
CA THR G 109 61.78 75.31 -39.19
CA VAL G 110 58.20 73.98 -39.19
CA ALA G 111 57.61 70.21 -39.27
CA ALA G 112 54.47 68.25 -40.17
CA PRO G 113 53.58 65.55 -37.59
CA SER G 114 52.50 62.05 -38.60
CA VAL G 115 49.28 61.41 -36.69
CA PHE G 116 48.44 57.91 -35.39
CA ILE G 117 45.68 56.47 -33.18
CA PHE G 118 45.35 53.51 -30.80
CA PRO G 119 41.97 51.95 -29.89
CA PRO G 120 41.55 50.06 -26.55
CA SER G 121 43.02 46.55 -26.31
CA ASP G 122 41.15 43.27 -25.80
CA GLU G 123 42.27 42.68 -22.20
CA GLN G 124 41.70 46.30 -21.17
CA LEU G 125 37.92 46.17 -21.63
CA LYS G 126 37.57 43.30 -19.11
CA SER G 127 37.78 45.61 -16.12
CA GLY G 128 35.23 48.02 -17.58
CA THR G 129 37.16 50.92 -19.13
CA ALA G 130 38.57 52.14 -22.46
CA SER G 131 41.34 54.50 -23.60
CA VAL G 132 41.88 55.72 -27.17
CA VAL G 133 45.32 57.27 -27.76
CA CYS G 134 46.17 59.63 -30.65
CA LEU G 135 49.81 60.32 -31.59
CA LEU G 136 51.38 63.42 -33.18
CA ASN G 137 54.95 62.19 -33.79
CA ASN G 138 57.67 64.75 -34.67
CA PHE G 139 56.66 68.43 -35.00
CA TYR G 140 57.58 72.07 -34.43
CA PRO G 141 56.50 74.31 -32.81
CA ARG G 142 54.76 72.77 -29.80
CA GLU G 143 51.65 74.76 -30.76
CA ALA G 144 49.16 72.08 -31.83
CA LYS G 145 45.51 71.09 -31.38
CA VAL G 146 43.65 67.80 -31.01
CA GLN G 147 39.88 67.43 -31.38
CA TRP G 148 38.25 64.01 -30.83
CA LYS G 149 35.45 62.95 -33.16
CA VAL G 150 32.93 60.52 -31.68
CA ASP G 151 30.08 59.63 -34.06
CA ASN G 152 31.19 62.24 -36.64
CA ALA G 153 30.17 65.72 -35.44
CA LEU G 154 29.76 64.89 -31.74
CA GLN G 155 32.84 66.41 -30.11
CA SER G 156 33.64 65.34 -26.55
CA GLY G 157 35.55 67.13 -23.79
CA ASN G 158 37.16 64.70 -21.37
CA SER G 159 40.72 64.25 -22.67
CA GLN G 160 44.26 64.71 -21.31
CA GLU G 161 47.22 66.21 -23.19
CA SER G 162 50.89 65.57 -22.37
CA VAL G 163 53.97 66.89 -24.18
CA THR G 164 57.51 65.62 -23.63
CA GLU G 165 60.68 67.71 -23.39
CA GLN G 166 62.54 68.65 -26.60
CA ASP G 167 65.11 65.99 -27.60
CA SER G 168 68.83 66.42 -28.28
CA LYS G 169 68.78 65.60 -32.01
CA ASP G 170 66.46 67.32 -34.49
CA SER G 171 64.87 69.72 -31.98
CA THR G 172 61.15 68.85 -32.19
CA TYR G 173 58.06 68.10 -30.07
CA SER G 174 55.50 65.29 -29.92
CA LEU G 175 52.05 64.90 -28.32
CA SER G 176 49.40 62.32 -27.39
CA SER G 177 45.71 62.32 -26.46
CA THR G 178 43.89 59.64 -24.46
CA LEU G 179 40.08 59.54 -24.46
CA THR G 180 38.98 57.76 -21.28
CA LEU G 181 35.45 56.30 -21.48
CA SER G 182 34.09 53.23 -19.71
CA LYS G 183 33.04 50.01 -21.48
CA ALA G 184 29.34 50.95 -21.41
CA ASP G 185 29.88 54.16 -23.38
CA TYR G 186 32.39 52.48 -25.71
CA GLU G 187 30.17 49.58 -26.80
CA LYS G 188 27.69 52.21 -28.01
CA HIS G 189 29.67 54.10 -30.66
CA LYS G 190 31.50 53.22 -33.88
CA VAL G 191 33.44 56.10 -35.48
CA TYR G 192 36.46 57.49 -33.60
CA ALA G 193 38.57 60.13 -35.39
CA CYS G 194 41.16 62.67 -34.16
CA GLU G 195 41.45 65.97 -36.06
CA VAL G 196 44.84 67.75 -35.80
CA THR G 197 45.75 71.37 -36.63
CA HIS G 198 49.35 72.50 -37.13
CA GLN G 199 51.28 75.06 -39.19
CA GLY G 200 53.20 72.32 -40.99
CA LEU G 201 49.99 70.66 -42.14
CA SER G 202 48.32 72.14 -45.23
CA SER G 203 44.96 70.77 -44.05
CA PRO G 204 43.72 68.94 -40.89
CA VAL G 205 44.67 65.25 -40.87
CA THR G 206 41.91 62.85 -39.80
CA LYS G 207 42.67 59.41 -38.35
CA SER G 208 39.59 57.28 -37.74
CA PHE G 209 38.75 53.61 -37.16
CA ASN G 210 35.53 51.61 -37.08
CA ARG G 211 34.32 49.47 -34.16
CA GLY G 212 33.58 45.86 -34.97
CA GLU G 213 36.42 43.56 -35.99
CA CYS G 214 34.13 40.67 -36.82
CA GLU H 1 -17.03 -106.44 75.84
CA LEU H 2 -20.12 -106.13 78.05
CA VAL H 3 -23.19 -105.00 76.08
CA MET H 4 -25.48 -102.29 77.49
CA THR H 5 -28.96 -102.02 75.96
CA GLN H 6 -31.28 -99.10 76.81
CA SER H 7 -34.98 -98.70 75.95
CA PRO H 8 -36.98 -97.13 74.47
CA SER H 9 -35.20 -95.45 71.56
CA SER H 10 -37.30 -92.29 71.88
CA LEU H 11 -39.59 -90.77 74.54
CA SER H 12 -42.58 -88.45 74.19
CA ALA H 13 -44.20 -86.82 77.24
CA SER H 14 -45.70 -83.52 78.40
CA VAL H 15 -44.41 -81.42 81.32
CA GLY H 16 -45.17 -83.21 84.58
CA ASP H 17 -45.24 -86.88 83.54
CA ARG H 18 -42.89 -89.38 85.20
CA VAL H 19 -40.67 -91.07 82.59
CA ASN H 20 -38.84 -94.38 83.08
CA ILE H 21 -35.52 -95.16 81.34
CA ALA H 22 -34.08 -98.69 81.53
CA CYS H 23 -30.45 -99.86 81.23
CA ARG H 24 -29.88 -103.63 81.17
CA ALA H 25 -26.51 -105.43 80.96
CA SER H 26 -25.22 -108.73 79.56
CA GLN H 27 -24.13 -109.92 83.02
CA GLY H 28 -24.20 -108.74 86.64
CA ILE H 29 -22.09 -105.67 87.37
CA SER H 30 -23.34 -105.06 90.94
CA SER H 31 -23.72 -101.35 91.80
CA ALA H 32 -21.43 -100.05 89.03
CA LEU H 33 -23.44 -97.74 86.72
CA ALA H 34 -23.47 -94.02 85.87
CA TRP H 35 -26.13 -91.86 84.18
CA TYR H 36 -25.40 -88.87 81.95
CA GLN H 37 -27.08 -85.83 80.38
CA GLN H 38 -25.94 -84.63 76.96
CA LYS H 39 -27.59 -81.44 75.72
CA PRO H 40 -27.30 -81.47 71.89
CA GLY H 41 -24.04 -79.78 70.96
CA LYS H 42 -22.49 -80.10 74.42
CA ALA H 43 -20.37 -82.40 76.57
CA PRO H 44 -22.07 -85.03 78.81
CA ARG H 45 -22.93 -84.22 82.42
CA LEU H 46 -22.78 -86.66 85.34
CA LEU H 47 -26.15 -87.14 87.06
CA ILE H 48 -25.96 -90.31 89.15
CA TYR H 49 -23.07 -92.49 90.34
CA ASP H 50 -22.84 -95.79 92.26
CA ALA H 51 -26.42 -96.55 91.11
CA SER H 52 -28.46 -94.21 93.34
CA ASN H 53 -26.22 -91.42 94.68
CA LEU H 54 -26.80 -87.95 93.21
CA GLU H 55 -24.09 -85.37 92.41
CA SER H 56 -23.94 -81.97 94.14
CA GLY H 57 -25.97 -79.56 92.04
CA VAL H 58 -28.16 -82.05 90.19
CA PRO H 59 -31.89 -81.41 90.90
CA SER H 60 -33.72 -83.38 93.59
CA ARG H 61 -36.16 -84.76 91.00
CA PHE H 62 -33.56 -87.07 89.40
CA SER H 63 -32.97 -90.54 90.91
CA GLY H 64 -33.02 -94.30 90.29
CA SER H 65 -32.10 -97.78 91.55
CA GLY H 66 -31.39 -101.38 90.52
CA SER H 67 -29.01 -104.17 91.58
CA GLY H 68 -27.15 -106.40 89.13
CA THR H 69 -28.89 -106.59 85.77
CA ASP H 70 -32.00 -104.38 85.65
CA PHE H 71 -31.51 -100.61 86.12
CA THR H 72 -33.81 -97.57 85.86
CA LEU H 73 -33.63 -93.75 85.62
CA THR H 74 -36.61 -91.79 86.95
CA ILE H 75 -37.83 -88.15 86.76
CA SER H 76 -40.81 -87.24 88.98
CA SER H 77 -41.51 -83.87 87.31
CA LEU H 78 -40.51 -83.42 83.67
CA GLN H 79 -39.48 -79.85 82.81
CA PRO H 80 -38.60 -78.25 79.44
CA GLU H 81 -34.95 -77.95 80.47
CA ASP H 82 -34.56 -81.75 80.43
CA PHE H 83 -34.11 -82.04 76.65
CA ALA H 84 -31.05 -84.28 76.34
CA ILE H 85 -29.89 -87.73 75.22
CA TYR H 86 -29.18 -89.80 78.34
CA TYR H 87 -26.57 -92.57 78.59
CA CYS H 88 -25.52 -95.28 81.06
CA GLN H 89 -22.05 -96.83 81.23
CA GLN H 90 -20.54 -99.50 83.48
CA PHE H 91 -17.31 -99.63 85.49
CA ASN H 92 -16.65 -103.17 86.73
CA SER H 93 -14.33 -104.43 83.98
CA TYR H 94 -12.63 -103.35 80.75
CA PRO H 95 -13.30 -101.83 78.37
CA LEU H 96 -15.89 -99.38 79.73
CA THR H 97 -18.99 -99.33 77.52
CA PHE H 98 -21.89 -96.88 77.02
CA GLY H 99 -25.62 -97.25 76.39
CA GLY H 100 -27.47 -96.70 73.12
CA GLY H 101 -28.94 -93.38 74.23
CA THR H 102 -32.54 -92.47 75.04
CA LYS H 103 -33.63 -89.10 73.62
CA VAL H 104 -36.31 -87.17 75.50
CA GLU H 105 -38.67 -85.05 73.39
CA ILE H 106 -40.96 -82.61 75.23
CA LYS H 107 -44.69 -82.23 74.53
CA ARG H 108 -46.82 -79.06 74.42
CA THR H 109 -49.55 -77.28 72.43
CA VAL H 110 -49.48 -76.22 68.77
CA ALA H 111 -47.74 -72.97 67.80
CA ALA H 112 -48.04 -70.89 64.62
CA PRO H 113 -44.64 -69.94 63.10
CA SER H 114 -43.89 -66.43 61.83
CA VAL H 115 -42.51 -66.96 58.32
CA PHE H 116 -39.82 -64.61 56.97
CA ILE H 117 -37.71 -64.46 53.78
CA PHE H 118 -34.22 -63.20 52.84
CA PRO H 119 -33.17 -62.34 49.25
CA PRO H 120 -29.50 -62.61 48.13
CA SER H 121 -27.24 -59.73 49.16
CA ASP H 122 -25.49 -57.26 46.86
CA GLU H 123 -21.95 -58.57 47.46
CA GLN H 124 -23.05 -62.21 47.15
CA LEU H 125 -24.00 -61.93 43.46
CA LYS H 126 -20.48 -60.80 42.47
CA SER H 127 -19.09 -64.32 42.52
CA GLY H 128 -21.98 -65.67 40.47
CA THR H 129 -24.43 -67.31 42.89
CA ALA H 130 -27.62 -66.59 44.87
CA SER H 131 -29.31 -67.96 48.00
CA VAL H 132 -32.85 -67.15 49.13
CA VAL H 133 -33.55 -68.09 52.76
CA CYS H 134 -37.04 -68.61 54.24
CA LEU H 135 -37.57 -68.64 58.01
CA LEU H 136 -40.21 -70.44 60.12
CA ASN H 137 -39.50 -68.98 63.57
CA ASN H 138 -41.08 -70.67 66.66
CA PHE H 139 -43.39 -73.67 66.09
CA TYR H 140 -44.59 -77.07 67.31
CA PRO H 141 -44.56 -79.85 66.26
CA ARG H 142 -41.51 -80.12 63.98
CA GLU H 143 -43.87 -81.38 61.26
CA ALA H 144 -43.85 -78.60 58.66
CA LYS H 145 -43.58 -78.06 54.90
CA VAL H 146 -41.91 -75.47 52.67
CA GLN H 147 -42.69 -75.04 48.96
CA TRP H 148 -40.76 -72.44 46.93
CA LYS H 149 -42.67 -70.39 44.37
CA VAL H 150 -40.61 -69.13 41.43
CA ASP H 151 -42.68 -67.20 38.84
CA ASN H 152 -45.98 -68.07 40.58
CA ALA H 153 -46.90 -71.69 39.77
CA LEU H 154 -43.42 -72.90 38.77
CA GLN H 155 -42.30 -74.97 41.75
CA SER H 156 -38.61 -75.88 41.95
CA GLY H 157 -36.86 -78.80 43.64
CA ASN H 158 -33.31 -77.93 44.65
CA SER H 159 -33.57 -76.80 48.28
CA GLN H 160 -32.05 -77.84 51.63
CA GLU H 161 -33.90 -78.07 54.96
CA SER H 162 -32.25 -77.88 58.40
CA VAL H 163 -33.92 -78.01 61.82
CA THR H 164 -32.21 -77.13 65.10
CA GLU H 165 -32.53 -78.98 68.42
CA GLN H 166 -35.41 -78.09 70.78
CA ASP H 167 -34.45 -75.24 73.16
CA SER H 168 -34.62 -75.18 76.97
CA LYS H 169 -37.36 -72.55 77.33
CA ASP H 170 -40.72 -72.78 75.55
CA SER H 171 -40.10 -76.17 73.90
CA THR H 172 -40.45 -75.40 70.18
CA TYR H 173 -38.82 -75.92 66.77
CA SER H 174 -37.70 -73.64 63.93
CA LEU H 175 -36.74 -74.20 60.28
CA SER H 176 -35.10 -72.54 57.27
CA SER H 177 -34.94 -73.10 53.51
CA THR H 178 -32.21 -71.88 51.15
CA LEU H 179 -32.81 -71.87 47.39
CA THR H 180 -29.40 -72.02 45.68
CA LEU H 181 -29.44 -70.73 42.09
CA SER H 182 -26.60 -69.05 40.18
CA LYS H 183 -26.65 -65.40 39.05
CA ALA H 184 -27.70 -66.33 35.49
CA ASP H 185 -30.90 -68.05 36.63
CA TYR H 186 -31.58 -65.36 39.24
CA GLU H 187 -31.43 -62.36 36.88
CA LYS H 188 -34.21 -64.04 34.87
CA HIS H 189 -37.11 -64.29 37.34
CA LYS H 190 -39.08 -61.88 39.54
CA VAL H 191 -41.59 -63.43 41.97
CA TYR H 192 -40.13 -65.45 44.87
CA ALA H 193 -42.60 -66.75 47.45
CA CYS H 194 -42.40 -69.50 50.10
CA GLU H 195 -45.63 -71.34 51.00
CA VAL H 196 -45.74 -72.93 54.49
CA THR H 197 -48.12 -75.57 55.87
CA HIS H 198 -48.50 -76.21 59.61
CA GLN H 199 -51.21 -77.29 62.07
CA GLY H 200 -51.01 -73.97 63.91
CA LEU H 201 -51.68 -72.03 60.71
CA SER H 202 -55.33 -71.73 59.65
CA SER H 203 -54.22 -71.24 56.03
CA PRO H 204 -50.84 -71.34 54.20
CA VAL H 205 -48.79 -68.18 54.76
CA THR H 206 -47.15 -66.74 51.63
CA LYS H 207 -44.04 -64.54 51.89
CA SER H 208 -42.99 -63.13 48.51
CA PHE H 209 -40.71 -60.36 47.23
CA ASN H 210 -40.23 -58.76 43.80
CA ARG H 211 -36.80 -58.89 42.13
CA GLY H 212 -35.65 -55.63 40.51
CA GLU H 213 -35.28 -52.31 42.38
CA CYS H 214 -33.97 -49.00 40.98
CA GLU I 1 -40.49 38.25 97.95
CA LEU I 2 -40.14 36.15 101.10
CA VAL I 3 -36.85 34.21 101.19
CA MET I 4 -36.82 30.54 102.21
CA THR I 5 -33.45 29.07 103.24
CA GLN I 6 -33.02 25.33 103.83
CA SER I 7 -30.02 23.50 105.36
CA PRO I 8 -27.86 21.57 104.90
CA SER I 9 -27.12 21.52 101.16
CA SER I 10 -26.47 17.77 101.18
CA LEU I 11 -27.17 14.87 103.55
CA SER I 12 -25.32 11.58 104.07
CA ALA I 13 -26.78 8.81 106.25
CA SER I 14 -27.16 5.02 106.35
CA VAL I 15 -30.48 3.13 106.43
CA GLY I 16 -32.12 3.68 109.81
CA ASP I 17 -30.74 7.05 110.92
CA ARG I 18 -33.13 9.91 111.71
CA VAL I 19 -32.38 12.93 109.49
CA ASN I 20 -33.44 16.52 110.22
CA ILE I 21 -34.20 19.04 107.46
CA ALA I 22 -34.74 22.72 108.35
CA CYS I 23 -36.72 25.42 106.50
CA ARG I 24 -36.47 28.96 107.88
CA ALA I 25 -38.22 32.07 106.54
CA SER I 26 -37.53 35.81 106.40
CA GLN I 27 -40.62 36.60 108.49
CA GLY I 28 -43.43 34.78 110.29
CA ILE I 29 -45.84 32.87 108.03
CA SER I 30 -47.76 31.03 110.78
CA SER I 31 -48.71 27.45 109.82
CA ALA I 32 -48.36 27.94 106.04
CA LEU I 33 -45.69 25.53 104.72
CA ALA I 34 -45.62 22.46 102.45
CA TRP I 35 -42.96 19.76 101.98
CA TYR I 36 -42.23 17.96 98.70
CA GLN I 37 -40.45 14.90 97.31
CA GLN I 38 -38.84 15.09 93.87
CA LYS I 39 -37.33 11.84 92.59
CA PRO I 40 -34.68 12.81 89.99
CA GLY I 41 -36.39 13.00 86.61
CA LYS I 42 -39.92 13.22 88.02
CA ALA I 43 -42.55 15.72 89.18
CA PRO I 44 -42.68 16.77 92.87
CA ARG I 45 -44.92 14.90 95.32
CA LEU I 46 -46.79 16.48 98.23
CA LEU I 47 -45.80 15.03 101.61
CA ILE I 48 -46.98 17.42 104.32
CA TYR I 49 -49.41 20.35 104.32
CA ASP I 50 -50.48 22.92 106.97
CA ALA I 51 -47.18 22.23 108.78
CA SER I 52 -47.85 18.81 110.35
CA ASN I 53 -50.74 17.10 108.52
CA LEU I 54 -49.81 14.14 106.30
CA GLU I 55 -51.38 13.26 102.94
CA SER I 56 -53.28 10.01 102.35
CA GLY I 57 -50.77 7.46 101.12
CA VAL I 58 -47.58 9.04 102.46
CA PRO I 59 -45.77 6.67 104.88
CA SER I 60 -46.26 7.00 108.64
CA ARG I 61 -42.53 7.67 109.12
CA PHE I 62 -42.70 11.16 107.61
CA SER I 63 -43.66 14.12 109.83
CA GLY I 64 -42.60 17.51 111.24
CA SER I 65 -43.60 20.68 113.11
CA GLY I 66 -42.74 24.34 113.70
CA SER I 67 -44.65 27.59 114.23
CA GLY I 68 -43.72 30.89 112.58
CA THR I 69 -40.06 31.00 111.59
CA ASP I 70 -38.28 27.71 112.38
CA PHE I 71 -39.52 24.56 110.62
CA THR I 72 -38.30 20.94 110.43
CA LEU I 73 -38.82 17.75 108.38
CA THR I 74 -38.15 14.43 110.12
CA ILE I 75 -37.78 10.77 109.04
CA SER I 76 -37.62 8.18 111.85
CA SER I 77 -36.44 5.29 109.64
CA LEU I 78 -34.46 6.12 106.49
CA GLN I 79 -35.05 3.66 103.64
CA PRO I 80 -33.37 3.37 100.20
CA GLU I 81 -36.58 4.51 98.49
CA ASP I 82 -36.22 8.01 100.00
CA PHE I 83 -33.66 9.26 97.45
CA ALA I 84 -35.09 12.64 96.44
CA ILE I 85 -34.49 16.39 96.63
CA TYR I 86 -36.95 17.84 99.16
CA TYR I 87 -38.41 21.37 99.02
CA CYS I 88 -40.52 23.66 101.22
CA GLN I 89 -42.67 26.53 99.94
CA GLN I 90 -44.92 29.04 101.70
CA PHE I 91 -48.49 30.17 101.06
CA ASN I 92 -49.30 33.27 103.13
CA SER I 93 -48.59 35.99 100.55
CA TYR I 94 -47.48 36.49 96.93
CA PRO I 95 -45.50 35.38 95.12
CA LEU I 96 -45.20 31.81 96.41
CA THR I 97 -41.54 30.85 96.88
CA PHE I 98 -39.65 27.54 97.18
CA GLY I 99 -36.69 26.32 99.23
CA GLY I 100 -33.15 25.72 98.03
CA GLY I 101 -33.51 21.95 98.07
CA THR I 102 -31.90 19.37 100.36
CA LYS I 103 -30.65 16.26 98.54
CA VAL I 104 -30.59 12.98 100.48
CA GLU I 105 -27.82 10.54 99.57
CA ILE I 106 -28.05 7.01 101.00
CA LYS I 107 -25.14 5.17 102.65
CA ARG I 108 -24.16 1.49 102.40
CA THR I 109 -21.18 -0.86 101.96
CA VAL I 110 -18.68 -0.97 99.09
CA ALA I 111 -19.59 -2.81 95.88
CA ALA I 112 -17.36 -4.08 93.07
CA PRO I 113 -18.61 -3.07 89.57
CA SER I 114 -18.68 -5.52 86.66
CA VAL I 115 -16.91 -3.71 83.81
CA PHE I 116 -18.03 -4.20 80.19
CA ILE I 117 -17.08 -2.59 76.86
CA PHE I 118 -18.83 -1.99 73.52
CA PRO I 119 -16.92 -1.46 70.26
CA PRO I 120 -18.53 0.52 67.36
CA SER I 121 -21.21 -1.23 65.29
CA ASP I 122 -21.10 -2.14 61.60
CA GLU I 123 -23.61 0.47 60.41
CA GLN I 124 -22.10 3.23 62.58
CA LEU I 125 -18.79 3.35 60.69
CA LYS I 126 -20.54 4.13 57.36
CA SER I 127 -20.95 7.81 58.20
CA GLY I 128 -17.33 8.14 59.30
CA THR I 129 -17.26 7.97 63.10
CA ALA I 130 -16.74 5.51 65.98
CA SER I 131 -17.75 5.28 69.65
CA VAL I 132 -16.40 2.74 72.15
CA VAL I 133 -18.48 2.49 75.34
CA CYS I 134 -17.22 1.05 78.66
CA LEU I 135 -19.67 0.03 81.41
CA LEU I 136 -19.22 -0.03 85.20
CA ASN I 137 -22.48 -1.71 86.30
CA ASN I 138 -23.46 -1.59 90.01
CA PHE I 139 -21.07 0.10 92.46
CA TYR I 140 -20.66 2.26 95.58
CA PRO I 141 -19.48 4.92 96.18
CA ARG I 142 -19.74 6.99 93.00
CA GLU I 143 -15.98 7.61 93.30
CA ALA I 144 -14.50 5.76 90.32
CA LYS I 145 -11.98 6.21 87.51
CA VAL I 146 -11.81 5.18 83.85
CA GLN I 147 -8.64 5.25 81.76
CA TRP I 148 -8.78 4.28 78.07
CA LYS I 149 -5.96 2.18 76.63
CA VAL I 150 -5.32 2.63 72.92
CA ASP I 151 -2.36 0.59 71.62
CA ASN I 152 -1.34 -0.50 75.15
CA ALA I 153 0.42 2.40 76.90
CA LEU I 154 -0.94 5.22 74.71
CA GLN I 155 -3.56 6.90 76.91
CA SER I 156 -5.98 9.29 75.19
CA GLY I 157 -7.92 12.24 76.58
CA ASN I 158 -11.12 12.87 74.64
CA SER I 159 -13.82 11.00 76.58
CA GLN I 160 -17.13 11.85 78.27
CA GLU I 161 -18.36 10.52 81.63
CA SER I 162 -22.01 10.36 82.73
CA VAL I 163 -23.43 9.00 85.99
CA THR I 164 -27.11 8.30 86.63
CA GLU I 165 -29.07 9.06 89.80
CA GLN I 166 -29.08 6.50 92.65
CA ASP I 167 -31.90 3.94 92.24
CA SER I 168 -34.63 3.00 94.74
CA LYS I 169 -33.51 -0.59 95.42
CA ASP I 170 -29.95 -1.50 96.45
CA SER I 171 -28.62 2.08 96.61
CA THR I 172 -25.74 2.04 94.09
CA TYR I 173 -24.20 3.94 91.16
CA SER I 174 -23.20 3.06 87.60
CA LEU I 175 -21.03 4.76 84.95
CA SER I 176 -20.13 4.69 81.25
CA SER I 177 -17.35 6.04 79.02
CA THR I 178 -17.60 6.71 75.27
CA LEU I 179 -14.42 7.22 73.24
CA THR I 180 -15.36 9.23 70.13
CA LEU I 181 -12.86 8.88 67.27
CA SER I 182 -13.56 9.07 63.53
CA LYS I 183 -13.26 6.13 61.12
CA ALA I 184 -9.80 7.21 59.93
CA ASP I 185 -8.28 7.03 63.41
CA TYR I 186 -10.17 3.82 64.24
CA GLU I 187 -9.01 1.79 61.22
CA LYS I 188 -5.45 2.44 62.44
CA HIS I 189 -5.41 0.81 65.89
CA LYS I 190 -6.09 -2.66 67.29
CA VAL I 191 -6.04 -2.90 71.10
CA TYR I 192 -8.74 -1.06 73.07
CA ALA I 193 -8.85 -1.59 76.85
CA CYS I 194 -10.51 0.31 79.71
CA GLU I 195 -8.78 0.28 83.13
CA VAL I 196 -11.04 0.87 86.15
CA THR I 197 -10.12 1.82 89.74
CA HIS I 198 -12.54 1.42 92.65
CA GLN I 199 -12.42 0.62 96.38
CA GLY I 200 -14.41 -2.57 95.88
CA LEU I 201 -11.92 -3.89 93.34
CA SER I 202 -8.78 -5.55 94.75
CA SER I 203 -6.91 -4.71 91.54
CA PRO I 204 -7.75 -2.73 88.33
CA VAL I 205 -9.97 -4.67 85.95
CA THR I 206 -8.98 -4.53 82.27
CA LYS I 207 -11.48 -5.11 79.46
CA SER I 208 -9.92 -5.18 76.00
CA PHE I 209 -10.85 -6.36 72.50
CA ASN I 210 -8.93 -6.81 69.26
CA ARG I 211 -9.82 -5.18 65.93
CA GLY I 212 -10.27 -7.55 63.02
CA GLU I 213 -13.18 -9.99 63.06
CA CYS I 214 -12.05 -11.78 59.94
CA LYS J 1 7.07 34.09 -27.64
CA SER J 2 6.62 31.70 -30.48
CA PRO J 3 9.37 31.76 -32.97
CA ILE J 4 7.19 30.90 -35.91
CA PHE J 5 5.30 33.32 -38.12
CA GLY J 6 2.94 33.14 -41.08
CA PRO J 7 -0.30 34.46 -42.43
CA GLU J 8 -2.61 35.52 -39.66
CA GLU J 9 -5.57 35.09 -41.91
CA VAL J 10 -6.08 33.55 -45.30
CA ASN J 11 -9.13 34.00 -47.50
CA SER J 12 -10.03 31.91 -50.50
CA VAL J 13 -12.91 30.48 -52.52
CA GLU J 14 -14.50 27.03 -52.59
CA GLY J 15 -12.86 25.92 -55.78
CA ASN J 16 -9.38 27.14 -55.22
CA SER J 17 -6.16 26.24 -53.56
CA VAL J 18 -4.23 28.15 -50.98
CA SER J 19 -0.57 28.16 -50.19
CA ILE J 20 0.36 28.90 -46.65
CA THR J 21 3.94 29.74 -45.84
CA CYS J 22 5.26 29.67 -42.29
CA TYR J 23 8.63 30.89 -41.16
CA TYR J 24 10.87 29.40 -38.50
CA PRO J 25 14.37 30.31 -37.46
CA PRO J 26 17.03 28.91 -39.66
CA THR J 27 18.46 26.33 -37.32
CA SER J 28 19.77 22.89 -37.87
CA VAL J 29 17.35 21.83 -35.18
CA ASN J 30 14.44 23.35 -37.01
CA ARG J 31 15.70 22.19 -40.34
CA HIS J 32 15.34 18.62 -39.09
CA THR J 33 12.27 18.91 -36.85
CA ARG J 34 8.84 17.69 -37.79
CA LYS J 35 6.75 20.39 -39.44
CA TYR J 36 3.01 20.22 -39.01
CA TRP J 37 -0.31 21.73 -40.04
CA CYS J 38 -3.23 21.04 -37.73
CA ARG J 39 -6.75 22.27 -37.19
CA GLN J 40 -8.04 23.59 -33.91
CA GLY J 41 -11.14 21.83 -32.76
CA ALA J 42 -13.91 23.58 -30.92
CA ARG J 43 -12.86 21.40 -28.01
CA GLY J 44 -9.45 22.99 -27.91
CA GLY J 45 -7.08 20.47 -29.47
CA CYS J 46 -5.30 20.60 -32.79
CA ILE J 47 -5.47 17.59 -35.02
CA THR J 48 -2.63 17.08 -37.45
CA LEU J 49 -3.82 17.28 -41.04
CA ILE J 50 -0.40 16.96 -42.66
CA SER J 51 3.16 16.58 -41.40
CA SER J 52 6.67 16.47 -42.86
CA GLU J 53 6.73 13.09 -41.19
CA GLY J 54 4.70 11.74 -44.07
CA TYR J 55 1.39 11.51 -42.24
CA VAL J 56 -1.47 12.84 -44.31
CA SER J 57 -5.06 13.25 -43.24
CA SER J 58 -7.55 11.21 -45.17
CA LYS J 59 -9.37 14.39 -46.10
CA TYR J 60 -6.08 15.88 -47.31
CA ALA J 61 -4.96 12.93 -49.40
CA GLY J 62 -4.13 13.88 -52.97
CA ARG J 63 -5.24 17.47 -52.50
CA ALA J 64 -2.40 18.81 -50.37
CA ASN J 65 1.32 18.53 -49.76
CA LEU J 66 3.80 19.97 -47.30
CA THR J 67 7.25 21.04 -48.41
CA ASN J 68 10.27 22.08 -46.37
CA PHE J 69 12.60 24.79 -47.62
CA PRO J 70 15.54 24.87 -45.30
CA GLU J 71 17.21 27.66 -47.20
CA ASN J 72 14.26 29.97 -46.63
CA GLY J 73 13.63 28.71 -43.14
CA THR J 74 10.09 28.06 -44.18
CA PHE J 75 7.73 25.33 -45.26
CA VAL J 76 4.65 25.54 -47.43
CA VAL J 77 1.32 23.82 -47.14
CA ASN J 78 -0.61 23.61 -50.35
CA ILE J 79 -4.29 22.91 -50.12
CA ALA J 80 -6.40 22.30 -53.18
CA GLN J 81 -10.08 21.66 -53.68
CA LEU J 82 -10.90 23.93 -50.77
CA SER J 83 -14.43 23.52 -49.50
CA GLN J 84 -16.58 25.56 -47.14
CA ASP J 85 -15.80 23.04 -44.44
CA ASP J 86 -12.16 24.06 -44.71
CA SER J 87 -12.97 27.36 -43.07
CA GLY J 88 -11.63 27.32 -39.55
CA ARG J 89 -8.59 27.86 -37.38
CA TYR J 90 -5.35 26.03 -37.95
CA LYS J 91 -1.78 26.12 -36.74
CA CYS J 92 1.56 25.54 -38.38
CA GLY J 93 4.42 24.61 -36.13
CA LEU J 94 7.50 22.57 -35.46
CA GLY J 95 8.27 19.66 -33.19
CA ILE J 96 5.68 18.06 -30.99
CA ASN J 97 2.27 19.67 -31.13
CA SER J 98 2.71 20.02 -27.37
CA ARG J 99 5.58 22.61 -27.35
CA GLY J 100 3.62 25.62 -28.52
CA LEU J 101 6.11 26.53 -31.17
CA SER J 102 3.50 27.32 -33.76
CA PHE J 103 1.53 30.01 -35.51
CA ASP J 104 -2.23 30.45 -35.61
CA VAL J 105 -3.76 30.78 -39.02
CA SER J 106 -7.36 31.47 -39.73
CA LEU J 107 -8.71 30.29 -43.03
CA GLU J 108 -12.01 31.42 -44.41
CA VAL J 109 -13.24 29.68 -47.51
CA SER J 110 -16.23 30.75 -49.76
CA GLN J 111 -19.88 30.31 -50.28
CA GLY J 112 -21.00 33.36 -48.08
CA PRO J 113 -17.51 33.87 -46.21
CA GLY J 114 -17.63 35.82 -42.87
CA LEU J 115 -15.52 33.33 -40.77
CA LEU J 116 -13.23 30.12 -41.38
CA ASN J 117 -13.78 27.72 -38.54
CA ASP J 118 -17.02 26.39 -37.14
CA THR J 119 -18.39 23.14 -35.82
CA LYS J 120 -18.47 20.69 -38.66
CA VAL J 121 -21.45 18.97 -37.21
CA TYR J 122 -23.82 19.90 -34.47
CA THR J 123 -26.27 17.49 -32.93
CA VAL J 124 -29.25 18.38 -30.80
CA ASP J 125 -32.50 16.92 -29.50
CA LEU J 126 -35.70 18.33 -30.87
CA GLY J 127 -36.92 20.61 -28.10
CA ARG J 128 -33.49 22.03 -27.27
CA THR J 129 -31.89 25.26 -28.38
CA VAL J 130 -28.56 25.31 -30.12
CA THR J 131 -25.83 27.84 -30.58
CA ILE J 132 -23.41 27.90 -33.46
CA ASN J 133 -20.25 29.94 -33.29
CA CYS J 134 -18.09 30.81 -36.26
CA PRO J 135 -14.85 32.67 -36.01
CA PHE J 136 -13.64 35.21 -38.58
CA LYS J 137 -10.94 37.84 -39.32
CA THR J 138 -10.62 41.65 -39.23
CA GLU J 139 -11.77 42.57 -42.72
CA ASN J 140 -14.36 40.04 -41.92
CA ALA J 141 -15.28 41.98 -38.82
CA GLN J 142 -16.89 44.67 -40.92
CA LYS J 143 -18.53 42.46 -43.52
CA ARG J 144 -22.02 40.98 -43.44
CA LYS J 145 -22.41 37.73 -41.54
CA SER J 146 -24.95 35.17 -42.59
CA LEU J 147 -26.37 31.74 -41.83
CA TYR J 148 -27.99 29.92 -44.71
CA LYS J 149 -29.39 26.53 -45.61
CA GLN J 150 -27.82 24.63 -48.45
CA ILE J 151 -29.81 22.99 -51.25
CA GLY J 152 -31.28 24.46 -54.34
CA LEU J 153 -29.65 26.98 -56.58
CA TYR J 154 -28.81 29.27 -53.75
CA PRO J 155 -28.25 28.65 -50.13
CA VAL J 156 -31.17 30.38 -48.48
CA LEU J 157 -30.24 33.00 -45.95
CA VAL J 158 -32.10 32.28 -42.73
CA ILE J 159 -30.61 35.18 -40.77
CA ASP J 160 -28.13 37.92 -41.56
CA SER J 161 -26.19 40.60 -39.67
CA SER J 162 -27.78 43.00 -42.15
CA GLY J 163 -31.01 43.06 -40.21
CA TYR J 164 -32.67 40.36 -42.28
CA VAL J 165 -34.52 37.59 -40.52
CA ASN J 166 -36.40 34.81 -42.29
CA PRO J 167 -39.96 34.28 -41.28
CA ASN J 168 -39.24 30.73 -40.26
CA TYR J 169 -36.51 32.01 -37.97
CA THR J 170 -38.17 35.22 -36.83
CA GLY J 171 -38.33 35.08 -33.06
CA ARG J 172 -36.85 31.58 -33.11
CA ILE J 173 -33.27 32.59 -33.68
CA ARG J 174 -30.73 35.35 -33.24
CA LEU J 175 -27.39 36.14 -34.83
CA ASP J 176 -24.91 38.17 -32.84
CA ILE J 177 -21.70 39.67 -34.08
CA GLN J 178 -18.62 39.89 -31.94
CA GLY J 179 -16.04 42.43 -32.93
CA THR J 180 -12.82 41.63 -34.66
CA GLY J 181 -11.11 40.87 -31.41
CA GLN J 182 -13.69 38.28 -30.56
CA LEU J 183 -13.83 37.45 -34.27
CA LEU J 184 -16.95 35.47 -33.67
CA PHE J 185 -20.60 35.62 -34.44
CA SER J 186 -23.16 33.39 -32.85
CA VAL J 187 -26.35 31.98 -34.22
CA VAL J 188 -28.78 30.92 -31.56
CA ILE J 189 -31.61 28.69 -32.66
CA ASN J 190 -34.37 27.56 -30.38
CA GLN J 191 -37.25 25.12 -30.53
CA LEU J 192 -35.41 22.87 -32.93
CA ARG J 193 -37.74 20.77 -35.03
CA LEU J 194 -37.26 17.82 -37.32
CA SER J 195 -37.26 20.20 -40.25
CA ASP J 196 -34.11 21.80 -38.84
CA ALA J 197 -31.83 18.88 -39.63
CA GLY J 198 -29.85 19.66 -42.74
CA GLN J 199 -26.75 21.37 -44.04
CA TYR J 200 -26.11 25.04 -43.46
CA LEU J 201 -23.23 27.42 -43.82
CA CYS J 202 -22.05 30.41 -41.86
CA GLN J 203 -20.12 32.97 -43.76
CA ALA J 204 -19.19 36.55 -44.44
CA GLY J 205 -20.06 38.76 -47.36
CA ASP J 206 -22.36 37.47 -50.05
CA ASP J 207 -23.48 33.87 -50.08
CA SER J 208 -22.13 33.23 -53.56
CA ASN J 209 -18.66 33.86 -52.34
CA SER J 210 -17.06 30.81 -50.85
CA ASN J 211 -16.10 32.56 -47.67
CA LYS J 212 -17.99 30.31 -45.31
CA LYS J 213 -17.92 27.01 -43.54
CA ASN J 214 -20.34 24.18 -43.91
CA ALA J 215 -22.12 22.98 -40.82
CA ASP J 216 -24.28 19.91 -40.59
CA LEU J 217 -27.09 20.13 -38.11
CA GLN J 218 -28.59 16.92 -36.92
CA VAL J 219 -31.80 17.15 -34.98
CA LEU J 220 -34.03 15.57 -32.45
CA LYS J 221 -37.84 14.70 -32.73
CA PRO J 222 -38.83 15.30 -29.15
CA GLU J 223 -42.24 14.19 -27.95
CA PRO J 224 -43.97 12.88 -24.94
CA GLU J 225 -42.57 9.45 -24.31
CA LEU J 226 -45.72 8.36 -22.59
CA VAL J 227 -49.13 9.92 -22.42
CA TYR J 228 -51.79 8.64 -20.07
CA GLU J 229 -55.35 9.83 -19.88
CA ASP J 230 -58.77 8.72 -18.79
CA LEU J 231 -61.57 7.55 -21.01
CA ARG J 232 -63.76 10.21 -22.55
CA GLY J 233 -61.01 12.71 -21.99
CA SER J 234 -59.35 14.81 -24.62
CA VAL J 235 -55.64 14.64 -25.10
CA THR J 236 -53.07 16.59 -27.01
CA PHE J 237 -49.66 15.48 -28.12
CA HIS J 238 -46.93 17.96 -28.85
CA CYS J 239 -44.03 17.00 -31.09
CA ALA J 240 -41.00 19.15 -31.89
CA LEU J 241 -38.76 19.34 -34.98
CA GLY J 242 -36.08 21.28 -37.02
CA PRO J 243 -35.83 23.34 -40.17
CA GLU J 244 -36.29 20.94 -43.07
CA VAL J 245 -39.08 19.82 -40.91
CA ALA J 246 -40.95 23.11 -40.92
CA ASN J 247 -42.20 22.63 -44.47
CA VAL J 248 -42.25 18.84 -44.44
CA ALA J 249 -45.49 16.93 -43.99
CA LYS J 250 -46.36 16.09 -40.41
CA PHE J 251 -48.12 12.92 -39.53
CA LEU J 252 -49.47 10.95 -36.64
CA CYS J 253 -49.73 7.24 -37.11
CA ARG J 254 -50.62 4.17 -35.12
CA GLN J 255 -48.07 1.42 -35.01
CA SER J 256 -49.30 -1.87 -36.27
CA SER J 257 -47.90 -5.33 -36.67
CA GLY J 258 -45.26 -5.47 -39.34
CA GLU J 259 -43.31 -2.46 -40.35
CA ASN J 260 -46.26 -0.28 -41.21
CA CYS J 261 -47.81 2.58 -39.35
CA ASP J 262 -51.14 3.79 -40.57
CA VAL J 263 -51.49 7.51 -40.72
CA VAL J 264 -54.36 8.65 -38.59
CA VAL J 265 -54.02 12.25 -39.69
CA ASN J 266 -51.57 14.40 -41.62
CA THR J 267 -50.70 18.03 -42.25
CA LEU J 268 -51.34 17.07 -45.88
CA GLY J 269 -55.05 17.31 -45.42
CA LYS J 270 -55.82 13.66 -45.05
CA ARG J 271 -57.96 12.73 -42.10
CA ALA J 272 -58.83 9.12 -41.34
CA PRO J 273 -62.43 8.39 -40.82
CA ALA J 274 -61.85 7.00 -37.35
CA PHE J 275 -60.27 10.34 -36.53
CA GLU J 276 -62.52 12.55 -38.63
CA GLY J 277 -64.14 15.17 -36.46
CA ARG J 278 -62.56 13.51 -33.44
CA ILE J 279 -59.05 14.85 -33.92
CA LEU J 280 -57.08 17.79 -35.23
CA LEU J 281 -53.43 18.20 -36.13
CA ASN J 282 -52.03 21.68 -36.35
CA PRO J 283 -48.55 22.77 -37.10
CA GLN J 284 -46.76 25.78 -35.76
CA ASP J 285 -43.59 26.45 -37.69
CA LYS J 286 -42.33 29.19 -35.45
CA ASP J 287 -42.42 27.15 -32.29
CA GLY J 288 -41.27 24.11 -34.19
CA SER J 289 -44.10 21.99 -32.98
CA PHE J 290 -47.29 20.47 -34.18
CA SER J 291 -50.05 19.32 -31.95
CA VAL J 292 -52.41 16.43 -32.35
CA VAL J 293 -55.61 16.86 -30.42
CA ILE J 294 -57.71 13.79 -29.88
CA THR J 295 -61.05 13.73 -28.14
CA GLY J 296 -63.43 11.03 -27.00
CA LEU J 297 -60.53 8.88 -25.88
CA ARG J 298 -61.53 5.26 -25.76
CA LYS J 299 -59.86 2.04 -24.71
CA GLU J 300 -59.19 1.53 -28.38
CA ASP J 301 -56.86 4.51 -28.22
CA ALA J 302 -54.27 2.91 -25.96
CA GLY J 303 -51.32 1.78 -28.01
CA ARG J 304 -48.11 2.92 -29.67
CA TYR J 305 -48.08 5.80 -32.09
CA LEU J 306 -45.50 7.83 -33.96
CA CYS J 307 -45.44 11.44 -34.90
CA GLY J 308 -42.95 12.42 -37.51
CA ALA J 309 -42.15 14.33 -40.62
CA HIS J 310 -42.02 13.28 -44.24
CA SER J 311 -43.05 9.78 -45.10
CA ASP J 312 -43.60 7.21 -42.38
CA GLY J 313 -41.06 4.44 -42.68
CA GLN J 314 -38.50 7.18 -43.07
CA LEU J 315 -38.32 6.66 -39.36
CA GLN J 316 -37.81 10.34 -38.90
CA GLU J 317 -40.26 10.18 -36.05
CA GLY J 318 -40.68 9.73 -32.34
CA SER J 319 -42.61 6.98 -30.67
CA PRO J 320 -45.30 7.96 -28.30
CA ILE J 321 -46.98 5.49 -26.00
CA GLN J 322 -50.56 6.24 -25.16
CA ALA J 323 -52.41 4.58 -22.36
CA TRP J 324 -55.98 5.15 -21.37
CA GLN J 325 -56.28 1.38 -21.44
CA LEU J 326 -53.21 -0.38 -23.00
CA PHE J 327 -50.99 -2.34 -20.43
CA VAL J 328 -53.12 -5.81 -19.67
CA ASN J 329 -51.93 -8.31 -17.88
CA GLU J 330 -49.06 -6.32 -16.10
CA GLU J 331 -50.96 -3.98 -14.66
CA SER J 332 -54.20 -6.03 -13.57
CA THR J 333 -55.56 -5.90 -10.09
CA ILE J 334 -58.95 -7.29 -8.43
CA PRO J 335 -59.36 -6.08 -4.78
CA ARG J 336 -60.39 -8.22 -1.88
CA SER J 337 -59.87 -7.78 1.81
CA PRO J 338 -61.61 -8.20 5.05
CA THR J 339 -64.76 -6.13 5.12
CA VAL J 340 -64.58 -5.79 8.86
CA VAL J 341 -61.82 -6.45 11.29
CA LYS J 342 -62.26 -6.45 15.02
CA GLY J 343 -59.56 -6.33 17.61
CA VAL J 344 -59.21 -5.27 21.14
CA ALA J 345 -57.09 -2.69 22.92
CA GLY J 346 -53.32 -3.16 22.86
CA SER J 347 -53.40 -6.17 20.52
CA SER J 348 -51.84 -6.10 17.06
CA VAL J 349 -53.70 -6.69 13.85
CA ALA J 350 -52.82 -7.56 10.31
CA VAL J 351 -54.87 -6.85 7.23
CA LEU J 352 -54.30 -8.62 3.95
CA CYS J 353 -55.56 -7.38 0.59
CA PRO J 354 -55.30 -9.18 -2.75
CA TYR J 355 -54.60 -7.66 -6.24
CA ASN J 356 -53.81 -8.26 -10.04
CA ARG J 357 -50.84 -8.08 -12.48
CA LYS J 358 -50.52 -4.41 -13.31
CA GLU J 359 -51.16 -4.07 -9.67
CA SER J 360 -48.07 -6.03 -8.73
CA LYS J 361 -45.93 -3.06 -9.75
CA SER J 362 -48.18 -0.23 -8.62
CA ILE J 363 -48.01 1.55 -5.28
CA LYS J 364 -49.92 0.00 -2.42
CA TYR J 365 -51.45 2.10 0.25
CA TRP J 366 -53.50 2.10 3.45
CA CYS J 367 -55.71 5.09 4.20
CA LEU J 368 -58.27 6.28 6.70
CA TRP J 369 -61.51 7.60 5.29
CA GLU J 370 -62.33 11.22 6.01
CA GLY J 371 -65.85 12.51 6.33
CA ALA J 372 -66.83 15.44 4.20
CA GLN J 373 -68.64 16.17 1.01
CA ASN J 374 -65.23 15.97 -0.50
CA GLY J 375 -62.90 14.09 1.73
CA ARG J 376 -59.71 12.27 1.07
CA CYS J 377 -58.46 9.20 2.79
CA PRO J 378 -55.28 10.21 4.39
CA LEU J 379 -52.33 8.11 3.32
CA LEU J 380 -51.45 6.28 6.50
CA VAL J 381 -48.69 4.07 5.04
CA ASP J 382 -47.53 3.35 1.50
CA SER J 383 -45.35 0.89 -0.41
CA GLU J 384 -43.42 3.92 -1.56
CA GLY J 385 -41.60 4.30 1.69
CA TRP J 386 -43.93 6.82 3.22
CA VAL J 387 -45.21 6.29 6.72
CA LYS J 388 -47.42 8.67 8.65
CA ALA J 389 -46.26 10.04 11.96
CA GLN J 390 -48.99 8.32 13.87
CA TYR J 391 -48.09 5.01 12.30
CA GLU J 392 -44.30 5.39 12.20
CA GLY J 393 -42.82 2.47 14.08
CA ARG J 394 -46.29 1.24 15.01
CA LEU J 395 -47.21 -0.26 11.66
CA SER J 396 -45.76 -1.91 8.58
CA LEU J 397 -46.87 -2.54 5.02
CA LEU J 398 -45.40 -5.45 3.12
CA GLU J 399 -46.09 -6.47 -0.44
CA GLU J 400 -45.59 -9.93 -1.83
CA PRO J 401 -46.27 -9.90 -5.50
CA GLY J 402 -46.21 -13.61 -6.12
CA ASN J 403 -49.05 -14.10 -3.71
CA GLY J 404 -50.77 -11.02 -4.95
CA THR J 405 -51.14 -9.66 -1.49
CA PHE J 406 -49.79 -6.96 0.74
CA THR J 407 -50.18 -6.91 4.45
CA VAL J 408 -50.55 -4.02 6.81
CA ILE J 409 -49.56 -4.82 10.33
CA LEU J 410 -50.55 -2.44 13.05
CA ASN J 411 -49.58 -2.69 16.69
CA GLN J 412 -50.68 -0.92 19.83
CA LEU J 413 -54.23 -0.57 18.64
CA THR J 414 -55.91 2.24 20.51
CA SER J 415 -59.36 3.74 20.69
CA ARG J 416 -58.31 6.15 17.97
CA ASP J 417 -57.83 3.27 15.55
CA ALA J 418 -61.48 2.32 15.19
CA GLY J 419 -62.75 3.70 11.93
CA PHE J 420 -62.95 3.19 8.19
CA TYR J 421 -59.88 2.49 6.13
CA TRP J 422 -59.05 1.57 2.57
CA CYS J 423 -56.33 -0.58 1.06
CA LEU J 424 -55.75 0.20 -2.55
CA THR J 425 -53.34 0.35 -5.47
CA ASN J 426 -52.04 3.46 -7.26
CA GLY J 427 -53.55 6.81 -6.42
CA ASP J 428 -56.06 7.15 -3.60
CA THR J 429 -58.58 8.97 -5.75
CA LEU J 430 -58.78 6.21 -8.33
CA TRP J 431 -60.83 4.19 -5.88
CA ARG J 432 -59.37 0.89 -6.97
CA THR J 433 -59.42 -0.05 -3.30
CA THR J 434 -61.40 -2.07 -0.84
CA VAL J 435 -63.03 -0.57 2.20
CA GLU J 436 -62.24 -2.07 5.55
CA ILE J 437 -63.92 -1.25 8.81
CA LYS J 438 -61.81 -1.65 11.86
CA ILE J 439 -63.34 -1.75 15.30
CA ILE J 440 -60.99 -1.69 18.22
CA GLU J 441 -64.38 -0.20 19.93
CA GLY J 442 -65.70 -3.20 22.11
CA GLU J 443 -65.62 -6.07 24.50
CA PRO J 444 -63.41 -8.38 26.91
CA ASN J 445 -64.07 -12.12 27.89
CA LEU J 446 -66.88 -10.44 30.35
CA LYS J 447 -70.53 -10.98 30.99
CA VAL J 448 -73.35 -8.53 30.48
CA PRO J 449 -76.89 -8.25 29.39
CA GLY J 450 -76.26 -7.85 25.73
CA ASN J 451 -79.84 -6.74 25.38
CA VAL J 452 -81.64 -3.98 27.16
CA THR J 453 -84.89 -2.24 26.41
CA ALA J 454 -86.18 1.03 27.77
CA VAL J 455 -88.49 3.86 26.90
CA LEU J 456 -87.37 7.36 26.16
CA GLY J 457 -87.07 9.53 29.22
CA GLU J 458 -86.31 6.58 31.45
CA THR J 459 -83.12 5.69 33.24
CA LEU J 460 -81.34 2.43 32.55
CA LYS J 461 -78.65 0.48 34.33
CA VAL J 462 -76.52 -2.34 33.00
CA PRO J 463 -74.18 -4.56 34.92
CA CYS J 464 -70.93 -6.07 33.67
CA HIS J 465 -68.74 -8.74 35.21
CA PHE J 466 -64.97 -9.18 35.06
CA PRO J 467 -61.92 -10.55 36.82
CA CYS J 468 -59.76 -9.13 39.65
CA LYS J 469 -56.83 -8.02 37.52
CA PHE J 470 -59.46 -6.17 35.63
CA SER J 471 -60.48 -4.61 38.91
CA SER J 472 -57.61 -2.17 38.51
CA TYR J 473 -58.21 -1.69 34.77
CA GLU J 474 -60.18 1.24 33.42
CA LYS J 475 -63.81 0.36 32.84
CA TYR J 476 -65.62 1.83 29.91
CA TRP J 477 -68.95 2.06 28.16
CA CYS J 478 -68.78 2.75 24.45
CA LYS J 479 -71.23 3.59 21.74
CA TRP J 480 -71.37 1.88 18.38
CA ASN J 481 -71.08 3.75 15.10
CA ASN J 482 -68.18 5.77 16.38
CA THR J 483 -64.58 5.65 15.42
CA GLY J 484 -63.92 2.32 16.94
CA CYS J 485 -66.28 2.55 19.83
CA GLN J 486 -67.26 5.98 20.99
CA ALA J 487 -66.11 6.37 24.50
CA LEU J 488 -69.04 7.28 26.67
CA PRO J 489 -68.47 7.15 30.36
CA SER J 490 -65.35 5.50 31.69
CA GLN J 491 -63.98 4.98 35.14
CA ASP J 492 -64.70 8.67 35.24
CA GLU J 493 -68.24 10.16 35.32
CA GLY J 494 -70.77 11.86 33.04
CA PRO J 495 -74.46 12.16 32.23
CA SER J 496 -74.97 9.21 34.41
CA LYS J 497 -72.92 6.97 36.59
CA ALA J 498 -70.58 4.09 36.14
CA PHE J 499 -69.80 2.38 39.36
CA VAL J 500 -67.13 -0.18 39.86
CA ASN J 501 -66.94 -2.68 42.61
CA CYS J 502 -63.35 -3.63 43.07
CA ASP J 503 -61.78 -6.93 43.93
CA GLU J 504 -64.42 -7.68 46.51
CA ASN J 505 -67.18 -7.72 43.96
CA SER J 506 -66.12 -7.55 40.41
CA ARG J 507 -68.89 -5.74 38.69
CA LEU J 508 -69.40 -2.43 37.00
CA VAL J 509 -72.77 -0.81 36.80
CA SER J 510 -73.57 1.82 34.26
CA LEU J 511 -76.62 3.87 34.78
CA THR J 512 -77.90 6.25 32.19
CA LEU J 513 -80.42 8.95 32.81
CA ASN J 514 -82.87 10.67 30.55
CA LEU J 515 -82.63 8.22 27.73
CA VAL J 516 -85.34 10.35 26.22
CA THR J 517 -83.11 10.49 23.25
CA ARG J 518 -83.52 8.21 20.28
CA ALA J 519 -79.79 8.53 19.90
CA ASP J 520 -79.32 6.29 22.89
CA GLU J 521 -80.70 3.27 21.09
CA GLY J 522 -77.90 1.42 19.42
CA TRP J 523 -75.10 -1.05 20.01
CA TYR J 524 -72.74 -0.50 22.89
CA TRP J 525 -69.81 -2.22 24.51
CA CYS J 526 -68.76 -2.60 28.10
CA GLY J 527 -65.18 -3.53 28.74
CA VAL J 528 -61.93 -2.99 30.54
CA LYS J 529 -58.69 -1.38 29.46
CA GLN J 530 -58.52 0.39 26.14
CA GLY J 531 -61.42 0.10 23.73
CA HIS J 532 -59.13 -1.23 21.01
CA PHE J 533 -58.20 -4.26 23.10
CA TYR J 534 -61.73 -5.53 22.54
CA GLY J 535 -61.80 -7.15 25.93
CA GLU J 536 -65.44 -6.31 26.23
CA THR J 537 -69.01 -7.45 25.81
CA ALA J 538 -71.52 -6.21 23.30
CA ALA J 539 -74.83 -4.91 24.50
CA VAL J 540 -77.75 -3.83 22.41
CA TYR J 541 -79.95 -1.13 23.77
CA VAL J 542 -83.29 -0.34 22.30
CA ALA J 543 -84.97 2.86 23.30
CA VAL J 544 -70.38 -11.56 31.64
CA GLU J 545 -72.34 -10.45 28.40
CA GLU J 546 -74.65 -13.35 27.04
CA ARG J 547 -74.21 -15.70 29.98
CA LYS J 548 -70.80 -17.55 29.47
CA ALA J 549 -68.84 -15.10 26.88
CA ALA J 550 -69.96 -15.62 23.22
CA GLY J 551 -72.77 -17.70 21.76
CA SER J 552 -75.01 -16.46 20.01
CA ARG J 553 -78.71 -17.03 21.11
CA ASP J 554 -80.86 -16.91 17.71
CA VAL J 555 -80.86 -20.04 16.63
CA SER J 556 -82.78 -19.64 13.10
CA LEU J 557 -82.60 -19.97 9.22
CA ALA J 558 -82.58 -16.91 7.89
CA LYS J 559 -81.80 -14.70 10.91
CA ALA J 560 -78.60 -12.80 9.53
CA ASP J 561 -76.65 -13.50 13.01
CA ALA J 562 -76.38 -17.43 13.00
CA ALA J 563 -72.59 -17.16 12.89
CA PRO J 564 -71.55 -13.71 14.61
CA ASP J 565 -69.79 -11.96 11.51
CA GLU J 566 -72.06 -9.07 12.21
CA LYS J 567 -73.10 -5.38 11.69
CA VAL J 568 -72.52 -3.79 15.06
CA LEU J 569 -75.27 -5.62 17.28
CA ASP J 570 -73.60 -7.38 20.30
CA SER J 571 -71.49 -4.27 21.03
CA GLY J 572 -71.34 -4.98 24.00
CA PHE J 573 -72.94 -6.40 27.22
CA ARG J 574 -75.98 -7.76 25.37
CA GLU J 575 -78.44 -9.81 25.31
CA ILE J 576 -78.83 -11.52 28.84
CA GLU J 577 -76.71 -10.56 32.05
CA ASN J 578 -76.22 -11.54 35.88
CA LYS J 579 -74.57 -8.31 37.26
CA ALA J 580 -76.90 -5.16 38.16
CA ILE J 581 -80.45 -6.21 38.10
CA GLN J 582 -83.54 -4.26 36.75
CA ASP J 583 -86.66 -6.66 37.15
CA PRO J 584 -87.78 -6.97 40.88
CA ARG J 585 -87.51 -10.42 42.27
CA GLN A 1 55.15 33.13 -97.15
CA VAL A 2 53.79 29.78 -95.98
CA LYS A 3 55.94 27.02 -97.50
CA LEU A 4 56.42 27.57 -101.27
CA LEU A 5 54.13 24.86 -102.63
CA GLU A 6 51.68 23.61 -99.97
CA GLN A 7 49.76 20.50 -101.08
CA SER A 8 46.68 18.76 -99.64
CA GLY A 9 46.12 15.77 -97.33
CA ALA A 10 46.02 11.98 -97.59
CA GLU A 11 42.64 10.93 -99.01
CA VAL A 12 41.53 7.37 -98.23
CA LYS A 13 39.63 6.15 -101.30
CA LYS A 14 37.88 2.81 -101.77
CA PRO A 15 38.92 0.88 -104.95
CA GLY A 16 36.96 2.26 -107.88
CA ALA A 17 36.66 5.86 -106.66
CA SER A 18 38.09 9.25 -107.63
CA VAL A 19 40.87 11.38 -106.08
CA LYS A 20 41.74 15.07 -106.56
CA VAL A 21 44.98 16.38 -105.04
CA SER A 22 45.71 20.12 -105.16
CA CYS A 23 48.95 22.16 -105.17
CA LYS A 24 48.84 25.71 -103.79
CA ALA A 25 51.66 28.06 -104.81
CA SER A 26 53.05 31.30 -103.36
CA GLY A 27 55.98 33.69 -103.25
CA TYR A 28 56.52 33.52 -107.01
CA SER A 29 54.58 34.24 -110.20
CA PHE A 30 52.16 31.42 -111.07
CA THR A 31 51.69 32.15 -114.79
CA SER A 32 55.46 32.00 -115.43
CA TYR A 33 56.34 28.46 -114.28
CA GLY A 34 54.98 24.96 -114.88
CA LEU A 35 54.20 22.09 -112.48
CA HIS A 36 55.06 18.38 -112.79
CA TRP A 37 53.51 15.51 -110.81
CA VAL A 38 55.66 12.67 -109.46
CA ARG A 39 54.68 9.87 -107.05
CA GLN A 40 56.38 7.02 -105.14
CA ALA A 41 55.11 3.57 -104.12
CA PRO A 42 56.15 2.26 -100.65
CA GLY A 43 59.57 0.72 -101.26
CA GLN A 44 59.85 1.66 -104.94
CA ARG A 45 61.34 4.43 -107.13
CA LEU A 46 59.73 7.75 -108.13
CA GLU A 47 57.49 7.65 -111.21
CA TRP A 48 56.63 10.70 -113.34
CA MET A 49 52.89 11.14 -113.96
CA GLY A 50 52.62 14.32 -116.01
CA TRP A 51 52.89 18.09 -116.42
CA ILE A 52 50.70 21.16 -116.96
CA SER A 53 51.58 24.72 -117.99
CA ALA A 54 50.10 27.44 -115.77
CA GLY A 55 50.15 29.96 -118.63
CA THR A 56 48.18 28.29 -121.41
CA GLY A 57 46.92 25.03 -119.90
CA ASN A 58 48.54 22.38 -122.12
CA THR A 59 48.53 18.81 -120.80
CA LYS A 60 51.46 16.40 -121.25
CA TYR A 61 51.14 13.12 -119.33
CA SER A 62 52.72 9.67 -119.77
CA GLN A 63 51.28 6.69 -121.66
CA LYS A 64 51.06 4.74 -118.40
CA PHE A 65 47.94 6.39 -116.96
CA ARG A 66 46.37 6.94 -120.39
CA GLY A 67 42.63 7.51 -120.16
CA ARG A 68 42.28 8.07 -116.41
CA VAL A 69 44.38 11.15 -115.57
CA THR A 70 43.55 14.85 -115.84
CA PHE A 71 45.17 18.16 -114.89
CA THR A 72 43.34 21.42 -114.14
CA ARG A 73 44.49 24.87 -112.97
CA ASP A 74 42.74 27.91 -111.47
CA THR A 75 44.38 31.18 -112.57
CA SER A 76 42.89 33.52 -109.95
CA ALA A 77 43.27 30.99 -107.11
CA THR A 78 46.92 29.97 -107.61
CA THR A 79 46.38 26.21 -107.17
CA ALA A 80 47.07 23.22 -109.43
CA TYR A 81 45.00 20.02 -109.57
CA MET A 82 45.28 16.33 -110.50
CA GLY A 83 42.61 13.71 -111.19
CA LEU A 84 42.68 9.89 -111.31
CA SER A 85 39.63 7.65 -111.81
CA SER A 86 39.32 3.87 -111.32
CA LEU A 87 41.75 3.62 -108.38
CA ARG A 88 43.39 0.26 -107.63
CA PRO A 89 45.10 -1.38 -104.58
CA GLU A 90 48.49 -0.70 -106.21
CA ASP A 91 48.11 3.09 -106.39
CA THR A 92 49.12 3.49 -102.72
CA ALA A 93 51.86 6.10 -103.15
CA VAL A 94 53.08 9.52 -102.05
CA TYR A 95 52.33 12.12 -104.72
CA TYR A 96 54.31 15.36 -105.18
CA CYS A 97 53.92 18.49 -107.32
CA ALA A 98 57.29 19.85 -108.46
CA ARG A 99 57.82 23.17 -110.27
CA ASP A 100 59.20 23.92 -113.76
CA PRO A 101 62.19 26.36 -113.69
CA TYR A 102 61.83 26.91 -117.45
CA GLY A 103 58.21 26.36 -118.46
CA GLY A 104 59.09 23.91 -121.22
CA GLY A 105 57.74 20.63 -119.88
CA LYS A 106 61.08 18.81 -119.85
CA SER A 107 63.66 19.64 -117.16
CA GLU A 108 64.65 19.26 -113.49
CA PHE A 109 62.71 19.94 -110.27
CA ASP A 110 63.90 22.66 -107.89
CA TYR A 111 60.88 22.89 -105.55
CA TRP A 112 59.06 19.89 -104.09
CA GLY A 113 55.97 19.79 -101.87
CA GLN A 114 55.21 17.83 -98.69
CA GLY A 115 53.53 14.92 -100.45
CA THR A 116 50.09 13.29 -100.27
CA LEU A 117 49.74 9.59 -99.39
CA VAL A 118 46.60 8.26 -101.08
CA THR A 119 45.89 4.75 -99.81
CA VAL A 120 43.33 2.73 -101.78
CA SER A 121 41.85 -0.05 -99.63
CA SER A 122 38.31 -1.37 -99.07
CA ALA A 123 38.94 -2.13 -95.38
CA SER A 124 36.94 -0.03 -92.90
CA PRO A 125 39.34 2.77 -91.80
CA THR A 126 39.32 3.72 -88.12
CA SER A 127 40.50 6.67 -86.02
CA PRO A 128 43.56 6.09 -83.76
CA LYS A 129 43.24 5.89 -79.97
CA VAL A 130 46.02 7.92 -78.34
CA PHE A 131 47.17 6.76 -74.88
CA PRO A 132 49.51 8.45 -72.38
CA LEU A 133 52.63 6.39 -71.65
CA SER A 134 53.54 7.96 -68.32
CA LEU A 135 55.82 5.93 -66.03
CA ASP A 136 55.68 4.87 -62.37
CA SER A 137 59.28 5.58 -61.36
CA THR A 138 60.61 2.69 -63.48
CA PRO A 139 63.48 4.69 -65.07
CA GLN A 140 66.38 6.38 -63.28
CA ASP A 141 67.28 9.65 -61.54
CA GLY A 142 68.59 12.07 -64.14
CA ASN A 143 66.16 12.00 -67.06
CA VAL A 144 62.41 11.44 -67.40
CA VAL A 145 61.03 9.40 -70.31
CA VAL A 146 57.43 10.08 -71.41
CA ALA A 147 55.49 8.97 -74.52
CA CYS A 148 52.17 8.86 -76.38
CA LEU A 149 50.96 5.54 -77.81
CA VAL A 150 48.72 6.14 -80.85
CA GLN A 151 47.04 2.74 -81.28
CA GLY A 152 44.67 1.40 -83.94
CA PHE A 153 44.57 3.32 -87.22
CA PHE A 154 44.11 2.22 -90.82
CA PRO A 155 45.82 2.99 -93.09
CA GLN A 156 49.27 4.07 -91.85
CA GLU A 157 49.23 7.68 -93.12
CA PRO A 158 51.83 10.46 -92.59
CA LEU A 159 51.42 11.07 -88.84
CA SER A 160 52.62 14.53 -87.79
CA VAL A 161 53.37 14.78 -84.06
CA THR A 162 54.66 17.87 -82.24
CA TRP A 163 55.21 18.07 -78.47
CA SER A 164 54.84 21.39 -76.64
CA GLU A 165 58.33 21.75 -75.16
CA SER A 166 61.56 22.08 -77.15
CA GLY A 167 65.20 22.92 -76.49
CA GLN A 168 68.73 21.51 -76.52
CA ASN A 169 68.77 18.61 -74.05
CA VAL A 170 65.36 17.30 -75.16
CA THR A 171 64.92 14.66 -77.87
CA ALA A 172 61.77 13.47 -79.66
CA ARG A 173 61.58 10.38 -81.89
CA ASN A 174 58.75 9.39 -84.26
CA PHE A 175 58.48 5.58 -84.30
CA PRO A 176 57.68 3.92 -87.68
CA PRO A 177 54.24 2.30 -88.30
CA SER A 178 53.92 -1.46 -87.69
CA GLN A 179 51.35 -4.05 -88.83
CA ASP A 180 49.59 -6.80 -86.86
CA ALA A 181 48.10 -9.92 -88.47
CA SER A 182 47.47 -9.26 -92.18
CA GLY A 183 46.61 -5.55 -92.32
CA ASP A 184 43.86 -5.30 -89.70
CA LEU A 185 45.34 -2.26 -87.94
CA TYR A 186 48.46 -0.08 -87.61
CA THR A 187 50.07 1.31 -84.43
CA THR A 188 52.65 4.01 -83.60
CA SER A 189 54.13 6.02 -80.74
CA SER A 190 55.78 9.34 -79.87
CA GLN A 191 58.47 9.63 -77.17
CA LEU A 192 60.16 12.62 -75.53
CA THR A 193 63.25 12.08 -73.38
CA LEU A 194 63.96 15.18 -71.28
CA PRO A 195 66.11 16.02 -68.22
CA ALA A 196 64.39 15.95 -64.81
CA THR A 197 65.16 19.65 -64.34
CA GLN A 198 62.67 20.43 -67.14
CA CYS A 199 59.31 18.86 -66.16
CA PRO A 200 58.30 20.84 -63.03
CA ASP A 201 56.49 19.08 -60.15
CA GLY A 202 52.78 19.62 -60.76
CA LYS A 203 52.51 20.16 -64.53
CA SER A 204 52.45 18.09 -67.74
CA VAL A 205 53.46 18.04 -71.42
CA THR A 206 50.95 17.81 -74.28
CA CYS A 207 51.50 15.66 -77.39
CA HIS A 208 49.69 16.73 -80.57
CA VAL A 209 49.01 13.95 -83.09
CA LYS A 210 47.64 14.73 -86.55
CA HIS A 211 46.48 12.12 -89.07
CA TYR A 212 45.33 13.50 -92.44
CA THR A 213 43.59 16.91 -92.30
CA ASN A 214 41.49 15.51 -89.44
CA PRO A 215 41.32 17.65 -86.24
CA SER A 216 44.51 17.45 -84.17
CA GLN A 217 43.98 15.24 -81.11
CA ASP A 218 45.65 16.78 -78.05
CA VAL A 219 46.52 14.74 -74.93
CA THR A 220 47.86 15.92 -71.56
CA VAL A 221 50.86 13.67 -70.76
CA PRO A 222 51.93 14.09 -67.08
CA CYS A 223 55.18 13.40 -65.21
CA PRO A 224 56.12 14.55 -61.40
CA VAL A 225 54.77 13.69 -57.90
CA PRO A 226 52.58 15.70 -55.18
CA PRO A 227 53.07 15.25 -51.41
CA PRO A 228 49.92 15.25 -48.98
CA PRO A 229 49.43 18.68 -46.78
CA PRO A 230 49.23 18.04 -43.03
CA CYS A 231 48.27 20.75 -40.37
CA CYS A 232 47.26 19.98 -36.75
CA HIS A 233 45.08 21.59 -34.10
CA PRO A 234 45.47 21.46 -30.16
CA ARG A 235 43.28 18.93 -28.28
CA LEU A 236 43.31 15.56 -26.44
CA SER A 237 40.62 12.86 -26.22
CA LEU A 238 40.31 9.32 -24.85
CA HIS A 239 38.52 6.37 -26.47
CA ARG A 240 36.85 3.79 -24.23
CA PRO A 241 36.97 0.16 -25.48
CA ALA A 242 33.89 -1.54 -26.93
CA LEU A 243 31.47 -3.39 -24.66
CA GLU A 244 30.76 -6.36 -26.94
CA ASP A 245 34.48 -7.11 -27.38
CA LEU A 246 35.66 -7.09 -23.73
CA LEU A 247 32.76 -9.25 -22.52
CA LEU A 248 33.15 -12.13 -24.98
CA GLY A 249 36.89 -12.81 -24.78
CA SER A 250 38.70 -10.30 -22.53
CA GLU A 251 40.12 -8.43 -25.54
CA ALA A 252 40.03 -4.75 -24.54
CA ASN A 253 42.13 -1.65 -25.28
CA LEU A 254 41.96 2.04 -24.37
CA THR A 255 43.28 4.54 -26.93
CA CYS A 256 44.85 7.92 -26.05
CA THR A 257 45.00 9.96 -29.26
CA LEU A 258 46.15 13.60 -29.48
CA THR A 259 44.37 15.03 -32.53
CA GLY A 260 45.47 18.67 -32.91
CA LEU A 261 48.66 20.61 -32.04
CA ARG A 262 51.11 22.35 -34.49
CA ASP A 263 54.04 20.48 -36.25
CA ALA A 264 57.51 18.96 -35.80
CA SER A 265 58.12 17.41 -32.38
CA GLY A 266 57.97 14.01 -30.66
CA ALA A 267 55.69 13.34 -27.68
CA THR A 268 56.04 10.77 -24.89
CA PHE A 269 53.61 8.85 -22.63
CA THR A 270 53.18 7.76 -19.00
CA TRP A 271 50.50 5.04 -18.78
CA THR A 272 49.44 3.52 -15.47
CA PRO A 273 49.37 -0.29 -14.96
CA SER A 274 46.17 -2.27 -14.35
CA SER A 275 45.13 -4.42 -11.39
CA GLY A 276 47.28 -7.23 -12.76
CA LYS A 277 50.35 -4.97 -12.85
CA SER A 278 50.87 -4.83 -16.63
CA ALA A 279 51.77 -1.89 -18.87
CA VAL A 280 52.24 -2.28 -22.64
CA GLN A 281 52.31 0.52 -25.24
CA GLY A 282 53.59 1.41 -28.71
CA PRO A 283 52.65 4.90 -30.05
CA PRO A 284 53.46 5.39 -33.77
CA GLU A 285 53.45 8.56 -35.90
CA ARG A 286 50.87 8.91 -38.71
CA ASP A 287 50.34 11.91 -41.01
CA LEU A 288 46.89 13.54 -40.81
CA CYS A 289 46.10 16.71 -42.79
CA GLY A 290 49.83 17.15 -43.27
CA CYS A 291 50.47 17.09 -39.53
CA TYR A 292 52.19 14.24 -37.46
CA SER A 293 50.09 12.12 -35.03
CA VAL A 294 50.97 10.26 -31.80
CA SER A 295 48.39 7.65 -30.67
CA SER A 296 49.04 4.95 -28.05
CA VAL A 297 46.92 1.92 -27.07
CA LEU A 298 47.03 0.22 -23.64
CA PRO A 299 45.66 -3.37 -23.83
CA GLY A 300 43.76 -4.11 -20.62
CA CYS A 301 41.93 -7.07 -19.11
CA ALA A 302 38.24 -7.52 -18.25
CA GLN A 303 38.52 -7.72 -14.45
CA PRO A 304 39.94 -4.19 -13.90
CA TRP A 305 37.16 -2.68 -16.02
CA ASN A 306 34.50 -4.71 -14.21
CA HIS A 307 35.89 -3.79 -10.79
CA GLY A 308 36.65 -0.20 -11.76
CA GLU A 309 40.30 0.87 -12.05
CA THR A 310 41.53 4.38 -12.88
CA PHE A 311 43.06 4.44 -16.38
CA THR A 312 45.02 7.69 -16.79
CA CYS A 313 47.15 8.98 -19.71
CA THR A 314 49.65 11.84 -19.46
CA ALA A 315 51.25 13.31 -22.60
CA ALA A 316 54.06 15.82 -21.91
CA HIS A 317 55.77 18.13 -24.39
CA PRO A 318 58.06 21.17 -24.36
CA GLU A 319 55.37 23.62 -25.52
CA LEU A 320 52.65 21.55 -23.89
CA LYS A 321 54.41 22.64 -20.73
CA THR A 322 51.50 21.54 -18.58
CA PRO A 323 51.27 17.75 -19.14
CA LEU A 324 47.60 17.08 -19.85
CA THR A 325 46.17 14.46 -17.49
CA ALA A 326 43.10 12.44 -18.52
CA ASN A 327 41.34 9.77 -16.44
CA ILE A 328 38.41 7.49 -17.33
CA THR A 329 36.48 4.94 -15.25
CA LYS A 330 32.98 3.42 -15.12
CA SER A 331 29.98 5.40 -13.90
CA GLY A 332 27.39 5.50 -11.13
CA ASN A 333 26.89 3.27 -8.10
CA THR A 334 25.53 -0.31 -7.94
CA PHE A 335 21.82 -1.20 -8.11
CA ARG A 336 20.44 -4.77 -7.89
CA PRO A 337 18.52 -5.89 -11.02
CA GLU A 338 14.94 -7.14 -10.68
CA VAL A 339 14.15 -9.78 -13.31
CA HIS A 340 10.50 -10.30 -14.33
CA LEU A 341 9.78 -13.10 -16.83
CA LEU A 342 6.64 -12.38 -18.89
CA PRO A 343 4.41 -15.04 -20.52
CA PRO A 344 3.11 -14.74 -24.13
CA PRO A 345 -0.22 -12.90 -24.54
CA SER A 346 -3.59 -14.42 -25.47
CA GLU A 347 -3.71 -13.06 -29.03
CA GLU A 348 -0.16 -14.27 -29.71
CA LEU A 349 -1.19 -17.92 -29.35
CA ALA A 350 -2.89 -17.55 -32.74
CA LEU A 351 0.44 -17.69 -34.61
CA ASN A 352 2.52 -20.80 -35.37
CA GLU A 353 6.28 -20.62 -36.02
CA LEU A 354 7.26 -18.11 -33.29
CA VAL A 355 6.36 -17.29 -29.66
CA THR A 356 7.87 -14.35 -27.73
CA LEU A 357 9.18 -14.92 -24.19
CA THR A 358 9.95 -11.56 -22.56
CA CYS A 359 11.97 -11.40 -19.33
CA LEU A 360 12.42 -7.77 -18.23
CA ALA A 361 15.20 -6.79 -15.84
CA ARG A 362 15.01 -3.20 -14.58
CA GLY A 363 16.40 -1.32 -11.60
CA PHE A 364 20.10 -1.74 -12.33
CA SER A 365 23.27 0.34 -12.65
CA PRO A 366 25.63 0.51 -14.41
CA LYS A 367 24.26 -0.50 -17.83
CA ASP A 368 26.75 -3.38 -18.10
CA VAL A 369 24.61 -6.53 -17.99
CA LEU A 370 24.89 -9.86 -19.84
CA VAL A 371 21.59 -11.61 -20.56
CA ARG A 372 21.25 -15.18 -21.93
CA TRP A 373 18.63 -17.93 -22.33
CA LEU A 374 18.55 -21.71 -21.80
CA GLN A 375 16.48 -24.79 -22.67
CA GLY A 376 14.92 -26.98 -19.99
CA SER A 377 14.52 -30.31 -21.83
CA GLN A 378 17.69 -30.45 -23.95
CA GLU A 379 19.59 -28.65 -21.14
CA LEU A 380 21.39 -26.59 -23.80
CA PRO A 381 21.47 -22.79 -24.31
CA ARG A 382 19.11 -21.13 -26.80
CA GLU A 383 20.07 -19.46 -30.10
CA LYS A 384 17.21 -17.17 -31.20
CA TYR A 385 17.00 -14.10 -28.91
CA LEU A 386 17.76 -10.35 -28.94
CA THR A 387 18.78 -7.57 -26.51
CA TRP A 388 17.64 -3.93 -26.28
CA ALA A 389 19.23 -0.80 -24.75
CA SER A 390 18.27 2.75 -23.69
CA ARG A 391 19.20 5.03 -20.76
CA GLN A 392 16.68 6.71 -18.44
CA GLU A 393 17.85 10.31 -17.90
CA PRO A 394 14.93 12.59 -16.91
CA SER A 395 15.06 16.11 -15.46
CA GLN A 396 14.70 14.90 -11.86
CA GLY A 397 17.16 13.03 -9.65
CA THR A 398 16.34 9.43 -10.57
CA THR A 399 18.28 7.20 -12.99
CA THR A 400 18.32 3.37 -13.38
CA PHE A 401 18.89 1.29 -16.53
CA ALA A 402 16.46 -1.45 -17.61
CA VAL A 403 16.46 -4.16 -20.30
CA THR A 404 14.18 -6.47 -22.31
CA SER A 405 14.86 -9.96 -23.70
CA ILE A 406 12.89 -11.77 -26.41
CA LEU A 407 13.17 -15.54 -26.93
CA ARG A 408 11.29 -16.77 -30.02
CA VAL A 409 10.49 -20.48 -29.71
CA ALA A 410 7.83 -22.70 -31.33
CA ALA A 411 4.10 -22.73 -30.59
CA GLU A 412 3.83 -26.49 -30.11
CA ASP A 413 6.81 -26.61 -27.73
CA TRP A 414 5.45 -23.93 -25.37
CA LYS A 415 2.39 -26.12 -24.76
CA LYS A 416 4.30 -29.35 -24.06
CA GLY A 417 5.40 -28.17 -20.64
CA ASP A 418 9.02 -27.10 -21.10
CA THR A 419 10.70 -24.61 -18.73
CA PHE A 420 12.71 -21.67 -20.13
CA SER A 421 15.47 -19.83 -18.18
CA CYS A 422 16.49 -16.15 -18.47
CA MET A 423 19.89 -15.77 -16.77
CA VAL A 424 21.01 -12.22 -15.99
CA GLY A 425 24.50 -11.23 -14.85
CA HIS A 426 25.37 -7.98 -13.07
CA GLU A 427 27.80 -6.78 -10.38
CA ALA A 428 25.20 -5.90 -7.74
CA LEU A 429 23.84 -9.46 -7.88
CA PRO A 430 24.45 -11.91 -4.97
CA LEU A 431 26.80 -14.21 -6.92
CA ALA A 432 27.10 -11.98 -10.01
CA PHE A 433 24.46 -14.28 -11.51
CA THR A 434 20.68 -14.62 -11.14
CA GLN A 435 18.17 -16.83 -12.98
CA LYS A 436 14.36 -16.77 -13.19
CA THR A 437 12.11 -19.19 -15.11
CA ILE A 438 8.84 -19.36 -17.07
CA ASP A 439 6.50 -22.34 -17.36
CA ARG A 440 3.04 -22.88 -18.91
CA LEU A 441 2.12 -24.86 -15.79
CA ALA A 442 0.98 -22.14 -13.41
CA GLY A 443 0.05 -23.12 -9.88
CA LYS A 444 -1.30 -20.34 -7.67
CA PRO A 445 0.70 -20.63 -4.41
CA THR A 446 2.72 -17.45 -4.97
CA HIS A 447 5.69 -17.64 -7.35
CA VAL A 448 8.00 -20.53 -6.46
CA ASN A 449 11.41 -21.30 -7.99
CA VAL A 450 12.95 -24.69 -8.88
CA SER A 451 15.02 -26.89 -6.55
CA VAL A 452 18.81 -27.28 -6.32
CA VAL A 453 20.89 -29.10 -8.94
CA MET A 454 24.59 -29.59 -8.11
CA ALA A 455 26.32 -29.36 -4.72
CA GLU A 456 29.69 -29.66 -2.94
CA VAL A 457 31.38 -28.54 -6.18
CA ASP A 458 31.92 -24.79 -6.49
CA GLY A 459 35.39 -24.92 -8.02
CA THR A 460 37.84 -24.14 -5.21
CA CYS A 461 37.37 -27.71 -3.94
CA TYR A 462 37.64 -29.94 -7.03
CA GLN B 1 82.58 50.90 -11.46
CA VAL B 2 78.79 51.18 -11.21
CA LYS B 3 77.84 54.86 -11.55
CA LEU B 4 79.98 57.05 -9.23
CA LEU B 5 77.42 57.89 -6.56
CA GLU B 6 74.43 55.51 -6.67
CA GLN B 7 71.56 56.65 -4.43
CA SER B 8 68.41 54.86 -3.21
CA GLY B 9 64.78 54.79 -4.33
CA ALA B 10 61.64 56.90 -3.94
CA GLU B 11 60.11 56.21 -0.53
CA VAL B 12 56.40 56.99 -0.15
CA LYS B 13 55.92 58.26 3.40
CA LYS B 14 52.66 59.26 5.09
CA PRO B 15 52.67 62.78 6.68
CA GLY B 16 54.31 62.54 10.10
CA ALA B 17 56.75 59.73 9.31
CA SER B 18 60.51 59.33 8.86
CA VAL B 19 62.68 59.00 5.73
CA LYS B 20 66.30 57.84 5.32
CA VAL B 21 67.96 58.23 1.91
CA SER B 22 71.42 56.74 1.34
CA CYS B 23 74.29 57.64 -1.01
CA LYS B 24 76.71 54.87 -2.04
CA ALA B 25 80.11 55.91 -3.40
CA SER B 26 82.76 54.19 -5.52
CA GLY B 27 85.79 54.65 -7.75
CA TYR B 28 87.34 57.27 -5.46
CA SER B 29 88.54 57.52 -1.85
CA PHE B 30 85.63 58.07 0.57
CA THR B 31 87.56 59.55 3.51
CA SER B 32 89.05 62.31 1.32
CA TYR B 33 85.92 64.08 0.01
CA GLY B 34 82.72 65.46 1.52
CA LEU B 35 79.06 65.14 0.48
CA HIS B 36 76.36 67.84 0.23
CA TRP B 37 72.60 67.27 0.03
CA VAL B 38 70.42 69.33 -2.34
CA ARG B 39 66.75 68.83 -3.25
CA GLN B 40 64.20 70.29 -5.71
CA ALA B 41 60.42 70.77 -5.41
CA PRO B 42 58.30 70.10 -8.55
CA GLY B 43 58.47 73.37 -10.46
CA GLN B 44 60.85 75.18 -8.09
CA ARG B 45 64.58 75.87 -7.69
CA LEU B 46 67.20 73.69 -5.97
CA GLU B 47 67.55 74.16 -2.20
CA TRP B 48 70.66 73.23 -0.20
CA MET B 49 69.95 71.07 2.86
CA GLY B 50 73.35 70.38 4.38
CA TRP B 51 76.80 68.77 4.33
CA ILE B 52 78.81 66.10 6.16
CA SER B 53 82.54 65.32 6.12
CA ALA B 54 83.42 61.67 5.51
CA GLY B 55 86.70 62.00 7.39
CA THR B 56 85.70 63.31 10.82
CA GLY B 57 81.90 63.40 10.75
CA ASN B 58 81.13 67.10 11.29
CA THR B 59 77.58 68.25 10.49
CA LYS B 60 76.78 71.60 8.84
CA TYR B 61 73.13 72.05 7.82
CA SER B 62 70.97 75.12 7.16
CA GLN B 63 68.70 76.94 9.61
CA LYS B 64 65.67 75.95 7.52
CA PHE B 65 65.37 72.32 8.64
CA ARG B 66 66.65 73.06 12.16
CA GLY B 67 65.70 70.32 14.61
CA ARG B 68 64.54 67.64 12.17
CA VAL B 69 67.55 66.79 10.00
CA THR B 70 70.48 64.45 10.64
CA PHE B 71 73.47 63.11 8.69
CA THR B 72 75.25 59.80 9.32
CA ARG B 73 78.11 57.98 7.56
CA ASP B 74 79.46 54.41 7.62
CA THR B 75 83.24 54.29 7.12
CA SER B 76 83.63 50.60 6.23
CA ALA B 77 80.49 50.55 4.03
CA THR B 78 81.14 53.63 1.86
CA THR B 79 77.60 55.05 2.07
CA ALA B 80 76.23 58.39 3.30
CA TYR B 81 72.84 58.93 4.97
CA MET B 82 70.21 61.61 5.57
CA GLY B 83 67.32 61.78 8.04
CA LEU B 84 64.18 63.94 8.22
CA SER B 85 61.39 63.56 10.80
CA SER B 86 57.90 65.13 10.81
CA LEU B 87 57.37 65.04 7.03
CA ARG B 88 54.84 67.41 5.46
CA PRO B 89 52.85 67.57 2.15
CA GLU B 90 55.28 70.21 0.90
CA ASP B 91 58.41 68.06 1.14
CA THR B 92 57.64 66.34 -2.17
CA ALA B 93 60.99 66.86 -3.89
CA VAL B 94 63.88 65.13 -5.66
CA TYR B 95 66.89 64.83 -3.34
CA TYR B 96 70.50 64.58 -4.53
CA CYS B 97 73.85 63.90 -2.86
CA ALA B 98 76.67 65.90 -4.47
CA ARG B 99 80.38 65.50 -3.69
CA ASP B 100 82.90 67.96 -2.21
CA PRO B 101 86.00 68.44 -4.45
CA TYR B 102 87.84 70.11 -1.56
CA GLY B 103 86.48 68.78 1.74
CA GLY B 104 85.85 72.23 3.17
CA GLY B 105 82.06 72.39 3.28
CA LYS B 106 81.71 75.39 0.98
CA SER B 107 82.27 74.97 -2.77
CA GLU B 108 80.83 73.65 -6.06
CA PHE B 109 79.41 70.22 -6.99
CA ASP B 110 81.17 68.11 -9.64
CA TYR B 111 79.37 64.78 -9.17
CA TRP B 112 75.58 64.41 -8.80
CA GLY B 113 73.50 61.30 -8.21
CA GLN B 114 70.31 60.04 -9.86
CA GLY B 115 67.95 61.58 -7.31
CA THR B 116 65.27 60.25 -4.96
CA LEU B 117 61.68 61.51 -5.20
CA VAL B 118 60.11 61.28 -1.73
CA THR B 119 56.38 61.99 -2.01
CA VAL B 120 54.55 62.65 1.26
CA SER B 121 50.81 61.99 0.88
CA SER B 122 48.21 60.20 3.03
CA ALA B 123 46.32 58.86 0.00
CA SER B 124 46.37 55.07 -0.44
CA PRO B 125 49.15 54.39 -3.00
CA THR B 126 48.48 51.73 -5.63
CA SER B 127 50.55 49.65 -8.06
CA PRO B 128 50.25 50.53 -11.80
CA LYS B 129 48.45 48.25 -14.25
CA VAL B 130 50.50 47.91 -17.44
CA PHE B 131 48.56 47.22 -20.66
CA PRO B 132 49.82 46.32 -24.17
CA LEU B 133 48.92 48.83 -26.89
CA SER B 134 49.07 46.65 -29.99
CA LEU B 135 47.25 47.67 -33.19
CA ASP B 136 45.25 46.09 -36.03
CA SER B 137 45.39 47.96 -39.39
CA THR B 138 45.47 51.44 -37.79
CA PRO B 139 49.09 52.27 -38.75
CA GLN B 140 50.38 53.06 -42.24
CA ASP B 141 52.15 50.64 -44.57
CA GLY B 142 55.84 51.10 -43.84
CA ASN B 143 56.28 51.34 -40.07
CA VAL B 144 54.94 49.67 -36.93
CA VAL B 145 53.99 51.58 -33.76
CA VAL B 146 53.68 49.68 -30.48
CA ALA B 147 53.24 50.93 -26.89
CA CYS B 148 52.72 50.05 -23.20
CA LEU B 149 50.05 51.90 -21.21
CA VAL B 150 50.98 51.97 -17.51
CA GLN B 151 47.68 53.02 -15.89
CA GLY B 152 46.77 53.82 -12.28
CA PHE B 153 49.66 54.64 -9.95
CA PHE B 154 50.01 57.04 -7.03
CA PRO B 155 52.19 58.98 -6.66
CA GLN B 156 53.84 59.80 -10.00
CA GLU B 157 57.38 58.57 -9.22
CA PRO B 158 60.43 58.38 -11.53
CA LEU B 159 59.30 55.62 -13.91
CA SER B 160 62.23 53.89 -15.63
CA VAL B 161 61.22 52.04 -18.81
CA THR B 162 63.57 50.12 -21.12
CA TRP B 163 62.42 48.17 -24.19
CA SER B 164 64.34 45.09 -25.36
CA GLU B 165 65.29 46.18 -28.89
CA SER B 166 67.54 49.14 -29.74
CA GLY B 167 69.31 50.54 -32.80
CA GLN B 168 69.41 53.47 -35.21
CA ASN B 169 66.00 53.65 -36.89
CA VAL B 170 64.10 52.88 -33.67
CA THR B 171 62.79 55.60 -31.34
CA ALA B 172 61.37 55.35 -27.80
CA ARG B 173 59.58 58.18 -25.97
CA ASN B 174 58.68 58.35 -22.26
CA PHE B 175 55.39 60.26 -21.91
CA PRO B 176 55.05 62.62 -18.88
CA PRO B 177 52.70 61.73 -15.96
CA SER B 178 49.18 63.21 -16.03
CA GLN B 179 46.53 63.68 -13.31
CA ASP B 180 42.78 62.92 -13.38
CA ALA B 181 40.26 64.63 -11.06
CA SER B 182 42.08 66.03 -8.02
CA GLY B 183 44.95 63.60 -7.45
CA ASP B 184 43.12 60.27 -7.38
CA LEU B 185 45.52 58.53 -9.78
CA TYR B 186 48.35 59.08 -12.29
CA THR B 187 48.82 57.47 -15.73
CA THR B 188 51.69 57.12 -18.23
CA SER B 189 52.78 55.28 -21.38
CA SER B 190 55.83 54.01 -23.29
CA GLN B 191 55.96 53.94 -27.10
CA LEU B 192 58.42 52.41 -29.58
CA THR B 193 58.17 53.38 -33.25
CA LEU B 194 60.22 50.91 -35.29
CA PRO B 195 60.54 49.93 -38.98
CA ALA B 196 58.57 46.90 -40.17
CA THR B 197 61.78 45.18 -41.30
CA GLN B 198 62.75 44.89 -37.60
CA CYS B 199 60.08 43.03 -35.57
CA PRO B 200 59.91 39.49 -37.06
CA ASP B 201 56.56 37.85 -37.93
CA GLY B 202 55.55 35.66 -34.99
CA LYS B 203 57.46 37.23 -32.09
CA SER B 204 57.09 40.27 -29.81
CA VAL B 205 58.98 43.00 -27.93
CA THR B 206 59.02 43.26 -24.12
CA CYS B 207 58.62 46.58 -22.25
CA HIS B 208 60.16 46.72 -18.76
CA VAL B 209 58.56 49.26 -16.40
CA LYS B 210 60.12 50.01 -13.01
CA HIS B 211 58.51 52.17 -10.32
CA TYR B 212 60.60 52.67 -7.16
CA THR B 213 62.80 49.70 -6.16
CA ASN B 214 59.73 47.50 -6.66
CA PRO B 215 60.19 44.40 -8.89
CA SER B 216 60.34 45.25 -12.59
CA GLN B 217 57.05 44.35 -14.29
CA ASP B 218 57.77 42.76 -17.68
CA VAL B 219 55.08 42.59 -20.40
CA THR B 220 55.24 40.77 -23.75
CA VAL B 221 54.12 43.43 -26.25
CA PRO B 222 53.34 41.72 -29.60
CA CYS B 223 53.61 43.05 -33.14
CA PRO B 224 53.17 40.86 -36.56
CA VAL B 225 50.41 38.62 -38.03
CA PRO B 226 50.01 34.64 -38.54
CA PRO B 227 48.14 33.14 -41.52
CA PRO B 228 45.89 29.90 -41.02
CA PRO B 229 47.50 26.41 -42.45
CA PRO B 230 45.23 24.61 -44.93
CA CYS B 231 45.89 21.00 -46.30
CA CYS B 232 43.27 18.85 -48.09
CA HIS B 233 42.58 15.15 -48.55
CA PRO B 234 40.83 13.31 -51.53
CA ARG B 235 37.23 12.42 -50.45
CA LEU B 236 33.48 13.33 -50.27
CA SER B 237 30.82 12.15 -47.78
CA LEU B 238 27.08 12.70 -47.21
CA HIS B 239 25.40 13.26 -43.85
CA ARG B 240 21.84 11.98 -43.41
CA PRO B 241 19.55 14.18 -41.24
CA ALA B 242 18.64 13.13 -37.70
CA LEU B 243 15.57 10.97 -37.06
CA GLU B 244 14.33 12.68 -33.89
CA ASP B 245 14.38 16.11 -35.57
CA LEU B 246 12.49 15.38 -38.82
CA LEU B 247 9.70 13.46 -37.04
CA LEU B 248 8.75 16.11 -34.48
CA GLY B 249 8.51 19.22 -36.63
CA SER B 250 9.52 18.55 -40.26
CA GLU B 251 12.90 20.25 -39.75
CA ALA B 252 15.37 18.20 -41.83
CA ASN B 253 18.55 18.90 -43.79
CA LEU B 254 21.08 16.82 -45.74
CA THR B 255 24.73 17.92 -45.73
CA CYS B 256 27.20 17.40 -48.61
CA THR B 257 30.69 18.20 -47.33
CA LEU B 258 33.81 17.94 -49.52
CA THR B 259 36.77 17.17 -47.23
CA GLY B 260 39.77 15.79 -49.13
CA LEU B 261 41.68 17.06 -52.21
CA ARG B 262 44.65 19.56 -52.11
CA ASP B 263 44.82 23.44 -52.41
CA ALA B 264 42.90 26.65 -53.35
CA SER B 265 39.97 26.42 -55.77
CA GLY B 266 36.18 26.95 -55.65
CA ALA B 267 33.38 24.38 -55.75
CA THR B 268 29.90 24.64 -57.27
CA PHE B 269 26.90 22.37 -56.56
CA THR B 270 23.99 20.82 -58.47
CA TRP B 271 21.38 19.71 -55.90
CA THR B 272 18.19 17.99 -57.02
CA PRO B 273 14.75 19.31 -55.89
CA SER B 274 12.41 17.36 -53.60
CA SER B 275 8.87 16.10 -54.19
CA GLY B 276 7.57 19.60 -53.44
CA LYS B 277 9.83 21.10 -56.12
CA SER B 278 12.11 23.16 -53.86
CA ALA B 279 15.88 23.68 -54.00
CA VAL B 280 17.71 25.94 -51.51
CA GLN B 281 21.45 26.03 -50.80
CA GLY B 282 24.30 28.21 -49.52
CA PRO B 283 27.81 26.56 -49.42
CA PRO B 284 30.55 28.53 -47.55
CA GLU B 285 34.35 28.23 -47.22
CA ARG B 286 36.09 27.52 -43.91
CA ASP B 287 39.30 26.75 -42.04
CA LEU B 288 39.71 23.64 -39.84
CA CYS B 289 43.11 21.92 -40.46
CA GLY B 290 44.62 24.28 -43.06
CA CYS B 291 43.06 24.02 -46.57
CA TYR B 292 39.83 25.79 -47.79
CA SER B 293 36.47 23.99 -47.26
CA VAL B 294 33.12 24.01 -49.12
CA SER B 295 29.99 22.42 -47.53
CA SER B 296 26.31 22.76 -48.57
CA VAL B 297 23.03 21.96 -46.80
CA LEU B 298 19.74 21.26 -48.61
CA PRO B 299 16.74 21.78 -46.27
CA GLY B 300 14.15 19.10 -47.04
CA CYS B 301 10.66 18.20 -45.83
CA ALA B 302 9.35 15.10 -44.01
CA GLN B 303 7.10 13.70 -46.76
CA PRO B 304 9.85 13.11 -49.36
CA TRP B 305 11.98 11.25 -46.80
CA ASN B 306 8.98 9.18 -45.66
CA HIS B 307 8.00 8.33 -49.24
CA GLY B 308 11.59 7.86 -50.38
CA GLU B 309 13.05 10.39 -52.82
CA THR B 310 16.54 10.23 -54.36
CA PHE B 311 18.73 12.98 -52.87
CA THR B 312 21.84 13.30 -55.07
CA CYS B 313 24.69 15.85 -54.82
CA THR B 314 26.93 16.44 -57.85
CA ALA B 315 29.96 18.75 -57.70
CA ALA B 316 31.84 19.96 -60.80
CA HIS B 317 35.53 20.92 -60.64
CA PRO B 318 38.48 21.53 -63.02
CA GLU B 319 40.85 19.10 -61.31
CA LEU B 320 38.14 16.86 -59.90
CA LYS B 321 37.38 16.32 -63.58
CA THR B 322 34.87 13.52 -62.98
CA PRO B 323 32.12 15.32 -61.02
CA LEU B 324 31.56 12.99 -58.05
CA THR B 325 27.94 11.86 -57.86
CA ALA B 326 26.48 10.75 -54.52
CA ASN B 327 22.94 9.50 -53.87
CA ILE B 328 21.21 8.58 -50.59
CA THR B 329 17.74 7.19 -49.86
CA LYS B 330 16.07 4.99 -47.23
CA SER B 331 16.55 1.21 -47.12
CA GLY B 332 14.80 -2.13 -47.38
CA ASN B 333 11.24 -3.05 -48.33
CA THR B 334 8.07 -2.56 -46.24
CA PHE B 335 7.01 -5.05 -43.55
CA ARG B 336 3.81 -4.77 -41.48
CA PRO B 337 4.43 -4.37 -37.69
CA GLU B 338 2.82 -6.80 -35.26
CA VAL B 339 2.00 -5.22 -31.89
CA HIS B 340 1.74 -7.45 -28.81
CA LEU B 341 0.73 -5.66 -25.58
CA LEU B 342 2.09 -7.56 -22.57
CA PRO B 343 0.54 -7.32 -19.06
CA PRO B 344 2.60 -6.82 -15.86
CA PRO B 345 3.95 -10.01 -14.19
CA SER B 346 2.85 -11.60 -10.90
CA GLU B 347 5.87 -10.63 -8.78
CA GLU B 348 5.80 -7.05 -10.10
CA LEU B 349 2.49 -6.42 -8.35
CA ALA B 350 4.42 -6.46 -5.06
CA LEU B 351 5.81 -2.95 -5.65
CA ASN B 352 3.90 0.35 -5.31
CA GLU B 353 4.89 3.50 -7.22
CA LEU B 354 5.51 2.03 -10.70
CA VAL B 355 4.06 -0.69 -12.97
CA THR B 356 5.57 -1.55 -16.38
CA LEU B 357 3.28 -1.95 -19.41
CA THR B 358 5.21 -3.57 -22.27
CA CYS B 359 3.81 -3.46 -25.82
CA LEU B 360 6.17 -5.09 -28.32
CA ALA B 361 6.00 -4.36 -32.06
CA ARG B 362 8.14 -6.74 -34.12
CA GLY B 363 8.13 -7.62 -37.82
CA PHE B 364 8.73 -4.19 -39.36
CA SER B 365 10.98 -2.48 -41.91
CA PRO B 366 12.39 0.09 -42.17
CA LYS B 367 13.31 1.00 -38.58
CA ASP B 368 11.36 4.27 -38.76
CA VAL B 369 8.47 3.85 -36.31
CA LEU B 370 6.76 6.32 -33.96
CA VAL B 371 5.36 4.72 -30.79
CA ARG B 372 3.18 6.55 -28.23
CA TRP B 373 0.85 5.84 -25.29
CA LEU B 374 -2.56 7.12 -24.16
CA GLN B 375 -4.82 7.21 -21.09
CA GLY B 376 -8.28 5.65 -21.10
CA SER B 377 -10.05 7.58 -18.33
CA GLN B 378 -8.63 11.10 -18.73
CA GLU B 379 -8.52 10.55 -22.53
CA LEU B 380 -5.15 12.33 -22.60
CA PRO B 381 -1.71 11.07 -23.76
CA ARG B 382 0.76 9.63 -21.22
CA GLU B 383 4.04 11.21 -20.11
CA LYS B 384 6.23 8.52 -18.50
CA TYR B 385 7.49 6.08 -21.16
CA LEU B 386 10.70 5.18 -23.04
CA THR B 387 11.60 3.66 -26.42
CA TRP B 388 14.14 0.87 -27.08
CA ALA B 389 15.96 -0.09 -30.31
CA SER B 390 18.43 -2.46 -32.04
CA ARG B 391 18.99 -4.09 -35.46
CA GLN B 392 18.85 -7.80 -36.31
CA GLU B 393 21.56 -8.55 -38.88
CA PRO B 394 22.56 -12.25 -38.63
CA SER B 395 24.62 -14.29 -41.09
CA GLN B 396 21.55 -15.68 -42.88
CA GLY B 397 19.06 -13.94 -45.15
CA THR B 398 16.51 -12.72 -42.60
CA THR B 399 16.30 -9.15 -41.27
CA THR B 400 13.40 -7.31 -39.56
CA PHE B 401 13.52 -4.54 -36.92
CA ALA B 402 11.48 -4.67 -33.69
CA VAL B 403 10.75 -2.38 -30.73
CA THR B 404 9.72 -2.39 -27.06
CA SER B 405 7.75 0.23 -25.10
CA ILE B 406 7.53 0.71 -21.31
CA LEU B 407 4.74 2.73 -19.68
CA ARG B 408 5.26 3.11 -15.93
CA VAL B 409 1.94 3.90 -14.23
CA ALA B 410 0.70 3.47 -10.65
CA ALA B 411 -0.12 0.21 -8.87
CA GLU B 412 -3.53 1.33 -7.59
CA ASP B 413 -4.59 2.66 -11.01
CA TRP B 414 -3.86 -0.60 -12.85
CA LYS B 415 -6.35 -2.37 -10.57
CA LYS B 416 -9.17 0.17 -10.95
CA GLY B 417 -9.99 -1.02 -14.46
CA ASP B 418 -8.45 1.58 -16.77
CA THR B 419 -7.52 0.76 -20.38
CA PHE B 420 -4.10 1.78 -21.80
CA SER B 421 -3.37 2.31 -25.51
CA CYS B 422 -0.08 1.67 -27.37
CA MET B 423 -0.35 3.42 -30.75
CA VAL B 424 2.28 2.47 -33.34
CA GLY B 425 2.89 4.30 -36.61
CA HIS B 426 4.64 2.84 -39.65
CA GLU B 427 4.40 3.04 -43.45
CA ALA B 428 3.37 -0.60 -44.04
CA LEU B 429 0.37 -0.14 -41.73
CA PRO B 430 -3.19 0.03 -43.17
CA LEU B 431 -3.78 3.71 -42.33
CA ALA B 432 -0.18 4.43 -41.27
CA PHE B 433 -1.51 4.01 -37.73
CA THR B 434 -2.43 1.01 -35.56
CA GLN B 435 -3.48 0.77 -31.90
CA LYS B 436 -3.74 -2.15 -29.46
CA THR B 437 -4.92 -1.99 -25.83
CA ILE B 438 -4.34 -3.60 -22.43
CA ASP B 439 -6.90 -4.08 -19.64
CA ARG B 440 -6.90 -5.86 -16.26
CA LEU B 441 -10.38 -7.18 -17.10
CA ALA B 442 -9.62 -10.30 -19.12
CA GLY B 443 -12.52 -12.24 -20.59
CA LYS B 444 -11.62 -15.48 -22.33
CA PRO B 445 -13.46 -15.30 -25.69
CA THR B 446 -10.27 -14.84 -27.74
CA HIS B 447 -8.97 -11.25 -27.71
CA VAL B 448 -11.41 -8.55 -28.79
CA ASN B 449 -10.71 -4.86 -29.51
CA VAL B 450 -12.86 -1.86 -28.52
CA SER B 451 -15.75 -0.40 -30.55
CA VAL B 452 -15.74 2.63 -32.88
CA VAL B 453 -15.54 6.22 -31.60
CA MET B 454 -15.99 8.93 -34.25
CA ALA B 455 -17.45 8.67 -37.77
CA GLU B 456 -18.37 10.67 -40.88
CA VAL B 457 -15.46 13.03 -40.13
CA ASP B 458 -12.14 11.98 -41.67
CA GLY B 459 -10.99 15.45 -42.69
CA THR B 460 -11.65 15.77 -46.42
CA CYS B 461 -15.34 16.33 -45.64
CA TYR B 462 -15.34 18.85 -42.78
CA GLN C 1 -10.19 -70.31 86.58
CA VAL C 2 -10.77 -70.76 82.85
CA LYS C 3 -13.09 -73.76 82.35
CA LEU C 4 -11.87 -76.78 84.38
CA LEU C 5 -10.47 -78.94 81.58
CA GLU C 6 -9.88 -76.90 78.39
CA GLN C 7 -9.04 -79.10 75.38
CA SER C 8 -7.65 -78.26 71.93
CA GLY C 9 -9.18 -77.69 68.50
CA ALA C 10 -10.45 -79.78 65.58
CA GLU C 11 -7.47 -80.99 63.52
CA VAL C 12 -8.19 -81.93 59.91
CA LYS C 13 -5.91 -84.87 59.09
CA LYS C 14 -5.54 -86.65 55.76
CA PRO C 15 -5.98 -90.48 55.93
CA GLY C 16 -2.70 -92.01 57.06
CA ALA C 17 -1.52 -89.15 59.26
CA SER C 18 -1.06 -88.51 62.99
CA VAL C 19 -3.17 -86.56 65.52
CA LYS C 20 -2.30 -85.26 69.01
CA VAL C 21 -5.11 -83.81 71.14
CA SER C 22 -4.24 -82.16 74.48
CA CYS C 23 -6.19 -81.65 77.72
CA LYS C 24 -5.24 -78.70 79.94
CA ALA C 25 -6.34 -78.83 83.59
CA SER C 26 -6.81 -76.20 86.31
CA GLY C 27 -8.41 -75.37 89.64
CA TYR C 28 -7.54 -78.76 91.14
CA SER C 29 -4.41 -80.83 91.86
CA PHE C 30 -3.14 -82.61 88.72
CA THR C 31 -1.08 -85.36 90.39
CA SER C 32 -4.08 -86.55 92.43
CA TYR C 33 -6.61 -87.44 89.72
CA GLY C 34 -6.58 -89.49 86.51
CA LEU C 35 -7.91 -88.74 83.01
CA HIS C 36 -9.95 -90.98 80.68
CA TRP C 37 -10.49 -90.47 76.93
CA VAL C 38 -13.90 -91.06 75.33
CA ARG C 39 -15.04 -90.22 71.78
CA GLN C 40 -18.29 -90.26 69.75
CA ALA C 41 -18.93 -90.91 66.04
CA PRO C 42 -21.60 -88.75 64.30
CA GLY C 43 -24.86 -90.55 65.09
CA GLN C 44 -23.36 -93.28 67.29
CA ARG C 45 -22.74 -94.01 70.99
CA LEU C 46 -19.73 -92.97 73.11
CA GLU C 47 -16.72 -95.31 72.99
CA TRP C 48 -14.03 -95.49 75.68
CA MET C 49 -10.47 -95.24 74.34
CA GLY C 50 -8.25 -95.37 77.42
CA TRP C 51 -6.88 -93.89 80.64
CA ILE C 52 -3.65 -92.50 82.09
CA SER C 53 -2.65 -91.74 85.70
CA ALA C 54 -1.17 -88.29 86.26
CA GLY C 55 0.81 -89.48 89.28
CA THR C 56 2.87 -92.40 87.96
CA GLY C 57 2.12 -92.52 84.23
CA ASN C 58 0.57 -95.97 83.80
CA THR C 59 -1.29 -96.62 80.54
CA LYS C 60 -4.52 -98.65 80.32
CA TYR C 61 -6.24 -98.59 76.92
CA SER C 62 -8.72 -100.90 75.19
CA GLN C 63 -7.94 -103.79 72.81
CA LYS C 64 -9.73 -101.92 70.01
CA PHE C 65 -6.99 -99.40 69.18
CA ARG C 66 -4.18 -101.83 70.04
CA GLY C 67 -0.89 -100.77 68.48
CA ARG C 68 -1.78 -97.24 67.39
CA VAL C 69 -2.68 -95.32 70.56
CA THR C 70 -0.45 -93.58 73.10
CA PHE C 71 -0.91 -91.39 76.18
CA THR C 72 1.61 -88.84 77.51
CA ARG C 73 1.53 -86.31 80.36
CA ASP C 74 3.62 -83.26 81.29
CA THR C 75 3.90 -82.82 85.08
CA SER C 76 5.08 -79.19 85.19
CA ALA C 77 2.73 -78.08 82.39
CA THR C 78 -0.57 -79.56 83.66
CA THR C 79 -1.72 -80.97 80.29
CA ALA C 80 -2.60 -84.49 79.13
CA TYR C 81 -2.04 -85.89 75.62
CA MET C 82 -3.34 -88.55 73.22
CA GLY C 83 -1.84 -90.04 70.07
CA LEU C 84 -3.31 -92.04 67.18
CA SER C 85 -1.42 -93.11 64.04
CA SER C 86 -2.79 -94.52 60.76
CA LEU C 87 -6.03 -92.50 60.76
CA ARG C 88 -8.99 -93.76 58.72
CA PRO C 89 -12.21 -92.23 57.22
CA GLU C 90 -14.20 -93.81 60.07
CA ASP C 91 -12.35 -92.02 62.89
CA THR C 92 -14.43 -88.85 62.39
CA ALA C 93 -15.57 -88.34 65.99
CA VAL C 94 -15.69 -85.88 68.88
CA TYR C 95 -13.06 -86.76 71.50
CA TYR C 96 -13.33 -85.85 75.20
CA CYS C 97 -11.00 -86.08 78.21
CA ALA C 98 -12.89 -86.88 81.41
CA ARG C 99 -11.39 -86.88 84.91
CA ASP C 100 -10.96 -89.69 87.46
CA PRO C 101 -12.58 -88.87 90.87
CA TYR C 102 -10.66 -91.76 92.47
CA GLY C 103 -7.44 -92.36 90.54
CA GLY C 104 -8.08 -96.06 90.09
CA GLY C 105 -8.71 -96.33 86.36
CA LYS C 106 -12.24 -97.72 86.64
CA SER C 107 -15.10 -95.40 87.64
CA GLU C 108 -17.46 -92.60 86.54
CA PHE C 109 -16.75 -89.22 84.91
CA ASP C 110 -17.61 -86.01 86.78
CA TYR C 111 -15.84 -83.44 84.58
CA TRP C 112 -15.99 -83.39 80.77
CA GLY C 113 -14.26 -81.07 78.31
CA GLN C 114 -15.55 -79.22 75.25
CA GLY C 115 -14.59 -81.90 72.74
CA THR C 116 -12.39 -82.05 69.65
CA LEU C 117 -13.84 -83.06 66.27
CA VAL C 118 -11.06 -84.69 64.24
CA THR C 119 -12.30 -85.24 60.67
CA VAL C 120 -10.19 -87.53 58.50
CA SER C 121 -10.81 -86.85 54.80
CA SER C 122 -8.53 -86.49 51.75
CA ALA C 123 -10.73 -83.80 50.15
CA SER C 124 -9.16 -80.35 49.87
CA PRO C 125 -10.52 -78.39 52.88
CA THR C 126 -11.51 -74.76 52.29
CA SER C 127 -12.15 -71.67 54.44
CA PRO C 128 -15.80 -70.49 54.75
CA LYS C 129 -17.02 -67.31 53.06
CA VAL C 130 -19.20 -65.33 55.48
CA PHE C 131 -21.90 -63.12 53.92
CA PRO C 132 -24.17 -60.50 55.54
CA LEU C 133 -27.86 -61.38 55.29
CA SER C 134 -29.27 -57.88 55.76
CA LEU C 135 -32.83 -57.27 54.53
CA ASP C 136 -34.48 -54.66 52.30
CA SER C 137 -37.63 -53.98 54.36
CA THR C 138 -39.07 -57.43 53.55
CA PRO C 139 -40.13 -58.24 57.16
CA GLN C 140 -42.61 -56.31 59.31
CA ASP C 141 -42.74 -53.35 61.69
CA GLY C 142 -41.95 -54.56 65.20
CA ASN C 143 -38.84 -56.73 64.94
CA VAL C 144 -35.76 -56.73 62.70
CA VAL C 145 -34.28 -60.01 61.46
CA VAL C 146 -30.59 -60.07 60.53
CA ALA C 147 -28.22 -62.98 59.79
CA CYS C 148 -24.76 -64.12 58.67
CA LEU C 149 -24.48 -66.81 55.97
CA VAL C 150 -21.23 -68.77 56.39
CA GLN C 151 -20.96 -70.56 53.03
CA GLY C 152 -18.47 -73.14 51.73
CA PHE C 153 -16.42 -74.99 54.35
CA PHE C 154 -15.12 -78.54 54.55
CA PRO C 155 -15.41 -80.35 56.85
CA GLN C 156 -18.37 -79.29 59.02
CA GLU C 157 -16.48 -78.57 62.26
CA PRO C 158 -17.82 -77.14 65.57
CA LEU C 159 -18.62 -73.57 64.49
CA SER C 160 -18.71 -71.14 67.42
CA VAL C 161 -20.62 -67.94 66.65
CA THR C 162 -21.21 -65.05 69.07
CA TRP C 163 -23.00 -61.81 68.16
CA SER C 164 -22.09 -58.54 69.89
CA GLU C 165 -25.46 -57.62 71.42
CA SER C 166 -27.32 -59.66 74.06
CA GLY C 167 -30.32 -59.23 76.35
CA GLN C 168 -33.82 -60.50 77.08
CA ASN C 169 -35.90 -59.83 73.95
CA VAL C 170 -33.11 -60.90 71.58
CA THR C 171 -32.75 -64.46 70.27
CA ALA C 172 -29.87 -66.11 68.37
CA ARG C 173 -30.06 -69.51 66.66
CA ASN C 174 -27.17 -71.60 65.30
CA PHE C 175 -28.39 -73.48 62.20
CA PRO C 176 -27.10 -77.07 61.71
CA PRO C 177 -24.58 -77.87 58.90
CA SER C 178 -25.99 -79.17 55.60
CA GLN C 179 -24.39 -81.04 52.68
CA ASP C 180 -24.70 -80.44 48.92
CA ALA C 181 -24.02 -83.15 46.30
CA SER C 182 -21.86 -85.89 47.82
CA GLY C 183 -19.66 -84.06 50.32
CA ASP C 184 -18.22 -81.27 48.16
CA LEU C 185 -18.96 -78.48 50.67
CA TYR C 186 -20.87 -77.60 53.84
CA THR C 187 -22.88 -74.44 54.60
CA THR C 188 -24.32 -72.77 57.74
CA SER C 189 -25.88 -69.55 59.03
CA SER C 190 -26.33 -67.41 62.15
CA GLN C 191 -29.48 -65.38 62.78
CA LEU C 192 -30.38 -62.74 65.40
CA THR C 193 -34.00 -61.64 65.78
CA LEU C 194 -34.18 -58.42 67.81
CA PRO C 195 -36.83 -55.71 68.46
CA ALA C 196 -36.67 -52.59 66.30
CA THR C 197 -36.07 -50.45 69.40
CA GLN C 198 -32.63 -52.08 69.74
CA CYS C 199 -30.76 -51.51 66.44
CA PRO C 200 -30.31 -47.70 66.34
CA ASP C 201 -30.53 -45.84 63.00
CA GLY C 202 -26.97 -45.52 61.73
CA LYS C 203 -25.13 -48.44 63.38
CA SER C 204 -24.67 -52.20 62.88
CA VAL C 205 -24.17 -55.53 64.69
CA THR C 206 -21.07 -57.71 64.26
CA CYS C 207 -21.20 -61.52 63.98
CA HIS C 208 -18.07 -63.43 65.03
CA VAL C 209 -17.64 -66.86 63.42
CA LYS C 210 -14.88 -69.22 64.58
CA HIS C 211 -13.96 -72.49 62.85
CA TYR C 212 -11.21 -74.52 64.55
CA THR C 213 -8.48 -72.44 66.26
CA ASN C 214 -8.31 -70.37 63.07
CA PRO C 215 -8.54 -66.55 63.49
CA SER C 216 -12.08 -65.36 64.23
CA GLN C 217 -13.63 -63.75 61.13
CA ASP C 218 -15.59 -60.62 62.09
CA VAL C 219 -18.27 -59.11 59.82
CA THR C 220 -20.21 -55.85 60.22
CA VAL C 221 -23.90 -56.73 59.71
CA PRO C 222 -26.02 -53.54 59.27
CA CYS C 223 -29.72 -52.78 59.73
CA PRO C 224 -31.50 -49.09 59.72
CA VAL C 225 -31.99 -46.32 57.11
CA PRO C 226 -30.38 -42.67 56.56
CA PRO C 227 -32.38 -39.74 55.11
CA PRO C 228 -30.62 -37.19 52.63
CA PRO C 229 -29.71 -33.52 54.25
CA PRO C 230 -31.20 -30.60 52.29
CA CYS C 231 -30.32 -26.84 52.95
CA CYS C 232 -31.12 -23.98 50.53
CA HIS C 233 -29.65 -20.57 49.72
CA PRO C 234 -31.49 -17.33 48.40
CA ARG C 235 -31.32 -16.65 44.62
CA LEU C 236 -33.34 -16.75 41.34
CA SER C 237 -32.18 -17.49 37.79
CA LEU C 238 -33.80 -18.03 34.38
CA HIS C 239 -32.81 -20.60 31.75
CA ARG C 240 -33.23 -19.71 28.07
CA PRO C 241 -34.27 -22.59 25.76
CA ALA C 242 -31.77 -24.21 23.39
CA LEU C 243 -31.28 -22.83 19.88
CA GLU C 244 -30.99 -26.13 18.02
CA ASP C 245 -34.25 -27.43 19.50
CA LEU C 246 -36.59 -24.49 18.81
CA LEU C 247 -35.43 -24.09 15.19
CA LEU C 248 -35.96 -27.69 14.05
CA GLY C 249 -39.44 -28.41 15.37
CA SER C 250 -40.84 -25.52 17.43
CA GLU C 251 -40.20 -27.38 20.71
CA ALA C 252 -39.09 -24.70 23.17
CA ASN C 253 -39.39 -24.12 26.93
CA LEU C 254 -38.17 -21.47 29.39
CA THR C 255 -37.35 -22.62 32.94
CA CYS C 256 -37.72 -20.43 36.05
CA THR C 257 -35.87 -22.19 38.89
CA LEU C 258 -35.35 -20.74 42.38
CA THR C 259 -32.17 -22.38 43.67
CA GLY C 260 -31.55 -21.06 47.21
CA LEU C 261 -33.82 -19.84 50.05
CA ARG C 262 -34.31 -21.45 53.54
CA ASP C 263 -36.84 -24.33 54.22
CA ALA C 264 -40.53 -25.22 54.67
CA SER C 265 -42.90 -23.16 52.54
CA GLY C 266 -44.74 -23.35 49.19
CA ALA C 267 -44.18 -20.79 46.44
CA THR C 268 -46.50 -19.72 43.61
CA PHE C 269 -46.02 -18.37 40.05
CA THR C 270 -47.44 -15.76 37.67
CA TRP C 271 -46.31 -16.51 34.10
CA THR C 272 -47.23 -14.26 31.18
CA PRO C 273 -48.82 -15.71 27.99
CA SER C 274 -47.11 -15.68 24.59
CA SER C 275 -48.17 -14.06 21.31
CA GLY C 276 -50.56 -16.95 20.72
CA LYS C 277 -52.24 -16.36 24.10
CA SER C 278 -51.22 -19.61 25.83
CA ALA C 279 -50.01 -20.21 29.40
CA VAL C 280 -49.15 -23.70 30.69
CA GLN C 281 -47.16 -24.54 33.83
CA GLY C 282 -46.61 -27.26 36.44
CA PRO C 283 -43.98 -26.53 39.15
CA PRO C 284 -43.08 -29.60 41.29
CA GLU C 285 -41.06 -29.86 44.52
CA ARG C 286 -37.70 -31.69 44.48
CA ASP C 287 -35.24 -32.09 47.37
CA LEU C 288 -31.77 -30.58 46.79
CA CYS C 289 -29.15 -30.58 49.57
CA GLY C 290 -31.95 -31.34 52.00
CA CYS C 291 -33.91 -28.27 50.94
CA TYR C 292 -37.23 -28.18 48.86
CA SER C 293 -37.18 -26.83 45.25
CA VAL C 294 -39.85 -25.12 43.10
CA SER C 295 -39.08 -25.05 39.33
CA SER C 296 -41.66 -24.25 36.61
CA VAL C 297 -41.40 -24.60 32.81
CA LEU C 298 -43.42 -22.53 30.31
CA PRO C 299 -43.57 -24.26 26.88
CA GLY C 300 -43.45 -21.59 24.18
CA CYS C 301 -43.61 -21.48 20.38
CA ALA C 302 -40.98 -20.41 17.83
CA GLN C 303 -42.71 -17.29 16.45
CA PRO C 304 -42.76 -15.30 19.72
CA TRP C 305 -39.04 -15.95 20.24
CA ASN C 306 -38.25 -15.00 16.64
CA HIS C 307 -40.34 -11.81 16.84
CA GLY C 308 -39.26 -10.99 20.39
CA GLU C 309 -41.81 -11.26 23.19
CA THR C 310 -41.18 -10.43 26.86
CA PHE C 311 -41.14 -13.62 28.95
CA THR C 312 -41.40 -12.65 32.63
CA CYS C 313 -41.62 -14.84 35.77
CA THR C 314 -42.72 -13.59 39.21
CA ALA C 315 -42.34 -15.79 42.31
CA ALA C 316 -44.00 -14.38 45.45
CA HIS C 317 -43.63 -15.62 49.02
CA PRO C 318 -44.40 -14.43 52.57
CA GLU C 319 -40.75 -13.80 53.49
CA LEU C 320 -39.86 -13.02 49.90
CA LYS C 321 -42.11 -10.04 50.52
CA THR C 322 -40.88 -8.31 47.39
CA PRO C 323 -41.94 -10.63 44.51
CA LEU C 324 -38.82 -11.01 42.36
CA THR C 325 -39.51 -10.07 38.74
CA ALA C 326 -37.31 -11.49 35.97
CA ASN C 327 -37.62 -10.78 32.23
CA ILE C 328 -35.69 -12.22 29.27
CA THR C 329 -35.83 -11.40 25.54
CA LYS C 330 -33.51 -11.51 22.52
CA SER C 331 -30.65 -9.03 22.09
CA GLY C 332 -29.47 -6.22 19.83
CA ASN C 333 -31.03 -4.66 16.75
CA THR C 334 -31.33 -6.08 13.20
CA PHE C 335 -28.48 -6.12 10.66
CA ARG C 336 -28.76 -7.47 7.11
CA PRO C 337 -26.39 -10.43 6.36
CA GLU C 338 -23.99 -10.21 3.43
CA VAL C 339 -23.36 -13.65 1.91
CA HIS C 340 -20.10 -14.23 0.00
CA LEU C 341 -19.63 -17.64 -1.65
CA LEU C 342 -15.93 -18.56 -1.96
CA PRO C 343 -14.47 -20.95 -4.59
CA PRO C 344 -11.91 -23.70 -3.72
CA PRO C 345 -8.23 -22.62 -3.87
CA SER C 346 -5.62 -23.65 -6.44
CA GLU C 347 -3.67 -26.00 -4.16
CA GLU C 348 -6.88 -27.73 -3.04
CA LEU C 349 -7.55 -29.07 -6.54
CA ALA C 350 -4.70 -31.54 -5.90
CA LEU C 351 -6.88 -33.70 -3.63
CA ASN C 352 -9.56 -36.21 -4.71
CA GLU C 353 -12.42 -37.24 -2.39
CA LEU C 354 -13.29 -33.82 -0.92
CA VAL C 355 -13.57 -30.17 -2.05
CA THR C 356 -14.44 -27.29 0.31
CA LEU C 357 -17.08 -24.74 -0.73
CA THR C 358 -17.04 -21.80 1.70
CA CYS C 359 -19.89 -19.25 1.69
CA LEU C 360 -19.29 -16.60 4.36
CA ALA C 361 -22.16 -14.48 5.69
CA ARG C 362 -21.08 -11.61 7.94
CA GLY C 363 -22.63 -8.33 9.04
CA PHE C 364 -25.66 -9.73 10.88
CA SER C 365 -27.41 -9.46 14.24
CA PRO C 366 -28.67 -11.23 16.21
CA LYS C 367 -26.63 -14.45 15.96
CA ASP C 368 -29.74 -16.48 15.10
CA VAL C 369 -29.19 -17.63 11.51
CA LEU C 370 -30.02 -20.90 9.72
CA VAL C 371 -27.64 -21.90 6.91
CA ARG C 372 -28.21 -24.77 4.45
CA TRP C 373 -26.91 -26.08 1.11
CA LEU C 374 -28.49 -27.48 -2.06
CA GLN C 375 -27.60 -29.45 -5.21
CA GLY C 376 -28.12 -28.01 -8.68
CA SER C 377 -28.40 -31.16 -10.81
CA GLN C 378 -30.33 -33.53 -8.53
CA GLU C 379 -32.29 -30.52 -7.18
CA LEU C 380 -32.04 -32.04 -3.68
CA PRO C 381 -30.44 -30.61 -0.50
CA ARG C 382 -26.88 -31.56 0.49
CA GLU C 383 -25.82 -33.70 3.45
CA LYS C 384 -22.12 -33.07 4.17
CA TYR C 385 -21.62 -29.56 5.63
CA LEU C 386 -20.80 -27.84 8.94
CA THR C 387 -21.49 -24.55 10.77
CA TRP C 388 -19.22 -22.37 12.92
CA ALA C 389 -19.92 -19.75 15.63
CA SER C 390 -18.14 -16.94 17.53
CA ARG C 391 -19.14 -13.45 18.72
CA GLN C 392 -17.24 -10.24 17.90
CA GLU C 393 -17.04 -8.19 21.11
CA PRO C 394 -14.07 -5.76 21.03
CA SER C 395 -13.36 -2.79 23.32
CA GLN C 396 -14.86 -0.26 20.89
CA GLY C 397 -18.48 0.32 19.90
CA THR C 398 -18.83 -2.13 17.02
CA THR C 399 -20.43 -5.59 17.13
CA THR C 400 -21.78 -7.83 14.32
CA PHE C 401 -21.89 -11.64 14.14
CA ALA C 402 -20.50 -13.55 11.13
CA VAL C 403 -20.53 -17.20 9.99
CA THR C 404 -18.76 -19.70 7.74
CA SER C 405 -20.15 -22.73 5.88
CA ILE C 406 -18.17 -25.64 4.42
CA LEU C 407 -19.67 -28.01 1.82
CA ARG C 408 -17.40 -30.96 1.02
CA VAL C 409 -18.27 -32.42 -2.40
CA ALA C 410 -16.27 -34.51 -4.91
CA ALA C 411 -13.40 -33.31 -7.11
CA GLU C 412 -14.80 -34.73 -10.36
CA ASP C 413 -18.25 -33.21 -9.77
CA TRP C 414 -16.96 -29.66 -9.24
CA LYS C 415 -15.44 -29.76 -12.74
CA LYS C 416 -18.56 -31.05 -14.52
CA GLY C 417 -20.31 -27.69 -14.26
CA ASP C 418 -22.79 -28.12 -11.41
CA THR C 419 -24.13 -25.11 -9.47
CA PHE C 420 -24.18 -25.14 -5.63
CA SER C 421 -26.52 -22.99 -3.49
CA CYS C 422 -25.86 -21.56 0.01
CA MET C 423 -29.21 -20.44 1.43
CA VAL C 424 -29.09 -18.20 4.50
CA GLY C 425 -32.08 -17.25 6.66
CA HIS C 426 -32.23 -14.26 8.99
CA GLU C 427 -34.82 -11.73 10.20
CA ALA C 428 -33.27 -8.64 8.60
CA LEU C 429 -33.44 -10.32 5.18
CA PRO C 430 -35.98 -9.14 2.54
CA LEU C 431 -38.12 -12.31 2.66
CA ALA C 432 -36.37 -13.88 5.66
CA PHE C 433 -34.46 -15.90 3.06
CA THR C 434 -31.55 -15.18 0.72
CA GLN C 435 -29.59 -17.47 -1.64
CA LYS C 436 -26.27 -17.04 -3.48
CA THR C 437 -24.59 -19.55 -5.82
CA ILE C 438 -21.16 -20.81 -6.91
CA ASP C 439 -20.21 -22.17 -10.35
CA ARG C 440 -16.93 -23.24 -11.97
CA LEU C 441 -18.08 -21.41 -15.12
CA ALA C 442 -16.95 -17.86 -14.44
CA GLY C 443 -17.86 -15.19 -16.96
CA LYS C 444 -16.47 -11.72 -16.28
CA PRO C 445 -19.50 -9.37 -16.66
CA THR C 446 -19.77 -8.58 -12.94
CA HIS C 447 -21.47 -11.16 -10.70
CA VAL C 448 -24.86 -12.19 -12.09
CA ASN C 449 -27.46 -14.39 -10.38
CA VAL C 450 -29.73 -17.06 -11.91
CA SER C 451 -33.19 -16.47 -13.39
CA VAL C 452 -36.64 -17.05 -11.83
CA VAL C 453 -38.11 -20.52 -11.24
CA MET C 454 -41.73 -20.60 -10.01
CA ALA C 455 -44.37 -17.84 -10.17
CA GLU C 456 -47.99 -16.99 -9.31
CA VAL C 457 -47.78 -19.47 -6.42
CA ASP C 458 -46.67 -17.95 -3.11
CA GLY C 459 -49.08 -19.86 -0.87
CA THR C 460 -51.90 -17.44 -0.02
CA CYS C 461 -53.36 -18.05 -3.49
CA TYR C 462 -53.28 -21.83 -3.97
CA GLN D 1 -58.47 7.61 83.67
CA VAL D 2 -55.26 8.54 81.84
CA LYS D 3 -52.92 10.21 84.35
CA LEU D 4 -54.75 12.96 86.31
CA LEU D 5 -53.25 16.05 84.69
CA GLU D 6 -51.60 15.23 81.35
CA GLN D 7 -49.58 18.14 79.95
CA SER D 8 -48.06 18.78 76.50
CA GLY D 9 -44.60 18.33 74.97
CA ALA D 10 -41.29 20.19 74.87
CA GLU D 11 -41.54 23.00 72.32
CA VAL D 12 -38.24 24.28 70.90
CA LYS D 13 -38.67 28.02 70.34
CA LYS D 14 -36.17 30.45 68.85
CA PRO D 15 -35.42 33.55 71.02
CA GLY D 16 -38.17 36.11 70.44
CA ALA D 17 -41.01 33.67 69.78
CA SER D 18 -44.18 32.51 71.58
CA VAL D 19 -44.97 29.35 73.56
CA LYS D 20 -48.32 27.86 74.66
CA VAL D 21 -48.29 24.90 77.05
CA SER D 22 -51.58 23.14 77.87
CA CYS D 23 -52.79 21.14 80.89
CA LYS D 24 -55.51 18.52 80.35
CA ALA D 25 -57.47 17.36 83.40
CA SER D 26 -59.58 14.29 84.18
CA GLY D 27 -61.13 12.15 86.90
CA TYR D 28 -62.28 15.17 88.90
CA SER D 29 -64.54 18.20 88.42
CA PHE D 30 -62.78 20.99 86.49
CA THR D 31 -64.94 23.94 87.57
CA SER D 32 -64.31 23.21 91.27
CA TYR D 33 -60.50 23.44 91.51
CA GLY D 34 -57.83 25.92 90.41
CA LEU D 35 -54.48 25.41 88.64
CA HIS D 36 -51.08 26.95 89.45
CA TRP D 37 -48.03 27.07 87.14
CA VAL D 38 -44.52 26.40 88.49
CA ARG D 39 -41.27 25.91 86.53
CA GLN D 40 -37.63 24.93 87.25
CA ALA D 41 -34.37 26.00 85.58
CA PRO D 42 -31.67 23.30 85.10
CA GLY D 43 -29.85 23.25 88.41
CA GLN D 44 -32.04 25.82 90.18
CA ARG D 45 -35.07 25.94 92.51
CA LEU D 46 -38.77 25.93 91.53
CA GLU D 47 -40.29 29.33 90.73
CA TRP D 48 -44.02 30.11 90.88
CA MET D 49 -45.39 31.77 87.73
CA GLY D 50 -49.10 32.21 88.39
CA TRP D 51 -52.61 30.86 88.92
CA ILE D 52 -56.02 30.78 87.22
CA SER D 53 -59.45 29.80 88.55
CA ALA D 54 -61.37 27.32 86.37
CA GLY D 55 -64.71 28.60 87.64
CA THR D 56 -64.64 32.34 86.91
CA GLY D 57 -61.37 32.91 85.06
CA ASN D 58 -59.50 35.31 87.35
CA THR D 59 -55.76 35.74 86.71
CA LYS D 60 -53.19 36.11 89.50
CA TYR D 61 -49.55 36.02 88.34
CA SER D 62 -46.29 37.29 89.86
CA GLN D 63 -44.60 40.65 89.23
CA LYS D 64 -41.64 38.83 87.65
CA PHE D 65 -43.20 38.04 84.26
CA ARG D 66 -45.31 41.22 84.24
CA GLY D 67 -46.46 42.09 80.74
CA ARG D 68 -45.62 38.85 78.92
CA VAL D 69 -47.67 36.11 80.59
CA THR D 70 -51.28 35.06 80.04
CA PHE D 71 -53.60 32.28 81.24
CA THR D 72 -56.61 30.91 79.35
CA ARG D 73 -59.07 28.06 80.03
CA ASP D 74 -61.60 26.15 77.93
CA THR D 75 -64.65 25.08 79.96
CA SER D 76 -66.07 22.43 77.60
CA ALA D 77 -62.62 21.01 76.74
CA THR D 78 -61.18 20.57 80.25
CA THR D 79 -57.72 21.99 79.46
CA ALA D 80 -55.74 24.91 80.93
CA TYR D 81 -53.30 27.12 79.00
CA MET D 82 -50.25 29.36 79.52
CA GLY D 83 -48.67 31.99 77.28
CA LEU D 84 -45.26 33.70 77.28
CA SER D 85 -44.01 36.14 74.63
CA SER D 86 -40.46 37.46 74.04
CA LEU D 87 -38.65 34.25 75.07
CA ARG D 88 -35.01 34.47 76.17
CA PRO D 89 -32.04 32.03 76.46
CA GLU D 90 -32.60 31.90 80.23
CA ASP D 91 -36.18 30.56 80.07
CA THR D 92 -34.95 26.99 79.53
CA ALA D 93 -36.93 25.27 82.28
CA VAL D 94 -39.37 22.47 83.05
CA TYR D 95 -42.89 23.84 83.52
CA TYR D 96 -45.60 22.15 85.60
CA CYS D 97 -49.31 22.74 86.22
CA ALA D 98 -50.33 21.92 89.79
CA ARG D 99 -53.90 21.83 91.10
CA ASP D 100 -55.64 23.93 93.78
CA PRO D 101 -57.23 21.78 96.56
CA TYR D 102 -59.22 24.80 97.77
CA GLY D 103 -59.81 27.16 94.85
CA GLY D 104 -58.48 30.19 96.68
CA GLY D 105 -55.27 30.94 94.83
CA LYS D 106 -52.96 30.51 97.80
CA SER D 107 -52.19 27.01 99.12
CA GLU D 108 -50.26 23.76 98.53
CA PHE D 109 -50.03 21.49 95.47
CA ASP D 110 -51.35 17.91 95.68
CA TYR D 111 -51.28 16.94 92.00
CA TRP D 112 -48.36 17.64 89.64
CA GLY D 113 -48.03 16.92 85.92
CA GLN D 114 -45.20 15.37 83.89
CA GLY D 115 -43.57 18.67 82.97
CA THR D 116 -42.69 20.44 79.72
CA LEU D 117 -39.08 21.40 78.93
CA VAL D 118 -39.14 24.48 76.71
CA THR D 119 -35.61 25.17 75.44
CA VAL D 120 -35.02 28.57 73.84
CA SER D 121 -31.98 28.48 71.54
CA SER D 122 -31.28 29.83 68.03
CA ALA D 123 -29.07 26.85 67.10
CA SER D 124 -30.41 24.60 64.33
CA PRO D 125 -32.06 21.66 66.16
CA THR D 126 -31.54 18.19 64.69
CA SER D 127 -33.17 14.76 65.01
CA PRO D 128 -31.20 12.04 66.89
CA LYS D 129 -29.63 9.08 65.06
CA VAL D 130 -30.30 5.88 67.00
CA PHE D 131 -27.74 3.09 66.63
CA PRO D 132 -27.84 -0.54 67.83
CA LEU D 133 -25.10 -1.49 70.31
CA SER D 134 -24.91 -5.26 69.80
CA LEU D 135 -21.79 -7.22 70.83
CA ASP D 136 -19.65 -10.12 69.58
CA SER D 137 -17.80 -12.08 72.33
CA THR D 138 -17.13 -9.01 74.50
CA PRO D 139 -19.50 -9.97 77.34
CA GLN D 140 -18.97 -12.75 79.88
CA ASP D 141 -20.53 -16.21 79.75
CA GLY D 142 -23.75 -15.93 81.73
CA ASN D 143 -25.44 -12.65 80.79
CA VAL D 144 -26.11 -10.58 77.66
CA VAL D 145 -25.76 -6.79 77.53
CA VAL D 146 -27.45 -4.86 74.71
CA ALA D 147 -27.95 -1.11 74.17
CA CYS D 148 -29.21 1.68 71.89
CA LEU D 149 -26.99 4.71 71.24
CA VAL D 150 -29.13 7.76 70.43
CA GLN D 151 -26.55 10.17 68.97
CA GLY D 152 -26.81 13.80 67.84
CA PHE D 153 -29.81 15.75 69.11
CA PHE D 154 -30.27 19.39 70.12
CA PRO D 155 -31.49 20.33 72.61
CA GLN D 156 -31.33 17.63 75.31
CA GLU D 157 -35.08 17.16 75.88
CA PRO D 158 -36.87 14.62 78.13
CA LEU D 159 -36.10 11.39 76.26
CA SER D 160 -38.59 8.62 77.03
CA VAL D 161 -37.26 5.14 76.22
CA THR D 162 -39.11 1.85 76.77
CA TRP D 163 -37.75 -1.57 75.76
CA SER D 164 -40.12 -4.38 74.77
CA GLU D 165 -39.20 -7.02 77.38
CA SER D 166 -39.64 -6.61 81.15
CA GLY D 167 -39.45 -8.81 84.24
CA GLN D 168 -37.51 -9.42 87.45
CA ASN D 169 -33.93 -10.26 86.44
CA VAL D 170 -33.83 -7.59 83.71
CA THR D 171 -32.54 -4.05 84.30
CA ALA D 172 -32.76 -0.94 82.11
CA ARG D 173 -30.85 2.30 82.73
CA ASN D 174 -31.41 5.70 81.07
CA PHE D 175 -28.02 7.44 80.74
CA PRO D 176 -27.96 11.25 81.32
CA PRO D 177 -27.40 13.66 78.36
CA SER D 178 -23.83 14.87 77.73
CA GLN D 179 -22.43 17.83 75.76
CA ASP D 180 -19.53 17.97 73.27
CA ALA D 181 -17.62 21.17 72.47
CA SER D 182 -19.75 24.21 73.40
CA GLY D 183 -23.31 23.06 72.79
CA ASP D 184 -23.08 21.74 69.22
CA LEU D 185 -24.88 18.46 69.95
CA TYR D 186 -26.12 16.15 72.74
CA THR D 187 -25.86 12.34 72.97
CA THR D 188 -27.49 9.59 75.07
CA SER D 189 -27.92 5.82 75.34
CA SER D 190 -30.27 3.09 76.59
CA GLN D 191 -29.01 -0.22 77.98
CA LEU D 192 -30.73 -3.47 78.95
CA THR D 193 -28.78 -6.08 80.90
CA LEU D 194 -30.71 -9.37 80.75
CA PRO D 195 -29.98 -13.06 81.49
CA ALA D 196 -29.04 -15.29 78.55
CA THR D 197 -31.99 -17.59 79.27
CA GLN D 198 -34.29 -14.72 78.20
CA CYS D 199 -33.52 -13.50 74.65
CA PRO D 200 -34.18 -16.49 72.35
CA ASP D 201 -31.65 -17.54 69.66
CA GLY D 202 -32.73 -15.97 66.38
CA LYS D 203 -34.84 -12.99 67.54
CA SER D 204 -34.21 -9.49 68.90
CA VAL D 205 -35.45 -6.80 71.32
CA THR D 206 -36.81 -3.42 70.16
CA CYS D 207 -35.88 -0.12 71.87
CA HIS D 208 -38.42 2.71 71.52
CA VAL D 209 -36.98 6.22 71.82
CA LYS D 210 -39.28 9.25 71.99
CA HIS D 211 -38.09 12.87 71.86
CA TYR D 212 -40.85 15.50 72.21
CA THR D 213 -44.21 14.54 70.66
CA ASN D 214 -42.28 13.51 67.55
CA PRO D 215 -43.03 9.99 66.17
CA SER D 216 -41.45 7.22 68.24
CA GLN D 217 -38.39 5.82 66.46
CA ASP D 218 -38.33 2.02 66.81
CA VAL D 219 -35.12 0.02 66.29
CA THR D 220 -34.71 -3.77 66.15
CA VAL D 221 -31.81 -4.42 68.55
CA PRO D 222 -30.56 -8.01 68.02
CA CYS D 223 -28.96 -10.41 70.47
CA PRO D 224 -28.14 -14.37 69.76
CA VAL D 225 -26.13 -16.30 67.13
CA PRO D 226 -27.13 -18.66 64.01
CA PRO D 227 -25.02 -21.67 62.95
CA PRO D 228 -24.55 -22.50 59.10
CA PRO D 229 -26.73 -25.70 57.73
CA PRO D 230 -24.58 -28.37 56.05
CA CYS D 231 -26.02 -31.43 54.06
CA CYS D 232 -23.96 -33.63 51.69
CA HIS D 233 -24.63 -35.75 48.62
CA PRO D 234 -22.75 -38.95 47.36
CA ARG D 235 -20.46 -37.91 44.43
CA LEU D 236 -17.01 -36.74 43.15
CA SER D 237 -16.14 -34.78 39.96
CA LEU D 238 -12.98 -33.47 38.27
CA HIS D 239 -12.61 -30.05 36.63
CA ARG D 240 -10.25 -29.77 33.64
CA PRO D 241 -8.28 -26.49 33.40
CA ALA D 242 -9.25 -23.83 30.84
CA LEU D 243 -7.72 -23.89 27.35
CA GLU D 244 -7.18 -20.15 26.90
CA ASP D 245 -5.29 -19.89 30.20
CA LEU D 246 -2.76 -22.74 29.83
CA LEU D 247 -1.81 -21.75 26.27
CA LEU D 248 -0.95 -18.10 26.92
CA GLY D 249 1.26 -18.37 30.01
CA SER D 250 1.50 -21.95 31.30
CA GLU D 251 -0.90 -21.19 34.17
CA ALA D 252 -2.99 -24.35 34.60
CA ASN D 253 -4.67 -26.17 37.48
CA LEU D 254 -6.88 -29.26 37.85
CA THR D 255 -9.54 -29.26 40.59
CA CYS D 256 -10.75 -32.36 42.48
CA THR D 257 -13.88 -31.39 44.45
CA LEU D 258 -15.80 -33.87 46.63
CA THR D 259 -19.44 -32.73 46.74
CA GLY D 260 -21.80 -35.51 47.89
CA LEU D 261 -21.77 -37.79 50.96
CA ARG D 262 -23.35 -36.93 54.40
CA ASP D 263 -21.89 -35.28 57.62
CA ALA D 264 -18.69 -34.21 59.47
CA SER D 265 -15.39 -35.94 58.65
CA GLY D 266 -12.04 -35.00 57.08
CA ALA D 267 -10.63 -35.94 53.67
CA THR D 268 -7.02 -36.59 52.63
CA PHE D 269 -5.62 -36.65 49.07
CA THR D 270 -3.05 -38.60 47.05
CA TRP D 271 -2.23 -36.56 43.93
CA THR D 272 0.21 -37.88 41.34
CA PRO D 273 3.20 -35.73 40.21
CA SER D 274 3.57 -34.39 36.66
CA SER D 275 6.30 -34.98 34.07
CA GLY D 276 8.46 -32.41 35.85
CA LYS D 277 8.14 -34.30 39.16
CA SER D 278 6.16 -31.69 41.11
CA ALA D 279 3.22 -32.12 43.51
CA VAL D 280 1.63 -29.16 45.31
CA GLN D 281 -1.77 -29.08 47.05
CA GLY D 282 -3.81 -27.33 49.74
CA PRO D 283 -7.44 -28.59 50.23
CA PRO D 284 -9.70 -26.44 52.50
CA GLU D 285 -13.14 -26.89 54.10
CA ARG D 286 -16.12 -24.67 53.24
CA ASP D 287 -19.82 -23.94 53.63
CA LEU D 288 -22.19 -23.66 50.63
CA CYS D 289 -25.49 -25.55 51.26
CA GLY D 290 -24.89 -26.83 54.81
CA CYS D 291 -22.37 -29.73 55.06
CA TYR D 292 -18.50 -29.41 55.22
CA SER D 293 -16.55 -29.33 51.90
CA VAL D 294 -13.02 -30.41 50.87
CA SER D 295 -11.58 -29.36 47.45
CA SER D 296 -7.96 -29.52 46.20
CA VAL D 297 -6.15 -27.91 43.26
CA LEU D 298 -2.97 -29.31 41.66
CA PRO D 299 -1.10 -26.59 39.67
CA GLY D 300 0.33 -28.18 36.55
CA CYS D 301 2.48 -27.06 33.61
CA ALA D 302 1.72 -26.84 29.88
CA GLN D 303 4.11 -29.55 28.62
CA PRO D 304 2.52 -32.48 30.51
CA TRP D 305 -0.94 -31.53 29.22
CA ASN D 306 0.36 -31.13 25.66
CA HIS D 307 2.20 -34.46 25.79
CA GLY D 308 -0.59 -36.23 27.68
CA GLU D 309 0.07 -37.27 31.28
CA THR D 310 -2.37 -39.21 33.49
CA PHE D 311 -3.71 -36.89 36.24
CA THR D 312 -5.39 -39.09 38.88
CA CYS D 313 -6.92 -38.04 42.23
CA THR D 314 -7.45 -40.69 44.93
CA ALA D 315 -9.18 -39.88 48.23
CA ALA D 316 -9.14 -42.21 51.25
CA HIS D 317 -11.95 -42.17 53.85
CA PRO D 318 -13.31 -44.35 56.69
CA GLU D 319 -16.89 -44.45 55.41
CA LEU D 320 -15.98 -43.93 51.76
CA LYS D 321 -14.19 -47.23 52.27
CA THR D 322 -13.36 -47.74 48.58
CA PRO D 323 -11.09 -44.74 47.86
CA LEU D 324 -12.61 -43.27 44.71
CA THR D 325 -10.06 -43.12 41.88
CA ALA D 326 -10.50 -40.59 39.07
CA ASN D 327 -8.24 -40.11 36.04
CA ILE D 328 -8.36 -37.51 33.25
CA THR D 329 -6.23 -37.05 30.13
CA LYS D 330 -6.65 -35.62 26.61
CA SER D 331 -8.55 -37.47 23.87
CA GLY D 332 -8.26 -39.10 20.46
CA ASN D 333 -5.25 -39.83 18.26
CA THR D 334 -3.16 -37.31 16.27
CA PHE D 335 -4.23 -36.08 12.81
CA ARG D 336 -2.19 -33.69 10.65
CA PRO D 337 -3.97 -30.34 9.92
CA GLU D 338 -4.45 -29.22 6.31
CA VAL D 339 -4.41 -25.43 5.92
CA HIS D 340 -6.20 -23.86 2.93
CA LEU D 341 -5.86 -20.06 2.63
CA LEU D 342 -8.87 -18.64 0.77
CA PRO D 343 -8.76 -15.29 -1.10
CA PRO D 344 -11.52 -12.61 -0.79
CA PRO D 345 -14.50 -12.97 -3.20
CA SER D 346 -15.41 -10.78 -6.17
CA GLU D 347 -18.37 -8.94 -4.63
CA GLU D 348 -16.46 -8.28 -1.40
CA LEU D 349 -14.06 -5.96 -3.25
CA ALA D 350 -16.94 -3.47 -3.47
CA LEU D 351 -16.55 -2.45 0.19
CA ASN D 352 -13.79 -0.23 1.64
CA GLU D 353 -12.69 -0.45 5.30
CA LEU D 354 -12.50 -4.25 5.73
CA VAL D 355 -11.47 -7.32 3.68
CA THR D 356 -11.80 -10.89 5.01
CA LEU D 357 -8.89 -13.33 4.62
CA THR D 358 -10.08 -16.88 5.38
CA CYS D 359 -7.53 -19.65 6.02
CA LEU D 360 -9.22 -22.95 6.87
CA ALA D 361 -7.39 -25.76 8.69
CA ARG D 362 -9.35 -29.03 8.68
CA GLY D 363 -8.31 -32.62 9.33
CA PHE D 364 -6.91 -32.34 12.86
CA SER D 365 -7.21 -34.00 16.27
CA PRO D 366 -7.30 -33.17 19.09
CA LYS D 367 -9.08 -29.79 18.97
CA ASP D 368 -6.11 -28.02 20.58
CA VAL D 369 -4.74 -25.71 17.89
CA LEU D 370 -3.21 -22.21 18.08
CA VAL D 371 -3.84 -20.08 14.98
CA ARG D 372 -2.25 -16.65 14.37
CA TRP D 373 -1.66 -14.13 11.56
CA LEU D 374 1.30 -12.02 10.39
CA GLN D 375 2.10 -9.00 8.19
CA GLY D 376 4.42 -9.26 5.21
CA SER D 377 5.63 -5.67 4.81
CA GLN D 378 5.94 -4.47 8.41
CA GLU D 379 7.05 -8.01 9.42
CA LEU D 380 4.91 -7.70 12.56
CA PRO D 381 1.95 -9.84 13.76
CA ARG D 382 -1.62 -8.77 12.99
CA GLU D 383 -4.21 -7.52 15.51
CA LYS D 384 -7.70 -7.82 13.96
CA TYR D 385 -8.70 -11.49 13.66
CA LEU D 386 -11.06 -14.03 15.29
CA THR D 387 -11.14 -17.82 15.79
CA TRP D 388 -14.12 -20.15 15.16
CA ALA D 389 -14.83 -23.67 16.51
CA SER D 390 -17.16 -26.69 16.55
CA ARG D 391 -16.99 -30.51 16.81
CA GLN D 392 -17.99 -33.05 14.14
CA GLU D 393 -19.60 -36.03 15.88
CA PRO D 394 -21.96 -37.80 13.42
CA SER D 395 -23.58 -41.23 13.78
CA GLN D 396 -20.85 -42.98 11.77
CA GLY D 397 -17.23 -43.69 12.66
CA THR D 398 -15.56 -40.52 11.37
CA THR D 399 -14.50 -37.58 13.58
CA THR D 400 -11.98 -34.75 12.91
CA PHE D 401 -12.00 -31.15 14.17
CA ALA D 402 -11.54 -28.15 11.84
CA VAL D 403 -11.14 -24.36 12.20
CA THR D 404 -11.65 -21.06 10.34
CA SER D 405 -9.71 -17.79 10.67
CA ILE D 406 -10.75 -14.29 9.56
CA LEU D 407 -8.22 -11.47 9.12
CA ARG D 408 -9.92 -8.15 8.33
CA VAL D 409 -7.44 -5.81 6.62
CA ALA D 410 -7.89 -2.76 4.37
CA ALA D 411 -9.13 -2.73 0.76
CA GLU D 412 -6.29 -0.56 -0.57
CA ASP D 413 -3.61 -2.67 1.14
CA TRP D 414 -4.79 -5.98 -0.36
CA LYS D 415 -4.22 -4.52 -3.84
CA LYS D 416 -0.71 -3.16 -3.17
CA GLY D 417 0.84 -6.63 -3.26
CA ASP D 418 1.39 -7.54 0.40
CA THR D 419 1.64 -11.18 1.53
CA PHE D 420 -0.34 -12.40 4.59
CA SER D 421 0.64 -15.44 6.72
CA CYS D 422 -1.70 -17.84 8.59
CA MET D 423 0.48 -19.82 11.03
CA VAL D 424 -1.15 -22.90 12.56
CA GLY D 425 0.25 -24.88 15.48
CA HIS D 426 -0.65 -28.47 16.34
CA GLU D 427 1.05 -31.59 17.73
CA ALA D 428 0.74 -33.75 14.59
CA LEU D 429 2.59 -31.07 12.58
CA PRO D 430 6.19 -31.68 11.39
CA LEU D 431 7.80 -29.06 13.66
CA ALA D 432 4.65 -28.33 15.69
CA PHE D 433 4.28 -25.32 13.40
CA THR D 434 3.09 -24.82 9.81
CA GLN D 435 2.52 -21.64 7.77
CA LYS D 436 0.71 -20.96 4.48
CA THR D 437 0.41 -17.61 2.69
CA ILE D 438 -1.98 -15.57 0.51
CA ASP D 439 -1.04 -13.04 -2.18
CA ARG D 440 -2.98 -11.03 -4.79
CA LEU D 441 -0.23 -11.87 -7.30
CA ALA D 442 -1.32 -15.27 -8.61
CA GLY D 443 0.93 -17.04 -11.08
CA LYS D 444 -0.44 -20.28 -12.51
CA PRO D 445 2.45 -22.78 -12.12
CA THR D 446 0.70 -24.79 -9.38
CA HIS D 447 0.96 -23.18 -5.93
CA VAL D 448 4.47 -22.38 -4.69
CA ASN D 449 5.57 -21.30 -1.20
CA VAL D 450 8.16 -18.63 -0.32
CA SER D 451 11.92 -19.20 0.07
CA VAL D 452 13.94 -19.69 3.26
CA VAL D 453 14.69 -16.85 5.70
CA MET D 454 17.10 -17.71 8.54
CA ALA D 455 19.54 -20.63 8.85
CA GLU D 456 22.25 -22.16 11.05
CA VAL D 457 20.42 -20.78 14.12
CA ASP D 458 17.78 -23.13 15.55
CA GLY D 459 18.54 -22.46 19.22
CA THR D 460 20.61 -25.39 20.47
CA CYS D 461 23.64 -23.88 18.73
CA TYR D 462 23.54 -20.19 19.67
CA PRO E 1 -31.25 -12.02 -21.50
CA ARG E 2 -30.31 -11.36 -17.93
CA SER E 3 -29.82 -8.14 -16.08
CA PRO E 4 -30.51 -6.54 -12.79
CA THR E 5 -34.22 -6.53 -12.12
CA VAL E 6 -33.91 -3.46 -9.98
CA VAL E 7 -31.15 -0.95 -9.59
CA LYS E 8 -31.09 1.71 -6.94
CA GLY E 9 -28.87 4.72 -6.83
CA VAL E 10 -28.94 8.10 -5.31
CA ALA E 11 -28.84 11.63 -6.70
CA GLY E 12 -25.72 12.70 -8.58
CA SER E 13 -24.06 9.28 -8.45
CA SER E 14 -23.30 7.26 -11.58
CA VAL E 15 -24.65 3.82 -12.30
CA ALA E 16 -23.79 1.00 -14.61
CA VAL E 17 -26.11 -1.69 -15.83
CA LEU E 18 -24.87 -4.93 -17.33
CA CYS E 19 -26.99 -7.27 -19.46
CA PRO E 20 -25.97 -10.68 -20.79
CA TYR E 21 -26.80 -12.25 -24.23
CA ASN E 22 -26.21 -15.15 -26.80
CA ARG E 23 -24.36 -15.81 -30.11
CA LYS E 24 -26.60 -14.34 -32.77
CA GLU E 25 -26.95 -11.64 -30.25
CA SER E 26 -23.24 -10.86 -30.31
CA LYS E 27 -23.69 -9.26 -33.72
CA SER E 28 -27.10 -7.67 -33.24
CA ILE E 29 -27.79 -4.12 -32.13
CA LYS E 30 -27.91 -3.50 -28.41
CA TYR E 31 -30.15 -0.89 -26.96
CA TRP E 32 -31.34 0.77 -23.77
CA CYS E 33 -34.88 2.16 -23.64
CA LEU E 34 -37.31 3.75 -21.25
CA TRP E 35 -40.75 2.21 -21.06
CA GLU E 36 -43.65 4.41 -22.06
CA GLY E 37 -47.10 4.07 -20.58
CA ALA E 38 -49.99 3.68 -22.98
CA GLN E 39 -52.15 0.99 -24.41
CA ASN E 40 -49.61 0.98 -27.17
CA GLY E 41 -46.41 2.52 -26.03
CA ARG E 42 -42.90 2.20 -27.24
CA CYS E 43 -39.78 2.30 -25.20
CA PRO E 44 -37.88 5.22 -26.46
CA LEU E 45 -34.41 4.35 -27.68
CA LEU E 46 -32.22 6.09 -25.14
CA VAL E 47 -28.87 4.81 -26.44
CA ASP E 48 -27.90 2.16 -28.98
CA SER E 49 -24.86 0.18 -30.11
CA GLU E 50 -25.52 1.65 -33.53
CA GLY E 51 -24.06 4.98 -32.64
CA TRP E 52 -27.29 6.66 -31.70
CA VAL E 53 -27.53 8.55 -28.45
CA LYS E 54 -30.55 10.50 -27.25
CA ALA E 55 -30.22 14.16 -26.49
CA GLN E 56 -30.95 13.68 -22.83
CA TYR E 57 -28.26 11.03 -22.59
CA GLU E 58 -25.69 12.54 -24.94
CA GLY E 59 -22.47 12.93 -23.01
CA ARG E 60 -24.16 11.71 -19.85
CA LEU E 61 -24.22 8.02 -20.71
CA SER E 62 -22.38 5.34 -22.61
CA LEU E 63 -23.18 1.88 -23.96
CA LEU E 64 -20.37 -0.60 -24.46
CA GLU E 65 -20.60 -4.09 -25.84
CA GLU E 66 -18.11 -6.83 -25.18
CA PRO E 67 -19.02 -9.84 -27.18
CA GLY E 68 -16.61 -12.30 -25.65
CA ASN E 69 -18.16 -11.78 -22.27
CA GLY E 70 -21.60 -11.68 -23.75
CA THR E 71 -22.40 -8.46 -22.04
CA PHE E 72 -22.93 -4.82 -22.78
CA THR E 73 -22.85 -2.12 -20.19
CA VAL E 74 -24.77 1.09 -20.00
CA ILE E 75 -23.14 3.68 -17.85
CA LEU E 76 -25.15 6.68 -16.81
CA ASN E 77 -23.89 9.65 -14.87
CA GLN E 78 -25.54 12.59 -13.17
CA LEU E 79 -28.54 10.57 -12.16
CA THR E 80 -31.44 12.89 -11.51
CA SER E 81 -34.98 12.57 -10.28
CA ARG E 82 -36.06 12.21 -13.88
CA ASP E 83 -34.08 8.99 -14.19
CA ALA E 84 -36.23 6.87 -11.91
CA GLY E 85 -38.42 4.68 -14.04
CA PHE E 86 -38.63 1.50 -16.07
CA TYR E 87 -36.10 0.68 -18.72
CA TRP E 88 -35.24 -2.21 -20.98
CA CYS E 89 -31.96 -3.52 -22.33
CA LEU E 90 -32.41 -5.64 -25.38
CA THR E 91 -31.01 -6.87 -28.68
CA ASN E 92 -32.26 -6.08 -32.19
CA GLY E 93 -35.50 -4.17 -32.58
CA ASP E 94 -37.30 -2.77 -29.55
CA THR E 95 -40.61 -4.34 -30.53
CA LEU E 96 -39.22 -7.86 -30.61
CA TRP E 97 -39.18 -7.84 -26.83
CA ARG E 98 -36.04 -9.92 -26.59
CA THR E 99 -35.09 -7.67 -23.71
CA THR E 100 -34.99 -7.62 -19.96
CA VAL E 101 -36.87 -5.10 -17.90
CA GLU E 102 -34.95 -3.09 -15.38
CA ILE E 103 -36.40 -0.79 -12.78
CA LYS E 104 -34.23 2.08 -11.76
CA ILE E 105 -34.95 4.07 -8.66
CA ILE E 106 -32.92 7.18 -8.11
CA GLU F 1 60.90 4.24 -121.62
CA LEU F 2 64.60 4.92 -121.00
CA VAL F 3 66.00 2.76 -118.18
CA MET F 4 68.25 4.33 -115.53
CA THR F 5 70.37 1.93 -113.44
CA GLN F 6 72.31 3.14 -110.39
CA SER F 7 74.94 1.27 -108.36
CA PRO F 8 75.63 0.12 -105.74
CA SER F 9 72.37 -0.64 -103.92
CA SER F 10 73.84 0.37 -100.54
CA LEU F 11 76.90 2.31 -99.35
CA SER F 12 78.90 2.04 -96.12
CA ALA F 13 81.58 4.60 -95.24
CA SER F 14 82.93 6.57 -92.27
CA VAL F 15 83.03 10.37 -91.99
CA GLY F 16 85.62 11.73 -94.42
CA ASP F 17 85.70 9.08 -97.16
CA ARG F 18 84.96 10.04 -100.76
CA VAL F 19 82.00 8.02 -102.10
CA ASN F 20 81.20 7.46 -105.79
CA ILE F 21 77.62 7.01 -107.07
CA ALA F 22 77.04 5.95 -110.70
CA CYS F 23 74.00 6.54 -112.95
CA ARG F 24 74.07 4.85 -116.36
CA ALA F 25 71.38 5.08 -119.07
CA SER F 26 70.08 2.84 -121.87
CA GLN F 27 71.12 5.36 -124.55
CA GLY F 28 72.85 8.74 -124.82
CA ILE F 29 70.98 11.66 -123.23
CA SER F 30 73.77 14.26 -123.53
CA SER F 31 73.97 16.62 -120.52
CA ALA F 32 70.42 15.99 -119.27
CA LEU F 33 70.58 14.56 -115.73
CA ALA F 34 69.61 15.73 -112.22
CA TRP F 35 70.65 14.45 -108.78
CA TYR F 36 68.43 14.48 -105.69
CA GLN F 37 68.58 14.12 -101.89
CA GLN F 38 65.69 12.48 -100.07
CA LYS F 39 65.96 12.47 -96.27
CA PRO F 40 63.75 9.58 -95.03
CA GLY F 41 60.26 10.95 -94.46
CA LYS F 42 60.78 14.09 -96.56
CA ALA F 43 60.44 15.44 -100.10
CA PRO F 44 63.43 15.22 -102.51
CA ARG F 45 65.89 18.11 -102.80
CA LEU F 46 67.63 19.22 -106.00
CA LEU F 47 71.42 19.03 -105.77
CA ILE F 48 72.83 19.16 -109.30
CA TYR F 49 71.33 20.12 -112.66
CA ASP F 50 72.62 20.07 -116.27
CA ALA F 51 75.17 17.42 -115.18
CA SER F 52 77.69 19.53 -113.22
CA ASN F 53 76.06 22.82 -112.14
CA LEU F 54 75.25 23.18 -108.43
CA GLU F 55 72.17 24.87 -106.94
CA SER F 56 72.41 27.96 -104.72
CA GLY F 57 72.68 26.74 -101.14
CA VAL F 58 73.97 23.22 -101.79
CA PRO F 59 77.37 22.65 -100.11
CA SER F 60 80.61 23.08 -102.07
CA ARG F 61 81.55 19.43 -101.42
CA PHE F 62 78.88 18.05 -103.78
CA SER F 63 79.69 17.72 -107.52
CA GLY F 64 79.98 15.36 -110.48
CA SER F 65 80.38 14.97 -114.26
CA GLY F 66 79.79 12.65 -117.23
CA SER F 67 78.76 13.02 -120.89
CA GLY F 68 76.27 10.73 -122.60
CA THR F 69 76.04 7.33 -120.91
CA ASP F 70 78.27 7.14 -117.82
CA PHE F 71 77.52 9.56 -114.95
CA THR F 72 78.87 9.99 -111.40
CA LEU F 73 78.02 11.75 -108.12
CA THR F 74 80.92 12.61 -105.80
CA ILE F 75 81.30 13.81 -102.17
CA SER F 76 84.82 14.85 -101.07
CA SER F 77 84.03 14.95 -97.33
CA LEU F 78 81.25 12.72 -96.01
CA GLN F 79 79.40 14.21 -93.03
CA PRO F 80 76.68 12.71 -90.77
CA GLU F 81 74.08 15.07 -92.25
CA ASP F 82 74.30 13.31 -95.64
CA PHE F 83 72.03 10.39 -94.68
CA ALA F 84 69.62 10.22 -97.63
CA ILE F 85 68.59 8.07 -100.61
CA TYR F 86 69.92 9.76 -103.76
CA TYR F 87 68.26 9.58 -107.20
CA CYS F 88 69.05 10.57 -110.80
CA GLN F 89 66.45 11.26 -113.49
CA GLN F 90 66.73 12.28 -117.14
CA PHE F 91 65.05 15.01 -119.18
CA ASN F 92 65.69 14.48 -122.90
CA SER F 93 62.49 12.61 -123.86
CA TYR F 94 59.23 11.28 -122.40
CA PRO F 95 58.36 9.91 -119.99
CA LEU F 96 60.86 11.20 -117.42
CA THR F 97 62.34 8.32 -115.42
CA PHE F 98 64.16 8.01 -112.07
CA GLY F 99 67.04 5.91 -110.77
CA GLY F 100 66.85 2.93 -108.43
CA GLY F 101 68.14 4.87 -105.45
CA THR F 102 71.46 4.58 -103.61
CA LYS F 103 71.13 4.71 -99.81
CA VAL F 104 74.08 6.12 -97.84
CA GLU F 105 74.66 4.61 -94.40
CA ILE F 106 77.17 6.37 -92.11
CA LYS F 107 79.91 4.58 -90.13
CA ARG F 108 81.16 5.25 -86.60
CA THR F 109 82.18 3.53 -83.34
CA VAL F 110 80.07 1.23 -81.15
CA ALA F 111 77.61 2.74 -78.67
CA ALA F 112 75.92 1.19 -75.63
CA PRO F 113 72.12 1.79 -75.54
CA SER F 114 70.31 2.83 -72.35
CA VAL F 115 67.41 0.36 -72.06
CA PHE F 116 64.09 1.51 -70.57
CA ILE F 117 60.65 -0.08 -70.09
CA PHE F 118 57.03 1.15 -69.96
CA PRO F 119 54.17 -0.81 -68.33
CA PRO F 120 50.53 -0.42 -69.53
CA SER F 121 48.72 2.68 -68.28
CA ASP F 122 45.68 2.79 -65.99
CA GLU F 123 43.19 3.96 -68.64
CA GLN F 124 44.51 1.50 -71.24
CA LEU F 125 43.39 -1.61 -69.32
CA LYS F 126 39.73 -0.47 -69.31
CA SER F 127 39.12 -1.63 -72.85
CA GLY F 128 40.72 -5.02 -72.19
CA THR F 129 44.27 -4.89 -73.55
CA ALA F 130 47.87 -4.21 -72.45
CA SER F 131 51.12 -3.10 -74.12
CA VAL F 132 54.57 -3.18 -72.52
CA VAL F 133 57.17 -1.09 -74.37
CA CYS F 134 60.96 -1.53 -74.04
CA LEU F 135 63.35 1.19 -75.23
CA LEU F 136 66.93 0.92 -76.54
CA ASN F 137 67.88 4.61 -76.81
CA ASN F 138 71.04 5.56 -78.77
CA PHE F 139 73.16 2.75 -80.27
CA TYR F 140 75.32 1.56 -83.16
CA PRO F 141 75.18 -0.62 -85.18
CA ARG F 142 71.48 -1.37 -85.73
CA GLU F 143 72.26 -5.02 -84.94
CA ALA F 144 70.48 -5.66 -81.64
CA LYS F 145 68.26 -8.22 -79.92
CA VAL F 146 65.31 -8.03 -77.52
CA GLN F 147 63.98 -11.00 -75.54
CA TRP F 148 60.93 -10.56 -73.30
CA LYS F 149 60.90 -12.26 -69.91
CA VAL F 150 57.47 -13.14 -68.53
CA ASP F 151 57.59 -14.99 -65.19
CA ASN F 152 61.41 -15.34 -65.32
CA ALA F 153 62.32 -18.12 -67.78
CA LEU F 154 59.06 -18.15 -69.76
CA GLN F 155 59.94 -16.43 -73.03
CA SER F 156 57.06 -15.31 -75.25
CA GLY F 157 56.91 -14.78 -79.00
CA ASN F 158 54.28 -12.20 -79.96
CA SER F 159 56.20 -8.91 -80.20
CA GLN F 160 56.80 -6.22 -82.85
CA GLU F 161 60.11 -4.45 -83.57
CA SER F 162 60.46 -1.05 -85.25
CA VAL F 163 63.64 0.91 -85.97
CA THR F 164 63.75 4.56 -87.04
CA GLU F 165 66.00 6.09 -89.70
CA GLN F 166 69.51 7.28 -88.71
CA ASP F 167 69.49 10.90 -87.48
CA SER F 168 71.57 13.84 -88.75
CA LYS F 169 73.68 14.38 -85.60
CA ASP F 170 75.63 11.58 -83.91
CA SER F 171 74.78 8.87 -86.45
CA THR F 172 73.05 6.20 -84.32
CA TYR F 173 70.01 3.92 -84.14
CA SER F 174 67.25 3.27 -81.58
CA LEU F 175 64.65 0.51 -81.11
CA SER F 176 61.46 -0.38 -79.22
CA SER F 177 59.49 -3.53 -78.39
CA THR F 178 55.78 -3.70 -77.53
CA LEU F 179 54.36 -6.85 -75.94
CA THR F 180 50.63 -6.94 -76.73
CA LEU F 181 48.62 -9.13 -74.32
CA SER F 182 44.98 -8.69 -73.25
CA LYS F 183 43.89 -7.79 -69.71
CA ALA F 184 43.09 -11.42 -68.84
CA ASP F 185 46.63 -12.61 -69.51
CA TYR F 186 48.14 -9.50 -67.90
CA GLU F 187 46.35 -9.80 -64.54
CA LYS F 188 47.92 -13.26 -64.22
CA HIS F 189 51.67 -12.58 -64.23
CA LYS F 190 54.11 -10.43 -62.24
CA VAL F 191 57.71 -10.27 -63.49
CA TYR F 192 58.26 -8.46 -66.81
CA ALA F 193 61.88 -8.04 -67.94
CA CYS F 194 63.48 -7.26 -71.32
CA GLU F 195 66.96 -8.71 -72.00
CA VAL F 196 69.08 -6.82 -74.57
CA THR F 197 72.20 -7.97 -76.46
CA HIS F 198 74.54 -5.52 -78.20
CA GLN F 199 78.25 -5.18 -79.00
CA GLY F 200 78.53 -2.04 -76.90
CA LEU F 201 77.16 -3.81 -73.83
CA SER F 202 79.65 -5.89 -71.83
CA SER F 203 76.78 -8.04 -70.54
CA PRO F 204 73.00 -8.23 -71.21
CA VAL F 205 71.08 -5.43 -69.46
CA THR F 206 67.87 -6.52 -67.74
CA LYS F 207 65.03 -4.04 -67.11
CA SER F 208 62.20 -5.57 -65.07
CA PHE F 209 59.20 -4.31 -63.09
CA ASN F 210 56.78 -6.01 -60.67
CA ARG F 211 53.05 -6.05 -61.47
CA GLY F 212 50.76 -5.26 -58.52
CA GLU F 213 50.90 -2.02 -56.49
CA CYS F 214 48.56 -0.97 -53.65
CA GLU G 1 70.07 84.13 2.90
CA LEU G 2 71.72 85.67 -0.17
CA VAL G 3 69.29 86.04 -3.07
CA MET G 4 70.34 85.04 -6.60
CA THR G 5 68.25 86.41 -9.48
CA GLN G 6 68.75 85.18 -13.06
CA SER G 7 67.29 86.62 -16.28
CA PRO G 8 65.52 86.14 -18.58
CA SER G 9 62.99 83.49 -17.55
CA SER G 10 63.01 81.88 -21.01
CA LEU G 11 65.27 82.03 -24.08
CA SER G 12 64.46 81.52 -27.77
CA ALA G 13 67.23 81.28 -30.38
CA SER G 14 68.19 79.33 -33.52
CA VAL G 15 71.32 77.19 -33.92
CA GLY G 16 74.37 79.45 -34.07
CA ASP G 17 73.26 82.52 -32.09
CA ARG G 18 75.23 83.63 -29.04
CA VAL G 19 73.01 83.68 -25.93
CA ASN G 20 73.73 85.64 -22.74
CA ILE G 21 72.58 84.44 -19.29
CA ALA G 22 72.93 86.75 -16.28
CA CYS G 23 73.24 85.88 -12.56
CA ARG G 24 73.19 88.81 -10.12
CA ALA G 25 73.52 88.61 -6.32
CA SER G 26 72.29 90.64 -3.33
CA GLN G 27 75.85 91.48 -2.26
CA GLY G 28 79.43 90.88 -3.42
CA ILE G 29 80.59 87.25 -3.34
CA SER G 30 83.90 87.75 -5.18
CA SER G 31 84.76 84.85 -7.54
CA ALA G 32 82.45 82.29 -5.91
CA LEU G 33 79.88 81.09 -8.48
CA ALA G 34 79.13 77.84 -10.33
CA TRP G 35 77.04 77.16 -13.45
CA TYR G 36 75.02 73.99 -14.08
CA GLN G 37 73.27 72.07 -16.86
CA GLN G 38 70.11 70.11 -16.06
CA LYS G 39 68.68 68.09 -18.93
CA PRO G 40 64.96 67.56 -18.16
CA GLY G 41 64.62 64.36 -16.15
CA LYS G 42 68.29 64.21 -15.15
CA ALA G 43 70.73 65.34 -12.45
CA PRO G 44 72.59 68.69 -12.83
CA ARG G 45 76.01 68.81 -14.47
CA LEU G 46 78.86 71.13 -13.47
CA LEU G 47 79.97 73.43 -16.29
CA ILE G 48 82.00 76.27 -14.79
CA TYR G 49 83.61 76.80 -11.37
CA ASP G 50 85.47 79.71 -9.73
CA ALA G 51 83.73 82.06 -12.21
CA SER G 52 85.61 81.33 -15.45
CA ASN G 53 87.38 77.94 -15.18
CA LEU G 54 85.90 75.10 -17.26
CA GLU G 55 85.64 71.45 -16.21
CA SER G 56 87.44 68.64 -18.07
CA GLY G 57 85.07 67.39 -20.75
CA VAL G 58 82.82 70.43 -21.06
CA PRO G 59 82.90 71.85 -24.64
CA SER G 60 85.19 74.75 -25.53
CA ARG G 61 82.19 76.89 -26.52
CA PHE G 62 81.02 77.38 -22.92
CA SER G 63 82.53 80.21 -20.84
CA GLY G 64 81.83 83.38 -18.84
CA SER G 65 83.16 86.03 -16.43
CA GLY G 66 82.19 88.63 -13.83
CA SER G 67 83.58 89.93 -10.52
CA GLY G 68 81.45 90.63 -7.47
CA THR G 69 77.82 91.33 -8.37
CA ASP G 70 77.22 91.00 -12.13
CA PHE G 71 77.85 87.57 -13.73
CA THR G 72 77.28 86.11 -17.21
CA LEU G 73 77.14 82.73 -19.01
CA THR G 74 77.98 82.70 -22.73
CA ILE G 75 77.67 80.19 -25.60
CA SER G 76 79.37 81.16 -28.90
CA SER G 77 77.67 78.45 -31.01
CA LEU G 78 74.26 77.18 -29.90
CA GLN G 79 73.67 73.51 -30.76
CA PRO G 80 70.53 71.33 -30.40
CA GLU G 81 72.18 69.33 -27.60
CA ASP G 82 72.12 72.38 -25.30
CA PHE G 83 68.46 71.99 -24.26
CA ALA G 84 68.64 72.33 -20.46
CA ILE G 85 67.66 74.58 -17.56
CA TYR G 86 70.82 76.32 -16.31
CA TYR G 87 71.44 77.40 -12.70
CA CYS G 88 74.00 79.44 -10.75
CA GLN G 89 74.73 79.03 -7.04
CA GLN G 90 77.14 80.78 -4.68
CA PHE G 91 79.66 79.46 -2.15
CA ASN G 92 80.93 82.30 0.06
CA SER G 93 78.60 81.91 3.05
CA TYR G 94 75.72 79.77 4.36
CA PRO G 95 73.29 78.57 3.33
CA LEU G 96 74.25 77.92 -0.30
CA THR G 97 71.54 79.22 -2.66
CA PHE G 98 70.60 78.55 -6.30
CA GLY G 99 69.34 80.68 -9.18
CA GLY G 100 65.82 80.81 -10.58
CA GLY G 101 66.72 78.83 -13.69
CA THR G 102 66.93 79.95 -17.32
CA LYS G 103 65.41 77.47 -19.79
CA VAL G 104 66.86 77.38 -23.31
CA GLU G 105 64.41 76.54 -26.11
CA ILE G 106 65.89 75.81 -29.56
CA LYS G 107 64.57 77.30 -32.82
CA ARG G 108 64.17 75.66 -36.23
CA THR G 109 61.78 75.31 -39.19
CA VAL G 110 58.20 73.98 -39.19
CA ALA G 111 57.61 70.21 -39.27
CA ALA G 112 54.47 68.25 -40.17
CA PRO G 113 53.58 65.55 -37.59
CA SER G 114 52.50 62.05 -38.60
CA VAL G 115 49.28 61.41 -36.69
CA PHE G 116 48.44 57.91 -35.39
CA ILE G 117 45.68 56.47 -33.18
CA PHE G 118 45.35 53.51 -30.80
CA PRO G 119 41.97 51.95 -29.89
CA PRO G 120 41.55 50.06 -26.55
CA SER G 121 43.02 46.55 -26.31
CA ASP G 122 41.15 43.27 -25.80
CA GLU G 123 42.27 42.68 -22.20
CA GLN G 124 41.70 46.30 -21.17
CA LEU G 125 37.92 46.17 -21.63
CA LYS G 126 37.57 43.30 -19.11
CA SER G 127 37.78 45.61 -16.12
CA GLY G 128 35.23 48.02 -17.58
CA THR G 129 37.16 50.92 -19.13
CA ALA G 130 38.57 52.14 -22.46
CA SER G 131 41.34 54.50 -23.60
CA VAL G 132 41.88 55.72 -27.17
CA VAL G 133 45.32 57.27 -27.76
CA CYS G 134 46.17 59.63 -30.65
CA LEU G 135 49.81 60.32 -31.59
CA LEU G 136 51.38 63.42 -33.18
CA ASN G 137 54.95 62.19 -33.79
CA ASN G 138 57.67 64.75 -34.67
CA PHE G 139 56.66 68.43 -35.00
CA TYR G 140 57.58 72.07 -34.43
CA PRO G 141 56.50 74.31 -32.81
CA ARG G 142 54.76 72.77 -29.80
CA GLU G 143 51.65 74.76 -30.76
CA ALA G 144 49.16 72.08 -31.83
CA LYS G 145 45.51 71.09 -31.38
CA VAL G 146 43.65 67.80 -31.01
CA GLN G 147 39.88 67.43 -31.38
CA TRP G 148 38.25 64.01 -30.83
CA LYS G 149 35.45 62.95 -33.16
CA VAL G 150 32.93 60.52 -31.68
CA ASP G 151 30.08 59.63 -34.06
CA ASN G 152 31.19 62.24 -36.64
CA ALA G 153 30.17 65.72 -35.44
CA LEU G 154 29.76 64.89 -31.74
CA GLN G 155 32.84 66.41 -30.11
CA SER G 156 33.64 65.34 -26.55
CA GLY G 157 35.55 67.13 -23.79
CA ASN G 158 37.16 64.70 -21.37
CA SER G 159 40.72 64.25 -22.67
CA GLN G 160 44.26 64.71 -21.31
CA GLU G 161 47.22 66.21 -23.19
CA SER G 162 50.89 65.57 -22.37
CA VAL G 163 53.97 66.89 -24.18
CA THR G 164 57.51 65.62 -23.63
CA GLU G 165 60.68 67.71 -23.39
CA GLN G 166 62.54 68.65 -26.60
CA ASP G 167 65.11 65.99 -27.60
CA SER G 168 68.83 66.42 -28.28
CA LYS G 169 68.78 65.60 -32.01
CA ASP G 170 66.46 67.32 -34.49
CA SER G 171 64.87 69.72 -31.98
CA THR G 172 61.15 68.85 -32.19
CA TYR G 173 58.06 68.10 -30.07
CA SER G 174 55.50 65.29 -29.92
CA LEU G 175 52.05 64.90 -28.32
CA SER G 176 49.40 62.32 -27.39
CA SER G 177 45.71 62.32 -26.46
CA THR G 178 43.89 59.64 -24.46
CA LEU G 179 40.08 59.54 -24.46
CA THR G 180 38.98 57.76 -21.28
CA LEU G 181 35.45 56.30 -21.48
CA SER G 182 34.09 53.23 -19.71
CA LYS G 183 33.04 50.01 -21.48
CA ALA G 184 29.34 50.95 -21.41
CA ASP G 185 29.88 54.16 -23.38
CA TYR G 186 32.39 52.48 -25.71
CA GLU G 187 30.17 49.58 -26.80
CA LYS G 188 27.69 52.21 -28.01
CA HIS G 189 29.67 54.10 -30.66
CA LYS G 190 31.50 53.22 -33.88
CA VAL G 191 33.44 56.10 -35.48
CA TYR G 192 36.46 57.49 -33.60
CA ALA G 193 38.57 60.13 -35.39
CA CYS G 194 41.16 62.67 -34.16
CA GLU G 195 41.45 65.97 -36.06
CA VAL G 196 44.84 67.75 -35.80
CA THR G 197 45.75 71.37 -36.63
CA HIS G 198 49.35 72.50 -37.13
CA GLN G 199 51.28 75.06 -39.19
CA GLY G 200 53.20 72.32 -40.99
CA LEU G 201 49.99 70.66 -42.14
CA SER G 202 48.32 72.14 -45.23
CA SER G 203 44.96 70.77 -44.05
CA PRO G 204 43.72 68.94 -40.89
CA VAL G 205 44.67 65.25 -40.87
CA THR G 206 41.91 62.85 -39.80
CA LYS G 207 42.67 59.41 -38.35
CA SER G 208 39.59 57.28 -37.74
CA PHE G 209 38.75 53.61 -37.16
CA ASN G 210 35.53 51.61 -37.08
CA ARG G 211 34.32 49.47 -34.16
CA GLY G 212 33.58 45.86 -34.97
CA GLU G 213 36.42 43.56 -35.99
CA CYS G 214 34.13 40.67 -36.82
CA GLU H 1 -17.03 -106.44 75.84
CA LEU H 2 -20.12 -106.13 78.05
CA VAL H 3 -23.19 -105.00 76.08
CA MET H 4 -25.48 -102.29 77.49
CA THR H 5 -28.96 -102.02 75.96
CA GLN H 6 -31.28 -99.10 76.81
CA SER H 7 -34.98 -98.70 75.95
CA PRO H 8 -36.98 -97.13 74.47
CA SER H 9 -35.20 -95.45 71.56
CA SER H 10 -37.30 -92.29 71.88
CA LEU H 11 -39.59 -90.77 74.54
CA SER H 12 -42.58 -88.45 74.19
CA ALA H 13 -44.20 -86.82 77.24
CA SER H 14 -45.70 -83.52 78.40
CA VAL H 15 -44.41 -81.42 81.32
CA GLY H 16 -45.17 -83.21 84.58
CA ASP H 17 -45.24 -86.88 83.54
CA ARG H 18 -42.89 -89.38 85.20
CA VAL H 19 -40.67 -91.07 82.59
CA ASN H 20 -38.84 -94.38 83.08
CA ILE H 21 -35.52 -95.16 81.34
CA ALA H 22 -34.08 -98.69 81.53
CA CYS H 23 -30.45 -99.86 81.23
CA ARG H 24 -29.88 -103.63 81.17
CA ALA H 25 -26.51 -105.43 80.96
CA SER H 26 -25.22 -108.73 79.56
CA GLN H 27 -24.13 -109.92 83.02
CA GLY H 28 -24.20 -108.74 86.64
CA ILE H 29 -22.09 -105.67 87.37
CA SER H 30 -23.34 -105.06 90.94
CA SER H 31 -23.72 -101.35 91.80
CA ALA H 32 -21.43 -100.05 89.03
CA LEU H 33 -23.44 -97.74 86.72
CA ALA H 34 -23.47 -94.02 85.87
CA TRP H 35 -26.13 -91.86 84.18
CA TYR H 36 -25.40 -88.87 81.95
CA GLN H 37 -27.08 -85.83 80.38
CA GLN H 38 -25.94 -84.63 76.96
CA LYS H 39 -27.59 -81.44 75.72
CA PRO H 40 -27.30 -81.47 71.89
CA GLY H 41 -24.04 -79.78 70.96
CA LYS H 42 -22.49 -80.10 74.42
CA ALA H 43 -20.37 -82.40 76.57
CA PRO H 44 -22.07 -85.03 78.81
CA ARG H 45 -22.93 -84.22 82.42
CA LEU H 46 -22.78 -86.66 85.34
CA LEU H 47 -26.15 -87.14 87.06
CA ILE H 48 -25.96 -90.31 89.15
CA TYR H 49 -23.07 -92.49 90.34
CA ASP H 50 -22.84 -95.79 92.26
CA ALA H 51 -26.42 -96.55 91.11
CA SER H 52 -28.46 -94.21 93.34
CA ASN H 53 -26.22 -91.42 94.68
CA LEU H 54 -26.80 -87.95 93.21
CA GLU H 55 -24.09 -85.37 92.41
CA SER H 56 -23.94 -81.97 94.14
CA GLY H 57 -25.97 -79.56 92.04
CA VAL H 58 -28.16 -82.05 90.19
CA PRO H 59 -31.89 -81.41 90.90
CA SER H 60 -33.72 -83.38 93.59
CA ARG H 61 -36.16 -84.76 91.00
CA PHE H 62 -33.56 -87.07 89.40
CA SER H 63 -32.97 -90.54 90.91
CA GLY H 64 -33.02 -94.30 90.29
CA SER H 65 -32.10 -97.78 91.55
CA GLY H 66 -31.39 -101.38 90.52
CA SER H 67 -29.01 -104.17 91.58
CA GLY H 68 -27.15 -106.40 89.13
CA THR H 69 -28.89 -106.59 85.77
CA ASP H 70 -32.00 -104.38 85.65
CA PHE H 71 -31.51 -100.61 86.12
CA THR H 72 -33.81 -97.57 85.86
CA LEU H 73 -33.63 -93.75 85.62
CA THR H 74 -36.61 -91.79 86.95
CA ILE H 75 -37.83 -88.15 86.76
CA SER H 76 -40.81 -87.24 88.98
CA SER H 77 -41.51 -83.87 87.31
CA LEU H 78 -40.51 -83.42 83.67
CA GLN H 79 -39.48 -79.85 82.81
CA PRO H 80 -38.60 -78.25 79.44
CA GLU H 81 -34.95 -77.95 80.47
CA ASP H 82 -34.56 -81.75 80.43
CA PHE H 83 -34.11 -82.04 76.65
CA ALA H 84 -31.05 -84.28 76.34
CA ILE H 85 -29.89 -87.73 75.22
CA TYR H 86 -29.18 -89.80 78.34
CA TYR H 87 -26.57 -92.57 78.59
CA CYS H 88 -25.52 -95.28 81.06
CA GLN H 89 -22.05 -96.83 81.23
CA GLN H 90 -20.54 -99.50 83.48
CA PHE H 91 -17.31 -99.63 85.49
CA ASN H 92 -16.65 -103.17 86.73
CA SER H 93 -14.33 -104.43 83.98
CA TYR H 94 -12.63 -103.35 80.75
CA PRO H 95 -13.30 -101.83 78.37
CA LEU H 96 -15.89 -99.38 79.73
CA THR H 97 -18.99 -99.33 77.52
CA PHE H 98 -21.89 -96.88 77.02
CA GLY H 99 -25.62 -97.25 76.39
CA GLY H 100 -27.47 -96.70 73.12
CA GLY H 101 -28.94 -93.38 74.23
CA THR H 102 -32.54 -92.47 75.04
CA LYS H 103 -33.63 -89.10 73.62
CA VAL H 104 -36.31 -87.17 75.50
CA GLU H 105 -38.67 -85.05 73.39
CA ILE H 106 -40.96 -82.61 75.23
CA LYS H 107 -44.69 -82.23 74.53
CA ARG H 108 -46.82 -79.06 74.42
CA THR H 109 -49.55 -77.28 72.43
CA VAL H 110 -49.48 -76.22 68.77
CA ALA H 111 -47.74 -72.97 67.80
CA ALA H 112 -48.04 -70.89 64.62
CA PRO H 113 -44.64 -69.94 63.10
CA SER H 114 -43.89 -66.43 61.83
CA VAL H 115 -42.51 -66.96 58.32
CA PHE H 116 -39.82 -64.61 56.97
CA ILE H 117 -37.71 -64.46 53.78
CA PHE H 118 -34.22 -63.20 52.84
CA PRO H 119 -33.17 -62.34 49.25
CA PRO H 120 -29.50 -62.61 48.13
CA SER H 121 -27.24 -59.73 49.16
CA ASP H 122 -25.49 -57.26 46.86
CA GLU H 123 -21.95 -58.57 47.46
CA GLN H 124 -23.05 -62.21 47.15
CA LEU H 125 -24.00 -61.93 43.46
CA LYS H 126 -20.48 -60.80 42.47
CA SER H 127 -19.09 -64.32 42.52
CA GLY H 128 -21.98 -65.67 40.47
CA THR H 129 -24.43 -67.31 42.89
CA ALA H 130 -27.62 -66.59 44.87
CA SER H 131 -29.31 -67.96 48.00
CA VAL H 132 -32.85 -67.15 49.13
CA VAL H 133 -33.55 -68.09 52.76
CA CYS H 134 -37.04 -68.61 54.24
CA LEU H 135 -37.57 -68.64 58.01
CA LEU H 136 -40.21 -70.44 60.12
CA ASN H 137 -39.50 -68.98 63.57
CA ASN H 138 -41.08 -70.67 66.66
CA PHE H 139 -43.39 -73.67 66.09
CA TYR H 140 -44.59 -77.07 67.31
CA PRO H 141 -44.56 -79.85 66.26
CA ARG H 142 -41.51 -80.12 63.98
CA GLU H 143 -43.87 -81.38 61.26
CA ALA H 144 -43.85 -78.60 58.66
CA LYS H 145 -43.58 -78.06 54.90
CA VAL H 146 -41.91 -75.47 52.67
CA GLN H 147 -42.69 -75.04 48.96
CA TRP H 148 -40.76 -72.44 46.93
CA LYS H 149 -42.67 -70.39 44.37
CA VAL H 150 -40.61 -69.13 41.43
CA ASP H 151 -42.68 -67.20 38.84
CA ASN H 152 -45.98 -68.07 40.58
CA ALA H 153 -46.90 -71.69 39.77
CA LEU H 154 -43.42 -72.90 38.77
CA GLN H 155 -42.30 -74.97 41.75
CA SER H 156 -38.61 -75.88 41.95
CA GLY H 157 -36.86 -78.80 43.64
CA ASN H 158 -33.31 -77.93 44.65
CA SER H 159 -33.57 -76.80 48.28
CA GLN H 160 -32.05 -77.84 51.63
CA GLU H 161 -33.90 -78.07 54.96
CA SER H 162 -32.25 -77.88 58.40
CA VAL H 163 -33.92 -78.01 61.82
CA THR H 164 -32.21 -77.13 65.10
CA GLU H 165 -32.53 -78.98 68.42
CA GLN H 166 -35.41 -78.09 70.78
CA ASP H 167 -34.45 -75.24 73.16
CA SER H 168 -34.62 -75.18 76.97
CA LYS H 169 -37.36 -72.55 77.33
CA ASP H 170 -40.72 -72.78 75.55
CA SER H 171 -40.10 -76.17 73.90
CA THR H 172 -40.45 -75.40 70.18
CA TYR H 173 -38.82 -75.92 66.77
CA SER H 174 -37.70 -73.64 63.93
CA LEU H 175 -36.74 -74.20 60.28
CA SER H 176 -35.10 -72.54 57.27
CA SER H 177 -34.94 -73.10 53.51
CA THR H 178 -32.21 -71.88 51.15
CA LEU H 179 -32.81 -71.87 47.39
CA THR H 180 -29.40 -72.02 45.68
CA LEU H 181 -29.44 -70.73 42.09
CA SER H 182 -26.60 -69.05 40.18
CA LYS H 183 -26.65 -65.40 39.05
CA ALA H 184 -27.70 -66.33 35.49
CA ASP H 185 -30.90 -68.05 36.63
CA TYR H 186 -31.58 -65.36 39.24
CA GLU H 187 -31.43 -62.36 36.88
CA LYS H 188 -34.21 -64.04 34.87
CA HIS H 189 -37.11 -64.29 37.34
CA LYS H 190 -39.08 -61.88 39.54
CA VAL H 191 -41.59 -63.43 41.97
CA TYR H 192 -40.13 -65.45 44.87
CA ALA H 193 -42.60 -66.75 47.45
CA CYS H 194 -42.40 -69.50 50.10
CA GLU H 195 -45.63 -71.34 51.00
CA VAL H 196 -45.74 -72.93 54.49
CA THR H 197 -48.12 -75.57 55.87
CA HIS H 198 -48.50 -76.21 59.61
CA GLN H 199 -51.21 -77.29 62.07
CA GLY H 200 -51.01 -73.97 63.91
CA LEU H 201 -51.68 -72.03 60.71
CA SER H 202 -55.33 -71.73 59.65
CA SER H 203 -54.22 -71.24 56.03
CA PRO H 204 -50.84 -71.34 54.20
CA VAL H 205 -48.79 -68.18 54.76
CA THR H 206 -47.15 -66.74 51.63
CA LYS H 207 -44.04 -64.54 51.89
CA SER H 208 -42.99 -63.13 48.51
CA PHE H 209 -40.71 -60.36 47.23
CA ASN H 210 -40.23 -58.76 43.80
CA ARG H 211 -36.80 -58.89 42.13
CA GLY H 212 -35.65 -55.63 40.51
CA GLU H 213 -35.28 -52.31 42.38
CA CYS H 214 -33.97 -49.00 40.98
CA GLU I 1 -40.49 38.25 97.95
CA LEU I 2 -40.14 36.15 101.10
CA VAL I 3 -36.85 34.21 101.19
CA MET I 4 -36.82 30.54 102.21
CA THR I 5 -33.45 29.07 103.24
CA GLN I 6 -33.02 25.33 103.83
CA SER I 7 -30.02 23.50 105.36
CA PRO I 8 -27.86 21.57 104.90
CA SER I 9 -27.12 21.52 101.16
CA SER I 10 -26.47 17.77 101.18
CA LEU I 11 -27.17 14.87 103.55
CA SER I 12 -25.32 11.58 104.07
CA ALA I 13 -26.78 8.81 106.25
CA SER I 14 -27.16 5.02 106.35
CA VAL I 15 -30.48 3.13 106.43
CA GLY I 16 -32.12 3.68 109.81
CA ASP I 17 -30.74 7.05 110.92
CA ARG I 18 -33.13 9.91 111.71
CA VAL I 19 -32.38 12.93 109.49
CA ASN I 20 -33.44 16.52 110.22
CA ILE I 21 -34.20 19.04 107.46
CA ALA I 22 -34.74 22.72 108.35
CA CYS I 23 -36.72 25.42 106.50
CA ARG I 24 -36.47 28.96 107.88
CA ALA I 25 -38.22 32.07 106.54
CA SER I 26 -37.53 35.81 106.40
CA GLN I 27 -40.62 36.60 108.49
CA GLY I 28 -43.43 34.78 110.29
CA ILE I 29 -45.84 32.87 108.03
CA SER I 30 -47.76 31.03 110.78
CA SER I 31 -48.71 27.45 109.82
CA ALA I 32 -48.36 27.94 106.04
CA LEU I 33 -45.69 25.53 104.72
CA ALA I 34 -45.62 22.46 102.45
CA TRP I 35 -42.96 19.76 101.98
CA TYR I 36 -42.23 17.96 98.70
CA GLN I 37 -40.45 14.90 97.31
CA GLN I 38 -38.84 15.09 93.87
CA LYS I 39 -37.33 11.84 92.59
CA PRO I 40 -34.68 12.81 89.99
CA GLY I 41 -36.39 13.00 86.61
CA LYS I 42 -39.92 13.22 88.02
CA ALA I 43 -42.55 15.72 89.18
CA PRO I 44 -42.68 16.77 92.87
CA ARG I 45 -44.92 14.90 95.32
CA LEU I 46 -46.79 16.48 98.23
CA LEU I 47 -45.80 15.03 101.61
CA ILE I 48 -46.98 17.42 104.32
CA TYR I 49 -49.41 20.35 104.32
CA ASP I 50 -50.48 22.92 106.97
CA ALA I 51 -47.18 22.23 108.78
CA SER I 52 -47.85 18.81 110.35
CA ASN I 53 -50.74 17.10 108.52
CA LEU I 54 -49.81 14.14 106.30
CA GLU I 55 -51.38 13.26 102.94
CA SER I 56 -53.28 10.01 102.35
CA GLY I 57 -50.77 7.46 101.12
CA VAL I 58 -47.58 9.04 102.46
CA PRO I 59 -45.77 6.67 104.88
CA SER I 60 -46.26 7.00 108.64
CA ARG I 61 -42.53 7.67 109.12
CA PHE I 62 -42.70 11.16 107.61
CA SER I 63 -43.66 14.12 109.83
CA GLY I 64 -42.60 17.51 111.24
CA SER I 65 -43.60 20.68 113.11
CA GLY I 66 -42.74 24.34 113.70
CA SER I 67 -44.65 27.59 114.23
CA GLY I 68 -43.72 30.89 112.58
CA THR I 69 -40.06 31.00 111.59
CA ASP I 70 -38.28 27.71 112.38
CA PHE I 71 -39.52 24.56 110.62
CA THR I 72 -38.30 20.94 110.43
CA LEU I 73 -38.82 17.75 108.38
CA THR I 74 -38.15 14.43 110.12
CA ILE I 75 -37.78 10.77 109.04
CA SER I 76 -37.62 8.18 111.85
CA SER I 77 -36.44 5.29 109.64
CA LEU I 78 -34.46 6.12 106.49
CA GLN I 79 -35.05 3.66 103.64
CA PRO I 80 -33.37 3.37 100.20
CA GLU I 81 -36.58 4.51 98.49
CA ASP I 82 -36.22 8.01 100.00
CA PHE I 83 -33.66 9.26 97.45
CA ALA I 84 -35.09 12.64 96.44
CA ILE I 85 -34.49 16.39 96.63
CA TYR I 86 -36.95 17.84 99.16
CA TYR I 87 -38.41 21.37 99.02
CA CYS I 88 -40.52 23.66 101.22
CA GLN I 89 -42.67 26.53 99.94
CA GLN I 90 -44.92 29.04 101.70
CA PHE I 91 -48.49 30.17 101.06
CA ASN I 92 -49.30 33.27 103.13
CA SER I 93 -48.59 35.99 100.55
CA TYR I 94 -47.48 36.49 96.93
CA PRO I 95 -45.50 35.38 95.12
CA LEU I 96 -45.20 31.81 96.41
CA THR I 97 -41.54 30.85 96.88
CA PHE I 98 -39.65 27.54 97.18
CA GLY I 99 -36.69 26.32 99.23
CA GLY I 100 -33.15 25.72 98.03
CA GLY I 101 -33.51 21.95 98.07
CA THR I 102 -31.90 19.37 100.36
CA LYS I 103 -30.65 16.26 98.54
CA VAL I 104 -30.59 12.98 100.48
CA GLU I 105 -27.82 10.54 99.57
CA ILE I 106 -28.05 7.01 101.00
CA LYS I 107 -25.14 5.17 102.65
CA ARG I 108 -24.16 1.49 102.40
CA THR I 109 -21.18 -0.86 101.96
CA VAL I 110 -18.68 -0.97 99.09
CA ALA I 111 -19.59 -2.81 95.88
CA ALA I 112 -17.36 -4.08 93.07
CA PRO I 113 -18.61 -3.07 89.57
CA SER I 114 -18.68 -5.52 86.66
CA VAL I 115 -16.91 -3.71 83.81
CA PHE I 116 -18.03 -4.20 80.19
CA ILE I 117 -17.08 -2.59 76.86
CA PHE I 118 -18.83 -1.99 73.52
CA PRO I 119 -16.92 -1.46 70.26
CA PRO I 120 -18.53 0.52 67.36
CA SER I 121 -21.21 -1.23 65.29
CA ASP I 122 -21.10 -2.14 61.60
CA GLU I 123 -23.61 0.47 60.41
CA GLN I 124 -22.10 3.23 62.58
CA LEU I 125 -18.79 3.35 60.69
CA LYS I 126 -20.54 4.13 57.36
CA SER I 127 -20.95 7.81 58.20
CA GLY I 128 -17.33 8.14 59.30
CA THR I 129 -17.26 7.97 63.10
CA ALA I 130 -16.74 5.51 65.98
CA SER I 131 -17.75 5.28 69.65
CA VAL I 132 -16.40 2.74 72.15
CA VAL I 133 -18.48 2.49 75.34
CA CYS I 134 -17.22 1.05 78.66
CA LEU I 135 -19.67 0.03 81.41
CA LEU I 136 -19.22 -0.03 85.20
CA ASN I 137 -22.48 -1.71 86.30
CA ASN I 138 -23.46 -1.59 90.01
CA PHE I 139 -21.07 0.10 92.46
CA TYR I 140 -20.66 2.26 95.58
CA PRO I 141 -19.48 4.92 96.18
CA ARG I 142 -19.74 6.99 93.00
CA GLU I 143 -15.98 7.61 93.30
CA ALA I 144 -14.50 5.76 90.32
CA LYS I 145 -11.98 6.21 87.51
CA VAL I 146 -11.81 5.18 83.85
CA GLN I 147 -8.64 5.25 81.76
CA TRP I 148 -8.78 4.28 78.07
CA LYS I 149 -5.96 2.18 76.63
CA VAL I 150 -5.32 2.63 72.92
CA ASP I 151 -2.36 0.59 71.62
CA ASN I 152 -1.34 -0.50 75.15
CA ALA I 153 0.42 2.40 76.90
CA LEU I 154 -0.94 5.22 74.71
CA GLN I 155 -3.56 6.90 76.91
CA SER I 156 -5.98 9.29 75.19
CA GLY I 157 -7.92 12.24 76.58
CA ASN I 158 -11.12 12.87 74.64
CA SER I 159 -13.82 11.00 76.58
CA GLN I 160 -17.13 11.85 78.27
CA GLU I 161 -18.36 10.52 81.63
CA SER I 162 -22.01 10.36 82.73
CA VAL I 163 -23.43 9.00 85.99
CA THR I 164 -27.11 8.30 86.63
CA GLU I 165 -29.07 9.06 89.80
CA GLN I 166 -29.08 6.50 92.65
CA ASP I 167 -31.90 3.94 92.24
CA SER I 168 -34.63 3.00 94.74
CA LYS I 169 -33.51 -0.59 95.42
CA ASP I 170 -29.95 -1.50 96.45
CA SER I 171 -28.62 2.08 96.61
CA THR I 172 -25.74 2.04 94.09
CA TYR I 173 -24.20 3.94 91.16
CA SER I 174 -23.20 3.06 87.60
CA LEU I 175 -21.03 4.76 84.95
CA SER I 176 -20.13 4.69 81.25
CA SER I 177 -17.35 6.04 79.02
CA THR I 178 -17.60 6.71 75.27
CA LEU I 179 -14.42 7.22 73.24
CA THR I 180 -15.36 9.23 70.13
CA LEU I 181 -12.86 8.88 67.27
CA SER I 182 -13.56 9.07 63.53
CA LYS I 183 -13.26 6.13 61.12
CA ALA I 184 -9.80 7.21 59.93
CA ASP I 185 -8.28 7.03 63.41
CA TYR I 186 -10.17 3.82 64.24
CA GLU I 187 -9.01 1.79 61.22
CA LYS I 188 -5.45 2.44 62.44
CA HIS I 189 -5.41 0.81 65.89
CA LYS I 190 -6.09 -2.66 67.29
CA VAL I 191 -6.04 -2.90 71.10
CA TYR I 192 -8.74 -1.06 73.07
CA ALA I 193 -8.85 -1.59 76.85
CA CYS I 194 -10.51 0.31 79.71
CA GLU I 195 -8.78 0.28 83.13
CA VAL I 196 -11.04 0.87 86.15
CA THR I 197 -10.12 1.82 89.74
CA HIS I 198 -12.54 1.42 92.65
CA GLN I 199 -12.42 0.62 96.38
CA GLY I 200 -14.41 -2.57 95.88
CA LEU I 201 -11.92 -3.89 93.34
CA SER I 202 -8.78 -5.55 94.75
CA SER I 203 -6.91 -4.71 91.54
CA PRO I 204 -7.75 -2.73 88.33
CA VAL I 205 -9.97 -4.67 85.95
CA THR I 206 -8.98 -4.53 82.27
CA LYS I 207 -11.48 -5.11 79.46
CA SER I 208 -9.92 -5.18 76.00
CA PHE I 209 -10.85 -6.36 72.50
CA ASN I 210 -8.93 -6.81 69.26
CA ARG I 211 -9.82 -5.18 65.93
CA GLY I 212 -10.27 -7.55 63.02
CA GLU I 213 -13.18 -9.99 63.06
CA CYS I 214 -12.05 -11.78 59.94
CA LYS J 1 8.56 49.30 -53.42
CA SER J 2 5.65 47.10 -54.32
CA PRO J 3 3.85 48.14 -57.40
CA ILE J 4 0.49 46.93 -56.24
CA PHE J 5 -2.06 48.85 -54.23
CA GLY J 6 -5.47 48.23 -52.73
CA PRO J 7 -7.51 48.67 -49.60
CA GLU J 8 -5.31 48.80 -46.55
CA GLU J 9 -8.19 47.71 -44.40
CA VAL J 10 -11.62 46.35 -45.10
CA ASN J 11 -14.45 46.07 -42.59
CA SER J 12 -17.60 44.05 -43.01
CA VAL J 13 -20.23 42.01 -41.19
CA GLU J 14 -20.69 38.26 -40.75
CA GLY J 15 -23.44 37.93 -43.28
CA ASN J 16 -22.09 40.03 -46.03
CA SER J 17 -19.77 39.98 -48.95
CA VAL J 18 -16.79 42.16 -49.63
CA SER J 19 -15.20 43.16 -52.86
CA ILE J 20 -11.53 43.86 -52.76
CA THR J 21 -9.93 45.63 -55.68
CA CYS J 22 -6.17 45.67 -56.16
CA TYR J 23 -4.31 47.71 -58.70
CA TYR J 24 -1.22 46.74 -60.66
CA PRO J 25 0.60 48.54 -63.43
CA PRO J 26 -0.96 48.12 -66.79
CA THR J 27 1.61 45.90 -68.40
CA SER J 28 1.35 43.02 -70.76
CA VAL J 29 3.40 41.12 -68.24
CA ASN J 30 0.98 41.87 -65.47
CA ARG J 31 -1.99 41.38 -67.69
CA HIS J 32 -0.89 37.78 -68.15
CA THR J 33 0.60 37.00 -64.74
CA ARG J 34 -1.10 34.92 -62.11
CA LYS J 35 -3.16 37.02 -59.71
CA TYR J 36 -3.58 35.76 -56.19
CA TRP J 37 -5.31 36.32 -52.87
CA CYS J 38 -3.73 34.66 -49.85
CA ARG J 39 -3.98 34.76 -46.10
CA GLN J 40 -1.07 35.42 -43.81
CA GLY J 41 -0.66 32.75 -41.21
CA ALA J 42 0.53 33.49 -37.71
CA ARG J 43 3.57 31.49 -38.73
CA GLY J 44 4.46 33.98 -41.40
CA GLY J 45 3.44 32.36 -44.70
CA CYS J 46 0.62 33.26 -47.01
CA ILE J 47 -1.62 30.51 -48.23
CA THR J 48 -3.36 31.01 -51.53
CA LEU J 49 -7.13 31.15 -51.13
CA ILE J 50 -7.93 31.95 -54.76
CA SER J 51 -5.91 32.50 -57.92
CA SER J 52 -6.54 33.52 -61.52
CA GLU J 53 -4.94 30.18 -62.23
CA GLY J 54 -8.21 28.52 -61.35
CA TYR J 55 -7.18 27.22 -57.95
CA VAL J 56 -9.82 27.83 -55.33
CA SER J 57 -9.59 27.11 -51.63
CA SER J 58 -12.04 24.59 -50.34
CA LYS J 59 -13.33 27.17 -47.89
CA TYR J 60 -13.76 29.63 -50.77
CA ALA J 61 -15.57 27.29 -53.14
CA GLY J 62 -18.85 28.71 -54.39
CA ARG J 63 -18.60 31.78 -52.19
CA ALA J 64 -15.88 33.72 -53.98
CA ASN J 65 -14.45 34.48 -57.40
CA LEU J 66 -11.49 36.38 -58.75
CA THR J 67 -11.77 38.47 -61.89
CA ASN J 68 -9.09 40.18 -63.96
CA PHE J 69 -9.76 43.54 -65.59
CA PRO J 70 -6.83 44.28 -67.80
CA GLU J 71 -8.27 47.57 -68.93
CA ASN J 72 -8.36 48.87 -65.38
CA GLY J 73 -5.12 47.23 -64.43
CA THR J 74 -6.94 45.68 -61.55
CA PHE J 75 -8.55 42.46 -60.38
CA VAL J 76 -11.35 41.95 -57.92
CA VAL J 77 -11.84 39.33 -55.28
CA ASN J 78 -15.42 38.83 -54.21
CA ILE J 79 -16.01 37.07 -50.95
CA ALA J 80 -19.48 36.13 -49.81
CA GLN J 81 -20.81 34.49 -46.69
CA LEU J 82 -18.13 36.20 -44.63
CA SER J 83 -17.69 34.69 -41.19
CA GLN J 84 -15.87 35.85 -38.09
CA ASP J 85 -13.08 33.46 -38.99
CA ASP J 86 -12.51 35.50 -42.14
CA SER J 87 -11.06 38.30 -40.05
CA GLY J 88 -7.33 38.37 -40.55
CA ARG J 89 -4.53 39.60 -42.77
CA TYR J 90 -4.37 38.81 -46.46
CA LYS J 91 -2.38 39.83 -49.48
CA CYS J 92 -3.24 40.37 -53.12
CA GLY J 93 -0.41 40.13 -55.58
CA LEU J 94 0.92 39.01 -58.91
CA GLY J 95 3.27 36.29 -60.01
CA ILE J 96 4.82 33.85 -57.61
CA ASN J 97 3.93 34.41 -53.99
CA SER J 98 7.69 34.60 -53.50
CA ARG J 99 8.39 37.89 -55.39
CA GLY J 100 6.83 40.28 -52.92
CA LEU J 101 4.81 42.07 -55.53
CA SER J 102 1.72 42.28 -53.41
CA PHE J 103 -0.41 44.42 -51.15
CA ASP J 104 -1.34 43.76 -47.55
CA VAL J 105 -5.02 43.89 -46.75
CA SER J 106 -6.50 43.58 -43.34
CA LEU J 107 -10.04 42.30 -43.13
CA GLU J 108 -12.12 42.55 -40.02
CA VAL J 109 -15.43 40.78 -40.05
CA SER J 110 -18.21 41.22 -37.36
CA GLN J 111 -19.18 37.32 -36.61
CA GLY J 112 -20.52 35.06 -39.52
CA PRO J 113 -18.69 33.50 -41.60
CA GLY J 114 -21.93 34.58 -43.68
CA LEU J 115 -25.27 34.60 -43.76
CA LEU J 116 -25.81 34.73 -47.51
CA ASN J 117 -25.84 30.99 -47.39
CA ASP J 118 -27.34 28.68 -44.81
CA THR J 119 -29.22 25.42 -44.70
CA LYS J 120 -32.54 25.96 -46.34
CA VAL J 121 -34.14 23.40 -44.14
CA TYR J 122 -33.00 21.66 -41.03
CA THR J 123 -34.72 18.66 -39.56
CA VAL J 124 -34.28 17.30 -36.08
CA ASP J 125 -35.94 15.00 -33.57
CA LEU J 126 -37.41 16.55 -30.49
CA GLY J 127 -34.85 15.83 -27.80
CA ARG J 128 -31.83 16.52 -29.98
CA THR J 129 -29.72 19.64 -30.25
CA VAL J 130 -29.18 21.36 -33.55
CA THR J 131 -26.57 23.67 -34.96
CA ILE J 132 -27.17 26.16 -37.73
CA ASN J 133 -24.27 27.72 -39.56
CA CYS J 134 -24.53 30.77 -41.77
CA PRO J 135 -21.67 32.16 -43.74
CA PHE J 136 -21.09 35.90 -44.31
CA LYS J 137 -18.61 38.47 -45.72
CA THR J 138 -16.02 40.91 -44.33
CA GLU J 139 -18.13 44.01 -43.77
CA ASN J 140 -20.46 41.46 -42.40
CA ALA J 141 -17.77 40.28 -40.04
CA GLN J 142 -18.15 43.42 -37.98
CA LYS J 143 -21.91 43.74 -38.10
CA ARG J 144 -24.45 42.32 -35.67
CA LYS J 145 -25.51 38.74 -36.29
CA SER J 146 -28.97 37.56 -35.41
CA LEU J 147 -31.32 34.61 -35.46
CA TYR J 148 -35.01 35.39 -35.51
CA LYS J 149 -38.35 33.69 -35.96
CA GLN J 150 -40.55 34.78 -38.82
CA ILE J 151 -44.25 35.58 -38.45
CA GLY J 152 -45.94 38.69 -37.26
CA LEU J 153 -44.97 42.19 -38.13
CA TYR J 154 -41.38 41.67 -37.22
CA PRO J 155 -39.28 38.60 -37.11
CA VAL J 156 -38.57 38.14 -33.43
CA LEU J 157 -34.91 38.06 -32.53
CA VAL J 158 -34.26 34.96 -30.45
CA ILE J 159 -30.53 35.53 -30.04
CA ASP J 160 -28.11 38.20 -31.22
CA SER J 161 -24.35 38.75 -31.31
CA SER J 162 -25.12 42.00 -29.49
CA GLY J 163 -25.43 40.20 -26.18
CA TYR J 164 -29.19 39.81 -26.38
CA VAL J 165 -30.73 36.47 -25.54
CA ASN J 166 -34.45 35.77 -25.51
CA PRO J 167 -35.85 34.26 -22.41
CA ASN J 168 -37.11 31.26 -24.31
CA TYR J 169 -33.59 30.70 -25.60
CA THR J 170 -31.66 31.73 -22.51
CA GLY J 171 -29.51 28.79 -21.53
CA ARG J 172 -31.03 26.72 -24.33
CA ILE J 173 -29.05 28.22 -27.17
CA ARG J 174 -25.83 29.99 -28.08
CA LEU J 175 -24.73 32.09 -31.04
CA ASP J 176 -21.05 32.20 -31.86
CA ILE J 177 -19.34 34.47 -34.31
CA GLN J 178 -16.42 33.36 -36.40
CA GLY J 179 -14.22 36.05 -37.79
CA THR J 180 -14.25 37.22 -41.35
CA GLY J 181 -11.91 34.48 -42.40
CA GLN J 182 -14.24 31.86 -41.06
CA LEU J 183 -17.11 34.09 -42.17
CA LEU J 184 -19.47 31.99 -40.16
CA PHE J 185 -21.59 32.24 -37.09
CA SER J 186 -23.21 29.30 -35.44
CA VAL J 187 -26.47 29.03 -33.60
CA VAL J 188 -26.65 26.07 -31.29
CA ILE J 189 -30.07 25.12 -30.04
CA ASN J 190 -30.68 22.35 -27.58
CA GLN J 191 -33.67 20.54 -26.15
CA LEU J 192 -35.70 21.10 -29.28
CA ARG J 193 -39.42 21.03 -28.65
CA LEU J 194 -42.45 20.89 -30.87
CA SER J 195 -42.77 24.65 -30.55
CA ASP J 196 -39.40 24.99 -32.27
CA ALA J 197 -40.63 23.95 -35.70
CA GLY J 198 -41.12 27.02 -37.82
CA GLN J 199 -39.38 29.47 -40.10
CA TYR J 200 -36.42 31.49 -38.95
CA LEU J 201 -33.76 33.64 -40.53
CA CYS J 202 -30.12 34.26 -39.80
CA GLN J 203 -28.76 37.57 -40.84
CA ALA J 204 -26.50 40.52 -40.28
CA GLY J 205 -27.33 44.05 -39.27
CA ASP J 206 -30.89 44.96 -38.45
CA ASP J 207 -33.70 42.52 -39.02
CA SER J 208 -35.61 44.86 -41.29
CA ASN J 209 -32.80 44.76 -43.76
CA SER J 210 -33.04 41.85 -46.12
CA ASN J 211 -29.53 40.71 -45.44
CA LYS J 212 -30.39 37.26 -44.22
CA LYS J 213 -31.33 33.79 -45.27
CA ASN J 214 -34.49 31.94 -44.45
CA ALA J 215 -34.18 28.64 -42.69
CA ASP J 216 -36.99 26.22 -42.07
CA LEU J 217 -36.66 24.18 -38.94
CA GLN J 218 -38.65 21.02 -38.73
CA VAL J 219 -38.83 19.33 -35.37
CA LEU J 220 -37.67 16.60 -35.43
CA LYS J 221 -37.84 14.70 -32.73
CA PRO J 222 -38.83 15.30 -29.15
CA GLU J 223 -42.24 14.19 -27.95
CA PRO J 224 -43.97 12.88 -24.94
CA GLU J 225 -42.57 9.44 -24.31
CA LEU J 226 -45.72 8.36 -22.59
CA VAL J 227 -49.13 9.92 -22.42
CA TYR J 228 -51.79 8.64 -20.07
CA GLU J 229 -55.35 9.83 -19.88
CA ASP J 230 -58.77 8.72 -18.79
CA LEU J 231 -61.57 7.55 -21.01
CA ARG J 232 -63.76 10.21 -22.55
CA GLY J 233 -61.01 12.71 -21.99
CA SER J 234 -59.35 14.81 -24.62
CA VAL J 235 -55.64 14.64 -25.10
CA THR J 236 -53.07 16.59 -27.01
CA PHE J 237 -49.66 15.48 -28.12
CA HIS J 238 -46.93 17.96 -28.85
CA CYS J 239 -44.04 16.99 -31.09
CA ALA J 240 -41.00 19.15 -31.89
CA LEU J 241 -38.75 19.35 -34.97
CA GLY J 242 -36.08 21.29 -37.02
CA PRO J 243 -35.83 23.34 -40.17
CA GLU J 244 -36.29 20.94 -43.07
CA VAL J 245 -39.08 19.82 -40.91
CA ALA J 246 -40.95 23.11 -40.92
CA ASN J 247 -42.20 22.63 -44.47
CA VAL J 248 -42.25 18.84 -44.44
CA ALA J 249 -45.49 16.93 -43.99
CA LYS J 250 -46.36 16.09 -40.41
CA PHE J 251 -48.12 12.92 -39.53
CA LEU J 252 -49.47 10.95 -36.64
CA CYS J 253 -49.72 7.24 -37.11
CA ARG J 254 -50.62 4.17 -35.12
CA GLN J 255 -48.07 1.42 -35.01
CA SER J 256 -49.30 -1.87 -36.26
CA SER J 257 -47.90 -5.33 -36.67
CA GLY J 258 -45.26 -5.47 -39.34
CA GLU J 259 -43.31 -2.46 -40.35
CA ASN J 260 -46.26 -0.28 -41.21
CA CYS J 261 -47.81 2.58 -39.35
CA ASP J 262 -51.14 3.79 -40.57
CA VAL J 263 -51.49 7.50 -40.72
CA VAL J 264 -54.36 8.65 -38.59
CA VAL J 265 -54.02 12.25 -39.69
CA ASN J 266 -51.57 14.40 -41.62
CA THR J 267 -50.70 18.03 -42.25
CA LEU J 268 -51.34 17.07 -45.88
CA GLY J 269 -55.05 17.31 -45.42
CA LYS J 270 -55.81 13.66 -45.05
CA ARG J 271 -57.96 12.73 -42.10
CA ALA J 272 -58.83 9.12 -41.34
CA PRO J 273 -62.43 8.39 -40.82
CA ALA J 274 -61.85 7.00 -37.35
CA PHE J 275 -60.27 10.33 -36.53
CA GLU J 276 -62.52 12.54 -38.64
CA GLY J 277 -64.14 15.17 -36.46
CA ARG J 278 -62.56 13.51 -33.44
CA ILE J 279 -59.05 14.85 -33.91
CA LEU J 280 -57.08 17.79 -35.23
CA LEU J 281 -53.43 18.20 -36.13
CA ASN J 282 -52.03 21.68 -36.35
CA PRO J 283 -48.55 22.77 -37.10
CA GLN J 284 -46.76 25.78 -35.76
CA ASP J 285 -43.59 26.45 -37.69
CA LYS J 286 -42.33 29.19 -35.45
CA ASP J 287 -42.42 27.15 -32.29
CA GLY J 288 -41.27 24.11 -34.19
CA SER J 289 -44.10 21.99 -32.98
CA PHE J 290 -47.29 20.47 -34.18
CA SER J 291 -50.05 19.32 -31.95
CA VAL J 292 -52.41 16.43 -32.35
CA VAL J 293 -55.61 16.86 -30.42
CA ILE J 294 -57.71 13.79 -29.88
CA THR J 295 -61.05 13.73 -28.14
CA GLY J 296 -63.43 11.03 -27.00
CA LEU J 297 -60.53 8.88 -25.88
CA ARG J 298 -61.53 5.26 -25.76
CA LYS J 299 -59.86 2.04 -24.71
CA GLU J 300 -59.19 1.53 -28.38
CA ASP J 301 -56.86 4.51 -28.22
CA ALA J 302 -54.27 2.91 -25.96
CA GLY J 303 -51.32 1.78 -28.01
CA ARG J 304 -48.11 2.92 -29.67
CA TYR J 305 -48.08 5.80 -32.09
CA LEU J 306 -45.50 7.83 -33.96
CA CYS J 307 -45.44 11.44 -34.90
CA GLY J 308 -42.95 12.42 -37.51
CA ALA J 309 -42.15 14.33 -40.62
CA HIS J 310 -42.02 13.28 -44.24
CA SER J 311 -43.05 9.78 -45.10
CA ASP J 312 -43.60 7.21 -42.38
CA GLY J 313 -41.06 4.44 -42.68
CA GLN J 314 -38.50 7.18 -43.07
CA LEU J 315 -38.32 6.66 -39.36
CA GLN J 316 -37.81 10.34 -38.90
CA GLU J 317 -40.26 10.18 -36.05
CA GLY J 318 -40.68 9.73 -32.34
CA SER J 319 -42.61 6.98 -30.67
CA PRO J 320 -45.30 7.96 -28.30
CA ILE J 321 -46.98 5.49 -26.00
CA GLN J 322 -50.56 6.24 -25.16
CA ALA J 323 -52.41 4.58 -22.36
CA TRP J 324 -55.98 5.15 -21.37
CA GLN J 325 -56.95 3.26 -17.94
CA LEU J 326 -60.09 5.14 -16.20
CA PHE J 327 -60.29 3.58 -12.55
CA VAL J 328 -60.22 6.44 -9.95
CA ASN J 329 -59.19 3.74 -7.00
CA GLU J 330 -58.46 6.72 -4.67
CA GLU J 331 -59.34 5.79 -1.69
CA SER J 332 -63.23 5.14 -1.43
CA THR J 333 -66.04 3.72 -3.77
CA ILE J 334 -69.70 3.06 -2.88
CA PRO J 335 -72.01 0.96 -1.21
CA ARG J 336 -71.02 2.19 2.20
CA SER J 337 -71.42 0.63 5.58
CA PRO J 338 -69.62 0.16 8.79
CA THR J 339 -66.35 -1.62 8.20
CA VAL J 340 -66.41 -3.08 11.67
CA VAL J 341 -69.14 -3.37 14.21
CA LYS J 342 -68.60 -4.44 17.76
CA GLY J 343 -71.22 -5.51 20.21
CA VAL J 344 -71.40 -7.60 23.27
CA ALA J 345 -73.33 -10.73 24.20
CA GLY J 346 -77.12 -10.51 24.32
CA SER J 347 -77.28 -6.94 22.99
CA SER J 348 -78.92 -6.06 19.68
CA VAL J 349 -77.18 -4.41 16.78
CA ALA J 350 -78.21 -2.58 13.68
CA VAL J 351 -76.21 -2.20 10.52
CA LEU J 352 -76.97 0.43 7.92
CA CYS J 353 -75.73 0.34 4.34
CA PRO J 354 -76.18 3.04 1.70
CA TYR J 355 -76.88 2.60 -2.08
CA ASN J 356 -77.81 4.26 -5.51
CA ARG J 357 -80.83 4.64 -7.87
CA LYS J 358 -80.97 1.37 -9.76
CA GLU J 359 -80.20 -0.01 -6.42
CA SER J 360 -83.38 1.39 -4.90
CA LYS J 361 -85.36 -1.26 -6.76
CA SER J 362 -82.92 -4.16 -6.53
CA ILE J 363 -82.90 -6.87 -3.90
CA LYS J 364 -81.00 -6.13 -0.71
CA TYR J 365 -79.29 -8.84 1.18
CA TRP J 366 -77.16 -9.67 4.21
CA CYS J 367 -74.76 -12.61 4.02
CA LEU J 368 -72.06 -14.32 6.01
CA TRP J 369 -68.79 -14.95 4.25
CA GLU J 370 -67.75 -18.55 3.83
CA GLY J 371 -64.15 -19.65 3.73
CA ALA J 372 -63.05 -21.75 0.79
CA GLN J 373 -61.29 -21.36 -2.48
CA ASN J 374 -64.75 -20.93 -3.83
CA GLY J 375 -67.13 -19.97 -1.12
CA ARG J 376 -70.42 -18.24 -1.16
CA CYS J 377 -71.81 -15.92 1.41
CA PRO J 378 -74.89 -17.55 2.65
CA LEU J 379 -77.98 -15.42 2.29
CA LEU J 380 -78.88 -14.68 5.88
CA VAL J 381 -81.80 -12.33 5.18
CA ASP J 382 -83.09 -10.65 2.03
CA SER J 383 -85.45 -7.87 0.97
CA GLU J 384 -87.24 -10.53 -1.03
CA GLY J 385 -88.95 -11.99 1.97
CA TRP J 386 -86.44 -14.70 2.65
CA VAL J 387 -85.10 -15.17 6.14
CA LYS J 388 -82.70 -17.88 7.24
CA ALA J 389 -83.69 -20.24 9.99
CA GLN J 390 -81.02 -19.01 12.31
CA TYR J 391 -82.16 -15.44 11.82
CA GLU J 392 -85.91 -16.01 11.65
CA GLY J 393 -87.51 -13.90 14.32
CA ARG J 394 -84.10 -12.78 15.56
CA LEU J 395 -83.35 -10.29 12.81
CA SER J 396 -84.97 -7.89 10.38
CA LEU J 397 -84.00 -6.15 7.17
CA LEU J 398 -85.69 -2.90 6.24
CA GLU J 399 -85.16 -0.81 3.16
CA GLU J 400 -85.88 2.86 2.88
CA PRO J 401 -85.31 3.97 -0.64
CA GLY J 402 -85.60 7.70 -0.11
CA ASN J 403 -82.73 7.62 2.32
CA GLY J 404 -80.87 5.17 0.18
CA THR J 405 -80.32 2.85 3.07
CA PHE J 406 -81.46 -0.47 4.39
CA THR J 407 -80.97 -1.61 7.93
CA VAL J 408 -80.36 -5.04 9.28
CA ILE J 409 -81.31 -5.40 12.89
CA LEU J 410 -80.11 -8.43 14.76
CA ASN J 411 -80.99 -9.34 18.31
CA GLN J 412 -79.70 -11.90 20.78
CA LEU J 413 -76.18 -11.64 19.50
CA THR J 414 -74.29 -14.77 20.42
CA SER J 415 -70.76 -16.03 20.11
CA ARG J 416 -71.74 -17.58 16.81
CA ASP J 417 -72.44 -14.15 15.37
CA ALA J 418 -68.86 -12.91 15.29
CA GLY J 419 -67.61 -13.15 11.74
CA PHE J 420 -67.54 -11.53 8.33
CA TYR J 421 -70.69 -10.44 6.61
CA TRP J 422 -71.67 -8.55 3.50
CA CYS J 423 -74.55 -6.22 2.72
CA LEU J 424 -75.18 -5.91 -0.95
CA THR J 425 -77.66 -5.33 -3.76
CA ASN J 426 -78.82 -7.83 -6.39
CA GLY J 427 -77.10 -11.19 -6.62
CA ASP J 428 -74.50 -12.19 -4.04
CA THR J 429 -71.93 -13.12 -6.67
CA LEU J 430 -71.97 -9.70 -8.29
CA TRP J 431 -69.98 -8.38 -5.36
CA ARG J 432 -71.65 -5.02 -5.40
CA THR J 433 -71.55 -5.22 -1.62
CA THR J 434 -69.63 -3.91 1.33
CA VAL J 435 -67.84 -6.16 3.76
CA GLU J 436 -68.61 -5.78 7.41
CA ILE J 437 -66.80 -7.44 10.25
CA LYS J 438 -68.86 -8.11 13.30
CA ILE J 439 -67.24 -8.95 16.58
CA ILE J 440 -69.50 -10.03 19.38
CA GLU J 441 -66.13 -9.32 21.37
CA GLY J 442 -67.10 -6.10 23.13
CA GLU J 443 -67.87 -2.33 22.60
CA PRO J 444 -66.68 0.64 22.07
CA ASN J 445 -64.49 -0.89 19.37
CA LEU J 446 -62.71 2.20 17.87
CA LYS J 447 -60.02 3.72 15.73
CA VAL J 448 -58.53 7.16 16.02
CA PRO J 449 -55.34 9.06 15.69
CA GLY J 450 -54.08 8.52 19.17
CA ASN J 451 -51.57 11.25 18.50
CA VAL J 452 -52.15 14.77 17.37
CA THR J 453 -49.91 17.80 17.42
CA ALA J 454 -50.86 21.43 17.03
CA VAL J 455 -49.71 24.88 17.95
CA LEU J 456 -51.49 27.15 20.34
CA GLY J 457 -54.13 29.28 18.70
CA GLU J 458 -54.75 26.74 15.99
CA THR J 459 -57.80 24.60 15.37
CA LEU J 460 -57.59 20.84 15.39
CA LYS J 461 -59.84 18.07 14.18
CA VAL J 462 -59.72 14.39 15.04
CA PRO J 463 -61.68 11.61 13.47
CA CYS J 464 -62.96 8.46 15.20
CA HIS J 465 -64.44 5.31 13.71
CA PHE J 466 -67.09 2.98 15.12
CA PRO J 467 -69.83 0.53 14.28
CA CYS J 468 -73.48 1.04 13.26
CA LYS J 469 -75.05 0.15 16.60
CA PHE J 470 -72.75 2.78 17.88
CA SER J 471 -74.25 5.11 15.32
CA SER J 472 -77.16 5.64 17.69
CA TYR J 473 -74.95 5.80 20.79
CA GLU J 474 -73.84 9.09 22.29
CA LYS J 475 -70.43 10.12 21.06
CA TYR J 476 -68.06 11.85 23.39
CA TRP J 477 -64.69 13.51 23.69
CA CYS J 478 -63.16 13.45 27.14
CA LYS J 479 -60.18 15.01 28.80
CA TRP J 480 -57.70 13.15 30.92
CA ASN J 481 -56.92 14.08 34.50
CA ASN J 482 -60.56 14.49 35.30
CA THR J 483 -62.79 12.40 37.45
CA GLY J 484 -62.83 9.47 35.16
CA CYS J 485 -62.60 11.32 31.90
CA GLN J 486 -63.73 14.88 31.86
CA ALA J 487 -66.59 15.15 29.48
CA LEU J 488 -65.80 17.73 26.88
CA PRO J 489 -68.11 17.88 23.94
CA SER J 490 -70.58 15.08 23.39
CA GLN J 491 -73.22 14.45 20.81
CA ASP J 492 -74.11 17.96 21.86
CA GLU J 493 -71.99 21.04 21.00
CA GLY J 494 -69.50 23.44 22.60
CA PRO J 495 -66.36 25.47 21.98
CA SER J 496 -65.99 23.56 18.83
CA LYS J 497 -67.84 20.95 16.94
CA ALA J 498 -68.33 17.24 17.11
CA PHE J 499 -69.96 15.86 14.04
CA VAL J 500 -71.30 12.41 13.68
CA ASN J 501 -71.93 10.61 10.47
CA CYS J 502 -74.57 8.02 11.10
CA ASP J 503 -74.99 4.56 9.72
CA GLU J 504 -74.02 5.67 6.26
CA ASN J 505 -70.56 6.67 7.33
CA SER J 506 -69.60 5.75 10.79
CA ARG J 507 -67.26 8.45 11.88
CA LEU J 508 -67.23 11.25 14.36
CA VAL J 509 -65.15 14.33 13.86
CA SER J 510 -64.21 16.57 16.69
CA LEU J 511 -62.91 19.96 15.86
CA THR J 512 -61.47 22.25 18.46
CA LEU J 513 -60.87 25.91 18.00
CA ASN J 514 -58.46 28.29 19.62
CA LEU J 515 -56.26 25.68 21.16
CA VAL J 516 -54.21 28.64 22.20
CA THR J 517 -54.43 27.18 25.61
CA ARG J 518 -51.72 25.02 27.09
CA ALA J 519 -54.51 23.32 28.95
CA ASP J 520 -55.57 21.62 25.76
CA GLU J 521 -52.45 19.52 25.60
CA GLY J 522 -53.03 16.26 27.38
CA TRP J 523 -54.57 12.83 27.01
CA TYR J 524 -58.08 12.50 25.69
CA TRP J 525 -60.52 9.80 24.80
CA CYS J 526 -63.04 9.45 22.03
CA GLY J 527 -65.77 6.93 22.50
CA VAL J 528 -69.41 5.98 22.45
CA LYS J 529 -71.94 5.52 25.20
CA GLN J 530 -71.01 6.44 28.73
CA GLY J 531 -67.43 7.31 29.55
CA HIS J 532 -67.28 4.62 32.20
CA PHE J 533 -67.94 1.89 29.65
CA TYR J 534 -64.46 2.55 28.28
CA GLY J 535 -65.55 1.72 24.80
CA GLU J 536 -63.23 4.34 23.46
CA THR J 537 -59.85 5.15 22.02
CA ALA J 538 -57.07 7.11 23.64
CA ALA J 539 -55.65 10.09 21.86
CA VAL J 540 -52.73 12.20 22.92
CA TYR J 541 -52.77 15.81 21.96
CA VAL J 542 -49.73 17.98 22.22
CA ALA J 543 -50.16 21.70 21.95
CA VAL J 544 -59.92 0.63 15.45
CA GLU J 545 -58.65 2.05 12.11
CA GLU J 546 -56.14 0.65 9.36
CA ARG J 547 -57.50 -3.09 9.82
CA LYS J 548 -55.71 -3.05 13.35
CA ALA J 549 -53.10 0.03 13.12
CA ALA J 550 -50.14 0.04 10.55
CA GLY J 551 -48.95 0.45 7.16
CA SER J 552 -50.00 -1.41 4.99
CA ARG J 553 -48.15 -4.58 6.18
CA ASP J 554 -47.85 -6.36 2.71
CA VAL J 555 -44.82 -5.24 2.31
CA SER J 556 -44.84 -3.39 -1.10
CA LEU J 557 -43.91 -5.84 -3.83
CA ALA J 558 -46.21 -8.06 -2.97
CA LYS J 559 -48.83 -5.57 -4.58
CA ALA J 560 -49.27 -1.65 -4.71
CA ASP J 561 -51.49 0.17 -1.92
CA ALA J 562 -48.65 1.11 0.87
CA ALA J 563 -48.57 4.90 -0.19
CA PRO J 564 -49.80 6.82 3.14
CA ASP J 565 -51.01 10.53 2.53
CA GLU J 566 -52.57 12.23 5.65
CA LYS J 567 -54.81 14.78 3.68
CA VAL J 568 -58.46 13.01 3.53
CA LEU J 569 -57.31 9.28 2.66
CA ASP J 570 -55.88 8.05 6.04
CA SER J 571 -59.46 8.09 7.60
CA GLY J 572 -61.74 6.29 9.18
CA PHE J 573 -61.91 2.44 9.49
CA ARG J 574 -60.97 1.72 5.91
CA GLU J 575 -61.58 -1.15 5.07
CA ILE J 576 -62.62 -2.93 8.50
CA GLU J 577 -62.10 -1.99 12.37
CA ASN J 578 -60.67 -5.16 14.12
CA LYS J 579 -62.64 -4.83 17.46
CA ALA J 580 -65.27 -7.58 17.57
CA ILE J 581 -66.08 -11.00 15.95
CA GLN J 582 -69.83 -12.36 16.43
CA ASP J 583 -70.63 -16.15 15.73
CA PRO J 584 -74.29 -17.44 16.62
CA ARG J 585 -75.46 -19.89 13.60
CA GLN A 1 55.15 33.13 -97.15
CA VAL A 2 53.79 29.78 -95.98
CA LYS A 3 55.94 27.02 -97.50
CA LEU A 4 56.42 27.57 -101.27
CA LEU A 5 54.13 24.86 -102.63
CA GLU A 6 51.68 23.61 -99.97
CA GLN A 7 49.76 20.50 -101.08
CA SER A 8 46.68 18.76 -99.64
CA GLY A 9 46.12 15.77 -97.33
CA ALA A 10 46.02 11.98 -97.59
CA GLU A 11 42.64 10.93 -99.01
CA VAL A 12 41.53 7.37 -98.23
CA LYS A 13 39.63 6.15 -101.30
CA LYS A 14 37.88 2.81 -101.77
CA PRO A 15 38.92 0.88 -104.95
CA GLY A 16 36.96 2.26 -107.88
CA ALA A 17 36.66 5.86 -106.66
CA SER A 18 38.09 9.25 -107.63
CA VAL A 19 40.87 11.38 -106.08
CA LYS A 20 41.74 15.07 -106.56
CA VAL A 21 44.98 16.38 -105.04
CA SER A 22 45.71 20.12 -105.16
CA CYS A 23 48.95 22.16 -105.17
CA LYS A 24 48.84 25.71 -103.79
CA ALA A 25 51.66 28.06 -104.81
CA SER A 26 53.05 31.30 -103.36
CA GLY A 27 55.98 33.69 -103.25
CA TYR A 28 56.52 33.52 -107.01
CA SER A 29 54.58 34.24 -110.20
CA PHE A 30 52.16 31.42 -111.07
CA THR A 31 51.69 32.15 -114.79
CA SER A 32 55.46 32.00 -115.43
CA TYR A 33 56.34 28.46 -114.28
CA GLY A 34 54.98 24.96 -114.88
CA LEU A 35 54.20 22.09 -112.48
CA HIS A 36 55.06 18.38 -112.79
CA TRP A 37 53.51 15.51 -110.81
CA VAL A 38 55.66 12.67 -109.46
CA ARG A 39 54.68 9.87 -107.05
CA GLN A 40 56.38 7.02 -105.14
CA ALA A 41 55.11 3.57 -104.12
CA PRO A 42 56.15 2.26 -100.65
CA GLY A 43 59.57 0.72 -101.26
CA GLN A 44 59.85 1.66 -104.94
CA ARG A 45 61.34 4.43 -107.13
CA LEU A 46 59.73 7.75 -108.13
CA GLU A 47 57.49 7.65 -111.21
CA TRP A 48 56.63 10.70 -113.34
CA MET A 49 52.89 11.14 -113.96
CA GLY A 50 52.62 14.32 -116.01
CA TRP A 51 52.89 18.09 -116.42
CA ILE A 52 50.70 21.16 -116.96
CA SER A 53 51.58 24.72 -117.99
CA ALA A 54 50.10 27.44 -115.77
CA GLY A 55 50.15 29.96 -118.63
CA THR A 56 48.18 28.29 -121.41
CA GLY A 57 46.92 25.03 -119.90
CA ASN A 58 48.54 22.38 -122.12
CA THR A 59 48.53 18.81 -120.80
CA LYS A 60 51.46 16.40 -121.25
CA TYR A 61 51.14 13.12 -119.33
CA SER A 62 52.72 9.67 -119.77
CA GLN A 63 51.28 6.69 -121.66
CA LYS A 64 51.06 4.74 -118.40
CA PHE A 65 47.94 6.39 -116.96
CA ARG A 66 46.37 6.94 -120.39
CA GLY A 67 42.63 7.51 -120.16
CA ARG A 68 42.28 8.07 -116.41
CA VAL A 69 44.38 11.15 -115.57
CA THR A 70 43.55 14.85 -115.84
CA PHE A 71 45.17 18.16 -114.89
CA THR A 72 43.34 21.42 -114.14
CA ARG A 73 44.49 24.87 -112.97
CA ASP A 74 42.74 27.91 -111.47
CA THR A 75 44.38 31.18 -112.57
CA SER A 76 42.89 33.52 -109.95
CA ALA A 77 43.27 30.99 -107.11
CA THR A 78 46.92 29.97 -107.61
CA THR A 79 46.38 26.21 -107.17
CA ALA A 80 47.07 23.22 -109.43
CA TYR A 81 45.00 20.02 -109.57
CA MET A 82 45.28 16.33 -110.50
CA GLY A 83 42.61 13.71 -111.19
CA LEU A 84 42.68 9.89 -111.31
CA SER A 85 39.63 7.65 -111.81
CA SER A 86 39.32 3.87 -111.32
CA LEU A 87 41.75 3.62 -108.38
CA ARG A 88 43.39 0.26 -107.63
CA PRO A 89 45.10 -1.38 -104.58
CA GLU A 90 48.49 -0.70 -106.21
CA ASP A 91 48.11 3.09 -106.39
CA THR A 92 49.12 3.49 -102.72
CA ALA A 93 51.86 6.10 -103.15
CA VAL A 94 53.08 9.52 -102.05
CA TYR A 95 52.33 12.12 -104.72
CA TYR A 96 54.31 15.36 -105.18
CA CYS A 97 53.92 18.49 -107.32
CA ALA A 98 57.29 19.85 -108.46
CA ARG A 99 57.82 23.17 -110.27
CA ASP A 100 59.20 23.92 -113.76
CA PRO A 101 62.19 26.36 -113.69
CA TYR A 102 61.83 26.91 -117.45
CA GLY A 103 58.21 26.36 -118.46
CA GLY A 104 59.09 23.91 -121.22
CA GLY A 105 57.74 20.63 -119.88
CA LYS A 106 61.08 18.81 -119.85
CA SER A 107 63.66 19.64 -117.16
CA GLU A 108 64.65 19.26 -113.49
CA PHE A 109 62.71 19.94 -110.27
CA ASP A 110 63.90 22.66 -107.89
CA TYR A 111 60.88 22.89 -105.55
CA TRP A 112 59.06 19.89 -104.09
CA GLY A 113 55.97 19.79 -101.87
CA GLN A 114 55.21 17.83 -98.69
CA GLY A 115 53.53 14.92 -100.45
CA THR A 116 50.09 13.29 -100.27
CA LEU A 117 49.74 9.59 -99.39
CA VAL A 118 46.60 8.26 -101.08
CA THR A 119 45.89 4.75 -99.81
CA VAL A 120 43.33 2.73 -101.78
CA SER A 121 41.85 -0.05 -99.63
CA SER A 122 38.31 -1.37 -99.07
CA ALA A 123 38.94 -2.13 -95.38
CA SER A 124 36.94 -0.03 -92.90
CA PRO A 125 39.34 2.77 -91.80
CA THR A 126 39.32 3.72 -88.12
CA SER A 127 40.50 6.67 -86.02
CA PRO A 128 43.56 6.09 -83.76
CA LYS A 129 43.24 5.89 -79.97
CA VAL A 130 46.02 7.92 -78.34
CA PHE A 131 47.17 6.76 -74.88
CA PRO A 132 49.51 8.45 -72.38
CA LEU A 133 52.63 6.39 -71.65
CA SER A 134 53.54 7.96 -68.32
CA LEU A 135 55.82 5.93 -66.03
CA ASP A 136 55.68 4.87 -62.37
CA SER A 137 59.28 5.58 -61.36
CA THR A 138 60.61 2.69 -63.48
CA PRO A 139 63.48 4.69 -65.07
CA GLN A 140 66.38 6.38 -63.28
CA ASP A 141 67.28 9.65 -61.54
CA GLY A 142 68.59 12.07 -64.14
CA ASN A 143 66.16 12.00 -67.06
CA VAL A 144 62.41 11.44 -67.40
CA VAL A 145 61.03 9.40 -70.31
CA VAL A 146 57.43 10.08 -71.41
CA ALA A 147 55.49 8.97 -74.52
CA CYS A 148 52.17 8.86 -76.38
CA LEU A 149 50.96 5.54 -77.81
CA VAL A 150 48.72 6.14 -80.85
CA GLN A 151 47.04 2.74 -81.28
CA GLY A 152 44.67 1.40 -83.94
CA PHE A 153 44.57 3.32 -87.22
CA PHE A 154 44.11 2.22 -90.82
CA PRO A 155 45.82 2.99 -93.09
CA GLN A 156 49.27 4.07 -91.85
CA GLU A 157 49.23 7.68 -93.12
CA PRO A 158 51.83 10.46 -92.59
CA LEU A 159 51.42 11.07 -88.84
CA SER A 160 52.62 14.53 -87.79
CA VAL A 161 53.37 14.78 -84.06
CA THR A 162 54.66 17.87 -82.24
CA TRP A 163 55.21 18.07 -78.47
CA SER A 164 54.84 21.39 -76.64
CA GLU A 165 58.33 21.75 -75.16
CA SER A 166 61.56 22.08 -77.15
CA GLY A 167 65.20 22.92 -76.49
CA GLN A 168 68.73 21.51 -76.52
CA ASN A 169 68.77 18.61 -74.05
CA VAL A 170 65.36 17.30 -75.16
CA THR A 171 64.92 14.66 -77.87
CA ALA A 172 61.77 13.47 -79.66
CA ARG A 173 61.58 10.38 -81.89
CA ASN A 174 58.75 9.39 -84.26
CA PHE A 175 58.48 5.58 -84.30
CA PRO A 176 57.68 3.92 -87.68
CA PRO A 177 54.24 2.30 -88.30
CA SER A 178 53.92 -1.46 -87.69
CA GLN A 179 51.35 -4.05 -88.83
CA ASP A 180 49.59 -6.80 -86.86
CA ALA A 181 48.10 -9.92 -88.47
CA SER A 182 47.47 -9.26 -92.18
CA GLY A 183 46.61 -5.55 -92.32
CA ASP A 184 43.86 -5.30 -89.70
CA LEU A 185 45.34 -2.26 -87.94
CA TYR A 186 48.46 -0.08 -87.61
CA THR A 187 50.07 1.31 -84.43
CA THR A 188 52.65 4.01 -83.60
CA SER A 189 54.13 6.02 -80.74
CA SER A 190 55.78 9.34 -79.87
CA GLN A 191 58.47 9.63 -77.17
CA LEU A 192 60.16 12.62 -75.53
CA THR A 193 63.25 12.08 -73.38
CA LEU A 194 63.96 15.18 -71.28
CA PRO A 195 66.11 16.02 -68.22
CA ALA A 196 64.39 15.95 -64.81
CA THR A 197 65.16 19.65 -64.34
CA GLN A 198 62.67 20.43 -67.14
CA CYS A 199 59.31 18.86 -66.16
CA PRO A 200 58.30 20.84 -63.03
CA ASP A 201 56.49 19.08 -60.15
CA GLY A 202 52.78 19.62 -60.76
CA LYS A 203 52.51 20.16 -64.53
CA SER A 204 52.45 18.09 -67.74
CA VAL A 205 53.46 18.04 -71.42
CA THR A 206 50.95 17.81 -74.28
CA CYS A 207 51.50 15.66 -77.39
CA HIS A 208 49.69 16.73 -80.57
CA VAL A 209 49.01 13.95 -83.09
CA LYS A 210 47.64 14.73 -86.55
CA HIS A 211 46.48 12.12 -89.07
CA TYR A 212 45.33 13.50 -92.44
CA THR A 213 43.59 16.91 -92.30
CA ASN A 214 41.49 15.51 -89.44
CA PRO A 215 41.32 17.65 -86.24
CA SER A 216 44.51 17.45 -84.17
CA GLN A 217 43.98 15.24 -81.11
CA ASP A 218 45.65 16.78 -78.05
CA VAL A 219 46.52 14.74 -74.93
CA THR A 220 47.86 15.92 -71.56
CA VAL A 221 50.86 13.67 -70.76
CA PRO A 222 51.93 14.09 -67.08
CA CYS A 223 55.18 13.40 -65.21
CA PRO A 224 56.12 14.55 -61.40
CA VAL A 225 54.77 13.69 -57.90
CA PRO A 226 52.58 15.70 -55.18
CA PRO A 227 53.07 15.25 -51.41
CA PRO A 228 49.92 15.25 -48.98
CA PRO A 229 49.43 18.68 -46.78
CA PRO A 230 49.23 18.04 -43.03
CA CYS A 231 48.27 20.75 -40.37
CA CYS A 232 47.26 19.98 -36.75
CA HIS A 233 45.08 21.59 -34.10
CA PRO A 234 45.47 21.46 -30.16
CA ARG A 235 43.28 18.93 -28.28
CA LEU A 236 43.31 15.56 -26.44
CA SER A 237 40.62 12.86 -26.22
CA LEU A 238 40.31 9.32 -24.85
CA HIS A 239 38.52 6.37 -26.47
CA ARG A 240 36.85 3.79 -24.23
CA PRO A 241 36.97 0.16 -25.48
CA ALA A 242 33.89 -1.54 -26.93
CA LEU A 243 31.47 -3.39 -24.66
CA GLU A 244 30.76 -6.36 -26.94
CA ASP A 245 34.48 -7.11 -27.38
CA LEU A 246 35.66 -7.09 -23.73
CA LEU A 247 32.76 -9.25 -22.52
CA LEU A 248 33.15 -12.13 -24.98
CA GLY A 249 36.89 -12.81 -24.78
CA SER A 250 38.70 -10.30 -22.53
CA GLU A 251 40.12 -8.43 -25.54
CA ALA A 252 40.03 -4.75 -24.54
CA ASN A 253 42.13 -1.65 -25.28
CA LEU A 254 41.96 2.04 -24.37
CA THR A 255 43.28 4.54 -26.93
CA CYS A 256 44.85 7.92 -26.05
CA THR A 257 45.00 9.96 -29.26
CA LEU A 258 46.15 13.60 -29.48
CA THR A 259 44.37 15.03 -32.53
CA GLY A 260 45.47 18.67 -32.91
CA LEU A 261 48.66 20.61 -32.04
CA ARG A 262 51.11 22.35 -34.49
CA ASP A 263 54.04 20.48 -36.25
CA ALA A 264 57.51 18.96 -35.80
CA SER A 265 58.12 17.41 -32.38
CA GLY A 266 57.97 14.01 -30.66
CA ALA A 267 55.69 13.34 -27.68
CA THR A 268 56.04 10.77 -24.89
CA PHE A 269 53.61 8.85 -22.63
CA THR A 270 53.18 7.76 -19.00
CA TRP A 271 50.50 5.04 -18.78
CA THR A 272 49.44 3.52 -15.47
CA PRO A 273 49.37 -0.29 -14.96
CA SER A 274 46.17 -2.27 -14.35
CA SER A 275 45.13 -4.42 -11.39
CA GLY A 276 47.28 -7.23 -12.76
CA LYS A 277 50.35 -4.97 -12.85
CA SER A 278 50.87 -4.83 -16.63
CA ALA A 279 51.77 -1.89 -18.87
CA VAL A 280 52.24 -2.28 -22.64
CA GLN A 281 52.31 0.52 -25.24
CA GLY A 282 53.59 1.41 -28.71
CA PRO A 283 52.65 4.90 -30.05
CA PRO A 284 53.46 5.39 -33.77
CA GLU A 285 53.45 8.56 -35.90
CA ARG A 286 50.87 8.91 -38.71
CA ASP A 287 50.34 11.91 -41.01
CA LEU A 288 46.89 13.54 -40.81
CA CYS A 289 46.10 16.71 -42.79
CA GLY A 290 49.83 17.15 -43.27
CA CYS A 291 50.47 17.09 -39.53
CA TYR A 292 52.19 14.24 -37.46
CA SER A 293 50.09 12.12 -35.03
CA VAL A 294 50.97 10.26 -31.80
CA SER A 295 48.39 7.65 -30.67
CA SER A 296 49.04 4.95 -28.05
CA VAL A 297 46.92 1.92 -27.07
CA LEU A 298 47.03 0.22 -23.64
CA PRO A 299 45.66 -3.37 -23.83
CA GLY A 300 43.76 -4.11 -20.62
CA CYS A 301 41.93 -7.07 -19.11
CA ALA A 302 38.24 -7.52 -18.25
CA GLN A 303 38.52 -7.72 -14.45
CA PRO A 304 39.94 -4.19 -13.90
CA TRP A 305 37.16 -2.68 -16.02
CA ASN A 306 34.50 -4.71 -14.21
CA HIS A 307 35.89 -3.79 -10.79
CA GLY A 308 36.65 -0.20 -11.76
CA GLU A 309 40.30 0.87 -12.05
CA THR A 310 41.53 4.38 -12.88
CA PHE A 311 43.06 4.44 -16.38
CA THR A 312 45.02 7.69 -16.79
CA CYS A 313 47.15 8.98 -19.71
CA THR A 314 49.65 11.84 -19.46
CA ALA A 315 51.25 13.31 -22.60
CA ALA A 316 54.06 15.82 -21.91
CA HIS A 317 55.77 18.13 -24.39
CA PRO A 318 58.06 21.17 -24.36
CA GLU A 319 55.37 23.62 -25.52
CA LEU A 320 52.65 21.55 -23.89
CA LYS A 321 54.41 22.64 -20.73
CA THR A 322 51.50 21.54 -18.58
CA PRO A 323 51.27 17.75 -19.14
CA LEU A 324 47.60 17.08 -19.85
CA THR A 325 46.17 14.46 -17.49
CA ALA A 326 43.10 12.44 -18.52
CA ASN A 327 41.34 9.77 -16.44
CA ILE A 328 38.41 7.49 -17.33
CA THR A 329 36.48 4.94 -15.25
CA LYS A 330 32.98 3.42 -15.12
CA SER A 331 29.98 5.40 -13.90
CA GLY A 332 27.39 5.50 -11.13
CA ASN A 333 26.89 3.27 -8.10
CA THR A 334 25.53 -0.31 -7.94
CA PHE A 335 21.82 -1.20 -8.11
CA ARG A 336 20.44 -4.77 -7.89
CA PRO A 337 18.52 -5.89 -11.02
CA GLU A 338 14.94 -7.14 -10.68
CA VAL A 339 14.15 -9.78 -13.31
CA HIS A 340 10.50 -10.30 -14.33
CA LEU A 341 9.78 -13.10 -16.83
CA LEU A 342 6.64 -12.38 -18.89
CA PRO A 343 4.41 -15.04 -20.52
CA PRO A 344 3.11 -14.74 -24.13
CA PRO A 345 -0.22 -12.90 -24.54
CA SER A 346 -3.59 -14.42 -25.47
CA GLU A 347 -3.71 -13.06 -29.03
CA GLU A 348 -0.16 -14.27 -29.71
CA LEU A 349 -1.19 -17.92 -29.35
CA ALA A 350 -2.89 -17.55 -32.74
CA LEU A 351 0.44 -17.69 -34.61
CA ASN A 352 2.52 -20.80 -35.37
CA GLU A 353 6.28 -20.62 -36.02
CA LEU A 354 7.26 -18.11 -33.29
CA VAL A 355 6.36 -17.29 -29.66
CA THR A 356 7.87 -14.35 -27.73
CA LEU A 357 9.18 -14.92 -24.19
CA THR A 358 9.95 -11.56 -22.56
CA CYS A 359 11.97 -11.40 -19.33
CA LEU A 360 12.42 -7.77 -18.23
CA ALA A 361 15.20 -6.79 -15.84
CA ARG A 362 15.01 -3.20 -14.58
CA GLY A 363 16.40 -1.32 -11.60
CA PHE A 364 20.10 -1.74 -12.33
CA SER A 365 23.27 0.34 -12.65
CA PRO A 366 25.63 0.51 -14.41
CA LYS A 367 24.26 -0.50 -17.83
CA ASP A 368 26.75 -3.38 -18.10
CA VAL A 369 24.61 -6.53 -17.99
CA LEU A 370 24.89 -9.86 -19.84
CA VAL A 371 21.59 -11.61 -20.56
CA ARG A 372 21.25 -15.18 -21.93
CA TRP A 373 18.63 -17.93 -22.33
CA LEU A 374 18.55 -21.71 -21.80
CA GLN A 375 16.48 -24.79 -22.67
CA GLY A 376 14.92 -26.98 -19.99
CA SER A 377 14.52 -30.31 -21.83
CA GLN A 378 17.69 -30.45 -23.95
CA GLU A 379 19.59 -28.65 -21.14
CA LEU A 380 21.39 -26.59 -23.80
CA PRO A 381 21.47 -22.79 -24.31
CA ARG A 382 19.11 -21.13 -26.80
CA GLU A 383 20.07 -19.46 -30.10
CA LYS A 384 17.21 -17.17 -31.20
CA TYR A 385 17.00 -14.10 -28.91
CA LEU A 386 17.76 -10.35 -28.94
CA THR A 387 18.78 -7.57 -26.51
CA TRP A 388 17.64 -3.93 -26.28
CA ALA A 389 19.23 -0.80 -24.75
CA SER A 390 18.27 2.75 -23.69
CA ARG A 391 19.20 5.03 -20.76
CA GLN A 392 16.68 6.71 -18.44
CA GLU A 393 17.85 10.31 -17.90
CA PRO A 394 14.93 12.59 -16.91
CA SER A 395 15.06 16.11 -15.46
CA GLN A 396 14.70 14.90 -11.86
CA GLY A 397 17.16 13.03 -9.65
CA THR A 398 16.34 9.43 -10.57
CA THR A 399 18.28 7.20 -12.99
CA THR A 400 18.32 3.37 -13.38
CA PHE A 401 18.89 1.29 -16.53
CA ALA A 402 16.46 -1.45 -17.61
CA VAL A 403 16.46 -4.16 -20.30
CA THR A 404 14.18 -6.47 -22.31
CA SER A 405 14.86 -9.96 -23.70
CA ILE A 406 12.89 -11.77 -26.41
CA LEU A 407 13.17 -15.54 -26.93
CA ARG A 408 11.29 -16.77 -30.02
CA VAL A 409 10.49 -20.48 -29.71
CA ALA A 410 7.83 -22.70 -31.33
CA ALA A 411 4.10 -22.73 -30.59
CA GLU A 412 3.83 -26.49 -30.11
CA ASP A 413 6.81 -26.61 -27.73
CA TRP A 414 5.45 -23.93 -25.37
CA LYS A 415 2.39 -26.12 -24.76
CA LYS A 416 4.30 -29.35 -24.06
CA GLY A 417 5.40 -28.17 -20.64
CA ASP A 418 9.02 -27.10 -21.10
CA THR A 419 10.70 -24.61 -18.73
CA PHE A 420 12.71 -21.67 -20.13
CA SER A 421 15.47 -19.83 -18.18
CA CYS A 422 16.49 -16.15 -18.47
CA MET A 423 19.89 -15.77 -16.77
CA VAL A 424 21.01 -12.22 -15.99
CA GLY A 425 24.50 -11.23 -14.85
CA HIS A 426 25.37 -7.98 -13.07
CA GLU A 427 27.80 -6.78 -10.38
CA ALA A 428 25.20 -5.90 -7.74
CA LEU A 429 23.84 -9.46 -7.88
CA PRO A 430 24.45 -11.91 -4.97
CA LEU A 431 26.80 -14.21 -6.92
CA ALA A 432 27.10 -11.98 -10.01
CA PHE A 433 24.46 -14.28 -11.51
CA THR A 434 20.68 -14.62 -11.14
CA GLN A 435 18.17 -16.83 -12.98
CA LYS A 436 14.36 -16.77 -13.19
CA THR A 437 12.11 -19.19 -15.11
CA ILE A 438 8.84 -19.36 -17.07
CA ASP A 439 6.50 -22.34 -17.36
CA ARG A 440 3.04 -22.88 -18.91
CA LEU A 441 2.12 -24.86 -15.79
CA ALA A 442 0.98 -22.14 -13.41
CA GLY A 443 0.05 -23.12 -9.88
CA LYS A 444 -1.30 -20.34 -7.67
CA PRO A 445 0.70 -20.63 -4.41
CA THR A 446 2.72 -17.45 -4.97
CA HIS A 447 5.69 -17.64 -7.35
CA VAL A 448 8.00 -20.53 -6.46
CA ASN A 449 11.41 -21.30 -7.99
CA VAL A 450 12.95 -24.69 -8.88
CA SER A 451 15.02 -26.89 -6.55
CA VAL A 452 18.81 -27.28 -6.32
CA VAL A 453 20.89 -29.10 -8.94
CA MET A 454 24.59 -29.59 -8.11
CA ALA A 455 26.32 -29.36 -4.72
CA GLU A 456 29.69 -29.66 -2.94
CA VAL A 457 31.38 -28.54 -6.18
CA ASP A 458 31.92 -24.79 -6.49
CA GLY A 459 35.39 -24.92 -8.02
CA THR A 460 37.84 -24.14 -5.21
CA CYS A 461 37.37 -27.71 -3.94
CA TYR A 462 37.64 -29.94 -7.03
CA GLN B 1 82.58 50.90 -11.46
CA VAL B 2 78.79 51.18 -11.21
CA LYS B 3 77.84 54.86 -11.55
CA LEU B 4 79.98 57.05 -9.23
CA LEU B 5 77.42 57.89 -6.56
CA GLU B 6 74.43 55.51 -6.67
CA GLN B 7 71.56 56.65 -4.43
CA SER B 8 68.41 54.86 -3.21
CA GLY B 9 64.78 54.79 -4.33
CA ALA B 10 61.64 56.90 -3.94
CA GLU B 11 60.11 56.21 -0.53
CA VAL B 12 56.40 56.99 -0.15
CA LYS B 13 55.92 58.26 3.40
CA LYS B 14 52.66 59.26 5.09
CA PRO B 15 52.67 62.78 6.68
CA GLY B 16 54.31 62.54 10.10
CA ALA B 17 56.75 59.73 9.31
CA SER B 18 60.51 59.33 8.86
CA VAL B 19 62.68 59.00 5.73
CA LYS B 20 66.30 57.84 5.32
CA VAL B 21 67.96 58.23 1.91
CA SER B 22 71.42 56.74 1.34
CA CYS B 23 74.29 57.64 -1.01
CA LYS B 24 76.71 54.87 -2.04
CA ALA B 25 80.11 55.91 -3.40
CA SER B 26 82.76 54.19 -5.52
CA GLY B 27 85.79 54.65 -7.75
CA TYR B 28 87.34 57.27 -5.46
CA SER B 29 88.54 57.52 -1.85
CA PHE B 30 85.63 58.07 0.57
CA THR B 31 87.56 59.55 3.51
CA SER B 32 89.05 62.31 1.32
CA TYR B 33 85.92 64.08 0.01
CA GLY B 34 82.72 65.46 1.52
CA LEU B 35 79.06 65.14 0.48
CA HIS B 36 76.36 67.84 0.23
CA TRP B 37 72.60 67.27 0.03
CA VAL B 38 70.42 69.33 -2.34
CA ARG B 39 66.75 68.83 -3.25
CA GLN B 40 64.20 70.29 -5.71
CA ALA B 41 60.42 70.77 -5.41
CA PRO B 42 58.30 70.10 -8.55
CA GLY B 43 58.47 73.37 -10.46
CA GLN B 44 60.85 75.18 -8.09
CA ARG B 45 64.58 75.87 -7.69
CA LEU B 46 67.20 73.69 -5.97
CA GLU B 47 67.55 74.16 -2.20
CA TRP B 48 70.66 73.23 -0.20
CA MET B 49 69.95 71.07 2.86
CA GLY B 50 73.35 70.38 4.38
CA TRP B 51 76.80 68.77 4.33
CA ILE B 52 78.81 66.10 6.16
CA SER B 53 82.54 65.32 6.12
CA ALA B 54 83.42 61.67 5.51
CA GLY B 55 86.70 62.00 7.39
CA THR B 56 85.70 63.31 10.82
CA GLY B 57 81.90 63.40 10.75
CA ASN B 58 81.13 67.10 11.29
CA THR B 59 77.58 68.25 10.49
CA LYS B 60 76.78 71.60 8.84
CA TYR B 61 73.13 72.05 7.82
CA SER B 62 70.97 75.12 7.16
CA GLN B 63 68.70 76.94 9.61
CA LYS B 64 65.67 75.95 7.52
CA PHE B 65 65.37 72.32 8.64
CA ARG B 66 66.65 73.06 12.16
CA GLY B 67 65.70 70.32 14.61
CA ARG B 68 64.54 67.64 12.17
CA VAL B 69 67.55 66.79 10.00
CA THR B 70 70.48 64.45 10.64
CA PHE B 71 73.47 63.11 8.69
CA THR B 72 75.25 59.80 9.32
CA ARG B 73 78.11 57.98 7.56
CA ASP B 74 79.46 54.41 7.62
CA THR B 75 83.24 54.29 7.12
CA SER B 76 83.63 50.60 6.23
CA ALA B 77 80.49 50.55 4.03
CA THR B 78 81.14 53.63 1.86
CA THR B 79 77.60 55.05 2.07
CA ALA B 80 76.23 58.39 3.30
CA TYR B 81 72.84 58.93 4.97
CA MET B 82 70.21 61.61 5.57
CA GLY B 83 67.32 61.78 8.04
CA LEU B 84 64.18 63.94 8.22
CA SER B 85 61.39 63.56 10.80
CA SER B 86 57.90 65.13 10.81
CA LEU B 87 57.37 65.04 7.03
CA ARG B 88 54.84 67.41 5.46
CA PRO B 89 52.85 67.57 2.15
CA GLU B 90 55.28 70.21 0.90
CA ASP B 91 58.41 68.06 1.14
CA THR B 92 57.64 66.34 -2.17
CA ALA B 93 60.99 66.86 -3.89
CA VAL B 94 63.88 65.13 -5.66
CA TYR B 95 66.89 64.83 -3.34
CA TYR B 96 70.50 64.58 -4.53
CA CYS B 97 73.85 63.90 -2.86
CA ALA B 98 76.67 65.90 -4.47
CA ARG B 99 80.38 65.50 -3.69
CA ASP B 100 82.90 67.96 -2.21
CA PRO B 101 86.00 68.44 -4.45
CA TYR B 102 87.84 70.11 -1.56
CA GLY B 103 86.48 68.78 1.74
CA GLY B 104 85.85 72.23 3.17
CA GLY B 105 82.06 72.39 3.28
CA LYS B 106 81.71 75.39 0.98
CA SER B 107 82.27 74.97 -2.77
CA GLU B 108 80.83 73.65 -6.06
CA PHE B 109 79.41 70.22 -6.99
CA ASP B 110 81.17 68.11 -9.64
CA TYR B 111 79.37 64.78 -9.17
CA TRP B 112 75.58 64.41 -8.80
CA GLY B 113 73.50 61.30 -8.21
CA GLN B 114 70.31 60.04 -9.86
CA GLY B 115 67.95 61.58 -7.31
CA THR B 116 65.27 60.25 -4.96
CA LEU B 117 61.68 61.51 -5.20
CA VAL B 118 60.11 61.28 -1.73
CA THR B 119 56.38 61.99 -2.01
CA VAL B 120 54.55 62.65 1.26
CA SER B 121 50.81 61.99 0.88
CA SER B 122 48.21 60.20 3.03
CA ALA B 123 46.32 58.86 0.00
CA SER B 124 46.37 55.07 -0.44
CA PRO B 125 49.15 54.39 -3.00
CA THR B 126 48.48 51.73 -5.63
CA SER B 127 50.55 49.65 -8.06
CA PRO B 128 50.25 50.53 -11.80
CA LYS B 129 48.45 48.25 -14.25
CA VAL B 130 50.50 47.91 -17.44
CA PHE B 131 48.56 47.22 -20.66
CA PRO B 132 49.82 46.32 -24.17
CA LEU B 133 48.92 48.83 -26.89
CA SER B 134 49.07 46.65 -29.99
CA LEU B 135 47.25 47.67 -33.19
CA ASP B 136 45.25 46.09 -36.03
CA SER B 137 45.39 47.96 -39.39
CA THR B 138 45.47 51.44 -37.79
CA PRO B 139 49.09 52.27 -38.75
CA GLN B 140 50.38 53.06 -42.24
CA ASP B 141 52.15 50.64 -44.57
CA GLY B 142 55.84 51.10 -43.84
CA ASN B 143 56.28 51.34 -40.07
CA VAL B 144 54.94 49.67 -36.93
CA VAL B 145 53.99 51.58 -33.76
CA VAL B 146 53.68 49.68 -30.48
CA ALA B 147 53.24 50.93 -26.89
CA CYS B 148 52.72 50.05 -23.20
CA LEU B 149 50.05 51.90 -21.21
CA VAL B 150 50.98 51.97 -17.51
CA GLN B 151 47.68 53.02 -15.89
CA GLY B 152 46.77 53.82 -12.28
CA PHE B 153 49.66 54.64 -9.95
CA PHE B 154 50.01 57.04 -7.03
CA PRO B 155 52.19 58.98 -6.66
CA GLN B 156 53.84 59.80 -10.00
CA GLU B 157 57.38 58.57 -9.22
CA PRO B 158 60.43 58.38 -11.53
CA LEU B 159 59.30 55.62 -13.91
CA SER B 160 62.23 53.89 -15.63
CA VAL B 161 61.22 52.04 -18.81
CA THR B 162 63.57 50.12 -21.12
CA TRP B 163 62.42 48.17 -24.19
CA SER B 164 64.34 45.09 -25.36
CA GLU B 165 65.29 46.18 -28.89
CA SER B 166 67.54 49.14 -29.74
CA GLY B 167 69.31 50.54 -32.80
CA GLN B 168 69.41 53.47 -35.21
CA ASN B 169 66.00 53.65 -36.89
CA VAL B 170 64.10 52.88 -33.67
CA THR B 171 62.79 55.60 -31.34
CA ALA B 172 61.37 55.35 -27.80
CA ARG B 173 59.58 58.18 -25.97
CA ASN B 174 58.68 58.35 -22.26
CA PHE B 175 55.39 60.26 -21.91
CA PRO B 176 55.05 62.62 -18.88
CA PRO B 177 52.70 61.73 -15.96
CA SER B 178 49.18 63.21 -16.03
CA GLN B 179 46.53 63.68 -13.31
CA ASP B 180 42.78 62.92 -13.38
CA ALA B 181 40.26 64.63 -11.06
CA SER B 182 42.08 66.03 -8.02
CA GLY B 183 44.95 63.60 -7.45
CA ASP B 184 43.12 60.27 -7.38
CA LEU B 185 45.52 58.53 -9.78
CA TYR B 186 48.35 59.08 -12.29
CA THR B 187 48.82 57.47 -15.73
CA THR B 188 51.69 57.12 -18.23
CA SER B 189 52.78 55.28 -21.38
CA SER B 190 55.83 54.01 -23.29
CA GLN B 191 55.96 53.94 -27.10
CA LEU B 192 58.42 52.41 -29.58
CA THR B 193 58.17 53.38 -33.25
CA LEU B 194 60.22 50.91 -35.29
CA PRO B 195 60.54 49.93 -38.98
CA ALA B 196 58.57 46.90 -40.17
CA THR B 197 61.78 45.18 -41.30
CA GLN B 198 62.75 44.89 -37.60
CA CYS B 199 60.08 43.03 -35.57
CA PRO B 200 59.91 39.49 -37.06
CA ASP B 201 56.56 37.85 -37.93
CA GLY B 202 55.55 35.66 -34.99
CA LYS B 203 57.46 37.23 -32.09
CA SER B 204 57.09 40.27 -29.81
CA VAL B 205 58.98 43.00 -27.93
CA THR B 206 59.02 43.26 -24.12
CA CYS B 207 58.62 46.58 -22.25
CA HIS B 208 60.16 46.72 -18.76
CA VAL B 209 58.56 49.26 -16.40
CA LYS B 210 60.12 50.01 -13.01
CA HIS B 211 58.51 52.17 -10.32
CA TYR B 212 60.60 52.67 -7.16
CA THR B 213 62.80 49.70 -6.16
CA ASN B 214 59.73 47.50 -6.66
CA PRO B 215 60.19 44.40 -8.89
CA SER B 216 60.34 45.25 -12.59
CA GLN B 217 57.05 44.35 -14.29
CA ASP B 218 57.77 42.76 -17.68
CA VAL B 219 55.08 42.59 -20.40
CA THR B 220 55.24 40.77 -23.75
CA VAL B 221 54.12 43.43 -26.25
CA PRO B 222 53.34 41.72 -29.60
CA CYS B 223 53.61 43.05 -33.14
CA PRO B 224 53.17 40.86 -36.56
CA VAL B 225 50.41 38.62 -38.03
CA PRO B 226 50.01 34.64 -38.54
CA PRO B 227 48.14 33.14 -41.52
CA PRO B 228 45.89 29.90 -41.02
CA PRO B 229 47.50 26.41 -42.45
CA PRO B 230 45.23 24.61 -44.93
CA CYS B 231 45.89 21.00 -46.30
CA CYS B 232 43.27 18.85 -48.09
CA HIS B 233 42.58 15.15 -48.55
CA PRO B 234 40.83 13.31 -51.53
CA ARG B 235 37.23 12.42 -50.45
CA LEU B 236 33.48 13.33 -50.27
CA SER B 237 30.82 12.15 -47.78
CA LEU B 238 27.08 12.70 -47.21
CA HIS B 239 25.40 13.26 -43.85
CA ARG B 240 21.84 11.98 -43.41
CA PRO B 241 19.55 14.18 -41.24
CA ALA B 242 18.64 13.13 -37.70
CA LEU B 243 15.57 10.97 -37.06
CA GLU B 244 14.33 12.68 -33.89
CA ASP B 245 14.38 16.11 -35.57
CA LEU B 246 12.49 15.38 -38.82
CA LEU B 247 9.70 13.46 -37.04
CA LEU B 248 8.75 16.11 -34.48
CA GLY B 249 8.51 19.22 -36.63
CA SER B 250 9.52 18.55 -40.26
CA GLU B 251 12.90 20.25 -39.75
CA ALA B 252 15.37 18.20 -41.83
CA ASN B 253 18.55 18.90 -43.79
CA LEU B 254 21.08 16.82 -45.74
CA THR B 255 24.73 17.92 -45.73
CA CYS B 256 27.20 17.40 -48.61
CA THR B 257 30.69 18.20 -47.33
CA LEU B 258 33.81 17.94 -49.52
CA THR B 259 36.77 17.17 -47.23
CA GLY B 260 39.77 15.79 -49.13
CA LEU B 261 41.68 17.06 -52.21
CA ARG B 262 44.65 19.56 -52.11
CA ASP B 263 44.82 23.44 -52.41
CA ALA B 264 42.90 26.65 -53.35
CA SER B 265 39.97 26.42 -55.77
CA GLY B 266 36.18 26.95 -55.65
CA ALA B 267 33.38 24.38 -55.75
CA THR B 268 29.90 24.64 -57.27
CA PHE B 269 26.90 22.37 -56.56
CA THR B 270 23.99 20.82 -58.47
CA TRP B 271 21.38 19.71 -55.90
CA THR B 272 18.19 17.99 -57.02
CA PRO B 273 14.75 19.31 -55.89
CA SER B 274 12.41 17.36 -53.60
CA SER B 275 8.87 16.10 -54.19
CA GLY B 276 7.57 19.60 -53.44
CA LYS B 277 9.83 21.10 -56.12
CA SER B 278 12.11 23.16 -53.86
CA ALA B 279 15.88 23.68 -54.00
CA VAL B 280 17.71 25.94 -51.51
CA GLN B 281 21.45 26.03 -50.80
CA GLY B 282 24.30 28.21 -49.52
CA PRO B 283 27.81 26.56 -49.42
CA PRO B 284 30.55 28.53 -47.55
CA GLU B 285 34.35 28.23 -47.22
CA ARG B 286 36.09 27.52 -43.91
CA ASP B 287 39.30 26.75 -42.04
CA LEU B 288 39.71 23.64 -39.84
CA CYS B 289 43.11 21.92 -40.46
CA GLY B 290 44.62 24.28 -43.06
CA CYS B 291 43.06 24.02 -46.57
CA TYR B 292 39.83 25.79 -47.79
CA SER B 293 36.47 23.99 -47.26
CA VAL B 294 33.12 24.01 -49.12
CA SER B 295 29.99 22.42 -47.53
CA SER B 296 26.31 22.76 -48.57
CA VAL B 297 23.03 21.96 -46.80
CA LEU B 298 19.74 21.26 -48.61
CA PRO B 299 16.74 21.78 -46.27
CA GLY B 300 14.15 19.10 -47.04
CA CYS B 301 10.66 18.20 -45.83
CA ALA B 302 9.35 15.10 -44.01
CA GLN B 303 7.10 13.70 -46.76
CA PRO B 304 9.85 13.11 -49.36
CA TRP B 305 11.98 11.25 -46.80
CA ASN B 306 8.98 9.18 -45.66
CA HIS B 307 8.00 8.33 -49.24
CA GLY B 308 11.59 7.86 -50.38
CA GLU B 309 13.05 10.39 -52.82
CA THR B 310 16.54 10.23 -54.36
CA PHE B 311 18.73 12.98 -52.87
CA THR B 312 21.84 13.30 -55.07
CA CYS B 313 24.69 15.85 -54.82
CA THR B 314 26.93 16.44 -57.85
CA ALA B 315 29.96 18.75 -57.70
CA ALA B 316 31.84 19.96 -60.80
CA HIS B 317 35.53 20.92 -60.64
CA PRO B 318 38.48 21.53 -63.02
CA GLU B 319 40.85 19.10 -61.31
CA LEU B 320 38.14 16.86 -59.90
CA LYS B 321 37.38 16.32 -63.58
CA THR B 322 34.87 13.52 -62.98
CA PRO B 323 32.12 15.32 -61.02
CA LEU B 324 31.56 12.99 -58.05
CA THR B 325 27.94 11.86 -57.86
CA ALA B 326 26.48 10.75 -54.52
CA ASN B 327 22.94 9.50 -53.87
CA ILE B 328 21.21 8.58 -50.59
CA THR B 329 17.74 7.19 -49.86
CA LYS B 330 16.07 4.99 -47.23
CA SER B 331 16.55 1.21 -47.12
CA GLY B 332 14.80 -2.13 -47.38
CA ASN B 333 11.24 -3.05 -48.33
CA THR B 334 8.07 -2.56 -46.24
CA PHE B 335 7.01 -5.05 -43.55
CA ARG B 336 3.81 -4.77 -41.48
CA PRO B 337 4.43 -4.37 -37.69
CA GLU B 338 2.82 -6.80 -35.26
CA VAL B 339 2.00 -5.22 -31.89
CA HIS B 340 1.74 -7.45 -28.81
CA LEU B 341 0.73 -5.66 -25.58
CA LEU B 342 2.09 -7.56 -22.57
CA PRO B 343 0.54 -7.32 -19.06
CA PRO B 344 2.60 -6.82 -15.86
CA PRO B 345 3.95 -10.01 -14.19
CA SER B 346 2.85 -11.60 -10.90
CA GLU B 347 5.87 -10.63 -8.78
CA GLU B 348 5.80 -7.05 -10.10
CA LEU B 349 2.49 -6.42 -8.35
CA ALA B 350 4.42 -6.46 -5.06
CA LEU B 351 5.81 -2.95 -5.65
CA ASN B 352 3.90 0.35 -5.31
CA GLU B 353 4.89 3.50 -7.22
CA LEU B 354 5.51 2.03 -10.70
CA VAL B 355 4.06 -0.69 -12.97
CA THR B 356 5.57 -1.55 -16.38
CA LEU B 357 3.28 -1.95 -19.41
CA THR B 358 5.21 -3.57 -22.27
CA CYS B 359 3.81 -3.46 -25.82
CA LEU B 360 6.17 -5.09 -28.32
CA ALA B 361 6.00 -4.36 -32.06
CA ARG B 362 8.14 -6.74 -34.12
CA GLY B 363 8.13 -7.62 -37.82
CA PHE B 364 8.73 -4.19 -39.36
CA SER B 365 10.98 -2.48 -41.91
CA PRO B 366 12.39 0.09 -42.17
CA LYS B 367 13.31 1.00 -38.58
CA ASP B 368 11.36 4.27 -38.76
CA VAL B 369 8.47 3.85 -36.31
CA LEU B 370 6.76 6.32 -33.96
CA VAL B 371 5.36 4.72 -30.79
CA ARG B 372 3.18 6.55 -28.23
CA TRP B 373 0.85 5.84 -25.29
CA LEU B 374 -2.56 7.12 -24.16
CA GLN B 375 -4.82 7.21 -21.09
CA GLY B 376 -8.28 5.65 -21.10
CA SER B 377 -10.05 7.58 -18.33
CA GLN B 378 -8.63 11.10 -18.73
CA GLU B 379 -8.52 10.55 -22.53
CA LEU B 380 -5.15 12.33 -22.60
CA PRO B 381 -1.71 11.07 -23.76
CA ARG B 382 0.76 9.63 -21.22
CA GLU B 383 4.04 11.21 -20.11
CA LYS B 384 6.23 8.52 -18.50
CA TYR B 385 7.49 6.08 -21.16
CA LEU B 386 10.70 5.18 -23.04
CA THR B 387 11.60 3.66 -26.42
CA TRP B 388 14.14 0.87 -27.08
CA ALA B 389 15.96 -0.09 -30.31
CA SER B 390 18.43 -2.46 -32.04
CA ARG B 391 18.99 -4.09 -35.46
CA GLN B 392 18.85 -7.80 -36.31
CA GLU B 393 21.56 -8.55 -38.88
CA PRO B 394 22.56 -12.25 -38.63
CA SER B 395 24.62 -14.29 -41.09
CA GLN B 396 21.55 -15.68 -42.88
CA GLY B 397 19.06 -13.94 -45.15
CA THR B 398 16.51 -12.72 -42.60
CA THR B 399 16.30 -9.15 -41.27
CA THR B 400 13.40 -7.31 -39.56
CA PHE B 401 13.52 -4.54 -36.92
CA ALA B 402 11.48 -4.67 -33.69
CA VAL B 403 10.75 -2.38 -30.73
CA THR B 404 9.72 -2.39 -27.06
CA SER B 405 7.75 0.23 -25.10
CA ILE B 406 7.53 0.71 -21.31
CA LEU B 407 4.74 2.73 -19.68
CA ARG B 408 5.26 3.11 -15.93
CA VAL B 409 1.94 3.90 -14.23
CA ALA B 410 0.70 3.47 -10.65
CA ALA B 411 -0.12 0.21 -8.87
CA GLU B 412 -3.53 1.33 -7.59
CA ASP B 413 -4.59 2.66 -11.01
CA TRP B 414 -3.86 -0.60 -12.85
CA LYS B 415 -6.35 -2.37 -10.57
CA LYS B 416 -9.17 0.17 -10.95
CA GLY B 417 -9.99 -1.02 -14.46
CA ASP B 418 -8.45 1.58 -16.77
CA THR B 419 -7.52 0.76 -20.38
CA PHE B 420 -4.10 1.78 -21.80
CA SER B 421 -3.37 2.31 -25.51
CA CYS B 422 -0.08 1.67 -27.37
CA MET B 423 -0.35 3.42 -30.75
CA VAL B 424 2.28 2.47 -33.34
CA GLY B 425 2.89 4.30 -36.61
CA HIS B 426 4.64 2.84 -39.65
CA GLU B 427 4.40 3.04 -43.45
CA ALA B 428 3.37 -0.60 -44.04
CA LEU B 429 0.37 -0.14 -41.73
CA PRO B 430 -3.19 0.03 -43.17
CA LEU B 431 -3.78 3.71 -42.33
CA ALA B 432 -0.18 4.43 -41.27
CA PHE B 433 -1.51 4.01 -37.73
CA THR B 434 -2.43 1.01 -35.56
CA GLN B 435 -3.48 0.77 -31.90
CA LYS B 436 -3.74 -2.15 -29.46
CA THR B 437 -4.92 -1.99 -25.83
CA ILE B 438 -4.34 -3.60 -22.43
CA ASP B 439 -6.90 -4.08 -19.64
CA ARG B 440 -6.90 -5.86 -16.26
CA LEU B 441 -10.38 -7.18 -17.10
CA ALA B 442 -9.62 -10.30 -19.12
CA GLY B 443 -12.52 -12.24 -20.59
CA LYS B 444 -11.62 -15.48 -22.33
CA PRO B 445 -13.46 -15.30 -25.69
CA THR B 446 -10.27 -14.84 -27.74
CA HIS B 447 -8.97 -11.25 -27.71
CA VAL B 448 -11.41 -8.55 -28.79
CA ASN B 449 -10.71 -4.86 -29.51
CA VAL B 450 -12.86 -1.86 -28.52
CA SER B 451 -15.75 -0.40 -30.55
CA VAL B 452 -15.74 2.63 -32.88
CA VAL B 453 -15.54 6.22 -31.60
CA MET B 454 -15.99 8.93 -34.25
CA ALA B 455 -17.45 8.67 -37.77
CA GLU B 456 -18.37 10.67 -40.88
CA VAL B 457 -15.46 13.03 -40.13
CA ASP B 458 -12.14 11.98 -41.67
CA GLY B 459 -10.99 15.45 -42.69
CA THR B 460 -11.65 15.77 -46.42
CA CYS B 461 -15.34 16.33 -45.64
CA TYR B 462 -15.34 18.85 -42.78
CA GLN C 1 -10.19 -70.31 86.58
CA VAL C 2 -10.77 -70.76 82.85
CA LYS C 3 -13.09 -73.76 82.35
CA LEU C 4 -11.87 -76.78 84.38
CA LEU C 5 -10.47 -78.94 81.58
CA GLU C 6 -9.88 -76.90 78.39
CA GLN C 7 -9.04 -79.10 75.38
CA SER C 8 -7.65 -78.26 71.93
CA GLY C 9 -9.18 -77.69 68.50
CA ALA C 10 -10.45 -79.78 65.58
CA GLU C 11 -7.47 -80.99 63.52
CA VAL C 12 -8.19 -81.93 59.91
CA LYS C 13 -5.91 -84.87 59.09
CA LYS C 14 -5.54 -86.65 55.76
CA PRO C 15 -5.98 -90.48 55.93
CA GLY C 16 -2.70 -92.01 57.06
CA ALA C 17 -1.52 -89.15 59.26
CA SER C 18 -1.06 -88.51 62.99
CA VAL C 19 -3.17 -86.56 65.52
CA LYS C 20 -2.30 -85.26 69.01
CA VAL C 21 -5.11 -83.81 71.14
CA SER C 22 -4.24 -82.16 74.48
CA CYS C 23 -6.19 -81.65 77.72
CA LYS C 24 -5.24 -78.70 79.94
CA ALA C 25 -6.34 -78.83 83.59
CA SER C 26 -6.81 -76.20 86.31
CA GLY C 27 -8.41 -75.37 89.64
CA TYR C 28 -7.54 -78.76 91.14
CA SER C 29 -4.41 -80.83 91.86
CA PHE C 30 -3.14 -82.61 88.72
CA THR C 31 -1.08 -85.36 90.39
CA SER C 32 -4.08 -86.55 92.43
CA TYR C 33 -6.61 -87.44 89.72
CA GLY C 34 -6.58 -89.49 86.51
CA LEU C 35 -7.91 -88.74 83.01
CA HIS C 36 -9.95 -90.98 80.68
CA TRP C 37 -10.49 -90.47 76.93
CA VAL C 38 -13.90 -91.06 75.33
CA ARG C 39 -15.04 -90.22 71.78
CA GLN C 40 -18.29 -90.26 69.75
CA ALA C 41 -18.93 -90.91 66.04
CA PRO C 42 -21.60 -88.75 64.30
CA GLY C 43 -24.86 -90.55 65.09
CA GLN C 44 -23.36 -93.28 67.29
CA ARG C 45 -22.74 -94.01 70.99
CA LEU C 46 -19.73 -92.97 73.11
CA GLU C 47 -16.72 -95.31 72.99
CA TRP C 48 -14.03 -95.49 75.68
CA MET C 49 -10.47 -95.24 74.34
CA GLY C 50 -8.25 -95.37 77.42
CA TRP C 51 -6.88 -93.89 80.64
CA ILE C 52 -3.65 -92.50 82.09
CA SER C 53 -2.65 -91.74 85.70
CA ALA C 54 -1.17 -88.29 86.26
CA GLY C 55 0.81 -89.48 89.28
CA THR C 56 2.87 -92.40 87.96
CA GLY C 57 2.12 -92.52 84.23
CA ASN C 58 0.57 -95.97 83.80
CA THR C 59 -1.29 -96.62 80.54
CA LYS C 60 -4.52 -98.65 80.32
CA TYR C 61 -6.24 -98.59 76.92
CA SER C 62 -8.72 -100.90 75.19
CA GLN C 63 -7.94 -103.79 72.81
CA LYS C 64 -9.73 -101.92 70.01
CA PHE C 65 -6.99 -99.40 69.18
CA ARG C 66 -4.18 -101.83 70.04
CA GLY C 67 -0.89 -100.77 68.48
CA ARG C 68 -1.78 -97.24 67.39
CA VAL C 69 -2.68 -95.32 70.56
CA THR C 70 -0.45 -93.58 73.10
CA PHE C 71 -0.91 -91.39 76.18
CA THR C 72 1.61 -88.84 77.51
CA ARG C 73 1.53 -86.31 80.36
CA ASP C 74 3.62 -83.26 81.29
CA THR C 75 3.90 -82.82 85.08
CA SER C 76 5.08 -79.19 85.19
CA ALA C 77 2.73 -78.08 82.39
CA THR C 78 -0.57 -79.56 83.66
CA THR C 79 -1.72 -80.97 80.29
CA ALA C 80 -2.60 -84.49 79.13
CA TYR C 81 -2.04 -85.89 75.62
CA MET C 82 -3.34 -88.55 73.22
CA GLY C 83 -1.84 -90.04 70.07
CA LEU C 84 -3.31 -92.04 67.18
CA SER C 85 -1.42 -93.11 64.04
CA SER C 86 -2.79 -94.52 60.76
CA LEU C 87 -6.03 -92.50 60.76
CA ARG C 88 -8.99 -93.76 58.72
CA PRO C 89 -12.21 -92.23 57.22
CA GLU C 90 -14.20 -93.81 60.07
CA ASP C 91 -12.35 -92.02 62.89
CA THR C 92 -14.43 -88.85 62.39
CA ALA C 93 -15.57 -88.34 65.99
CA VAL C 94 -15.69 -85.88 68.88
CA TYR C 95 -13.06 -86.76 71.50
CA TYR C 96 -13.33 -85.85 75.20
CA CYS C 97 -11.00 -86.08 78.21
CA ALA C 98 -12.89 -86.88 81.41
CA ARG C 99 -11.39 -86.88 84.91
CA ASP C 100 -10.96 -89.69 87.46
CA PRO C 101 -12.58 -88.87 90.87
CA TYR C 102 -10.66 -91.76 92.47
CA GLY C 103 -7.44 -92.36 90.54
CA GLY C 104 -8.08 -96.06 90.09
CA GLY C 105 -8.71 -96.33 86.36
CA LYS C 106 -12.24 -97.72 86.64
CA SER C 107 -15.10 -95.40 87.64
CA GLU C 108 -17.46 -92.60 86.54
CA PHE C 109 -16.75 -89.22 84.91
CA ASP C 110 -17.61 -86.01 86.78
CA TYR C 111 -15.84 -83.44 84.58
CA TRP C 112 -15.99 -83.39 80.77
CA GLY C 113 -14.26 -81.07 78.31
CA GLN C 114 -15.55 -79.22 75.25
CA GLY C 115 -14.59 -81.90 72.74
CA THR C 116 -12.39 -82.05 69.65
CA LEU C 117 -13.84 -83.06 66.27
CA VAL C 118 -11.06 -84.69 64.24
CA THR C 119 -12.30 -85.24 60.67
CA VAL C 120 -10.19 -87.53 58.50
CA SER C 121 -10.81 -86.85 54.80
CA SER C 122 -8.53 -86.49 51.75
CA ALA C 123 -10.73 -83.80 50.15
CA SER C 124 -9.16 -80.35 49.87
CA PRO C 125 -10.52 -78.39 52.88
CA THR C 126 -11.51 -74.76 52.29
CA SER C 127 -12.15 -71.67 54.44
CA PRO C 128 -15.80 -70.49 54.75
CA LYS C 129 -17.02 -67.31 53.06
CA VAL C 130 -19.20 -65.33 55.48
CA PHE C 131 -21.90 -63.12 53.92
CA PRO C 132 -24.17 -60.50 55.54
CA LEU C 133 -27.86 -61.38 55.29
CA SER C 134 -29.27 -57.88 55.76
CA LEU C 135 -32.83 -57.27 54.53
CA ASP C 136 -34.48 -54.66 52.30
CA SER C 137 -37.63 -53.98 54.36
CA THR C 138 -39.07 -57.43 53.55
CA PRO C 139 -40.13 -58.24 57.16
CA GLN C 140 -42.61 -56.31 59.31
CA ASP C 141 -42.74 -53.35 61.69
CA GLY C 142 -41.95 -54.56 65.20
CA ASN C 143 -38.84 -56.73 64.94
CA VAL C 144 -35.76 -56.73 62.70
CA VAL C 145 -34.28 -60.01 61.46
CA VAL C 146 -30.59 -60.07 60.53
CA ALA C 147 -28.22 -62.98 59.79
CA CYS C 148 -24.76 -64.12 58.67
CA LEU C 149 -24.48 -66.81 55.97
CA VAL C 150 -21.23 -68.77 56.39
CA GLN C 151 -20.96 -70.56 53.03
CA GLY C 152 -18.47 -73.14 51.73
CA PHE C 153 -16.42 -74.99 54.35
CA PHE C 154 -15.12 -78.54 54.55
CA PRO C 155 -15.41 -80.35 56.85
CA GLN C 156 -18.37 -79.29 59.02
CA GLU C 157 -16.48 -78.57 62.26
CA PRO C 158 -17.82 -77.14 65.57
CA LEU C 159 -18.62 -73.57 64.49
CA SER C 160 -18.71 -71.14 67.42
CA VAL C 161 -20.62 -67.94 66.65
CA THR C 162 -21.21 -65.05 69.07
CA TRP C 163 -23.00 -61.81 68.16
CA SER C 164 -22.09 -58.54 69.89
CA GLU C 165 -25.46 -57.62 71.42
CA SER C 166 -27.32 -59.66 74.06
CA GLY C 167 -30.32 -59.23 76.35
CA GLN C 168 -33.82 -60.50 77.08
CA ASN C 169 -35.90 -59.83 73.95
CA VAL C 170 -33.11 -60.90 71.58
CA THR C 171 -32.75 -64.46 70.27
CA ALA C 172 -29.87 -66.11 68.37
CA ARG C 173 -30.06 -69.51 66.66
CA ASN C 174 -27.17 -71.60 65.30
CA PHE C 175 -28.39 -73.48 62.20
CA PRO C 176 -27.10 -77.07 61.71
CA PRO C 177 -24.58 -77.87 58.90
CA SER C 178 -25.99 -79.17 55.60
CA GLN C 179 -24.39 -81.04 52.68
CA ASP C 180 -24.70 -80.44 48.92
CA ALA C 181 -24.02 -83.15 46.30
CA SER C 182 -21.86 -85.89 47.82
CA GLY C 183 -19.66 -84.06 50.32
CA ASP C 184 -18.22 -81.27 48.16
CA LEU C 185 -18.96 -78.48 50.67
CA TYR C 186 -20.87 -77.60 53.84
CA THR C 187 -22.88 -74.44 54.60
CA THR C 188 -24.32 -72.77 57.74
CA SER C 189 -25.88 -69.55 59.03
CA SER C 190 -26.33 -67.41 62.15
CA GLN C 191 -29.48 -65.38 62.78
CA LEU C 192 -30.38 -62.74 65.40
CA THR C 193 -34.00 -61.64 65.78
CA LEU C 194 -34.18 -58.42 67.81
CA PRO C 195 -36.83 -55.71 68.46
CA ALA C 196 -36.67 -52.59 66.30
CA THR C 197 -36.07 -50.45 69.40
CA GLN C 198 -32.63 -52.08 69.74
CA CYS C 199 -30.76 -51.51 66.44
CA PRO C 200 -30.31 -47.70 66.34
CA ASP C 201 -30.53 -45.84 63.00
CA GLY C 202 -26.97 -45.52 61.73
CA LYS C 203 -25.13 -48.44 63.38
CA SER C 204 -24.67 -52.20 62.88
CA VAL C 205 -24.17 -55.53 64.69
CA THR C 206 -21.07 -57.71 64.26
CA CYS C 207 -21.20 -61.52 63.98
CA HIS C 208 -18.07 -63.43 65.03
CA VAL C 209 -17.64 -66.86 63.42
CA LYS C 210 -14.88 -69.22 64.58
CA HIS C 211 -13.96 -72.49 62.85
CA TYR C 212 -11.21 -74.52 64.55
CA THR C 213 -8.48 -72.44 66.26
CA ASN C 214 -8.31 -70.37 63.07
CA PRO C 215 -8.54 -66.55 63.49
CA SER C 216 -12.08 -65.36 64.23
CA GLN C 217 -13.63 -63.75 61.13
CA ASP C 218 -15.59 -60.62 62.09
CA VAL C 219 -18.27 -59.11 59.82
CA THR C 220 -20.21 -55.85 60.22
CA VAL C 221 -23.90 -56.73 59.71
CA PRO C 222 -26.02 -53.54 59.27
CA CYS C 223 -29.72 -52.78 59.73
CA PRO C 224 -31.50 -49.09 59.72
CA VAL C 225 -31.99 -46.32 57.11
CA PRO C 226 -30.38 -42.67 56.56
CA PRO C 227 -32.38 -39.74 55.11
CA PRO C 228 -30.62 -37.19 52.63
CA PRO C 229 -29.71 -33.52 54.25
CA PRO C 230 -31.20 -30.60 52.29
CA CYS C 231 -30.32 -26.84 52.95
CA CYS C 232 -31.12 -23.98 50.53
CA HIS C 233 -29.65 -20.57 49.72
CA PRO C 234 -31.49 -17.33 48.40
CA ARG C 235 -31.32 -16.65 44.62
CA LEU C 236 -33.34 -16.75 41.34
CA SER C 237 -32.18 -17.49 37.79
CA LEU C 238 -33.80 -18.03 34.38
CA HIS C 239 -32.81 -20.60 31.75
CA ARG C 240 -33.23 -19.71 28.07
CA PRO C 241 -34.27 -22.59 25.76
CA ALA C 242 -31.77 -24.21 23.39
CA LEU C 243 -31.28 -22.83 19.88
CA GLU C 244 -30.99 -26.13 18.02
CA ASP C 245 -34.25 -27.43 19.50
CA LEU C 246 -36.59 -24.49 18.81
CA LEU C 247 -35.43 -24.09 15.19
CA LEU C 248 -35.96 -27.69 14.05
CA GLY C 249 -39.44 -28.41 15.37
CA SER C 250 -40.84 -25.52 17.43
CA GLU C 251 -40.20 -27.38 20.71
CA ALA C 252 -39.09 -24.70 23.17
CA ASN C 253 -39.39 -24.12 26.93
CA LEU C 254 -38.17 -21.47 29.39
CA THR C 255 -37.35 -22.62 32.94
CA CYS C 256 -37.72 -20.43 36.05
CA THR C 257 -35.87 -22.19 38.89
CA LEU C 258 -35.35 -20.74 42.38
CA THR C 259 -32.17 -22.38 43.67
CA GLY C 260 -31.55 -21.06 47.21
CA LEU C 261 -33.82 -19.84 50.05
CA ARG C 262 -34.31 -21.45 53.54
CA ASP C 263 -36.84 -24.33 54.22
CA ALA C 264 -40.53 -25.22 54.67
CA SER C 265 -42.90 -23.16 52.54
CA GLY C 266 -44.74 -23.35 49.19
CA ALA C 267 -44.18 -20.79 46.44
CA THR C 268 -46.50 -19.72 43.61
CA PHE C 269 -46.02 -18.37 40.05
CA THR C 270 -47.44 -15.76 37.67
CA TRP C 271 -46.31 -16.51 34.10
CA THR C 272 -47.23 -14.26 31.18
CA PRO C 273 -48.82 -15.71 27.99
CA SER C 274 -47.11 -15.68 24.59
CA SER C 275 -48.17 -14.06 21.31
CA GLY C 276 -50.56 -16.95 20.72
CA LYS C 277 -52.24 -16.36 24.10
CA SER C 278 -51.22 -19.61 25.83
CA ALA C 279 -50.01 -20.21 29.40
CA VAL C 280 -49.15 -23.70 30.69
CA GLN C 281 -47.16 -24.54 33.83
CA GLY C 282 -46.61 -27.26 36.44
CA PRO C 283 -43.98 -26.53 39.15
CA PRO C 284 -43.08 -29.60 41.29
CA GLU C 285 -41.06 -29.86 44.52
CA ARG C 286 -37.70 -31.69 44.48
CA ASP C 287 -35.24 -32.09 47.37
CA LEU C 288 -31.77 -30.58 46.79
CA CYS C 289 -29.15 -30.58 49.57
CA GLY C 290 -31.95 -31.34 52.00
CA CYS C 291 -33.91 -28.27 50.94
CA TYR C 292 -37.23 -28.18 48.86
CA SER C 293 -37.18 -26.83 45.25
CA VAL C 294 -39.85 -25.12 43.10
CA SER C 295 -39.08 -25.05 39.33
CA SER C 296 -41.66 -24.25 36.61
CA VAL C 297 -41.40 -24.60 32.81
CA LEU C 298 -43.42 -22.53 30.31
CA PRO C 299 -43.57 -24.26 26.88
CA GLY C 300 -43.45 -21.59 24.18
CA CYS C 301 -43.61 -21.48 20.38
CA ALA C 302 -40.98 -20.41 17.83
CA GLN C 303 -42.71 -17.29 16.45
CA PRO C 304 -42.76 -15.30 19.72
CA TRP C 305 -39.04 -15.95 20.24
CA ASN C 306 -38.25 -15.00 16.64
CA HIS C 307 -40.34 -11.81 16.84
CA GLY C 308 -39.26 -10.99 20.39
CA GLU C 309 -41.81 -11.26 23.19
CA THR C 310 -41.18 -10.43 26.86
CA PHE C 311 -41.14 -13.62 28.95
CA THR C 312 -41.40 -12.65 32.63
CA CYS C 313 -41.62 -14.84 35.77
CA THR C 314 -42.72 -13.59 39.21
CA ALA C 315 -42.34 -15.79 42.31
CA ALA C 316 -44.00 -14.38 45.45
CA HIS C 317 -43.63 -15.62 49.02
CA PRO C 318 -44.40 -14.43 52.57
CA GLU C 319 -40.75 -13.80 53.49
CA LEU C 320 -39.86 -13.02 49.90
CA LYS C 321 -42.11 -10.04 50.52
CA THR C 322 -40.88 -8.31 47.39
CA PRO C 323 -41.94 -10.63 44.51
CA LEU C 324 -38.82 -11.01 42.36
CA THR C 325 -39.51 -10.07 38.74
CA ALA C 326 -37.31 -11.49 35.97
CA ASN C 327 -37.62 -10.78 32.23
CA ILE C 328 -35.69 -12.22 29.27
CA THR C 329 -35.83 -11.40 25.54
CA LYS C 330 -33.51 -11.51 22.52
CA SER C 331 -30.65 -9.03 22.09
CA GLY C 332 -29.47 -6.22 19.83
CA ASN C 333 -31.03 -4.66 16.75
CA THR C 334 -31.33 -6.08 13.20
CA PHE C 335 -28.48 -6.12 10.66
CA ARG C 336 -28.76 -7.47 7.11
CA PRO C 337 -26.39 -10.43 6.36
CA GLU C 338 -23.99 -10.21 3.43
CA VAL C 339 -23.36 -13.65 1.91
CA HIS C 340 -20.10 -14.23 0.00
CA LEU C 341 -19.63 -17.64 -1.65
CA LEU C 342 -15.93 -18.56 -1.96
CA PRO C 343 -14.47 -20.95 -4.59
CA PRO C 344 -11.91 -23.70 -3.72
CA PRO C 345 -8.23 -22.62 -3.87
CA SER C 346 -5.62 -23.65 -6.44
CA GLU C 347 -3.67 -26.00 -4.16
CA GLU C 348 -6.88 -27.73 -3.04
CA LEU C 349 -7.55 -29.07 -6.54
CA ALA C 350 -4.70 -31.54 -5.90
CA LEU C 351 -6.88 -33.70 -3.63
CA ASN C 352 -9.56 -36.21 -4.71
CA GLU C 353 -12.42 -37.24 -2.39
CA LEU C 354 -13.29 -33.82 -0.92
CA VAL C 355 -13.57 -30.17 -2.05
CA THR C 356 -14.44 -27.29 0.31
CA LEU C 357 -17.08 -24.74 -0.73
CA THR C 358 -17.04 -21.80 1.70
CA CYS C 359 -19.89 -19.25 1.69
CA LEU C 360 -19.29 -16.60 4.36
CA ALA C 361 -22.16 -14.48 5.69
CA ARG C 362 -21.08 -11.61 7.94
CA GLY C 363 -22.63 -8.33 9.04
CA PHE C 364 -25.66 -9.73 10.88
CA SER C 365 -27.41 -9.46 14.24
CA PRO C 366 -28.67 -11.23 16.21
CA LYS C 367 -26.63 -14.45 15.96
CA ASP C 368 -29.74 -16.48 15.10
CA VAL C 369 -29.19 -17.63 11.51
CA LEU C 370 -30.02 -20.90 9.72
CA VAL C 371 -27.64 -21.90 6.91
CA ARG C 372 -28.21 -24.77 4.45
CA TRP C 373 -26.91 -26.08 1.11
CA LEU C 374 -28.49 -27.48 -2.06
CA GLN C 375 -27.60 -29.45 -5.21
CA GLY C 376 -28.12 -28.01 -8.68
CA SER C 377 -28.40 -31.16 -10.81
CA GLN C 378 -30.33 -33.53 -8.53
CA GLU C 379 -32.29 -30.52 -7.18
CA LEU C 380 -32.04 -32.04 -3.68
CA PRO C 381 -30.44 -30.61 -0.50
CA ARG C 382 -26.88 -31.56 0.49
CA GLU C 383 -25.82 -33.70 3.45
CA LYS C 384 -22.12 -33.07 4.17
CA TYR C 385 -21.62 -29.56 5.63
CA LEU C 386 -20.80 -27.84 8.94
CA THR C 387 -21.49 -24.55 10.77
CA TRP C 388 -19.22 -22.37 12.92
CA ALA C 389 -19.92 -19.75 15.63
CA SER C 390 -18.14 -16.94 17.53
CA ARG C 391 -19.14 -13.45 18.72
CA GLN C 392 -17.24 -10.24 17.90
CA GLU C 393 -17.04 -8.19 21.11
CA PRO C 394 -14.07 -5.76 21.03
CA SER C 395 -13.36 -2.79 23.32
CA GLN C 396 -14.86 -0.26 20.89
CA GLY C 397 -18.48 0.32 19.90
CA THR C 398 -18.83 -2.13 17.02
CA THR C 399 -20.43 -5.59 17.13
CA THR C 400 -21.78 -7.83 14.32
CA PHE C 401 -21.89 -11.64 14.14
CA ALA C 402 -20.50 -13.55 11.13
CA VAL C 403 -20.53 -17.20 9.99
CA THR C 404 -18.76 -19.70 7.74
CA SER C 405 -20.15 -22.73 5.88
CA ILE C 406 -18.17 -25.64 4.42
CA LEU C 407 -19.67 -28.01 1.82
CA ARG C 408 -17.40 -30.96 1.02
CA VAL C 409 -18.27 -32.42 -2.40
CA ALA C 410 -16.27 -34.51 -4.91
CA ALA C 411 -13.40 -33.31 -7.11
CA GLU C 412 -14.80 -34.73 -10.36
CA ASP C 413 -18.25 -33.21 -9.77
CA TRP C 414 -16.96 -29.66 -9.24
CA LYS C 415 -15.44 -29.76 -12.74
CA LYS C 416 -18.56 -31.05 -14.52
CA GLY C 417 -20.31 -27.69 -14.26
CA ASP C 418 -22.79 -28.12 -11.41
CA THR C 419 -24.13 -25.11 -9.47
CA PHE C 420 -24.18 -25.14 -5.63
CA SER C 421 -26.52 -22.99 -3.49
CA CYS C 422 -25.86 -21.56 0.01
CA MET C 423 -29.21 -20.44 1.43
CA VAL C 424 -29.09 -18.20 4.50
CA GLY C 425 -32.08 -17.25 6.66
CA HIS C 426 -32.23 -14.26 8.99
CA GLU C 427 -34.82 -11.73 10.20
CA ALA C 428 -33.27 -8.64 8.60
CA LEU C 429 -33.44 -10.32 5.18
CA PRO C 430 -35.98 -9.14 2.54
CA LEU C 431 -38.12 -12.31 2.66
CA ALA C 432 -36.37 -13.88 5.66
CA PHE C 433 -34.46 -15.90 3.06
CA THR C 434 -31.55 -15.18 0.72
CA GLN C 435 -29.59 -17.47 -1.64
CA LYS C 436 -26.27 -17.04 -3.48
CA THR C 437 -24.59 -19.55 -5.82
CA ILE C 438 -21.16 -20.81 -6.91
CA ASP C 439 -20.21 -22.17 -10.35
CA ARG C 440 -16.93 -23.24 -11.97
CA LEU C 441 -18.08 -21.41 -15.12
CA ALA C 442 -16.95 -17.86 -14.44
CA GLY C 443 -17.86 -15.19 -16.96
CA LYS C 444 -16.47 -11.72 -16.28
CA PRO C 445 -19.50 -9.37 -16.66
CA THR C 446 -19.77 -8.58 -12.94
CA HIS C 447 -21.47 -11.16 -10.70
CA VAL C 448 -24.86 -12.19 -12.09
CA ASN C 449 -27.46 -14.39 -10.38
CA VAL C 450 -29.73 -17.06 -11.91
CA SER C 451 -33.19 -16.47 -13.39
CA VAL C 452 -36.64 -17.05 -11.83
CA VAL C 453 -38.11 -20.52 -11.24
CA MET C 454 -41.73 -20.60 -10.01
CA ALA C 455 -44.37 -17.84 -10.17
CA GLU C 456 -47.99 -16.99 -9.31
CA VAL C 457 -47.78 -19.47 -6.42
CA ASP C 458 -46.67 -17.95 -3.11
CA GLY C 459 -49.08 -19.86 -0.87
CA THR C 460 -51.90 -17.44 -0.02
CA CYS C 461 -53.36 -18.05 -3.49
CA TYR C 462 -53.28 -21.83 -3.97
CA GLN D 1 -58.47 7.61 83.67
CA VAL D 2 -55.26 8.54 81.84
CA LYS D 3 -52.92 10.21 84.35
CA LEU D 4 -54.75 12.96 86.31
CA LEU D 5 -53.25 16.05 84.69
CA GLU D 6 -51.60 15.23 81.35
CA GLN D 7 -49.58 18.14 79.95
CA SER D 8 -48.06 18.78 76.50
CA GLY D 9 -44.60 18.33 74.97
CA ALA D 10 -41.29 20.19 74.87
CA GLU D 11 -41.54 23.00 72.32
CA VAL D 12 -38.24 24.28 70.90
CA LYS D 13 -38.67 28.02 70.34
CA LYS D 14 -36.17 30.45 68.85
CA PRO D 15 -35.42 33.55 71.02
CA GLY D 16 -38.17 36.11 70.44
CA ALA D 17 -41.01 33.67 69.78
CA SER D 18 -44.18 32.51 71.58
CA VAL D 19 -44.97 29.35 73.56
CA LYS D 20 -48.32 27.86 74.66
CA VAL D 21 -48.29 24.90 77.05
CA SER D 22 -51.58 23.14 77.87
CA CYS D 23 -52.79 21.14 80.89
CA LYS D 24 -55.51 18.52 80.35
CA ALA D 25 -57.47 17.36 83.40
CA SER D 26 -59.58 14.29 84.18
CA GLY D 27 -61.13 12.15 86.90
CA TYR D 28 -62.28 15.17 88.90
CA SER D 29 -64.54 18.20 88.42
CA PHE D 30 -62.78 20.99 86.49
CA THR D 31 -64.94 23.94 87.57
CA SER D 32 -64.31 23.21 91.27
CA TYR D 33 -60.50 23.44 91.51
CA GLY D 34 -57.83 25.92 90.41
CA LEU D 35 -54.48 25.41 88.64
CA HIS D 36 -51.08 26.95 89.45
CA TRP D 37 -48.03 27.07 87.14
CA VAL D 38 -44.52 26.40 88.49
CA ARG D 39 -41.27 25.91 86.53
CA GLN D 40 -37.63 24.93 87.25
CA ALA D 41 -34.37 26.00 85.58
CA PRO D 42 -31.67 23.30 85.10
CA GLY D 43 -29.85 23.25 88.41
CA GLN D 44 -32.04 25.82 90.18
CA ARG D 45 -35.07 25.94 92.51
CA LEU D 46 -38.77 25.93 91.53
CA GLU D 47 -40.29 29.33 90.73
CA TRP D 48 -44.02 30.11 90.88
CA MET D 49 -45.39 31.77 87.73
CA GLY D 50 -49.10 32.21 88.39
CA TRP D 51 -52.61 30.86 88.92
CA ILE D 52 -56.02 30.78 87.22
CA SER D 53 -59.45 29.80 88.55
CA ALA D 54 -61.37 27.32 86.37
CA GLY D 55 -64.71 28.60 87.64
CA THR D 56 -64.64 32.34 86.91
CA GLY D 57 -61.37 32.91 85.06
CA ASN D 58 -59.50 35.31 87.35
CA THR D 59 -55.76 35.74 86.71
CA LYS D 60 -53.19 36.11 89.50
CA TYR D 61 -49.55 36.02 88.34
CA SER D 62 -46.29 37.29 89.86
CA GLN D 63 -44.60 40.65 89.23
CA LYS D 64 -41.64 38.83 87.65
CA PHE D 65 -43.20 38.04 84.26
CA ARG D 66 -45.31 41.22 84.24
CA GLY D 67 -46.46 42.09 80.74
CA ARG D 68 -45.62 38.85 78.92
CA VAL D 69 -47.67 36.11 80.59
CA THR D 70 -51.28 35.06 80.04
CA PHE D 71 -53.60 32.28 81.24
CA THR D 72 -56.61 30.91 79.35
CA ARG D 73 -59.07 28.06 80.03
CA ASP D 74 -61.60 26.15 77.93
CA THR D 75 -64.65 25.08 79.96
CA SER D 76 -66.07 22.43 77.60
CA ALA D 77 -62.62 21.01 76.74
CA THR D 78 -61.18 20.57 80.25
CA THR D 79 -57.72 21.99 79.46
CA ALA D 80 -55.74 24.91 80.93
CA TYR D 81 -53.30 27.12 79.00
CA MET D 82 -50.25 29.36 79.52
CA GLY D 83 -48.67 31.99 77.28
CA LEU D 84 -45.26 33.70 77.28
CA SER D 85 -44.01 36.14 74.63
CA SER D 86 -40.46 37.46 74.04
CA LEU D 87 -38.65 34.25 75.07
CA ARG D 88 -35.01 34.47 76.17
CA PRO D 89 -32.04 32.03 76.46
CA GLU D 90 -32.60 31.90 80.23
CA ASP D 91 -36.18 30.56 80.07
CA THR D 92 -34.95 26.99 79.53
CA ALA D 93 -36.93 25.27 82.28
CA VAL D 94 -39.37 22.47 83.05
CA TYR D 95 -42.89 23.84 83.52
CA TYR D 96 -45.60 22.15 85.60
CA CYS D 97 -49.31 22.74 86.22
CA ALA D 98 -50.33 21.92 89.79
CA ARG D 99 -53.90 21.83 91.10
CA ASP D 100 -55.64 23.93 93.78
CA PRO D 101 -57.23 21.78 96.56
CA TYR D 102 -59.22 24.80 97.77
CA GLY D 103 -59.81 27.16 94.85
CA GLY D 104 -58.48 30.19 96.68
CA GLY D 105 -55.27 30.94 94.83
CA LYS D 106 -52.96 30.51 97.80
CA SER D 107 -52.19 27.01 99.12
CA GLU D 108 -50.26 23.76 98.53
CA PHE D 109 -50.03 21.49 95.47
CA ASP D 110 -51.35 17.91 95.68
CA TYR D 111 -51.28 16.94 92.00
CA TRP D 112 -48.36 17.64 89.64
CA GLY D 113 -48.03 16.92 85.92
CA GLN D 114 -45.20 15.37 83.89
CA GLY D 115 -43.57 18.67 82.97
CA THR D 116 -42.69 20.44 79.72
CA LEU D 117 -39.08 21.40 78.93
CA VAL D 118 -39.14 24.48 76.71
CA THR D 119 -35.61 25.17 75.44
CA VAL D 120 -35.02 28.57 73.84
CA SER D 121 -31.98 28.48 71.54
CA SER D 122 -31.28 29.83 68.03
CA ALA D 123 -29.07 26.85 67.10
CA SER D 124 -30.41 24.60 64.33
CA PRO D 125 -32.06 21.66 66.16
CA THR D 126 -31.54 18.19 64.69
CA SER D 127 -33.17 14.76 65.01
CA PRO D 128 -31.20 12.04 66.89
CA LYS D 129 -29.63 9.08 65.06
CA VAL D 130 -30.30 5.88 67.00
CA PHE D 131 -27.74 3.09 66.63
CA PRO D 132 -27.84 -0.54 67.83
CA LEU D 133 -25.10 -1.49 70.31
CA SER D 134 -24.91 -5.26 69.80
CA LEU D 135 -21.79 -7.22 70.83
CA ASP D 136 -19.65 -10.12 69.58
CA SER D 137 -17.80 -12.08 72.33
CA THR D 138 -17.13 -9.01 74.50
CA PRO D 139 -19.50 -9.97 77.34
CA GLN D 140 -18.97 -12.75 79.88
CA ASP D 141 -20.53 -16.21 79.75
CA GLY D 142 -23.75 -15.93 81.73
CA ASN D 143 -25.44 -12.65 80.79
CA VAL D 144 -26.11 -10.58 77.66
CA VAL D 145 -25.76 -6.79 77.53
CA VAL D 146 -27.45 -4.86 74.71
CA ALA D 147 -27.95 -1.11 74.17
CA CYS D 148 -29.21 1.68 71.89
CA LEU D 149 -26.99 4.71 71.24
CA VAL D 150 -29.13 7.76 70.43
CA GLN D 151 -26.55 10.17 68.97
CA GLY D 152 -26.81 13.80 67.84
CA PHE D 153 -29.81 15.75 69.11
CA PHE D 154 -30.27 19.39 70.12
CA PRO D 155 -31.49 20.33 72.61
CA GLN D 156 -31.33 17.63 75.31
CA GLU D 157 -35.08 17.16 75.88
CA PRO D 158 -36.87 14.62 78.13
CA LEU D 159 -36.10 11.39 76.26
CA SER D 160 -38.59 8.62 77.03
CA VAL D 161 -37.26 5.14 76.22
CA THR D 162 -39.11 1.85 76.77
CA TRP D 163 -37.75 -1.57 75.76
CA SER D 164 -40.12 -4.38 74.77
CA GLU D 165 -39.20 -7.02 77.38
CA SER D 166 -39.64 -6.61 81.15
CA GLY D 167 -39.45 -8.81 84.24
CA GLN D 168 -37.51 -9.42 87.45
CA ASN D 169 -33.93 -10.26 86.44
CA VAL D 170 -33.83 -7.59 83.71
CA THR D 171 -32.54 -4.05 84.30
CA ALA D 172 -32.76 -0.94 82.11
CA ARG D 173 -30.85 2.30 82.73
CA ASN D 174 -31.41 5.70 81.07
CA PHE D 175 -28.02 7.44 80.74
CA PRO D 176 -27.96 11.25 81.32
CA PRO D 177 -27.40 13.66 78.36
CA SER D 178 -23.83 14.87 77.73
CA GLN D 179 -22.43 17.83 75.76
CA ASP D 180 -19.53 17.97 73.27
CA ALA D 181 -17.62 21.17 72.47
CA SER D 182 -19.75 24.21 73.40
CA GLY D 183 -23.31 23.06 72.79
CA ASP D 184 -23.08 21.74 69.22
CA LEU D 185 -24.88 18.46 69.95
CA TYR D 186 -26.12 16.15 72.74
CA THR D 187 -25.86 12.34 72.97
CA THR D 188 -27.49 9.59 75.07
CA SER D 189 -27.92 5.82 75.34
CA SER D 190 -30.27 3.09 76.59
CA GLN D 191 -29.01 -0.22 77.98
CA LEU D 192 -30.73 -3.47 78.95
CA THR D 193 -28.78 -6.08 80.90
CA LEU D 194 -30.71 -9.37 80.75
CA PRO D 195 -29.98 -13.06 81.49
CA ALA D 196 -29.04 -15.29 78.55
CA THR D 197 -31.99 -17.59 79.27
CA GLN D 198 -34.29 -14.72 78.20
CA CYS D 199 -33.52 -13.50 74.65
CA PRO D 200 -34.18 -16.49 72.35
CA ASP D 201 -31.65 -17.54 69.66
CA GLY D 202 -32.73 -15.97 66.38
CA LYS D 203 -34.84 -12.99 67.54
CA SER D 204 -34.21 -9.49 68.90
CA VAL D 205 -35.45 -6.80 71.32
CA THR D 206 -36.81 -3.42 70.16
CA CYS D 207 -35.88 -0.12 71.87
CA HIS D 208 -38.42 2.71 71.52
CA VAL D 209 -36.98 6.22 71.82
CA LYS D 210 -39.28 9.25 71.99
CA HIS D 211 -38.09 12.87 71.86
CA TYR D 212 -40.85 15.50 72.21
CA THR D 213 -44.21 14.54 70.66
CA ASN D 214 -42.28 13.51 67.55
CA PRO D 215 -43.03 9.99 66.17
CA SER D 216 -41.45 7.22 68.24
CA GLN D 217 -38.39 5.82 66.46
CA ASP D 218 -38.33 2.02 66.81
CA VAL D 219 -35.12 0.02 66.29
CA THR D 220 -34.71 -3.77 66.15
CA VAL D 221 -31.81 -4.42 68.55
CA PRO D 222 -30.56 -8.01 68.02
CA CYS D 223 -28.96 -10.41 70.47
CA PRO D 224 -28.14 -14.37 69.76
CA VAL D 225 -26.13 -16.30 67.13
CA PRO D 226 -27.13 -18.66 64.01
CA PRO D 227 -25.02 -21.67 62.95
CA PRO D 228 -24.55 -22.50 59.10
CA PRO D 229 -26.73 -25.70 57.73
CA PRO D 230 -24.58 -28.37 56.05
CA CYS D 231 -26.02 -31.43 54.06
CA CYS D 232 -23.96 -33.63 51.69
CA HIS D 233 -24.63 -35.75 48.62
CA PRO D 234 -22.75 -38.95 47.36
CA ARG D 235 -20.46 -37.91 44.43
CA LEU D 236 -17.01 -36.74 43.15
CA SER D 237 -16.14 -34.78 39.96
CA LEU D 238 -12.98 -33.47 38.27
CA HIS D 239 -12.61 -30.05 36.63
CA ARG D 240 -10.25 -29.77 33.64
CA PRO D 241 -8.28 -26.49 33.40
CA ALA D 242 -9.25 -23.83 30.84
CA LEU D 243 -7.72 -23.89 27.35
CA GLU D 244 -7.18 -20.15 26.90
CA ASP D 245 -5.29 -19.89 30.20
CA LEU D 246 -2.76 -22.74 29.83
CA LEU D 247 -1.81 -21.75 26.27
CA LEU D 248 -0.95 -18.10 26.92
CA GLY D 249 1.26 -18.37 30.01
CA SER D 250 1.50 -21.95 31.30
CA GLU D 251 -0.90 -21.19 34.17
CA ALA D 252 -2.99 -24.35 34.60
CA ASN D 253 -4.67 -26.17 37.48
CA LEU D 254 -6.88 -29.26 37.85
CA THR D 255 -9.54 -29.26 40.59
CA CYS D 256 -10.75 -32.36 42.48
CA THR D 257 -13.88 -31.39 44.45
CA LEU D 258 -15.80 -33.87 46.63
CA THR D 259 -19.44 -32.73 46.74
CA GLY D 260 -21.80 -35.51 47.89
CA LEU D 261 -21.77 -37.79 50.96
CA ARG D 262 -23.35 -36.93 54.40
CA ASP D 263 -21.89 -35.28 57.62
CA ALA D 264 -18.69 -34.21 59.47
CA SER D 265 -15.39 -35.94 58.65
CA GLY D 266 -12.04 -35.00 57.08
CA ALA D 267 -10.63 -35.94 53.67
CA THR D 268 -7.02 -36.59 52.63
CA PHE D 269 -5.62 -36.65 49.07
CA THR D 270 -3.05 -38.60 47.05
CA TRP D 271 -2.23 -36.56 43.93
CA THR D 272 0.21 -37.88 41.34
CA PRO D 273 3.20 -35.73 40.21
CA SER D 274 3.57 -34.39 36.66
CA SER D 275 6.30 -34.98 34.07
CA GLY D 276 8.46 -32.41 35.85
CA LYS D 277 8.14 -34.30 39.16
CA SER D 278 6.16 -31.69 41.11
CA ALA D 279 3.22 -32.12 43.51
CA VAL D 280 1.63 -29.16 45.31
CA GLN D 281 -1.77 -29.08 47.05
CA GLY D 282 -3.81 -27.33 49.74
CA PRO D 283 -7.44 -28.59 50.23
CA PRO D 284 -9.70 -26.44 52.50
CA GLU D 285 -13.14 -26.89 54.10
CA ARG D 286 -16.12 -24.67 53.24
CA ASP D 287 -19.82 -23.94 53.63
CA LEU D 288 -22.19 -23.66 50.63
CA CYS D 289 -25.49 -25.55 51.26
CA GLY D 290 -24.89 -26.83 54.81
CA CYS D 291 -22.37 -29.73 55.06
CA TYR D 292 -18.50 -29.41 55.22
CA SER D 293 -16.55 -29.33 51.90
CA VAL D 294 -13.02 -30.41 50.87
CA SER D 295 -11.58 -29.36 47.45
CA SER D 296 -7.96 -29.52 46.20
CA VAL D 297 -6.15 -27.91 43.26
CA LEU D 298 -2.97 -29.31 41.66
CA PRO D 299 -1.10 -26.59 39.67
CA GLY D 300 0.33 -28.18 36.55
CA CYS D 301 2.48 -27.06 33.61
CA ALA D 302 1.72 -26.84 29.88
CA GLN D 303 4.11 -29.55 28.62
CA PRO D 304 2.52 -32.48 30.51
CA TRP D 305 -0.94 -31.53 29.22
CA ASN D 306 0.36 -31.13 25.66
CA HIS D 307 2.20 -34.46 25.79
CA GLY D 308 -0.59 -36.23 27.68
CA GLU D 309 0.07 -37.27 31.28
CA THR D 310 -2.37 -39.21 33.49
CA PHE D 311 -3.71 -36.89 36.24
CA THR D 312 -5.39 -39.09 38.88
CA CYS D 313 -6.92 -38.04 42.23
CA THR D 314 -7.45 -40.69 44.93
CA ALA D 315 -9.18 -39.88 48.23
CA ALA D 316 -9.14 -42.21 51.25
CA HIS D 317 -11.95 -42.17 53.85
CA PRO D 318 -13.31 -44.35 56.69
CA GLU D 319 -16.89 -44.45 55.41
CA LEU D 320 -15.98 -43.93 51.76
CA LYS D 321 -14.19 -47.23 52.27
CA THR D 322 -13.36 -47.74 48.58
CA PRO D 323 -11.09 -44.74 47.86
CA LEU D 324 -12.61 -43.27 44.71
CA THR D 325 -10.06 -43.12 41.88
CA ALA D 326 -10.50 -40.59 39.07
CA ASN D 327 -8.24 -40.11 36.04
CA ILE D 328 -8.36 -37.51 33.25
CA THR D 329 -6.23 -37.05 30.13
CA LYS D 330 -6.65 -35.62 26.61
CA SER D 331 -8.55 -37.47 23.87
CA GLY D 332 -8.26 -39.10 20.46
CA ASN D 333 -5.25 -39.83 18.26
CA THR D 334 -3.16 -37.31 16.27
CA PHE D 335 -4.23 -36.08 12.81
CA ARG D 336 -2.19 -33.69 10.65
CA PRO D 337 -3.97 -30.34 9.92
CA GLU D 338 -4.45 -29.22 6.31
CA VAL D 339 -4.41 -25.43 5.92
CA HIS D 340 -6.20 -23.86 2.93
CA LEU D 341 -5.86 -20.06 2.63
CA LEU D 342 -8.87 -18.64 0.77
CA PRO D 343 -8.76 -15.29 -1.10
CA PRO D 344 -11.52 -12.61 -0.79
CA PRO D 345 -14.50 -12.97 -3.20
CA SER D 346 -15.41 -10.78 -6.17
CA GLU D 347 -18.37 -8.94 -4.63
CA GLU D 348 -16.46 -8.28 -1.40
CA LEU D 349 -14.06 -5.96 -3.25
CA ALA D 350 -16.94 -3.47 -3.47
CA LEU D 351 -16.55 -2.45 0.19
CA ASN D 352 -13.79 -0.23 1.64
CA GLU D 353 -12.69 -0.45 5.30
CA LEU D 354 -12.50 -4.25 5.73
CA VAL D 355 -11.47 -7.32 3.68
CA THR D 356 -11.80 -10.89 5.01
CA LEU D 357 -8.89 -13.33 4.62
CA THR D 358 -10.08 -16.88 5.38
CA CYS D 359 -7.53 -19.65 6.02
CA LEU D 360 -9.22 -22.95 6.87
CA ALA D 361 -7.39 -25.76 8.69
CA ARG D 362 -9.35 -29.03 8.68
CA GLY D 363 -8.31 -32.62 9.33
CA PHE D 364 -6.91 -32.34 12.86
CA SER D 365 -7.21 -34.00 16.27
CA PRO D 366 -7.30 -33.17 19.09
CA LYS D 367 -9.08 -29.79 18.97
CA ASP D 368 -6.11 -28.02 20.58
CA VAL D 369 -4.74 -25.71 17.89
CA LEU D 370 -3.21 -22.21 18.08
CA VAL D 371 -3.84 -20.08 14.98
CA ARG D 372 -2.25 -16.65 14.37
CA TRP D 373 -1.66 -14.13 11.56
CA LEU D 374 1.30 -12.02 10.39
CA GLN D 375 2.10 -9.00 8.19
CA GLY D 376 4.42 -9.26 5.21
CA SER D 377 5.63 -5.67 4.81
CA GLN D 378 5.94 -4.47 8.41
CA GLU D 379 7.05 -8.01 9.42
CA LEU D 380 4.91 -7.70 12.56
CA PRO D 381 1.95 -9.84 13.76
CA ARG D 382 -1.62 -8.77 12.99
CA GLU D 383 -4.21 -7.52 15.51
CA LYS D 384 -7.70 -7.82 13.96
CA TYR D 385 -8.70 -11.49 13.66
CA LEU D 386 -11.06 -14.03 15.29
CA THR D 387 -11.14 -17.82 15.79
CA TRP D 388 -14.12 -20.15 15.16
CA ALA D 389 -14.83 -23.67 16.51
CA SER D 390 -17.16 -26.69 16.55
CA ARG D 391 -16.99 -30.51 16.81
CA GLN D 392 -17.99 -33.05 14.14
CA GLU D 393 -19.60 -36.03 15.88
CA PRO D 394 -21.96 -37.80 13.42
CA SER D 395 -23.58 -41.23 13.78
CA GLN D 396 -20.85 -42.98 11.77
CA GLY D 397 -17.23 -43.69 12.66
CA THR D 398 -15.56 -40.52 11.37
CA THR D 399 -14.50 -37.58 13.58
CA THR D 400 -11.98 -34.75 12.91
CA PHE D 401 -12.00 -31.15 14.17
CA ALA D 402 -11.54 -28.15 11.84
CA VAL D 403 -11.14 -24.36 12.20
CA THR D 404 -11.65 -21.06 10.34
CA SER D 405 -9.71 -17.79 10.67
CA ILE D 406 -10.75 -14.29 9.56
CA LEU D 407 -8.22 -11.47 9.12
CA ARG D 408 -9.92 -8.15 8.33
CA VAL D 409 -7.44 -5.81 6.62
CA ALA D 410 -7.89 -2.76 4.37
CA ALA D 411 -9.13 -2.73 0.76
CA GLU D 412 -6.29 -0.56 -0.57
CA ASP D 413 -3.61 -2.67 1.14
CA TRP D 414 -4.79 -5.98 -0.36
CA LYS D 415 -4.22 -4.52 -3.84
CA LYS D 416 -0.71 -3.16 -3.17
CA GLY D 417 0.84 -6.63 -3.26
CA ASP D 418 1.39 -7.54 0.40
CA THR D 419 1.64 -11.18 1.53
CA PHE D 420 -0.34 -12.40 4.59
CA SER D 421 0.64 -15.44 6.72
CA CYS D 422 -1.70 -17.84 8.59
CA MET D 423 0.48 -19.82 11.03
CA VAL D 424 -1.15 -22.90 12.56
CA GLY D 425 0.25 -24.88 15.48
CA HIS D 426 -0.65 -28.47 16.34
CA GLU D 427 1.05 -31.59 17.73
CA ALA D 428 0.74 -33.75 14.59
CA LEU D 429 2.59 -31.07 12.58
CA PRO D 430 6.19 -31.68 11.39
CA LEU D 431 7.80 -29.06 13.66
CA ALA D 432 4.65 -28.33 15.69
CA PHE D 433 4.28 -25.32 13.40
CA THR D 434 3.09 -24.82 9.81
CA GLN D 435 2.52 -21.64 7.77
CA LYS D 436 0.71 -20.96 4.48
CA THR D 437 0.41 -17.61 2.69
CA ILE D 438 -1.98 -15.57 0.51
CA ASP D 439 -1.04 -13.04 -2.18
CA ARG D 440 -2.98 -11.03 -4.79
CA LEU D 441 -0.23 -11.87 -7.30
CA ALA D 442 -1.32 -15.27 -8.61
CA GLY D 443 0.93 -17.04 -11.08
CA LYS D 444 -0.44 -20.28 -12.51
CA PRO D 445 2.45 -22.78 -12.12
CA THR D 446 0.70 -24.79 -9.38
CA HIS D 447 0.96 -23.18 -5.93
CA VAL D 448 4.47 -22.38 -4.69
CA ASN D 449 5.57 -21.30 -1.20
CA VAL D 450 8.16 -18.63 -0.32
CA SER D 451 11.92 -19.20 0.07
CA VAL D 452 13.94 -19.69 3.26
CA VAL D 453 14.69 -16.85 5.70
CA MET D 454 17.10 -17.71 8.54
CA ALA D 455 19.54 -20.63 8.85
CA GLU D 456 22.25 -22.16 11.05
CA VAL D 457 20.42 -20.78 14.12
CA ASP D 458 17.78 -23.13 15.55
CA GLY D 459 18.54 -22.46 19.22
CA THR D 460 20.61 -25.39 20.47
CA CYS D 461 23.64 -23.88 18.73
CA TYR D 462 23.54 -20.19 19.67
CA PRO E 1 -31.25 -12.02 -21.50
CA ARG E 2 -30.31 -11.36 -17.93
CA SER E 3 -29.82 -8.14 -16.08
CA PRO E 4 -30.51 -6.54 -12.79
CA THR E 5 -34.22 -6.53 -12.12
CA VAL E 6 -33.91 -3.46 -9.98
CA VAL E 7 -31.15 -0.95 -9.59
CA LYS E 8 -31.09 1.71 -6.94
CA GLY E 9 -28.87 4.72 -6.83
CA VAL E 10 -28.94 8.10 -5.31
CA ALA E 11 -28.84 11.63 -6.70
CA GLY E 12 -25.72 12.70 -8.58
CA SER E 13 -24.06 9.28 -8.45
CA SER E 14 -23.30 7.26 -11.58
CA VAL E 15 -24.65 3.82 -12.30
CA ALA E 16 -23.79 1.00 -14.61
CA VAL E 17 -26.11 -1.69 -15.83
CA LEU E 18 -24.87 -4.93 -17.33
CA CYS E 19 -26.99 -7.27 -19.46
CA PRO E 20 -25.97 -10.68 -20.79
CA TYR E 21 -26.80 -12.25 -24.23
CA ASN E 22 -26.21 -15.15 -26.80
CA ARG E 23 -24.36 -15.81 -30.11
CA LYS E 24 -26.60 -14.34 -32.77
CA GLU E 25 -26.95 -11.64 -30.25
CA SER E 26 -23.24 -10.86 -30.31
CA LYS E 27 -23.69 -9.26 -33.72
CA SER E 28 -27.10 -7.67 -33.24
CA ILE E 29 -27.79 -4.12 -32.13
CA LYS E 30 -27.91 -3.50 -28.41
CA TYR E 31 -30.15 -0.89 -26.96
CA TRP E 32 -31.34 0.77 -23.77
CA CYS E 33 -34.88 2.16 -23.64
CA LEU E 34 -37.31 3.75 -21.25
CA TRP E 35 -40.75 2.21 -21.06
CA GLU E 36 -43.65 4.41 -22.06
CA GLY E 37 -47.10 4.07 -20.58
CA ALA E 38 -49.99 3.68 -22.98
CA GLN E 39 -52.15 0.99 -24.41
CA ASN E 40 -49.61 0.98 -27.17
CA GLY E 41 -46.41 2.52 -26.03
CA ARG E 42 -42.90 2.20 -27.24
CA CYS E 43 -39.78 2.30 -25.20
CA PRO E 44 -37.88 5.22 -26.46
CA LEU E 45 -34.41 4.35 -27.68
CA LEU E 46 -32.22 6.09 -25.14
CA VAL E 47 -28.87 4.81 -26.44
CA ASP E 48 -27.90 2.16 -28.98
CA SER E 49 -24.86 0.18 -30.11
CA GLU E 50 -25.52 1.65 -33.53
CA GLY E 51 -24.06 4.98 -32.64
CA TRP E 52 -27.29 6.66 -31.70
CA VAL E 53 -27.53 8.55 -28.45
CA LYS E 54 -30.55 10.50 -27.25
CA ALA E 55 -30.22 14.16 -26.49
CA GLN E 56 -30.95 13.68 -22.83
CA TYR E 57 -28.26 11.03 -22.59
CA GLU E 58 -25.69 12.54 -24.94
CA GLY E 59 -22.47 12.93 -23.01
CA ARG E 60 -24.16 11.71 -19.85
CA LEU E 61 -24.22 8.02 -20.71
CA SER E 62 -22.38 5.34 -22.61
CA LEU E 63 -23.18 1.88 -23.96
CA LEU E 64 -20.37 -0.60 -24.46
CA GLU E 65 -20.60 -4.09 -25.84
CA GLU E 66 -18.11 -6.83 -25.18
CA PRO E 67 -19.02 -9.84 -27.18
CA GLY E 68 -16.61 -12.30 -25.65
CA ASN E 69 -18.16 -11.78 -22.27
CA GLY E 70 -21.60 -11.68 -23.75
CA THR E 71 -22.40 -8.46 -22.04
CA PHE E 72 -22.93 -4.82 -22.78
CA THR E 73 -22.85 -2.12 -20.19
CA VAL E 74 -24.77 1.09 -20.00
CA ILE E 75 -23.14 3.68 -17.85
CA LEU E 76 -25.15 6.68 -16.81
CA ASN E 77 -23.89 9.65 -14.87
CA GLN E 78 -25.54 12.59 -13.17
CA LEU E 79 -28.54 10.57 -12.16
CA THR E 80 -31.44 12.89 -11.51
CA SER E 81 -34.98 12.57 -10.28
CA ARG E 82 -36.06 12.21 -13.88
CA ASP E 83 -34.08 8.99 -14.19
CA ALA E 84 -36.23 6.87 -11.91
CA GLY E 85 -38.42 4.68 -14.04
CA PHE E 86 -38.63 1.50 -16.07
CA TYR E 87 -36.10 0.68 -18.72
CA TRP E 88 -35.24 -2.21 -20.98
CA CYS E 89 -31.96 -3.52 -22.33
CA LEU E 90 -32.41 -5.64 -25.38
CA THR E 91 -31.01 -6.87 -28.68
CA ASN E 92 -32.26 -6.08 -32.19
CA GLY E 93 -35.50 -4.17 -32.58
CA ASP E 94 -37.30 -2.77 -29.55
CA THR E 95 -40.61 -4.34 -30.53
CA LEU E 96 -39.22 -7.86 -30.61
CA TRP E 97 -39.18 -7.84 -26.83
CA ARG E 98 -36.04 -9.92 -26.59
CA THR E 99 -35.09 -7.67 -23.71
CA THR E 100 -34.99 -7.62 -19.96
CA VAL E 101 -36.87 -5.10 -17.90
CA GLU E 102 -34.95 -3.09 -15.38
CA ILE E 103 -36.40 -0.79 -12.78
CA LYS E 104 -34.23 2.08 -11.76
CA ILE E 105 -34.95 4.07 -8.66
CA ILE E 106 -32.92 7.18 -8.11
CA GLU F 1 60.90 4.24 -121.62
CA LEU F 2 64.60 4.92 -121.00
CA VAL F 3 66.00 2.76 -118.18
CA MET F 4 68.25 4.33 -115.53
CA THR F 5 70.37 1.93 -113.44
CA GLN F 6 72.31 3.14 -110.39
CA SER F 7 74.94 1.27 -108.36
CA PRO F 8 75.63 0.12 -105.74
CA SER F 9 72.37 -0.64 -103.92
CA SER F 10 73.84 0.37 -100.54
CA LEU F 11 76.90 2.31 -99.35
CA SER F 12 78.90 2.04 -96.12
CA ALA F 13 81.58 4.60 -95.24
CA SER F 14 82.93 6.57 -92.27
CA VAL F 15 83.03 10.37 -91.99
CA GLY F 16 85.62 11.73 -94.42
CA ASP F 17 85.70 9.08 -97.16
CA ARG F 18 84.96 10.04 -100.76
CA VAL F 19 82.00 8.02 -102.10
CA ASN F 20 81.20 7.46 -105.79
CA ILE F 21 77.62 7.01 -107.07
CA ALA F 22 77.04 5.95 -110.70
CA CYS F 23 74.00 6.54 -112.95
CA ARG F 24 74.07 4.85 -116.36
CA ALA F 25 71.38 5.08 -119.07
CA SER F 26 70.08 2.84 -121.87
CA GLN F 27 71.12 5.36 -124.55
CA GLY F 28 72.85 8.74 -124.82
CA ILE F 29 70.98 11.66 -123.23
CA SER F 30 73.77 14.26 -123.53
CA SER F 31 73.97 16.62 -120.52
CA ALA F 32 70.42 15.99 -119.27
CA LEU F 33 70.58 14.56 -115.73
CA ALA F 34 69.61 15.73 -112.22
CA TRP F 35 70.65 14.45 -108.78
CA TYR F 36 68.43 14.48 -105.69
CA GLN F 37 68.58 14.12 -101.89
CA GLN F 38 65.69 12.48 -100.07
CA LYS F 39 65.96 12.47 -96.27
CA PRO F 40 63.75 9.58 -95.03
CA GLY F 41 60.26 10.95 -94.46
CA LYS F 42 60.78 14.09 -96.56
CA ALA F 43 60.44 15.44 -100.10
CA PRO F 44 63.43 15.22 -102.51
CA ARG F 45 65.89 18.11 -102.80
CA LEU F 46 67.63 19.22 -106.00
CA LEU F 47 71.42 19.03 -105.77
CA ILE F 48 72.83 19.16 -109.30
CA TYR F 49 71.33 20.12 -112.66
CA ASP F 50 72.62 20.07 -116.27
CA ALA F 51 75.17 17.42 -115.18
CA SER F 52 77.69 19.53 -113.22
CA ASN F 53 76.06 22.82 -112.14
CA LEU F 54 75.25 23.18 -108.43
CA GLU F 55 72.17 24.87 -106.94
CA SER F 56 72.41 27.96 -104.72
CA GLY F 57 72.68 26.74 -101.14
CA VAL F 58 73.97 23.22 -101.79
CA PRO F 59 77.37 22.65 -100.11
CA SER F 60 80.61 23.08 -102.07
CA ARG F 61 81.55 19.43 -101.42
CA PHE F 62 78.88 18.05 -103.78
CA SER F 63 79.69 17.72 -107.52
CA GLY F 64 79.98 15.36 -110.48
CA SER F 65 80.38 14.97 -114.26
CA GLY F 66 79.79 12.65 -117.23
CA SER F 67 78.76 13.02 -120.89
CA GLY F 68 76.27 10.73 -122.60
CA THR F 69 76.04 7.33 -120.91
CA ASP F 70 78.27 7.14 -117.82
CA PHE F 71 77.52 9.56 -114.95
CA THR F 72 78.87 9.99 -111.40
CA LEU F 73 78.02 11.75 -108.12
CA THR F 74 80.92 12.61 -105.80
CA ILE F 75 81.30 13.81 -102.17
CA SER F 76 84.82 14.85 -101.07
CA SER F 77 84.03 14.95 -97.33
CA LEU F 78 81.25 12.72 -96.01
CA GLN F 79 79.40 14.21 -93.03
CA PRO F 80 76.68 12.71 -90.77
CA GLU F 81 74.08 15.07 -92.25
CA ASP F 82 74.30 13.31 -95.64
CA PHE F 83 72.03 10.39 -94.68
CA ALA F 84 69.62 10.22 -97.63
CA ILE F 85 68.59 8.07 -100.61
CA TYR F 86 69.92 9.76 -103.76
CA TYR F 87 68.26 9.58 -107.20
CA CYS F 88 69.05 10.57 -110.80
CA GLN F 89 66.45 11.26 -113.49
CA GLN F 90 66.73 12.28 -117.14
CA PHE F 91 65.05 15.01 -119.18
CA ASN F 92 65.69 14.48 -122.90
CA SER F 93 62.49 12.61 -123.86
CA TYR F 94 59.23 11.28 -122.40
CA PRO F 95 58.36 9.91 -119.99
CA LEU F 96 60.86 11.20 -117.42
CA THR F 97 62.34 8.32 -115.42
CA PHE F 98 64.16 8.01 -112.07
CA GLY F 99 67.04 5.91 -110.77
CA GLY F 100 66.85 2.93 -108.43
CA GLY F 101 68.14 4.87 -105.45
CA THR F 102 71.46 4.58 -103.61
CA LYS F 103 71.13 4.71 -99.81
CA VAL F 104 74.08 6.12 -97.84
CA GLU F 105 74.66 4.61 -94.40
CA ILE F 106 77.17 6.37 -92.11
CA LYS F 107 79.91 4.58 -90.13
CA ARG F 108 81.16 5.25 -86.60
CA THR F 109 82.18 3.53 -83.34
CA VAL F 110 80.07 1.23 -81.15
CA ALA F 111 77.61 2.74 -78.67
CA ALA F 112 75.92 1.19 -75.63
CA PRO F 113 72.12 1.79 -75.54
CA SER F 114 70.31 2.83 -72.35
CA VAL F 115 67.41 0.36 -72.06
CA PHE F 116 64.09 1.51 -70.57
CA ILE F 117 60.65 -0.08 -70.09
CA PHE F 118 57.03 1.15 -69.96
CA PRO F 119 54.17 -0.81 -68.33
CA PRO F 120 50.53 -0.42 -69.53
CA SER F 121 48.72 2.68 -68.28
CA ASP F 122 45.68 2.79 -65.99
CA GLU F 123 43.19 3.96 -68.64
CA GLN F 124 44.51 1.50 -71.24
CA LEU F 125 43.39 -1.61 -69.32
CA LYS F 126 39.73 -0.47 -69.31
CA SER F 127 39.12 -1.63 -72.85
CA GLY F 128 40.72 -5.02 -72.19
CA THR F 129 44.27 -4.89 -73.55
CA ALA F 130 47.87 -4.21 -72.45
CA SER F 131 51.12 -3.10 -74.12
CA VAL F 132 54.57 -3.18 -72.52
CA VAL F 133 57.17 -1.09 -74.37
CA CYS F 134 60.96 -1.53 -74.04
CA LEU F 135 63.35 1.19 -75.23
CA LEU F 136 66.93 0.92 -76.54
CA ASN F 137 67.88 4.61 -76.81
CA ASN F 138 71.04 5.56 -78.77
CA PHE F 139 73.16 2.75 -80.27
CA TYR F 140 75.32 1.56 -83.16
CA PRO F 141 75.18 -0.62 -85.18
CA ARG F 142 71.48 -1.37 -85.73
CA GLU F 143 72.26 -5.02 -84.94
CA ALA F 144 70.48 -5.66 -81.64
CA LYS F 145 68.26 -8.22 -79.92
CA VAL F 146 65.31 -8.03 -77.52
CA GLN F 147 63.98 -11.00 -75.54
CA TRP F 148 60.93 -10.56 -73.30
CA LYS F 149 60.90 -12.26 -69.91
CA VAL F 150 57.47 -13.14 -68.53
CA ASP F 151 57.59 -14.99 -65.19
CA ASN F 152 61.41 -15.34 -65.32
CA ALA F 153 62.32 -18.12 -67.78
CA LEU F 154 59.06 -18.15 -69.76
CA GLN F 155 59.94 -16.43 -73.03
CA SER F 156 57.06 -15.31 -75.25
CA GLY F 157 56.91 -14.78 -79.00
CA ASN F 158 54.28 -12.20 -79.96
CA SER F 159 56.20 -8.91 -80.20
CA GLN F 160 56.80 -6.22 -82.85
CA GLU F 161 60.11 -4.45 -83.57
CA SER F 162 60.46 -1.05 -85.25
CA VAL F 163 63.64 0.91 -85.97
CA THR F 164 63.75 4.56 -87.04
CA GLU F 165 66.00 6.09 -89.70
CA GLN F 166 69.51 7.28 -88.71
CA ASP F 167 69.49 10.90 -87.48
CA SER F 168 71.57 13.84 -88.75
CA LYS F 169 73.68 14.38 -85.60
CA ASP F 170 75.63 11.58 -83.91
CA SER F 171 74.78 8.87 -86.45
CA THR F 172 73.05 6.20 -84.32
CA TYR F 173 70.01 3.92 -84.14
CA SER F 174 67.25 3.27 -81.58
CA LEU F 175 64.65 0.51 -81.11
CA SER F 176 61.46 -0.38 -79.22
CA SER F 177 59.49 -3.53 -78.39
CA THR F 178 55.78 -3.70 -77.53
CA LEU F 179 54.36 -6.85 -75.94
CA THR F 180 50.63 -6.94 -76.73
CA LEU F 181 48.62 -9.13 -74.32
CA SER F 182 44.98 -8.69 -73.25
CA LYS F 183 43.89 -7.79 -69.71
CA ALA F 184 43.09 -11.42 -68.84
CA ASP F 185 46.63 -12.61 -69.51
CA TYR F 186 48.14 -9.50 -67.90
CA GLU F 187 46.35 -9.80 -64.54
CA LYS F 188 47.92 -13.26 -64.22
CA HIS F 189 51.67 -12.58 -64.23
CA LYS F 190 54.11 -10.43 -62.24
CA VAL F 191 57.71 -10.27 -63.49
CA TYR F 192 58.26 -8.46 -66.81
CA ALA F 193 61.88 -8.04 -67.94
CA CYS F 194 63.48 -7.26 -71.32
CA GLU F 195 66.96 -8.71 -72.00
CA VAL F 196 69.08 -6.82 -74.57
CA THR F 197 72.20 -7.97 -76.46
CA HIS F 198 74.54 -5.52 -78.20
CA GLN F 199 78.25 -5.18 -79.00
CA GLY F 200 78.53 -2.04 -76.90
CA LEU F 201 77.16 -3.81 -73.83
CA SER F 202 79.65 -5.89 -71.83
CA SER F 203 76.78 -8.04 -70.54
CA PRO F 204 73.00 -8.23 -71.21
CA VAL F 205 71.08 -5.43 -69.46
CA THR F 206 67.87 -6.52 -67.74
CA LYS F 207 65.03 -4.04 -67.11
CA SER F 208 62.20 -5.57 -65.07
CA PHE F 209 59.20 -4.31 -63.09
CA ASN F 210 56.78 -6.01 -60.67
CA ARG F 211 53.05 -6.05 -61.47
CA GLY F 212 50.76 -5.26 -58.52
CA GLU F 213 50.90 -2.02 -56.49
CA CYS F 214 48.56 -0.97 -53.65
CA GLU G 1 70.07 84.13 2.90
CA LEU G 2 71.72 85.67 -0.17
CA VAL G 3 69.29 86.04 -3.07
CA MET G 4 70.34 85.04 -6.60
CA THR G 5 68.25 86.41 -9.48
CA GLN G 6 68.75 85.18 -13.06
CA SER G 7 67.29 86.62 -16.28
CA PRO G 8 65.52 86.14 -18.58
CA SER G 9 62.99 83.49 -17.55
CA SER G 10 63.01 81.88 -21.01
CA LEU G 11 65.27 82.03 -24.08
CA SER G 12 64.46 81.52 -27.77
CA ALA G 13 67.23 81.28 -30.38
CA SER G 14 68.19 79.33 -33.52
CA VAL G 15 71.32 77.19 -33.92
CA GLY G 16 74.37 79.45 -34.07
CA ASP G 17 73.26 82.52 -32.09
CA ARG G 18 75.23 83.63 -29.04
CA VAL G 19 73.01 83.68 -25.93
CA ASN G 20 73.73 85.64 -22.74
CA ILE G 21 72.58 84.44 -19.29
CA ALA G 22 72.93 86.75 -16.28
CA CYS G 23 73.24 85.88 -12.56
CA ARG G 24 73.19 88.81 -10.12
CA ALA G 25 73.52 88.61 -6.32
CA SER G 26 72.29 90.64 -3.33
CA GLN G 27 75.85 91.48 -2.26
CA GLY G 28 79.43 90.88 -3.42
CA ILE G 29 80.59 87.25 -3.34
CA SER G 30 83.90 87.75 -5.18
CA SER G 31 84.76 84.85 -7.54
CA ALA G 32 82.45 82.29 -5.91
CA LEU G 33 79.88 81.09 -8.48
CA ALA G 34 79.13 77.84 -10.33
CA TRP G 35 77.04 77.16 -13.45
CA TYR G 36 75.02 73.99 -14.08
CA GLN G 37 73.27 72.07 -16.86
CA GLN G 38 70.11 70.11 -16.06
CA LYS G 39 68.68 68.09 -18.93
CA PRO G 40 64.96 67.56 -18.16
CA GLY G 41 64.62 64.36 -16.15
CA LYS G 42 68.29 64.21 -15.15
CA ALA G 43 70.73 65.34 -12.45
CA PRO G 44 72.59 68.69 -12.83
CA ARG G 45 76.01 68.81 -14.47
CA LEU G 46 78.86 71.13 -13.47
CA LEU G 47 79.97 73.43 -16.29
CA ILE G 48 82.00 76.27 -14.79
CA TYR G 49 83.61 76.80 -11.37
CA ASP G 50 85.47 79.71 -9.73
CA ALA G 51 83.73 82.06 -12.21
CA SER G 52 85.61 81.33 -15.45
CA ASN G 53 87.38 77.94 -15.18
CA LEU G 54 85.90 75.10 -17.26
CA GLU G 55 85.64 71.45 -16.21
CA SER G 56 87.44 68.64 -18.07
CA GLY G 57 85.07 67.39 -20.75
CA VAL G 58 82.82 70.43 -21.06
CA PRO G 59 82.90 71.85 -24.64
CA SER G 60 85.19 74.75 -25.53
CA ARG G 61 82.19 76.89 -26.52
CA PHE G 62 81.02 77.38 -22.92
CA SER G 63 82.53 80.21 -20.84
CA GLY G 64 81.83 83.38 -18.84
CA SER G 65 83.16 86.03 -16.43
CA GLY G 66 82.19 88.63 -13.83
CA SER G 67 83.58 89.93 -10.52
CA GLY G 68 81.45 90.63 -7.47
CA THR G 69 77.82 91.33 -8.37
CA ASP G 70 77.22 91.00 -12.13
CA PHE G 71 77.85 87.57 -13.73
CA THR G 72 77.28 86.11 -17.21
CA LEU G 73 77.14 82.73 -19.01
CA THR G 74 77.98 82.70 -22.73
CA ILE G 75 77.67 80.19 -25.60
CA SER G 76 79.37 81.16 -28.90
CA SER G 77 77.67 78.45 -31.01
CA LEU G 78 74.26 77.18 -29.90
CA GLN G 79 73.67 73.51 -30.76
CA PRO G 80 70.53 71.33 -30.40
CA GLU G 81 72.18 69.33 -27.60
CA ASP G 82 72.12 72.38 -25.30
CA PHE G 83 68.46 71.99 -24.26
CA ALA G 84 68.64 72.33 -20.46
CA ILE G 85 67.66 74.58 -17.56
CA TYR G 86 70.82 76.32 -16.31
CA TYR G 87 71.44 77.40 -12.70
CA CYS G 88 74.00 79.44 -10.75
CA GLN G 89 74.73 79.03 -7.04
CA GLN G 90 77.14 80.78 -4.68
CA PHE G 91 79.66 79.46 -2.15
CA ASN G 92 80.93 82.30 0.06
CA SER G 93 78.60 81.91 3.05
CA TYR G 94 75.72 79.77 4.36
CA PRO G 95 73.29 78.57 3.33
CA LEU G 96 74.25 77.92 -0.30
CA THR G 97 71.54 79.22 -2.66
CA PHE G 98 70.60 78.55 -6.30
CA GLY G 99 69.34 80.68 -9.18
CA GLY G 100 65.82 80.81 -10.58
CA GLY G 101 66.72 78.83 -13.69
CA THR G 102 66.93 79.95 -17.32
CA LYS G 103 65.41 77.47 -19.79
CA VAL G 104 66.86 77.38 -23.31
CA GLU G 105 64.41 76.54 -26.11
CA ILE G 106 65.89 75.81 -29.56
CA LYS G 107 64.57 77.30 -32.82
CA ARG G 108 64.17 75.66 -36.23
CA THR G 109 61.78 75.31 -39.19
CA VAL G 110 58.20 73.98 -39.19
CA ALA G 111 57.61 70.21 -39.27
CA ALA G 112 54.47 68.25 -40.17
CA PRO G 113 53.58 65.55 -37.59
CA SER G 114 52.50 62.05 -38.60
CA VAL G 115 49.28 61.41 -36.69
CA PHE G 116 48.44 57.91 -35.39
CA ILE G 117 45.68 56.47 -33.18
CA PHE G 118 45.35 53.51 -30.80
CA PRO G 119 41.97 51.95 -29.89
CA PRO G 120 41.55 50.06 -26.55
CA SER G 121 43.02 46.55 -26.31
CA ASP G 122 41.15 43.27 -25.80
CA GLU G 123 42.27 42.68 -22.20
CA GLN G 124 41.70 46.30 -21.17
CA LEU G 125 37.92 46.17 -21.63
CA LYS G 126 37.57 43.30 -19.11
CA SER G 127 37.78 45.61 -16.12
CA GLY G 128 35.23 48.02 -17.58
CA THR G 129 37.16 50.92 -19.13
CA ALA G 130 38.57 52.14 -22.46
CA SER G 131 41.34 54.50 -23.60
CA VAL G 132 41.88 55.72 -27.17
CA VAL G 133 45.32 57.27 -27.76
CA CYS G 134 46.17 59.63 -30.65
CA LEU G 135 49.81 60.32 -31.59
CA LEU G 136 51.38 63.42 -33.18
CA ASN G 137 54.95 62.19 -33.79
CA ASN G 138 57.67 64.75 -34.67
CA PHE G 139 56.66 68.43 -35.00
CA TYR G 140 57.58 72.07 -34.43
CA PRO G 141 56.50 74.31 -32.81
CA ARG G 142 54.76 72.77 -29.80
CA GLU G 143 51.65 74.76 -30.76
CA ALA G 144 49.16 72.08 -31.83
CA LYS G 145 45.51 71.09 -31.38
CA VAL G 146 43.65 67.80 -31.01
CA GLN G 147 39.88 67.43 -31.38
CA TRP G 148 38.25 64.01 -30.83
CA LYS G 149 35.45 62.95 -33.16
CA VAL G 150 32.93 60.52 -31.68
CA ASP G 151 30.08 59.63 -34.06
CA ASN G 152 31.19 62.24 -36.64
CA ALA G 153 30.17 65.72 -35.44
CA LEU G 154 29.76 64.89 -31.74
CA GLN G 155 32.84 66.41 -30.11
CA SER G 156 33.64 65.34 -26.55
CA GLY G 157 35.55 67.13 -23.79
CA ASN G 158 37.16 64.70 -21.37
CA SER G 159 40.72 64.25 -22.67
CA GLN G 160 44.26 64.71 -21.31
CA GLU G 161 47.22 66.21 -23.19
CA SER G 162 50.89 65.57 -22.37
CA VAL G 163 53.97 66.89 -24.18
CA THR G 164 57.51 65.62 -23.63
CA GLU G 165 60.68 67.71 -23.39
CA GLN G 166 62.54 68.65 -26.60
CA ASP G 167 65.11 65.99 -27.60
CA SER G 168 68.83 66.42 -28.28
CA LYS G 169 68.78 65.60 -32.01
CA ASP G 170 66.46 67.32 -34.49
CA SER G 171 64.87 69.72 -31.98
CA THR G 172 61.15 68.85 -32.19
CA TYR G 173 58.06 68.10 -30.07
CA SER G 174 55.50 65.29 -29.92
CA LEU G 175 52.05 64.90 -28.32
CA SER G 176 49.40 62.32 -27.39
CA SER G 177 45.71 62.32 -26.46
CA THR G 178 43.89 59.64 -24.46
CA LEU G 179 40.08 59.54 -24.46
CA THR G 180 38.98 57.76 -21.28
CA LEU G 181 35.45 56.30 -21.48
CA SER G 182 34.09 53.23 -19.71
CA LYS G 183 33.04 50.01 -21.48
CA ALA G 184 29.34 50.95 -21.41
CA ASP G 185 29.88 54.16 -23.38
CA TYR G 186 32.39 52.48 -25.71
CA GLU G 187 30.17 49.58 -26.80
CA LYS G 188 27.69 52.21 -28.01
CA HIS G 189 29.67 54.10 -30.66
CA LYS G 190 31.50 53.22 -33.88
CA VAL G 191 33.44 56.10 -35.48
CA TYR G 192 36.46 57.49 -33.60
CA ALA G 193 38.57 60.13 -35.39
CA CYS G 194 41.16 62.67 -34.16
CA GLU G 195 41.45 65.97 -36.06
CA VAL G 196 44.84 67.75 -35.80
CA THR G 197 45.75 71.37 -36.63
CA HIS G 198 49.35 72.50 -37.13
CA GLN G 199 51.28 75.06 -39.19
CA GLY G 200 53.20 72.32 -40.99
CA LEU G 201 49.99 70.66 -42.14
CA SER G 202 48.32 72.14 -45.23
CA SER G 203 44.96 70.77 -44.05
CA PRO G 204 43.72 68.94 -40.89
CA VAL G 205 44.67 65.25 -40.87
CA THR G 206 41.91 62.85 -39.80
CA LYS G 207 42.67 59.41 -38.35
CA SER G 208 39.59 57.28 -37.74
CA PHE G 209 38.75 53.61 -37.16
CA ASN G 210 35.53 51.61 -37.08
CA ARG G 211 34.32 49.47 -34.16
CA GLY G 212 33.58 45.86 -34.97
CA GLU G 213 36.42 43.56 -35.99
CA CYS G 214 34.13 40.67 -36.82
CA GLU H 1 -17.03 -106.44 75.84
CA LEU H 2 -20.12 -106.13 78.05
CA VAL H 3 -23.19 -105.00 76.08
CA MET H 4 -25.48 -102.29 77.49
CA THR H 5 -28.96 -102.02 75.96
CA GLN H 6 -31.28 -99.10 76.81
CA SER H 7 -34.98 -98.70 75.95
CA PRO H 8 -36.98 -97.13 74.47
CA SER H 9 -35.20 -95.45 71.56
CA SER H 10 -37.30 -92.29 71.88
CA LEU H 11 -39.59 -90.77 74.54
CA SER H 12 -42.58 -88.45 74.19
CA ALA H 13 -44.20 -86.82 77.24
CA SER H 14 -45.70 -83.52 78.40
CA VAL H 15 -44.41 -81.42 81.32
CA GLY H 16 -45.17 -83.21 84.58
CA ASP H 17 -45.24 -86.88 83.54
CA ARG H 18 -42.89 -89.38 85.20
CA VAL H 19 -40.67 -91.07 82.59
CA ASN H 20 -38.84 -94.38 83.08
CA ILE H 21 -35.52 -95.16 81.34
CA ALA H 22 -34.08 -98.69 81.53
CA CYS H 23 -30.45 -99.86 81.23
CA ARG H 24 -29.88 -103.63 81.17
CA ALA H 25 -26.51 -105.43 80.96
CA SER H 26 -25.22 -108.73 79.56
CA GLN H 27 -24.13 -109.92 83.02
CA GLY H 28 -24.20 -108.74 86.64
CA ILE H 29 -22.09 -105.67 87.37
CA SER H 30 -23.34 -105.06 90.94
CA SER H 31 -23.72 -101.35 91.80
CA ALA H 32 -21.43 -100.05 89.03
CA LEU H 33 -23.44 -97.74 86.72
CA ALA H 34 -23.47 -94.02 85.87
CA TRP H 35 -26.13 -91.86 84.18
CA TYR H 36 -25.40 -88.87 81.95
CA GLN H 37 -27.08 -85.83 80.38
CA GLN H 38 -25.94 -84.63 76.96
CA LYS H 39 -27.59 -81.44 75.72
CA PRO H 40 -27.30 -81.47 71.89
CA GLY H 41 -24.04 -79.78 70.96
CA LYS H 42 -22.49 -80.10 74.42
CA ALA H 43 -20.37 -82.40 76.57
CA PRO H 44 -22.07 -85.03 78.81
CA ARG H 45 -22.93 -84.22 82.42
CA LEU H 46 -22.78 -86.66 85.34
CA LEU H 47 -26.15 -87.14 87.06
CA ILE H 48 -25.96 -90.31 89.15
CA TYR H 49 -23.07 -92.49 90.34
CA ASP H 50 -22.84 -95.79 92.26
CA ALA H 51 -26.42 -96.55 91.11
CA SER H 52 -28.46 -94.21 93.34
CA ASN H 53 -26.22 -91.42 94.68
CA LEU H 54 -26.80 -87.95 93.21
CA GLU H 55 -24.09 -85.37 92.41
CA SER H 56 -23.94 -81.97 94.14
CA GLY H 57 -25.97 -79.56 92.04
CA VAL H 58 -28.16 -82.05 90.19
CA PRO H 59 -31.89 -81.41 90.90
CA SER H 60 -33.72 -83.38 93.59
CA ARG H 61 -36.16 -84.76 91.00
CA PHE H 62 -33.56 -87.07 89.40
CA SER H 63 -32.97 -90.54 90.91
CA GLY H 64 -33.02 -94.30 90.29
CA SER H 65 -32.10 -97.78 91.55
CA GLY H 66 -31.39 -101.38 90.52
CA SER H 67 -29.01 -104.17 91.58
CA GLY H 68 -27.15 -106.40 89.13
CA THR H 69 -28.89 -106.59 85.77
CA ASP H 70 -32.00 -104.38 85.65
CA PHE H 71 -31.51 -100.61 86.12
CA THR H 72 -33.81 -97.57 85.86
CA LEU H 73 -33.63 -93.75 85.62
CA THR H 74 -36.61 -91.79 86.95
CA ILE H 75 -37.83 -88.15 86.76
CA SER H 76 -40.81 -87.24 88.98
CA SER H 77 -41.51 -83.87 87.31
CA LEU H 78 -40.51 -83.42 83.67
CA GLN H 79 -39.48 -79.85 82.81
CA PRO H 80 -38.60 -78.25 79.44
CA GLU H 81 -34.95 -77.95 80.47
CA ASP H 82 -34.56 -81.75 80.43
CA PHE H 83 -34.11 -82.04 76.65
CA ALA H 84 -31.05 -84.28 76.34
CA ILE H 85 -29.89 -87.73 75.22
CA TYR H 86 -29.18 -89.80 78.34
CA TYR H 87 -26.57 -92.57 78.59
CA CYS H 88 -25.52 -95.28 81.06
CA GLN H 89 -22.05 -96.83 81.23
CA GLN H 90 -20.54 -99.50 83.48
CA PHE H 91 -17.31 -99.63 85.49
CA ASN H 92 -16.65 -103.17 86.73
CA SER H 93 -14.33 -104.43 83.98
CA TYR H 94 -12.63 -103.35 80.75
CA PRO H 95 -13.30 -101.83 78.37
CA LEU H 96 -15.89 -99.38 79.73
CA THR H 97 -18.99 -99.33 77.52
CA PHE H 98 -21.89 -96.88 77.02
CA GLY H 99 -25.62 -97.25 76.39
CA GLY H 100 -27.47 -96.70 73.12
CA GLY H 101 -28.94 -93.38 74.23
CA THR H 102 -32.54 -92.47 75.04
CA LYS H 103 -33.63 -89.10 73.62
CA VAL H 104 -36.31 -87.17 75.50
CA GLU H 105 -38.67 -85.05 73.39
CA ILE H 106 -40.96 -82.61 75.23
CA LYS H 107 -44.69 -82.23 74.53
CA ARG H 108 -46.82 -79.06 74.42
CA THR H 109 -49.55 -77.28 72.43
CA VAL H 110 -49.48 -76.22 68.77
CA ALA H 111 -47.74 -72.97 67.80
CA ALA H 112 -48.04 -70.89 64.62
CA PRO H 113 -44.64 -69.94 63.10
CA SER H 114 -43.89 -66.43 61.83
CA VAL H 115 -42.51 -66.96 58.32
CA PHE H 116 -39.82 -64.61 56.97
CA ILE H 117 -37.71 -64.46 53.78
CA PHE H 118 -34.22 -63.20 52.84
CA PRO H 119 -33.17 -62.34 49.25
CA PRO H 120 -29.50 -62.61 48.13
CA SER H 121 -27.24 -59.73 49.16
CA ASP H 122 -25.49 -57.26 46.86
CA GLU H 123 -21.95 -58.57 47.46
CA GLN H 124 -23.05 -62.21 47.15
CA LEU H 125 -24.00 -61.93 43.46
CA LYS H 126 -20.48 -60.80 42.47
CA SER H 127 -19.09 -64.32 42.52
CA GLY H 128 -21.98 -65.67 40.47
CA THR H 129 -24.43 -67.31 42.89
CA ALA H 130 -27.62 -66.59 44.87
CA SER H 131 -29.31 -67.96 48.00
CA VAL H 132 -32.85 -67.15 49.13
CA VAL H 133 -33.55 -68.09 52.76
CA CYS H 134 -37.04 -68.61 54.24
CA LEU H 135 -37.57 -68.64 58.01
CA LEU H 136 -40.21 -70.44 60.12
CA ASN H 137 -39.50 -68.98 63.57
CA ASN H 138 -41.08 -70.67 66.66
CA PHE H 139 -43.39 -73.67 66.09
CA TYR H 140 -44.59 -77.07 67.31
CA PRO H 141 -44.56 -79.85 66.26
CA ARG H 142 -41.51 -80.12 63.98
CA GLU H 143 -43.87 -81.38 61.26
CA ALA H 144 -43.85 -78.60 58.66
CA LYS H 145 -43.58 -78.06 54.90
CA VAL H 146 -41.91 -75.47 52.67
CA GLN H 147 -42.69 -75.04 48.96
CA TRP H 148 -40.76 -72.44 46.93
CA LYS H 149 -42.67 -70.39 44.37
CA VAL H 150 -40.61 -69.13 41.43
CA ASP H 151 -42.68 -67.20 38.84
CA ASN H 152 -45.98 -68.07 40.58
CA ALA H 153 -46.90 -71.69 39.77
CA LEU H 154 -43.42 -72.90 38.77
CA GLN H 155 -42.30 -74.97 41.75
CA SER H 156 -38.61 -75.88 41.95
CA GLY H 157 -36.86 -78.80 43.64
CA ASN H 158 -33.31 -77.93 44.65
CA SER H 159 -33.57 -76.80 48.28
CA GLN H 160 -32.05 -77.84 51.63
CA GLU H 161 -33.90 -78.07 54.96
CA SER H 162 -32.25 -77.88 58.40
CA VAL H 163 -33.92 -78.01 61.82
CA THR H 164 -32.21 -77.13 65.10
CA GLU H 165 -32.53 -78.98 68.42
CA GLN H 166 -35.41 -78.09 70.78
CA ASP H 167 -34.45 -75.24 73.16
CA SER H 168 -34.62 -75.18 76.97
CA LYS H 169 -37.36 -72.55 77.33
CA ASP H 170 -40.72 -72.78 75.55
CA SER H 171 -40.10 -76.17 73.90
CA THR H 172 -40.45 -75.40 70.18
CA TYR H 173 -38.82 -75.92 66.77
CA SER H 174 -37.70 -73.64 63.93
CA LEU H 175 -36.74 -74.20 60.28
CA SER H 176 -35.10 -72.54 57.27
CA SER H 177 -34.94 -73.10 53.51
CA THR H 178 -32.21 -71.88 51.15
CA LEU H 179 -32.81 -71.87 47.39
CA THR H 180 -29.40 -72.02 45.68
CA LEU H 181 -29.44 -70.73 42.09
CA SER H 182 -26.60 -69.05 40.18
CA LYS H 183 -26.65 -65.40 39.05
CA ALA H 184 -27.70 -66.33 35.49
CA ASP H 185 -30.90 -68.05 36.63
CA TYR H 186 -31.58 -65.36 39.24
CA GLU H 187 -31.43 -62.36 36.88
CA LYS H 188 -34.21 -64.04 34.87
CA HIS H 189 -37.11 -64.29 37.34
CA LYS H 190 -39.08 -61.88 39.54
CA VAL H 191 -41.59 -63.43 41.97
CA TYR H 192 -40.13 -65.45 44.87
CA ALA H 193 -42.60 -66.75 47.45
CA CYS H 194 -42.40 -69.50 50.10
CA GLU H 195 -45.63 -71.34 51.00
CA VAL H 196 -45.74 -72.93 54.49
CA THR H 197 -48.12 -75.57 55.87
CA HIS H 198 -48.50 -76.21 59.61
CA GLN H 199 -51.21 -77.29 62.07
CA GLY H 200 -51.01 -73.97 63.91
CA LEU H 201 -51.68 -72.03 60.71
CA SER H 202 -55.33 -71.73 59.65
CA SER H 203 -54.22 -71.24 56.03
CA PRO H 204 -50.84 -71.34 54.20
CA VAL H 205 -48.79 -68.18 54.76
CA THR H 206 -47.15 -66.74 51.63
CA LYS H 207 -44.04 -64.54 51.89
CA SER H 208 -42.99 -63.13 48.51
CA PHE H 209 -40.71 -60.36 47.23
CA ASN H 210 -40.23 -58.76 43.80
CA ARG H 211 -36.80 -58.89 42.13
CA GLY H 212 -35.65 -55.63 40.51
CA GLU H 213 -35.28 -52.31 42.38
CA CYS H 214 -33.97 -49.00 40.98
CA GLU I 1 -40.49 38.25 97.95
CA LEU I 2 -40.14 36.15 101.10
CA VAL I 3 -36.85 34.21 101.19
CA MET I 4 -36.82 30.54 102.21
CA THR I 5 -33.45 29.07 103.24
CA GLN I 6 -33.02 25.33 103.83
CA SER I 7 -30.02 23.50 105.36
CA PRO I 8 -27.86 21.57 104.90
CA SER I 9 -27.12 21.52 101.16
CA SER I 10 -26.47 17.77 101.18
CA LEU I 11 -27.17 14.87 103.55
CA SER I 12 -25.32 11.58 104.07
CA ALA I 13 -26.78 8.81 106.25
CA SER I 14 -27.16 5.02 106.35
CA VAL I 15 -30.48 3.13 106.43
CA GLY I 16 -32.12 3.68 109.81
CA ASP I 17 -30.74 7.05 110.92
CA ARG I 18 -33.13 9.91 111.71
CA VAL I 19 -32.38 12.93 109.49
CA ASN I 20 -33.44 16.52 110.22
CA ILE I 21 -34.20 19.04 107.46
CA ALA I 22 -34.74 22.72 108.35
CA CYS I 23 -36.72 25.42 106.50
CA ARG I 24 -36.47 28.96 107.88
CA ALA I 25 -38.22 32.07 106.54
CA SER I 26 -37.53 35.81 106.40
CA GLN I 27 -40.62 36.60 108.49
CA GLY I 28 -43.43 34.78 110.29
CA ILE I 29 -45.84 32.87 108.03
CA SER I 30 -47.76 31.03 110.78
CA SER I 31 -48.71 27.45 109.82
CA ALA I 32 -48.36 27.94 106.04
CA LEU I 33 -45.69 25.53 104.72
CA ALA I 34 -45.62 22.46 102.45
CA TRP I 35 -42.96 19.76 101.98
CA TYR I 36 -42.23 17.96 98.70
CA GLN I 37 -40.45 14.90 97.31
CA GLN I 38 -38.84 15.09 93.87
CA LYS I 39 -37.33 11.84 92.59
CA PRO I 40 -34.68 12.81 89.99
CA GLY I 41 -36.39 13.00 86.61
CA LYS I 42 -39.92 13.22 88.02
CA ALA I 43 -42.55 15.72 89.18
CA PRO I 44 -42.68 16.77 92.87
CA ARG I 45 -44.92 14.90 95.32
CA LEU I 46 -46.79 16.48 98.23
CA LEU I 47 -45.80 15.03 101.61
CA ILE I 48 -46.98 17.42 104.32
CA TYR I 49 -49.41 20.35 104.32
CA ASP I 50 -50.48 22.92 106.97
CA ALA I 51 -47.18 22.23 108.78
CA SER I 52 -47.85 18.81 110.35
CA ASN I 53 -50.74 17.10 108.52
CA LEU I 54 -49.81 14.14 106.30
CA GLU I 55 -51.38 13.26 102.94
CA SER I 56 -53.28 10.01 102.35
CA GLY I 57 -50.77 7.46 101.12
CA VAL I 58 -47.58 9.04 102.46
CA PRO I 59 -45.77 6.67 104.88
CA SER I 60 -46.26 7.00 108.64
CA ARG I 61 -42.53 7.67 109.12
CA PHE I 62 -42.70 11.16 107.61
CA SER I 63 -43.66 14.12 109.83
CA GLY I 64 -42.60 17.51 111.24
CA SER I 65 -43.60 20.68 113.11
CA GLY I 66 -42.74 24.34 113.70
CA SER I 67 -44.65 27.59 114.23
CA GLY I 68 -43.72 30.89 112.58
CA THR I 69 -40.06 31.00 111.59
CA ASP I 70 -38.28 27.71 112.38
CA PHE I 71 -39.52 24.56 110.62
CA THR I 72 -38.30 20.94 110.43
CA LEU I 73 -38.82 17.75 108.38
CA THR I 74 -38.15 14.43 110.12
CA ILE I 75 -37.78 10.77 109.04
CA SER I 76 -37.62 8.18 111.85
CA SER I 77 -36.44 5.29 109.64
CA LEU I 78 -34.46 6.12 106.49
CA GLN I 79 -35.05 3.66 103.64
CA PRO I 80 -33.37 3.37 100.20
CA GLU I 81 -36.58 4.51 98.49
CA ASP I 82 -36.22 8.01 100.00
CA PHE I 83 -33.66 9.26 97.45
CA ALA I 84 -35.09 12.64 96.44
CA ILE I 85 -34.49 16.39 96.63
CA TYR I 86 -36.95 17.84 99.16
CA TYR I 87 -38.41 21.37 99.02
CA CYS I 88 -40.52 23.66 101.22
CA GLN I 89 -42.67 26.53 99.94
CA GLN I 90 -44.92 29.04 101.70
CA PHE I 91 -48.49 30.17 101.06
CA ASN I 92 -49.30 33.27 103.13
CA SER I 93 -48.59 35.99 100.55
CA TYR I 94 -47.48 36.49 96.93
CA PRO I 95 -45.50 35.38 95.12
CA LEU I 96 -45.20 31.81 96.41
CA THR I 97 -41.54 30.85 96.88
CA PHE I 98 -39.65 27.54 97.18
CA GLY I 99 -36.69 26.32 99.23
CA GLY I 100 -33.15 25.72 98.03
CA GLY I 101 -33.51 21.95 98.07
CA THR I 102 -31.90 19.37 100.36
CA LYS I 103 -30.65 16.26 98.54
CA VAL I 104 -30.59 12.98 100.48
CA GLU I 105 -27.82 10.54 99.57
CA ILE I 106 -28.05 7.01 101.00
CA LYS I 107 -25.14 5.17 102.65
CA ARG I 108 -24.16 1.49 102.40
CA THR I 109 -21.18 -0.86 101.96
CA VAL I 110 -18.68 -0.97 99.09
CA ALA I 111 -19.59 -2.81 95.88
CA ALA I 112 -17.36 -4.08 93.07
CA PRO I 113 -18.61 -3.07 89.57
CA SER I 114 -18.68 -5.52 86.66
CA VAL I 115 -16.91 -3.71 83.81
CA PHE I 116 -18.03 -4.20 80.19
CA ILE I 117 -17.08 -2.59 76.86
CA PHE I 118 -18.83 -1.99 73.52
CA PRO I 119 -16.92 -1.46 70.26
CA PRO I 120 -18.53 0.52 67.36
CA SER I 121 -21.21 -1.23 65.29
CA ASP I 122 -21.10 -2.14 61.60
CA GLU I 123 -23.61 0.47 60.41
CA GLN I 124 -22.10 3.23 62.58
CA LEU I 125 -18.79 3.35 60.69
CA LYS I 126 -20.54 4.13 57.36
CA SER I 127 -20.95 7.81 58.20
CA GLY I 128 -17.33 8.14 59.30
CA THR I 129 -17.26 7.97 63.10
CA ALA I 130 -16.74 5.51 65.98
CA SER I 131 -17.75 5.28 69.65
CA VAL I 132 -16.40 2.74 72.15
CA VAL I 133 -18.48 2.49 75.34
CA CYS I 134 -17.22 1.05 78.66
CA LEU I 135 -19.67 0.03 81.41
CA LEU I 136 -19.22 -0.03 85.20
CA ASN I 137 -22.48 -1.71 86.30
CA ASN I 138 -23.46 -1.59 90.01
CA PHE I 139 -21.07 0.10 92.46
CA TYR I 140 -20.66 2.26 95.58
CA PRO I 141 -19.48 4.92 96.18
CA ARG I 142 -19.74 6.99 93.00
CA GLU I 143 -15.98 7.61 93.30
CA ALA I 144 -14.50 5.76 90.32
CA LYS I 145 -11.98 6.21 87.51
CA VAL I 146 -11.81 5.18 83.85
CA GLN I 147 -8.64 5.25 81.76
CA TRP I 148 -8.78 4.28 78.07
CA LYS I 149 -5.96 2.18 76.63
CA VAL I 150 -5.32 2.63 72.92
CA ASP I 151 -2.36 0.59 71.62
CA ASN I 152 -1.34 -0.50 75.15
CA ALA I 153 0.42 2.40 76.90
CA LEU I 154 -0.94 5.22 74.71
CA GLN I 155 -3.56 6.90 76.91
CA SER I 156 -5.98 9.29 75.19
CA GLY I 157 -7.92 12.24 76.58
CA ASN I 158 -11.12 12.87 74.64
CA SER I 159 -13.82 11.00 76.58
CA GLN I 160 -17.13 11.85 78.27
CA GLU I 161 -18.36 10.52 81.63
CA SER I 162 -22.01 10.36 82.73
CA VAL I 163 -23.43 9.00 85.99
CA THR I 164 -27.11 8.30 86.63
CA GLU I 165 -29.07 9.06 89.80
CA GLN I 166 -29.08 6.50 92.65
CA ASP I 167 -31.90 3.94 92.24
CA SER I 168 -34.63 3.00 94.74
CA LYS I 169 -33.51 -0.59 95.42
CA ASP I 170 -29.95 -1.50 96.45
CA SER I 171 -28.62 2.08 96.61
CA THR I 172 -25.74 2.04 94.09
CA TYR I 173 -24.20 3.94 91.16
CA SER I 174 -23.20 3.06 87.60
CA LEU I 175 -21.03 4.76 84.95
CA SER I 176 -20.13 4.69 81.25
CA SER I 177 -17.35 6.04 79.02
CA THR I 178 -17.60 6.71 75.27
CA LEU I 179 -14.42 7.22 73.24
CA THR I 180 -15.36 9.23 70.13
CA LEU I 181 -12.86 8.88 67.27
CA SER I 182 -13.56 9.07 63.53
CA LYS I 183 -13.26 6.13 61.12
CA ALA I 184 -9.80 7.21 59.93
CA ASP I 185 -8.28 7.03 63.41
CA TYR I 186 -10.17 3.82 64.24
CA GLU I 187 -9.01 1.79 61.22
CA LYS I 188 -5.45 2.44 62.44
CA HIS I 189 -5.41 0.81 65.89
CA LYS I 190 -6.09 -2.66 67.29
CA VAL I 191 -6.04 -2.90 71.10
CA TYR I 192 -8.74 -1.06 73.07
CA ALA I 193 -8.85 -1.59 76.85
CA CYS I 194 -10.51 0.31 79.71
CA GLU I 195 -8.78 0.28 83.13
CA VAL I 196 -11.04 0.87 86.15
CA THR I 197 -10.12 1.82 89.74
CA HIS I 198 -12.54 1.42 92.65
CA GLN I 199 -12.42 0.62 96.38
CA GLY I 200 -14.41 -2.57 95.88
CA LEU I 201 -11.92 -3.89 93.34
CA SER I 202 -8.78 -5.55 94.75
CA SER I 203 -6.91 -4.71 91.54
CA PRO I 204 -7.75 -2.73 88.33
CA VAL I 205 -9.97 -4.67 85.95
CA THR I 206 -8.98 -4.53 82.27
CA LYS I 207 -11.48 -5.11 79.46
CA SER I 208 -9.92 -5.18 76.00
CA PHE I 209 -10.85 -6.36 72.50
CA ASN I 210 -8.93 -6.81 69.26
CA ARG I 211 -9.82 -5.18 65.93
CA GLY I 212 -10.27 -7.55 63.02
CA GLU I 213 -13.18 -9.99 63.06
CA CYS I 214 -12.05 -11.78 59.94
CA LYS J 1 17.51 8.63 -77.32
CA SER J 2 13.76 8.69 -77.48
CA PRO J 3 12.35 11.90 -78.69
CA ILE J 4 9.21 11.67 -76.63
CA PHE J 5 8.72 12.91 -73.10
CA GLY J 6 5.96 12.93 -70.51
CA PRO J 7 5.21 12.25 -66.89
CA GLU J 8 7.63 9.74 -65.45
CA GLU J 9 5.14 8.84 -62.79
CA VAL J 10 1.49 9.61 -62.22
CA ASN J 11 -0.39 9.07 -59.00
CA SER J 12 -4.15 9.09 -58.59
CA VAL J 13 -7.05 7.60 -56.66
CA GLU J 14 -9.52 4.83 -57.50
CA GLY J 15 -12.38 7.11 -58.34
CA ASN J 16 -10.63 9.68 -60.38
CA SER J 17 -9.39 10.39 -63.82
CA VAL J 18 -5.91 11.19 -64.96
CA SER J 19 -4.70 13.15 -67.91
CA ILE J 20 -1.37 12.17 -69.31
CA THR J 21 0.36 14.49 -71.73
CA CYS J 22 3.25 13.33 -73.88
CA TYR J 23 5.41 15.52 -76.02
CA TYR J 24 6.89 14.73 -79.42
CA PRO J 25 8.84 16.91 -81.80
CA PRO J 26 6.71 19.14 -83.90
CA THR J 27 7.13 17.45 -87.23
CA SER J 28 4.78 16.83 -90.06
CA VAL J 29 5.78 13.22 -89.76
CA ASN J 30 4.85 13.12 -86.11
CA ARG J 31 1.79 15.20 -86.65
CA HIS J 32 0.47 12.44 -88.89
CA THR J 33 1.87 9.33 -87.18
CA ARG J 34 -0.18 6.99 -85.05
CA LYS J 35 -0.11 7.94 -81.38
CA TYR J 36 -0.49 5.18 -78.85
CA TRP J 37 -0.89 4.35 -75.17
CA CYS J 38 -0.02 0.81 -74.15
CA ARG J 39 0.58 -1.16 -70.99
CA GLN J 40 3.70 -3.14 -70.32
CA GLY J 41 2.99 -6.71 -69.43
CA ALA J 42 5.04 -8.64 -66.94
CA ARG J 43 6.07 -10.69 -69.94
CA GLY J 44 7.70 -7.70 -71.56
CA GLY J 45 5.32 -6.59 -74.30
CA CYS J 46 3.15 -3.52 -74.48
CA ILE J 47 -0.45 -3.93 -75.41
CA THR J 48 -2.18 -1.00 -77.03
CA LEU J 49 -4.99 0.34 -74.87
CA ILE J 50 -5.87 3.31 -77.08
CA SER J 51 -4.57 4.74 -80.34
CA SER J 52 -5.18 7.77 -82.53
CA GLU J 53 -5.99 5.15 -85.11
CA GLY J 54 -9.36 4.72 -83.48
CA TYR J 55 -8.66 1.43 -81.75
CA VAL J 56 -9.87 1.41 -78.18
CA SER J 57 -9.38 -1.31 -75.61
CA SER J 58 -12.53 -2.92 -74.36
CA LYS J 59 -11.57 -1.95 -70.85
CA TYR J 60 -11.03 1.64 -72.01
CA ALA J 61 -14.29 2.01 -73.91
CA GLY J 62 -16.30 5.03 -72.82
CA ARG J 63 -13.88 5.89 -70.02
CA ALA J 64 -10.95 7.25 -72.02
CA ASN J 65 -10.05 9.19 -75.14
CA LEU J 66 -6.87 10.18 -76.91
CA THR J 67 -6.49 13.60 -78.48
CA ASN J 68 -3.78 14.96 -80.77
CA PHE J 69 -2.67 18.58 -80.48
CA PRO J 70 -0.37 19.24 -83.35
CA GLU J 71 0.20 22.82 -82.33
CA ASN J 72 1.58 21.77 -78.97
CA GLY J 73 3.37 18.77 -80.37
CA THR J 74 1.58 16.71 -77.80
CA PHE J 75 -1.32 14.36 -77.32
CA VAL J 76 -3.36 13.67 -74.20
CA VAL J 77 -4.76 10.45 -72.87
CA ASN J 78 -7.66 10.88 -70.50
CA ILE J 79 -8.52 7.98 -68.29
CA ALA J 80 -11.57 8.01 -66.09
CA GLN J 81 -12.97 5.55 -63.59
CA LEU J 82 -9.45 4.56 -62.57
CA SER J 83 -9.31 1.33 -60.61
CA GLN J 84 -6.60 -0.33 -58.58
CA ASP J 85 -5.97 -2.62 -61.52
CA ASP J 86 -4.94 0.43 -63.52
CA SER J 87 -1.77 0.69 -61.49
CA GLY J 88 1.13 -0.43 -63.64
CA ARG J 89 3.61 0.63 -66.27
CA TYR J 90 2.57 2.11 -69.58
CA LYS J 91 4.14 3.81 -72.56
CA CYS J 92 3.06 6.61 -74.83
CA GLY J 93 4.67 6.75 -78.22
CA LEU J 94 4.42 7.32 -81.94
CA GLY J 95 4.47 5.07 -84.94
CA ILE J 96 4.75 1.33 -84.69
CA ASN J 97 5.07 0.02 -81.16
CA SER J 98 8.25 -1.59 -82.49
CA ARG J 99 10.34 1.58 -83.10
CA GLY J 100 11.00 2.50 -79.49
CA LEU J 101 9.93 6.07 -79.94
CA SER J 102 8.02 6.22 -76.71
CA PHE J 103 8.05 7.29 -73.09
CA ASP J 104 7.62 5.13 -70.02
CA VAL J 105 4.96 6.20 -67.61
CA SER J 106 4.27 4.60 -64.29
CA LEU J 107 0.78 4.95 -62.93
CA GLU J 108 -0.12 4.16 -59.38
CA VAL J 109 -3.76 4.18 -58.49
CA SER J 110 -4.52 4.44 -54.69
CA GLN J 111 -8.25 3.33 -54.29
CA GLY J 112 -10.01 5.31 -51.21
CA PRO J 113 -7.42 5.65 -48.21
CA GLY J 114 -8.82 6.66 -44.58
CA LEU J 115 -10.63 10.10 -44.55
CA LEU J 116 -12.71 11.23 -47.58
CA ASN J 117 -15.86 9.23 -47.28
CA ASP J 118 -18.38 9.13 -44.47
CA THR J 119 -22.12 8.96 -44.04
CA LYS J 120 -23.57 12.15 -45.38
CA VAL J 121 -26.38 12.01 -42.93
CA TYR J 122 -26.96 9.94 -39.86
CA THR J 123 -30.29 9.71 -38.11
CA VAL J 124 -30.90 8.42 -34.62
CA ASP J 125 -33.49 8.43 -31.87
CA LEU J 126 -32.67 10.34 -28.73
CA GLY J 127 -31.70 7.65 -26.27
CA ARG J 128 -29.71 5.59 -28.75
CA THR J 129 -25.99 5.50 -29.36
CA VAL J 130 -24.54 6.15 -32.76
CA THR J 131 -21.33 5.26 -34.52
CA ILE J 132 -19.79 7.24 -37.33
CA ASN J 133 -17.10 5.74 -39.50
CA CYS J 134 -14.87 7.72 -41.81
CA PRO J 135 -12.35 6.15 -44.10
CA PHE J 136 -8.94 7.68 -44.89
CA LYS J 137 -5.59 7.05 -46.64
CA THR J 138 -2.02 6.09 -45.62
CA GLU J 139 -0.48 9.50 -44.99
CA ASN J 140 -3.75 10.02 -43.31
CA ALA J 141 -3.10 7.00 -41.15
CA GLN J 142 -0.47 8.88 -39.22
CA LYS J 143 -2.21 12.23 -38.99
CA ARG J 144 -4.53 13.47 -36.28
CA LYS J 145 -8.17 12.48 -36.62
CA SER J 146 -10.91 14.72 -35.37
CA LEU J 147 -14.67 15.13 -35.06
CA TYR J 148 -15.96 18.66 -34.80
CA LYS J 149 -19.20 20.61 -34.86
CA GLN J 150 -19.70 23.20 -37.54
CA ILE J 151 -20.95 26.72 -36.85
CA GLY J 152 -19.11 29.74 -35.66
CA LEU J 153 -15.71 30.85 -36.77
CA TYR J 154 -14.19 27.49 -36.18
CA PRO J 155 -15.65 24.07 -36.14
CA VAL J 156 -15.33 23.02 -32.52
CA LEU J 157 -13.39 19.84 -31.96
CA VAL J 158 -15.48 17.52 -29.83
CA ILE J 159 -12.98 14.66 -29.79
CA ASP J 160 -9.55 14.11 -31.32
CA SER J 161 -7.11 11.25 -31.78
CA SER J 162 -4.61 13.52 -30.04
CA GLY J 163 -6.00 12.63 -26.65
CA TYR J 164 -8.33 15.61 -26.48
CA VAL J 165 -11.90 15.07 -25.34
CA ASN J 166 -14.45 17.84 -24.93
CA PRO J 167 -16.20 18.04 -21.63
CA ASN J 168 -19.55 17.61 -23.28
CA TYR J 169 -18.29 14.41 -24.87
CA THR J 170 -16.13 13.16 -22.02
CA GLY J 171 -17.38 9.71 -21.11
CA ARG J 172 -20.18 10.05 -23.66
CA ILE J 173 -18.11 9.34 -26.74
CA ARG J 174 -15.01 7.63 -28.04
CA LEU J 175 -12.91 7.98 -31.18
CA ASP J 176 -10.94 4.98 -32.34
CA ILE J 177 -8.34 4.90 -35.05
CA GLN J 178 -7.91 1.96 -37.35
CA GLY J 179 -4.60 1.61 -39.05
CA THR J 180 -3.95 2.47 -42.65
CA GLY J 181 -5.11 -0.92 -43.79
CA GLN J 182 -8.44 -0.43 -42.13
CA LEU J 183 -8.17 3.24 -43.05
CA LEU J 184 -11.02 4.00 -40.74
CA PHE J 185 -11.66 5.76 -37.50
CA SER J 186 -14.85 5.46 -35.57
CA VAL J 187 -16.63 7.96 -33.41
CA VAL J 188 -19.03 6.39 -30.97
CA ILE J 189 -21.52 8.71 -29.36
CA ASN J 190 -23.98 7.61 -26.74
CA GLN J 191 -26.96 9.08 -24.95
CA LEU J 192 -27.84 11.26 -27.90
CA ARG J 193 -29.80 14.32 -26.92
CA LEU J 194 -31.72 16.93 -28.84
CA SER J 195 -28.69 19.18 -28.65
CA ASP J 196 -26.77 16.63 -30.70
CA ALA J 197 -28.59 17.30 -33.94
CA GLY J 198 -26.46 19.47 -36.16
CA GLN J 199 -23.67 19.44 -38.70
CA TYR J 200 -20.30 17.96 -37.92
CA LEU J 201 -17.21 16.96 -39.84
CA CYS J 202 -14.71 14.17 -39.49
CA GLN J 203 -11.29 14.86 -40.80
CA ALA J 204 -7.56 14.50 -40.58
CA GLY J 205 -4.91 17.02 -39.66
CA ASP J 206 -5.96 20.47 -38.54
CA ASP J 207 -9.56 21.57 -38.74
CA SER J 208 -8.78 24.55 -40.92
CA ASN J 209 -7.61 22.28 -43.64
CA SER J 210 -10.41 21.05 -45.83
CA ASN J 211 -9.45 17.45 -45.44
CA LYS J 212 -12.70 16.25 -43.98
CA LYS J 213 -16.23 15.25 -44.79
CA ASN J 214 -19.38 16.88 -43.59
CA ALA J 215 -21.85 14.75 -41.72
CA ASP J 216 -25.32 15.81 -40.72
CA LEU J 217 -26.60 14.25 -37.56
CA GLN J 218 -30.29 14.23 -37.01
CA VAL J 219 -31.51 13.30 -33.58
CA LEU J 220 -34.06 16.23 -33.16
CA LYS J 221 -37.84 14.70 -32.73
CA PRO J 222 -38.83 15.30 -29.15
CA GLU J 223 -42.24 14.19 -27.95
CA PRO J 224 -43.97 12.88 -24.94
CA GLU J 225 -42.57 9.45 -24.31
CA LEU J 226 -45.72 8.36 -22.59
CA VAL J 227 -49.13 9.92 -22.42
CA TYR J 228 -51.79 8.64 -20.07
CA GLU J 229 -55.35 9.83 -19.88
CA ASP J 230 -58.77 8.72 -18.79
CA LEU J 231 -61.56 7.56 -21.02
CA ARG J 232 -63.76 10.21 -22.55
CA GLY J 233 -61.01 12.71 -21.99
CA SER J 234 -59.35 14.81 -24.62
CA VAL J 235 -55.63 14.64 -25.11
CA THR J 236 -53.07 16.59 -27.01
CA PHE J 237 -49.66 15.47 -28.11
CA HIS J 238 -46.93 17.96 -28.85
CA CYS J 239 -44.03 17.00 -31.09
CA ALA J 240 -41.00 19.15 -31.89
CA LEU J 241 -38.76 19.34 -34.98
CA GLY J 242 -36.08 21.29 -37.02
CA PRO J 243 -35.83 23.34 -40.17
CA GLU J 244 -36.29 20.94 -43.07
CA VAL J 245 -39.08 19.82 -40.91
CA ALA J 246 -40.95 23.11 -40.92
CA ASN J 247 -42.20 22.63 -44.47
CA VAL J 248 -42.25 18.84 -44.44
CA ALA J 249 -45.49 16.93 -43.99
CA LYS J 250 -46.36 16.09 -40.41
CA PHE J 251 -48.12 12.92 -39.53
CA LEU J 252 -49.47 10.95 -36.64
CA CYS J 253 -49.73 7.24 -37.11
CA ARG J 254 -50.62 4.17 -35.12
CA GLN J 255 -48.07 1.42 -35.01
CA SER J 256 -49.30 -1.87 -36.27
CA SER J 257 -47.90 -5.33 -36.67
CA GLY J 258 -45.26 -5.47 -39.34
CA GLU J 259 -43.31 -2.46 -40.35
CA ASN J 260 -46.26 -0.28 -41.21
CA CYS J 261 -47.81 2.58 -39.35
CA ASP J 262 -51.14 3.79 -40.57
CA VAL J 263 -51.49 7.51 -40.72
CA VAL J 264 -54.36 8.65 -38.59
CA VAL J 265 -54.02 12.25 -39.69
CA ASN J 266 -51.57 14.40 -41.62
CA THR J 267 -50.70 18.03 -42.25
CA LEU J 268 -51.34 17.07 -45.88
CA GLY J 269 -55.05 17.31 -45.42
CA LYS J 270 -55.82 13.66 -45.05
CA ARG J 271 -57.96 12.73 -42.10
CA ALA J 272 -58.83 9.12 -41.34
CA PRO J 273 -62.42 8.39 -40.82
CA ALA J 274 -61.85 7.00 -37.35
CA PHE J 275 -60.27 10.33 -36.53
CA GLU J 276 -62.52 12.54 -38.64
CA GLY J 277 -64.14 15.17 -36.46
CA ARG J 278 -62.56 13.51 -33.44
CA ILE J 279 -59.05 14.85 -33.91
CA LEU J 280 -57.08 17.79 -35.23
CA LEU J 281 -53.43 18.20 -36.13
CA ASN J 282 -52.03 21.68 -36.35
CA PRO J 283 -48.55 22.77 -37.10
CA GLN J 284 -46.76 25.78 -35.76
CA ASP J 285 -43.59 26.45 -37.69
CA LYS J 286 -42.33 29.19 -35.45
CA ASP J 287 -42.42 27.15 -32.29
CA GLY J 288 -41.27 24.11 -34.19
CA SER J 289 -44.10 21.99 -32.98
CA PHE J 290 -47.29 20.47 -34.18
CA SER J 291 -50.05 19.32 -31.95
CA VAL J 292 -52.41 16.43 -32.35
CA VAL J 293 -55.61 16.86 -30.42
CA ILE J 294 -57.71 13.79 -29.88
CA THR J 295 -61.05 13.73 -28.14
CA GLY J 296 -63.43 11.03 -27.00
CA LEU J 297 -60.53 8.88 -25.88
CA ARG J 298 -61.53 5.26 -25.76
CA LYS J 299 -59.86 2.04 -24.71
CA GLU J 300 -59.19 1.53 -28.38
CA ASP J 301 -56.86 4.51 -28.22
CA ALA J 302 -54.27 2.91 -25.96
CA GLY J 303 -51.32 1.78 -28.01
CA ARG J 304 -48.11 2.92 -29.67
CA TYR J 305 -48.08 5.80 -32.09
CA LEU J 306 -45.50 7.83 -33.96
CA CYS J 307 -45.44 11.45 -34.89
CA GLY J 308 -42.96 12.41 -37.50
CA ALA J 309 -42.15 14.33 -40.62
CA HIS J 310 -42.02 13.28 -44.24
CA SER J 311 -43.05 9.78 -45.10
CA ASP J 312 -43.60 7.21 -42.38
CA GLY J 313 -41.06 4.44 -42.68
CA GLN J 314 -38.50 7.18 -43.07
CA LEU J 315 -38.32 6.66 -39.36
CA GLN J 316 -37.82 10.33 -38.90
CA GLU J 317 -40.26 10.18 -36.05
CA GLY J 318 -40.68 9.73 -32.34
CA SER J 319 -42.61 6.98 -30.67
CA PRO J 320 -45.30 7.96 -28.30
CA ILE J 321 -46.98 5.49 -26.00
CA GLN J 322 -50.56 6.24 -25.16
CA ALA J 323 -52.41 4.58 -22.36
CA TRP J 324 -55.98 5.15 -21.37
CA GLN J 325 -56.72 3.80 -18.03
CA LEU J 326 -60.17 5.02 -16.75
CA PHE J 327 -59.39 7.02 -13.49
CA VAL J 328 -59.51 10.93 -14.15
CA ASN J 329 -58.77 13.92 -11.78
CA GLU J 330 -57.59 17.10 -13.81
CA GLU J 331 -58.09 16.42 -17.77
CA SER J 332 -60.23 14.94 -19.81
CA THR J 333 -63.70 16.07 -18.24
CA ILE J 334 -65.29 19.33 -19.69
CA PRO J 335 -66.60 22.43 -18.59
CA ARG J 336 -63.30 24.04 -17.83
CA SER J 337 -62.41 26.83 -15.51
CA PRO J 338 -59.78 27.86 -13.09
CA THR J 339 -59.46 25.30 -10.35
CA VAL J 340 -58.27 27.89 -7.91
CA VAL J 341 -58.37 31.63 -8.00
CA LYS J 342 -56.58 33.84 -5.56
CA GLY J 343 -57.13 37.50 -5.01
CA VAL J 344 -56.64 39.97 -2.28
CA ALA J 345 -58.95 42.24 -0.34
CA GLY J 346 -60.77 44.97 -2.25
CA SER J 347 -59.53 43.87 -5.67
CA SER J 348 -61.88 42.61 -8.39
CA VAL J 349 -61.72 39.21 -9.98
CA ALA J 350 -63.04 37.60 -13.09
CA VAL J 351 -63.66 33.92 -13.64
CA LEU J 352 -64.05 32.41 -17.07
CA CYS J 353 -65.61 29.01 -17.76
CA PRO J 354 -65.84 27.25 -21.12
CA TYR J 355 -68.75 25.12 -22.52
CA ASN J 356 -70.32 23.21 -25.57
CA ARG J 357 -73.12 23.65 -28.17
CA LYS J 358 -76.28 22.68 -26.33
CA GLU J 359 -74.68 24.62 -23.61
CA SER J 360 -74.63 27.81 -25.65
CA LYS J 361 -78.38 28.12 -25.15
CA SER J 362 -78.66 26.80 -21.61
CA ILE J 363 -78.68 28.87 -18.45
CA LYS J 364 -75.31 29.72 -16.95
CA TYR J 365 -74.86 30.07 -13.27
CA TRP J 366 -72.41 30.77 -10.48
CA CYS J 367 -72.98 29.19 -7.07
CA LEU J 368 -71.37 28.83 -3.69
CA TRP J 369 -71.07 25.34 -2.31
CA GLU J 370 -72.91 24.61 0.91
CA GLY J 371 -71.70 22.10 3.43
CA ALA J 372 -74.15 19.43 4.52
CA GLN J 373 -74.95 15.84 3.82
CA ASN J 374 -77.35 17.29 1.33
CA GLY J 375 -76.40 20.80 0.47
CA ARG J 376 -77.16 22.95 -2.48
CA CYS J 377 -74.96 25.54 -4.02
CA PRO J 378 -76.82 28.73 -3.69
CA LEU J 379 -77.42 30.48 -6.98
CA LEU J 380 -75.30 33.57 -6.64
CA VAL J 381 -75.87 34.94 -10.16
CA ASP J 382 -77.46 33.49 -13.29
CA SER J 383 -77.70 34.18 -17.02
CA GLU J 384 -81.44 34.26 -16.48
CA GLY J 385 -81.41 37.69 -15.00
CA TRP J 386 -81.28 36.64 -11.39
CA VAL J 387 -78.73 38.18 -9.08
CA LYS J 388 -78.40 37.50 -5.38
CA ALA J 389 -78.69 40.32 -2.92
CA GLN J 390 -75.12 39.97 -1.78
CA TYR J 391 -73.90 40.13 -5.35
CA GLU J 392 -76.35 42.70 -6.72
CA GLY J 393 -74.33 45.55 -8.16
CA ARG J 394 -71.11 43.92 -6.99
CA LEU J 395 -70.89 41.25 -9.66
CA SER J 396 -71.78 40.48 -13.25
CA LEU J 397 -72.17 37.39 -15.40
CA LEU J 398 -71.68 37.65 -19.13
CA GLU J 399 -72.03 34.92 -21.70
CA GLU J 400 -70.40 34.93 -25.09
CA PRO J 401 -71.54 31.96 -27.03
CA GLY J 402 -69.17 32.23 -29.94
CA ASN J 403 -66.22 31.92 -27.63
CA GLY J 404 -67.98 29.31 -25.58
CA THR J 405 -67.33 31.15 -22.40
CA PHE J 406 -69.11 33.16 -19.78
CA THR J 407 -67.39 35.40 -17.32
CA VAL J 408 -68.29 36.22 -13.78
CA ILE J 409 -66.84 39.45 -12.59
CA LEU J 410 -66.87 40.17 -8.90
CA ASN J 411 -65.75 43.37 -7.25
CA GLN J 412 -65.11 44.42 -3.68
CA LEU J 413 -63.83 41.01 -2.70
CA THR J 414 -64.15 40.59 1.02
CA SER J 415 -63.20 37.99 3.58
CA ARG J 416 -66.64 36.48 3.12
CA ASP J 417 -65.84 35.67 -0.49
CA ALA J 418 -63.24 32.99 0.15
CA GLY J 419 -64.85 29.63 -0.38
CA PHE J 420 -65.91 27.04 -2.93
CA TYR J 421 -67.97 27.96 -5.93
CA TRP J 422 -69.24 26.30 -9.07
CA CYS J 423 -69.87 27.59 -12.57
CA LEU J 424 -72.23 25.43 -14.50
CA THR J 425 -74.89 25.14 -17.17
CA ASN J 426 -78.59 24.32 -16.70
CA GLY J 427 -79.79 23.23 -13.29
CA ASP J 428 -77.46 23.29 -10.30
CA THR J 429 -78.23 19.71 -9.34
CA LEU J 430 -77.20 18.30 -12.70
CA TRP J 431 -73.59 18.85 -11.72
CA ARG J 432 -72.49 19.74 -15.21
CA THR J 433 -70.29 22.34 -13.60
CA THR J 434 -66.72 22.95 -12.63
CA VAL J 435 -65.63 23.58 -9.09
CA GLU J 436 -63.62 26.67 -8.38
CA ILE J 437 -61.92 27.54 -5.14
CA LYS J 438 -61.57 31.20 -4.42
CA ILE J 439 -59.24 32.44 -1.76
CA ILE J 440 -59.41 36.09 -0.91
CA GLU J 441 -57.10 38.69 1.11
CA GLY J 442 -59.17 39.64 4.36
CA GLU J 443 -59.42 37.18 7.42
CA PRO J 444 -62.43 39.24 9.19
CA ASN J 445 -63.35 39.43 12.95
CA LEU J 446 -62.48 37.18 16.06
CA LYS J 447 -62.81 36.78 19.77
CA VAL J 448 -60.94 34.39 22.00
CA PRO J 449 -59.38 34.05 25.37
CA GLY J 450 -56.03 35.46 24.52
CA ASN J 451 -54.78 34.05 27.78
CA VAL J 452 -54.94 30.52 29.05
CA THR J 453 -53.10 28.81 31.86
CA ALA J 454 -52.74 25.12 32.50
CA VAL J 455 -50.45 22.64 34.15
CA LEU J 456 -48.41 20.09 32.31
CA GLY J 457 -50.24 16.86 31.71
CA GLU J 458 -53.60 18.56 31.66
CA THR J 459 -56.00 19.07 28.80
CA LEU J 460 -57.01 22.52 27.68
CA LYS J 461 -59.80 23.89 25.52
CA VAL J 462 -60.10 27.31 23.96
CA PRO J 463 -63.08 28.77 22.20
CA CYS J 464 -63.02 31.19 19.27
CA HIS J 465 -65.85 33.21 17.73
CA PHE J 466 -66.38 34.28 14.13
CA PRO J 467 -68.94 35.18 11.51
CA CYS J 468 -71.12 33.02 9.23
CA LYS J 469 -69.12 33.47 6.04
CA PHE J 470 -66.30 32.27 8.16
CA SER J 471 -68.42 29.26 8.98
CA SER J 472 -67.37 27.76 5.66
CA TYR J 473 -63.75 28.92 5.99
CA GLU J 474 -61.02 26.63 7.26
CA LYS J 475 -60.43 27.07 10.96
CA TYR J 476 -56.95 26.81 12.32
CA TRP J 477 -54.86 26.84 15.45
CA CYS J 478 -51.26 27.93 14.98
CA LYS J 479 -48.17 28.02 17.10
CA TRP J 480 -45.89 30.99 17.44
CA ASN J 481 -42.20 30.88 16.63
CA ASN J 482 -42.84 29.00 13.45
CA THR J 483 -42.49 30.12 9.91
CA GLY J 484 -45.37 32.48 10.01
CA CYS J 485 -47.55 30.59 12.39
CA GLN J 486 -46.97 26.90 12.71
CA ALA J 487 -50.10 25.16 11.65
CA LEU J 488 -51.25 22.92 14.42
CA PRO J 489 -54.68 21.47 14.04
CA SER J 490 -56.98 22.82 11.38
CA GLN J 491 -60.46 21.95 10.30
CA ASP J 492 -58.86 18.55 10.26
CA GLU J 493 -57.83 16.63 13.41
CA GLY J 494 -54.73 15.75 15.45
CA PRO J 495 -53.42 15.25 18.96
CA SER J 496 -56.57 16.78 20.17
CA LYS J 497 -59.73 18.09 18.70
CA ALA J 498 -60.88 21.21 16.98
CA PHE J 499 -64.61 21.41 16.69
CA VAL J 500 -66.49 23.86 14.63
CA ASN J 501 -70.06 24.85 15.07
CA CYS J 502 -71.34 26.07 11.77
CA ASP J 503 -73.74 28.83 10.94
CA GLU J 504 -76.03 27.90 13.78
CA ASN J 505 -73.41 28.63 16.38
CA SER J 506 -70.31 30.24 15.16
CA ARG J 507 -67.63 28.97 17.42
CA LEU J 508 -64.62 26.75 17.18
CA VAL J 509 -63.31 24.86 20.14
CA SER J 510 -59.82 23.57 20.28
CA LEU J 511 -59.00 21.03 22.87
CA THR J 512 -55.49 19.89 23.53
CA LEU J 513 -54.56 16.83 25.48
CA ASN J 514 -51.47 15.94 27.43
CA LEU J 515 -50.05 19.40 27.58
CA VAL J 516 -47.44 17.76 29.72
CA THR J 517 -45.00 19.33 27.39
CA ARG J 518 -43.29 22.60 28.13
CA ALA J 519 -43.30 23.10 24.40
CA ASP J 520 -46.99 23.81 24.52
CA GLU J 521 -46.52 27.04 26.41
CA GLY J 522 -46.17 29.88 23.96
CA TRP J 523 -48.14 32.23 21.76
CA TYR J 524 -50.77 30.85 19.46
CA TRP J 525 -53.34 32.10 17.01
CA CYS J 526 -56.85 31.00 16.21
CA GLY J 527 -58.27 32.11 12.93
CA VAL J 528 -60.06 31.37 9.71
CA LYS J 529 -58.82 30.95 6.17
CA GLN J 530 -55.10 30.92 5.51
CA GLY J 531 -52.71 31.79 8.30
CA HIS J 532 -51.16 34.55 6.22
CA PHE J 533 -54.44 36.41 6.01
CA TYR J 534 -54.05 37.21 9.70
CA GLY J 535 -57.75 37.11 10.24
CA GLU J 536 -57.20 35.64 13.64
CA THR J 537 -56.86 36.25 17.34
CA ALA J 538 -53.76 35.88 19.45
CA ALA J 539 -53.84 33.66 22.46
CA VAL J 540 -51.14 33.16 25.01
CA TYR J 541 -50.90 29.83 26.68
CA VAL J 542 -48.82 29.24 29.73
CA ALA J 543 -48.11 25.71 30.75
CA VAL J 544 -63.78 37.97 19.79
CA GLU J 545 -60.56 39.28 21.41
CA GLU J 546 -60.40 40.15 25.11
CA ARG J 547 -59.38 43.12 26.13
CA LYS J 548 -57.29 45.44 23.90
CA ALA J 549 -57.66 44.93 20.01
CA ALA J 550 -53.90 44.02 19.66
CA GLY J 551 -51.77 41.46 17.62
CA SER J 552 -49.62 41.44 15.45
CA ARG J 553 -47.64 38.07 14.79
CA ASP J 554 -47.26 36.58 18.31
CA VAL J 555 -50.80 35.81 19.70
CA SER J 556 -52.22 32.29 18.91
CA LEU J 557 -55.49 31.77 17.14
CA ALA J 558 -56.33 28.75 16.67
CA LYS J 559 -58.01 28.37 19.32
CA ALA J 560 -58.37 31.86 21.28
CA ASP J 561 -55.20 32.60 23.62
CA ALA J 562 -56.71 34.80 26.52
CA ALA J 563 -54.63 36.22 28.41
CA PRO J 564 -52.76 37.56 25.17
CA ASP J 565 -49.37 36.74 27.24
CA GLU J 566 -50.21 33.03 28.34
CA LYS J 567 -47.13 31.43 26.91
CA VAL J 568 -46.49 28.15 26.98
CA LEU J 569 -44.73 26.19 29.54
CA ASP J 570 -44.38 29.56 31.22
CA SER J 571 -41.65 29.01 34.02
CA GLY J 572 -38.99 27.83 32.44
CA PHE J 573 -38.08 26.59 29.76
CA ARG J 574 -36.79 22.74 28.86
CA GLU J 575 -39.35 19.93 28.17
CA ILE J 576 -38.26 16.09 28.33
CA GLU J 577 -41.21 14.91 28.78
CA ASN J 578 -43.97 14.70 31.58
CA LYS J 579 -42.69 16.08 34.12
CA ALA J 580 -39.54 16.57 34.11
CA ILE J 581 -39.30 12.66 33.78
CA GLN J 582 -41.91 10.82 36.08
CA ASP J 583 -44.31 7.84 34.84
CA PRO J 584 -46.10 5.09 37.11
CA ARG J 585 -47.02 2.93 33.78
CA GLN A 1 55.15 33.13 -97.15
CA VAL A 2 53.79 29.78 -95.98
CA LYS A 3 55.94 27.02 -97.50
CA LEU A 4 56.42 27.57 -101.27
CA LEU A 5 54.13 24.86 -102.63
CA GLU A 6 51.68 23.61 -99.97
CA GLN A 7 49.76 20.50 -101.08
CA SER A 8 46.68 18.76 -99.64
CA GLY A 9 46.12 15.77 -97.33
CA ALA A 10 46.02 11.98 -97.59
CA GLU A 11 42.64 10.93 -99.01
CA VAL A 12 41.53 7.37 -98.23
CA LYS A 13 39.63 6.15 -101.30
CA LYS A 14 37.88 2.81 -101.77
CA PRO A 15 38.92 0.88 -104.95
CA GLY A 16 36.96 2.26 -107.88
CA ALA A 17 36.66 5.86 -106.66
CA SER A 18 38.09 9.25 -107.63
CA VAL A 19 40.87 11.38 -106.08
CA LYS A 20 41.74 15.07 -106.56
CA VAL A 21 44.98 16.38 -105.04
CA SER A 22 45.71 20.12 -105.16
CA CYS A 23 48.95 22.16 -105.17
CA LYS A 24 48.84 25.71 -103.79
CA ALA A 25 51.66 28.06 -104.81
CA SER A 26 53.05 31.30 -103.36
CA GLY A 27 55.98 33.69 -103.25
CA TYR A 28 56.52 33.52 -107.01
CA SER A 29 54.58 34.24 -110.20
CA PHE A 30 52.16 31.42 -111.07
CA THR A 31 51.69 32.15 -114.79
CA SER A 32 55.46 32.00 -115.43
CA TYR A 33 56.34 28.46 -114.28
CA GLY A 34 54.98 24.96 -114.88
CA LEU A 35 54.20 22.09 -112.48
CA HIS A 36 55.06 18.38 -112.79
CA TRP A 37 53.51 15.51 -110.81
CA VAL A 38 55.66 12.67 -109.46
CA ARG A 39 54.68 9.87 -107.05
CA GLN A 40 56.38 7.02 -105.14
CA ALA A 41 55.11 3.57 -104.12
CA PRO A 42 56.15 2.26 -100.65
CA GLY A 43 59.57 0.72 -101.26
CA GLN A 44 59.85 1.66 -104.94
CA ARG A 45 61.34 4.43 -107.13
CA LEU A 46 59.73 7.75 -108.13
CA GLU A 47 57.49 7.65 -111.21
CA TRP A 48 56.63 10.70 -113.34
CA MET A 49 52.89 11.14 -113.96
CA GLY A 50 52.62 14.32 -116.01
CA TRP A 51 52.89 18.09 -116.42
CA ILE A 52 50.70 21.16 -116.96
CA SER A 53 51.58 24.72 -117.99
CA ALA A 54 50.10 27.44 -115.77
CA GLY A 55 50.15 29.96 -118.63
CA THR A 56 48.18 28.29 -121.41
CA GLY A 57 46.92 25.03 -119.90
CA ASN A 58 48.54 22.38 -122.12
CA THR A 59 48.53 18.81 -120.80
CA LYS A 60 51.46 16.40 -121.25
CA TYR A 61 51.14 13.12 -119.33
CA SER A 62 52.72 9.67 -119.77
CA GLN A 63 51.28 6.69 -121.66
CA LYS A 64 51.06 4.74 -118.40
CA PHE A 65 47.94 6.39 -116.96
CA ARG A 66 46.37 6.94 -120.39
CA GLY A 67 42.63 7.51 -120.16
CA ARG A 68 42.28 8.07 -116.41
CA VAL A 69 44.38 11.15 -115.57
CA THR A 70 43.55 14.85 -115.84
CA PHE A 71 45.17 18.16 -114.89
CA THR A 72 43.34 21.42 -114.14
CA ARG A 73 44.49 24.87 -112.97
CA ASP A 74 42.74 27.91 -111.47
CA THR A 75 44.38 31.18 -112.57
CA SER A 76 42.89 33.52 -109.95
CA ALA A 77 43.27 30.99 -107.11
CA THR A 78 46.92 29.97 -107.61
CA THR A 79 46.38 26.21 -107.17
CA ALA A 80 47.07 23.22 -109.43
CA TYR A 81 45.00 20.02 -109.57
CA MET A 82 45.28 16.33 -110.50
CA GLY A 83 42.61 13.71 -111.19
CA LEU A 84 42.68 9.89 -111.31
CA SER A 85 39.63 7.65 -111.81
CA SER A 86 39.32 3.87 -111.32
CA LEU A 87 41.75 3.62 -108.38
CA ARG A 88 43.39 0.26 -107.63
CA PRO A 89 45.10 -1.38 -104.58
CA GLU A 90 48.49 -0.70 -106.21
CA ASP A 91 48.11 3.09 -106.39
CA THR A 92 49.12 3.49 -102.72
CA ALA A 93 51.86 6.10 -103.15
CA VAL A 94 53.08 9.52 -102.05
CA TYR A 95 52.33 12.12 -104.72
CA TYR A 96 54.31 15.36 -105.18
CA CYS A 97 53.92 18.49 -107.32
CA ALA A 98 57.29 19.85 -108.46
CA ARG A 99 57.82 23.17 -110.27
CA ASP A 100 59.20 23.92 -113.76
CA PRO A 101 62.19 26.36 -113.69
CA TYR A 102 61.83 26.91 -117.45
CA GLY A 103 58.21 26.36 -118.46
CA GLY A 104 59.09 23.91 -121.22
CA GLY A 105 57.74 20.63 -119.88
CA LYS A 106 61.08 18.81 -119.85
CA SER A 107 63.66 19.64 -117.16
CA GLU A 108 64.65 19.26 -113.49
CA PHE A 109 62.71 19.94 -110.27
CA ASP A 110 63.90 22.66 -107.89
CA TYR A 111 60.88 22.89 -105.55
CA TRP A 112 59.06 19.89 -104.09
CA GLY A 113 55.97 19.79 -101.87
CA GLN A 114 55.21 17.83 -98.69
CA GLY A 115 53.53 14.92 -100.45
CA THR A 116 50.09 13.29 -100.27
CA LEU A 117 49.74 9.59 -99.39
CA VAL A 118 46.60 8.26 -101.08
CA THR A 119 45.89 4.75 -99.81
CA VAL A 120 43.33 2.73 -101.78
CA SER A 121 41.85 -0.05 -99.63
CA SER A 122 38.31 -1.37 -99.07
CA ALA A 123 38.94 -2.13 -95.38
CA SER A 124 36.94 -0.03 -92.90
CA PRO A 125 39.34 2.77 -91.80
CA THR A 126 39.32 3.72 -88.12
CA SER A 127 40.50 6.67 -86.02
CA PRO A 128 43.56 6.09 -83.76
CA LYS A 129 43.24 5.89 -79.97
CA VAL A 130 46.02 7.92 -78.34
CA PHE A 131 47.17 6.76 -74.88
CA PRO A 132 49.51 8.45 -72.38
CA LEU A 133 52.63 6.39 -71.65
CA SER A 134 53.54 7.96 -68.32
CA LEU A 135 55.82 5.93 -66.03
CA ASP A 136 55.68 4.87 -62.37
CA SER A 137 59.28 5.58 -61.36
CA THR A 138 60.61 2.69 -63.48
CA PRO A 139 63.48 4.69 -65.07
CA GLN A 140 66.38 6.38 -63.28
CA ASP A 141 67.28 9.65 -61.54
CA GLY A 142 68.59 12.07 -64.14
CA ASN A 143 66.16 12.00 -67.06
CA VAL A 144 62.41 11.44 -67.40
CA VAL A 145 61.03 9.40 -70.31
CA VAL A 146 57.43 10.08 -71.41
CA ALA A 147 55.49 8.97 -74.52
CA CYS A 148 52.17 8.86 -76.38
CA LEU A 149 50.96 5.54 -77.81
CA VAL A 150 48.72 6.14 -80.85
CA GLN A 151 47.04 2.74 -81.28
CA GLY A 152 44.67 1.40 -83.94
CA PHE A 153 44.57 3.32 -87.22
CA PHE A 154 44.11 2.22 -90.82
CA PRO A 155 45.82 2.99 -93.09
CA GLN A 156 49.27 4.07 -91.85
CA GLU A 157 49.23 7.68 -93.12
CA PRO A 158 51.83 10.46 -92.59
CA LEU A 159 51.42 11.07 -88.84
CA SER A 160 52.62 14.53 -87.79
CA VAL A 161 53.37 14.78 -84.06
CA THR A 162 54.66 17.87 -82.24
CA TRP A 163 55.21 18.07 -78.47
CA SER A 164 54.84 21.39 -76.64
CA GLU A 165 58.33 21.75 -75.16
CA SER A 166 61.56 22.08 -77.15
CA GLY A 167 65.20 22.92 -76.49
CA GLN A 168 68.73 21.51 -76.52
CA ASN A 169 68.77 18.61 -74.05
CA VAL A 170 65.36 17.30 -75.16
CA THR A 171 64.92 14.66 -77.87
CA ALA A 172 61.77 13.47 -79.66
CA ARG A 173 61.58 10.38 -81.89
CA ASN A 174 58.75 9.39 -84.26
CA PHE A 175 58.48 5.58 -84.30
CA PRO A 176 57.68 3.92 -87.68
CA PRO A 177 54.24 2.30 -88.30
CA SER A 178 53.92 -1.46 -87.69
CA GLN A 179 51.35 -4.05 -88.83
CA ASP A 180 49.59 -6.80 -86.86
CA ALA A 181 48.10 -9.92 -88.47
CA SER A 182 47.47 -9.26 -92.18
CA GLY A 183 46.61 -5.55 -92.32
CA ASP A 184 43.86 -5.30 -89.70
CA LEU A 185 45.34 -2.26 -87.94
CA TYR A 186 48.46 -0.08 -87.61
CA THR A 187 50.07 1.31 -84.43
CA THR A 188 52.65 4.01 -83.60
CA SER A 189 54.13 6.02 -80.74
CA SER A 190 55.78 9.34 -79.87
CA GLN A 191 58.47 9.63 -77.17
CA LEU A 192 60.16 12.62 -75.53
CA THR A 193 63.25 12.08 -73.38
CA LEU A 194 63.96 15.18 -71.28
CA PRO A 195 66.11 16.02 -68.22
CA ALA A 196 64.39 15.95 -64.81
CA THR A 197 65.16 19.65 -64.34
CA GLN A 198 62.67 20.43 -67.14
CA CYS A 199 59.31 18.86 -66.16
CA PRO A 200 58.30 20.84 -63.03
CA ASP A 201 56.49 19.08 -60.15
CA GLY A 202 52.78 19.62 -60.76
CA LYS A 203 52.51 20.16 -64.53
CA SER A 204 52.45 18.09 -67.74
CA VAL A 205 53.46 18.04 -71.42
CA THR A 206 50.95 17.81 -74.28
CA CYS A 207 51.50 15.66 -77.39
CA HIS A 208 49.69 16.73 -80.57
CA VAL A 209 49.01 13.95 -83.09
CA LYS A 210 47.64 14.73 -86.55
CA HIS A 211 46.48 12.12 -89.07
CA TYR A 212 45.33 13.50 -92.44
CA THR A 213 43.59 16.91 -92.30
CA ASN A 214 41.49 15.51 -89.44
CA PRO A 215 41.32 17.65 -86.24
CA SER A 216 44.51 17.45 -84.17
CA GLN A 217 43.98 15.24 -81.11
CA ASP A 218 45.65 16.78 -78.05
CA VAL A 219 46.52 14.74 -74.93
CA THR A 220 47.86 15.92 -71.56
CA VAL A 221 50.86 13.67 -70.76
CA PRO A 222 51.93 14.09 -67.08
CA CYS A 223 55.18 13.40 -65.21
CA PRO A 224 56.12 14.55 -61.40
CA VAL A 225 54.77 13.69 -57.90
CA PRO A 226 52.58 15.70 -55.18
CA PRO A 227 53.07 15.25 -51.41
CA PRO A 228 49.92 15.25 -48.98
CA PRO A 229 49.43 18.68 -46.78
CA PRO A 230 49.23 18.04 -43.03
CA CYS A 231 48.27 20.75 -40.37
CA CYS A 232 47.26 19.98 -36.75
CA HIS A 233 45.08 21.59 -34.10
CA PRO A 234 45.47 21.46 -30.16
CA ARG A 235 43.28 18.93 -28.28
CA LEU A 236 43.31 15.56 -26.44
CA SER A 237 40.62 12.86 -26.22
CA LEU A 238 40.31 9.32 -24.85
CA HIS A 239 38.52 6.37 -26.47
CA ARG A 240 36.85 3.79 -24.23
CA PRO A 241 36.97 0.16 -25.48
CA ALA A 242 33.89 -1.54 -26.93
CA LEU A 243 31.47 -3.39 -24.66
CA GLU A 244 30.76 -6.36 -26.94
CA ASP A 245 34.48 -7.11 -27.38
CA LEU A 246 35.66 -7.09 -23.73
CA LEU A 247 32.76 -9.25 -22.52
CA LEU A 248 33.15 -12.13 -24.98
CA GLY A 249 36.89 -12.81 -24.78
CA SER A 250 38.70 -10.30 -22.53
CA GLU A 251 40.12 -8.43 -25.54
CA ALA A 252 40.03 -4.75 -24.54
CA ASN A 253 42.13 -1.65 -25.28
CA LEU A 254 41.96 2.04 -24.37
CA THR A 255 43.28 4.54 -26.93
CA CYS A 256 44.85 7.92 -26.05
CA THR A 257 45.00 9.96 -29.26
CA LEU A 258 46.15 13.60 -29.48
CA THR A 259 44.37 15.03 -32.53
CA GLY A 260 45.47 18.67 -32.91
CA LEU A 261 48.66 20.61 -32.04
CA ARG A 262 51.11 22.35 -34.49
CA ASP A 263 54.04 20.48 -36.25
CA ALA A 264 57.51 18.96 -35.80
CA SER A 265 58.12 17.41 -32.38
CA GLY A 266 57.97 14.01 -30.66
CA ALA A 267 55.69 13.34 -27.68
CA THR A 268 56.04 10.77 -24.89
CA PHE A 269 53.61 8.85 -22.63
CA THR A 270 53.18 7.76 -19.00
CA TRP A 271 50.50 5.04 -18.78
CA THR A 272 49.44 3.52 -15.47
CA PRO A 273 49.37 -0.29 -14.96
CA SER A 274 46.17 -2.27 -14.35
CA SER A 275 45.13 -4.42 -11.39
CA GLY A 276 47.28 -7.23 -12.76
CA LYS A 277 50.35 -4.97 -12.85
CA SER A 278 50.87 -4.83 -16.63
CA ALA A 279 51.77 -1.89 -18.87
CA VAL A 280 52.24 -2.28 -22.64
CA GLN A 281 52.31 0.52 -25.24
CA GLY A 282 53.59 1.41 -28.71
CA PRO A 283 52.65 4.90 -30.05
CA PRO A 284 53.46 5.39 -33.77
CA GLU A 285 53.45 8.56 -35.90
CA ARG A 286 50.87 8.91 -38.71
CA ASP A 287 50.34 11.91 -41.01
CA LEU A 288 46.89 13.54 -40.81
CA CYS A 289 46.10 16.71 -42.79
CA GLY A 290 49.83 17.15 -43.27
CA CYS A 291 50.47 17.09 -39.53
CA TYR A 292 52.19 14.24 -37.46
CA SER A 293 50.09 12.12 -35.03
CA VAL A 294 50.97 10.26 -31.80
CA SER A 295 48.39 7.65 -30.67
CA SER A 296 49.04 4.95 -28.05
CA VAL A 297 46.92 1.92 -27.07
CA LEU A 298 47.03 0.22 -23.64
CA PRO A 299 45.66 -3.37 -23.83
CA GLY A 300 43.76 -4.11 -20.62
CA CYS A 301 41.93 -7.07 -19.11
CA ALA A 302 38.24 -7.52 -18.25
CA GLN A 303 38.52 -7.72 -14.45
CA PRO A 304 39.94 -4.19 -13.90
CA TRP A 305 37.16 -2.68 -16.02
CA ASN A 306 34.50 -4.71 -14.21
CA HIS A 307 35.89 -3.79 -10.79
CA GLY A 308 36.65 -0.20 -11.76
CA GLU A 309 40.30 0.87 -12.05
CA THR A 310 41.53 4.38 -12.88
CA PHE A 311 43.06 4.44 -16.38
CA THR A 312 45.02 7.69 -16.79
CA CYS A 313 47.15 8.98 -19.71
CA THR A 314 49.65 11.84 -19.46
CA ALA A 315 51.25 13.31 -22.60
CA ALA A 316 54.06 15.82 -21.91
CA HIS A 317 55.77 18.13 -24.39
CA PRO A 318 58.06 21.17 -24.36
CA GLU A 319 55.37 23.62 -25.52
CA LEU A 320 52.65 21.55 -23.89
CA LYS A 321 54.41 22.64 -20.73
CA THR A 322 51.50 21.54 -18.58
CA PRO A 323 51.27 17.75 -19.14
CA LEU A 324 47.60 17.08 -19.85
CA THR A 325 46.17 14.46 -17.49
CA ALA A 326 43.10 12.44 -18.52
CA ASN A 327 41.34 9.77 -16.44
CA ILE A 328 38.41 7.49 -17.33
CA THR A 329 36.48 4.94 -15.25
CA LYS A 330 32.98 3.42 -15.12
CA SER A 331 29.98 5.40 -13.90
CA GLY A 332 27.39 5.50 -11.13
CA ASN A 333 26.89 3.27 -8.10
CA THR A 334 25.53 -0.31 -7.94
CA PHE A 335 21.82 -1.20 -8.11
CA ARG A 336 20.44 -4.77 -7.89
CA PRO A 337 18.52 -5.89 -11.02
CA GLU A 338 14.94 -7.14 -10.68
CA VAL A 339 14.15 -9.78 -13.31
CA HIS A 340 10.50 -10.30 -14.33
CA LEU A 341 9.78 -13.10 -16.83
CA LEU A 342 6.64 -12.38 -18.89
CA PRO A 343 4.41 -15.04 -20.52
CA PRO A 344 3.11 -14.74 -24.13
CA PRO A 345 -0.22 -12.90 -24.54
CA SER A 346 -3.59 -14.42 -25.47
CA GLU A 347 -3.71 -13.06 -29.03
CA GLU A 348 -0.16 -14.27 -29.71
CA LEU A 349 -1.19 -17.92 -29.35
CA ALA A 350 -2.89 -17.55 -32.74
CA LEU A 351 0.44 -17.69 -34.61
CA ASN A 352 2.52 -20.80 -35.37
CA GLU A 353 6.28 -20.62 -36.02
CA LEU A 354 7.26 -18.11 -33.29
CA VAL A 355 6.36 -17.29 -29.66
CA THR A 356 7.87 -14.35 -27.73
CA LEU A 357 9.18 -14.92 -24.19
CA THR A 358 9.95 -11.56 -22.56
CA CYS A 359 11.97 -11.40 -19.33
CA LEU A 360 12.42 -7.77 -18.23
CA ALA A 361 15.20 -6.79 -15.84
CA ARG A 362 15.01 -3.20 -14.58
CA GLY A 363 16.40 -1.32 -11.60
CA PHE A 364 20.10 -1.74 -12.33
CA SER A 365 23.27 0.34 -12.65
CA PRO A 366 25.63 0.51 -14.41
CA LYS A 367 24.26 -0.50 -17.83
CA ASP A 368 26.75 -3.38 -18.10
CA VAL A 369 24.61 -6.53 -17.99
CA LEU A 370 24.89 -9.86 -19.84
CA VAL A 371 21.59 -11.61 -20.56
CA ARG A 372 21.25 -15.18 -21.93
CA TRP A 373 18.63 -17.93 -22.33
CA LEU A 374 18.55 -21.71 -21.80
CA GLN A 375 16.48 -24.79 -22.67
CA GLY A 376 14.92 -26.98 -19.99
CA SER A 377 14.52 -30.31 -21.83
CA GLN A 378 17.69 -30.45 -23.95
CA GLU A 379 19.59 -28.65 -21.14
CA LEU A 380 21.39 -26.59 -23.80
CA PRO A 381 21.47 -22.79 -24.31
CA ARG A 382 19.11 -21.13 -26.80
CA GLU A 383 20.07 -19.46 -30.10
CA LYS A 384 17.21 -17.17 -31.20
CA TYR A 385 17.00 -14.10 -28.91
CA LEU A 386 17.76 -10.35 -28.94
CA THR A 387 18.78 -7.57 -26.51
CA TRP A 388 17.64 -3.93 -26.28
CA ALA A 389 19.23 -0.80 -24.75
CA SER A 390 18.27 2.75 -23.69
CA ARG A 391 19.20 5.03 -20.76
CA GLN A 392 16.68 6.71 -18.44
CA GLU A 393 17.85 10.31 -17.90
CA PRO A 394 14.93 12.59 -16.91
CA SER A 395 15.06 16.11 -15.46
CA GLN A 396 14.70 14.90 -11.86
CA GLY A 397 17.16 13.03 -9.65
CA THR A 398 16.34 9.43 -10.57
CA THR A 399 18.28 7.20 -12.99
CA THR A 400 18.32 3.37 -13.38
CA PHE A 401 18.89 1.29 -16.53
CA ALA A 402 16.46 -1.45 -17.61
CA VAL A 403 16.46 -4.16 -20.30
CA THR A 404 14.18 -6.47 -22.31
CA SER A 405 14.86 -9.96 -23.70
CA ILE A 406 12.89 -11.77 -26.41
CA LEU A 407 13.17 -15.54 -26.93
CA ARG A 408 11.29 -16.77 -30.02
CA VAL A 409 10.49 -20.48 -29.71
CA ALA A 410 7.83 -22.70 -31.33
CA ALA A 411 4.10 -22.73 -30.59
CA GLU A 412 3.83 -26.49 -30.11
CA ASP A 413 6.81 -26.61 -27.73
CA TRP A 414 5.45 -23.93 -25.37
CA LYS A 415 2.39 -26.12 -24.76
CA LYS A 416 4.30 -29.35 -24.06
CA GLY A 417 5.40 -28.17 -20.64
CA ASP A 418 9.02 -27.10 -21.10
CA THR A 419 10.70 -24.61 -18.73
CA PHE A 420 12.71 -21.67 -20.13
CA SER A 421 15.47 -19.83 -18.18
CA CYS A 422 16.49 -16.15 -18.47
CA MET A 423 19.89 -15.77 -16.77
CA VAL A 424 21.01 -12.22 -15.99
CA GLY A 425 24.50 -11.23 -14.85
CA HIS A 426 25.37 -7.98 -13.07
CA GLU A 427 27.80 -6.78 -10.38
CA ALA A 428 25.20 -5.90 -7.74
CA LEU A 429 23.84 -9.46 -7.88
CA PRO A 430 24.45 -11.91 -4.97
CA LEU A 431 26.80 -14.21 -6.92
CA ALA A 432 27.10 -11.98 -10.01
CA PHE A 433 24.46 -14.28 -11.51
CA THR A 434 20.68 -14.62 -11.14
CA GLN A 435 18.17 -16.83 -12.98
CA LYS A 436 14.36 -16.77 -13.19
CA THR A 437 12.11 -19.19 -15.11
CA ILE A 438 8.84 -19.36 -17.07
CA ASP A 439 6.50 -22.34 -17.36
CA ARG A 440 3.04 -22.88 -18.91
CA LEU A 441 2.12 -24.86 -15.79
CA ALA A 442 0.98 -22.14 -13.41
CA GLY A 443 0.05 -23.12 -9.88
CA LYS A 444 -1.30 -20.34 -7.67
CA PRO A 445 0.70 -20.63 -4.41
CA THR A 446 2.72 -17.45 -4.97
CA HIS A 447 5.69 -17.64 -7.35
CA VAL A 448 8.00 -20.53 -6.46
CA ASN A 449 11.41 -21.30 -7.99
CA VAL A 450 12.95 -24.69 -8.88
CA SER A 451 15.02 -26.89 -6.55
CA VAL A 452 18.81 -27.28 -6.32
CA VAL A 453 20.89 -29.10 -8.94
CA MET A 454 24.59 -29.59 -8.11
CA ALA A 455 26.32 -29.36 -4.72
CA GLU A 456 29.69 -29.66 -2.94
CA VAL A 457 31.38 -28.54 -6.18
CA ASP A 458 31.92 -24.79 -6.49
CA GLY A 459 35.39 -24.92 -8.02
CA THR A 460 37.84 -24.14 -5.21
CA CYS A 461 37.37 -27.71 -3.94
CA TYR A 462 37.64 -29.94 -7.03
CA GLN B 1 82.58 50.90 -11.46
CA VAL B 2 78.79 51.18 -11.21
CA LYS B 3 77.84 54.86 -11.55
CA LEU B 4 79.98 57.05 -9.23
CA LEU B 5 77.42 57.89 -6.56
CA GLU B 6 74.43 55.51 -6.67
CA GLN B 7 71.56 56.65 -4.43
CA SER B 8 68.41 54.86 -3.21
CA GLY B 9 64.78 54.79 -4.33
CA ALA B 10 61.64 56.90 -3.94
CA GLU B 11 60.11 56.21 -0.53
CA VAL B 12 56.40 56.99 -0.15
CA LYS B 13 55.92 58.26 3.40
CA LYS B 14 52.66 59.26 5.09
CA PRO B 15 52.67 62.78 6.68
CA GLY B 16 54.31 62.54 10.10
CA ALA B 17 56.75 59.73 9.31
CA SER B 18 60.51 59.33 8.86
CA VAL B 19 62.68 59.00 5.73
CA LYS B 20 66.30 57.84 5.32
CA VAL B 21 67.96 58.23 1.91
CA SER B 22 71.42 56.74 1.34
CA CYS B 23 74.29 57.64 -1.01
CA LYS B 24 76.71 54.87 -2.04
CA ALA B 25 80.11 55.91 -3.40
CA SER B 26 82.76 54.19 -5.52
CA GLY B 27 85.79 54.65 -7.75
CA TYR B 28 87.34 57.27 -5.46
CA SER B 29 88.54 57.52 -1.85
CA PHE B 30 85.63 58.07 0.57
CA THR B 31 87.56 59.55 3.51
CA SER B 32 89.05 62.31 1.32
CA TYR B 33 85.92 64.08 0.01
CA GLY B 34 82.72 65.46 1.52
CA LEU B 35 79.06 65.14 0.48
CA HIS B 36 76.36 67.84 0.23
CA TRP B 37 72.60 67.27 0.03
CA VAL B 38 70.42 69.33 -2.34
CA ARG B 39 66.75 68.83 -3.25
CA GLN B 40 64.20 70.29 -5.71
CA ALA B 41 60.42 70.77 -5.41
CA PRO B 42 58.30 70.10 -8.55
CA GLY B 43 58.47 73.37 -10.46
CA GLN B 44 60.85 75.18 -8.09
CA ARG B 45 64.58 75.87 -7.69
CA LEU B 46 67.20 73.69 -5.97
CA GLU B 47 67.55 74.16 -2.20
CA TRP B 48 70.66 73.23 -0.20
CA MET B 49 69.95 71.07 2.86
CA GLY B 50 73.35 70.38 4.38
CA TRP B 51 76.80 68.77 4.33
CA ILE B 52 78.81 66.10 6.16
CA SER B 53 82.54 65.32 6.12
CA ALA B 54 83.42 61.67 5.51
CA GLY B 55 86.70 62.00 7.39
CA THR B 56 85.70 63.31 10.82
CA GLY B 57 81.90 63.40 10.75
CA ASN B 58 81.13 67.10 11.29
CA THR B 59 77.58 68.25 10.49
CA LYS B 60 76.78 71.60 8.84
CA TYR B 61 73.13 72.05 7.82
CA SER B 62 70.97 75.12 7.16
CA GLN B 63 68.70 76.94 9.61
CA LYS B 64 65.67 75.95 7.52
CA PHE B 65 65.37 72.32 8.64
CA ARG B 66 66.65 73.06 12.16
CA GLY B 67 65.70 70.32 14.61
CA ARG B 68 64.54 67.64 12.17
CA VAL B 69 67.55 66.79 10.00
CA THR B 70 70.48 64.45 10.64
CA PHE B 71 73.47 63.11 8.69
CA THR B 72 75.25 59.80 9.32
CA ARG B 73 78.11 57.98 7.56
CA ASP B 74 79.46 54.41 7.62
CA THR B 75 83.24 54.29 7.12
CA SER B 76 83.63 50.60 6.23
CA ALA B 77 80.49 50.55 4.03
CA THR B 78 81.14 53.63 1.86
CA THR B 79 77.60 55.05 2.07
CA ALA B 80 76.23 58.39 3.30
CA TYR B 81 72.84 58.93 4.97
CA MET B 82 70.21 61.61 5.57
CA GLY B 83 67.32 61.78 8.04
CA LEU B 84 64.18 63.94 8.22
CA SER B 85 61.39 63.56 10.80
CA SER B 86 57.90 65.13 10.81
CA LEU B 87 57.37 65.04 7.03
CA ARG B 88 54.84 67.41 5.46
CA PRO B 89 52.85 67.57 2.15
CA GLU B 90 55.28 70.21 0.90
CA ASP B 91 58.41 68.06 1.14
CA THR B 92 57.64 66.34 -2.17
CA ALA B 93 60.99 66.86 -3.89
CA VAL B 94 63.88 65.13 -5.66
CA TYR B 95 66.89 64.83 -3.34
CA TYR B 96 70.50 64.58 -4.53
CA CYS B 97 73.85 63.90 -2.86
CA ALA B 98 76.67 65.90 -4.47
CA ARG B 99 80.38 65.50 -3.69
CA ASP B 100 82.90 67.96 -2.21
CA PRO B 101 86.00 68.44 -4.45
CA TYR B 102 87.84 70.11 -1.56
CA GLY B 103 86.48 68.78 1.74
CA GLY B 104 85.85 72.23 3.17
CA GLY B 105 82.06 72.39 3.28
CA LYS B 106 81.71 75.39 0.98
CA SER B 107 82.27 74.97 -2.77
CA GLU B 108 80.83 73.65 -6.06
CA PHE B 109 79.41 70.22 -6.99
CA ASP B 110 81.17 68.11 -9.64
CA TYR B 111 79.37 64.78 -9.17
CA TRP B 112 75.58 64.41 -8.80
CA GLY B 113 73.50 61.30 -8.21
CA GLN B 114 70.31 60.04 -9.86
CA GLY B 115 67.95 61.58 -7.31
CA THR B 116 65.27 60.25 -4.96
CA LEU B 117 61.68 61.51 -5.20
CA VAL B 118 60.11 61.28 -1.73
CA THR B 119 56.38 61.99 -2.01
CA VAL B 120 54.55 62.65 1.26
CA SER B 121 50.81 61.99 0.88
CA SER B 122 48.21 60.20 3.03
CA ALA B 123 46.32 58.86 0.00
CA SER B 124 46.37 55.07 -0.44
CA PRO B 125 49.15 54.39 -3.00
CA THR B 126 48.48 51.73 -5.63
CA SER B 127 50.55 49.65 -8.06
CA PRO B 128 50.25 50.53 -11.80
CA LYS B 129 48.45 48.25 -14.25
CA VAL B 130 50.50 47.91 -17.44
CA PHE B 131 48.56 47.22 -20.66
CA PRO B 132 49.82 46.32 -24.17
CA LEU B 133 48.92 48.83 -26.89
CA SER B 134 49.07 46.65 -29.99
CA LEU B 135 47.25 47.67 -33.19
CA ASP B 136 45.25 46.09 -36.03
CA SER B 137 45.39 47.96 -39.39
CA THR B 138 45.47 51.44 -37.79
CA PRO B 139 49.09 52.27 -38.75
CA GLN B 140 50.38 53.06 -42.24
CA ASP B 141 52.15 50.64 -44.57
CA GLY B 142 55.84 51.10 -43.84
CA ASN B 143 56.28 51.34 -40.07
CA VAL B 144 54.94 49.67 -36.93
CA VAL B 145 53.99 51.58 -33.76
CA VAL B 146 53.68 49.68 -30.48
CA ALA B 147 53.24 50.93 -26.89
CA CYS B 148 52.72 50.05 -23.20
CA LEU B 149 50.05 51.90 -21.21
CA VAL B 150 50.98 51.97 -17.51
CA GLN B 151 47.68 53.02 -15.89
CA GLY B 152 46.77 53.82 -12.28
CA PHE B 153 49.66 54.64 -9.95
CA PHE B 154 50.01 57.04 -7.03
CA PRO B 155 52.19 58.98 -6.66
CA GLN B 156 53.84 59.80 -10.00
CA GLU B 157 57.38 58.57 -9.22
CA PRO B 158 60.43 58.38 -11.53
CA LEU B 159 59.30 55.62 -13.91
CA SER B 160 62.23 53.89 -15.63
CA VAL B 161 61.22 52.04 -18.81
CA THR B 162 63.57 50.12 -21.12
CA TRP B 163 62.42 48.17 -24.19
CA SER B 164 64.34 45.09 -25.36
CA GLU B 165 65.29 46.18 -28.89
CA SER B 166 67.54 49.14 -29.74
CA GLY B 167 69.31 50.54 -32.80
CA GLN B 168 69.41 53.47 -35.21
CA ASN B 169 66.00 53.65 -36.89
CA VAL B 170 64.10 52.88 -33.67
CA THR B 171 62.79 55.60 -31.34
CA ALA B 172 61.37 55.35 -27.80
CA ARG B 173 59.58 58.18 -25.97
CA ASN B 174 58.68 58.35 -22.26
CA PHE B 175 55.39 60.26 -21.91
CA PRO B 176 55.05 62.62 -18.88
CA PRO B 177 52.70 61.73 -15.96
CA SER B 178 49.18 63.21 -16.03
CA GLN B 179 46.53 63.68 -13.31
CA ASP B 180 42.78 62.92 -13.38
CA ALA B 181 40.26 64.63 -11.06
CA SER B 182 42.08 66.03 -8.02
CA GLY B 183 44.95 63.60 -7.45
CA ASP B 184 43.12 60.27 -7.38
CA LEU B 185 45.52 58.53 -9.78
CA TYR B 186 48.35 59.08 -12.29
CA THR B 187 48.82 57.47 -15.73
CA THR B 188 51.69 57.12 -18.23
CA SER B 189 52.78 55.28 -21.38
CA SER B 190 55.83 54.01 -23.29
CA GLN B 191 55.96 53.94 -27.10
CA LEU B 192 58.42 52.41 -29.58
CA THR B 193 58.17 53.38 -33.25
CA LEU B 194 60.22 50.91 -35.29
CA PRO B 195 60.54 49.93 -38.98
CA ALA B 196 58.57 46.90 -40.17
CA THR B 197 61.78 45.18 -41.30
CA GLN B 198 62.75 44.89 -37.60
CA CYS B 199 60.08 43.03 -35.57
CA PRO B 200 59.91 39.49 -37.06
CA ASP B 201 56.56 37.85 -37.93
CA GLY B 202 55.55 35.66 -34.99
CA LYS B 203 57.46 37.23 -32.09
CA SER B 204 57.09 40.27 -29.81
CA VAL B 205 58.98 43.00 -27.93
CA THR B 206 59.02 43.26 -24.12
CA CYS B 207 58.62 46.58 -22.25
CA HIS B 208 60.16 46.72 -18.76
CA VAL B 209 58.56 49.26 -16.40
CA LYS B 210 60.12 50.01 -13.01
CA HIS B 211 58.51 52.17 -10.32
CA TYR B 212 60.60 52.67 -7.16
CA THR B 213 62.80 49.70 -6.16
CA ASN B 214 59.73 47.50 -6.66
CA PRO B 215 60.19 44.40 -8.89
CA SER B 216 60.34 45.25 -12.59
CA GLN B 217 57.05 44.35 -14.29
CA ASP B 218 57.77 42.76 -17.68
CA VAL B 219 55.08 42.59 -20.40
CA THR B 220 55.24 40.77 -23.75
CA VAL B 221 54.12 43.43 -26.25
CA PRO B 222 53.34 41.72 -29.60
CA CYS B 223 53.61 43.05 -33.14
CA PRO B 224 53.17 40.86 -36.56
CA VAL B 225 50.41 38.62 -38.03
CA PRO B 226 50.01 34.64 -38.54
CA PRO B 227 48.14 33.14 -41.52
CA PRO B 228 45.89 29.90 -41.02
CA PRO B 229 47.50 26.41 -42.45
CA PRO B 230 45.23 24.61 -44.93
CA CYS B 231 45.89 21.00 -46.30
CA CYS B 232 43.27 18.85 -48.09
CA HIS B 233 42.58 15.15 -48.55
CA PRO B 234 40.83 13.31 -51.53
CA ARG B 235 37.23 12.42 -50.45
CA LEU B 236 33.48 13.33 -50.27
CA SER B 237 30.82 12.15 -47.78
CA LEU B 238 27.08 12.70 -47.21
CA HIS B 239 25.40 13.26 -43.85
CA ARG B 240 21.84 11.98 -43.41
CA PRO B 241 19.55 14.18 -41.24
CA ALA B 242 18.64 13.13 -37.70
CA LEU B 243 15.57 10.97 -37.06
CA GLU B 244 14.33 12.68 -33.89
CA ASP B 245 14.38 16.11 -35.57
CA LEU B 246 12.49 15.38 -38.82
CA LEU B 247 9.70 13.46 -37.04
CA LEU B 248 8.75 16.11 -34.48
CA GLY B 249 8.51 19.22 -36.63
CA SER B 250 9.52 18.55 -40.26
CA GLU B 251 12.90 20.25 -39.75
CA ALA B 252 15.37 18.20 -41.83
CA ASN B 253 18.55 18.90 -43.79
CA LEU B 254 21.08 16.82 -45.74
CA THR B 255 24.73 17.92 -45.73
CA CYS B 256 27.20 17.40 -48.61
CA THR B 257 30.69 18.20 -47.33
CA LEU B 258 33.81 17.94 -49.52
CA THR B 259 36.77 17.17 -47.23
CA GLY B 260 39.77 15.79 -49.13
CA LEU B 261 41.68 17.06 -52.21
CA ARG B 262 44.65 19.56 -52.11
CA ASP B 263 44.82 23.44 -52.41
CA ALA B 264 42.90 26.65 -53.35
CA SER B 265 39.97 26.42 -55.77
CA GLY B 266 36.18 26.95 -55.65
CA ALA B 267 33.38 24.38 -55.75
CA THR B 268 29.90 24.64 -57.27
CA PHE B 269 26.90 22.37 -56.56
CA THR B 270 23.99 20.82 -58.47
CA TRP B 271 21.38 19.71 -55.90
CA THR B 272 18.19 17.99 -57.02
CA PRO B 273 14.75 19.31 -55.89
CA SER B 274 12.41 17.36 -53.60
CA SER B 275 8.87 16.10 -54.19
CA GLY B 276 7.57 19.60 -53.44
CA LYS B 277 9.83 21.10 -56.12
CA SER B 278 12.11 23.16 -53.86
CA ALA B 279 15.88 23.68 -54.00
CA VAL B 280 17.71 25.94 -51.51
CA GLN B 281 21.45 26.03 -50.80
CA GLY B 282 24.30 28.21 -49.52
CA PRO B 283 27.81 26.56 -49.42
CA PRO B 284 30.55 28.53 -47.55
CA GLU B 285 34.35 28.23 -47.22
CA ARG B 286 36.09 27.52 -43.91
CA ASP B 287 39.30 26.75 -42.04
CA LEU B 288 39.71 23.64 -39.84
CA CYS B 289 43.11 21.92 -40.46
CA GLY B 290 44.62 24.28 -43.06
CA CYS B 291 43.06 24.02 -46.57
CA TYR B 292 39.83 25.79 -47.79
CA SER B 293 36.47 23.99 -47.26
CA VAL B 294 33.12 24.01 -49.12
CA SER B 295 29.99 22.42 -47.53
CA SER B 296 26.31 22.76 -48.57
CA VAL B 297 23.03 21.96 -46.80
CA LEU B 298 19.74 21.26 -48.61
CA PRO B 299 16.74 21.78 -46.27
CA GLY B 300 14.15 19.10 -47.04
CA CYS B 301 10.66 18.20 -45.83
CA ALA B 302 9.35 15.10 -44.01
CA GLN B 303 7.10 13.70 -46.76
CA PRO B 304 9.85 13.11 -49.36
CA TRP B 305 11.98 11.25 -46.80
CA ASN B 306 8.98 9.18 -45.66
CA HIS B 307 8.00 8.33 -49.24
CA GLY B 308 11.59 7.86 -50.38
CA GLU B 309 13.05 10.39 -52.82
CA THR B 310 16.54 10.23 -54.36
CA PHE B 311 18.73 12.98 -52.87
CA THR B 312 21.84 13.30 -55.07
CA CYS B 313 24.69 15.85 -54.82
CA THR B 314 26.93 16.44 -57.85
CA ALA B 315 29.96 18.75 -57.70
CA ALA B 316 31.84 19.96 -60.80
CA HIS B 317 35.53 20.92 -60.64
CA PRO B 318 38.48 21.53 -63.02
CA GLU B 319 40.85 19.10 -61.31
CA LEU B 320 38.14 16.86 -59.90
CA LYS B 321 37.38 16.32 -63.58
CA THR B 322 34.87 13.52 -62.98
CA PRO B 323 32.12 15.32 -61.02
CA LEU B 324 31.56 12.99 -58.05
CA THR B 325 27.94 11.86 -57.86
CA ALA B 326 26.48 10.75 -54.52
CA ASN B 327 22.94 9.50 -53.87
CA ILE B 328 21.21 8.58 -50.59
CA THR B 329 17.74 7.19 -49.86
CA LYS B 330 16.07 4.99 -47.23
CA SER B 331 16.55 1.21 -47.12
CA GLY B 332 14.80 -2.13 -47.38
CA ASN B 333 11.24 -3.05 -48.33
CA THR B 334 8.07 -2.56 -46.24
CA PHE B 335 7.01 -5.05 -43.55
CA ARG B 336 3.81 -4.77 -41.48
CA PRO B 337 4.43 -4.37 -37.69
CA GLU B 338 2.82 -6.80 -35.26
CA VAL B 339 2.00 -5.22 -31.89
CA HIS B 340 1.74 -7.45 -28.81
CA LEU B 341 0.73 -5.66 -25.58
CA LEU B 342 2.09 -7.56 -22.57
CA PRO B 343 0.54 -7.32 -19.06
CA PRO B 344 2.60 -6.82 -15.86
CA PRO B 345 3.95 -10.01 -14.19
CA SER B 346 2.85 -11.60 -10.90
CA GLU B 347 5.87 -10.63 -8.78
CA GLU B 348 5.80 -7.05 -10.10
CA LEU B 349 2.49 -6.42 -8.35
CA ALA B 350 4.42 -6.46 -5.06
CA LEU B 351 5.81 -2.95 -5.65
CA ASN B 352 3.90 0.35 -5.31
CA GLU B 353 4.89 3.50 -7.22
CA LEU B 354 5.51 2.03 -10.70
CA VAL B 355 4.06 -0.69 -12.97
CA THR B 356 5.57 -1.55 -16.38
CA LEU B 357 3.28 -1.95 -19.41
CA THR B 358 5.21 -3.57 -22.27
CA CYS B 359 3.81 -3.46 -25.82
CA LEU B 360 6.17 -5.09 -28.32
CA ALA B 361 6.00 -4.36 -32.06
CA ARG B 362 8.14 -6.74 -34.12
CA GLY B 363 8.13 -7.62 -37.82
CA PHE B 364 8.73 -4.19 -39.36
CA SER B 365 10.98 -2.48 -41.91
CA PRO B 366 12.39 0.09 -42.17
CA LYS B 367 13.31 1.00 -38.58
CA ASP B 368 11.36 4.27 -38.76
CA VAL B 369 8.47 3.85 -36.31
CA LEU B 370 6.76 6.32 -33.96
CA VAL B 371 5.36 4.72 -30.79
CA ARG B 372 3.18 6.55 -28.23
CA TRP B 373 0.85 5.84 -25.29
CA LEU B 374 -2.56 7.12 -24.16
CA GLN B 375 -4.82 7.21 -21.09
CA GLY B 376 -8.28 5.65 -21.10
CA SER B 377 -10.05 7.58 -18.33
CA GLN B 378 -8.63 11.10 -18.73
CA GLU B 379 -8.52 10.55 -22.53
CA LEU B 380 -5.15 12.33 -22.60
CA PRO B 381 -1.71 11.07 -23.76
CA ARG B 382 0.76 9.63 -21.22
CA GLU B 383 4.04 11.21 -20.11
CA LYS B 384 6.23 8.52 -18.50
CA TYR B 385 7.49 6.08 -21.16
CA LEU B 386 10.70 5.18 -23.04
CA THR B 387 11.60 3.66 -26.42
CA TRP B 388 14.14 0.87 -27.08
CA ALA B 389 15.96 -0.09 -30.31
CA SER B 390 18.43 -2.46 -32.04
CA ARG B 391 18.99 -4.09 -35.46
CA GLN B 392 18.85 -7.80 -36.31
CA GLU B 393 21.56 -8.55 -38.88
CA PRO B 394 22.56 -12.25 -38.63
CA SER B 395 24.62 -14.29 -41.09
CA GLN B 396 21.55 -15.68 -42.88
CA GLY B 397 19.06 -13.94 -45.15
CA THR B 398 16.51 -12.72 -42.60
CA THR B 399 16.30 -9.15 -41.27
CA THR B 400 13.40 -7.31 -39.56
CA PHE B 401 13.52 -4.54 -36.92
CA ALA B 402 11.48 -4.67 -33.69
CA VAL B 403 10.75 -2.38 -30.73
CA THR B 404 9.72 -2.39 -27.06
CA SER B 405 7.75 0.23 -25.10
CA ILE B 406 7.53 0.71 -21.31
CA LEU B 407 4.74 2.73 -19.68
CA ARG B 408 5.26 3.11 -15.93
CA VAL B 409 1.94 3.90 -14.23
CA ALA B 410 0.70 3.47 -10.65
CA ALA B 411 -0.12 0.21 -8.87
CA GLU B 412 -3.53 1.33 -7.59
CA ASP B 413 -4.59 2.66 -11.01
CA TRP B 414 -3.86 -0.60 -12.85
CA LYS B 415 -6.35 -2.37 -10.57
CA LYS B 416 -9.17 0.17 -10.95
CA GLY B 417 -9.99 -1.02 -14.46
CA ASP B 418 -8.45 1.58 -16.77
CA THR B 419 -7.52 0.76 -20.38
CA PHE B 420 -4.10 1.78 -21.80
CA SER B 421 -3.37 2.31 -25.51
CA CYS B 422 -0.08 1.67 -27.37
CA MET B 423 -0.35 3.42 -30.75
CA VAL B 424 2.28 2.47 -33.34
CA GLY B 425 2.89 4.30 -36.61
CA HIS B 426 4.64 2.84 -39.65
CA GLU B 427 4.40 3.04 -43.45
CA ALA B 428 3.37 -0.60 -44.04
CA LEU B 429 0.37 -0.14 -41.73
CA PRO B 430 -3.19 0.03 -43.17
CA LEU B 431 -3.78 3.71 -42.33
CA ALA B 432 -0.18 4.43 -41.27
CA PHE B 433 -1.51 4.01 -37.73
CA THR B 434 -2.43 1.01 -35.56
CA GLN B 435 -3.48 0.77 -31.90
CA LYS B 436 -3.74 -2.15 -29.46
CA THR B 437 -4.92 -1.99 -25.83
CA ILE B 438 -4.34 -3.60 -22.43
CA ASP B 439 -6.90 -4.08 -19.64
CA ARG B 440 -6.90 -5.86 -16.26
CA LEU B 441 -10.38 -7.18 -17.10
CA ALA B 442 -9.62 -10.30 -19.12
CA GLY B 443 -12.52 -12.24 -20.59
CA LYS B 444 -11.62 -15.48 -22.33
CA PRO B 445 -13.46 -15.30 -25.69
CA THR B 446 -10.27 -14.84 -27.74
CA HIS B 447 -8.97 -11.25 -27.71
CA VAL B 448 -11.41 -8.55 -28.79
CA ASN B 449 -10.71 -4.86 -29.51
CA VAL B 450 -12.86 -1.86 -28.52
CA SER B 451 -15.75 -0.40 -30.55
CA VAL B 452 -15.74 2.63 -32.88
CA VAL B 453 -15.54 6.22 -31.60
CA MET B 454 -15.99 8.93 -34.25
CA ALA B 455 -17.45 8.67 -37.77
CA GLU B 456 -18.37 10.67 -40.88
CA VAL B 457 -15.46 13.03 -40.13
CA ASP B 458 -12.14 11.98 -41.67
CA GLY B 459 -10.99 15.45 -42.69
CA THR B 460 -11.65 15.77 -46.42
CA CYS B 461 -15.34 16.33 -45.64
CA TYR B 462 -15.34 18.85 -42.78
CA GLN C 1 -10.19 -70.31 86.58
CA VAL C 2 -10.77 -70.76 82.85
CA LYS C 3 -13.09 -73.76 82.35
CA LEU C 4 -11.87 -76.78 84.38
CA LEU C 5 -10.47 -78.94 81.58
CA GLU C 6 -9.88 -76.90 78.39
CA GLN C 7 -9.04 -79.10 75.38
CA SER C 8 -7.65 -78.26 71.93
CA GLY C 9 -9.18 -77.69 68.50
CA ALA C 10 -10.45 -79.78 65.58
CA GLU C 11 -7.47 -80.99 63.52
CA VAL C 12 -8.19 -81.93 59.91
CA LYS C 13 -5.91 -84.87 59.09
CA LYS C 14 -5.54 -86.65 55.76
CA PRO C 15 -5.98 -90.48 55.93
CA GLY C 16 -2.70 -92.01 57.06
CA ALA C 17 -1.52 -89.15 59.26
CA SER C 18 -1.06 -88.51 62.99
CA VAL C 19 -3.17 -86.56 65.52
CA LYS C 20 -2.30 -85.26 69.01
CA VAL C 21 -5.11 -83.81 71.14
CA SER C 22 -4.24 -82.16 74.48
CA CYS C 23 -6.19 -81.65 77.72
CA LYS C 24 -5.24 -78.70 79.94
CA ALA C 25 -6.34 -78.83 83.59
CA SER C 26 -6.81 -76.20 86.31
CA GLY C 27 -8.41 -75.37 89.64
CA TYR C 28 -7.54 -78.76 91.14
CA SER C 29 -4.41 -80.83 91.86
CA PHE C 30 -3.14 -82.61 88.72
CA THR C 31 -1.08 -85.36 90.39
CA SER C 32 -4.08 -86.55 92.43
CA TYR C 33 -6.61 -87.44 89.72
CA GLY C 34 -6.58 -89.49 86.51
CA LEU C 35 -7.91 -88.74 83.01
CA HIS C 36 -9.95 -90.98 80.68
CA TRP C 37 -10.49 -90.47 76.93
CA VAL C 38 -13.90 -91.06 75.33
CA ARG C 39 -15.04 -90.22 71.78
CA GLN C 40 -18.29 -90.26 69.75
CA ALA C 41 -18.93 -90.91 66.04
CA PRO C 42 -21.60 -88.75 64.30
CA GLY C 43 -24.86 -90.55 65.09
CA GLN C 44 -23.36 -93.28 67.29
CA ARG C 45 -22.74 -94.01 70.99
CA LEU C 46 -19.73 -92.97 73.11
CA GLU C 47 -16.72 -95.31 72.99
CA TRP C 48 -14.03 -95.49 75.68
CA MET C 49 -10.47 -95.24 74.34
CA GLY C 50 -8.25 -95.37 77.42
CA TRP C 51 -6.88 -93.89 80.64
CA ILE C 52 -3.65 -92.50 82.09
CA SER C 53 -2.65 -91.74 85.70
CA ALA C 54 -1.17 -88.29 86.26
CA GLY C 55 0.81 -89.48 89.28
CA THR C 56 2.87 -92.40 87.96
CA GLY C 57 2.12 -92.52 84.23
CA ASN C 58 0.57 -95.97 83.80
CA THR C 59 -1.29 -96.62 80.54
CA LYS C 60 -4.52 -98.65 80.32
CA TYR C 61 -6.24 -98.59 76.92
CA SER C 62 -8.72 -100.90 75.19
CA GLN C 63 -7.94 -103.79 72.81
CA LYS C 64 -9.73 -101.92 70.01
CA PHE C 65 -6.99 -99.40 69.18
CA ARG C 66 -4.18 -101.83 70.04
CA GLY C 67 -0.89 -100.77 68.48
CA ARG C 68 -1.78 -97.24 67.39
CA VAL C 69 -2.68 -95.32 70.56
CA THR C 70 -0.45 -93.58 73.10
CA PHE C 71 -0.91 -91.39 76.18
CA THR C 72 1.61 -88.84 77.51
CA ARG C 73 1.53 -86.31 80.36
CA ASP C 74 3.62 -83.26 81.29
CA THR C 75 3.90 -82.82 85.08
CA SER C 76 5.08 -79.19 85.19
CA ALA C 77 2.73 -78.08 82.39
CA THR C 78 -0.57 -79.56 83.66
CA THR C 79 -1.72 -80.97 80.29
CA ALA C 80 -2.60 -84.49 79.13
CA TYR C 81 -2.04 -85.89 75.62
CA MET C 82 -3.34 -88.55 73.22
CA GLY C 83 -1.84 -90.04 70.07
CA LEU C 84 -3.31 -92.04 67.18
CA SER C 85 -1.42 -93.11 64.04
CA SER C 86 -2.79 -94.52 60.76
CA LEU C 87 -6.03 -92.50 60.76
CA ARG C 88 -8.99 -93.76 58.72
CA PRO C 89 -12.21 -92.23 57.22
CA GLU C 90 -14.20 -93.81 60.07
CA ASP C 91 -12.35 -92.02 62.89
CA THR C 92 -14.43 -88.85 62.39
CA ALA C 93 -15.57 -88.34 65.99
CA VAL C 94 -15.69 -85.88 68.88
CA TYR C 95 -13.06 -86.76 71.50
CA TYR C 96 -13.33 -85.85 75.20
CA CYS C 97 -11.00 -86.08 78.21
CA ALA C 98 -12.89 -86.88 81.41
CA ARG C 99 -11.39 -86.88 84.91
CA ASP C 100 -10.96 -89.69 87.46
CA PRO C 101 -12.58 -88.87 90.87
CA TYR C 102 -10.66 -91.76 92.47
CA GLY C 103 -7.44 -92.36 90.54
CA GLY C 104 -8.08 -96.06 90.09
CA GLY C 105 -8.71 -96.33 86.36
CA LYS C 106 -12.24 -97.72 86.64
CA SER C 107 -15.10 -95.40 87.64
CA GLU C 108 -17.46 -92.60 86.54
CA PHE C 109 -16.75 -89.22 84.91
CA ASP C 110 -17.61 -86.01 86.78
CA TYR C 111 -15.84 -83.44 84.58
CA TRP C 112 -15.99 -83.39 80.77
CA GLY C 113 -14.26 -81.07 78.31
CA GLN C 114 -15.55 -79.22 75.25
CA GLY C 115 -14.59 -81.90 72.74
CA THR C 116 -12.39 -82.05 69.65
CA LEU C 117 -13.84 -83.06 66.27
CA VAL C 118 -11.06 -84.69 64.24
CA THR C 119 -12.30 -85.24 60.67
CA VAL C 120 -10.19 -87.53 58.50
CA SER C 121 -10.81 -86.85 54.80
CA SER C 122 -8.53 -86.49 51.75
CA ALA C 123 -10.73 -83.80 50.15
CA SER C 124 -9.16 -80.35 49.87
CA PRO C 125 -10.52 -78.39 52.88
CA THR C 126 -11.51 -74.76 52.29
CA SER C 127 -12.15 -71.67 54.44
CA PRO C 128 -15.80 -70.49 54.75
CA LYS C 129 -17.02 -67.31 53.06
CA VAL C 130 -19.20 -65.33 55.48
CA PHE C 131 -21.90 -63.12 53.92
CA PRO C 132 -24.17 -60.50 55.54
CA LEU C 133 -27.86 -61.38 55.29
CA SER C 134 -29.27 -57.88 55.76
CA LEU C 135 -32.83 -57.27 54.53
CA ASP C 136 -34.48 -54.66 52.30
CA SER C 137 -37.63 -53.98 54.36
CA THR C 138 -39.07 -57.43 53.55
CA PRO C 139 -40.13 -58.24 57.16
CA GLN C 140 -42.61 -56.31 59.31
CA ASP C 141 -42.74 -53.35 61.69
CA GLY C 142 -41.95 -54.56 65.20
CA ASN C 143 -38.84 -56.73 64.94
CA VAL C 144 -35.76 -56.73 62.70
CA VAL C 145 -34.28 -60.01 61.46
CA VAL C 146 -30.59 -60.07 60.53
CA ALA C 147 -28.22 -62.98 59.79
CA CYS C 148 -24.76 -64.12 58.67
CA LEU C 149 -24.48 -66.81 55.97
CA VAL C 150 -21.23 -68.77 56.39
CA GLN C 151 -20.96 -70.56 53.03
CA GLY C 152 -18.47 -73.14 51.73
CA PHE C 153 -16.42 -74.99 54.35
CA PHE C 154 -15.12 -78.54 54.55
CA PRO C 155 -15.41 -80.35 56.85
CA GLN C 156 -18.37 -79.29 59.02
CA GLU C 157 -16.48 -78.57 62.26
CA PRO C 158 -17.82 -77.14 65.57
CA LEU C 159 -18.62 -73.57 64.49
CA SER C 160 -18.71 -71.14 67.42
CA VAL C 161 -20.62 -67.94 66.65
CA THR C 162 -21.21 -65.05 69.07
CA TRP C 163 -23.00 -61.81 68.16
CA SER C 164 -22.09 -58.54 69.89
CA GLU C 165 -25.46 -57.62 71.42
CA SER C 166 -27.32 -59.66 74.06
CA GLY C 167 -30.32 -59.23 76.35
CA GLN C 168 -33.82 -60.50 77.08
CA ASN C 169 -35.90 -59.83 73.95
CA VAL C 170 -33.11 -60.90 71.58
CA THR C 171 -32.75 -64.46 70.27
CA ALA C 172 -29.87 -66.11 68.37
CA ARG C 173 -30.06 -69.51 66.66
CA ASN C 174 -27.17 -71.60 65.30
CA PHE C 175 -28.39 -73.48 62.20
CA PRO C 176 -27.10 -77.07 61.71
CA PRO C 177 -24.58 -77.87 58.90
CA SER C 178 -25.99 -79.17 55.60
CA GLN C 179 -24.39 -81.04 52.68
CA ASP C 180 -24.70 -80.44 48.92
CA ALA C 181 -24.02 -83.15 46.30
CA SER C 182 -21.86 -85.89 47.82
CA GLY C 183 -19.66 -84.06 50.32
CA ASP C 184 -18.22 -81.27 48.16
CA LEU C 185 -18.96 -78.48 50.67
CA TYR C 186 -20.87 -77.60 53.84
CA THR C 187 -22.88 -74.44 54.60
CA THR C 188 -24.32 -72.77 57.74
CA SER C 189 -25.88 -69.55 59.03
CA SER C 190 -26.33 -67.41 62.15
CA GLN C 191 -29.48 -65.38 62.78
CA LEU C 192 -30.38 -62.74 65.40
CA THR C 193 -34.00 -61.64 65.78
CA LEU C 194 -34.18 -58.42 67.81
CA PRO C 195 -36.83 -55.71 68.46
CA ALA C 196 -36.67 -52.59 66.30
CA THR C 197 -36.07 -50.45 69.40
CA GLN C 198 -32.63 -52.08 69.74
CA CYS C 199 -30.76 -51.51 66.44
CA PRO C 200 -30.31 -47.70 66.34
CA ASP C 201 -30.53 -45.84 63.00
CA GLY C 202 -26.97 -45.52 61.73
CA LYS C 203 -25.13 -48.44 63.38
CA SER C 204 -24.67 -52.20 62.88
CA VAL C 205 -24.17 -55.53 64.69
CA THR C 206 -21.07 -57.71 64.26
CA CYS C 207 -21.20 -61.52 63.98
CA HIS C 208 -18.07 -63.43 65.03
CA VAL C 209 -17.64 -66.86 63.42
CA LYS C 210 -14.88 -69.22 64.58
CA HIS C 211 -13.96 -72.49 62.85
CA TYR C 212 -11.21 -74.52 64.55
CA THR C 213 -8.48 -72.44 66.26
CA ASN C 214 -8.31 -70.37 63.07
CA PRO C 215 -8.54 -66.55 63.49
CA SER C 216 -12.08 -65.36 64.23
CA GLN C 217 -13.63 -63.75 61.13
CA ASP C 218 -15.59 -60.62 62.09
CA VAL C 219 -18.27 -59.11 59.82
CA THR C 220 -20.21 -55.85 60.22
CA VAL C 221 -23.90 -56.73 59.71
CA PRO C 222 -26.02 -53.54 59.27
CA CYS C 223 -29.72 -52.78 59.73
CA PRO C 224 -31.50 -49.09 59.72
CA VAL C 225 -31.99 -46.32 57.11
CA PRO C 226 -30.38 -42.67 56.56
CA PRO C 227 -32.38 -39.74 55.11
CA PRO C 228 -30.62 -37.19 52.63
CA PRO C 229 -29.71 -33.52 54.25
CA PRO C 230 -31.20 -30.60 52.29
CA CYS C 231 -30.32 -26.84 52.95
CA CYS C 232 -31.12 -23.98 50.53
CA HIS C 233 -29.65 -20.57 49.72
CA PRO C 234 -31.49 -17.33 48.40
CA ARG C 235 -31.32 -16.65 44.62
CA LEU C 236 -33.34 -16.75 41.34
CA SER C 237 -32.18 -17.49 37.79
CA LEU C 238 -33.80 -18.03 34.38
CA HIS C 239 -32.81 -20.60 31.75
CA ARG C 240 -33.23 -19.71 28.07
CA PRO C 241 -34.27 -22.59 25.76
CA ALA C 242 -31.77 -24.21 23.39
CA LEU C 243 -31.28 -22.83 19.88
CA GLU C 244 -30.99 -26.13 18.02
CA ASP C 245 -34.25 -27.43 19.50
CA LEU C 246 -36.59 -24.49 18.81
CA LEU C 247 -35.43 -24.09 15.19
CA LEU C 248 -35.96 -27.69 14.05
CA GLY C 249 -39.44 -28.41 15.37
CA SER C 250 -40.84 -25.52 17.43
CA GLU C 251 -40.20 -27.38 20.71
CA ALA C 252 -39.09 -24.70 23.17
CA ASN C 253 -39.39 -24.12 26.93
CA LEU C 254 -38.17 -21.47 29.39
CA THR C 255 -37.35 -22.62 32.94
CA CYS C 256 -37.72 -20.43 36.05
CA THR C 257 -35.87 -22.19 38.89
CA LEU C 258 -35.35 -20.74 42.38
CA THR C 259 -32.17 -22.38 43.67
CA GLY C 260 -31.55 -21.06 47.21
CA LEU C 261 -33.82 -19.84 50.05
CA ARG C 262 -34.31 -21.45 53.54
CA ASP C 263 -36.84 -24.33 54.22
CA ALA C 264 -40.53 -25.22 54.67
CA SER C 265 -42.90 -23.16 52.54
CA GLY C 266 -44.74 -23.35 49.19
CA ALA C 267 -44.18 -20.79 46.44
CA THR C 268 -46.50 -19.72 43.61
CA PHE C 269 -46.02 -18.37 40.05
CA THR C 270 -47.44 -15.76 37.67
CA TRP C 271 -46.31 -16.51 34.10
CA THR C 272 -47.23 -14.26 31.18
CA PRO C 273 -48.82 -15.71 27.99
CA SER C 274 -47.11 -15.68 24.59
CA SER C 275 -48.17 -14.06 21.31
CA GLY C 276 -50.56 -16.95 20.72
CA LYS C 277 -52.24 -16.36 24.10
CA SER C 278 -51.22 -19.61 25.83
CA ALA C 279 -50.01 -20.21 29.40
CA VAL C 280 -49.15 -23.70 30.69
CA GLN C 281 -47.16 -24.54 33.83
CA GLY C 282 -46.61 -27.26 36.44
CA PRO C 283 -43.98 -26.53 39.15
CA PRO C 284 -43.08 -29.60 41.29
CA GLU C 285 -41.06 -29.86 44.52
CA ARG C 286 -37.70 -31.69 44.48
CA ASP C 287 -35.24 -32.09 47.37
CA LEU C 288 -31.77 -30.58 46.79
CA CYS C 289 -29.15 -30.58 49.57
CA GLY C 290 -31.95 -31.34 52.00
CA CYS C 291 -33.91 -28.27 50.94
CA TYR C 292 -37.23 -28.18 48.86
CA SER C 293 -37.18 -26.83 45.25
CA VAL C 294 -39.85 -25.12 43.10
CA SER C 295 -39.08 -25.05 39.33
CA SER C 296 -41.66 -24.25 36.61
CA VAL C 297 -41.40 -24.60 32.81
CA LEU C 298 -43.42 -22.53 30.31
CA PRO C 299 -43.57 -24.26 26.88
CA GLY C 300 -43.45 -21.59 24.18
CA CYS C 301 -43.61 -21.48 20.38
CA ALA C 302 -40.98 -20.41 17.83
CA GLN C 303 -42.71 -17.29 16.45
CA PRO C 304 -42.76 -15.30 19.72
CA TRP C 305 -39.04 -15.95 20.24
CA ASN C 306 -38.25 -15.00 16.64
CA HIS C 307 -40.34 -11.81 16.84
CA GLY C 308 -39.26 -10.99 20.39
CA GLU C 309 -41.81 -11.26 23.19
CA THR C 310 -41.18 -10.43 26.86
CA PHE C 311 -41.14 -13.62 28.95
CA THR C 312 -41.40 -12.65 32.63
CA CYS C 313 -41.62 -14.84 35.77
CA THR C 314 -42.72 -13.59 39.21
CA ALA C 315 -42.34 -15.79 42.31
CA ALA C 316 -44.00 -14.38 45.45
CA HIS C 317 -43.63 -15.62 49.02
CA PRO C 318 -44.40 -14.43 52.57
CA GLU C 319 -40.75 -13.80 53.49
CA LEU C 320 -39.86 -13.02 49.90
CA LYS C 321 -42.11 -10.04 50.52
CA THR C 322 -40.88 -8.31 47.39
CA PRO C 323 -41.94 -10.63 44.51
CA LEU C 324 -38.82 -11.01 42.36
CA THR C 325 -39.51 -10.07 38.74
CA ALA C 326 -37.31 -11.49 35.97
CA ASN C 327 -37.62 -10.78 32.23
CA ILE C 328 -35.69 -12.22 29.27
CA THR C 329 -35.83 -11.40 25.54
CA LYS C 330 -33.51 -11.51 22.52
CA SER C 331 -30.65 -9.03 22.09
CA GLY C 332 -29.47 -6.22 19.83
CA ASN C 333 -31.03 -4.66 16.75
CA THR C 334 -31.33 -6.08 13.20
CA PHE C 335 -28.48 -6.12 10.66
CA ARG C 336 -28.76 -7.47 7.11
CA PRO C 337 -26.39 -10.43 6.36
CA GLU C 338 -23.99 -10.21 3.43
CA VAL C 339 -23.36 -13.65 1.91
CA HIS C 340 -20.10 -14.23 0.00
CA LEU C 341 -19.63 -17.64 -1.65
CA LEU C 342 -15.93 -18.56 -1.96
CA PRO C 343 -14.47 -20.95 -4.59
CA PRO C 344 -11.91 -23.70 -3.72
CA PRO C 345 -8.23 -22.62 -3.87
CA SER C 346 -5.62 -23.65 -6.44
CA GLU C 347 -3.67 -26.00 -4.16
CA GLU C 348 -6.88 -27.73 -3.04
CA LEU C 349 -7.55 -29.07 -6.54
CA ALA C 350 -4.70 -31.54 -5.90
CA LEU C 351 -6.88 -33.70 -3.63
CA ASN C 352 -9.56 -36.21 -4.71
CA GLU C 353 -12.42 -37.24 -2.39
CA LEU C 354 -13.29 -33.82 -0.92
CA VAL C 355 -13.57 -30.17 -2.05
CA THR C 356 -14.44 -27.29 0.31
CA LEU C 357 -17.08 -24.74 -0.73
CA THR C 358 -17.04 -21.80 1.70
CA CYS C 359 -19.89 -19.25 1.69
CA LEU C 360 -19.29 -16.60 4.36
CA ALA C 361 -22.16 -14.48 5.69
CA ARG C 362 -21.08 -11.61 7.94
CA GLY C 363 -22.63 -8.33 9.04
CA PHE C 364 -25.66 -9.73 10.88
CA SER C 365 -27.41 -9.46 14.24
CA PRO C 366 -28.67 -11.23 16.21
CA LYS C 367 -26.63 -14.45 15.96
CA ASP C 368 -29.74 -16.48 15.10
CA VAL C 369 -29.19 -17.63 11.51
CA LEU C 370 -30.02 -20.90 9.72
CA VAL C 371 -27.64 -21.90 6.91
CA ARG C 372 -28.21 -24.77 4.45
CA TRP C 373 -26.91 -26.08 1.11
CA LEU C 374 -28.49 -27.48 -2.06
CA GLN C 375 -27.60 -29.45 -5.21
CA GLY C 376 -28.12 -28.01 -8.68
CA SER C 377 -28.40 -31.16 -10.81
CA GLN C 378 -30.33 -33.53 -8.53
CA GLU C 379 -32.29 -30.52 -7.18
CA LEU C 380 -32.04 -32.04 -3.68
CA PRO C 381 -30.44 -30.61 -0.50
CA ARG C 382 -26.88 -31.56 0.49
CA GLU C 383 -25.82 -33.70 3.45
CA LYS C 384 -22.12 -33.07 4.17
CA TYR C 385 -21.62 -29.56 5.63
CA LEU C 386 -20.80 -27.84 8.94
CA THR C 387 -21.49 -24.55 10.77
CA TRP C 388 -19.22 -22.37 12.92
CA ALA C 389 -19.92 -19.75 15.63
CA SER C 390 -18.14 -16.94 17.53
CA ARG C 391 -19.14 -13.45 18.72
CA GLN C 392 -17.24 -10.24 17.90
CA GLU C 393 -17.04 -8.19 21.11
CA PRO C 394 -14.07 -5.76 21.03
CA SER C 395 -13.36 -2.79 23.32
CA GLN C 396 -14.86 -0.26 20.89
CA GLY C 397 -18.48 0.32 19.90
CA THR C 398 -18.83 -2.13 17.02
CA THR C 399 -20.43 -5.59 17.13
CA THR C 400 -21.78 -7.83 14.32
CA PHE C 401 -21.89 -11.64 14.14
CA ALA C 402 -20.50 -13.55 11.13
CA VAL C 403 -20.53 -17.20 9.99
CA THR C 404 -18.76 -19.70 7.74
CA SER C 405 -20.15 -22.73 5.88
CA ILE C 406 -18.17 -25.64 4.42
CA LEU C 407 -19.67 -28.01 1.82
CA ARG C 408 -17.40 -30.96 1.02
CA VAL C 409 -18.27 -32.42 -2.40
CA ALA C 410 -16.27 -34.51 -4.91
CA ALA C 411 -13.40 -33.31 -7.11
CA GLU C 412 -14.80 -34.73 -10.36
CA ASP C 413 -18.25 -33.21 -9.77
CA TRP C 414 -16.96 -29.66 -9.24
CA LYS C 415 -15.44 -29.76 -12.74
CA LYS C 416 -18.56 -31.05 -14.52
CA GLY C 417 -20.31 -27.69 -14.26
CA ASP C 418 -22.79 -28.12 -11.41
CA THR C 419 -24.13 -25.11 -9.47
CA PHE C 420 -24.18 -25.14 -5.63
CA SER C 421 -26.52 -22.99 -3.49
CA CYS C 422 -25.86 -21.56 0.01
CA MET C 423 -29.21 -20.44 1.43
CA VAL C 424 -29.09 -18.20 4.50
CA GLY C 425 -32.08 -17.25 6.66
CA HIS C 426 -32.23 -14.26 8.99
CA GLU C 427 -34.82 -11.73 10.20
CA ALA C 428 -33.27 -8.64 8.60
CA LEU C 429 -33.44 -10.32 5.18
CA PRO C 430 -35.98 -9.14 2.54
CA LEU C 431 -38.12 -12.31 2.66
CA ALA C 432 -36.37 -13.88 5.66
CA PHE C 433 -34.46 -15.90 3.06
CA THR C 434 -31.55 -15.18 0.72
CA GLN C 435 -29.59 -17.47 -1.64
CA LYS C 436 -26.27 -17.04 -3.48
CA THR C 437 -24.59 -19.55 -5.82
CA ILE C 438 -21.16 -20.81 -6.91
CA ASP C 439 -20.21 -22.17 -10.35
CA ARG C 440 -16.93 -23.24 -11.97
CA LEU C 441 -18.08 -21.41 -15.12
CA ALA C 442 -16.95 -17.86 -14.44
CA GLY C 443 -17.86 -15.19 -16.96
CA LYS C 444 -16.47 -11.72 -16.28
CA PRO C 445 -19.50 -9.37 -16.66
CA THR C 446 -19.77 -8.58 -12.94
CA HIS C 447 -21.47 -11.16 -10.70
CA VAL C 448 -24.86 -12.19 -12.09
CA ASN C 449 -27.46 -14.39 -10.38
CA VAL C 450 -29.73 -17.06 -11.91
CA SER C 451 -33.19 -16.47 -13.39
CA VAL C 452 -36.64 -17.05 -11.83
CA VAL C 453 -38.11 -20.52 -11.24
CA MET C 454 -41.73 -20.60 -10.01
CA ALA C 455 -44.37 -17.84 -10.17
CA GLU C 456 -47.99 -16.99 -9.31
CA VAL C 457 -47.78 -19.47 -6.42
CA ASP C 458 -46.67 -17.95 -3.11
CA GLY C 459 -49.08 -19.86 -0.87
CA THR C 460 -51.90 -17.44 -0.02
CA CYS C 461 -53.36 -18.05 -3.49
CA TYR C 462 -53.28 -21.83 -3.97
CA GLN D 1 -58.47 7.61 83.67
CA VAL D 2 -55.26 8.54 81.84
CA LYS D 3 -52.92 10.21 84.35
CA LEU D 4 -54.75 12.96 86.31
CA LEU D 5 -53.25 16.05 84.69
CA GLU D 6 -51.60 15.23 81.35
CA GLN D 7 -49.58 18.14 79.95
CA SER D 8 -48.06 18.78 76.50
CA GLY D 9 -44.60 18.33 74.97
CA ALA D 10 -41.29 20.19 74.87
CA GLU D 11 -41.54 23.00 72.32
CA VAL D 12 -38.24 24.28 70.90
CA LYS D 13 -38.67 28.02 70.34
CA LYS D 14 -36.17 30.45 68.85
CA PRO D 15 -35.42 33.55 71.02
CA GLY D 16 -38.17 36.11 70.44
CA ALA D 17 -41.01 33.67 69.78
CA SER D 18 -44.18 32.51 71.58
CA VAL D 19 -44.97 29.35 73.56
CA LYS D 20 -48.32 27.86 74.66
CA VAL D 21 -48.29 24.90 77.05
CA SER D 22 -51.58 23.14 77.87
CA CYS D 23 -52.79 21.14 80.89
CA LYS D 24 -55.51 18.52 80.35
CA ALA D 25 -57.47 17.36 83.40
CA SER D 26 -59.58 14.29 84.18
CA GLY D 27 -61.13 12.15 86.90
CA TYR D 28 -62.28 15.17 88.90
CA SER D 29 -64.54 18.20 88.42
CA PHE D 30 -62.78 20.99 86.49
CA THR D 31 -64.94 23.94 87.57
CA SER D 32 -64.31 23.21 91.27
CA TYR D 33 -60.50 23.44 91.51
CA GLY D 34 -57.83 25.92 90.41
CA LEU D 35 -54.48 25.41 88.64
CA HIS D 36 -51.08 26.95 89.45
CA TRP D 37 -48.03 27.07 87.14
CA VAL D 38 -44.52 26.40 88.49
CA ARG D 39 -41.27 25.91 86.53
CA GLN D 40 -37.63 24.93 87.25
CA ALA D 41 -34.37 26.00 85.58
CA PRO D 42 -31.67 23.30 85.10
CA GLY D 43 -29.85 23.25 88.41
CA GLN D 44 -32.04 25.82 90.18
CA ARG D 45 -35.07 25.94 92.51
CA LEU D 46 -38.77 25.93 91.53
CA GLU D 47 -40.29 29.33 90.73
CA TRP D 48 -44.02 30.11 90.88
CA MET D 49 -45.39 31.77 87.73
CA GLY D 50 -49.10 32.21 88.39
CA TRP D 51 -52.61 30.86 88.92
CA ILE D 52 -56.02 30.78 87.22
CA SER D 53 -59.45 29.80 88.55
CA ALA D 54 -61.37 27.32 86.37
CA GLY D 55 -64.71 28.60 87.64
CA THR D 56 -64.64 32.34 86.91
CA GLY D 57 -61.37 32.91 85.06
CA ASN D 58 -59.50 35.31 87.35
CA THR D 59 -55.76 35.74 86.71
CA LYS D 60 -53.19 36.11 89.50
CA TYR D 61 -49.55 36.02 88.34
CA SER D 62 -46.29 37.29 89.86
CA GLN D 63 -44.60 40.65 89.23
CA LYS D 64 -41.64 38.83 87.65
CA PHE D 65 -43.20 38.04 84.26
CA ARG D 66 -45.31 41.22 84.24
CA GLY D 67 -46.46 42.09 80.74
CA ARG D 68 -45.62 38.85 78.92
CA VAL D 69 -47.67 36.11 80.59
CA THR D 70 -51.28 35.06 80.04
CA PHE D 71 -53.60 32.28 81.24
CA THR D 72 -56.61 30.91 79.35
CA ARG D 73 -59.07 28.06 80.03
CA ASP D 74 -61.60 26.15 77.93
CA THR D 75 -64.65 25.08 79.96
CA SER D 76 -66.07 22.43 77.60
CA ALA D 77 -62.62 21.01 76.74
CA THR D 78 -61.18 20.57 80.25
CA THR D 79 -57.72 21.99 79.46
CA ALA D 80 -55.74 24.91 80.93
CA TYR D 81 -53.30 27.12 79.00
CA MET D 82 -50.25 29.36 79.52
CA GLY D 83 -48.67 31.99 77.28
CA LEU D 84 -45.26 33.70 77.28
CA SER D 85 -44.01 36.14 74.63
CA SER D 86 -40.46 37.46 74.04
CA LEU D 87 -38.65 34.25 75.07
CA ARG D 88 -35.01 34.47 76.17
CA PRO D 89 -32.04 32.03 76.46
CA GLU D 90 -32.60 31.90 80.23
CA ASP D 91 -36.18 30.56 80.07
CA THR D 92 -34.95 26.99 79.53
CA ALA D 93 -36.93 25.27 82.28
CA VAL D 94 -39.37 22.47 83.05
CA TYR D 95 -42.89 23.84 83.52
CA TYR D 96 -45.60 22.15 85.60
CA CYS D 97 -49.31 22.74 86.22
CA ALA D 98 -50.33 21.92 89.79
CA ARG D 99 -53.90 21.83 91.10
CA ASP D 100 -55.64 23.93 93.78
CA PRO D 101 -57.23 21.78 96.56
CA TYR D 102 -59.22 24.80 97.77
CA GLY D 103 -59.81 27.16 94.85
CA GLY D 104 -58.48 30.19 96.68
CA GLY D 105 -55.27 30.94 94.83
CA LYS D 106 -52.96 30.51 97.80
CA SER D 107 -52.19 27.01 99.12
CA GLU D 108 -50.26 23.76 98.53
CA PHE D 109 -50.03 21.49 95.47
CA ASP D 110 -51.35 17.91 95.68
CA TYR D 111 -51.28 16.94 92.00
CA TRP D 112 -48.36 17.64 89.64
CA GLY D 113 -48.03 16.92 85.92
CA GLN D 114 -45.20 15.37 83.89
CA GLY D 115 -43.57 18.67 82.97
CA THR D 116 -42.69 20.44 79.72
CA LEU D 117 -39.08 21.40 78.93
CA VAL D 118 -39.14 24.48 76.71
CA THR D 119 -35.61 25.17 75.44
CA VAL D 120 -35.02 28.57 73.84
CA SER D 121 -31.98 28.48 71.54
CA SER D 122 -31.28 29.83 68.03
CA ALA D 123 -29.07 26.85 67.10
CA SER D 124 -30.41 24.60 64.33
CA PRO D 125 -32.06 21.66 66.16
CA THR D 126 -31.54 18.19 64.69
CA SER D 127 -33.17 14.76 65.01
CA PRO D 128 -31.20 12.04 66.89
CA LYS D 129 -29.63 9.08 65.06
CA VAL D 130 -30.30 5.88 67.00
CA PHE D 131 -27.74 3.09 66.63
CA PRO D 132 -27.84 -0.54 67.83
CA LEU D 133 -25.10 -1.49 70.31
CA SER D 134 -24.91 -5.26 69.80
CA LEU D 135 -21.79 -7.22 70.83
CA ASP D 136 -19.65 -10.12 69.58
CA SER D 137 -17.80 -12.08 72.33
CA THR D 138 -17.13 -9.01 74.50
CA PRO D 139 -19.50 -9.97 77.34
CA GLN D 140 -18.97 -12.75 79.88
CA ASP D 141 -20.53 -16.21 79.75
CA GLY D 142 -23.75 -15.93 81.73
CA ASN D 143 -25.44 -12.65 80.79
CA VAL D 144 -26.11 -10.58 77.66
CA VAL D 145 -25.76 -6.79 77.53
CA VAL D 146 -27.45 -4.86 74.71
CA ALA D 147 -27.95 -1.11 74.17
CA CYS D 148 -29.21 1.68 71.89
CA LEU D 149 -26.99 4.71 71.24
CA VAL D 150 -29.13 7.76 70.43
CA GLN D 151 -26.55 10.17 68.97
CA GLY D 152 -26.81 13.80 67.84
CA PHE D 153 -29.81 15.75 69.11
CA PHE D 154 -30.27 19.39 70.12
CA PRO D 155 -31.49 20.33 72.61
CA GLN D 156 -31.33 17.63 75.31
CA GLU D 157 -35.08 17.16 75.88
CA PRO D 158 -36.87 14.62 78.13
CA LEU D 159 -36.10 11.39 76.26
CA SER D 160 -38.59 8.62 77.03
CA VAL D 161 -37.26 5.14 76.22
CA THR D 162 -39.11 1.85 76.77
CA TRP D 163 -37.75 -1.57 75.76
CA SER D 164 -40.12 -4.38 74.77
CA GLU D 165 -39.20 -7.02 77.38
CA SER D 166 -39.64 -6.61 81.15
CA GLY D 167 -39.45 -8.81 84.24
CA GLN D 168 -37.51 -9.42 87.45
CA ASN D 169 -33.93 -10.26 86.44
CA VAL D 170 -33.83 -7.59 83.71
CA THR D 171 -32.54 -4.05 84.30
CA ALA D 172 -32.76 -0.94 82.11
CA ARG D 173 -30.85 2.30 82.73
CA ASN D 174 -31.41 5.70 81.07
CA PHE D 175 -28.02 7.44 80.74
CA PRO D 176 -27.96 11.25 81.32
CA PRO D 177 -27.40 13.66 78.36
CA SER D 178 -23.83 14.87 77.73
CA GLN D 179 -22.43 17.83 75.76
CA ASP D 180 -19.53 17.97 73.27
CA ALA D 181 -17.62 21.17 72.47
CA SER D 182 -19.75 24.21 73.40
CA GLY D 183 -23.31 23.06 72.79
CA ASP D 184 -23.08 21.74 69.22
CA LEU D 185 -24.88 18.46 69.95
CA TYR D 186 -26.12 16.15 72.74
CA THR D 187 -25.86 12.34 72.97
CA THR D 188 -27.49 9.59 75.07
CA SER D 189 -27.92 5.82 75.34
CA SER D 190 -30.27 3.09 76.59
CA GLN D 191 -29.01 -0.22 77.98
CA LEU D 192 -30.73 -3.47 78.95
CA THR D 193 -28.78 -6.08 80.90
CA LEU D 194 -30.71 -9.37 80.75
CA PRO D 195 -29.98 -13.06 81.49
CA ALA D 196 -29.04 -15.29 78.55
CA THR D 197 -31.99 -17.59 79.27
CA GLN D 198 -34.29 -14.72 78.20
CA CYS D 199 -33.52 -13.50 74.65
CA PRO D 200 -34.18 -16.49 72.35
CA ASP D 201 -31.65 -17.54 69.66
CA GLY D 202 -32.73 -15.97 66.38
CA LYS D 203 -34.84 -12.99 67.54
CA SER D 204 -34.21 -9.49 68.90
CA VAL D 205 -35.45 -6.80 71.32
CA THR D 206 -36.81 -3.42 70.16
CA CYS D 207 -35.88 -0.12 71.87
CA HIS D 208 -38.42 2.71 71.52
CA VAL D 209 -36.98 6.22 71.82
CA LYS D 210 -39.28 9.25 71.99
CA HIS D 211 -38.09 12.87 71.86
CA TYR D 212 -40.85 15.50 72.21
CA THR D 213 -44.21 14.54 70.66
CA ASN D 214 -42.28 13.51 67.55
CA PRO D 215 -43.03 9.99 66.17
CA SER D 216 -41.45 7.22 68.24
CA GLN D 217 -38.39 5.82 66.46
CA ASP D 218 -38.33 2.02 66.81
CA VAL D 219 -35.12 0.02 66.29
CA THR D 220 -34.71 -3.77 66.15
CA VAL D 221 -31.81 -4.42 68.55
CA PRO D 222 -30.56 -8.01 68.02
CA CYS D 223 -28.96 -10.41 70.47
CA PRO D 224 -28.14 -14.37 69.76
CA VAL D 225 -26.13 -16.30 67.13
CA PRO D 226 -27.13 -18.66 64.01
CA PRO D 227 -25.02 -21.67 62.95
CA PRO D 228 -24.55 -22.50 59.10
CA PRO D 229 -26.73 -25.70 57.73
CA PRO D 230 -24.58 -28.37 56.05
CA CYS D 231 -26.02 -31.43 54.06
CA CYS D 232 -23.96 -33.63 51.69
CA HIS D 233 -24.63 -35.75 48.62
CA PRO D 234 -22.75 -38.95 47.36
CA ARG D 235 -20.46 -37.91 44.43
CA LEU D 236 -17.01 -36.74 43.15
CA SER D 237 -16.14 -34.78 39.96
CA LEU D 238 -12.98 -33.47 38.27
CA HIS D 239 -12.61 -30.05 36.63
CA ARG D 240 -10.25 -29.77 33.64
CA PRO D 241 -8.28 -26.49 33.40
CA ALA D 242 -9.25 -23.83 30.84
CA LEU D 243 -7.72 -23.89 27.35
CA GLU D 244 -7.18 -20.15 26.90
CA ASP D 245 -5.29 -19.89 30.20
CA LEU D 246 -2.76 -22.74 29.83
CA LEU D 247 -1.81 -21.75 26.27
CA LEU D 248 -0.95 -18.10 26.92
CA GLY D 249 1.26 -18.37 30.01
CA SER D 250 1.50 -21.95 31.30
CA GLU D 251 -0.90 -21.19 34.17
CA ALA D 252 -2.99 -24.35 34.60
CA ASN D 253 -4.67 -26.17 37.48
CA LEU D 254 -6.88 -29.26 37.85
CA THR D 255 -9.54 -29.26 40.59
CA CYS D 256 -10.75 -32.36 42.48
CA THR D 257 -13.88 -31.39 44.45
CA LEU D 258 -15.80 -33.87 46.63
CA THR D 259 -19.44 -32.73 46.74
CA GLY D 260 -21.80 -35.51 47.89
CA LEU D 261 -21.77 -37.79 50.96
CA ARG D 262 -23.35 -36.93 54.40
CA ASP D 263 -21.89 -35.28 57.62
CA ALA D 264 -18.69 -34.21 59.47
CA SER D 265 -15.39 -35.94 58.65
CA GLY D 266 -12.04 -35.00 57.08
CA ALA D 267 -10.63 -35.94 53.67
CA THR D 268 -7.02 -36.59 52.63
CA PHE D 269 -5.62 -36.65 49.07
CA THR D 270 -3.05 -38.60 47.05
CA TRP D 271 -2.23 -36.56 43.93
CA THR D 272 0.21 -37.88 41.34
CA PRO D 273 3.20 -35.73 40.21
CA SER D 274 3.57 -34.39 36.66
CA SER D 275 6.30 -34.98 34.07
CA GLY D 276 8.46 -32.41 35.85
CA LYS D 277 8.14 -34.30 39.16
CA SER D 278 6.16 -31.69 41.11
CA ALA D 279 3.22 -32.12 43.51
CA VAL D 280 1.63 -29.16 45.31
CA GLN D 281 -1.77 -29.08 47.05
CA GLY D 282 -3.81 -27.33 49.74
CA PRO D 283 -7.44 -28.59 50.23
CA PRO D 284 -9.70 -26.44 52.50
CA GLU D 285 -13.14 -26.89 54.10
CA ARG D 286 -16.12 -24.67 53.24
CA ASP D 287 -19.82 -23.94 53.63
CA LEU D 288 -22.19 -23.66 50.63
CA CYS D 289 -25.49 -25.55 51.26
CA GLY D 290 -24.89 -26.83 54.81
CA CYS D 291 -22.37 -29.73 55.06
CA TYR D 292 -18.50 -29.41 55.22
CA SER D 293 -16.55 -29.33 51.90
CA VAL D 294 -13.02 -30.41 50.87
CA SER D 295 -11.58 -29.36 47.45
CA SER D 296 -7.96 -29.52 46.20
CA VAL D 297 -6.15 -27.91 43.26
CA LEU D 298 -2.97 -29.31 41.66
CA PRO D 299 -1.10 -26.59 39.67
CA GLY D 300 0.33 -28.18 36.55
CA CYS D 301 2.48 -27.06 33.61
CA ALA D 302 1.72 -26.84 29.88
CA GLN D 303 4.11 -29.55 28.62
CA PRO D 304 2.52 -32.48 30.51
CA TRP D 305 -0.94 -31.53 29.22
CA ASN D 306 0.36 -31.13 25.66
CA HIS D 307 2.20 -34.46 25.79
CA GLY D 308 -0.59 -36.23 27.68
CA GLU D 309 0.07 -37.27 31.28
CA THR D 310 -2.37 -39.21 33.49
CA PHE D 311 -3.71 -36.89 36.24
CA THR D 312 -5.39 -39.09 38.88
CA CYS D 313 -6.92 -38.04 42.23
CA THR D 314 -7.45 -40.69 44.93
CA ALA D 315 -9.18 -39.88 48.23
CA ALA D 316 -9.14 -42.21 51.25
CA HIS D 317 -11.95 -42.17 53.85
CA PRO D 318 -13.31 -44.35 56.69
CA GLU D 319 -16.89 -44.45 55.41
CA LEU D 320 -15.98 -43.93 51.76
CA LYS D 321 -14.19 -47.23 52.27
CA THR D 322 -13.36 -47.74 48.58
CA PRO D 323 -11.09 -44.74 47.86
CA LEU D 324 -12.61 -43.27 44.71
CA THR D 325 -10.06 -43.12 41.88
CA ALA D 326 -10.50 -40.59 39.07
CA ASN D 327 -8.24 -40.11 36.04
CA ILE D 328 -8.36 -37.51 33.25
CA THR D 329 -6.23 -37.05 30.13
CA LYS D 330 -6.65 -35.62 26.61
CA SER D 331 -8.55 -37.47 23.87
CA GLY D 332 -8.26 -39.10 20.46
CA ASN D 333 -5.25 -39.83 18.26
CA THR D 334 -3.16 -37.31 16.27
CA PHE D 335 -4.23 -36.08 12.81
CA ARG D 336 -2.19 -33.69 10.65
CA PRO D 337 -3.97 -30.34 9.92
CA GLU D 338 -4.45 -29.22 6.31
CA VAL D 339 -4.41 -25.43 5.92
CA HIS D 340 -6.20 -23.86 2.93
CA LEU D 341 -5.86 -20.06 2.63
CA LEU D 342 -8.87 -18.64 0.77
CA PRO D 343 -8.76 -15.29 -1.10
CA PRO D 344 -11.52 -12.61 -0.79
CA PRO D 345 -14.50 -12.97 -3.20
CA SER D 346 -15.41 -10.78 -6.17
CA GLU D 347 -18.37 -8.94 -4.63
CA GLU D 348 -16.46 -8.28 -1.40
CA LEU D 349 -14.06 -5.96 -3.25
CA ALA D 350 -16.94 -3.47 -3.47
CA LEU D 351 -16.55 -2.45 0.19
CA ASN D 352 -13.79 -0.23 1.64
CA GLU D 353 -12.69 -0.45 5.30
CA LEU D 354 -12.50 -4.25 5.73
CA VAL D 355 -11.47 -7.32 3.68
CA THR D 356 -11.80 -10.89 5.01
CA LEU D 357 -8.89 -13.33 4.62
CA THR D 358 -10.08 -16.88 5.38
CA CYS D 359 -7.53 -19.65 6.02
CA LEU D 360 -9.22 -22.95 6.87
CA ALA D 361 -7.39 -25.76 8.69
CA ARG D 362 -9.35 -29.03 8.68
CA GLY D 363 -8.31 -32.62 9.33
CA PHE D 364 -6.91 -32.34 12.86
CA SER D 365 -7.21 -34.00 16.27
CA PRO D 366 -7.30 -33.17 19.09
CA LYS D 367 -9.08 -29.79 18.97
CA ASP D 368 -6.11 -28.02 20.58
CA VAL D 369 -4.74 -25.71 17.89
CA LEU D 370 -3.21 -22.21 18.08
CA VAL D 371 -3.84 -20.08 14.98
CA ARG D 372 -2.25 -16.65 14.37
CA TRP D 373 -1.66 -14.13 11.56
CA LEU D 374 1.30 -12.02 10.39
CA GLN D 375 2.10 -9.00 8.19
CA GLY D 376 4.42 -9.26 5.21
CA SER D 377 5.63 -5.67 4.81
CA GLN D 378 5.94 -4.47 8.41
CA GLU D 379 7.05 -8.01 9.42
CA LEU D 380 4.91 -7.70 12.56
CA PRO D 381 1.95 -9.84 13.76
CA ARG D 382 -1.62 -8.77 12.99
CA GLU D 383 -4.21 -7.52 15.51
CA LYS D 384 -7.70 -7.82 13.96
CA TYR D 385 -8.70 -11.49 13.66
CA LEU D 386 -11.06 -14.03 15.29
CA THR D 387 -11.14 -17.82 15.79
CA TRP D 388 -14.12 -20.15 15.16
CA ALA D 389 -14.83 -23.67 16.51
CA SER D 390 -17.16 -26.69 16.55
CA ARG D 391 -16.99 -30.51 16.81
CA GLN D 392 -17.99 -33.05 14.14
CA GLU D 393 -19.60 -36.03 15.88
CA PRO D 394 -21.96 -37.80 13.42
CA SER D 395 -23.58 -41.23 13.78
CA GLN D 396 -20.85 -42.98 11.77
CA GLY D 397 -17.23 -43.69 12.66
CA THR D 398 -15.56 -40.52 11.37
CA THR D 399 -14.50 -37.58 13.58
CA THR D 400 -11.98 -34.75 12.91
CA PHE D 401 -12.00 -31.15 14.17
CA ALA D 402 -11.54 -28.15 11.84
CA VAL D 403 -11.14 -24.36 12.20
CA THR D 404 -11.65 -21.06 10.34
CA SER D 405 -9.71 -17.79 10.67
CA ILE D 406 -10.75 -14.29 9.56
CA LEU D 407 -8.22 -11.47 9.12
CA ARG D 408 -9.92 -8.15 8.33
CA VAL D 409 -7.44 -5.81 6.62
CA ALA D 410 -7.89 -2.76 4.37
CA ALA D 411 -9.13 -2.73 0.76
CA GLU D 412 -6.29 -0.56 -0.57
CA ASP D 413 -3.61 -2.67 1.14
CA TRP D 414 -4.79 -5.98 -0.36
CA LYS D 415 -4.22 -4.52 -3.84
CA LYS D 416 -0.71 -3.16 -3.17
CA GLY D 417 0.84 -6.63 -3.26
CA ASP D 418 1.39 -7.54 0.40
CA THR D 419 1.64 -11.18 1.53
CA PHE D 420 -0.34 -12.40 4.59
CA SER D 421 0.64 -15.44 6.72
CA CYS D 422 -1.70 -17.84 8.59
CA MET D 423 0.48 -19.82 11.03
CA VAL D 424 -1.15 -22.90 12.56
CA GLY D 425 0.25 -24.88 15.48
CA HIS D 426 -0.65 -28.47 16.34
CA GLU D 427 1.05 -31.59 17.73
CA ALA D 428 0.74 -33.75 14.59
CA LEU D 429 2.59 -31.07 12.58
CA PRO D 430 6.19 -31.68 11.39
CA LEU D 431 7.80 -29.06 13.66
CA ALA D 432 4.65 -28.33 15.69
CA PHE D 433 4.28 -25.32 13.40
CA THR D 434 3.09 -24.82 9.81
CA GLN D 435 2.52 -21.64 7.77
CA LYS D 436 0.71 -20.96 4.48
CA THR D 437 0.41 -17.61 2.69
CA ILE D 438 -1.98 -15.57 0.51
CA ASP D 439 -1.04 -13.04 -2.18
CA ARG D 440 -2.98 -11.03 -4.79
CA LEU D 441 -0.23 -11.87 -7.30
CA ALA D 442 -1.32 -15.27 -8.61
CA GLY D 443 0.93 -17.04 -11.08
CA LYS D 444 -0.44 -20.28 -12.51
CA PRO D 445 2.45 -22.78 -12.12
CA THR D 446 0.70 -24.79 -9.38
CA HIS D 447 0.96 -23.18 -5.93
CA VAL D 448 4.47 -22.38 -4.69
CA ASN D 449 5.57 -21.30 -1.20
CA VAL D 450 8.16 -18.63 -0.32
CA SER D 451 11.92 -19.20 0.07
CA VAL D 452 13.94 -19.69 3.26
CA VAL D 453 14.69 -16.85 5.70
CA MET D 454 17.10 -17.71 8.54
CA ALA D 455 19.54 -20.63 8.85
CA GLU D 456 22.25 -22.16 11.05
CA VAL D 457 20.42 -20.78 14.12
CA ASP D 458 17.78 -23.13 15.55
CA GLY D 459 18.54 -22.46 19.22
CA THR D 460 20.61 -25.39 20.47
CA CYS D 461 23.64 -23.88 18.73
CA TYR D 462 23.54 -20.19 19.67
CA PRO E 1 -31.25 -12.02 -21.50
CA ARG E 2 -30.31 -11.36 -17.93
CA SER E 3 -29.82 -8.14 -16.08
CA PRO E 4 -30.51 -6.54 -12.79
CA THR E 5 -34.22 -6.53 -12.12
CA VAL E 6 -33.91 -3.46 -9.98
CA VAL E 7 -31.15 -0.95 -9.59
CA LYS E 8 -31.09 1.71 -6.94
CA GLY E 9 -28.87 4.72 -6.83
CA VAL E 10 -28.94 8.10 -5.31
CA ALA E 11 -28.84 11.63 -6.70
CA GLY E 12 -25.72 12.70 -8.58
CA SER E 13 -24.06 9.28 -8.45
CA SER E 14 -23.30 7.26 -11.58
CA VAL E 15 -24.65 3.82 -12.30
CA ALA E 16 -23.79 1.00 -14.61
CA VAL E 17 -26.11 -1.69 -15.83
CA LEU E 18 -24.87 -4.93 -17.33
CA CYS E 19 -26.99 -7.27 -19.46
CA PRO E 20 -25.97 -10.68 -20.79
CA TYR E 21 -26.80 -12.25 -24.23
CA ASN E 22 -26.21 -15.15 -26.80
CA ARG E 23 -24.36 -15.81 -30.11
CA LYS E 24 -26.60 -14.34 -32.77
CA GLU E 25 -26.95 -11.64 -30.25
CA SER E 26 -23.24 -10.86 -30.31
CA LYS E 27 -23.69 -9.26 -33.72
CA SER E 28 -27.10 -7.67 -33.24
CA ILE E 29 -27.79 -4.12 -32.13
CA LYS E 30 -27.91 -3.50 -28.41
CA TYR E 31 -30.15 -0.89 -26.96
CA TRP E 32 -31.34 0.77 -23.77
CA CYS E 33 -34.88 2.16 -23.64
CA LEU E 34 -37.31 3.75 -21.25
CA TRP E 35 -40.75 2.21 -21.06
CA GLU E 36 -43.65 4.41 -22.06
CA GLY E 37 -47.10 4.07 -20.58
CA ALA E 38 -49.99 3.68 -22.98
CA GLN E 39 -52.15 0.99 -24.41
CA ASN E 40 -49.61 0.98 -27.17
CA GLY E 41 -46.41 2.52 -26.03
CA ARG E 42 -42.90 2.20 -27.24
CA CYS E 43 -39.78 2.30 -25.20
CA PRO E 44 -37.88 5.22 -26.46
CA LEU E 45 -34.41 4.35 -27.68
CA LEU E 46 -32.22 6.09 -25.14
CA VAL E 47 -28.87 4.81 -26.44
CA ASP E 48 -27.90 2.16 -28.98
CA SER E 49 -24.86 0.18 -30.11
CA GLU E 50 -25.52 1.65 -33.53
CA GLY E 51 -24.06 4.98 -32.64
CA TRP E 52 -27.29 6.66 -31.70
CA VAL E 53 -27.53 8.55 -28.45
CA LYS E 54 -30.55 10.50 -27.25
CA ALA E 55 -30.22 14.16 -26.49
CA GLN E 56 -30.95 13.68 -22.83
CA TYR E 57 -28.26 11.03 -22.59
CA GLU E 58 -25.69 12.54 -24.94
CA GLY E 59 -22.47 12.93 -23.01
CA ARG E 60 -24.16 11.71 -19.85
CA LEU E 61 -24.22 8.02 -20.71
CA SER E 62 -22.38 5.34 -22.61
CA LEU E 63 -23.18 1.88 -23.96
CA LEU E 64 -20.37 -0.60 -24.46
CA GLU E 65 -20.60 -4.09 -25.84
CA GLU E 66 -18.11 -6.83 -25.18
CA PRO E 67 -19.02 -9.84 -27.18
CA GLY E 68 -16.61 -12.30 -25.65
CA ASN E 69 -18.16 -11.78 -22.27
CA GLY E 70 -21.60 -11.68 -23.75
CA THR E 71 -22.40 -8.46 -22.04
CA PHE E 72 -22.93 -4.82 -22.78
CA THR E 73 -22.85 -2.12 -20.19
CA VAL E 74 -24.77 1.09 -20.00
CA ILE E 75 -23.14 3.68 -17.85
CA LEU E 76 -25.15 6.68 -16.81
CA ASN E 77 -23.89 9.65 -14.87
CA GLN E 78 -25.54 12.59 -13.17
CA LEU E 79 -28.54 10.57 -12.16
CA THR E 80 -31.44 12.89 -11.51
CA SER E 81 -34.98 12.57 -10.28
CA ARG E 82 -36.06 12.21 -13.88
CA ASP E 83 -34.08 8.99 -14.19
CA ALA E 84 -36.23 6.87 -11.91
CA GLY E 85 -38.42 4.68 -14.04
CA PHE E 86 -38.63 1.50 -16.07
CA TYR E 87 -36.10 0.68 -18.72
CA TRP E 88 -35.24 -2.21 -20.98
CA CYS E 89 -31.96 -3.52 -22.33
CA LEU E 90 -32.41 -5.64 -25.38
CA THR E 91 -31.01 -6.87 -28.68
CA ASN E 92 -32.26 -6.08 -32.19
CA GLY E 93 -35.50 -4.17 -32.58
CA ASP E 94 -37.30 -2.77 -29.55
CA THR E 95 -40.61 -4.34 -30.53
CA LEU E 96 -39.22 -7.86 -30.61
CA TRP E 97 -39.18 -7.84 -26.83
CA ARG E 98 -36.04 -9.92 -26.59
CA THR E 99 -35.09 -7.67 -23.71
CA THR E 100 -34.99 -7.62 -19.96
CA VAL E 101 -36.87 -5.10 -17.90
CA GLU E 102 -34.95 -3.09 -15.38
CA ILE E 103 -36.40 -0.79 -12.78
CA LYS E 104 -34.23 2.08 -11.76
CA ILE E 105 -34.95 4.07 -8.66
CA ILE E 106 -32.92 7.18 -8.11
CA GLU F 1 60.90 4.24 -121.62
CA LEU F 2 64.60 4.92 -121.00
CA VAL F 3 66.00 2.76 -118.18
CA MET F 4 68.25 4.33 -115.53
CA THR F 5 70.37 1.93 -113.44
CA GLN F 6 72.31 3.14 -110.39
CA SER F 7 74.94 1.27 -108.36
CA PRO F 8 75.63 0.12 -105.74
CA SER F 9 72.37 -0.64 -103.92
CA SER F 10 73.84 0.37 -100.54
CA LEU F 11 76.90 2.31 -99.35
CA SER F 12 78.90 2.04 -96.12
CA ALA F 13 81.58 4.60 -95.24
CA SER F 14 82.93 6.57 -92.27
CA VAL F 15 83.03 10.37 -91.99
CA GLY F 16 85.62 11.73 -94.42
CA ASP F 17 85.70 9.08 -97.16
CA ARG F 18 84.96 10.04 -100.76
CA VAL F 19 82.00 8.02 -102.10
CA ASN F 20 81.20 7.46 -105.79
CA ILE F 21 77.62 7.01 -107.07
CA ALA F 22 77.04 5.95 -110.70
CA CYS F 23 74.00 6.54 -112.95
CA ARG F 24 74.07 4.85 -116.36
CA ALA F 25 71.38 5.08 -119.07
CA SER F 26 70.08 2.84 -121.87
CA GLN F 27 71.12 5.36 -124.55
CA GLY F 28 72.85 8.74 -124.82
CA ILE F 29 70.98 11.66 -123.23
CA SER F 30 73.77 14.26 -123.53
CA SER F 31 73.97 16.62 -120.52
CA ALA F 32 70.42 15.99 -119.27
CA LEU F 33 70.58 14.56 -115.73
CA ALA F 34 69.61 15.73 -112.22
CA TRP F 35 70.65 14.45 -108.78
CA TYR F 36 68.43 14.48 -105.69
CA GLN F 37 68.58 14.12 -101.89
CA GLN F 38 65.69 12.48 -100.07
CA LYS F 39 65.96 12.47 -96.27
CA PRO F 40 63.75 9.58 -95.03
CA GLY F 41 60.26 10.95 -94.46
CA LYS F 42 60.78 14.09 -96.56
CA ALA F 43 60.44 15.44 -100.10
CA PRO F 44 63.43 15.22 -102.51
CA ARG F 45 65.89 18.11 -102.80
CA LEU F 46 67.63 19.22 -106.00
CA LEU F 47 71.42 19.03 -105.77
CA ILE F 48 72.83 19.16 -109.30
CA TYR F 49 71.33 20.12 -112.66
CA ASP F 50 72.62 20.07 -116.27
CA ALA F 51 75.17 17.42 -115.18
CA SER F 52 77.69 19.53 -113.22
CA ASN F 53 76.06 22.82 -112.14
CA LEU F 54 75.25 23.18 -108.43
CA GLU F 55 72.17 24.87 -106.94
CA SER F 56 72.41 27.96 -104.72
CA GLY F 57 72.68 26.74 -101.14
CA VAL F 58 73.97 23.22 -101.79
CA PRO F 59 77.37 22.65 -100.11
CA SER F 60 80.61 23.08 -102.07
CA ARG F 61 81.55 19.43 -101.42
CA PHE F 62 78.88 18.05 -103.78
CA SER F 63 79.69 17.72 -107.52
CA GLY F 64 79.98 15.36 -110.48
CA SER F 65 80.38 14.97 -114.26
CA GLY F 66 79.79 12.65 -117.23
CA SER F 67 78.76 13.02 -120.89
CA GLY F 68 76.27 10.73 -122.60
CA THR F 69 76.04 7.33 -120.91
CA ASP F 70 78.27 7.14 -117.82
CA PHE F 71 77.52 9.56 -114.95
CA THR F 72 78.87 9.99 -111.40
CA LEU F 73 78.02 11.75 -108.12
CA THR F 74 80.92 12.61 -105.80
CA ILE F 75 81.30 13.81 -102.17
CA SER F 76 84.82 14.85 -101.07
CA SER F 77 84.03 14.95 -97.33
CA LEU F 78 81.25 12.72 -96.01
CA GLN F 79 79.40 14.21 -93.03
CA PRO F 80 76.68 12.71 -90.77
CA GLU F 81 74.08 15.07 -92.25
CA ASP F 82 74.30 13.31 -95.64
CA PHE F 83 72.03 10.39 -94.68
CA ALA F 84 69.62 10.22 -97.63
CA ILE F 85 68.59 8.07 -100.61
CA TYR F 86 69.92 9.76 -103.76
CA TYR F 87 68.26 9.58 -107.20
CA CYS F 88 69.05 10.57 -110.80
CA GLN F 89 66.45 11.26 -113.49
CA GLN F 90 66.73 12.28 -117.14
CA PHE F 91 65.05 15.01 -119.18
CA ASN F 92 65.69 14.48 -122.90
CA SER F 93 62.49 12.61 -123.86
CA TYR F 94 59.23 11.28 -122.40
CA PRO F 95 58.36 9.91 -119.99
CA LEU F 96 60.86 11.20 -117.42
CA THR F 97 62.34 8.32 -115.42
CA PHE F 98 64.16 8.01 -112.07
CA GLY F 99 67.04 5.91 -110.77
CA GLY F 100 66.85 2.93 -108.43
CA GLY F 101 68.14 4.87 -105.45
CA THR F 102 71.46 4.58 -103.61
CA LYS F 103 71.13 4.71 -99.81
CA VAL F 104 74.08 6.12 -97.84
CA GLU F 105 74.66 4.61 -94.40
CA ILE F 106 77.17 6.37 -92.11
CA LYS F 107 79.91 4.58 -90.13
CA ARG F 108 81.16 5.25 -86.60
CA THR F 109 82.18 3.53 -83.34
CA VAL F 110 80.07 1.23 -81.15
CA ALA F 111 77.61 2.74 -78.67
CA ALA F 112 75.92 1.19 -75.63
CA PRO F 113 72.12 1.79 -75.54
CA SER F 114 70.31 2.83 -72.35
CA VAL F 115 67.41 0.36 -72.06
CA PHE F 116 64.09 1.51 -70.57
CA ILE F 117 60.65 -0.08 -70.09
CA PHE F 118 57.03 1.15 -69.96
CA PRO F 119 54.17 -0.81 -68.33
CA PRO F 120 50.53 -0.42 -69.53
CA SER F 121 48.72 2.68 -68.28
CA ASP F 122 45.68 2.79 -65.99
CA GLU F 123 43.19 3.96 -68.64
CA GLN F 124 44.51 1.50 -71.24
CA LEU F 125 43.39 -1.61 -69.32
CA LYS F 126 39.73 -0.47 -69.31
CA SER F 127 39.12 -1.63 -72.85
CA GLY F 128 40.72 -5.02 -72.19
CA THR F 129 44.27 -4.89 -73.55
CA ALA F 130 47.87 -4.21 -72.45
CA SER F 131 51.12 -3.10 -74.12
CA VAL F 132 54.57 -3.18 -72.52
CA VAL F 133 57.17 -1.09 -74.37
CA CYS F 134 60.96 -1.53 -74.04
CA LEU F 135 63.35 1.19 -75.23
CA LEU F 136 66.93 0.92 -76.54
CA ASN F 137 67.88 4.61 -76.81
CA ASN F 138 71.04 5.56 -78.77
CA PHE F 139 73.16 2.75 -80.27
CA TYR F 140 75.32 1.56 -83.16
CA PRO F 141 75.18 -0.62 -85.18
CA ARG F 142 71.48 -1.37 -85.73
CA GLU F 143 72.26 -5.02 -84.94
CA ALA F 144 70.48 -5.66 -81.64
CA LYS F 145 68.26 -8.22 -79.92
CA VAL F 146 65.31 -8.03 -77.52
CA GLN F 147 63.98 -11.00 -75.54
CA TRP F 148 60.93 -10.56 -73.30
CA LYS F 149 60.90 -12.26 -69.91
CA VAL F 150 57.47 -13.14 -68.53
CA ASP F 151 57.59 -14.99 -65.19
CA ASN F 152 61.41 -15.34 -65.32
CA ALA F 153 62.32 -18.12 -67.78
CA LEU F 154 59.06 -18.15 -69.76
CA GLN F 155 59.94 -16.43 -73.03
CA SER F 156 57.06 -15.31 -75.25
CA GLY F 157 56.91 -14.78 -79.00
CA ASN F 158 54.28 -12.20 -79.96
CA SER F 159 56.20 -8.91 -80.20
CA GLN F 160 56.80 -6.22 -82.85
CA GLU F 161 60.11 -4.45 -83.57
CA SER F 162 60.46 -1.05 -85.25
CA VAL F 163 63.64 0.91 -85.97
CA THR F 164 63.75 4.56 -87.04
CA GLU F 165 66.00 6.09 -89.70
CA GLN F 166 69.51 7.28 -88.71
CA ASP F 167 69.49 10.90 -87.48
CA SER F 168 71.57 13.84 -88.75
CA LYS F 169 73.68 14.38 -85.60
CA ASP F 170 75.63 11.58 -83.91
CA SER F 171 74.78 8.87 -86.45
CA THR F 172 73.05 6.20 -84.32
CA TYR F 173 70.01 3.92 -84.14
CA SER F 174 67.25 3.27 -81.58
CA LEU F 175 64.65 0.51 -81.11
CA SER F 176 61.46 -0.38 -79.22
CA SER F 177 59.49 -3.53 -78.39
CA THR F 178 55.78 -3.70 -77.53
CA LEU F 179 54.36 -6.85 -75.94
CA THR F 180 50.63 -6.94 -76.73
CA LEU F 181 48.62 -9.13 -74.32
CA SER F 182 44.98 -8.69 -73.25
CA LYS F 183 43.89 -7.79 -69.71
CA ALA F 184 43.09 -11.42 -68.84
CA ASP F 185 46.63 -12.61 -69.51
CA TYR F 186 48.14 -9.50 -67.90
CA GLU F 187 46.35 -9.80 -64.54
CA LYS F 188 47.92 -13.26 -64.22
CA HIS F 189 51.67 -12.58 -64.23
CA LYS F 190 54.11 -10.43 -62.24
CA VAL F 191 57.71 -10.27 -63.49
CA TYR F 192 58.26 -8.46 -66.81
CA ALA F 193 61.88 -8.04 -67.94
CA CYS F 194 63.48 -7.26 -71.32
CA GLU F 195 66.96 -8.71 -72.00
CA VAL F 196 69.08 -6.82 -74.57
CA THR F 197 72.20 -7.97 -76.46
CA HIS F 198 74.54 -5.52 -78.20
CA GLN F 199 78.25 -5.18 -79.00
CA GLY F 200 78.53 -2.04 -76.90
CA LEU F 201 77.16 -3.81 -73.83
CA SER F 202 79.65 -5.89 -71.83
CA SER F 203 76.78 -8.04 -70.54
CA PRO F 204 73.00 -8.23 -71.21
CA VAL F 205 71.08 -5.43 -69.46
CA THR F 206 67.87 -6.52 -67.74
CA LYS F 207 65.03 -4.04 -67.11
CA SER F 208 62.20 -5.57 -65.07
CA PHE F 209 59.20 -4.31 -63.09
CA ASN F 210 56.78 -6.01 -60.67
CA ARG F 211 53.05 -6.05 -61.47
CA GLY F 212 50.76 -5.26 -58.52
CA GLU F 213 50.90 -2.02 -56.49
CA CYS F 214 48.56 -0.97 -53.65
CA GLU G 1 70.07 84.13 2.90
CA LEU G 2 71.72 85.67 -0.17
CA VAL G 3 69.29 86.04 -3.07
CA MET G 4 70.34 85.04 -6.60
CA THR G 5 68.25 86.41 -9.48
CA GLN G 6 68.75 85.18 -13.06
CA SER G 7 67.29 86.62 -16.28
CA PRO G 8 65.52 86.14 -18.58
CA SER G 9 62.99 83.49 -17.55
CA SER G 10 63.01 81.88 -21.01
CA LEU G 11 65.27 82.03 -24.08
CA SER G 12 64.46 81.52 -27.77
CA ALA G 13 67.23 81.28 -30.38
CA SER G 14 68.19 79.33 -33.52
CA VAL G 15 71.32 77.19 -33.92
CA GLY G 16 74.37 79.45 -34.07
CA ASP G 17 73.26 82.52 -32.09
CA ARG G 18 75.23 83.63 -29.04
CA VAL G 19 73.01 83.68 -25.93
CA ASN G 20 73.73 85.64 -22.74
CA ILE G 21 72.58 84.44 -19.29
CA ALA G 22 72.93 86.75 -16.28
CA CYS G 23 73.24 85.88 -12.56
CA ARG G 24 73.19 88.81 -10.12
CA ALA G 25 73.52 88.61 -6.32
CA SER G 26 72.29 90.64 -3.33
CA GLN G 27 75.85 91.48 -2.26
CA GLY G 28 79.43 90.88 -3.42
CA ILE G 29 80.59 87.25 -3.34
CA SER G 30 83.90 87.75 -5.18
CA SER G 31 84.76 84.85 -7.54
CA ALA G 32 82.45 82.29 -5.91
CA LEU G 33 79.88 81.09 -8.48
CA ALA G 34 79.13 77.84 -10.33
CA TRP G 35 77.04 77.16 -13.45
CA TYR G 36 75.02 73.99 -14.08
CA GLN G 37 73.27 72.07 -16.86
CA GLN G 38 70.11 70.11 -16.06
CA LYS G 39 68.68 68.09 -18.93
CA PRO G 40 64.96 67.56 -18.16
CA GLY G 41 64.62 64.36 -16.15
CA LYS G 42 68.29 64.21 -15.15
CA ALA G 43 70.73 65.34 -12.45
CA PRO G 44 72.59 68.69 -12.83
CA ARG G 45 76.01 68.81 -14.47
CA LEU G 46 78.86 71.13 -13.47
CA LEU G 47 79.97 73.43 -16.29
CA ILE G 48 82.00 76.27 -14.79
CA TYR G 49 83.61 76.80 -11.37
CA ASP G 50 85.47 79.71 -9.73
CA ALA G 51 83.73 82.06 -12.21
CA SER G 52 85.61 81.33 -15.45
CA ASN G 53 87.38 77.94 -15.18
CA LEU G 54 85.90 75.10 -17.26
CA GLU G 55 85.64 71.45 -16.21
CA SER G 56 87.44 68.64 -18.07
CA GLY G 57 85.07 67.39 -20.75
CA VAL G 58 82.82 70.43 -21.06
CA PRO G 59 82.90 71.85 -24.64
CA SER G 60 85.19 74.75 -25.53
CA ARG G 61 82.19 76.89 -26.52
CA PHE G 62 81.02 77.38 -22.92
CA SER G 63 82.53 80.21 -20.84
CA GLY G 64 81.83 83.38 -18.84
CA SER G 65 83.16 86.03 -16.43
CA GLY G 66 82.19 88.63 -13.83
CA SER G 67 83.58 89.93 -10.52
CA GLY G 68 81.45 90.63 -7.47
CA THR G 69 77.82 91.33 -8.37
CA ASP G 70 77.22 91.00 -12.13
CA PHE G 71 77.85 87.57 -13.73
CA THR G 72 77.28 86.11 -17.21
CA LEU G 73 77.14 82.73 -19.01
CA THR G 74 77.98 82.70 -22.73
CA ILE G 75 77.67 80.19 -25.60
CA SER G 76 79.37 81.16 -28.90
CA SER G 77 77.67 78.45 -31.01
CA LEU G 78 74.26 77.18 -29.90
CA GLN G 79 73.67 73.51 -30.76
CA PRO G 80 70.53 71.33 -30.40
CA GLU G 81 72.18 69.33 -27.60
CA ASP G 82 72.12 72.38 -25.30
CA PHE G 83 68.46 71.99 -24.26
CA ALA G 84 68.64 72.33 -20.46
CA ILE G 85 67.66 74.58 -17.56
CA TYR G 86 70.82 76.32 -16.31
CA TYR G 87 71.44 77.40 -12.70
CA CYS G 88 74.00 79.44 -10.75
CA GLN G 89 74.73 79.03 -7.04
CA GLN G 90 77.14 80.78 -4.68
CA PHE G 91 79.66 79.46 -2.15
CA ASN G 92 80.93 82.30 0.06
CA SER G 93 78.60 81.91 3.05
CA TYR G 94 75.72 79.77 4.36
CA PRO G 95 73.29 78.57 3.33
CA LEU G 96 74.25 77.92 -0.30
CA THR G 97 71.54 79.22 -2.66
CA PHE G 98 70.60 78.55 -6.30
CA GLY G 99 69.34 80.68 -9.18
CA GLY G 100 65.82 80.81 -10.58
CA GLY G 101 66.72 78.83 -13.69
CA THR G 102 66.93 79.95 -17.32
CA LYS G 103 65.41 77.47 -19.79
CA VAL G 104 66.86 77.38 -23.31
CA GLU G 105 64.41 76.54 -26.11
CA ILE G 106 65.89 75.81 -29.56
CA LYS G 107 64.57 77.30 -32.82
CA ARG G 108 64.17 75.66 -36.23
CA THR G 109 61.78 75.31 -39.19
CA VAL G 110 58.20 73.98 -39.19
CA ALA G 111 57.61 70.21 -39.27
CA ALA G 112 54.47 68.25 -40.17
CA PRO G 113 53.58 65.55 -37.59
CA SER G 114 52.50 62.05 -38.60
CA VAL G 115 49.28 61.41 -36.69
CA PHE G 116 48.44 57.91 -35.39
CA ILE G 117 45.68 56.47 -33.18
CA PHE G 118 45.35 53.51 -30.80
CA PRO G 119 41.97 51.95 -29.89
CA PRO G 120 41.55 50.06 -26.55
CA SER G 121 43.02 46.55 -26.31
CA ASP G 122 41.15 43.27 -25.80
CA GLU G 123 42.27 42.68 -22.20
CA GLN G 124 41.70 46.30 -21.17
CA LEU G 125 37.92 46.17 -21.63
CA LYS G 126 37.57 43.30 -19.11
CA SER G 127 37.78 45.61 -16.12
CA GLY G 128 35.23 48.02 -17.58
CA THR G 129 37.16 50.92 -19.13
CA ALA G 130 38.57 52.14 -22.46
CA SER G 131 41.34 54.50 -23.60
CA VAL G 132 41.88 55.72 -27.17
CA VAL G 133 45.32 57.27 -27.76
CA CYS G 134 46.17 59.63 -30.65
CA LEU G 135 49.81 60.32 -31.59
CA LEU G 136 51.38 63.42 -33.18
CA ASN G 137 54.95 62.19 -33.79
CA ASN G 138 57.67 64.75 -34.67
CA PHE G 139 56.66 68.43 -35.00
CA TYR G 140 57.58 72.07 -34.43
CA PRO G 141 56.50 74.31 -32.81
CA ARG G 142 54.76 72.77 -29.80
CA GLU G 143 51.65 74.76 -30.76
CA ALA G 144 49.16 72.08 -31.83
CA LYS G 145 45.51 71.09 -31.38
CA VAL G 146 43.65 67.80 -31.01
CA GLN G 147 39.88 67.43 -31.38
CA TRP G 148 38.25 64.01 -30.83
CA LYS G 149 35.45 62.95 -33.16
CA VAL G 150 32.93 60.52 -31.68
CA ASP G 151 30.08 59.63 -34.06
CA ASN G 152 31.19 62.24 -36.64
CA ALA G 153 30.17 65.72 -35.44
CA LEU G 154 29.76 64.89 -31.74
CA GLN G 155 32.84 66.41 -30.11
CA SER G 156 33.64 65.34 -26.55
CA GLY G 157 35.55 67.13 -23.79
CA ASN G 158 37.16 64.70 -21.37
CA SER G 159 40.72 64.25 -22.67
CA GLN G 160 44.26 64.71 -21.31
CA GLU G 161 47.22 66.21 -23.19
CA SER G 162 50.89 65.57 -22.37
CA VAL G 163 53.97 66.89 -24.18
CA THR G 164 57.51 65.62 -23.63
CA GLU G 165 60.68 67.71 -23.39
CA GLN G 166 62.54 68.65 -26.60
CA ASP G 167 65.11 65.99 -27.60
CA SER G 168 68.83 66.42 -28.28
CA LYS G 169 68.78 65.60 -32.01
CA ASP G 170 66.46 67.32 -34.49
CA SER G 171 64.87 69.72 -31.98
CA THR G 172 61.15 68.85 -32.19
CA TYR G 173 58.06 68.10 -30.07
CA SER G 174 55.50 65.29 -29.92
CA LEU G 175 52.05 64.90 -28.32
CA SER G 176 49.40 62.32 -27.39
CA SER G 177 45.71 62.32 -26.46
CA THR G 178 43.89 59.64 -24.46
CA LEU G 179 40.08 59.54 -24.46
CA THR G 180 38.98 57.76 -21.28
CA LEU G 181 35.45 56.30 -21.48
CA SER G 182 34.09 53.23 -19.71
CA LYS G 183 33.04 50.01 -21.48
CA ALA G 184 29.34 50.95 -21.41
CA ASP G 185 29.88 54.16 -23.38
CA TYR G 186 32.39 52.48 -25.71
CA GLU G 187 30.17 49.58 -26.80
CA LYS G 188 27.69 52.21 -28.01
CA HIS G 189 29.67 54.10 -30.66
CA LYS G 190 31.50 53.22 -33.88
CA VAL G 191 33.44 56.10 -35.48
CA TYR G 192 36.46 57.49 -33.60
CA ALA G 193 38.57 60.13 -35.39
CA CYS G 194 41.16 62.67 -34.16
CA GLU G 195 41.45 65.97 -36.06
CA VAL G 196 44.84 67.75 -35.80
CA THR G 197 45.75 71.37 -36.63
CA HIS G 198 49.35 72.50 -37.13
CA GLN G 199 51.28 75.06 -39.19
CA GLY G 200 53.20 72.32 -40.99
CA LEU G 201 49.99 70.66 -42.14
CA SER G 202 48.32 72.14 -45.23
CA SER G 203 44.96 70.77 -44.05
CA PRO G 204 43.72 68.94 -40.89
CA VAL G 205 44.67 65.25 -40.87
CA THR G 206 41.91 62.85 -39.80
CA LYS G 207 42.67 59.41 -38.35
CA SER G 208 39.59 57.28 -37.74
CA PHE G 209 38.75 53.61 -37.16
CA ASN G 210 35.53 51.61 -37.08
CA ARG G 211 34.32 49.47 -34.16
CA GLY G 212 33.58 45.86 -34.97
CA GLU G 213 36.42 43.56 -35.99
CA CYS G 214 34.13 40.67 -36.82
CA GLU H 1 -17.03 -106.44 75.84
CA LEU H 2 -20.12 -106.13 78.05
CA VAL H 3 -23.19 -105.00 76.08
CA MET H 4 -25.48 -102.29 77.49
CA THR H 5 -28.96 -102.02 75.96
CA GLN H 6 -31.28 -99.10 76.81
CA SER H 7 -34.98 -98.70 75.95
CA PRO H 8 -36.98 -97.13 74.47
CA SER H 9 -35.20 -95.45 71.56
CA SER H 10 -37.30 -92.29 71.88
CA LEU H 11 -39.59 -90.77 74.54
CA SER H 12 -42.58 -88.45 74.19
CA ALA H 13 -44.20 -86.82 77.24
CA SER H 14 -45.70 -83.52 78.40
CA VAL H 15 -44.41 -81.42 81.32
CA GLY H 16 -45.17 -83.21 84.58
CA ASP H 17 -45.24 -86.88 83.54
CA ARG H 18 -42.89 -89.38 85.20
CA VAL H 19 -40.67 -91.07 82.59
CA ASN H 20 -38.84 -94.38 83.08
CA ILE H 21 -35.52 -95.16 81.34
CA ALA H 22 -34.08 -98.69 81.53
CA CYS H 23 -30.45 -99.86 81.23
CA ARG H 24 -29.88 -103.63 81.17
CA ALA H 25 -26.51 -105.43 80.96
CA SER H 26 -25.22 -108.73 79.56
CA GLN H 27 -24.13 -109.92 83.02
CA GLY H 28 -24.20 -108.74 86.64
CA ILE H 29 -22.09 -105.67 87.37
CA SER H 30 -23.34 -105.06 90.94
CA SER H 31 -23.72 -101.35 91.80
CA ALA H 32 -21.43 -100.05 89.03
CA LEU H 33 -23.44 -97.74 86.72
CA ALA H 34 -23.47 -94.02 85.87
CA TRP H 35 -26.13 -91.86 84.18
CA TYR H 36 -25.40 -88.87 81.95
CA GLN H 37 -27.08 -85.83 80.38
CA GLN H 38 -25.94 -84.63 76.96
CA LYS H 39 -27.59 -81.44 75.72
CA PRO H 40 -27.30 -81.47 71.89
CA GLY H 41 -24.04 -79.78 70.96
CA LYS H 42 -22.49 -80.10 74.42
CA ALA H 43 -20.37 -82.40 76.57
CA PRO H 44 -22.07 -85.03 78.81
CA ARG H 45 -22.93 -84.22 82.42
CA LEU H 46 -22.78 -86.66 85.34
CA LEU H 47 -26.15 -87.14 87.06
CA ILE H 48 -25.96 -90.31 89.15
CA TYR H 49 -23.07 -92.49 90.34
CA ASP H 50 -22.84 -95.79 92.26
CA ALA H 51 -26.42 -96.55 91.11
CA SER H 52 -28.46 -94.21 93.34
CA ASN H 53 -26.22 -91.42 94.68
CA LEU H 54 -26.80 -87.95 93.21
CA GLU H 55 -24.09 -85.37 92.41
CA SER H 56 -23.94 -81.97 94.14
CA GLY H 57 -25.97 -79.56 92.04
CA VAL H 58 -28.16 -82.05 90.19
CA PRO H 59 -31.89 -81.41 90.90
CA SER H 60 -33.72 -83.38 93.59
CA ARG H 61 -36.16 -84.76 91.00
CA PHE H 62 -33.56 -87.07 89.40
CA SER H 63 -32.97 -90.54 90.91
CA GLY H 64 -33.02 -94.30 90.29
CA SER H 65 -32.10 -97.78 91.55
CA GLY H 66 -31.39 -101.38 90.52
CA SER H 67 -29.01 -104.17 91.58
CA GLY H 68 -27.15 -106.40 89.13
CA THR H 69 -28.89 -106.59 85.77
CA ASP H 70 -32.00 -104.38 85.65
CA PHE H 71 -31.51 -100.61 86.12
CA THR H 72 -33.81 -97.57 85.86
CA LEU H 73 -33.63 -93.75 85.62
CA THR H 74 -36.61 -91.79 86.95
CA ILE H 75 -37.83 -88.15 86.76
CA SER H 76 -40.81 -87.24 88.98
CA SER H 77 -41.51 -83.87 87.31
CA LEU H 78 -40.51 -83.42 83.67
CA GLN H 79 -39.48 -79.85 82.81
CA PRO H 80 -38.60 -78.25 79.44
CA GLU H 81 -34.95 -77.95 80.47
CA ASP H 82 -34.56 -81.75 80.43
CA PHE H 83 -34.11 -82.04 76.65
CA ALA H 84 -31.05 -84.28 76.34
CA ILE H 85 -29.89 -87.73 75.22
CA TYR H 86 -29.18 -89.80 78.34
CA TYR H 87 -26.57 -92.57 78.59
CA CYS H 88 -25.52 -95.28 81.06
CA GLN H 89 -22.05 -96.83 81.23
CA GLN H 90 -20.54 -99.50 83.48
CA PHE H 91 -17.31 -99.63 85.49
CA ASN H 92 -16.65 -103.17 86.73
CA SER H 93 -14.33 -104.43 83.98
CA TYR H 94 -12.63 -103.35 80.75
CA PRO H 95 -13.30 -101.83 78.37
CA LEU H 96 -15.89 -99.38 79.73
CA THR H 97 -18.99 -99.33 77.52
CA PHE H 98 -21.89 -96.88 77.02
CA GLY H 99 -25.62 -97.25 76.39
CA GLY H 100 -27.47 -96.70 73.12
CA GLY H 101 -28.94 -93.38 74.23
CA THR H 102 -32.54 -92.47 75.04
CA LYS H 103 -33.63 -89.10 73.62
CA VAL H 104 -36.31 -87.17 75.50
CA GLU H 105 -38.67 -85.05 73.39
CA ILE H 106 -40.96 -82.61 75.23
CA LYS H 107 -44.69 -82.23 74.53
CA ARG H 108 -46.82 -79.06 74.42
CA THR H 109 -49.55 -77.28 72.43
CA VAL H 110 -49.48 -76.22 68.77
CA ALA H 111 -47.74 -72.97 67.80
CA ALA H 112 -48.04 -70.89 64.62
CA PRO H 113 -44.64 -69.94 63.10
CA SER H 114 -43.89 -66.43 61.83
CA VAL H 115 -42.51 -66.96 58.32
CA PHE H 116 -39.82 -64.61 56.97
CA ILE H 117 -37.71 -64.46 53.78
CA PHE H 118 -34.22 -63.20 52.84
CA PRO H 119 -33.17 -62.34 49.25
CA PRO H 120 -29.50 -62.61 48.13
CA SER H 121 -27.24 -59.73 49.16
CA ASP H 122 -25.49 -57.26 46.86
CA GLU H 123 -21.95 -58.57 47.46
CA GLN H 124 -23.05 -62.21 47.15
CA LEU H 125 -24.00 -61.93 43.46
CA LYS H 126 -20.48 -60.80 42.47
CA SER H 127 -19.09 -64.32 42.52
CA GLY H 128 -21.98 -65.67 40.47
CA THR H 129 -24.43 -67.31 42.89
CA ALA H 130 -27.62 -66.59 44.87
CA SER H 131 -29.31 -67.96 48.00
CA VAL H 132 -32.85 -67.15 49.13
CA VAL H 133 -33.55 -68.09 52.76
CA CYS H 134 -37.04 -68.61 54.24
CA LEU H 135 -37.57 -68.64 58.01
CA LEU H 136 -40.21 -70.44 60.12
CA ASN H 137 -39.50 -68.98 63.57
CA ASN H 138 -41.08 -70.67 66.66
CA PHE H 139 -43.39 -73.67 66.09
CA TYR H 140 -44.59 -77.07 67.31
CA PRO H 141 -44.56 -79.85 66.26
CA ARG H 142 -41.51 -80.12 63.98
CA GLU H 143 -43.87 -81.38 61.26
CA ALA H 144 -43.85 -78.60 58.66
CA LYS H 145 -43.58 -78.06 54.90
CA VAL H 146 -41.91 -75.47 52.67
CA GLN H 147 -42.69 -75.04 48.96
CA TRP H 148 -40.76 -72.44 46.93
CA LYS H 149 -42.67 -70.39 44.37
CA VAL H 150 -40.61 -69.13 41.43
CA ASP H 151 -42.68 -67.20 38.84
CA ASN H 152 -45.98 -68.07 40.58
CA ALA H 153 -46.90 -71.69 39.77
CA LEU H 154 -43.42 -72.90 38.77
CA GLN H 155 -42.30 -74.97 41.75
CA SER H 156 -38.61 -75.88 41.95
CA GLY H 157 -36.86 -78.80 43.64
CA ASN H 158 -33.31 -77.93 44.65
CA SER H 159 -33.57 -76.80 48.28
CA GLN H 160 -32.05 -77.84 51.63
CA GLU H 161 -33.90 -78.07 54.96
CA SER H 162 -32.25 -77.88 58.40
CA VAL H 163 -33.92 -78.01 61.82
CA THR H 164 -32.21 -77.13 65.10
CA GLU H 165 -32.53 -78.98 68.42
CA GLN H 166 -35.41 -78.09 70.78
CA ASP H 167 -34.45 -75.24 73.16
CA SER H 168 -34.62 -75.18 76.97
CA LYS H 169 -37.36 -72.55 77.33
CA ASP H 170 -40.72 -72.78 75.55
CA SER H 171 -40.10 -76.17 73.90
CA THR H 172 -40.45 -75.40 70.18
CA TYR H 173 -38.82 -75.92 66.77
CA SER H 174 -37.70 -73.64 63.93
CA LEU H 175 -36.74 -74.20 60.28
CA SER H 176 -35.10 -72.54 57.27
CA SER H 177 -34.94 -73.10 53.51
CA THR H 178 -32.21 -71.88 51.15
CA LEU H 179 -32.81 -71.87 47.39
CA THR H 180 -29.40 -72.02 45.68
CA LEU H 181 -29.44 -70.73 42.09
CA SER H 182 -26.60 -69.05 40.18
CA LYS H 183 -26.65 -65.40 39.05
CA ALA H 184 -27.70 -66.33 35.49
CA ASP H 185 -30.90 -68.05 36.63
CA TYR H 186 -31.58 -65.36 39.24
CA GLU H 187 -31.43 -62.36 36.88
CA LYS H 188 -34.21 -64.04 34.87
CA HIS H 189 -37.11 -64.29 37.34
CA LYS H 190 -39.08 -61.88 39.54
CA VAL H 191 -41.59 -63.43 41.97
CA TYR H 192 -40.13 -65.45 44.87
CA ALA H 193 -42.60 -66.75 47.45
CA CYS H 194 -42.40 -69.50 50.10
CA GLU H 195 -45.63 -71.34 51.00
CA VAL H 196 -45.74 -72.93 54.49
CA THR H 197 -48.12 -75.57 55.87
CA HIS H 198 -48.50 -76.21 59.61
CA GLN H 199 -51.21 -77.29 62.07
CA GLY H 200 -51.01 -73.97 63.91
CA LEU H 201 -51.68 -72.03 60.71
CA SER H 202 -55.33 -71.73 59.65
CA SER H 203 -54.22 -71.24 56.03
CA PRO H 204 -50.84 -71.34 54.20
CA VAL H 205 -48.79 -68.18 54.76
CA THR H 206 -47.15 -66.74 51.63
CA LYS H 207 -44.04 -64.54 51.89
CA SER H 208 -42.99 -63.13 48.51
CA PHE H 209 -40.71 -60.36 47.23
CA ASN H 210 -40.23 -58.76 43.80
CA ARG H 211 -36.80 -58.89 42.13
CA GLY H 212 -35.65 -55.63 40.51
CA GLU H 213 -35.28 -52.31 42.38
CA CYS H 214 -33.97 -49.00 40.98
CA GLU I 1 -40.49 38.25 97.95
CA LEU I 2 -40.14 36.15 101.10
CA VAL I 3 -36.85 34.21 101.19
CA MET I 4 -36.82 30.54 102.21
CA THR I 5 -33.45 29.07 103.24
CA GLN I 6 -33.02 25.33 103.83
CA SER I 7 -30.02 23.50 105.36
CA PRO I 8 -27.86 21.57 104.90
CA SER I 9 -27.12 21.52 101.16
CA SER I 10 -26.47 17.77 101.18
CA LEU I 11 -27.17 14.87 103.55
CA SER I 12 -25.32 11.58 104.07
CA ALA I 13 -26.78 8.81 106.25
CA SER I 14 -27.16 5.02 106.35
CA VAL I 15 -30.48 3.13 106.43
CA GLY I 16 -32.12 3.68 109.81
CA ASP I 17 -30.74 7.05 110.92
CA ARG I 18 -33.13 9.91 111.71
CA VAL I 19 -32.38 12.93 109.49
CA ASN I 20 -33.44 16.52 110.22
CA ILE I 21 -34.20 19.04 107.46
CA ALA I 22 -34.74 22.72 108.35
CA CYS I 23 -36.72 25.42 106.50
CA ARG I 24 -36.47 28.96 107.88
CA ALA I 25 -38.22 32.07 106.54
CA SER I 26 -37.53 35.81 106.40
CA GLN I 27 -40.62 36.60 108.49
CA GLY I 28 -43.43 34.78 110.29
CA ILE I 29 -45.84 32.87 108.03
CA SER I 30 -47.76 31.03 110.78
CA SER I 31 -48.71 27.45 109.82
CA ALA I 32 -48.36 27.94 106.04
CA LEU I 33 -45.69 25.53 104.72
CA ALA I 34 -45.62 22.46 102.45
CA TRP I 35 -42.96 19.76 101.98
CA TYR I 36 -42.23 17.96 98.70
CA GLN I 37 -40.45 14.90 97.31
CA GLN I 38 -38.84 15.09 93.87
CA LYS I 39 -37.33 11.84 92.59
CA PRO I 40 -34.68 12.81 89.99
CA GLY I 41 -36.39 13.00 86.61
CA LYS I 42 -39.92 13.22 88.02
CA ALA I 43 -42.55 15.72 89.18
CA PRO I 44 -42.68 16.77 92.87
CA ARG I 45 -44.92 14.90 95.32
CA LEU I 46 -46.79 16.48 98.23
CA LEU I 47 -45.80 15.03 101.61
CA ILE I 48 -46.98 17.42 104.32
CA TYR I 49 -49.41 20.35 104.32
CA ASP I 50 -50.48 22.92 106.97
CA ALA I 51 -47.18 22.23 108.78
CA SER I 52 -47.85 18.81 110.35
CA ASN I 53 -50.74 17.10 108.52
CA LEU I 54 -49.81 14.14 106.30
CA GLU I 55 -51.38 13.26 102.94
CA SER I 56 -53.28 10.01 102.35
CA GLY I 57 -50.77 7.46 101.12
CA VAL I 58 -47.58 9.04 102.46
CA PRO I 59 -45.77 6.67 104.88
CA SER I 60 -46.26 7.00 108.64
CA ARG I 61 -42.53 7.67 109.12
CA PHE I 62 -42.70 11.16 107.61
CA SER I 63 -43.66 14.12 109.83
CA GLY I 64 -42.60 17.51 111.24
CA SER I 65 -43.60 20.68 113.11
CA GLY I 66 -42.74 24.34 113.70
CA SER I 67 -44.65 27.59 114.23
CA GLY I 68 -43.72 30.89 112.58
CA THR I 69 -40.06 31.00 111.59
CA ASP I 70 -38.28 27.71 112.38
CA PHE I 71 -39.52 24.56 110.62
CA THR I 72 -38.30 20.94 110.43
CA LEU I 73 -38.82 17.75 108.38
CA THR I 74 -38.15 14.43 110.12
CA ILE I 75 -37.78 10.77 109.04
CA SER I 76 -37.62 8.18 111.85
CA SER I 77 -36.44 5.29 109.64
CA LEU I 78 -34.46 6.12 106.49
CA GLN I 79 -35.05 3.66 103.64
CA PRO I 80 -33.37 3.37 100.20
CA GLU I 81 -36.58 4.51 98.49
CA ASP I 82 -36.22 8.01 100.00
CA PHE I 83 -33.66 9.26 97.45
CA ALA I 84 -35.09 12.64 96.44
CA ILE I 85 -34.49 16.39 96.63
CA TYR I 86 -36.95 17.84 99.16
CA TYR I 87 -38.41 21.37 99.02
CA CYS I 88 -40.52 23.66 101.22
CA GLN I 89 -42.67 26.53 99.94
CA GLN I 90 -44.92 29.04 101.70
CA PHE I 91 -48.49 30.17 101.06
CA ASN I 92 -49.30 33.27 103.13
CA SER I 93 -48.59 35.99 100.55
CA TYR I 94 -47.48 36.49 96.93
CA PRO I 95 -45.50 35.38 95.12
CA LEU I 96 -45.20 31.81 96.41
CA THR I 97 -41.54 30.85 96.88
CA PHE I 98 -39.65 27.54 97.18
CA GLY I 99 -36.69 26.32 99.23
CA GLY I 100 -33.15 25.72 98.03
CA GLY I 101 -33.51 21.95 98.07
CA THR I 102 -31.90 19.37 100.36
CA LYS I 103 -30.65 16.26 98.54
CA VAL I 104 -30.59 12.98 100.48
CA GLU I 105 -27.82 10.54 99.57
CA ILE I 106 -28.05 7.01 101.00
CA LYS I 107 -25.14 5.17 102.65
CA ARG I 108 -24.16 1.49 102.40
CA THR I 109 -21.18 -0.86 101.96
CA VAL I 110 -18.68 -0.97 99.09
CA ALA I 111 -19.59 -2.81 95.88
CA ALA I 112 -17.36 -4.08 93.07
CA PRO I 113 -18.61 -3.07 89.57
CA SER I 114 -18.68 -5.52 86.66
CA VAL I 115 -16.91 -3.71 83.81
CA PHE I 116 -18.03 -4.20 80.19
CA ILE I 117 -17.08 -2.59 76.86
CA PHE I 118 -18.83 -1.99 73.52
CA PRO I 119 -16.92 -1.46 70.26
CA PRO I 120 -18.53 0.52 67.36
CA SER I 121 -21.21 -1.23 65.29
CA ASP I 122 -21.10 -2.14 61.60
CA GLU I 123 -23.61 0.47 60.41
CA GLN I 124 -22.10 3.23 62.58
CA LEU I 125 -18.79 3.35 60.69
CA LYS I 126 -20.54 4.13 57.36
CA SER I 127 -20.95 7.81 58.20
CA GLY I 128 -17.33 8.14 59.30
CA THR I 129 -17.26 7.97 63.10
CA ALA I 130 -16.74 5.51 65.98
CA SER I 131 -17.75 5.28 69.65
CA VAL I 132 -16.40 2.74 72.15
CA VAL I 133 -18.48 2.49 75.34
CA CYS I 134 -17.22 1.05 78.66
CA LEU I 135 -19.67 0.03 81.41
CA LEU I 136 -19.22 -0.03 85.20
CA ASN I 137 -22.48 -1.71 86.30
CA ASN I 138 -23.46 -1.59 90.01
CA PHE I 139 -21.07 0.10 92.46
CA TYR I 140 -20.66 2.26 95.58
CA PRO I 141 -19.48 4.92 96.18
CA ARG I 142 -19.74 6.99 93.00
CA GLU I 143 -15.98 7.61 93.30
CA ALA I 144 -14.50 5.76 90.32
CA LYS I 145 -11.98 6.21 87.51
CA VAL I 146 -11.81 5.18 83.85
CA GLN I 147 -8.64 5.25 81.76
CA TRP I 148 -8.78 4.28 78.07
CA LYS I 149 -5.96 2.18 76.63
CA VAL I 150 -5.32 2.63 72.92
CA ASP I 151 -2.36 0.59 71.62
CA ASN I 152 -1.34 -0.50 75.15
CA ALA I 153 0.42 2.40 76.90
CA LEU I 154 -0.94 5.22 74.71
CA GLN I 155 -3.56 6.90 76.91
CA SER I 156 -5.98 9.29 75.19
CA GLY I 157 -7.92 12.24 76.58
CA ASN I 158 -11.12 12.87 74.64
CA SER I 159 -13.82 11.00 76.58
CA GLN I 160 -17.13 11.85 78.27
CA GLU I 161 -18.36 10.52 81.63
CA SER I 162 -22.01 10.36 82.73
CA VAL I 163 -23.43 9.00 85.99
CA THR I 164 -27.11 8.30 86.63
CA GLU I 165 -29.07 9.06 89.80
CA GLN I 166 -29.08 6.50 92.65
CA ASP I 167 -31.90 3.94 92.24
CA SER I 168 -34.63 3.00 94.74
CA LYS I 169 -33.51 -0.59 95.42
CA ASP I 170 -29.95 -1.50 96.45
CA SER I 171 -28.62 2.08 96.61
CA THR I 172 -25.74 2.04 94.09
CA TYR I 173 -24.20 3.94 91.16
CA SER I 174 -23.20 3.06 87.60
CA LEU I 175 -21.03 4.76 84.95
CA SER I 176 -20.13 4.69 81.25
CA SER I 177 -17.35 6.04 79.02
CA THR I 178 -17.60 6.71 75.27
CA LEU I 179 -14.42 7.22 73.24
CA THR I 180 -15.36 9.23 70.13
CA LEU I 181 -12.86 8.88 67.27
CA SER I 182 -13.56 9.07 63.53
CA LYS I 183 -13.26 6.13 61.12
CA ALA I 184 -9.80 7.21 59.93
CA ASP I 185 -8.28 7.03 63.41
CA TYR I 186 -10.17 3.82 64.24
CA GLU I 187 -9.01 1.79 61.22
CA LYS I 188 -5.45 2.44 62.44
CA HIS I 189 -5.41 0.81 65.89
CA LYS I 190 -6.09 -2.66 67.29
CA VAL I 191 -6.04 -2.90 71.10
CA TYR I 192 -8.74 -1.06 73.07
CA ALA I 193 -8.85 -1.59 76.85
CA CYS I 194 -10.51 0.31 79.71
CA GLU I 195 -8.78 0.28 83.13
CA VAL I 196 -11.04 0.87 86.15
CA THR I 197 -10.12 1.82 89.74
CA HIS I 198 -12.54 1.42 92.65
CA GLN I 199 -12.42 0.62 96.38
CA GLY I 200 -14.41 -2.57 95.88
CA LEU I 201 -11.92 -3.89 93.34
CA SER I 202 -8.78 -5.55 94.75
CA SER I 203 -6.91 -4.71 91.54
CA PRO I 204 -7.75 -2.73 88.33
CA VAL I 205 -9.97 -4.67 85.95
CA THR I 206 -8.98 -4.53 82.27
CA LYS I 207 -11.48 -5.11 79.46
CA SER I 208 -9.92 -5.18 76.00
CA PHE I 209 -10.85 -6.36 72.50
CA ASN I 210 -8.93 -6.81 69.26
CA ARG I 211 -9.82 -5.18 65.93
CA GLY I 212 -10.27 -7.55 63.02
CA GLU I 213 -13.18 -9.99 63.06
CA CYS I 214 -12.05 -11.78 59.94
CA LYS J 1 -27.98 -17.69 -80.63
CA SER J 2 -25.17 -15.22 -80.40
CA PRO J 3 -21.91 -16.50 -81.67
CA ILE J 4 -19.82 -14.48 -79.29
CA PHE J 5 -18.74 -15.47 -75.82
CA GLY J 6 -16.77 -13.94 -72.97
CA PRO J 7 -16.79 -13.36 -69.26
CA GLU J 8 -20.30 -13.29 -67.91
CA GLU J 9 -19.15 -11.28 -64.96
CA VAL J 10 -15.97 -9.47 -64.08
CA ASN J 11 -15.04 -8.19 -60.65
CA SER J 12 -12.27 -5.75 -59.87
CA VAL J 13 -11.19 -2.94 -57.56
CA GLU J 14 -11.22 0.84 -57.98
CA GLY J 15 -7.54 1.17 -58.67
CA ASN J 16 -7.03 -1.66 -61.03
CA SER J 17 -7.35 -2.62 -64.62
CA VAL J 18 -9.35 -5.39 -66.15
CA SER J 19 -8.82 -7.30 -69.33
CA ILE J 20 -11.91 -8.63 -70.99
CA THR J 21 -11.54 -11.21 -73.72
CA CYS J 22 -14.39 -12.03 -76.06
CA TYR J 23 -14.44 -14.85 -78.55
CA TYR J 24 -15.96 -14.86 -82.02
CA PRO J 25 -15.85 -17.49 -84.72
CA PRO J 26 -12.71 -17.48 -86.74
CA THR J 27 -14.06 -16.12 -89.98
CA SER J 28 -12.65 -13.78 -92.51
CA VAL J 29 -15.83 -11.82 -92.07
CA ASN J 30 -15.33 -11.55 -88.36
CA ARG J 31 -11.65 -10.97 -88.72
CA HIS J 32 -12.46 -7.81 -90.63
CA THR J 33 -15.64 -6.65 -88.87
CA ARG J 34 -15.77 -3.81 -86.41
CA LYS J 35 -15.30 -4.97 -82.83
CA TYR J 36 -16.96 -2.97 -80.10
CA TRP J 37 -17.35 -2.53 -76.36
CA CYS J 38 -20.40 -0.62 -75.20
CA ARG J 39 -22.27 0.07 -72.01
CA GLN J 40 -25.93 -0.63 -71.52
CA GLY J 41 -27.84 2.37 -70.34
CA ALA J 42 -30.74 2.14 -67.95
CA ARG J 43 -32.78 3.30 -70.91
CA GLY J 44 -31.92 0.20 -72.87
CA GLY J 45 -29.32 1.28 -75.42
CA CYS J 46 -25.66 0.49 -75.57
CA ILE J 47 -23.24 3.31 -76.12
CA THR J 48 -19.94 2.49 -77.73
CA LEU J 49 -17.03 3.12 -75.39
CA ILE J 50 -14.31 1.79 -77.68
CA SER J 51 -14.21 0.24 -81.15
CA SER J 52 -11.64 -1.33 -83.45
CA GLU J 53 -12.73 1.44 -85.76
CA GLY J 54 -10.57 3.81 -83.78
CA TYR J 55 -13.38 5.56 -81.92
CA VAL J 56 -12.61 5.97 -78.25
CA SER J 57 -14.88 7.36 -75.58
CA SER J 58 -13.67 10.50 -73.92
CA LYS J 59 -13.84 8.74 -70.58
CA TYR J 60 -11.79 5.88 -72.03
CA ALA J 61 -9.07 8.00 -73.60
CA GLY J 62 -5.59 6.98 -72.52
CA ARG J 63 -6.88 4.42 -70.03
CA ALA J 64 -8.06 1.69 -72.41
CA ASN J 65 -7.32 0.02 -75.72
CA LEU J 66 -8.95 -2.62 -77.86
CA THR J 67 -6.88 -5.21 -79.67
CA ASN J 68 -7.89 -7.77 -82.30
CA PHE J 69 -6.27 -11.19 -82.36
CA PRO J 70 -7.44 -12.89 -85.49
CA GLU J 71 -5.48 -16.02 -84.76
CA ASN J 72 -7.31 -16.55 -81.50
CA GLY J 73 -10.61 -15.37 -82.88
CA THR J 74 -10.75 -12.97 -80.01
CA PHE J 75 -10.21 -9.34 -79.08
CA VAL J 76 -9.28 -7.85 -75.75
CA VAL J 77 -10.45 -4.70 -74.07
CA ASN J 78 -8.10 -3.35 -71.47
CA ILE J 79 -9.49 -0.90 -68.99
CA ALA J 80 -7.28 0.87 -66.50
CA GLN J 81 -7.99 3.32 -63.72
CA LEU J 82 -11.28 1.59 -63.01
CA SER J 83 -13.61 3.63 -60.86
CA GLN J 84 -16.80 2.82 -59.01
CA ASP J 85 -18.72 4.42 -61.84
CA ASP J 86 -17.36 1.73 -64.14
CA SER J 87 -19.60 -0.82 -62.46
CA GLY J 88 -22.42 -1.68 -64.81
CA ARG J 89 -23.46 -3.82 -67.74
CA TYR J 90 -21.58 -3.83 -71.01
CA LYS J 91 -21.50 -5.79 -74.23
CA CYS J 92 -18.75 -6.86 -76.57
CA GLY J 93 -19.74 -7.65 -80.10
CA LEU J 94 -19.05 -7.48 -83.80
CA GLY J 95 -20.51 -5.51 -86.65
CA ILE J 96 -23.24 -2.97 -86.18
CA ASN J 97 -24.48 -2.63 -82.63
CA SER J 98 -27.87 -3.40 -84.17
CA ARG J 99 -27.26 -7.07 -85.18
CA GLY J 100 -27.23 -8.60 -81.72
CA LEU J 101 -24.03 -10.46 -82.29
CA SER J 102 -22.62 -9.67 -78.91
CA PHE J 103 -22.02 -10.89 -75.38
CA ASP J 104 -23.27 -9.36 -72.16
CA VAL J 105 -20.65 -8.65 -69.55
CA SER J 106 -21.33 -7.40 -66.09
CA LEU J 107 -18.56 -5.48 -64.42
CA GLU J 108 -18.55 -4.71 -60.74
CA VAL J 109 -15.86 -2.40 -59.50
CA SER J 110 -15.01 0.85 -58.09
CA GLN J 111 -16.74 3.04 -55.38
CA GLY J 112 -19.57 0.52 -53.98
CA PRO J 113 -22.88 1.40 -51.96
CA GLY J 114 -24.82 4.69 -50.86
CA LEU J 115 -23.88 7.13 -53.90
CA LEU J 116 -27.24 6.47 -55.75
CA ASN J 117 -28.99 4.59 -53.01
CA ASP J 118 -29.13 5.34 -49.32
CA THR J 119 -31.64 5.21 -46.51
CA LYS J 120 -34.28 7.77 -47.25
CA VAL J 121 -34.86 8.35 -43.60
CA TYR J 122 -32.94 7.37 -40.55
CA THR J 123 -34.31 7.61 -37.04
CA VAL J 124 -32.31 7.48 -33.85
CA ASP J 125 -32.57 8.33 -30.17
CA LEU J 126 -30.47 11.16 -28.88
CA GLY J 127 -27.61 9.42 -27.13
CA ARG J 128 -27.15 6.73 -29.77
CA THR J 129 -24.71 6.54 -32.63
CA VAL J 130 -25.87 6.10 -36.19
CA THR J 131 -24.33 4.77 -39.34
CA ILE J 132 -25.36 5.79 -42.82
CA ASN J 133 -24.32 3.75 -45.81
CA CYS J 134 -24.51 4.93 -49.39
CA PRO J 135 -23.67 2.78 -52.34
CA PHE J 136 -21.94 4.08 -55.50
CA LYS J 137 -20.34 3.00 -58.81
CA THR J 138 -16.82 2.50 -60.20
CA GLU J 139 -16.05 5.97 -61.53
CA ASN J 140 -17.58 6.92 -58.29
CA ALA J 141 -15.08 4.76 -56.49
CA GLN J 142 -12.33 7.23 -57.24
CA LYS J 143 -14.27 10.43 -56.70
CA ARG J 144 -14.63 12.42 -53.50
CA LYS J 145 -17.36 11.28 -51.14
CA SER J 146 -19.17 13.73 -48.94
CA LEU J 147 -21.90 14.12 -46.34
CA TYR J 148 -23.52 17.52 -46.10
CA LYS J 149 -26.44 19.25 -44.46
CA GLN J 150 -29.07 20.85 -46.63
CA ILE J 151 -30.39 24.37 -46.12
CA GLY J 152 -28.96 27.66 -47.14
CA LEU J 153 -27.34 28.43 -50.43
CA TYR J 154 -25.06 25.48 -50.24
CA PRO J 155 -25.36 22.22 -48.49
CA VAL J 156 -22.64 22.39 -45.87
CA LEU J 157 -20.11 19.61 -46.01
CA VAL J 158 -19.83 18.04 -42.59
CA ILE J 159 -17.27 15.41 -43.55
CA ASP J 160 -15.51 14.49 -46.78
CA SER J 161 -13.29 11.68 -48.07
CA SER J 162 -10.86 14.47 -48.98
CA GLY J 163 -9.61 14.68 -45.42
CA TYR J 164 -11.94 17.49 -44.43
CA VAL J 165 -13.80 17.25 -41.16
CA ASN J 166 -16.12 19.94 -39.80
CA PRO J 167 -15.44 21.14 -36.34
CA ASN J 168 -18.89 20.11 -35.21
CA TYR J 169 -18.18 16.62 -36.47
CA THR J 170 -14.51 16.40 -35.56
CA GLY J 171 -14.10 13.39 -33.30
CA ARG J 172 -17.87 12.83 -33.38
CA ILE J 173 -18.04 11.22 -36.78
CA ARG J 174 -16.10 9.26 -39.37
CA LEU J 175 -16.55 8.65 -43.09
CA ASP J 176 -15.09 5.48 -44.55
CA ILE J 177 -14.78 4.59 -48.18
CA GLN J 178 -15.21 1.09 -49.46
CA GLY J 179 -13.68 0.30 -52.79
CA THR J 180 -15.60 -0.02 -55.99
CA GLY J 181 -16.41 -3.62 -55.28
CA GLN J 182 -18.00 -2.71 -52.00
CA LEU J 183 -19.21 0.47 -53.68
CA LEU J 184 -20.10 1.86 -50.31
CA PHE J 185 -18.98 4.54 -47.96
CA SER J 186 -20.13 4.80 -44.42
CA VAL J 187 -20.72 7.81 -42.25
CA VAL J 188 -20.66 7.05 -38.56
CA ILE J 189 -22.08 9.70 -36.28
CA ASN J 190 -22.06 9.42 -32.54
CA GLN J 191 -23.54 11.31 -29.63
CA LEU J 192 -26.51 12.42 -31.66
CA ARG J 193 -28.10 15.58 -30.35
CA LEU J 194 -31.32 17.39 -31.07
CA SER J 195 -29.44 19.66 -33.44
CA ASP J 196 -28.67 16.63 -35.59
CA ALA J 197 -32.19 16.18 -36.88
CA GLY J 198 -32.45 17.58 -40.36
CA GLN J 199 -31.91 16.81 -44.01
CA TYR J 200 -28.55 15.74 -45.34
CA LEU J 201 -27.17 14.26 -48.51
CA CYS J 202 -24.43 11.80 -49.27
CA GLN J 203 -22.83 12.11 -52.64
CA ALA J 204 -19.80 11.94 -54.84
CA GLY J 205 -17.82 14.69 -56.48
CA ASP J 206 -18.71 18.29 -55.78
CA ASP J 207 -21.79 19.17 -53.79
CA SER J 208 -23.24 21.32 -56.55
CA ASN J 209 -23.50 18.33 -58.76
CA SER J 210 -26.68 16.38 -58.22
CA ASN J 211 -24.90 13.12 -57.76
CA LYS J 212 -26.17 12.38 -54.30
CA LYS J 213 -29.10 11.07 -52.35
CA ASN J 214 -31.12 12.92 -49.78
CA ALA J 215 -31.33 11.44 -46.33
CA ASP J 216 -33.57 12.67 -43.56
CA LEU J 217 -32.22 12.19 -40.10
CA GLN J 218 -34.67 12.25 -37.27
CA VAL J 219 -33.26 12.43 -33.80
CA LEU J 220 -34.32 15.91 -32.20
CA LYS J 221 -37.84 14.70 -32.73
CA PRO J 222 -38.83 15.30 -29.15
CA GLU J 223 -42.24 14.19 -27.95
CA PRO J 224 -43.97 12.88 -24.94
CA GLU J 225 -42.57 9.45 -24.31
CA LEU J 226 -45.72 8.36 -22.59
CA VAL J 227 -49.13 9.92 -22.42
CA TYR J 228 -51.79 8.65 -20.07
CA GLU J 229 -55.35 9.83 -19.88
CA ASP J 230 -58.77 8.72 -18.79
CA LEU J 231 -61.57 7.55 -21.01
CA ARG J 232 -63.76 10.21 -22.55
CA GLY J 233 -61.01 12.71 -21.99
CA SER J 234 -59.35 14.81 -24.62
CA VAL J 235 -55.64 14.64 -25.10
CA THR J 236 -53.07 16.59 -27.01
CA PHE J 237 -49.66 15.47 -28.11
CA HIS J 238 -46.93 17.96 -28.85
CA CYS J 239 -44.03 17.00 -31.09
CA ALA J 240 -41.00 19.15 -31.89
CA LEU J 241 -38.76 19.34 -34.98
CA GLY J 242 -36.08 21.29 -37.02
CA PRO J 243 -35.83 23.34 -40.17
CA GLU J 244 -36.29 20.94 -43.07
CA VAL J 245 -39.08 19.82 -40.91
CA ALA J 246 -40.95 23.11 -40.92
CA ASN J 247 -42.20 22.63 -44.47
CA VAL J 248 -42.25 18.84 -44.44
CA ALA J 249 -45.49 16.93 -43.99
CA LYS J 250 -46.36 16.09 -40.41
CA PHE J 251 -48.12 12.92 -39.53
CA LEU J 252 -49.47 10.95 -36.64
CA CYS J 253 -49.73 7.24 -37.11
CA ARG J 254 -50.62 4.17 -35.12
CA GLN J 255 -48.07 1.42 -35.01
CA SER J 256 -49.30 -1.87 -36.27
CA SER J 257 -47.90 -5.33 -36.67
CA GLY J 258 -45.26 -5.47 -39.34
CA GLU J 259 -43.31 -2.46 -40.35
CA ASN J 260 -46.26 -0.28 -41.21
CA CYS J 261 -47.81 2.58 -39.35
CA ASP J 262 -51.14 3.79 -40.57
CA VAL J 263 -51.49 7.51 -40.72
CA VAL J 264 -54.36 8.65 -38.59
CA VAL J 265 -54.02 12.25 -39.69
CA ASN J 266 -51.57 14.40 -41.62
CA THR J 267 -50.70 18.03 -42.25
CA LEU J 268 -51.34 17.07 -45.88
CA GLY J 269 -55.05 17.31 -45.42
CA LYS J 270 -55.82 13.66 -45.05
CA ARG J 271 -57.96 12.73 -42.10
CA ALA J 272 -58.83 9.12 -41.34
CA PRO J 273 -62.43 8.39 -40.82
CA ALA J 274 -61.85 7.00 -37.35
CA PHE J 275 -60.27 10.34 -36.53
CA GLU J 276 -62.52 12.55 -38.63
CA GLY J 277 -64.14 15.17 -36.46
CA ARG J 278 -62.56 13.51 -33.44
CA ILE J 279 -59.05 14.85 -33.92
CA LEU J 280 -57.08 17.79 -35.23
CA LEU J 281 -53.43 18.20 -36.13
CA ASN J 282 -52.03 21.68 -36.35
CA PRO J 283 -48.55 22.77 -37.10
CA GLN J 284 -46.76 25.78 -35.76
CA ASP J 285 -43.59 26.45 -37.69
CA LYS J 286 -42.33 29.19 -35.45
CA ASP J 287 -42.42 27.15 -32.29
CA GLY J 288 -41.27 24.11 -34.19
CA SER J 289 -44.10 21.99 -32.98
CA PHE J 290 -47.29 20.47 -34.18
CA SER J 291 -50.05 19.32 -31.95
CA VAL J 292 -52.41 16.43 -32.35
CA VAL J 293 -55.61 16.86 -30.42
CA ILE J 294 -57.71 13.79 -29.88
CA THR J 295 -61.05 13.73 -28.14
CA GLY J 296 -63.43 11.03 -27.00
CA LEU J 297 -60.53 8.88 -25.88
CA ARG J 298 -61.53 5.26 -25.76
CA LYS J 299 -59.86 2.04 -24.71
CA GLU J 300 -59.19 1.53 -28.38
CA ASP J 301 -56.86 4.51 -28.22
CA ALA J 302 -54.27 2.91 -25.96
CA GLY J 303 -51.32 1.78 -28.01
CA ARG J 304 -48.11 2.92 -29.67
CA TYR J 305 -48.08 5.80 -32.09
CA LEU J 306 -45.50 7.83 -33.96
CA CYS J 307 -45.44 11.45 -34.89
CA GLY J 308 -42.96 12.41 -37.50
CA ALA J 309 -42.15 14.33 -40.62
CA HIS J 310 -42.02 13.28 -44.24
CA SER J 311 -43.05 9.78 -45.10
CA ASP J 312 -43.60 7.21 -42.38
CA GLY J 313 -41.06 4.44 -42.68
CA GLN J 314 -38.50 7.18 -43.07
CA LEU J 315 -38.32 6.66 -39.36
CA GLN J 316 -37.81 10.34 -38.90
CA GLU J 317 -40.26 10.18 -36.05
CA GLY J 318 -40.68 9.73 -32.34
CA SER J 319 -42.61 6.98 -30.67
CA PRO J 320 -45.30 7.96 -28.30
CA ILE J 321 -46.98 5.49 -26.00
CA GLN J 322 -50.56 6.24 -25.16
CA ALA J 323 -52.41 4.58 -22.36
CA TRP J 324 -55.98 5.15 -21.37
CA GLN J 325 -59.45 4.27 -21.55
CA LEU J 326 -62.01 4.83 -24.30
CA PHE J 327 -65.52 4.88 -22.49
CA VAL J 328 -67.68 2.69 -24.83
CA ASN J 329 -70.81 2.07 -22.36
CA GLU J 330 -73.29 4.61 -23.93
CA GLU J 331 -76.32 5.03 -21.27
CA SER J 332 -78.10 7.70 -22.07
CA THR J 333 -75.65 10.47 -23.48
CA ILE J 334 -71.88 10.20 -24.63
CA PRO J 335 -70.44 8.89 -21.69
CA ARG J 336 -71.99 5.50 -21.31
CA SER J 337 -71.41 2.81 -18.76
CA PRO J 338 -73.25 0.31 -16.71
CA THR J 339 -75.82 2.03 -14.55
CA VAL J 340 -75.62 -0.70 -11.98
CA VAL J 341 -73.13 -3.44 -11.43
CA LYS J 342 -73.61 -6.26 -9.02
CA GLY J 343 -70.98 -8.64 -7.78
CA VAL J 344 -70.44 -10.80 -4.81
CA ALA J 345 -67.78 -10.95 -2.12
CA GLY J 346 -64.23 -11.80 -3.19
CA SER J 347 -65.00 -11.80 -6.92
CA SER J 348 -63.42 -9.31 -9.32
CA VAL J 349 -65.33 -6.88 -11.45
CA ALA J 350 -64.64 -4.79 -14.49
CA VAL J 351 -66.42 -1.65 -15.53
CA LEU J 352 -66.24 -0.26 -19.03
CA CYS J 353 -67.12 3.32 -19.98
CA PRO J 354 -67.27 4.77 -23.49
CA TYR J 355 -66.17 8.30 -24.66
CA ASN J 356 -65.50 10.76 -27.64
CA ARG J 357 -62.55 12.28 -29.57
CA LYS J 358 -61.34 15.10 -27.37
CA GLU J 359 -61.94 12.60 -24.71
CA SER J 360 -59.41 10.18 -26.16
CA LYS J 361 -56.62 12.43 -24.94
CA SER J 362 -58.13 13.63 -21.68
CA ILE J 363 -57.58 12.10 -18.26
CA LYS J 364 -59.85 9.23 -17.29
CA TYR J 365 -60.87 8.68 -13.76
CA TRP J 366 -62.89 6.53 -11.39
CA CYS J 367 -64.33 8.10 -8.24
CA LEU J 368 -66.57 7.31 -5.32
CA TRP J 369 -69.37 9.73 -4.62
CA GLU J 370 -69.31 11.49 -1.29
CA GLY J 371 -72.43 12.59 0.52
CA ALA J 372 -72.65 16.20 1.57
CA GLN J 373 -74.19 19.41 0.44
CA ASN J 374 -70.90 19.92 -1.28
CA GLY J 375 -69.11 16.66 -1.71
CA ARG J 376 -66.46 15.55 -4.06
CA CYS J 377 -66.00 12.15 -5.53
CA PRO J 378 -62.68 11.00 -4.33
CA LEU J 379 -60.31 10.09 -7.12
CA LEU J 380 -59.94 6.37 -6.67
CA VAL J 381 -57.77 5.72 -9.75
CA ASP J 382 -56.78 7.84 -12.73
CA SER J 383 -55.24 7.49 -16.18
CA GLU J 384 -52.61 9.90 -14.96
CA GLY J 385 -50.79 7.32 -12.95
CA TRP J 386 -52.46 8.04 -9.66
CA VAL J 387 -53.89 5.20 -7.63
CA LYS J 388 -55.48 5.50 -4.21
CA ALA J 389 -54.07 3.58 -1.31
CA GLN J 390 -57.16 1.48 -0.92
CA TYR J 391 -57.06 0.54 -4.58
CA GLU J 392 -53.29 0.24 -5.03
CA GLY J 393 -52.58 -3.24 -6.33
CA ARG J 394 -56.25 -4.15 -6.05
CA LEU J 395 -57.46 -2.31 -9.12
CA SER J 396 -56.41 -1.16 -12.56
CA LEU J 397 -57.59 1.41 -15.09
CA LEU J 398 -56.84 0.88 -18.75
CA GLU J 399 -57.70 3.14 -21.63
CA GLU J 400 -58.03 2.05 -25.21
CA PRO J 401 -58.64 5.03 -27.37
CA GLY J 402 -59.46 3.23 -30.58
CA ASN J 403 -62.37 1.51 -28.94
CA GLY J 404 -63.29 4.64 -27.08
CA THR J 405 -63.36 2.84 -23.80
CA PHE J 406 -61.42 2.53 -20.60
CA THR J 407 -61.84 -0.28 -18.16
CA VAL J 408 -61.54 -0.28 -14.43
CA ILE J 409 -60.82 -3.67 -13.00
CA LEU J 410 -61.24 -4.17 -9.31
CA ASN J 411 -60.41 -7.31 -7.37
CA GLN J 412 -61.09 -8.50 -3.86
CA LEU J 413 -64.44 -6.80 -3.72
CA THR J 414 -65.42 -6.27 -0.12
CA SER J 415 -68.41 -4.94 1.74
CA ARG J 416 -66.78 -1.55 1.68
CA ASP J 417 -66.98 -1.47 -2.11
CA ALA J 418 -70.74 -1.19 -2.40
CA GLY J 419 -71.60 2.38 -3.19
CA PHE J 420 -71.86 5.02 -5.88
CA TYR J 421 -69.03 5.70 -8.26
CA TRP J 422 -68.39 7.76 -11.34
CA CYS J 423 -66.25 7.21 -14.41
CA LEU J 424 -65.46 10.40 -16.20
CA THR J 425 -63.04 12.36 -18.35
CA ASN J 426 -61.00 15.44 -17.35
CA GLY J 427 -61.68 17.06 -14.01
CA ASP J 428 -64.08 15.48 -11.54
CA THR J 429 -66.06 18.68 -11.06
CA LEU J 430 -66.88 19.02 -14.73
CA TRP J 431 -69.38 16.21 -14.36
CA ARG J 432 -68.74 14.83 -17.80
CA THR J 433 -69.07 11.42 -16.20
CA THR J 434 -71.51 8.60 -15.82
CA VAL J 435 -72.76 7.41 -12.48
CA GLU J 436 -72.40 3.76 -11.66
CA ILE J 437 -73.89 2.00 -8.68
CA LYS J 438 -71.97 -0.97 -7.44
CA ILE J 439 -73.52 -3.44 -5.08
CA ILE J 440 -71.26 -6.06 -3.62
CA GLU J 441 -72.90 -9.57 -2.66
CA GLY J 442 -71.75 -10.36 0.97
CA GLU J 443 -74.65 -10.68 3.51
CA PRO J 444 -75.42 -9.25 6.06
CA ASN J 445 -72.84 -6.31 6.05
CA LEU J 446 -70.08 -7.25 8.87
CA LYS J 447 -69.73 -9.29 11.99
CA VAL J 448 -67.19 -8.88 14.75
CA PRO J 449 -66.71 -9.09 18.43
CA GLY J 450 -67.78 -5.61 19.27
CA ASN J 451 -66.27 -6.14 22.68
CA VAL J 452 -62.79 -7.19 23.60
CA THR J 453 -60.92 -7.02 26.86
CA ALA J 454 -57.21 -7.33 27.45
CA VAL J 455 -54.53 -6.29 29.86
CA LEU J 456 -51.78 -3.88 29.07
CA GLY J 457 -48.74 -5.52 27.56
CA GLU J 458 -50.77 -8.31 26.04
CA THR J 459 -51.50 -9.05 22.42
CA LEU J 460 -55.03 -9.12 21.10
CA LYS J 461 -56.64 -10.45 17.97
CA VAL J 462 -60.07 -9.69 16.57
CA PRO J 463 -61.80 -11.36 13.71
CA CYS J 464 -64.20 -9.76 11.23
CA HIS J 465 -66.46 -11.36 8.66
CA PHE J 466 -67.56 -10.07 5.26
CA PRO J 467 -68.70 -11.03 1.79
CA CYS J 468 -66.74 -12.11 -1.33
CA LYS J 469 -66.97 -8.83 -3.22
CA PHE J 470 -65.52 -7.42 -0.09
CA SER J 471 -62.74 -9.95 -0.46
CA SER J 472 -61.12 -7.63 -2.98
CA TYR J 473 -61.92 -4.49 -0.98
CA GLU J 474 -59.37 -2.87 1.31
CA LYS J 475 -59.78 -4.01 4.89
CA TYR J 476 -59.19 -1.59 7.67
CA TRP J 477 -59.02 -1.18 11.42
CA CYS J 478 -59.75 2.30 12.70
CA LYS J 479 -59.54 4.06 15.99
CA TRP J 480 -62.28 6.20 17.46
CA ASN J 481 -61.79 9.82 18.45
CA ASN J 482 -59.97 10.54 15.25
CA THR J 483 -61.03 12.59 12.30
CA GLY J 484 -63.66 10.22 11.16
CA CYS J 485 -62.00 7.03 12.21
CA GLN J 486 -58.28 7.04 12.60
CA ALA J 487 -56.85 4.62 10.16
CA LEU J 488 -54.76 2.11 12.00
CA PRO J 489 -53.65 -0.87 10.03
CA SER J 490 -55.22 -1.54 6.66
CA GLN J 491 -54.69 -4.20 4.07
CA ASP J 492 -51.14 -3.08 4.64
CA GLU J 493 -49.15 -3.80 7.84
CA GLY J 494 -47.98 -2.08 11.03
CA PRO J 495 -47.37 -2.59 14.73
CA SER J 496 -49.21 -5.78 14.41
CA LYS J 497 -50.82 -7.79 11.72
CA ALA J 498 -54.03 -7.72 9.77
CA PHE J 499 -54.59 -10.86 7.82
CA VAL J 500 -57.21 -11.34 5.22
CA ASN J 501 -58.55 -14.61 4.02
CA CYS J 502 -59.87 -14.10 0.54
CA ASP J 503 -62.86 -15.59 -1.18
CA GLU J 504 -62.17 -19.00 0.25
CA ASN J 505 -62.66 -17.83 3.79
CA SER J 506 -63.95 -14.38 4.20
CA ARG J 507 -62.43 -13.17 7.39
CA LEU J 508 -59.92 -10.61 8.47
CA VAL J 509 -57.93 -10.98 11.62
CA SER J 510 -56.29 -8.08 13.30
CA LEU J 511 -53.70 -8.79 15.87
CA THR J 512 -52.23 -6.10 18.02
CA LEU J 513 -49.10 -6.45 20.05
CA ASN J 514 -47.92 -4.72 23.17
CA LEU J 515 -51.22 -3.20 24.09
CA VAL J 516 -49.35 -2.04 27.12
CA THR J 517 -50.66 1.33 26.23
CA ARG J 518 -53.74 2.80 27.81
CA ALA J 519 -54.22 4.56 24.52
CA ASP J 520 -55.29 1.30 22.95
CA GLU J 521 -58.47 1.15 24.98
CA GLY J 522 -61.25 2.84 23.07
CA TRP J 523 -63.76 2.34 20.32
CA TYR J 524 -62.63 0.95 17.00
CA TRP J 525 -64.12 -0.08 13.71
CA CYS J 526 -63.37 -2.91 11.35
CA GLY J 527 -64.59 -2.56 7.82
CA VAL J 528 -64.00 -2.72 4.12
CA LYS J 529 -63.45 -0.03 1.53
CA GLN J 530 -63.04 3.55 2.65
CA GLY J 531 -63.69 4.46 6.25
CA HIS J 532 -66.27 7.04 5.23
CA PHE J 533 -68.45 4.41 3.61
CA TYR J 534 -69.23 3.13 7.10
CA GLY J 535 -69.50 -0.40 5.87
CA GLU J 536 -68.01 -1.62 9.09
CA THR J 537 -68.59 -2.96 12.55
CA ALA J 538 -67.94 -1.23 15.83
CA ALA J 539 -65.75 -2.90 18.38
CA VAL J 540 -65.00 -1.73 21.86
CA TYR J 541 -61.68 -2.59 23.31
CA VAL J 542 -60.91 -2.21 26.95
CA ALA J 543 -57.33 -2.38 28.06
CA VAL J 544 -69.69 -5.43 12.07
CA GLU J 545 -72.77 -5.62 14.64
CA GLU J 546 -75.78 -5.91 12.38
CA ARG J 547 -78.65 -6.94 15.06
CA LYS J 548 -80.43 -3.61 14.68
CA ALA J 549 -82.71 -3.63 17.00
CA ALA J 550 -83.70 -6.89 18.91
CA GLY J 551 -81.51 -9.74 20.39
CA SER J 552 -83.02 -12.13 21.50
CA ARG J 553 -86.93 -12.34 21.97
CA ASP J 554 -87.51 -15.18 24.50
CA VAL J 555 -91.14 -16.35 23.99
CA SER J 556 -90.95 -17.71 20.44
CA LEU J 557 -87.16 -18.16 19.40
CA ALA J 558 -87.57 -18.78 15.45
CA LYS J 559 -85.49 -16.31 13.04
CA ALA J 560 -87.53 -16.28 9.74
CA ASP J 561 -86.34 -13.68 7.01
CA ALA J 562 -84.21 -10.51 8.01
CA ALA J 563 -81.26 -11.63 9.96
CA PRO J 564 -78.57 -13.12 7.23
CA ASP J 565 -78.36 -9.97 5.34
CA GLU J 566 -78.21 -6.05 5.74
CA LYS J 567 -75.99 -5.16 2.62
CA VAL J 568 -76.41 -1.34 1.59
CA LEU J 569 -77.45 0.26 4.91
CA ASP J 570 -81.26 1.62 4.84
CA SER J 571 -81.79 0.98 8.79
CA GLY J 572 -82.05 -2.77 10.28
CA PHE J 573 -85.49 -4.32 9.56
CA ARG J 574 -85.18 -7.14 12.10
CA GLU J 575 -88.47 -9.13 13.06
CA ILE J 576 -90.20 -6.23 15.09
CA GLU J 577 -87.96 -3.04 14.35
CA ASN J 578 -88.36 -0.42 11.53
CA LYS J 579 -86.14 2.45 12.74
CA ALA J 580 -82.44 3.12 13.95
CA ILE J 581 -83.01 4.07 17.55
CA GLN J 582 -81.02 3.35 20.82
CA ASP J 583 -83.32 2.15 23.78
CA PRO J 584 -86.57 0.10 22.87
CA ARG J 585 -88.52 -0.55 26.11
CA GLN A 1 55.15 33.13 -97.15
CA VAL A 2 53.79 29.78 -95.98
CA LYS A 3 55.94 27.02 -97.50
CA LEU A 4 56.42 27.57 -101.27
CA LEU A 5 54.13 24.86 -102.63
CA GLU A 6 51.68 23.61 -99.97
CA GLN A 7 49.76 20.50 -101.08
CA SER A 8 46.68 18.76 -99.64
CA GLY A 9 46.12 15.77 -97.33
CA ALA A 10 46.02 11.98 -97.59
CA GLU A 11 42.64 10.93 -99.01
CA VAL A 12 41.53 7.37 -98.23
CA LYS A 13 39.63 6.15 -101.30
CA LYS A 14 37.88 2.81 -101.77
CA PRO A 15 38.92 0.88 -104.95
CA GLY A 16 36.96 2.26 -107.88
CA ALA A 17 36.66 5.86 -106.66
CA SER A 18 38.09 9.25 -107.63
CA VAL A 19 40.87 11.38 -106.08
CA LYS A 20 41.74 15.07 -106.56
CA VAL A 21 44.98 16.38 -105.04
CA SER A 22 45.71 20.12 -105.16
CA CYS A 23 48.95 22.16 -105.17
CA LYS A 24 48.84 25.71 -103.79
CA ALA A 25 51.66 28.06 -104.81
CA SER A 26 53.05 31.30 -103.36
CA GLY A 27 55.98 33.69 -103.25
CA TYR A 28 56.52 33.52 -107.01
CA SER A 29 54.58 34.24 -110.20
CA PHE A 30 52.16 31.42 -111.07
CA THR A 31 51.69 32.15 -114.79
CA SER A 32 55.46 32.00 -115.43
CA TYR A 33 56.34 28.46 -114.28
CA GLY A 34 54.98 24.96 -114.88
CA LEU A 35 54.20 22.09 -112.48
CA HIS A 36 55.06 18.38 -112.79
CA TRP A 37 53.51 15.51 -110.81
CA VAL A 38 55.66 12.67 -109.46
CA ARG A 39 54.68 9.87 -107.05
CA GLN A 40 56.38 7.02 -105.14
CA ALA A 41 55.11 3.57 -104.12
CA PRO A 42 56.15 2.26 -100.65
CA GLY A 43 59.57 0.72 -101.26
CA GLN A 44 59.85 1.66 -104.94
CA ARG A 45 61.34 4.43 -107.13
CA LEU A 46 59.73 7.75 -108.13
CA GLU A 47 57.49 7.65 -111.21
CA TRP A 48 56.63 10.70 -113.34
CA MET A 49 52.89 11.14 -113.96
CA GLY A 50 52.62 14.32 -116.01
CA TRP A 51 52.89 18.09 -116.42
CA ILE A 52 50.70 21.16 -116.96
CA SER A 53 51.58 24.72 -117.99
CA ALA A 54 50.10 27.44 -115.77
CA GLY A 55 50.15 29.96 -118.63
CA THR A 56 48.18 28.29 -121.41
CA GLY A 57 46.92 25.03 -119.90
CA ASN A 58 48.54 22.38 -122.12
CA THR A 59 48.53 18.81 -120.80
CA LYS A 60 51.46 16.40 -121.25
CA TYR A 61 51.14 13.12 -119.33
CA SER A 62 52.72 9.67 -119.77
CA GLN A 63 51.28 6.69 -121.66
CA LYS A 64 51.06 4.74 -118.40
CA PHE A 65 47.94 6.39 -116.96
CA ARG A 66 46.37 6.94 -120.39
CA GLY A 67 42.63 7.51 -120.16
CA ARG A 68 42.28 8.07 -116.41
CA VAL A 69 44.38 11.15 -115.57
CA THR A 70 43.55 14.85 -115.84
CA PHE A 71 45.17 18.16 -114.89
CA THR A 72 43.34 21.42 -114.14
CA ARG A 73 44.49 24.87 -112.97
CA ASP A 74 42.74 27.91 -111.47
CA THR A 75 44.38 31.18 -112.57
CA SER A 76 42.89 33.52 -109.95
CA ALA A 77 43.27 30.99 -107.11
CA THR A 78 46.92 29.97 -107.61
CA THR A 79 46.38 26.21 -107.17
CA ALA A 80 47.07 23.22 -109.43
CA TYR A 81 45.00 20.02 -109.57
CA MET A 82 45.28 16.33 -110.50
CA GLY A 83 42.61 13.71 -111.19
CA LEU A 84 42.68 9.89 -111.31
CA SER A 85 39.63 7.65 -111.81
CA SER A 86 39.32 3.87 -111.32
CA LEU A 87 41.75 3.62 -108.38
CA ARG A 88 43.39 0.26 -107.63
CA PRO A 89 45.10 -1.38 -104.58
CA GLU A 90 48.49 -0.70 -106.21
CA ASP A 91 48.11 3.09 -106.39
CA THR A 92 49.12 3.49 -102.72
CA ALA A 93 51.86 6.10 -103.15
CA VAL A 94 53.08 9.52 -102.05
CA TYR A 95 52.33 12.12 -104.72
CA TYR A 96 54.31 15.36 -105.18
CA CYS A 97 53.92 18.49 -107.32
CA ALA A 98 57.29 19.85 -108.46
CA ARG A 99 57.82 23.17 -110.27
CA ASP A 100 59.20 23.92 -113.76
CA PRO A 101 62.19 26.36 -113.69
CA TYR A 102 61.83 26.91 -117.45
CA GLY A 103 58.21 26.36 -118.46
CA GLY A 104 59.09 23.91 -121.22
CA GLY A 105 57.74 20.63 -119.88
CA LYS A 106 61.08 18.81 -119.85
CA SER A 107 63.66 19.64 -117.16
CA GLU A 108 64.65 19.26 -113.49
CA PHE A 109 62.71 19.94 -110.27
CA ASP A 110 63.90 22.66 -107.89
CA TYR A 111 60.88 22.89 -105.55
CA TRP A 112 59.06 19.89 -104.09
CA GLY A 113 55.97 19.79 -101.87
CA GLN A 114 55.21 17.83 -98.69
CA GLY A 115 53.53 14.92 -100.45
CA THR A 116 50.09 13.29 -100.27
CA LEU A 117 49.74 9.59 -99.39
CA VAL A 118 46.60 8.26 -101.08
CA THR A 119 45.89 4.75 -99.81
CA VAL A 120 43.33 2.73 -101.78
CA SER A 121 41.85 -0.05 -99.63
CA SER A 122 38.31 -1.37 -99.07
CA ALA A 123 38.94 -2.13 -95.38
CA SER A 124 36.94 -0.03 -92.90
CA PRO A 125 39.34 2.77 -91.80
CA THR A 126 39.32 3.72 -88.12
CA SER A 127 40.50 6.67 -86.02
CA PRO A 128 43.56 6.09 -83.76
CA LYS A 129 43.24 5.89 -79.97
CA VAL A 130 46.02 7.92 -78.34
CA PHE A 131 47.17 6.76 -74.88
CA PRO A 132 49.51 8.45 -72.38
CA LEU A 133 52.63 6.39 -71.65
CA SER A 134 53.54 7.96 -68.32
CA LEU A 135 55.82 5.93 -66.03
CA ASP A 136 55.68 4.87 -62.37
CA SER A 137 59.28 5.58 -61.36
CA THR A 138 60.61 2.69 -63.48
CA PRO A 139 63.48 4.69 -65.07
CA GLN A 140 66.38 6.38 -63.28
CA ASP A 141 67.28 9.65 -61.54
CA GLY A 142 68.59 12.07 -64.14
CA ASN A 143 66.16 12.00 -67.06
CA VAL A 144 62.41 11.44 -67.40
CA VAL A 145 61.03 9.40 -70.31
CA VAL A 146 57.43 10.08 -71.41
CA ALA A 147 55.49 8.97 -74.52
CA CYS A 148 52.17 8.86 -76.38
CA LEU A 149 50.96 5.54 -77.81
CA VAL A 150 48.72 6.14 -80.85
CA GLN A 151 47.04 2.74 -81.28
CA GLY A 152 44.67 1.40 -83.94
CA PHE A 153 44.57 3.32 -87.22
CA PHE A 154 44.11 2.22 -90.82
CA PRO A 155 45.82 2.99 -93.09
CA GLN A 156 49.27 4.07 -91.85
CA GLU A 157 49.23 7.68 -93.12
CA PRO A 158 51.83 10.46 -92.59
CA LEU A 159 51.42 11.07 -88.84
CA SER A 160 52.62 14.53 -87.79
CA VAL A 161 53.37 14.78 -84.06
CA THR A 162 54.66 17.87 -82.24
CA TRP A 163 55.21 18.07 -78.47
CA SER A 164 54.84 21.39 -76.64
CA GLU A 165 58.33 21.75 -75.16
CA SER A 166 61.56 22.08 -77.15
CA GLY A 167 65.20 22.92 -76.49
CA GLN A 168 68.73 21.51 -76.52
CA ASN A 169 68.77 18.61 -74.05
CA VAL A 170 65.36 17.30 -75.16
CA THR A 171 64.92 14.66 -77.87
CA ALA A 172 61.77 13.47 -79.66
CA ARG A 173 61.58 10.38 -81.89
CA ASN A 174 58.75 9.39 -84.26
CA PHE A 175 58.48 5.58 -84.30
CA PRO A 176 57.68 3.92 -87.68
CA PRO A 177 54.24 2.30 -88.30
CA SER A 178 53.92 -1.46 -87.69
CA GLN A 179 51.35 -4.05 -88.83
CA ASP A 180 49.59 -6.80 -86.86
CA ALA A 181 48.10 -9.92 -88.47
CA SER A 182 47.47 -9.26 -92.18
CA GLY A 183 46.61 -5.55 -92.32
CA ASP A 184 43.86 -5.30 -89.70
CA LEU A 185 45.34 -2.26 -87.94
CA TYR A 186 48.46 -0.08 -87.61
CA THR A 187 50.07 1.31 -84.43
CA THR A 188 52.65 4.01 -83.60
CA SER A 189 54.13 6.02 -80.74
CA SER A 190 55.78 9.34 -79.87
CA GLN A 191 58.47 9.63 -77.17
CA LEU A 192 60.16 12.62 -75.53
CA THR A 193 63.25 12.08 -73.38
CA LEU A 194 63.96 15.18 -71.28
CA PRO A 195 66.11 16.02 -68.22
CA ALA A 196 64.39 15.95 -64.81
CA THR A 197 65.16 19.65 -64.34
CA GLN A 198 62.67 20.43 -67.14
CA CYS A 199 59.31 18.86 -66.16
CA PRO A 200 58.30 20.84 -63.03
CA ASP A 201 56.49 19.08 -60.15
CA GLY A 202 52.78 19.62 -60.76
CA LYS A 203 52.51 20.16 -64.53
CA SER A 204 52.45 18.09 -67.74
CA VAL A 205 53.46 18.04 -71.42
CA THR A 206 50.95 17.81 -74.28
CA CYS A 207 51.50 15.66 -77.39
CA HIS A 208 49.69 16.73 -80.57
CA VAL A 209 49.01 13.95 -83.09
CA LYS A 210 47.64 14.73 -86.55
CA HIS A 211 46.48 12.12 -89.07
CA TYR A 212 45.33 13.50 -92.44
CA THR A 213 43.59 16.91 -92.30
CA ASN A 214 41.49 15.51 -89.44
CA PRO A 215 41.32 17.65 -86.24
CA SER A 216 44.51 17.45 -84.17
CA GLN A 217 43.98 15.24 -81.11
CA ASP A 218 45.65 16.78 -78.05
CA VAL A 219 46.52 14.74 -74.93
CA THR A 220 47.86 15.92 -71.56
CA VAL A 221 50.86 13.67 -70.76
CA PRO A 222 51.93 14.09 -67.08
CA CYS A 223 55.18 13.40 -65.21
CA PRO A 224 56.12 14.55 -61.40
CA VAL A 225 54.77 13.69 -57.90
CA PRO A 226 52.58 15.70 -55.18
CA PRO A 227 53.07 15.25 -51.41
CA PRO A 228 49.92 15.25 -48.98
CA PRO A 229 49.43 18.68 -46.78
CA PRO A 230 49.23 18.04 -43.03
CA CYS A 231 48.27 20.75 -40.37
CA CYS A 232 47.26 19.98 -36.75
CA HIS A 233 45.08 21.59 -34.10
CA PRO A 234 45.47 21.46 -30.16
CA ARG A 235 43.28 18.93 -28.28
CA LEU A 236 43.31 15.56 -26.44
CA SER A 237 40.62 12.86 -26.22
CA LEU A 238 40.31 9.32 -24.85
CA HIS A 239 38.52 6.37 -26.47
CA ARG A 240 36.85 3.79 -24.23
CA PRO A 241 36.97 0.16 -25.48
CA ALA A 242 33.89 -1.54 -26.93
CA LEU A 243 31.47 -3.39 -24.66
CA GLU A 244 30.76 -6.36 -26.94
CA ASP A 245 34.48 -7.11 -27.38
CA LEU A 246 35.66 -7.09 -23.73
CA LEU A 247 32.76 -9.25 -22.52
CA LEU A 248 33.15 -12.13 -24.98
CA GLY A 249 36.89 -12.81 -24.78
CA SER A 250 38.70 -10.30 -22.53
CA GLU A 251 40.12 -8.43 -25.54
CA ALA A 252 40.03 -4.75 -24.54
CA ASN A 253 42.13 -1.65 -25.28
CA LEU A 254 41.96 2.04 -24.37
CA THR A 255 43.28 4.54 -26.93
CA CYS A 256 44.85 7.92 -26.05
CA THR A 257 45.00 9.96 -29.26
CA LEU A 258 46.15 13.60 -29.48
CA THR A 259 44.37 15.03 -32.53
CA GLY A 260 45.47 18.67 -32.91
CA LEU A 261 48.66 20.61 -32.04
CA ARG A 262 51.11 22.35 -34.49
CA ASP A 263 54.04 20.48 -36.25
CA ALA A 264 57.51 18.96 -35.80
CA SER A 265 58.12 17.41 -32.38
CA GLY A 266 57.97 14.01 -30.66
CA ALA A 267 55.69 13.34 -27.68
CA THR A 268 56.04 10.77 -24.89
CA PHE A 269 53.61 8.85 -22.63
CA THR A 270 53.18 7.76 -19.00
CA TRP A 271 50.50 5.04 -18.78
CA THR A 272 49.44 3.52 -15.47
CA PRO A 273 49.37 -0.29 -14.96
CA SER A 274 46.17 -2.27 -14.35
CA SER A 275 45.13 -4.42 -11.39
CA GLY A 276 47.28 -7.23 -12.76
CA LYS A 277 50.35 -4.97 -12.85
CA SER A 278 50.87 -4.83 -16.63
CA ALA A 279 51.77 -1.89 -18.87
CA VAL A 280 52.24 -2.28 -22.64
CA GLN A 281 52.31 0.52 -25.24
CA GLY A 282 53.59 1.41 -28.71
CA PRO A 283 52.65 4.90 -30.05
CA PRO A 284 53.46 5.39 -33.77
CA GLU A 285 53.45 8.56 -35.90
CA ARG A 286 50.87 8.91 -38.71
CA ASP A 287 50.34 11.91 -41.01
CA LEU A 288 46.89 13.54 -40.81
CA CYS A 289 46.10 16.71 -42.79
CA GLY A 290 49.83 17.15 -43.27
CA CYS A 291 50.47 17.09 -39.53
CA TYR A 292 52.19 14.24 -37.46
CA SER A 293 50.09 12.12 -35.03
CA VAL A 294 50.97 10.26 -31.80
CA SER A 295 48.39 7.65 -30.67
CA SER A 296 49.04 4.95 -28.05
CA VAL A 297 46.92 1.92 -27.07
CA LEU A 298 47.03 0.22 -23.64
CA PRO A 299 45.66 -3.37 -23.83
CA GLY A 300 43.76 -4.11 -20.62
CA CYS A 301 41.93 -7.07 -19.11
CA ALA A 302 38.24 -7.52 -18.25
CA GLN A 303 38.52 -7.72 -14.45
CA PRO A 304 39.94 -4.19 -13.90
CA TRP A 305 37.16 -2.68 -16.02
CA ASN A 306 34.50 -4.71 -14.21
CA HIS A 307 35.89 -3.79 -10.79
CA GLY A 308 36.65 -0.20 -11.76
CA GLU A 309 40.30 0.87 -12.05
CA THR A 310 41.53 4.38 -12.88
CA PHE A 311 43.06 4.44 -16.38
CA THR A 312 45.02 7.69 -16.79
CA CYS A 313 47.15 8.98 -19.71
CA THR A 314 49.65 11.84 -19.46
CA ALA A 315 51.25 13.31 -22.60
CA ALA A 316 54.06 15.82 -21.91
CA HIS A 317 55.77 18.13 -24.39
CA PRO A 318 58.06 21.17 -24.36
CA GLU A 319 55.37 23.62 -25.52
CA LEU A 320 52.65 21.55 -23.89
CA LYS A 321 54.41 22.64 -20.73
CA THR A 322 51.50 21.54 -18.58
CA PRO A 323 51.27 17.75 -19.14
CA LEU A 324 47.60 17.08 -19.85
CA THR A 325 46.17 14.46 -17.49
CA ALA A 326 43.10 12.44 -18.52
CA ASN A 327 41.34 9.77 -16.44
CA ILE A 328 38.41 7.49 -17.33
CA THR A 329 36.48 4.94 -15.25
CA LYS A 330 32.98 3.42 -15.12
CA SER A 331 29.98 5.40 -13.90
CA GLY A 332 27.39 5.50 -11.13
CA ASN A 333 26.89 3.27 -8.10
CA THR A 334 25.53 -0.31 -7.94
CA PHE A 335 21.82 -1.20 -8.11
CA ARG A 336 20.44 -4.77 -7.89
CA PRO A 337 18.52 -5.89 -11.02
CA GLU A 338 14.94 -7.14 -10.68
CA VAL A 339 14.15 -9.78 -13.31
CA HIS A 340 10.50 -10.30 -14.33
CA LEU A 341 9.78 -13.10 -16.83
CA LEU A 342 6.64 -12.38 -18.89
CA PRO A 343 4.41 -15.04 -20.52
CA PRO A 344 3.11 -14.74 -24.13
CA PRO A 345 -0.22 -12.90 -24.54
CA SER A 346 -3.59 -14.42 -25.47
CA GLU A 347 -3.71 -13.06 -29.03
CA GLU A 348 -0.16 -14.27 -29.71
CA LEU A 349 -1.19 -17.92 -29.35
CA ALA A 350 -2.89 -17.55 -32.74
CA LEU A 351 0.44 -17.69 -34.61
CA ASN A 352 2.52 -20.80 -35.37
CA GLU A 353 6.28 -20.62 -36.02
CA LEU A 354 7.26 -18.11 -33.29
CA VAL A 355 6.36 -17.29 -29.66
CA THR A 356 7.87 -14.35 -27.73
CA LEU A 357 9.18 -14.92 -24.19
CA THR A 358 9.95 -11.56 -22.56
CA CYS A 359 11.97 -11.40 -19.33
CA LEU A 360 12.42 -7.77 -18.23
CA ALA A 361 15.20 -6.79 -15.84
CA ARG A 362 15.01 -3.20 -14.58
CA GLY A 363 16.40 -1.32 -11.60
CA PHE A 364 20.10 -1.74 -12.33
CA SER A 365 23.27 0.34 -12.65
CA PRO A 366 25.63 0.51 -14.41
CA LYS A 367 24.26 -0.50 -17.83
CA ASP A 368 26.75 -3.38 -18.10
CA VAL A 369 24.61 -6.53 -17.99
CA LEU A 370 24.89 -9.86 -19.84
CA VAL A 371 21.59 -11.61 -20.56
CA ARG A 372 21.25 -15.18 -21.93
CA TRP A 373 18.63 -17.93 -22.33
CA LEU A 374 18.55 -21.71 -21.80
CA GLN A 375 16.48 -24.79 -22.67
CA GLY A 376 14.92 -26.98 -19.99
CA SER A 377 14.52 -30.31 -21.83
CA GLN A 378 17.69 -30.45 -23.95
CA GLU A 379 19.59 -28.65 -21.14
CA LEU A 380 21.39 -26.59 -23.80
CA PRO A 381 21.47 -22.79 -24.31
CA ARG A 382 19.11 -21.13 -26.80
CA GLU A 383 20.07 -19.46 -30.10
CA LYS A 384 17.21 -17.17 -31.20
CA TYR A 385 17.00 -14.10 -28.91
CA LEU A 386 17.76 -10.35 -28.94
CA THR A 387 18.78 -7.57 -26.51
CA TRP A 388 17.64 -3.93 -26.28
CA ALA A 389 19.23 -0.80 -24.75
CA SER A 390 18.27 2.75 -23.69
CA ARG A 391 19.20 5.03 -20.76
CA GLN A 392 16.68 6.71 -18.44
CA GLU A 393 17.85 10.31 -17.90
CA PRO A 394 14.93 12.59 -16.91
CA SER A 395 15.06 16.11 -15.46
CA GLN A 396 14.70 14.90 -11.86
CA GLY A 397 17.16 13.03 -9.65
CA THR A 398 16.34 9.43 -10.57
CA THR A 399 18.28 7.20 -12.99
CA THR A 400 18.32 3.37 -13.38
CA PHE A 401 18.89 1.29 -16.53
CA ALA A 402 16.46 -1.45 -17.61
CA VAL A 403 16.46 -4.16 -20.30
CA THR A 404 14.18 -6.47 -22.31
CA SER A 405 14.86 -9.96 -23.70
CA ILE A 406 12.89 -11.77 -26.41
CA LEU A 407 13.17 -15.54 -26.93
CA ARG A 408 11.29 -16.77 -30.02
CA VAL A 409 10.49 -20.48 -29.71
CA ALA A 410 7.83 -22.70 -31.33
CA ALA A 411 4.10 -22.73 -30.59
CA GLU A 412 3.83 -26.49 -30.11
CA ASP A 413 6.81 -26.61 -27.73
CA TRP A 414 5.45 -23.93 -25.37
CA LYS A 415 2.39 -26.12 -24.76
CA LYS A 416 4.30 -29.35 -24.06
CA GLY A 417 5.40 -28.17 -20.64
CA ASP A 418 9.02 -27.10 -21.10
CA THR A 419 10.70 -24.61 -18.73
CA PHE A 420 12.71 -21.67 -20.13
CA SER A 421 15.47 -19.83 -18.18
CA CYS A 422 16.49 -16.15 -18.47
CA MET A 423 19.89 -15.77 -16.77
CA VAL A 424 21.01 -12.22 -15.99
CA GLY A 425 24.50 -11.23 -14.85
CA HIS A 426 25.37 -7.98 -13.07
CA GLU A 427 27.80 -6.78 -10.38
CA ALA A 428 25.20 -5.90 -7.74
CA LEU A 429 23.84 -9.46 -7.88
CA PRO A 430 24.45 -11.91 -4.97
CA LEU A 431 26.80 -14.21 -6.92
CA ALA A 432 27.10 -11.98 -10.01
CA PHE A 433 24.46 -14.28 -11.51
CA THR A 434 20.68 -14.62 -11.14
CA GLN A 435 18.17 -16.83 -12.98
CA LYS A 436 14.36 -16.77 -13.19
CA THR A 437 12.11 -19.19 -15.11
CA ILE A 438 8.84 -19.36 -17.07
CA ASP A 439 6.50 -22.34 -17.36
CA ARG A 440 3.04 -22.88 -18.91
CA LEU A 441 2.12 -24.86 -15.79
CA ALA A 442 0.98 -22.14 -13.41
CA GLY A 443 0.05 -23.12 -9.88
CA LYS A 444 -1.30 -20.34 -7.67
CA PRO A 445 0.70 -20.63 -4.41
CA THR A 446 2.72 -17.45 -4.97
CA HIS A 447 5.69 -17.64 -7.35
CA VAL A 448 8.00 -20.53 -6.46
CA ASN A 449 11.41 -21.30 -7.99
CA VAL A 450 12.95 -24.69 -8.88
CA SER A 451 15.02 -26.89 -6.55
CA VAL A 452 18.81 -27.28 -6.32
CA VAL A 453 20.89 -29.10 -8.94
CA MET A 454 24.59 -29.59 -8.11
CA ALA A 455 26.32 -29.36 -4.72
CA GLU A 456 29.69 -29.66 -2.94
CA VAL A 457 31.38 -28.54 -6.18
CA ASP A 458 31.92 -24.79 -6.49
CA GLY A 459 35.39 -24.92 -8.02
CA THR A 460 37.84 -24.14 -5.21
CA CYS A 461 37.37 -27.71 -3.94
CA TYR A 462 37.64 -29.94 -7.03
CA GLN B 1 82.58 50.90 -11.46
CA VAL B 2 78.79 51.18 -11.21
CA LYS B 3 77.84 54.86 -11.55
CA LEU B 4 79.98 57.05 -9.23
CA LEU B 5 77.42 57.89 -6.56
CA GLU B 6 74.43 55.51 -6.67
CA GLN B 7 71.56 56.65 -4.43
CA SER B 8 68.41 54.86 -3.21
CA GLY B 9 64.78 54.79 -4.33
CA ALA B 10 61.64 56.90 -3.94
CA GLU B 11 60.11 56.21 -0.53
CA VAL B 12 56.40 56.99 -0.15
CA LYS B 13 55.92 58.26 3.40
CA LYS B 14 52.66 59.26 5.09
CA PRO B 15 52.67 62.78 6.68
CA GLY B 16 54.31 62.54 10.10
CA ALA B 17 56.75 59.73 9.31
CA SER B 18 60.51 59.33 8.86
CA VAL B 19 62.68 59.00 5.73
CA LYS B 20 66.30 57.84 5.32
CA VAL B 21 67.96 58.23 1.91
CA SER B 22 71.42 56.74 1.34
CA CYS B 23 74.29 57.64 -1.01
CA LYS B 24 76.71 54.87 -2.04
CA ALA B 25 80.11 55.91 -3.40
CA SER B 26 82.76 54.19 -5.52
CA GLY B 27 85.79 54.65 -7.75
CA TYR B 28 87.34 57.27 -5.46
CA SER B 29 88.54 57.52 -1.85
CA PHE B 30 85.63 58.07 0.57
CA THR B 31 87.56 59.55 3.51
CA SER B 32 89.05 62.31 1.32
CA TYR B 33 85.92 64.08 0.01
CA GLY B 34 82.72 65.46 1.52
CA LEU B 35 79.06 65.14 0.48
CA HIS B 36 76.36 67.84 0.23
CA TRP B 37 72.60 67.27 0.03
CA VAL B 38 70.42 69.33 -2.34
CA ARG B 39 66.75 68.83 -3.25
CA GLN B 40 64.20 70.29 -5.71
CA ALA B 41 60.42 70.77 -5.41
CA PRO B 42 58.30 70.10 -8.55
CA GLY B 43 58.47 73.37 -10.46
CA GLN B 44 60.85 75.18 -8.09
CA ARG B 45 64.58 75.87 -7.69
CA LEU B 46 67.20 73.69 -5.97
CA GLU B 47 67.55 74.16 -2.20
CA TRP B 48 70.66 73.23 -0.20
CA MET B 49 69.95 71.07 2.86
CA GLY B 50 73.35 70.38 4.38
CA TRP B 51 76.80 68.77 4.33
CA ILE B 52 78.81 66.10 6.16
CA SER B 53 82.54 65.32 6.12
CA ALA B 54 83.42 61.67 5.51
CA GLY B 55 86.70 62.00 7.39
CA THR B 56 85.70 63.31 10.82
CA GLY B 57 81.90 63.40 10.75
CA ASN B 58 81.13 67.10 11.29
CA THR B 59 77.58 68.25 10.49
CA LYS B 60 76.78 71.60 8.84
CA TYR B 61 73.13 72.05 7.82
CA SER B 62 70.97 75.12 7.16
CA GLN B 63 68.70 76.94 9.61
CA LYS B 64 65.67 75.95 7.52
CA PHE B 65 65.37 72.32 8.64
CA ARG B 66 66.65 73.06 12.16
CA GLY B 67 65.70 70.32 14.61
CA ARG B 68 64.54 67.64 12.17
CA VAL B 69 67.55 66.79 10.00
CA THR B 70 70.48 64.45 10.64
CA PHE B 71 73.47 63.11 8.69
CA THR B 72 75.25 59.80 9.32
CA ARG B 73 78.11 57.98 7.56
CA ASP B 74 79.46 54.41 7.62
CA THR B 75 83.24 54.29 7.12
CA SER B 76 83.63 50.60 6.23
CA ALA B 77 80.49 50.55 4.03
CA THR B 78 81.14 53.63 1.86
CA THR B 79 77.60 55.05 2.07
CA ALA B 80 76.23 58.39 3.30
CA TYR B 81 72.84 58.93 4.97
CA MET B 82 70.21 61.61 5.57
CA GLY B 83 67.32 61.78 8.04
CA LEU B 84 64.18 63.94 8.22
CA SER B 85 61.39 63.56 10.80
CA SER B 86 57.90 65.13 10.81
CA LEU B 87 57.37 65.04 7.03
CA ARG B 88 54.84 67.41 5.46
CA PRO B 89 52.85 67.57 2.15
CA GLU B 90 55.28 70.21 0.90
CA ASP B 91 58.41 68.06 1.14
CA THR B 92 57.64 66.34 -2.17
CA ALA B 93 60.99 66.86 -3.89
CA VAL B 94 63.88 65.13 -5.66
CA TYR B 95 66.89 64.83 -3.34
CA TYR B 96 70.50 64.58 -4.53
CA CYS B 97 73.85 63.90 -2.86
CA ALA B 98 76.67 65.90 -4.47
CA ARG B 99 80.38 65.50 -3.69
CA ASP B 100 82.90 67.96 -2.21
CA PRO B 101 86.00 68.44 -4.45
CA TYR B 102 87.84 70.11 -1.56
CA GLY B 103 86.48 68.78 1.74
CA GLY B 104 85.85 72.23 3.17
CA GLY B 105 82.06 72.39 3.28
CA LYS B 106 81.71 75.39 0.98
CA SER B 107 82.27 74.97 -2.77
CA GLU B 108 80.83 73.65 -6.06
CA PHE B 109 79.41 70.22 -6.99
CA ASP B 110 81.17 68.11 -9.64
CA TYR B 111 79.37 64.78 -9.17
CA TRP B 112 75.58 64.41 -8.80
CA GLY B 113 73.50 61.30 -8.21
CA GLN B 114 70.31 60.04 -9.86
CA GLY B 115 67.95 61.58 -7.31
CA THR B 116 65.27 60.25 -4.96
CA LEU B 117 61.68 61.51 -5.20
CA VAL B 118 60.11 61.28 -1.73
CA THR B 119 56.38 61.99 -2.01
CA VAL B 120 54.55 62.65 1.26
CA SER B 121 50.81 61.99 0.88
CA SER B 122 48.21 60.20 3.03
CA ALA B 123 46.32 58.86 0.00
CA SER B 124 46.37 55.07 -0.44
CA PRO B 125 49.15 54.39 -3.00
CA THR B 126 48.48 51.73 -5.63
CA SER B 127 50.55 49.65 -8.06
CA PRO B 128 50.25 50.53 -11.80
CA LYS B 129 48.45 48.25 -14.25
CA VAL B 130 50.50 47.91 -17.44
CA PHE B 131 48.56 47.22 -20.66
CA PRO B 132 49.82 46.32 -24.17
CA LEU B 133 48.92 48.83 -26.89
CA SER B 134 49.07 46.65 -29.99
CA LEU B 135 47.25 47.67 -33.19
CA ASP B 136 45.25 46.09 -36.03
CA SER B 137 45.39 47.96 -39.39
CA THR B 138 45.47 51.44 -37.79
CA PRO B 139 49.09 52.27 -38.75
CA GLN B 140 50.38 53.06 -42.24
CA ASP B 141 52.15 50.64 -44.57
CA GLY B 142 55.84 51.10 -43.84
CA ASN B 143 56.28 51.34 -40.07
CA VAL B 144 54.94 49.67 -36.93
CA VAL B 145 53.99 51.58 -33.76
CA VAL B 146 53.68 49.68 -30.48
CA ALA B 147 53.24 50.93 -26.89
CA CYS B 148 52.72 50.05 -23.20
CA LEU B 149 50.05 51.90 -21.21
CA VAL B 150 50.98 51.97 -17.51
CA GLN B 151 47.68 53.02 -15.89
CA GLY B 152 46.77 53.82 -12.28
CA PHE B 153 49.66 54.64 -9.95
CA PHE B 154 50.01 57.04 -7.03
CA PRO B 155 52.19 58.98 -6.66
CA GLN B 156 53.84 59.80 -10.00
CA GLU B 157 57.38 58.57 -9.22
CA PRO B 158 60.43 58.38 -11.53
CA LEU B 159 59.30 55.62 -13.91
CA SER B 160 62.23 53.89 -15.63
CA VAL B 161 61.22 52.04 -18.81
CA THR B 162 63.57 50.12 -21.12
CA TRP B 163 62.42 48.17 -24.19
CA SER B 164 64.34 45.09 -25.36
CA GLU B 165 65.29 46.18 -28.89
CA SER B 166 67.54 49.14 -29.74
CA GLY B 167 69.31 50.54 -32.80
CA GLN B 168 69.41 53.47 -35.21
CA ASN B 169 66.00 53.65 -36.89
CA VAL B 170 64.10 52.88 -33.67
CA THR B 171 62.79 55.60 -31.34
CA ALA B 172 61.37 55.35 -27.80
CA ARG B 173 59.58 58.18 -25.97
CA ASN B 174 58.68 58.35 -22.26
CA PHE B 175 55.39 60.26 -21.91
CA PRO B 176 55.05 62.62 -18.88
CA PRO B 177 52.70 61.73 -15.96
CA SER B 178 49.18 63.21 -16.03
CA GLN B 179 46.53 63.68 -13.31
CA ASP B 180 42.78 62.92 -13.38
CA ALA B 181 40.26 64.63 -11.06
CA SER B 182 42.08 66.03 -8.02
CA GLY B 183 44.95 63.60 -7.45
CA ASP B 184 43.12 60.27 -7.38
CA LEU B 185 45.52 58.53 -9.78
CA TYR B 186 48.35 59.08 -12.29
CA THR B 187 48.82 57.47 -15.73
CA THR B 188 51.69 57.12 -18.23
CA SER B 189 52.78 55.28 -21.38
CA SER B 190 55.83 54.01 -23.29
CA GLN B 191 55.96 53.94 -27.10
CA LEU B 192 58.42 52.41 -29.58
CA THR B 193 58.17 53.38 -33.25
CA LEU B 194 60.22 50.91 -35.29
CA PRO B 195 60.54 49.93 -38.98
CA ALA B 196 58.57 46.90 -40.17
CA THR B 197 61.78 45.18 -41.30
CA GLN B 198 62.75 44.89 -37.60
CA CYS B 199 60.08 43.03 -35.57
CA PRO B 200 59.91 39.49 -37.06
CA ASP B 201 56.56 37.85 -37.93
CA GLY B 202 55.55 35.66 -34.99
CA LYS B 203 57.46 37.23 -32.09
CA SER B 204 57.09 40.27 -29.81
CA VAL B 205 58.98 43.00 -27.93
CA THR B 206 59.02 43.26 -24.12
CA CYS B 207 58.62 46.58 -22.25
CA HIS B 208 60.16 46.72 -18.76
CA VAL B 209 58.56 49.26 -16.40
CA LYS B 210 60.12 50.01 -13.01
CA HIS B 211 58.51 52.17 -10.32
CA TYR B 212 60.60 52.67 -7.16
CA THR B 213 62.80 49.70 -6.16
CA ASN B 214 59.73 47.50 -6.66
CA PRO B 215 60.19 44.40 -8.89
CA SER B 216 60.34 45.25 -12.59
CA GLN B 217 57.05 44.35 -14.29
CA ASP B 218 57.77 42.76 -17.68
CA VAL B 219 55.08 42.59 -20.40
CA THR B 220 55.24 40.77 -23.75
CA VAL B 221 54.12 43.43 -26.25
CA PRO B 222 53.34 41.72 -29.60
CA CYS B 223 53.61 43.05 -33.14
CA PRO B 224 53.17 40.86 -36.56
CA VAL B 225 50.41 38.62 -38.03
CA PRO B 226 50.01 34.64 -38.54
CA PRO B 227 48.14 33.14 -41.52
CA PRO B 228 45.89 29.90 -41.02
CA PRO B 229 47.50 26.41 -42.45
CA PRO B 230 45.23 24.61 -44.93
CA CYS B 231 45.89 21.00 -46.30
CA CYS B 232 43.27 18.85 -48.09
CA HIS B 233 42.58 15.15 -48.55
CA PRO B 234 40.83 13.31 -51.53
CA ARG B 235 37.23 12.42 -50.45
CA LEU B 236 33.48 13.33 -50.27
CA SER B 237 30.82 12.15 -47.78
CA LEU B 238 27.08 12.70 -47.21
CA HIS B 239 25.40 13.26 -43.85
CA ARG B 240 21.84 11.98 -43.41
CA PRO B 241 19.55 14.18 -41.24
CA ALA B 242 18.64 13.13 -37.70
CA LEU B 243 15.57 10.97 -37.06
CA GLU B 244 14.33 12.68 -33.89
CA ASP B 245 14.38 16.11 -35.57
CA LEU B 246 12.49 15.38 -38.82
CA LEU B 247 9.70 13.46 -37.04
CA LEU B 248 8.75 16.11 -34.48
CA GLY B 249 8.51 19.22 -36.63
CA SER B 250 9.52 18.55 -40.26
CA GLU B 251 12.90 20.25 -39.75
CA ALA B 252 15.37 18.20 -41.83
CA ASN B 253 18.55 18.90 -43.79
CA LEU B 254 21.08 16.82 -45.74
CA THR B 255 24.73 17.92 -45.73
CA CYS B 256 27.20 17.40 -48.61
CA THR B 257 30.69 18.20 -47.33
CA LEU B 258 33.81 17.94 -49.52
CA THR B 259 36.77 17.17 -47.23
CA GLY B 260 39.77 15.79 -49.13
CA LEU B 261 41.68 17.06 -52.21
CA ARG B 262 44.65 19.56 -52.11
CA ASP B 263 44.82 23.44 -52.41
CA ALA B 264 42.90 26.65 -53.35
CA SER B 265 39.97 26.42 -55.77
CA GLY B 266 36.18 26.95 -55.65
CA ALA B 267 33.38 24.38 -55.75
CA THR B 268 29.90 24.64 -57.27
CA PHE B 269 26.90 22.37 -56.56
CA THR B 270 23.99 20.82 -58.47
CA TRP B 271 21.38 19.71 -55.90
CA THR B 272 18.19 17.99 -57.02
CA PRO B 273 14.75 19.31 -55.89
CA SER B 274 12.41 17.36 -53.60
CA SER B 275 8.87 16.10 -54.19
CA GLY B 276 7.57 19.60 -53.44
CA LYS B 277 9.83 21.10 -56.12
CA SER B 278 12.11 23.16 -53.86
CA ALA B 279 15.88 23.68 -54.00
CA VAL B 280 17.71 25.94 -51.51
CA GLN B 281 21.45 26.03 -50.80
CA GLY B 282 24.30 28.21 -49.52
CA PRO B 283 27.81 26.56 -49.42
CA PRO B 284 30.55 28.53 -47.55
CA GLU B 285 34.35 28.23 -47.22
CA ARG B 286 36.09 27.52 -43.91
CA ASP B 287 39.30 26.75 -42.04
CA LEU B 288 39.71 23.64 -39.84
CA CYS B 289 43.11 21.92 -40.46
CA GLY B 290 44.62 24.28 -43.06
CA CYS B 291 43.06 24.02 -46.57
CA TYR B 292 39.83 25.79 -47.79
CA SER B 293 36.47 23.99 -47.26
CA VAL B 294 33.12 24.01 -49.12
CA SER B 295 29.99 22.42 -47.53
CA SER B 296 26.31 22.76 -48.57
CA VAL B 297 23.03 21.96 -46.80
CA LEU B 298 19.74 21.26 -48.61
CA PRO B 299 16.74 21.78 -46.27
CA GLY B 300 14.15 19.10 -47.04
CA CYS B 301 10.66 18.20 -45.83
CA ALA B 302 9.35 15.10 -44.01
CA GLN B 303 7.10 13.70 -46.76
CA PRO B 304 9.85 13.11 -49.36
CA TRP B 305 11.98 11.25 -46.80
CA ASN B 306 8.98 9.18 -45.66
CA HIS B 307 8.00 8.33 -49.24
CA GLY B 308 11.59 7.86 -50.38
CA GLU B 309 13.05 10.39 -52.82
CA THR B 310 16.54 10.23 -54.36
CA PHE B 311 18.73 12.98 -52.87
CA THR B 312 21.84 13.30 -55.07
CA CYS B 313 24.69 15.85 -54.82
CA THR B 314 26.93 16.44 -57.85
CA ALA B 315 29.96 18.75 -57.70
CA ALA B 316 31.84 19.96 -60.80
CA HIS B 317 35.53 20.92 -60.64
CA PRO B 318 38.48 21.53 -63.02
CA GLU B 319 40.85 19.10 -61.31
CA LEU B 320 38.14 16.86 -59.90
CA LYS B 321 37.38 16.32 -63.58
CA THR B 322 34.87 13.52 -62.98
CA PRO B 323 32.12 15.32 -61.02
CA LEU B 324 31.56 12.99 -58.05
CA THR B 325 27.94 11.86 -57.86
CA ALA B 326 26.48 10.75 -54.52
CA ASN B 327 22.94 9.50 -53.87
CA ILE B 328 21.21 8.58 -50.59
CA THR B 329 17.74 7.19 -49.86
CA LYS B 330 16.07 4.99 -47.23
CA SER B 331 16.55 1.21 -47.12
CA GLY B 332 14.80 -2.13 -47.38
CA ASN B 333 11.24 -3.05 -48.33
CA THR B 334 8.07 -2.56 -46.24
CA PHE B 335 7.01 -5.05 -43.55
CA ARG B 336 3.81 -4.77 -41.48
CA PRO B 337 4.43 -4.37 -37.69
CA GLU B 338 2.82 -6.80 -35.26
CA VAL B 339 2.00 -5.22 -31.89
CA HIS B 340 1.74 -7.45 -28.81
CA LEU B 341 0.73 -5.66 -25.58
CA LEU B 342 2.09 -7.56 -22.57
CA PRO B 343 0.54 -7.32 -19.06
CA PRO B 344 2.60 -6.82 -15.86
CA PRO B 345 3.95 -10.01 -14.19
CA SER B 346 2.85 -11.60 -10.90
CA GLU B 347 5.87 -10.63 -8.78
CA GLU B 348 5.80 -7.05 -10.10
CA LEU B 349 2.49 -6.42 -8.35
CA ALA B 350 4.42 -6.46 -5.06
CA LEU B 351 5.81 -2.95 -5.65
CA ASN B 352 3.90 0.35 -5.31
CA GLU B 353 4.89 3.50 -7.22
CA LEU B 354 5.51 2.03 -10.70
CA VAL B 355 4.06 -0.69 -12.97
CA THR B 356 5.57 -1.55 -16.38
CA LEU B 357 3.28 -1.95 -19.41
CA THR B 358 5.21 -3.57 -22.27
CA CYS B 359 3.81 -3.46 -25.82
CA LEU B 360 6.17 -5.09 -28.32
CA ALA B 361 6.00 -4.36 -32.06
CA ARG B 362 8.14 -6.74 -34.12
CA GLY B 363 8.13 -7.62 -37.82
CA PHE B 364 8.73 -4.19 -39.36
CA SER B 365 10.98 -2.48 -41.91
CA PRO B 366 12.39 0.09 -42.17
CA LYS B 367 13.31 1.00 -38.58
CA ASP B 368 11.36 4.27 -38.76
CA VAL B 369 8.47 3.85 -36.31
CA LEU B 370 6.76 6.32 -33.96
CA VAL B 371 5.36 4.72 -30.79
CA ARG B 372 3.18 6.55 -28.23
CA TRP B 373 0.85 5.84 -25.29
CA LEU B 374 -2.56 7.12 -24.16
CA GLN B 375 -4.82 7.21 -21.09
CA GLY B 376 -8.28 5.65 -21.10
CA SER B 377 -10.05 7.58 -18.33
CA GLN B 378 -8.63 11.10 -18.73
CA GLU B 379 -8.52 10.55 -22.53
CA LEU B 380 -5.15 12.33 -22.60
CA PRO B 381 -1.71 11.07 -23.76
CA ARG B 382 0.76 9.63 -21.22
CA GLU B 383 4.04 11.21 -20.11
CA LYS B 384 6.23 8.52 -18.50
CA TYR B 385 7.49 6.08 -21.16
CA LEU B 386 10.70 5.18 -23.04
CA THR B 387 11.60 3.66 -26.42
CA TRP B 388 14.14 0.87 -27.08
CA ALA B 389 15.96 -0.09 -30.31
CA SER B 390 18.43 -2.46 -32.04
CA ARG B 391 18.99 -4.09 -35.46
CA GLN B 392 18.85 -7.80 -36.31
CA GLU B 393 21.56 -8.55 -38.88
CA PRO B 394 22.56 -12.25 -38.63
CA SER B 395 24.62 -14.29 -41.09
CA GLN B 396 21.55 -15.68 -42.88
CA GLY B 397 19.06 -13.94 -45.15
CA THR B 398 16.51 -12.72 -42.60
CA THR B 399 16.30 -9.15 -41.27
CA THR B 400 13.40 -7.31 -39.56
CA PHE B 401 13.52 -4.54 -36.92
CA ALA B 402 11.48 -4.67 -33.69
CA VAL B 403 10.75 -2.38 -30.73
CA THR B 404 9.72 -2.39 -27.06
CA SER B 405 7.75 0.23 -25.10
CA ILE B 406 7.53 0.71 -21.31
CA LEU B 407 4.74 2.73 -19.68
CA ARG B 408 5.26 3.11 -15.93
CA VAL B 409 1.94 3.90 -14.23
CA ALA B 410 0.70 3.47 -10.65
CA ALA B 411 -0.12 0.21 -8.87
CA GLU B 412 -3.53 1.33 -7.59
CA ASP B 413 -4.59 2.66 -11.01
CA TRP B 414 -3.86 -0.60 -12.85
CA LYS B 415 -6.35 -2.37 -10.57
CA LYS B 416 -9.17 0.17 -10.95
CA GLY B 417 -9.99 -1.02 -14.46
CA ASP B 418 -8.45 1.58 -16.77
CA THR B 419 -7.52 0.76 -20.38
CA PHE B 420 -4.10 1.78 -21.80
CA SER B 421 -3.37 2.31 -25.51
CA CYS B 422 -0.08 1.67 -27.37
CA MET B 423 -0.35 3.42 -30.75
CA VAL B 424 2.28 2.47 -33.34
CA GLY B 425 2.89 4.30 -36.61
CA HIS B 426 4.64 2.84 -39.65
CA GLU B 427 4.40 3.04 -43.45
CA ALA B 428 3.37 -0.60 -44.04
CA LEU B 429 0.37 -0.14 -41.73
CA PRO B 430 -3.19 0.03 -43.17
CA LEU B 431 -3.78 3.71 -42.33
CA ALA B 432 -0.18 4.43 -41.27
CA PHE B 433 -1.51 4.01 -37.73
CA THR B 434 -2.43 1.01 -35.56
CA GLN B 435 -3.48 0.77 -31.90
CA LYS B 436 -3.74 -2.15 -29.46
CA THR B 437 -4.92 -1.99 -25.83
CA ILE B 438 -4.34 -3.60 -22.43
CA ASP B 439 -6.90 -4.08 -19.64
CA ARG B 440 -6.90 -5.86 -16.26
CA LEU B 441 -10.38 -7.18 -17.10
CA ALA B 442 -9.62 -10.30 -19.12
CA GLY B 443 -12.52 -12.24 -20.59
CA LYS B 444 -11.62 -15.48 -22.33
CA PRO B 445 -13.46 -15.30 -25.69
CA THR B 446 -10.27 -14.84 -27.74
CA HIS B 447 -8.97 -11.25 -27.71
CA VAL B 448 -11.41 -8.55 -28.79
CA ASN B 449 -10.71 -4.86 -29.51
CA VAL B 450 -12.86 -1.86 -28.52
CA SER B 451 -15.75 -0.40 -30.55
CA VAL B 452 -15.74 2.63 -32.88
CA VAL B 453 -15.54 6.22 -31.60
CA MET B 454 -15.99 8.93 -34.25
CA ALA B 455 -17.45 8.67 -37.77
CA GLU B 456 -18.37 10.67 -40.88
CA VAL B 457 -15.46 13.03 -40.13
CA ASP B 458 -12.14 11.98 -41.67
CA GLY B 459 -10.99 15.45 -42.69
CA THR B 460 -11.65 15.77 -46.42
CA CYS B 461 -15.34 16.33 -45.64
CA TYR B 462 -15.34 18.85 -42.78
CA GLN C 1 -10.19 -70.31 86.58
CA VAL C 2 -10.77 -70.76 82.85
CA LYS C 3 -13.09 -73.76 82.35
CA LEU C 4 -11.87 -76.78 84.38
CA LEU C 5 -10.47 -78.94 81.58
CA GLU C 6 -9.88 -76.90 78.39
CA GLN C 7 -9.04 -79.10 75.38
CA SER C 8 -7.65 -78.26 71.93
CA GLY C 9 -9.18 -77.69 68.50
CA ALA C 10 -10.45 -79.78 65.58
CA GLU C 11 -7.47 -80.99 63.52
CA VAL C 12 -8.19 -81.93 59.91
CA LYS C 13 -5.91 -84.87 59.09
CA LYS C 14 -5.54 -86.65 55.76
CA PRO C 15 -5.98 -90.48 55.93
CA GLY C 16 -2.70 -92.01 57.06
CA ALA C 17 -1.52 -89.15 59.26
CA SER C 18 -1.06 -88.51 62.99
CA VAL C 19 -3.17 -86.56 65.52
CA LYS C 20 -2.30 -85.26 69.01
CA VAL C 21 -5.11 -83.81 71.14
CA SER C 22 -4.24 -82.16 74.48
CA CYS C 23 -6.19 -81.65 77.72
CA LYS C 24 -5.24 -78.70 79.94
CA ALA C 25 -6.34 -78.83 83.59
CA SER C 26 -6.81 -76.20 86.31
CA GLY C 27 -8.41 -75.37 89.64
CA TYR C 28 -7.54 -78.76 91.14
CA SER C 29 -4.41 -80.83 91.86
CA PHE C 30 -3.14 -82.61 88.72
CA THR C 31 -1.08 -85.36 90.39
CA SER C 32 -4.08 -86.55 92.43
CA TYR C 33 -6.61 -87.44 89.72
CA GLY C 34 -6.58 -89.49 86.51
CA LEU C 35 -7.91 -88.74 83.01
CA HIS C 36 -9.95 -90.98 80.68
CA TRP C 37 -10.49 -90.47 76.93
CA VAL C 38 -13.90 -91.06 75.33
CA ARG C 39 -15.04 -90.22 71.78
CA GLN C 40 -18.29 -90.26 69.75
CA ALA C 41 -18.93 -90.91 66.04
CA PRO C 42 -21.60 -88.75 64.30
CA GLY C 43 -24.86 -90.55 65.09
CA GLN C 44 -23.36 -93.28 67.29
CA ARG C 45 -22.74 -94.01 70.99
CA LEU C 46 -19.73 -92.97 73.11
CA GLU C 47 -16.72 -95.31 72.99
CA TRP C 48 -14.03 -95.49 75.68
CA MET C 49 -10.47 -95.24 74.34
CA GLY C 50 -8.25 -95.37 77.42
CA TRP C 51 -6.88 -93.89 80.64
CA ILE C 52 -3.65 -92.50 82.09
CA SER C 53 -2.65 -91.74 85.70
CA ALA C 54 -1.17 -88.29 86.26
CA GLY C 55 0.81 -89.48 89.28
CA THR C 56 2.87 -92.40 87.96
CA GLY C 57 2.12 -92.52 84.23
CA ASN C 58 0.57 -95.97 83.80
CA THR C 59 -1.29 -96.62 80.54
CA LYS C 60 -4.52 -98.65 80.32
CA TYR C 61 -6.24 -98.59 76.92
CA SER C 62 -8.72 -100.90 75.19
CA GLN C 63 -7.94 -103.79 72.81
CA LYS C 64 -9.73 -101.92 70.01
CA PHE C 65 -6.99 -99.40 69.18
CA ARG C 66 -4.18 -101.83 70.04
CA GLY C 67 -0.89 -100.77 68.48
CA ARG C 68 -1.78 -97.24 67.39
CA VAL C 69 -2.68 -95.32 70.56
CA THR C 70 -0.45 -93.58 73.10
CA PHE C 71 -0.91 -91.39 76.18
CA THR C 72 1.61 -88.84 77.51
CA ARG C 73 1.53 -86.31 80.36
CA ASP C 74 3.62 -83.26 81.29
CA THR C 75 3.90 -82.82 85.08
CA SER C 76 5.08 -79.19 85.19
CA ALA C 77 2.73 -78.08 82.39
CA THR C 78 -0.57 -79.56 83.66
CA THR C 79 -1.72 -80.97 80.29
CA ALA C 80 -2.60 -84.49 79.13
CA TYR C 81 -2.04 -85.89 75.62
CA MET C 82 -3.34 -88.55 73.22
CA GLY C 83 -1.84 -90.04 70.07
CA LEU C 84 -3.31 -92.04 67.18
CA SER C 85 -1.42 -93.11 64.04
CA SER C 86 -2.79 -94.52 60.76
CA LEU C 87 -6.03 -92.50 60.76
CA ARG C 88 -8.99 -93.76 58.72
CA PRO C 89 -12.21 -92.23 57.22
CA GLU C 90 -14.20 -93.81 60.07
CA ASP C 91 -12.35 -92.02 62.89
CA THR C 92 -14.43 -88.85 62.39
CA ALA C 93 -15.57 -88.34 65.99
CA VAL C 94 -15.69 -85.88 68.88
CA TYR C 95 -13.06 -86.76 71.50
CA TYR C 96 -13.33 -85.85 75.20
CA CYS C 97 -11.00 -86.08 78.21
CA ALA C 98 -12.89 -86.88 81.41
CA ARG C 99 -11.39 -86.88 84.91
CA ASP C 100 -10.96 -89.69 87.46
CA PRO C 101 -12.58 -88.87 90.87
CA TYR C 102 -10.66 -91.76 92.47
CA GLY C 103 -7.44 -92.36 90.54
CA GLY C 104 -8.08 -96.06 90.09
CA GLY C 105 -8.71 -96.33 86.36
CA LYS C 106 -12.24 -97.72 86.64
CA SER C 107 -15.10 -95.40 87.64
CA GLU C 108 -17.46 -92.60 86.54
CA PHE C 109 -16.75 -89.22 84.91
CA ASP C 110 -17.61 -86.01 86.78
CA TYR C 111 -15.84 -83.44 84.58
CA TRP C 112 -15.99 -83.39 80.77
CA GLY C 113 -14.26 -81.07 78.31
CA GLN C 114 -15.55 -79.22 75.25
CA GLY C 115 -14.59 -81.90 72.74
CA THR C 116 -12.39 -82.05 69.65
CA LEU C 117 -13.84 -83.06 66.27
CA VAL C 118 -11.06 -84.69 64.24
CA THR C 119 -12.30 -85.24 60.67
CA VAL C 120 -10.19 -87.53 58.50
CA SER C 121 -10.81 -86.85 54.80
CA SER C 122 -8.53 -86.49 51.75
CA ALA C 123 -10.73 -83.80 50.15
CA SER C 124 -9.16 -80.35 49.87
CA PRO C 125 -10.52 -78.39 52.88
CA THR C 126 -11.51 -74.76 52.29
CA SER C 127 -12.15 -71.67 54.44
CA PRO C 128 -15.80 -70.49 54.75
CA LYS C 129 -17.02 -67.31 53.06
CA VAL C 130 -19.20 -65.33 55.48
CA PHE C 131 -21.90 -63.12 53.92
CA PRO C 132 -24.17 -60.50 55.54
CA LEU C 133 -27.86 -61.38 55.29
CA SER C 134 -29.27 -57.88 55.76
CA LEU C 135 -32.83 -57.27 54.53
CA ASP C 136 -34.48 -54.66 52.30
CA SER C 137 -37.63 -53.98 54.36
CA THR C 138 -39.07 -57.43 53.55
CA PRO C 139 -40.13 -58.24 57.16
CA GLN C 140 -42.61 -56.31 59.31
CA ASP C 141 -42.74 -53.35 61.69
CA GLY C 142 -41.95 -54.56 65.20
CA ASN C 143 -38.84 -56.73 64.94
CA VAL C 144 -35.76 -56.73 62.70
CA VAL C 145 -34.28 -60.01 61.46
CA VAL C 146 -30.59 -60.07 60.53
CA ALA C 147 -28.22 -62.98 59.79
CA CYS C 148 -24.76 -64.12 58.67
CA LEU C 149 -24.48 -66.81 55.97
CA VAL C 150 -21.23 -68.77 56.39
CA GLN C 151 -20.96 -70.56 53.03
CA GLY C 152 -18.47 -73.14 51.73
CA PHE C 153 -16.42 -74.99 54.35
CA PHE C 154 -15.12 -78.54 54.55
CA PRO C 155 -15.41 -80.35 56.85
CA GLN C 156 -18.37 -79.29 59.02
CA GLU C 157 -16.48 -78.57 62.26
CA PRO C 158 -17.82 -77.14 65.57
CA LEU C 159 -18.62 -73.57 64.49
CA SER C 160 -18.71 -71.14 67.42
CA VAL C 161 -20.62 -67.94 66.65
CA THR C 162 -21.21 -65.05 69.07
CA TRP C 163 -23.00 -61.81 68.16
CA SER C 164 -22.09 -58.54 69.89
CA GLU C 165 -25.46 -57.62 71.42
CA SER C 166 -27.32 -59.66 74.06
CA GLY C 167 -30.32 -59.23 76.35
CA GLN C 168 -33.82 -60.50 77.08
CA ASN C 169 -35.90 -59.83 73.95
CA VAL C 170 -33.11 -60.90 71.58
CA THR C 171 -32.75 -64.46 70.27
CA ALA C 172 -29.87 -66.11 68.37
CA ARG C 173 -30.06 -69.51 66.66
CA ASN C 174 -27.17 -71.60 65.30
CA PHE C 175 -28.39 -73.48 62.20
CA PRO C 176 -27.10 -77.07 61.71
CA PRO C 177 -24.58 -77.87 58.90
CA SER C 178 -25.99 -79.17 55.60
CA GLN C 179 -24.39 -81.04 52.68
CA ASP C 180 -24.70 -80.44 48.92
CA ALA C 181 -24.02 -83.15 46.30
CA SER C 182 -21.86 -85.89 47.82
CA GLY C 183 -19.66 -84.06 50.32
CA ASP C 184 -18.22 -81.27 48.16
CA LEU C 185 -18.96 -78.48 50.67
CA TYR C 186 -20.87 -77.60 53.84
CA THR C 187 -22.88 -74.44 54.60
CA THR C 188 -24.32 -72.77 57.74
CA SER C 189 -25.88 -69.55 59.03
CA SER C 190 -26.33 -67.41 62.15
CA GLN C 191 -29.48 -65.38 62.78
CA LEU C 192 -30.38 -62.74 65.40
CA THR C 193 -34.00 -61.64 65.78
CA LEU C 194 -34.18 -58.42 67.81
CA PRO C 195 -36.83 -55.71 68.46
CA ALA C 196 -36.67 -52.59 66.30
CA THR C 197 -36.07 -50.45 69.40
CA GLN C 198 -32.63 -52.08 69.74
CA CYS C 199 -30.76 -51.51 66.44
CA PRO C 200 -30.31 -47.70 66.34
CA ASP C 201 -30.53 -45.84 63.00
CA GLY C 202 -26.97 -45.52 61.73
CA LYS C 203 -25.13 -48.44 63.38
CA SER C 204 -24.67 -52.20 62.88
CA VAL C 205 -24.17 -55.53 64.69
CA THR C 206 -21.07 -57.71 64.26
CA CYS C 207 -21.20 -61.52 63.98
CA HIS C 208 -18.07 -63.43 65.03
CA VAL C 209 -17.64 -66.86 63.42
CA LYS C 210 -14.88 -69.22 64.58
CA HIS C 211 -13.96 -72.49 62.85
CA TYR C 212 -11.21 -74.52 64.55
CA THR C 213 -8.48 -72.44 66.26
CA ASN C 214 -8.31 -70.37 63.07
CA PRO C 215 -8.54 -66.55 63.49
CA SER C 216 -12.08 -65.36 64.23
CA GLN C 217 -13.63 -63.75 61.13
CA ASP C 218 -15.59 -60.62 62.09
CA VAL C 219 -18.27 -59.11 59.82
CA THR C 220 -20.21 -55.85 60.22
CA VAL C 221 -23.90 -56.73 59.71
CA PRO C 222 -26.02 -53.54 59.27
CA CYS C 223 -29.72 -52.78 59.73
CA PRO C 224 -31.50 -49.09 59.72
CA VAL C 225 -31.99 -46.32 57.11
CA PRO C 226 -30.38 -42.67 56.56
CA PRO C 227 -32.38 -39.74 55.11
CA PRO C 228 -30.62 -37.19 52.63
CA PRO C 229 -29.71 -33.52 54.25
CA PRO C 230 -31.20 -30.60 52.29
CA CYS C 231 -30.32 -26.84 52.95
CA CYS C 232 -31.12 -23.98 50.53
CA HIS C 233 -29.65 -20.57 49.72
CA PRO C 234 -31.49 -17.33 48.40
CA ARG C 235 -31.32 -16.65 44.62
CA LEU C 236 -33.34 -16.75 41.34
CA SER C 237 -32.18 -17.49 37.79
CA LEU C 238 -33.80 -18.03 34.38
CA HIS C 239 -32.81 -20.60 31.75
CA ARG C 240 -33.23 -19.71 28.07
CA PRO C 241 -34.27 -22.59 25.76
CA ALA C 242 -31.77 -24.21 23.39
CA LEU C 243 -31.28 -22.83 19.88
CA GLU C 244 -30.99 -26.13 18.02
CA ASP C 245 -34.25 -27.43 19.50
CA LEU C 246 -36.59 -24.49 18.81
CA LEU C 247 -35.43 -24.09 15.19
CA LEU C 248 -35.96 -27.69 14.05
CA GLY C 249 -39.44 -28.41 15.37
CA SER C 250 -40.84 -25.52 17.43
CA GLU C 251 -40.20 -27.38 20.71
CA ALA C 252 -39.09 -24.70 23.17
CA ASN C 253 -39.39 -24.12 26.93
CA LEU C 254 -38.17 -21.47 29.39
CA THR C 255 -37.35 -22.62 32.94
CA CYS C 256 -37.72 -20.43 36.05
CA THR C 257 -35.87 -22.19 38.89
CA LEU C 258 -35.35 -20.74 42.38
CA THR C 259 -32.17 -22.38 43.67
CA GLY C 260 -31.55 -21.06 47.21
CA LEU C 261 -33.82 -19.84 50.05
CA ARG C 262 -34.31 -21.45 53.54
CA ASP C 263 -36.84 -24.33 54.22
CA ALA C 264 -40.53 -25.22 54.67
CA SER C 265 -42.90 -23.16 52.54
CA GLY C 266 -44.74 -23.35 49.19
CA ALA C 267 -44.18 -20.79 46.44
CA THR C 268 -46.50 -19.72 43.61
CA PHE C 269 -46.02 -18.37 40.05
CA THR C 270 -47.44 -15.76 37.67
CA TRP C 271 -46.31 -16.51 34.10
CA THR C 272 -47.23 -14.26 31.18
CA PRO C 273 -48.82 -15.71 27.99
CA SER C 274 -47.11 -15.68 24.59
CA SER C 275 -48.17 -14.06 21.31
CA GLY C 276 -50.56 -16.95 20.72
CA LYS C 277 -52.24 -16.36 24.10
CA SER C 278 -51.22 -19.61 25.83
CA ALA C 279 -50.01 -20.21 29.40
CA VAL C 280 -49.15 -23.70 30.69
CA GLN C 281 -47.16 -24.54 33.83
CA GLY C 282 -46.61 -27.26 36.44
CA PRO C 283 -43.98 -26.53 39.15
CA PRO C 284 -43.08 -29.60 41.29
CA GLU C 285 -41.06 -29.86 44.52
CA ARG C 286 -37.70 -31.69 44.48
CA ASP C 287 -35.24 -32.09 47.37
CA LEU C 288 -31.77 -30.58 46.79
CA CYS C 289 -29.15 -30.58 49.57
CA GLY C 290 -31.95 -31.34 52.00
CA CYS C 291 -33.91 -28.27 50.94
CA TYR C 292 -37.23 -28.18 48.86
CA SER C 293 -37.18 -26.83 45.25
CA VAL C 294 -39.85 -25.12 43.10
CA SER C 295 -39.08 -25.05 39.33
CA SER C 296 -41.66 -24.25 36.61
CA VAL C 297 -41.40 -24.60 32.81
CA LEU C 298 -43.42 -22.53 30.31
CA PRO C 299 -43.57 -24.26 26.88
CA GLY C 300 -43.45 -21.59 24.18
CA CYS C 301 -43.61 -21.48 20.38
CA ALA C 302 -40.98 -20.41 17.83
CA GLN C 303 -42.71 -17.29 16.45
CA PRO C 304 -42.76 -15.30 19.72
CA TRP C 305 -39.04 -15.95 20.24
CA ASN C 306 -38.25 -15.00 16.64
CA HIS C 307 -40.34 -11.81 16.84
CA GLY C 308 -39.26 -10.99 20.39
CA GLU C 309 -41.81 -11.26 23.19
CA THR C 310 -41.18 -10.43 26.86
CA PHE C 311 -41.14 -13.62 28.95
CA THR C 312 -41.40 -12.65 32.63
CA CYS C 313 -41.62 -14.84 35.77
CA THR C 314 -42.72 -13.59 39.21
CA ALA C 315 -42.34 -15.79 42.31
CA ALA C 316 -44.00 -14.38 45.45
CA HIS C 317 -43.63 -15.62 49.02
CA PRO C 318 -44.40 -14.43 52.57
CA GLU C 319 -40.75 -13.80 53.49
CA LEU C 320 -39.86 -13.02 49.90
CA LYS C 321 -42.11 -10.04 50.52
CA THR C 322 -40.88 -8.31 47.39
CA PRO C 323 -41.94 -10.63 44.51
CA LEU C 324 -38.82 -11.01 42.36
CA THR C 325 -39.51 -10.07 38.74
CA ALA C 326 -37.31 -11.49 35.97
CA ASN C 327 -37.62 -10.78 32.23
CA ILE C 328 -35.69 -12.22 29.27
CA THR C 329 -35.83 -11.40 25.54
CA LYS C 330 -33.51 -11.51 22.52
CA SER C 331 -30.65 -9.03 22.09
CA GLY C 332 -29.47 -6.22 19.83
CA ASN C 333 -31.03 -4.66 16.75
CA THR C 334 -31.33 -6.08 13.20
CA PHE C 335 -28.48 -6.12 10.66
CA ARG C 336 -28.76 -7.47 7.11
CA PRO C 337 -26.39 -10.43 6.36
CA GLU C 338 -23.99 -10.21 3.43
CA VAL C 339 -23.36 -13.65 1.91
CA HIS C 340 -20.10 -14.23 0.00
CA LEU C 341 -19.63 -17.64 -1.65
CA LEU C 342 -15.93 -18.56 -1.96
CA PRO C 343 -14.47 -20.95 -4.59
CA PRO C 344 -11.91 -23.70 -3.72
CA PRO C 345 -8.23 -22.62 -3.87
CA SER C 346 -5.62 -23.65 -6.44
CA GLU C 347 -3.67 -26.00 -4.16
CA GLU C 348 -6.88 -27.73 -3.04
CA LEU C 349 -7.55 -29.07 -6.54
CA ALA C 350 -4.70 -31.54 -5.90
CA LEU C 351 -6.88 -33.70 -3.63
CA ASN C 352 -9.56 -36.21 -4.71
CA GLU C 353 -12.42 -37.24 -2.39
CA LEU C 354 -13.29 -33.82 -0.92
CA VAL C 355 -13.57 -30.17 -2.05
CA THR C 356 -14.44 -27.29 0.31
CA LEU C 357 -17.08 -24.74 -0.73
CA THR C 358 -17.04 -21.80 1.70
CA CYS C 359 -19.89 -19.25 1.69
CA LEU C 360 -19.29 -16.60 4.36
CA ALA C 361 -22.16 -14.48 5.69
CA ARG C 362 -21.08 -11.61 7.94
CA GLY C 363 -22.63 -8.33 9.04
CA PHE C 364 -25.66 -9.73 10.88
CA SER C 365 -27.41 -9.46 14.24
CA PRO C 366 -28.67 -11.23 16.21
CA LYS C 367 -26.63 -14.45 15.96
CA ASP C 368 -29.74 -16.48 15.10
CA VAL C 369 -29.19 -17.63 11.51
CA LEU C 370 -30.02 -20.90 9.72
CA VAL C 371 -27.64 -21.90 6.91
CA ARG C 372 -28.21 -24.77 4.45
CA TRP C 373 -26.91 -26.08 1.11
CA LEU C 374 -28.49 -27.48 -2.06
CA GLN C 375 -27.60 -29.45 -5.21
CA GLY C 376 -28.12 -28.01 -8.68
CA SER C 377 -28.40 -31.16 -10.81
CA GLN C 378 -30.33 -33.53 -8.53
CA GLU C 379 -32.29 -30.52 -7.18
CA LEU C 380 -32.04 -32.04 -3.68
CA PRO C 381 -30.44 -30.61 -0.50
CA ARG C 382 -26.88 -31.56 0.49
CA GLU C 383 -25.82 -33.70 3.45
CA LYS C 384 -22.12 -33.07 4.17
CA TYR C 385 -21.62 -29.56 5.63
CA LEU C 386 -20.80 -27.84 8.94
CA THR C 387 -21.49 -24.55 10.77
CA TRP C 388 -19.22 -22.37 12.92
CA ALA C 389 -19.92 -19.75 15.63
CA SER C 390 -18.14 -16.94 17.53
CA ARG C 391 -19.14 -13.45 18.72
CA GLN C 392 -17.24 -10.24 17.90
CA GLU C 393 -17.04 -8.19 21.11
CA PRO C 394 -14.07 -5.76 21.03
CA SER C 395 -13.36 -2.79 23.32
CA GLN C 396 -14.86 -0.26 20.89
CA GLY C 397 -18.48 0.32 19.90
CA THR C 398 -18.83 -2.13 17.02
CA THR C 399 -20.43 -5.59 17.13
CA THR C 400 -21.78 -7.83 14.32
CA PHE C 401 -21.89 -11.64 14.14
CA ALA C 402 -20.50 -13.55 11.13
CA VAL C 403 -20.53 -17.20 9.99
CA THR C 404 -18.76 -19.70 7.74
CA SER C 405 -20.15 -22.73 5.88
CA ILE C 406 -18.17 -25.64 4.42
CA LEU C 407 -19.67 -28.01 1.82
CA ARG C 408 -17.40 -30.96 1.02
CA VAL C 409 -18.27 -32.42 -2.40
CA ALA C 410 -16.27 -34.51 -4.91
CA ALA C 411 -13.40 -33.31 -7.11
CA GLU C 412 -14.80 -34.73 -10.36
CA ASP C 413 -18.25 -33.21 -9.77
CA TRP C 414 -16.96 -29.66 -9.24
CA LYS C 415 -15.44 -29.76 -12.74
CA LYS C 416 -18.56 -31.05 -14.52
CA GLY C 417 -20.31 -27.69 -14.26
CA ASP C 418 -22.79 -28.12 -11.41
CA THR C 419 -24.13 -25.11 -9.47
CA PHE C 420 -24.18 -25.14 -5.63
CA SER C 421 -26.52 -22.99 -3.49
CA CYS C 422 -25.86 -21.56 0.01
CA MET C 423 -29.21 -20.44 1.43
CA VAL C 424 -29.09 -18.20 4.50
CA GLY C 425 -32.08 -17.25 6.66
CA HIS C 426 -32.23 -14.26 8.99
CA GLU C 427 -34.82 -11.73 10.20
CA ALA C 428 -33.27 -8.64 8.60
CA LEU C 429 -33.44 -10.32 5.18
CA PRO C 430 -35.98 -9.14 2.54
CA LEU C 431 -38.12 -12.31 2.66
CA ALA C 432 -36.37 -13.88 5.66
CA PHE C 433 -34.46 -15.90 3.06
CA THR C 434 -31.55 -15.18 0.72
CA GLN C 435 -29.59 -17.47 -1.64
CA LYS C 436 -26.27 -17.04 -3.48
CA THR C 437 -24.59 -19.55 -5.82
CA ILE C 438 -21.16 -20.81 -6.91
CA ASP C 439 -20.21 -22.17 -10.35
CA ARG C 440 -16.93 -23.24 -11.97
CA LEU C 441 -18.08 -21.41 -15.12
CA ALA C 442 -16.95 -17.86 -14.44
CA GLY C 443 -17.86 -15.19 -16.96
CA LYS C 444 -16.47 -11.72 -16.28
CA PRO C 445 -19.50 -9.37 -16.66
CA THR C 446 -19.77 -8.58 -12.94
CA HIS C 447 -21.47 -11.16 -10.70
CA VAL C 448 -24.86 -12.19 -12.09
CA ASN C 449 -27.46 -14.39 -10.38
CA VAL C 450 -29.73 -17.06 -11.91
CA SER C 451 -33.19 -16.47 -13.39
CA VAL C 452 -36.64 -17.05 -11.83
CA VAL C 453 -38.11 -20.52 -11.24
CA MET C 454 -41.73 -20.60 -10.01
CA ALA C 455 -44.37 -17.84 -10.17
CA GLU C 456 -47.99 -16.99 -9.31
CA VAL C 457 -47.78 -19.47 -6.42
CA ASP C 458 -46.67 -17.95 -3.11
CA GLY C 459 -49.08 -19.86 -0.87
CA THR C 460 -51.90 -17.44 -0.02
CA CYS C 461 -53.36 -18.05 -3.49
CA TYR C 462 -53.28 -21.83 -3.97
CA GLN D 1 -58.47 7.61 83.67
CA VAL D 2 -55.26 8.54 81.84
CA LYS D 3 -52.92 10.21 84.35
CA LEU D 4 -54.75 12.96 86.31
CA LEU D 5 -53.25 16.05 84.69
CA GLU D 6 -51.60 15.23 81.35
CA GLN D 7 -49.58 18.14 79.95
CA SER D 8 -48.06 18.78 76.50
CA GLY D 9 -44.60 18.33 74.97
CA ALA D 10 -41.29 20.19 74.87
CA GLU D 11 -41.54 23.00 72.32
CA VAL D 12 -38.24 24.28 70.90
CA LYS D 13 -38.67 28.02 70.34
CA LYS D 14 -36.17 30.45 68.85
CA PRO D 15 -35.42 33.55 71.02
CA GLY D 16 -38.17 36.11 70.44
CA ALA D 17 -41.01 33.67 69.78
CA SER D 18 -44.18 32.51 71.58
CA VAL D 19 -44.97 29.35 73.56
CA LYS D 20 -48.32 27.86 74.66
CA VAL D 21 -48.29 24.90 77.05
CA SER D 22 -51.58 23.14 77.87
CA CYS D 23 -52.79 21.14 80.89
CA LYS D 24 -55.51 18.52 80.35
CA ALA D 25 -57.47 17.36 83.40
CA SER D 26 -59.58 14.29 84.18
CA GLY D 27 -61.13 12.15 86.90
CA TYR D 28 -62.28 15.17 88.90
CA SER D 29 -64.54 18.20 88.42
CA PHE D 30 -62.78 20.99 86.49
CA THR D 31 -64.94 23.94 87.57
CA SER D 32 -64.31 23.21 91.27
CA TYR D 33 -60.50 23.44 91.51
CA GLY D 34 -57.83 25.92 90.41
CA LEU D 35 -54.48 25.41 88.64
CA HIS D 36 -51.08 26.95 89.45
CA TRP D 37 -48.03 27.07 87.14
CA VAL D 38 -44.52 26.40 88.49
CA ARG D 39 -41.27 25.91 86.53
CA GLN D 40 -37.63 24.93 87.25
CA ALA D 41 -34.37 26.00 85.58
CA PRO D 42 -31.67 23.30 85.10
CA GLY D 43 -29.85 23.25 88.41
CA GLN D 44 -32.04 25.82 90.18
CA ARG D 45 -35.07 25.94 92.51
CA LEU D 46 -38.77 25.93 91.53
CA GLU D 47 -40.29 29.33 90.73
CA TRP D 48 -44.02 30.11 90.88
CA MET D 49 -45.39 31.77 87.73
CA GLY D 50 -49.10 32.21 88.39
CA TRP D 51 -52.61 30.86 88.92
CA ILE D 52 -56.02 30.78 87.22
CA SER D 53 -59.45 29.80 88.55
CA ALA D 54 -61.37 27.32 86.37
CA GLY D 55 -64.71 28.60 87.64
CA THR D 56 -64.64 32.34 86.91
CA GLY D 57 -61.37 32.91 85.06
CA ASN D 58 -59.50 35.31 87.35
CA THR D 59 -55.76 35.74 86.71
CA LYS D 60 -53.19 36.11 89.50
CA TYR D 61 -49.55 36.02 88.34
CA SER D 62 -46.29 37.29 89.86
CA GLN D 63 -44.60 40.65 89.23
CA LYS D 64 -41.64 38.83 87.65
CA PHE D 65 -43.20 38.04 84.26
CA ARG D 66 -45.31 41.22 84.24
CA GLY D 67 -46.46 42.09 80.74
CA ARG D 68 -45.62 38.85 78.92
CA VAL D 69 -47.67 36.11 80.59
CA THR D 70 -51.28 35.06 80.04
CA PHE D 71 -53.60 32.28 81.24
CA THR D 72 -56.61 30.91 79.35
CA ARG D 73 -59.07 28.06 80.03
CA ASP D 74 -61.60 26.15 77.93
CA THR D 75 -64.65 25.08 79.96
CA SER D 76 -66.07 22.43 77.60
CA ALA D 77 -62.62 21.01 76.74
CA THR D 78 -61.18 20.57 80.25
CA THR D 79 -57.72 21.99 79.46
CA ALA D 80 -55.74 24.91 80.93
CA TYR D 81 -53.30 27.12 79.00
CA MET D 82 -50.25 29.36 79.52
CA GLY D 83 -48.67 31.99 77.28
CA LEU D 84 -45.26 33.70 77.28
CA SER D 85 -44.01 36.14 74.63
CA SER D 86 -40.46 37.46 74.04
CA LEU D 87 -38.65 34.25 75.07
CA ARG D 88 -35.01 34.47 76.17
CA PRO D 89 -32.04 32.03 76.46
CA GLU D 90 -32.60 31.90 80.23
CA ASP D 91 -36.18 30.56 80.07
CA THR D 92 -34.95 26.99 79.53
CA ALA D 93 -36.93 25.27 82.28
CA VAL D 94 -39.37 22.47 83.05
CA TYR D 95 -42.89 23.84 83.52
CA TYR D 96 -45.60 22.15 85.60
CA CYS D 97 -49.31 22.74 86.22
CA ALA D 98 -50.33 21.92 89.79
CA ARG D 99 -53.90 21.83 91.10
CA ASP D 100 -55.64 23.93 93.78
CA PRO D 101 -57.23 21.78 96.56
CA TYR D 102 -59.22 24.80 97.77
CA GLY D 103 -59.81 27.16 94.85
CA GLY D 104 -58.48 30.19 96.68
CA GLY D 105 -55.27 30.94 94.83
CA LYS D 106 -52.96 30.51 97.80
CA SER D 107 -52.19 27.01 99.12
CA GLU D 108 -50.26 23.76 98.53
CA PHE D 109 -50.03 21.49 95.47
CA ASP D 110 -51.35 17.91 95.68
CA TYR D 111 -51.28 16.94 92.00
CA TRP D 112 -48.36 17.64 89.64
CA GLY D 113 -48.03 16.92 85.92
CA GLN D 114 -45.20 15.37 83.89
CA GLY D 115 -43.57 18.67 82.97
CA THR D 116 -42.69 20.44 79.72
CA LEU D 117 -39.08 21.40 78.93
CA VAL D 118 -39.14 24.48 76.71
CA THR D 119 -35.61 25.17 75.44
CA VAL D 120 -35.02 28.57 73.84
CA SER D 121 -31.98 28.48 71.54
CA SER D 122 -31.28 29.83 68.03
CA ALA D 123 -29.07 26.85 67.10
CA SER D 124 -30.41 24.60 64.33
CA PRO D 125 -32.06 21.66 66.16
CA THR D 126 -31.54 18.19 64.69
CA SER D 127 -33.17 14.76 65.01
CA PRO D 128 -31.20 12.04 66.89
CA LYS D 129 -29.63 9.08 65.06
CA VAL D 130 -30.30 5.88 67.00
CA PHE D 131 -27.74 3.09 66.63
CA PRO D 132 -27.84 -0.54 67.83
CA LEU D 133 -25.10 -1.49 70.31
CA SER D 134 -24.91 -5.26 69.80
CA LEU D 135 -21.79 -7.22 70.83
CA ASP D 136 -19.65 -10.12 69.58
CA SER D 137 -17.80 -12.08 72.33
CA THR D 138 -17.13 -9.01 74.50
CA PRO D 139 -19.50 -9.97 77.34
CA GLN D 140 -18.97 -12.75 79.88
CA ASP D 141 -20.53 -16.21 79.75
CA GLY D 142 -23.75 -15.93 81.73
CA ASN D 143 -25.44 -12.65 80.79
CA VAL D 144 -26.11 -10.58 77.66
CA VAL D 145 -25.76 -6.79 77.53
CA VAL D 146 -27.45 -4.86 74.71
CA ALA D 147 -27.95 -1.11 74.17
CA CYS D 148 -29.21 1.68 71.89
CA LEU D 149 -26.99 4.71 71.24
CA VAL D 150 -29.13 7.76 70.43
CA GLN D 151 -26.55 10.17 68.97
CA GLY D 152 -26.81 13.80 67.84
CA PHE D 153 -29.81 15.75 69.11
CA PHE D 154 -30.27 19.39 70.12
CA PRO D 155 -31.49 20.33 72.61
CA GLN D 156 -31.33 17.63 75.31
CA GLU D 157 -35.08 17.16 75.88
CA PRO D 158 -36.87 14.62 78.13
CA LEU D 159 -36.10 11.39 76.26
CA SER D 160 -38.59 8.62 77.03
CA VAL D 161 -37.26 5.14 76.22
CA THR D 162 -39.11 1.85 76.77
CA TRP D 163 -37.75 -1.57 75.76
CA SER D 164 -40.12 -4.38 74.77
CA GLU D 165 -39.20 -7.02 77.38
CA SER D 166 -39.64 -6.61 81.15
CA GLY D 167 -39.45 -8.81 84.24
CA GLN D 168 -37.51 -9.42 87.45
CA ASN D 169 -33.93 -10.26 86.44
CA VAL D 170 -33.83 -7.59 83.71
CA THR D 171 -32.54 -4.05 84.30
CA ALA D 172 -32.76 -0.94 82.11
CA ARG D 173 -30.85 2.30 82.73
CA ASN D 174 -31.41 5.70 81.07
CA PHE D 175 -28.02 7.44 80.74
CA PRO D 176 -27.96 11.25 81.32
CA PRO D 177 -27.40 13.66 78.36
CA SER D 178 -23.83 14.87 77.73
CA GLN D 179 -22.43 17.83 75.76
CA ASP D 180 -19.53 17.97 73.27
CA ALA D 181 -17.62 21.17 72.47
CA SER D 182 -19.75 24.21 73.40
CA GLY D 183 -23.31 23.06 72.79
CA ASP D 184 -23.08 21.74 69.22
CA LEU D 185 -24.88 18.46 69.95
CA TYR D 186 -26.12 16.15 72.74
CA THR D 187 -25.86 12.34 72.97
CA THR D 188 -27.49 9.59 75.07
CA SER D 189 -27.92 5.82 75.34
CA SER D 190 -30.27 3.09 76.59
CA GLN D 191 -29.01 -0.22 77.98
CA LEU D 192 -30.73 -3.47 78.95
CA THR D 193 -28.78 -6.08 80.90
CA LEU D 194 -30.71 -9.37 80.75
CA PRO D 195 -29.98 -13.06 81.49
CA ALA D 196 -29.04 -15.29 78.55
CA THR D 197 -31.99 -17.59 79.27
CA GLN D 198 -34.29 -14.72 78.20
CA CYS D 199 -33.52 -13.50 74.65
CA PRO D 200 -34.18 -16.49 72.35
CA ASP D 201 -31.65 -17.54 69.66
CA GLY D 202 -32.73 -15.97 66.38
CA LYS D 203 -34.84 -12.99 67.54
CA SER D 204 -34.21 -9.49 68.90
CA VAL D 205 -35.45 -6.80 71.32
CA THR D 206 -36.81 -3.42 70.16
CA CYS D 207 -35.88 -0.12 71.87
CA HIS D 208 -38.42 2.71 71.52
CA VAL D 209 -36.98 6.22 71.82
CA LYS D 210 -39.28 9.25 71.99
CA HIS D 211 -38.09 12.87 71.86
CA TYR D 212 -40.85 15.50 72.21
CA THR D 213 -44.21 14.54 70.66
CA ASN D 214 -42.28 13.51 67.55
CA PRO D 215 -43.03 9.99 66.17
CA SER D 216 -41.45 7.22 68.24
CA GLN D 217 -38.39 5.82 66.46
CA ASP D 218 -38.33 2.02 66.81
CA VAL D 219 -35.12 0.02 66.29
CA THR D 220 -34.71 -3.77 66.15
CA VAL D 221 -31.81 -4.42 68.55
CA PRO D 222 -30.56 -8.01 68.02
CA CYS D 223 -28.96 -10.41 70.47
CA PRO D 224 -28.14 -14.37 69.76
CA VAL D 225 -26.13 -16.30 67.13
CA PRO D 226 -27.13 -18.66 64.01
CA PRO D 227 -25.02 -21.67 62.95
CA PRO D 228 -24.55 -22.50 59.10
CA PRO D 229 -26.73 -25.70 57.73
CA PRO D 230 -24.58 -28.37 56.05
CA CYS D 231 -26.02 -31.43 54.06
CA CYS D 232 -23.96 -33.63 51.69
CA HIS D 233 -24.63 -35.75 48.62
CA PRO D 234 -22.75 -38.95 47.36
CA ARG D 235 -20.46 -37.91 44.43
CA LEU D 236 -17.01 -36.74 43.15
CA SER D 237 -16.14 -34.78 39.96
CA LEU D 238 -12.98 -33.47 38.27
CA HIS D 239 -12.61 -30.05 36.63
CA ARG D 240 -10.25 -29.77 33.64
CA PRO D 241 -8.28 -26.49 33.40
CA ALA D 242 -9.25 -23.83 30.84
CA LEU D 243 -7.72 -23.89 27.35
CA GLU D 244 -7.18 -20.15 26.90
CA ASP D 245 -5.29 -19.89 30.20
CA LEU D 246 -2.76 -22.74 29.83
CA LEU D 247 -1.81 -21.75 26.27
CA LEU D 248 -0.95 -18.10 26.92
CA GLY D 249 1.26 -18.37 30.01
CA SER D 250 1.50 -21.95 31.30
CA GLU D 251 -0.90 -21.19 34.17
CA ALA D 252 -2.99 -24.35 34.60
CA ASN D 253 -4.67 -26.17 37.48
CA LEU D 254 -6.88 -29.26 37.85
CA THR D 255 -9.54 -29.26 40.59
CA CYS D 256 -10.75 -32.36 42.48
CA THR D 257 -13.88 -31.39 44.45
CA LEU D 258 -15.80 -33.87 46.63
CA THR D 259 -19.44 -32.73 46.74
CA GLY D 260 -21.80 -35.51 47.89
CA LEU D 261 -21.77 -37.79 50.96
CA ARG D 262 -23.35 -36.93 54.40
CA ASP D 263 -21.89 -35.28 57.62
CA ALA D 264 -18.69 -34.21 59.47
CA SER D 265 -15.39 -35.94 58.65
CA GLY D 266 -12.04 -35.00 57.08
CA ALA D 267 -10.63 -35.94 53.67
CA THR D 268 -7.02 -36.59 52.63
CA PHE D 269 -5.62 -36.65 49.07
CA THR D 270 -3.05 -38.60 47.05
CA TRP D 271 -2.23 -36.56 43.93
CA THR D 272 0.21 -37.88 41.34
CA PRO D 273 3.20 -35.73 40.21
CA SER D 274 3.57 -34.39 36.66
CA SER D 275 6.30 -34.98 34.07
CA GLY D 276 8.46 -32.41 35.85
CA LYS D 277 8.14 -34.30 39.16
CA SER D 278 6.16 -31.69 41.11
CA ALA D 279 3.22 -32.12 43.51
CA VAL D 280 1.63 -29.16 45.31
CA GLN D 281 -1.77 -29.08 47.05
CA GLY D 282 -3.81 -27.33 49.74
CA PRO D 283 -7.44 -28.59 50.23
CA PRO D 284 -9.70 -26.44 52.50
CA GLU D 285 -13.14 -26.89 54.10
CA ARG D 286 -16.12 -24.67 53.24
CA ASP D 287 -19.82 -23.94 53.63
CA LEU D 288 -22.19 -23.66 50.63
CA CYS D 289 -25.49 -25.55 51.26
CA GLY D 290 -24.89 -26.83 54.81
CA CYS D 291 -22.37 -29.73 55.06
CA TYR D 292 -18.50 -29.41 55.22
CA SER D 293 -16.55 -29.33 51.90
CA VAL D 294 -13.02 -30.41 50.87
CA SER D 295 -11.58 -29.36 47.45
CA SER D 296 -7.96 -29.52 46.20
CA VAL D 297 -6.15 -27.91 43.26
CA LEU D 298 -2.97 -29.31 41.66
CA PRO D 299 -1.10 -26.59 39.67
CA GLY D 300 0.33 -28.18 36.55
CA CYS D 301 2.48 -27.06 33.61
CA ALA D 302 1.72 -26.84 29.88
CA GLN D 303 4.11 -29.55 28.62
CA PRO D 304 2.52 -32.48 30.51
CA TRP D 305 -0.94 -31.53 29.22
CA ASN D 306 0.36 -31.13 25.66
CA HIS D 307 2.20 -34.46 25.79
CA GLY D 308 -0.59 -36.23 27.68
CA GLU D 309 0.07 -37.27 31.28
CA THR D 310 -2.37 -39.21 33.49
CA PHE D 311 -3.71 -36.89 36.24
CA THR D 312 -5.39 -39.09 38.88
CA CYS D 313 -6.92 -38.04 42.23
CA THR D 314 -7.45 -40.69 44.93
CA ALA D 315 -9.18 -39.88 48.23
CA ALA D 316 -9.14 -42.21 51.25
CA HIS D 317 -11.95 -42.17 53.85
CA PRO D 318 -13.31 -44.35 56.69
CA GLU D 319 -16.89 -44.45 55.41
CA LEU D 320 -15.98 -43.93 51.76
CA LYS D 321 -14.19 -47.23 52.27
CA THR D 322 -13.36 -47.74 48.58
CA PRO D 323 -11.09 -44.74 47.86
CA LEU D 324 -12.61 -43.27 44.71
CA THR D 325 -10.06 -43.12 41.88
CA ALA D 326 -10.50 -40.59 39.07
CA ASN D 327 -8.24 -40.11 36.04
CA ILE D 328 -8.36 -37.51 33.25
CA THR D 329 -6.23 -37.05 30.13
CA LYS D 330 -6.65 -35.62 26.61
CA SER D 331 -8.55 -37.47 23.87
CA GLY D 332 -8.26 -39.10 20.46
CA ASN D 333 -5.25 -39.83 18.26
CA THR D 334 -3.16 -37.31 16.27
CA PHE D 335 -4.23 -36.08 12.81
CA ARG D 336 -2.19 -33.69 10.65
CA PRO D 337 -3.97 -30.34 9.92
CA GLU D 338 -4.45 -29.22 6.31
CA VAL D 339 -4.41 -25.43 5.92
CA HIS D 340 -6.20 -23.86 2.93
CA LEU D 341 -5.86 -20.06 2.63
CA LEU D 342 -8.87 -18.64 0.77
CA PRO D 343 -8.76 -15.29 -1.10
CA PRO D 344 -11.52 -12.61 -0.79
CA PRO D 345 -14.50 -12.97 -3.20
CA SER D 346 -15.41 -10.78 -6.17
CA GLU D 347 -18.37 -8.94 -4.63
CA GLU D 348 -16.46 -8.28 -1.40
CA LEU D 349 -14.06 -5.96 -3.25
CA ALA D 350 -16.94 -3.47 -3.47
CA LEU D 351 -16.55 -2.45 0.19
CA ASN D 352 -13.79 -0.23 1.64
CA GLU D 353 -12.69 -0.45 5.30
CA LEU D 354 -12.50 -4.25 5.73
CA VAL D 355 -11.47 -7.32 3.68
CA THR D 356 -11.80 -10.89 5.01
CA LEU D 357 -8.89 -13.33 4.62
CA THR D 358 -10.08 -16.88 5.38
CA CYS D 359 -7.53 -19.65 6.02
CA LEU D 360 -9.22 -22.95 6.87
CA ALA D 361 -7.39 -25.76 8.69
CA ARG D 362 -9.35 -29.03 8.68
CA GLY D 363 -8.31 -32.62 9.33
CA PHE D 364 -6.91 -32.34 12.86
CA SER D 365 -7.21 -34.00 16.27
CA PRO D 366 -7.30 -33.17 19.09
CA LYS D 367 -9.08 -29.79 18.97
CA ASP D 368 -6.11 -28.02 20.58
CA VAL D 369 -4.74 -25.71 17.89
CA LEU D 370 -3.21 -22.21 18.08
CA VAL D 371 -3.84 -20.08 14.98
CA ARG D 372 -2.25 -16.65 14.37
CA TRP D 373 -1.66 -14.13 11.56
CA LEU D 374 1.30 -12.02 10.39
CA GLN D 375 2.10 -9.00 8.19
CA GLY D 376 4.42 -9.26 5.21
CA SER D 377 5.63 -5.67 4.81
CA GLN D 378 5.94 -4.47 8.41
CA GLU D 379 7.05 -8.01 9.42
CA LEU D 380 4.91 -7.70 12.56
CA PRO D 381 1.95 -9.84 13.76
CA ARG D 382 -1.62 -8.77 12.99
CA GLU D 383 -4.21 -7.52 15.51
CA LYS D 384 -7.70 -7.82 13.96
CA TYR D 385 -8.70 -11.49 13.66
CA LEU D 386 -11.06 -14.03 15.29
CA THR D 387 -11.14 -17.82 15.79
CA TRP D 388 -14.12 -20.15 15.16
CA ALA D 389 -14.83 -23.67 16.51
CA SER D 390 -17.16 -26.69 16.55
CA ARG D 391 -16.99 -30.51 16.81
CA GLN D 392 -17.99 -33.05 14.14
CA GLU D 393 -19.60 -36.03 15.88
CA PRO D 394 -21.96 -37.80 13.42
CA SER D 395 -23.58 -41.23 13.78
CA GLN D 396 -20.85 -42.98 11.77
CA GLY D 397 -17.23 -43.69 12.66
CA THR D 398 -15.56 -40.52 11.37
CA THR D 399 -14.50 -37.58 13.58
CA THR D 400 -11.98 -34.75 12.91
CA PHE D 401 -12.00 -31.15 14.17
CA ALA D 402 -11.54 -28.15 11.84
CA VAL D 403 -11.14 -24.36 12.20
CA THR D 404 -11.65 -21.06 10.34
CA SER D 405 -9.71 -17.79 10.67
CA ILE D 406 -10.75 -14.29 9.56
CA LEU D 407 -8.22 -11.47 9.12
CA ARG D 408 -9.92 -8.15 8.33
CA VAL D 409 -7.44 -5.81 6.62
CA ALA D 410 -7.89 -2.76 4.37
CA ALA D 411 -9.13 -2.73 0.76
CA GLU D 412 -6.29 -0.56 -0.57
CA ASP D 413 -3.61 -2.67 1.14
CA TRP D 414 -4.79 -5.98 -0.36
CA LYS D 415 -4.22 -4.52 -3.84
CA LYS D 416 -0.71 -3.16 -3.17
CA GLY D 417 0.84 -6.63 -3.26
CA ASP D 418 1.39 -7.54 0.40
CA THR D 419 1.64 -11.18 1.53
CA PHE D 420 -0.34 -12.40 4.59
CA SER D 421 0.64 -15.44 6.72
CA CYS D 422 -1.70 -17.84 8.59
CA MET D 423 0.48 -19.82 11.03
CA VAL D 424 -1.15 -22.90 12.56
CA GLY D 425 0.25 -24.88 15.48
CA HIS D 426 -0.65 -28.47 16.34
CA GLU D 427 1.05 -31.59 17.73
CA ALA D 428 0.74 -33.75 14.59
CA LEU D 429 2.59 -31.07 12.58
CA PRO D 430 6.19 -31.68 11.39
CA LEU D 431 7.80 -29.06 13.66
CA ALA D 432 4.65 -28.33 15.69
CA PHE D 433 4.28 -25.32 13.40
CA THR D 434 3.09 -24.82 9.81
CA GLN D 435 2.52 -21.64 7.77
CA LYS D 436 0.71 -20.96 4.48
CA THR D 437 0.41 -17.61 2.69
CA ILE D 438 -1.98 -15.57 0.51
CA ASP D 439 -1.04 -13.04 -2.18
CA ARG D 440 -2.98 -11.03 -4.79
CA LEU D 441 -0.23 -11.87 -7.30
CA ALA D 442 -1.32 -15.27 -8.61
CA GLY D 443 0.93 -17.04 -11.08
CA LYS D 444 -0.44 -20.28 -12.51
CA PRO D 445 2.45 -22.78 -12.12
CA THR D 446 0.70 -24.79 -9.38
CA HIS D 447 0.96 -23.18 -5.93
CA VAL D 448 4.47 -22.38 -4.69
CA ASN D 449 5.57 -21.30 -1.20
CA VAL D 450 8.16 -18.63 -0.32
CA SER D 451 11.92 -19.20 0.07
CA VAL D 452 13.94 -19.69 3.26
CA VAL D 453 14.69 -16.85 5.70
CA MET D 454 17.10 -17.71 8.54
CA ALA D 455 19.54 -20.63 8.85
CA GLU D 456 22.25 -22.16 11.05
CA VAL D 457 20.42 -20.78 14.12
CA ASP D 458 17.78 -23.13 15.55
CA GLY D 459 18.54 -22.46 19.22
CA THR D 460 20.61 -25.39 20.47
CA CYS D 461 23.64 -23.88 18.73
CA TYR D 462 23.54 -20.19 19.67
CA PRO E 1 -31.25 -12.02 -21.50
CA ARG E 2 -30.31 -11.36 -17.93
CA SER E 3 -29.82 -8.14 -16.08
CA PRO E 4 -30.51 -6.54 -12.79
CA THR E 5 -34.22 -6.53 -12.12
CA VAL E 6 -33.91 -3.46 -9.98
CA VAL E 7 -31.15 -0.95 -9.59
CA LYS E 8 -31.09 1.71 -6.94
CA GLY E 9 -28.87 4.72 -6.83
CA VAL E 10 -28.94 8.10 -5.31
CA ALA E 11 -28.84 11.63 -6.70
CA GLY E 12 -25.72 12.70 -8.58
CA SER E 13 -24.06 9.28 -8.45
CA SER E 14 -23.30 7.26 -11.58
CA VAL E 15 -24.65 3.82 -12.30
CA ALA E 16 -23.79 1.00 -14.61
CA VAL E 17 -26.11 -1.69 -15.83
CA LEU E 18 -24.87 -4.93 -17.33
CA CYS E 19 -26.99 -7.27 -19.46
CA PRO E 20 -25.97 -10.68 -20.79
CA TYR E 21 -26.80 -12.25 -24.23
CA ASN E 22 -26.21 -15.15 -26.80
CA ARG E 23 -24.36 -15.81 -30.11
CA LYS E 24 -26.60 -14.34 -32.77
CA GLU E 25 -26.95 -11.64 -30.25
CA SER E 26 -23.24 -10.86 -30.31
CA LYS E 27 -23.69 -9.26 -33.72
CA SER E 28 -27.10 -7.67 -33.24
CA ILE E 29 -27.79 -4.12 -32.13
CA LYS E 30 -27.91 -3.50 -28.41
CA TYR E 31 -30.15 -0.89 -26.96
CA TRP E 32 -31.34 0.77 -23.77
CA CYS E 33 -34.88 2.16 -23.64
CA LEU E 34 -37.31 3.75 -21.25
CA TRP E 35 -40.75 2.21 -21.06
CA GLU E 36 -43.65 4.41 -22.06
CA GLY E 37 -47.10 4.07 -20.58
CA ALA E 38 -49.99 3.68 -22.98
CA GLN E 39 -52.15 0.99 -24.41
CA ASN E 40 -49.61 0.98 -27.17
CA GLY E 41 -46.41 2.52 -26.03
CA ARG E 42 -42.90 2.20 -27.24
CA CYS E 43 -39.78 2.30 -25.20
CA PRO E 44 -37.88 5.22 -26.46
CA LEU E 45 -34.41 4.35 -27.68
CA LEU E 46 -32.22 6.09 -25.14
CA VAL E 47 -28.87 4.81 -26.44
CA ASP E 48 -27.90 2.16 -28.98
CA SER E 49 -24.86 0.18 -30.11
CA GLU E 50 -25.52 1.65 -33.53
CA GLY E 51 -24.06 4.98 -32.64
CA TRP E 52 -27.29 6.66 -31.70
CA VAL E 53 -27.53 8.55 -28.45
CA LYS E 54 -30.55 10.50 -27.25
CA ALA E 55 -30.22 14.16 -26.49
CA GLN E 56 -30.95 13.68 -22.83
CA TYR E 57 -28.26 11.03 -22.59
CA GLU E 58 -25.69 12.54 -24.94
CA GLY E 59 -22.47 12.93 -23.01
CA ARG E 60 -24.16 11.71 -19.85
CA LEU E 61 -24.22 8.02 -20.71
CA SER E 62 -22.38 5.34 -22.61
CA LEU E 63 -23.18 1.88 -23.96
CA LEU E 64 -20.37 -0.60 -24.46
CA GLU E 65 -20.60 -4.09 -25.84
CA GLU E 66 -18.11 -6.83 -25.18
CA PRO E 67 -19.02 -9.84 -27.18
CA GLY E 68 -16.61 -12.30 -25.65
CA ASN E 69 -18.16 -11.78 -22.27
CA GLY E 70 -21.60 -11.68 -23.75
CA THR E 71 -22.40 -8.46 -22.04
CA PHE E 72 -22.93 -4.82 -22.78
CA THR E 73 -22.85 -2.12 -20.19
CA VAL E 74 -24.77 1.09 -20.00
CA ILE E 75 -23.14 3.68 -17.85
CA LEU E 76 -25.15 6.68 -16.81
CA ASN E 77 -23.89 9.65 -14.87
CA GLN E 78 -25.54 12.59 -13.17
CA LEU E 79 -28.54 10.57 -12.16
CA THR E 80 -31.44 12.89 -11.51
CA SER E 81 -34.98 12.57 -10.28
CA ARG E 82 -36.06 12.21 -13.88
CA ASP E 83 -34.08 8.99 -14.19
CA ALA E 84 -36.23 6.87 -11.91
CA GLY E 85 -38.42 4.68 -14.04
CA PHE E 86 -38.63 1.50 -16.07
CA TYR E 87 -36.10 0.68 -18.72
CA TRP E 88 -35.24 -2.21 -20.98
CA CYS E 89 -31.96 -3.52 -22.33
CA LEU E 90 -32.41 -5.64 -25.38
CA THR E 91 -31.01 -6.87 -28.68
CA ASN E 92 -32.26 -6.08 -32.19
CA GLY E 93 -35.50 -4.17 -32.58
CA ASP E 94 -37.30 -2.77 -29.55
CA THR E 95 -40.61 -4.34 -30.53
CA LEU E 96 -39.22 -7.86 -30.61
CA TRP E 97 -39.18 -7.84 -26.83
CA ARG E 98 -36.04 -9.92 -26.59
CA THR E 99 -35.09 -7.67 -23.71
CA THR E 100 -34.99 -7.62 -19.96
CA VAL E 101 -36.87 -5.10 -17.90
CA GLU E 102 -34.95 -3.09 -15.38
CA ILE E 103 -36.40 -0.79 -12.78
CA LYS E 104 -34.23 2.08 -11.76
CA ILE E 105 -34.95 4.07 -8.66
CA ILE E 106 -32.92 7.18 -8.11
CA GLU F 1 60.90 4.24 -121.62
CA LEU F 2 64.60 4.92 -121.00
CA VAL F 3 66.00 2.76 -118.18
CA MET F 4 68.25 4.33 -115.53
CA THR F 5 70.37 1.93 -113.44
CA GLN F 6 72.31 3.14 -110.39
CA SER F 7 74.94 1.27 -108.36
CA PRO F 8 75.63 0.12 -105.74
CA SER F 9 72.37 -0.64 -103.92
CA SER F 10 73.84 0.37 -100.54
CA LEU F 11 76.90 2.31 -99.35
CA SER F 12 78.90 2.04 -96.12
CA ALA F 13 81.58 4.60 -95.24
CA SER F 14 82.93 6.57 -92.27
CA VAL F 15 83.03 10.37 -91.99
CA GLY F 16 85.62 11.73 -94.42
CA ASP F 17 85.70 9.08 -97.16
CA ARG F 18 84.96 10.04 -100.76
CA VAL F 19 82.00 8.02 -102.10
CA ASN F 20 81.20 7.46 -105.79
CA ILE F 21 77.62 7.01 -107.07
CA ALA F 22 77.04 5.95 -110.70
CA CYS F 23 74.00 6.54 -112.95
CA ARG F 24 74.07 4.85 -116.36
CA ALA F 25 71.38 5.08 -119.07
CA SER F 26 70.08 2.84 -121.87
CA GLN F 27 71.12 5.36 -124.55
CA GLY F 28 72.85 8.74 -124.82
CA ILE F 29 70.98 11.66 -123.23
CA SER F 30 73.77 14.26 -123.53
CA SER F 31 73.97 16.62 -120.52
CA ALA F 32 70.42 15.99 -119.27
CA LEU F 33 70.58 14.56 -115.73
CA ALA F 34 69.61 15.73 -112.22
CA TRP F 35 70.65 14.45 -108.78
CA TYR F 36 68.43 14.48 -105.69
CA GLN F 37 68.58 14.12 -101.89
CA GLN F 38 65.69 12.48 -100.07
CA LYS F 39 65.96 12.47 -96.27
CA PRO F 40 63.75 9.58 -95.03
CA GLY F 41 60.26 10.95 -94.46
CA LYS F 42 60.78 14.09 -96.56
CA ALA F 43 60.44 15.44 -100.10
CA PRO F 44 63.43 15.22 -102.51
CA ARG F 45 65.89 18.11 -102.80
CA LEU F 46 67.63 19.22 -106.00
CA LEU F 47 71.42 19.03 -105.77
CA ILE F 48 72.83 19.16 -109.30
CA TYR F 49 71.33 20.12 -112.66
CA ASP F 50 72.62 20.07 -116.27
CA ALA F 51 75.17 17.42 -115.18
CA SER F 52 77.69 19.53 -113.22
CA ASN F 53 76.06 22.82 -112.14
CA LEU F 54 75.25 23.18 -108.43
CA GLU F 55 72.17 24.87 -106.94
CA SER F 56 72.41 27.96 -104.72
CA GLY F 57 72.68 26.74 -101.14
CA VAL F 58 73.97 23.22 -101.79
CA PRO F 59 77.37 22.65 -100.11
CA SER F 60 80.61 23.08 -102.07
CA ARG F 61 81.55 19.43 -101.42
CA PHE F 62 78.88 18.05 -103.78
CA SER F 63 79.69 17.72 -107.52
CA GLY F 64 79.98 15.36 -110.48
CA SER F 65 80.38 14.97 -114.26
CA GLY F 66 79.79 12.65 -117.23
CA SER F 67 78.76 13.02 -120.89
CA GLY F 68 76.27 10.73 -122.60
CA THR F 69 76.04 7.33 -120.91
CA ASP F 70 78.27 7.14 -117.82
CA PHE F 71 77.52 9.56 -114.95
CA THR F 72 78.87 9.99 -111.40
CA LEU F 73 78.02 11.75 -108.12
CA THR F 74 80.92 12.61 -105.80
CA ILE F 75 81.30 13.81 -102.17
CA SER F 76 84.82 14.85 -101.07
CA SER F 77 84.03 14.95 -97.33
CA LEU F 78 81.25 12.72 -96.01
CA GLN F 79 79.40 14.21 -93.03
CA PRO F 80 76.68 12.71 -90.77
CA GLU F 81 74.08 15.07 -92.25
CA ASP F 82 74.30 13.31 -95.64
CA PHE F 83 72.03 10.39 -94.68
CA ALA F 84 69.62 10.22 -97.63
CA ILE F 85 68.59 8.07 -100.61
CA TYR F 86 69.92 9.76 -103.76
CA TYR F 87 68.26 9.58 -107.20
CA CYS F 88 69.05 10.57 -110.80
CA GLN F 89 66.45 11.26 -113.49
CA GLN F 90 66.73 12.28 -117.14
CA PHE F 91 65.05 15.01 -119.18
CA ASN F 92 65.69 14.48 -122.90
CA SER F 93 62.49 12.61 -123.86
CA TYR F 94 59.23 11.28 -122.40
CA PRO F 95 58.36 9.91 -119.99
CA LEU F 96 60.86 11.20 -117.42
CA THR F 97 62.34 8.32 -115.42
CA PHE F 98 64.16 8.01 -112.07
CA GLY F 99 67.04 5.91 -110.77
CA GLY F 100 66.85 2.93 -108.43
CA GLY F 101 68.14 4.87 -105.45
CA THR F 102 71.46 4.58 -103.61
CA LYS F 103 71.13 4.71 -99.81
CA VAL F 104 74.08 6.12 -97.84
CA GLU F 105 74.66 4.61 -94.40
CA ILE F 106 77.17 6.37 -92.11
CA LYS F 107 79.91 4.58 -90.13
CA ARG F 108 81.16 5.25 -86.60
CA THR F 109 82.18 3.53 -83.34
CA VAL F 110 80.07 1.23 -81.15
CA ALA F 111 77.61 2.74 -78.67
CA ALA F 112 75.92 1.19 -75.63
CA PRO F 113 72.12 1.79 -75.54
CA SER F 114 70.31 2.83 -72.35
CA VAL F 115 67.41 0.36 -72.06
CA PHE F 116 64.09 1.51 -70.57
CA ILE F 117 60.65 -0.08 -70.09
CA PHE F 118 57.03 1.15 -69.96
CA PRO F 119 54.17 -0.81 -68.33
CA PRO F 120 50.53 -0.42 -69.53
CA SER F 121 48.72 2.68 -68.28
CA ASP F 122 45.68 2.79 -65.99
CA GLU F 123 43.19 3.96 -68.64
CA GLN F 124 44.51 1.50 -71.24
CA LEU F 125 43.39 -1.61 -69.32
CA LYS F 126 39.73 -0.47 -69.31
CA SER F 127 39.12 -1.63 -72.85
CA GLY F 128 40.72 -5.02 -72.19
CA THR F 129 44.27 -4.89 -73.55
CA ALA F 130 47.87 -4.21 -72.45
CA SER F 131 51.12 -3.10 -74.12
CA VAL F 132 54.57 -3.18 -72.52
CA VAL F 133 57.17 -1.09 -74.37
CA CYS F 134 60.96 -1.53 -74.04
CA LEU F 135 63.35 1.19 -75.23
CA LEU F 136 66.93 0.92 -76.54
CA ASN F 137 67.88 4.61 -76.81
CA ASN F 138 71.04 5.56 -78.77
CA PHE F 139 73.16 2.75 -80.27
CA TYR F 140 75.32 1.56 -83.16
CA PRO F 141 75.18 -0.62 -85.18
CA ARG F 142 71.48 -1.37 -85.73
CA GLU F 143 72.26 -5.02 -84.94
CA ALA F 144 70.48 -5.66 -81.64
CA LYS F 145 68.26 -8.22 -79.92
CA VAL F 146 65.31 -8.03 -77.52
CA GLN F 147 63.98 -11.00 -75.54
CA TRP F 148 60.93 -10.56 -73.30
CA LYS F 149 60.90 -12.26 -69.91
CA VAL F 150 57.47 -13.14 -68.53
CA ASP F 151 57.59 -14.99 -65.19
CA ASN F 152 61.41 -15.34 -65.32
CA ALA F 153 62.32 -18.12 -67.78
CA LEU F 154 59.06 -18.15 -69.76
CA GLN F 155 59.94 -16.43 -73.03
CA SER F 156 57.06 -15.31 -75.25
CA GLY F 157 56.91 -14.78 -79.00
CA ASN F 158 54.28 -12.20 -79.96
CA SER F 159 56.20 -8.91 -80.20
CA GLN F 160 56.80 -6.22 -82.85
CA GLU F 161 60.11 -4.45 -83.57
CA SER F 162 60.46 -1.05 -85.25
CA VAL F 163 63.64 0.91 -85.97
CA THR F 164 63.75 4.56 -87.04
CA GLU F 165 66.00 6.09 -89.70
CA GLN F 166 69.51 7.28 -88.71
CA ASP F 167 69.49 10.90 -87.48
CA SER F 168 71.57 13.84 -88.75
CA LYS F 169 73.68 14.38 -85.60
CA ASP F 170 75.63 11.58 -83.91
CA SER F 171 74.78 8.87 -86.45
CA THR F 172 73.05 6.20 -84.32
CA TYR F 173 70.01 3.92 -84.14
CA SER F 174 67.25 3.27 -81.58
CA LEU F 175 64.65 0.51 -81.11
CA SER F 176 61.46 -0.38 -79.22
CA SER F 177 59.49 -3.53 -78.39
CA THR F 178 55.78 -3.70 -77.53
CA LEU F 179 54.36 -6.85 -75.94
CA THR F 180 50.63 -6.94 -76.73
CA LEU F 181 48.62 -9.13 -74.32
CA SER F 182 44.98 -8.69 -73.25
CA LYS F 183 43.89 -7.79 -69.71
CA ALA F 184 43.09 -11.42 -68.84
CA ASP F 185 46.63 -12.61 -69.51
CA TYR F 186 48.14 -9.50 -67.90
CA GLU F 187 46.35 -9.80 -64.54
CA LYS F 188 47.92 -13.26 -64.22
CA HIS F 189 51.67 -12.58 -64.23
CA LYS F 190 54.11 -10.43 -62.24
CA VAL F 191 57.71 -10.27 -63.49
CA TYR F 192 58.26 -8.46 -66.81
CA ALA F 193 61.88 -8.04 -67.94
CA CYS F 194 63.48 -7.26 -71.32
CA GLU F 195 66.96 -8.71 -72.00
CA VAL F 196 69.08 -6.82 -74.57
CA THR F 197 72.20 -7.97 -76.46
CA HIS F 198 74.54 -5.52 -78.20
CA GLN F 199 78.25 -5.18 -79.00
CA GLY F 200 78.53 -2.04 -76.90
CA LEU F 201 77.16 -3.81 -73.83
CA SER F 202 79.65 -5.89 -71.83
CA SER F 203 76.78 -8.04 -70.54
CA PRO F 204 73.00 -8.23 -71.21
CA VAL F 205 71.08 -5.43 -69.46
CA THR F 206 67.87 -6.52 -67.74
CA LYS F 207 65.03 -4.04 -67.11
CA SER F 208 62.20 -5.57 -65.07
CA PHE F 209 59.20 -4.31 -63.09
CA ASN F 210 56.78 -6.01 -60.67
CA ARG F 211 53.05 -6.05 -61.47
CA GLY F 212 50.76 -5.26 -58.52
CA GLU F 213 50.90 -2.02 -56.49
CA CYS F 214 48.56 -0.97 -53.65
CA GLU G 1 70.07 84.13 2.90
CA LEU G 2 71.72 85.67 -0.17
CA VAL G 3 69.29 86.04 -3.07
CA MET G 4 70.34 85.04 -6.60
CA THR G 5 68.25 86.41 -9.48
CA GLN G 6 68.75 85.18 -13.06
CA SER G 7 67.29 86.62 -16.28
CA PRO G 8 65.52 86.14 -18.58
CA SER G 9 62.99 83.49 -17.55
CA SER G 10 63.01 81.88 -21.01
CA LEU G 11 65.27 82.03 -24.08
CA SER G 12 64.46 81.52 -27.77
CA ALA G 13 67.23 81.28 -30.38
CA SER G 14 68.19 79.33 -33.52
CA VAL G 15 71.32 77.19 -33.92
CA GLY G 16 74.37 79.45 -34.07
CA ASP G 17 73.26 82.52 -32.09
CA ARG G 18 75.23 83.63 -29.04
CA VAL G 19 73.01 83.68 -25.93
CA ASN G 20 73.73 85.64 -22.74
CA ILE G 21 72.58 84.44 -19.29
CA ALA G 22 72.93 86.75 -16.28
CA CYS G 23 73.24 85.88 -12.56
CA ARG G 24 73.19 88.81 -10.12
CA ALA G 25 73.52 88.61 -6.32
CA SER G 26 72.29 90.64 -3.33
CA GLN G 27 75.85 91.48 -2.26
CA GLY G 28 79.43 90.88 -3.42
CA ILE G 29 80.59 87.25 -3.34
CA SER G 30 83.90 87.75 -5.18
CA SER G 31 84.76 84.85 -7.54
CA ALA G 32 82.45 82.29 -5.91
CA LEU G 33 79.88 81.09 -8.48
CA ALA G 34 79.13 77.84 -10.33
CA TRP G 35 77.04 77.16 -13.45
CA TYR G 36 75.02 73.99 -14.08
CA GLN G 37 73.27 72.07 -16.86
CA GLN G 38 70.11 70.11 -16.06
CA LYS G 39 68.68 68.09 -18.93
CA PRO G 40 64.96 67.56 -18.16
CA GLY G 41 64.62 64.36 -16.15
CA LYS G 42 68.29 64.21 -15.15
CA ALA G 43 70.73 65.34 -12.45
CA PRO G 44 72.59 68.69 -12.83
CA ARG G 45 76.01 68.81 -14.47
CA LEU G 46 78.86 71.13 -13.47
CA LEU G 47 79.97 73.43 -16.29
CA ILE G 48 82.00 76.27 -14.79
CA TYR G 49 83.61 76.80 -11.37
CA ASP G 50 85.47 79.71 -9.73
CA ALA G 51 83.73 82.06 -12.21
CA SER G 52 85.61 81.33 -15.45
CA ASN G 53 87.38 77.94 -15.18
CA LEU G 54 85.90 75.10 -17.26
CA GLU G 55 85.64 71.45 -16.21
CA SER G 56 87.44 68.64 -18.07
CA GLY G 57 85.07 67.39 -20.75
CA VAL G 58 82.82 70.43 -21.06
CA PRO G 59 82.90 71.85 -24.64
CA SER G 60 85.19 74.75 -25.53
CA ARG G 61 82.19 76.89 -26.52
CA PHE G 62 81.02 77.38 -22.92
CA SER G 63 82.53 80.21 -20.84
CA GLY G 64 81.83 83.38 -18.84
CA SER G 65 83.16 86.03 -16.43
CA GLY G 66 82.19 88.63 -13.83
CA SER G 67 83.58 89.93 -10.52
CA GLY G 68 81.45 90.63 -7.47
CA THR G 69 77.82 91.33 -8.37
CA ASP G 70 77.22 91.00 -12.13
CA PHE G 71 77.85 87.57 -13.73
CA THR G 72 77.28 86.11 -17.21
CA LEU G 73 77.14 82.73 -19.01
CA THR G 74 77.98 82.70 -22.73
CA ILE G 75 77.67 80.19 -25.60
CA SER G 76 79.37 81.16 -28.90
CA SER G 77 77.67 78.45 -31.01
CA LEU G 78 74.26 77.18 -29.90
CA GLN G 79 73.67 73.51 -30.76
CA PRO G 80 70.53 71.33 -30.40
CA GLU G 81 72.18 69.33 -27.60
CA ASP G 82 72.12 72.38 -25.30
CA PHE G 83 68.46 71.99 -24.26
CA ALA G 84 68.64 72.33 -20.46
CA ILE G 85 67.66 74.58 -17.56
CA TYR G 86 70.82 76.32 -16.31
CA TYR G 87 71.44 77.40 -12.70
CA CYS G 88 74.00 79.44 -10.75
CA GLN G 89 74.73 79.03 -7.04
CA GLN G 90 77.14 80.78 -4.68
CA PHE G 91 79.66 79.46 -2.15
CA ASN G 92 80.93 82.30 0.06
CA SER G 93 78.60 81.91 3.05
CA TYR G 94 75.72 79.77 4.36
CA PRO G 95 73.29 78.57 3.33
CA LEU G 96 74.25 77.92 -0.30
CA THR G 97 71.54 79.22 -2.66
CA PHE G 98 70.60 78.55 -6.30
CA GLY G 99 69.34 80.68 -9.18
CA GLY G 100 65.82 80.81 -10.58
CA GLY G 101 66.72 78.83 -13.69
CA THR G 102 66.93 79.95 -17.32
CA LYS G 103 65.41 77.47 -19.79
CA VAL G 104 66.86 77.38 -23.31
CA GLU G 105 64.41 76.54 -26.11
CA ILE G 106 65.89 75.81 -29.56
CA LYS G 107 64.57 77.30 -32.82
CA ARG G 108 64.17 75.66 -36.23
CA THR G 109 61.78 75.31 -39.19
CA VAL G 110 58.20 73.98 -39.19
CA ALA G 111 57.61 70.21 -39.27
CA ALA G 112 54.47 68.25 -40.17
CA PRO G 113 53.58 65.55 -37.59
CA SER G 114 52.50 62.05 -38.60
CA VAL G 115 49.28 61.41 -36.69
CA PHE G 116 48.44 57.91 -35.39
CA ILE G 117 45.68 56.47 -33.18
CA PHE G 118 45.35 53.51 -30.80
CA PRO G 119 41.97 51.95 -29.89
CA PRO G 120 41.55 50.06 -26.55
CA SER G 121 43.02 46.55 -26.31
CA ASP G 122 41.15 43.27 -25.80
CA GLU G 123 42.27 42.68 -22.20
CA GLN G 124 41.70 46.30 -21.17
CA LEU G 125 37.92 46.17 -21.63
CA LYS G 126 37.57 43.30 -19.11
CA SER G 127 37.78 45.61 -16.12
CA GLY G 128 35.23 48.02 -17.58
CA THR G 129 37.16 50.92 -19.13
CA ALA G 130 38.57 52.14 -22.46
CA SER G 131 41.34 54.50 -23.60
CA VAL G 132 41.88 55.72 -27.17
CA VAL G 133 45.32 57.27 -27.76
CA CYS G 134 46.17 59.63 -30.65
CA LEU G 135 49.81 60.32 -31.59
CA LEU G 136 51.38 63.42 -33.18
CA ASN G 137 54.95 62.19 -33.79
CA ASN G 138 57.67 64.75 -34.67
CA PHE G 139 56.66 68.43 -35.00
CA TYR G 140 57.58 72.07 -34.43
CA PRO G 141 56.50 74.31 -32.81
CA ARG G 142 54.76 72.77 -29.80
CA GLU G 143 51.65 74.76 -30.76
CA ALA G 144 49.16 72.08 -31.83
CA LYS G 145 45.51 71.09 -31.38
CA VAL G 146 43.65 67.80 -31.01
CA GLN G 147 39.88 67.43 -31.38
CA TRP G 148 38.25 64.01 -30.83
CA LYS G 149 35.45 62.95 -33.16
CA VAL G 150 32.93 60.52 -31.68
CA ASP G 151 30.08 59.63 -34.06
CA ASN G 152 31.19 62.24 -36.64
CA ALA G 153 30.17 65.72 -35.44
CA LEU G 154 29.76 64.89 -31.74
CA GLN G 155 32.84 66.41 -30.11
CA SER G 156 33.64 65.34 -26.55
CA GLY G 157 35.55 67.13 -23.79
CA ASN G 158 37.16 64.70 -21.37
CA SER G 159 40.72 64.25 -22.67
CA GLN G 160 44.26 64.71 -21.31
CA GLU G 161 47.22 66.21 -23.19
CA SER G 162 50.89 65.57 -22.37
CA VAL G 163 53.97 66.89 -24.18
CA THR G 164 57.51 65.62 -23.63
CA GLU G 165 60.68 67.71 -23.39
CA GLN G 166 62.54 68.65 -26.60
CA ASP G 167 65.11 65.99 -27.60
CA SER G 168 68.83 66.42 -28.28
CA LYS G 169 68.78 65.60 -32.01
CA ASP G 170 66.46 67.32 -34.49
CA SER G 171 64.87 69.72 -31.98
CA THR G 172 61.15 68.85 -32.19
CA TYR G 173 58.06 68.10 -30.07
CA SER G 174 55.50 65.29 -29.92
CA LEU G 175 52.05 64.90 -28.32
CA SER G 176 49.40 62.32 -27.39
CA SER G 177 45.71 62.32 -26.46
CA THR G 178 43.89 59.64 -24.46
CA LEU G 179 40.08 59.54 -24.46
CA THR G 180 38.98 57.76 -21.28
CA LEU G 181 35.45 56.30 -21.48
CA SER G 182 34.09 53.23 -19.71
CA LYS G 183 33.04 50.01 -21.48
CA ALA G 184 29.34 50.95 -21.41
CA ASP G 185 29.88 54.16 -23.38
CA TYR G 186 32.39 52.48 -25.71
CA GLU G 187 30.17 49.58 -26.80
CA LYS G 188 27.69 52.21 -28.01
CA HIS G 189 29.67 54.10 -30.66
CA LYS G 190 31.50 53.22 -33.88
CA VAL G 191 33.44 56.10 -35.48
CA TYR G 192 36.46 57.49 -33.60
CA ALA G 193 38.57 60.13 -35.39
CA CYS G 194 41.16 62.67 -34.16
CA GLU G 195 41.45 65.97 -36.06
CA VAL G 196 44.84 67.75 -35.80
CA THR G 197 45.75 71.37 -36.63
CA HIS G 198 49.35 72.50 -37.13
CA GLN G 199 51.28 75.06 -39.19
CA GLY G 200 53.20 72.32 -40.99
CA LEU G 201 49.99 70.66 -42.14
CA SER G 202 48.32 72.14 -45.23
CA SER G 203 44.96 70.77 -44.05
CA PRO G 204 43.72 68.94 -40.89
CA VAL G 205 44.67 65.25 -40.87
CA THR G 206 41.91 62.85 -39.80
CA LYS G 207 42.67 59.41 -38.35
CA SER G 208 39.59 57.28 -37.74
CA PHE G 209 38.75 53.61 -37.16
CA ASN G 210 35.53 51.61 -37.08
CA ARG G 211 34.32 49.47 -34.16
CA GLY G 212 33.58 45.86 -34.97
CA GLU G 213 36.42 43.56 -35.99
CA CYS G 214 34.13 40.67 -36.82
CA GLU H 1 -17.03 -106.44 75.84
CA LEU H 2 -20.12 -106.13 78.05
CA VAL H 3 -23.19 -105.00 76.08
CA MET H 4 -25.48 -102.29 77.49
CA THR H 5 -28.96 -102.02 75.96
CA GLN H 6 -31.28 -99.10 76.81
CA SER H 7 -34.98 -98.70 75.95
CA PRO H 8 -36.98 -97.13 74.47
CA SER H 9 -35.20 -95.45 71.56
CA SER H 10 -37.30 -92.29 71.88
CA LEU H 11 -39.59 -90.77 74.54
CA SER H 12 -42.58 -88.45 74.19
CA ALA H 13 -44.20 -86.82 77.24
CA SER H 14 -45.70 -83.52 78.40
CA VAL H 15 -44.41 -81.42 81.32
CA GLY H 16 -45.17 -83.21 84.58
CA ASP H 17 -45.24 -86.88 83.54
CA ARG H 18 -42.89 -89.38 85.20
CA VAL H 19 -40.67 -91.07 82.59
CA ASN H 20 -38.84 -94.38 83.08
CA ILE H 21 -35.52 -95.16 81.34
CA ALA H 22 -34.08 -98.69 81.53
CA CYS H 23 -30.45 -99.86 81.23
CA ARG H 24 -29.88 -103.63 81.17
CA ALA H 25 -26.51 -105.43 80.96
CA SER H 26 -25.22 -108.73 79.56
CA GLN H 27 -24.13 -109.92 83.02
CA GLY H 28 -24.20 -108.74 86.64
CA ILE H 29 -22.09 -105.67 87.37
CA SER H 30 -23.34 -105.06 90.94
CA SER H 31 -23.72 -101.35 91.80
CA ALA H 32 -21.43 -100.05 89.03
CA LEU H 33 -23.44 -97.74 86.72
CA ALA H 34 -23.47 -94.02 85.87
CA TRP H 35 -26.13 -91.86 84.18
CA TYR H 36 -25.40 -88.87 81.95
CA GLN H 37 -27.08 -85.83 80.38
CA GLN H 38 -25.94 -84.63 76.96
CA LYS H 39 -27.59 -81.44 75.72
CA PRO H 40 -27.30 -81.47 71.89
CA GLY H 41 -24.04 -79.78 70.96
CA LYS H 42 -22.49 -80.10 74.42
CA ALA H 43 -20.37 -82.40 76.57
CA PRO H 44 -22.07 -85.03 78.81
CA ARG H 45 -22.93 -84.22 82.42
CA LEU H 46 -22.78 -86.66 85.34
CA LEU H 47 -26.15 -87.14 87.06
CA ILE H 48 -25.96 -90.31 89.15
CA TYR H 49 -23.07 -92.49 90.34
CA ASP H 50 -22.84 -95.79 92.26
CA ALA H 51 -26.42 -96.55 91.11
CA SER H 52 -28.46 -94.21 93.34
CA ASN H 53 -26.22 -91.42 94.68
CA LEU H 54 -26.80 -87.95 93.21
CA GLU H 55 -24.09 -85.37 92.41
CA SER H 56 -23.94 -81.97 94.14
CA GLY H 57 -25.97 -79.56 92.04
CA VAL H 58 -28.16 -82.05 90.19
CA PRO H 59 -31.89 -81.41 90.90
CA SER H 60 -33.72 -83.38 93.59
CA ARG H 61 -36.16 -84.76 91.00
CA PHE H 62 -33.56 -87.07 89.40
CA SER H 63 -32.97 -90.54 90.91
CA GLY H 64 -33.02 -94.30 90.29
CA SER H 65 -32.10 -97.78 91.55
CA GLY H 66 -31.39 -101.38 90.52
CA SER H 67 -29.01 -104.17 91.58
CA GLY H 68 -27.15 -106.40 89.13
CA THR H 69 -28.89 -106.59 85.77
CA ASP H 70 -32.00 -104.38 85.65
CA PHE H 71 -31.51 -100.61 86.12
CA THR H 72 -33.81 -97.57 85.86
CA LEU H 73 -33.63 -93.75 85.62
CA THR H 74 -36.61 -91.79 86.95
CA ILE H 75 -37.83 -88.15 86.76
CA SER H 76 -40.81 -87.24 88.98
CA SER H 77 -41.51 -83.87 87.31
CA LEU H 78 -40.51 -83.42 83.67
CA GLN H 79 -39.48 -79.85 82.81
CA PRO H 80 -38.60 -78.25 79.44
CA GLU H 81 -34.95 -77.95 80.47
CA ASP H 82 -34.56 -81.75 80.43
CA PHE H 83 -34.11 -82.04 76.65
CA ALA H 84 -31.05 -84.28 76.34
CA ILE H 85 -29.89 -87.73 75.22
CA TYR H 86 -29.18 -89.80 78.34
CA TYR H 87 -26.57 -92.57 78.59
CA CYS H 88 -25.52 -95.28 81.06
CA GLN H 89 -22.05 -96.83 81.23
CA GLN H 90 -20.54 -99.50 83.48
CA PHE H 91 -17.31 -99.63 85.49
CA ASN H 92 -16.65 -103.17 86.73
CA SER H 93 -14.33 -104.43 83.98
CA TYR H 94 -12.63 -103.35 80.75
CA PRO H 95 -13.30 -101.83 78.37
CA LEU H 96 -15.89 -99.38 79.73
CA THR H 97 -18.99 -99.33 77.52
CA PHE H 98 -21.89 -96.88 77.02
CA GLY H 99 -25.62 -97.25 76.39
CA GLY H 100 -27.47 -96.70 73.12
CA GLY H 101 -28.94 -93.38 74.23
CA THR H 102 -32.54 -92.47 75.04
CA LYS H 103 -33.63 -89.10 73.62
CA VAL H 104 -36.31 -87.17 75.50
CA GLU H 105 -38.67 -85.05 73.39
CA ILE H 106 -40.96 -82.61 75.23
CA LYS H 107 -44.69 -82.23 74.53
CA ARG H 108 -46.82 -79.06 74.42
CA THR H 109 -49.55 -77.28 72.43
CA VAL H 110 -49.48 -76.22 68.77
CA ALA H 111 -47.74 -72.97 67.80
CA ALA H 112 -48.04 -70.89 64.62
CA PRO H 113 -44.64 -69.94 63.10
CA SER H 114 -43.89 -66.43 61.83
CA VAL H 115 -42.51 -66.96 58.32
CA PHE H 116 -39.82 -64.61 56.97
CA ILE H 117 -37.71 -64.46 53.78
CA PHE H 118 -34.22 -63.20 52.84
CA PRO H 119 -33.17 -62.34 49.25
CA PRO H 120 -29.50 -62.61 48.13
CA SER H 121 -27.24 -59.73 49.16
CA ASP H 122 -25.49 -57.26 46.86
CA GLU H 123 -21.95 -58.57 47.46
CA GLN H 124 -23.05 -62.21 47.15
CA LEU H 125 -24.00 -61.93 43.46
CA LYS H 126 -20.48 -60.80 42.47
CA SER H 127 -19.09 -64.32 42.52
CA GLY H 128 -21.98 -65.67 40.47
CA THR H 129 -24.43 -67.31 42.89
CA ALA H 130 -27.62 -66.59 44.87
CA SER H 131 -29.31 -67.96 48.00
CA VAL H 132 -32.85 -67.15 49.13
CA VAL H 133 -33.55 -68.09 52.76
CA CYS H 134 -37.04 -68.61 54.24
CA LEU H 135 -37.57 -68.64 58.01
CA LEU H 136 -40.21 -70.44 60.12
CA ASN H 137 -39.50 -68.98 63.57
CA ASN H 138 -41.08 -70.67 66.66
CA PHE H 139 -43.39 -73.67 66.09
CA TYR H 140 -44.59 -77.07 67.31
CA PRO H 141 -44.56 -79.85 66.26
CA ARG H 142 -41.51 -80.12 63.98
CA GLU H 143 -43.87 -81.38 61.26
CA ALA H 144 -43.85 -78.60 58.66
CA LYS H 145 -43.58 -78.06 54.90
CA VAL H 146 -41.91 -75.47 52.67
CA GLN H 147 -42.69 -75.04 48.96
CA TRP H 148 -40.76 -72.44 46.93
CA LYS H 149 -42.67 -70.39 44.37
CA VAL H 150 -40.61 -69.13 41.43
CA ASP H 151 -42.68 -67.20 38.84
CA ASN H 152 -45.98 -68.07 40.58
CA ALA H 153 -46.90 -71.69 39.77
CA LEU H 154 -43.42 -72.90 38.77
CA GLN H 155 -42.30 -74.97 41.75
CA SER H 156 -38.61 -75.88 41.95
CA GLY H 157 -36.86 -78.80 43.64
CA ASN H 158 -33.31 -77.93 44.65
CA SER H 159 -33.57 -76.80 48.28
CA GLN H 160 -32.05 -77.84 51.63
CA GLU H 161 -33.90 -78.07 54.96
CA SER H 162 -32.25 -77.88 58.40
CA VAL H 163 -33.92 -78.01 61.82
CA THR H 164 -32.21 -77.13 65.10
CA GLU H 165 -32.53 -78.98 68.42
CA GLN H 166 -35.41 -78.09 70.78
CA ASP H 167 -34.45 -75.24 73.16
CA SER H 168 -34.62 -75.18 76.97
CA LYS H 169 -37.36 -72.55 77.33
CA ASP H 170 -40.72 -72.78 75.55
CA SER H 171 -40.10 -76.17 73.90
CA THR H 172 -40.45 -75.40 70.18
CA TYR H 173 -38.82 -75.92 66.77
CA SER H 174 -37.70 -73.64 63.93
CA LEU H 175 -36.74 -74.20 60.28
CA SER H 176 -35.10 -72.54 57.27
CA SER H 177 -34.94 -73.10 53.51
CA THR H 178 -32.21 -71.88 51.15
CA LEU H 179 -32.81 -71.87 47.39
CA THR H 180 -29.40 -72.02 45.68
CA LEU H 181 -29.44 -70.73 42.09
CA SER H 182 -26.60 -69.05 40.18
CA LYS H 183 -26.65 -65.40 39.05
CA ALA H 184 -27.70 -66.33 35.49
CA ASP H 185 -30.90 -68.05 36.63
CA TYR H 186 -31.58 -65.36 39.24
CA GLU H 187 -31.43 -62.36 36.88
CA LYS H 188 -34.21 -64.04 34.87
CA HIS H 189 -37.11 -64.29 37.34
CA LYS H 190 -39.08 -61.88 39.54
CA VAL H 191 -41.59 -63.43 41.97
CA TYR H 192 -40.13 -65.45 44.87
CA ALA H 193 -42.60 -66.75 47.45
CA CYS H 194 -42.40 -69.50 50.10
CA GLU H 195 -45.63 -71.34 51.00
CA VAL H 196 -45.74 -72.93 54.49
CA THR H 197 -48.12 -75.57 55.87
CA HIS H 198 -48.50 -76.21 59.61
CA GLN H 199 -51.21 -77.29 62.07
CA GLY H 200 -51.01 -73.97 63.91
CA LEU H 201 -51.68 -72.03 60.71
CA SER H 202 -55.33 -71.73 59.65
CA SER H 203 -54.22 -71.24 56.03
CA PRO H 204 -50.84 -71.34 54.20
CA VAL H 205 -48.79 -68.18 54.76
CA THR H 206 -47.15 -66.74 51.63
CA LYS H 207 -44.04 -64.54 51.89
CA SER H 208 -42.99 -63.13 48.51
CA PHE H 209 -40.71 -60.36 47.23
CA ASN H 210 -40.23 -58.76 43.80
CA ARG H 211 -36.80 -58.89 42.13
CA GLY H 212 -35.65 -55.63 40.51
CA GLU H 213 -35.28 -52.31 42.38
CA CYS H 214 -33.97 -49.00 40.98
CA GLU I 1 -40.49 38.25 97.95
CA LEU I 2 -40.14 36.15 101.10
CA VAL I 3 -36.85 34.21 101.19
CA MET I 4 -36.82 30.54 102.21
CA THR I 5 -33.45 29.07 103.24
CA GLN I 6 -33.02 25.33 103.83
CA SER I 7 -30.02 23.50 105.36
CA PRO I 8 -27.86 21.57 104.90
CA SER I 9 -27.12 21.52 101.16
CA SER I 10 -26.47 17.77 101.18
CA LEU I 11 -27.17 14.87 103.55
CA SER I 12 -25.32 11.58 104.07
CA ALA I 13 -26.78 8.81 106.25
CA SER I 14 -27.16 5.02 106.35
CA VAL I 15 -30.48 3.13 106.43
CA GLY I 16 -32.12 3.68 109.81
CA ASP I 17 -30.74 7.05 110.92
CA ARG I 18 -33.13 9.91 111.71
CA VAL I 19 -32.38 12.93 109.49
CA ASN I 20 -33.44 16.52 110.22
CA ILE I 21 -34.20 19.04 107.46
CA ALA I 22 -34.74 22.72 108.35
CA CYS I 23 -36.72 25.42 106.50
CA ARG I 24 -36.47 28.96 107.88
CA ALA I 25 -38.22 32.07 106.54
CA SER I 26 -37.53 35.81 106.40
CA GLN I 27 -40.62 36.60 108.49
CA GLY I 28 -43.43 34.78 110.29
CA ILE I 29 -45.84 32.87 108.03
CA SER I 30 -47.76 31.03 110.78
CA SER I 31 -48.71 27.45 109.82
CA ALA I 32 -48.36 27.94 106.04
CA LEU I 33 -45.69 25.53 104.72
CA ALA I 34 -45.62 22.46 102.45
CA TRP I 35 -42.96 19.76 101.98
CA TYR I 36 -42.23 17.96 98.70
CA GLN I 37 -40.45 14.90 97.31
CA GLN I 38 -38.84 15.09 93.87
CA LYS I 39 -37.33 11.84 92.59
CA PRO I 40 -34.68 12.81 89.99
CA GLY I 41 -36.39 13.00 86.61
CA LYS I 42 -39.92 13.22 88.02
CA ALA I 43 -42.55 15.72 89.18
CA PRO I 44 -42.68 16.77 92.87
CA ARG I 45 -44.92 14.90 95.32
CA LEU I 46 -46.79 16.48 98.23
CA LEU I 47 -45.80 15.03 101.61
CA ILE I 48 -46.98 17.42 104.32
CA TYR I 49 -49.41 20.35 104.32
CA ASP I 50 -50.48 22.92 106.97
CA ALA I 51 -47.18 22.23 108.78
CA SER I 52 -47.85 18.81 110.35
CA ASN I 53 -50.74 17.10 108.52
CA LEU I 54 -49.81 14.14 106.30
CA GLU I 55 -51.38 13.26 102.94
CA SER I 56 -53.28 10.01 102.35
CA GLY I 57 -50.77 7.46 101.12
CA VAL I 58 -47.58 9.04 102.46
CA PRO I 59 -45.77 6.67 104.88
CA SER I 60 -46.26 7.00 108.64
CA ARG I 61 -42.53 7.67 109.12
CA PHE I 62 -42.70 11.16 107.61
CA SER I 63 -43.66 14.12 109.83
CA GLY I 64 -42.60 17.51 111.24
CA SER I 65 -43.60 20.68 113.11
CA GLY I 66 -42.74 24.34 113.70
CA SER I 67 -44.65 27.59 114.23
CA GLY I 68 -43.72 30.89 112.58
CA THR I 69 -40.06 31.00 111.59
CA ASP I 70 -38.28 27.71 112.38
CA PHE I 71 -39.52 24.56 110.62
CA THR I 72 -38.30 20.94 110.43
CA LEU I 73 -38.82 17.75 108.38
CA THR I 74 -38.15 14.43 110.12
CA ILE I 75 -37.78 10.77 109.04
CA SER I 76 -37.62 8.18 111.85
CA SER I 77 -36.44 5.29 109.64
CA LEU I 78 -34.46 6.12 106.49
CA GLN I 79 -35.05 3.66 103.64
CA PRO I 80 -33.37 3.37 100.20
CA GLU I 81 -36.58 4.51 98.49
CA ASP I 82 -36.22 8.01 100.00
CA PHE I 83 -33.66 9.26 97.45
CA ALA I 84 -35.09 12.64 96.44
CA ILE I 85 -34.49 16.39 96.63
CA TYR I 86 -36.95 17.84 99.16
CA TYR I 87 -38.41 21.37 99.02
CA CYS I 88 -40.52 23.66 101.22
CA GLN I 89 -42.67 26.53 99.94
CA GLN I 90 -44.92 29.04 101.70
CA PHE I 91 -48.49 30.17 101.06
CA ASN I 92 -49.30 33.27 103.13
CA SER I 93 -48.59 35.99 100.55
CA TYR I 94 -47.48 36.49 96.93
CA PRO I 95 -45.50 35.38 95.12
CA LEU I 96 -45.20 31.81 96.41
CA THR I 97 -41.54 30.85 96.88
CA PHE I 98 -39.65 27.54 97.18
CA GLY I 99 -36.69 26.32 99.23
CA GLY I 100 -33.15 25.72 98.03
CA GLY I 101 -33.51 21.95 98.07
CA THR I 102 -31.90 19.37 100.36
CA LYS I 103 -30.65 16.26 98.54
CA VAL I 104 -30.59 12.98 100.48
CA GLU I 105 -27.82 10.54 99.57
CA ILE I 106 -28.05 7.01 101.00
CA LYS I 107 -25.14 5.17 102.65
CA ARG I 108 -24.16 1.49 102.40
CA THR I 109 -21.18 -0.86 101.96
CA VAL I 110 -18.68 -0.97 99.09
CA ALA I 111 -19.59 -2.81 95.88
CA ALA I 112 -17.36 -4.08 93.07
CA PRO I 113 -18.61 -3.07 89.57
CA SER I 114 -18.68 -5.52 86.66
CA VAL I 115 -16.91 -3.71 83.81
CA PHE I 116 -18.03 -4.20 80.19
CA ILE I 117 -17.08 -2.59 76.86
CA PHE I 118 -18.83 -1.99 73.52
CA PRO I 119 -16.92 -1.46 70.26
CA PRO I 120 -18.53 0.52 67.36
CA SER I 121 -21.21 -1.23 65.29
CA ASP I 122 -21.10 -2.14 61.60
CA GLU I 123 -23.61 0.47 60.41
CA GLN I 124 -22.10 3.23 62.58
CA LEU I 125 -18.79 3.35 60.69
CA LYS I 126 -20.54 4.13 57.36
CA SER I 127 -20.95 7.81 58.20
CA GLY I 128 -17.33 8.14 59.30
CA THR I 129 -17.26 7.97 63.10
CA ALA I 130 -16.74 5.51 65.98
CA SER I 131 -17.75 5.28 69.65
CA VAL I 132 -16.40 2.74 72.15
CA VAL I 133 -18.48 2.49 75.34
CA CYS I 134 -17.22 1.05 78.66
CA LEU I 135 -19.67 0.03 81.41
CA LEU I 136 -19.22 -0.03 85.20
CA ASN I 137 -22.48 -1.71 86.30
CA ASN I 138 -23.46 -1.59 90.01
CA PHE I 139 -21.07 0.10 92.46
CA TYR I 140 -20.66 2.26 95.58
CA PRO I 141 -19.48 4.92 96.18
CA ARG I 142 -19.74 6.99 93.00
CA GLU I 143 -15.98 7.61 93.30
CA ALA I 144 -14.50 5.76 90.32
CA LYS I 145 -11.98 6.21 87.51
CA VAL I 146 -11.81 5.18 83.85
CA GLN I 147 -8.64 5.25 81.76
CA TRP I 148 -8.78 4.28 78.07
CA LYS I 149 -5.96 2.18 76.63
CA VAL I 150 -5.32 2.63 72.92
CA ASP I 151 -2.36 0.59 71.62
CA ASN I 152 -1.34 -0.50 75.15
CA ALA I 153 0.42 2.40 76.90
CA LEU I 154 -0.94 5.22 74.71
CA GLN I 155 -3.56 6.90 76.91
CA SER I 156 -5.98 9.29 75.19
CA GLY I 157 -7.92 12.24 76.58
CA ASN I 158 -11.12 12.87 74.64
CA SER I 159 -13.82 11.00 76.58
CA GLN I 160 -17.13 11.85 78.27
CA GLU I 161 -18.36 10.52 81.63
CA SER I 162 -22.01 10.36 82.73
CA VAL I 163 -23.43 9.00 85.99
CA THR I 164 -27.11 8.30 86.63
CA GLU I 165 -29.07 9.06 89.80
CA GLN I 166 -29.08 6.50 92.65
CA ASP I 167 -31.90 3.94 92.24
CA SER I 168 -34.63 3.00 94.74
CA LYS I 169 -33.51 -0.59 95.42
CA ASP I 170 -29.95 -1.50 96.45
CA SER I 171 -28.62 2.08 96.61
CA THR I 172 -25.74 2.04 94.09
CA TYR I 173 -24.20 3.94 91.16
CA SER I 174 -23.20 3.06 87.60
CA LEU I 175 -21.03 4.76 84.95
CA SER I 176 -20.13 4.69 81.25
CA SER I 177 -17.35 6.04 79.02
CA THR I 178 -17.60 6.71 75.27
CA LEU I 179 -14.42 7.22 73.24
CA THR I 180 -15.36 9.23 70.13
CA LEU I 181 -12.86 8.88 67.27
CA SER I 182 -13.56 9.07 63.53
CA LYS I 183 -13.26 6.13 61.12
CA ALA I 184 -9.80 7.21 59.93
CA ASP I 185 -8.28 7.03 63.41
CA TYR I 186 -10.17 3.82 64.24
CA GLU I 187 -9.01 1.79 61.22
CA LYS I 188 -5.45 2.44 62.44
CA HIS I 189 -5.41 0.81 65.89
CA LYS I 190 -6.09 -2.66 67.29
CA VAL I 191 -6.04 -2.90 71.10
CA TYR I 192 -8.74 -1.06 73.07
CA ALA I 193 -8.85 -1.59 76.85
CA CYS I 194 -10.51 0.31 79.71
CA GLU I 195 -8.78 0.28 83.13
CA VAL I 196 -11.04 0.87 86.15
CA THR I 197 -10.12 1.82 89.74
CA HIS I 198 -12.54 1.42 92.65
CA GLN I 199 -12.42 0.62 96.38
CA GLY I 200 -14.41 -2.57 95.88
CA LEU I 201 -11.92 -3.89 93.34
CA SER I 202 -8.78 -5.55 94.75
CA SER I 203 -6.91 -4.71 91.54
CA PRO I 204 -7.75 -2.73 88.33
CA VAL I 205 -9.97 -4.67 85.95
CA THR I 206 -8.98 -4.53 82.27
CA LYS I 207 -11.48 -5.11 79.46
CA SER I 208 -9.92 -5.18 76.00
CA PHE I 209 -10.85 -6.36 72.50
CA ASN I 210 -8.93 -6.81 69.26
CA ARG I 211 -9.82 -5.18 65.93
CA GLY I 212 -10.27 -7.55 63.02
CA GLU I 213 -13.18 -9.99 63.06
CA CYS I 214 -12.05 -11.78 59.94
CA LYS J 1 6.43 22.07 -60.29
CA SER J 2 5.30 24.97 -62.39
CA PRO J 3 7.58 27.90 -62.30
CA ILE J 4 4.86 30.45 -62.75
CA PHE J 5 2.83 32.09 -60.03
CA GLY J 6 0.00 34.60 -59.79
CA PRO J 7 -3.31 35.25 -58.14
CA GLU J 8 -5.02 32.03 -57.17
CA GLU J 9 -8.35 33.76 -57.20
CA VAL J 10 -9.56 37.11 -58.41
CA ASN J 11 -12.89 38.68 -57.56
CA SER J 12 -14.47 41.63 -59.31
CA VAL J 13 -17.75 43.20 -60.37
CA GLU J 14 -19.60 43.25 -63.69
CA GLY J 15 -18.63 46.75 -64.61
CA ASN J 16 -15.03 46.73 -63.69
CA SER J 17 -11.65 45.74 -64.95
CA VAL J 18 -9.15 43.40 -63.40
CA SER J 19 -5.43 43.29 -63.70
CA ILE J 20 -3.85 39.92 -63.35
CA THR J 21 -0.11 39.70 -62.82
CA CYS J 22 1.78 36.45 -63.29
CA TYR J 23 5.37 35.86 -62.41
CA TYR J 24 7.91 33.75 -64.27
CA PRO J 25 11.60 33.28 -63.68
CA PRO J 26 13.73 36.02 -65.07
CA THR J 27 15.32 34.17 -67.94
CA SER J 28 16.23 35.19 -71.40
CA VAL J 29 14.23 32.21 -72.52
CA ASN J 30 11.18 33.37 -70.65
CA ARG J 31 11.75 36.95 -71.60
CA HIS J 32 11.33 35.92 -75.23
CA THR J 33 8.72 33.15 -74.93
CA ARG J 34 5.09 33.57 -75.83
CA LYS J 35 2.97 34.62 -72.86
CA TYR J 36 -0.64 33.54 -72.82
CA TRP J 37 -3.96 33.84 -71.01
CA CYS J 38 -6.48 31.11 -71.68
CA ARG J 39 -9.74 29.87 -70.28
CA GLN J 40 -10.34 26.31 -69.16
CA GLY J 41 -13.33 24.77 -70.80
CA ALA J 42 -15.59 22.33 -69.04
CA ARG J 43 -14.23 19.83 -71.54
CA GLY J 44 -10.74 20.22 -70.18
CA GLY J 45 -8.88 22.36 -72.72
CA CYS J 46 -7.70 25.92 -72.42
CA ILE J 47 -8.48 28.30 -75.20
CA THR J 48 -6.17 31.24 -75.70
CA LEU J 49 -7.94 34.53 -75.09
CA ILE J 50 -4.87 36.75 -75.51
CA SER J 51 -1.20 36.18 -76.24
CA SER J 52 1.98 38.24 -76.46
CA GLU J 53 2.05 36.86 -79.96
CA GLY J 54 -0.55 39.43 -80.92
CA TYR J 55 -3.49 37.07 -81.09
CA VAL J 56 -6.55 38.48 -79.39
CA SER J 57 -9.86 36.76 -78.82
CA SER J 58 -12.81 38.36 -80.52
CA LYS J 59 -14.49 38.72 -77.15
CA TYR J 60 -11.34 40.38 -75.80
CA ALA J 61 -10.84 42.86 -78.63
CA GLY J 62 -10.57 46.43 -77.43
CA ARG J 63 -11.28 45.50 -73.82
CA ALA J 64 -8.01 43.83 -72.86
CA ASN J 65 -4.28 43.91 -73.45
CA LEU J 66 -1.31 41.84 -72.39
CA THR J 67 1.97 43.45 -71.47
CA ASN J 68 5.38 41.91 -70.82
CA PHE J 69 7.67 43.35 -68.17
CA PRO J 70 10.95 41.59 -68.49
CA GLU J 71 12.50 43.54 -65.65
CA ASN J 72 9.89 42.29 -63.23
CA GLY J 73 9.78 38.85 -64.73
CA THR J 74 6.07 39.30 -65.05
CA PHE J 75 3.33 40.13 -67.51
CA VAL J 76 -0.05 41.69 -66.90
CA VAL J 77 -3.39 40.95 -68.42
CA ASN J 78 -5.87 43.78 -68.21
CA ILE J 79 -9.50 42.93 -68.69
CA ALA J 80 -12.14 45.61 -68.87
CA GLN J 81 -15.89 45.50 -69.23
CA LEU J 82 -16.02 42.32 -67.17
CA SER J 83 -19.29 40.48 -67.45
CA GLN J 84 -20.84 37.64 -65.49
CA ASP J 85 -19.80 35.31 -68.27
CA ASP J 86 -16.20 36.15 -67.48
CA SER J 87 -16.44 34.15 -64.28
CA GLY J 88 -14.52 30.92 -64.72
CA ARG J 89 -11.12 29.31 -64.58
CA TYR J 90 -8.19 30.57 -66.57
CA LYS J 91 -4.48 30.01 -66.83
CA CYS J 92 -1.53 32.26 -67.48
CA GLY J 93 1.59 30.64 -68.80
CA LEU J 94 4.57 30.67 -71.10
CA GLY J 95 5.48 28.80 -74.24
CA ILE J 96 3.19 26.30 -75.84
CA ASN J 97 -0.05 25.71 -74.00
CA SER J 98 1.06 22.08 -74.00
CA ARG J 99 4.08 22.38 -71.64
CA GLY J 100 2.20 22.95 -68.40
CA LEU J 101 4.26 25.92 -67.44
CA SER J 102 1.32 27.94 -66.25
CA PHE J 103 -0.70 29.12 -63.29
CA ASP J 104 -4.37 28.51 -62.59
CA VAL J 105 -6.42 31.57 -61.86
CA SER J 106 -10.03 31.57 -60.86
CA LEU J 107 -12.02 34.65 -61.67
CA GLU J 108 -15.40 35.34 -60.20
CA VAL J 109 -17.29 38.29 -61.57
CA SER J 110 -20.01 37.33 -63.82
CA GLN J 111 -20.30 33.50 -63.29
CA GLY J 112 -23.10 32.45 -60.56
CA PRO J 113 -26.03 33.06 -58.15
CA GLY J 114 -24.12 34.53 -55.04
CA LEU J 115 -23.11 33.22 -51.55
CA LEU J 116 -21.56 29.84 -52.73
CA ASN J 117 -20.48 27.64 -49.89
CA ASP J 118 -22.41 26.54 -46.85
CA THR J 119 -22.84 23.44 -44.76
CA LYS J 120 -24.51 20.85 -46.90
CA VAL J 121 -26.20 19.35 -43.92
CA TYR J 122 -26.66 20.54 -40.40
CA THR J 123 -27.86 18.34 -37.59
CA VAL J 124 -29.17 19.49 -34.26
CA ASP J 125 -31.16 18.26 -31.29
CA LEU J 126 -34.57 19.74 -30.75
CA GLY J 127 -34.04 22.23 -27.95
CA ARG J 128 -30.71 23.53 -29.25
CA THR J 129 -29.98 26.61 -31.30
CA VAL J 130 -28.16 26.40 -34.57
CA THR J 131 -26.11 28.77 -36.64
CA ILE J 132 -25.68 28.55 -40.39
CA ASN J 133 -22.95 30.45 -42.13
CA CYS J 134 -22.78 31.05 -45.85
CA PRO J 135 -19.93 32.77 -47.56
CA PHE J 136 -20.32 35.10 -50.55
CA LYS J 137 -18.45 37.55 -52.85
CA THR J 138 -18.12 41.34 -53.22
CA GLU J 139 -20.99 42.12 -55.57
CA ASN J 140 -22.73 39.76 -53.29
CA ALA J 141 -21.76 41.92 -50.35
CA GLN J 142 -24.24 44.55 -51.42
CA LYS J 143 -27.07 42.28 -52.49
CA ARG J 144 -29.95 40.97 -50.40
CA LYS J 145 -29.24 37.86 -48.37
CA SER J 146 -31.96 35.37 -47.64
CA LEU J 147 -32.76 32.07 -45.99
CA TYR J 148 -35.71 30.15 -47.35
CA LYS J 149 -37.40 26.79 -47.08
CA GLN J 150 -37.67 24.65 -50.17
CA ILE J 151 -40.89 22.96 -51.28
CA GLY J 152 -43.83 24.32 -53.15
CA LEU J 153 -43.68 26.63 -56.10
CA TYR J 154 -41.39 29.03 -54.38
CA PRO J 155 -38.93 28.59 -51.63
CA VAL J 156 -40.44 30.54 -48.77
CA LEU J 157 -38.24 33.25 -47.37
CA VAL J 158 -38.01 32.81 -43.63
CA ILE J 159 -35.67 35.74 -43.02
CA ASP J 160 -34.01 38.31 -45.24
CA SER J 161 -31.34 41.00 -44.93
CA SER J 162 -34.02 43.34 -46.30
CA GLY J 163 -35.63 43.65 -42.92
CA TYR J 164 -38.18 40.92 -43.52
CA VAL J 165 -38.78 38.35 -40.84
CA ASN J 166 -41.33 35.56 -41.06
CA PRO J 167 -43.75 35.26 -38.23
CA ASN J 168 -42.61 31.74 -37.52
CA TYR J 169 -39.06 33.02 -37.22
CA THR J 170 -39.80 36.36 -35.58
CA GLY J 171 -37.85 36.44 -32.34
CA ARG J 172 -36.68 32.89 -32.94
CA ILE J 173 -33.99 33.68 -35.48
CA ARG J 174 -31.61 36.35 -36.71
CA LEU J 175 -29.70 36.89 -39.92
CA ASP J 176 -26.52 38.91 -39.79
CA ILE J 177 -24.50 40.18 -42.70
CA GLN J 178 -20.76 40.38 -42.64
CA GLY J 179 -19.14 42.73 -45.06
CA THR J 180 -17.42 41.69 -48.22
CA GLY J 181 -14.20 41.03 -46.40
CA GLN J 182 -15.90 38.61 -44.08
CA LEU J 183 -18.07 37.59 -47.03
CA LEU J 184 -20.36 35.79 -44.67
CA PHE J 185 -23.83 36.06 -43.31
CA SER J 186 -25.10 34.07 -40.42
CA VAL J 187 -28.52 32.72 -39.69
CA VAL J 188 -29.09 31.94 -36.05
CA ILE J 189 -32.08 29.79 -35.26
CA ASN J 190 -33.12 28.91 -31.76
CA GLN J 191 -35.62 26.61 -30.12
CA LEU J 192 -35.44 24.13 -32.95
CA ARG J 193 -38.55 22.03 -33.26
CA LEU J 194 -39.43 18.93 -35.22
CA SER J 195 -41.05 21.15 -37.83
CA ASP J 196 -37.63 22.67 -38.51
CA ALA J 197 -36.19 19.62 -40.21
CA GLY J 198 -36.25 20.12 -43.94
CA GLN J 199 -34.37 21.60 -46.85
CA TYR J 200 -33.49 25.26 -47.00
CA LEU J 201 -31.26 27.48 -49.05
CA CYS J 202 -29.19 30.53 -48.29
CA GLN J 203 -28.60 32.87 -51.13
CA ALA J 204 -28.18 36.36 -52.47
CA GLY J 205 -30.49 38.44 -54.59
CA ASP J 206 -33.91 37.11 -55.45
CA ASP J 207 -34.89 33.58 -54.60
CA SER J 208 -35.70 32.67 -58.19
CA ASN J 209 -32.12 33.21 -59.13
CA SER J 210 -29.99 30.17 -58.55
CA ASN J 211 -27.42 32.05 -56.56
CA LYS J 212 -27.70 30.03 -53.41
CA LYS J 213 -26.69 26.84 -51.72
CA ASN J 214 -28.94 24.10 -50.49
CA ALA J 215 -28.72 23.18 -46.85
CA ASP J 216 -30.43 20.23 -45.25
CA LEU J 217 -31.38 20.73 -41.66
CA GLN J 218 -32.01 17.66 -39.61
CA VAL J 219 -33.60 18.15 -36.23
CA LEU J 220 -34.97 17.32 -32.72
CA LYS J 221 -37.84 14.70 -32.73
CA PRO J 222 -38.83 15.30 -29.15
CA GLU J 223 -42.24 14.19 -27.95
CA PRO J 224 -43.97 12.88 -24.94
CA GLU J 225 -42.57 9.45 -24.31
CA LEU J 226 -45.72 8.36 -22.59
CA VAL J 227 -49.13 9.92 -22.42
CA TYR J 228 -51.79 8.64 -20.07
CA GLU J 229 -55.35 9.83 -19.88
CA ASP J 230 -58.77 8.72 -18.79
CA LEU J 231 -61.56 7.56 -21.02
CA ARG J 232 -63.76 10.21 -22.55
CA GLY J 233 -61.01 12.71 -21.99
CA SER J 234 -59.35 14.81 -24.62
CA VAL J 235 -55.63 14.64 -25.11
CA THR J 236 -53.07 16.59 -27.01
CA PHE J 237 -49.66 15.47 -28.11
CA HIS J 238 -46.93 17.96 -28.85
CA CYS J 239 -44.04 16.99 -31.09
CA ALA J 240 -41.00 19.15 -31.89
CA LEU J 241 -38.75 19.35 -34.97
CA GLY J 242 -36.08 21.28 -37.02
CA PRO J 243 -35.83 23.34 -40.17
CA GLU J 244 -36.29 20.94 -43.07
CA VAL J 245 -39.08 19.82 -40.91
CA ALA J 246 -40.95 23.11 -40.92
CA ASN J 247 -42.20 22.63 -44.47
CA VAL J 248 -42.25 18.84 -44.44
CA ALA J 249 -45.49 16.93 -43.99
CA LYS J 250 -46.36 16.09 -40.41
CA PHE J 251 -48.12 12.92 -39.53
CA LEU J 252 -49.47 10.95 -36.64
CA CYS J 253 -49.73 7.24 -37.11
CA ARG J 254 -50.62 4.17 -35.12
CA GLN J 255 -48.07 1.42 -35.01
CA SER J 256 -49.30 -1.87 -36.27
CA SER J 257 -47.90 -5.33 -36.67
CA GLY J 258 -45.26 -5.47 -39.34
CA GLU J 259 -43.31 -2.46 -40.35
CA ASN J 260 -46.26 -0.28 -41.21
CA CYS J 261 -47.81 2.58 -39.35
CA ASP J 262 -51.14 3.79 -40.57
CA VAL J 263 -51.49 7.50 -40.72
CA VAL J 264 -54.36 8.65 -38.59
CA VAL J 265 -54.02 12.25 -39.69
CA ASN J 266 -51.57 14.40 -41.62
CA THR J 267 -50.70 18.03 -42.25
CA LEU J 268 -51.34 17.07 -45.88
CA GLY J 269 -55.05 17.31 -45.42
CA LYS J 270 -55.82 13.66 -45.05
CA ARG J 271 -57.96 12.73 -42.10
CA ALA J 272 -58.83 9.12 -41.34
CA PRO J 273 -62.43 8.39 -40.82
CA ALA J 274 -61.85 7.00 -37.35
CA PHE J 275 -60.27 10.34 -36.53
CA GLU J 276 -62.52 12.55 -38.63
CA GLY J 277 -64.14 15.17 -36.46
CA ARG J 278 -62.56 13.51 -33.44
CA ILE J 279 -59.05 14.85 -33.91
CA LEU J 280 -57.08 17.79 -35.23
CA LEU J 281 -53.43 18.20 -36.13
CA ASN J 282 -52.03 21.68 -36.35
CA PRO J 283 -48.55 22.77 -37.10
CA GLN J 284 -46.76 25.78 -35.76
CA ASP J 285 -43.59 26.45 -37.69
CA LYS J 286 -42.33 29.19 -35.45
CA ASP J 287 -42.42 27.15 -32.29
CA GLY J 288 -41.27 24.11 -34.19
CA SER J 289 -44.10 21.99 -32.98
CA PHE J 290 -47.29 20.47 -34.18
CA SER J 291 -50.05 19.32 -31.95
CA VAL J 292 -52.41 16.43 -32.35
CA VAL J 293 -55.61 16.86 -30.42
CA ILE J 294 -57.71 13.79 -29.88
CA THR J 295 -61.05 13.73 -28.14
CA GLY J 296 -63.43 11.03 -27.00
CA LEU J 297 -60.53 8.88 -25.88
CA ARG J 298 -61.53 5.26 -25.76
CA LYS J 299 -59.86 2.04 -24.71
CA GLU J 300 -59.19 1.53 -28.38
CA ASP J 301 -56.86 4.51 -28.22
CA ALA J 302 -54.27 2.91 -25.96
CA GLY J 303 -51.32 1.78 -28.01
CA ARG J 304 -48.11 2.92 -29.67
CA TYR J 305 -48.08 5.80 -32.09
CA LEU J 306 -45.50 7.83 -33.96
CA CYS J 307 -45.44 11.44 -34.90
CA GLY J 308 -42.96 12.41 -37.50
CA ALA J 309 -42.15 14.33 -40.62
CA HIS J 310 -42.02 13.28 -44.24
CA SER J 311 -43.05 9.78 -45.10
CA ASP J 312 -43.60 7.21 -42.38
CA GLY J 313 -41.06 4.44 -42.68
CA GLN J 314 -38.50 7.18 -43.07
CA LEU J 315 -38.32 6.66 -39.36
CA GLN J 316 -37.81 10.34 -38.90
CA GLU J 317 -40.26 10.18 -36.05
CA GLY J 318 -40.68 9.73 -32.34
CA SER J 319 -42.61 6.98 -30.67
CA PRO J 320 -45.30 7.96 -28.30
CA ILE J 321 -46.98 5.49 -26.00
CA GLN J 322 -50.56 6.24 -25.16
CA ALA J 323 -52.41 4.58 -22.36
CA TRP J 324 -55.98 5.15 -21.37
CA GLN J 325 -59.16 4.43 -19.66
CA LEU J 326 -62.43 4.97 -21.65
CA PHE J 327 -63.56 8.66 -20.40
CA VAL J 328 -66.61 11.07 -21.31
CA ASN J 329 -67.42 14.67 -21.34
CA GLU J 330 -64.90 16.74 -21.22
CA GLU J 331 -62.38 18.31 -18.59
CA SER J 332 -59.48 16.75 -18.91
CA THR J 333 -58.36 16.07 -22.59
CA ILE J 334 -57.50 18.81 -25.46
CA PRO J 335 -59.90 20.91 -24.74
CA ARG J 336 -58.84 22.80 -21.69
CA SER J 337 -60.47 23.16 -18.33
CA PRO J 338 -59.66 23.27 -14.71
CA THR J 339 -57.90 20.11 -13.67
CA VAL J 340 -59.20 20.42 -10.16
CA VAL J 341 -61.93 22.52 -8.68
CA LYS J 342 -62.54 22.88 -5.00
CA GLY J 343 -65.59 24.28 -3.35
CA VAL J 344 -67.31 23.98 -0.08
CA ALA J 345 -70.75 22.83 1.00
CA GLY J 346 -73.75 24.82 -0.21
CA SER J 347 -71.72 27.15 -2.44
CA SER J 348 -72.15 27.25 -6.22
CA VAL J 349 -69.44 26.52 -8.71
CA ALA J 350 -68.86 27.16 -12.36
CA VAL J 351 -66.60 25.22 -14.67
CA LEU J 352 -65.43 26.58 -17.99
CA CYS J 353 -64.01 24.45 -20.80
CA PRO J 354 -62.53 25.68 -24.07
CA TYR J 355 -62.88 24.12 -27.59
CA ASN J 356 -62.27 24.44 -31.45
CA ARG J 357 -64.23 25.17 -34.68
CA LYS J 358 -65.93 21.92 -35.53
CA GLU J 359 -66.50 21.85 -31.87
CA SER J 360 -68.51 25.05 -31.94
CA LYS J 361 -71.38 23.15 -33.52
CA SER J 362 -71.03 19.82 -31.72
CA ILE J 363 -72.87 18.79 -28.58
CA LYS J 364 -71.30 19.78 -25.29
CA TYR J 365 -71.65 17.64 -22.26
CA TRP J 366 -70.75 17.24 -18.60
CA CYS J 367 -70.39 13.74 -17.17
CA LEU J 368 -69.39 11.95 -14.00
CA TRP J 369 -66.84 9.20 -14.35
CA GLU J 370 -67.95 5.73 -13.38
CA GLY J 371 -65.60 3.14 -11.98
CA ALA J 372 -65.50 -0.22 -13.69
CA GLN J 373 -63.41 -2.10 -16.18
CA ASN J 374 -65.84 -0.69 -18.65
CA GLY J 375 -67.59 2.28 -17.25
CA ARG J 376 -69.33 5.17 -18.86
CA CYS J 377 -69.49 8.69 -17.63
CA PRO J 378 -73.09 9.37 -17.07
CA LEU J 379 -74.39 12.33 -19.01
CA LEU J 380 -75.17 14.80 -16.26
CA VAL J 381 -76.16 17.73 -18.51
CA ASP J 382 -75.88 18.35 -22.24
CA SER J 383 -76.14 21.19 -24.75
CA GLU J 384 -78.83 19.13 -26.41
CA GLY J 385 -81.43 20.03 -23.86
CA TRP J 386 -80.97 17.01 -21.67
CA VAL J 387 -80.57 17.45 -17.94
CA LYS J 388 -80.26 14.66 -15.41
CA ALA J 389 -82.74 14.42 -12.60
CA GLN J 390 -80.15 15.07 -9.96
CA TYR J 391 -79.04 18.19 -11.77
CA GLU J 392 -82.41 19.43 -13.01
CA GLY J 393 -82.88 22.95 -11.70
CA ARG J 394 -79.62 22.72 -9.77
CA LEU J 395 -77.27 23.19 -12.70
CA SER J 396 -76.95 24.83 -16.09
CA LEU J 397 -74.77 24.42 -19.16
CA LEU J 398 -74.21 27.37 -21.44
CA GLU J 399 -72.22 27.47 -24.63
CA GLU J 400 -70.74 30.57 -26.15
CA PRO J 401 -69.19 29.73 -29.44
CA GLY J 402 -67.43 33.00 -30.09
CA ASN J 403 -65.42 32.59 -26.93
CA GLY J 404 -64.99 28.92 -27.57
CA THR J 405 -66.21 28.05 -24.15
CA PHE J 406 -69.16 26.51 -22.40
CA THR J 407 -69.84 26.85 -18.74
CA VAL J 408 -71.44 24.44 -16.36
CA ILE J 409 -72.88 26.09 -13.31
CA LEU J 410 -73.81 23.93 -10.39
CA ASN J 411 -75.50 25.08 -7.21
CA GLN J 412 -76.19 23.48 -3.87
CA LEU J 413 -72.99 21.52 -3.92
CA THR J 414 -73.31 18.56 -1.61
CA SER J 415 -71.07 15.79 -0.37
CA ARG J 416 -72.32 13.69 -3.25
CA ASP J 417 -70.79 16.10 -5.74
CA ALA J 418 -67.16 15.38 -4.98
CA GLY J 419 -65.82 13.13 -7.69
CA PHE J 420 -64.42 12.96 -11.19
CA TYR J 421 -66.18 14.58 -14.09
CA TRP J 422 -65.53 15.25 -17.74
CA CYS J 423 -66.49 18.10 -20.04
CA LEU J 424 -66.37 17.14 -23.66
CA THR J 425 -67.72 17.59 -27.16
CA ASN J 426 -69.74 15.10 -29.23
CA GLY J 427 -70.17 11.58 -27.93
CA ASP J 428 -68.92 10.63 -24.48
CA THR J 429 -67.01 7.62 -25.75
CA LEU J 430 -64.92 9.64 -28.17
CA TRP J 431 -62.93 10.94 -25.23
CA ARG J 432 -62.42 14.35 -26.75
CA THR J 433 -62.93 15.69 -23.25
CA THR J 434 -61.00 17.02 -20.33
CA VAL J 435 -61.09 15.44 -16.92
CA GLU J 436 -61.98 17.59 -13.98
CA ILE J 437 -61.78 16.61 -10.36
CA LYS J 438 -64.23 18.31 -8.09
CA ILE J 439 -63.79 18.23 -4.36
CA ILE J 440 -66.61 19.60 -2.28
CA GLU J 441 -64.20 17.54 0.23
CA GLY J 442 -60.74 19.06 0.62
CA GLU J 443 -57.09 17.94 0.03
CA PRO J 444 -58.69 15.39 -0.97
CA ASN J 445 -59.76 14.79 2.71
CA LEU J 446 -57.68 17.00 5.18
CA LYS J 447 -55.24 19.77 5.85
CA VAL J 448 -52.97 20.17 8.83
CA PRO J 449 -49.59 21.31 9.87
CA GLY J 450 -47.77 18.10 9.28
CA ASN J 451 -44.90 19.52 11.25
CA VAL J 452 -44.90 20.93 14.72
CA THR J 453 -42.07 21.65 17.11
CA ALA J 454 -42.23 22.27 20.82
CA VAL J 455 -40.17 21.99 23.94
CA LEU J 456 -40.84 19.59 26.73
CA GLY J 457 -43.21 20.94 29.32
CA GLU J 458 -44.96 23.18 26.84
CA THR J 459 -48.47 22.97 25.47
CA LEU J 460 -49.11 22.54 21.79
CA LYS J 461 -52.13 22.98 19.57
CA VAL J 462 -52.68 21.74 16.05
CA PRO J 463 -55.50 22.58 13.73
CA CYS J 464 -57.06 20.29 11.12
CA HIS J 465 -59.50 21.09 8.33
CA PHE J 466 -62.25 18.96 6.82
CA PRO J 467 -65.59 18.98 5.06
CA CYS J 468 -69.16 19.35 6.38
CA LYS J 469 -70.15 15.69 6.14
CA PHE J 470 -67.10 15.18 8.21
CA SER J 471 -68.54 17.66 10.64
CA SER J 472 -70.69 14.87 12.04
CA TYR J 473 -67.89 12.28 11.86
CA GLU J 474 -65.78 11.40 14.86
CA LYS J 475 -62.56 13.36 14.96
CA TYR J 476 -59.43 11.74 16.21
CA TRP J 477 -55.79 12.27 16.99
CA CYS J 478 -53.61 9.18 16.80
CA LYS J 479 -50.08 8.30 17.69
CA TRP J 480 -47.70 6.48 15.43
CA ASN J 481 -46.00 3.23 16.39
CA ASN J 482 -49.20 1.83 17.73
CA THR J 483 -51.34 -0.93 16.39
CA GLY J 484 -52.52 0.97 13.42
CA CYS J 485 -52.58 4.39 14.92
CA GLN J 486 -52.86 4.65 18.64
CA ALA J 487 -56.02 6.45 19.44
CA LEU J 488 -55.23 9.43 21.58
CA PRO J 489 -58.00 11.89 22.08
CA SER J 490 -61.09 11.64 19.94
CA GLN J 491 -64.29 13.59 19.81
CA ASP J 492 -64.12 12.81 23.48
CA GLU J 493 -61.59 14.40 25.89
CA GLY J 494 -58.34 13.58 27.71
CA PRO J 495 -55.03 15.00 28.86
CA SER J 496 -55.77 17.94 26.71
CA LYS J 497 -58.52 19.12 24.52
CA ALA J 498 -59.79 18.43 21.05
CA PHE J 499 -62.29 20.96 19.92
CA VAL J 500 -64.43 20.67 16.87
CA ASN J 501 -66.11 23.47 15.07
CA CYS J 502 -69.06 22.07 13.26
CA ASP J 503 -70.53 22.94 9.92
CA GLU J 504 -70.09 26.62 10.52
CA ASN J 505 -66.35 26.33 10.71
CA SER J 506 -64.91 23.04 9.82
CA ARG J 507 -61.85 22.73 11.93
CA LEU J 508 -60.67 20.63 14.81
CA VAL J 509 -58.10 21.87 17.24
CA SER J 510 -56.10 19.55 19.38
CA LEU J 511 -54.28 20.99 22.27
CA THR J 512 -51.85 18.98 24.31
CA LEU J 513 -50.55 19.97 27.67
CA ASN J 514 -47.37 19.12 29.49
CA LEU J 515 -45.55 17.73 26.53
CA VAL J 516 -42.72 17.44 28.97
CA THR J 517 -42.54 13.90 27.84
CA ARG J 518 -40.14 12.72 25.19
CA ALA J 519 -42.78 10.18 24.35
CA ASP J 520 -44.85 12.89 22.75
CA GLU J 521 -42.38 13.39 19.94
CA GLY J 522 -43.31 11.16 17.06
CA TRP J 523 -45.62 10.85 14.09
CA TYR J 524 -49.31 11.43 14.55
CA TRP J 525 -52.43 11.54 12.46
CA CYS J 526 -55.49 13.73 12.56
CA GLY J 527 -58.55 12.46 10.82
CA VAL J 528 -62.24 11.73 10.78
CA LYS J 529 -64.17 8.52 11.16
CA GLN J 530 -62.34 5.34 12.05
CA GLY J 531 -58.57 5.33 12.08
CA HIS J 532 -58.48 2.46 9.60
CA PHE J 533 -60.25 4.50 6.96
CA TYR J 534 -57.09 6.56 6.65
CA GLY J 535 -59.05 9.66 5.88
CA GLU J 536 -56.52 11.70 7.76
CA THR J 537 -53.42 13.83 7.61
CA ALA J 538 -50.01 12.99 8.95
CA ALA J 539 -48.34 15.34 11.35
CA VAL J 540 -44.87 15.10 12.76
CA TYR J 541 -44.28 16.45 16.19
CA VAL J 542 -40.85 17.03 17.57
CA ALA J 543 -40.48 17.63 21.24
CA VAL J 544 -54.60 17.03 7.10
CA GLU J 545 -53.88 13.24 6.38
CA GLU J 546 -57.16 11.30 7.10
CA ARG J 547 -60.43 11.52 5.16
CA LYS J 548 -63.40 9.97 7.39
CA ALA J 549 -62.91 12.03 9.64
CA ALA J 550 -59.94 13.72 11.72
CA GLY J 551 -57.45 11.11 13.11
CA SER J 552 -57.38 9.79 16.65
CA ARG J 553 -60.77 7.91 16.15
CA ASP J 554 -62.83 7.21 19.36
CA VAL J 555 -66.31 8.64 18.77
CA SER J 556 -69.06 6.55 16.57
CA LEU J 557 -71.47 9.50 15.55
CA ALA J 558 -74.12 7.06 14.08
CA LYS J 559 -76.44 9.76 16.03
CA ALA J 560 -76.17 13.40 14.38
CA ASP J 561 -75.47 16.99 16.15
CA ALA J 562 -77.09 16.54 19.63
CA ALA J 563 -76.05 19.51 22.15
CA PRO J 564 -74.27 22.57 20.43
CA ASP J 565 -76.64 24.55 17.92
CA GLU J 566 -75.40 26.86 15.18
CA LYS J 567 -76.94 30.15 16.48
CA VAL J 568 -76.16 32.06 19.76
CA LEU J 569 -73.29 30.52 22.13
CA ASP J 570 -75.21 29.83 25.44
CA SER J 571 -71.95 28.31 27.00
CA GLY J 572 -69.89 27.36 23.75
CA PHE J 573 -68.95 23.87 25.33
CA ARG J 574 -72.46 22.33 26.32
CA GLU J 575 -72.56 21.27 30.12
CA ILE J 576 -71.41 17.46 30.39
CA GLU J 577 -72.32 16.88 26.45
CA ASN J 578 -69.92 19.30 24.32
CA LYS J 579 -68.26 19.86 20.81
CA ALA J 580 -66.34 22.78 18.79
CA ILE J 581 -65.91 22.45 14.86
CA GLN J 582 -65.41 25.14 12.09
CA ASP J 583 -68.32 27.60 11.17
CA PRO J 584 -67.79 30.10 8.27
CA ARG J 585 -71.05 32.33 8.62
#